data_8VK3
#
_entry.id   8VK3
#
_cell.length_a   1.00
_cell.length_b   1.00
_cell.length_c   1.00
_cell.angle_alpha   90.00
_cell.angle_beta   90.00
_cell.angle_gamma   90.00
#
_symmetry.space_group_name_H-M   'P 1'
#
loop_
_entity.id
_entity.type
_entity.pdbx_description
1 polymer 'Ryanodine receptor 1'
2 polymer 'Peptidyl-prolyl cis-trans isomerase FKBP1A'
3 polymer 'Protein S100A1'
4 non-polymer 'ZINC ION'
5 non-polymer 1,2-DIOLEOYL-SN-GLYCERO-3-PHOSPHOCHOLINE
#
loop_
_entity_poly.entity_id
_entity_poly.type
_entity_poly.pdbx_seq_one_letter_code
_entity_poly.pdbx_strand_id
1 'polypeptide(L)'
;MGDGGGEGEDEVQFLRTDDEVVLQCSATVLKEQLKLCLAAEGFGNRLCFLEPTSNAQNVPPDLAICCFILEQSLSVRALQ
EMLANTVEAGVESSQGGGHRTLLYGHAILLRHAHSRMYLSCLTTSRSMTDKLAFDVGLQEDATGEACWWTMHPASKQRSE
GEKVRVGDDLILVSVSSERYLHLSTASGELQVDASFMQTLWNMNPICSGCEEGFVTGGHVLRLFHGHMDECLTISPSDSD
DQRRLVYYEGGPVCTHARSLWRLEPLRISWSGSHLRWGQPLRIRHVTTGRYLGLTEDQGLVVVDASKAHTKATSFCFRIS
KEKLDVAPKRDVEGMGPPEIKYGESLCFVQHVASGLWLTYAAPDPKALRLGVLKKKAMLHQEGHMDDALSLTRCQQEESQ
AARMIYSTAGLYNQFIKGLDSFSGKPRGSGPPAGSALPIEGVILSLQDLIGYFEPPSEELQHEEKQTKLRSLRNRQSLFQ
EEGMLSLVLNCIDRLNVYTTAAHFAEFAGEEAAESWKEIVNLLYELLASLIRGNRTNCALFSTNLDWLVSKLDRLEASSG
ILEVLYCVLIESPEVLNIIQENHIKSIISLLDKHGRNHKVLDVLCSLCVCNGVAVRSNQDLITENLLPGRELLLQTNLIN
YVTSIRPNIFVGRAEGSTQYGKWYFEVMVDEVAPFLTAQATHLRVGWALSEGYSPYPGGGEGWGGNGVGDDLYSYGFDGL
HLWTGHVARPVTSPGQHLLAPEDVVSCCLDLSVPSISFRINGCPVQGVFESFNLDGLFFPVVSFSAGIKVRFLLGGRHGE
FKFLPPPGYAPCHEAVLPRERLHLQPIKEYRREGPRGPHLVGPSRCLSHLDFVPCPVDTIQIVLPPHLERIREKLAENIH
ELWALTRIEQGWTYGPVRDDNKRLHPCLVNFHSLPEPERNYNLQMSGETLKTLLALGCHVGMADEKAEDNLKKTKLPKTY
MMSNGYKPAPLDLSHVRLTPAQTTLVDRLAENGHNVWARDRVAQGWSYSAVQDIPARRNPRLVPYRLLDEATKRSNRDSL
CQAVRTLLGYGYNIEPPDQEPSQVDSQSRGDRARIFRAEKSYAVQSGRWYFEFEAVTTGEMRVGWARPELRPDVELGADD
LAYVFNGHRGQRWHLGSEPFGRPWQSGDVVGCMIDLTENTIIFTLNGEVLMSDSGSETAFRDIEIGDGFLPVCSLGPGQV
GHLNLGQDVSSLRFFAICGLQEGFEPFAINMQRPVTTWFSKSLPQFEPVPLEHPHYEVARMDGTVDTPPCLRLTHRTWGS
QNSLVEMLFLRLSLPVQFHQHFRCTAGATPLASPGLQPPAEDEARAAEPDTDYENLRRSAGGWGEAEGGKDGTAKEGTPG
GTAQAGVEAQPARAENEKDATTEKNKKRGFLFKAKKVAMMTQPPSTPALPRLPRDVVPADNRDDPEIILNTTTYYYSVRV
FAGQEPSCVWVGWVTPDYHQHDMSFDLSKVRAVTVTMGDEQGNVHSSLKCSNCYMVWGGDFVSPGQQGRISHTDLVIGCL
VDLATGLMTFTANGKESNTFFQVEPNTKLFPAVFVLPTHQNVVQFELGKQKNIMPLSAAMFLSERKNPAPQCPPRLEVQM
LMPVSWSRMPNHFLQVDTRRAGERLGWAVQCQEPLMMMALHIPEENRCMDILELSERLDLQRFHSHTLSLYRSVCALGNN
RVAHALCSHVDQAQLLHALEDARLPGPLRAGYYDLLISIHLESACRSRRSMLSEYIVPLTPETRAITLFPPGRSAEDGPR
RHGLPGVGVTTSLRPPHHFSPPCFVVALPAAGATEAPARLSPAIPLEALRDKALRMLGEAVRDGGQHARDPVGGSVEFQF
VPVLKLVSTLLVMGVFSDEDVKQILKMIEPEVFREEEEVEEEGEEEEEDEEEKEEDEEEEAHEKEDEEKEEAEDAAEEEK
EELEEGLLQMKLPESVKLQMCHLLEYFCDQELQHRVESLAAFAECYVDKMQGNQRGRYGLLMKAFTMSAAETARRTREFR
SPPQEQINMLLHFKNGADEEECPLPEEIRQELVNFHQDLLAHCGIQLEGEEEEPEEESTLGSRLMSLLEKVKLVKKTEEK
PEEEPAPEEHKPQSLQELVSHTVVRWAQEDFVQSPELVRAMFSLLHRQYDGLGELLRALPRAYTISVSSVEDTMSLLECL
GQIRSLLIVQMGPQEENLMIQSIGNIMNNKVFYQHPNLMRALGMHETVMEVMVNVLGGGESKEIRFPKMVTSCCRFLCYF
CRISRQNQRSMFDHLSYLLENSGIGLGMQGSTPLDVAAASVIDNNELALALQEQDLEKVVSYLAGCGLQSCPMLLAKGYP
DIGWNPCGGERYLDFLRFAVFVNGESVEENANVVVRLLIRKPECFGPALRGEGGSGLLAAIEEAIRISEDPARDGPGVRR
DRRREHFGEEPPEENRVHLGHAIMSFYAALIDLLGRCAPETHLIQAGKGEALRIRAILRSLVPLDDLVGIISLPLQIPTL
GKDGALVQPKMSASFVPDHKASMVLFLDRVYGIENQDFLLHVLDVGFLPDMRAAASLDTATFSTTEMALALNRYLCLAVL
PLITKCAPLFAGTEHRAIMVDSMLHTVYRLSRGRSLTKAQRDVIEDCLMALCRYIRPSMLQHLLRRLVFDVPILNEFAKM
PLKLLTNHYERCWKYYCLPTGWANFGVTSEEELHLTRKLFWGIFDSLAHKKYDQELYRIAMPCLCAIAGALPPDYVDASY
SSKTEKKATVDAEGNFDPRPVETLNVIIPEKLDSFINKFAEYTHEKWAFDKIQNNWSYGENIDEELKTHPMLRPYKTFSE
KDKEIYRWPIKESLKAMIAWEWTVEKAREGEEEKTEKKKTRKISQTAQTYDPREGYNPQPPDLSVVTLSRELQAMAEQLA
ENYHNTWGRKKKQELEAKGGGSHPLLVPYDTLTAKEKARDREKAQELLKFLQMNGYAVTRGLKDMELDTSSIEKRFAFGF
LQQLLRWMDISQEFIAHLEAVVSSGRVEKSPHEQEIKFFAKILLPLINQYFTNHCLYFLSTPAKVLGSGGHASNKEKEMI
TSLFCKLAALVRHRVSLFGTDAPAVVNCLHILARSLDARTVMKSGPEIVKAGLRSFFESASEDIEKMVENLRLGKVSQAR
TQVKGVGQNLTYTTVALLPVLTTLFQHIAQHQFGDDVILDDVQVSCYRTLCSIYSLGTTRNPYVEKLRPALGECLARLAA
AMPVAFLEPELNEYNACSVYTTKSPRERAILGLPNSVEEMCPDIPVLERLMAEIGGLAESGARYTEMPHVIEITLPMLCS
YLPRWWERGPEAPPPALPAGAPPPCTAVTSDHLNSLLGNILRIIVNNLGIDEASWMKRLAVFAQPIVSRARPELLRSHFI
PTIGRLRKRAGKVVAEEEQLRLEAKAEAEEGELLVRDEFSVLCRDLYALYPLLIRYVDNNRAHWLTEPNPNAEELFRMVG
EIFIYWSKSHNFKREEQNFVVQNEINNMSFLTADNKSKMAKAGDVQSGGSDQERTKKKRRGDRYSVQTSLIVATLKKMLP
IGLNMCAPTDQDLIVLAKARYALKDTDEEVREFLQNNLNLQGKVEGSPSLRWQMALYRGVPGREEDADDPEKIVRRVQEV
SAVLYHLDQTEHPYKSKKAVWHKLLSKQRRRAVVACFRMTPLYNLPTHRACNMFLESYKASWILTEDHSFEDRMIDDLSK
AGEQEEEEEEVEEKKPDPLHQLVLHFSRTALTEKSKLDEDYLYMAYADIMAKSCHLEEGGENGEEGGEEEEVEVSFEEKE
MEKQRLLYQQSRLHNRGAAEMVLQMISACKGETGAMVSSTLKLGISILNGGNAEVQQKMLDYLKDKKEVGFFQSIQALMQ
TCSVLDLNAFERQNKAEGLGMVNEDGTVINRQNGEKVMADDEFTQDLFRFLQLLCEGHNNDFQNYLRTQTGNTTTINIII
CTVDYLLRLQESISDFYWYYSGKDVIEEQGKRNFSKAMSVAKQVFNSLTEYIQGPCTGNQQSLAHSRLWDAVVGFLHVFA
HMMMKLAQDSSQIELLKELLDLQKDMVVMLLSLLEGNVVNGMIARQMVDMLVESSSNVEMILKFFDMFLKLKDIVGSEAF
QDYVTDPRGLISKKDFQKAMDSQKQFTGPEIQFLLSCSEADENEMINCEEFANRFQEPARDIGFNVAVLLTNLSEHVPHD
PRLRNFLELAESILEYFRPYLGRIEIMGASRRIERIYFEISETNRAQWEMPQVKESKRQFIFDVVNEGGESEKMEMFVSF
CEDTIFEMQIAAQISEPEGEPEEDEDEGAEEAEEGAAGSDGSGSAAAAGVWVWLAATAGRTLRGLSYRSLRRRVRRLRRL
TAREAATAVAALLWALVTRAGGAGAGAAAGALRLLWGSLFGGGLVDSAKKVTVTELLAGMPDPTGDEVHGQQPSGAGSDA
EGEGEGEGEGDAADGAGDEEAAADQAGTGGADGAVAVADGSPFRPEGAGGLGDMGDTTPVEPPTPEGSPILKRKLGVDGE
EEEPPPEPEPEPEPEPEKADTENGEKEVPEPPPEPPKKTPPPPPPKKEEAGGAGLEEFWGELEVQRVKFLNYLSRNFYTL
RFLALFLAFAINFILLFYKVSDSPPGEDDIEGSGAGDMSGAGSGDGSGWGSRAGEEVEGDEDENMVYYFLEESTGYMEPA
LRCLSLLHTLVAFLCIIGYNCLKVPLVIFKREKELARKLEFDGLYITEQPEDDDVKGQWDRLVLNTPSFPSNYWDKFVKR
KVLDKHGDIFGRERIAELLGMDLASLEITAHNERKPDPPPGLLTWIMSIDVKYQIWKFGVIFTDNSFLYLGWYMVMSLLG
HYNNFFFAAHLLDIAMGVKTLRTILSSVTHNGKQLVMTVGLLAVVVYLYTVVAFNFFRKFYNKSEDEDEPDMKCDDMMTC
YLFHMYVGVRAGGGIGDEIEDPAGDEYELYRVVFDITFFFFVIVILLAIIQGLIIDAFGELRDQQEQVKEDMETKCFICG
IGSDYFDTTPHGFETHTLEEHNLANYMFFLMYLINKDETEHTGQESYVWKMYQERCWDFFPAGDCFRKQYEDQLS
;
A,D,B,C
2 'polypeptide(L)'
;MGVQVETISPGDGRTFPKRGQTCVVHYTGMLEDGKKFDSSRDRNKPFKFTLGKQEVIRGWEEGVAQMSVGQRAKLIISSD
YAYGATGHPGIIPPHATLVFDVELLKLE
;
E,H,F,G
3 'polypeptide(L)'
;MGSELESAMETLINVFHAHSGKEGDKYKLSKKELKDLLQTELSGFLDVQKDADAVDKVMKELDENGDGEVDFKEYVVLVA
ALTVACNNFFWETS
;
J,I,K,M,O,L,N,P
#
loop_
_chem_comp.id
_chem_comp.type
_chem_comp.name
_chem_comp.formula
PCW non-polymer 1,2-DIOLEOYL-SN-GLYCERO-3-PHOSPHOCHOLINE 'C44 H85 N O8 P 1'
ZN non-polymer 'ZINC ION' 'Zn 2'
#
# COMPACT_ATOMS: atom_id res chain seq x y z
N GLU A 11 9.13 -18.59 15.59
CA GLU A 11 10.23 -19.54 15.54
C GLU A 11 10.38 -20.27 16.86
N VAL A 12 11.04 -21.43 16.83
CA VAL A 12 11.28 -22.19 18.05
C VAL A 12 12.43 -21.58 18.82
N GLN A 13 12.39 -21.69 20.14
CA GLN A 13 13.42 -21.17 21.03
C GLN A 13 13.87 -22.26 21.97
N PHE A 14 15.16 -22.26 22.30
CA PHE A 14 15.78 -23.27 23.14
C PHE A 14 16.27 -22.65 24.42
N LEU A 15 15.91 -23.25 25.56
CA LEU A 15 16.35 -22.75 26.85
C LEU A 15 17.88 -22.78 26.93
N ARG A 16 18.45 -21.72 27.48
CA ARG A 16 19.88 -21.60 27.69
C ARG A 16 20.16 -21.29 29.16
N THR A 17 21.38 -21.61 29.60
CA THR A 17 21.75 -21.31 30.97
C THR A 17 21.66 -19.80 31.23
N ASP A 18 21.40 -19.47 32.49
CA ASP A 18 21.21 -18.10 33.00
C ASP A 18 19.82 -17.56 32.68
N ASP A 19 18.91 -18.40 32.22
CA ASP A 19 17.53 -17.98 31.93
C ASP A 19 16.64 -18.35 33.10
N GLU A 20 15.94 -17.36 33.64
CA GLU A 20 14.97 -17.63 34.69
C GLU A 20 13.80 -18.43 34.14
N VAL A 21 13.40 -19.46 34.88
CA VAL A 21 12.32 -20.35 34.46
C VAL A 21 11.40 -20.63 35.63
N VAL A 22 10.22 -21.16 35.32
CA VAL A 22 9.28 -21.63 36.33
C VAL A 22 8.92 -23.06 35.99
N LEU A 23 9.00 -23.94 36.99
CA LEU A 23 8.59 -25.33 36.84
C LEU A 23 7.10 -25.42 37.08
N GLN A 24 6.35 -25.86 36.06
CA GLN A 24 4.90 -25.85 36.10
C GLN A 24 4.36 -27.25 35.83
N CYS A 25 3.32 -27.62 36.59
CA CYS A 25 2.64 -28.89 36.43
C CYS A 25 1.15 -28.65 36.35
N SER A 26 0.41 -29.65 35.89
CA SER A 26 -1.03 -29.57 35.70
C SER A 26 -1.71 -30.72 36.43
N ALA A 27 -2.76 -30.39 37.18
CA ALA A 27 -3.55 -31.39 37.90
C ALA A 27 -5.02 -31.11 37.68
N THR A 28 -5.81 -32.16 37.47
CA THR A 28 -7.24 -32.02 37.24
C THR A 28 -7.98 -32.32 38.54
N VAL A 29 -8.50 -31.28 39.19
CA VAL A 29 -9.24 -31.40 40.44
C VAL A 29 -10.66 -30.92 40.20
N LEU A 30 -11.63 -31.75 40.58
CA LEU A 30 -13.05 -31.41 40.46
C LEU A 30 -13.40 -31.02 39.02
N LYS A 31 -12.90 -31.80 38.06
CA LYS A 31 -13.19 -31.61 36.65
C LYS A 31 -12.72 -30.25 36.14
N GLU A 32 -11.75 -29.63 36.81
CA GLU A 32 -11.20 -28.34 36.41
C GLU A 32 -9.69 -28.43 36.41
N GLN A 33 -9.09 -28.26 35.24
CA GLN A 33 -7.63 -28.27 35.13
C GLN A 33 -7.05 -27.08 35.89
N LEU A 34 -5.97 -27.34 36.63
CA LEU A 34 -5.32 -26.32 37.44
C LEU A 34 -3.81 -26.43 37.25
N LYS A 35 -3.18 -25.29 37.00
CA LYS A 35 -1.74 -25.22 36.78
C LYS A 35 -1.07 -24.70 38.04
N LEU A 36 0.00 -25.35 38.45
CA LEU A 36 0.70 -25.03 39.69
C LEU A 36 2.19 -24.88 39.41
N CYS A 37 2.81 -23.86 40.01
CA CYS A 37 4.22 -23.59 39.86
C CYS A 37 4.95 -23.97 41.14
N LEU A 38 6.09 -24.63 41.00
CA LEU A 38 6.91 -24.98 42.15
C LEU A 38 7.45 -23.70 42.78
N ALA A 39 7.42 -23.63 44.12
CA ALA A 39 7.84 -22.43 44.81
C ALA A 39 8.49 -22.80 46.13
N ALA A 40 9.26 -21.86 46.68
CA ALA A 40 9.90 -22.05 47.98
C ALA A 40 10.29 -20.69 48.53
N GLU A 41 10.11 -20.52 49.84
CA GLU A 41 10.49 -19.26 50.47
C GLU A 41 11.99 -19.12 50.62
N GLY A 42 12.66 -20.21 51.00
CA GLY A 42 14.10 -20.19 51.16
C GLY A 42 14.54 -19.86 52.58
N PHE A 43 14.25 -18.65 53.03
CA PHE A 43 14.61 -18.20 54.37
C PHE A 43 13.48 -18.53 55.32
N GLY A 44 13.78 -19.34 56.34
CA GLY A 44 12.80 -19.75 57.32
C GLY A 44 11.97 -20.96 56.91
N ASN A 45 12.03 -21.36 55.65
CA ASN A 45 11.30 -22.53 55.18
C ASN A 45 12.00 -23.04 53.92
N ARG A 46 12.66 -24.18 54.04
CA ARG A 46 13.47 -24.73 52.96
C ARG A 46 12.69 -25.72 52.09
N LEU A 47 11.43 -25.97 52.42
CA LEU A 47 10.63 -27.00 51.76
C LEU A 47 9.76 -26.37 50.68
N CYS A 48 9.68 -27.04 49.53
CA CYS A 48 8.96 -26.49 48.39
C CYS A 48 7.47 -26.79 48.48
N PHE A 49 6.67 -25.85 48.00
CA PHE A 49 5.23 -26.02 47.90
C PHE A 49 4.81 -25.68 46.47
N LEU A 50 3.51 -25.63 46.22
CA LEU A 50 2.96 -25.39 44.90
C LEU A 50 2.04 -24.18 44.95
N GLU A 51 2.31 -23.19 44.10
CA GLU A 51 1.49 -22.00 44.02
C GLU A 51 0.59 -22.11 42.80
N PRO A 52 -0.73 -22.15 42.94
CA PRO A 52 -1.61 -22.20 41.75
C PRO A 52 -1.53 -20.91 40.97
N THR A 53 -1.70 -21.01 39.65
CA THR A 53 -1.65 -19.86 38.76
C THR A 53 -2.77 -19.85 37.73
N SER A 54 -3.74 -20.76 37.83
CA SER A 54 -4.83 -20.78 36.86
C SER A 54 -5.81 -19.64 37.09
N ASN A 55 -5.96 -19.21 38.34
CA ASN A 55 -6.87 -18.13 38.70
C ASN A 55 -6.16 -16.77 38.76
N ALA A 56 -5.12 -16.58 37.94
CA ALA A 56 -4.34 -15.36 38.02
C ALA A 56 -5.18 -14.12 37.74
N GLN A 57 -6.24 -14.26 36.93
CA GLN A 57 -7.02 -13.09 36.54
C GLN A 57 -7.80 -12.51 37.71
N ASN A 58 -8.18 -13.35 38.68
CA ASN A 58 -8.94 -12.87 39.83
C ASN A 58 -8.07 -12.70 41.06
N VAL A 59 -7.05 -13.55 41.23
CA VAL A 59 -6.15 -13.49 42.38
C VAL A 59 -4.73 -13.61 41.85
N PRO A 60 -3.90 -12.58 41.95
CA PRO A 60 -2.56 -12.65 41.36
C PRO A 60 -1.71 -13.71 42.03
N PRO A 61 -0.89 -14.43 41.28
CA PRO A 61 0.01 -15.40 41.89
C PRO A 61 1.26 -14.75 42.46
N ASP A 62 2.00 -15.53 43.26
CA ASP A 62 3.21 -15.07 43.92
C ASP A 62 4.42 -15.66 43.19
N LEU A 63 4.89 -14.96 42.18
CA LEU A 63 6.01 -15.43 41.35
C LEU A 63 7.36 -14.97 41.86
N ALA A 64 7.41 -14.11 42.89
CA ALA A 64 8.70 -13.66 43.40
C ALA A 64 9.55 -14.82 43.90
N ILE A 65 8.92 -15.95 44.23
CA ILE A 65 9.62 -17.10 44.78
C ILE A 65 9.56 -18.32 43.86
N CYS A 66 8.93 -18.20 42.70
CA CYS A 66 8.79 -19.30 41.76
C CYS A 66 9.85 -19.32 40.67
N CYS A 67 10.77 -18.36 40.66
CA CYS A 67 11.72 -18.21 39.58
C CYS A 67 13.05 -18.89 39.95
N PHE A 68 13.56 -19.71 39.03
CA PHE A 68 14.84 -20.37 39.19
C PHE A 68 15.75 -20.05 38.01
N ILE A 69 17.02 -19.79 38.30
CA ILE A 69 18.03 -19.58 37.28
C ILE A 69 18.69 -20.90 36.96
N LEU A 70 18.87 -21.16 35.66
CA LEU A 70 19.58 -22.34 35.16
C LEU A 70 21.06 -22.02 35.11
N GLU A 71 21.78 -22.27 36.20
CA GLU A 71 23.18 -21.89 36.25
C GLU A 71 24.00 -22.71 35.27
N GLN A 72 23.88 -24.03 35.31
CA GLN A 72 24.77 -24.91 34.58
C GLN A 72 24.01 -26.10 34.04
N SER A 73 24.42 -26.57 32.87
CA SER A 73 23.91 -27.78 32.26
C SER A 73 25.11 -28.65 31.89
N LEU A 74 25.19 -29.84 32.46
CA LEU A 74 26.34 -30.71 32.30
C LEU A 74 25.89 -32.12 31.96
N SER A 75 26.67 -32.79 31.12
CA SER A 75 26.45 -34.21 30.90
C SER A 75 26.73 -34.98 32.17
N VAL A 76 26.17 -36.18 32.27
CA VAL A 76 26.34 -36.96 33.50
C VAL A 76 27.82 -37.29 33.70
N ARG A 77 28.51 -37.68 32.63
CA ARG A 77 29.93 -38.02 32.76
C ARG A 77 30.75 -36.81 33.19
N ALA A 78 30.51 -35.65 32.57
CA ALA A 78 31.23 -34.44 32.94
C ALA A 78 30.93 -34.05 34.38
N LEU A 79 29.68 -34.22 34.81
CA LEU A 79 29.32 -33.94 36.20
C LEU A 79 30.07 -34.85 37.16
N GLN A 80 30.16 -36.13 36.82
CA GLN A 80 30.92 -37.06 37.64
C GLN A 80 32.38 -36.64 37.74
N GLU A 81 32.98 -36.26 36.61
CA GLU A 81 34.36 -35.81 36.64
C GLU A 81 34.52 -34.56 37.48
N MET A 82 33.60 -33.61 37.35
CA MET A 82 33.68 -32.37 38.12
C MET A 82 33.57 -32.64 39.61
N LEU A 83 32.65 -33.52 40.01
CA LEU A 83 32.53 -33.88 41.41
C LEU A 83 33.79 -34.58 41.90
N ALA A 84 34.36 -35.46 41.09
CA ALA A 84 35.57 -36.17 41.49
C ALA A 84 36.72 -35.21 41.71
N ASN A 85 36.89 -34.24 40.81
CA ASN A 85 37.95 -33.24 40.94
C ASN A 85 37.76 -32.42 42.21
N HIS A 99 26.67 -18.80 27.67
CA HIS A 99 25.40 -19.51 27.75
C HIS A 99 25.43 -20.76 26.88
N ARG A 100 24.99 -21.88 27.46
CA ARG A 100 25.01 -23.18 26.80
C ARG A 100 23.59 -23.71 26.66
N THR A 101 23.25 -24.16 25.46
CA THR A 101 21.92 -24.70 25.21
C THR A 101 21.70 -25.96 26.03
N LEU A 102 20.49 -26.10 26.57
CA LEU A 102 20.14 -27.31 27.30
C LEU A 102 19.82 -28.44 26.34
N LEU A 103 20.40 -29.60 26.59
CA LEU A 103 20.17 -30.81 25.80
C LEU A 103 19.64 -31.90 26.69
N TYR A 104 18.69 -32.68 26.17
CA TYR A 104 18.09 -33.74 26.96
C TYR A 104 19.16 -34.73 27.43
N GLY A 105 19.04 -35.15 28.69
CA GLY A 105 19.99 -36.04 29.31
C GLY A 105 21.05 -35.35 30.15
N HIS A 106 21.19 -34.04 30.00
CA HIS A 106 22.15 -33.28 30.81
C HIS A 106 21.59 -33.02 32.21
N ALA A 107 22.49 -32.73 33.13
CA ALA A 107 22.13 -32.41 34.51
C ALA A 107 22.21 -30.91 34.72
N ILE A 108 21.11 -30.33 35.22
CA ILE A 108 20.97 -28.88 35.33
C ILE A 108 21.03 -28.48 36.79
N LEU A 109 21.44 -27.24 37.03
CA LEU A 109 21.49 -26.66 38.36
C LEU A 109 20.51 -25.49 38.44
N LEU A 110 19.59 -25.57 39.39
CA LEU A 110 18.54 -24.57 39.57
C LEU A 110 18.82 -23.78 40.83
N ARG A 111 19.01 -22.47 40.69
CA ARG A 111 19.24 -21.57 41.82
C ARG A 111 18.00 -20.70 42.00
N HIS A 112 17.39 -20.77 43.19
CA HIS A 112 16.26 -19.91 43.49
C HIS A 112 16.64 -18.46 43.32
N ALA A 113 15.81 -17.72 42.59
CA ALA A 113 16.13 -16.33 42.27
C ALA A 113 16.19 -15.48 43.53
N HIS A 114 15.28 -15.70 44.46
CA HIS A 114 15.20 -14.87 45.66
C HIS A 114 16.26 -15.25 46.69
N SER A 115 16.22 -16.50 47.17
CA SER A 115 17.09 -16.90 48.26
C SER A 115 18.48 -17.31 47.78
N ARG A 116 18.66 -17.52 46.48
CA ARG A 116 19.95 -17.93 45.92
C ARG A 116 20.41 -19.27 46.48
N MET A 117 19.46 -20.13 46.86
CA MET A 117 19.74 -21.48 47.31
C MET A 117 19.36 -22.46 46.20
N TYR A 118 20.07 -23.58 46.14
CA TYR A 118 19.93 -24.49 45.00
C TYR A 118 18.89 -25.56 45.29
N LEU A 119 17.98 -25.75 44.34
CA LEU A 119 16.95 -26.77 44.46
C LEU A 119 17.61 -28.15 44.54
N SER A 120 17.18 -28.95 45.51
CA SER A 120 17.82 -30.23 45.77
C SER A 120 16.79 -31.19 46.36
N CYS A 121 17.10 -32.47 46.25
CA CYS A 121 16.27 -33.52 46.85
C CYS A 121 16.78 -33.79 48.26
N LEU A 122 15.94 -33.51 49.26
CA LEU A 122 16.35 -33.63 50.65
C LEU A 122 16.30 -35.08 51.11
N THR A 123 17.08 -35.38 52.14
CA THR A 123 17.07 -36.72 52.73
C THR A 123 15.82 -36.94 53.57
N THR A 124 15.36 -35.90 54.25
CA THR A 124 14.19 -36.02 55.10
C THR A 124 12.92 -36.21 54.26
N SER A 125 11.91 -36.80 54.87
CA SER A 125 10.63 -37.04 54.21
C SER A 125 9.50 -36.81 55.20
N ARG A 126 8.48 -36.09 54.76
CA ARG A 126 7.27 -35.88 55.55
C ARG A 126 6.08 -36.69 55.04
N SER A 127 6.15 -37.19 53.81
CA SER A 127 5.03 -37.89 53.20
C SER A 127 4.65 -39.12 54.03
N MET A 128 3.46 -39.08 54.64
CA MET A 128 2.97 -40.24 55.39
C MET A 128 2.51 -41.34 54.45
N THR A 129 1.83 -40.97 53.36
CA THR A 129 1.32 -41.97 52.43
C THR A 129 2.46 -42.75 51.78
N ASP A 130 3.51 -42.06 51.33
CA ASP A 130 4.63 -42.68 50.64
C ASP A 130 5.82 -42.76 51.59
N LYS A 131 6.28 -43.98 51.84
CA LYS A 131 7.47 -44.19 52.67
C LYS A 131 8.76 -44.14 51.87
N LEU A 132 8.69 -44.24 50.54
CA LEU A 132 9.89 -44.20 49.71
C LEU A 132 10.19 -42.78 49.23
N ALA A 133 9.20 -41.89 49.26
CA ALA A 133 9.37 -40.55 48.72
C ALA A 133 10.28 -39.70 49.59
N PHE A 134 10.86 -38.65 49.00
CA PHE A 134 11.71 -37.71 49.72
C PHE A 134 11.16 -36.31 49.51
N ASP A 135 11.44 -35.44 50.48
CA ASP A 135 11.07 -34.04 50.36
C ASP A 135 11.99 -33.33 49.37
N VAL A 136 11.46 -32.29 48.74
CA VAL A 136 12.20 -31.46 47.80
C VAL A 136 12.27 -30.05 48.37
N GLY A 137 13.47 -29.51 48.45
CA GLY A 137 13.67 -28.21 49.04
C GLY A 137 14.91 -27.53 48.53
N LEU A 138 15.34 -26.51 49.26
CA LEU A 138 16.49 -25.69 48.89
C LEU A 138 17.63 -25.96 49.85
N GLN A 139 18.86 -25.88 49.35
CA GLN A 139 20.06 -26.01 50.17
C GLN A 139 21.01 -24.86 49.86
N GLU A 140 21.79 -24.47 50.87
CA GLU A 140 22.55 -23.23 50.78
C GLU A 140 23.61 -23.30 49.69
N ASP A 141 24.35 -24.41 49.61
CA ASP A 141 25.50 -24.51 48.73
C ASP A 141 25.22 -25.56 47.65
N ALA A 142 25.85 -25.36 46.49
CA ALA A 142 25.71 -26.25 45.35
C ALA A 142 26.61 -27.48 45.45
N THR A 143 27.22 -27.71 46.61
CA THR A 143 28.09 -28.88 46.77
C THR A 143 27.26 -30.16 46.82
N GLY A 144 27.85 -31.24 46.33
CA GLY A 144 27.19 -32.53 46.33
C GLY A 144 26.34 -32.74 45.09
N GLU A 145 25.81 -33.95 44.99
CA GLU A 145 24.96 -34.34 43.87
C GLU A 145 23.47 -34.27 44.20
N ALA A 146 23.10 -33.78 45.38
CA ALA A 146 21.69 -33.67 45.72
C ALA A 146 21.03 -32.52 44.97
N CYS A 147 21.79 -31.47 44.68
CA CYS A 147 21.24 -30.28 44.01
C CYS A 147 21.16 -30.43 42.50
N TRP A 148 21.62 -31.54 41.93
CA TRP A 148 21.67 -31.71 40.48
C TRP A 148 20.50 -32.55 40.01
N TRP A 149 19.84 -32.10 38.96
CA TRP A 149 18.70 -32.79 38.37
C TRP A 149 18.97 -33.02 36.89
N THR A 150 18.53 -34.19 36.41
CA THR A 150 18.74 -34.60 35.03
C THR A 150 17.40 -34.60 34.31
N MET A 151 17.40 -34.19 33.06
CA MET A 151 16.17 -34.05 32.29
C MET A 151 15.98 -35.26 31.38
N HIS A 152 14.72 -35.59 31.10
CA HIS A 152 14.39 -36.63 30.15
C HIS A 152 13.15 -36.22 29.34
N PRO A 153 13.04 -36.67 28.09
CA PRO A 153 11.88 -36.31 27.28
C PRO A 153 10.62 -37.04 27.74
N ALA A 154 9.50 -36.34 27.67
CA ALA A 154 8.21 -36.92 28.07
C ALA A 154 7.56 -37.73 26.97
N SER A 155 8.11 -37.72 25.75
CA SER A 155 7.52 -38.42 24.63
C SER A 155 8.63 -39.01 23.76
N LYS A 156 8.25 -40.01 22.96
CA LYS A 156 9.19 -40.56 21.99
C LYS A 156 9.55 -39.53 20.93
N GLN A 157 8.72 -38.51 20.73
CA GLN A 157 9.04 -37.47 19.77
C GLN A 157 10.41 -36.86 20.05
N ARG A 158 10.65 -36.45 21.29
CA ARG A 158 11.94 -35.91 21.66
C ARG A 158 12.92 -37.06 21.92
N SER A 159 14.22 -36.77 21.74
CA SER A 159 15.25 -37.78 21.82
C SER A 159 16.38 -37.28 22.70
N GLU A 160 17.06 -38.22 23.36
CA GLU A 160 18.22 -37.86 24.18
C GLU A 160 19.26 -37.17 23.33
N GLY A 161 19.78 -36.05 23.84
CA GLY A 161 20.72 -35.23 23.12
C GLY A 161 20.09 -34.11 22.31
N GLU A 162 18.76 -34.12 22.16
CA GLU A 162 18.08 -33.03 21.48
C GLU A 162 18.05 -31.79 22.36
N LYS A 163 18.19 -30.62 21.73
CA LYS A 163 18.12 -29.38 22.48
C LYS A 163 16.72 -29.18 23.03
N VAL A 164 16.63 -28.78 24.30
CA VAL A 164 15.33 -28.58 24.91
C VAL A 164 14.65 -27.36 24.28
N ARG A 165 13.34 -27.48 24.09
CA ARG A 165 12.55 -26.43 23.47
C ARG A 165 11.57 -25.87 24.48
N VAL A 166 11.34 -24.56 24.41
CA VAL A 166 10.38 -23.92 25.29
C VAL A 166 9.02 -24.58 25.13
N GLY A 167 8.36 -24.87 26.24
CA GLY A 167 7.05 -25.49 26.22
C GLY A 167 7.06 -27.00 26.15
N ASP A 168 8.23 -27.63 26.15
CA ASP A 168 8.28 -29.09 26.13
C ASP A 168 7.81 -29.66 27.45
N ASP A 169 7.15 -30.82 27.37
CA ASP A 169 6.87 -31.63 28.54
C ASP A 169 8.08 -32.52 28.80
N LEU A 170 8.62 -32.46 30.01
CA LEU A 170 9.85 -33.13 30.35
C LEU A 170 9.81 -33.64 31.78
N ILE A 171 10.71 -34.56 32.10
CA ILE A 171 10.70 -35.28 33.37
C ILE A 171 12.03 -35.02 34.06
N LEU A 172 11.98 -34.71 35.35
CA LEU A 172 13.16 -34.44 36.15
C LEU A 172 13.46 -35.65 37.03
N VAL A 173 14.71 -36.08 37.04
CA VAL A 173 15.17 -37.15 37.93
C VAL A 173 16.31 -36.63 38.77
N SER A 174 16.38 -37.09 40.02
CA SER A 174 17.42 -36.67 40.94
C SER A 174 18.64 -37.56 40.78
N VAL A 175 19.80 -36.92 40.57
CA VAL A 175 21.04 -37.68 40.43
C VAL A 175 21.35 -38.44 41.72
N SER A 176 21.11 -37.80 42.86
CA SER A 176 21.48 -38.41 44.14
C SER A 176 20.55 -39.58 44.49
N SER A 177 19.25 -39.40 44.32
CA SER A 177 18.26 -40.34 44.82
C SER A 177 17.56 -41.13 43.73
N GLU A 178 17.82 -40.85 42.45
CA GLU A 178 17.19 -41.57 41.35
C GLU A 178 15.67 -41.56 41.50
N ARG A 179 15.12 -40.40 41.83
CA ARG A 179 13.69 -40.24 42.04
C ARG A 179 13.17 -39.11 41.16
N TYR A 180 11.92 -39.22 40.77
CA TYR A 180 11.28 -38.24 39.90
C TYR A 180 10.71 -37.09 40.72
N LEU A 181 10.85 -35.87 40.21
CA LEU A 181 10.13 -34.74 40.76
C LEU A 181 8.64 -34.93 40.50
N HIS A 182 7.90 -35.28 41.56
CA HIS A 182 6.56 -35.85 41.41
C HIS A 182 5.54 -34.98 42.13
N LEU A 183 4.36 -34.86 41.50
CA LEU A 183 3.22 -34.18 42.10
C LEU A 183 2.42 -35.19 42.91
N SER A 184 2.25 -34.92 44.20
CA SER A 184 1.58 -35.83 45.12
C SER A 184 0.13 -35.40 45.28
N THR A 185 -0.79 -36.20 44.73
CA THR A 185 -2.23 -35.96 44.86
C THR A 185 -2.87 -36.91 45.88
N ALA A 186 -2.06 -37.63 46.65
CA ALA A 186 -2.60 -38.61 47.59
C ALA A 186 -3.46 -37.93 48.65
N SER A 187 -2.84 -37.04 49.44
CA SER A 187 -3.58 -36.31 50.46
C SER A 187 -4.51 -35.29 49.81
N GLY A 188 -5.34 -34.67 50.64
CA GLY A 188 -6.25 -33.65 50.13
C GLY A 188 -5.51 -32.50 49.47
N GLU A 189 -4.41 -32.07 50.06
CA GLU A 189 -3.62 -30.99 49.49
C GLU A 189 -2.68 -31.53 48.41
N LEU A 190 -2.33 -30.66 47.47
CA LEU A 190 -1.37 -31.01 46.42
C LEU A 190 0.03 -30.62 46.87
N GLN A 191 0.94 -31.58 46.87
CA GLN A 191 2.30 -31.40 47.35
C GLN A 191 3.29 -31.89 46.29
N VAL A 192 4.52 -31.42 46.41
CA VAL A 192 5.61 -31.79 45.50
C VAL A 192 6.64 -32.56 46.31
N ASP A 193 7.05 -33.72 45.79
CA ASP A 193 8.02 -34.57 46.46
C ASP A 193 8.74 -35.41 45.41
N ALA A 194 9.88 -35.97 45.82
CA ALA A 194 10.69 -36.82 44.96
C ALA A 194 10.33 -38.27 45.23
N SER A 195 9.63 -38.89 44.29
CA SER A 195 9.16 -40.26 44.41
C SER A 195 9.50 -41.03 43.14
N PHE A 196 9.23 -42.33 43.17
CA PHE A 196 9.53 -43.17 42.01
C PHE A 196 8.52 -42.98 40.89
N MET A 197 7.34 -42.44 41.20
CA MET A 197 6.37 -42.11 40.17
C MET A 197 6.75 -40.80 39.50
N GLN A 198 6.52 -40.72 38.20
CA GLN A 198 6.96 -39.60 37.39
C GLN A 198 5.81 -38.63 37.13
N THR A 199 6.18 -37.36 36.93
CA THR A 199 5.25 -36.32 36.53
C THR A 199 5.91 -35.46 35.45
N LEU A 200 5.09 -34.90 34.56
CA LEU A 200 5.59 -34.12 33.45
C LEU A 200 5.59 -32.64 33.83
N TRP A 201 6.75 -32.01 33.77
CA TRP A 201 6.93 -30.61 34.15
C TRP A 201 7.26 -29.78 32.92
N ASN A 202 6.89 -28.50 32.96
CA ASN A 202 7.20 -27.55 31.91
C ASN A 202 8.09 -26.46 32.48
N MET A 203 9.20 -26.17 31.80
CA MET A 203 10.09 -25.07 32.20
C MET A 203 9.67 -23.84 31.41
N ASN A 204 8.64 -23.14 31.91
CA ASN A 204 8.23 -21.95 31.18
C ASN A 204 9.26 -20.83 31.39
N PRO A 205 9.73 -20.19 30.32
CA PRO A 205 10.79 -19.20 30.48
C PRO A 205 10.28 -17.85 30.95
N ILE A 206 10.90 -17.30 32.00
CA ILE A 206 10.50 -15.99 32.50
C ILE A 206 11.28 -14.89 31.79
N CYS A 207 12.60 -15.08 31.64
CA CYS A 207 13.43 -14.13 30.93
C CYS A 207 14.69 -14.83 30.45
N SER A 208 15.32 -14.26 29.43
CA SER A 208 16.56 -14.81 28.89
C SER A 208 17.71 -13.84 29.11
N GLY A 209 17.55 -12.61 28.64
CA GLY A 209 18.57 -11.60 28.81
C GLY A 209 18.00 -10.22 28.55
N CYS A 210 18.39 -9.27 29.40
CA CYS A 210 17.85 -7.93 29.40
C CYS A 210 18.85 -6.96 28.78
N GLU A 211 18.39 -6.17 27.82
CA GLU A 211 19.22 -5.11 27.27
C GLU A 211 19.55 -4.10 28.36
N GLU A 212 20.78 -3.61 28.35
CA GLU A 212 21.26 -2.76 29.44
C GLU A 212 20.36 -1.53 29.60
N GLY A 213 19.99 -1.26 30.85
CA GLY A 213 19.26 -0.05 31.18
C GLY A 213 17.78 -0.06 30.83
N PHE A 214 17.24 -1.21 30.42
CA PHE A 214 15.85 -1.31 29.99
C PHE A 214 15.03 -2.04 31.04
N VAL A 215 13.83 -1.51 31.32
CA VAL A 215 12.95 -2.11 32.31
C VAL A 215 12.33 -3.38 31.72
N THR A 216 12.24 -4.42 32.55
CA THR A 216 11.55 -5.65 32.19
C THR A 216 10.59 -6.00 33.32
N GLY A 217 9.61 -6.85 33.01
CA GLY A 217 8.69 -7.29 34.03
C GLY A 217 9.38 -8.04 35.15
N GLY A 218 8.85 -7.86 36.35
CA GLY A 218 9.32 -8.61 37.51
C GLY A 218 10.50 -8.00 38.25
N HIS A 219 10.90 -6.78 37.94
CA HIS A 219 11.92 -6.09 38.71
C HIS A 219 11.28 -5.33 39.86
N VAL A 220 11.97 -5.33 41.00
CA VAL A 220 11.65 -4.44 42.10
C VAL A 220 12.31 -3.09 41.81
N LEU A 221 11.54 -2.02 41.95
CA LEU A 221 12.03 -0.69 41.55
C LEU A 221 11.24 0.38 42.28
N ARG A 222 11.75 1.60 42.21
CA ARG A 222 11.11 2.76 42.79
C ARG A 222 10.56 3.65 41.68
N LEU A 223 9.40 4.26 41.93
CA LEU A 223 8.76 5.16 40.99
C LEU A 223 8.93 6.58 41.51
N PHE A 224 9.90 7.30 40.97
CA PHE A 224 10.20 8.66 41.41
C PHE A 224 9.35 9.66 40.62
N HIS A 225 8.93 10.72 41.31
CA HIS A 225 8.15 11.77 40.69
C HIS A 225 9.08 12.55 39.77
N GLY A 226 9.06 12.17 38.49
CA GLY A 226 9.93 12.79 37.51
C GLY A 226 11.38 12.67 37.94
N HIS A 227 11.98 13.80 38.31
CA HIS A 227 13.29 13.84 38.94
C HIS A 227 13.29 14.76 40.14
N MET A 228 12.15 14.84 40.83
CA MET A 228 11.97 15.75 41.96
C MET A 228 12.38 15.12 43.30
N ASP A 229 12.96 13.91 43.27
CA ASP A 229 13.42 13.24 44.47
C ASP A 229 12.27 12.70 45.30
N GLU A 230 11.03 12.88 44.83
CA GLU A 230 9.89 12.24 45.47
C GLU A 230 9.64 10.87 44.85
N CYS A 231 9.18 9.93 45.67
CA CYS A 231 8.89 8.58 45.23
C CYS A 231 7.51 8.18 45.72
N LEU A 232 6.90 7.25 44.99
CA LEU A 232 5.61 6.70 45.37
C LEU A 232 5.79 5.68 46.48
N THR A 233 5.05 5.83 47.57
CA THR A 233 5.23 4.98 48.74
C THR A 233 3.90 4.84 49.46
N ILE A 234 3.94 4.09 50.56
CA ILE A 234 2.79 3.94 51.44
C ILE A 234 3.19 4.46 52.82
N SER A 235 2.22 4.61 53.71
CA SER A 235 2.49 5.21 55.01
C SER A 235 3.43 4.31 55.82
N PRO A 236 4.21 4.89 56.73
CA PRO A 236 5.10 4.08 57.56
C PRO A 236 4.34 3.03 58.35
N SER A 237 5.08 2.06 58.86
CA SER A 237 4.47 1.00 59.65
C SER A 237 3.85 1.56 60.92
N ASP A 238 2.77 0.94 61.36
CA ASP A 238 1.98 1.32 62.54
C ASP A 238 1.21 2.61 62.31
N SER A 239 1.08 3.07 61.06
CA SER A 239 0.33 4.27 60.78
C SER A 239 -1.17 4.01 60.95
N ASP A 240 -1.90 5.09 61.26
CA ASP A 240 -3.33 4.98 61.52
C ASP A 240 -4.14 4.70 60.26
N ASP A 241 -3.59 5.00 59.07
CA ASP A 241 -4.32 4.76 57.84
C ASP A 241 -4.34 3.29 57.44
N GLN A 242 -3.70 2.41 58.22
CA GLN A 242 -3.64 0.98 58.00
C GLN A 242 -2.80 0.63 56.78
N ARG A 243 -1.95 1.54 56.31
CA ARG A 243 -1.05 1.28 55.19
C ARG A 243 -1.81 0.95 53.92
N ARG A 244 -3.03 1.46 53.77
CA ARG A 244 -3.85 1.23 52.59
C ARG A 244 -3.84 2.40 51.63
N LEU A 245 -3.04 3.44 51.90
CA LEU A 245 -3.03 4.65 51.10
C LEU A 245 -1.65 4.86 50.51
N VAL A 246 -1.61 5.61 49.41
CA VAL A 246 -0.38 5.85 48.65
C VAL A 246 -0.09 7.34 48.63
N TYR A 247 1.19 7.70 48.78
CA TYR A 247 1.62 9.08 48.83
C TYR A 247 2.86 9.26 47.97
N TYR A 248 3.17 10.53 47.67
CA TYR A 248 4.45 10.93 47.11
C TYR A 248 5.27 11.54 48.24
N GLU A 249 6.40 10.93 48.57
CA GLU A 249 7.23 11.39 49.68
C GLU A 249 8.69 11.42 49.25
N GLY A 250 9.44 12.38 49.79
CA GLY A 250 10.79 12.61 49.31
C GLY A 250 11.80 12.87 50.41
N GLY A 251 11.57 12.34 51.60
CA GLY A 251 12.53 12.45 52.67
C GLY A 251 13.58 11.36 52.56
N PRO A 252 13.90 10.70 53.67
CA PRO A 252 14.78 9.52 53.60
C PRO A 252 14.08 8.24 53.16
N VAL A 253 12.78 8.30 52.88
CA VAL A 253 12.04 7.12 52.47
C VAL A 253 12.58 6.56 51.16
N CYS A 254 13.22 7.39 50.35
CA CYS A 254 13.75 6.91 49.07
C CYS A 254 14.81 5.84 49.26
N THR A 255 15.39 5.73 50.46
CA THR A 255 16.34 4.69 50.78
C THR A 255 15.74 3.55 51.58
N HIS A 256 14.46 3.61 51.92
CA HIS A 256 13.80 2.58 52.70
C HIS A 256 13.12 1.57 51.79
N ALA A 257 12.51 0.55 52.40
CA ALA A 257 11.94 -0.58 51.68
C ALA A 257 10.42 -0.48 51.56
N ARG A 258 9.80 0.56 52.11
CA ARG A 258 8.37 0.75 51.99
C ARG A 258 7.98 1.51 50.72
N SER A 259 8.97 1.89 49.91
CA SER A 259 8.72 2.53 48.63
C SER A 259 9.16 1.66 47.45
N LEU A 260 9.31 0.35 47.67
CA LEU A 260 9.79 -0.56 46.64
C LEU A 260 8.59 -1.27 46.03
N TRP A 261 8.46 -1.20 44.71
CA TRP A 261 7.36 -1.80 43.98
C TRP A 261 7.88 -2.79 42.94
N ARG A 262 7.06 -3.80 42.65
CA ARG A 262 7.37 -4.82 41.67
C ARG A 262 6.35 -4.77 40.54
N LEU A 263 6.84 -4.82 39.29
CA LEU A 263 5.98 -4.78 38.12
C LEU A 263 5.70 -6.21 37.67
N GLU A 264 4.44 -6.59 37.61
CA GLU A 264 4.04 -7.95 37.26
C GLU A 264 3.15 -7.93 36.04
N PRO A 265 3.63 -8.32 34.86
CA PRO A 265 2.74 -8.41 33.70
C PRO A 265 1.65 -9.43 33.93
N LEU A 266 0.49 -9.19 33.29
CA LEU A 266 -0.64 -10.09 33.47
C LEU A 266 -0.35 -11.48 32.93
N ARG A 267 0.67 -11.63 32.11
CA ARG A 267 1.05 -12.93 31.56
C ARG A 267 2.06 -13.60 32.48
N ILE A 268 1.93 -14.91 32.64
CA ILE A 268 2.85 -15.65 33.51
C ILE A 268 4.14 -15.97 32.76
N SER A 269 4.01 -16.60 31.58
CA SER A 269 5.18 -16.96 30.78
C SER A 269 5.75 -15.72 30.10
N TRP A 270 7.07 -15.66 30.04
CA TRP A 270 7.78 -14.50 29.48
C TRP A 270 7.40 -13.22 30.22
N SER A 271 7.02 -13.36 31.50
CA SER A 271 6.69 -12.19 32.30
C SER A 271 7.91 -11.32 32.58
N GLY A 272 9.11 -11.83 32.33
CA GLY A 272 10.32 -11.05 32.52
C GLY A 272 10.78 -10.38 31.25
N SER A 273 9.88 -10.26 30.28
CA SER A 273 10.20 -9.64 29.00
C SER A 273 10.31 -8.13 29.15
N HIS A 274 10.83 -7.50 28.10
CA HIS A 274 10.94 -6.04 28.09
C HIS A 274 9.56 -5.41 28.23
N LEU A 275 9.49 -4.36 29.04
CA LEU A 275 8.22 -3.71 29.34
C LEU A 275 7.90 -2.69 28.25
N ARG A 276 6.78 -2.91 27.57
CA ARG A 276 6.38 -2.09 26.44
C ARG A 276 5.31 -1.09 26.85
N TRP A 277 5.26 0.02 26.12
CA TRP A 277 4.23 1.02 26.36
C TRP A 277 2.85 0.43 26.17
N GLY A 278 1.94 0.74 27.09
CA GLY A 278 0.58 0.25 27.01
C GLY A 278 0.37 -1.17 27.49
N GLN A 279 1.41 -1.83 27.96
CA GLN A 279 1.27 -3.20 28.44
C GLN A 279 0.53 -3.21 29.78
N PRO A 280 -0.59 -3.93 29.90
CA PRO A 280 -1.25 -4.01 31.20
C PRO A 280 -0.39 -4.76 32.20
N LEU A 281 -0.40 -4.31 33.45
CA LEU A 281 0.42 -4.91 34.48
C LEU A 281 -0.14 -4.54 35.85
N ARG A 282 0.34 -5.25 36.87
CA ARG A 282 0.00 -4.97 38.25
C ARG A 282 1.24 -4.44 38.97
N ILE A 283 1.04 -3.41 39.80
CA ILE A 283 2.12 -2.88 40.61
C ILE A 283 1.92 -3.37 42.04
N ARG A 284 2.83 -4.23 42.50
CA ARG A 284 2.74 -4.86 43.80
C ARG A 284 3.66 -4.13 44.79
N HIS A 285 3.21 -3.98 46.02
CA HIS A 285 4.08 -3.46 47.06
C HIS A 285 4.83 -4.62 47.70
N VAL A 286 6.15 -4.63 47.55
CA VAL A 286 6.94 -5.81 47.90
C VAL A 286 6.80 -6.13 49.38
N THR A 287 6.91 -5.10 50.23
CA THR A 287 7.01 -5.36 51.67
C THR A 287 5.68 -5.85 52.25
N THR A 288 4.57 -5.24 51.85
CA THR A 288 3.26 -5.62 52.38
C THR A 288 2.54 -6.65 51.53
N GLY A 289 2.98 -6.86 50.29
CA GLY A 289 2.31 -7.81 49.42
C GLY A 289 0.90 -7.39 49.06
N ARG A 290 0.68 -6.09 48.88
CA ARG A 290 -0.62 -5.53 48.52
C ARG A 290 -0.50 -4.82 47.18
N TYR A 291 -1.47 -5.05 46.30
CA TYR A 291 -1.38 -4.54 44.94
C TYR A 291 -2.05 -3.18 44.82
N LEU A 292 -1.44 -2.30 44.04
CA LEU A 292 -2.01 -0.99 43.77
C LEU A 292 -3.23 -1.15 42.86
N GLY A 293 -4.37 -0.60 43.30
CA GLY A 293 -5.60 -0.77 42.57
C GLY A 293 -6.56 0.39 42.79
N LEU A 294 -7.69 0.32 42.10
CA LEU A 294 -8.72 1.34 42.15
C LEU A 294 -9.97 0.75 42.80
N THR A 295 -10.34 1.28 43.95
CA THR A 295 -11.58 0.91 44.63
C THR A 295 -12.58 2.05 44.49
N GLU A 296 -13.82 1.70 44.11
CA GLU A 296 -14.82 2.74 43.87
C GLU A 296 -15.08 3.56 45.12
N ASP A 297 -15.06 2.92 46.30
CA ASP A 297 -15.37 3.65 47.52
C ASP A 297 -14.23 4.56 47.95
N GLN A 298 -12.98 4.09 47.86
CA GLN A 298 -11.83 4.81 48.39
C GLN A 298 -10.86 5.25 47.30
N GLY A 299 -11.24 5.16 46.03
CA GLY A 299 -10.34 5.56 44.95
C GLY A 299 -9.10 4.70 44.86
N LEU A 300 -7.93 5.31 44.87
CA LEU A 300 -6.66 4.62 44.70
C LEU A 300 -6.15 4.16 46.06
N VAL A 301 -5.98 2.86 46.22
CA VAL A 301 -5.46 2.26 47.44
C VAL A 301 -4.56 1.09 47.05
N VAL A 302 -4.00 0.44 48.07
CA VAL A 302 -3.29 -0.82 47.90
C VAL A 302 -4.17 -1.92 48.46
N VAL A 303 -4.77 -2.71 47.58
CA VAL A 303 -5.72 -3.73 47.98
C VAL A 303 -4.98 -5.04 48.23
N ASP A 304 -5.66 -5.95 48.94
CA ASP A 304 -5.10 -7.27 49.20
C ASP A 304 -5.07 -8.08 47.92
N ALA A 305 -4.23 -9.12 47.92
CA ALA A 305 -4.12 -9.99 46.75
C ALA A 305 -5.46 -10.65 46.44
N SER A 306 -6.18 -11.10 47.48
CA SER A 306 -7.46 -11.76 47.25
C SER A 306 -8.44 -10.84 46.54
N LYS A 307 -8.38 -9.53 46.80
CA LYS A 307 -9.28 -8.57 46.18
C LYS A 307 -8.69 -7.96 44.91
N ALA A 308 -7.43 -8.23 44.59
CA ALA A 308 -6.77 -7.62 43.43
C ALA A 308 -7.12 -8.39 42.16
N HIS A 309 -8.36 -8.19 41.70
CA HIS A 309 -8.77 -8.76 40.42
C HIS A 309 -8.24 -7.90 39.27
N THR A 310 -8.35 -8.44 38.06
CA THR A 310 -7.70 -7.81 36.91
C THR A 310 -8.23 -6.41 36.66
N LYS A 311 -9.55 -6.22 36.79
CA LYS A 311 -10.13 -4.91 36.50
C LYS A 311 -9.58 -3.84 37.44
N ALA A 312 -9.48 -4.17 38.74
CA ALA A 312 -9.11 -3.15 39.71
C ALA A 312 -7.62 -2.82 39.64
N THR A 313 -6.76 -3.84 39.50
CA THR A 313 -5.33 -3.66 39.64
C THR A 313 -4.57 -3.71 38.31
N SER A 314 -5.24 -3.42 37.19
CA SER A 314 -4.59 -3.39 35.90
C SER A 314 -4.14 -1.96 35.60
N PHE A 315 -2.83 -1.77 35.41
CA PHE A 315 -2.25 -0.48 35.12
C PHE A 315 -1.39 -0.58 33.87
N CYS A 316 -1.19 0.55 33.21
CA CYS A 316 -0.38 0.60 31.99
C CYS A 316 0.47 1.86 31.99
N PHE A 317 1.66 1.74 31.39
CA PHE A 317 2.57 2.86 31.23
C PHE A 317 2.33 3.50 29.87
N ARG A 318 2.22 4.83 29.84
CA ARG A 318 2.00 5.59 28.63
C ARG A 318 3.12 6.61 28.45
N ILE A 319 3.55 6.78 27.20
CA ILE A 319 4.55 7.80 26.90
C ILE A 319 3.93 9.19 26.97
N SER A 320 2.67 9.32 26.56
CA SER A 320 2.00 10.60 26.47
C SER A 320 0.54 10.46 26.88
N LYS A 321 -0.05 11.59 27.28
CA LYS A 321 -1.44 11.64 27.72
C LYS A 321 -2.45 11.48 26.59
N GLU A 322 -2.09 11.81 25.36
CA GLU A 322 -3.07 11.85 24.29
C GLU A 322 -3.53 10.43 23.92
N LYS A 323 -4.73 10.37 23.35
CA LYS A 323 -5.52 9.13 23.27
C LYS A 323 -5.03 8.25 22.12
N LEU A 324 -4.12 7.34 22.45
CA LEU A 324 -3.73 6.26 21.57
C LEU A 324 -4.28 4.91 22.01
N ASP A 325 -5.23 4.89 22.96
CA ASP A 325 -5.79 3.63 23.42
C ASP A 325 -6.56 2.92 22.32
N VAL A 326 -6.86 3.60 21.22
CA VAL A 326 -7.55 3.00 20.09
C VAL A 326 -6.58 2.13 19.29
N ALA A 327 -5.32 2.11 19.72
CA ALA A 327 -4.29 1.30 19.08
C ALA A 327 -4.15 -0.02 19.82
N PRO A 328 -4.46 -1.16 19.18
CA PRO A 328 -4.39 -2.43 19.89
C PRO A 328 -2.96 -2.81 20.27
N LYS A 329 -2.85 -3.57 21.36
CA LYS A 329 -1.57 -4.08 21.85
C LYS A 329 -1.49 -5.57 21.58
N ARG A 330 -0.34 -6.03 21.10
CA ARG A 330 -0.12 -7.42 20.75
C ARG A 330 1.07 -7.97 21.52
N ASP A 331 0.96 -9.22 21.95
CA ASP A 331 2.02 -9.88 22.70
C ASP A 331 2.91 -10.70 21.78
N VAL A 332 4.05 -11.14 22.33
CA VAL A 332 5.01 -11.95 21.60
C VAL A 332 5.65 -12.93 22.58
N GLU A 333 6.14 -14.04 22.03
CA GLU A 333 6.85 -15.05 22.80
C GLU A 333 8.35 -14.76 22.70
N GLY A 334 8.87 -14.03 23.67
CA GLY A 334 10.26 -13.62 23.66
C GLY A 334 10.43 -12.36 24.47
N MET A 335 11.69 -11.91 24.55
CA MET A 335 11.99 -10.70 25.30
C MET A 335 11.29 -9.49 24.70
N GLY A 336 11.27 -9.40 23.37
CA GLY A 336 10.55 -8.35 22.69
C GLY A 336 11.35 -7.07 22.55
N PRO A 337 10.79 -6.09 21.84
CA PRO A 337 11.50 -4.82 21.62
C PRO A 337 11.72 -4.08 22.92
N PRO A 338 12.95 -3.67 23.21
CA PRO A 338 13.18 -2.82 24.39
C PRO A 338 12.64 -1.41 24.18
N GLU A 339 11.75 -0.99 25.07
CA GLU A 339 11.10 0.30 24.93
C GLU A 339 11.42 1.25 26.08
N ILE A 340 11.21 0.81 27.31
CA ILE A 340 11.33 1.69 28.47
C ILE A 340 12.72 1.55 29.09
N LYS A 341 13.29 2.67 29.52
CA LYS A 341 14.64 2.72 30.06
C LYS A 341 14.61 3.31 31.46
N TYR A 342 15.49 2.77 32.32
CA TYR A 342 15.60 3.28 33.68
C TYR A 342 16.11 4.71 33.68
N GLY A 343 15.54 5.54 34.55
CA GLY A 343 15.99 6.90 34.74
C GLY A 343 15.57 7.85 33.64
N GLU A 344 15.93 7.55 32.40
CA GLU A 344 15.68 8.47 31.30
C GLU A 344 14.20 8.51 30.94
N SER A 345 13.64 7.37 30.57
CA SER A 345 12.25 7.33 30.10
C SER A 345 11.31 7.88 31.16
N LEU A 346 10.36 8.69 30.72
CA LEU A 346 9.33 9.28 31.57
C LEU A 346 8.00 8.64 31.23
N CYS A 347 7.32 8.10 32.24
CA CYS A 347 6.12 7.30 32.06
C CYS A 347 4.95 7.90 32.81
N PHE A 348 3.75 7.72 32.27
CA PHE A 348 2.51 8.12 32.92
C PHE A 348 1.75 6.84 33.26
N VAL A 349 1.38 6.67 34.52
CA VAL A 349 0.62 5.50 34.93
C VAL A 349 -0.86 5.75 34.69
N GLN A 350 -1.53 4.80 34.05
CA GLN A 350 -2.94 4.94 33.71
C GLN A 350 -3.68 3.68 34.10
N HIS A 351 -4.84 3.83 34.71
CA HIS A 351 -5.69 2.69 35.02
C HIS A 351 -6.41 2.22 33.76
N VAL A 352 -6.18 0.97 33.38
CA VAL A 352 -6.66 0.49 32.09
C VAL A 352 -8.19 0.54 32.02
N ALA A 353 -8.85 0.08 33.08
CA ALA A 353 -10.31 -0.03 33.04
C ALA A 353 -10.97 1.34 32.89
N SER A 354 -10.60 2.29 33.75
CA SER A 354 -11.22 3.60 33.76
C SER A 354 -10.50 4.62 32.90
N GLY A 355 -9.21 4.43 32.62
CA GLY A 355 -8.46 5.38 31.84
C GLY A 355 -7.96 6.56 32.65
N LEU A 356 -8.20 6.53 33.96
CA LEU A 356 -7.72 7.59 34.83
C LEU A 356 -6.19 7.62 34.84
N TRP A 357 -5.64 8.75 35.27
CA TRP A 357 -4.20 8.94 35.36
C TRP A 357 -3.78 9.08 36.82
N LEU A 358 -2.63 8.50 37.14
CA LEU A 358 -2.08 8.54 38.49
C LEU A 358 -1.43 9.90 38.70
N THR A 359 -2.11 10.78 39.43
CA THR A 359 -1.63 12.13 39.69
C THR A 359 -1.72 12.43 41.17
N TYR A 360 -0.80 13.26 41.65
CA TYR A 360 -0.82 13.70 43.04
C TYR A 360 -2.09 14.51 43.29
N ALA A 361 -2.68 14.32 44.47
CA ALA A 361 -3.87 15.08 44.82
C ALA A 361 -3.53 16.57 44.94
N ALA A 362 -4.58 17.38 45.01
CA ALA A 362 -4.38 18.81 45.19
C ALA A 362 -3.67 19.06 46.51
N PRO A 363 -2.90 20.15 46.62
CA PRO A 363 -2.08 20.34 47.82
C PRO A 363 -2.94 20.32 49.08
N ASP A 364 -2.41 19.69 50.12
CA ASP A 364 -3.21 19.45 51.31
C ASP A 364 -3.66 20.78 51.91
N PRO A 365 -4.91 20.87 52.34
CA PRO A 365 -5.38 22.12 52.96
C PRO A 365 -4.57 22.42 54.21
N LYS A 366 -4.30 23.71 54.43
CA LYS A 366 -3.51 24.15 55.56
C LYS A 366 -2.14 23.49 55.57
N ALA A 367 -1.54 23.39 54.38
CA ALA A 367 -0.28 22.66 54.23
C ALA A 367 0.79 23.19 55.18
N LEU A 368 0.85 24.51 55.36
CA LEU A 368 1.83 25.09 56.26
C LEU A 368 1.60 24.61 57.70
N ARG A 369 0.34 24.57 58.13
CA ARG A 369 0.04 24.06 59.46
C ARG A 369 0.41 22.59 59.58
N LEU A 370 0.12 21.81 58.54
CA LEU A 370 0.49 20.39 58.56
C LEU A 370 1.99 20.23 58.72
N GLY A 371 2.77 20.96 57.95
CA GLY A 371 4.22 20.87 58.03
C GLY A 371 4.75 19.59 57.43
N VAL A 372 3.91 18.87 56.70
CA VAL A 372 4.25 17.58 56.10
C VAL A 372 4.25 17.75 54.58
N LEU A 373 5.26 17.19 53.92
CA LEU A 373 5.40 17.26 52.48
C LEU A 373 4.72 16.08 51.78
N LYS A 374 4.07 15.20 52.53
CA LYS A 374 3.38 14.07 51.93
C LYS A 374 2.24 14.56 51.03
N LYS A 375 2.18 14.02 49.82
CA LYS A 375 1.13 14.34 48.86
C LYS A 375 0.39 13.06 48.52
N LYS A 376 -0.87 12.97 48.95
CA LYS A 376 -1.67 11.80 48.66
C LYS A 376 -1.81 11.60 47.15
N ALA A 377 -1.63 10.36 46.70
CA ALA A 377 -1.76 10.02 45.30
C ALA A 377 -3.20 9.62 45.01
N MET A 378 -3.75 10.14 43.91
CA MET A 378 -5.11 9.86 43.50
C MET A 378 -5.15 9.62 42.00
N LEU A 379 -6.29 9.13 41.53
CA LEU A 379 -6.51 8.85 40.12
C LEU A 379 -7.53 9.87 39.59
N HIS A 380 -7.14 10.59 38.54
CA HIS A 380 -7.96 11.67 37.99
C HIS A 380 -8.01 11.56 36.48
N GLN A 381 -9.08 12.11 35.89
CA GLN A 381 -9.26 11.99 34.45
C GLN A 381 -8.22 12.79 33.68
N GLU A 382 -7.90 14.00 34.16
CA GLU A 382 -6.99 14.90 33.45
C GLU A 382 -5.58 14.87 34.01
N GLY A 383 -5.43 14.92 35.33
CA GLY A 383 -4.10 14.97 35.90
C GLY A 383 -3.42 16.29 35.66
N HIS A 384 -2.09 16.26 35.70
CA HIS A 384 -1.25 17.44 35.49
C HIS A 384 -0.08 17.05 34.57
N MET A 385 0.71 18.05 34.19
CA MET A 385 1.85 17.83 33.31
C MET A 385 3.02 17.15 33.98
N ASP A 386 3.22 17.36 35.29
CA ASP A 386 4.33 16.78 36.02
C ASP A 386 4.00 15.40 36.56
N ASP A 387 3.01 14.72 35.99
CA ASP A 387 2.65 13.38 36.44
C ASP A 387 3.64 12.32 35.97
N ALA A 388 4.57 12.66 35.08
CA ALA A 388 5.51 11.68 34.58
C ALA A 388 6.33 11.08 35.72
N LEU A 389 6.51 9.77 35.68
CA LEU A 389 7.26 9.04 36.69
C LEU A 389 8.49 8.42 36.06
N SER A 390 9.60 8.44 36.79
CA SER A 390 10.85 7.83 36.37
C SER A 390 11.06 6.54 37.15
N LEU A 391 11.39 5.46 36.44
CA LEU A 391 11.59 4.18 37.08
C LEU A 391 13.06 4.01 37.42
N THR A 392 13.36 3.78 38.69
CA THR A 392 14.73 3.63 39.17
C THR A 392 14.93 2.24 39.74
N ARG A 393 16.02 1.60 39.35
CA ARG A 393 16.30 0.24 39.78
C ARG A 393 16.98 0.22 41.14
N CYS A 394 16.55 -0.71 41.98
CA CYS A 394 17.13 -0.91 43.30
C CYS A 394 18.14 -2.05 43.26
N GLN A 395 18.92 -2.16 44.32
CA GLN A 395 19.92 -3.22 44.40
C GLN A 395 19.27 -4.55 44.80
N GLN A 396 19.89 -5.63 44.34
CA GLN A 396 19.44 -6.96 44.73
C GLN A 396 19.40 -7.09 46.24
N GLU A 397 20.34 -6.44 46.94
CA GLU A 397 20.32 -6.44 48.39
C GLU A 397 19.02 -5.88 48.93
N GLU A 398 18.60 -4.72 48.42
CA GLU A 398 17.36 -4.10 48.90
C GLU A 398 16.15 -4.95 48.54
N SER A 399 16.12 -5.51 47.33
CA SER A 399 14.99 -6.34 46.93
C SER A 399 14.86 -7.57 47.82
N GLN A 400 15.97 -8.27 48.04
CA GLN A 400 15.95 -9.44 48.91
C GLN A 400 15.57 -9.05 50.33
N ALA A 401 16.07 -7.92 50.82
CA ALA A 401 15.71 -7.47 52.16
C ALA A 401 14.22 -7.22 52.26
N ALA A 402 13.62 -6.60 51.23
CA ALA A 402 12.19 -6.36 51.25
C ALA A 402 11.40 -7.66 51.29
N ARG A 403 11.79 -8.64 50.46
CA ARG A 403 11.06 -9.90 50.46
C ARG A 403 11.20 -10.63 51.80
N MET A 404 12.40 -10.62 52.38
CA MET A 404 12.59 -11.22 53.70
C MET A 404 11.78 -10.49 54.75
N ILE A 405 11.67 -9.17 54.65
CA ILE A 405 10.83 -8.43 55.58
C ILE A 405 9.39 -8.89 55.48
N TYR A 406 8.87 -9.01 54.25
CA TYR A 406 7.50 -9.50 54.07
C TYR A 406 7.31 -10.86 54.74
N SER A 407 8.18 -11.83 54.41
CA SER A 407 8.01 -13.18 54.94
C SER A 407 8.15 -13.21 56.45
N THR A 408 9.16 -12.53 56.99
CA THR A 408 9.40 -12.53 58.44
C THR A 408 8.26 -11.85 59.18
N ALA A 409 7.74 -10.74 58.64
CA ALA A 409 6.61 -10.09 59.27
C ALA A 409 5.42 -11.02 59.32
N GLY A 410 5.12 -11.71 58.22
CA GLY A 410 4.02 -12.67 58.24
C GLY A 410 4.23 -13.76 59.29
N LEU A 411 5.42 -14.36 59.31
CA LEU A 411 5.67 -15.46 60.23
C LEU A 411 5.57 -15.00 61.68
N TYR A 412 6.22 -13.88 62.02
CA TYR A 412 6.22 -13.44 63.40
C TYR A 412 4.86 -12.93 63.84
N ASN A 413 4.09 -12.32 62.94
CA ASN A 413 2.72 -11.98 63.29
C ASN A 413 1.88 -13.21 63.56
N GLN A 414 2.06 -14.27 62.76
CA GLN A 414 1.36 -15.52 63.05
C GLN A 414 1.76 -16.06 64.42
N PHE A 415 3.06 -16.02 64.74
CA PHE A 415 3.52 -16.50 66.03
C PHE A 415 2.91 -15.69 67.18
N ILE A 416 2.88 -14.36 67.04
CA ILE A 416 2.31 -13.51 68.07
C ILE A 416 0.83 -13.81 68.26
N LYS A 417 0.09 -13.97 67.15
CA LYS A 417 -1.33 -14.31 67.27
C LYS A 417 -1.50 -15.66 67.96
N GLY A 418 -0.66 -16.63 67.62
CA GLY A 418 -0.73 -17.92 68.28
C GLY A 418 -0.53 -17.82 69.79
N LEU A 419 0.47 -17.05 70.21
CA LEU A 419 0.69 -16.86 71.65
C LEU A 419 -0.50 -16.15 72.30
N ASP A 420 -1.00 -15.10 71.66
CA ASP A 420 -2.15 -14.38 72.21
C ASP A 420 -3.37 -15.28 72.29
N SER A 421 -3.44 -16.33 71.48
CA SER A 421 -4.59 -17.22 71.51
C SER A 421 -4.76 -17.86 72.87
N PHE A 422 -3.67 -18.34 73.48
CA PHE A 422 -3.74 -19.01 74.78
C PHE A 422 -3.04 -18.20 75.88
N SER A 423 -2.81 -16.90 75.65
CA SER A 423 -2.13 -16.09 76.65
C SER A 423 -2.77 -16.22 78.03
N GLY A 424 -4.10 -16.23 78.07
CA GLY A 424 -4.80 -16.19 79.34
C GLY A 424 -5.53 -17.45 79.74
N LYS A 425 -5.52 -18.48 78.88
CA LYS A 425 -6.29 -19.69 79.11
C LYS A 425 -5.36 -20.84 79.47
N PRO A 426 -5.29 -21.28 80.73
CA PRO A 426 -4.49 -22.47 81.06
C PRO A 426 -5.14 -23.73 80.51
N ARG A 427 -4.31 -24.64 80.00
CA ARG A 427 -4.84 -25.86 79.41
C ARG A 427 -5.27 -26.85 80.47
N GLY A 428 -4.66 -26.79 81.66
CA GLY A 428 -4.91 -27.82 82.65
C GLY A 428 -4.44 -29.17 82.13
N SER A 429 -5.30 -30.17 82.22
CA SER A 429 -5.04 -31.50 81.70
C SER A 429 -5.88 -31.70 80.44
N GLY A 430 -5.22 -31.69 79.28
CA GLY A 430 -5.91 -31.82 78.02
C GLY A 430 -5.19 -31.11 76.89
N PRO A 431 -5.94 -30.68 75.87
CA PRO A 431 -5.31 -30.04 74.72
C PRO A 431 -4.76 -28.66 75.08
N PRO A 432 -3.81 -28.13 74.31
CA PRO A 432 -3.26 -26.80 74.63
C PRO A 432 -4.31 -25.70 74.66
N ALA A 433 -5.45 -25.90 74.00
CA ALA A 433 -6.54 -24.93 74.03
C ALA A 433 -6.16 -23.65 73.31
N GLY A 434 -5.52 -23.77 72.15
CA GLY A 434 -5.16 -22.61 71.35
C GLY A 434 -4.65 -23.02 70.00
N SER A 435 -4.51 -22.03 69.12
CA SER A 435 -4.00 -22.28 67.79
C SER A 435 -2.56 -22.78 67.85
N ALA A 436 -2.24 -23.75 66.99
CA ALA A 436 -0.91 -24.34 66.99
C ALA A 436 0.13 -23.32 66.57
N LEU A 437 1.29 -23.35 67.23
CA LEU A 437 2.34 -22.40 66.95
C LEU A 437 3.24 -22.91 65.82
N PRO A 438 3.81 -22.01 65.01
CA PRO A 438 4.81 -22.41 64.00
C PRO A 438 6.22 -22.46 64.58
N ILE A 439 6.44 -23.45 65.45
CA ILE A 439 7.70 -23.50 66.19
C ILE A 439 8.88 -23.71 65.26
N GLU A 440 8.80 -24.70 64.37
CA GLU A 440 9.91 -24.99 63.48
C GLU A 440 10.20 -23.81 62.56
N GLY A 441 9.15 -23.22 61.98
CA GLY A 441 9.35 -22.08 61.10
C GLY A 441 9.99 -20.91 61.83
N VAL A 442 9.52 -20.63 63.05
CA VAL A 442 10.09 -19.52 63.81
C VAL A 442 11.56 -19.78 64.11
N ILE A 443 11.89 -21.01 64.54
CA ILE A 443 13.28 -21.32 64.86
C ILE A 443 14.17 -21.16 63.62
N LEU A 444 13.74 -21.72 62.49
CA LEU A 444 14.56 -21.65 61.29
C LEU A 444 14.70 -20.20 60.81
N SER A 445 13.61 -19.43 60.86
CA SER A 445 13.69 -18.03 60.44
C SER A 445 14.62 -17.24 61.34
N LEU A 446 14.55 -17.47 62.67
CA LEU A 446 15.44 -16.76 63.58
C LEU A 446 16.90 -17.10 63.32
N GLN A 447 17.20 -18.39 63.11
CA GLN A 447 18.58 -18.78 62.81
C GLN A 447 19.05 -18.16 61.50
N ASP A 448 18.22 -18.19 60.46
CA ASP A 448 18.59 -17.63 59.18
C ASP A 448 18.83 -16.12 59.29
N LEU A 449 18.00 -15.42 60.06
CA LEU A 449 18.19 -13.98 60.22
C LEU A 449 19.44 -13.65 61.03
N ILE A 450 19.74 -14.47 62.04
CA ILE A 450 21.00 -14.27 62.77
C ILE A 450 22.18 -14.44 61.84
N GLY A 451 22.17 -15.50 61.01
CA GLY A 451 23.22 -15.65 60.02
C GLY A 451 23.27 -14.49 59.04
N TYR A 452 22.10 -13.97 58.67
CA TYR A 452 22.02 -12.84 57.75
C TYR A 452 22.69 -11.61 58.33
N PHE A 453 22.45 -11.33 59.61
CA PHE A 453 22.99 -10.14 60.27
C PHE A 453 24.32 -10.40 60.96
N GLU A 454 24.90 -11.58 60.78
CA GLU A 454 26.21 -11.85 61.38
C GLU A 454 27.21 -10.80 60.94
N PRO A 455 27.99 -10.21 61.87
CA PRO A 455 28.92 -9.17 61.47
C PRO A 455 30.09 -9.76 60.70
N PRO A 456 30.78 -8.94 59.89
CA PRO A 456 31.97 -9.45 59.20
C PRO A 456 33.06 -9.82 60.18
N SER A 457 33.82 -10.86 59.83
CA SER A 457 34.93 -11.29 60.69
C SER A 457 36.09 -10.33 60.55
N GLU A 458 36.88 -10.24 61.62
CA GLU A 458 37.96 -9.25 61.70
C GLU A 458 39.15 -9.58 60.81
N GLU A 459 39.20 -10.79 60.23
CA GLU A 459 40.37 -11.18 59.45
C GLU A 459 40.30 -10.66 58.01
N LEU A 460 39.13 -10.20 57.57
CA LEU A 460 39.01 -9.71 56.20
C LEU A 460 39.82 -8.43 55.99
N GLN A 461 40.23 -8.21 54.75
CA GLN A 461 40.95 -6.99 54.40
C GLN A 461 40.07 -5.77 54.67
N HIS A 462 40.72 -4.60 54.73
CA HIS A 462 40.02 -3.40 55.15
C HIS A 462 38.90 -3.04 54.18
N GLU A 463 39.16 -3.11 52.88
CA GLU A 463 38.15 -2.69 51.91
C GLU A 463 36.93 -3.60 51.95
N GLU A 464 37.14 -4.91 51.92
CA GLU A 464 36.03 -5.85 51.96
C GLU A 464 35.27 -5.73 53.27
N LYS A 465 35.98 -5.56 54.38
CA LYS A 465 35.33 -5.37 55.66
C LYS A 465 34.47 -4.11 55.66
N GLN A 466 34.97 -3.02 55.08
CA GLN A 466 34.22 -1.78 55.05
C GLN A 466 32.95 -1.92 54.20
N THR A 467 33.07 -2.55 53.03
CA THR A 467 31.88 -2.78 52.21
C THR A 467 30.85 -3.66 52.92
N LYS A 468 31.31 -4.72 53.58
CA LYS A 468 30.39 -5.57 54.31
C LYS A 468 29.73 -4.82 55.46
N LEU A 469 30.48 -3.97 56.14
CA LEU A 469 29.92 -3.17 57.21
C LEU A 469 28.86 -2.21 56.69
N ARG A 470 29.13 -1.57 55.55
CA ARG A 470 28.13 -0.69 54.95
C ARG A 470 26.87 -1.45 54.60
N SER A 471 27.01 -2.63 54.00
CA SER A 471 25.84 -3.43 53.67
C SER A 471 25.07 -3.82 54.91
N LEU A 472 25.79 -4.21 55.97
CA LEU A 472 25.13 -4.61 57.21
C LEU A 472 24.37 -3.44 57.82
N ARG A 473 24.98 -2.26 57.84
CA ARG A 473 24.28 -1.08 58.34
C ARG A 473 23.01 -0.82 57.53
N ASN A 474 23.10 -0.91 56.20
CA ASN A 474 21.94 -0.64 55.36
C ASN A 474 20.82 -1.64 55.64
N ARG A 475 21.16 -2.92 55.76
CA ARG A 475 20.12 -3.92 55.99
C ARG A 475 19.50 -3.80 57.37
N GLN A 476 20.32 -3.52 58.38
CA GLN A 476 19.77 -3.28 59.72
C GLN A 476 18.83 -2.08 59.71
N SER A 477 19.21 -1.01 59.03
CA SER A 477 18.34 0.16 58.93
C SER A 477 17.04 -0.19 58.22
N LEU A 478 17.11 -0.97 57.14
CA LEU A 478 15.91 -1.38 56.43
C LEU A 478 14.96 -2.13 57.35
N PHE A 479 15.48 -3.15 58.05
CA PHE A 479 14.63 -3.95 58.93
C PHE A 479 14.05 -3.10 60.06
N GLN A 480 14.87 -2.24 60.68
CA GLN A 480 14.37 -1.41 61.76
C GLN A 480 13.28 -0.47 61.26
N GLU A 481 13.50 0.17 60.11
CA GLU A 481 12.51 1.10 59.57
C GLU A 481 11.20 0.37 59.27
N GLU A 482 11.28 -0.84 58.72
CA GLU A 482 10.06 -1.60 58.49
C GLU A 482 9.46 -2.17 59.77
N GLY A 483 10.18 -2.11 60.89
CA GLY A 483 9.60 -2.43 62.17
C GLY A 483 9.81 -3.85 62.65
N MET A 484 10.75 -4.59 62.06
CA MET A 484 11.02 -5.94 62.54
C MET A 484 11.49 -5.92 63.98
N LEU A 485 12.13 -4.83 64.40
CA LEU A 485 12.55 -4.71 65.79
C LEU A 485 11.35 -4.75 66.73
N SER A 486 10.28 -4.05 66.36
CA SER A 486 9.07 -4.07 67.19
C SER A 486 8.47 -5.46 67.27
N LEU A 487 8.48 -6.20 66.16
CA LEU A 487 7.96 -7.57 66.19
C LEU A 487 8.81 -8.46 67.08
N VAL A 488 10.14 -8.30 67.02
CA VAL A 488 11.01 -9.09 67.89
C VAL A 488 10.74 -8.76 69.35
N LEU A 489 10.58 -7.47 69.66
CA LEU A 489 10.29 -7.08 71.04
C LEU A 489 8.96 -7.64 71.50
N ASN A 490 7.95 -7.62 70.63
CA ASN A 490 6.64 -8.16 70.99
C ASN A 490 6.73 -9.66 71.26
N CYS A 491 7.44 -10.39 70.40
CA CYS A 491 7.63 -11.82 70.65
C CYS A 491 8.34 -12.05 71.97
N ILE A 492 9.37 -11.27 72.25
CA ILE A 492 10.08 -11.40 73.52
C ILE A 492 9.16 -11.14 74.70
N ASP A 493 8.28 -10.14 74.59
CA ASP A 493 7.36 -9.84 75.68
C ASP A 493 6.40 -11.00 75.92
N ARG A 494 5.76 -11.48 74.85
CA ARG A 494 4.79 -12.56 75.00
C ARG A 494 5.45 -13.81 75.55
N LEU A 495 6.69 -14.09 75.12
CA LEU A 495 7.39 -15.27 75.65
C LEU A 495 7.88 -15.04 77.07
N ASN A 496 8.22 -13.80 77.44
CA ASN A 496 8.67 -13.49 78.78
C ASN A 496 7.56 -13.60 79.80
N VAL A 497 6.31 -13.34 79.39
CA VAL A 497 5.18 -13.42 80.30
C VAL A 497 5.27 -14.68 81.16
N TYR A 498 5.83 -15.75 80.60
CA TYR A 498 5.98 -17.01 81.32
C TYR A 498 7.37 -17.10 81.94
N THR A 499 7.43 -17.56 83.19
CA THR A 499 8.69 -17.53 83.94
C THR A 499 9.65 -18.61 83.49
N THR A 500 9.14 -19.81 83.17
CA THR A 500 10.01 -20.93 82.85
C THR A 500 9.31 -21.87 81.88
N ALA A 501 10.05 -22.91 81.49
CA ALA A 501 9.53 -23.86 80.50
C ALA A 501 8.28 -24.58 81.00
N ALA A 502 8.28 -24.98 82.27
CA ALA A 502 7.10 -25.64 82.82
C ALA A 502 5.90 -24.70 82.83
N HIS A 503 6.11 -23.44 83.22
CA HIS A 503 5.02 -22.48 83.20
C HIS A 503 4.48 -22.28 81.79
N PHE A 504 5.37 -22.23 80.80
CA PHE A 504 4.93 -22.15 79.42
C PHE A 504 4.15 -23.39 79.01
N ALA A 505 4.62 -24.57 79.42
CA ALA A 505 3.94 -25.81 79.08
C ALA A 505 2.54 -25.83 79.67
N GLU A 506 2.36 -25.21 80.83
CA GLU A 506 1.03 -25.15 81.43
C GLU A 506 0.02 -24.40 80.58
N PHE A 507 0.48 -23.65 79.57
CA PHE A 507 -0.41 -22.89 78.70
C PHE A 507 -0.31 -23.28 77.23
N ALA A 508 0.76 -23.96 76.81
CA ALA A 508 0.98 -24.25 75.41
C ALA A 508 1.26 -25.72 75.11
N GLY A 509 1.46 -26.56 76.12
CA GLY A 509 1.74 -27.96 75.90
C GLY A 509 3.22 -28.26 75.96
N GLU A 510 3.53 -29.53 76.27
CA GLU A 510 4.92 -29.93 76.43
C GLU A 510 5.68 -29.83 75.11
N GLU A 511 5.05 -30.20 74.00
CA GLU A 511 5.72 -30.16 72.71
C GLU A 511 6.19 -28.75 72.38
N ALA A 512 5.30 -27.77 72.53
CA ALA A 512 5.69 -26.38 72.30
C ALA A 512 6.70 -25.91 73.34
N ALA A 513 6.51 -26.30 74.60
CA ALA A 513 7.40 -25.83 75.65
C ALA A 513 8.83 -26.33 75.45
N GLU A 514 8.99 -27.45 74.75
CA GLU A 514 10.35 -27.97 74.54
C GLU A 514 11.24 -26.97 73.82
N SER A 515 10.65 -26.01 73.10
CA SER A 515 11.41 -25.05 72.31
C SER A 515 11.42 -23.65 72.91
N TRP A 516 10.87 -23.47 74.12
CA TRP A 516 10.75 -22.13 74.70
C TRP A 516 12.12 -21.49 74.91
N LYS A 517 13.03 -22.22 75.58
CA LYS A 517 14.34 -21.67 75.87
C LYS A 517 15.10 -21.35 74.59
N GLU A 518 15.05 -22.26 73.61
CA GLU A 518 15.74 -22.04 72.35
C GLU A 518 15.21 -20.81 71.65
N ILE A 519 13.88 -20.66 71.60
CA ILE A 519 13.29 -19.53 70.89
C ILE A 519 13.64 -18.21 71.58
N VAL A 520 13.58 -18.17 72.91
CA VAL A 520 13.89 -16.92 73.60
C VAL A 520 15.36 -16.56 73.39
N ASN A 521 16.26 -17.54 73.48
CA ASN A 521 17.68 -17.26 73.26
C ASN A 521 17.91 -16.75 71.83
N LEU A 522 17.27 -17.39 70.85
CA LEU A 522 17.43 -16.96 69.47
C LEU A 522 16.89 -15.56 69.27
N LEU A 523 15.77 -15.23 69.91
CA LEU A 523 15.19 -13.89 69.78
C LEU A 523 16.13 -12.84 70.35
N TYR A 524 16.70 -13.11 71.53
CA TYR A 524 17.66 -12.15 72.09
C TYR A 524 18.89 -12.02 71.21
N GLU A 525 19.38 -13.12 70.65
CA GLU A 525 20.52 -13.05 69.74
C GLU A 525 20.19 -12.23 68.50
N LEU A 526 18.99 -12.41 67.93
CA LEU A 526 18.60 -11.63 66.77
C LEU A 526 18.48 -10.15 67.11
N LEU A 527 17.96 -9.82 68.28
CA LEU A 527 17.88 -8.42 68.69
C LEU A 527 19.28 -7.82 68.80
N ALA A 528 20.21 -8.56 69.41
CA ALA A 528 21.59 -8.08 69.49
C ALA A 528 22.18 -7.89 68.11
N SER A 529 21.94 -8.83 67.20
CA SER A 529 22.45 -8.69 65.83
C SER A 529 21.88 -7.47 65.15
N LEU A 530 20.57 -7.22 65.32
CA LEU A 530 19.96 -6.06 64.70
C LEU A 530 20.56 -4.76 65.21
N ILE A 531 20.77 -4.66 66.52
CA ILE A 531 21.20 -3.38 67.08
C ILE A 531 22.72 -3.20 67.11
N ARG A 532 23.50 -4.25 66.86
CA ARG A 532 24.94 -4.16 67.02
C ARG A 532 25.52 -3.11 66.07
N GLY A 533 26.25 -2.15 66.63
CA GLY A 533 26.99 -1.19 65.85
C GLY A 533 26.17 -0.12 65.16
N ASN A 534 24.86 -0.11 65.33
CA ASN A 534 23.98 0.84 64.66
C ASN A 534 23.43 1.80 65.70
N ARG A 535 23.93 3.05 65.69
CA ARG A 535 23.54 4.01 66.72
C ARG A 535 22.05 4.32 66.65
N THR A 536 21.50 4.45 65.44
CA THR A 536 20.08 4.76 65.31
C THR A 536 19.22 3.66 65.94
N ASN A 537 19.58 2.40 65.71
CA ASN A 537 18.84 1.30 66.33
C ASN A 537 19.04 1.27 67.83
N CYS A 538 20.27 1.50 68.29
CA CYS A 538 20.55 1.45 69.73
C CYS A 538 19.79 2.53 70.48
N ALA A 539 19.71 3.74 69.92
CA ALA A 539 19.06 4.84 70.61
C ALA A 539 17.60 4.55 70.92
N LEU A 540 16.98 3.60 70.20
CA LEU A 540 15.58 3.29 70.44
C LEU A 540 15.33 2.87 71.88
N PHE A 541 16.32 2.21 72.50
CA PHE A 541 16.14 1.73 73.86
C PHE A 541 16.16 2.87 74.87
N SER A 542 16.47 4.09 74.43
CA SER A 542 16.49 5.22 75.34
C SER A 542 15.12 5.51 75.92
N THR A 543 14.05 4.97 75.31
CA THR A 543 12.71 5.21 75.82
C THR A 543 12.29 4.11 76.79
N ASN A 544 12.70 2.87 76.56
CA ASN A 544 12.25 1.72 77.35
C ASN A 544 13.48 0.96 77.85
N LEU A 545 14.45 1.69 78.40
CA LEU A 545 15.61 1.04 79.01
C LEU A 545 15.19 0.06 80.09
N ASP A 546 14.19 0.42 80.90
CA ASP A 546 13.72 -0.49 81.94
C ASP A 546 13.29 -1.83 81.36
N TRP A 547 12.68 -1.82 80.18
CA TRP A 547 12.29 -3.06 79.53
C TRP A 547 13.46 -4.03 79.45
N LEU A 548 14.64 -3.54 79.10
CA LEU A 548 15.81 -4.40 78.98
C LEU A 548 16.41 -4.73 80.33
N VAL A 549 16.56 -3.73 81.21
CA VAL A 549 17.26 -3.95 82.48
C VAL A 549 16.50 -4.95 83.35
N SER A 550 15.16 -4.85 83.37
CA SER A 550 14.38 -5.71 84.26
C SER A 550 14.58 -7.18 83.93
N LYS A 551 14.97 -7.50 82.70
CA LYS A 551 15.11 -8.88 82.26
C LYS A 551 16.47 -9.48 82.58
N LEU A 552 17.39 -8.70 83.15
CA LEU A 552 18.74 -9.20 83.37
C LEU A 552 18.74 -10.40 84.31
N ASP A 553 17.93 -10.37 85.36
CA ASP A 553 17.93 -11.45 86.34
C ASP A 553 17.43 -12.76 85.74
N ARG A 554 16.71 -12.70 84.61
CA ARG A 554 16.18 -13.91 84.01
C ARG A 554 17.33 -14.83 83.60
N LEU A 555 17.19 -16.11 83.93
CA LEU A 555 18.26 -17.08 83.75
C LEU A 555 18.21 -17.81 82.42
N GLU A 556 17.07 -17.79 81.72
CA GLU A 556 16.97 -18.54 80.48
C GLU A 556 17.90 -17.99 79.40
N ALA A 557 18.02 -16.66 79.32
CA ALA A 557 18.83 -16.02 78.29
C ALA A 557 19.63 -14.87 78.89
N SER A 558 20.25 -15.14 80.05
CA SER A 558 20.99 -14.08 80.75
C SER A 558 22.14 -13.56 79.89
N SER A 559 22.89 -14.46 79.25
CA SER A 559 24.01 -14.04 78.42
C SER A 559 23.54 -13.20 77.24
N GLY A 560 22.45 -13.62 76.59
CA GLY A 560 21.93 -12.84 75.48
C GLY A 560 21.45 -11.47 75.89
N ILE A 561 20.75 -11.39 77.02
CA ILE A 561 20.28 -10.09 77.51
C ILE A 561 21.47 -9.20 77.85
N LEU A 562 22.50 -9.76 78.46
CA LEU A 562 23.69 -8.98 78.77
C LEU A 562 24.38 -8.49 77.50
N GLU A 563 24.43 -9.33 76.47
CA GLU A 563 25.02 -8.90 75.20
C GLU A 563 24.22 -7.76 74.58
N VAL A 564 22.90 -7.85 74.62
CA VAL A 564 22.06 -6.78 74.10
C VAL A 564 22.32 -5.49 74.85
N LEU A 565 22.36 -5.57 76.18
CA LEU A 565 22.62 -4.38 76.98
C LEU A 565 24.00 -3.80 76.67
N TYR A 566 25.00 -4.67 76.50
CA TYR A 566 26.35 -4.22 76.17
C TYR A 566 26.38 -3.48 74.85
N CYS A 567 25.71 -4.01 73.82
CA CYS A 567 25.65 -3.30 72.54
C CYS A 567 24.98 -1.95 72.69
N VAL A 568 23.82 -1.92 73.37
CA VAL A 568 23.08 -0.67 73.52
C VAL A 568 23.94 0.38 74.22
N LEU A 569 24.59 0.00 75.32
CA LEU A 569 25.41 0.94 76.08
C LEU A 569 26.68 1.35 75.35
N ILE A 570 27.32 0.45 74.61
CA ILE A 570 28.53 0.80 73.88
C ILE A 570 28.25 1.64 72.64
N GLU A 571 27.00 1.67 72.16
CA GLU A 571 26.68 2.47 70.98
C GLU A 571 25.87 3.74 71.25
N SER A 572 25.11 3.82 72.35
CA SER A 572 24.16 4.91 72.55
C SER A 572 24.56 5.82 73.71
N PRO A 573 25.08 7.02 73.44
CA PRO A 573 25.27 8.00 74.53
C PRO A 573 23.98 8.41 75.23
N GLU A 574 22.87 8.46 74.51
CA GLU A 574 21.61 8.89 75.13
C GLU A 574 21.19 7.93 76.22
N VAL A 575 21.33 6.62 75.97
CA VAL A 575 21.04 5.64 77.00
C VAL A 575 21.90 5.93 78.24
N LEU A 576 23.18 6.22 78.04
CA LEU A 576 24.06 6.53 79.14
C LEU A 576 23.58 7.75 79.92
N ASN A 577 23.17 8.81 79.22
CA ASN A 577 22.65 9.98 79.88
C ASN A 577 21.38 9.69 80.68
N ILE A 578 20.56 8.73 80.23
CA ILE A 578 19.33 8.42 80.95
C ILE A 578 19.49 7.31 82.00
N ILE A 579 20.68 6.71 82.11
CA ILE A 579 20.87 5.68 83.12
C ILE A 579 20.52 6.23 84.50
N GLN A 580 20.10 5.34 85.40
CA GLN A 580 19.69 5.71 86.74
C GLN A 580 20.32 4.76 87.77
N GLU A 581 20.20 5.16 89.03
CA GLU A 581 20.80 4.40 90.12
C GLU A 581 20.20 3.01 90.22
N ASN A 582 18.90 2.86 89.99
CA ASN A 582 18.28 1.55 90.04
C ASN A 582 18.85 0.64 88.95
N HIS A 583 19.06 1.18 87.75
CA HIS A 583 19.67 0.38 86.69
C HIS A 583 21.09 -0.03 87.07
N ILE A 584 21.88 0.90 87.61
CA ILE A 584 23.25 0.57 87.99
C ILE A 584 23.25 -0.50 89.08
N LYS A 585 22.33 -0.40 90.03
CA LYS A 585 22.27 -1.37 91.12
C LYS A 585 21.84 -2.74 90.61
N SER A 586 20.94 -2.76 89.63
CA SER A 586 20.58 -4.04 89.01
C SER A 586 21.79 -4.66 88.30
N ILE A 587 22.56 -3.85 87.59
CA ILE A 587 23.73 -4.38 86.90
C ILE A 587 24.75 -4.89 87.92
N ILE A 588 24.88 -4.24 89.06
CA ILE A 588 25.78 -4.74 90.10
C ILE A 588 25.24 -6.02 90.73
N SER A 589 23.93 -6.10 90.96
CA SER A 589 23.34 -7.34 91.45
C SER A 589 23.56 -8.47 90.46
N LEU A 590 23.72 -8.15 89.18
CA LEU A 590 24.08 -9.18 88.21
C LEU A 590 25.40 -9.83 88.58
N LEU A 591 26.41 -9.02 88.90
CA LEU A 591 27.66 -9.56 89.42
C LEU A 591 27.42 -10.34 90.71
N ASP A 592 26.59 -9.79 91.59
CA ASP A 592 26.38 -10.41 92.90
C ASP A 592 25.80 -11.81 92.77
N LYS A 593 24.86 -12.01 91.85
CA LYS A 593 24.08 -13.24 91.77
C LYS A 593 24.58 -14.22 90.73
N HIS A 594 25.22 -13.75 89.66
CA HIS A 594 25.62 -14.67 88.59
C HIS A 594 27.09 -15.06 88.71
N GLY A 595 27.89 -14.26 89.40
CA GLY A 595 29.28 -14.57 89.63
C GLY A 595 30.20 -13.47 89.14
N ARG A 596 31.48 -13.81 89.07
CA ARG A 596 32.52 -12.88 88.64
C ARG A 596 32.68 -13.02 87.14
N ASN A 597 31.83 -12.31 86.39
CA ASN A 597 31.84 -12.31 84.95
C ASN A 597 32.44 -11.00 84.45
N HIS A 598 33.48 -11.10 83.61
CA HIS A 598 34.16 -9.90 83.15
C HIS A 598 33.32 -9.10 82.17
N LYS A 599 32.29 -9.71 81.58
CA LYS A 599 31.43 -8.97 80.67
C LYS A 599 30.56 -7.95 81.42
N VAL A 600 30.14 -8.28 82.64
CA VAL A 600 29.43 -7.29 83.45
C VAL A 600 30.36 -6.13 83.79
N LEU A 601 31.63 -6.43 84.07
CA LEU A 601 32.61 -5.36 84.31
C LEU A 601 32.78 -4.52 83.05
N ASP A 602 32.80 -5.14 81.88
CA ASP A 602 32.90 -4.39 80.63
C ASP A 602 31.69 -3.47 80.45
N VAL A 603 30.50 -3.97 80.77
CA VAL A 603 29.29 -3.14 80.68
C VAL A 603 29.40 -1.95 81.63
N LEU A 604 29.84 -2.20 82.87
CA LEU A 604 30.00 -1.10 83.81
C LEU A 604 31.03 -0.10 83.33
N CYS A 605 32.13 -0.58 82.73
CA CYS A 605 33.12 0.32 82.16
C CYS A 605 32.52 1.17 81.06
N SER A 606 31.73 0.55 80.17
CA SER A 606 31.11 1.30 79.08
C SER A 606 30.16 2.36 79.63
N LEU A 607 29.54 2.08 80.78
CA LEU A 607 28.63 3.07 81.36
C LEU A 607 29.34 4.38 81.68
N CYS A 608 30.63 4.31 82.02
CA CYS A 608 31.33 5.51 82.47
C CYS A 608 31.61 6.47 81.33
N VAL A 609 32.11 5.96 80.20
CA VAL A 609 32.64 6.80 79.14
C VAL A 609 32.14 6.28 77.80
N CYS A 610 31.88 7.19 76.87
CA CYS A 610 31.47 6.85 75.51
C CYS A 610 31.95 7.93 74.56
N ASN A 611 32.71 7.53 73.54
CA ASN A 611 33.23 8.47 72.54
C ASN A 611 34.02 9.59 73.20
N GLY A 612 34.79 9.25 74.23
CA GLY A 612 35.66 10.20 74.88
C GLY A 612 34.97 11.19 75.79
N VAL A 613 33.71 10.97 76.13
CA VAL A 613 32.95 11.85 77.02
C VAL A 613 32.55 11.05 78.25
N ALA A 614 32.85 11.59 79.43
CA ALA A 614 32.62 10.90 80.69
C ALA A 614 31.30 11.33 81.29
N VAL A 615 30.55 10.37 81.84
CA VAL A 615 29.29 10.64 82.51
C VAL A 615 29.54 10.60 84.01
N ARG A 616 29.62 11.78 84.63
CA ARG A 616 30.01 11.86 86.02
C ARG A 616 28.99 11.19 86.94
N SER A 617 27.70 11.33 86.63
CA SER A 617 26.68 10.69 87.46
C SER A 617 26.86 9.17 87.45
N ASN A 618 27.07 8.58 86.28
CA ASN A 618 27.28 7.14 86.21
C ASN A 618 28.55 6.73 86.94
N GLN A 619 29.63 7.49 86.75
CA GLN A 619 30.88 7.16 87.44
C GLN A 619 30.68 7.17 88.95
N ASP A 620 30.07 8.23 89.47
CA ASP A 620 29.87 8.35 90.92
C ASP A 620 28.96 7.25 91.44
N LEU A 621 27.88 6.96 90.73
CA LEU A 621 26.95 5.92 91.20
C LEU A 621 27.64 4.55 91.21
N ILE A 622 28.38 4.23 90.16
CA ILE A 622 29.09 2.96 90.13
C ILE A 622 30.09 2.88 91.27
N THR A 623 30.86 3.94 91.49
CA THR A 623 31.82 3.94 92.60
C THR A 623 31.09 3.69 93.91
N GLU A 624 30.06 4.49 94.20
CA GLU A 624 29.38 4.39 95.49
C GLU A 624 28.76 3.03 95.71
N ASN A 625 28.18 2.43 94.68
CA ASN A 625 27.44 1.20 94.86
C ASN A 625 28.32 -0.05 94.78
N LEU A 626 29.52 0.07 94.19
CA LEU A 626 30.36 -1.11 94.01
C LEU A 626 31.57 -1.14 94.94
N LEU A 627 32.31 -0.02 95.04
CA LEU A 627 33.62 -0.09 95.67
C LEU A 627 33.54 -0.19 97.19
N PRO A 628 32.78 0.65 97.90
CA PRO A 628 32.91 0.67 99.36
C PRO A 628 32.58 -0.64 100.04
N GLY A 629 31.80 -1.51 99.38
CA GLY A 629 31.46 -2.78 100.00
C GLY A 629 32.67 -3.67 100.21
N ARG A 630 33.59 -3.68 99.25
CA ARG A 630 34.78 -4.53 99.32
C ARG A 630 34.40 -5.99 99.54
N GLU A 631 33.39 -6.45 98.80
CA GLU A 631 32.88 -7.81 98.94
C GLU A 631 32.72 -8.53 97.61
N LEU A 632 32.66 -7.82 96.48
CA LEU A 632 32.54 -8.44 95.16
C LEU A 632 33.88 -8.45 94.43
N LEU A 633 34.51 -7.30 94.28
CA LEU A 633 35.78 -7.22 93.58
C LEU A 633 36.90 -7.80 94.44
N LEU A 634 37.85 -8.45 93.77
CA LEU A 634 39.01 -8.99 94.47
C LEU A 634 39.85 -7.86 95.06
N GLN A 635 40.29 -8.04 96.30
CA GLN A 635 41.01 -7.02 97.04
C GLN A 635 42.50 -7.32 97.05
N THR A 636 43.31 -6.27 97.02
CA THR A 636 44.76 -6.40 96.99
C THR A 636 45.36 -5.57 98.11
N ASN A 637 46.54 -6.00 98.57
CA ASN A 637 47.24 -5.32 99.66
C ASN A 637 48.62 -5.96 99.81
N LEU A 638 49.50 -5.24 100.50
CA LEU A 638 50.84 -5.73 100.80
C LEU A 638 50.89 -6.22 102.25
N ILE A 639 51.44 -7.42 102.43
CA ILE A 639 51.54 -8.05 103.73
C ILE A 639 52.95 -8.58 103.93
N ASN A 640 53.34 -8.75 105.19
CA ASN A 640 54.65 -9.30 105.51
C ASN A 640 54.62 -10.82 105.43
N TYR A 641 55.76 -11.41 105.07
CA TYR A 641 55.92 -12.85 105.21
C TYR A 641 56.09 -13.20 106.68
N VAL A 642 55.43 -14.27 107.10
CA VAL A 642 55.44 -14.71 108.49
C VAL A 642 55.87 -16.18 108.52
N THR A 643 56.81 -16.50 109.40
CA THR A 643 57.31 -17.86 109.56
C THR A 643 57.16 -18.27 111.02
N SER A 644 57.47 -19.53 111.29
CA SER A 644 57.32 -20.10 112.64
C SER A 644 58.53 -20.94 112.98
N ILE A 645 58.88 -20.96 114.26
CA ILE A 645 60.02 -21.72 114.77
C ILE A 645 59.58 -22.45 116.03
N ARG A 646 60.00 -23.72 116.15
CA ARG A 646 59.70 -24.55 117.30
C ARG A 646 60.97 -25.28 117.73
N PRO A 647 61.10 -25.60 119.00
CA PRO A 647 62.03 -26.68 119.39
C PRO A 647 61.43 -28.03 119.04
N ASN A 648 62.31 -29.03 118.92
CA ASN A 648 61.87 -30.39 118.60
C ASN A 648 61.37 -31.09 119.88
N ILE A 649 60.38 -30.47 120.51
CA ILE A 649 59.78 -30.95 121.74
C ILE A 649 58.31 -31.24 121.45
N PHE A 650 57.89 -32.48 121.71
CA PHE A 650 56.54 -32.93 121.39
C PHE A 650 55.95 -33.63 122.60
N VAL A 651 54.85 -33.08 123.11
CA VAL A 651 54.18 -33.59 124.29
C VAL A 651 52.70 -33.77 123.97
N GLY A 652 52.15 -34.92 124.37
CA GLY A 652 50.75 -35.22 124.11
C GLY A 652 50.16 -36.09 125.21
N ARG A 653 48.89 -36.44 125.03
CA ARG A 653 48.16 -37.25 125.99
C ARG A 653 47.46 -38.39 125.27
N ALA A 654 47.35 -39.52 125.96
CA ALA A 654 46.64 -40.68 125.43
C ALA A 654 46.45 -41.67 126.57
N GLU A 655 45.62 -42.67 126.32
CA GLU A 655 45.33 -43.68 127.34
C GLU A 655 46.55 -44.58 127.51
N GLY A 656 47.20 -44.47 128.67
CA GLY A 656 48.39 -45.24 128.94
C GLY A 656 49.68 -44.66 128.40
N SER A 657 49.67 -43.40 127.96
CA SER A 657 50.87 -42.80 127.39
C SER A 657 51.96 -42.64 128.45
N THR A 658 53.21 -42.73 128.01
CA THR A 658 54.33 -42.64 128.95
C THR A 658 54.66 -41.19 129.28
N GLN A 659 54.25 -40.25 128.44
CA GLN A 659 54.67 -38.87 128.59
C GLN A 659 54.01 -38.22 129.81
N TYR A 660 54.69 -37.22 130.36
CA TYR A 660 54.11 -36.38 131.39
C TYR A 660 53.19 -35.35 130.74
N GLY A 661 52.22 -34.89 131.51
CA GLY A 661 51.12 -34.10 130.96
C GLY A 661 51.02 -32.67 131.41
N LYS A 662 52.11 -32.05 131.89
CA LYS A 662 52.01 -30.74 132.53
C LYS A 662 53.36 -30.05 132.36
N TRP A 663 53.45 -29.13 131.39
CA TRP A 663 54.71 -28.62 130.89
C TRP A 663 54.74 -27.10 130.90
N TYR A 664 55.96 -26.54 130.81
CA TYR A 664 56.21 -25.12 130.99
C TYR A 664 57.43 -24.70 130.18
N PHE A 665 57.38 -23.51 129.59
CA PHE A 665 58.57 -22.93 128.94
C PHE A 665 58.45 -21.41 128.91
N GLU A 666 59.47 -20.75 128.37
CA GLU A 666 59.49 -19.29 128.35
C GLU A 666 60.11 -18.78 127.06
N VAL A 667 59.76 -17.55 126.70
CA VAL A 667 60.36 -16.84 125.57
C VAL A 667 60.69 -15.42 126.02
N MET A 668 61.93 -15.00 125.81
CA MET A 668 62.39 -13.66 126.16
C MET A 668 62.61 -12.86 124.89
N VAL A 669 62.11 -11.63 124.88
CA VAL A 669 62.21 -10.79 123.69
C VAL A 669 63.36 -9.79 123.88
N ASP A 670 64.29 -9.76 122.92
CA ASP A 670 65.46 -8.89 123.00
C ASP A 670 65.31 -7.62 122.16
N GLU A 671 64.84 -7.74 120.92
CA GLU A 671 64.54 -6.56 120.10
C GLU A 671 63.36 -6.86 119.20
N VAL A 672 62.46 -5.90 119.09
CA VAL A 672 61.31 -5.99 118.19
C VAL A 672 61.10 -4.61 117.58
N ALA A 673 61.34 -4.49 116.29
CA ALA A 673 61.06 -3.25 115.59
C ALA A 673 59.56 -3.16 115.34
N PRO A 674 58.83 -2.24 115.99
CA PRO A 674 57.37 -2.24 115.83
C PRO A 674 56.92 -2.14 114.39
N PHE A 675 57.60 -1.34 113.58
CA PHE A 675 57.26 -1.16 112.16
C PHE A 675 58.54 -1.17 111.34
N LEU A 676 58.98 -2.37 110.93
CA LEU A 676 60.07 -2.46 109.97
C LEU A 676 59.57 -2.13 108.57
N THR A 677 58.33 -2.50 108.26
CA THR A 677 57.67 -2.20 107.01
C THR A 677 56.39 -1.42 107.29
N ALA A 678 55.59 -1.21 106.25
CA ALA A 678 54.33 -0.49 106.41
C ALA A 678 53.40 -1.22 107.39
N GLN A 679 53.35 -2.55 107.31
CA GLN A 679 52.51 -3.33 108.19
C GLN A 679 53.21 -3.60 109.51
N ALA A 680 52.43 -3.66 110.59
CA ALA A 680 52.97 -3.84 111.93
C ALA A 680 53.69 -5.18 112.04
N THR A 681 54.77 -5.19 112.81
CA THR A 681 55.54 -6.41 113.03
C THR A 681 54.71 -7.44 113.76
N HIS A 682 54.89 -8.70 113.39
CA HIS A 682 54.15 -9.82 113.96
C HIS A 682 55.05 -10.64 114.86
N LEU A 683 54.60 -10.89 116.09
CA LEU A 683 55.29 -11.74 117.04
C LEU A 683 54.28 -12.39 117.95
N ARG A 684 54.27 -13.72 118.00
CA ARG A 684 53.34 -14.48 118.84
C ARG A 684 54.05 -15.71 119.40
N VAL A 685 53.70 -16.06 120.63
CA VAL A 685 54.27 -17.21 121.33
C VAL A 685 53.13 -18.08 121.81
N GLY A 686 53.27 -19.40 121.68
CA GLY A 686 52.22 -20.29 122.16
C GLY A 686 52.55 -21.73 121.89
N TRP A 687 51.49 -22.55 121.93
CA TRP A 687 51.57 -23.96 121.62
C TRP A 687 50.78 -24.24 120.34
N ALA A 688 51.17 -25.30 119.64
CA ALA A 688 50.48 -25.72 118.43
C ALA A 688 50.43 -27.25 118.38
N LEU A 689 49.41 -27.76 117.70
CA LEU A 689 49.25 -29.21 117.55
C LEU A 689 50.08 -29.70 116.36
N SER A 690 50.71 -30.86 116.54
CA SER A 690 51.59 -31.39 115.50
C SER A 690 50.84 -31.62 114.21
N GLU A 691 49.64 -32.21 114.29
CA GLU A 691 48.84 -32.52 113.11
C GLU A 691 47.90 -31.37 112.84
N GLY A 692 48.05 -30.72 111.68
CA GLY A 692 47.18 -29.67 111.24
C GLY A 692 47.81 -28.29 111.19
N TYR A 693 48.78 -28.00 112.07
CA TYR A 693 49.45 -26.71 112.08
C TYR A 693 50.52 -26.73 111.00
N SER A 694 50.14 -26.27 109.80
CA SER A 694 51.01 -26.25 108.63
C SER A 694 50.95 -24.85 108.01
N PRO A 695 51.47 -23.83 108.69
CA PRO A 695 51.53 -22.51 108.08
C PRO A 695 52.52 -22.50 106.93
N TYR A 696 52.05 -22.07 105.76
CA TYR A 696 52.86 -22.10 104.55
C TYR A 696 53.22 -20.68 104.16
N PRO A 697 54.44 -20.41 103.71
CA PRO A 697 54.82 -19.03 103.39
C PRO A 697 53.91 -18.44 102.34
N GLY A 698 53.58 -17.17 102.51
CA GLY A 698 52.77 -16.43 101.55
C GLY A 698 51.34 -16.27 102.02
N GLY A 699 50.38 -16.57 101.15
CA GLY A 699 48.99 -16.38 101.48
C GLY A 699 48.42 -17.50 102.34
N GLY A 700 47.17 -17.31 102.74
CA GLY A 700 46.48 -18.28 103.58
C GLY A 700 45.10 -17.81 103.97
N GLU A 701 44.68 -18.14 105.19
CA GLU A 701 43.39 -17.70 105.69
C GLU A 701 43.43 -16.21 106.01
N GLY A 702 42.25 -15.59 105.93
CA GLY A 702 42.17 -14.16 106.22
C GLY A 702 42.99 -13.35 105.23
N TRP A 703 43.82 -12.46 105.75
CA TRP A 703 44.65 -11.58 104.93
C TRP A 703 46.11 -12.01 104.90
N GLY A 704 46.39 -13.28 105.15
CA GLY A 704 47.74 -13.78 105.15
C GLY A 704 48.45 -13.53 106.47
N GLY A 705 49.77 -13.67 106.42
CA GLY A 705 50.57 -13.51 107.62
C GLY A 705 50.20 -14.52 108.69
N ASN A 706 50.01 -15.79 108.30
CA ASN A 706 49.52 -16.80 109.22
C ASN A 706 50.60 -17.18 110.21
N GLY A 707 50.26 -17.16 111.50
CA GLY A 707 51.18 -17.55 112.55
C GLY A 707 50.51 -18.41 113.60
N VAL A 708 50.86 -18.21 114.86
CA VAL A 708 50.23 -18.96 115.95
C VAL A 708 48.86 -18.36 116.20
N GLY A 709 47.84 -19.21 116.26
CA GLY A 709 46.49 -18.79 116.57
C GLY A 709 45.64 -18.41 115.38
N ASP A 710 46.19 -18.46 114.16
CA ASP A 710 45.43 -18.15 112.96
C ASP A 710 44.64 -19.35 112.45
N ASP A 711 44.72 -20.49 113.13
CA ASP A 711 43.87 -21.64 112.86
C ASP A 711 43.61 -22.34 114.18
N LEU A 712 42.63 -23.24 114.18
CA LEU A 712 42.19 -23.89 115.40
C LEU A 712 43.11 -25.04 115.82
N TYR A 713 44.32 -25.12 115.25
CA TYR A 713 45.34 -26.05 115.70
C TYR A 713 46.40 -25.39 116.56
N SER A 714 46.36 -24.07 116.72
CA SER A 714 47.38 -23.33 117.46
C SER A 714 46.71 -22.36 118.42
N TYR A 715 47.45 -21.98 119.45
CA TYR A 715 46.96 -21.13 120.53
C TYR A 715 48.09 -20.19 120.93
N GLY A 716 47.95 -18.91 120.62
CA GLY A 716 49.03 -17.96 120.77
C GLY A 716 48.64 -16.78 121.64
N PHE A 717 49.67 -15.99 121.96
CA PHE A 717 49.53 -14.81 122.81
C PHE A 717 50.51 -13.75 122.33
N ASP A 718 49.99 -12.59 121.92
CA ASP A 718 50.79 -11.54 121.34
C ASP A 718 51.10 -10.40 122.31
N GLY A 719 50.79 -10.55 123.59
CA GLY A 719 50.99 -9.51 124.57
C GLY A 719 49.75 -8.69 124.88
N LEU A 720 48.77 -8.71 123.98
CA LEU A 720 47.53 -7.98 124.18
C LEU A 720 46.28 -8.79 123.88
N HIS A 721 46.37 -9.86 123.09
CA HIS A 721 45.23 -10.67 122.73
C HIS A 721 45.59 -12.14 122.84
N LEU A 722 44.56 -12.97 123.00
CA LEU A 722 44.71 -14.42 122.85
C LEU A 722 44.23 -14.81 121.46
N TRP A 723 45.12 -15.43 120.69
CA TRP A 723 44.87 -15.71 119.27
C TRP A 723 44.52 -17.18 119.10
N THR A 724 43.40 -17.45 118.45
CA THR A 724 43.03 -18.80 118.08
C THR A 724 41.91 -18.72 117.05
N GLY A 725 42.03 -19.54 116.01
CA GLY A 725 41.04 -19.55 114.94
C GLY A 725 40.95 -18.22 114.22
N HIS A 726 42.08 -17.53 114.07
CA HIS A 726 42.13 -16.27 113.33
C HIS A 726 41.17 -15.24 113.91
N VAL A 727 41.07 -15.18 115.24
CA VAL A 727 40.21 -14.22 115.92
C VAL A 727 40.97 -13.71 117.14
N ALA A 728 41.18 -12.40 117.21
CA ALA A 728 41.83 -11.82 118.37
C ALA A 728 40.80 -11.49 119.44
N ARG A 729 41.12 -11.86 120.68
CA ARG A 729 40.24 -11.61 121.82
C ARG A 729 41.03 -10.88 122.89
N PRO A 730 40.70 -9.62 123.21
CA PRO A 730 41.51 -8.88 124.18
C PRO A 730 41.59 -9.59 125.52
N VAL A 731 42.77 -9.54 126.12
CA VAL A 731 43.01 -10.13 127.45
C VAL A 731 43.68 -9.06 128.30
N THR A 732 43.46 -9.15 129.61
CA THR A 732 43.89 -8.13 130.56
C THR A 732 45.07 -8.64 131.38
N SER A 733 46.14 -7.86 131.42
CA SER A 733 47.29 -8.12 132.27
C SER A 733 47.78 -6.80 132.83
N PRO A 734 48.40 -6.80 134.01
CA PRO A 734 48.91 -5.53 134.56
C PRO A 734 49.89 -4.87 133.62
N GLY A 735 49.66 -3.58 133.35
CA GLY A 735 50.50 -2.84 132.44
C GLY A 735 50.57 -3.49 131.08
N GLN A 736 49.41 -3.91 130.56
CA GLN A 736 49.39 -4.65 129.31
C GLN A 736 49.95 -3.81 128.17
N HIS A 737 50.75 -4.45 127.33
CA HIS A 737 51.31 -3.80 126.15
C HIS A 737 51.76 -4.87 125.17
N LEU A 738 51.92 -4.46 123.91
CA LEU A 738 52.39 -5.38 122.89
C LEU A 738 53.79 -5.89 123.25
N LEU A 739 54.05 -7.15 122.90
CA LEU A 739 55.34 -7.77 123.23
C LEU A 739 56.47 -6.84 122.82
N ALA A 740 57.25 -6.42 123.81
CA ALA A 740 58.32 -5.44 123.65
C ALA A 740 59.62 -6.02 124.17
N PRO A 741 60.74 -5.37 123.88
CA PRO A 741 62.03 -5.90 124.34
C PRO A 741 62.07 -6.04 125.86
N GLU A 742 62.80 -7.05 126.32
CA GLU A 742 62.98 -7.32 127.75
C GLU A 742 61.69 -7.85 128.38
N ASP A 743 60.86 -8.51 127.57
CA ASP A 743 59.61 -9.13 128.03
C ASP A 743 59.82 -10.63 128.11
N VAL A 744 59.41 -11.22 129.23
CA VAL A 744 59.45 -12.66 129.41
C VAL A 744 58.02 -13.19 129.36
N VAL A 745 57.75 -14.11 128.44
CA VAL A 745 56.44 -14.72 128.29
C VAL A 745 56.56 -16.17 128.71
N SER A 746 55.85 -16.52 129.78
CA SER A 746 55.86 -17.88 130.33
C SER A 746 54.61 -18.60 129.87
N CYS A 747 54.79 -19.75 129.22
CA CYS A 747 53.68 -20.53 128.69
C CYS A 747 53.57 -21.83 129.48
N CYS A 748 52.35 -22.12 129.95
CA CYS A 748 52.06 -23.32 130.72
C CYS A 748 50.99 -24.12 129.99
N LEU A 749 51.21 -25.42 129.86
CA LEU A 749 50.25 -26.31 129.22
C LEU A 749 49.94 -27.46 130.17
N ASP A 750 48.66 -27.71 130.41
CA ASP A 750 48.21 -28.84 131.22
C ASP A 750 47.34 -29.71 130.33
N LEU A 751 47.79 -30.95 130.10
CA LEU A 751 47.02 -31.86 129.26
C LEU A 751 45.84 -32.46 130.00
N SER A 752 45.83 -32.37 131.32
CA SER A 752 44.79 -33.03 132.11
C SER A 752 43.47 -32.26 132.04
N VAL A 753 43.53 -30.94 132.05
CA VAL A 753 42.33 -30.12 132.16
C VAL A 753 41.46 -30.29 130.93
N PRO A 754 41.97 -30.07 129.70
CA PRO A 754 43.23 -29.45 129.26
C PRO A 754 43.15 -27.92 129.23
N SER A 755 44.29 -27.25 129.40
CA SER A 755 44.30 -25.80 129.45
C SER A 755 45.66 -25.27 129.03
N ILE A 756 45.67 -24.06 128.49
CA ILE A 756 46.90 -23.33 128.16
C ILE A 756 46.80 -21.97 128.83
N SER A 757 47.80 -21.64 129.64
CA SER A 757 47.82 -20.38 130.39
C SER A 757 49.12 -19.64 130.11
N PHE A 758 49.09 -18.33 130.33
CA PHE A 758 50.19 -17.45 129.99
C PHE A 758 50.50 -16.55 131.19
N ARG A 759 51.75 -16.10 131.24
CA ARG A 759 52.19 -15.11 132.22
C ARG A 759 53.14 -14.14 131.53
N ILE A 760 52.96 -12.85 131.79
CA ILE A 760 53.78 -11.80 131.19
C ILE A 760 54.57 -11.13 132.30
N ASN A 761 55.89 -11.20 132.22
CA ASN A 761 56.79 -10.61 133.21
C ASN A 761 56.45 -11.09 134.62
N GLY A 762 55.99 -12.33 134.74
CA GLY A 762 55.58 -12.88 136.02
C GLY A 762 54.18 -12.53 136.44
N CYS A 763 53.51 -11.62 135.75
CA CYS A 763 52.15 -11.25 136.11
C CYS A 763 51.16 -12.18 135.43
N PRO A 764 50.13 -12.66 136.12
CA PRO A 764 49.16 -13.56 135.47
C PRO A 764 48.46 -12.87 134.31
N VAL A 765 48.21 -13.64 133.26
CA VAL A 765 47.39 -13.19 132.14
C VAL A 765 46.00 -13.76 132.32
N GLN A 766 45.01 -12.87 132.48
CA GLN A 766 43.66 -13.27 132.86
C GLN A 766 42.91 -13.78 131.62
N GLY A 767 43.33 -14.96 131.17
CA GLY A 767 42.69 -15.63 130.07
C GLY A 767 43.28 -17.01 129.83
N VAL A 768 42.47 -17.96 129.39
CA VAL A 768 42.94 -19.33 129.23
C VAL A 768 42.21 -19.99 128.05
N PHE A 769 42.94 -20.83 127.32
CA PHE A 769 42.37 -21.77 126.37
C PHE A 769 42.06 -23.06 127.12
N GLU A 770 40.97 -23.72 126.76
CA GLU A 770 40.63 -25.00 127.38
C GLU A 770 39.73 -25.81 126.46
N SER A 771 39.59 -27.09 126.81
CA SER A 771 38.70 -28.01 126.10
C SER A 771 39.06 -28.13 124.63
N PHE A 772 40.34 -27.95 124.30
CA PHE A 772 40.74 -28.09 122.91
C PHE A 772 41.00 -29.56 122.59
N ASN A 773 41.11 -29.85 121.29
CA ASN A 773 41.27 -31.23 120.85
C ASN A 773 42.62 -31.78 121.31
N LEU A 774 42.59 -33.04 121.76
CA LEU A 774 43.80 -33.78 122.13
C LEU A 774 43.87 -35.04 121.27
N ASP A 775 44.45 -34.90 120.08
CA ASP A 775 44.65 -36.01 119.15
C ASP A 775 45.98 -35.90 118.43
N GLY A 776 46.96 -35.22 119.01
CA GLY A 776 48.26 -35.07 118.42
C GLY A 776 49.28 -34.73 119.47
N LEU A 777 50.41 -34.22 119.03
CA LEU A 777 51.49 -33.80 119.92
C LEU A 777 51.64 -32.29 119.88
N PHE A 778 51.74 -31.69 121.07
CA PHE A 778 51.88 -30.24 121.19
C PHE A 778 53.36 -29.87 121.30
N PHE A 779 53.73 -28.79 120.61
CA PHE A 779 55.10 -28.30 120.67
C PHE A 779 55.09 -26.79 120.89
N PRO A 780 56.08 -26.26 121.61
CA PRO A 780 56.22 -24.80 121.69
C PRO A 780 56.47 -24.21 120.31
N VAL A 781 55.94 -23.01 120.07
CA VAL A 781 56.07 -22.37 118.78
C VAL A 781 56.06 -20.86 118.96
N VAL A 782 56.87 -20.19 118.15
CA VAL A 782 56.85 -18.73 118.03
C VAL A 782 56.71 -18.39 116.55
N SER A 783 55.70 -17.59 116.23
CA SER A 783 55.48 -17.12 114.87
C SER A 783 55.88 -15.65 114.80
N PHE A 784 56.53 -15.26 113.70
CA PHE A 784 57.06 -13.91 113.62
C PHE A 784 57.22 -13.48 112.18
N SER A 785 57.26 -12.17 112.00
CA SER A 785 57.70 -11.53 110.77
C SER A 785 59.13 -11.04 110.98
N ALA A 786 59.69 -10.37 109.98
CA ALA A 786 61.05 -9.87 110.05
C ALA A 786 61.15 -8.72 111.04
N GLY A 787 62.24 -8.68 111.79
CA GLY A 787 62.49 -7.60 112.71
C GLY A 787 62.40 -8.01 114.17
N ILE A 788 62.81 -9.23 114.48
CA ILE A 788 62.73 -9.74 115.85
C ILE A 788 64.03 -10.43 116.24
N LYS A 789 64.25 -10.50 117.55
CA LYS A 789 65.23 -11.40 118.16
C LYS A 789 64.58 -11.90 119.45
N VAL A 790 64.37 -13.22 119.54
CA VAL A 790 63.76 -13.82 120.71
C VAL A 790 64.63 -14.99 121.14
N ARG A 791 64.37 -15.46 122.36
CA ARG A 791 65.13 -16.57 122.92
C ARG A 791 64.20 -17.52 123.65
N PHE A 792 64.20 -18.78 123.21
CA PHE A 792 63.54 -19.87 123.93
C PHE A 792 64.35 -20.18 125.19
N LEU A 793 63.69 -20.10 126.34
CA LEU A 793 64.22 -20.58 127.61
C LEU A 793 63.44 -21.85 127.94
N LEU A 794 64.10 -23.00 127.81
CA LEU A 794 63.49 -24.30 127.99
C LEU A 794 63.88 -24.95 129.31
N GLY A 795 64.56 -24.21 130.18
CA GLY A 795 64.99 -24.75 131.46
C GLY A 795 66.21 -25.63 131.35
N GLY A 796 66.69 -26.14 132.49
CA GLY A 796 67.87 -26.99 132.46
C GLY A 796 69.07 -26.25 131.90
N ARG A 797 69.87 -26.95 131.11
CA ARG A 797 71.04 -26.36 130.49
C ARG A 797 70.73 -25.71 129.14
N HIS A 798 69.49 -25.79 128.68
CA HIS A 798 69.08 -25.18 127.42
C HIS A 798 68.37 -23.84 127.61
N GLY A 799 68.36 -23.30 128.82
CA GLY A 799 67.71 -22.03 129.08
C GLY A 799 67.51 -21.85 130.56
N GLU A 800 67.54 -20.59 130.98
CA GLU A 800 67.39 -20.21 132.38
C GLU A 800 66.04 -19.55 132.58
N PHE A 801 65.20 -20.15 133.41
CA PHE A 801 63.87 -19.63 133.70
C PHE A 801 63.98 -18.39 134.58
N LYS A 802 63.52 -17.26 134.05
CA LYS A 802 63.51 -16.03 134.85
C LYS A 802 62.52 -16.15 136.00
N PHE A 803 61.42 -16.87 135.79
CA PHE A 803 60.40 -17.10 136.81
C PHE A 803 60.24 -18.60 137.01
N LEU A 804 60.18 -19.02 138.27
CA LEU A 804 60.09 -20.44 138.54
C LEU A 804 58.79 -21.01 137.96
N PRO A 805 58.82 -22.22 137.40
CA PRO A 805 57.58 -22.82 136.88
C PRO A 805 56.56 -22.98 137.99
N PRO A 806 55.27 -22.82 137.69
CA PRO A 806 54.26 -23.07 138.72
C PRO A 806 54.30 -24.53 139.14
N PRO A 807 53.86 -24.82 140.36
CA PRO A 807 54.11 -26.16 140.93
C PRO A 807 53.59 -27.28 140.03
N GLY A 808 54.41 -28.31 139.89
CA GLY A 808 54.02 -29.50 139.16
C GLY A 808 54.25 -29.45 137.66
N TYR A 809 54.78 -28.35 137.14
CA TYR A 809 55.05 -28.22 135.71
C TYR A 809 56.50 -28.59 135.44
N ALA A 810 56.71 -29.46 134.46
CA ALA A 810 58.05 -29.90 134.14
C ALA A 810 58.66 -28.98 133.06
N PRO A 811 59.93 -28.62 133.18
CA PRO A 811 60.58 -27.89 132.09
C PRO A 811 60.54 -28.68 130.79
N CYS A 812 60.41 -27.96 129.68
CA CYS A 812 60.25 -28.62 128.39
C CYS A 812 61.52 -29.29 127.90
N HIS A 813 62.69 -28.93 128.43
CA HIS A 813 63.91 -29.59 127.99
C HIS A 813 63.91 -31.06 128.37
N GLU A 814 63.05 -31.45 129.31
CA GLU A 814 62.95 -32.84 129.73
C GLU A 814 62.17 -33.70 128.75
N ALA A 815 61.54 -33.10 127.74
CA ALA A 815 60.70 -33.82 126.80
C ALA A 815 61.43 -34.18 125.51
N VAL A 816 62.73 -33.89 125.42
CA VAL A 816 63.51 -34.23 124.23
C VAL A 816 63.65 -35.75 124.17
N LEU A 817 63.39 -36.32 122.99
CA LEU A 817 63.38 -37.76 122.85
C LEU A 817 64.80 -38.33 122.96
N PRO A 818 64.93 -39.60 123.32
CA PRO A 818 66.27 -40.18 123.47
C PRO A 818 67.12 -40.12 122.21
N ARG A 819 66.52 -40.28 121.04
CA ARG A 819 67.25 -40.36 119.79
C ARG A 819 67.49 -39.00 119.14
N GLU A 820 67.01 -37.91 119.74
CA GLU A 820 67.08 -36.59 119.14
C GLU A 820 67.90 -35.65 120.01
N ARG A 821 68.43 -34.62 119.39
CA ARG A 821 69.16 -33.56 120.06
C ARG A 821 68.36 -32.27 119.96
N LEU A 822 68.23 -31.57 121.09
CA LEU A 822 67.37 -30.39 121.13
C LEU A 822 67.92 -29.30 120.22
N HIS A 823 67.04 -28.69 119.42
CA HIS A 823 67.41 -27.60 118.53
C HIS A 823 66.14 -26.97 117.99
N LEU A 824 66.31 -25.85 117.31
CA LEU A 824 65.20 -25.11 116.72
C LEU A 824 65.12 -25.43 115.23
N GLN A 825 63.89 -25.64 114.74
CA GLN A 825 63.67 -26.06 113.38
C GLN A 825 62.41 -25.41 112.82
N PRO A 826 62.32 -25.25 111.49
CA PRO A 826 61.05 -24.82 110.89
C PRO A 826 60.01 -25.94 110.96
N ILE A 827 58.80 -25.60 110.53
CA ILE A 827 57.66 -26.52 110.59
C ILE A 827 57.21 -26.82 109.17
N LYS A 828 57.23 -28.10 108.80
CA LYS A 828 56.70 -28.58 107.53
C LYS A 828 57.27 -27.77 106.36
N GLU A 829 58.58 -27.54 106.40
CA GLU A 829 59.24 -26.85 105.30
C GLU A 829 59.26 -27.72 104.06
N TYR A 830 58.94 -27.12 102.92
CA TYR A 830 59.10 -27.77 101.62
C TYR A 830 60.34 -27.30 100.88
N ARG A 831 61.20 -26.51 101.52
CA ARG A 831 62.39 -25.96 100.90
C ARG A 831 63.37 -25.56 102.00
N ARG A 832 64.65 -25.72 101.71
CA ARG A 832 65.70 -25.28 102.63
C ARG A 832 66.91 -24.82 101.83
N GLU A 833 67.84 -24.17 102.51
CA GLU A 833 69.09 -23.78 101.88
C GLU A 833 70.08 -24.96 101.90
N GLY A 834 71.11 -24.88 101.06
CA GLY A 834 72.17 -25.84 101.09
C GLY A 834 73.43 -25.29 100.47
N PRO A 835 74.46 -26.13 100.35
CA PRO A 835 75.73 -25.66 99.76
C PRO A 835 75.57 -25.18 98.33
N ARG A 836 75.05 -26.04 97.46
CA ARG A 836 74.97 -25.69 96.04
C ARG A 836 73.80 -24.74 95.78
N GLY A 837 72.68 -24.95 96.46
CA GLY A 837 71.49 -24.17 96.22
C GLY A 837 70.33 -24.55 97.12
N PRO A 838 69.11 -24.24 96.69
CA PRO A 838 67.94 -24.67 97.46
C PRO A 838 67.67 -26.16 97.30
N HIS A 839 67.41 -26.82 98.43
CA HIS A 839 67.02 -28.22 98.47
C HIS A 839 65.50 -28.28 98.61
N LEU A 840 64.87 -29.07 97.75
CA LEU A 840 63.45 -29.36 97.88
C LEU A 840 63.25 -30.54 98.84
N VAL A 841 62.28 -30.39 99.72
CA VAL A 841 62.06 -31.33 100.83
C VAL A 841 60.69 -31.96 100.68
N GLY A 842 60.60 -33.26 100.95
CA GLY A 842 59.33 -33.95 100.98
C GLY A 842 58.70 -33.86 102.35
N PRO A 843 57.49 -34.39 102.49
CA PRO A 843 56.80 -34.31 103.80
C PRO A 843 57.61 -34.97 104.89
N SER A 844 57.59 -34.37 106.08
CA SER A 844 58.30 -34.93 107.21
C SER A 844 57.43 -35.96 107.92
N ARG A 845 58.07 -37.02 108.40
CA ARG A 845 57.38 -38.04 109.17
C ARG A 845 57.22 -37.58 110.61
N CYS A 846 55.97 -37.59 111.09
CA CYS A 846 55.63 -37.06 112.40
C CYS A 846 55.07 -38.15 113.28
N LEU A 847 55.50 -38.16 114.55
CA LEU A 847 54.98 -39.10 115.52
C LEU A 847 53.58 -38.68 115.97
N SER A 848 52.79 -39.67 116.38
CA SER A 848 51.45 -39.44 116.88
C SER A 848 51.42 -39.69 118.39
N HIS A 849 50.42 -39.09 119.05
CA HIS A 849 50.30 -39.23 120.50
C HIS A 849 50.18 -40.70 120.89
N LEU A 850 49.67 -41.54 119.97
CA LEU A 850 49.56 -42.96 120.27
C LEU A 850 50.89 -43.69 120.15
N ASP A 851 51.89 -43.09 119.51
CA ASP A 851 53.20 -43.73 119.40
C ASP A 851 53.90 -43.84 120.74
N PHE A 852 53.41 -43.12 121.76
CA PHE A 852 54.01 -43.16 123.09
C PHE A 852 53.32 -44.15 124.01
N VAL A 853 52.36 -44.92 123.50
CA VAL A 853 51.61 -45.90 124.29
C VAL A 853 52.20 -47.28 124.03
N PRO A 854 52.85 -47.91 125.01
CA PRO A 854 53.35 -49.27 124.79
C PRO A 854 52.21 -50.23 124.48
N CYS A 855 52.47 -51.16 123.57
CA CYS A 855 51.48 -52.15 123.14
C CYS A 855 52.13 -53.53 123.14
N PRO A 856 52.50 -54.03 124.32
CA PRO A 856 53.12 -55.36 124.40
C PRO A 856 52.13 -56.47 124.11
N VAL A 857 52.67 -57.60 123.65
CA VAL A 857 51.85 -58.78 123.39
C VAL A 857 51.62 -59.52 124.70
N ASP A 858 50.35 -59.78 125.00
CA ASP A 858 49.99 -60.44 126.25
C ASP A 858 50.52 -61.87 126.27
N THR A 859 50.86 -62.33 127.48
CA THR A 859 51.42 -63.66 127.67
C THR A 859 50.70 -64.48 128.74
N ILE A 860 49.79 -63.87 129.51
CA ILE A 860 49.16 -64.58 130.61
C ILE A 860 48.41 -65.81 130.10
N GLN A 861 47.79 -65.71 128.93
CA GLN A 861 47.04 -66.82 128.37
C GLN A 861 47.93 -68.02 128.02
N ILE A 862 49.25 -67.84 127.99
CA ILE A 862 50.15 -68.89 127.56
C ILE A 862 50.33 -69.89 128.69
N VAL A 863 50.45 -71.17 128.33
CA VAL A 863 50.71 -72.25 129.28
C VAL A 863 52.06 -72.86 128.93
N LEU A 864 52.86 -73.15 129.96
CA LEU A 864 54.24 -73.59 129.75
C LEU A 864 54.34 -75.11 129.87
N PRO A 865 54.69 -75.83 128.81
CA PRO A 865 54.93 -77.28 128.93
C PRO A 865 56.09 -77.56 129.88
N PRO A 866 56.02 -78.66 130.64
CA PRO A 866 57.13 -78.96 131.58
C PRO A 866 58.48 -79.13 130.90
N HIS A 867 58.50 -79.72 129.70
CA HIS A 867 59.78 -79.85 128.99
C HIS A 867 60.37 -78.49 128.71
N LEU A 868 59.54 -77.44 128.72
CA LEU A 868 60.05 -76.08 128.64
C LEU A 868 60.29 -75.52 130.04
N GLU A 869 59.68 -76.13 131.06
CA GLU A 869 60.01 -75.76 132.44
C GLU A 869 61.47 -76.08 132.75
N ARG A 870 61.94 -77.25 132.33
CA ARG A 870 63.35 -77.56 132.54
C ARG A 870 64.24 -76.61 131.74
N ILE A 871 63.81 -76.23 130.54
CA ILE A 871 64.52 -75.19 129.81
C ILE A 871 64.65 -73.95 130.66
N ARG A 872 63.52 -73.34 131.05
CA ARG A 872 63.60 -72.09 131.81
C ARG A 872 64.50 -72.24 133.03
N GLU A 873 64.50 -73.42 133.66
CA GLU A 873 65.40 -73.62 134.79
C GLU A 873 66.87 -73.48 134.36
N LYS A 874 67.27 -74.24 133.33
CA LYS A 874 68.67 -74.19 132.89
C LYS A 874 69.02 -72.81 132.34
N LEU A 875 68.08 -72.20 131.63
CA LEU A 875 68.27 -70.86 131.10
C LEU A 875 68.52 -69.86 132.22
N ALA A 876 67.71 -69.91 133.28
CA ALA A 876 67.92 -69.03 134.42
C ALA A 876 69.28 -69.28 135.06
N GLU A 877 69.72 -70.54 135.08
CA GLU A 877 71.08 -70.78 135.58
C GLU A 877 72.10 -70.02 134.74
N ASN A 878 72.07 -70.21 133.42
CA ASN A 878 73.07 -69.55 132.58
C ASN A 878 72.94 -68.02 132.70
N ILE A 879 71.72 -67.54 132.93
CA ILE A 879 71.53 -66.10 133.08
C ILE A 879 72.17 -65.59 134.36
N HIS A 880 72.13 -66.36 135.46
CA HIS A 880 72.81 -65.82 136.63
C HIS A 880 74.32 -65.86 136.40
N GLU A 881 74.78 -66.84 135.62
CA GLU A 881 76.20 -66.86 135.27
C GLU A 881 76.60 -65.59 134.50
N LEU A 882 75.79 -65.22 133.51
CA LEU A 882 76.05 -63.97 132.79
C LEU A 882 75.94 -62.77 133.73
N TRP A 883 74.95 -62.79 134.62
CA TRP A 883 74.85 -61.80 135.69
C TRP A 883 76.19 -61.63 136.40
N ALA A 884 76.73 -62.71 136.95
CA ALA A 884 77.95 -62.63 137.74
C ALA A 884 79.12 -62.13 136.91
N LEU A 885 79.26 -62.62 135.67
CA LEU A 885 80.38 -62.17 134.86
C LEU A 885 80.26 -60.67 134.58
N THR A 886 79.07 -60.22 134.19
CA THR A 886 78.88 -58.78 133.95
C THR A 886 79.16 -57.98 135.21
N ARG A 887 78.83 -58.51 136.38
CA ARG A 887 79.10 -57.79 137.62
C ARG A 887 80.60 -57.70 137.88
N ILE A 888 81.36 -58.72 137.51
CA ILE A 888 82.81 -58.60 137.70
C ILE A 888 83.40 -57.59 136.72
N GLU A 889 82.90 -57.55 135.47
CA GLU A 889 83.38 -56.45 134.61
C GLU A 889 82.94 -55.08 135.14
N GLN A 890 81.78 -54.97 135.78
CA GLN A 890 81.33 -53.69 136.30
C GLN A 890 82.08 -53.25 137.55
N GLY A 891 82.56 -54.20 138.36
CA GLY A 891 83.25 -53.88 139.59
C GLY A 891 82.52 -54.24 140.86
N TRP A 892 81.28 -54.72 140.77
CA TRP A 892 80.54 -55.14 141.96
C TRP A 892 81.24 -56.32 142.62
N THR A 893 81.31 -56.28 143.95
CA THR A 893 81.74 -57.44 144.73
C THR A 893 80.59 -57.92 145.61
N TYR A 894 80.80 -59.05 146.28
CA TYR A 894 79.73 -59.67 147.06
C TYR A 894 79.64 -59.05 148.45
N GLY A 895 78.41 -58.85 148.92
CA GLY A 895 78.17 -58.31 150.23
C GLY A 895 76.72 -58.45 150.65
N PRO A 896 76.45 -58.31 151.95
CA PRO A 896 75.07 -58.47 152.43
C PRO A 896 74.18 -57.28 152.11
N VAL A 897 74.73 -56.07 152.22
CA VAL A 897 73.99 -54.85 151.92
C VAL A 897 74.34 -54.40 150.52
N ARG A 898 73.41 -53.69 149.88
CA ARG A 898 73.54 -53.29 148.48
C ARG A 898 73.57 -51.77 148.39
N ASP A 899 74.64 -51.22 147.82
CA ASP A 899 74.77 -49.80 147.54
C ASP A 899 75.63 -49.61 146.30
N ASP A 900 75.26 -48.65 145.46
CA ASP A 900 76.00 -48.42 144.23
C ASP A 900 77.43 -47.99 144.51
N ASN A 901 77.62 -47.11 145.48
CA ASN A 901 78.98 -46.68 145.84
C ASN A 901 79.73 -47.79 146.56
N LYS A 902 79.02 -48.58 147.38
CA LYS A 902 79.68 -49.61 148.18
C LYS A 902 80.07 -50.81 147.34
N ARG A 903 79.54 -50.92 146.11
CA ARG A 903 79.92 -51.97 145.17
C ARG A 903 79.76 -53.36 145.78
N LEU A 904 78.70 -53.54 146.56
CA LEU A 904 78.38 -54.80 147.21
C LEU A 904 76.97 -55.22 146.81
N HIS A 905 76.81 -56.49 146.46
CA HIS A 905 75.51 -56.99 146.01
C HIS A 905 75.23 -58.34 146.66
N PRO A 906 74.04 -58.56 147.23
CA PRO A 906 73.77 -59.88 147.84
C PRO A 906 73.48 -60.96 146.82
N CYS A 907 73.01 -60.61 145.63
CA CYS A 907 72.57 -61.59 144.65
C CYS A 907 73.73 -62.12 143.82
N LEU A 908 74.96 -61.93 144.30
CA LEU A 908 76.15 -62.42 143.60
C LEU A 908 76.44 -63.88 143.94
N VAL A 909 75.66 -64.50 144.82
CA VAL A 909 75.91 -65.87 145.25
C VAL A 909 75.26 -66.80 144.23
N ASN A 910 75.68 -68.07 144.20
CA ASN A 910 75.23 -68.99 143.17
C ASN A 910 73.71 -69.09 143.14
N PHE A 911 73.20 -69.55 141.98
CA PHE A 911 71.75 -69.54 141.74
C PHE A 911 71.00 -70.36 142.77
N HIS A 912 71.40 -71.62 142.97
CA HIS A 912 70.78 -72.42 144.01
C HIS A 912 70.89 -71.74 145.36
N SER A 913 71.96 -70.97 145.54
CA SER A 913 72.24 -70.27 146.79
C SER A 913 71.71 -68.84 146.83
N LEU A 914 71.16 -68.32 145.74
CA LEU A 914 70.52 -67.01 145.82
C LEU A 914 69.32 -67.09 146.77
N PRO A 915 68.97 -65.99 147.42
CA PRO A 915 67.76 -66.01 148.27
C PRO A 915 66.54 -66.40 147.45
N GLU A 916 65.64 -67.14 148.10
CA GLU A 916 64.53 -67.75 147.37
C GLU A 916 63.75 -66.76 146.51
N PRO A 917 63.29 -65.61 147.02
CA PRO A 917 62.57 -64.66 146.13
C PRO A 917 63.43 -64.18 144.97
N GLU A 918 64.74 -64.09 145.16
CA GLU A 918 65.61 -63.58 144.12
C GLU A 918 65.77 -64.59 142.99
N ARG A 919 66.23 -65.79 143.35
CA ARG A 919 66.18 -66.92 142.42
C ARG A 919 64.83 -66.98 141.73
N ASN A 920 63.76 -66.67 142.47
CA ASN A 920 62.42 -66.78 141.90
CA ASN A 920 62.42 -66.78 141.90
C ASN A 920 62.20 -65.75 140.79
N TYR A 921 62.59 -64.47 141.02
CA TYR A 921 62.28 -63.52 139.96
C TYR A 921 63.09 -63.88 138.73
N ASN A 922 64.33 -64.35 138.93
CA ASN A 922 65.06 -64.89 137.79
C ASN A 922 64.26 -65.97 137.08
N LEU A 923 63.62 -66.86 137.85
CA LEU A 923 62.86 -67.94 137.25
C LEU A 923 61.72 -67.42 136.38
N GLN A 924 60.89 -66.50 136.88
CA GLN A 924 59.76 -66.11 136.04
C GLN A 924 60.19 -65.12 134.95
N MET A 925 61.39 -64.52 135.08
CA MET A 925 61.93 -63.84 133.91
C MET A 925 62.22 -64.82 132.78
N SER A 926 62.86 -65.94 133.11
CA SER A 926 63.09 -66.97 132.09
C SER A 926 61.76 -67.49 131.54
N GLY A 927 60.81 -67.77 132.43
CA GLY A 927 59.50 -68.23 132.00
C GLY A 927 58.80 -67.22 131.11
N GLU A 928 58.93 -65.93 131.42
CA GLU A 928 58.35 -64.89 130.59
C GLU A 928 58.99 -64.87 129.20
N THR A 929 60.30 -65.05 129.13
CA THR A 929 60.93 -65.16 127.82
C THR A 929 60.31 -66.29 127.02
N LEU A 930 60.22 -67.49 127.60
CA LEU A 930 59.65 -68.62 126.88
C LEU A 930 58.20 -68.33 126.47
N LYS A 931 57.41 -67.77 127.38
CA LYS A 931 56.02 -67.44 127.07
C LYS A 931 55.93 -66.44 125.93
N THR A 932 56.84 -65.47 125.90
CA THR A 932 56.85 -64.49 124.81
C THR A 932 57.14 -65.17 123.48
N LEU A 933 58.12 -66.09 123.45
CA LEU A 933 58.35 -66.83 122.22
C LEU A 933 57.08 -67.54 121.77
N LEU A 934 56.45 -68.29 122.68
CA LEU A 934 55.28 -69.05 122.27
C LEU A 934 54.14 -68.13 121.81
N ALA A 935 53.92 -67.03 122.52
CA ALA A 935 52.85 -66.10 122.15
C ALA A 935 53.11 -65.49 120.78
N LEU A 936 54.35 -65.06 120.52
CA LEU A 936 54.70 -64.63 119.17
C LEU A 936 54.51 -65.74 118.16
N GLY A 937 54.51 -66.99 118.61
CA GLY A 937 54.18 -68.12 117.77
C GLY A 937 55.30 -69.09 117.53
N CYS A 938 56.45 -68.89 118.16
CA CYS A 938 57.57 -69.80 117.98
C CYS A 938 57.21 -71.19 118.49
N HIS A 939 57.49 -72.20 117.66
CA HIS A 939 57.32 -73.59 118.03
C HIS A 939 58.68 -74.18 118.39
N VAL A 940 58.69 -75.03 119.40
CA VAL A 940 59.90 -75.63 119.92
C VAL A 940 59.78 -77.15 119.81
N GLY A 941 60.80 -77.78 119.26
CA GLY A 941 60.79 -79.22 119.05
C GLY A 941 62.13 -79.86 119.38
N MET A 942 62.09 -81.16 119.66
CA MET A 942 63.29 -81.89 120.06
C MET A 942 64.32 -81.87 118.93
N ALA A 943 65.59 -81.68 119.29
CA ALA A 943 66.67 -81.72 118.31
C ALA A 943 67.80 -82.68 118.68
N ASP A 944 68.29 -82.64 119.91
CA ASP A 944 69.34 -83.55 120.34
C ASP A 944 69.42 -83.55 121.86
N GLU A 945 69.24 -84.73 122.45
CA GLU A 945 69.39 -84.89 123.90
C GLU A 945 70.84 -85.06 124.33
N LYS A 946 71.75 -85.33 123.39
CA LYS A 946 73.17 -85.40 123.68
C LYS A 946 73.83 -84.03 123.70
N ALA A 947 73.15 -83.01 123.16
CA ALA A 947 73.69 -81.66 123.22
C ALA A 947 73.80 -81.18 124.66
N GLU A 948 72.86 -81.59 125.51
CA GLU A 948 72.94 -81.23 126.92
C GLU A 948 74.25 -81.72 127.52
N ASP A 949 74.62 -82.98 127.27
CA ASP A 949 75.88 -83.51 127.79
C ASP A 949 77.07 -82.85 127.13
N ASN A 950 76.98 -82.58 125.83
CA ASN A 950 78.10 -81.97 125.12
C ASN A 950 78.40 -80.58 125.68
N LEU A 951 77.37 -79.82 126.02
CA LEU A 951 77.57 -78.48 126.55
C LEU A 951 78.37 -78.54 127.84
N LYS A 952 79.30 -77.58 128.00
CA LYS A 952 80.17 -77.52 129.16
C LYS A 952 80.32 -76.07 129.61
N LYS A 953 80.69 -75.90 130.88
CA LYS A 953 80.97 -74.58 131.42
C LYS A 953 82.45 -74.25 131.26
N THR A 954 82.74 -72.95 131.24
CA THR A 954 84.09 -72.45 131.00
C THR A 954 84.79 -72.19 132.33
N LYS A 955 86.01 -72.72 132.46
CA LYS A 955 86.82 -72.44 133.64
C LYS A 955 87.18 -70.96 133.68
N LEU A 956 87.13 -70.38 134.89
CA LEU A 956 87.37 -68.96 135.05
C LEU A 956 88.55 -68.71 136.01
N PRO A 957 89.39 -67.72 135.72
CA PRO A 957 90.45 -67.35 136.67
C PRO A 957 89.91 -66.77 137.97
N LYS A 958 90.85 -66.54 138.89
CA LYS A 958 90.50 -66.05 140.22
C LYS A 958 89.96 -64.62 140.16
N THR A 959 90.48 -63.80 139.25
CA THR A 959 89.96 -62.44 139.13
C THR A 959 88.46 -62.46 138.86
N TYR A 960 87.99 -63.41 138.04
CA TYR A 960 86.56 -63.60 137.87
C TYR A 960 85.94 -64.26 139.10
N MET A 961 86.69 -65.11 139.78
CA MET A 961 86.24 -65.60 141.08
C MET A 961 86.06 -64.40 142.01
N MET A 962 84.93 -64.36 142.71
CA MET A 962 84.47 -63.15 143.35
C MET A 962 84.69 -63.26 144.87
N SER A 963 84.56 -62.15 145.59
CA SER A 963 84.77 -62.18 147.03
C SER A 963 83.83 -63.17 147.72
N ASN A 964 82.70 -63.48 147.09
CA ASN A 964 81.81 -64.51 147.63
C ASN A 964 82.54 -65.83 147.80
N GLY A 965 83.37 -66.21 146.82
CA GLY A 965 84.25 -67.36 146.92
C GLY A 965 84.08 -68.38 145.80
N TYR A 966 82.84 -68.62 145.38
CA TYR A 966 82.60 -69.66 144.38
C TYR A 966 83.10 -69.19 143.02
N LYS A 967 83.28 -70.15 142.11
CA LYS A 967 83.72 -69.83 140.75
C LYS A 967 82.53 -69.87 139.81
N PRO A 968 82.18 -68.76 139.16
CA PRO A 968 81.05 -68.81 138.22
C PRO A 968 81.32 -69.79 137.09
N ALA A 969 80.23 -70.38 136.57
CA ALA A 969 80.30 -71.42 135.54
C ALA A 969 79.36 -71.07 134.40
N PRO A 970 79.70 -70.06 133.60
CA PRO A 970 78.90 -69.75 132.42
C PRO A 970 78.98 -70.88 131.39
N LEU A 971 77.90 -71.03 130.63
CA LEU A 971 77.79 -72.10 129.64
C LEU A 971 78.46 -71.69 128.34
N ASP A 972 79.20 -72.62 127.74
CA ASP A 972 79.86 -72.36 126.46
C ASP A 972 78.89 -72.62 125.33
N LEU A 973 78.80 -71.68 124.38
CA LEU A 973 77.86 -71.75 123.28
C LEU A 973 78.47 -71.31 121.96
N SER A 974 79.78 -71.47 121.80
CA SER A 974 80.43 -71.01 120.57
C SER A 974 79.98 -71.79 119.35
N HIS A 975 79.65 -73.07 119.53
CA HIS A 975 79.28 -73.89 118.37
C HIS A 975 78.03 -73.36 117.69
N VAL A 976 77.08 -72.82 118.45
CA VAL A 976 75.80 -72.39 117.89
C VAL A 976 76.01 -71.13 117.07
N ARG A 977 75.17 -70.95 116.05
CA ARG A 977 75.15 -69.74 115.24
C ARG A 977 73.72 -69.36 114.90
N LEU A 978 73.45 -68.06 114.88
CA LEU A 978 72.11 -67.55 114.69
C LEU A 978 71.86 -67.23 113.22
N THR A 979 70.60 -67.31 112.80
CA THR A 979 70.24 -66.87 111.47
C THR A 979 69.49 -65.54 111.55
N PRO A 980 69.46 -64.76 110.46
CA PRO A 980 68.74 -63.49 110.52
C PRO A 980 67.30 -63.64 111.00
N ALA A 981 66.71 -64.82 110.83
CA ALA A 981 65.39 -65.07 111.39
C ALA A 981 65.41 -64.93 112.92
N GLN A 982 66.36 -65.57 113.59
CA GLN A 982 66.42 -65.40 115.03
C GLN A 982 66.90 -64.00 115.40
N THR A 983 67.63 -63.33 114.51
CA THR A 983 68.00 -61.95 114.80
C THR A 983 66.75 -61.07 114.91
N THR A 984 65.89 -61.12 113.90
CA THR A 984 64.65 -60.35 113.95
C THR A 984 63.76 -60.84 115.09
N LEU A 985 63.79 -62.14 115.37
CA LEU A 985 63.02 -62.67 116.49
C LEU A 985 63.49 -62.09 117.81
N VAL A 986 64.81 -61.97 118.00
CA VAL A 986 65.36 -61.38 119.21
C VAL A 986 64.98 -59.92 119.29
N ASP A 987 65.02 -59.21 118.16
CA ASP A 987 64.56 -57.83 118.14
C ASP A 987 63.13 -57.73 118.65
N ARG A 988 62.25 -58.59 118.12
CA ARG A 988 60.84 -58.54 118.53
C ARG A 988 60.67 -58.91 120.00
N LEU A 989 61.43 -59.91 120.47
CA LEU A 989 61.34 -60.29 121.88
C LEU A 989 61.78 -59.16 122.80
N ALA A 990 62.88 -58.48 122.46
CA ALA A 990 63.31 -57.34 123.25
C ALA A 990 62.27 -56.22 123.22
N GLU A 991 61.68 -55.97 122.05
CA GLU A 991 60.62 -54.97 121.96
C GLU A 991 59.47 -55.31 122.88
N ASN A 992 59.03 -56.57 122.86
CA ASN A 992 57.90 -56.99 123.69
C ASN A 992 58.25 -56.87 125.18
N GLY A 993 59.45 -57.29 125.56
CA GLY A 993 59.84 -57.20 126.97
C GLY A 993 59.89 -55.77 127.46
N HIS A 994 60.52 -54.89 126.68
CA HIS A 994 60.58 -53.49 127.07
C HIS A 994 59.20 -52.87 127.12
N ASN A 995 58.33 -53.23 126.18
CA ASN A 995 56.97 -52.69 126.20
C ASN A 995 56.22 -53.16 127.44
N VAL A 996 56.38 -54.43 127.82
CA VAL A 996 55.74 -54.91 129.04
C VAL A 996 56.24 -54.15 130.25
N TRP A 997 57.55 -53.96 130.35
CA TRP A 997 58.11 -53.24 131.49
C TRP A 997 57.60 -51.81 131.53
N ALA A 998 57.56 -51.14 130.37
CA ALA A 998 57.09 -49.76 130.32
C ALA A 998 55.61 -49.67 130.69
N ARG A 999 54.81 -50.62 130.21
CA ARG A 999 53.40 -50.64 130.56
C ARG A 999 53.21 -50.80 132.06
N ASP A 1000 53.96 -51.70 132.68
CA ASP A 1000 53.87 -51.87 134.13
C ASP A 1000 54.29 -50.60 134.86
N ARG A 1001 55.38 -49.97 134.41
CA ARG A 1001 55.83 -48.74 135.07
C ARG A 1001 54.80 -47.63 134.93
N VAL A 1002 54.17 -47.52 133.76
CA VAL A 1002 53.13 -46.52 133.56
C VAL A 1002 51.94 -46.80 134.46
N ALA A 1003 51.55 -48.07 134.57
CA ALA A 1003 50.47 -48.43 135.49
C ALA A 1003 50.82 -48.02 136.91
N GLN A 1004 52.08 -48.19 137.31
CA GLN A 1004 52.52 -47.68 138.60
C GLN A 1004 52.37 -46.17 138.68
N GLY A 1005 52.74 -45.45 137.61
CA GLY A 1005 52.57 -44.01 137.56
C GLY A 1005 53.81 -43.26 137.09
N TRP A 1006 54.81 -43.99 136.62
CA TRP A 1006 56.05 -43.36 136.17
C TRP A 1006 55.83 -42.62 134.86
N SER A 1007 56.76 -41.71 134.57
CA SER A 1007 56.70 -40.91 133.34
C SER A 1007 58.09 -40.80 132.75
N TYR A 1008 58.18 -40.11 131.61
CA TYR A 1008 59.43 -39.96 130.89
C TYR A 1008 60.05 -38.59 131.16
N SER A 1009 61.38 -38.58 131.27
CA SER A 1009 62.13 -37.34 131.44
C SER A 1009 63.55 -37.57 130.95
N ALA A 1010 64.06 -36.64 130.14
CA ALA A 1010 65.45 -36.75 129.68
C ALA A 1010 66.41 -36.80 130.86
N VAL A 1011 66.08 -36.11 131.95
CA VAL A 1011 66.85 -36.17 133.17
C VAL A 1011 66.17 -37.14 134.13
N GLN A 1012 66.95 -38.05 134.70
CA GLN A 1012 66.43 -39.11 135.53
C GLN A 1012 66.14 -38.56 136.93
N ASP A 1013 64.96 -38.92 137.46
CA ASP A 1013 64.51 -38.43 138.76
C ASP A 1013 63.68 -39.52 139.41
N ILE A 1014 64.26 -40.21 140.39
CA ILE A 1014 63.62 -41.36 141.02
C ILE A 1014 62.54 -40.89 141.99
N PRO A 1015 62.80 -39.89 142.84
CA PRO A 1015 61.73 -39.42 143.73
C PRO A 1015 60.48 -38.99 143.00
N ALA A 1016 60.63 -38.43 141.79
CA ALA A 1016 59.49 -37.96 141.00
C ALA A 1016 59.01 -39.00 140.01
N ARG A 1017 59.45 -40.25 140.14
CA ARG A 1017 59.05 -41.35 139.26
C ARG A 1017 59.16 -40.94 137.78
N ARG A 1018 60.36 -40.51 137.40
CA ARG A 1018 60.67 -40.12 136.04
C ARG A 1018 61.87 -40.94 135.57
N ASN A 1019 61.75 -41.55 134.40
CA ASN A 1019 62.77 -42.47 133.89
C ASN A 1019 63.13 -42.10 132.46
N PRO A 1020 64.41 -41.93 132.13
CA PRO A 1020 64.78 -41.72 130.72
C PRO A 1020 64.39 -42.87 129.80
N ARG A 1021 64.40 -44.11 130.30
CA ARG A 1021 64.12 -45.27 129.47
C ARG A 1021 62.64 -45.56 129.29
N LEU A 1022 61.77 -44.89 130.05
CA LEU A 1022 60.33 -45.19 130.02
C LEU A 1022 59.72 -44.64 128.73
N VAL A 1023 60.03 -45.34 127.64
CA VAL A 1023 59.52 -44.99 126.30
C VAL A 1023 59.31 -46.26 125.52
N PRO A 1024 58.36 -46.27 124.59
CA PRO A 1024 58.19 -47.45 123.74
C PRO A 1024 59.48 -47.80 123.00
N TYR A 1025 59.68 -49.10 122.82
CA TYR A 1025 60.99 -49.61 122.39
C TYR A 1025 61.49 -48.91 121.14
N ARG A 1026 60.63 -48.71 120.16
CA ARG A 1026 61.08 -48.18 118.87
C ARG A 1026 61.80 -46.86 119.02
N LEU A 1027 61.45 -46.06 120.03
CA LEU A 1027 61.97 -44.72 120.19
C LEU A 1027 63.20 -44.66 121.08
N LEU A 1028 63.71 -45.78 121.56
CA LEU A 1028 64.89 -45.78 122.41
C LEU A 1028 66.14 -45.50 121.60
N ASP A 1029 67.19 -45.08 122.29
CA ASP A 1029 68.49 -44.92 121.65
C ASP A 1029 69.08 -46.28 121.30
N GLU A 1030 70.01 -46.28 120.35
CA GLU A 1030 70.54 -47.53 119.83
C GLU A 1030 71.25 -48.33 120.92
N ALA A 1031 72.00 -47.65 121.79
CA ALA A 1031 72.80 -48.37 122.79
C ALA A 1031 71.92 -49.21 123.71
N THR A 1032 70.85 -48.62 124.25
CA THR A 1032 69.96 -49.39 125.11
C THR A 1032 69.29 -50.53 124.35
N LYS A 1033 68.87 -50.25 123.10
CA LYS A 1033 68.31 -51.30 122.28
C LYS A 1033 69.31 -52.43 122.07
N ARG A 1034 70.58 -52.07 121.81
CA ARG A 1034 71.61 -53.09 121.62
C ARG A 1034 71.79 -53.93 122.88
N SER A 1035 71.84 -53.29 124.05
CA SER A 1035 72.02 -54.04 125.28
C SER A 1035 70.86 -54.99 125.52
N ASN A 1036 69.63 -54.50 125.36
CA ASN A 1036 68.45 -55.32 125.58
C ASN A 1036 68.33 -56.45 124.56
N ARG A 1037 68.75 -56.24 123.32
CA ARG A 1037 68.75 -57.27 122.31
C ARG A 1037 69.84 -58.32 122.53
N ASP A 1038 71.02 -57.91 123.01
CA ASP A 1038 72.08 -58.85 123.34
C ASP A 1038 71.73 -59.71 124.54
N SER A 1039 71.06 -59.13 125.55
CA SER A 1039 70.68 -59.91 126.71
C SER A 1039 69.75 -61.06 126.32
N LEU A 1040 68.80 -60.80 125.42
CA LEU A 1040 67.89 -61.85 124.98
C LEU A 1040 68.54 -62.74 123.91
N CYS A 1041 69.48 -62.17 123.14
CA CYS A 1041 70.21 -62.99 122.18
C CYS A 1041 70.99 -64.08 122.89
N GLN A 1042 71.59 -63.76 124.04
CA GLN A 1042 72.28 -64.79 124.82
C GLN A 1042 71.32 -65.89 125.25
N ALA A 1043 70.11 -65.52 125.67
CA ALA A 1043 69.16 -66.52 126.13
C ALA A 1043 68.69 -67.42 124.99
N VAL A 1044 68.41 -66.84 123.82
CA VAL A 1044 68.01 -67.67 122.69
C VAL A 1044 69.18 -68.55 122.26
N ARG A 1045 70.41 -68.04 122.41
CA ARG A 1045 71.58 -68.88 122.20
C ARG A 1045 71.60 -70.05 123.16
N THR A 1046 71.29 -69.81 124.44
CA THR A 1046 71.22 -70.89 125.41
C THR A 1046 70.23 -71.96 124.95
N LEU A 1047 69.04 -71.52 124.55
CA LEU A 1047 68.01 -72.48 124.15
C LEU A 1047 68.45 -73.28 122.93
N LEU A 1048 68.96 -72.60 121.90
CA LEU A 1048 69.36 -73.31 120.69
C LEU A 1048 70.54 -74.25 120.95
N GLY A 1049 71.47 -73.83 121.80
CA GLY A 1049 72.57 -74.72 122.15
C GLY A 1049 72.09 -75.94 122.91
N TYR A 1050 71.12 -75.77 123.79
CA TYR A 1050 70.43 -76.93 124.37
C TYR A 1050 69.79 -77.76 123.26
N GLY A 1051 69.49 -77.11 122.13
CA GLY A 1051 69.14 -77.85 120.92
C GLY A 1051 67.71 -77.59 120.48
N TYR A 1052 66.86 -77.24 121.44
CA TYR A 1052 65.43 -77.18 121.19
C TYR A 1052 65.17 -76.21 120.05
N ASN A 1053 64.70 -76.72 118.91
CA ASN A 1053 64.69 -75.96 117.67
C ASN A 1053 63.52 -74.97 117.68
N ILE A 1054 63.84 -73.68 117.49
CA ILE A 1054 62.82 -72.65 117.44
C ILE A 1054 62.41 -72.39 116.00
N GLU A 1055 61.10 -72.30 115.77
CA GLU A 1055 60.58 -72.04 114.43
C GLU A 1055 60.04 -70.61 114.35
N PRO A 1056 60.78 -69.68 113.73
CA PRO A 1056 60.26 -68.28 113.53
C PRO A 1056 58.92 -68.28 112.81
N PRO A 1057 57.87 -67.72 113.41
CA PRO A 1057 56.63 -67.53 112.65
C PRO A 1057 56.86 -66.70 111.41
N ASP A 1058 56.12 -67.03 110.35
CA ASP A 1058 56.12 -66.20 109.15
C ASP A 1058 55.45 -64.86 109.45
N GLN A 1059 56.00 -63.79 108.89
CA GLN A 1059 55.48 -62.44 109.12
C GLN A 1059 54.65 -62.00 107.92
N GLU A 1060 53.45 -61.49 108.19
CA GLU A 1060 52.55 -61.05 107.14
C GLU A 1060 52.52 -59.53 107.11
N PRO A 1061 53.09 -58.87 106.10
CA PRO A 1061 53.07 -57.41 106.07
C PRO A 1061 51.65 -56.86 105.96
N SER A 1062 51.45 -55.68 106.53
CA SER A 1062 50.17 -54.98 106.50
C SER A 1062 50.39 -53.54 106.09
N GLN A 1063 49.36 -52.94 105.48
CA GLN A 1063 49.44 -51.58 104.96
C GLN A 1063 48.74 -50.63 105.92
N VAL A 1064 49.47 -49.59 106.34
CA VAL A 1064 48.87 -48.57 107.20
C VAL A 1064 47.87 -47.73 106.43
N ASP A 1065 48.17 -47.43 105.16
CA ASP A 1065 47.32 -46.60 104.31
C ASP A 1065 46.84 -45.35 105.05
N SER A 1066 47.77 -44.71 105.76
CA SER A 1066 47.43 -43.49 106.48
C SER A 1066 46.96 -42.39 105.52
N GLN A 1067 47.65 -42.25 104.39
CA GLN A 1067 47.32 -41.23 103.41
C GLN A 1067 47.48 -41.80 102.01
N SER A 1068 46.78 -41.21 101.06
CA SER A 1068 46.95 -41.57 99.65
C SER A 1068 48.37 -41.25 99.21
N ARG A 1069 48.85 -42.00 98.23
CA ARG A 1069 50.26 -41.89 97.82
C ARG A 1069 50.52 -40.57 97.11
N GLY A 1070 49.61 -40.15 96.22
CA GLY A 1070 49.79 -38.88 95.54
C GLY A 1070 49.80 -37.71 96.49
N ASP A 1071 48.90 -37.72 97.47
CA ASP A 1071 48.90 -36.68 98.50
C ASP A 1071 50.13 -36.81 99.40
N ARG A 1072 50.64 -38.04 99.54
CA ARG A 1072 51.78 -38.27 100.41
C ARG A 1072 53.07 -37.72 99.82
N ALA A 1073 53.18 -37.76 98.50
CA ALA A 1073 54.38 -37.28 97.82
C ALA A 1073 54.14 -35.88 97.27
N ARG A 1074 54.97 -34.93 97.71
CA ARG A 1074 54.94 -33.60 97.13
C ARG A 1074 55.39 -33.64 95.68
N ILE A 1075 54.84 -32.76 94.86
CA ILE A 1075 55.22 -32.62 93.46
C ILE A 1075 55.62 -31.16 93.25
N PHE A 1076 56.86 -30.93 92.80
CA PHE A 1076 57.34 -29.61 92.42
C PHE A 1076 57.54 -29.60 90.92
N ARG A 1077 56.88 -28.66 90.25
CA ARG A 1077 56.99 -28.53 88.80
C ARG A 1077 57.32 -27.10 88.43
N ALA A 1078 57.85 -26.92 87.23
CA ALA A 1078 58.03 -25.58 86.71
C ALA A 1078 56.68 -24.95 86.37
N GLU A 1079 56.64 -23.63 86.32
CA GLU A 1079 55.39 -22.93 86.05
C GLU A 1079 54.91 -23.25 84.63
N LYS A 1080 53.59 -23.17 84.44
CA LYS A 1080 53.01 -23.54 83.15
C LYS A 1080 53.54 -22.67 82.02
N SER A 1081 53.89 -21.42 82.31
CA SER A 1081 54.35 -20.51 81.27
C SER A 1081 55.68 -20.96 80.66
N TYR A 1082 56.45 -21.79 81.37
CA TYR A 1082 57.75 -22.22 80.89
C TYR A 1082 57.69 -23.45 80.00
N ALA A 1083 56.50 -23.98 79.70
CA ALA A 1083 56.39 -25.20 78.92
C ALA A 1083 57.08 -25.04 77.58
N VAL A 1084 57.87 -26.05 77.22
CA VAL A 1084 58.65 -26.04 75.97
C VAL A 1084 57.94 -26.95 74.97
N GLN A 1085 57.73 -26.45 73.77
CA GLN A 1085 57.06 -27.20 72.71
C GLN A 1085 58.01 -27.60 71.58
N SER A 1086 59.30 -27.29 71.68
CA SER A 1086 60.25 -27.66 70.65
C SER A 1086 61.66 -27.53 71.21
N GLY A 1087 62.58 -28.25 70.57
CA GLY A 1087 63.99 -28.15 70.89
C GLY A 1087 64.51 -29.29 71.74
N ARG A 1088 65.78 -29.15 72.12
CA ARG A 1088 66.45 -30.10 72.99
C ARG A 1088 66.79 -29.40 74.31
N TRP A 1089 66.30 -29.98 75.41
CA TRP A 1089 66.45 -29.36 76.72
C TRP A 1089 66.99 -30.37 77.73
N TYR A 1090 67.68 -29.84 78.74
CA TYR A 1090 68.43 -30.62 79.70
C TYR A 1090 68.36 -29.99 81.07
N PHE A 1091 68.28 -30.83 82.10
CA PHE A 1091 68.37 -30.34 83.47
C PHE A 1091 68.82 -31.48 84.38
N GLU A 1092 69.13 -31.15 85.64
CA GLU A 1092 69.75 -32.10 86.56
C GLU A 1092 68.94 -32.17 87.85
N PHE A 1093 69.00 -33.33 88.51
CA PHE A 1093 68.35 -33.56 89.79
C PHE A 1093 69.27 -34.40 90.66
N GLU A 1094 69.85 -33.79 91.69
CA GLU A 1094 70.72 -34.48 92.63
C GLU A 1094 69.85 -35.03 93.76
N ALA A 1095 69.99 -36.33 94.04
CA ALA A 1095 69.17 -36.99 95.05
C ALA A 1095 69.96 -37.07 96.34
N VAL A 1096 69.68 -36.18 97.29
CA VAL A 1096 70.44 -36.17 98.54
C VAL A 1096 70.14 -37.43 99.34
N THR A 1097 68.89 -37.89 99.31
CA THR A 1097 68.49 -39.14 99.95
C THR A 1097 68.31 -40.21 98.88
N THR A 1098 68.18 -41.45 99.34
CA THR A 1098 68.04 -42.61 98.47
C THR A 1098 66.65 -43.24 98.53
N GLY A 1099 65.64 -42.47 98.92
CA GLY A 1099 64.29 -42.97 99.06
C GLY A 1099 63.47 -42.80 97.80
N GLU A 1100 62.17 -42.62 98.00
CA GLU A 1100 61.22 -42.53 96.90
C GLU A 1100 61.26 -41.13 96.29
N MET A 1101 61.78 -41.03 95.08
CA MET A 1101 61.77 -39.78 94.35
C MET A 1101 61.68 -40.05 92.86
N ARG A 1102 60.85 -39.27 92.17
CA ARG A 1102 60.66 -39.38 90.74
C ARG A 1102 61.05 -38.05 90.10
N VAL A 1103 61.69 -38.10 88.94
CA VAL A 1103 62.12 -36.89 88.25
C VAL A 1103 61.89 -37.07 86.76
N GLY A 1104 61.39 -36.03 86.10
CA GLY A 1104 61.17 -36.12 84.68
C GLY A 1104 60.45 -34.90 84.15
N TRP A 1105 59.65 -35.12 83.11
CA TRP A 1105 58.92 -34.07 82.42
C TRP A 1105 57.43 -34.34 82.53
N ALA A 1106 56.65 -33.29 82.77
CA ALA A 1106 55.20 -33.40 82.89
C ALA A 1106 54.52 -32.35 82.02
N ARG A 1107 53.34 -32.70 81.53
CA ARG A 1107 52.56 -31.77 80.73
C ARG A 1107 51.99 -30.67 81.63
N PRO A 1108 51.64 -29.52 81.04
CA PRO A 1108 51.20 -28.39 81.85
C PRO A 1108 49.98 -28.69 82.72
N GLU A 1109 49.10 -29.58 82.30
CA GLU A 1109 47.86 -29.88 83.01
C GLU A 1109 48.03 -31.02 84.01
N LEU A 1110 49.24 -31.23 84.53
CA LEU A 1110 49.47 -32.29 85.49
C LEU A 1110 48.57 -32.10 86.71
N ARG A 1111 47.97 -33.20 87.18
CA ARG A 1111 47.07 -33.17 88.32
C ARG A 1111 47.85 -33.37 89.61
N PRO A 1112 47.60 -32.59 90.66
CA PRO A 1112 48.37 -32.78 91.90
C PRO A 1112 47.99 -34.03 92.67
N ASP A 1113 46.76 -34.51 92.51
CA ASP A 1113 46.30 -35.66 93.29
C ASP A 1113 46.97 -36.94 92.81
N VAL A 1114 47.25 -37.04 91.51
CA VAL A 1114 47.72 -38.30 90.94
C VAL A 1114 49.23 -38.44 91.11
N GLU A 1115 49.68 -39.66 91.37
CA GLU A 1115 51.11 -39.94 91.40
C GLU A 1115 51.73 -39.65 90.04
N LEU A 1116 52.97 -39.16 90.05
CA LEU A 1116 53.66 -38.89 88.81
C LEU A 1116 53.79 -40.18 88.00
N GLY A 1117 53.40 -40.11 86.73
CA GLY A 1117 53.56 -41.22 85.82
C GLY A 1117 52.46 -42.26 85.87
N ALA A 1118 51.60 -42.22 86.89
CA ALA A 1118 50.46 -43.13 86.96
C ALA A 1118 49.41 -42.82 85.90
N ASP A 1119 49.53 -41.67 85.23
CA ASP A 1119 48.63 -41.28 84.17
C ASP A 1119 49.44 -40.90 82.93
N ASP A 1120 48.75 -40.35 81.94
CA ASP A 1120 49.42 -40.01 80.68
C ASP A 1120 50.01 -38.61 80.69
N LEU A 1121 49.95 -37.90 81.82
CA LEU A 1121 50.40 -36.52 81.87
C LEU A 1121 51.84 -36.36 82.33
N ALA A 1122 52.57 -37.45 82.55
CA ALA A 1122 53.94 -37.33 83.04
C ALA A 1122 54.78 -38.50 82.54
N TYR A 1123 56.03 -38.20 82.21
CA TYR A 1123 57.06 -39.19 81.90
C TYR A 1123 58.19 -38.96 82.90
N VAL A 1124 58.36 -39.90 83.84
CA VAL A 1124 59.33 -39.70 84.91
C VAL A 1124 60.14 -40.98 85.14
N PHE A 1125 61.22 -40.84 85.91
CA PHE A 1125 62.10 -41.92 86.28
C PHE A 1125 62.14 -42.01 87.80
N ASN A 1126 62.00 -43.23 88.31
CA ASN A 1126 62.06 -43.51 89.75
C ASN A 1126 63.25 -44.43 90.02
N GLY A 1127 64.14 -44.00 90.90
CA GLY A 1127 65.36 -44.76 91.13
C GLY A 1127 65.53 -45.32 92.52
N HIS A 1128 64.48 -45.30 93.34
CA HIS A 1128 64.48 -46.16 94.51
C HIS A 1128 64.63 -47.61 94.08
N ARG A 1129 63.83 -48.01 93.09
CA ARG A 1129 64.08 -49.20 92.29
C ARG A 1129 63.90 -48.81 90.84
N GLY A 1130 64.91 -49.08 90.02
CA GLY A 1130 64.92 -48.60 88.65
C GLY A 1130 63.60 -48.79 87.93
N GLN A 1131 62.93 -47.70 87.59
CA GLN A 1131 61.63 -47.78 86.93
C GLN A 1131 61.41 -46.54 86.08
N ARG A 1132 60.70 -46.72 84.97
CA ARG A 1132 60.17 -45.62 84.16
C ARG A 1132 58.67 -45.57 84.40
N TRP A 1133 58.14 -44.38 84.63
CA TRP A 1133 56.73 -44.20 84.94
C TRP A 1133 56.07 -43.34 83.85
N HIS A 1134 55.12 -43.95 83.14
CA HIS A 1134 54.19 -43.23 82.28
C HIS A 1134 53.03 -44.20 82.02
N LEU A 1135 51.84 -43.85 82.51
CA LEU A 1135 50.68 -44.75 82.43
C LEU A 1135 51.02 -46.11 83.01
N GLY A 1136 51.74 -46.12 84.12
CA GLY A 1136 52.17 -47.33 84.80
C GLY A 1136 53.65 -47.33 85.01
N SER A 1137 54.18 -48.49 85.40
CA SER A 1137 55.59 -48.65 85.71
C SER A 1137 56.20 -49.73 84.83
N GLU A 1138 57.50 -49.60 84.59
CA GLU A 1138 58.29 -50.59 83.87
C GLU A 1138 59.72 -50.49 84.39
N PRO A 1139 60.39 -51.61 84.63
CA PRO A 1139 61.80 -51.54 85.08
C PRO A 1139 62.67 -50.83 84.05
N PHE A 1140 63.61 -50.02 84.54
CA PHE A 1140 64.49 -49.27 83.66
C PHE A 1140 65.59 -48.64 84.50
N GLY A 1141 66.80 -48.63 83.95
CA GLY A 1141 67.92 -48.03 84.66
C GLY A 1141 68.29 -48.83 85.90
N ARG A 1142 69.00 -48.16 86.80
CA ARG A 1142 69.42 -48.70 88.07
C ARG A 1142 69.18 -47.68 89.16
N PRO A 1143 69.00 -48.12 90.40
CA PRO A 1143 68.81 -47.15 91.49
C PRO A 1143 70.06 -46.31 91.71
N TRP A 1144 69.85 -45.08 92.18
CA TRP A 1144 70.96 -44.20 92.51
C TRP A 1144 71.43 -44.45 93.93
N GLN A 1145 72.66 -44.05 94.22
CA GLN A 1145 73.16 -43.90 95.57
C GLN A 1145 73.00 -42.46 96.02
N SER A 1146 73.24 -42.22 97.31
CA SER A 1146 73.13 -40.86 97.83
C SER A 1146 74.10 -39.93 97.12
N GLY A 1147 73.61 -38.75 96.75
CA GLY A 1147 74.42 -37.76 96.09
C GLY A 1147 74.51 -37.89 94.57
N ASP A 1148 73.86 -38.89 93.99
CA ASP A 1148 73.92 -39.10 92.55
C ASP A 1148 73.02 -38.11 91.83
N VAL A 1149 73.38 -37.81 90.58
CA VAL A 1149 72.72 -36.81 89.75
C VAL A 1149 72.02 -37.52 88.60
N VAL A 1150 70.73 -37.24 88.43
CA VAL A 1150 69.97 -37.72 87.28
C VAL A 1150 69.80 -36.54 86.32
N GLY A 1151 70.40 -36.65 85.14
CA GLY A 1151 70.22 -35.67 84.09
C GLY A 1151 69.10 -36.10 83.17
N CYS A 1152 68.09 -35.25 83.08
CA CYS A 1152 66.92 -35.48 82.24
C CYS A 1152 67.05 -34.66 80.97
N MET A 1153 66.82 -35.31 79.83
CA MET A 1153 66.93 -34.70 78.51
C MET A 1153 65.64 -34.95 77.76
N ILE A 1154 65.11 -33.91 77.13
CA ILE A 1154 63.95 -34.03 76.25
C ILE A 1154 64.34 -33.51 74.87
N ASP A 1155 64.15 -34.36 73.86
CA ASP A 1155 64.36 -34.00 72.47
C ASP A 1155 62.99 -33.99 71.79
N LEU A 1156 62.46 -32.79 71.52
CA LEU A 1156 61.13 -32.65 70.94
C LEU A 1156 61.16 -32.67 69.41
N THR A 1157 62.34 -32.60 68.80
CA THR A 1157 62.47 -32.87 67.37
C THR A 1157 62.43 -34.36 67.07
N GLU A 1158 62.97 -35.18 67.96
CA GLU A 1158 62.91 -36.63 67.84
C GLU A 1158 61.79 -37.23 68.69
N ASN A 1159 61.16 -36.45 69.57
CA ASN A 1159 60.10 -36.93 70.44
C ASN A 1159 60.60 -38.09 71.31
N THR A 1160 61.60 -37.78 72.13
CA THR A 1160 62.23 -38.77 72.99
C THR A 1160 62.68 -38.14 74.29
N ILE A 1161 62.87 -39.00 75.29
CA ILE A 1161 63.33 -38.61 76.62
C ILE A 1161 64.49 -39.52 77.00
N ILE A 1162 65.56 -38.92 77.53
CA ILE A 1162 66.76 -39.65 77.90
C ILE A 1162 67.09 -39.34 79.36
N PHE A 1163 67.56 -40.35 80.08
CA PHE A 1163 67.98 -40.21 81.46
C PHE A 1163 69.43 -40.65 81.59
N THR A 1164 70.21 -39.90 82.37
CA THR A 1164 71.63 -40.19 82.56
C THR A 1164 71.94 -40.15 84.04
N LEU A 1165 72.47 -41.24 84.58
CA LEU A 1165 72.85 -41.31 85.99
C LEU A 1165 74.36 -41.15 86.11
N ASN A 1166 74.78 -40.09 86.79
CA ASN A 1166 76.20 -39.77 86.94
C ASN A 1166 76.90 -39.65 85.60
N GLY A 1167 76.20 -39.09 84.62
CA GLY A 1167 76.78 -38.76 83.34
C GLY A 1167 76.73 -39.86 82.30
N GLU A 1168 76.33 -41.08 82.65
CA GLU A 1168 76.23 -42.18 81.71
C GLU A 1168 74.77 -42.52 81.48
N VAL A 1169 74.41 -42.77 80.22
CA VAL A 1169 73.01 -42.98 79.86
C VAL A 1169 72.49 -44.23 80.54
N LEU A 1170 71.35 -44.11 81.22
CA LEU A 1170 70.65 -45.29 81.70
C LEU A 1170 70.06 -46.05 80.52
N MET A 1171 70.20 -47.37 80.55
CA MET A 1171 69.87 -48.22 79.42
C MET A 1171 68.76 -49.18 79.80
N SER A 1172 67.76 -49.28 78.93
CA SER A 1172 66.61 -50.11 79.21
C SER A 1172 67.00 -51.59 79.24
N ASP A 1173 66.13 -52.40 79.85
CA ASP A 1173 66.38 -53.83 79.88
C ASP A 1173 66.45 -54.41 78.48
N SER A 1174 65.57 -53.96 77.58
CA SER A 1174 65.64 -54.39 76.19
C SER A 1174 66.88 -53.82 75.51
N GLY A 1175 67.46 -52.76 76.06
CA GLY A 1175 68.66 -52.16 75.51
C GLY A 1175 68.47 -50.86 74.77
N SER A 1176 67.31 -50.21 74.88
CA SER A 1176 67.07 -48.95 74.20
C SER A 1176 67.58 -47.80 75.05
N GLU A 1177 68.36 -46.90 74.45
CA GLU A 1177 68.92 -45.78 75.19
C GLU A 1177 67.83 -44.83 75.67
N THR A 1178 66.89 -44.50 74.78
CA THR A 1178 65.86 -43.51 75.10
C THR A 1178 64.73 -44.16 75.90
N ALA A 1179 64.44 -43.57 77.06
CA ALA A 1179 63.46 -44.15 77.97
C ALA A 1179 62.07 -44.20 77.35
N PHE A 1180 61.65 -43.12 76.69
CA PHE A 1180 60.33 -43.06 76.07
C PHE A 1180 60.46 -42.63 74.62
N ARG A 1181 59.54 -43.12 73.79
CA ARG A 1181 59.55 -42.88 72.36
C ARG A 1181 58.19 -42.36 71.90
N ASP A 1182 58.20 -41.73 70.72
CA ASP A 1182 56.98 -41.26 70.07
C ASP A 1182 56.21 -40.33 71.00
N ILE A 1183 56.90 -39.34 71.58
CA ILE A 1183 56.25 -38.37 72.43
C ILE A 1183 55.40 -37.43 71.58
N GLU A 1184 54.21 -37.09 72.10
CA GLU A 1184 53.34 -36.11 71.46
C GLU A 1184 53.56 -34.75 72.12
N ILE A 1185 53.97 -33.77 71.31
CA ILE A 1185 54.34 -32.47 71.86
C ILE A 1185 53.17 -31.84 72.60
N GLY A 1186 52.01 -31.79 71.96
CA GLY A 1186 50.83 -31.23 72.59
C GLY A 1186 51.03 -29.81 73.07
N ASP A 1187 50.81 -29.59 74.36
CA ASP A 1187 50.93 -28.27 74.96
C ASP A 1187 52.32 -27.97 75.50
N GLY A 1188 53.27 -28.90 75.33
CA GLY A 1188 54.62 -28.73 75.84
C GLY A 1188 54.90 -29.61 77.04
N PHE A 1189 56.10 -29.43 77.60
CA PHE A 1189 56.56 -30.21 78.74
C PHE A 1189 57.23 -29.30 79.75
N LEU A 1190 57.22 -29.73 81.01
CA LEU A 1190 57.73 -28.96 82.12
C LEU A 1190 58.58 -29.85 83.01
N PRO A 1191 59.70 -29.36 83.54
CA PRO A 1191 60.43 -30.14 84.54
C PRO A 1191 59.57 -30.37 85.77
N VAL A 1192 59.69 -31.58 86.34
CA VAL A 1192 58.90 -31.99 87.49
C VAL A 1192 59.68 -33.00 88.31
N CYS A 1193 59.46 -32.95 89.63
CA CYS A 1193 60.06 -33.90 90.55
C CYS A 1193 59.10 -34.12 91.72
N SER A 1194 58.84 -35.39 92.03
CA SER A 1194 58.04 -35.77 93.17
C SER A 1194 58.94 -36.38 94.24
N LEU A 1195 58.79 -35.91 95.47
CA LEU A 1195 59.59 -36.34 96.61
C LEU A 1195 58.69 -36.99 97.63
N GLY A 1196 59.07 -38.18 98.11
CA GLY A 1196 58.30 -38.86 99.12
C GLY A 1196 58.60 -38.31 100.50
N PRO A 1197 57.94 -38.88 101.50
CA PRO A 1197 58.13 -38.40 102.87
C PRO A 1197 59.58 -38.56 103.32
N GLY A 1198 60.17 -37.47 103.79
CA GLY A 1198 61.51 -37.50 104.32
C GLY A 1198 62.62 -37.47 103.29
N GLN A 1199 62.31 -37.18 102.03
CA GLN A 1199 63.29 -37.20 100.95
C GLN A 1199 63.75 -35.77 100.65
N VAL A 1200 64.96 -35.66 100.09
CA VAL A 1200 65.56 -34.37 99.77
C VAL A 1200 66.16 -34.44 98.38
N GLY A 1201 65.82 -33.47 97.55
CA GLY A 1201 66.37 -33.37 96.21
C GLY A 1201 66.90 -31.98 95.95
N HIS A 1202 67.63 -31.85 94.86
CA HIS A 1202 68.18 -30.58 94.42
C HIS A 1202 68.00 -30.47 92.91
N LEU A 1203 67.11 -29.58 92.49
CA LEU A 1203 66.78 -29.39 91.08
C LEU A 1203 67.65 -28.28 90.51
N ASN A 1204 68.48 -28.61 89.53
CA ASN A 1204 69.30 -27.64 88.81
C ASN A 1204 68.74 -27.49 87.41
N LEU A 1205 68.08 -26.37 87.16
CA LEU A 1205 67.46 -26.09 85.87
C LEU A 1205 68.45 -25.48 84.88
N GLY A 1206 69.70 -25.28 85.28
CA GLY A 1206 70.74 -24.87 84.36
C GLY A 1206 70.87 -23.39 84.12
N GLN A 1207 70.39 -22.55 85.05
CA GLN A 1207 70.58 -21.11 84.89
C GLN A 1207 72.06 -20.75 84.89
N ASP A 1208 72.83 -21.38 85.76
CA ASP A 1208 74.29 -21.22 85.80
C ASP A 1208 74.87 -22.49 85.20
N VAL A 1209 75.29 -22.40 83.94
CA VAL A 1209 75.76 -23.58 83.21
C VAL A 1209 76.98 -24.19 83.90
N SER A 1210 77.74 -23.39 84.63
CA SER A 1210 78.90 -23.91 85.36
C SER A 1210 78.49 -24.74 86.57
N SER A 1211 77.25 -24.58 87.05
CA SER A 1211 76.81 -25.36 88.21
C SER A 1211 76.57 -26.82 87.83
N LEU A 1212 76.10 -27.07 86.62
CA LEU A 1212 75.85 -28.44 86.18
C LEU A 1212 77.12 -29.26 86.25
N ARG A 1213 77.01 -30.46 86.81
CA ARG A 1213 78.17 -31.31 87.08
C ARG A 1213 78.34 -32.45 86.08
N PHE A 1214 77.39 -32.63 85.15
CA PHE A 1214 77.50 -33.69 84.16
C PHE A 1214 77.05 -33.25 82.78
N PHE A 1215 76.68 -31.97 82.61
CA PHE A 1215 76.25 -31.50 81.30
C PHE A 1215 77.37 -31.63 80.27
N ALA A 1216 78.60 -31.28 80.66
CA ALA A 1216 79.72 -31.38 79.73
C ALA A 1216 79.95 -32.82 79.32
N ILE A 1217 79.91 -33.75 80.28
CA ILE A 1217 80.17 -35.15 79.98
C ILE A 1217 79.10 -35.70 79.06
N CYS A 1218 77.83 -35.40 79.35
CA CYS A 1218 76.73 -35.91 78.54
C CYS A 1218 75.66 -34.84 78.38
N GLY A 1219 75.42 -34.42 77.14
CA GLY A 1219 74.36 -33.49 76.83
C GLY A 1219 74.81 -32.32 76.00
N LEU A 1220 76.01 -31.79 76.26
CA LEU A 1220 76.48 -30.63 75.54
C LEU A 1220 76.82 -30.97 74.09
N GLN A 1221 77.57 -32.06 73.89
CA GLN A 1221 77.97 -32.44 72.53
C GLN A 1221 76.77 -32.90 71.71
N GLU A 1222 75.80 -33.55 72.36
CA GLU A 1222 74.60 -33.99 71.66
C GLU A 1222 73.74 -32.83 71.18
N GLY A 1223 74.01 -31.61 71.64
CA GLY A 1223 73.26 -30.44 71.22
C GLY A 1223 72.16 -30.03 72.17
N PHE A 1224 72.09 -30.61 73.37
CA PHE A 1224 71.06 -30.25 74.32
C PHE A 1224 71.40 -28.93 75.00
N GLU A 1225 70.36 -28.19 75.38
CA GLU A 1225 70.49 -26.88 75.98
C GLU A 1225 69.92 -26.89 77.40
N PRO A 1226 70.61 -26.27 78.37
CA PRO A 1226 70.03 -26.20 79.71
C PRO A 1226 68.69 -25.49 79.71
N PHE A 1227 67.78 -25.96 80.56
CA PHE A 1227 66.39 -25.51 80.49
C PHE A 1227 66.29 -24.01 80.70
N ALA A 1228 67.02 -23.46 81.66
CA ALA A 1228 66.93 -22.05 82.03
C ALA A 1228 68.22 -21.31 81.70
N ILE A 1229 68.87 -21.67 80.60
CA ILE A 1229 70.19 -21.12 80.30
C ILE A 1229 70.13 -19.61 80.10
N ASN A 1230 69.14 -19.13 79.34
CA ASN A 1230 69.08 -17.72 78.99
C ASN A 1230 67.93 -17.02 79.72
N MET A 1231 67.68 -17.41 80.97
CA MET A 1231 66.73 -16.74 81.83
C MET A 1231 67.47 -15.77 82.73
N GLN A 1232 67.03 -14.51 82.74
CA GLN A 1232 67.70 -13.52 83.57
C GLN A 1232 67.28 -13.64 85.02
N ARG A 1233 66.22 -14.41 85.30
CA ARG A 1233 65.76 -14.63 86.66
C ARG A 1233 65.50 -16.11 86.91
N PRO A 1234 65.54 -16.57 88.17
CA PRO A 1234 65.28 -17.98 88.45
C PRO A 1234 63.89 -18.40 88.02
N VAL A 1235 63.77 -19.68 87.64
CA VAL A 1235 62.50 -20.21 87.16
C VAL A 1235 61.54 -20.37 88.33
N THR A 1236 60.32 -19.88 88.17
CA THR A 1236 59.31 -20.03 89.20
C THR A 1236 58.84 -21.49 89.27
N THR A 1237 58.44 -21.92 90.46
CA THR A 1237 58.01 -23.29 90.69
C THR A 1237 56.66 -23.31 91.39
N TRP A 1238 55.94 -24.41 91.19
CA TRP A 1238 54.66 -24.65 91.84
C TRP A 1238 54.72 -26.03 92.51
N PHE A 1239 54.30 -26.07 93.76
CA PHE A 1239 54.31 -27.31 94.54
C PHE A 1239 52.90 -27.71 94.93
N SER A 1240 52.70 -29.01 95.09
CA SER A 1240 51.38 -29.57 95.40
C SER A 1240 51.12 -29.43 96.88
N LYS A 1241 50.52 -28.31 97.28
CA LYS A 1241 50.15 -28.09 98.67
C LYS A 1241 49.07 -29.08 99.09
N SER A 1242 49.23 -29.67 100.26
CA SER A 1242 48.36 -30.74 100.74
C SER A 1242 47.23 -30.24 101.62
N LEU A 1243 47.02 -28.93 101.69
CA LEU A 1243 45.94 -28.39 102.51
C LEU A 1243 44.61 -28.53 101.78
N PRO A 1244 43.66 -29.31 102.29
CA PRO A 1244 42.39 -29.49 101.57
C PRO A 1244 41.66 -28.17 101.40
N GLN A 1245 41.02 -28.00 100.24
CA GLN A 1245 40.27 -26.79 99.92
C GLN A 1245 38.99 -27.15 99.19
N PHE A 1246 37.97 -26.31 99.36
CA PHE A 1246 36.71 -26.53 98.66
C PHE A 1246 36.78 -25.97 97.25
N GLU A 1247 36.43 -26.79 96.27
CA GLU A 1247 36.43 -26.40 94.88
C GLU A 1247 35.15 -26.89 94.22
N PRO A 1248 34.67 -26.20 93.19
CA PRO A 1248 33.41 -26.61 92.56
C PRO A 1248 33.49 -28.03 92.03
N VAL A 1249 32.38 -28.75 92.14
CA VAL A 1249 32.36 -30.14 91.67
C VAL A 1249 32.59 -30.15 90.15
N PRO A 1250 33.59 -30.87 89.65
CA PRO A 1250 33.83 -30.86 88.21
C PRO A 1250 32.60 -31.34 87.44
N LEU A 1251 32.34 -30.69 86.30
CA LEU A 1251 31.17 -31.04 85.50
C LEU A 1251 31.28 -32.46 84.97
N GLU A 1252 32.49 -32.92 84.68
CA GLU A 1252 32.73 -34.24 84.11
C GLU A 1252 33.23 -35.24 85.16
N HIS A 1253 32.98 -34.98 86.44
CA HIS A 1253 33.49 -35.85 87.48
C HIS A 1253 32.98 -37.28 87.25
N PRO A 1254 33.86 -38.28 87.28
CA PRO A 1254 33.41 -39.64 86.92
C PRO A 1254 32.32 -40.20 87.83
N HIS A 1255 32.31 -39.85 89.11
CA HIS A 1255 31.42 -40.49 90.07
C HIS A 1255 30.31 -39.61 90.61
N TYR A 1256 30.51 -38.31 90.75
CA TYR A 1256 29.57 -37.43 91.42
C TYR A 1256 28.91 -36.50 90.41
N GLU A 1257 27.58 -36.41 90.47
CA GLU A 1257 26.81 -35.53 89.61
C GLU A 1257 25.92 -34.64 90.48
N VAL A 1258 25.89 -33.34 90.15
CA VAL A 1258 25.05 -32.37 90.82
C VAL A 1258 24.03 -31.85 89.82
N ALA A 1259 22.75 -31.93 90.18
CA ALA A 1259 21.67 -31.52 89.29
C ALA A 1259 20.89 -30.39 89.93
N ARG A 1260 20.67 -29.31 89.19
CA ARG A 1260 19.91 -28.16 89.66
C ARG A 1260 18.46 -28.33 89.24
N MET A 1261 17.56 -28.42 90.22
CA MET A 1261 16.15 -28.61 89.97
C MET A 1261 15.40 -27.33 90.28
N ASP A 1262 14.51 -26.91 89.38
CA ASP A 1262 13.76 -25.69 89.56
C ASP A 1262 12.71 -25.88 90.66
N GLY A 1263 12.19 -24.76 91.15
CA GLY A 1263 11.19 -24.79 92.20
C GLY A 1263 9.78 -24.90 91.67
N THR A 1264 9.10 -25.99 91.98
CA THR A 1264 7.73 -26.21 91.54
C THR A 1264 6.77 -25.62 92.57
N VAL A 1265 5.47 -25.88 92.39
CA VAL A 1265 4.48 -25.34 93.32
C VAL A 1265 4.67 -25.93 94.71
N ASP A 1266 4.94 -27.23 94.79
CA ASP A 1266 5.07 -27.93 96.06
C ASP A 1266 6.50 -28.21 96.46
N THR A 1267 7.48 -27.79 95.67
CA THR A 1267 8.88 -28.01 96.00
C THR A 1267 9.68 -26.72 95.82
N PRO A 1268 10.70 -26.49 96.65
CA PRO A 1268 11.56 -25.32 96.45
C PRO A 1268 12.67 -25.64 95.48
N PRO A 1269 13.56 -24.69 95.19
CA PRO A 1269 14.77 -25.01 94.43
C PRO A 1269 15.62 -26.02 95.17
N CYS A 1270 16.26 -26.91 94.41
CA CYS A 1270 17.03 -28.00 94.99
C CYS A 1270 18.33 -28.20 94.21
N LEU A 1271 19.34 -28.65 94.95
CA LEU A 1271 20.62 -29.09 94.39
C LEU A 1271 20.84 -30.51 94.86
N ARG A 1272 20.68 -31.48 93.95
CA ARG A 1272 20.70 -32.89 94.29
C ARG A 1272 22.03 -33.50 93.89
N LEU A 1273 22.57 -34.36 94.76
CA LEU A 1273 23.79 -35.10 94.47
C LEU A 1273 23.41 -36.55 94.16
N THR A 1274 23.99 -37.08 93.09
CA THR A 1274 23.80 -38.47 92.70
C THR A 1274 25.14 -39.13 92.42
N HIS A 1275 25.24 -40.41 92.77
CA HIS A 1275 26.46 -41.17 92.58
C HIS A 1275 26.37 -41.89 91.23
N ARG A 1276 27.14 -41.42 90.25
CA ARG A 1276 27.02 -41.94 88.89
C ARG A 1276 27.31 -43.43 88.83
N THR A 1277 28.41 -43.87 89.46
CA THR A 1277 28.91 -45.24 89.30
C THR A 1277 28.67 -46.08 90.55
N TRP A 1278 27.62 -45.78 91.31
CA TRP A 1278 27.34 -46.56 92.50
C TRP A 1278 26.87 -47.96 92.13
N GLY A 1279 27.25 -48.93 92.96
CA GLY A 1279 26.83 -50.31 92.73
C GLY A 1279 27.36 -50.90 91.45
N SER A 1280 28.64 -50.66 91.16
CA SER A 1280 29.27 -51.19 89.96
C SER A 1280 30.76 -51.36 90.21
N GLN A 1281 31.40 -52.17 89.37
CA GLN A 1281 32.83 -52.35 89.48
C GLN A 1281 33.55 -51.03 89.26
N ASN A 1282 34.63 -50.83 90.00
CA ASN A 1282 35.48 -49.61 90.06
C ASN A 1282 34.75 -48.47 90.74
N SER A 1283 33.58 -48.71 91.34
CA SER A 1283 32.86 -47.64 92.02
C SER A 1283 33.70 -47.09 93.17
N LEU A 1284 33.66 -45.77 93.33
CA LEU A 1284 34.40 -45.09 94.38
C LEU A 1284 33.43 -44.72 95.50
N VAL A 1285 33.74 -45.16 96.71
CA VAL A 1285 32.92 -44.89 97.89
C VAL A 1285 33.87 -44.38 98.97
N GLU A 1286 33.78 -43.08 99.26
CA GLU A 1286 34.59 -42.45 100.31
C GLU A 1286 33.82 -41.26 100.86
N MET A 1287 34.25 -40.80 102.03
CA MET A 1287 33.60 -39.67 102.66
C MET A 1287 33.64 -38.46 101.74
N LEU A 1288 32.53 -37.73 101.68
CA LEU A 1288 32.37 -36.59 100.79
C LEU A 1288 31.98 -35.38 101.62
N PHE A 1289 32.73 -34.29 101.46
CA PHE A 1289 32.49 -33.04 102.16
C PHE A 1289 32.03 -32.00 101.16
N LEU A 1290 30.82 -31.48 101.34
CA LEU A 1290 30.19 -30.58 100.39
C LEU A 1290 29.78 -29.31 101.10
N ARG A 1291 29.86 -28.18 100.39
CA ARG A 1291 29.33 -26.92 100.89
C ARG A 1291 28.73 -26.12 99.75
N LEU A 1292 27.87 -25.18 100.09
CA LEU A 1292 27.37 -24.23 99.10
C LEU A 1292 28.35 -23.07 98.97
N SER A 1293 28.52 -22.61 97.73
CA SER A 1293 29.63 -21.72 97.43
C SER A 1293 29.55 -20.41 98.22
N LEU A 1294 28.34 -19.96 98.53
CA LEU A 1294 28.24 -18.64 99.16
C LEU A 1294 27.95 -18.76 100.65
N PRO A 1295 28.49 -17.87 101.48
CA PRO A 1295 28.20 -17.92 102.92
C PRO A 1295 27.07 -17.02 103.35
N VAL A 1296 26.63 -17.18 104.59
CA VAL A 1296 25.75 -16.23 105.27
C VAL A 1296 26.56 -15.58 106.38
N GLN A 1297 26.47 -14.26 106.48
CA GLN A 1297 27.24 -13.48 107.43
C GLN A 1297 26.33 -12.93 108.52
N PHE A 1298 26.71 -13.14 109.77
CA PHE A 1298 25.93 -12.65 110.89
C PHE A 1298 26.14 -11.14 111.06
N HIS A 1299 25.15 -10.49 111.64
CA HIS A 1299 25.17 -9.04 111.74
C HIS A 1299 26.31 -8.56 112.63
N GLN A 1300 26.76 -7.32 112.39
CA GLN A 1300 27.87 -6.77 113.15
C GLN A 1300 27.53 -6.66 114.63
N HIS A 1301 26.32 -6.22 114.94
CA HIS A 1301 25.87 -6.05 116.32
C HIS A 1301 24.66 -6.94 116.57
N PHE A 1302 24.66 -7.62 117.71
CA PHE A 1302 23.57 -8.50 118.10
C PHE A 1302 22.56 -7.75 118.94
N ARG A 1303 21.29 -8.14 118.79
CA ARG A 1303 20.23 -7.54 119.59
C ARG A 1303 20.41 -7.92 121.06
N CYS A 1304 19.81 -7.11 121.93
CA CYS A 1304 19.88 -7.31 123.37
C CYS A 1304 18.55 -7.86 123.87
N THR A 1305 18.62 -8.97 124.60
CA THR A 1305 17.43 -9.63 125.15
C THR A 1305 16.25 -9.60 124.18
N ASP A 1420 -3.77 -20.93 104.62
CA ASP A 1420 -3.01 -21.94 105.34
C ASP A 1420 -1.52 -21.79 105.09
N ASN A 1421 -0.75 -21.73 106.18
CA ASN A 1421 0.69 -21.60 106.10
C ASN A 1421 1.10 -20.39 105.27
N ARG A 1422 0.38 -19.28 105.46
CA ARG A 1422 0.68 -18.03 104.79
C ARG A 1422 1.49 -17.14 105.71
N ASP A 1423 2.61 -16.62 105.20
CA ASP A 1423 3.49 -15.80 106.01
C ASP A 1423 2.84 -14.47 106.36
N ASP A 1424 3.10 -13.99 107.57
CA ASP A 1424 2.62 -12.68 107.98
C ASP A 1424 3.48 -11.60 107.34
N PRO A 1425 2.88 -10.55 106.75
CA PRO A 1425 3.71 -9.54 106.07
C PRO A 1425 4.74 -8.88 106.97
N GLU A 1426 4.30 -8.30 108.08
CA GLU A 1426 5.24 -7.59 108.94
C GLU A 1426 6.30 -8.53 109.50
N ILE A 1427 5.90 -9.74 109.91
CA ILE A 1427 6.86 -10.68 110.48
C ILE A 1427 7.90 -11.09 109.44
N ILE A 1428 7.45 -11.42 108.22
CA ILE A 1428 8.39 -11.91 107.22
C ILE A 1428 9.31 -10.79 106.75
N LEU A 1429 8.80 -9.55 106.69
CA LEU A 1429 9.64 -8.42 106.33
C LEU A 1429 10.55 -7.96 107.46
N ASN A 1430 10.27 -8.31 108.71
CA ASN A 1430 11.09 -7.88 109.83
C ASN A 1430 11.86 -9.03 110.49
N THR A 1431 11.84 -10.22 109.92
CA THR A 1431 12.54 -11.35 110.52
C THR A 1431 14.01 -11.34 110.15
N THR A 1432 14.83 -11.93 111.03
CA THR A 1432 16.26 -12.10 110.79
C THR A 1432 16.67 -13.58 110.87
N THR A 1433 15.70 -14.49 110.76
CA THR A 1433 15.96 -15.93 110.80
C THR A 1433 15.88 -16.48 109.39
N TYR A 1434 16.86 -17.29 109.01
CA TYR A 1434 16.95 -17.88 107.69
C TYR A 1434 17.09 -19.38 107.80
N TYR A 1435 16.53 -20.09 106.83
CA TYR A 1435 16.33 -21.53 106.89
C TYR A 1435 16.76 -22.20 105.61
N TYR A 1436 17.29 -23.43 105.73
CA TYR A 1436 17.50 -24.27 104.56
C TYR A 1436 17.48 -25.72 105.02
N SER A 1437 17.03 -26.62 104.14
CA SER A 1437 16.88 -28.01 104.55
C SER A 1437 17.76 -28.91 103.69
N VAL A 1438 18.00 -30.12 104.19
CA VAL A 1438 18.70 -31.16 103.45
C VAL A 1438 17.83 -32.40 103.49
N ARG A 1439 17.50 -32.92 102.31
CA ARG A 1439 16.76 -34.17 102.18
C ARG A 1439 17.76 -35.29 101.93
N VAL A 1440 17.86 -36.21 102.87
CA VAL A 1440 18.66 -37.42 102.71
C VAL A 1440 17.73 -38.51 102.20
N PHE A 1441 18.02 -39.03 101.01
CA PHE A 1441 17.09 -39.91 100.33
C PHE A 1441 17.02 -41.28 100.99
N ALA A 1442 15.91 -41.96 100.78
CA ALA A 1442 15.76 -43.32 101.27
C ALA A 1442 16.76 -44.23 100.58
N GLY A 1443 17.33 -45.14 101.37
CA GLY A 1443 18.45 -45.95 100.94
C GLY A 1443 19.80 -45.38 101.29
N GLN A 1444 19.87 -44.10 101.61
CA GLN A 1444 21.07 -43.47 102.13
C GLN A 1444 20.98 -43.47 103.65
N GLU A 1445 21.97 -44.05 104.31
CA GLU A 1445 21.90 -44.26 105.74
C GLU A 1445 21.96 -42.92 106.47
N PRO A 1446 20.97 -42.58 107.31
CA PRO A 1446 21.10 -41.34 108.09
C PRO A 1446 22.27 -41.34 109.03
N SER A 1447 22.77 -42.53 109.40
CA SER A 1447 23.95 -42.62 110.26
C SER A 1447 25.23 -42.22 109.54
N CYS A 1448 25.18 -42.02 108.23
CA CYS A 1448 26.36 -41.69 107.43
C CYS A 1448 26.30 -40.28 106.86
N VAL A 1449 25.46 -39.40 107.41
CA VAL A 1449 25.29 -38.05 106.91
C VAL A 1449 25.35 -37.07 108.07
N TRP A 1450 26.12 -36.00 107.91
CA TRP A 1450 26.19 -34.90 108.85
C TRP A 1450 25.76 -33.63 108.14
N VAL A 1451 24.83 -32.90 108.74
CA VAL A 1451 24.22 -31.72 108.13
C VAL A 1451 24.43 -30.53 109.04
N GLY A 1452 24.87 -29.40 108.48
CA GLY A 1452 25.05 -28.19 109.26
C GLY A 1452 25.79 -27.11 108.51
N TRP A 1453 26.72 -26.43 109.20
CA TRP A 1453 27.43 -25.29 108.67
C TRP A 1453 28.93 -25.45 108.91
N VAL A 1454 29.72 -24.78 108.08
CA VAL A 1454 31.18 -24.76 108.20
C VAL A 1454 31.67 -23.34 107.98
N THR A 1455 32.64 -22.94 108.78
CA THR A 1455 33.28 -21.63 108.65
C THR A 1455 34.29 -21.67 107.52
N PRO A 1456 34.79 -20.52 107.08
CA PRO A 1456 35.70 -20.50 105.92
C PRO A 1456 36.97 -21.32 106.13
N ASP A 1457 37.37 -21.57 107.37
CA ASP A 1457 38.65 -22.20 107.66
C ASP A 1457 38.53 -23.70 107.97
N TYR A 1458 37.61 -24.39 107.31
CA TYR A 1458 37.50 -25.85 107.44
C TYR A 1458 38.41 -26.49 106.41
N HIS A 1459 39.31 -27.37 106.87
CA HIS A 1459 40.26 -28.04 105.99
C HIS A 1459 40.49 -29.51 106.35
N GLN A 1460 39.52 -30.17 106.99
CA GLN A 1460 39.70 -31.54 107.44
C GLN A 1460 39.13 -32.49 106.39
N HIS A 1461 40.04 -33.16 105.67
CA HIS A 1461 39.65 -34.21 104.71
C HIS A 1461 39.85 -35.56 105.40
N ASP A 1462 39.03 -35.80 106.40
CA ASP A 1462 39.14 -37.00 107.23
C ASP A 1462 38.27 -38.11 106.64
N MET A 1463 38.93 -39.18 106.18
CA MET A 1463 38.20 -40.31 105.60
C MET A 1463 37.34 -41.02 106.63
N SER A 1464 37.65 -40.88 107.92
CA SER A 1464 36.84 -41.43 109.00
C SER A 1464 36.39 -40.27 109.89
N PHE A 1465 35.26 -39.67 109.53
CA PHE A 1465 34.80 -38.43 110.17
C PHE A 1465 33.65 -38.72 111.12
N ASP A 1466 33.74 -38.16 112.32
CA ASP A 1466 32.64 -38.14 113.27
C ASP A 1466 32.70 -36.82 114.03
N LEU A 1467 31.61 -36.48 114.71
CA LEU A 1467 31.52 -35.18 115.35
C LEU A 1467 32.57 -34.98 116.43
N SER A 1468 33.21 -36.06 116.89
CA SER A 1468 34.29 -35.91 117.86
C SER A 1468 35.54 -35.34 117.21
N LYS A 1469 35.67 -35.50 115.89
CA LYS A 1469 36.85 -35.02 115.19
C LYS A 1469 36.85 -33.50 115.05
N VAL A 1470 35.66 -32.90 115.05
CA VAL A 1470 35.50 -31.46 114.80
C VAL A 1470 36.36 -30.66 115.77
N ARG A 1471 37.05 -29.64 115.26
CA ARG A 1471 37.83 -28.76 116.11
C ARG A 1471 36.91 -27.96 117.02
N ALA A 1472 37.42 -27.63 118.21
CA ALA A 1472 36.66 -26.81 119.14
C ALA A 1472 37.58 -26.41 120.28
N VAL A 1473 37.44 -25.17 120.76
CA VAL A 1473 38.20 -24.69 121.91
C VAL A 1473 37.43 -23.57 122.58
N THR A 1474 37.57 -23.49 123.90
CA THR A 1474 36.89 -22.48 124.71
C THR A 1474 37.91 -21.48 125.23
N VAL A 1475 37.68 -20.21 124.97
CA VAL A 1475 38.50 -19.12 125.48
C VAL A 1475 37.75 -18.55 126.68
N THR A 1476 38.39 -18.57 127.84
CA THR A 1476 37.78 -18.09 129.07
C THR A 1476 38.52 -16.85 129.55
N MET A 1477 37.77 -15.77 129.78
CA MET A 1477 38.31 -14.50 130.25
C MET A 1477 37.68 -14.18 131.60
N GLY A 1478 38.51 -13.78 132.57
CA GLY A 1478 38.04 -13.43 133.89
C GLY A 1478 38.93 -12.35 134.50
N ASP A 1479 38.65 -12.06 135.77
CA ASP A 1479 39.50 -11.15 136.52
C ASP A 1479 40.49 -11.94 137.39
N GLU A 1480 41.23 -11.21 138.21
CA GLU A 1480 42.28 -11.85 139.02
C GLU A 1480 41.69 -12.89 139.97
N GLN A 1481 40.54 -12.58 140.59
CA GLN A 1481 39.93 -13.47 141.57
C GLN A 1481 38.87 -14.36 140.91
N GLY A 1482 39.34 -15.20 139.98
CA GLY A 1482 38.43 -16.11 139.31
C GLY A 1482 37.34 -15.35 138.58
N ASN A 1483 36.10 -15.63 138.94
CA ASN A 1483 34.94 -14.87 138.47
C ASN A 1483 35.00 -14.65 136.95
N VAL A 1484 34.88 -15.76 136.22
CA VAL A 1484 34.94 -15.74 134.77
C VAL A 1484 34.01 -14.67 134.23
N HIS A 1485 34.57 -13.72 133.47
CA HIS A 1485 33.75 -12.68 132.84
C HIS A 1485 33.01 -13.25 131.64
N SER A 1486 33.69 -14.05 130.83
CA SER A 1486 33.10 -14.61 129.63
C SER A 1486 33.76 -15.93 129.28
N SER A 1487 33.04 -16.76 128.55
CA SER A 1487 33.54 -18.03 128.04
C SER A 1487 32.97 -18.25 126.65
N LEU A 1488 33.84 -18.29 125.65
CA LEU A 1488 33.42 -18.37 124.25
C LEU A 1488 33.92 -19.66 123.64
N LYS A 1489 33.01 -20.45 123.08
CA LYS A 1489 33.36 -21.67 122.37
C LYS A 1489 33.47 -21.35 120.89
N CYS A 1490 34.57 -21.76 120.27
CA CYS A 1490 34.81 -21.52 118.86
C CYS A 1490 35.22 -22.82 118.17
N SER A 1491 34.68 -23.02 116.97
CA SER A 1491 34.95 -24.20 116.15
C SER A 1491 34.83 -23.80 114.70
N ASN A 1492 35.10 -24.77 113.81
CA ASN A 1492 35.02 -24.49 112.38
C ASN A 1492 33.85 -25.20 111.72
N CYS A 1493 33.27 -26.20 112.39
CA CYS A 1493 32.18 -26.98 111.83
C CYS A 1493 31.07 -27.10 112.86
N TYR A 1494 29.86 -26.68 112.48
CA TYR A 1494 28.67 -26.80 113.32
C TYR A 1494 27.71 -27.73 112.60
N MET A 1495 27.45 -28.90 113.17
CA MET A 1495 26.69 -29.92 112.47
C MET A 1495 25.97 -30.81 113.48
N VAL A 1496 24.97 -31.52 112.96
CA VAL A 1496 24.22 -32.52 113.72
C VAL A 1496 24.32 -33.85 112.99
N TRP A 1497 24.64 -34.90 113.73
CA TRP A 1497 24.73 -36.23 113.14
C TRP A 1497 23.35 -36.73 112.74
N GLY A 1498 23.25 -37.29 111.53
CA GLY A 1498 21.97 -37.80 111.08
C GLY A 1498 21.51 -39.02 111.85
N GLY A 1499 22.44 -39.69 112.55
CA GLY A 1499 22.06 -40.85 113.32
C GLY A 1499 21.27 -40.51 114.57
N ASP A 1500 21.32 -39.25 115.00
CA ASP A 1500 20.55 -38.84 116.17
C ASP A 1500 19.06 -38.91 115.91
N PHE A 1501 18.64 -38.68 114.67
CA PHE A 1501 17.24 -38.61 114.31
C PHE A 1501 16.68 -39.94 113.78
N VAL A 1502 17.47 -41.00 113.81
CA VAL A 1502 16.97 -42.31 113.39
C VAL A 1502 16.23 -42.96 114.55
N SER A 1503 15.07 -43.53 114.24
CA SER A 1503 14.29 -44.19 115.29
C SER A 1503 15.08 -45.39 115.82
N PRO A 1504 15.10 -45.61 117.15
CA PRO A 1504 15.88 -46.73 117.67
C PRO A 1504 15.46 -48.06 117.09
N GLY A 1505 14.16 -48.28 116.88
CA GLY A 1505 13.73 -49.50 116.21
C GLY A 1505 14.16 -49.55 114.77
N GLN A 1506 14.17 -48.40 114.09
CA GLN A 1506 14.58 -48.36 112.69
C GLN A 1506 16.08 -48.58 112.55
N GLN A 1507 16.85 -48.25 113.59
CA GLN A 1507 18.29 -48.46 113.53
C GLN A 1507 18.59 -49.93 113.26
N GLY A 1508 19.53 -50.16 112.35
CA GLY A 1508 19.81 -51.49 111.86
C GLY A 1508 18.91 -51.93 110.73
N ARG A 1509 18.02 -51.06 110.25
CA ARG A 1509 17.11 -51.37 109.16
C ARG A 1509 17.10 -50.21 108.17
N ILE A 1510 16.68 -50.51 106.95
CA ILE A 1510 16.54 -49.48 105.93
C ILE A 1510 15.14 -48.88 106.02
N SER A 1511 15.06 -47.55 105.92
CA SER A 1511 13.81 -46.82 106.07
C SER A 1511 13.41 -46.23 104.73
N HIS A 1512 12.15 -46.44 104.34
CA HIS A 1512 11.67 -45.90 103.08
C HIS A 1512 11.47 -44.40 103.15
N THR A 1513 11.34 -43.84 104.35
CA THR A 1513 11.10 -42.42 104.50
C THR A 1513 12.40 -41.63 104.32
N ASP A 1514 12.34 -40.59 103.50
CA ASP A 1514 13.45 -39.66 103.37
C ASP A 1514 13.54 -38.81 104.64
N LEU A 1515 14.76 -38.44 105.02
CA LEU A 1515 14.97 -37.67 106.25
C LEU A 1515 15.28 -36.22 105.90
N VAL A 1516 14.46 -35.31 106.39
CA VAL A 1516 14.62 -33.88 106.11
C VAL A 1516 15.13 -33.20 107.35
N ILE A 1517 16.34 -32.64 107.27
CA ILE A 1517 16.97 -31.94 108.38
C ILE A 1517 17.01 -30.46 108.01
N GLY A 1518 16.34 -29.61 108.78
CA GLY A 1518 16.29 -28.19 108.50
C GLY A 1518 17.14 -27.41 109.48
N CYS A 1519 17.96 -26.52 108.95
CA CYS A 1519 18.86 -25.69 109.75
C CYS A 1519 18.36 -24.25 109.70
N LEU A 1520 18.25 -23.64 110.88
CA LEU A 1520 17.81 -22.26 111.05
C LEU A 1520 18.93 -21.47 111.71
N VAL A 1521 19.17 -20.25 111.23
CA VAL A 1521 20.15 -19.35 111.81
C VAL A 1521 19.50 -17.99 112.00
N ASP A 1522 19.64 -17.44 113.20
CA ASP A 1522 19.15 -16.10 113.51
C ASP A 1522 20.32 -15.14 113.43
N LEU A 1523 20.42 -14.40 112.32
CA LEU A 1523 21.58 -13.55 112.09
C LEU A 1523 21.68 -12.46 113.15
N ALA A 1524 20.55 -12.06 113.71
CA ALA A 1524 20.56 -10.98 114.70
C ALA A 1524 21.11 -11.44 116.04
N THR A 1525 20.71 -12.64 116.49
CA THR A 1525 21.11 -13.14 117.80
C THR A 1525 22.23 -14.16 117.74
N GLY A 1526 22.68 -14.57 116.56
CA GLY A 1526 23.78 -15.51 116.46
C GLY A 1526 23.47 -16.89 117.01
N LEU A 1527 22.22 -17.33 116.86
CA LEU A 1527 21.78 -18.62 117.38
C LEU A 1527 21.41 -19.54 116.23
N MET A 1528 21.90 -20.77 116.28
CA MET A 1528 21.69 -21.78 115.25
C MET A 1528 20.94 -22.95 115.85
N THR A 1529 19.88 -23.41 115.17
CA THR A 1529 19.07 -24.51 115.64
C THR A 1529 18.76 -25.45 114.48
N PHE A 1530 18.38 -26.68 114.82
CA PHE A 1530 18.12 -27.73 113.85
C PHE A 1530 16.80 -28.42 114.18
N THR A 1531 16.10 -28.86 113.14
CA THR A 1531 14.82 -29.55 113.29
C THR A 1531 14.79 -30.75 112.34
N ALA A 1532 14.48 -31.93 112.88
CA ALA A 1532 14.45 -33.16 112.10
C ALA A 1532 13.01 -33.58 111.89
N ASN A 1533 12.62 -33.72 110.62
CA ASN A 1533 11.28 -34.17 110.26
C ASN A 1533 10.22 -33.31 110.95
N GLY A 1534 10.46 -32.00 110.97
CA GLY A 1534 9.51 -31.08 111.57
C GLY A 1534 9.44 -31.15 113.07
N LYS A 1535 10.47 -31.68 113.72
CA LYS A 1535 10.52 -31.78 115.18
C LYS A 1535 11.82 -31.13 115.65
N GLU A 1536 11.70 -30.22 116.61
CA GLU A 1536 12.86 -29.45 117.06
C GLU A 1536 13.84 -30.34 117.81
N SER A 1537 15.11 -30.26 117.43
CA SER A 1537 16.16 -31.06 118.03
C SER A 1537 16.87 -30.27 119.11
N ASN A 1538 17.43 -30.99 120.09
CA ASN A 1538 18.05 -30.35 121.24
C ASN A 1538 19.26 -29.52 120.83
N THR A 1539 20.01 -29.99 119.83
CA THR A 1539 21.27 -29.34 119.48
C THR A 1539 21.05 -27.87 119.13
N PHE A 1540 21.89 -27.01 119.68
CA PHE A 1540 21.88 -25.59 119.37
C PHE A 1540 23.31 -25.06 119.45
N PHE A 1541 23.58 -24.00 118.70
CA PHE A 1541 24.90 -23.41 118.65
C PHE A 1541 24.80 -21.89 118.77
N GLN A 1542 25.86 -21.28 119.28
CA GLN A 1542 25.96 -19.83 119.39
C GLN A 1542 27.25 -19.38 118.73
N VAL A 1543 27.16 -18.33 117.91
CA VAL A 1543 28.30 -17.84 117.15
C VAL A 1543 28.45 -16.34 117.41
N GLU A 1544 29.69 -15.86 117.34
CA GLU A 1544 29.98 -14.46 117.54
C GLU A 1544 29.51 -13.65 116.34
N PRO A 1545 29.30 -12.34 116.52
CA PRO A 1545 28.91 -11.50 115.39
C PRO A 1545 29.98 -11.47 114.31
N ASN A 1546 29.55 -11.20 113.07
CA ASN A 1546 30.40 -11.11 111.88
C ASN A 1546 30.85 -12.48 111.38
N THR A 1547 30.40 -13.56 112.01
CA THR A 1547 30.80 -14.89 111.57
C THR A 1547 30.20 -15.21 110.21
N LYS A 1548 31.00 -15.86 109.36
CA LYS A 1548 30.55 -16.35 108.07
C LYS A 1548 30.38 -17.86 108.16
N LEU A 1549 29.24 -18.36 107.70
CA LEU A 1549 28.94 -19.79 107.75
C LEU A 1549 28.46 -20.25 106.38
N PHE A 1550 29.04 -21.36 105.91
CA PHE A 1550 28.62 -21.97 104.65
C PHE A 1550 27.72 -23.16 104.92
N PRO A 1551 26.56 -23.28 104.28
CA PRO A 1551 25.80 -24.53 104.38
C PRO A 1551 26.68 -25.69 103.91
N ALA A 1552 26.62 -26.80 104.64
CA ALA A 1552 27.52 -27.91 104.36
C ALA A 1552 26.86 -29.24 104.71
N VAL A 1553 27.37 -30.29 104.09
CA VAL A 1553 26.91 -31.66 104.32
C VAL A 1553 28.09 -32.59 104.15
N PHE A 1554 28.33 -33.44 105.14
CA PHE A 1554 29.34 -34.49 105.07
C PHE A 1554 28.62 -35.83 105.04
N VAL A 1555 28.89 -36.62 104.01
CA VAL A 1555 28.10 -37.83 103.74
C VAL A 1555 29.02 -38.93 103.25
N LEU A 1556 28.76 -40.16 103.68
CA LEU A 1556 29.40 -41.32 103.07
C LEU A 1556 28.38 -42.00 102.16
N PRO A 1557 28.47 -41.85 100.84
CA PRO A 1557 27.39 -42.33 99.98
C PRO A 1557 27.19 -43.83 100.12
N THR A 1558 25.91 -44.23 100.16
CA THR A 1558 25.53 -45.64 100.16
C THR A 1558 24.35 -45.90 99.23
N HIS A 1559 24.12 -45.02 98.26
CA HIS A 1559 22.98 -45.14 97.36
C HIS A 1559 23.22 -44.25 96.17
N GLN A 1560 22.50 -44.53 95.08
CA GLN A 1560 22.63 -43.69 93.89
C GLN A 1560 22.04 -42.31 94.11
N ASN A 1561 21.03 -42.21 94.97
CA ASN A 1561 20.46 -40.93 95.39
C ASN A 1561 20.86 -40.69 96.83
N VAL A 1562 21.62 -39.61 97.08
CA VAL A 1562 22.22 -39.43 98.40
C VAL A 1562 21.52 -38.30 99.16
N VAL A 1563 21.68 -37.06 98.68
CA VAL A 1563 21.24 -35.89 99.41
C VAL A 1563 20.80 -34.79 98.44
N GLN A 1564 20.07 -33.83 98.99
CA GLN A 1564 19.49 -32.73 98.23
C GLN A 1564 19.43 -31.50 99.11
N PHE A 1565 20.21 -30.48 98.75
CA PHE A 1565 20.09 -29.16 99.37
C PHE A 1565 18.79 -28.52 98.90
N GLU A 1566 17.82 -28.36 99.79
CA GLU A 1566 16.56 -27.71 99.47
C GLU A 1566 16.63 -26.28 100.01
N LEU A 1567 16.60 -25.31 99.09
CA LEU A 1567 16.72 -23.90 99.45
C LEU A 1567 15.31 -23.29 99.56
N GLY A 1568 14.55 -23.82 100.53
CA GLY A 1568 13.20 -23.40 100.75
C GLY A 1568 13.09 -22.59 102.03
N LYS A 1569 11.87 -22.16 102.32
CA LYS A 1569 11.57 -21.37 103.50
C LYS A 1569 10.55 -22.08 104.38
N GLN A 1570 10.35 -21.53 105.57
CA GLN A 1570 9.28 -21.91 106.47
C GLN A 1570 8.40 -20.69 106.72
N LYS A 1571 7.30 -20.88 107.45
CA LYS A 1571 6.41 -19.77 107.74
C LYS A 1571 7.14 -18.73 108.60
N ASN A 1572 7.04 -17.48 108.19
CA ASN A 1572 7.63 -16.35 108.91
C ASN A 1572 9.15 -16.43 108.98
N ILE A 1573 9.76 -17.25 108.12
CA ILE A 1573 11.22 -17.41 108.08
C ILE A 1573 11.67 -17.22 106.64
N MET A 1574 12.66 -16.37 106.45
CA MET A 1574 13.12 -16.04 105.11
C MET A 1574 13.95 -17.18 104.52
N PRO A 1575 14.02 -17.29 103.19
CA PRO A 1575 14.88 -18.29 102.58
C PRO A 1575 16.35 -17.90 102.66
N LEU A 1576 17.20 -18.81 102.21
CA LEU A 1576 18.64 -18.61 102.32
C LEU A 1576 19.15 -17.60 101.29
N SER A 1577 18.47 -17.49 100.15
CA SER A 1577 18.88 -16.55 99.13
C SER A 1577 18.80 -15.11 99.64
N ALA A 1578 17.79 -14.81 100.45
CA ALA A 1578 17.66 -13.47 101.01
C ALA A 1578 18.88 -13.12 101.86
N ALA A 1579 19.34 -14.07 102.68
CA ALA A 1579 20.54 -13.84 103.47
C ALA A 1579 21.76 -13.68 102.58
N MET A 1580 21.87 -14.52 101.54
CA MET A 1580 23.08 -14.53 100.73
C MET A 1580 23.22 -13.29 99.87
N PHE A 1581 22.13 -12.79 99.30
CA PHE A 1581 22.18 -11.75 98.28
C PHE A 1581 21.53 -10.47 98.79
N LEU A 1582 22.22 -9.34 98.58
CA LEU A 1582 21.69 -8.05 99.02
C LEU A 1582 20.43 -7.66 98.26
N SER A 1583 20.44 -7.86 96.94
CA SER A 1583 19.33 -7.39 96.12
C SER A 1583 18.03 -8.11 96.49
N GLU A 1584 18.13 -9.35 96.97
CA GLU A 1584 16.98 -10.14 97.36
C GLU A 1584 16.81 -10.18 98.88
N ARG A 1585 17.34 -9.18 99.57
CA ARG A 1585 17.32 -9.19 101.04
C ARG A 1585 15.91 -9.12 101.59
N LYS A 1586 14.95 -8.61 100.80
CA LYS A 1586 13.56 -8.53 101.22
C LYS A 1586 12.63 -9.32 100.30
N ASN A 1587 13.16 -10.33 99.61
CA ASN A 1587 12.36 -11.15 98.71
C ASN A 1587 12.08 -12.49 99.37
N PRO A 1588 10.85 -12.78 99.77
CA PRO A 1588 10.56 -14.09 100.39
C PRO A 1588 10.49 -15.24 99.39
N ALA A 1589 10.66 -14.96 98.09
CA ALA A 1589 10.61 -16.04 97.11
C ALA A 1589 11.95 -16.77 97.07
N PRO A 1590 11.98 -18.08 97.33
CA PRO A 1590 13.25 -18.80 97.26
C PRO A 1590 13.86 -18.73 95.87
N GLN A 1591 15.19 -18.64 95.82
CA GLN A 1591 15.92 -18.56 94.56
C GLN A 1591 17.21 -19.35 94.68
N CYS A 1592 17.72 -19.79 93.52
CA CYS A 1592 19.00 -20.50 93.42
C CYS A 1592 19.77 -19.93 92.24
N PRO A 1593 20.35 -18.75 92.40
CA PRO A 1593 21.06 -18.11 91.28
C PRO A 1593 22.24 -18.96 90.82
N PRO A 1594 22.78 -18.67 89.64
CA PRO A 1594 23.89 -19.49 89.13
C PRO A 1594 25.10 -19.51 90.04
N ARG A 1595 25.37 -18.44 90.78
CA ARG A 1595 26.55 -18.41 91.66
C ARG A 1595 26.46 -19.51 92.72
N LEU A 1596 25.27 -19.72 93.28
CA LEU A 1596 25.09 -20.74 94.30
C LEU A 1596 25.26 -22.13 93.69
N GLU A 1597 26.29 -22.86 94.14
CA GLU A 1597 26.57 -24.18 93.59
C GLU A 1597 27.23 -25.03 94.67
N VAL A 1598 27.33 -26.31 94.39
CA VAL A 1598 27.94 -27.26 95.33
C VAL A 1598 29.44 -27.31 95.08
N GLN A 1599 30.21 -27.38 96.18
CA GLN A 1599 31.65 -27.45 96.13
C GLN A 1599 32.12 -28.58 97.04
N MET A 1600 33.03 -29.40 96.53
CA MET A 1600 33.52 -30.56 97.26
C MET A 1600 34.92 -30.27 97.77
N LEU A 1601 35.27 -30.91 98.89
CA LEU A 1601 36.61 -30.77 99.45
C LEU A 1601 37.60 -31.63 98.68
N MET A 1602 38.63 -30.98 98.14
CA MET A 1602 39.70 -31.64 97.41
C MET A 1602 40.96 -31.62 98.25
N PRO A 1603 41.71 -32.73 98.32
CA PRO A 1603 42.79 -32.80 99.32
C PRO A 1603 44.02 -31.98 98.97
N VAL A 1604 44.39 -31.91 97.70
CA VAL A 1604 45.65 -31.30 97.29
C VAL A 1604 45.37 -30.28 96.18
N SER A 1605 46.18 -29.24 96.14
CA SER A 1605 46.04 -28.20 95.12
C SER A 1605 47.39 -27.57 94.84
N TRP A 1606 47.58 -27.10 93.61
CA TRP A 1606 48.82 -26.43 93.26
C TRP A 1606 48.94 -25.11 94.00
N SER A 1607 50.18 -24.74 94.33
CA SER A 1607 50.45 -23.48 95.02
C SER A 1607 51.81 -22.97 94.60
N ARG A 1608 51.90 -21.68 94.30
CA ARG A 1608 53.14 -21.08 93.85
C ARG A 1608 54.16 -21.05 94.98
N MET A 1609 55.43 -21.25 94.62
CA MET A 1609 56.54 -21.18 95.58
C MET A 1609 57.12 -19.78 95.59
N PRO A 1610 57.20 -19.11 96.74
CA PRO A 1610 57.78 -17.76 96.75
C PRO A 1610 59.19 -17.77 96.19
N ASN A 1611 59.53 -16.71 95.45
CA ASN A 1611 60.85 -16.63 94.84
C ASN A 1611 61.92 -16.30 95.87
N HIS A 1612 61.54 -15.62 96.94
CA HIS A 1612 62.45 -15.28 98.02
C HIS A 1612 61.83 -15.71 99.35
N PHE A 1613 62.69 -16.16 100.26
CA PHE A 1613 62.24 -16.72 101.53
C PHE A 1613 62.90 -15.97 102.68
N LEU A 1614 62.19 -15.89 103.81
CA LEU A 1614 62.72 -15.20 104.97
C LEU A 1614 63.97 -15.92 105.48
N GLN A 1615 64.97 -15.14 105.87
CA GLN A 1615 66.21 -15.66 106.41
C GLN A 1615 66.14 -15.62 107.94
N VAL A 1616 66.09 -16.81 108.55
CA VAL A 1616 65.95 -16.94 110.00
C VAL A 1616 67.23 -17.60 110.52
N ASP A 1617 67.82 -17.00 111.55
CA ASP A 1617 69.04 -17.52 112.16
C ASP A 1617 68.69 -18.10 113.53
N THR A 1618 68.92 -19.40 113.69
CA THR A 1618 68.68 -20.10 114.95
C THR A 1618 70.01 -20.59 115.49
N ARG A 1619 70.31 -20.24 116.74
CA ARG A 1619 71.61 -20.57 117.32
C ARG A 1619 71.48 -20.71 118.83
N ARG A 1620 72.20 -21.66 119.40
CA ARG A 1620 72.23 -21.82 120.85
C ARG A 1620 73.10 -20.72 121.44
N ALA A 1621 72.47 -19.67 121.99
CA ALA A 1621 73.22 -18.53 122.49
C ALA A 1621 74.14 -18.95 123.63
N GLY A 1622 73.64 -19.78 124.54
CA GLY A 1622 74.44 -20.25 125.65
C GLY A 1622 73.60 -21.10 126.57
N GLU A 1623 74.26 -21.67 127.58
CA GLU A 1623 73.55 -22.47 128.56
C GLU A 1623 72.55 -21.64 129.34
N ARG A 1624 72.93 -20.42 129.71
CA ARG A 1624 72.04 -19.53 130.44
C ARG A 1624 71.12 -18.74 129.53
N LEU A 1625 71.61 -18.32 128.36
CA LEU A 1625 70.80 -17.49 127.47
C LEU A 1625 69.69 -18.29 126.81
N GLY A 1626 69.95 -19.57 126.52
CA GLY A 1626 68.98 -20.40 125.84
C GLY A 1626 69.23 -20.51 124.36
N TRP A 1627 68.15 -20.73 123.62
CA TRP A 1627 68.26 -20.74 122.17
C TRP A 1627 67.73 -19.43 121.61
N ALA A 1628 68.30 -18.99 120.49
CA ALA A 1628 68.02 -17.67 119.95
C ALA A 1628 67.54 -17.77 118.50
N VAL A 1629 66.49 -17.01 118.20
CA VAL A 1629 65.91 -16.90 116.87
C VAL A 1629 66.02 -15.43 116.48
N GLN A 1630 66.56 -15.16 115.29
CA GLN A 1630 66.76 -13.81 114.80
C GLN A 1630 66.24 -13.71 113.37
N CYS A 1631 65.53 -12.62 113.08
CA CYS A 1631 65.04 -12.35 111.73
C CYS A 1631 65.05 -10.84 111.53
N GLN A 1632 65.88 -10.36 110.59
CA GLN A 1632 66.10 -8.93 110.44
C GLN A 1632 65.86 -8.38 109.04
N GLU A 1633 65.71 -9.23 108.02
CA GLU A 1633 65.53 -8.75 106.65
C GLU A 1633 64.06 -8.78 106.28
N PRO A 1634 63.44 -7.64 105.97
CA PRO A 1634 61.99 -7.65 105.69
C PRO A 1634 61.69 -8.17 104.29
N LEU A 1635 60.58 -8.91 104.18
CA LEU A 1635 60.02 -9.33 102.90
C LEU A 1635 58.53 -9.04 102.93
N MET A 1636 57.97 -8.67 101.77
CA MET A 1636 56.55 -8.39 101.65
C MET A 1636 56.04 -8.98 100.35
N MET A 1637 54.74 -9.26 100.31
CA MET A 1637 54.09 -9.79 99.13
C MET A 1637 52.80 -9.03 98.88
N MET A 1638 52.39 -9.01 97.62
CA MET A 1638 51.10 -8.43 97.24
C MET A 1638 50.06 -9.53 97.24
N ALA A 1639 49.09 -9.42 98.15
CA ALA A 1639 48.11 -10.48 98.38
C ALA A 1639 46.81 -10.13 97.70
N LEU A 1640 46.29 -11.07 96.92
CA LEU A 1640 44.96 -10.95 96.33
C LEU A 1640 44.00 -11.76 97.19
N HIS A 1641 42.93 -11.13 97.64
CA HIS A 1641 42.07 -11.66 98.70
C HIS A 1641 40.66 -11.89 98.16
N ILE A 1642 40.24 -13.15 98.14
CA ILE A 1642 38.85 -13.50 97.87
C ILE A 1642 38.07 -13.23 99.16
N PRO A 1643 37.11 -12.29 99.15
CA PRO A 1643 36.41 -11.94 100.40
C PRO A 1643 35.40 -12.99 100.85
N GLU A 1644 34.55 -13.49 99.96
CA GLU A 1644 33.50 -14.41 100.36
C GLU A 1644 34.05 -15.73 100.88
N GLU A 1645 35.20 -16.17 100.40
CA GLU A 1645 35.90 -17.32 100.95
C GLU A 1645 36.88 -16.91 102.05
N ASN A 1646 37.05 -15.61 102.27
CA ASN A 1646 37.93 -15.11 103.32
C ASN A 1646 39.31 -15.75 103.24
N ARG A 1647 39.93 -15.63 102.07
CA ARG A 1647 41.27 -16.19 101.87
C ARG A 1647 42.08 -15.29 100.97
N CYS A 1648 43.38 -15.53 100.92
CA CYS A 1648 44.28 -14.73 100.11
C CYS A 1648 45.36 -15.61 99.50
N MET A 1649 45.87 -15.18 98.36
CA MET A 1649 46.99 -15.83 97.70
C MET A 1649 47.95 -14.76 97.18
N ASP A 1650 49.07 -15.21 96.63
CA ASP A 1650 49.97 -14.28 95.95
C ASP A 1650 49.36 -13.84 94.63
N ILE A 1651 49.39 -12.53 94.37
CA ILE A 1651 48.85 -12.03 93.12
C ILE A 1651 49.62 -12.58 91.94
N LEU A 1652 50.83 -13.10 92.16
CA LEU A 1652 51.58 -13.74 91.10
C LEU A 1652 50.97 -15.07 90.69
N GLU A 1653 50.11 -15.66 91.54
CA GLU A 1653 49.44 -16.90 91.17
C GLU A 1653 48.47 -16.69 90.01
N LEU A 1654 48.16 -15.45 89.67
CA LEU A 1654 47.29 -15.18 88.54
C LEU A 1654 47.97 -15.45 87.20
N SER A 1655 49.28 -15.72 87.21
CA SER A 1655 49.94 -16.15 85.98
C SER A 1655 49.41 -17.52 85.54
N GLU A 1656 48.85 -18.29 86.46
CA GLU A 1656 48.24 -19.57 86.14
C GLU A 1656 46.74 -19.59 86.42
N ARG A 1657 46.26 -18.75 87.34
CA ARG A 1657 44.83 -18.58 87.56
C ARG A 1657 44.34 -17.58 86.52
N LEU A 1658 43.90 -18.09 85.37
CA LEU A 1658 43.63 -17.24 84.22
C LEU A 1658 42.28 -16.55 84.28
N ASP A 1659 41.24 -17.22 84.76
CA ASP A 1659 39.94 -16.55 84.89
C ASP A 1659 40.02 -15.40 85.89
N LEU A 1660 40.67 -15.64 87.03
CA LEU A 1660 40.86 -14.57 88.01
C LEU A 1660 41.72 -13.46 87.42
N GLN A 1661 42.71 -13.82 86.59
CA GLN A 1661 43.52 -12.81 85.93
C GLN A 1661 42.67 -11.91 85.04
N ARG A 1662 41.79 -12.52 84.23
CA ARG A 1662 40.92 -11.73 83.37
C ARG A 1662 40.02 -10.81 84.20
N PHE A 1663 39.42 -11.37 85.25
CA PHE A 1663 38.50 -10.57 86.06
C PHE A 1663 39.22 -9.41 86.73
N HIS A 1664 40.43 -9.64 87.24
CA HIS A 1664 41.15 -8.57 87.92
C HIS A 1664 41.65 -7.51 86.94
N SER A 1665 42.06 -7.94 85.74
CA SER A 1665 42.45 -6.95 84.73
C SER A 1665 41.27 -6.08 84.35
N HIS A 1666 40.09 -6.68 84.18
CA HIS A 1666 38.92 -5.87 83.85
C HIS A 1666 38.48 -5.03 85.05
N THR A 1667 38.77 -5.49 86.27
CA THR A 1667 38.52 -4.65 87.44
C THR A 1667 39.40 -3.41 87.43
N LEU A 1668 40.67 -3.56 87.07
CA LEU A 1668 41.55 -2.41 86.93
C LEU A 1668 41.06 -1.49 85.82
N SER A 1669 40.57 -2.07 84.72
CA SER A 1669 39.99 -1.26 83.66
C SER A 1669 38.78 -0.47 84.17
N LEU A 1670 37.95 -1.09 85.01
CA LEU A 1670 36.80 -0.39 85.56
C LEU A 1670 37.23 0.73 86.49
N TYR A 1671 38.26 0.48 87.31
CA TYR A 1671 38.83 1.56 88.11
C TYR A 1671 39.21 2.75 87.23
N ARG A 1672 39.93 2.46 86.15
CA ARG A 1672 40.36 3.51 85.24
C ARG A 1672 39.15 4.24 84.64
N SER A 1673 38.12 3.49 84.26
CA SER A 1673 36.94 4.11 83.68
C SER A 1673 36.24 5.03 84.67
N VAL A 1674 36.11 4.59 85.93
CA VAL A 1674 35.38 5.39 86.90
C VAL A 1674 36.17 6.64 87.28
N CYS A 1675 37.50 6.60 87.25
CA CYS A 1675 38.28 7.81 87.50
C CYS A 1675 38.66 8.54 86.21
N ALA A 1676 38.13 8.10 85.08
CA ALA A 1676 38.57 8.62 83.79
C ALA A 1676 38.17 10.07 83.59
N LEU A 1677 38.98 10.77 82.78
CA LEU A 1677 38.65 12.10 82.27
C LEU A 1677 38.33 13.09 83.39
N GLY A 1678 39.22 13.18 84.37
CA GLY A 1678 39.18 14.25 85.34
C GLY A 1678 38.27 14.06 86.52
N ASN A 1679 38.00 12.82 86.92
CA ASN A 1679 37.20 12.55 88.12
C ASN A 1679 38.16 12.45 89.31
N ASN A 1680 38.61 13.61 89.77
CA ASN A 1680 39.60 13.65 90.85
C ASN A 1680 39.02 13.09 92.14
N ARG A 1681 37.75 13.33 92.40
CA ARG A 1681 37.12 12.78 93.59
C ARG A 1681 37.12 11.25 93.56
N VAL A 1682 36.79 10.67 92.41
CA VAL A 1682 36.81 9.22 92.29
C VAL A 1682 38.24 8.69 92.37
N ALA A 1683 39.21 9.46 91.86
CA ALA A 1683 40.61 9.05 92.00
C ALA A 1683 41.02 9.02 93.48
N HIS A 1684 40.61 10.04 94.24
CA HIS A 1684 40.87 10.04 95.67
C HIS A 1684 40.21 8.83 96.33
N ALA A 1685 38.99 8.50 95.91
CA ALA A 1685 38.31 7.33 96.46
C ALA A 1685 39.09 6.05 96.15
N LEU A 1686 39.58 5.92 94.92
CA LEU A 1686 40.31 4.72 94.51
C LEU A 1686 41.68 4.62 95.17
N CYS A 1687 42.28 5.73 95.58
CA CYS A 1687 43.56 5.66 96.27
C CYS A 1687 43.45 4.84 97.55
N SER A 1688 42.23 4.69 98.09
CA SER A 1688 42.05 3.83 99.25
C SER A 1688 42.11 2.36 98.86
N HIS A 1689 41.49 2.01 97.73
CA HIS A 1689 41.44 0.60 97.33
C HIS A 1689 42.77 0.13 96.77
N VAL A 1690 43.45 0.98 96.01
CA VAL A 1690 44.77 0.69 95.45
C VAL A 1690 45.71 1.78 95.93
N ASP A 1691 46.54 1.45 96.91
CA ASP A 1691 47.32 2.44 97.63
C ASP A 1691 48.63 2.72 96.88
N GLN A 1692 49.31 3.79 97.32
CA GLN A 1692 50.55 4.21 96.69
C GLN A 1692 51.60 3.10 96.75
N ALA A 1693 51.75 2.46 97.92
CA ALA A 1693 52.71 1.38 98.04
C ALA A 1693 52.37 0.23 97.10
N GLN A 1694 51.08 -0.10 97.01
CA GLN A 1694 50.65 -1.13 96.06
C GLN A 1694 51.08 -0.77 94.64
N LEU A 1695 50.81 0.46 94.22
CA LEU A 1695 51.14 0.88 92.86
C LEU A 1695 52.65 0.84 92.61
N LEU A 1696 53.46 1.33 93.55
CA LEU A 1696 54.90 1.35 93.34
C LEU A 1696 55.46 -0.08 93.30
N HIS A 1697 54.98 -0.94 94.19
CA HIS A 1697 55.43 -2.32 94.18
C HIS A 1697 55.05 -3.02 92.89
N ALA A 1698 53.84 -2.76 92.38
CA ALA A 1698 53.46 -3.33 91.09
C ALA A 1698 54.31 -2.78 89.96
N LEU A 1699 54.63 -1.49 90.00
CA LEU A 1699 55.50 -0.91 88.97
C LEU A 1699 56.85 -1.60 88.94
N GLU A 1700 57.46 -1.79 90.11
CA GLU A 1700 58.80 -2.36 90.18
C GLU A 1700 58.80 -3.89 90.12
N ASP A 1701 57.64 -4.53 90.19
CA ASP A 1701 57.58 -5.98 90.12
C ASP A 1701 57.93 -6.46 88.72
N ALA A 1702 58.60 -7.61 88.65
CA ALA A 1702 59.00 -8.21 87.39
C ALA A 1702 58.24 -9.48 87.04
N ARG A 1703 57.65 -10.16 88.03
CA ARG A 1703 56.98 -11.43 87.79
C ARG A 1703 55.49 -11.28 87.51
N LEU A 1704 54.95 -10.07 87.54
CA LEU A 1704 53.52 -9.88 87.30
C LEU A 1704 53.19 -10.31 85.88
N PRO A 1705 52.00 -10.89 85.64
CA PRO A 1705 51.57 -11.12 84.27
C PRO A 1705 51.53 -9.81 83.50
N GLY A 1706 51.68 -9.90 82.19
CA GLY A 1706 51.73 -8.73 81.35
C GLY A 1706 50.47 -7.88 81.46
N PRO A 1707 49.30 -8.52 81.37
CA PRO A 1707 48.05 -7.76 81.52
C PRO A 1707 47.96 -7.01 82.84
N LEU A 1708 48.31 -7.66 83.95
CA LEU A 1708 48.24 -6.99 85.25
C LEU A 1708 49.27 -5.89 85.39
N ARG A 1709 50.48 -6.10 84.88
CA ARG A 1709 51.52 -5.06 84.93
C ARG A 1709 51.07 -3.83 84.15
N ALA A 1710 50.56 -4.03 82.92
CA ALA A 1710 50.07 -2.91 82.13
C ALA A 1710 48.89 -2.23 82.83
N GLY A 1711 48.00 -3.03 83.41
CA GLY A 1711 46.85 -2.45 84.10
C GLY A 1711 47.27 -1.59 85.27
N TYR A 1712 48.27 -2.03 86.03
CA TYR A 1712 48.71 -1.26 87.19
C TYR A 1712 49.44 0.01 86.77
N TYR A 1713 50.27 -0.07 85.72
CA TYR A 1713 50.90 1.14 85.21
C TYR A 1713 49.85 2.15 84.76
N ASP A 1714 48.88 1.69 83.98
CA ASP A 1714 47.83 2.59 83.50
C ASP A 1714 46.98 3.11 84.65
N LEU A 1715 46.78 2.30 85.69
CA LEU A 1715 46.03 2.77 86.86
C LEU A 1715 46.79 3.88 87.58
N LEU A 1716 48.10 3.73 87.75
CA LEU A 1716 48.88 4.81 88.34
C LEU A 1716 48.72 6.08 87.51
N ILE A 1717 48.88 5.97 86.20
CA ILE A 1717 48.78 7.15 85.35
C ILE A 1717 47.40 7.79 85.46
N SER A 1718 46.35 6.96 85.43
CA SER A 1718 44.99 7.49 85.48
C SER A 1718 44.69 8.15 86.81
N ILE A 1719 45.12 7.53 87.92
CA ILE A 1719 44.78 8.05 89.23
C ILE A 1719 45.53 9.36 89.49
N HIS A 1720 46.82 9.41 89.19
CA HIS A 1720 47.66 10.51 89.64
C HIS A 1720 48.02 11.52 88.55
N LEU A 1721 48.37 11.05 87.35
CA LEU A 1721 49.02 11.90 86.37
C LEU A 1721 48.15 12.30 85.19
N GLU A 1722 47.03 11.61 84.96
CA GLU A 1722 46.31 11.79 83.71
C GLU A 1722 45.73 13.19 83.58
N SER A 1723 45.13 13.72 84.65
CA SER A 1723 44.49 15.04 84.55
C SER A 1723 45.52 16.13 84.30
N ALA A 1724 46.62 16.12 85.06
CA ALA A 1724 47.66 17.11 84.86
C ALA A 1724 48.28 16.99 83.47
N CYS A 1725 48.49 15.76 83.01
CA CYS A 1725 49.03 15.57 81.67
C CYS A 1725 48.09 16.13 80.62
N ARG A 1726 46.79 15.90 80.77
CA ARG A 1726 45.82 16.44 79.81
C ARG A 1726 45.84 17.95 79.80
N SER A 1727 45.83 18.58 80.98
CA SER A 1727 45.83 20.04 81.03
C SER A 1727 47.10 20.61 80.42
N ARG A 1728 48.26 20.05 80.77
CA ARG A 1728 49.50 20.55 80.22
C ARG A 1728 49.58 20.35 78.71
N ARG A 1729 49.11 19.21 78.20
CA ARG A 1729 49.08 18.99 76.76
C ARG A 1729 48.17 19.99 76.07
N SER A 1730 47.01 20.30 76.67
CA SER A 1730 46.14 21.31 76.10
C SER A 1730 46.82 22.67 76.05
N MET A 1731 47.56 23.02 77.10
CA MET A 1731 48.20 24.33 77.19
C MET A 1731 49.49 24.43 76.39
N LEU A 1732 50.11 23.31 76.01
CA LEU A 1732 51.38 23.35 75.27
C LEU A 1732 51.23 23.89 73.85
N SER A 1733 50.01 24.02 73.34
CA SER A 1733 49.85 24.44 71.95
C SER A 1733 50.08 25.93 71.78
N GLU A 1734 49.99 26.69 72.86
CA GLU A 1734 50.15 28.14 72.79
C GLU A 1734 51.46 28.57 73.45
N TYR A 1735 52.03 29.67 72.97
CA TYR A 1735 53.28 30.21 73.47
C TYR A 1735 53.07 31.66 73.88
N ILE A 1736 52.96 31.90 75.18
CA ILE A 1736 52.87 33.24 75.74
C ILE A 1736 54.22 33.52 76.40
N VAL A 1737 54.96 34.47 75.84
CA VAL A 1737 56.36 34.72 76.21
C VAL A 1737 56.41 36.03 77.00
N PRO A 1738 56.62 35.99 78.32
CA PRO A 1738 56.83 37.24 79.06
C PRO A 1738 58.15 37.87 78.68
N LEU A 1739 58.22 39.19 78.76
CA LEU A 1739 59.42 39.92 78.38
C LEU A 1739 60.39 40.00 79.56
N THR A 1740 60.71 38.85 80.14
CA THR A 1740 61.61 38.79 81.28
C THR A 1740 63.07 38.72 80.81
N PRO A 1741 64.02 38.99 81.71
CA PRO A 1741 65.44 38.84 81.31
C PRO A 1741 65.78 37.45 80.84
N GLU A 1742 65.13 36.43 81.39
CA GLU A 1742 65.34 35.07 80.92
C GLU A 1742 64.99 34.95 79.44
N THR A 1743 63.88 35.57 79.03
CA THR A 1743 63.50 35.57 77.62
C THR A 1743 64.58 36.23 76.76
N ARG A 1744 65.10 37.37 77.21
CA ARG A 1744 66.17 38.03 76.47
C ARG A 1744 67.39 37.13 76.34
N ALA A 1745 67.67 36.35 77.39
CA ALA A 1745 68.83 35.46 77.37
C ALA A 1745 68.71 34.34 76.34
N ILE A 1746 67.51 34.08 75.81
CA ILE A 1746 67.34 32.95 74.89
C ILE A 1746 67.92 33.28 73.53
N THR A 1747 68.59 32.30 72.93
CA THR A 1747 69.12 32.42 71.58
C THR A 1747 68.88 31.10 70.83
N LEU A 1748 68.77 31.20 69.51
CA LEU A 1748 68.53 30.00 68.71
C LEU A 1748 69.60 28.95 68.95
N PHE A 1749 70.87 29.34 68.83
CA PHE A 1749 71.97 28.39 68.90
C PHE A 1749 72.78 28.60 70.18
N PRO A 1750 73.27 27.54 70.81
CA PRO A 1750 74.05 27.72 72.03
C PRO A 1750 75.32 28.49 71.74
N PRO A 1751 75.82 29.26 72.73
CA PRO A 1751 77.07 29.99 72.51
C PRO A 1751 78.20 29.08 72.05
N GLY A 1752 78.68 29.31 70.83
CA GLY A 1752 79.73 28.46 70.27
C GLY A 1752 80.42 29.14 69.12
N ARG A 1753 81.44 28.45 68.59
CA ARG A 1753 82.27 28.97 67.51
C ARG A 1753 82.34 28.01 66.34
N SER A 1754 81.56 26.92 66.35
CA SER A 1754 81.74 25.86 65.34
C SER A 1754 81.48 26.39 63.93
N ALA A 1755 80.43 27.19 63.76
CA ALA A 1755 80.06 27.70 62.44
C ALA A 1755 79.55 29.12 62.57
N GLU A 1756 79.57 29.84 61.44
CA GLU A 1756 79.19 31.26 61.44
C GLU A 1756 77.72 31.42 61.83
N ASP A 1757 76.84 30.67 61.19
CA ASP A 1757 75.40 30.73 61.50
C ASP A 1757 75.10 29.93 62.76
N GLY A 1758 75.75 30.36 63.85
CA GLY A 1758 75.72 29.61 65.08
C GLY A 1758 76.42 28.28 64.91
N PRO A 1759 76.75 27.61 66.01
CA PRO A 1759 77.35 26.28 65.89
C PRO A 1759 76.44 25.35 65.11
N ARG A 1760 77.05 24.55 64.22
CA ARG A 1760 76.27 23.61 63.43
C ARG A 1760 75.49 22.66 64.33
N ARG A 1761 76.01 22.36 65.51
CA ARG A 1761 75.29 21.55 66.47
C ARG A 1761 74.23 22.38 67.20
N HIS A 1762 73.04 21.82 67.30
CA HIS A 1762 71.99 22.42 68.11
C HIS A 1762 72.20 22.07 69.58
N GLY A 1763 71.45 22.74 70.45
CA GLY A 1763 71.36 22.31 71.82
C GLY A 1763 70.48 21.08 71.95
N LEU A 1764 70.68 20.34 73.04
CA LEU A 1764 69.90 19.13 73.24
C LEU A 1764 68.43 19.50 73.38
N PRO A 1765 67.54 18.90 72.58
CA PRO A 1765 66.13 19.32 72.61
C PRO A 1765 65.52 19.10 73.99
N GLY A 1766 64.70 20.06 74.41
CA GLY A 1766 64.04 19.99 75.70
C GLY A 1766 64.88 20.42 76.87
N VAL A 1767 66.16 20.72 76.65
CA VAL A 1767 67.08 21.10 77.72
C VAL A 1767 67.41 22.58 77.56
N GLY A 1768 67.25 23.34 78.62
CA GLY A 1768 67.59 24.75 78.63
C GLY A 1768 66.49 25.56 79.27
N VAL A 1769 66.52 26.86 79.02
CA VAL A 1769 65.56 27.79 79.62
C VAL A 1769 64.38 27.94 78.67
N THR A 1770 63.17 27.74 79.21
CA THR A 1770 61.93 27.99 78.48
C THR A 1770 61.06 28.89 79.33
N THR A 1771 60.69 30.04 78.78
CA THR A 1771 59.95 31.05 79.53
C THR A 1771 58.49 31.13 79.15
N SER A 1772 58.03 30.32 78.19
CA SER A 1772 56.62 30.32 77.83
C SER A 1772 55.78 29.96 79.04
N LEU A 1773 54.67 30.67 79.23
CA LEU A 1773 53.86 30.49 80.43
C LEU A 1773 53.09 29.18 80.34
N ARG A 1774 53.24 28.35 81.37
CA ARG A 1774 52.44 27.15 81.57
C ARG A 1774 51.99 27.13 83.02
N PRO A 1775 50.69 27.02 83.30
CA PRO A 1775 50.24 27.04 84.69
C PRO A 1775 50.78 25.86 85.46
N PRO A 1776 51.06 26.01 86.76
CA PRO A 1776 51.63 24.90 87.51
C PRO A 1776 50.62 23.79 87.74
N HIS A 1777 51.12 22.67 88.27
CA HIS A 1777 50.26 21.55 88.63
C HIS A 1777 49.80 21.69 90.07
N HIS A 1778 48.58 21.23 90.34
CA HIS A 1778 47.99 21.28 91.67
C HIS A 1778 47.55 19.88 92.07
N PHE A 1779 47.97 19.45 93.26
CA PHE A 1779 47.65 18.12 93.77
C PHE A 1779 47.24 18.23 95.23
N SER A 1780 46.40 17.30 95.67
CA SER A 1780 45.94 17.28 97.05
C SER A 1780 46.36 15.98 97.73
N PRO A 1781 46.83 16.02 98.97
CA PRO A 1781 47.24 14.77 99.65
C PRO A 1781 46.08 13.81 99.76
N PRO A 1782 46.31 12.51 99.54
CA PRO A 1782 45.25 11.53 99.81
C PRO A 1782 45.13 11.22 101.29
N CYS A 1783 44.09 11.74 101.93
CA CYS A 1783 43.87 11.54 103.35
C CYS A 1783 42.38 11.29 103.60
N PHE A 1784 42.09 10.23 104.34
CA PHE A 1784 40.70 9.81 104.58
C PHE A 1784 40.32 9.91 106.05
N VAL A 1785 41.04 10.71 106.83
CA VAL A 1785 40.67 11.03 108.21
C VAL A 1785 40.36 12.51 108.39
N VAL A 1786 40.37 13.29 107.31
CA VAL A 1786 40.05 14.71 107.41
C VAL A 1786 38.54 14.90 107.44
N ALA A 1787 38.10 15.99 108.06
CA ALA A 1787 36.68 16.28 108.17
C ALA A 1787 36.13 16.74 106.83
N LEU A 1788 34.99 16.17 106.44
CA LEU A 1788 34.33 16.57 105.21
C LEU A 1788 33.70 17.96 105.40
N PRO A 1789 33.54 18.72 104.32
CA PRO A 1789 32.91 20.03 104.44
C PRO A 1789 31.53 19.93 105.08
N ALA A 1790 31.26 20.84 106.01
CA ALA A 1790 29.96 20.85 106.69
C ALA A 1790 28.83 21.10 105.70
N ALA A 1791 29.04 22.01 104.75
CA ALA A 1791 28.04 22.30 103.75
C ALA A 1791 27.90 21.14 102.77
N GLY A 1792 26.81 21.16 102.01
CA GLY A 1792 26.57 20.11 101.05
C GLY A 1792 27.51 20.18 99.87
N ALA A 1793 27.43 19.14 99.02
CA ALA A 1793 28.27 19.07 97.84
C ALA A 1793 28.01 20.24 96.91
N THR A 1794 28.94 20.51 95.99
CA THR A 1794 28.87 21.64 95.06
C THR A 1794 29.23 22.95 95.75
N GLU A 1795 29.52 22.91 97.05
CA GLU A 1795 30.02 24.11 97.73
C GLU A 1795 31.54 24.18 97.68
N ALA A 1796 32.21 23.09 98.03
CA ALA A 1796 33.67 23.07 98.02
C ALA A 1796 34.19 23.13 96.59
N PRO A 1797 35.41 23.63 96.38
CA PRO A 1797 35.98 23.65 95.03
C PRO A 1797 36.22 22.25 94.51
N ALA A 1798 36.34 22.16 93.19
CA ALA A 1798 36.57 20.88 92.53
C ALA A 1798 37.81 20.20 93.11
N ARG A 1799 37.70 18.90 93.36
CA ARG A 1799 38.78 18.16 93.99
C ARG A 1799 40.01 18.14 93.08
N LEU A 1800 41.18 18.23 93.70
CA LEU A 1800 42.44 18.14 92.97
C LEU A 1800 42.88 16.69 92.89
N SER A 1801 43.75 16.42 91.91
CA SER A 1801 44.24 15.06 91.71
C SER A 1801 45.08 14.62 92.91
N PRO A 1802 45.07 13.33 93.23
CA PRO A 1802 45.89 12.85 94.34
C PRO A 1802 47.38 13.05 94.08
N ALA A 1803 48.12 13.25 95.15
CA ALA A 1803 49.54 13.56 95.09
C ALA A 1803 50.36 12.29 95.30
N ILE A 1804 51.38 12.11 94.45
CA ILE A 1804 52.33 11.00 94.60
C ILE A 1804 53.73 11.59 94.53
N PRO A 1805 54.68 11.13 95.33
CA PRO A 1805 56.02 11.75 95.32
C PRO A 1805 56.62 11.72 93.93
N LEU A 1806 56.69 12.91 93.31
CA LEU A 1806 57.09 12.98 91.91
C LEU A 1806 58.59 12.78 91.76
N GLU A 1807 59.39 13.17 92.76
CA GLU A 1807 60.82 12.93 92.67
C GLU A 1807 61.14 11.44 92.66
N ALA A 1808 60.61 10.72 93.65
CA ALA A 1808 60.81 9.28 93.69
C ALA A 1808 60.25 8.62 92.43
N LEU A 1809 59.08 9.07 91.99
CA LEU A 1809 58.49 8.48 90.80
C LEU A 1809 59.36 8.73 89.56
N ARG A 1810 59.89 9.94 89.41
CA ARG A 1810 60.64 10.25 88.20
C ARG A 1810 61.98 9.56 88.19
N ASP A 1811 62.57 9.32 89.37
CA ASP A 1811 63.79 8.52 89.46
C ASP A 1811 63.51 7.06 89.14
N LYS A 1812 62.44 6.51 89.71
CA LYS A 1812 62.10 5.11 89.47
C LYS A 1812 61.81 4.85 88.01
N ALA A 1813 61.13 5.80 87.35
CA ALA A 1813 60.81 5.62 85.93
C ALA A 1813 62.09 5.49 85.10
N LEU A 1814 63.06 6.40 85.32
CA LEU A 1814 64.30 6.33 84.57
C LEU A 1814 65.06 5.04 84.88
N ARG A 1815 65.10 4.65 86.16
CA ARG A 1815 65.79 3.41 86.50
C ARG A 1815 65.16 2.21 85.80
N MET A 1816 63.83 2.14 85.80
CA MET A 1816 63.15 1.03 85.13
C MET A 1816 63.43 1.07 83.63
N LEU A 1817 63.42 2.25 83.03
CA LEU A 1817 63.67 2.33 81.59
C LEU A 1817 65.08 1.86 81.26
N GLY A 1818 66.06 2.25 82.06
CA GLY A 1818 67.42 1.77 81.82
C GLY A 1818 67.54 0.27 81.98
N GLU A 1819 66.92 -0.27 83.04
CA GLU A 1819 66.96 -1.71 83.24
C GLU A 1819 66.30 -2.45 82.08
N ALA A 1820 65.17 -1.92 81.59
CA ALA A 1820 64.50 -2.53 80.44
C ALA A 1820 65.37 -2.45 79.20
N VAL A 1821 66.05 -1.33 79.00
CA VAL A 1821 66.95 -1.20 77.86
C VAL A 1821 68.01 -2.30 77.89
N ARG A 1822 68.66 -2.46 79.04
CA ARG A 1822 69.71 -3.47 79.13
C ARG A 1822 69.15 -4.87 78.99
N ASP A 1823 67.99 -5.15 79.60
CA ASP A 1823 67.41 -6.48 79.52
C ASP A 1823 67.04 -6.82 78.08
N GLY A 1824 66.44 -5.87 77.36
CA GLY A 1824 66.14 -6.10 75.96
C GLY A 1824 67.38 -6.28 75.12
N GLY A 1825 68.45 -5.55 75.44
CA GLY A 1825 69.71 -5.77 74.75
C GLY A 1825 70.22 -7.19 74.94
N GLN A 1826 70.12 -7.71 76.16
CA GLN A 1826 70.56 -9.09 76.41
C GLN A 1826 69.70 -10.12 75.68
N HIS A 1827 68.43 -9.82 75.42
CA HIS A 1827 67.52 -10.76 74.76
C HIS A 1827 67.39 -12.06 75.56
N ALA A 1828 66.86 -11.94 76.77
CA ALA A 1828 66.58 -13.11 77.59
C ALA A 1828 65.32 -13.81 77.10
N ARG A 1829 65.13 -15.04 77.60
CA ARG A 1829 63.97 -15.83 77.19
C ARG A 1829 62.76 -15.60 78.08
N ASP A 1830 62.87 -14.78 79.12
CA ASP A 1830 61.75 -14.47 79.98
C ASP A 1830 61.62 -12.96 80.17
N PRO A 1831 61.16 -12.24 79.15
CA PRO A 1831 61.02 -10.79 79.28
C PRO A 1831 60.00 -10.43 80.36
N VAL A 1832 60.25 -9.30 81.03
CA VAL A 1832 59.33 -8.84 82.06
C VAL A 1832 57.95 -8.68 81.46
N GLY A 1833 56.95 -9.29 82.10
CA GLY A 1833 55.59 -9.28 81.60
C GLY A 1833 55.29 -10.31 80.54
N GLY A 1834 56.26 -11.16 80.18
CA GLY A 1834 56.06 -12.21 79.22
C GLY A 1834 56.37 -11.85 77.79
N SER A 1835 56.68 -10.59 77.49
CA SER A 1835 57.01 -10.19 76.14
C SER A 1835 57.69 -8.83 76.17
N VAL A 1836 58.39 -8.52 75.07
CA VAL A 1836 59.08 -7.24 74.96
C VAL A 1836 58.08 -6.09 75.03
N GLU A 1837 56.92 -6.27 74.40
CA GLU A 1837 55.92 -5.21 74.42
C GLU A 1837 55.44 -4.91 75.85
N PHE A 1838 55.15 -5.95 76.62
CA PHE A 1838 54.74 -5.75 78.00
C PHE A 1838 55.88 -5.25 78.87
N GLN A 1839 57.13 -5.56 78.50
CA GLN A 1839 58.26 -5.02 79.24
C GLN A 1839 58.43 -3.52 79.01
N PHE A 1840 58.21 -3.06 77.78
CA PHE A 1840 58.54 -1.69 77.40
C PHE A 1840 57.36 -0.72 77.45
N VAL A 1841 56.25 -1.06 76.82
CA VAL A 1841 55.17 -0.10 76.57
C VAL A 1841 54.74 0.61 77.85
N PRO A 1842 54.53 -0.10 78.97
CA PRO A 1842 54.14 0.62 80.20
C PRO A 1842 55.16 1.63 80.67
N VAL A 1843 56.44 1.25 80.67
CA VAL A 1843 57.49 2.15 81.14
C VAL A 1843 57.56 3.37 80.23
N LEU A 1844 57.49 3.17 78.92
CA LEU A 1844 57.51 4.30 77.99
C LEU A 1844 56.28 5.18 78.13
N LYS A 1845 55.12 4.60 78.40
CA LYS A 1845 53.93 5.41 78.65
C LYS A 1845 54.12 6.29 79.88
N LEU A 1846 54.64 5.71 80.97
CA LEU A 1846 54.90 6.50 82.17
C LEU A 1846 55.90 7.62 81.89
N VAL A 1847 56.98 7.30 81.17
CA VAL A 1847 58.00 8.31 80.89
C VAL A 1847 57.43 9.43 80.03
N SER A 1848 56.63 9.08 79.01
CA SER A 1848 56.02 10.09 78.16
C SER A 1848 55.07 10.97 78.96
N THR A 1849 54.27 10.37 79.84
CA THR A 1849 53.36 11.16 80.67
C THR A 1849 54.14 12.14 81.53
N LEU A 1850 55.22 11.67 82.16
CA LEU A 1850 56.01 12.55 83.01
C LEU A 1850 56.64 13.68 82.19
N LEU A 1851 57.17 13.35 81.02
CA LEU A 1851 57.77 14.38 80.16
C LEU A 1851 56.73 15.44 79.78
N VAL A 1852 55.55 15.00 79.34
CA VAL A 1852 54.52 15.96 78.94
C VAL A 1852 54.11 16.81 80.13
N MET A 1853 54.03 16.21 81.32
CA MET A 1853 53.81 17.01 82.52
C MET A 1853 54.94 18.01 82.73
N GLY A 1854 56.13 17.70 82.21
CA GLY A 1854 57.28 18.55 82.38
C GLY A 1854 58.00 18.39 83.70
N VAL A 1855 57.72 17.31 84.43
CA VAL A 1855 58.33 17.11 85.74
C VAL A 1855 59.82 16.86 85.60
N PHE A 1856 60.23 16.17 84.55
CA PHE A 1856 61.62 15.76 84.41
C PHE A 1856 62.54 16.98 84.36
N SER A 1857 63.67 16.88 85.05
CA SER A 1857 64.65 17.96 85.07
C SER A 1857 65.60 17.84 83.87
N ASP A 1858 66.56 18.76 83.81
CA ASP A 1858 67.49 18.79 82.69
C ASP A 1858 68.35 17.52 82.65
N GLU A 1859 68.86 17.10 83.80
CA GLU A 1859 69.68 15.89 83.85
C GLU A 1859 68.85 14.67 83.44
N ASP A 1860 67.60 14.61 83.90
CA ASP A 1860 66.74 13.50 83.53
C ASP A 1860 66.46 13.48 82.03
N VAL A 1861 66.22 14.66 81.45
CA VAL A 1861 66.01 14.74 80.01
C VAL A 1861 67.25 14.30 79.25
N LYS A 1862 68.44 14.69 79.73
CA LYS A 1862 69.67 14.24 79.11
C LYS A 1862 69.82 12.72 79.18
N GLN A 1863 69.49 12.11 80.32
CA GLN A 1863 69.54 10.67 80.42
C GLN A 1863 68.56 10.01 79.46
N ILE A 1864 67.35 10.55 79.36
CA ILE A 1864 66.36 9.98 78.43
C ILE A 1864 66.86 10.09 77.00
N LEU A 1865 67.43 11.23 76.63
CA LEU A 1865 67.97 11.40 75.29
C LEU A 1865 69.12 10.43 75.02
N LYS A 1866 69.99 10.22 76.00
CA LYS A 1866 71.06 9.25 75.84
C LYS A 1866 70.50 7.86 75.63
N MET A 1867 69.46 7.50 76.38
CA MET A 1867 68.82 6.20 76.16
C MET A 1867 68.23 6.10 74.76
N ILE A 1868 67.61 7.18 74.29
CA ILE A 1868 66.99 7.15 72.96
C ILE A 1868 68.04 6.94 71.89
N GLU A 1869 69.11 7.74 71.93
CA GLU A 1869 70.18 7.62 70.95
C GLU A 1869 71.49 8.13 71.57
N PRO A 1870 72.39 7.24 71.99
CA PRO A 1870 73.60 7.73 72.68
C PRO A 1870 74.45 8.67 71.86
N GLU A 1871 74.75 8.32 70.60
CA GLU A 1871 75.73 9.08 69.83
C GLU A 1871 75.21 10.47 69.49
N VAL A 1872 74.00 10.57 68.96
CA VAL A 1872 73.51 11.85 68.46
C VAL A 1872 73.37 12.84 69.61
N PHE A 1873 72.69 12.43 70.68
CA PHE A 1873 72.47 13.29 71.84
C PHE A 1873 73.56 13.07 72.89
N ARG A 1874 74.80 13.30 72.46
CA ARG A 1874 75.98 13.10 73.29
C ARG A 1874 76.60 14.45 73.58
N GLU A 1875 76.66 14.81 74.86
CA GLU A 1875 77.24 16.09 75.26
C GLU A 1875 78.74 16.08 75.00
N GLU A 1876 79.23 17.16 74.38
CA GLU A 1876 80.65 17.31 74.09
C GLU A 1876 81.24 16.05 73.47
N LEU A 1923 74.59 -0.81 77.20
CA LEU A 1923 74.37 -1.24 75.83
C LEU A 1923 74.51 -0.05 74.88
N GLU A 1924 75.38 -0.18 73.88
CA GLU A 1924 75.57 0.90 72.93
C GLU A 1924 74.33 1.13 72.09
N GLU A 1925 73.62 0.06 71.71
CA GLU A 1925 72.44 0.20 70.89
C GLU A 1925 71.37 1.03 71.59
N GLY A 1926 70.79 1.97 70.87
CA GLY A 1926 69.73 2.80 71.42
C GLY A 1926 68.35 2.21 71.22
N LEU A 1927 67.38 2.81 71.91
CA LEU A 1927 66.00 2.36 71.78
C LEU A 1927 65.52 2.45 70.33
N LEU A 1928 66.02 3.44 69.59
CA LEU A 1928 65.61 3.60 68.20
C LEU A 1928 66.21 2.50 67.32
N GLN A 1929 67.41 2.02 67.67
CA GLN A 1929 68.10 1.01 66.90
C GLN A 1929 67.94 -0.39 67.48
N MET A 1930 67.07 -0.56 68.47
CA MET A 1930 66.98 -1.81 69.22
C MET A 1930 66.03 -2.84 68.60
N LYS A 1931 65.44 -2.56 67.44
CA LYS A 1931 64.58 -3.56 66.79
C LYS A 1931 63.42 -3.95 67.68
N LEU A 1932 62.52 -3.02 67.96
CA LEU A 1932 61.40 -3.20 68.86
C LEU A 1932 60.10 -3.45 68.10
N PRO A 1933 59.07 -3.93 68.79
CA PRO A 1933 57.77 -4.12 68.13
C PRO A 1933 57.13 -2.80 67.72
N GLU A 1934 55.94 -2.91 67.13
CA GLU A 1934 55.29 -1.74 66.53
C GLU A 1934 54.74 -0.80 67.60
N SER A 1935 54.10 -1.36 68.64
CA SER A 1935 53.55 -0.51 69.68
C SER A 1935 54.66 0.26 70.41
N VAL A 1936 55.77 -0.42 70.70
CA VAL A 1936 56.91 0.27 71.30
C VAL A 1936 57.41 1.37 70.36
N LYS A 1937 57.36 1.12 69.06
CA LYS A 1937 57.69 2.16 68.10
C LYS A 1937 56.72 3.33 68.21
N LEU A 1938 55.45 3.05 68.48
CA LEU A 1938 54.48 4.12 68.68
C LEU A 1938 54.84 4.98 69.89
N GLN A 1939 55.21 4.33 70.99
CA GLN A 1939 55.62 5.09 72.17
C GLN A 1939 56.87 5.92 71.88
N MET A 1940 57.83 5.34 71.16
CA MET A 1940 59.02 6.09 70.79
C MET A 1940 58.67 7.27 69.89
N CYS A 1941 57.67 7.10 69.02
CA CYS A 1941 57.21 8.20 68.20
C CYS A 1941 56.62 9.31 69.06
N HIS A 1942 55.88 8.94 70.10
CA HIS A 1942 55.36 9.96 71.02
C HIS A 1942 56.50 10.72 71.68
N LEU A 1943 57.55 10.01 72.11
CA LEU A 1943 58.70 10.69 72.71
C LEU A 1943 59.34 11.67 71.72
N LEU A 1944 59.54 11.21 70.49
CA LEU A 1944 60.14 12.08 69.48
C LEU A 1944 59.24 13.27 69.18
N GLU A 1945 57.93 13.08 69.19
CA GLU A 1945 57.01 14.20 69.01
C GLU A 1945 57.17 15.22 70.12
N TYR A 1946 57.31 14.76 71.37
CA TYR A 1946 57.54 15.70 72.47
C TYR A 1946 58.81 16.51 72.25
N PHE A 1947 59.90 15.84 71.84
CA PHE A 1947 61.15 16.56 71.67
C PHE A 1947 61.08 17.54 70.50
N CYS A 1948 60.40 17.16 69.42
CA CYS A 1948 60.21 18.08 68.30
C CYS A 1948 59.38 19.30 68.73
N ASP A 1949 58.33 19.08 69.52
CA ASP A 1949 57.55 20.19 70.04
C ASP A 1949 58.40 21.12 70.90
N GLN A 1950 59.30 20.55 71.71
CA GLN A 1950 60.22 21.37 72.49
C GLN A 1950 61.14 22.21 71.60
N GLU A 1951 61.65 21.62 70.51
CA GLU A 1951 62.47 22.42 69.58
C GLU A 1951 61.65 23.54 68.96
N LEU A 1952 60.39 23.27 68.61
CA LEU A 1952 59.54 24.33 68.07
C LEU A 1952 59.33 25.44 69.08
N GLN A 1953 59.11 25.08 70.35
CA GLN A 1953 58.99 26.07 71.41
C GLN A 1953 60.26 26.91 71.51
N HIS A 1954 61.41 26.26 71.41
CA HIS A 1954 62.68 26.99 71.46
C HIS A 1954 62.76 27.99 70.32
N ARG A 1955 62.38 27.59 69.11
CA ARG A 1955 62.42 28.52 67.99
C ARG A 1955 61.50 29.72 68.24
N VAL A 1956 60.28 29.46 68.73
CA VAL A 1956 59.34 30.54 68.96
C VAL A 1956 59.89 31.51 70.00
N GLU A 1957 60.44 30.97 71.09
CA GLU A 1957 60.95 31.84 72.16
C GLU A 1957 62.16 32.65 71.67
N SER A 1958 63.04 32.04 70.88
CA SER A 1958 64.17 32.78 70.33
C SER A 1958 63.69 33.93 69.43
N LEU A 1959 62.68 33.65 68.61
CA LEU A 1959 62.13 34.71 67.77
C LEU A 1959 61.54 35.83 68.61
N ALA A 1960 60.85 35.47 69.71
CA ALA A 1960 60.28 36.50 70.57
C ALA A 1960 61.37 37.38 71.19
N ALA A 1961 62.45 36.76 71.65
CA ALA A 1961 63.54 37.54 72.25
C ALA A 1961 64.18 38.47 71.22
N PHE A 1962 64.43 37.95 70.01
CA PHE A 1962 65.00 38.79 68.97
C PHE A 1962 64.06 39.95 68.64
N ALA A 1963 62.75 39.68 68.66
CA ALA A 1963 61.80 40.76 68.46
C ALA A 1963 61.92 41.81 69.55
N GLU A 1964 62.05 41.36 70.81
CA GLU A 1964 62.24 42.30 71.91
C GLU A 1964 63.40 43.24 71.64
N CYS A 1965 64.55 42.69 71.26
CA CYS A 1965 65.71 43.56 71.01
C CYS A 1965 65.51 44.44 69.79
N TYR A 1966 65.09 43.85 68.68
CA TYR A 1966 65.08 44.56 67.40
C TYR A 1966 64.03 45.68 67.41
N VAL A 1967 62.88 45.44 68.02
CA VAL A 1967 61.86 46.48 68.06
C VAL A 1967 62.31 47.65 68.92
N ASP A 1968 63.03 47.39 70.00
CA ASP A 1968 63.60 48.48 70.78
C ASP A 1968 64.57 49.29 69.94
N LYS A 1969 65.43 48.62 69.18
CA LYS A 1969 66.34 49.34 68.30
C LYS A 1969 65.57 50.21 67.32
N MET A 1970 64.55 49.64 66.68
CA MET A 1970 63.78 50.40 65.69
C MET A 1970 63.09 51.59 66.33
N GLN A 1971 62.52 51.42 67.52
CA GLN A 1971 61.83 52.52 68.18
C GLN A 1971 62.80 53.64 68.53
N GLY A 1972 63.98 53.30 69.03
CA GLY A 1972 64.97 54.33 69.31
C GLY A 1972 65.37 55.10 68.07
N ASN A 1973 65.66 54.38 66.99
CA ASN A 1973 66.04 55.07 65.77
C ASN A 1973 64.89 55.91 65.22
N GLN A 1974 63.65 55.45 65.41
CA GLN A 1974 62.49 56.20 64.99
C GLN A 1974 62.37 57.51 65.77
N ARG A 1975 62.60 57.45 67.09
CA ARG A 1975 62.68 58.67 67.88
C ARG A 1975 63.73 59.62 67.33
N GLY A 1976 64.92 59.11 67.02
CA GLY A 1976 65.97 59.97 66.48
C GLY A 1976 65.57 60.63 65.17
N ARG A 1977 64.97 59.84 64.28
CA ARG A 1977 64.58 60.35 62.98
C ARG A 1977 63.49 61.41 63.10
N TYR A 1978 62.49 61.19 63.96
CA TYR A 1978 61.52 62.24 64.22
C TYR A 1978 62.17 63.49 64.80
N GLY A 1979 63.14 63.32 65.71
CA GLY A 1979 63.84 64.48 66.21
C GLY A 1979 64.47 65.30 65.11
N LEU A 1980 65.20 64.66 64.21
CA LEU A 1980 65.81 65.40 63.10
C LEU A 1980 64.75 66.01 62.18
N LEU A 1981 63.69 65.25 61.88
CA LEU A 1981 62.68 65.73 60.94
C LEU A 1981 61.96 66.95 61.50
N MET A 1982 61.79 67.02 62.82
CA MET A 1982 61.17 68.21 63.48
C MET A 1982 62.21 69.32 63.59
N LYS A 1983 63.50 68.97 63.70
CA LYS A 1983 64.61 69.97 63.72
C LYS A 1983 64.70 70.57 62.31
N ALA A 1984 64.05 69.96 61.32
CA ALA A 1984 63.99 70.48 59.93
C ALA A 1984 62.93 71.58 59.95
N PHE A 1985 63.24 72.82 59.57
CA PHE A 1985 62.31 73.94 59.64
C PHE A 1985 61.62 74.13 58.28
N THR A 1986 60.85 73.10 57.91
CA THR A 1986 60.01 73.15 56.71
C THR A 1986 60.72 73.80 55.53
N MET A 1987 62.00 73.45 55.32
CA MET A 1987 62.74 74.05 54.22
C MET A 1987 62.10 73.73 52.88
N SER A 1988 61.68 72.48 52.69
CA SER A 1988 61.03 72.05 51.46
C SER A 1988 59.83 71.19 51.83
N ALA A 1989 58.63 71.72 51.62
CA ALA A 1989 57.42 70.99 51.98
C ALA A 1989 57.32 69.67 51.21
N ALA A 1990 57.76 69.67 49.95
CA ALA A 1990 57.66 68.47 49.13
C ALA A 1990 58.36 67.28 49.77
N GLU A 1991 59.41 67.54 50.55
CA GLU A 1991 60.12 66.48 51.26
C GLU A 1991 59.67 66.34 52.71
N THR A 1992 59.31 67.45 53.36
CA THR A 1992 58.82 67.37 54.74
C THR A 1992 57.56 66.51 54.81
N ALA A 1993 56.58 66.78 53.95
CA ALA A 1993 55.36 65.99 53.94
C ALA A 1993 55.66 64.54 53.55
N ARG A 1994 56.57 64.35 52.59
CA ARG A 1994 56.93 63.00 52.17
C ARG A 1994 57.48 62.19 53.33
N ARG A 1995 58.34 62.79 54.14
CA ARG A 1995 58.90 62.10 55.30
C ARG A 1995 57.86 61.91 56.39
N THR A 1996 56.98 62.91 56.58
CA THR A 1996 56.06 62.87 57.72
C THR A 1996 54.83 61.99 57.44
N ARG A 1997 54.55 61.66 56.19
CA ARG A 1997 53.49 60.71 55.90
C ARG A 1997 53.80 59.36 56.53
N GLU A 1998 55.06 58.95 56.50
CA GLU A 1998 55.49 57.76 57.22
C GLU A 1998 54.89 57.73 58.62
N PHE A 1999 55.17 58.76 59.41
CA PHE A 1999 54.78 58.77 60.81
C PHE A 1999 53.29 59.03 60.98
N ARG A 2000 52.64 59.67 60.01
CA ARG A 2000 51.19 59.78 60.01
C ARG A 2000 50.51 58.45 59.74
N SER A 2001 51.21 57.51 59.12
CA SER A 2001 50.63 56.20 58.86
C SER A 2001 50.47 55.42 60.16
N PRO A 2002 49.56 54.45 60.20
CA PRO A 2002 49.34 53.67 61.43
C PRO A 2002 50.57 52.85 61.79
N PRO A 2003 50.72 52.50 63.08
CA PRO A 2003 51.96 51.81 63.49
C PRO A 2003 52.19 50.48 62.80
N GLN A 2004 51.15 49.72 62.48
CA GLN A 2004 51.36 48.44 61.81
C GLN A 2004 51.97 48.65 60.43
N GLU A 2005 51.44 49.61 59.66
CA GLU A 2005 52.03 49.94 58.37
C GLU A 2005 53.41 50.57 58.53
N GLN A 2006 53.64 51.31 59.61
CA GLN A 2006 54.98 51.81 59.88
C GLN A 2006 55.98 50.67 60.02
N ILE A 2007 55.63 49.65 60.82
CA ILE A 2007 56.50 48.50 60.98
C ILE A 2007 56.69 47.77 59.67
N ASN A 2008 55.61 47.60 58.90
CA ASN A 2008 55.74 46.93 57.60
C ASN A 2008 56.71 47.68 56.69
N MET A 2009 56.54 49.00 56.57
CA MET A 2009 57.41 49.78 55.71
C MET A 2009 58.86 49.69 56.19
N LEU A 2010 59.08 49.82 57.50
CA LEU A 2010 60.43 49.73 58.02
C LEU A 2010 61.04 48.38 57.72
N LEU A 2011 60.27 47.30 57.87
CA LEU A 2011 60.78 45.95 57.71
C LEU A 2011 60.97 45.58 56.25
N HIS A 2012 60.33 46.30 55.32
CA HIS A 2012 60.37 45.92 53.91
C HIS A 2012 61.71 46.25 53.26
N PHE A 2013 62.74 45.43 53.55
CA PHE A 2013 64.02 45.56 52.87
C PHE A 2013 64.64 44.19 52.58
N LYS A 2014 63.81 43.15 52.50
CA LYS A 2014 64.35 41.81 52.29
C LYS A 2014 65.06 41.68 50.95
N ASN A 2015 64.45 42.18 49.88
CA ASN A 2015 65.02 42.10 48.55
C ASN A 2015 65.96 43.25 48.23
N GLY A 2016 66.14 44.20 49.14
CA GLY A 2016 67.01 45.33 48.91
C GLY A 2016 66.22 46.62 48.67
N ALA A 2017 66.53 47.65 49.43
CA ALA A 2017 65.87 48.94 49.30
C ALA A 2017 66.82 50.03 49.74
N ASP A 2018 66.63 51.21 49.17
CA ASP A 2018 67.48 52.36 49.48
C ASP A 2018 66.95 53.08 50.71
N GLU A 2019 67.72 54.07 51.16
CA GLU A 2019 67.39 54.78 52.39
C GLU A 2019 66.05 55.50 52.27
N GLU A 2020 65.79 56.13 51.11
CA GLU A 2020 64.57 56.91 50.97
C GLU A 2020 63.32 56.06 51.16
N GLU A 2021 63.27 54.89 50.52
CA GLU A 2021 62.13 53.99 50.69
C GLU A 2021 62.12 53.37 52.08
N CYS A 2022 63.26 52.85 52.53
CA CYS A 2022 63.35 52.24 53.86
C CYS A 2022 64.34 53.01 54.71
N PRO A 2023 63.89 53.77 55.72
CA PRO A 2023 64.84 54.57 56.52
C PRO A 2023 65.84 53.75 57.30
N LEU A 2024 65.59 52.47 57.53
CA LEU A 2024 66.45 51.69 58.43
C LEU A 2024 67.91 51.71 57.96
N PRO A 2025 68.86 51.99 58.85
CA PRO A 2025 70.27 51.95 58.45
C PRO A 2025 70.76 50.53 58.23
N GLU A 2026 71.90 50.43 57.53
CA GLU A 2026 72.48 49.13 57.26
C GLU A 2026 72.87 48.41 58.54
N GLU A 2027 73.25 49.16 59.57
CA GLU A 2027 73.62 48.53 60.84
C GLU A 2027 72.44 47.77 61.43
N ILE A 2028 71.25 48.38 61.43
CA ILE A 2028 70.06 47.69 61.93
C ILE A 2028 69.65 46.58 60.98
N ARG A 2029 69.78 46.82 59.67
CA ARG A 2029 69.38 45.81 58.69
C ARG A 2029 70.20 44.53 58.85
N GLN A 2030 71.49 44.67 59.13
CA GLN A 2030 72.37 43.51 59.23
C GLN A 2030 71.97 42.60 60.38
N GLU A 2031 71.47 43.18 61.48
CA GLU A 2031 71.01 42.35 62.59
C GLU A 2031 69.91 41.40 62.14
N LEU A 2032 68.90 41.94 61.44
CA LEU A 2032 67.82 41.10 60.96
C LEU A 2032 68.30 40.09 59.94
N VAL A 2033 69.21 40.50 59.05
CA VAL A 2033 69.71 39.55 58.05
C VAL A 2033 70.42 38.39 58.74
N ASN A 2034 71.26 38.69 59.72
CA ASN A 2034 71.98 37.64 60.43
C ASN A 2034 71.01 36.73 61.18
N PHE A 2035 70.01 37.32 61.84
CA PHE A 2035 69.06 36.49 62.57
C PHE A 2035 68.24 35.60 61.63
N HIS A 2036 67.88 36.13 60.46
CA HIS A 2036 67.14 35.33 59.49
C HIS A 2036 67.99 34.17 58.98
N GLN A 2037 69.26 34.43 58.70
CA GLN A 2037 70.15 33.34 58.31
C GLN A 2037 70.27 32.31 59.42
N ASP A 2038 70.36 32.76 60.66
CA ASP A 2038 70.45 31.82 61.78
C ASP A 2038 69.19 30.98 61.90
N LEU A 2039 68.03 31.60 61.72
CA LEU A 2039 66.77 30.87 61.80
C LEU A 2039 66.67 29.84 60.69
N LEU A 2040 67.04 30.22 59.47
CA LEU A 2040 67.02 29.27 58.37
C LEU A 2040 67.98 28.11 58.62
N ALA A 2041 69.17 28.41 59.15
CA ALA A 2041 70.11 27.34 59.48
C ALA A 2041 69.54 26.42 60.55
N HIS A 2042 68.90 26.99 61.57
CA HIS A 2042 68.30 26.17 62.62
C HIS A 2042 67.24 25.25 62.04
N CYS A 2043 66.39 25.78 61.17
CA CYS A 2043 65.34 24.96 60.56
C CYS A 2043 65.84 24.05 59.45
N GLY A 2044 67.09 24.21 59.02
CA GLY A 2044 67.69 23.31 58.06
C GLY A 2044 67.48 23.67 56.61
N ILE A 2045 66.74 24.73 56.30
CA ILE A 2045 66.51 25.12 54.91
C ILE A 2045 67.77 25.72 54.31
N GLN A 2046 68.74 26.08 55.15
CA GLN A 2046 69.99 26.66 54.70
C GLN A 2046 70.98 25.55 54.40
N LEU A 2047 71.33 25.40 53.13
CA LEU A 2047 72.26 24.36 52.69
C LEU A 2047 73.53 25.00 52.14
N GLU A 2089 74.10 13.11 56.10
CA GLU A 2089 75.37 12.48 56.41
C GLU A 2089 75.16 11.03 56.85
N HIS A 2090 76.23 10.24 56.84
CA HIS A 2090 76.10 8.83 57.21
C HIS A 2090 75.63 8.67 58.65
N LYS A 2091 76.03 9.58 59.53
CA LYS A 2091 75.40 9.65 60.86
C LYS A 2091 74.45 10.84 60.93
N PRO A 2092 73.36 10.74 61.70
CA PRO A 2092 72.39 11.85 61.71
C PRO A 2092 72.99 13.18 62.14
N GLN A 2093 73.58 13.24 63.34
CA GLN A 2093 74.22 14.43 63.91
C GLN A 2093 73.23 15.47 64.38
N SER A 2094 71.92 15.23 64.26
CA SER A 2094 70.92 16.19 64.71
C SER A 2094 69.60 15.47 64.92
N LEU A 2095 68.70 16.13 65.66
CA LEU A 2095 67.40 15.53 65.94
C LEU A 2095 66.58 15.37 64.67
N GLN A 2096 66.59 16.38 63.79
CA GLN A 2096 65.81 16.30 62.56
C GLN A 2096 66.30 15.16 61.68
N GLU A 2097 67.61 15.07 61.48
CA GLU A 2097 68.18 14.00 60.68
C GLU A 2097 67.89 12.64 61.31
N LEU A 2098 68.03 12.55 62.63
CA LEU A 2098 67.76 11.28 63.31
C LEU A 2098 66.31 10.86 63.10
N VAL A 2099 65.37 11.78 63.26
CA VAL A 2099 63.96 11.42 63.13
C VAL A 2099 63.64 11.01 61.70
N SER A 2100 64.13 11.77 60.72
CA SER A 2100 63.86 11.42 59.33
C SER A 2100 64.45 10.06 58.99
N HIS A 2101 65.72 9.83 59.37
CA HIS A 2101 66.37 8.57 59.06
C HIS A 2101 65.64 7.41 59.74
N THR A 2102 65.25 7.58 61.01
CA THR A 2102 64.59 6.50 61.72
C THR A 2102 63.24 6.17 61.09
N VAL A 2103 62.45 7.18 60.75
CA VAL A 2103 61.14 6.93 60.15
C VAL A 2103 61.30 6.22 58.82
N VAL A 2104 62.20 6.73 57.97
CA VAL A 2104 62.39 6.12 56.66
C VAL A 2104 62.91 4.69 56.81
N ARG A 2105 63.81 4.46 57.77
CA ARG A 2105 64.37 3.12 57.96
C ARG A 2105 63.30 2.16 58.44
N TRP A 2106 62.43 2.60 59.36
CA TRP A 2106 61.35 1.73 59.81
C TRP A 2106 60.43 1.37 58.66
N ALA A 2107 60.01 2.36 57.88
CA ALA A 2107 59.14 2.09 56.75
C ALA A 2107 59.80 1.17 55.74
N GLN A 2108 61.09 1.35 55.47
CA GLN A 2108 61.80 0.48 54.54
C GLN A 2108 61.89 -0.94 55.09
N GLU A 2109 62.21 -1.08 56.38
CA GLU A 2109 62.44 -2.41 56.95
C GLU A 2109 61.15 -3.22 56.98
N ASP A 2110 60.04 -2.61 57.40
CA ASP A 2110 58.82 -3.39 57.61
C ASP A 2110 57.63 -2.68 56.97
N PHE A 2111 56.65 -3.48 56.57
CA PHE A 2111 55.36 -2.99 56.10
C PHE A 2111 54.49 -2.75 57.33
N VAL A 2112 54.48 -1.50 57.80
CA VAL A 2112 53.83 -1.21 59.07
C VAL A 2112 52.35 -1.53 58.97
N GLN A 2113 51.84 -2.31 59.93
CA GLN A 2113 50.45 -2.74 59.95
C GLN A 2113 49.61 -1.95 60.95
N SER A 2114 50.18 -0.93 61.59
CA SER A 2114 49.48 -0.15 62.59
C SER A 2114 49.12 1.22 62.02
N PRO A 2115 47.84 1.52 61.80
CA PRO A 2115 47.50 2.83 61.21
C PRO A 2115 47.96 4.01 62.03
N GLU A 2116 47.81 3.94 63.37
CA GLU A 2116 48.25 5.05 64.20
C GLU A 2116 49.76 5.19 64.17
N LEU A 2117 50.49 4.07 64.13
CA LEU A 2117 51.93 4.14 63.99
C LEU A 2117 52.32 4.80 62.68
N VAL A 2118 51.66 4.43 61.59
CA VAL A 2118 51.97 5.03 60.29
C VAL A 2118 51.71 6.53 60.32
N ARG A 2119 50.57 6.93 60.89
CA ARG A 2119 50.24 8.35 60.95
C ARG A 2119 51.26 9.11 61.78
N ALA A 2120 51.67 8.57 62.93
CA ALA A 2120 52.66 9.25 63.75
C ALA A 2120 54.00 9.36 63.02
N MET A 2121 54.44 8.26 62.40
CA MET A 2121 55.68 8.28 61.63
C MET A 2121 55.66 9.38 60.58
N PHE A 2122 54.59 9.44 59.78
CA PHE A 2122 54.60 10.38 58.66
C PHE A 2122 54.35 11.81 59.12
N SER A 2123 53.61 12.00 60.21
CA SER A 2123 53.51 13.34 60.78
C SER A 2123 54.87 13.84 61.25
N LEU A 2124 55.63 12.97 61.93
CA LEU A 2124 56.98 13.35 62.35
C LEU A 2124 57.86 13.67 61.15
N LEU A 2125 57.79 12.83 60.12
CA LEU A 2125 58.61 13.05 58.93
C LEU A 2125 58.27 14.37 58.26
N HIS A 2126 56.99 14.67 58.12
CA HIS A 2126 56.59 15.94 57.53
C HIS A 2126 57.04 17.12 58.37
N ARG A 2127 56.94 17.03 59.69
CA ARG A 2127 57.43 18.11 60.54
C ARG A 2127 58.93 18.32 60.35
N GLN A 2128 59.69 17.23 60.28
CA GLN A 2128 61.14 17.37 60.10
C GLN A 2128 61.47 17.99 58.75
N TYR A 2129 60.77 17.58 57.70
CA TYR A 2129 61.08 18.13 56.38
C TYR A 2129 60.64 19.59 56.24
N ASP A 2130 59.47 19.95 56.74
CA ASP A 2130 58.99 21.33 56.63
C ASP A 2130 59.21 22.11 57.91
N GLY A 2131 60.47 22.48 58.19
CA GLY A 2131 60.75 23.26 59.39
C GLY A 2131 60.11 24.64 59.40
N LEU A 2132 60.19 25.37 58.29
CA LEU A 2132 59.59 26.70 58.26
C LEU A 2132 58.08 26.63 58.26
N GLY A 2133 57.49 25.59 57.66
CA GLY A 2133 56.04 25.44 57.71
C GLY A 2133 55.52 25.30 59.12
N GLU A 2134 56.19 24.48 59.94
CA GLU A 2134 55.74 24.29 61.32
C GLU A 2134 55.82 25.59 62.11
N LEU A 2135 56.94 26.31 61.99
CA LEU A 2135 57.07 27.59 62.69
C LEU A 2135 56.04 28.59 62.19
N LEU A 2136 55.80 28.62 60.88
CA LEU A 2136 54.82 29.53 60.32
C LEU A 2136 53.43 29.24 60.86
N ARG A 2137 53.08 27.96 61.00
CA ARG A 2137 51.77 27.60 61.52
C ARG A 2137 51.69 27.85 63.02
N ALA A 2138 52.82 27.75 63.72
CA ALA A 2138 52.83 27.93 65.17
C ALA A 2138 52.75 29.40 65.57
N LEU A 2139 53.39 30.29 64.81
CA LEU A 2139 53.45 31.69 65.22
C LEU A 2139 52.08 32.31 65.49
N PRO A 2140 51.03 32.04 64.71
CA PRO A 2140 49.71 32.61 65.02
C PRO A 2140 49.31 32.46 66.48
N ARG A 2141 49.86 31.46 67.17
CA ARG A 2141 49.55 31.20 68.57
C ARG A 2141 50.60 31.76 69.51
N ALA A 2142 51.53 32.57 69.02
CA ALA A 2142 52.59 33.16 69.83
C ALA A 2142 52.21 34.58 70.23
N TYR A 2143 52.32 34.87 71.52
CA TYR A 2143 51.99 36.19 72.05
C TYR A 2143 53.04 36.59 73.08
N THR A 2144 53.25 37.88 73.22
CA THR A 2144 54.20 38.44 74.16
C THR A 2144 53.49 39.43 75.07
N ILE A 2145 53.78 39.35 76.37
CA ILE A 2145 53.11 40.16 77.38
C ILE A 2145 54.15 40.77 78.31
N SER A 2146 53.82 41.93 78.87
CA SER A 2146 54.72 42.58 79.81
C SER A 2146 54.85 41.76 81.09
N VAL A 2147 55.92 42.03 81.83
CA VAL A 2147 56.20 41.26 83.04
C VAL A 2147 55.10 41.44 84.07
N SER A 2148 54.47 42.62 84.09
CA SER A 2148 53.45 42.90 85.11
C SER A 2148 52.20 42.04 84.90
N SER A 2149 51.90 41.70 83.64
CA SER A 2149 50.67 40.97 83.33
C SER A 2149 50.78 39.48 83.61
N VAL A 2150 51.94 39.00 84.07
CA VAL A 2150 52.18 37.56 84.16
C VAL A 2150 51.21 36.90 85.13
N GLU A 2151 50.99 37.51 86.29
CA GLU A 2151 50.12 36.90 87.30
C GLU A 2151 48.70 36.74 86.79
N ASP A 2152 48.12 37.82 86.26
CA ASP A 2152 46.76 37.75 85.76
C ASP A 2152 46.66 36.81 84.57
N THR A 2153 47.69 36.79 83.72
CA THR A 2153 47.67 35.86 82.59
C THR A 2153 47.71 34.42 83.06
N MET A 2154 48.48 34.11 84.09
CA MET A 2154 48.49 32.75 84.64
C MET A 2154 47.15 32.38 85.23
N SER A 2155 46.51 33.30 85.97
CA SER A 2155 45.18 33.01 86.50
C SER A 2155 44.19 32.74 85.36
N LEU A 2156 44.26 33.55 84.31
CA LEU A 2156 43.36 33.35 83.17
C LEU A 2156 43.64 32.02 82.49
N LEU A 2157 44.91 31.64 82.40
CA LEU A 2157 45.25 30.33 81.85
C LEU A 2157 44.66 29.20 82.69
N GLU A 2158 44.70 29.35 84.01
CA GLU A 2158 44.06 28.35 84.87
C GLU A 2158 42.56 28.24 84.60
N CYS A 2159 41.87 29.39 84.51
CA CYS A 2159 40.44 29.34 84.23
C CYS A 2159 40.15 28.74 82.85
N LEU A 2160 40.95 29.10 81.86
CA LEU A 2160 40.77 28.56 80.51
C LEU A 2160 41.01 27.06 80.50
N GLY A 2161 42.02 26.59 81.26
CA GLY A 2161 42.24 25.17 81.36
C GLY A 2161 41.05 24.45 81.99
N GLN A 2162 40.47 25.05 83.03
CA GLN A 2162 39.24 24.48 83.59
C GLN A 2162 38.15 24.36 82.52
N ILE A 2163 37.90 25.45 81.80
CA ILE A 2163 36.83 25.43 80.79
C ILE A 2163 37.11 24.37 79.74
N ARG A 2164 38.37 24.27 79.31
CA ARG A 2164 38.74 23.26 78.32
C ARG A 2164 38.51 21.85 78.87
N SER A 2165 38.87 21.63 80.14
CA SER A 2165 38.66 20.32 80.74
C SER A 2165 37.19 19.94 80.76
N LEU A 2166 36.30 20.92 80.93
CA LEU A 2166 34.88 20.61 80.92
C LEU A 2166 34.33 20.25 79.54
N LEU A 2167 35.14 20.35 78.48
CA LEU A 2167 34.67 19.95 77.15
C LEU A 2167 34.42 18.44 77.04
N ILE A 2168 35.02 17.64 77.92
CA ILE A 2168 35.01 16.19 77.75
C ILE A 2168 34.13 15.47 78.77
N VAL A 2169 33.22 16.18 79.43
CA VAL A 2169 32.35 15.59 80.44
C VAL A 2169 30.93 16.09 80.23
N GLN A 2170 29.97 15.18 80.38
CA GLN A 2170 28.56 15.57 80.31
C GLN A 2170 28.25 16.55 81.43
N MET A 2171 27.57 17.64 81.10
CA MET A 2171 27.36 18.72 82.05
C MET A 2171 26.48 18.27 83.20
N GLY A 2172 26.89 18.64 84.42
CA GLY A 2172 26.11 18.37 85.61
C GLY A 2172 26.08 19.59 86.52
N PRO A 2173 25.62 19.41 87.75
CA PRO A 2173 25.58 20.57 88.67
C PRO A 2173 26.96 21.11 89.03
N GLN A 2174 27.89 20.23 89.41
CA GLN A 2174 29.23 20.67 89.76
C GLN A 2174 29.91 21.35 88.58
N GLU A 2175 29.78 20.74 87.38
CA GLU A 2175 30.40 21.32 86.20
C GLU A 2175 29.76 22.66 85.85
N GLU A 2176 28.45 22.78 86.03
CA GLU A 2176 27.78 24.05 85.77
C GLU A 2176 28.32 25.14 86.70
N ASN A 2177 28.43 24.83 87.99
CA ASN A 2177 28.95 25.81 88.93
C ASN A 2177 30.38 26.19 88.60
N LEU A 2178 31.21 25.19 88.26
CA LEU A 2178 32.60 25.46 87.91
C LEU A 2178 32.69 26.34 86.67
N MET A 2179 31.86 26.05 85.66
CA MET A 2179 31.87 26.83 84.44
C MET A 2179 31.47 28.27 84.71
N ILE A 2180 30.43 28.46 85.53
CA ILE A 2180 30.00 29.82 85.88
C ILE A 2180 31.11 30.57 86.60
N GLN A 2181 31.76 29.92 87.56
CA GLN A 2181 32.84 30.58 88.28
C GLN A 2181 34.00 30.95 87.35
N SER A 2182 34.36 30.03 86.45
CA SER A 2182 35.45 30.31 85.53
C SER A 2182 35.13 31.49 84.63
N ILE A 2183 33.91 31.53 84.08
CA ILE A 2183 33.53 32.65 83.22
C ILE A 2183 33.52 33.96 84.00
N GLY A 2184 33.00 33.93 85.23
CA GLY A 2184 33.01 35.14 86.04
C GLY A 2184 34.41 35.67 86.28
N ASN A 2185 35.33 34.78 86.67
CA ASN A 2185 36.70 35.20 86.90
C ASN A 2185 37.35 35.71 85.61
N ILE A 2186 37.12 35.04 84.49
CA ILE A 2186 37.70 35.48 83.23
C ILE A 2186 37.21 36.88 82.87
N MET A 2187 35.90 37.12 83.01
CA MET A 2187 35.39 38.46 82.73
C MET A 2187 35.95 39.50 83.69
N ASN A 2188 36.17 39.12 84.96
CA ASN A 2188 36.72 40.08 85.92
C ASN A 2188 38.18 40.41 85.61
N ASN A 2189 38.91 39.46 85.03
CA ASN A 2189 40.35 39.65 84.84
C ASN A 2189 40.64 40.73 83.81
N LYS A 2190 41.74 41.45 84.00
CA LYS A 2190 42.08 42.58 83.14
C LYS A 2190 42.59 42.13 81.77
N VAL A 2191 43.31 41.01 81.71
CA VAL A 2191 43.91 40.59 80.45
C VAL A 2191 42.83 40.39 79.39
N PHE A 2192 41.64 39.99 79.81
CA PHE A 2192 40.53 39.82 78.87
C PHE A 2192 40.20 41.12 78.16
N TYR A 2193 40.57 42.26 78.75
CA TYR A 2193 40.32 43.54 78.11
C TYR A 2193 41.57 44.09 77.45
N GLN A 2194 42.72 43.95 78.10
CA GLN A 2194 43.96 44.52 77.57
C GLN A 2194 44.51 43.74 76.39
N HIS A 2195 44.15 42.47 76.24
CA HIS A 2195 44.72 41.65 75.17
C HIS A 2195 43.66 40.77 74.52
N PRO A 2196 42.69 41.36 73.81
CA PRO A 2196 41.71 40.53 73.08
C PRO A 2196 42.32 39.64 72.03
N ASN A 2197 43.41 40.07 71.38
CA ASN A 2197 44.10 39.23 70.40
C ASN A 2197 44.64 37.95 71.02
N LEU A 2198 45.22 38.03 72.22
CA LEU A 2198 45.61 36.82 72.94
C LEU A 2198 44.44 35.87 73.11
N MET A 2199 43.24 36.41 73.38
CA MET A 2199 42.08 35.56 73.60
C MET A 2199 41.62 34.90 72.31
N ARG A 2200 41.57 35.65 71.22
CA ARG A 2200 41.24 35.05 69.93
C ARG A 2200 42.24 33.96 69.56
N ALA A 2201 43.53 34.19 69.86
CA ALA A 2201 44.53 33.17 69.60
C ALA A 2201 44.29 31.94 70.47
N LEU A 2202 43.94 32.14 71.74
CA LEU A 2202 43.70 31.02 72.64
C LEU A 2202 42.47 30.22 72.22
N GLY A 2203 41.53 30.86 71.52
CA GLY A 2203 40.33 30.19 71.10
C GLY A 2203 39.26 30.08 72.17
N MET A 2204 39.35 30.89 73.22
CA MET A 2204 38.38 30.84 74.31
C MET A 2204 36.94 30.96 73.82
N HIS A 2205 36.70 31.86 72.86
CA HIS A 2205 35.34 32.03 72.36
C HIS A 2205 34.79 30.72 71.79
N GLU A 2206 35.58 30.02 70.98
CA GLU A 2206 35.13 28.74 70.43
C GLU A 2206 34.90 27.69 71.50
N THR A 2207 35.77 27.63 72.51
CA THR A 2207 35.56 26.67 73.60
C THR A 2207 34.23 26.92 74.31
N VAL A 2208 33.97 28.18 74.66
CA VAL A 2208 32.73 28.51 75.35
C VAL A 2208 31.53 28.18 74.46
N MET A 2209 31.62 28.51 73.17
CA MET A 2209 30.52 28.23 72.26
C MET A 2209 30.28 26.72 72.14
N GLU A 2210 31.36 25.93 72.10
CA GLU A 2210 31.19 24.48 72.01
C GLU A 2210 30.51 23.93 73.26
N VAL A 2211 30.91 24.41 74.44
CA VAL A 2211 30.22 23.97 75.66
C VAL A 2211 28.74 24.33 75.58
N MET A 2212 28.45 25.58 75.19
CA MET A 2212 27.08 26.04 75.12
C MET A 2212 26.25 25.18 74.18
N VAL A 2213 26.76 24.94 72.97
CA VAL A 2213 25.99 24.20 71.96
C VAL A 2213 25.84 22.75 72.36
N ASN A 2214 26.87 22.16 72.97
CA ASN A 2214 26.74 20.79 73.46
C ASN A 2214 25.58 20.69 74.45
N VAL A 2215 25.55 21.57 75.45
CA VAL A 2215 24.49 21.48 76.45
C VAL A 2215 23.13 21.80 75.83
N LEU A 2216 23.08 22.77 74.91
CA LEU A 2216 21.82 23.08 74.26
C LEU A 2216 21.28 21.90 73.48
N GLY A 2217 22.13 21.23 72.71
CA GLY A 2217 21.73 20.05 71.96
C GLY A 2217 21.28 18.93 72.87
N GLY A 2218 21.93 18.79 74.02
CA GLY A 2218 21.52 17.79 74.98
C GLY A 2218 20.07 17.97 75.39
N GLY A 2219 19.29 16.91 75.23
CA GLY A 2219 17.88 16.95 75.62
C GLY A 2219 17.07 17.99 74.87
N GLU A 2220 17.21 18.03 73.54
CA GLU A 2220 16.50 19.05 72.76
C GLU A 2220 14.99 18.94 72.92
N SER A 2221 14.44 17.72 72.79
CA SER A 2221 13.00 17.57 72.86
C SER A 2221 12.46 17.92 74.23
N LYS A 2222 13.16 17.52 75.30
CA LYS A 2222 12.66 17.74 76.65
C LYS A 2222 12.73 19.22 77.02
N GLU A 2223 13.95 19.74 77.20
CA GLU A 2223 14.15 21.15 77.53
C GLU A 2223 15.63 21.47 77.53
N ILE A 2224 15.98 22.74 77.75
CA ILE A 2224 17.37 23.18 77.80
C ILE A 2224 17.84 23.03 79.24
N ARG A 2225 18.46 21.89 79.55
CA ARG A 2225 18.94 21.66 80.90
C ARG A 2225 20.09 22.60 81.23
N PHE A 2226 20.18 22.97 82.50
CA PHE A 2226 21.13 23.96 82.99
C PHE A 2226 20.95 25.30 82.27
N PRO A 2227 19.79 25.96 82.43
CA PRO A 2227 19.60 27.26 81.78
C PRO A 2227 20.59 28.32 82.26
N LYS A 2228 21.01 28.26 83.52
CA LYS A 2228 21.92 29.28 84.05
C LYS A 2228 23.25 29.26 83.32
N MET A 2229 23.78 28.06 83.05
CA MET A 2229 25.05 27.98 82.35
C MET A 2229 24.94 28.57 80.95
N VAL A 2230 23.85 28.27 80.24
CA VAL A 2230 23.67 28.79 78.89
C VAL A 2230 23.54 30.30 78.93
N THR A 2231 22.82 30.83 79.92
CA THR A 2231 22.73 32.28 80.06
C THR A 2231 24.10 32.90 80.28
N SER A 2232 24.91 32.29 81.16
CA SER A 2232 26.24 32.82 81.42
C SER A 2232 27.10 32.79 80.17
N CYS A 2233 27.05 31.69 79.42
CA CYS A 2233 27.85 31.58 78.20
C CYS A 2233 27.42 32.61 77.17
N CYS A 2234 26.10 32.80 77.01
CA CYS A 2234 25.61 33.78 76.04
C CYS A 2234 26.03 35.19 76.43
N ARG A 2235 25.92 35.52 77.73
CA ARG A 2235 26.37 36.83 78.18
C ARG A 2235 27.85 37.01 77.91
N PHE A 2236 28.65 35.98 78.21
CA PHE A 2236 30.09 36.06 78.02
C PHE A 2236 30.43 36.29 76.56
N LEU A 2237 29.75 35.56 75.66
CA LEU A 2237 30.03 35.70 74.24
C LEU A 2237 29.59 37.06 73.71
N CYS A 2238 28.42 37.55 74.12
CA CYS A 2238 27.99 38.88 73.71
C CYS A 2238 28.97 39.95 74.16
N TYR A 2239 29.45 39.86 75.40
CA TYR A 2239 30.37 40.86 75.90
C TYR A 2239 31.75 40.72 75.24
N PHE A 2240 32.13 39.49 74.89
CA PHE A 2240 33.34 39.26 74.09
C PHE A 2240 33.23 39.95 72.73
N CYS A 2241 32.07 39.85 72.09
CA CYS A 2241 31.82 40.64 70.88
C CYS A 2241 31.94 42.13 71.12
N ARG A 2242 31.35 42.63 72.22
CA ARG A 2242 31.40 44.05 72.52
C ARG A 2242 32.81 44.57 72.74
N ILE A 2243 33.72 43.75 73.26
CA ILE A 2243 35.05 44.24 73.58
C ILE A 2243 35.72 44.89 72.37
N SER A 2244 35.71 44.21 71.22
CA SER A 2244 36.44 44.71 70.06
C SER A 2244 35.76 44.26 68.78
N ARG A 2245 36.05 44.99 67.70
CA ARG A 2245 35.45 44.66 66.41
C ARG A 2245 35.97 43.33 65.87
N GLN A 2246 37.25 43.04 66.06
CA GLN A 2246 37.81 41.81 65.54
C GLN A 2246 37.15 40.59 66.17
N ASN A 2247 36.89 40.65 67.48
CA ASN A 2247 36.13 39.59 68.13
C ASN A 2247 34.73 39.48 67.54
N GLN A 2248 34.13 40.62 67.22
CA GLN A 2248 32.80 40.62 66.61
C GLN A 2248 32.82 39.93 65.26
N ARG A 2249 33.88 40.17 64.47
CA ARG A 2249 34.02 39.45 63.20
C ARG A 2249 34.24 37.96 63.42
N SER A 2250 35.02 37.61 64.45
CA SER A 2250 35.24 36.20 64.76
C SER A 2250 33.92 35.50 65.04
N MET A 2251 33.05 36.13 65.82
CA MET A 2251 31.72 35.57 66.07
C MET A 2251 30.81 35.62 64.86
N PHE A 2252 30.94 36.65 64.01
CA PHE A 2252 30.21 36.67 62.75
C PHE A 2252 30.57 35.46 61.88
N ASP A 2253 31.83 35.03 61.94
CA ASP A 2253 32.22 33.84 61.19
C ASP A 2253 31.39 32.63 61.59
N HIS A 2254 31.07 32.49 62.87
CA HIS A 2254 30.31 31.36 63.39
C HIS A 2254 28.81 31.64 63.47
N LEU A 2255 28.39 32.85 63.09
CA LEU A 2255 26.96 33.21 63.13
C LEU A 2255 26.06 32.05 62.76
N SER A 2256 26.32 31.42 61.60
CA SER A 2256 25.41 30.39 61.11
C SER A 2256 25.22 29.27 62.13
N TYR A 2257 26.30 28.88 62.81
CA TYR A 2257 26.22 27.84 63.82
C TYR A 2257 25.28 28.26 64.95
N LEU A 2258 25.42 29.50 65.42
CA LEU A 2258 24.54 30.03 66.45
C LEU A 2258 23.10 30.09 65.97
N LEU A 2259 22.88 30.48 64.71
CA LEU A 2259 21.52 30.49 64.18
C LEU A 2259 20.95 29.09 64.13
N GLU A 2260 21.77 28.09 63.79
CA GLU A 2260 21.31 26.71 63.82
C GLU A 2260 20.88 26.29 65.22
N ASN A 2261 21.67 26.64 66.24
CA ASN A 2261 21.38 26.24 67.60
C ASN A 2261 20.32 27.10 68.27
N SER A 2262 19.94 28.23 67.68
CA SER A 2262 18.95 29.12 68.26
C SER A 2262 17.52 28.71 67.93
N GLY A 2263 17.29 27.46 67.54
CA GLY A 2263 15.97 27.01 67.18
C GLY A 2263 14.97 27.10 68.31
N ILE A 2264 15.38 26.70 69.51
CA ILE A 2264 14.51 26.67 70.69
C ILE A 2264 15.07 27.64 71.72
N GLY A 2265 14.22 28.49 72.26
CA GLY A 2265 14.67 29.46 73.24
C GLY A 2265 13.53 30.05 74.02
N LEU A 2266 13.88 30.97 74.92
CA LEU A 2266 12.92 31.67 75.77
C LEU A 2266 12.41 30.78 76.90
N GLY A 2267 12.77 29.50 76.87
CA GLY A 2267 12.49 28.65 78.02
C GLY A 2267 13.37 28.99 79.21
N MET A 2268 14.50 29.65 78.97
CA MET A 2268 15.39 30.11 80.03
C MET A 2268 15.15 31.57 80.39
N GLN A 2269 14.70 32.39 79.44
CA GLN A 2269 14.34 33.79 79.62
C GLN A 2269 15.56 34.70 79.75
N GLY A 2270 16.77 34.15 79.85
CA GLY A 2270 17.98 34.94 79.87
C GLY A 2270 18.58 35.11 78.49
N SER A 2271 19.89 35.29 78.45
CA SER A 2271 20.59 35.44 77.18
C SER A 2271 20.52 34.14 76.39
N THR A 2272 20.56 34.27 75.06
CA THR A 2272 20.40 33.16 74.15
C THR A 2272 21.41 33.22 73.02
N PRO A 2273 21.65 32.09 72.34
CA PRO A 2273 22.51 32.15 71.14
C PRO A 2273 21.98 33.10 70.08
N LEU A 2274 20.67 33.33 70.04
CA LEU A 2274 20.14 34.38 69.18
C LEU A 2274 20.67 35.74 69.61
N ASP A 2275 20.74 35.99 70.91
CA ASP A 2275 21.33 37.24 71.39
C ASP A 2275 22.81 37.31 71.01
N VAL A 2276 23.51 36.18 71.09
CA VAL A 2276 24.92 36.16 70.66
C VAL A 2276 25.03 36.54 69.19
N ALA A 2277 24.17 35.96 68.35
CA ALA A 2277 24.19 36.28 66.93
C ALA A 2277 23.89 37.75 66.69
N ALA A 2278 22.91 38.30 67.42
CA ALA A 2278 22.60 39.72 67.26
C ALA A 2278 23.78 40.60 67.64
N ALA A 2279 24.45 40.27 68.75
CA ALA A 2279 25.62 41.03 69.15
C ALA A 2279 26.74 40.88 68.13
N SER A 2280 26.78 39.74 67.42
CA SER A 2280 27.85 39.51 66.46
C SER A 2280 27.78 40.48 65.29
N VAL A 2281 26.63 41.10 65.05
CA VAL A 2281 26.43 41.96 63.88
C VAL A 2281 25.98 43.36 64.28
N ILE A 2282 25.66 43.59 65.55
CA ILE A 2282 25.13 44.88 65.98
C ILE A 2282 26.15 45.98 65.66
N ASP A 2283 25.67 47.07 65.08
CA ASP A 2283 26.43 48.30 64.88
C ASP A 2283 27.74 48.05 64.13
N ASN A 2284 27.71 47.27 63.06
CA ASN A 2284 28.87 47.06 62.20
C ASN A 2284 28.40 47.00 60.76
N ASN A 2285 28.66 48.08 60.02
CA ASN A 2285 28.22 48.14 58.63
C ASN A 2285 28.86 47.05 57.79
N GLU A 2286 30.15 46.80 57.98
CA GLU A 2286 30.84 45.78 57.19
C GLU A 2286 30.19 44.41 57.39
N LEU A 2287 29.98 44.02 58.65
CA LEU A 2287 29.41 42.71 58.93
C LEU A 2287 27.96 42.64 58.47
N ALA A 2288 27.21 43.73 58.64
CA ALA A 2288 25.82 43.74 58.18
C ALA A 2288 25.74 43.55 56.67
N LEU A 2289 26.66 44.19 55.93
CA LEU A 2289 26.69 44.02 54.48
C LEU A 2289 27.16 42.63 54.10
N ALA A 2290 28.03 42.03 54.91
CA ALA A 2290 28.51 40.68 54.66
C ALA A 2290 27.52 39.60 55.13
N LEU A 2291 26.44 40.00 55.78
CA LEU A 2291 25.46 39.02 56.25
C LEU A 2291 24.84 38.27 55.07
N GLN A 2292 24.52 37.00 55.31
CA GLN A 2292 24.15 36.08 54.24
C GLN A 2292 22.63 35.91 54.14
N GLU A 2293 22.15 35.84 52.89
CA GLU A 2293 20.74 35.62 52.63
C GLU A 2293 20.27 34.30 53.24
N GLN A 2294 21.14 33.29 53.26
CA GLN A 2294 20.80 32.03 53.90
C GLN A 2294 20.54 32.24 55.39
N ASP A 2295 21.41 33.00 56.05
CA ASP A 2295 21.23 33.29 57.46
C ASP A 2295 19.93 34.04 57.70
N LEU A 2296 19.61 35.00 56.83
CA LEU A 2296 18.36 35.73 56.99
C LEU A 2296 17.15 34.83 56.80
N GLU A 2297 17.19 33.94 55.80
CA GLU A 2297 16.07 33.05 55.55
C GLU A 2297 15.88 32.04 56.67
N LYS A 2298 16.97 31.63 57.35
CA LYS A 2298 16.80 30.74 58.49
C LYS A 2298 15.98 31.40 59.59
N VAL A 2299 16.28 32.66 59.90
CA VAL A 2299 15.54 33.38 60.92
C VAL A 2299 14.11 33.64 60.46
N VAL A 2300 13.92 33.93 59.17
CA VAL A 2300 12.56 34.14 58.67
C VAL A 2300 11.74 32.86 58.78
N SER A 2301 12.38 31.71 58.52
CA SER A 2301 11.68 30.44 58.67
C SER A 2301 11.34 30.17 60.12
N TYR A 2302 12.25 30.50 61.03
CA TYR A 2302 11.94 30.38 62.46
C TYR A 2302 10.74 31.26 62.82
N LEU A 2303 10.70 32.49 62.31
CA LEU A 2303 9.57 33.38 62.58
C LEU A 2303 8.27 32.81 62.01
N ALA A 2304 8.33 32.23 60.81
CA ALA A 2304 7.14 31.60 60.25
C ALA A 2304 6.66 30.44 61.12
N GLY A 2305 7.60 29.61 61.59
CA GLY A 2305 7.23 28.52 62.48
C GLY A 2305 6.58 29.03 63.76
N CYS A 2306 7.12 30.11 64.31
CA CYS A 2306 6.53 30.71 65.50
C CYS A 2306 5.12 31.23 65.23
N GLY A 2307 4.90 31.85 64.07
CA GLY A 2307 3.59 32.35 63.72
C GLY A 2307 2.61 31.23 63.44
N LEU A 2308 3.12 30.06 63.08
CA LEU A 2308 2.23 28.94 62.78
C LEU A 2308 1.86 28.17 64.04
N GLN A 2309 2.85 27.68 64.79
CA GLN A 2309 2.62 26.79 65.91
C GLN A 2309 2.75 27.54 67.23
N SER A 2310 2.15 26.96 68.27
CA SER A 2310 2.21 27.50 69.62
C SER A 2310 3.43 26.97 70.36
N CYS A 2311 3.63 27.47 71.57
CA CYS A 2311 4.85 27.13 72.31
C CYS A 2311 4.60 25.95 73.25
N PRO A 2312 5.25 24.80 73.03
CA PRO A 2312 4.96 23.64 73.89
C PRO A 2312 5.22 23.90 75.36
N MET A 2313 6.24 24.69 75.69
CA MET A 2313 6.51 24.96 77.10
C MET A 2313 5.35 25.68 77.76
N LEU A 2314 4.83 26.73 77.10
CA LEU A 2314 3.69 27.43 77.66
C LEU A 2314 2.46 26.54 77.73
N LEU A 2315 2.20 25.74 76.69
CA LEU A 2315 1.06 24.84 76.76
C LEU A 2315 1.18 23.84 77.91
N ALA A 2316 2.37 23.28 78.12
CA ALA A 2316 2.59 22.38 79.24
C ALA A 2316 2.39 23.10 80.57
N LYS A 2317 2.88 24.34 80.69
CA LYS A 2317 2.65 25.12 81.90
C LYS A 2317 1.17 25.30 82.15
N GLY A 2318 0.38 25.44 81.09
CA GLY A 2318 -1.06 25.52 81.21
C GLY A 2318 -1.66 26.77 80.63
N TYR A 2319 -0.84 27.55 79.94
CA TYR A 2319 -1.32 28.77 79.32
C TYR A 2319 -2.32 28.43 78.22
N PRO A 2320 -3.35 29.25 77.99
CA PRO A 2320 -4.31 28.94 76.93
C PRO A 2320 -3.62 28.84 75.57
N ASP A 2321 -4.15 27.94 74.73
CA ASP A 2321 -3.59 27.70 73.40
C ASP A 2321 -4.09 28.79 72.46
N ILE A 2322 -3.17 29.67 72.04
CA ILE A 2322 -3.54 30.73 71.11
C ILE A 2322 -3.30 30.31 69.67
N GLY A 2323 -2.38 29.39 69.43
CA GLY A 2323 -2.08 28.92 68.09
C GLY A 2323 -0.79 29.44 67.49
N TRP A 2324 -0.12 30.40 68.14
CA TRP A 2324 1.11 30.96 67.63
C TRP A 2324 1.97 31.43 68.79
N ASN A 2325 3.25 31.72 68.50
CA ASN A 2325 4.23 32.03 69.54
C ASN A 2325 4.74 33.46 69.42
N PRO A 2326 4.00 34.44 69.94
CA PRO A 2326 4.50 35.83 69.93
C PRO A 2326 5.80 35.96 70.69
N CYS A 2327 5.96 35.13 71.73
CA CYS A 2327 7.13 35.26 72.59
C CYS A 2327 8.42 35.03 71.81
N GLY A 2328 8.45 34.00 70.96
CA GLY A 2328 9.64 33.76 70.15
C GLY A 2328 9.66 34.61 68.90
N GLY A 2329 8.48 34.93 68.36
CA GLY A 2329 8.42 35.81 67.21
C GLY A 2329 9.07 37.15 67.51
N GLU A 2330 8.88 37.66 68.72
CA GLU A 2330 9.50 38.93 69.11
C GLU A 2330 11.02 38.83 69.10
N ARG A 2331 11.58 37.71 69.59
CA ARG A 2331 13.03 37.56 69.59
C ARG A 2331 13.57 37.53 68.16
N TYR A 2332 12.93 36.76 67.29
CA TYR A 2332 13.39 36.69 65.91
C TYR A 2332 13.26 38.04 65.22
N LEU A 2333 12.17 38.77 65.51
CA LEU A 2333 12.01 40.11 64.96
C LEU A 2333 13.09 41.05 65.47
N ASP A 2334 13.48 40.91 66.74
CA ASP A 2334 14.56 41.73 67.28
C ASP A 2334 15.86 41.47 66.54
N PHE A 2335 16.16 40.20 66.28
CA PHE A 2335 17.37 39.89 65.52
C PHE A 2335 17.30 40.52 64.13
N LEU A 2336 16.15 40.37 63.46
CA LEU A 2336 16.01 40.94 62.12
C LEU A 2336 16.17 42.45 62.15
N ARG A 2337 15.65 43.11 63.18
CA ARG A 2337 15.81 44.55 63.31
C ARG A 2337 17.29 44.92 63.46
N PHE A 2338 18.01 44.22 64.32
CA PHE A 2338 19.44 44.49 64.46
C PHE A 2338 20.17 44.25 63.15
N ALA A 2339 19.72 43.28 62.37
CA ALA A 2339 20.36 43.02 61.08
C ALA A 2339 20.12 44.16 60.10
N VAL A 2340 18.87 44.58 59.96
CA VAL A 2340 18.53 45.56 58.93
C VAL A 2340 19.04 46.95 59.30
N PHE A 2341 18.92 47.35 60.55
CA PHE A 2341 19.14 48.73 60.96
C PHE A 2341 20.49 48.85 61.65
N VAL A 2342 21.34 49.74 61.14
CA VAL A 2342 22.70 49.91 61.64
C VAL A 2342 23.01 51.40 61.75
N ASN A 2343 23.49 51.82 62.92
CA ASN A 2343 24.01 53.17 63.14
C ASN A 2343 23.04 54.24 62.66
N GLY A 2344 21.76 54.07 62.99
CA GLY A 2344 20.78 55.08 62.69
C GLY A 2344 20.31 55.13 61.25
N GLU A 2345 20.86 54.30 60.37
CA GLU A 2345 20.51 54.30 58.96
C GLU A 2345 20.18 52.88 58.52
N SER A 2346 19.14 52.75 57.70
CA SER A 2346 18.74 51.44 57.21
C SER A 2346 19.74 50.91 56.20
N VAL A 2347 20.01 49.61 56.26
CA VAL A 2347 20.86 48.94 55.28
C VAL A 2347 19.96 48.43 54.18
N GLU A 2348 20.10 49.00 52.98
CA GLU A 2348 19.13 48.77 51.92
C GLU A 2348 19.08 47.29 51.52
N GLU A 2349 20.24 46.65 51.37
CA GLU A 2349 20.26 45.27 50.90
C GLU A 2349 19.53 44.35 51.87
N ASN A 2350 19.90 44.41 53.16
CA ASN A 2350 19.27 43.55 54.15
C ASN A 2350 17.80 43.88 54.29
N ALA A 2351 17.44 45.17 54.26
CA ALA A 2351 16.05 45.56 54.39
C ALA A 2351 15.21 44.98 53.26
N ASN A 2352 15.71 45.10 52.02
CA ASN A 2352 14.97 44.57 50.88
C ASN A 2352 14.83 43.05 50.97
N VAL A 2353 15.93 42.37 51.32
CA VAL A 2353 15.88 40.92 51.41
C VAL A 2353 14.87 40.50 52.47
N VAL A 2354 14.89 41.15 53.63
CA VAL A 2354 13.95 40.80 54.69
C VAL A 2354 12.52 41.08 54.29
N VAL A 2355 12.27 42.20 53.59
CA VAL A 2355 10.92 42.52 53.17
C VAL A 2355 10.39 41.46 52.22
N ARG A 2356 11.20 41.09 51.22
CA ARG A 2356 10.76 40.04 50.29
C ARG A 2356 10.52 38.72 51.01
N LEU A 2357 11.43 38.35 51.93
CA LEU A 2357 11.27 37.09 52.64
C LEU A 2357 10.02 37.09 53.49
N LEU A 2358 9.70 38.23 54.12
CA LEU A 2358 8.52 38.30 54.97
C LEU A 2358 7.24 38.24 54.13
N ILE A 2359 7.21 38.95 52.99
CA ILE A 2359 6.00 38.90 52.17
C ILE A 2359 5.80 37.51 51.59
N ARG A 2360 6.89 36.82 51.24
CA ARG A 2360 6.75 35.46 50.72
C ARG A 2360 6.09 34.54 51.74
N LYS A 2361 6.40 34.72 53.01
CA LYS A 2361 5.76 33.96 54.09
C LYS A 2361 4.87 34.87 54.92
N PRO A 2362 3.59 35.03 54.57
CA PRO A 2362 2.74 35.99 55.29
C PRO A 2362 2.42 35.61 56.73
N GLU A 2363 2.60 34.35 57.12
CA GLU A 2363 2.28 33.97 58.49
C GLU A 2363 3.20 34.66 59.49
N CYS A 2364 4.37 35.12 59.03
CA CYS A 2364 5.27 35.85 59.91
C CYS A 2364 4.61 37.10 60.46
N PHE A 2365 3.77 37.75 59.65
CA PHE A 2365 3.10 38.97 60.11
C PHE A 2365 2.16 38.69 61.28
N GLY A 2366 1.77 37.42 61.46
CA GLY A 2366 0.91 37.05 62.55
C GLY A 2366 -0.54 36.92 62.12
N PRO A 2367 -1.39 36.42 63.01
CA PRO A 2367 -2.80 36.23 62.64
C PRO A 2367 -3.56 37.51 62.40
N ALA A 2368 -3.12 38.64 62.97
CA ALA A 2368 -3.84 39.89 62.78
C ALA A 2368 -3.72 40.38 61.34
N LEU A 2369 -2.51 40.41 60.80
CA LEU A 2369 -2.28 40.82 59.42
C LEU A 2369 -2.41 39.66 58.44
N ARG A 2370 -2.73 38.47 58.94
CA ARG A 2370 -2.94 37.32 58.07
C ARG A 2370 -4.09 37.61 57.11
N GLY A 2371 -3.79 37.54 55.81
CA GLY A 2371 -4.61 38.23 54.82
C GLY A 2371 -6.03 37.75 54.69
N GLU A 2372 -6.24 36.44 54.62
CA GLU A 2372 -7.55 35.92 54.22
C GLU A 2372 -8.66 36.45 55.12
N GLY A 2373 -8.39 36.54 56.42
CA GLY A 2373 -9.41 36.98 57.37
C GLY A 2373 -8.85 37.86 58.48
N GLY A 2374 -7.79 38.61 58.18
CA GLY A 2374 -7.13 39.45 59.17
C GLY A 2374 -8.07 40.52 59.69
N SER A 2375 -8.16 40.61 61.02
CA SER A 2375 -8.98 41.65 61.63
C SER A 2375 -8.34 43.02 61.46
N GLY A 2376 -7.03 43.09 61.51
CA GLY A 2376 -6.28 44.33 61.42
C GLY A 2376 -5.46 44.56 62.67
N LEU A 2377 -4.45 45.41 62.53
CA LEU A 2377 -3.52 45.68 63.62
C LEU A 2377 -4.20 46.36 64.80
N LEU A 2378 -5.03 47.36 64.53
CA LEU A 2378 -5.75 48.05 65.61
C LEU A 2378 -6.67 47.08 66.35
N ALA A 2379 -7.42 46.29 65.61
CA ALA A 2379 -8.32 45.31 66.23
C ALA A 2379 -7.53 44.32 67.06
N ALA A 2380 -6.38 43.87 66.55
CA ALA A 2380 -5.56 42.92 67.28
C ALA A 2380 -5.03 43.50 68.58
N ILE A 2381 -4.58 44.76 68.55
CA ILE A 2381 -4.07 45.38 69.77
C ILE A 2381 -5.19 45.58 70.78
N GLU A 2382 -6.38 46.00 70.32
CA GLU A 2382 -7.51 46.12 71.22
C GLU A 2382 -7.87 44.77 71.83
N GLU A 2383 -7.87 43.72 71.01
CA GLU A 2383 -8.14 42.39 71.50
C GLU A 2383 -7.11 41.98 72.54
N ALA A 2384 -5.84 42.30 72.31
CA ALA A 2384 -4.79 41.96 73.27
C ALA A 2384 -5.00 42.69 74.59
N ILE A 2385 -5.41 43.96 74.52
CA ILE A 2385 -5.73 44.69 75.74
C ILE A 2385 -6.86 43.99 76.49
N ARG A 2386 -7.88 43.53 75.77
CA ARG A 2386 -8.95 42.80 76.41
C ARG A 2386 -8.45 41.47 77.00
N ILE A 2387 -7.53 40.81 76.31
CA ILE A 2387 -6.91 39.61 76.88
C ILE A 2387 -6.28 39.93 78.22
N SER A 2388 -5.48 41.00 78.27
CA SER A 2388 -4.82 41.38 79.50
C SER A 2388 -5.84 41.67 80.60
N GLU A 2389 -6.92 42.36 80.25
CA GLU A 2389 -7.94 42.67 81.25
C GLU A 2389 -8.62 41.41 81.76
N ASP A 2390 -8.81 40.42 80.90
CA ASP A 2390 -9.58 39.22 81.25
C ASP A 2390 -8.65 38.16 81.84
N PRO A 2391 -8.84 37.75 83.08
CA PRO A 2391 -8.10 36.59 83.60
C PRO A 2391 -8.65 35.29 83.04
N ALA A 2392 -7.87 34.22 83.22
CA ALA A 2392 -8.12 32.87 82.75
C ALA A 2392 -7.90 32.76 81.24
N ARG A 2393 -7.66 33.86 80.55
CA ARG A 2393 -7.32 33.87 79.13
C ARG A 2393 -5.96 34.51 78.87
N ASP A 2394 -5.56 35.44 79.73
CA ASP A 2394 -4.20 35.98 79.67
C ASP A 2394 -3.19 34.99 80.20
N GLY A 2395 -3.52 34.30 81.29
CA GLY A 2395 -2.62 33.35 81.91
C GLY A 2395 -3.32 32.03 82.23
N PRO A 2396 -2.55 31.07 82.75
CA PRO A 2396 -3.16 29.76 83.05
C PRO A 2396 -4.33 29.85 84.01
N GLY A 2397 -4.22 30.66 85.06
CA GLY A 2397 -5.30 30.82 86.01
C GLY A 2397 -5.76 29.52 86.61
N VAL A 2398 -4.82 28.65 86.99
CA VAL A 2398 -5.16 27.35 87.53
C VAL A 2398 -5.94 27.51 88.83
N PRO A 2411 5.27 31.71 89.72
CA PRO A 2411 5.66 33.07 89.32
C PRO A 2411 7.13 33.41 89.59
N PRO A 2412 8.07 32.51 89.25
CA PRO A 2412 9.48 32.76 89.56
C PRO A 2412 10.04 34.05 88.96
N GLU A 2413 9.65 34.45 87.75
CA GLU A 2413 10.08 35.73 87.19
C GLU A 2413 8.85 36.57 86.90
N GLU A 2414 8.55 37.50 87.82
CA GLU A 2414 7.42 38.41 87.69
C GLU A 2414 6.23 37.73 87.02
N ASN A 2415 5.84 36.57 87.54
CA ASN A 2415 4.64 35.86 87.08
C ASN A 2415 4.81 35.37 85.64
N ARG A 2416 5.95 34.77 85.33
CA ARG A 2416 6.16 34.15 84.01
C ARG A 2416 5.85 35.19 82.93
N VAL A 2417 4.95 34.90 82.00
CA VAL A 2417 4.64 35.79 80.89
C VAL A 2417 3.13 35.98 80.80
N HIS A 2418 2.74 37.04 80.10
CA HIS A 2418 1.32 37.37 79.90
C HIS A 2418 1.05 37.43 78.40
N LEU A 2419 0.00 36.73 77.97
CA LEU A 2419 -0.26 36.60 76.54
C LEU A 2419 -0.64 37.94 75.90
N GLY A 2420 -1.40 38.77 76.61
CA GLY A 2420 -1.77 40.05 76.04
C GLY A 2420 -0.55 40.91 75.77
N HIS A 2421 0.34 41.02 76.76
CA HIS A 2421 1.55 41.80 76.58
C HIS A 2421 2.46 41.15 75.54
N ALA A 2422 2.45 39.82 75.46
CA ALA A 2422 3.24 39.13 74.44
C ALA A 2422 2.76 39.48 73.05
N ILE A 2423 1.45 39.49 72.84
CA ILE A 2423 0.89 39.84 71.53
C ILE A 2423 1.21 41.29 71.20
N MET A 2424 1.03 42.19 72.16
CA MET A 2424 1.36 43.59 71.90
C MET A 2424 2.83 43.74 71.56
N SER A 2425 3.72 43.04 72.28
CA SER A 2425 5.15 43.14 72.02
C SER A 2425 5.49 42.60 70.63
N PHE A 2426 4.86 41.48 70.25
CA PHE A 2426 5.10 40.93 68.93
C PHE A 2426 4.72 41.93 67.84
N TYR A 2427 3.52 42.52 67.94
CA TYR A 2427 3.11 43.46 66.90
C TYR A 2427 3.97 44.72 66.91
N ALA A 2428 4.34 45.21 68.10
CA ALA A 2428 5.23 46.35 68.16
C ALA A 2428 6.57 46.05 67.50
N ALA A 2429 7.13 44.87 67.76
CA ALA A 2429 8.40 44.50 67.15
C ALA A 2429 8.27 44.37 65.64
N LEU A 2430 7.16 43.79 65.16
CA LEU A 2430 6.96 43.65 63.73
C LEU A 2430 6.91 45.03 63.06
N ILE A 2431 6.11 45.94 63.62
CA ILE A 2431 5.98 47.27 63.03
C ILE A 2431 7.31 48.02 63.12
N ASP A 2432 8.04 47.84 64.21
CA ASP A 2432 9.36 48.45 64.34
C ASP A 2432 10.29 47.97 63.26
N LEU A 2433 10.32 46.65 63.03
CA LEU A 2433 11.20 46.10 62.00
C LEU A 2433 10.82 46.63 60.63
N LEU A 2434 9.52 46.68 60.33
CA LEU A 2434 9.10 47.19 59.03
C LEU A 2434 9.49 48.66 58.86
N GLY A 2435 9.29 49.47 59.90
CA GLY A 2435 9.68 50.87 59.83
C GLY A 2435 11.18 51.03 59.62
N ARG A 2436 11.97 50.20 60.28
CA ARG A 2436 13.42 50.24 60.07
C ARG A 2436 13.76 49.83 58.63
N CYS A 2437 13.04 48.84 58.10
CA CYS A 2437 13.24 48.45 56.71
C CYS A 2437 12.83 49.55 55.74
N ALA A 2438 12.01 50.50 56.19
CA ALA A 2438 11.58 51.61 55.34
C ALA A 2438 12.79 52.24 54.64
N PRO A 2439 12.65 52.60 53.36
CA PRO A 2439 13.80 53.19 52.65
C PRO A 2439 14.18 54.55 53.21
N GLU A 2440 15.37 55.00 52.83
CA GLU A 2440 15.89 56.28 53.29
C GLU A 2440 15.30 57.44 52.49
N THR A 2441 15.23 58.61 53.14
CA THR A 2441 14.63 59.77 52.50
C THR A 2441 15.41 60.20 51.27
N HIS A 2442 16.74 60.16 51.33
CA HIS A 2442 17.52 60.60 50.19
C HIS A 2442 17.35 59.64 49.01
N LEU A 2443 17.22 58.34 49.27
CA LEU A 2443 16.89 57.41 48.20
C LEU A 2443 15.53 57.72 47.61
N ILE A 2444 14.53 57.95 48.46
CA ILE A 2444 13.18 58.25 47.96
C ILE A 2444 13.21 59.49 47.09
N GLN A 2445 13.93 60.53 47.51
CA GLN A 2445 14.04 61.75 46.72
C GLN A 2445 14.79 61.51 45.42
N ALA A 2446 15.86 60.71 45.44
CA ALA A 2446 16.54 60.36 44.20
C ALA A 2446 15.61 59.61 43.25
N GLY A 2447 14.61 58.94 43.79
CA GLY A 2447 13.58 58.30 43.00
C GLY A 2447 13.84 56.84 42.66
N LYS A 2448 14.77 56.19 43.37
CA LYS A 2448 15.07 54.78 43.10
C LYS A 2448 13.80 53.96 43.06
N GLY A 2449 13.58 53.25 41.95
CA GLY A 2449 12.39 52.44 41.81
C GLY A 2449 12.30 51.37 42.89
N GLU A 2450 13.43 50.77 43.24
CA GLU A 2450 13.43 49.76 44.29
C GLU A 2450 12.95 50.33 45.61
N ALA A 2451 13.49 51.49 46.01
CA ALA A 2451 13.06 52.12 47.25
C ALA A 2451 11.59 52.51 47.21
N LEU A 2452 11.12 53.09 46.10
CA LEU A 2452 9.72 53.45 45.99
C LEU A 2452 8.83 52.22 46.12
N ARG A 2453 9.22 51.12 45.47
CA ARG A 2453 8.44 49.88 45.55
C ARG A 2453 8.41 49.34 46.98
N ILE A 2454 9.56 49.37 47.66
CA ILE A 2454 9.60 48.85 49.02
C ILE A 2454 8.71 49.69 49.93
N ARG A 2455 8.77 51.02 49.79
CA ARG A 2455 7.93 51.87 50.62
C ARG A 2455 6.45 51.64 50.32
N ALA A 2456 6.11 51.45 49.05
CA ALA A 2456 4.73 51.15 48.69
C ALA A 2456 4.27 49.83 49.30
N ILE A 2457 5.13 48.81 49.30
CA ILE A 2457 4.77 47.53 49.90
C ILE A 2457 4.53 47.70 51.40
N LEU A 2458 5.41 48.44 52.07
CA LEU A 2458 5.24 48.65 53.51
C LEU A 2458 3.95 49.39 53.80
N ARG A 2459 3.64 50.42 53.02
CA ARG A 2459 2.38 51.14 53.19
C ARG A 2459 1.18 50.22 52.97
N SER A 2460 1.27 49.35 51.96
CA SER A 2460 0.18 48.40 51.72
C SER A 2460 0.00 47.48 52.92
N LEU A 2461 1.10 47.00 53.50
CA LEU A 2461 1.01 46.12 54.65
C LEU A 2461 0.36 46.83 55.85
N VAL A 2462 0.78 48.06 56.13
CA VAL A 2462 0.34 48.77 57.32
C VAL A 2462 -0.49 49.99 56.91
N PRO A 2463 -1.80 50.00 57.15
CA PRO A 2463 -2.59 51.22 56.92
C PRO A 2463 -2.25 52.32 57.92
N LEU A 2464 -2.47 53.57 57.49
CA LEU A 2464 -2.18 54.71 58.35
C LEU A 2464 -3.18 54.84 59.49
N ASP A 2465 -4.46 54.63 59.19
CA ASP A 2465 -5.50 54.82 60.20
C ASP A 2465 -5.29 53.87 61.38
N ASP A 2466 -4.83 52.64 61.12
CA ASP A 2466 -4.54 51.72 62.21
C ASP A 2466 -3.46 52.28 63.12
N LEU A 2467 -2.38 52.81 62.54
CA LEU A 2467 -1.32 53.42 63.34
C LEU A 2467 -1.83 54.61 64.14
N VAL A 2468 -2.63 55.48 63.55
CA VAL A 2468 -3.16 56.61 64.29
C VAL A 2468 -4.04 56.13 65.44
N GLY A 2469 -4.89 55.14 65.21
CA GLY A 2469 -5.73 54.63 66.28
C GLY A 2469 -4.92 54.02 67.42
N ILE A 2470 -3.90 53.24 67.09
CA ILE A 2470 -3.07 52.64 68.13
C ILE A 2470 -2.35 53.73 68.92
N ILE A 2471 -1.82 54.73 68.23
CA ILE A 2471 -1.18 55.84 68.94
C ILE A 2471 -2.21 56.59 69.79
N SER A 2472 -3.47 56.54 69.38
CA SER A 2472 -4.55 57.19 70.14
C SER A 2472 -5.06 56.34 71.30
N LEU A 2473 -4.71 55.06 71.36
CA LEU A 2473 -5.23 54.22 72.41
C LEU A 2473 -4.85 54.78 73.78
N PRO A 2474 -5.72 54.68 74.78
CA PRO A 2474 -5.45 55.32 76.08
C PRO A 2474 -4.54 54.45 76.95
N LEU A 2475 -3.54 55.08 77.55
CA LEU A 2475 -2.64 54.40 78.46
C LEU A 2475 -3.14 54.54 79.91
N GLN A 2476 -3.08 53.44 80.66
CA GLN A 2476 -3.42 53.50 82.06
C GLN A 2476 -2.37 54.29 82.82
N ILE A 2477 -2.83 55.19 83.69
CA ILE A 2477 -1.97 56.09 84.44
C ILE A 2477 -2.05 55.72 85.91
N PRO A 2478 -0.96 55.81 86.67
CA PRO A 2478 -1.05 55.56 88.11
C PRO A 2478 -1.98 56.58 88.77
N THR A 2479 -2.70 56.11 89.79
CA THR A 2479 -3.60 56.96 90.55
C THR A 2479 -3.49 56.63 92.03
N LEU A 2480 -3.77 57.63 92.87
CA LEU A 2480 -3.69 57.47 94.31
C LEU A 2480 -5.08 57.15 94.84
N GLY A 2481 -5.24 55.97 95.42
CA GLY A 2481 -6.54 55.53 95.90
C GLY A 2481 -6.40 54.50 97.00
N LYS A 2482 -7.54 54.17 97.62
CA LYS A 2482 -7.60 53.18 98.67
C LYS A 2482 -6.67 53.54 99.82
N ASP A 2483 -6.94 54.67 100.47
CA ASP A 2483 -6.20 55.09 101.66
C ASP A 2483 -4.70 55.27 101.35
N GLY A 2484 -4.42 56.07 100.32
CA GLY A 2484 -3.07 56.42 99.97
C GLY A 2484 -2.30 55.38 99.20
N ALA A 2485 -2.93 54.24 98.87
CA ALA A 2485 -2.24 53.22 98.10
C ALA A 2485 -2.03 53.67 96.66
N LEU A 2486 -0.86 53.37 96.12
CA LEU A 2486 -0.52 53.72 94.74
C LEU A 2486 -0.99 52.60 93.82
N VAL A 2487 -1.93 52.93 92.93
CA VAL A 2487 -2.43 51.96 91.95
C VAL A 2487 -1.53 52.03 90.72
N GLN A 2488 -0.42 51.31 90.75
CA GLN A 2488 0.51 51.33 89.63
C GLN A 2488 0.13 50.26 88.61
N PRO A 2489 -0.01 50.61 87.33
CA PRO A 2489 -0.26 49.57 86.32
C PRO A 2489 0.93 48.63 86.23
N LYS A 2490 0.61 47.35 85.98
CA LYS A 2490 1.64 46.32 85.90
C LYS A 2490 2.23 46.34 84.49
N MET A 2491 3.47 46.79 84.38
CA MET A 2491 4.08 46.99 83.06
C MET A 2491 4.20 45.67 82.30
N SER A 2492 4.60 44.59 82.98
CA SER A 2492 4.84 43.33 82.30
C SER A 2492 3.57 42.78 81.68
N ALA A 2493 2.40 43.18 82.20
CA ALA A 2493 1.13 42.60 81.80
C ALA A 2493 0.16 43.63 81.23
N SER A 2494 0.64 44.79 80.79
CA SER A 2494 -0.24 45.86 80.34
C SER A 2494 0.35 46.58 79.13
N PHE A 2495 -0.51 47.34 78.46
CA PHE A 2495 -0.10 48.17 77.34
C PHE A 2495 0.84 49.27 77.83
N VAL A 2496 1.94 49.48 77.09
CA VAL A 2496 3.01 50.36 77.55
C VAL A 2496 3.38 51.33 76.44
N PRO A 2497 4.04 52.44 76.78
CA PRO A 2497 4.38 53.44 75.76
C PRO A 2497 5.30 52.93 74.66
N ASP A 2498 6.12 51.90 74.92
CA ASP A 2498 7.05 51.42 73.89
C ASP A 2498 6.29 50.86 72.69
N HIS A 2499 5.17 50.18 72.94
CA HIS A 2499 4.35 49.68 71.85
C HIS A 2499 3.91 50.82 70.93
N LYS A 2500 3.56 51.96 71.52
CA LYS A 2500 3.20 53.13 70.72
C LYS A 2500 4.43 53.76 70.07
N ALA A 2501 5.58 53.68 70.73
CA ALA A 2501 6.80 54.25 70.16
C ALA A 2501 7.18 53.56 68.87
N SER A 2502 7.03 52.23 68.82
CA SER A 2502 7.28 51.51 67.57
C SER A 2502 6.36 52.00 66.47
N MET A 2503 5.07 52.20 66.79
CA MET A 2503 4.12 52.68 65.80
C MET A 2503 4.50 54.08 65.32
N VAL A 2504 4.98 54.92 66.24
CA VAL A 2504 5.42 56.26 65.87
C VAL A 2504 6.62 56.20 64.94
N LEU A 2505 7.56 55.30 65.22
CA LEU A 2505 8.70 55.14 64.32
C LEU A 2505 8.24 54.74 62.93
N PHE A 2506 7.31 53.79 62.84
CA PHE A 2506 6.79 53.41 61.53
C PHE A 2506 6.12 54.60 60.84
N LEU A 2507 5.29 55.34 61.56
CA LEU A 2507 4.61 56.49 60.97
C LEU A 2507 5.60 57.51 60.45
N ASP A 2508 6.68 57.76 61.20
CA ASP A 2508 7.69 58.73 60.83
C ASP A 2508 8.52 58.30 59.62
N ARG A 2509 8.95 57.04 59.57
CA ARG A 2509 9.84 56.62 58.50
C ARG A 2509 9.08 56.26 57.23
N VAL A 2510 8.00 55.50 57.34
CA VAL A 2510 7.32 54.97 56.18
C VAL A 2510 6.36 56.01 55.62
N TYR A 2511 5.38 56.42 56.42
CA TYR A 2511 4.37 57.35 55.96
C TYR A 2511 4.91 58.78 55.95
N GLY A 2512 5.34 59.26 57.10
CA GLY A 2512 5.86 60.60 57.20
C GLY A 2512 4.76 61.64 57.33
N ILE A 2513 5.04 62.70 58.06
CA ILE A 2513 4.09 63.79 58.29
C ILE A 2513 4.48 64.93 57.35
N GLU A 2514 3.59 65.25 56.42
CA GLU A 2514 3.83 66.29 55.44
C GLU A 2514 2.72 67.31 55.32
N ASN A 2515 1.58 67.10 55.99
CA ASN A 2515 0.43 67.98 55.87
C ASN A 2515 0.11 68.59 57.23
N GLN A 2516 -0.19 69.89 57.22
CA GLN A 2516 -0.53 70.57 58.47
C GLN A 2516 -1.77 69.96 59.12
N ASP A 2517 -2.80 69.66 58.32
CA ASP A 2517 -4.00 69.08 58.87
C ASP A 2517 -3.72 67.74 59.53
N PHE A 2518 -2.92 66.89 58.86
CA PHE A 2518 -2.58 65.59 59.44
C PHE A 2518 -1.78 65.76 60.73
N LEU A 2519 -0.81 66.67 60.73
CA LEU A 2519 -0.02 66.89 61.94
C LEU A 2519 -0.91 67.33 63.09
N LEU A 2520 -1.80 68.29 62.84
CA LEU A 2520 -2.70 68.77 63.88
C LEU A 2520 -3.63 67.66 64.36
N HIS A 2521 -4.16 66.84 63.44
CA HIS A 2521 -5.05 65.77 63.83
C HIS A 2521 -4.34 64.76 64.72
N VAL A 2522 -3.16 64.30 64.31
CA VAL A 2522 -2.45 63.31 65.11
C VAL A 2522 -2.07 63.90 66.46
N LEU A 2523 -1.66 65.17 66.48
CA LEU A 2523 -1.31 65.83 67.72
C LEU A 2523 -2.51 65.91 68.67
N ASP A 2524 -3.68 66.26 68.13
CA ASP A 2524 -4.87 66.38 68.96
C ASP A 2524 -5.31 65.03 69.50
N VAL A 2525 -5.21 63.98 68.67
CA VAL A 2525 -5.81 62.70 69.04
C VAL A 2525 -4.86 61.89 69.91
N GLY A 2526 -3.63 61.68 69.45
CA GLY A 2526 -2.76 60.71 70.10
C GLY A 2526 -1.62 61.26 70.94
N PHE A 2527 -0.96 62.32 70.48
CA PHE A 2527 0.26 62.77 71.14
C PHE A 2527 -0.06 63.65 72.34
N LEU A 2528 -0.85 64.70 72.12
CA LEU A 2528 -1.10 65.70 73.17
C LEU A 2528 -1.70 65.09 74.43
N PRO A 2529 -2.65 64.16 74.37
CA PRO A 2529 -3.10 63.51 75.62
C PRO A 2529 -1.97 62.80 76.36
N ASP A 2530 -1.07 62.13 75.63
CA ASP A 2530 0.05 61.47 76.29
C ASP A 2530 0.98 62.48 76.95
N MET A 2531 1.24 63.60 76.26
CA MET A 2531 2.05 64.64 76.88
C MET A 2531 1.38 65.22 78.12
N ARG A 2532 0.07 65.43 78.07
CA ARG A 2532 -0.65 65.92 79.23
C ARG A 2532 -0.53 64.94 80.40
N ALA A 2533 -0.68 63.65 80.11
CA ALA A 2533 -0.54 62.65 81.16
C ALA A 2533 0.88 62.65 81.74
N ALA A 2534 1.89 62.75 80.88
CA ALA A 2534 3.26 62.81 81.39
C ALA A 2534 3.46 64.03 82.27
N ALA A 2535 2.89 65.17 81.90
CA ALA A 2535 2.98 66.36 82.75
C ALA A 2535 2.29 66.12 84.08
N SER A 2536 1.10 65.51 84.07
CA SER A 2536 0.35 65.30 85.31
C SER A 2536 1.07 64.31 86.23
N LEU A 2537 1.82 63.38 85.67
CA LEU A 2537 2.62 62.44 86.45
C LEU A 2537 3.95 63.03 86.90
N ASP A 2538 4.10 64.36 86.89
CA ASP A 2538 5.33 65.02 87.32
C ASP A 2538 5.37 65.23 88.83
N THR A 2539 4.30 64.91 89.55
CA THR A 2539 4.25 65.15 90.98
C THR A 2539 5.16 64.17 91.72
N ALA A 2540 5.56 64.57 92.94
CA ALA A 2540 6.50 63.76 93.70
C ALA A 2540 6.02 62.32 93.87
N THR A 2541 4.71 62.14 94.07
CA THR A 2541 4.19 60.81 94.29
C THR A 2541 4.41 59.90 93.08
N PHE A 2542 4.07 60.39 91.89
CA PHE A 2542 4.15 59.59 90.67
C PHE A 2542 5.36 59.93 89.80
N SER A 2543 6.25 60.81 90.27
CA SER A 2543 7.33 61.28 89.41
C SER A 2543 8.24 60.15 88.96
N THR A 2544 8.63 59.27 89.89
CA THR A 2544 9.59 58.21 89.61
C THR A 2544 8.91 56.87 89.37
N THR A 2545 7.60 56.86 89.18
CA THR A 2545 6.90 55.62 88.89
C THR A 2545 7.35 55.06 87.54
N GLU A 2546 7.21 53.74 87.41
CA GLU A 2546 7.66 53.07 86.19
C GLU A 2546 6.92 53.60 84.96
N MET A 2547 5.61 53.81 85.07
CA MET A 2547 4.87 54.34 83.94
C MET A 2547 5.26 55.78 83.64
N ALA A 2548 5.55 56.58 84.66
CA ALA A 2548 6.03 57.93 84.42
C ALA A 2548 7.35 57.92 83.65
N LEU A 2549 8.30 57.08 84.06
CA LEU A 2549 9.56 56.98 83.36
C LEU A 2549 9.36 56.48 81.94
N ALA A 2550 8.46 55.50 81.76
CA ALA A 2550 8.19 54.98 80.43
C ALA A 2550 7.61 56.06 79.52
N LEU A 2551 6.69 56.86 80.04
CA LEU A 2551 6.15 57.97 79.25
C LEU A 2551 7.23 58.99 78.92
N ASN A 2552 8.10 59.29 79.88
CA ASN A 2552 9.19 60.21 79.60
C ASN A 2552 10.05 59.71 78.45
N ARG A 2553 10.47 58.44 78.52
CA ARG A 2553 11.30 57.88 77.46
C ARG A 2553 10.56 57.89 76.13
N TYR A 2554 9.30 57.44 76.14
CA TYR A 2554 8.51 57.41 74.91
C TYR A 2554 8.45 58.78 74.26
N LEU A 2555 8.05 59.80 75.03
CA LEU A 2555 7.99 61.14 74.47
C LEU A 2555 9.35 61.56 73.92
N CYS A 2556 10.38 61.51 74.76
CA CYS A 2556 11.67 62.09 74.38
C CYS A 2556 12.28 61.40 73.17
N LEU A 2557 12.03 60.10 73.00
CA LEU A 2557 12.67 59.35 71.93
C LEU A 2557 11.81 59.17 70.70
N ALA A 2558 10.49 59.39 70.78
CA ALA A 2558 9.63 59.20 69.63
C ALA A 2558 8.91 60.47 69.22
N VAL A 2559 8.24 61.12 70.18
CA VAL A 2559 7.26 62.15 69.83
C VAL A 2559 7.94 63.50 69.67
N LEU A 2560 8.60 63.96 70.73
CA LEU A 2560 9.18 65.29 70.75
C LEU A 2560 10.13 65.49 69.57
N PRO A 2561 10.99 64.52 69.25
CA PRO A 2561 11.79 64.66 68.01
C PRO A 2561 10.92 64.82 66.77
N LEU A 2562 9.81 64.08 66.69
CA LEU A 2562 8.94 64.19 65.53
C LEU A 2562 8.33 65.58 65.43
N ILE A 2563 7.86 66.12 66.56
CA ILE A 2563 7.28 67.46 66.56
C ILE A 2563 8.34 68.50 66.22
N THR A 2564 9.57 68.31 66.71
CA THR A 2564 10.66 69.22 66.37
C THR A 2564 10.91 69.21 64.87
N LYS A 2565 10.93 68.01 64.27
CA LYS A 2565 11.14 67.92 62.83
C LYS A 2565 9.98 68.56 62.06
N CYS A 2566 8.76 68.42 62.58
CA CYS A 2566 7.58 68.96 61.91
C CYS A 2566 7.27 70.40 62.32
N ALA A 2567 8.14 71.04 63.10
CA ALA A 2567 7.87 72.39 63.58
C ALA A 2567 7.54 73.37 62.46
N PRO A 2568 8.20 73.37 61.31
CA PRO A 2568 7.87 74.35 60.27
C PRO A 2568 6.41 74.33 59.87
N LEU A 2569 5.73 73.20 60.02
CA LEU A 2569 4.32 73.12 59.61
C LEU A 2569 3.44 73.96 60.51
N PHE A 2570 3.91 74.29 61.71
CA PHE A 2570 3.09 75.03 62.65
C PHE A 2570 2.86 76.48 62.23
N ALA A 2571 3.56 76.96 61.21
CA ALA A 2571 3.31 78.30 60.71
C ALA A 2571 1.90 78.39 60.13
N GLY A 2572 1.22 79.49 60.44
CA GLY A 2572 -0.12 79.70 59.93
C GLY A 2572 -1.16 78.74 60.47
N THR A 2573 -1.13 78.47 61.77
CA THR A 2573 -2.11 77.60 62.43
C THR A 2573 -2.97 78.41 63.38
N GLU A 2574 -3.34 79.63 62.99
CA GLU A 2574 -4.15 80.49 63.84
C GLU A 2574 -5.53 79.91 64.10
N HIS A 2575 -5.97 78.95 63.30
CA HIS A 2575 -7.31 78.38 63.49
C HIS A 2575 -7.35 77.45 64.71
N ARG A 2576 -6.33 76.61 64.88
CA ARG A 2576 -6.22 75.77 66.08
C ARG A 2576 -5.34 76.44 67.13
N ALA A 2577 -5.68 77.69 67.42
CA ALA A 2577 -4.90 78.48 68.37
C ALA A 2577 -4.97 77.89 69.77
N ILE A 2578 -6.15 77.44 70.18
CA ILE A 2578 -6.30 76.89 71.52
C ILE A 2578 -5.44 75.63 71.68
N MET A 2579 -5.48 74.75 70.68
CA MET A 2579 -4.68 73.53 70.76
C MET A 2579 -3.19 73.85 70.74
N VAL A 2580 -2.78 74.83 69.93
CA VAL A 2580 -1.37 75.21 69.88
C VAL A 2580 -0.93 75.73 71.25
N ASP A 2581 -1.75 76.58 71.87
CA ASP A 2581 -1.41 77.12 73.18
C ASP A 2581 -1.31 76.01 74.22
N SER A 2582 -2.26 75.07 74.18
CA SER A 2582 -2.23 73.96 75.13
C SER A 2582 -0.98 73.11 74.94
N MET A 2583 -0.60 72.85 73.69
CA MET A 2583 0.61 72.08 73.42
C MET A 2583 1.85 72.80 73.91
N LEU A 2584 1.93 74.12 73.68
CA LEU A 2584 3.08 74.86 74.18
C LEU A 2584 3.17 74.80 75.70
N HIS A 2585 2.03 74.99 76.38
CA HIS A 2585 2.02 74.95 77.84
C HIS A 2585 2.43 73.57 78.34
N THR A 2586 1.92 72.51 77.70
CA THR A 2586 2.26 71.15 78.12
C THR A 2586 3.75 70.88 77.94
N VAL A 2587 4.32 71.30 76.80
CA VAL A 2587 5.74 71.06 76.56
C VAL A 2587 6.57 71.80 77.58
N TYR A 2588 6.20 73.06 77.89
CA TYR A 2588 6.94 73.81 78.89
C TYR A 2588 6.84 73.15 80.27
N ARG A 2589 5.66 72.65 80.61
CA ARG A 2589 5.49 71.98 81.90
C ARG A 2589 6.35 70.72 81.97
N LEU A 2590 6.41 69.95 80.88
CA LEU A 2590 7.32 68.82 80.85
C LEU A 2590 8.77 69.26 81.03
N SER A 2591 9.15 70.35 80.36
CA SER A 2591 10.50 70.89 80.54
C SER A 2591 10.80 71.14 82.00
N ARG A 2592 9.87 71.80 82.70
CA ARG A 2592 9.98 71.99 84.14
C ARG A 2592 9.54 70.71 84.85
N GLY A 2593 10.41 69.71 84.78
CA GLY A 2593 10.11 68.41 85.35
C GLY A 2593 11.30 67.83 86.10
N ARG A 2594 11.00 67.06 87.15
CA ARG A 2594 12.02 66.38 87.91
C ARG A 2594 12.22 64.97 87.37
N SER A 2595 13.16 64.24 88.00
CA SER A 2595 13.45 62.86 87.63
C SER A 2595 13.64 62.72 86.12
N LEU A 2596 14.25 63.73 85.50
CA LEU A 2596 14.38 63.82 84.05
C LEU A 2596 15.86 63.91 83.72
N THR A 2597 16.33 63.02 82.85
CA THR A 2597 17.74 63.01 82.48
C THR A 2597 18.08 64.25 81.65
N LYS A 2598 19.38 64.57 81.62
CA LYS A 2598 19.83 65.78 80.94
C LYS A 2598 19.53 65.70 79.45
N ALA A 2599 19.76 64.53 78.83
CA ALA A 2599 19.46 64.38 77.41
C ALA A 2599 17.97 64.58 77.14
N GLN A 2600 17.12 64.02 77.99
CA GLN A 2600 15.68 64.18 77.82
C GLN A 2600 15.29 65.65 77.94
N ARG A 2601 15.85 66.35 78.94
CA ARG A 2601 15.58 67.77 79.07
C ARG A 2601 16.05 68.53 77.83
N ASP A 2602 17.21 68.14 77.28
CA ASP A 2602 17.71 68.79 76.08
C ASP A 2602 16.75 68.60 74.91
N VAL A 2603 16.23 67.38 74.75
CA VAL A 2603 15.28 67.13 73.67
C VAL A 2603 14.03 67.99 73.85
N ILE A 2604 13.51 68.05 75.08
CA ILE A 2604 12.31 68.85 75.33
C ILE A 2604 12.58 70.32 75.00
N GLU A 2605 13.70 70.85 75.47
CA GLU A 2605 14.00 72.26 75.25
C GLU A 2605 14.21 72.55 73.76
N ASP A 2606 14.89 71.67 73.05
CA ASP A 2606 15.06 71.85 71.62
C ASP A 2606 13.72 71.84 70.89
N CYS A 2607 12.81 70.95 71.28
CA CYS A 2607 11.47 70.98 70.70
C CYS A 2607 10.79 72.32 70.96
N LEU A 2608 10.93 72.84 72.18
CA LEU A 2608 10.29 74.12 72.50
C LEU A 2608 10.84 75.25 71.64
N MET A 2609 12.16 75.37 71.55
CA MET A 2609 12.72 76.43 70.70
C MET A 2609 12.33 76.24 69.24
N ALA A 2610 12.34 75.01 68.74
CA ALA A 2610 11.95 74.78 67.36
C ALA A 2610 10.50 75.20 67.11
N LEU A 2611 9.61 74.90 68.05
CA LEU A 2611 8.22 75.35 67.89
C LEU A 2611 8.13 76.87 67.90
N CYS A 2612 8.71 77.51 68.91
CA CYS A 2612 8.62 78.96 69.05
C CYS A 2612 9.31 79.71 67.92
N ARG A 2613 10.22 79.08 67.19
CA ARG A 2613 10.87 79.73 66.07
C ARG A 2613 9.90 79.94 64.89
N TYR A 2614 9.00 78.99 64.66
CA TYR A 2614 8.11 79.05 63.51
C TYR A 2614 6.68 79.46 63.86
N ILE A 2615 6.26 79.35 65.11
CA ILE A 2615 4.91 79.75 65.48
C ILE A 2615 4.81 81.27 65.38
N ARG A 2616 3.63 81.76 64.99
CA ARG A 2616 3.42 83.19 64.83
C ARG A 2616 3.58 83.89 66.18
N PRO A 2617 4.07 85.13 66.18
CA PRO A 2617 4.31 85.81 67.46
C PRO A 2617 3.07 85.96 68.32
N SER A 2618 1.90 86.13 67.71
CA SER A 2618 0.69 86.41 68.48
C SER A 2618 0.30 85.22 69.37
N MET A 2619 0.41 84.00 68.84
CA MET A 2619 -0.10 82.84 69.56
C MET A 2619 0.76 82.50 70.78
N LEU A 2620 1.93 83.11 70.90
CA LEU A 2620 2.81 82.83 72.03
C LEU A 2620 2.50 83.73 73.23
N GLN A 2621 1.36 84.42 73.18
CA GLN A 2621 1.06 85.38 74.25
C GLN A 2621 0.95 84.70 75.61
N HIS A 2622 0.24 83.57 75.68
CA HIS A 2622 0.07 82.90 76.97
C HIS A 2622 1.37 82.29 77.47
N LEU A 2623 2.21 81.78 76.56
CA LEU A 2623 3.51 81.28 76.97
C LEU A 2623 4.37 82.40 77.53
N LEU A 2624 4.38 83.56 76.87
CA LEU A 2624 5.09 84.72 77.41
C LEU A 2624 4.52 85.11 78.77
N ARG A 2625 3.20 85.04 78.91
CA ARG A 2625 2.55 85.34 80.18
C ARG A 2625 3.04 84.44 81.29
N ARG A 2626 3.13 83.12 81.03
CA ARG A 2626 3.68 82.22 82.04
C ARG A 2626 5.15 82.51 82.32
N LEU A 2627 5.91 82.84 81.27
CA LEU A 2627 7.32 83.14 81.47
C LEU A 2627 7.53 84.40 82.31
N VAL A 2628 6.59 85.35 82.25
CA VAL A 2628 6.73 86.53 83.10
C VAL A 2628 6.86 86.12 84.56
N PHE A 2629 6.03 85.18 85.01
CA PHE A 2629 6.14 84.70 86.38
C PHE A 2629 7.35 83.81 86.57
N ASP A 2630 7.61 82.90 85.62
CA ASP A 2630 8.62 81.87 85.86
C ASP A 2630 10.04 82.43 85.84
N VAL A 2631 10.38 83.22 84.83
CA VAL A 2631 11.77 83.58 84.57
C VAL A 2631 12.38 84.45 85.68
N PRO A 2632 11.70 85.49 86.16
CA PRO A 2632 12.36 86.44 87.07
C PRO A 2632 13.02 85.80 88.28
N ILE A 2633 12.61 84.58 88.67
CA ILE A 2633 13.27 83.91 89.79
C ILE A 2633 14.74 83.68 89.49
N LEU A 2634 15.11 83.55 88.21
CA LEU A 2634 16.50 83.38 87.79
C LEU A 2634 17.15 82.20 88.49
N ASN A 2635 16.40 81.10 88.60
CA ASN A 2635 16.93 79.85 89.12
C ASN A 2635 17.65 79.08 88.00
N GLU A 2636 18.00 77.83 88.28
CA GLU A 2636 18.64 77.01 87.28
C GLU A 2636 17.73 76.77 86.08
N PHE A 2637 16.43 76.54 86.32
CA PHE A 2637 15.51 76.28 85.22
C PHE A 2637 15.35 77.51 84.33
N ALA A 2638 15.69 78.69 84.86
CA ALA A 2638 15.45 79.93 84.14
C ALA A 2638 16.33 80.08 82.91
N LYS A 2639 17.39 79.29 82.78
CA LYS A 2639 18.34 79.49 81.68
C LYS A 2639 17.68 79.29 80.32
N MET A 2640 16.94 78.19 80.15
CA MET A 2640 16.30 77.94 78.86
C MET A 2640 15.28 79.00 78.52
N PRO A 2641 14.37 79.41 79.42
CA PRO A 2641 13.46 80.51 79.09
C PRO A 2641 14.19 81.77 78.63
N LEU A 2642 15.36 82.07 79.20
CA LEU A 2642 16.10 83.23 78.75
C LEU A 2642 16.48 83.11 77.28
N LYS A 2643 17.00 81.95 76.88
CA LYS A 2643 17.37 81.74 75.48
C LYS A 2643 16.13 81.82 74.58
N LEU A 2644 15.03 81.21 75.01
CA LEU A 2644 13.81 81.22 74.21
C LEU A 2644 13.31 82.65 74.02
N LEU A 2645 13.27 83.44 75.09
CA LEU A 2645 12.84 84.83 74.97
C LEU A 2645 13.78 85.64 74.11
N THR A 2646 15.10 85.43 74.26
CA THR A 2646 16.05 86.13 73.41
C THR A 2646 15.79 85.86 71.94
N ASN A 2647 15.68 84.57 71.57
CA ASN A 2647 15.42 84.24 70.17
C ASN A 2647 14.09 84.81 69.70
N HIS A 2648 13.05 84.68 70.51
CA HIS A 2648 11.72 85.15 70.11
C HIS A 2648 11.72 86.65 69.86
N TYR A 2649 12.29 87.43 70.78
CA TYR A 2649 12.26 88.87 70.64
C TYR A 2649 13.20 89.35 69.53
N GLU A 2650 14.35 88.69 69.37
CA GLU A 2650 15.23 89.05 68.26
C GLU A 2650 14.54 88.78 66.92
N ARG A 2651 13.79 87.69 66.84
CA ARG A 2651 13.06 87.38 65.61
C ARG A 2651 11.94 88.39 65.35
N CYS A 2652 11.15 88.69 66.39
CA CYS A 2652 9.92 89.45 66.23
C CYS A 2652 10.03 90.88 66.77
N TRP A 2653 11.24 91.45 66.73
CA TRP A 2653 11.41 92.81 67.25
C TRP A 2653 10.53 93.81 66.52
N LYS A 2654 10.29 93.61 65.22
CA LYS A 2654 9.42 94.52 64.48
C LYS A 2654 7.96 94.38 64.89
N TYR A 2655 7.54 93.21 65.36
CA TYR A 2655 6.15 93.03 65.77
C TYR A 2655 5.81 93.94 66.95
N TYR A 2656 6.81 94.28 67.77
CA TYR A 2656 6.59 95.11 68.95
C TYR A 2656 7.02 96.56 68.74
N CYS A 2657 8.27 96.78 68.36
CA CYS A 2657 8.81 98.13 68.33
C CYS A 2657 8.12 99.00 67.28
N LEU A 2658 7.95 98.48 66.07
CA LEU A 2658 7.44 99.30 64.98
C LEU A 2658 5.98 99.68 65.24
N PRO A 2659 5.54 100.85 64.77
CA PRO A 2659 4.12 101.21 64.91
C PRO A 2659 3.26 100.46 63.91
N THR A 2660 3.78 100.28 62.69
CA THR A 2660 3.03 99.55 61.67
C THR A 2660 2.89 98.08 62.05
N GLY A 2661 3.92 97.50 62.66
CA GLY A 2661 3.93 96.10 62.99
C GLY A 2661 4.59 95.26 61.90
N TRP A 2662 5.00 94.06 62.27
CA TRP A 2662 5.66 93.17 61.33
C TRP A 2662 4.71 92.81 60.20
N ALA A 2663 5.22 92.85 58.97
CA ALA A 2663 4.38 92.61 57.81
C ALA A 2663 3.82 91.19 57.84
N ASN A 2664 2.51 91.07 57.60
CA ASN A 2664 1.75 89.83 57.51
C ASN A 2664 1.54 89.20 58.88
N PHE A 2665 2.10 89.74 59.96
CA PHE A 2665 1.92 89.20 61.29
C PHE A 2665 1.14 90.11 62.22
N GLY A 2666 0.74 91.29 61.78
CA GLY A 2666 -0.02 92.20 62.62
C GLY A 2666 0.88 93.10 63.44
N VAL A 2667 0.26 93.73 64.44
CA VAL A 2667 0.94 94.65 65.33
C VAL A 2667 0.71 94.20 66.77
N THR A 2668 1.65 94.56 67.64
CA THR A 2668 1.57 94.13 69.03
C THR A 2668 0.38 94.77 69.73
N SER A 2669 0.03 94.21 70.88
CA SER A 2669 -1.08 94.70 71.69
C SER A 2669 -0.55 95.31 72.99
N GLU A 2670 -1.39 96.12 73.62
CA GLU A 2670 -1.02 96.74 74.88
C GLU A 2670 -0.66 95.69 75.92
N GLU A 2671 -1.40 94.58 75.95
CA GLU A 2671 -1.07 93.50 76.87
C GLU A 2671 0.29 92.89 76.54
N GLU A 2672 0.57 92.69 75.25
CA GLU A 2672 1.88 92.20 74.86
C GLU A 2672 2.99 93.11 75.37
N LEU A 2673 2.83 94.42 75.18
CA LEU A 2673 3.86 95.35 75.61
C LEU A 2673 3.99 95.38 77.13
N HIS A 2674 2.87 95.27 77.84
CA HIS A 2674 2.92 95.24 79.29
C HIS A 2674 3.68 94.01 79.79
N LEU A 2675 3.39 92.85 79.20
CA LEU A 2675 4.14 91.64 79.56
C LEU A 2675 5.61 91.77 79.24
N THR A 2676 5.96 92.35 78.09
CA THR A 2676 7.36 92.52 77.73
C THR A 2676 8.06 93.45 78.72
N ARG A 2677 7.41 94.55 79.11
CA ARG A 2677 7.99 95.46 80.08
C ARG A 2677 8.20 94.78 81.42
N LYS A 2678 7.22 93.96 81.85
CA LYS A 2678 7.39 93.23 83.10
C LYS A 2678 8.56 92.26 83.00
N LEU A 2679 8.68 91.55 81.89
CA LEU A 2679 9.87 90.71 81.68
C LEU A 2679 11.15 91.51 81.87
N PHE A 2680 11.26 92.63 81.17
CA PHE A 2680 12.49 93.41 81.21
C PHE A 2680 12.82 93.83 82.64
N TRP A 2681 11.84 94.42 83.33
CA TRP A 2681 12.14 94.98 84.64
C TRP A 2681 12.37 93.90 85.68
N GLY A 2682 11.59 92.81 85.63
CA GLY A 2682 11.84 91.72 86.55
C GLY A 2682 13.23 91.13 86.38
N ILE A 2683 13.61 90.87 85.12
CA ILE A 2683 14.95 90.33 84.86
C ILE A 2683 16.01 91.31 85.34
N PHE A 2684 15.82 92.60 85.07
CA PHE A 2684 16.80 93.60 85.45
C PHE A 2684 17.00 93.62 86.97
N ASP A 2685 15.91 93.74 87.72
CA ASP A 2685 16.02 93.80 89.17
C ASP A 2685 16.61 92.52 89.73
N SER A 2686 16.13 91.37 89.26
CA SER A 2686 16.67 90.10 89.75
C SER A 2686 18.16 90.01 89.49
N LEU A 2687 18.59 90.21 88.25
CA LEU A 2687 20.01 90.11 87.92
C LEU A 2687 20.83 91.11 88.74
N ALA A 2688 20.26 92.28 89.01
CA ALA A 2688 20.97 93.26 89.83
C ALA A 2688 21.19 92.73 91.24
N HIS A 2689 20.19 92.06 91.81
CA HIS A 2689 20.31 91.56 93.18
C HIS A 2689 20.98 90.19 93.29
N LYS A 2690 21.19 89.49 92.18
CA LYS A 2690 21.82 88.18 92.24
C LYS A 2690 23.33 88.30 92.40
N LYS A 2691 23.92 87.31 93.06
CA LYS A 2691 25.37 87.21 93.12
C LYS A 2691 25.91 86.85 91.74
N TYR A 2692 27.15 87.27 91.47
CA TYR A 2692 27.71 87.08 90.15
C TYR A 2692 27.77 85.60 89.78
N ASP A 2693 27.36 85.29 88.56
CA ASP A 2693 27.48 83.97 87.97
C ASP A 2693 27.73 84.13 86.48
N GLN A 2694 28.85 83.58 86.01
CA GLN A 2694 29.24 83.78 84.61
C GLN A 2694 28.17 83.25 83.66
N GLU A 2695 27.69 82.03 83.92
CA GLU A 2695 26.69 81.43 83.03
C GLU A 2695 25.41 82.25 83.01
N LEU A 2696 24.89 82.60 84.19
CA LEU A 2696 23.65 83.36 84.25
C LEU A 2696 23.78 84.70 83.57
N TYR A 2697 24.89 85.40 83.83
CA TYR A 2697 25.09 86.70 83.20
C TYR A 2697 25.22 86.60 81.69
N ARG A 2698 25.99 85.63 81.19
CA ARG A 2698 26.14 85.47 79.75
C ARG A 2698 24.82 85.13 79.07
N ILE A 2699 24.00 84.27 79.68
CA ILE A 2699 22.70 83.98 79.10
C ILE A 2699 21.75 85.17 79.20
N ALA A 2700 21.79 85.93 80.30
CA ALA A 2700 20.83 87.00 80.54
C ALA A 2700 21.09 88.24 79.70
N MET A 2701 22.36 88.65 79.55
CA MET A 2701 22.64 89.90 78.85
C MET A 2701 22.04 89.93 77.45
N PRO A 2702 22.22 88.90 76.61
CA PRO A 2702 21.53 88.93 75.30
C PRO A 2702 20.02 89.03 75.43
N CYS A 2703 19.44 88.37 76.43
CA CYS A 2703 17.99 88.44 76.60
C CYS A 2703 17.56 89.86 76.96
N LEU A 2704 18.27 90.50 77.88
CA LEU A 2704 17.93 91.87 78.25
C LEU A 2704 18.05 92.80 77.05
N CYS A 2705 19.12 92.65 76.28
CA CYS A 2705 19.28 93.48 75.08
C CYS A 2705 18.14 93.26 74.09
N ALA A 2706 17.77 91.99 73.87
CA ALA A 2706 16.70 91.69 72.92
C ALA A 2706 15.37 92.29 73.38
N ILE A 2707 15.05 92.15 74.66
CA ILE A 2707 13.80 92.70 75.16
C ILE A 2707 13.81 94.23 75.05
N ALA A 2708 14.93 94.85 75.40
CA ALA A 2708 15.01 96.31 75.29
C ALA A 2708 14.84 96.77 73.86
N GLY A 2709 15.48 96.08 72.91
CA GLY A 2709 15.33 96.45 71.51
C GLY A 2709 13.90 96.26 71.03
N ALA A 2710 13.25 95.17 71.45
CA ALA A 2710 11.90 94.89 70.98
C ALA A 2710 10.91 95.91 71.52
N LEU A 2711 11.01 96.24 72.80
CA LEU A 2711 10.00 97.09 73.44
C LEU A 2711 10.19 98.53 72.98
N PRO A 2712 9.13 99.22 72.54
CA PRO A 2712 9.28 100.59 72.02
C PRO A 2712 9.82 101.53 73.07
N PRO A 2713 10.61 102.53 72.69
CA PRO A 2713 11.10 103.49 73.69
C PRO A 2713 10.01 104.37 74.29
N ASP A 2714 9.12 104.91 73.47
CA ASP A 2714 8.12 105.85 73.95
C ASP A 2714 6.87 105.18 74.49
N TYR A 2715 6.81 103.85 74.44
CA TYR A 2715 5.64 103.14 74.95
C TYR A 2715 5.39 103.48 76.41
N VAL A 2716 4.13 103.75 76.73
CA VAL A 2716 3.71 104.09 78.09
C VAL A 2716 2.78 102.99 78.58
N ASP A 2717 3.09 102.42 79.75
CA ASP A 2717 2.29 101.34 80.29
C ASP A 2717 0.91 101.84 80.69
N ALA A 2718 -0.11 101.03 80.39
CA ALA A 2718 -1.48 101.42 80.66
C ALA A 2718 -1.76 101.57 82.16
N SER A 2719 -1.28 100.62 82.97
CA SER A 2719 -1.54 100.61 84.42
C SER A 2719 -0.19 100.58 85.14
N TYR A 2720 0.37 101.77 85.37
CA TYR A 2720 1.63 101.88 86.09
C TYR A 2720 1.40 101.61 87.57
N SER A 2721 2.42 101.02 88.21
CA SER A 2721 2.38 100.71 89.63
C SER A 2721 3.57 101.37 90.31
N SER A 2722 3.29 102.16 91.35
CA SER A 2722 4.36 102.78 92.15
C SER A 2722 4.80 101.90 93.30
N LYS A 2723 3.90 101.10 93.86
CA LYS A 2723 4.26 100.19 94.94
C LYS A 2723 5.25 99.13 94.47
N THR A 2724 5.03 98.59 93.26
CA THR A 2724 5.93 97.59 92.67
C THR A 2724 6.13 96.41 93.62
N GLU A 2725 5.05 95.96 94.25
CA GLU A 2725 5.14 94.82 95.15
C GLU A 2725 5.32 93.54 94.36
N LYS A 2726 6.31 92.74 94.75
CA LYS A 2726 6.64 91.51 94.03
C LYS A 2726 6.84 91.78 92.55
N ASN A 2735 5.53 78.76 91.75
CA ASN A 2735 5.48 78.90 93.20
C ASN A 2735 4.64 80.11 93.59
N PHE A 2736 3.54 80.32 92.86
CA PHE A 2736 2.66 81.45 93.15
C PHE A 2736 1.94 81.22 94.48
N ASP A 2737 1.79 82.30 95.25
CA ASP A 2737 1.12 82.24 96.55
C ASP A 2737 -0.09 83.16 96.54
N PRO A 2738 -1.29 82.66 96.22
CA PRO A 2738 -2.46 83.54 96.12
C PRO A 2738 -2.96 84.02 97.49
N ARG A 2739 -2.12 84.79 98.19
CA ARG A 2739 -2.42 85.23 99.55
C ARG A 2739 -3.43 86.37 99.56
N PRO A 2740 -4.59 86.18 100.17
CA PRO A 2740 -5.49 87.32 100.42
C PRO A 2740 -5.22 87.95 101.77
N VAL A 2741 -5.91 89.07 102.02
CA VAL A 2741 -5.86 89.70 103.33
C VAL A 2741 -6.77 88.94 104.29
N GLU A 2742 -6.50 89.08 105.59
CA GLU A 2742 -7.25 88.34 106.62
C GLU A 2742 -8.56 89.07 106.91
N THR A 2743 -9.38 89.14 105.85
CA THR A 2743 -10.67 89.80 105.96
C THR A 2743 -11.51 89.19 107.07
N LEU A 2744 -11.41 87.87 107.25
CA LEU A 2744 -12.22 87.23 108.28
C LEU A 2744 -11.85 87.68 109.69
N ASN A 2745 -10.56 87.87 109.99
CA ASN A 2745 -10.19 88.32 111.32
C ASN A 2745 -10.46 89.81 111.48
N VAL A 2746 -10.33 90.59 110.40
CA VAL A 2746 -10.65 92.02 110.49
C VAL A 2746 -12.12 92.18 110.89
N ILE A 2747 -12.41 93.24 111.63
CA ILE A 2747 -13.72 93.46 112.22
C ILE A 2747 -14.48 94.50 111.42
N ILE A 2748 -15.79 94.61 111.64
CA ILE A 2748 -16.68 95.35 110.75
C ILE A 2748 -17.45 96.44 111.51
N PRO A 2749 -17.59 97.64 110.96
CA PRO A 2749 -18.50 98.63 111.56
C PRO A 2749 -19.96 98.34 111.27
N GLU A 2750 -20.83 98.89 112.13
CA GLU A 2750 -22.27 98.69 111.98
C GLU A 2750 -22.87 99.56 110.89
N LYS A 2751 -22.33 100.77 110.68
CA LYS A 2751 -22.77 101.56 109.54
C LYS A 2751 -22.44 100.85 108.23
N LEU A 2752 -21.28 100.20 108.18
CA LEU A 2752 -20.96 99.39 107.01
C LEU A 2752 -21.79 98.12 106.98
N ASP A 2753 -22.29 97.66 108.13
CA ASP A 2753 -23.28 96.58 108.12
C ASP A 2753 -24.57 97.02 107.42
N SER A 2754 -25.01 98.25 107.72
CA SER A 2754 -26.17 98.80 107.01
C SER A 2754 -25.88 98.92 105.53
N PHE A 2755 -24.68 99.39 105.18
CA PHE A 2755 -24.29 99.40 103.77
C PHE A 2755 -24.34 98.00 103.17
N ILE A 2756 -23.97 96.99 103.96
CA ILE A 2756 -23.99 95.61 103.47
C ILE A 2756 -25.42 95.19 103.16
N ASN A 2757 -26.36 95.53 104.04
CA ASN A 2757 -27.75 95.17 103.77
C ASN A 2757 -28.26 95.87 102.52
N LYS A 2758 -27.88 97.14 102.34
CA LYS A 2758 -28.29 97.86 101.13
C LYS A 2758 -27.66 97.27 99.87
N PHE A 2759 -26.38 96.86 99.94
CA PHE A 2759 -25.75 96.26 98.76
C PHE A 2759 -26.30 94.87 98.49
N ALA A 2760 -26.70 94.16 99.55
CA ALA A 2760 -27.44 92.92 99.35
C ALA A 2760 -28.74 93.20 98.61
N GLU A 2761 -29.45 94.25 99.01
CA GLU A 2761 -30.63 94.69 98.26
C GLU A 2761 -30.32 94.91 96.79
N TYR A 2762 -29.27 95.68 96.50
CA TYR A 2762 -28.95 96.03 95.11
C TYR A 2762 -28.54 94.80 94.30
N THR A 2763 -27.65 93.97 94.83
CA THR A 2763 -27.18 92.81 94.09
C THR A 2763 -28.28 91.78 93.92
N HIS A 2764 -29.15 91.64 94.93
CA HIS A 2764 -30.30 90.76 94.85
C HIS A 2764 -31.32 91.25 93.82
N GLU A 2765 -31.46 92.56 93.66
CA GLU A 2765 -32.28 93.14 92.61
C GLU A 2765 -31.69 92.87 91.23
N LYS A 2766 -30.39 93.11 91.07
CA LYS A 2766 -29.73 92.86 89.77
C LYS A 2766 -29.78 91.39 89.38
N TRP A 2767 -29.38 90.51 90.30
CA TRP A 2767 -29.36 89.08 89.98
C TRP A 2767 -30.77 88.57 89.78
N ALA A 2768 -31.73 89.11 90.54
CA ALA A 2768 -33.13 88.74 90.33
C ALA A 2768 -33.59 89.15 88.94
N PHE A 2769 -33.20 90.33 88.47
CA PHE A 2769 -33.51 90.73 87.11
C PHE A 2769 -32.88 89.78 86.09
N ASP A 2770 -31.63 89.38 86.33
CA ASP A 2770 -30.99 88.42 85.43
C ASP A 2770 -31.75 87.10 85.40
N LYS A 2771 -32.19 86.64 86.57
CA LYS A 2771 -32.99 85.41 86.62
C LYS A 2771 -34.32 85.58 85.90
N ILE A 2772 -34.93 86.77 85.99
CA ILE A 2772 -36.16 87.03 85.24
C ILE A 2772 -35.90 86.92 83.75
N GLN A 2773 -34.79 87.49 83.27
CA GLN A 2773 -34.42 87.30 81.87
C GLN A 2773 -34.24 85.82 81.54
N ASN A 2774 -33.62 85.08 82.46
CA ASN A 2774 -33.49 83.63 82.30
C ASN A 2774 -34.81 82.89 82.47
N ASN A 2775 -35.89 83.60 82.80
CA ASN A 2775 -37.23 83.03 82.96
C ASN A 2775 -37.37 82.28 84.28
N TRP A 2776 -36.47 82.54 85.22
CA TRP A 2776 -36.55 81.96 86.56
C TRP A 2776 -37.47 82.83 87.41
N SER A 2777 -38.76 82.53 87.37
CA SER A 2777 -39.72 83.23 88.20
C SER A 2777 -39.64 82.73 89.65
N TYR A 2778 -40.25 83.48 90.55
CA TYR A 2778 -40.23 83.10 91.97
C TYR A 2778 -40.90 81.74 92.15
N GLY A 2779 -40.28 80.90 92.97
CA GLY A 2779 -40.79 79.56 93.20
C GLY A 2779 -40.62 79.06 94.61
N GLU A 2780 -40.76 77.74 94.79
CA GLU A 2780 -40.63 77.14 96.11
C GLU A 2780 -39.25 76.52 96.31
N ASN A 2781 -38.65 75.99 95.24
CA ASN A 2781 -37.33 75.38 95.33
C ASN A 2781 -36.66 75.48 93.98
N ILE A 2782 -35.33 75.38 93.98
CA ILE A 2782 -34.54 75.51 92.75
C ILE A 2782 -34.45 74.17 92.06
N ASP A 2783 -34.66 74.16 90.76
CA ASP A 2783 -34.49 72.95 89.95
C ASP A 2783 -34.38 73.36 88.48
N GLU A 2784 -33.56 72.61 87.74
CA GLU A 2784 -33.36 72.93 86.33
C GLU A 2784 -34.67 72.83 85.56
N GLU A 2785 -35.46 71.79 85.82
CA GLU A 2785 -36.71 71.60 85.09
C GLU A 2785 -37.77 72.59 85.56
N LEU A 2786 -37.83 72.88 86.86
CA LEU A 2786 -38.85 73.78 87.36
C LEU A 2786 -38.69 75.18 86.79
N LYS A 2787 -37.45 75.64 86.64
CA LYS A 2787 -37.16 76.99 86.14
C LYS A 2787 -37.85 78.03 87.03
N THR A 2788 -37.78 77.81 88.35
CA THR A 2788 -38.35 78.72 89.33
C THR A 2788 -37.38 78.79 90.51
N HIS A 2789 -37.27 79.99 91.11
CA HIS A 2789 -36.26 80.25 92.12
C HIS A 2789 -36.91 80.83 93.37
N PRO A 2790 -36.69 80.26 94.56
CA PRO A 2790 -37.33 80.82 95.76
C PRO A 2790 -36.54 81.93 96.44
N MET A 2791 -35.22 81.99 96.24
CA MET A 2791 -34.41 82.95 96.99
C MET A 2791 -34.76 84.38 96.60
N LEU A 2792 -35.16 84.61 95.35
CA LEU A 2792 -35.59 85.93 94.92
C LEU A 2792 -36.99 86.20 95.48
N ARG A 2793 -37.08 87.12 96.43
CA ARG A 2793 -38.34 87.47 97.06
C ARG A 2793 -38.24 88.90 97.56
N PRO A 2794 -39.33 89.48 98.03
CA PRO A 2794 -39.24 90.75 98.75
C PRO A 2794 -38.32 90.63 99.95
N TYR A 2795 -37.68 91.73 100.32
CA TYR A 2795 -36.63 91.68 101.33
C TYR A 2795 -37.20 91.45 102.73
N LYS A 2796 -38.52 91.58 102.89
CA LYS A 2796 -39.14 91.28 104.17
C LYS A 2796 -39.46 89.80 104.29
N THR A 2797 -40.14 89.24 103.29
CA THR A 2797 -40.42 87.80 103.30
C THR A 2797 -39.13 87.00 103.25
N PHE A 2798 -38.10 87.54 102.60
CA PHE A 2798 -36.82 86.85 102.50
C PHE A 2798 -36.26 86.56 103.88
N SER A 2799 -35.91 85.30 104.10
CA SER A 2799 -35.51 84.85 105.43
C SER A 2799 -34.27 85.60 105.90
N GLU A 2800 -34.25 85.90 107.21
CA GLU A 2800 -33.09 86.58 107.79
C GLU A 2800 -31.83 85.74 107.67
N LYS A 2801 -31.94 84.43 107.89
CA LYS A 2801 -30.79 83.55 107.71
C LYS A 2801 -30.26 83.60 106.29
N ASP A 2802 -31.15 83.57 105.30
CA ASP A 2802 -30.72 83.62 103.91
C ASP A 2802 -30.02 84.94 103.61
N LYS A 2803 -30.55 86.05 104.14
CA LYS A 2803 -29.93 87.35 103.89
C LYS A 2803 -28.57 87.47 104.56
N GLU A 2804 -28.36 86.81 105.70
CA GLU A 2804 -27.04 86.83 106.32
C GLU A 2804 -26.02 86.08 105.46
N ILE A 2805 -26.38 84.87 105.01
CA ILE A 2805 -25.50 84.11 104.14
C ILE A 2805 -25.22 84.88 102.85
N TYR A 2806 -26.23 85.58 102.32
CA TYR A 2806 -26.09 86.35 101.10
C TYR A 2806 -25.30 87.64 101.29
N ARG A 2807 -25.31 88.20 102.50
CA ARG A 2807 -24.51 89.37 102.82
C ARG A 2807 -23.07 89.00 103.13
N TRP A 2808 -22.83 87.73 103.47
CA TRP A 2808 -21.48 87.31 103.86
C TRP A 2808 -20.40 87.68 102.85
N PRO A 2809 -20.59 87.52 101.53
CA PRO A 2809 -19.52 87.92 100.60
C PRO A 2809 -19.21 89.40 100.67
N ILE A 2810 -20.25 90.23 100.78
CA ILE A 2810 -20.04 91.66 100.93
C ILE A 2810 -19.37 91.96 102.27
N LYS A 2811 -19.75 91.20 103.30
CA LYS A 2811 -19.07 91.28 104.58
C LYS A 2811 -17.58 91.07 104.43
N GLU A 2812 -17.18 90.00 103.74
CA GLU A 2812 -15.77 89.71 103.54
C GLU A 2812 -15.09 90.80 102.74
N SER A 2813 -15.75 91.31 101.69
CA SER A 2813 -15.14 92.37 100.90
C SER A 2813 -14.86 93.61 101.74
N LEU A 2814 -15.86 94.04 102.53
CA LEU A 2814 -15.66 95.25 103.33
C LEU A 2814 -14.61 95.03 104.40
N LYS A 2815 -14.61 93.86 105.05
CA LYS A 2815 -13.53 93.56 105.98
C LYS A 2815 -12.17 93.57 105.29
N ALA A 2816 -12.12 93.17 104.02
CA ALA A 2816 -10.87 93.25 103.26
C ALA A 2816 -10.43 94.69 103.07
N MET A 2817 -11.36 95.57 102.69
CA MET A 2817 -10.97 96.97 102.53
C MET A 2817 -10.52 97.57 103.87
N ILE A 2818 -11.17 97.19 104.96
CA ILE A 2818 -10.69 97.63 106.28
C ILE A 2818 -9.29 97.08 106.53
N ALA A 2819 -9.03 95.85 106.10
CA ALA A 2819 -7.69 95.29 106.24
C ALA A 2819 -6.67 96.14 105.49
N TRP A 2820 -7.03 96.64 104.31
CA TRP A 2820 -6.15 97.54 103.57
C TRP A 2820 -6.13 98.94 104.13
N GLU A 2821 -6.76 99.18 105.28
CA GLU A 2821 -6.74 100.48 105.94
C GLU A 2821 -7.45 101.56 105.12
N TRP A 2822 -8.23 101.14 104.12
CA TRP A 2822 -9.04 102.10 103.38
C TRP A 2822 -10.27 102.45 104.20
N THR A 2823 -10.55 103.74 104.34
CA THR A 2823 -11.63 104.24 105.17
C THR A 2823 -12.73 104.83 104.29
N VAL A 2824 -13.98 104.61 104.71
CA VAL A 2824 -15.16 105.05 103.97
C VAL A 2824 -16.08 105.76 104.95
N GLU A 2825 -16.60 106.92 104.53
CA GLU A 2825 -17.41 107.76 105.40
C GLU A 2825 -18.63 108.29 104.64
N LYS A 2826 -19.72 108.51 105.38
CA LYS A 2826 -20.93 109.11 104.82
C LYS A 2826 -20.99 110.62 105.01
N ALA A 2827 -19.84 111.27 105.23
CA ALA A 2827 -19.84 112.72 105.40
C ALA A 2827 -20.28 113.46 104.14
N ARG A 2828 -20.33 112.78 103.00
CA ARG A 2828 -20.80 113.38 101.75
C ARG A 2828 -21.84 112.48 101.12
N GLU A 2829 -22.67 113.06 100.26
CA GLU A 2829 -23.68 112.33 99.51
C GLU A 2829 -23.33 112.38 98.03
N GLY A 2830 -23.23 111.21 97.41
CA GLY A 2830 -22.90 111.13 96.00
C GLY A 2830 -23.71 110.05 95.31
N GLU A 2831 -23.76 110.15 93.99
CA GLU A 2831 -24.53 109.21 93.18
C GLU A 2831 -23.60 108.14 92.58
N TYR A 2856 -40.20 87.93 92.41
CA TYR A 2856 -40.77 89.26 92.62
C TYR A 2856 -40.43 90.17 91.44
N ASN A 2857 -40.57 91.48 91.63
CA ASN A 2857 -40.32 92.45 90.58
C ASN A 2857 -38.98 93.11 90.79
N PRO A 2858 -37.95 92.81 89.99
CA PRO A 2858 -36.64 93.46 90.20
C PRO A 2858 -36.49 94.75 89.41
N GLN A 2859 -36.13 95.84 90.09
CA GLN A 2859 -35.87 97.13 89.46
C GLN A 2859 -34.59 97.71 90.06
N PRO A 2860 -33.43 97.18 89.67
CA PRO A 2860 -32.17 97.66 90.25
C PRO A 2860 -31.81 99.04 89.75
N PRO A 2861 -31.23 99.89 90.60
CA PRO A 2861 -30.71 101.17 90.11
C PRO A 2861 -29.38 100.96 89.39
N ASP A 2862 -29.30 101.41 88.14
CA ASP A 2862 -28.12 101.16 87.34
C ASP A 2862 -26.92 101.90 87.91
N LEU A 2863 -25.80 101.19 88.07
CA LEU A 2863 -24.56 101.77 88.56
C LEU A 2863 -23.55 102.05 87.46
N SER A 2864 -23.82 101.60 86.23
CA SER A 2864 -22.89 101.83 85.13
C SER A 2864 -22.77 103.32 84.82
N VAL A 2865 -23.89 104.04 84.86
CA VAL A 2865 -23.87 105.47 84.55
C VAL A 2865 -22.94 106.20 85.51
N VAL A 2866 -22.82 105.72 86.75
CA VAL A 2866 -21.96 106.37 87.73
C VAL A 2866 -20.52 106.30 87.24
N THR A 2867 -19.86 107.45 87.22
CA THR A 2867 -18.49 107.54 86.74
C THR A 2867 -17.53 106.94 87.75
N LEU A 2868 -16.36 106.53 87.25
CA LEU A 2868 -15.32 105.93 88.07
C LEU A 2868 -13.99 106.64 87.80
N SER A 2869 -13.38 107.17 88.85
CA SER A 2869 -12.05 107.77 88.73
C SER A 2869 -11.00 106.67 88.68
N ARG A 2870 -9.80 107.05 88.24
CA ARG A 2870 -8.73 106.05 88.05
C ARG A 2870 -8.23 105.50 89.38
N GLU A 2871 -8.24 106.31 90.44
CA GLU A 2871 -7.86 105.78 91.76
C GLU A 2871 -8.88 104.76 92.25
N LEU A 2872 -10.17 105.02 92.02
CA LEU A 2872 -11.19 104.03 92.37
C LEU A 2872 -11.06 102.79 91.48
N GLN A 2873 -10.62 102.97 90.24
CA GLN A 2873 -10.32 101.82 89.40
C GLN A 2873 -9.17 101.00 89.99
N ALA A 2874 -8.15 101.68 90.52
CA ALA A 2874 -7.05 100.97 91.17
C ALA A 2874 -7.54 100.21 92.40
N MET A 2875 -8.44 100.83 93.17
CA MET A 2875 -9.09 100.10 94.27
C MET A 2875 -9.84 98.87 93.78
N ALA A 2876 -10.60 98.99 92.69
CA ALA A 2876 -11.28 97.82 92.15
C ALA A 2876 -10.28 96.75 91.72
N GLU A 2877 -9.15 97.17 91.14
CA GLU A 2877 -8.13 96.22 90.73
C GLU A 2877 -7.54 95.49 91.94
N GLN A 2878 -7.29 96.21 93.03
CA GLN A 2878 -6.77 95.56 94.23
C GLN A 2878 -7.80 94.61 94.85
N LEU A 2879 -9.07 95.02 94.82
CA LEU A 2879 -10.11 94.15 95.37
C LEU A 2879 -10.24 92.88 94.53
N ALA A 2880 -10.09 93.01 93.21
CA ALA A 2880 -10.08 91.84 92.34
C ALA A 2880 -8.82 91.01 92.55
N GLU A 2881 -7.70 91.67 92.89
CA GLU A 2881 -6.51 90.94 93.32
C GLU A 2881 -6.84 90.04 94.49
N ASN A 2882 -7.54 90.57 95.49
CA ASN A 2882 -7.92 89.76 96.65
C ASN A 2882 -8.88 88.64 96.25
N TYR A 2883 -9.84 88.94 95.37
CA TYR A 2883 -10.73 87.89 94.90
C TYR A 2883 -9.94 86.77 94.24
N HIS A 2884 -8.98 87.12 93.37
CA HIS A 2884 -8.17 86.10 92.72
C HIS A 2884 -7.33 85.35 93.73
N ASN A 2885 -6.85 86.02 94.77
CA ASN A 2885 -6.07 85.33 95.80
C ASN A 2885 -6.92 84.27 96.48
N THR A 2886 -8.12 84.63 96.92
CA THR A 2886 -9.01 83.66 97.57
C THR A 2886 -9.36 82.52 96.62
N TRP A 2887 -9.72 82.86 95.38
CA TRP A 2887 -10.08 81.86 94.39
C TRP A 2887 -8.91 80.90 94.14
N GLY A 2888 -7.70 81.45 94.02
CA GLY A 2888 -6.53 80.63 93.77
C GLY A 2888 -6.21 79.73 94.93
N ARG A 2889 -6.38 80.20 96.17
CA ARG A 2889 -6.13 79.32 97.30
C ARG A 2889 -7.18 78.22 97.40
N LYS A 2890 -8.44 78.54 97.13
CA LYS A 2890 -9.45 77.49 97.10
C LYS A 2890 -9.08 76.42 96.07
N LYS A 2891 -8.71 76.85 94.86
CA LYS A 2891 -8.30 75.88 93.85
C LYS A 2891 -6.98 75.20 94.24
N LYS A 2892 -6.17 75.84 95.08
CA LYS A 2892 -4.91 75.23 95.49
C LYS A 2892 -5.16 74.10 96.49
N GLN A 2893 -6.05 74.31 97.45
CA GLN A 2893 -6.45 73.20 98.31
C GLN A 2893 -7.19 72.14 97.51
N GLU A 2894 -7.92 72.54 96.46
CA GLU A 2894 -8.50 71.54 95.57
C GLU A 2894 -7.43 70.69 94.90
N LEU A 2895 -6.34 71.33 94.43
CA LEU A 2895 -5.24 70.57 93.84
C LEU A 2895 -4.60 69.65 94.88
N GLU A 2896 -4.44 70.13 96.11
CA GLU A 2896 -3.92 69.26 97.16
C GLU A 2896 -4.81 68.05 97.36
N ALA A 2897 -6.12 68.25 97.36
CA ALA A 2897 -7.05 67.13 97.49
C ALA A 2897 -6.91 66.16 96.32
N LYS A 2898 -6.81 66.69 95.10
CA LYS A 2898 -6.59 65.84 93.93
C LYS A 2898 -5.25 65.12 94.00
N GLY A 2899 -4.30 65.63 94.78
CA GLY A 2899 -3.00 65.00 94.90
C GLY A 2899 -2.19 65.07 93.62
N GLY A 2900 -2.31 66.15 92.86
CA GLY A 2900 -1.53 66.32 91.65
C GLY A 2900 -2.10 67.35 90.70
N GLY A 2901 -1.28 67.78 89.73
CA GLY A 2901 -1.72 68.75 88.75
C GLY A 2901 -1.65 70.17 89.27
N SER A 2902 -1.87 71.11 88.36
CA SER A 2902 -1.88 72.52 88.69
C SER A 2902 -3.02 73.21 87.95
N HIS A 2903 -3.61 74.21 88.59
CA HIS A 2903 -4.70 74.95 87.97
C HIS A 2903 -4.16 75.83 86.85
N PRO A 2904 -4.75 75.78 85.65
CA PRO A 2904 -4.25 76.65 84.58
C PRO A 2904 -4.27 78.11 84.93
N LEU A 2905 -5.31 78.57 85.64
CA LEU A 2905 -5.46 79.97 86.00
C LEU A 2905 -4.94 80.21 87.42
N LEU A 2906 -3.68 79.86 87.64
CA LEU A 2906 -2.99 80.07 88.91
C LEU A 2906 -2.03 81.25 88.85
N VAL A 2907 -2.09 82.03 87.78
CA VAL A 2907 -1.13 83.12 87.54
C VAL A 2907 -1.56 84.38 88.30
N PRO A 2908 -0.66 85.34 88.51
CA PRO A 2908 -1.03 86.57 89.21
C PRO A 2908 -2.06 87.39 88.45
N TYR A 2909 -2.91 88.05 89.24
CA TYR A 2909 -3.91 88.97 88.71
C TYR A 2909 -3.32 89.86 87.62
N ASP A 2910 -2.26 90.60 87.94
CA ASP A 2910 -1.70 91.54 86.98
C ASP A 2910 -1.28 90.81 85.69
N THR A 2911 -0.78 89.59 85.83
CA THR A 2911 -0.36 88.84 84.65
C THR A 2911 -1.54 88.42 83.79
N LEU A 2912 -2.69 88.17 84.41
CA LEU A 2912 -3.87 87.78 83.63
C LEU A 2912 -4.13 88.79 82.52
N THR A 2913 -4.65 88.30 81.39
CA THR A 2913 -5.04 89.16 80.30
C THR A 2913 -6.29 89.96 80.68
N ALA A 2914 -6.39 91.17 80.13
CA ALA A 2914 -7.43 92.10 80.56
C ALA A 2914 -8.82 91.47 80.47
N LYS A 2915 -9.04 90.62 79.47
CA LYS A 2915 -10.32 89.94 79.36
C LYS A 2915 -10.58 89.04 80.56
N GLU A 2916 -9.55 88.30 81.00
CA GLU A 2916 -9.69 87.49 82.20
C GLU A 2916 -9.85 88.36 83.45
N LYS A 2917 -9.24 89.56 83.43
CA LYS A 2917 -9.38 90.48 84.55
C LYS A 2917 -10.84 90.89 84.75
N ALA A 2918 -11.60 90.94 83.65
CA ALA A 2918 -12.93 91.53 83.70
C ALA A 2918 -13.83 90.83 84.72
N ARG A 2919 -13.90 89.50 84.64
CA ARG A 2919 -14.83 88.74 85.47
C ARG A 2919 -14.83 89.21 86.91
N ASP A 2920 -13.67 89.65 87.40
CA ASP A 2920 -13.58 90.10 88.79
C ASP A 2920 -13.58 91.62 88.88
N ARG A 2921 -13.12 92.32 87.84
CA ARG A 2921 -13.13 93.78 87.91
C ARG A 2921 -14.56 94.29 88.01
N GLU A 2922 -15.49 93.67 87.27
CA GLU A 2922 -16.88 94.06 87.42
C GLU A 2922 -17.39 93.78 88.83
N LYS A 2923 -17.05 92.60 89.38
CA LYS A 2923 -17.58 92.23 90.69
C LYS A 2923 -17.03 93.16 91.77
N ALA A 2924 -15.88 93.78 91.52
CA ALA A 2924 -15.32 94.75 92.47
C ALA A 2924 -15.92 96.14 92.25
N GLN A 2925 -15.98 96.58 91.00
CA GLN A 2925 -16.38 97.95 90.72
C GLN A 2925 -17.88 98.14 90.97
N GLU A 2926 -18.67 97.08 90.88
CA GLU A 2926 -20.07 97.20 91.24
C GLU A 2926 -20.23 97.56 92.71
N LEU A 2927 -19.50 96.87 93.59
CA LEU A 2927 -19.55 97.20 95.02
C LEU A 2927 -19.01 98.60 95.26
N LEU A 2928 -17.93 98.98 94.58
CA LEU A 2928 -17.38 100.31 94.78
C LEU A 2928 -18.37 101.39 94.32
N LYS A 2929 -19.03 101.15 93.19
CA LYS A 2929 -20.05 102.08 92.70
C LYS A 2929 -21.21 102.19 93.69
N PHE A 2930 -21.62 101.07 94.28
CA PHE A 2930 -22.69 101.13 95.26
C PHE A 2930 -22.26 101.92 96.48
N LEU A 2931 -21.00 101.76 96.91
CA LEU A 2931 -20.47 102.59 97.98
C LEU A 2931 -20.60 104.07 97.62
N GLN A 2932 -20.18 104.44 96.41
CA GLN A 2932 -20.26 105.83 96.00
C GLN A 2932 -21.71 106.32 95.98
N MET A 2933 -22.63 105.50 95.48
CA MET A 2933 -24.02 105.90 95.43
C MET A 2933 -24.58 106.13 96.82
N ASN A 2934 -24.26 105.24 97.77
CA ASN A 2934 -24.66 105.46 99.16
C ASN A 2934 -24.05 106.76 99.69
N GLY A 2935 -22.82 107.05 99.30
CA GLY A 2935 -22.11 108.23 99.76
C GLY A 2935 -20.73 107.94 100.32
N TYR A 2936 -20.36 106.68 100.46
CA TYR A 2936 -19.06 106.32 100.98
C TYR A 2936 -17.95 106.71 100.00
N ALA A 2937 -16.85 107.21 100.55
CA ALA A 2937 -15.67 107.59 99.77
C ALA A 2937 -14.48 106.80 100.26
N VAL A 2938 -13.99 105.87 99.43
CA VAL A 2938 -12.82 105.10 99.79
C VAL A 2938 -11.61 106.01 99.85
N THR A 2939 -10.95 106.07 101.00
CA THR A 2939 -9.79 106.93 101.20
C THR A 2939 -8.54 106.20 100.71
N ARG A 2940 -7.96 106.71 99.63
CA ARG A 2940 -6.77 106.08 99.05
C ARG A 2940 -5.58 106.17 99.98
N GLY A 2941 -5.39 107.31 100.64
CA GLY A 2941 -4.24 107.49 101.51
C GLY A 2941 -2.94 107.54 100.75
N LEU A 2942 -2.11 106.51 100.89
CA LEU A 2942 -0.83 106.47 100.18
C LEU A 2942 -1.05 106.43 98.68
N LYS A 2943 -2.11 105.77 98.23
CA LYS A 2943 -2.34 105.61 96.80
C LYS A 2943 -2.69 106.94 96.14
N ASP A 2944 -3.27 107.88 96.89
CA ASP A 2944 -3.45 109.22 96.36
C ASP A 2944 -2.14 109.84 95.92
N MET A 2945 -1.12 109.81 96.78
CA MET A 2945 0.18 110.34 96.41
C MET A 2945 0.86 109.48 95.36
N GLU A 2946 0.64 108.16 95.38
CA GLU A 2946 1.20 107.30 94.35
C GLU A 2946 0.68 107.68 92.96
N LEU A 2947 -0.61 107.96 92.86
CA LEU A 2947 -1.25 108.20 91.57
C LEU A 2947 -1.05 109.66 91.16
N ASP A 2948 -0.26 109.87 90.11
CA ASP A 2948 -0.04 111.19 89.52
C ASP A 2948 0.92 111.05 88.33
N THR A 2949 2.13 111.56 88.46
CA THR A 2949 3.16 111.38 87.44
C THR A 2949 2.61 111.90 86.10
N SER A 2950 3.26 111.59 84.99
CA SER A 2950 2.75 111.94 83.67
C SER A 2950 3.40 111.03 82.64
N SER A 2951 2.82 111.00 81.44
CA SER A 2951 3.24 110.04 80.42
C SER A 2951 4.74 110.13 80.14
N ILE A 2952 5.29 111.34 80.14
CA ILE A 2952 6.71 111.50 79.85
C ILE A 2952 7.55 110.76 80.87
N GLU A 2953 7.19 110.88 82.16
CA GLU A 2953 7.93 110.16 83.18
C GLU A 2953 7.62 108.67 83.14
N LYS A 2954 6.42 108.30 82.71
CA LYS A 2954 6.05 106.89 82.61
C LYS A 2954 6.77 106.18 81.47
N ARG A 2955 7.27 106.92 80.48
CA ARG A 2955 7.87 106.30 79.32
C ARG A 2955 8.97 105.31 79.70
N PHE A 2956 9.03 104.21 78.96
CA PHE A 2956 10.01 103.17 79.24
C PHE A 2956 11.44 103.69 79.13
N ALA A 2957 11.73 104.45 78.08
CA ALA A 2957 13.08 104.98 77.91
C ALA A 2957 13.46 105.93 79.05
N PHE A 2958 12.52 106.77 79.49
CA PHE A 2958 12.79 107.65 80.62
C PHE A 2958 13.10 106.86 81.88
N GLY A 2959 12.31 105.82 82.16
CA GLY A 2959 12.59 104.99 83.32
C GLY A 2959 13.94 104.29 83.22
N PHE A 2960 14.25 103.77 82.03
CA PHE A 2960 15.52 103.08 81.81
C PHE A 2960 16.69 104.03 82.03
N LEU A 2961 16.58 105.26 81.55
CA LEU A 2961 17.61 106.26 81.77
C LEU A 2961 17.74 106.65 83.24
N GLN A 2962 16.63 106.76 83.97
CA GLN A 2962 16.74 106.97 85.41
C GLN A 2962 17.55 105.85 86.07
N GLN A 2963 17.22 104.60 85.73
CA GLN A 2963 17.95 103.49 86.34
C GLN A 2963 19.43 103.51 85.97
N LEU A 2964 19.72 103.84 84.70
CA LEU A 2964 21.12 103.90 84.27
C LEU A 2964 21.87 105.00 85.03
N LEU A 2965 21.24 106.15 85.24
CA LEU A 2965 21.88 107.22 85.99
C LEU A 2965 22.09 106.85 87.45
N ARG A 2966 21.14 106.15 88.07
CA ARG A 2966 21.35 105.67 89.43
C ARG A 2966 22.54 104.72 89.49
N TRP A 2967 22.65 103.83 88.48
CA TRP A 2967 23.78 102.92 88.48
C TRP A 2967 25.09 103.66 88.23
N MET A 2968 25.04 104.77 87.48
CA MET A 2968 26.22 105.62 87.36
C MET A 2968 26.61 106.21 88.72
N ASP A 2969 25.61 106.61 89.50
CA ASP A 2969 25.89 107.12 90.84
C ASP A 2969 26.57 106.05 91.69
N ILE A 2970 26.10 104.81 91.60
CA ILE A 2970 26.76 103.72 92.32
C ILE A 2970 28.17 103.49 91.78
N SER A 2971 28.34 103.67 90.47
CA SER A 2971 29.64 103.46 89.84
C SER A 2971 30.67 104.43 90.38
N GLN A 2972 30.28 105.70 90.53
CA GLN A 2972 31.20 106.67 91.12
C GLN A 2972 31.70 106.17 92.48
N GLU A 2973 30.77 105.68 93.32
CA GLU A 2973 31.16 105.24 94.65
C GLU A 2973 32.14 104.08 94.60
N PHE A 2974 31.81 103.01 93.86
CA PHE A 2974 32.71 101.86 93.97
C PHE A 2974 34.00 102.08 93.19
N ILE A 2975 34.00 102.92 92.16
CA ILE A 2975 35.26 103.24 91.49
C ILE A 2975 36.14 104.07 92.40
N ALA A 2976 35.54 104.97 93.19
CA ALA A 2976 36.32 105.70 94.19
C ALA A 2976 36.92 104.75 95.22
N HIS A 2977 36.14 103.75 95.65
CA HIS A 2977 36.67 102.76 96.58
C HIS A 2977 37.85 102.01 95.97
N LEU A 2978 37.73 101.63 94.69
CA LEU A 2978 38.82 100.95 94.01
C LEU A 2978 40.06 101.84 93.92
N GLU A 2979 39.86 103.13 93.62
CA GLU A 2979 40.97 104.08 93.65
C GLU A 2979 41.66 104.07 95.00
N ALA A 2980 40.88 104.13 96.09
CA ALA A 2980 41.47 104.17 97.42
C ALA A 2980 42.27 102.91 97.71
N VAL A 2981 41.70 101.74 97.43
CA VAL A 2981 42.42 100.50 97.74
C VAL A 2981 43.68 100.38 96.89
N VAL A 2982 43.61 100.77 95.62
CA VAL A 2982 44.80 100.74 94.78
C VAL A 2982 45.86 101.69 95.33
N SER A 2983 45.45 102.87 95.80
CA SER A 2983 46.39 103.82 96.35
C SER A 2983 47.09 103.27 97.59
N SER A 2984 46.33 102.64 98.49
CA SER A 2984 46.94 102.08 99.69
C SER A 2984 46.07 100.93 100.18
N GLY A 2985 46.69 100.05 100.97
CA GLY A 2985 45.99 98.89 101.49
C GLY A 2985 45.41 98.05 100.36
N ARG A 2986 46.26 97.61 99.44
CA ARG A 2986 45.78 96.95 98.23
C ARG A 2986 45.02 95.67 98.55
N VAL A 2987 45.52 94.88 99.50
CA VAL A 2987 44.85 93.64 99.87
C VAL A 2987 43.58 93.97 100.65
N GLU A 2988 42.43 93.73 100.03
CA GLU A 2988 41.14 93.97 100.66
C GLU A 2988 40.15 92.96 100.10
N LYS A 2989 38.95 92.96 100.68
CA LYS A 2989 37.81 92.17 100.20
C LYS A 2989 36.79 93.16 99.65
N SER A 2990 36.81 93.35 98.33
CA SER A 2990 35.98 94.36 97.69
C SER A 2990 34.51 94.15 98.04
N PRO A 2991 33.90 95.02 98.86
CA PRO A 2991 32.46 94.87 99.13
C PRO A 2991 31.60 95.07 97.89
N HIS A 2992 32.11 95.71 96.86
CA HIS A 2992 31.34 96.02 95.65
C HIS A 2992 31.67 95.09 94.49
N GLU A 2993 32.09 93.85 94.77
CA GLU A 2993 32.41 92.94 93.68
C GLU A 2993 31.19 92.67 92.80
N GLN A 2994 30.03 92.43 93.42
CA GLN A 2994 28.83 92.17 92.64
C GLN A 2994 28.45 93.40 91.81
N GLU A 2995 28.54 94.59 92.39
CA GLU A 2995 28.22 95.80 91.64
C GLU A 2995 29.16 95.99 90.46
N ILE A 2996 30.47 95.77 90.67
CA ILE A 2996 31.42 95.92 89.58
C ILE A 2996 31.12 94.93 88.47
N LYS A 2997 30.90 93.67 88.83
CA LYS A 2997 30.64 92.65 87.81
C LYS A 2997 29.36 92.95 87.05
N PHE A 2998 28.27 93.28 87.75
CA PHE A 2998 27.05 93.66 87.07
C PHE A 2998 27.27 94.83 86.13
N PHE A 2999 27.84 95.93 86.64
CA PHE A 2999 28.12 97.07 85.79
C PHE A 2999 28.84 96.64 84.52
N ALA A 3000 30.06 96.12 84.67
CA ALA A 3000 30.89 95.84 83.51
C ALA A 3000 30.25 94.84 82.55
N LYS A 3001 29.71 93.74 83.08
CA LYS A 3001 29.25 92.67 82.21
C LYS A 3001 27.93 93.02 81.53
N ILE A 3002 26.99 93.63 82.25
CA ILE A 3002 25.63 93.82 81.77
C ILE A 3002 25.42 95.22 81.21
N LEU A 3003 25.70 96.25 82.02
CA LEU A 3003 25.23 97.58 81.68
C LEU A 3003 25.89 98.10 80.41
N LEU A 3004 27.21 97.90 80.28
CA LEU A 3004 27.91 98.43 79.12
C LEU A 3004 27.41 97.80 77.82
N PRO A 3005 27.37 96.47 77.68
CA PRO A 3005 26.74 95.92 76.46
C PRO A 3005 25.31 96.36 76.29
N LEU A 3006 24.54 96.43 77.39
CA LEU A 3006 23.16 96.88 77.29
C LEU A 3006 23.08 98.32 76.79
N ILE A 3007 23.89 99.21 77.37
CA ILE A 3007 23.89 100.60 76.94
C ILE A 3007 24.24 100.68 75.46
N ASN A 3008 25.32 100.02 75.06
CA ASN A 3008 25.77 100.10 73.67
C ASN A 3008 24.68 99.61 72.72
N GLN A 3009 24.15 98.42 72.97
CA GLN A 3009 23.16 97.84 72.06
C GLN A 3009 21.89 98.68 72.02
N TYR A 3010 21.40 99.10 73.19
CA TYR A 3010 20.16 99.86 73.23
C TYR A 3010 20.28 101.17 72.47
N PHE A 3011 21.36 101.91 72.70
CA PHE A 3011 21.49 103.20 72.03
C PHE A 3011 21.87 103.07 70.56
N THR A 3012 22.58 102.00 70.17
CA THR A 3012 22.76 101.73 68.76
C THR A 3012 21.42 101.44 68.08
N ASN A 3013 20.55 100.69 68.76
CA ASN A 3013 19.24 100.37 68.19
C ASN A 3013 18.38 101.62 68.06
N HIS A 3014 18.28 102.41 69.14
CA HIS A 3014 17.36 103.54 69.20
C HIS A 3014 18.09 104.89 69.13
N CYS A 3015 19.17 104.98 68.36
CA CYS A 3015 19.86 106.25 68.20
C CYS A 3015 18.94 107.30 67.57
N LEU A 3016 18.19 106.91 66.54
CA LEU A 3016 17.37 107.87 65.81
C LEU A 3016 16.31 108.49 66.70
N TYR A 3017 15.71 107.70 67.59
CA TYR A 3017 14.62 108.20 68.41
C TYR A 3017 15.08 109.35 69.30
N PHE A 3018 16.27 109.23 69.90
CA PHE A 3018 16.78 110.27 70.77
C PHE A 3018 17.26 111.50 70.02
N LEU A 3019 17.58 111.36 68.74
CA LEU A 3019 18.03 112.48 67.93
C LEU A 3019 16.89 113.20 67.24
N SER A 3020 15.70 112.61 67.21
CA SER A 3020 14.56 113.24 66.56
C SER A 3020 14.06 114.43 67.38
N THR A 3021 13.49 115.41 66.69
CA THR A 3021 12.86 116.56 67.29
C THR A 3021 11.43 116.71 66.76
N PRO A 3022 10.53 117.34 67.51
CA PRO A 3022 9.13 117.40 67.04
C PRO A 3022 8.98 118.02 65.66
N ALA A 3023 9.79 119.02 65.33
CA ALA A 3023 9.69 119.64 64.02
C ALA A 3023 10.03 118.66 62.91
N LYS A 3024 11.16 117.97 63.03
CA LYS A 3024 11.62 117.00 62.04
C LYS A 3024 11.97 115.71 62.76
N VAL A 3025 11.44 114.59 62.27
CA VAL A 3025 11.63 113.29 62.90
C VAL A 3025 12.54 112.47 62.00
N LEU A 3026 13.80 112.31 62.42
CA LEU A 3026 14.72 111.46 61.69
C LEU A 3026 14.31 109.99 61.81
N GLY A 3027 13.88 109.57 62.99
CA GLY A 3027 13.52 108.19 63.21
C GLY A 3027 12.22 107.81 62.52
N SER A 3028 11.99 106.50 62.43
CA SER A 3028 10.79 105.99 61.78
C SER A 3028 9.53 106.37 62.54
N GLY A 3029 9.55 106.25 63.87
CA GLY A 3029 8.38 106.54 64.66
C GLY A 3029 8.68 107.06 66.05
N GLY A 3030 8.02 108.13 66.44
CA GLY A 3030 8.18 108.69 67.77
C GLY A 3030 9.34 109.67 67.86
N HIS A 3031 9.25 110.55 68.86
CA HIS A 3031 10.27 111.54 69.12
C HIS A 3031 10.58 111.56 70.61
N ALA A 3032 11.86 111.74 70.92
CA ALA A 3032 12.30 111.76 72.31
C ALA A 3032 11.93 113.08 72.97
N SER A 3033 11.80 113.03 74.30
CA SER A 3033 11.44 114.22 75.06
C SER A 3033 12.69 115.00 75.46
N ASN A 3034 12.48 116.27 75.81
CA ASN A 3034 13.59 117.10 76.25
C ASN A 3034 14.22 116.52 77.51
N LYS A 3035 13.41 116.00 78.42
CA LYS A 3035 13.95 115.40 79.64
C LYS A 3035 14.79 114.18 79.30
N GLU A 3036 14.35 113.36 78.34
CA GLU A 3036 15.14 112.20 77.93
C GLU A 3036 16.47 112.62 77.30
N LYS A 3037 16.45 113.67 76.48
CA LYS A 3037 17.70 114.18 75.91
C LYS A 3037 18.62 114.68 77.00
N GLU A 3038 18.08 115.39 77.99
CA GLU A 3038 18.87 115.84 79.13
C GLU A 3038 19.49 114.65 79.86
N MET A 3039 18.70 113.58 80.06
CA MET A 3039 19.19 112.42 80.80
C MET A 3039 20.30 111.72 80.04
N ILE A 3040 20.16 111.59 78.71
CA ILE A 3040 21.21 110.93 77.94
C ILE A 3040 22.48 111.78 77.93
N THR A 3041 22.33 113.11 77.83
CA THR A 3041 23.50 113.97 77.92
C THR A 3041 24.20 113.82 79.27
N SER A 3042 23.42 113.78 80.35
CA SER A 3042 24.01 113.60 81.67
C SER A 3042 24.71 112.25 81.77
N LEU A 3043 24.11 111.21 81.20
CA LEU A 3043 24.74 109.89 81.20
C LEU A 3043 26.08 109.93 80.49
N PHE A 3044 26.13 110.56 79.31
CA PHE A 3044 27.37 110.63 78.55
C PHE A 3044 28.45 111.36 79.34
N CYS A 3045 28.09 112.54 79.89
CA CYS A 3045 29.08 113.29 80.66
C CYS A 3045 29.55 112.53 81.89
N LYS A 3046 28.64 111.89 82.61
CA LYS A 3046 29.02 111.15 83.81
C LYS A 3046 29.94 109.98 83.46
N LEU A 3047 29.63 109.26 82.38
CA LEU A 3047 30.48 108.14 81.98
C LEU A 3047 31.87 108.61 81.56
N ALA A 3048 31.93 109.72 80.82
CA ALA A 3048 33.22 110.27 80.44
C ALA A 3048 34.03 110.68 81.67
N ALA A 3049 33.39 111.35 82.63
CA ALA A 3049 34.09 111.74 83.86
C ALA A 3049 34.56 110.50 84.62
N LEU A 3050 33.74 109.47 84.66
CA LEU A 3050 34.12 108.23 85.36
C LEU A 3050 35.36 107.62 84.72
N VAL A 3051 35.40 107.54 83.38
CA VAL A 3051 36.53 106.92 82.70
C VAL A 3051 37.74 107.84 82.63
N ARG A 3052 37.59 109.12 82.95
CA ARG A 3052 38.71 110.05 82.89
C ARG A 3052 39.86 109.56 83.76
N HIS A 3053 41.06 109.56 83.21
CA HIS A 3053 42.30 109.24 83.93
C HIS A 3053 42.22 107.91 84.67
N ARG A 3054 41.32 107.01 84.28
CA ARG A 3054 41.10 105.76 84.98
C ARG A 3054 41.06 104.56 84.03
N VAL A 3055 41.70 104.67 82.87
CA VAL A 3055 41.62 103.61 81.86
C VAL A 3055 42.26 102.33 82.38
N SER A 3056 43.39 102.46 83.11
CA SER A 3056 44.11 101.28 83.57
C SER A 3056 43.24 100.43 84.50
N LEU A 3057 42.52 101.07 85.42
CA LEU A 3057 41.68 100.31 86.34
C LEU A 3057 40.62 99.52 85.59
N PHE A 3058 39.96 100.14 84.61
CA PHE A 3058 38.98 99.41 83.82
C PHE A 3058 39.64 98.26 83.06
N GLY A 3059 40.83 98.50 82.51
CA GLY A 3059 41.58 97.42 81.88
C GLY A 3059 40.79 96.82 80.73
N THR A 3060 40.45 95.54 80.87
CA THR A 3060 39.74 94.84 79.80
C THR A 3060 38.41 95.51 79.47
N ASP A 3061 37.84 96.24 80.42
CA ASP A 3061 36.57 96.93 80.20
C ASP A 3061 36.74 98.32 79.59
N ALA A 3062 37.97 98.80 79.45
CA ALA A 3062 38.18 100.11 78.85
C ALA A 3062 37.70 100.16 77.41
N PRO A 3063 37.98 99.17 76.55
CA PRO A 3063 37.39 99.21 75.21
C PRO A 3063 35.87 99.27 75.21
N ALA A 3064 35.23 98.52 76.11
CA ALA A 3064 33.76 98.57 76.18
C ALA A 3064 33.29 99.95 76.60
N VAL A 3065 33.96 100.56 77.58
CA VAL A 3065 33.56 101.90 78.02
C VAL A 3065 33.73 102.89 76.88
N VAL A 3066 34.84 102.79 76.14
CA VAL A 3066 35.07 103.72 75.05
C VAL A 3066 34.03 103.54 73.95
N ASN A 3067 33.67 102.30 73.65
CA ASN A 3067 32.63 102.05 72.64
C ASN A 3067 31.29 102.61 73.10
N CYS A 3068 30.96 102.44 74.38
CA CYS A 3068 29.72 103.01 74.90
C CYS A 3068 29.74 104.53 74.78
N LEU A 3069 30.88 105.15 75.07
CA LEU A 3069 30.99 106.59 74.91
C LEU A 3069 30.80 107.00 73.46
N HIS A 3070 31.37 106.23 72.53
CA HIS A 3070 31.16 106.51 71.11
C HIS A 3070 29.67 106.49 70.76
N ILE A 3071 28.97 105.44 71.20
CA ILE A 3071 27.56 105.29 70.87
C ILE A 3071 26.76 106.44 71.48
N LEU A 3072 27.03 106.77 72.74
CA LEU A 3072 26.31 107.86 73.38
C LEU A 3072 26.59 109.19 72.70
N ALA A 3073 27.84 109.43 72.29
CA ALA A 3073 28.16 110.65 71.57
C ALA A 3073 27.39 110.73 70.25
N ARG A 3074 27.30 109.61 69.53
CA ARG A 3074 26.52 109.61 68.30
C ARG A 3074 25.05 109.90 68.58
N SER A 3075 24.52 109.36 69.67
CA SER A 3075 23.10 109.47 69.99
C SER A 3075 22.76 110.71 70.81
N LEU A 3076 23.74 111.57 71.08
CA LEU A 3076 23.55 112.73 71.95
C LEU A 3076 23.05 113.92 71.13
N ASP A 3077 21.90 114.48 71.52
CA ASP A 3077 21.41 115.72 70.95
C ASP A 3077 21.75 116.86 71.90
N ALA A 3078 22.48 117.86 71.41
CA ALA A 3078 23.03 118.90 72.25
C ALA A 3078 22.38 120.26 72.05
N ARG A 3079 21.87 120.56 70.85
CA ARG A 3079 21.26 121.86 70.62
C ARG A 3079 20.05 122.07 71.52
N THR A 3080 19.19 121.05 71.62
CA THR A 3080 18.02 121.17 72.48
C THR A 3080 18.44 121.35 73.93
N VAL A 3081 19.43 120.58 74.38
CA VAL A 3081 19.88 120.68 75.76
C VAL A 3081 20.41 122.08 76.07
N MET A 3082 21.23 122.63 75.17
CA MET A 3082 21.80 123.96 75.40
C MET A 3082 20.71 125.04 75.36
N LYS A 3083 19.89 125.03 74.31
CA LYS A 3083 18.89 126.10 74.17
C LYS A 3083 17.88 126.05 75.30
N SER A 3084 17.45 124.85 75.70
CA SER A 3084 16.52 124.66 76.81
C SER A 3084 16.96 123.42 77.57
N GLY A 3085 17.59 123.62 78.73
CA GLY A 3085 18.04 122.52 79.55
C GLY A 3085 18.45 122.97 80.93
N PRO A 3086 18.54 122.02 81.87
CA PRO A 3086 18.90 122.38 83.24
C PRO A 3086 20.33 122.88 83.34
N GLU A 3087 20.54 123.78 84.31
CA GLU A 3087 21.87 124.34 84.53
C GLU A 3087 22.86 123.23 84.87
N ILE A 3088 22.43 122.22 85.63
CA ILE A 3088 23.34 121.15 86.02
C ILE A 3088 23.82 120.39 84.78
N VAL A 3089 22.91 120.06 83.86
CA VAL A 3089 23.29 119.30 82.68
C VAL A 3089 24.17 120.14 81.77
N LYS A 3090 23.79 121.41 81.56
CA LYS A 3090 24.59 122.28 80.70
C LYS A 3090 26.00 122.46 81.27
N ALA A 3091 26.10 122.68 82.59
CA ALA A 3091 27.39 122.80 83.22
C ALA A 3091 28.18 121.50 83.13
N GLY A 3092 27.50 120.36 83.20
CA GLY A 3092 28.19 119.09 83.07
C GLY A 3092 28.85 118.95 81.71
N LEU A 3093 28.13 119.28 80.64
CA LEU A 3093 28.73 119.14 79.31
C LEU A 3093 29.80 120.20 79.08
N ARG A 3094 29.59 121.42 79.59
CA ARG A 3094 30.63 122.44 79.50
C ARG A 3094 31.89 121.99 80.23
N SER A 3095 31.73 121.36 81.39
CA SER A 3095 32.86 120.83 82.13
C SER A 3095 33.53 119.70 81.37
N PHE A 3096 32.76 118.86 80.69
CA PHE A 3096 33.37 117.84 79.85
C PHE A 3096 34.29 118.48 78.81
N PHE A 3097 33.79 119.49 78.10
CA PHE A 3097 34.63 120.15 77.10
C PHE A 3097 35.86 120.82 77.72
N GLU A 3098 35.69 121.51 78.85
CA GLU A 3098 36.82 122.17 79.48
C GLU A 3098 37.87 121.16 79.94
N SER A 3099 37.42 120.06 80.54
CA SER A 3099 38.35 119.02 80.99
C SER A 3099 39.06 118.39 79.81
N ALA A 3100 38.36 118.16 78.70
CA ALA A 3100 39.02 117.65 77.51
C ALA A 3100 40.10 118.60 77.04
N SER A 3101 39.80 119.90 77.00
CA SER A 3101 40.80 120.88 76.58
C SER A 3101 42.01 120.85 77.51
N GLU A 3102 41.77 120.79 78.82
CA GLU A 3102 42.89 120.78 79.77
C GLU A 3102 43.74 119.53 79.61
N ASP A 3103 43.09 118.37 79.44
CA ASP A 3103 43.85 117.12 79.27
C ASP A 3103 44.66 117.15 77.99
N ILE A 3104 44.08 117.65 76.89
CA ILE A 3104 44.84 117.77 75.65
C ILE A 3104 46.03 118.71 75.83
N GLU A 3105 45.84 119.82 76.52
CA GLU A 3105 46.96 120.72 76.78
C GLU A 3105 48.06 120.02 77.56
N LYS A 3106 47.68 119.31 78.63
CA LYS A 3106 48.68 118.61 79.44
C LYS A 3106 49.45 117.60 78.60
N MET A 3107 48.74 116.82 77.77
CA MET A 3107 49.41 115.89 76.89
C MET A 3107 50.35 116.63 75.93
N VAL A 3108 49.95 117.81 75.48
CA VAL A 3108 50.79 118.58 74.56
C VAL A 3108 52.09 118.97 75.23
N GLU A 3109 52.03 119.50 76.46
CA GLU A 3109 53.26 119.84 77.16
C GLU A 3109 54.10 118.59 77.43
N ASN A 3110 53.44 117.47 77.74
CA ASN A 3110 54.20 116.25 78.01
C ASN A 3110 54.98 115.80 76.77
N LEU A 3111 54.33 115.80 75.60
CA LEU A 3111 55.04 115.45 74.38
C LEU A 3111 56.15 116.46 74.07
N ARG A 3112 55.87 117.75 74.24
CA ARG A 3112 56.90 118.75 73.99
C ARG A 3112 58.08 118.61 74.94
N LEU A 3113 57.87 118.01 76.11
CA LEU A 3113 58.94 117.81 77.08
C LEU A 3113 59.60 119.14 77.44
N LYS A 3124 54.24 108.74 87.45
CA LYS A 3124 53.65 108.13 86.27
C LYS A 3124 52.37 108.86 85.87
N GLY A 3125 52.15 110.04 86.46
CA GLY A 3125 50.99 110.82 86.08
C GLY A 3125 50.98 111.19 84.62
N VAL A 3126 52.16 111.53 84.08
CA VAL A 3126 52.25 111.88 82.66
C VAL A 3126 51.87 110.69 81.79
N GLY A 3127 52.37 109.50 82.13
CA GLY A 3127 52.01 108.32 81.36
C GLY A 3127 50.54 107.98 81.47
N GLN A 3128 49.97 108.12 82.67
CA GLN A 3128 48.53 107.87 82.84
C GLN A 3128 47.71 108.83 82.00
N ASN A 3129 48.07 110.11 82.00
CA ASN A 3129 47.36 111.09 81.19
C ASN A 3129 47.51 110.77 79.71
N LEU A 3130 48.71 110.39 79.28
CA LEU A 3130 48.93 110.08 77.87
C LEU A 3130 48.10 108.89 77.42
N THR A 3131 48.10 107.81 78.20
CA THR A 3131 47.32 106.64 77.83
C THR A 3131 45.83 106.97 77.83
N TYR A 3132 45.35 107.67 78.86
CA TYR A 3132 43.95 108.10 78.87
C TYR A 3132 43.61 108.86 77.59
N THR A 3133 44.41 109.89 77.27
CA THR A 3133 44.12 110.67 76.08
C THR A 3133 44.05 109.77 74.86
N THR A 3134 45.19 109.14 74.51
CA THR A 3134 45.30 108.40 73.27
C THR A 3134 44.23 107.32 73.15
N VAL A 3135 43.83 106.69 74.27
CA VAL A 3135 42.92 105.56 74.18
C VAL A 3135 41.47 106.02 74.15
N ALA A 3136 41.09 106.92 75.04
CA ALA A 3136 39.68 107.24 75.24
C ALA A 3136 39.27 108.64 74.81
N LEU A 3137 40.12 109.65 74.92
CA LEU A 3137 39.69 111.03 74.75
C LEU A 3137 39.64 111.43 73.28
N LEU A 3138 40.77 111.33 72.58
CA LEU A 3138 40.80 111.72 71.17
C LEU A 3138 39.76 110.99 70.34
N PRO A 3139 39.58 109.68 70.45
CA PRO A 3139 38.47 109.04 69.71
C PRO A 3139 37.10 109.58 70.08
N VAL A 3140 36.82 109.70 71.38
CA VAL A 3140 35.49 110.14 71.83
C VAL A 3140 35.24 111.58 71.41
N LEU A 3141 36.23 112.46 71.60
CA LEU A 3141 36.08 113.85 71.19
C LEU A 3141 35.94 113.96 69.67
N THR A 3142 36.70 113.17 68.92
CA THR A 3142 36.58 113.17 67.47
C THR A 3142 35.17 112.78 67.06
N THR A 3143 34.62 111.72 67.67
CA THR A 3143 33.27 111.29 67.35
C THR A 3143 32.25 112.36 67.71
N LEU A 3144 32.43 113.01 68.86
CA LEU A 3144 31.50 114.06 69.26
C LEU A 3144 31.51 115.21 68.27
N PHE A 3145 32.70 115.65 67.87
CA PHE A 3145 32.79 116.77 66.93
C PHE A 3145 32.24 116.37 65.56
N GLN A 3146 32.50 115.14 65.12
CA GLN A 3146 31.93 114.68 63.86
C GLN A 3146 30.42 114.66 63.92
N HIS A 3147 29.85 114.20 65.04
CA HIS A 3147 28.40 114.20 65.19
C HIS A 3147 27.84 115.61 65.14
N ILE A 3148 28.47 116.54 65.86
CA ILE A 3148 27.98 117.92 65.89
C ILE A 3148 28.03 118.52 64.50
N ALA A 3149 29.14 118.34 63.79
CA ALA A 3149 29.25 118.88 62.44
C ALA A 3149 28.23 118.25 61.50
N GLN A 3150 28.05 116.92 61.60
CA GLN A 3150 27.11 116.24 60.72
C GLN A 3150 25.69 116.76 60.94
N HIS A 3151 25.29 116.97 62.19
CA HIS A 3151 23.94 117.41 62.47
C HIS A 3151 23.81 118.93 62.57
N GLN A 3152 24.86 119.67 62.20
CA GLN A 3152 24.78 121.13 62.10
C GLN A 3152 24.45 121.76 63.45
N PHE A 3153 24.93 121.13 64.52
CA PHE A 3153 24.71 121.62 65.87
C PHE A 3153 25.79 122.61 66.31
N GLY A 3154 26.75 122.92 65.44
CA GLY A 3154 27.90 123.70 65.86
C GLY A 3154 27.54 125.10 66.31
N ASP A 3155 26.67 125.77 65.56
CA ASP A 3155 26.36 127.17 65.87
C ASP A 3155 25.77 127.31 67.27
N ASP A 3156 24.90 126.38 67.66
CA ASP A 3156 24.22 126.50 68.94
C ASP A 3156 25.05 125.89 70.07
N VAL A 3157 25.62 124.71 69.84
CA VAL A 3157 26.30 123.99 70.93
C VAL A 3157 27.59 124.69 71.33
N ILE A 3158 28.40 125.07 70.36
CA ILE A 3158 29.76 125.59 70.65
C ILE A 3158 29.62 127.10 70.78
N LEU A 3159 29.45 127.55 72.03
CA LEU A 3159 29.39 128.96 72.35
C LEU A 3159 30.01 129.20 73.72
N ASP A 3160 30.52 130.42 73.90
CA ASP A 3160 30.98 130.91 75.21
C ASP A 3160 32.05 129.94 75.73
N ASP A 3161 31.88 129.37 76.93
CA ASP A 3161 32.93 128.53 77.52
C ASP A 3161 33.28 127.36 76.61
N VAL A 3162 32.28 126.83 75.90
CA VAL A 3162 32.56 125.74 74.96
C VAL A 3162 33.48 126.24 73.85
N GLN A 3163 33.23 127.45 73.34
CA GLN A 3163 34.10 128.02 72.33
C GLN A 3163 35.50 128.25 72.86
N VAL A 3164 35.62 128.72 74.10
CA VAL A 3164 36.95 128.93 74.69
C VAL A 3164 37.70 127.62 74.82
N SER A 3165 37.04 126.57 75.31
CA SER A 3165 37.66 125.26 75.43
C SER A 3165 38.01 124.66 74.07
N CYS A 3166 37.22 124.94 73.04
CA CYS A 3166 37.52 124.49 71.69
C CYS A 3166 38.72 125.20 71.09
N TYR A 3167 38.86 126.51 71.32
CA TYR A 3167 40.08 127.22 70.96
C TYR A 3167 41.30 126.66 71.69
N ARG A 3168 41.17 126.43 73.00
CA ARG A 3168 42.28 125.89 73.77
C ARG A 3168 42.71 124.52 73.27
N THR A 3169 41.81 123.79 72.61
CA THR A 3169 42.14 122.49 72.03
C THR A 3169 42.76 122.64 70.64
N LEU A 3170 42.04 123.29 69.72
CA LEU A 3170 42.60 123.57 68.39
C LEU A 3170 44.03 124.05 68.47
N CYS A 3171 44.27 125.09 69.26
CA CYS A 3171 45.56 125.78 69.20
C CYS A 3171 46.67 124.90 69.77
N SER A 3172 46.36 124.18 70.86
CA SER A 3172 47.35 123.27 71.43
C SER A 3172 47.65 122.12 70.49
N ILE A 3173 46.64 121.64 69.76
CA ILE A 3173 46.88 120.58 68.78
C ILE A 3173 47.84 121.08 67.70
N TYR A 3174 47.62 122.29 67.20
CA TYR A 3174 48.53 122.82 66.17
C TYR A 3174 49.93 123.00 66.75
N SER A 3175 50.03 123.49 67.98
CA SER A 3175 51.33 123.68 68.61
C SER A 3175 52.07 122.35 68.72
N LEU A 3176 51.37 121.29 69.15
CA LEU A 3176 51.98 119.97 69.18
C LEU A 3176 52.44 119.55 67.79
N GLY A 3177 51.57 119.71 66.80
CA GLY A 3177 51.92 119.35 65.44
C GLY A 3177 53.18 120.01 64.95
N THR A 3178 53.46 121.22 65.44
CA THR A 3178 54.73 121.87 65.08
C THR A 3178 55.93 121.04 65.53
N THR A 3179 55.88 120.52 66.76
CA THR A 3179 57.05 119.85 67.32
C THR A 3179 57.27 118.48 66.68
N ARG A 3180 58.53 118.04 66.70
CA ARG A 3180 58.94 116.76 66.14
C ARG A 3180 59.42 115.87 67.28
N ASN A 3181 58.86 114.66 67.38
CA ASN A 3181 59.30 113.70 68.37
C ASN A 3181 58.77 112.33 67.99
N PRO A 3182 59.50 111.26 68.34
CA PRO A 3182 59.13 109.92 67.86
C PRO A 3182 57.73 109.52 68.27
N TYR A 3183 57.27 109.99 69.42
CA TYR A 3183 55.88 109.81 69.80
C TYR A 3183 54.96 110.63 68.91
N VAL A 3184 55.42 111.82 68.50
CA VAL A 3184 54.58 112.73 67.73
C VAL A 3184 54.28 112.16 66.35
N GLU A 3185 55.29 111.58 65.67
CA GLU A 3185 54.95 111.00 64.37
C GLU A 3185 53.84 109.97 64.48
N LYS A 3186 53.88 109.12 65.51
CA LYS A 3186 52.84 108.09 65.64
C LYS A 3186 51.51 108.65 66.13
N LEU A 3187 51.51 109.72 66.92
CA LEU A 3187 50.27 110.31 67.40
C LEU A 3187 49.62 111.25 66.40
N ARG A 3188 50.36 111.68 65.37
CA ARG A 3188 49.84 112.66 64.41
C ARG A 3188 48.57 112.20 63.70
N PRO A 3189 48.50 110.95 63.24
CA PRO A 3189 47.31 110.54 62.46
C PRO A 3189 45.99 110.75 63.17
N ALA A 3190 45.90 110.47 64.47
CA ALA A 3190 44.65 110.68 65.19
C ALA A 3190 44.43 112.16 65.50
N LEU A 3191 45.51 112.87 65.81
CA LEU A 3191 45.39 114.29 66.12
C LEU A 3191 44.87 115.06 64.91
N GLY A 3192 45.31 114.70 63.71
CA GLY A 3192 44.83 115.37 62.51
C GLY A 3192 43.34 115.17 62.28
N GLU A 3193 42.86 113.93 62.46
CA GLU A 3193 41.44 113.67 62.29
C GLU A 3193 40.63 114.42 63.34
N CYS A 3194 41.10 114.42 64.58
CA CYS A 3194 40.42 115.18 65.63
C CYS A 3194 40.36 116.66 65.27
N LEU A 3195 41.46 117.19 64.74
CA LEU A 3195 41.50 118.59 64.36
C LEU A 3195 40.52 118.88 63.22
N ALA A 3196 40.43 117.96 62.25
CA ALA A 3196 39.50 118.15 61.14
C ALA A 3196 38.06 118.18 61.64
N ARG A 3197 37.69 117.24 62.51
CA ARG A 3197 36.34 117.25 63.06
C ARG A 3197 36.09 118.51 63.87
N LEU A 3198 37.08 118.93 64.67
CA LEU A 3198 36.91 120.16 65.45
C LEU A 3198 36.69 121.35 64.53
N ALA A 3199 37.46 121.45 63.44
CA ALA A 3199 37.30 122.56 62.51
C ALA A 3199 35.91 122.52 61.87
N ALA A 3200 35.44 121.34 61.50
CA ALA A 3200 34.09 121.23 60.96
C ALA A 3200 33.06 121.64 62.02
N ALA A 3201 33.38 121.46 63.30
CA ALA A 3201 32.42 121.79 64.35
C ALA A 3201 32.41 123.28 64.66
N MET A 3202 33.56 123.95 64.55
CA MET A 3202 33.69 125.32 65.00
C MET A 3202 32.70 126.25 64.32
N PRO A 3203 32.06 127.17 65.04
CA PRO A 3203 31.16 128.15 64.42
C PRO A 3203 31.82 129.49 64.08
N VAL A 3204 33.13 129.63 64.28
CA VAL A 3204 33.84 130.88 64.06
C VAL A 3204 35.02 130.62 63.13
N ALA A 3205 35.22 131.53 62.18
CA ALA A 3205 36.31 131.40 61.21
C ALA A 3205 37.64 131.72 61.86
N PHE A 3206 38.23 130.75 62.55
CA PHE A 3206 39.48 130.99 63.27
C PHE A 3206 40.63 131.29 62.31
N LEU A 3207 40.58 130.76 61.09
CA LEU A 3207 41.67 131.01 60.15
C LEU A 3207 41.62 132.41 59.58
N GLU A 3208 40.48 133.09 59.67
CA GLU A 3208 40.35 134.45 59.18
C GLU A 3208 39.84 135.34 60.30
N PRO A 3209 40.70 135.87 61.17
CA PRO A 3209 40.22 136.68 62.30
C PRO A 3209 39.92 138.14 61.99
N GLU A 3210 40.24 138.63 60.79
CA GLU A 3210 39.94 140.00 60.42
C GLU A 3210 38.47 140.20 60.03
N LEU A 3211 37.72 139.12 59.84
CA LEU A 3211 36.29 139.19 59.54
C LEU A 3211 35.44 138.63 60.67
N ASN A 3212 36.03 138.38 61.83
CA ASN A 3212 35.31 137.70 62.91
C ASN A 3212 34.15 138.54 63.42
N GLU A 3213 34.33 139.86 63.53
CA GLU A 3213 33.33 140.69 64.18
C GLU A 3213 31.99 140.68 63.46
N TYR A 3214 31.96 140.23 62.21
CA TYR A 3214 30.68 140.08 61.51
C TYR A 3214 29.90 138.88 62.02
N ASN A 3215 30.60 137.88 62.56
CA ASN A 3215 29.93 136.64 62.99
C ASN A 3215 29.03 136.91 64.18
N ALA A 3216 27.79 136.46 64.09
CA ALA A 3216 26.85 136.60 65.19
C ALA A 3216 27.12 135.56 66.28
N CYS A 3217 27.50 134.35 65.89
CA CYS A 3217 27.72 133.24 66.82
C CYS A 3217 29.20 133.19 67.20
N SER A 3218 29.65 134.25 67.86
CA SER A 3218 31.01 134.36 68.36
C SER A 3218 30.99 134.81 69.81
N VAL A 3219 31.99 134.38 70.57
CA VAL A 3219 32.09 134.79 71.97
C VAL A 3219 32.26 136.30 72.07
N TYR A 3220 33.14 136.88 71.24
CA TYR A 3220 33.40 138.31 71.32
C TYR A 3220 32.15 139.14 71.04
N THR A 3221 31.23 138.61 70.24
CA THR A 3221 29.99 139.32 69.95
C THR A 3221 28.95 139.09 71.03
N THR A 3222 28.70 137.82 71.36
CA THR A 3222 27.66 137.48 72.33
C THR A 3222 27.97 138.09 73.70
N LYS A 3223 29.18 137.85 74.21
CA LYS A 3223 29.54 138.34 75.53
C LYS A 3223 29.79 139.84 75.49
N SER A 3224 29.19 140.55 76.44
CA SER A 3224 29.33 141.99 76.50
C SER A 3224 30.73 142.38 76.95
N PRO A 3225 31.13 143.64 76.73
CA PRO A 3225 32.48 144.04 77.10
C PRO A 3225 32.81 143.79 78.56
N ARG A 3226 31.84 143.95 79.47
CA ARG A 3226 32.10 143.68 80.88
C ARG A 3226 32.52 142.23 81.08
N GLU A 3227 31.80 141.29 80.47
CA GLU A 3227 32.28 139.92 80.41
C GLU A 3227 33.53 139.85 79.53
N ARG A 3228 34.16 138.68 79.53
CA ARG A 3228 35.44 138.40 78.89
C ARG A 3228 36.59 139.05 79.65
N ALA A 3229 36.33 139.85 80.69
CA ALA A 3229 37.36 140.35 81.58
C ALA A 3229 37.49 139.46 82.81
N ILE A 3230 36.36 138.98 83.35
CA ILE A 3230 36.40 137.96 84.37
C ILE A 3230 37.02 136.68 83.80
N LEU A 3231 36.74 136.39 82.53
CA LEU A 3231 37.39 135.29 81.83
C LEU A 3231 38.80 135.68 81.42
N GLY A 3232 39.55 134.69 80.96
CA GLY A 3232 40.89 134.90 80.45
C GLY A 3232 40.95 135.34 79.00
N LEU A 3233 39.82 135.68 78.41
CA LEU A 3233 39.79 136.05 77.01
C LEU A 3233 40.60 137.34 76.79
N PRO A 3234 41.45 137.40 75.78
CA PRO A 3234 42.18 138.65 75.48
C PRO A 3234 41.25 139.70 74.88
N ASN A 3235 41.85 140.84 74.53
CA ASN A 3235 41.07 141.95 74.02
C ASN A 3235 40.68 141.75 72.56
N SER A 3236 41.53 141.08 71.77
CA SER A 3236 41.33 140.96 70.34
C SER A 3236 41.20 139.50 69.93
N VAL A 3237 40.52 139.28 68.80
CA VAL A 3237 40.35 137.92 68.28
C VAL A 3237 41.70 137.33 67.92
N GLU A 3238 42.58 138.12 67.29
CA GLU A 3238 43.88 137.60 66.90
C GLU A 3238 44.66 137.08 68.09
N GLU A 3239 44.41 137.62 69.28
CA GLU A 3239 45.09 137.15 70.48
C GLU A 3239 44.45 135.93 71.10
N MET A 3240 43.32 135.46 70.57
CA MET A 3240 42.71 134.26 71.14
C MET A 3240 43.74 133.14 71.17
N CYS A 3241 44.54 133.03 70.10
CA CYS A 3241 45.91 132.53 70.20
C CYS A 3241 46.58 132.85 68.87
N PRO A 3242 47.80 133.39 68.90
CA PRO A 3242 48.40 133.88 67.65
C PRO A 3242 49.03 132.79 66.80
N ASP A 3243 49.21 131.59 67.34
CA ASP A 3243 50.06 130.60 66.69
C ASP A 3243 49.52 130.19 65.33
N ILE A 3244 48.24 129.80 65.26
CA ILE A 3244 47.72 129.28 63.99
C ILE A 3244 47.74 130.39 62.94
N PRO A 3245 48.26 130.15 61.72
CA PRO A 3245 48.32 131.23 60.73
C PRO A 3245 46.95 131.62 60.18
N VAL A 3246 46.94 132.61 59.29
CA VAL A 3246 45.71 133.02 58.63
C VAL A 3246 45.52 132.19 57.36
N LEU A 3247 44.31 132.21 56.82
CA LEU A 3247 43.99 131.37 55.68
C LEU A 3247 44.87 131.69 54.48
N GLU A 3248 45.06 132.99 54.20
CA GLU A 3248 45.85 133.39 53.04
C GLU A 3248 47.28 132.85 53.14
N ARG A 3249 47.94 133.08 54.27
CA ARG A 3249 49.32 132.64 54.41
C ARG A 3249 49.40 131.11 54.43
N LEU A 3250 48.42 130.46 55.07
CA LEU A 3250 48.39 129.00 55.07
C LEU A 3250 48.38 128.47 53.65
N MET A 3251 47.44 128.93 52.83
CA MET A 3251 47.42 128.56 51.43
C MET A 3251 48.73 128.91 50.76
N ALA A 3252 49.35 130.02 51.18
CA ALA A 3252 50.63 130.40 50.60
C ALA A 3252 51.68 129.32 50.78
N GLU A 3253 51.90 128.84 52.01
CA GLU A 3253 52.97 127.86 52.15
C GLU A 3253 52.55 126.51 51.57
N ILE A 3254 51.25 126.19 51.61
CA ILE A 3254 50.82 124.95 50.97
C ILE A 3254 51.18 124.97 49.49
N GLY A 3255 50.84 126.05 48.78
CA GLY A 3255 51.21 126.17 47.39
C GLY A 3255 52.71 126.19 47.16
N GLY A 3256 53.45 126.91 48.00
CA GLY A 3256 54.89 126.97 47.83
C GLY A 3256 55.55 125.61 48.01
N LEU A 3257 55.11 124.87 49.03
CA LEU A 3257 55.64 123.53 49.26
C LEU A 3257 55.30 122.60 48.10
N ALA A 3258 54.06 122.68 47.60
CA ALA A 3258 53.69 121.86 46.46
C ALA A 3258 54.56 122.18 45.25
N GLU A 3259 54.81 123.47 45.00
CA GLU A 3259 55.67 123.86 43.89
C GLU A 3259 57.09 123.36 44.08
N SER A 3260 57.62 123.51 45.29
CA SER A 3260 58.99 123.07 45.56
C SER A 3260 59.11 121.55 45.42
N GLY A 3261 58.01 120.83 45.65
CA GLY A 3261 58.04 119.39 45.53
C GLY A 3261 58.65 118.67 46.71
N ALA A 3262 58.55 119.24 47.91
CA ALA A 3262 59.11 118.58 49.08
C ALA A 3262 58.41 117.25 49.33
N ARG A 3263 59.17 116.27 49.79
CA ARG A 3263 58.65 114.94 50.05
C ARG A 3263 57.93 114.93 51.39
N TYR A 3264 57.35 113.78 51.74
CA TYR A 3264 56.58 113.69 52.97
C TYR A 3264 57.44 113.97 54.20
N THR A 3265 58.66 113.42 54.22
CA THR A 3265 59.52 113.52 55.40
C THR A 3265 60.00 114.96 55.66
N GLU A 3266 59.94 115.84 54.65
CA GLU A 3266 60.40 117.21 54.86
C GLU A 3266 59.34 118.08 55.51
N MET A 3267 58.10 117.63 55.56
CA MET A 3267 56.99 118.42 56.11
C MET A 3267 55.87 117.51 56.55
N PRO A 3268 56.15 116.58 57.48
CA PRO A 3268 55.08 115.71 57.98
C PRO A 3268 53.98 116.47 58.71
N HIS A 3269 54.29 117.62 59.33
CA HIS A 3269 53.27 118.39 60.01
C HIS A 3269 52.15 118.79 59.05
N VAL A 3270 52.50 119.37 57.90
CA VAL A 3270 51.49 119.89 56.99
C VAL A 3270 50.50 118.80 56.63
N ILE A 3271 50.97 117.75 55.95
CA ILE A 3271 50.09 116.73 55.40
C ILE A 3271 49.24 116.10 56.50
N GLU A 3272 49.87 115.82 57.65
CA GLU A 3272 49.16 115.05 58.69
C GLU A 3272 48.11 115.90 59.40
N ILE A 3273 48.38 117.18 59.63
CA ILE A 3273 47.51 117.97 60.49
C ILE A 3273 46.91 119.16 59.75
N THR A 3274 47.76 120.00 59.16
CA THR A 3274 47.30 121.31 58.68
C THR A 3274 46.39 121.17 57.48
N LEU A 3275 46.71 120.22 56.60
CA LEU A 3275 46.03 120.10 55.31
C LEU A 3275 44.66 119.46 55.50
N PRO A 3276 44.54 118.41 56.33
CA PRO A 3276 43.19 117.93 56.70
C PRO A 3276 42.34 119.00 57.36
N MET A 3277 42.93 119.88 58.16
CA MET A 3277 42.18 120.95 58.79
C MET A 3277 41.54 121.87 57.75
N LEU A 3278 42.32 122.28 56.75
CA LEU A 3278 41.78 123.14 55.69
C LEU A 3278 40.74 122.39 54.86
N CYS A 3279 40.98 121.11 54.58
CA CYS A 3279 40.03 120.33 53.79
C CYS A 3279 38.63 120.39 54.37
N SER A 3280 38.51 120.29 55.70
CA SER A 3280 37.21 120.35 56.36
C SER A 3280 36.76 121.78 56.68
N TYR A 3281 37.70 122.72 56.79
CA TYR A 3281 37.36 124.11 57.09
C TYR A 3281 36.74 124.82 55.90
N LEU A 3282 37.29 124.63 54.70
CA LEU A 3282 36.89 125.45 53.56
C LEU A 3282 35.41 125.27 53.20
N PRO A 3283 34.89 124.05 53.08
CA PRO A 3283 33.49 123.91 52.63
C PRO A 3283 32.47 124.50 53.59
N ARG A 3284 32.62 124.23 54.89
CA ARG A 3284 31.68 124.76 55.87
C ARG A 3284 31.56 126.27 55.76
N TRP A 3285 32.69 126.96 55.72
CA TRP A 3285 32.66 128.42 55.68
C TRP A 3285 32.37 128.96 54.28
N TRP A 3286 32.55 128.15 53.23
CA TRP A 3286 31.99 128.53 51.94
C TRP A 3286 30.48 128.63 52.02
N GLU A 3287 29.86 127.63 52.65
CA GLU A 3287 28.39 127.58 52.66
C GLU A 3287 27.81 128.86 53.26
N ARG A 3288 28.57 129.52 54.14
CA ARG A 3288 28.11 130.72 54.81
C ARG A 3288 28.77 131.99 54.29
N GLY A 3289 29.81 131.89 53.49
CA GLY A 3289 30.52 133.04 52.99
C GLY A 3289 29.98 133.54 51.67
N PRO A 3290 30.75 134.36 50.97
CA PRO A 3290 30.31 134.89 49.67
C PRO A 3290 30.28 133.77 48.63
N GLU A 3291 29.65 134.08 47.50
CA GLU A 3291 29.51 133.14 46.38
C GLU A 3291 28.60 131.97 46.74
N ALA A 3292 28.07 131.96 47.97
CA ALA A 3292 27.12 130.92 48.34
C ALA A 3292 25.83 131.12 47.56
N PRO A 3293 25.05 130.05 47.35
CA PRO A 3293 23.68 130.21 46.82
C PRO A 3293 22.69 130.48 47.94
N PRO A 3294 22.54 131.74 48.38
CA PRO A 3294 21.78 132.00 49.58
C PRO A 3294 20.31 132.18 49.26
N PRO A 3295 19.42 131.38 49.86
CA PRO A 3295 17.98 131.61 49.66
C PRO A 3295 17.51 132.95 50.22
N ALA A 3296 18.26 133.56 51.13
CA ALA A 3296 17.93 134.85 51.71
C ALA A 3296 18.67 136.00 51.03
N LEU A 3297 19.29 135.76 49.88
CA LEU A 3297 20.02 136.82 49.20
C LEU A 3297 19.18 138.06 48.97
N PRO A 3298 17.93 137.97 48.50
CA PRO A 3298 17.13 139.20 48.35
C PRO A 3298 16.99 139.98 49.65
N ALA A 3299 16.83 139.27 50.77
CA ALA A 3299 16.74 139.94 52.06
C ALA A 3299 18.08 140.53 52.44
N GLY A 3300 18.05 141.68 53.14
CA GLY A 3300 19.26 142.30 53.59
C GLY A 3300 20.08 141.36 54.45
N ALA A 3301 21.32 141.08 54.03
CA ALA A 3301 22.17 140.12 54.70
C ALA A 3301 23.40 140.83 55.26
N PRO A 3302 23.74 140.63 56.53
CA PRO A 3302 25.01 141.14 57.04
C PRO A 3302 26.16 140.60 56.21
N PRO A 3303 27.19 141.39 55.96
CA PRO A 3303 28.30 140.92 55.11
C PRO A 3303 28.89 139.63 55.64
N PRO A 3304 29.26 138.70 54.77
CA PRO A 3304 29.73 137.40 55.23
C PRO A 3304 30.96 137.54 56.13
N CYS A 3305 31.03 136.66 57.13
CA CYS A 3305 32.11 136.67 58.10
C CYS A 3305 33.39 136.04 57.58
N THR A 3306 33.37 135.51 56.36
CA THR A 3306 34.55 134.91 55.73
C THR A 3306 34.66 135.40 54.30
N ALA A 3307 35.72 134.95 53.62
CA ALA A 3307 35.97 135.31 52.23
C ALA A 3307 36.32 134.10 51.38
N VAL A 3308 36.05 132.89 51.89
CA VAL A 3308 36.37 131.69 51.13
C VAL A 3308 35.46 131.57 49.92
N THR A 3309 36.04 131.22 48.77
CA THR A 3309 35.30 131.09 47.53
C THR A 3309 35.76 129.84 46.79
N SER A 3310 35.12 129.58 45.66
CA SER A 3310 35.46 128.39 44.87
C SER A 3310 36.92 128.38 44.46
N ASP A 3311 37.51 129.57 44.27
CA ASP A 3311 38.92 129.63 43.86
C ASP A 3311 39.82 129.00 44.92
N HIS A 3312 39.53 129.26 46.19
CA HIS A 3312 40.35 128.69 47.25
C HIS A 3312 40.28 127.17 47.25
N LEU A 3313 39.08 126.60 47.11
CA LEU A 3313 38.95 125.15 47.09
C LEU A 3313 39.64 124.56 45.86
N ASN A 3314 39.49 125.20 44.71
CA ASN A 3314 40.14 124.69 43.50
C ASN A 3314 41.66 124.71 43.66
N SER A 3315 42.22 125.80 44.17
CA SER A 3315 43.66 125.87 44.38
C SER A 3315 44.12 124.84 45.40
N LEU A 3316 43.35 124.65 46.48
CA LEU A 3316 43.74 123.67 47.48
C LEU A 3316 43.76 122.27 46.89
N LEU A 3317 42.74 121.91 46.10
CA LEU A 3317 42.73 120.59 45.49
C LEU A 3317 43.86 120.42 44.48
N GLY A 3318 44.15 121.47 43.71
CA GLY A 3318 45.31 121.40 42.82
C GLY A 3318 46.58 121.13 43.60
N ASN A 3319 46.73 121.79 44.75
CA ASN A 3319 47.91 121.56 45.60
C ASN A 3319 47.92 120.13 46.16
N ILE A 3320 46.75 119.61 46.52
CA ILE A 3320 46.68 118.21 46.96
C ILE A 3320 47.22 117.29 45.89
N LEU A 3321 46.72 117.46 44.66
CA LEU A 3321 47.16 116.59 43.57
C LEU A 3321 48.65 116.77 43.30
N ARG A 3322 49.14 118.01 43.34
CA ARG A 3322 50.55 118.26 43.10
C ARG A 3322 51.42 117.60 44.16
N ILE A 3323 51.02 117.68 45.42
CA ILE A 3323 51.77 117.05 46.50
C ILE A 3323 51.79 115.54 46.33
N ILE A 3324 50.63 114.95 46.01
CA ILE A 3324 50.57 113.50 45.87
C ILE A 3324 51.43 113.05 44.70
N VAL A 3325 51.38 113.76 43.58
CA VAL A 3325 52.19 113.36 42.43
C VAL A 3325 53.66 113.55 42.73
N ASN A 3326 54.02 114.60 43.48
CA ASN A 3326 55.40 114.79 43.88
C ASN A 3326 55.91 113.62 44.71
N ASN A 3327 55.09 113.17 45.67
CA ASN A 3327 55.46 112.04 46.53
C ASN A 3327 55.09 110.71 45.91
N LEU A 3328 54.70 110.69 44.63
CA LEU A 3328 54.28 109.46 43.99
C LEU A 3328 55.45 108.49 43.88
N GLY A 3329 55.14 107.19 44.01
CA GLY A 3329 56.12 106.15 43.77
C GLY A 3329 57.00 105.81 44.96
N ILE A 3330 56.81 106.45 46.11
CA ILE A 3330 57.64 106.14 47.27
C ILE A 3330 57.36 104.72 47.76
N ASP A 3331 58.36 104.13 48.41
CA ASP A 3331 58.23 102.76 48.89
C ASP A 3331 57.07 102.63 49.88
N GLU A 3332 56.98 103.56 50.83
CA GLU A 3332 55.94 103.53 51.85
C GLU A 3332 55.33 104.91 51.99
N ALA A 3333 54.01 105.01 51.84
CA ALA A 3333 53.28 106.24 52.10
C ALA A 3333 51.87 105.87 52.56
N SER A 3334 51.69 105.78 53.88
CA SER A 3334 50.37 105.57 54.45
C SER A 3334 49.56 106.85 54.48
N TRP A 3335 50.22 108.01 54.48
CA TRP A 3335 49.51 109.29 54.56
C TRP A 3335 48.66 109.53 53.33
N MET A 3336 48.98 108.89 52.20
CA MET A 3336 48.20 109.10 50.98
C MET A 3336 46.75 108.71 51.19
N LYS A 3337 46.54 107.55 51.82
CA LYS A 3337 45.19 107.06 52.10
C LYS A 3337 44.38 108.08 52.89
N ARG A 3338 44.92 108.52 54.03
CA ARG A 3338 44.19 109.43 54.89
C ARG A 3338 43.97 110.77 54.21
N LEU A 3339 44.98 111.25 53.47
CA LEU A 3339 44.84 112.52 52.78
C LEU A 3339 43.75 112.46 51.72
N ALA A 3340 43.68 111.36 50.97
CA ALA A 3340 42.63 111.22 49.97
C ALA A 3340 41.26 111.21 50.63
N VAL A 3341 41.13 110.43 51.71
CA VAL A 3341 39.85 110.37 52.41
C VAL A 3341 39.44 111.75 52.91
N PHE A 3342 40.42 112.52 53.40
CA PHE A 3342 40.11 113.83 53.96
C PHE A 3342 39.86 114.86 52.86
N ALA A 3343 40.41 114.64 51.67
CA ALA A 3343 40.31 115.61 50.59
C ALA A 3343 39.15 115.33 49.65
N GLN A 3344 38.47 114.20 49.77
CA GLN A 3344 37.29 113.98 48.94
C GLN A 3344 36.29 115.14 49.01
N PRO A 3345 35.94 115.68 50.17
CA PRO A 3345 34.85 116.67 50.21
C PRO A 3345 35.03 117.85 49.27
N ILE A 3346 36.25 118.38 49.15
CA ILE A 3346 36.47 119.60 48.36
C ILE A 3346 36.36 119.33 46.87
N VAL A 3347 36.39 118.06 46.46
CA VAL A 3347 36.38 117.75 45.03
C VAL A 3347 35.10 118.23 44.37
N SER A 3348 34.00 118.29 45.13
CA SER A 3348 32.71 118.64 44.54
C SER A 3348 32.76 120.02 43.87
N ARG A 3349 33.64 120.89 44.35
CA ARG A 3349 33.70 122.26 43.84
C ARG A 3349 34.76 122.47 42.77
N ALA A 3350 35.54 121.44 42.42
CA ALA A 3350 36.63 121.64 41.49
C ALA A 3350 36.11 122.20 40.17
N ARG A 3351 36.76 123.26 39.69
CA ARG A 3351 36.36 123.90 38.45
C ARG A 3351 36.86 123.08 37.26
N PRO A 3352 36.15 123.10 36.12
CA PRO A 3352 36.46 122.12 35.06
C PRO A 3352 37.88 122.15 34.51
N GLU A 3353 38.56 123.30 34.44
CA GLU A 3353 39.91 123.28 33.88
C GLU A 3353 40.89 122.47 34.74
N LEU A 3354 40.50 122.10 35.96
CA LEU A 3354 41.36 121.24 36.76
C LEU A 3354 41.74 119.97 36.01
N LEU A 3355 40.85 119.48 35.15
CA LEU A 3355 41.10 118.22 34.45
C LEU A 3355 42.41 118.29 33.68
N ARG A 3356 42.47 119.16 32.67
CA ARG A 3356 43.68 119.25 31.84
C ARG A 3356 44.89 119.59 32.68
N SER A 3357 44.75 120.50 33.64
CA SER A 3357 45.90 120.98 34.40
C SER A 3357 46.54 119.87 35.21
N HIS A 3358 45.75 119.05 35.91
CA HIS A 3358 46.31 118.11 36.88
C HIS A 3358 45.99 116.66 36.56
N PHE A 3359 44.73 116.34 36.26
CA PHE A 3359 44.33 114.93 36.22
C PHE A 3359 44.99 114.20 35.06
N ILE A 3360 45.02 114.82 33.88
CA ILE A 3360 45.57 114.15 32.70
C ILE A 3360 47.05 113.83 32.88
N PRO A 3361 47.93 114.77 33.24
CA PRO A 3361 49.34 114.39 33.42
C PRO A 3361 49.54 113.35 34.51
N THR A 3362 48.78 113.44 35.61
CA THR A 3362 48.97 112.51 36.72
C THR A 3362 48.61 111.09 36.30
N ILE A 3363 47.38 110.91 35.81
CA ILE A 3363 46.97 109.60 35.34
C ILE A 3363 47.85 109.12 34.18
N GLY A 3364 48.44 110.04 33.42
CA GLY A 3364 49.37 109.65 32.38
C GLY A 3364 50.63 109.03 32.94
N ARG A 3365 51.17 109.66 33.99
CA ARG A 3365 52.35 109.08 34.64
C ARG A 3365 52.02 107.72 35.24
N LEU A 3366 50.86 107.60 35.89
CA LEU A 3366 50.47 106.32 36.45
C LEU A 3366 50.29 105.25 35.37
N ARG A 3367 49.66 105.61 34.25
CA ARG A 3367 49.47 104.66 33.16
C ARG A 3367 50.81 104.23 32.56
N LYS A 3368 51.74 105.18 32.39
CA LYS A 3368 53.05 104.82 31.86
C LYS A 3368 53.78 103.89 32.80
N ARG A 3369 53.73 104.15 34.10
CA ARG A 3369 54.37 103.26 35.07
C ARG A 3369 53.73 101.88 35.03
N ALA A 3370 52.40 101.82 34.93
CA ALA A 3370 51.73 100.53 34.85
C ALA A 3370 52.17 99.76 33.62
N GLY A 3371 52.25 100.44 32.47
CA GLY A 3371 52.72 99.79 31.26
C GLY A 3371 54.12 99.23 31.40
N LYS A 3372 55.04 100.03 31.94
CA LYS A 3372 56.40 99.53 32.14
C LYS A 3372 56.39 98.31 33.05
N VAL A 3373 55.67 98.39 34.17
CA VAL A 3373 55.74 97.33 35.17
C VAL A 3373 55.13 96.05 34.61
N VAL A 3374 54.04 96.16 33.85
CA VAL A 3374 53.48 94.97 33.21
C VAL A 3374 54.44 94.43 32.16
N ALA A 3375 55.24 95.31 31.54
CA ALA A 3375 56.26 94.82 30.62
C ALA A 3375 57.29 93.96 31.35
N GLU A 3376 57.77 94.42 32.51
CA GLU A 3376 58.68 93.59 33.29
C GLU A 3376 58.00 92.29 33.73
N GLU A 3377 56.72 92.37 34.08
CA GLU A 3377 55.98 91.15 34.41
C GLU A 3377 55.98 90.18 33.25
N GLU A 3378 55.72 90.67 32.04
CA GLU A 3378 55.71 89.83 30.86
C GLU A 3378 57.07 89.17 30.66
N GLN A 3379 58.15 89.94 30.79
CA GLN A 3379 59.48 89.38 30.61
C GLN A 3379 59.77 88.31 31.66
N LEU A 3380 59.45 88.58 32.92
CA LEU A 3380 59.73 87.61 33.98
C LEU A 3380 58.92 86.32 33.77
N ARG A 3381 57.64 86.45 33.44
CA ARG A 3381 56.83 85.25 33.22
C ARG A 3381 57.25 84.49 31.97
N LEU A 3382 57.76 85.19 30.95
CA LEU A 3382 58.40 84.49 29.85
C LEU A 3382 59.60 83.70 30.33
N GLU A 3383 60.41 84.30 31.20
CA GLU A 3383 61.47 83.55 31.86
C GLU A 3383 60.87 82.52 32.83
N ALA A 3384 61.64 81.47 33.11
CA ALA A 3384 61.15 80.33 33.87
C ALA A 3384 62.16 79.92 34.93
N LYS A 3385 61.69 79.09 35.85
CA LYS A 3385 62.52 78.46 36.89
C LYS A 3385 63.07 79.56 37.80
N ALA A 3386 64.32 79.44 38.26
CA ALA A 3386 64.85 80.38 39.26
C ALA A 3386 64.70 81.82 38.79
N GLU A 3387 64.87 82.06 37.49
CA GLU A 3387 64.66 83.40 36.96
C GLU A 3387 63.24 83.87 37.19
N ALA A 3388 62.27 82.95 37.10
CA ALA A 3388 60.89 83.33 37.36
C ALA A 3388 60.63 83.56 38.84
N GLU A 3389 61.14 82.67 39.70
CA GLU A 3389 60.89 82.82 41.14
C GLU A 3389 61.57 84.08 41.69
N GLU A 3390 62.69 84.49 41.10
CA GLU A 3390 63.35 85.71 41.53
C GLU A 3390 62.97 86.86 40.62
N GLY A 3391 62.94 88.07 41.20
CA GLY A 3391 62.51 89.24 40.47
C GLY A 3391 61.00 89.40 40.47
N GLU A 3392 60.29 88.28 40.60
CA GLU A 3392 58.84 88.34 40.74
C GLU A 3392 58.46 89.11 41.99
N LEU A 3393 59.25 88.99 43.06
CA LEU A 3393 58.97 89.77 44.27
C LEU A 3393 59.16 91.26 44.00
N LEU A 3394 60.20 91.64 43.25
CA LEU A 3394 60.40 93.05 42.92
C LEU A 3394 59.24 93.59 42.09
N VAL A 3395 58.82 92.83 41.08
CA VAL A 3395 57.70 93.29 40.26
C VAL A 3395 56.41 93.33 41.07
N ARG A 3396 56.26 92.40 42.02
CA ARG A 3396 55.11 92.43 42.91
C ARG A 3396 55.12 93.67 43.78
N ASP A 3397 56.30 94.08 44.24
CA ASP A 3397 56.40 95.32 45.02
C ASP A 3397 56.05 96.53 44.15
N GLU A 3398 56.51 96.55 42.91
CA GLU A 3398 56.10 97.62 41.99
C GLU A 3398 54.60 97.65 41.79
N PHE A 3399 53.98 96.48 41.63
CA PHE A 3399 52.52 96.40 41.57
C PHE A 3399 51.88 96.93 42.84
N SER A 3400 52.44 96.61 44.00
CA SER A 3400 51.88 97.09 45.25
C SER A 3400 51.92 98.61 45.35
N VAL A 3401 53.07 99.22 45.01
CA VAL A 3401 53.15 100.68 45.09
C VAL A 3401 52.23 101.32 44.06
N LEU A 3402 52.14 100.74 42.86
CA LEU A 3402 51.24 101.29 41.86
C LEU A 3402 49.79 101.20 42.31
N CYS A 3403 49.42 100.08 42.95
CA CYS A 3403 48.06 99.94 43.47
C CYS A 3403 47.79 100.97 44.56
N ARG A 3404 48.77 101.20 45.43
CA ARG A 3404 48.61 102.24 46.45
C ARG A 3404 48.37 103.60 45.81
N ASP A 3405 49.16 103.92 44.77
CA ASP A 3405 48.98 105.20 44.09
C ASP A 3405 47.60 105.30 43.45
N LEU A 3406 47.16 104.23 42.78
CA LEU A 3406 45.87 104.24 42.11
C LEU A 3406 44.74 104.42 43.13
N TYR A 3407 44.79 103.70 44.23
CA TYR A 3407 43.77 103.83 45.25
C TYR A 3407 43.86 105.16 45.99
N ALA A 3408 45.02 105.82 45.93
CA ALA A 3408 45.15 107.16 46.49
C ALA A 3408 44.46 108.20 45.61
N LEU A 3409 44.62 108.07 44.28
CA LEU A 3409 44.17 109.13 43.39
C LEU A 3409 42.77 108.91 42.80
N TYR A 3410 42.41 107.69 42.43
CA TYR A 3410 41.06 107.42 41.93
C TYR A 3410 39.94 107.84 42.87
N PRO A 3411 40.04 107.66 44.19
CA PRO A 3411 38.93 108.14 45.03
C PRO A 3411 38.65 109.62 44.84
N LEU A 3412 39.68 110.39 44.47
CA LEU A 3412 39.45 111.79 44.10
C LEU A 3412 38.82 111.90 42.73
N LEU A 3413 39.26 111.07 41.78
CA LEU A 3413 38.73 111.16 40.41
C LEU A 3413 37.24 110.83 40.36
N ILE A 3414 36.81 109.84 41.14
CA ILE A 3414 35.41 109.42 41.09
C ILE A 3414 34.50 110.60 41.38
N ARG A 3415 34.78 111.35 42.44
CA ARG A 3415 33.96 112.52 42.77
C ARG A 3415 34.03 113.57 41.66
N TYR A 3416 35.23 113.81 41.12
CA TYR A 3416 35.36 114.77 40.04
C TYR A 3416 34.58 114.33 38.79
N VAL A 3417 34.66 113.04 38.45
CA VAL A 3417 33.96 112.54 37.28
C VAL A 3417 32.46 112.72 37.43
N ASP A 3418 31.93 112.38 38.61
CA ASP A 3418 30.49 112.40 38.82
C ASP A 3418 29.92 113.79 38.54
N ASN A 3419 30.57 114.83 39.06
CA ASN A 3419 30.05 116.19 38.89
C ASN A 3419 30.10 116.62 37.44
N ASN A 3420 31.21 116.35 36.74
CA ASN A 3420 31.42 116.83 35.39
C ASN A 3420 30.98 115.83 34.32
N ARG A 3421 30.55 114.63 34.70
CA ARG A 3421 30.13 113.66 33.70
C ARG A 3421 28.92 114.16 32.93
N ALA A 3422 27.99 114.84 33.60
CA ALA A 3422 26.82 115.38 32.91
C ALA A 3422 27.23 116.38 31.84
N HIS A 3423 28.12 117.32 32.17
CA HIS A 3423 28.58 118.28 31.19
C HIS A 3423 29.33 117.60 30.05
N TRP A 3424 30.18 116.63 30.38
CA TRP A 3424 30.93 115.93 29.34
C TRP A 3424 30.00 115.20 28.39
N LEU A 3425 28.97 114.55 28.92
CA LEU A 3425 28.02 113.83 28.07
C LEU A 3425 27.11 114.77 27.29
N THR A 3426 26.84 115.96 27.82
CA THR A 3426 26.04 116.95 27.11
C THR A 3426 26.82 117.57 25.96
N GLU A 3427 28.12 117.82 26.15
CA GLU A 3427 28.96 118.43 25.14
C GLU A 3427 30.27 117.65 25.04
N PRO A 3428 30.65 117.17 23.85
CA PRO A 3428 31.88 116.38 23.74
C PRO A 3428 33.11 117.19 24.18
N ASN A 3429 34.06 116.50 24.82
CA ASN A 3429 35.25 117.14 25.36
C ASN A 3429 36.46 116.25 25.11
N PRO A 3430 37.38 116.62 24.22
CA PRO A 3430 38.52 115.73 23.95
C PRO A 3430 39.39 115.42 25.16
N ASN A 3431 39.46 116.34 26.13
CA ASN A 3431 40.24 116.04 27.33
C ASN A 3431 39.60 114.91 28.14
N ALA A 3432 38.28 115.00 28.36
CA ALA A 3432 37.58 113.90 29.00
C ALA A 3432 37.73 112.62 28.19
N GLU A 3433 37.81 112.74 26.87
CA GLU A 3433 37.95 111.55 26.04
C GLU A 3433 39.31 110.90 26.23
N GLU A 3434 40.36 111.71 26.29
CA GLU A 3434 41.68 111.20 26.62
C GLU A 3434 41.68 110.53 27.98
N LEU A 3435 41.01 111.15 28.95
CA LEU A 3435 40.89 110.54 30.27
C LEU A 3435 40.24 109.17 30.18
N PHE A 3436 39.19 109.05 29.37
CA PHE A 3436 38.54 107.75 29.18
C PHE A 3436 39.51 106.73 28.62
N ARG A 3437 40.24 107.11 27.56
CA ARG A 3437 41.21 106.17 26.97
C ARG A 3437 42.22 105.72 28.02
N MET A 3438 42.67 106.66 28.85
CA MET A 3438 43.71 106.38 29.83
C MET A 3438 43.20 105.39 30.89
N VAL A 3439 42.03 105.68 31.46
CA VAL A 3439 41.47 104.77 32.46
C VAL A 3439 41.18 103.41 31.84
N GLY A 3440 40.73 103.39 30.57
CA GLY A 3440 40.53 102.14 29.89
C GLY A 3440 41.79 101.32 29.73
N GLU A 3441 42.89 101.97 29.36
CA GLU A 3441 44.16 101.25 29.25
C GLU A 3441 44.57 100.67 30.60
N ILE A 3442 44.42 101.44 31.67
CA ILE A 3442 44.78 100.91 32.99
C ILE A 3442 43.91 99.71 33.33
N PHE A 3443 42.62 99.77 33.01
CA PHE A 3443 41.75 98.65 33.30
C PHE A 3443 42.13 97.43 32.47
N ILE A 3444 42.55 97.65 31.22
CA ILE A 3444 43.01 96.54 30.39
C ILE A 3444 44.21 95.87 31.03
N TYR A 3445 45.14 96.68 31.54
CA TYR A 3445 46.27 96.09 32.27
C TYR A 3445 45.80 95.30 33.48
N TRP A 3446 44.83 95.83 34.21
CA TRP A 3446 44.29 95.11 35.37
C TRP A 3446 43.70 93.77 34.96
N SER A 3447 42.91 93.76 33.90
CA SER A 3447 42.29 92.53 33.43
C SER A 3447 43.34 91.52 32.96
N LYS A 3448 44.36 91.98 32.25
CA LYS A 3448 45.35 91.06 31.70
C LYS A 3448 46.23 90.47 32.80
N SER A 3449 46.72 91.31 33.71
CA SER A 3449 47.73 90.89 34.67
C SER A 3449 47.07 90.21 35.87
N HIS A 3450 47.50 88.98 36.15
CA HIS A 3450 46.93 88.25 37.28
C HIS A 3450 47.63 88.60 38.59
N ASN A 3451 48.84 89.15 38.52
CA ASN A 3451 49.48 89.70 39.72
C ASN A 3451 48.81 90.99 40.16
N PHE A 3452 48.40 91.83 39.22
CA PHE A 3452 47.90 93.15 39.58
C PHE A 3452 46.65 93.00 40.43
N LYS A 3453 45.79 92.04 40.06
CA LYS A 3453 44.57 91.80 40.83
C LYS A 3453 44.87 91.45 42.28
N ARG A 3454 45.73 90.47 42.51
CA ARG A 3454 46.00 90.03 43.88
C ARG A 3454 46.71 91.13 44.67
N GLU A 3455 47.59 91.89 44.01
CA GLU A 3455 48.24 92.99 44.70
C GLU A 3455 47.23 94.05 45.12
N GLU A 3456 46.29 94.39 44.26
CA GLU A 3456 45.24 95.33 44.63
C GLU A 3456 44.43 94.79 45.80
N GLN A 3457 44.04 93.52 45.72
CA GLN A 3457 43.21 92.94 46.78
C GLN A 3457 43.96 92.91 48.11
N ASN A 3458 45.24 92.52 48.08
CA ASN A 3458 46.05 92.59 49.29
C ASN A 3458 46.10 94.00 49.83
N PHE A 3459 46.70 94.93 49.08
CA PHE A 3459 46.76 96.32 49.54
C PHE A 3459 45.46 96.74 50.20
N VAL A 3460 44.33 96.50 49.55
CA VAL A 3460 43.06 97.01 50.07
C VAL A 3460 42.68 96.30 51.37
N VAL A 3461 42.89 94.98 51.46
CA VAL A 3461 42.45 94.29 52.67
C VAL A 3461 43.37 94.57 53.85
N GLN A 3462 44.69 94.60 53.65
CA GLN A 3462 45.57 95.03 54.75
C GLN A 3462 45.27 96.47 55.17
N ASN A 3463 45.05 97.38 54.23
CA ASN A 3463 44.74 98.75 54.60
C ASN A 3463 43.33 98.91 55.15
N GLU A 3464 42.50 97.89 55.03
CA GLU A 3464 41.15 97.85 55.61
C GLU A 3464 40.24 98.95 55.08
N ILE A 3465 40.61 99.59 53.96
CA ILE A 3465 39.74 100.59 53.37
C ILE A 3465 38.49 99.91 52.82
N ASN A 3466 37.34 100.47 53.15
CA ASN A 3466 36.07 100.03 52.58
C ASN A 3466 35.85 100.82 51.29
N ASN A 3467 35.74 100.11 50.17
CA ASN A 3467 35.59 100.78 48.88
C ASN A 3467 34.24 101.49 48.78
N MET A 3468 33.25 101.06 49.56
CA MET A 3468 31.91 101.62 49.43
C MET A 3468 31.89 103.09 49.84
N SER A 3469 32.73 103.47 50.79
CA SER A 3469 32.83 104.88 51.16
C SER A 3469 33.33 105.71 49.98
N PHE A 3470 34.34 105.22 49.27
CA PHE A 3470 34.85 105.93 48.11
C PHE A 3470 33.79 106.01 47.02
N LEU A 3471 33.12 104.90 46.74
CA LEU A 3471 32.11 104.88 45.67
C LEU A 3471 30.94 105.80 45.99
N THR A 3472 30.47 105.80 47.24
CA THR A 3472 29.36 106.66 47.63
C THR A 3472 29.73 108.12 47.47
N TYR A 3504 38.73 92.52 48.35
CA TYR A 3504 37.27 92.69 48.41
C TYR A 3504 36.63 92.20 47.12
N SER A 3505 35.32 92.43 46.99
CA SER A 3505 34.58 91.94 45.84
C SER A 3505 35.09 92.60 44.55
N VAL A 3506 35.01 91.84 43.46
CA VAL A 3506 35.48 92.35 42.17
C VAL A 3506 34.71 93.61 41.79
N GLN A 3507 33.41 93.64 42.06
CA GLN A 3507 32.62 94.82 41.72
C GLN A 3507 33.10 96.04 42.47
N THR A 3508 33.43 95.89 43.76
CA THR A 3508 33.89 97.02 44.55
C THR A 3508 35.31 97.43 44.19
N SER A 3509 36.02 96.65 43.37
CA SER A 3509 37.36 97.02 42.98
C SER A 3509 37.34 98.40 42.32
N LEU A 3510 38.14 99.32 42.87
CA LEU A 3510 38.12 100.69 42.39
C LEU A 3510 38.58 100.78 40.94
N ILE A 3511 39.48 99.89 40.53
CA ILE A 3511 39.99 99.92 39.17
C ILE A 3511 38.85 99.77 38.17
N VAL A 3512 38.01 98.75 38.36
CA VAL A 3512 36.88 98.54 37.48
C VAL A 3512 35.79 99.58 37.73
N ALA A 3513 35.63 100.01 38.98
CA ALA A 3513 34.57 100.97 39.30
C ALA A 3513 34.78 102.28 38.55
N THR A 3514 36.02 102.78 38.52
CA THR A 3514 36.28 104.05 37.82
C THR A 3514 35.97 103.94 36.34
N LEU A 3515 36.35 102.82 35.70
CA LEU A 3515 36.05 102.66 34.28
C LEU A 3515 34.54 102.55 34.05
N LYS A 3516 33.83 101.86 34.94
CA LYS A 3516 32.38 101.81 34.77
C LYS A 3516 31.73 103.17 34.97
N LYS A 3517 32.34 104.04 35.77
CA LYS A 3517 31.89 105.42 35.82
C LYS A 3517 32.17 106.15 34.52
N MET A 3518 33.35 105.93 33.93
CA MET A 3518 33.80 106.68 32.76
C MET A 3518 33.27 106.14 31.43
N LEU A 3519 32.69 104.94 31.42
CA LEU A 3519 32.32 104.30 30.17
C LEU A 3519 31.41 105.14 29.28
N PRO A 3520 30.38 105.82 29.80
CA PRO A 3520 29.50 106.58 28.91
C PRO A 3520 30.24 107.60 28.07
N ILE A 3521 31.35 108.13 28.58
CA ILE A 3521 32.09 109.14 27.82
C ILE A 3521 32.67 108.55 26.55
N GLY A 3522 33.05 107.27 26.56
CA GLY A 3522 33.56 106.62 25.36
C GLY A 3522 32.45 106.08 24.49
N LEU A 3523 31.38 105.60 25.13
CA LEU A 3523 30.20 105.23 24.37
C LEU A 3523 29.66 106.44 23.61
N ASN A 3524 29.97 107.64 24.09
CA ASN A 3524 29.59 108.86 23.36
C ASN A 3524 30.44 109.04 22.11
N MET A 3525 31.72 108.64 22.17
CA MET A 3525 32.51 108.55 20.94
C MET A 3525 31.84 107.60 19.97
N CYS A 3526 31.54 106.40 20.43
CA CYS A 3526 30.97 105.40 19.54
C CYS A 3526 29.63 105.88 19.00
N ALA A 3527 29.56 105.97 17.69
CA ALA A 3527 28.36 106.41 17.00
C ALA A 3527 27.39 105.25 16.85
N PRO A 3528 26.09 105.52 16.72
CA PRO A 3528 25.13 104.42 16.64
C PRO A 3528 25.37 103.51 15.44
N THR A 3529 25.90 104.05 14.35
CA THR A 3529 26.22 103.22 13.19
C THR A 3529 27.32 102.22 13.53
N ASP A 3530 28.14 102.53 14.53
CA ASP A 3530 29.31 101.72 14.82
C ASP A 3530 28.99 100.47 15.62
N GLN A 3531 27.80 100.36 16.23
CA GLN A 3531 27.54 99.29 17.18
C GLN A 3531 27.94 97.93 16.59
N ASP A 3532 27.63 97.69 15.32
CA ASP A 3532 28.01 96.44 14.69
C ASP A 3532 29.53 96.30 14.58
N LEU A 3533 30.23 97.40 14.28
CA LEU A 3533 31.68 97.35 14.24
C LEU A 3533 32.27 97.02 15.60
N ILE A 3534 31.72 97.61 16.66
CA ILE A 3534 32.14 97.25 18.01
C ILE A 3534 31.88 95.77 18.29
N VAL A 3535 30.74 95.25 17.82
CA VAL A 3535 30.46 93.83 18.01
C VAL A 3535 31.52 92.98 17.31
N LEU A 3536 31.87 93.34 16.07
CA LEU A 3536 32.86 92.57 15.33
C LEU A 3536 34.23 92.65 16.01
N ALA A 3537 34.62 93.83 16.46
CA ALA A 3537 35.89 93.98 17.18
C ALA A 3537 35.89 93.21 18.49
N LYS A 3538 34.75 93.16 19.18
CA LYS A 3538 34.64 92.35 20.38
C LYS A 3538 34.82 90.87 20.05
N ALA A 3539 34.26 90.42 18.93
CA ALA A 3539 34.48 89.04 18.49
C ALA A 3539 35.96 88.79 18.22
N ARG A 3540 36.63 89.74 17.56
CA ARG A 3540 38.06 89.58 17.31
C ARG A 3540 38.83 89.49 18.62
N TYR A 3541 38.51 90.35 19.59
CA TYR A 3541 39.18 90.31 20.87
C TYR A 3541 38.91 88.99 21.60
N ALA A 3542 37.71 88.44 21.42
CA ALA A 3542 37.43 87.09 21.93
C ALA A 3542 38.34 86.07 21.25
N LEU A 3543 38.59 86.25 19.96
CA LEU A 3543 39.56 85.42 19.24
C LEU A 3543 40.96 85.71 19.77
N LYS A 3544 41.10 86.78 20.55
CA LYS A 3544 42.35 87.13 21.22
C LYS A 3544 43.39 87.68 20.25
N ASP A 3545 42.92 88.37 19.21
CA ASP A 3545 43.83 89.03 18.28
C ASP A 3545 44.37 90.32 18.88
N THR A 3546 45.61 90.66 18.50
CA THR A 3546 46.25 91.83 19.06
C THR A 3546 45.65 93.10 18.49
N ASP A 3547 45.95 94.22 19.15
CA ASP A 3547 45.29 95.48 18.84
C ASP A 3547 45.60 95.93 17.41
N GLU A 3548 46.85 95.73 16.96
CA GLU A 3548 47.20 96.14 15.60
C GLU A 3548 46.36 95.42 14.56
N GLU A 3549 46.22 94.09 14.70
CA GLU A 3549 45.51 93.34 13.68
C GLU A 3549 44.01 93.50 13.82
N VAL A 3550 43.52 93.81 15.03
CA VAL A 3550 42.12 94.22 15.15
C VAL A 3550 41.88 95.52 14.40
N ARG A 3551 42.82 96.47 14.53
CA ARG A 3551 42.72 97.70 13.76
C ARG A 3551 42.72 97.41 12.26
N GLU A 3552 43.57 96.47 11.83
CA GLU A 3552 43.62 96.10 10.43
C GLU A 3552 42.31 95.46 9.96
N PHE A 3553 41.72 94.61 10.79
CA PHE A 3553 40.42 94.03 10.44
C PHE A 3553 39.36 95.11 10.29
N LEU A 3554 39.32 96.07 11.22
CA LEU A 3554 38.37 97.17 11.09
C LEU A 3554 38.64 97.99 9.84
N GLN A 3555 39.92 98.23 9.52
CA GLN A 3555 40.27 98.98 8.32
C GLN A 3555 39.82 98.26 7.06
N ASN A 3556 39.96 96.93 7.02
CA ASN A 3556 39.53 96.18 5.85
C ASN A 3556 38.01 96.14 5.75
N ASN A 3557 37.33 96.11 6.89
CA ASN A 3557 35.86 96.13 6.92
C ASN A 3557 35.37 97.58 7.01
N LEU A 3558 35.72 98.35 5.98
CA LEU A 3558 35.24 99.72 5.90
C LEU A 3558 33.71 99.77 5.86
N ASN A 3559 33.11 98.90 5.06
CA ASN A 3559 31.66 98.69 5.09
C ASN A 3559 31.31 97.77 6.25
N LEU A 3560 30.08 97.23 6.25
CA LEU A 3560 29.46 96.55 7.38
C LEU A 3560 29.04 97.53 8.46
N GLN A 3561 29.06 98.83 8.17
CA GLN A 3561 28.55 99.83 9.09
C GLN A 3561 27.03 99.85 9.06
N GLY A 3562 26.43 100.08 10.23
CA GLY A 3562 24.98 100.00 10.33
C GLY A 3562 24.30 100.95 9.35
N LYS A 3563 23.14 100.53 8.84
CA LYS A 3563 22.43 101.27 7.81
C LYS A 3563 21.20 101.95 8.41
N VAL A 3564 21.01 103.22 8.03
CA VAL A 3564 20.00 104.05 8.68
C VAL A 3564 18.59 103.48 8.46
N GLU A 3565 18.23 103.18 7.22
CA GLU A 3565 16.94 102.55 6.98
C GLU A 3565 16.97 101.08 7.39
N GLY A 3566 18.17 100.51 7.53
CA GLY A 3566 18.27 99.12 7.97
C GLY A 3566 17.79 98.93 9.39
N SER A 3567 18.14 99.85 10.29
CA SER A 3567 17.81 99.71 11.70
C SER A 3567 16.73 100.70 12.10
N PRO A 3568 15.65 100.28 12.75
CA PRO A 3568 14.62 101.26 13.17
C PRO A 3568 15.12 102.24 14.22
N SER A 3569 15.69 101.73 15.32
CA SER A 3569 16.11 102.63 16.41
C SER A 3569 17.18 103.60 15.92
N LEU A 3570 17.90 103.24 14.87
CA LEU A 3570 19.05 104.03 14.46
C LEU A 3570 18.63 105.41 13.98
N ARG A 3571 17.41 105.54 13.43
CA ARG A 3571 16.98 106.87 13.00
C ARG A 3571 16.93 107.84 14.16
N TRP A 3572 16.33 107.46 15.29
CA TRP A 3572 16.25 108.40 16.40
C TRP A 3572 17.60 108.53 17.11
N GLN A 3573 18.37 107.44 17.18
CA GLN A 3573 19.71 107.56 17.73
C GLN A 3573 20.53 108.56 16.91
N MET A 3574 20.44 108.49 15.59
CA MET A 3574 21.17 109.41 14.72
C MET A 3574 20.58 110.81 14.77
N ALA A 3575 19.28 110.92 15.01
CA ALA A 3575 18.70 112.24 15.24
C ALA A 3575 19.38 112.91 16.42
N LEU A 3576 19.52 112.19 17.53
CA LEU A 3576 20.23 112.72 18.69
C LEU A 3576 21.68 113.03 18.34
N TYR A 3577 22.34 112.10 17.66
CA TYR A 3577 23.75 112.25 17.33
C TYR A 3577 23.99 113.51 16.50
N ARG A 3578 23.23 113.68 15.42
CA ARG A 3578 23.30 114.88 14.59
C ARG A 3578 22.93 116.14 15.35
N GLY A 3579 21.87 116.11 16.17
CA GLY A 3579 21.42 117.27 16.88
C GLY A 3579 22.43 117.81 17.86
N VAL A 3580 23.10 116.93 18.60
CA VAL A 3580 24.04 117.40 19.62
C VAL A 3580 25.15 118.20 18.92
N PRO A 3581 25.45 119.42 19.35
CA PRO A 3581 26.47 120.20 18.66
C PRO A 3581 27.87 119.64 18.90
N GLY A 3582 28.79 120.02 18.00
CA GLY A 3582 30.18 119.63 18.10
C GLY A 3582 30.50 118.24 17.58
N ARG A 3583 29.50 117.50 17.11
CA ARG A 3583 29.69 116.15 16.60
C ARG A 3583 29.54 116.09 15.08
N GLU A 3584 29.69 117.21 14.39
CA GLU A 3584 29.53 117.24 12.94
C GLU A 3584 30.86 117.01 12.23
N GLU A 3585 31.91 117.73 12.64
CA GLU A 3585 33.24 117.54 12.07
C GLU A 3585 33.89 116.30 12.66
N ASP A 3586 33.25 115.16 12.39
CA ASP A 3586 33.68 113.87 12.91
C ASP A 3586 33.23 112.79 11.95
N ALA A 3587 33.84 111.61 12.08
CA ALA A 3587 33.50 110.46 11.25
C ALA A 3587 33.89 110.67 9.79
N ASP A 3588 34.57 111.78 9.50
CA ASP A 3588 34.99 112.05 8.13
C ASP A 3588 36.18 111.19 7.74
N ASP A 3589 36.94 110.71 8.73
CA ASP A 3589 38.18 109.99 8.48
C ASP A 3589 38.12 108.55 8.99
N PRO A 3590 38.22 107.55 8.09
CA PRO A 3590 38.10 106.15 8.53
C PRO A 3590 39.13 105.74 9.57
N GLU A 3591 40.33 106.33 9.55
CA GLU A 3591 41.30 105.98 10.59
C GLU A 3591 40.79 106.36 11.97
N LYS A 3592 40.14 107.53 12.09
CA LYS A 3592 39.55 107.91 13.36
C LYS A 3592 38.44 106.95 13.76
N ILE A 3593 37.52 106.65 12.84
CA ILE A 3593 36.46 105.70 13.19
C ILE A 3593 37.07 104.38 13.66
N VAL A 3594 38.04 103.85 12.92
CA VAL A 3594 38.65 102.57 13.27
C VAL A 3594 39.28 102.65 14.65
N ARG A 3595 40.05 103.70 14.89
CA ARG A 3595 40.70 103.85 16.20
C ARG A 3595 39.66 103.82 17.31
N ARG A 3596 38.74 104.79 17.32
CA ARG A 3596 37.78 104.89 18.42
C ARG A 3596 37.03 103.58 18.62
N VAL A 3597 36.59 102.96 17.52
CA VAL A 3597 35.94 101.66 17.64
C VAL A 3597 36.86 100.66 18.32
N GLN A 3598 38.16 100.72 18.01
CA GLN A 3598 39.10 99.77 18.59
C GLN A 3598 39.18 99.92 20.11
N GLU A 3599 39.42 101.15 20.59
CA GLU A 3599 39.50 101.32 22.04
C GLU A 3599 38.20 100.90 22.71
N VAL A 3600 37.06 101.35 22.19
CA VAL A 3600 35.80 101.05 22.86
C VAL A 3600 35.54 99.55 22.88
N SER A 3601 35.83 98.87 21.76
CA SER A 3601 35.60 97.43 21.70
C SER A 3601 36.50 96.70 22.71
N ALA A 3602 37.77 97.09 22.78
CA ALA A 3602 38.66 96.46 23.75
C ALA A 3602 38.14 96.64 25.17
N VAL A 3603 37.74 97.86 25.51
CA VAL A 3603 37.26 98.13 26.87
C VAL A 3603 36.01 97.31 27.16
N LEU A 3604 35.07 97.26 26.21
CA LEU A 3604 33.84 96.50 26.44
C LEU A 3604 34.13 95.02 26.61
N TYR A 3605 35.00 94.45 25.77
CA TYR A 3605 35.31 93.03 25.90
C TYR A 3605 35.93 92.72 27.25
N HIS A 3606 36.93 93.50 27.66
CA HIS A 3606 37.55 93.23 28.95
C HIS A 3606 36.55 93.42 30.09
N LEU A 3607 35.68 94.41 29.99
CA LEU A 3607 34.66 94.62 31.00
C LEU A 3607 33.73 93.42 31.09
N ASP A 3608 33.34 92.86 29.95
CA ASP A 3608 32.44 91.71 29.97
C ASP A 3608 33.12 90.48 30.55
N GLN A 3609 34.40 90.26 30.21
CA GLN A 3609 35.12 89.16 30.82
C GLN A 3609 35.18 89.31 32.34
N THR A 3610 35.44 90.53 32.81
CA THR A 3610 35.46 90.77 34.24
C THR A 3610 34.09 90.53 34.86
N GLU A 3611 33.03 90.98 34.18
CA GLU A 3611 31.68 90.82 34.72
C GLU A 3611 31.33 89.35 34.88
N HIS A 3612 31.58 88.54 33.86
CA HIS A 3612 31.30 87.11 33.92
C HIS A 3612 32.57 86.32 33.65
N PRO A 3613 33.07 85.51 34.61
CA PRO A 3613 34.27 84.71 34.37
C PRO A 3613 33.98 83.36 33.73
N VAL A 3634 40.87 63.61 60.49
CA VAL A 3634 41.73 64.31 61.43
C VAL A 3634 42.76 63.35 62.01
N ALA A 3635 42.47 62.04 61.92
CA ALA A 3635 43.43 61.05 62.38
C ALA A 3635 44.72 61.12 61.58
N CYS A 3636 44.61 61.38 60.28
CA CYS A 3636 45.81 61.53 59.45
C CYS A 3636 46.67 62.69 59.94
N PHE A 3637 46.05 63.82 60.28
CA PHE A 3637 46.80 64.93 60.85
C PHE A 3637 47.42 64.53 62.18
N ARG A 3638 46.67 63.82 63.01
CA ARG A 3638 47.20 63.35 64.29
C ARG A 3638 48.31 62.33 64.04
N MET A 3639 49.44 62.52 64.70
CA MET A 3639 50.58 61.64 64.51
C MET A 3639 50.33 60.30 65.20
N THR A 3640 50.95 59.25 64.67
CA THR A 3640 50.89 57.91 65.26
C THR A 3640 52.30 57.33 65.36
N PRO A 3641 53.16 57.90 66.20
CA PRO A 3641 54.53 57.39 66.30
C PRO A 3641 54.56 55.93 66.74
N LEU A 3642 55.49 55.17 66.16
CA LEU A 3642 55.70 53.80 66.59
C LEU A 3642 56.41 53.77 67.94
N TYR A 3643 57.30 54.74 68.18
CA TYR A 3643 58.12 54.70 69.39
C TYR A 3643 57.31 55.09 70.63
N ASN A 3644 56.14 55.70 70.44
CA ASN A 3644 55.16 55.83 71.53
C ASN A 3644 54.20 54.65 71.52
N LEU A 3645 54.77 53.45 71.70
CA LEU A 3645 54.00 52.23 71.75
C LEU A 3645 54.68 51.25 72.68
N PRO A 3646 53.93 50.61 73.58
CA PRO A 3646 54.57 49.67 74.53
C PRO A 3646 55.28 48.53 73.83
N THR A 3647 56.36 48.07 74.47
CA THR A 3647 57.26 47.13 73.84
C THR A 3647 56.57 45.82 73.48
N HIS A 3648 55.61 45.38 74.31
CA HIS A 3648 54.97 44.10 74.04
C HIS A 3648 54.07 44.16 72.80
N ARG A 3649 53.28 45.24 72.67
CA ARG A 3649 52.50 45.42 71.45
C ARG A 3649 53.41 45.57 70.24
N ALA A 3650 54.50 46.32 70.40
CA ALA A 3650 55.44 46.46 69.30
C ALA A 3650 56.03 45.11 68.89
N CYS A 3651 56.33 44.25 69.87
CA CYS A 3651 56.85 42.93 69.58
C CYS A 3651 55.82 42.08 68.84
N ASN A 3652 54.56 42.14 69.25
CA ASN A 3652 53.53 41.37 68.56
C ASN A 3652 53.39 41.84 67.11
N MET A 3653 53.38 43.15 66.90
CA MET A 3653 53.29 43.67 65.54
C MET A 3653 54.50 43.26 64.71
N PHE A 3654 55.70 43.31 65.32
CA PHE A 3654 56.90 42.89 64.60
C PHE A 3654 56.83 41.42 64.23
N LEU A 3655 56.34 40.58 65.15
CA LEU A 3655 56.21 39.16 64.85
C LEU A 3655 55.27 38.95 63.66
N GLU A 3656 54.12 39.63 63.67
CA GLU A 3656 53.18 39.48 62.56
C GLU A 3656 53.81 39.93 61.25
N SER A 3657 54.48 41.09 61.26
CA SER A 3657 55.06 41.61 60.02
C SER A 3657 56.19 40.72 59.52
N TYR A 3658 57.05 40.24 60.42
CA TYR A 3658 58.13 39.35 60.03
C TYR A 3658 57.58 38.06 59.44
N LYS A 3659 56.57 37.48 60.09
CA LYS A 3659 55.94 36.29 59.55
C LYS A 3659 55.38 36.54 58.15
N ALA A 3660 54.70 37.66 57.95
CA ALA A 3660 54.07 37.96 56.67
C ALA A 3660 55.08 38.23 55.56
N SER A 3661 56.19 38.92 55.85
CA SER A 3661 57.07 39.43 54.81
C SER A 3661 58.36 38.64 54.62
N TRP A 3662 58.92 38.05 55.67
CA TRP A 3662 60.18 37.33 55.56
C TRP A 3662 60.00 35.81 55.60
N ILE A 3663 59.36 35.28 56.63
CA ILE A 3663 59.20 33.84 56.74
C ILE A 3663 58.36 33.30 55.59
N LEU A 3664 57.25 33.97 55.31
CA LEU A 3664 56.33 33.48 54.27
C LEU A 3664 56.92 33.62 52.88
N THR A 3665 57.63 34.73 52.61
CA THR A 3665 58.19 34.93 51.28
C THR A 3665 59.33 33.96 50.99
N GLU A 3666 60.07 33.53 52.01
CA GLU A 3666 61.15 32.59 51.80
C GLU A 3666 60.62 31.32 51.14
N ASP A 3667 61.33 30.86 50.11
CA ASP A 3667 60.91 29.70 49.34
C ASP A 3667 61.89 28.55 49.55
N HIS A 3668 61.33 27.36 49.83
CA HIS A 3668 62.12 26.16 50.03
C HIS A 3668 61.42 25.00 49.34
N SER A 3669 62.11 24.35 48.40
CA SER A 3669 61.53 23.27 47.61
C SER A 3669 62.04 21.93 48.14
N PHE A 3670 61.35 21.44 49.18
CA PHE A 3670 61.67 20.15 49.76
C PHE A 3670 60.86 19.01 49.16
N GLU A 3671 59.91 19.31 48.27
CA GLU A 3671 58.98 18.28 47.80
C GLU A 3671 59.71 17.22 46.98
N ASP A 3672 60.54 17.63 46.04
CA ASP A 3672 61.25 16.66 45.20
C ASP A 3672 62.14 15.77 46.05
N ARG A 3673 62.92 16.37 46.95
CA ARG A 3673 63.81 15.59 47.80
C ARG A 3673 63.02 14.62 48.67
N MET A 3674 61.93 15.08 49.27
CA MET A 3674 61.15 14.23 50.14
C MET A 3674 60.54 13.06 49.37
N ILE A 3675 59.99 13.33 48.18
CA ILE A 3675 59.38 12.26 47.39
C ILE A 3675 60.42 11.26 46.95
N ASP A 3676 61.59 11.73 46.51
CA ASP A 3676 62.64 10.80 46.10
C ASP A 3676 63.09 9.94 47.28
N ASP A 3677 63.29 10.55 48.45
CA ASP A 3677 63.71 9.79 49.61
C ASP A 3677 62.67 8.75 50.01
N LEU A 3678 61.40 9.14 49.99
CA LEU A 3678 60.33 8.20 50.34
C LEU A 3678 60.16 7.10 49.31
N SER A 3679 60.44 7.39 48.03
CA SER A 3679 60.29 6.38 46.99
C SER A 3679 61.43 5.37 47.03
N LYS A 3680 62.65 5.83 47.30
CA LYS A 3680 63.79 4.91 47.32
C LYS A 3680 63.59 3.87 48.42
N ALA A 3681 63.65 2.59 48.04
CA ALA A 3681 63.61 1.48 48.98
C ALA A 3681 65.04 1.05 49.34
N GLY A 3682 65.14 0.25 50.40
CA GLY A 3682 66.45 -0.11 50.91
C GLY A 3682 66.64 -1.57 51.23
N GLU A 3683 67.85 -2.08 50.93
CA GLU A 3683 68.30 -3.41 51.34
C GLU A 3683 67.29 -4.51 51.04
N GLN A 3684 66.59 -4.40 49.90
CA GLN A 3684 65.74 -5.51 49.47
C GLN A 3684 66.57 -6.76 49.18
N GLU A 3685 67.80 -6.56 48.71
CA GLU A 3685 68.70 -7.70 48.48
C GLU A 3685 69.00 -8.43 49.79
N GLU A 3686 68.86 -7.75 50.92
CA GLU A 3686 69.06 -8.40 52.20
C GLU A 3686 67.99 -9.48 52.44
N GLU A 3687 66.73 -9.15 52.13
CA GLU A 3687 65.66 -10.12 52.32
C GLU A 3687 65.65 -11.18 51.22
N GLU A 3688 65.99 -10.79 49.99
CA GLU A 3688 65.96 -11.69 48.85
C GLU A 3688 64.57 -12.32 48.68
N GLU A 3689 63.55 -11.47 48.68
CA GLU A 3689 62.18 -11.96 48.48
C GLU A 3689 62.06 -12.52 47.08
N GLU A 3690 62.02 -13.85 46.96
CA GLU A 3690 62.03 -14.49 45.65
C GLU A 3690 60.84 -14.06 44.80
N VAL A 3691 59.67 -13.91 45.41
CA VAL A 3691 58.48 -13.51 44.68
C VAL A 3691 58.67 -12.08 44.19
N GLU A 3692 58.16 -11.79 43.00
CA GLU A 3692 58.34 -10.46 42.42
C GLU A 3692 57.71 -9.39 43.30
N GLU A 3693 56.55 -9.67 43.86
CA GLU A 3693 55.92 -8.72 44.78
C GLU A 3693 56.80 -8.52 46.00
N LYS A 3694 56.96 -7.28 46.42
CA LYS A 3694 57.82 -6.93 47.55
C LYS A 3694 57.05 -6.03 48.50
N LYS A 3695 57.59 -5.87 49.70
CA LYS A 3695 56.94 -5.03 50.69
C LYS A 3695 56.83 -3.61 50.15
N PRO A 3696 55.69 -2.94 50.32
CA PRO A 3696 55.56 -1.57 49.80
C PRO A 3696 56.62 -0.65 50.40
N ASP A 3697 57.17 0.21 49.55
CA ASP A 3697 58.15 1.19 50.00
C ASP A 3697 57.42 2.32 50.73
N PRO A 3698 58.13 3.18 51.46
CA PRO A 3698 57.44 4.14 52.34
C PRO A 3698 56.39 4.98 51.62
N LEU A 3699 56.66 5.43 50.40
CA LEU A 3699 55.67 6.21 49.67
C LEU A 3699 54.41 5.38 49.40
N HIS A 3700 54.60 4.13 48.98
CA HIS A 3700 53.46 3.25 48.76
C HIS A 3700 52.68 3.05 50.05
N GLN A 3701 53.38 2.89 51.18
CA GLN A 3701 52.69 2.70 52.45
C GLN A 3701 51.90 3.93 52.84
N LEU A 3702 52.45 5.13 52.59
CA LEU A 3702 51.72 6.36 52.87
C LEU A 3702 50.46 6.44 52.03
N VAL A 3703 50.59 6.15 50.73
CA VAL A 3703 49.42 6.19 49.84
C VAL A 3703 48.38 5.17 50.31
N LEU A 3704 48.82 3.98 50.73
CA LEU A 3704 47.90 2.97 51.20
C LEU A 3704 47.19 3.40 52.48
N HIS A 3705 47.91 4.07 53.39
CA HIS A 3705 47.28 4.58 54.60
C HIS A 3705 46.20 5.60 54.27
N PHE A 3706 46.50 6.52 53.36
CA PHE A 3706 45.47 7.48 52.96
C PHE A 3706 44.31 6.78 52.26
N SER A 3707 44.59 5.73 51.49
CA SER A 3707 43.53 4.98 50.85
C SER A 3707 42.62 4.32 51.87
N ARG A 3708 43.20 3.75 52.93
CA ARG A 3708 42.39 3.19 54.00
C ARG A 3708 41.53 4.26 54.65
N THR A 3709 42.12 5.42 54.93
CA THR A 3709 41.34 6.50 55.55
C THR A 3709 40.17 6.90 54.66
N ALA A 3710 40.40 6.98 53.35
CA ALA A 3710 39.32 7.30 52.44
C ALA A 3710 38.26 6.21 52.41
N LEU A 3711 38.68 4.94 52.41
CA LEU A 3711 37.75 3.83 52.27
C LEU A 3711 36.94 3.57 53.52
N THR A 3712 37.40 4.02 54.69
CA THR A 3712 36.68 3.76 55.93
C THR A 3712 35.23 4.23 55.81
N GLU A 3713 34.31 3.34 56.17
CA GLU A 3713 32.88 3.68 56.13
C GLU A 3713 32.58 4.71 57.21
N LYS A 3714 31.96 5.82 56.83
CA LYS A 3714 31.74 6.92 57.75
C LYS A 3714 30.72 7.88 57.13
N SER A 3715 30.16 8.75 57.98
CA SER A 3715 29.18 9.73 57.54
C SER A 3715 29.79 10.90 56.78
N LYS A 3716 30.89 11.44 57.27
CA LYS A 3716 31.51 12.61 56.65
C LYS A 3716 33.03 12.45 56.67
N LEU A 3717 33.68 13.27 55.85
CA LEU A 3717 35.14 13.27 55.74
C LEU A 3717 35.70 14.41 56.59
N ASP A 3718 36.52 14.08 57.57
CA ASP A 3718 37.13 15.10 58.41
C ASP A 3718 38.24 15.82 57.68
N GLU A 3719 38.57 17.01 58.16
CA GLU A 3719 39.65 17.81 57.60
C GLU A 3719 40.97 17.33 58.21
N ASP A 3720 41.78 16.63 57.41
CA ASP A 3720 43.02 16.03 57.86
C ASP A 3720 44.20 16.84 57.35
N TYR A 3721 44.87 17.54 58.25
CA TYR A 3721 46.00 18.38 57.85
C TYR A 3721 47.12 17.53 57.25
N LEU A 3722 47.32 16.32 57.77
CA LEU A 3722 48.35 15.45 57.21
C LEU A 3722 48.09 15.15 55.75
N TYR A 3723 46.86 14.77 55.41
CA TYR A 3723 46.52 14.54 54.02
C TYR A 3723 46.64 15.81 53.20
N MET A 3724 46.15 16.93 53.73
CA MET A 3724 46.19 18.18 52.97
C MET A 3724 47.61 18.61 52.67
N ALA A 3725 48.57 18.25 53.53
CA ALA A 3725 49.96 18.61 53.29
C ALA A 3725 50.64 17.60 52.36
N TYR A 3726 50.40 16.31 52.57
CA TYR A 3726 51.06 15.30 51.76
C TYR A 3726 50.55 15.32 50.32
N ALA A 3727 49.25 15.58 50.14
CA ALA A 3727 48.72 15.72 48.80
C ALA A 3727 49.36 16.90 48.08
N ASP A 3728 49.56 18.02 48.78
CA ASP A 3728 50.24 19.16 48.18
C ASP A 3728 51.67 18.81 47.81
N ILE A 3729 52.36 18.07 48.67
CA ILE A 3729 53.74 17.66 48.37
C ILE A 3729 53.77 16.80 47.12
N MET A 3730 52.89 15.81 47.04
CA MET A 3730 52.84 14.95 45.86
C MET A 3730 52.49 15.74 44.61
N ALA A 3731 51.55 16.69 44.72
CA ALA A 3731 51.17 17.49 43.57
C ALA A 3731 52.35 18.33 43.07
N LYS A 3732 53.08 18.97 43.99
CA LYS A 3732 54.24 19.74 43.57
C LYS A 3732 55.37 18.87 43.07
N SER A 3733 55.37 17.58 43.43
CA SER A 3733 56.39 16.68 42.90
C SER A 3733 56.40 16.69 41.38
N CYS A 3734 55.24 16.87 40.76
CA CYS A 3734 55.11 16.91 39.30
C CYS A 3734 55.18 18.38 38.86
N HIS A 3735 56.36 18.78 38.38
CA HIS A 3735 56.61 20.20 38.13
C HIS A 3735 55.75 20.74 37.00
N LEU A 3736 55.73 20.07 35.85
CA LEU A 3736 55.09 20.58 34.65
C LEU A 3736 55.76 21.89 34.21
N GLU A 3737 57.07 21.81 34.02
CA GLU A 3737 57.86 22.95 33.58
C GLU A 3737 57.55 23.29 32.12
N VAL A 3752 60.49 32.12 24.15
CA VAL A 3752 61.35 31.44 23.19
C VAL A 3752 61.05 29.93 23.21
N GLU A 3753 60.80 29.37 22.02
CA GLU A 3753 60.58 27.94 21.91
C GLU A 3753 61.88 27.18 22.19
N VAL A 3754 61.77 26.14 23.02
CA VAL A 3754 62.93 25.34 23.37
C VAL A 3754 63.20 24.35 22.24
N SER A 3755 64.37 23.72 22.27
CA SER A 3755 64.69 22.72 21.27
C SER A 3755 63.74 21.53 21.39
N PHE A 3756 63.56 20.83 20.26
CA PHE A 3756 62.68 19.66 20.23
C PHE A 3756 63.15 18.57 21.18
N GLU A 3757 64.45 18.37 21.32
CA GLU A 3757 64.96 17.44 22.32
C GLU A 3757 64.66 17.93 23.73
N GLU A 3758 64.82 19.23 23.96
CA GLU A 3758 64.49 19.81 25.26
C GLU A 3758 63.05 19.50 25.63
N LYS A 3759 62.13 19.66 24.67
CA LYS A 3759 60.71 19.50 24.97
C LYS A 3759 60.36 18.05 25.29
N GLU A 3760 60.83 17.11 24.47
CA GLU A 3760 60.58 15.69 24.73
C GLU A 3760 61.20 15.25 26.04
N MET A 3761 62.39 15.75 26.34
CA MET A 3761 63.10 15.44 27.57
C MET A 3761 62.37 15.97 28.81
N GLU A 3762 61.80 17.17 28.72
CA GLU A 3762 60.92 17.65 29.78
C GLU A 3762 59.69 16.75 29.92
N LYS A 3763 59.09 16.36 28.80
CA LYS A 3763 57.96 15.44 28.86
C LYS A 3763 58.33 14.16 29.59
N GLN A 3764 59.54 13.66 29.34
CA GLN A 3764 59.97 12.43 29.99
C GLN A 3764 60.09 12.59 31.49
N ARG A 3765 60.63 13.71 31.98
CA ARG A 3765 60.59 13.90 33.43
C ARG A 3765 59.17 13.98 33.95
N LEU A 3766 58.28 14.69 33.25
CA LEU A 3766 56.92 14.79 33.78
C LEU A 3766 56.30 13.40 33.88
N LEU A 3767 56.51 12.57 32.86
CA LEU A 3767 55.99 11.20 32.88
C LEU A 3767 56.61 10.39 34.02
N TYR A 3768 57.92 10.51 34.24
CA TYR A 3768 58.57 9.75 35.31
C TYR A 3768 58.04 10.19 36.68
N GLN A 3769 57.85 11.49 36.86
CA GLN A 3769 57.36 11.99 38.14
C GLN A 3769 55.92 11.54 38.38
N GLN A 3770 55.10 11.49 37.32
CA GLN A 3770 53.74 10.99 37.48
C GLN A 3770 53.74 9.48 37.70
N SER A 3771 54.73 8.78 37.14
CA SER A 3771 54.88 7.35 37.39
C SER A 3771 55.19 7.08 38.85
N ARG A 3772 56.09 7.87 39.44
CA ARG A 3772 56.43 7.67 40.85
C ARG A 3772 55.17 7.62 41.70
N LEU A 3773 54.16 8.42 41.34
CA LEU A 3773 52.94 8.46 42.14
C LEU A 3773 51.96 7.36 41.72
N HIS A 3774 51.55 7.34 40.45
CA HIS A 3774 50.42 6.48 40.10
C HIS A 3774 50.84 5.01 40.04
N ASN A 3775 52.14 4.74 40.07
CA ASN A 3775 52.58 3.35 40.22
C ASN A 3775 52.36 2.86 41.65
N ARG A 3776 52.05 3.76 42.58
CA ARG A 3776 51.87 3.43 43.98
C ARG A 3776 50.43 3.61 44.45
N GLY A 3777 49.47 3.76 43.55
CA GLY A 3777 48.08 3.86 43.92
C GLY A 3777 47.53 5.26 44.09
N ALA A 3778 48.25 6.29 43.62
CA ALA A 3778 47.77 7.65 43.79
C ALA A 3778 46.47 7.90 43.05
N ALA A 3779 46.28 7.30 41.87
CA ALA A 3779 45.03 7.46 41.15
C ALA A 3779 43.85 6.89 41.92
N GLU A 3780 44.00 5.68 42.45
CA GLU A 3780 42.94 5.09 43.26
C GLU A 3780 42.69 5.92 44.51
N MET A 3781 43.75 6.45 45.12
CA MET A 3781 43.58 7.31 46.28
C MET A 3781 42.78 8.55 45.93
N VAL A 3782 43.07 9.16 44.78
CA VAL A 3782 42.35 10.37 44.37
C VAL A 3782 40.88 10.06 44.14
N LEU A 3783 40.60 8.96 43.43
CA LEU A 3783 39.21 8.59 43.19
C LEU A 3783 38.48 8.30 44.50
N GLN A 3784 39.14 7.57 45.41
CA GLN A 3784 38.51 7.24 46.69
C GLN A 3784 38.24 8.51 47.50
N MET A 3785 39.16 9.47 47.48
CA MET A 3785 38.97 10.70 48.24
C MET A 3785 37.83 11.52 47.65
N ILE A 3786 37.76 11.60 46.32
CA ILE A 3786 36.66 12.33 45.69
C ILE A 3786 35.33 11.67 45.99
N SER A 3787 35.31 10.34 46.06
CA SER A 3787 34.07 9.65 46.43
C SER A 3787 33.74 9.84 47.90
N ALA A 3788 34.75 9.93 48.77
CA ALA A 3788 34.52 10.02 50.20
C ALA A 3788 34.07 11.42 50.60
N CYS A 3789 34.50 12.45 49.86
CA CYS A 3789 34.10 13.80 50.22
C CYS A 3789 32.60 13.96 50.25
N LYS A 3790 31.87 13.11 49.49
CA LYS A 3790 30.41 13.06 49.52
C LYS A 3790 29.79 14.40 49.14
N GLY A 3791 30.46 15.13 48.25
CA GLY A 3791 29.87 16.31 47.64
C GLY A 3791 29.94 17.58 48.46
N GLU A 3792 30.62 17.58 49.61
CA GLU A 3792 30.82 18.78 50.40
C GLU A 3792 32.16 19.40 50.05
N THR A 3793 32.13 20.62 49.56
CA THR A 3793 33.36 21.31 49.15
C THR A 3793 34.24 21.60 50.35
N GLY A 3794 35.54 21.67 50.11
CA GLY A 3794 36.47 22.00 51.19
C GLY A 3794 37.90 21.85 50.72
N ALA A 3795 38.81 22.11 51.66
CA ALA A 3795 40.23 21.99 51.37
C ALA A 3795 40.60 20.56 51.01
N MET A 3796 39.92 19.57 51.60
CA MET A 3796 40.24 18.18 51.30
C MET A 3796 40.00 17.88 49.83
N VAL A 3797 38.80 18.20 49.33
CA VAL A 3797 38.50 17.93 47.92
C VAL A 3797 39.34 18.83 47.01
N SER A 3798 39.63 20.07 47.44
CA SER A 3798 40.50 20.91 46.63
C SER A 3798 41.87 20.28 46.44
N SER A 3799 42.47 19.80 47.52
CA SER A 3799 43.78 19.15 47.43
C SER A 3799 43.70 17.87 46.61
N THR A 3800 42.62 17.10 46.77
CA THR A 3800 42.46 15.88 45.99
C THR A 3800 42.40 16.20 44.50
N LEU A 3801 41.63 17.22 44.13
CA LEU A 3801 41.53 17.61 42.72
C LEU A 3801 42.86 18.11 42.19
N LYS A 3802 43.60 18.88 43.00
CA LYS A 3802 44.91 19.35 42.57
C LYS A 3802 45.86 18.18 42.34
N LEU A 3803 45.84 17.20 43.24
CA LEU A 3803 46.69 16.01 43.06
C LEU A 3803 46.31 15.25 41.79
N GLY A 3804 45.01 15.09 41.55
CA GLY A 3804 44.56 14.44 40.34
C GLY A 3804 45.00 15.17 39.09
N ILE A 3805 44.88 16.50 39.08
CA ILE A 3805 45.35 17.28 37.94
C ILE A 3805 46.85 17.09 37.76
N SER A 3806 47.60 17.09 38.86
CA SER A 3806 49.04 16.94 38.77
C SER A 3806 49.41 15.60 38.13
N ILE A 3807 48.74 14.53 38.53
CA ILE A 3807 49.09 13.22 38.00
C ILE A 3807 48.49 12.98 36.62
N LEU A 3808 47.49 13.77 36.22
CA LEU A 3808 46.89 13.63 34.90
C LEU A 3808 47.41 14.62 33.87
N ASN A 3809 48.24 15.58 34.27
CA ASN A 3809 48.69 16.61 33.36
C ASN A 3809 49.33 15.99 32.12
N GLY A 3810 48.97 16.52 30.95
CA GLY A 3810 49.44 15.97 29.70
C GLY A 3810 48.63 14.80 29.18
N GLY A 3811 47.46 14.54 29.75
CA GLY A 3811 46.63 13.44 29.30
C GLY A 3811 47.30 12.09 29.47
N ASN A 3812 47.85 11.84 30.66
CA ASN A 3812 48.56 10.60 30.90
C ASN A 3812 47.64 9.40 30.66
N ALA A 3813 47.93 8.64 29.60
CA ALA A 3813 47.05 7.54 29.23
C ALA A 3813 47.11 6.41 30.25
N GLU A 3814 48.28 6.14 30.81
CA GLU A 3814 48.40 5.09 31.81
C GLU A 3814 47.57 5.43 33.05
N VAL A 3815 47.63 6.68 33.50
CA VAL A 3815 46.81 7.10 34.63
C VAL A 3815 45.33 7.03 34.27
N GLN A 3816 44.98 7.43 33.04
CA GLN A 3816 43.59 7.37 32.63
C GLN A 3816 43.06 5.95 32.68
N GLN A 3817 43.83 4.99 32.17
CA GLN A 3817 43.43 3.59 32.22
C GLN A 3817 43.38 3.07 33.66
N LYS A 3818 44.33 3.45 34.50
CA LYS A 3818 44.30 3.04 35.90
C LYS A 3818 43.04 3.53 36.60
N MET A 3819 42.63 4.77 36.34
CA MET A 3819 41.41 5.30 36.91
C MET A 3819 40.16 4.60 36.35
N LEU A 3820 40.11 4.39 35.03
CA LEU A 3820 38.96 3.76 34.43
C LEU A 3820 38.78 2.34 34.95
N ASP A 3821 39.86 1.57 35.03
CA ASP A 3821 39.76 0.20 35.51
C ASP A 3821 39.22 0.15 36.93
N TYR A 3822 39.74 1.02 37.80
CA TYR A 3822 39.26 1.06 39.17
C TYR A 3822 37.79 1.41 39.24
N LEU A 3823 37.36 2.44 38.49
CA LEU A 3823 35.96 2.84 38.54
C LEU A 3823 35.05 1.72 38.04
N LYS A 3824 35.39 1.12 36.90
CA LYS A 3824 34.55 0.08 36.34
C LYS A 3824 34.52 -1.15 37.25
N ASP A 3825 35.65 -1.49 37.88
CA ASP A 3825 35.70 -2.65 38.74
C ASP A 3825 34.90 -2.44 40.02
N LYS A 3826 35.01 -1.27 40.65
CA LYS A 3826 34.32 -1.07 41.92
C LYS A 3826 32.84 -0.79 41.71
N LYS A 3827 32.47 -0.18 40.58
CA LYS A 3827 31.08 0.11 40.25
C LYS A 3827 30.38 0.95 41.32
N GLU A 3828 31.09 1.90 41.92
CA GLU A 3828 30.49 2.74 42.94
C GLU A 3828 29.87 3.98 42.31
N VAL A 3829 28.71 4.40 42.81
CA VAL A 3829 28.06 5.62 42.34
C VAL A 3829 28.50 6.85 43.13
N GLY A 3830 29.17 6.65 44.27
CA GLY A 3830 29.53 7.79 45.11
C GLY A 3830 30.42 8.78 44.39
N PHE A 3831 31.34 8.29 43.55
CA PHE A 3831 32.25 9.18 42.85
C PHE A 3831 31.49 10.20 42.00
N PHE A 3832 30.59 9.72 41.15
CA PHE A 3832 29.89 10.64 40.24
C PHE A 3832 28.82 11.42 40.98
N GLN A 3833 28.23 10.84 42.02
CA GLN A 3833 27.30 11.63 42.83
C GLN A 3833 28.01 12.81 43.49
N SER A 3834 29.23 12.57 44.00
CA SER A 3834 30.00 13.66 44.60
C SER A 3834 30.39 14.69 43.56
N ILE A 3835 30.80 14.24 42.37
CA ILE A 3835 31.15 15.18 41.31
C ILE A 3835 29.95 16.06 40.97
N GLN A 3836 28.78 15.45 40.81
CA GLN A 3836 27.57 16.20 40.50
C GLN A 3836 27.21 17.18 41.61
N ALA A 3837 27.32 16.76 42.87
CA ALA A 3837 27.04 17.67 43.97
C ALA A 3837 28.01 18.84 43.98
N LEU A 3838 29.29 18.57 43.71
CA LEU A 3838 30.27 19.65 43.67
C LEU A 3838 29.95 20.63 42.55
N MET A 3839 29.56 20.13 41.38
CA MET A 3839 29.15 21.03 40.31
C MET A 3839 27.94 21.86 40.72
N GLN A 3840 26.95 21.23 41.34
CA GLN A 3840 25.77 21.99 41.77
C GLN A 3840 26.14 23.04 42.80
N THR A 3841 27.18 22.78 43.60
CA THR A 3841 27.65 23.75 44.59
C THR A 3841 28.54 24.83 43.98
N CYS A 3842 29.10 24.61 42.80
CA CYS A 3842 29.93 25.63 42.17
C CYS A 3842 29.14 26.91 41.99
N SER A 3843 29.79 28.05 42.25
CA SER A 3843 29.10 29.34 42.26
C SER A 3843 29.29 30.08 40.94
N VAL A 3844 28.53 31.16 40.78
CA VAL A 3844 28.57 32.00 39.59
C VAL A 3844 28.55 33.46 40.04
N LEU A 3845 28.64 34.36 39.06
CA LEU A 3845 28.63 35.78 39.35
C LEU A 3845 27.33 36.17 40.05
N ASP A 3846 27.44 36.97 41.11
CA ASP A 3846 26.30 37.38 41.91
C ASP A 3846 26.27 38.90 42.03
N LEU A 3847 25.24 39.52 41.44
CA LEU A 3847 25.15 40.97 41.45
C LEU A 3847 24.84 41.53 42.83
N ASN A 3848 24.02 40.84 43.63
CA ASN A 3848 23.78 41.30 44.99
C ASN A 3848 25.07 41.32 45.79
N ALA A 3849 25.87 40.25 45.69
CA ALA A 3849 27.16 40.21 46.35
C ALA A 3849 28.10 41.29 45.83
N PHE A 3850 28.09 41.53 44.51
CA PHE A 3850 28.91 42.60 43.96
C PHE A 3850 28.54 43.95 44.54
N GLU A 3851 27.23 44.23 44.63
CA GLU A 3851 26.79 45.51 45.19
C GLU A 3851 27.18 45.63 46.66
N ARG A 3852 27.00 44.55 47.42
CA ARG A 3852 27.38 44.57 48.83
C ARG A 3852 28.88 44.86 48.98
N GLN A 3853 29.71 44.19 48.17
CA GLN A 3853 31.15 44.42 48.26
C GLN A 3853 31.50 45.84 47.85
N ASN A 3854 30.86 46.37 46.81
CA ASN A 3854 31.13 47.74 46.39
C ASN A 3854 30.80 48.72 47.52
N LYS A 3855 29.64 48.57 48.15
CA LYS A 3855 29.27 49.47 49.23
C LYS A 3855 30.22 49.34 50.41
N ALA A 3856 30.58 48.11 50.77
CA ALA A 3856 31.51 47.91 51.87
C ALA A 3856 32.85 48.56 51.60
N GLU A 3857 33.37 48.39 50.38
CA GLU A 3857 34.63 49.03 50.02
C GLU A 3857 34.50 50.55 50.06
N GLY A 3858 33.38 51.09 49.59
CA GLY A 3858 33.14 52.51 49.63
C GLY A 3858 33.20 53.05 51.04
N LEU A 3859 32.51 52.38 51.97
CA LEU A 3859 32.62 52.74 53.38
C LEU A 3859 34.05 52.50 53.86
N GLY A 3860 34.53 53.40 54.72
CA GLY A 3860 35.91 53.36 55.21
C GLY A 3860 35.97 53.52 56.72
N MET A 3861 37.04 52.99 57.31
CA MET A 3861 37.30 53.11 58.74
C MET A 3861 37.77 54.52 59.07
N VAL A 3862 37.16 55.11 60.10
CA VAL A 3862 37.72 56.31 60.70
C VAL A 3862 38.94 55.96 61.53
N ASN A 3863 38.94 54.77 62.14
CA ASN A 3863 40.03 54.34 63.00
C ASN A 3863 41.28 54.03 62.17
N GLU A 3864 42.41 53.96 62.87
CA GLU A 3864 43.68 53.71 62.20
C GLU A 3864 43.70 52.32 61.57
N ASP A 3865 44.28 52.23 60.36
CA ASP A 3865 44.29 50.98 59.63
C ASP A 3865 44.90 49.84 60.45
N GLY A 3866 45.99 50.12 61.16
CA GLY A 3866 46.62 49.07 61.96
C GLY A 3866 45.70 48.54 63.03
N THR A 3867 44.91 49.43 63.65
CA THR A 3867 44.04 49.02 64.75
C THR A 3867 42.80 48.26 64.28
N VAL A 3868 42.27 48.61 63.10
CA VAL A 3868 40.99 48.07 62.64
C VAL A 3868 41.18 47.37 61.31
N ILE A 3869 40.15 46.66 60.84
CA ILE A 3869 40.27 45.85 59.64
C ILE A 3869 40.58 46.72 58.43
N ASN A 3870 39.85 47.83 58.26
CA ASN A 3870 40.04 48.74 57.13
C ASN A 3870 39.71 48.06 55.80
N ARG A 3871 38.56 47.40 55.74
CA ARG A 3871 38.00 46.91 54.49
C ARG A 3871 38.90 45.88 53.81
N GLN A 3872 39.40 44.92 54.58
CA GLN A 3872 40.08 43.75 54.06
C GLN A 3872 39.22 42.52 54.34
N ASN A 3873 38.51 42.06 53.32
CA ASN A 3873 37.70 40.85 53.42
C ASN A 3873 37.76 40.12 52.08
N GLY A 3874 37.60 38.80 52.15
CA GLY A 3874 37.68 37.97 50.96
C GLY A 3874 36.59 38.33 49.96
N GLU A 3875 36.95 38.23 48.68
CA GLU A 3875 35.98 38.53 47.63
C GLU A 3875 34.78 37.61 47.73
N LYS A 3876 33.60 38.20 47.70
CA LYS A 3876 32.35 37.45 47.79
C LYS A 3876 31.69 37.23 46.43
N VAL A 3877 32.31 37.66 45.35
CA VAL A 3877 31.81 37.43 44.00
C VAL A 3877 32.60 36.28 43.39
N MET A 3878 31.94 35.15 43.17
CA MET A 3878 32.59 33.95 42.64
C MET A 3878 33.86 33.63 43.42
N ALA A 3879 33.69 33.34 44.72
CA ALA A 3879 34.83 33.11 45.58
C ALA A 3879 35.55 31.81 45.26
N ASP A 3880 34.85 30.84 44.65
CA ASP A 3880 35.41 29.53 44.38
C ASP A 3880 35.76 29.33 42.91
N ASP A 3881 36.21 30.37 42.23
CA ASP A 3881 36.60 30.26 40.83
C ASP A 3881 37.74 29.26 40.67
N GLU A 3882 38.71 29.29 41.59
CA GLU A 3882 39.83 28.38 41.50
C GLU A 3882 39.37 26.93 41.61
N PHE A 3883 38.47 26.64 42.55
CA PHE A 3883 37.99 25.28 42.72
C PHE A 3883 37.16 24.83 41.53
N THR A 3884 36.32 25.74 40.99
CA THR A 3884 35.56 25.40 39.80
C THR A 3884 36.47 25.05 38.64
N GLN A 3885 37.49 25.88 38.41
CA GLN A 3885 38.45 25.60 37.35
C GLN A 3885 39.19 24.31 37.59
N ASP A 3886 39.57 24.01 38.84
CA ASP A 3886 40.24 22.75 39.13
C ASP A 3886 39.35 21.56 38.80
N LEU A 3887 38.08 21.62 39.21
CA LEU A 3887 37.16 20.53 38.92
C LEU A 3887 37.03 20.31 37.42
N PHE A 3888 36.78 21.39 36.66
CA PHE A 3888 36.56 21.22 35.23
C PHE A 3888 37.85 20.84 34.51
N ARG A 3889 39.01 21.28 35.01
CA ARG A 3889 40.28 20.86 34.43
C ARG A 3889 40.53 19.38 34.69
N PHE A 3890 40.16 18.89 35.88
CA PHE A 3890 40.27 17.46 36.14
C PHE A 3890 39.39 16.66 35.17
N LEU A 3891 38.14 17.11 34.98
CA LEU A 3891 37.26 16.39 34.07
C LEU A 3891 37.77 16.46 32.63
N GLN A 3892 38.36 17.58 32.22
CA GLN A 3892 38.95 17.67 30.89
C GLN A 3892 40.14 16.74 30.76
N LEU A 3893 41.04 16.74 31.75
CA LEU A 3893 42.22 15.89 31.69
C LEU A 3893 41.83 14.43 31.62
N LEU A 3894 40.70 14.06 32.22
CA LEU A 3894 40.23 12.68 32.11
C LEU A 3894 40.06 12.28 30.64
N CYS A 3895 39.48 13.17 29.83
CA CYS A 3895 39.17 12.85 28.43
C CYS A 3895 40.21 13.33 27.44
N GLU A 3896 41.26 14.02 27.89
CA GLU A 3896 42.27 14.49 26.95
C GLU A 3896 42.91 13.31 26.21
N GLY A 3897 43.22 13.52 24.94
CA GLY A 3897 43.72 12.47 24.08
C GLY A 3897 42.67 11.73 23.30
N HIS A 3898 41.44 12.24 23.26
CA HIS A 3898 40.33 11.58 22.57
C HIS A 3898 40.09 10.18 23.16
N ASN A 3899 40.03 10.10 24.48
CA ASN A 3899 39.79 8.82 25.13
C ASN A 3899 38.31 8.46 25.03
N ASN A 3900 37.99 7.59 24.09
CA ASN A 3900 36.59 7.23 23.84
C ASN A 3900 35.96 6.60 25.07
N ASP A 3901 36.73 5.80 25.81
CA ASP A 3901 36.16 5.11 26.96
C ASP A 3901 35.65 6.09 28.01
N PHE A 3902 36.47 7.07 28.38
CA PHE A 3902 35.99 8.10 29.30
C PHE A 3902 34.90 8.95 28.67
N GLN A 3903 35.05 9.29 27.39
CA GLN A 3903 34.05 10.12 26.74
C GLN A 3903 32.67 9.47 26.79
N ASN A 3904 32.64 8.14 26.84
CA ASN A 3904 31.36 7.43 26.97
C ASN A 3904 30.97 7.23 28.43
N TYR A 3905 31.95 6.94 29.29
CA TYR A 3905 31.66 6.68 30.70
C TYR A 3905 31.07 7.90 31.38
N LEU A 3906 31.63 9.08 31.12
CA LEU A 3906 31.11 10.29 31.74
C LEU A 3906 29.66 10.55 31.35
N ARG A 3907 29.21 9.98 30.23
CA ARG A 3907 27.82 10.13 29.83
C ARG A 3907 26.94 9.06 30.44
N THR A 3908 27.37 7.80 30.36
CA THR A 3908 26.60 6.69 30.91
C THR A 3908 27.56 5.68 31.54
N GLN A 3909 27.28 5.28 32.77
CA GLN A 3909 28.02 4.22 33.44
C GLN A 3909 27.21 2.93 33.34
N THR A 3910 27.69 1.99 32.54
CA THR A 3910 26.91 0.79 32.26
C THR A 3910 26.77 -0.10 33.50
N GLY A 3911 27.84 -0.28 34.26
CA GLY A 3911 27.81 -1.24 35.36
C GLY A 3911 27.10 -0.73 36.59
N ASN A 3912 27.09 0.59 36.79
CA ASN A 3912 26.54 1.15 38.02
C ASN A 3912 25.02 0.97 38.08
N THR A 3913 24.49 0.99 39.30
CA THR A 3913 23.05 0.88 39.48
C THR A 3913 22.32 2.07 38.88
N THR A 3914 22.88 3.27 39.04
CA THR A 3914 22.31 4.49 38.47
C THR A 3914 23.41 5.27 37.76
N THR A 3915 23.04 5.98 36.71
CA THR A 3915 23.99 6.76 35.93
C THR A 3915 23.75 8.25 36.12
N ILE A 3916 24.82 9.03 35.98
CA ILE A 3916 24.77 10.48 36.05
C ILE A 3916 25.42 11.03 34.79
N ASN A 3917 24.75 11.97 34.14
CA ASN A 3917 25.22 12.53 32.87
C ASN A 3917 26.08 13.75 33.18
N ILE A 3918 27.40 13.53 33.28
CA ILE A 3918 28.32 14.60 33.59
C ILE A 3918 28.30 15.65 32.48
N ILE A 3919 28.03 15.22 31.25
CA ILE A 3919 27.96 16.17 30.13
C ILE A 3919 26.82 17.15 30.37
N ILE A 3920 25.65 16.64 30.74
CA ILE A 3920 24.49 17.50 30.97
C ILE A 3920 24.72 18.35 32.22
N CYS A 3921 25.41 17.82 33.23
CA CYS A 3921 25.73 18.63 34.39
C CYS A 3921 26.61 19.81 34.01
N THR A 3922 27.62 19.56 33.16
CA THR A 3922 28.48 20.65 32.69
C THR A 3922 27.67 21.67 31.92
N VAL A 3923 26.75 21.20 31.07
CA VAL A 3923 25.90 22.11 30.30
C VAL A 3923 25.07 22.97 31.24
N ASP A 3924 24.51 22.37 32.30
CA ASP A 3924 23.69 23.12 33.24
C ASP A 3924 24.52 24.19 33.95
N TYR A 3925 25.74 23.84 34.37
CA TYR A 3925 26.58 24.85 35.00
C TYR A 3925 26.91 25.97 34.01
N LEU A 3926 27.17 25.61 32.75
CA LEU A 3926 27.46 26.64 31.75
C LEU A 3926 26.26 27.56 31.55
N LEU A 3927 25.05 27.00 31.60
CA LEU A 3927 23.85 27.83 31.49
C LEU A 3927 23.71 28.77 32.67
N ARG A 3928 23.96 28.28 33.88
CA ARG A 3928 23.94 29.16 35.04
C ARG A 3928 24.95 30.29 34.88
N LEU A 3929 26.15 29.95 34.40
CA LEU A 3929 27.18 30.95 34.19
C LEU A 3929 26.76 31.99 33.16
N GLN A 3930 26.13 31.56 32.07
CA GLN A 3930 25.78 32.51 31.01
C GLN A 3930 24.65 33.42 31.48
N GLU A 3931 23.71 32.88 32.27
CA GLU A 3931 22.70 33.76 32.86
C GLU A 3931 23.35 34.80 33.76
N SER A 3932 24.30 34.37 34.60
CA SER A 3932 24.97 35.32 35.49
C SER A 3932 25.71 36.39 34.70
N ILE A 3933 26.42 35.99 33.64
CA ILE A 3933 27.18 36.95 32.85
C ILE A 3933 26.24 37.91 32.13
N SER A 3934 25.12 37.42 31.61
CA SER A 3934 24.15 38.31 30.97
C SER A 3934 23.59 39.31 31.96
N ASP A 3935 23.27 38.87 33.19
CA ASP A 3935 22.79 39.80 34.20
C ASP A 3935 23.84 40.86 34.51
N PHE A 3936 25.11 40.46 34.62
CA PHE A 3936 26.17 41.42 34.93
C PHE A 3936 26.33 42.42 33.79
N TYR A 3937 26.26 41.94 32.54
CA TYR A 3937 26.35 42.86 31.41
C TYR A 3937 25.18 43.83 31.39
N TRP A 3938 23.97 43.35 31.70
CA TRP A 3938 22.84 44.26 31.77
C TRP A 3938 23.03 45.28 32.88
N TYR A 3939 23.66 44.88 33.99
CA TYR A 3939 23.98 45.83 35.04
C TYR A 3939 24.91 46.93 34.52
N TYR A 3940 25.95 46.55 33.78
CA TYR A 3940 26.96 47.51 33.33
C TYR A 3940 26.64 48.15 31.98
N SER A 3941 25.51 47.82 31.36
CA SER A 3941 25.19 48.40 30.06
C SER A 3941 25.03 49.91 30.14
N GLY A 3942 24.33 50.42 31.16
CA GLY A 3942 24.09 51.84 31.24
C GLY A 3942 25.37 52.65 31.44
N LYS A 3943 26.24 52.16 32.32
CA LYS A 3943 27.47 52.90 32.61
C LYS A 3943 28.35 52.97 31.38
N ASP A 3944 28.99 54.13 31.19
CA ASP A 3944 29.82 54.35 30.01
C ASP A 3944 31.14 53.60 30.09
N VAL A 3945 31.78 53.60 31.26
CA VAL A 3945 33.08 52.98 31.45
C VAL A 3945 32.98 51.96 32.58
N ILE A 3946 33.45 50.74 32.32
CA ILE A 3946 33.44 49.69 33.34
C ILE A 3946 34.58 49.93 34.32
N GLU A 3947 34.28 49.80 35.61
CA GLU A 3947 35.27 50.05 36.64
C GLU A 3947 36.19 48.84 36.81
N GLU A 3948 37.24 49.03 37.63
CA GLU A 3948 38.26 48.01 37.79
C GLU A 3948 37.70 46.73 38.39
N GLN A 3949 36.85 46.85 39.41
CA GLN A 3949 36.27 45.66 40.02
C GLN A 3949 35.36 44.93 39.05
N GLY A 3950 34.59 45.67 38.26
CA GLY A 3950 33.78 45.04 37.22
C GLY A 3950 34.63 44.29 36.21
N LYS A 3951 35.74 44.89 35.79
CA LYS A 3951 36.63 44.21 34.86
C LYS A 3951 37.21 42.95 35.48
N ARG A 3952 37.58 43.01 36.76
CA ARG A 3952 38.14 41.82 37.42
C ARG A 3952 37.11 40.70 37.50
N ASN A 3953 35.87 41.03 37.88
CA ASN A 3953 34.83 40.02 37.95
C ASN A 3953 34.55 39.43 36.56
N PHE A 3954 34.50 40.29 35.54
CA PHE A 3954 34.36 39.79 34.18
C PHE A 3954 35.50 38.83 33.83
N SER A 3955 36.73 39.18 34.19
CA SER A 3955 37.86 38.33 33.86
C SER A 3955 37.72 36.96 34.49
N LYS A 3956 37.36 36.91 35.78
CA LYS A 3956 37.19 35.62 36.42
C LYS A 3956 36.07 34.81 35.76
N ALA A 3957 34.94 35.46 35.47
CA ALA A 3957 33.82 34.75 34.86
C ALA A 3957 34.20 34.20 33.49
N MET A 3958 34.89 34.99 32.67
CA MET A 3958 35.27 34.53 31.35
C MET A 3958 36.32 33.43 31.43
N SER A 3959 37.22 33.48 32.41
CA SER A 3959 38.17 32.39 32.59
C SER A 3959 37.43 31.07 32.90
N VAL A 3960 36.46 31.13 33.81
CA VAL A 3960 35.71 29.93 34.15
C VAL A 3960 34.94 29.42 32.94
N ALA A 3961 34.31 30.33 32.19
CA ALA A 3961 33.57 29.92 31.00
C ALA A 3961 34.49 29.28 29.96
N LYS A 3962 35.69 29.86 29.79
CA LYS A 3962 36.67 29.28 28.88
C LYS A 3962 37.02 27.85 29.30
N GLN A 3963 37.25 27.63 30.59
CA GLN A 3963 37.56 26.28 31.04
C GLN A 3963 36.40 25.32 30.78
N VAL A 3964 35.17 25.78 31.02
CA VAL A 3964 34.02 24.90 30.78
C VAL A 3964 33.90 24.55 29.30
N PHE A 3965 34.11 25.54 28.42
CA PHE A 3965 34.08 25.25 26.99
C PHE A 3965 35.17 24.27 26.60
N ASN A 3966 36.37 24.43 27.15
CA ASN A 3966 37.44 23.48 26.85
C ASN A 3966 37.05 22.07 27.29
N SER A 3967 36.40 21.95 28.45
CA SER A 3967 35.96 20.64 28.92
C SER A 3967 34.91 20.04 27.98
N LEU A 3968 33.95 20.84 27.53
CA LEU A 3968 32.94 20.33 26.61
C LEU A 3968 33.57 19.89 25.29
N THR A 3969 34.49 20.69 24.76
CA THR A 3969 35.18 20.32 23.54
C THR A 3969 35.93 19.00 23.72
N GLU A 3970 36.58 18.82 24.88
CA GLU A 3970 37.28 17.57 25.14
C GLU A 3970 36.30 16.42 25.22
N TYR A 3971 35.12 16.64 25.79
CA TYR A 3971 34.11 15.59 25.83
C TYR A 3971 33.71 15.15 24.43
N ILE A 3972 33.49 16.10 23.53
CA ILE A 3972 32.88 15.76 22.25
C ILE A 3972 33.90 15.38 21.17
N GLN A 3973 35.14 15.86 21.24
CA GLN A 3973 36.10 15.56 20.18
C GLN A 3973 36.45 14.09 20.16
N GLY A 3974 36.88 13.62 18.98
CA GLY A 3974 37.34 12.26 18.81
C GLY A 3974 36.85 11.59 17.54
N PRO A 3975 35.60 11.84 17.13
CA PRO A 3975 34.44 12.38 17.84
C PRO A 3975 33.75 11.34 18.72
N CYS A 3976 32.99 11.78 19.71
CA CYS A 3976 32.13 10.89 20.49
C CYS A 3976 30.68 11.15 20.07
N THR A 3977 30.12 10.21 19.31
CA THR A 3977 28.77 10.40 18.80
C THR A 3977 27.75 10.50 19.92
N GLY A 3978 27.90 9.67 20.96
CA GLY A 3978 26.98 9.73 22.08
C GLY A 3978 26.98 11.08 22.76
N ASN A 3979 28.17 11.62 23.03
CA ASN A 3979 28.26 12.93 23.67
C ASN A 3979 27.75 14.03 22.74
N GLN A 3980 28.02 13.92 21.45
CA GLN A 3980 27.52 14.90 20.50
C GLN A 3980 26.00 14.94 20.53
N GLN A 3981 25.37 13.76 20.46
CA GLN A 3981 23.91 13.70 20.49
C GLN A 3981 23.36 14.21 21.81
N SER A 3982 24.03 13.85 22.92
CA SER A 3982 23.58 14.31 24.23
C SER A 3982 23.59 15.83 24.31
N LEU A 3983 24.68 16.46 23.88
CA LEU A 3983 24.72 17.92 23.89
C LEU A 3983 23.69 18.52 22.94
N ALA A 3984 23.53 17.91 21.76
CA ALA A 3984 22.54 18.43 20.82
C ALA A 3984 21.15 18.45 21.43
N HIS A 3985 20.78 17.38 22.15
CA HIS A 3985 19.48 17.35 22.80
C HIS A 3985 19.46 18.18 24.08
N SER A 3986 20.62 18.52 24.63
CA SER A 3986 20.67 19.30 25.85
C SER A 3986 20.34 20.76 25.59
N ARG A 3987 20.47 21.57 26.64
CA ARG A 3987 20.22 23.00 26.59
C ARG A 3987 21.46 23.82 26.27
N LEU A 3988 22.44 23.25 25.59
CA LEU A 3988 23.64 24.00 25.23
C LEU A 3988 23.29 25.15 24.30
N TRP A 3989 22.26 24.97 23.46
CA TRP A 3989 21.95 25.97 22.45
C TRP A 3989 21.56 27.30 23.07
N ASP A 3990 20.74 27.27 24.13
CA ASP A 3990 20.36 28.50 24.82
C ASP A 3990 21.55 29.24 25.40
N ALA A 3991 22.48 28.49 26.01
CA ALA A 3991 23.69 29.11 26.55
C ALA A 3991 24.51 29.75 25.43
N VAL A 3992 24.61 29.08 24.29
CA VAL A 3992 25.36 29.64 23.17
C VAL A 3992 24.67 30.90 22.67
N VAL A 3993 23.34 30.94 22.67
CA VAL A 3993 22.62 32.14 22.28
C VAL A 3993 22.93 33.29 23.23
N GLY A 3994 22.90 33.01 24.54
CA GLY A 3994 23.23 34.03 25.52
C GLY A 3994 24.64 34.57 25.33
N PHE A 3995 25.60 33.67 25.11
CA PHE A 3995 26.96 34.12 24.79
C PHE A 3995 27.01 34.93 23.51
N LEU A 3996 26.23 34.57 22.49
CA LEU A 3996 26.27 35.36 21.27
C LEU A 3996 25.80 36.79 21.52
N HIS A 3997 24.68 36.94 22.22
CA HIS A 3997 24.19 38.28 22.56
C HIS A 3997 25.21 39.05 23.37
N VAL A 3998 25.72 38.43 24.44
CA VAL A 3998 26.66 39.12 25.32
C VAL A 3998 27.92 39.50 24.56
N PHE A 3999 28.42 38.59 23.71
CA PHE A 3999 29.64 38.86 22.97
C PHE A 3999 29.45 40.04 22.03
N ALA A 4000 28.36 40.07 21.28
CA ALA A 4000 28.15 41.19 20.37
C ALA A 4000 28.12 42.51 21.13
N HIS A 4001 27.26 42.60 22.15
CA HIS A 4001 27.11 43.88 22.83
C HIS A 4001 28.39 44.27 23.56
N MET A 4002 29.07 43.31 24.19
CA MET A 4002 30.28 43.62 24.93
C MET A 4002 31.42 44.01 24.01
N MET A 4003 31.54 43.38 22.85
CA MET A 4003 32.55 43.83 21.90
C MET A 4003 32.30 45.27 21.48
N MET A 4004 31.04 45.62 21.16
CA MET A 4004 30.79 47.01 20.81
C MET A 4004 31.17 47.95 21.96
N LYS A 4005 30.69 47.66 23.17
CA LYS A 4005 30.91 48.57 24.29
C LYS A 4005 32.39 48.70 24.61
N LEU A 4006 33.11 47.58 24.63
CA LEU A 4006 34.53 47.57 24.98
C LEU A 4006 35.41 48.13 23.87
N ALA A 4007 35.01 48.00 22.61
CA ALA A 4007 35.72 48.64 21.52
C ALA A 4007 35.56 50.15 21.57
N GLN A 4008 34.40 50.64 22.02
CA GLN A 4008 34.25 52.08 22.15
C GLN A 4008 35.28 52.68 23.11
N ASP A 4009 35.85 51.87 24.01
CA ASP A 4009 36.80 52.34 25.01
C ASP A 4009 38.14 51.65 24.80
N SER A 4010 39.23 52.44 24.85
CA SER A 4010 40.55 51.89 24.61
C SER A 4010 41.16 51.24 25.84
N SER A 4011 40.86 51.76 27.04
CA SER A 4011 41.49 51.24 28.25
C SER A 4011 41.14 49.78 28.49
N GLN A 4012 40.00 49.32 27.98
CA GLN A 4012 39.50 47.97 28.21
C GLN A 4012 39.95 46.99 27.11
N ILE A 4013 41.09 47.26 26.47
CA ILE A 4013 41.54 46.43 25.37
C ILE A 4013 41.87 45.02 25.86
N GLU A 4014 42.47 44.91 27.05
CA GLU A 4014 42.81 43.58 27.57
C GLU A 4014 41.55 42.75 27.81
N LEU A 4015 40.52 43.36 28.39
CA LEU A 4015 39.26 42.65 28.59
C LEU A 4015 38.64 42.27 27.26
N LEU A 4016 38.74 43.14 26.26
CA LEU A 4016 38.21 42.80 24.93
C LEU A 4016 38.95 41.60 24.35
N LYS A 4017 40.28 41.56 24.51
CA LYS A 4017 41.05 40.40 24.04
C LYS A 4017 40.60 39.13 24.74
N GLU A 4018 40.39 39.20 26.06
CA GLU A 4018 39.94 38.03 26.80
C GLU A 4018 38.57 37.56 26.30
N LEU A 4019 37.66 38.50 26.06
CA LEU A 4019 36.34 38.15 25.55
C LEU A 4019 36.43 37.51 24.17
N LEU A 4020 37.31 38.04 23.31
CA LEU A 4020 37.49 37.45 21.99
C LEU A 4020 38.05 36.04 22.07
N ASP A 4021 38.97 35.80 23.02
CA ASP A 4021 39.48 34.45 23.21
C ASP A 4021 38.37 33.50 23.67
N LEU A 4022 37.51 33.95 24.58
CA LEU A 4022 36.39 33.13 25.00
C LEU A 4022 35.47 32.82 23.82
N GLN A 4023 35.23 33.82 22.96
CA GLN A 4023 34.43 33.60 21.77
C GLN A 4023 35.08 32.56 20.86
N LYS A 4024 36.40 32.63 20.71
CA LYS A 4024 37.10 31.64 19.90
C LYS A 4024 36.90 30.24 20.46
N ASP A 4025 36.99 30.09 21.78
CA ASP A 4025 36.78 28.78 22.37
C ASP A 4025 35.36 28.29 22.13
N MET A 4026 34.38 29.19 22.23
CA MET A 4026 33.00 28.78 21.95
C MET A 4026 32.86 28.30 20.51
N VAL A 4027 33.47 29.01 19.57
CA VAL A 4027 33.38 28.60 18.16
C VAL A 4027 34.08 27.26 17.95
N VAL A 4028 35.20 27.03 18.64
CA VAL A 4028 35.90 25.75 18.52
C VAL A 4028 35.00 24.63 19.03
N MET A 4029 34.30 24.85 20.15
CA MET A 4029 33.37 23.86 20.64
C MET A 4029 32.27 23.60 19.62
N LEU A 4030 31.74 24.66 19.02
CA LEU A 4030 30.68 24.48 18.02
C LEU A 4030 31.17 23.66 16.83
N LEU A 4031 32.39 23.91 16.36
CA LEU A 4031 32.95 23.10 15.28
C LEU A 4031 33.18 21.66 15.69
N SER A 4032 33.70 21.42 16.90
CA SER A 4032 33.88 20.06 17.38
C SER A 4032 32.53 19.34 17.42
N LEU A 4033 31.44 20.07 17.68
CA LEU A 4033 30.12 19.47 17.56
C LEU A 4033 29.85 18.99 16.14
N LEU A 4034 30.30 19.77 15.14
CA LEU A 4034 30.04 19.45 13.74
C LEU A 4034 31.00 18.39 13.18
N GLU A 4035 32.08 18.06 13.90
CA GLU A 4035 32.96 17.00 13.43
C GLU A 4035 32.14 15.75 13.09
N GLY A 4036 32.42 15.17 11.92
CA GLY A 4036 31.75 13.96 11.50
C GLY A 4036 30.30 14.13 11.12
N ASN A 4037 29.88 15.33 10.72
CA ASN A 4037 28.49 15.58 10.40
C ASN A 4037 28.11 14.93 9.06
N VAL A 4038 26.81 14.73 8.89
CA VAL A 4038 26.24 14.24 7.64
C VAL A 4038 25.38 15.35 7.04
N VAL A 4039 25.18 15.28 5.73
CA VAL A 4039 24.35 16.27 5.06
C VAL A 4039 22.94 16.23 5.63
N ASN A 4040 22.38 17.40 5.89
CA ASN A 4040 21.08 17.51 6.55
C ASN A 4040 21.09 16.79 7.90
N GLY A 4041 22.21 16.89 8.60
CA GLY A 4041 22.33 16.24 9.89
C GLY A 4041 21.51 16.91 10.96
N MET A 4042 21.17 16.13 11.99
CA MET A 4042 20.37 16.65 13.09
C MET A 4042 21.11 17.77 13.81
N ILE A 4043 22.39 17.57 14.09
CA ILE A 4043 23.17 18.60 14.78
C ILE A 4043 23.31 19.84 13.91
N ALA A 4044 23.54 19.65 12.61
CA ALA A 4044 23.66 20.80 11.72
C ALA A 4044 22.37 21.60 11.67
N ARG A 4045 21.23 20.91 11.57
CA ARG A 4045 19.95 21.63 11.55
C ARG A 4045 19.70 22.34 12.87
N GLN A 4046 20.05 21.69 13.99
CA GLN A 4046 19.89 22.35 15.29
C GLN A 4046 20.74 23.60 15.38
N MET A 4047 21.98 23.55 14.88
CA MET A 4047 22.85 24.71 14.93
C MET A 4047 22.35 25.82 14.01
N VAL A 4048 21.81 25.47 12.85
CA VAL A 4048 21.20 26.47 11.97
C VAL A 4048 20.01 27.13 12.66
N ASP A 4049 19.21 26.33 13.37
CA ASP A 4049 18.09 26.88 14.12
C ASP A 4049 18.59 27.85 15.19
N MET A 4050 19.66 27.47 15.89
CA MET A 4050 20.26 28.38 16.86
C MET A 4050 20.67 29.69 16.22
N LEU A 4051 21.35 29.62 15.08
CA LEU A 4051 21.82 30.83 14.42
C LEU A 4051 20.64 31.69 13.99
N VAL A 4052 19.56 31.07 13.51
CA VAL A 4052 18.36 31.81 13.14
C VAL A 4052 17.77 32.50 14.36
N GLU A 4053 17.72 31.81 15.49
CA GLU A 4053 17.20 32.43 16.70
C GLU A 4053 18.06 33.62 17.12
N SER A 4054 19.38 33.48 17.04
CA SER A 4054 20.31 34.53 17.41
C SER A 4054 20.73 35.39 16.23
N SER A 4055 19.89 35.48 15.19
CA SER A 4055 20.19 36.23 13.98
C SER A 4055 20.86 37.58 14.25
N SER A 4056 20.18 38.46 15.00
CA SER A 4056 20.66 39.83 15.13
C SER A 4056 22.05 39.89 15.74
N ASN A 4057 22.30 39.12 16.79
CA ASN A 4057 23.59 39.17 17.45
C ASN A 4057 24.70 38.65 16.56
N VAL A 4058 24.42 37.57 15.82
CA VAL A 4058 25.41 37.06 14.87
C VAL A 4058 25.68 38.10 13.79
N GLU A 4059 24.62 38.80 13.36
CA GLU A 4059 24.80 39.86 12.38
C GLU A 4059 25.72 40.95 12.93
N MET A 4060 25.53 41.34 14.19
CA MET A 4060 26.39 42.35 14.79
C MET A 4060 27.84 41.87 14.86
N ILE A 4061 28.04 40.60 15.24
CA ILE A 4061 29.39 40.05 15.32
C ILE A 4061 30.06 40.10 13.95
N LEU A 4062 29.34 39.65 12.93
CA LEU A 4062 29.89 39.65 11.58
C LEU A 4062 30.19 41.06 11.11
N LYS A 4063 29.31 42.01 11.43
CA LYS A 4063 29.55 43.39 11.05
C LYS A 4063 30.79 43.95 11.73
N PHE A 4064 30.98 43.64 13.02
CA PHE A 4064 32.18 44.09 13.73
C PHE A 4064 33.43 43.57 13.04
N PHE A 4065 33.49 42.26 12.81
CA PHE A 4065 34.68 41.69 12.17
C PHE A 4065 34.89 42.28 10.78
N ASP A 4066 33.81 42.43 10.01
CA ASP A 4066 33.92 42.98 8.67
C ASP A 4066 34.47 44.40 8.71
N MET A 4067 33.91 45.26 9.56
CA MET A 4067 34.37 46.64 9.62
C MET A 4067 35.83 46.73 10.03
N PHE A 4068 36.23 46.01 11.08
CA PHE A 4068 37.59 46.16 11.57
C PHE A 4068 38.61 45.31 10.82
N LEU A 4069 38.18 44.50 9.84
CA LEU A 4069 39.13 44.00 8.86
C LEU A 4069 39.21 44.91 7.64
N LYS A 4070 38.08 45.41 7.17
CA LYS A 4070 38.05 46.30 6.02
C LYS A 4070 38.78 47.61 6.30
N LEU A 4071 38.85 48.01 7.57
CA LEU A 4071 39.59 49.22 7.92
C LEU A 4071 41.04 49.13 7.48
N LYS A 4072 41.63 47.94 7.56
CA LYS A 4072 43.01 47.75 7.12
C LYS A 4072 43.20 48.09 5.65
N ASP A 4073 42.14 48.01 4.85
CA ASP A 4073 42.21 48.30 3.42
C ASP A 4073 41.76 49.70 3.08
N ILE A 4074 40.65 50.18 3.65
CA ILE A 4074 40.17 51.51 3.34
C ILE A 4074 41.21 52.56 3.72
N VAL A 4075 42.03 52.27 4.73
CA VAL A 4075 43.11 53.19 5.09
C VAL A 4075 44.07 53.35 3.92
N GLY A 4076 44.44 52.25 3.27
CA GLY A 4076 45.34 52.32 2.13
C GLY A 4076 44.69 52.93 0.90
N SER A 4077 43.36 53.09 0.93
CA SER A 4077 42.66 53.64 -0.22
C SER A 4077 43.20 55.02 -0.56
N GLU A 4078 43.44 55.25 -1.85
CA GLU A 4078 43.98 56.53 -2.28
C GLU A 4078 43.02 57.66 -1.98
N ALA A 4079 41.72 57.41 -2.06
CA ALA A 4079 40.74 58.45 -1.76
C ALA A 4079 40.86 58.91 -0.31
N PHE A 4080 41.01 57.97 0.62
CA PHE A 4080 41.17 58.34 2.02
C PHE A 4080 42.52 59.00 2.26
N GLN A 4081 43.57 58.51 1.60
CA GLN A 4081 44.88 59.15 1.72
C GLN A 4081 44.83 60.58 1.20
N ASP A 4082 43.94 60.86 0.24
CA ASP A 4082 43.75 62.23 -0.22
C ASP A 4082 43.17 63.10 0.89
N TYR A 4083 42.16 62.61 1.61
CA TYR A 4083 41.63 63.36 2.74
C TYR A 4083 42.67 63.53 3.84
N VAL A 4084 43.61 62.58 3.94
CA VAL A 4084 44.72 62.75 4.86
C VAL A 4084 45.49 64.01 4.48
N THR A 4085 45.72 64.90 5.46
CA THR A 4085 46.43 66.14 5.21
C THR A 4085 47.50 66.45 6.25
N ASP A 4086 47.58 65.70 7.35
CA ASP A 4086 48.55 65.98 8.40
C ASP A 4086 49.89 65.34 8.06
N PRO A 4087 50.99 66.10 8.01
CA PRO A 4087 52.28 65.46 7.68
C PRO A 4087 52.65 64.33 8.61
N ARG A 4088 52.32 64.44 9.89
CA ARG A 4088 52.64 63.37 10.84
C ARG A 4088 51.74 62.15 10.64
N GLY A 4089 50.71 62.26 9.82
CA GLY A 4089 49.82 61.15 9.51
C GLY A 4089 48.54 61.13 10.32
N LEU A 4090 48.39 62.02 11.30
CA LEU A 4090 47.19 62.04 12.13
C LEU A 4090 46.07 62.77 11.40
N ILE A 4091 45.09 62.02 10.92
CA ILE A 4091 43.97 62.57 10.16
C ILE A 4091 42.99 63.25 11.10
N SER A 4092 42.39 64.34 10.61
CA SER A 4092 41.35 65.02 11.37
C SER A 4092 40.06 64.18 11.37
N LYS A 4093 39.27 64.36 12.43
CA LYS A 4093 38.00 63.64 12.53
C LYS A 4093 37.11 63.93 11.33
N LYS A 4094 36.98 65.21 10.96
CA LYS A 4094 36.10 65.57 9.86
C LYS A 4094 36.60 64.98 8.54
N ASP A 4095 37.90 65.03 8.29
CA ASP A 4095 38.44 64.46 7.06
C ASP A 4095 38.25 62.96 7.01
N PHE A 4096 38.44 62.29 8.15
CA PHE A 4096 38.23 60.84 8.23
C PHE A 4096 36.78 60.47 7.93
N GLN A 4097 35.85 61.21 8.56
CA GLN A 4097 34.43 60.95 8.31
C GLN A 4097 34.07 61.22 6.85
N LYS A 4098 34.57 62.32 6.28
CA LYS A 4098 34.28 62.62 4.88
C LYS A 4098 34.88 61.56 3.96
N ALA A 4099 36.07 61.06 4.29
CA ALA A 4099 36.69 60.02 3.47
C ALA A 4099 35.80 58.79 3.40
N MET A 4100 35.31 58.32 4.56
CA MET A 4100 34.44 57.16 4.53
C MET A 4100 33.10 57.47 3.85
N ASP A 4101 32.57 58.68 4.09
CA ASP A 4101 31.30 59.05 3.46
C ASP A 4101 31.41 59.05 1.95
N SER A 4102 32.53 59.52 1.41
CA SER A 4102 32.78 59.48 -0.03
C SER A 4102 33.04 58.07 -0.54
N GLN A 4103 33.75 57.25 0.23
CA GLN A 4103 33.96 55.86 -0.18
C GLN A 4103 32.65 55.09 -0.27
N LYS A 4104 31.70 55.38 0.63
CA LYS A 4104 30.37 54.76 0.67
C LYS A 4104 30.42 53.30 1.09
N GLN A 4105 31.61 52.73 1.33
CA GLN A 4105 31.68 51.38 1.89
C GLN A 4105 31.17 51.32 3.32
N PHE A 4106 31.08 52.46 4.00
CA PHE A 4106 30.56 52.54 5.36
C PHE A 4106 29.28 53.36 5.35
N THR A 4107 28.46 53.15 6.37
CA THR A 4107 27.20 53.87 6.51
C THR A 4107 27.28 54.79 7.72
N GLY A 4108 26.51 55.89 7.67
CA GLY A 4108 26.61 56.96 8.64
C GLY A 4108 26.87 56.51 10.06
N PRO A 4109 26.00 55.66 10.60
CA PRO A 4109 26.25 55.12 11.94
C PRO A 4109 27.55 54.33 12.05
N GLU A 4110 27.96 53.64 10.98
CA GLU A 4110 29.24 52.94 11.02
C GLU A 4110 30.40 53.92 11.12
N ILE A 4111 30.33 55.02 10.36
CA ILE A 4111 31.33 56.08 10.50
C ILE A 4111 31.32 56.63 11.92
N GLN A 4112 30.13 56.82 12.50
CA GLN A 4112 30.05 57.37 13.85
C GLN A 4112 30.70 56.42 14.86
N PHE A 4113 30.42 55.11 14.72
CA PHE A 4113 31.02 54.14 15.62
C PHE A 4113 32.53 54.08 15.46
N LEU A 4114 33.02 54.16 14.21
CA LEU A 4114 34.46 54.22 14.00
C LEU A 4114 35.06 55.47 14.61
N LEU A 4115 34.37 56.60 14.54
CA LEU A 4115 34.84 57.80 15.24
C LEU A 4115 34.91 57.55 16.74
N SER A 4116 33.88 56.94 17.32
CA SER A 4116 33.89 56.69 18.76
C SER A 4116 35.05 55.79 19.15
N CYS A 4117 35.33 54.76 18.35
CA CYS A 4117 36.44 53.86 18.62
C CYS A 4117 37.79 54.40 18.15
N SER A 4118 37.79 55.57 17.50
CA SER A 4118 39.02 56.08 16.90
C SER A 4118 40.12 56.32 17.92
N GLU A 4119 39.74 56.59 19.17
CA GLU A 4119 40.71 56.96 20.21
C GLU A 4119 41.41 58.27 19.86
N ALA A 4120 40.64 59.23 19.36
CA ALA A 4120 41.18 60.54 19.03
C ALA A 4120 41.56 61.28 20.30
N ASP A 4121 42.68 61.99 20.25
CA ASP A 4121 43.13 62.77 21.39
C ASP A 4121 42.36 64.09 21.45
N GLU A 4122 42.76 64.95 22.38
CA GLU A 4122 42.11 66.26 22.51
C GLU A 4122 42.20 67.07 21.22
N ASN A 4123 43.21 66.81 20.40
CA ASN A 4123 43.42 67.54 19.16
C ASN A 4123 42.59 67.00 18.00
N GLU A 4124 41.61 66.14 18.28
CA GLU A 4124 40.80 65.51 17.24
C GLU A 4124 41.68 64.80 16.21
N MET A 4125 42.82 64.29 16.68
CA MET A 4125 43.79 63.60 15.84
C MET A 4125 43.66 62.10 16.03
N ILE A 4126 43.58 61.38 14.91
CA ILE A 4126 43.41 59.92 14.90
C ILE A 4126 44.66 59.30 14.31
N ASN A 4127 45.21 58.30 14.99
CA ASN A 4127 46.36 57.55 14.49
C ASN A 4127 45.85 56.35 13.71
N CYS A 4128 45.90 56.44 12.38
CA CYS A 4128 45.30 55.40 11.54
C CYS A 4128 46.01 54.07 11.72
N GLU A 4129 47.33 54.07 11.82
CA GLU A 4129 48.06 52.81 11.97
C GLU A 4129 47.65 52.09 13.24
N GLU A 4130 47.60 52.79 14.37
CA GLU A 4130 47.15 52.17 15.61
C GLU A 4130 45.69 51.74 15.53
N PHE A 4131 44.84 52.57 14.93
CA PHE A 4131 43.42 52.23 14.82
C PHE A 4131 43.24 50.93 14.05
N ALA A 4132 44.02 50.74 12.98
CA ALA A 4132 43.91 49.52 12.19
C ALA A 4132 44.53 48.33 12.90
N ASN A 4133 45.70 48.53 13.54
CA ASN A 4133 46.41 47.41 14.13
C ASN A 4133 45.70 46.90 15.38
N ARG A 4134 44.99 47.78 16.11
CA ARG A 4134 44.42 47.39 17.39
C ARG A 4134 43.53 46.16 17.28
N PHE A 4135 42.70 46.08 16.24
CA PHE A 4135 41.65 45.06 16.16
C PHE A 4135 41.80 44.16 14.93
N GLN A 4136 43.02 43.71 14.63
CA GLN A 4136 43.26 42.81 13.52
C GLN A 4136 43.81 41.46 13.95
N GLU A 4137 44.68 41.44 14.96
CA GLU A 4137 45.32 40.18 15.36
C GLU A 4137 44.31 39.17 15.89
N PRO A 4138 43.44 39.50 16.85
CA PRO A 4138 42.47 38.49 17.33
C PRO A 4138 41.29 38.34 16.39
N ALA A 4139 40.91 39.48 15.78
CA ALA A 4139 39.80 39.47 14.83
C ALA A 4139 40.06 38.49 13.71
N ARG A 4140 41.31 38.39 13.24
CA ARG A 4140 41.62 37.45 12.18
C ARG A 4140 41.30 36.02 12.61
N ASP A 4141 41.76 35.61 13.79
CA ASP A 4141 41.55 34.25 14.25
C ASP A 4141 40.06 33.92 14.41
N ILE A 4142 39.34 34.77 15.16
CA ILE A 4142 37.94 34.47 15.40
C ILE A 4142 37.13 34.57 14.11
N GLY A 4143 37.49 35.50 13.21
CA GLY A 4143 36.81 35.58 11.94
C GLY A 4143 37.04 34.36 11.08
N PHE A 4144 38.26 33.84 11.07
CA PHE A 4144 38.53 32.62 10.31
C PHE A 4144 37.74 31.45 10.86
N ASN A 4145 37.68 31.31 12.19
CA ASN A 4145 36.91 30.22 12.76
C ASN A 4145 35.42 30.37 12.46
N VAL A 4146 34.89 31.59 12.53
CA VAL A 4146 33.47 31.80 12.21
C VAL A 4146 33.22 31.49 10.74
N ALA A 4147 34.15 31.87 9.86
CA ALA A 4147 34.00 31.58 8.44
C ALA A 4147 34.01 30.07 8.19
N VAL A 4148 34.89 29.35 8.89
CA VAL A 4148 34.92 27.90 8.74
C VAL A 4148 33.60 27.29 9.22
N LEU A 4149 33.09 27.79 10.36
CA LEU A 4149 31.81 27.31 10.86
C LEU A 4149 30.70 27.53 9.84
N LEU A 4150 30.61 28.74 9.29
CA LEU A 4150 29.57 29.04 8.32
C LEU A 4150 29.72 28.22 7.05
N THR A 4151 30.95 28.03 6.56
CA THR A 4151 31.16 27.21 5.37
C THR A 4151 30.73 25.76 5.62
N ASN A 4152 31.13 25.20 6.77
CA ASN A 4152 30.73 23.83 7.10
C ASN A 4152 29.22 23.71 7.15
N LEU A 4153 28.55 24.64 7.86
CA LEU A 4153 27.10 24.58 7.95
C LEU A 4153 26.47 24.70 6.58
N SER A 4154 26.98 25.61 5.74
CA SER A 4154 26.40 25.82 4.42
C SER A 4154 26.52 24.57 3.56
N GLU A 4155 27.68 23.92 3.60
CA GLU A 4155 27.90 22.76 2.74
C GLU A 4155 27.16 21.54 3.26
N HIS A 4156 26.88 21.49 4.57
CA HIS A 4156 26.19 20.31 5.10
C HIS A 4156 24.69 20.52 5.19
N VAL A 4157 24.22 21.75 5.03
CA VAL A 4157 22.78 22.04 4.94
C VAL A 4157 22.57 22.92 3.72
N PRO A 4158 22.46 22.35 2.52
CA PRO A 4158 22.54 23.18 1.30
C PRO A 4158 21.25 23.89 0.93
N HIS A 4159 20.10 23.40 1.38
CA HIS A 4159 18.82 23.89 0.91
C HIS A 4159 18.08 24.75 1.94
N ASP A 4160 18.77 25.24 2.95
CA ASP A 4160 18.12 26.10 3.94
C ASP A 4160 18.22 27.56 3.52
N PRO A 4161 17.10 28.29 3.34
CA PRO A 4161 17.19 29.69 2.90
C PRO A 4161 17.76 30.62 3.96
N ARG A 4162 17.50 30.33 5.23
CA ARG A 4162 17.97 31.19 6.30
C ARG A 4162 19.50 31.22 6.37
N LEU A 4163 20.13 30.06 6.17
CA LEU A 4163 21.59 30.01 6.16
C LEU A 4163 22.15 30.82 5.00
N ARG A 4164 21.50 30.76 3.83
CA ARG A 4164 21.92 31.59 2.72
C ARG A 4164 21.76 33.07 3.06
N ASN A 4165 20.69 33.43 3.76
CA ASN A 4165 20.51 34.82 4.17
C ASN A 4165 21.65 35.27 5.06
N PHE A 4166 22.07 34.42 6.00
CA PHE A 4166 23.21 34.78 6.84
C PHE A 4166 24.50 34.88 6.02
N LEU A 4167 24.69 33.95 5.08
CA LEU A 4167 25.90 34.00 4.26
C LEU A 4167 25.95 35.26 3.42
N GLU A 4168 24.80 35.78 3.01
CA GLU A 4168 24.79 37.02 2.23
C GLU A 4168 25.40 38.17 3.02
N LEU A 4169 25.09 38.25 4.31
CA LEU A 4169 25.73 39.26 5.16
C LEU A 4169 27.19 38.90 5.44
N ALA A 4170 27.49 37.60 5.52
CA ALA A 4170 28.84 37.15 5.85
C ALA A 4170 29.77 37.10 4.65
N GLU A 4171 29.32 37.53 3.47
CA GLU A 4171 30.13 37.46 2.27
C GLU A 4171 31.50 38.11 2.46
N SER A 4172 31.54 39.31 3.05
CA SER A 4172 32.79 40.04 3.16
C SER A 4172 33.82 39.26 3.97
N ILE A 4173 33.44 38.83 5.18
CA ILE A 4173 34.36 38.06 6.01
C ILE A 4173 34.69 36.74 5.34
N LEU A 4174 33.73 36.13 4.66
CA LEU A 4174 33.97 34.88 3.95
C LEU A 4174 34.96 35.08 2.81
N GLU A 4175 34.75 36.12 1.99
CA GLU A 4175 35.62 36.37 0.85
C GLU A 4175 37.02 36.80 1.27
N TYR A 4176 37.15 37.45 2.42
CA TYR A 4176 38.49 37.83 2.89
C TYR A 4176 39.31 36.58 3.21
N PHE A 4177 38.70 35.58 3.84
CA PHE A 4177 39.40 34.36 4.25
C PHE A 4177 39.37 33.27 3.19
N ARG A 4178 38.63 33.47 2.11
CA ARG A 4178 38.56 32.44 1.06
C ARG A 4178 39.92 31.92 0.64
N PRO A 4179 40.93 32.74 0.35
CA PRO A 4179 42.24 32.18 -0.03
C PRO A 4179 42.85 31.33 1.06
N TYR A 4180 42.56 31.60 2.32
CA TYR A 4180 43.19 30.90 3.44
C TYR A 4180 42.35 29.77 4.00
N LEU A 4181 41.14 29.55 3.50
CA LEU A 4181 40.29 28.47 3.98
C LEU A 4181 40.49 27.27 3.06
N GLY A 4182 41.27 26.29 3.50
CA GLY A 4182 41.53 25.09 2.73
C GLY A 4182 40.58 23.97 3.16
N ARG A 4183 40.15 23.17 2.18
CA ARG A 4183 39.25 22.07 2.44
C ARG A 4183 39.73 20.82 1.71
N ILE A 4184 39.55 19.66 2.35
CA ILE A 4184 39.89 18.38 1.75
C ILE A 4184 38.81 17.37 2.09
N GLU A 4185 38.86 16.23 1.43
CA GLU A 4185 37.94 15.12 1.68
C GLU A 4185 38.74 13.87 2.00
N ILE A 4186 38.28 13.12 3.02
CA ILE A 4186 38.95 11.90 3.44
C ILE A 4186 37.90 10.82 3.67
N MET A 4187 38.36 9.58 3.76
CA MET A 4187 37.52 8.49 4.25
C MET A 4187 37.68 8.42 5.77
N GLY A 4188 36.74 9.02 6.49
CA GLY A 4188 36.89 9.19 7.92
C GLY A 4188 36.63 7.93 8.71
N ALA A 4189 36.81 8.05 10.03
CA ALA A 4189 36.59 6.91 10.92
C ALA A 4189 35.14 6.45 10.88
N SER A 4190 34.21 7.33 10.50
CA SER A 4190 32.81 6.95 10.43
C SER A 4190 32.52 6.01 9.27
N ARG A 4191 33.50 5.77 8.39
CA ARG A 4191 33.40 4.94 7.20
C ARG A 4191 32.69 5.68 6.07
N ARG A 4192 32.48 6.98 6.20
CA ARG A 4192 31.89 7.79 5.15
C ARG A 4192 32.86 8.90 4.78
N ILE A 4193 32.68 9.45 3.58
CA ILE A 4193 33.52 10.56 3.15
C ILE A 4193 33.21 11.78 4.00
N GLU A 4194 34.25 12.36 4.58
CA GLU A 4194 34.13 13.53 5.45
C GLU A 4194 34.98 14.66 4.90
N ARG A 4195 34.46 15.88 5.05
CA ARG A 4195 35.13 17.07 4.56
C ARG A 4195 35.75 17.82 5.73
N ILE A 4196 37.03 18.15 5.61
CA ILE A 4196 37.82 18.76 6.66
C ILE A 4196 38.25 20.14 6.21
N TYR A 4197 38.19 21.10 7.13
CA TYR A 4197 38.54 22.50 6.86
C TYR A 4197 39.72 22.88 7.75
N PHE A 4198 40.65 23.65 7.18
CA PHE A 4198 41.86 24.06 7.88
C PHE A 4198 42.34 25.39 7.33
N GLU A 4199 43.41 25.91 7.93
CA GLU A 4199 43.94 27.23 7.63
C GLU A 4199 45.23 27.11 6.82
N ILE A 4200 45.30 27.86 5.73
CA ILE A 4200 46.50 27.96 4.90
C ILE A 4200 47.11 29.33 5.13
N SER A 4201 48.40 29.38 5.44
CA SER A 4201 49.06 30.65 5.70
C SER A 4201 49.44 31.35 4.41
N GLU A 4202 49.53 32.67 4.48
CA GLU A 4202 49.86 33.47 3.30
C GLU A 4202 51.21 33.11 2.74
N THR A 4203 52.21 32.91 3.61
CA THR A 4203 53.54 32.57 3.14
C THR A 4203 53.54 31.23 2.40
N ASN A 4204 52.81 30.24 2.93
CA ASN A 4204 52.72 28.96 2.25
C ASN A 4204 52.01 29.10 0.91
N ARG A 4205 50.93 29.88 0.86
CA ARG A 4205 50.25 30.11 -0.41
C ARG A 4205 51.20 30.73 -1.44
N ALA A 4206 51.91 31.77 -1.04
CA ALA A 4206 52.82 32.44 -1.97
C ALA A 4206 53.93 31.51 -2.42
N GLN A 4207 54.49 30.73 -1.51
CA GLN A 4207 55.59 29.84 -1.89
C GLN A 4207 55.09 28.73 -2.80
N TRP A 4208 53.85 28.28 -2.61
CA TRP A 4208 53.26 27.33 -3.55
C TRP A 4208 53.08 27.95 -4.92
N GLU A 4209 52.61 29.21 -4.98
CA GLU A 4209 52.50 29.90 -6.26
C GLU A 4209 53.84 30.21 -6.90
N MET A 4210 54.93 30.18 -6.13
CA MET A 4210 56.24 30.44 -6.69
C MET A 4210 56.50 29.50 -7.88
N PRO A 4211 57.09 30.00 -8.97
CA PRO A 4211 57.11 29.19 -10.21
C PRO A 4211 57.80 27.85 -10.09
N GLN A 4212 58.98 27.78 -9.47
CA GLN A 4212 59.73 26.53 -9.48
C GLN A 4212 58.94 25.41 -8.82
N VAL A 4213 58.12 25.74 -7.81
CA VAL A 4213 57.25 24.74 -7.20
C VAL A 4213 56.25 24.23 -8.21
N LYS A 4214 55.75 25.11 -9.07
CA LYS A 4214 54.84 24.68 -10.14
C LYS A 4214 55.52 23.75 -11.14
N GLU A 4215 56.79 24.01 -11.49
CA GLU A 4215 57.53 23.10 -12.34
C GLU A 4215 57.70 21.75 -11.65
N SER A 4216 57.97 21.75 -10.36
CA SER A 4216 58.06 20.49 -9.62
C SER A 4216 56.75 19.73 -9.66
N LYS A 4217 55.63 20.44 -9.48
CA LYS A 4217 54.33 19.78 -9.55
C LYS A 4217 54.08 19.19 -10.93
N ARG A 4218 54.41 19.94 -11.98
CA ARG A 4218 54.24 19.44 -13.34
C ARG A 4218 55.07 18.18 -13.57
N GLN A 4219 56.33 18.20 -13.13
CA GLN A 4219 57.19 17.02 -13.29
C GLN A 4219 56.64 15.84 -12.52
N PHE A 4220 56.15 16.07 -11.30
CA PHE A 4220 55.59 14.99 -10.51
C PHE A 4220 54.38 14.37 -11.19
N ILE A 4221 53.49 15.22 -11.72
CA ILE A 4221 52.30 14.70 -12.39
C ILE A 4221 52.70 13.90 -13.62
N PHE A 4222 53.64 14.42 -14.41
CA PHE A 4222 54.12 13.68 -15.57
C PHE A 4222 54.67 12.32 -15.16
N ASP A 4223 55.51 12.29 -14.12
CA ASP A 4223 56.13 11.05 -13.68
C ASP A 4223 55.08 10.04 -13.22
N VAL A 4224 54.13 10.46 -12.38
CA VAL A 4224 53.13 9.52 -11.89
C VAL A 4224 52.28 9.00 -13.04
N VAL A 4225 51.88 9.87 -13.96
CA VAL A 4225 50.99 9.44 -15.03
C VAL A 4225 51.71 8.48 -15.97
N ASN A 4226 52.98 8.75 -16.29
CA ASN A 4226 53.67 7.94 -17.28
C ASN A 4226 54.22 6.65 -16.68
N GLU A 4227 54.87 6.72 -15.53
CA GLU A 4227 55.51 5.56 -14.92
C GLU A 4227 54.88 5.11 -13.62
N GLY A 4228 54.44 6.04 -12.77
CA GLY A 4228 53.92 5.66 -11.47
C GLY A 4228 52.74 4.71 -11.59
N GLY A 4229 52.73 3.68 -10.73
CA GLY A 4229 51.63 2.74 -10.73
C GLY A 4229 50.45 3.23 -9.92
N GLU A 4230 49.28 2.68 -10.23
CA GLU A 4230 48.07 3.07 -9.52
C GLU A 4230 48.13 2.69 -8.04
N SER A 4231 48.70 1.53 -7.73
CA SER A 4231 48.79 1.09 -6.34
C SER A 4231 49.65 2.03 -5.51
N GLU A 4232 50.74 2.53 -6.09
CA GLU A 4232 51.68 3.40 -5.38
C GLU A 4232 51.47 4.87 -5.70
N LYS A 4233 50.36 5.22 -6.36
CA LYS A 4233 50.10 6.63 -6.68
C LYS A 4233 50.06 7.49 -5.42
N MET A 4234 49.35 7.04 -4.40
CA MET A 4234 49.24 7.84 -3.17
C MET A 4234 50.55 7.90 -2.41
N GLU A 4235 51.32 6.82 -2.39
CA GLU A 4235 52.63 6.86 -1.77
C GLU A 4235 53.53 7.88 -2.46
N MET A 4236 53.54 7.87 -3.79
CA MET A 4236 54.34 8.83 -4.54
C MET A 4236 53.86 10.26 -4.28
N PHE A 4237 52.54 10.45 -4.22
CA PHE A 4237 52.00 11.79 -3.98
C PHE A 4237 52.39 12.30 -2.59
N VAL A 4238 52.33 11.44 -1.58
CA VAL A 4238 52.72 11.87 -0.24
C VAL A 4238 54.21 12.17 -0.17
N SER A 4239 55.03 11.37 -0.85
CA SER A 4239 56.46 11.67 -0.89
C SER A 4239 56.72 13.01 -1.57
N PHE A 4240 56.01 13.29 -2.66
CA PHE A 4240 56.14 14.58 -3.33
C PHE A 4240 55.73 15.72 -2.41
N CYS A 4241 54.64 15.53 -1.65
CA CYS A 4241 54.20 16.56 -0.71
C CYS A 4241 55.26 16.82 0.35
N GLU A 4242 55.87 15.76 0.89
CA GLU A 4242 56.90 15.93 1.89
C GLU A 4242 58.11 16.68 1.32
N ASP A 4243 58.53 16.31 0.11
CA ASP A 4243 59.66 17.01 -0.52
C ASP A 4243 59.33 18.47 -0.75
N THR A 4244 58.12 18.77 -1.21
CA THR A 4244 57.73 20.15 -1.45
C THR A 4244 57.68 20.94 -0.15
N ILE A 4245 57.23 20.30 0.93
CA ILE A 4245 57.21 20.97 2.23
C ILE A 4245 58.63 21.32 2.67
N PHE A 4246 59.56 20.37 2.52
CA PHE A 4246 60.94 20.65 2.90
C PHE A 4246 61.51 21.79 2.06
N GLU A 4247 61.22 21.78 0.76
CA GLU A 4247 61.68 22.87 -0.10
C GLU A 4247 61.09 24.21 0.30
N MET A 4248 59.81 24.27 0.66
CA MET A 4248 59.24 25.52 1.14
C MET A 4248 59.92 25.98 2.43
N GLN A 4249 60.23 25.04 3.33
CA GLN A 4249 60.94 25.44 4.53
C GLN A 4249 62.31 26.04 4.19
N ILE A 4250 63.04 25.40 3.27
CA ILE A 4250 64.35 25.93 2.88
C ILE A 4250 64.20 27.31 2.26
N ALA A 4251 63.20 27.49 1.40
CA ALA A 4251 62.96 28.80 0.81
C ALA A 4251 62.67 29.84 1.87
N ALA A 4252 61.89 29.46 2.88
CA ALA A 4252 61.59 30.37 3.97
C ALA A 4252 62.86 30.79 4.71
N GLN A 4253 63.76 29.83 4.99
CA GLN A 4253 64.99 30.20 5.67
C GLN A 4253 65.83 31.14 4.81
N ILE A 4254 65.98 30.84 3.52
CA ILE A 4254 66.86 31.66 2.70
C ILE A 4254 66.25 33.03 2.41
N SER A 4255 64.93 33.15 2.50
CA SER A 4255 64.29 34.43 2.21
C SER A 4255 64.80 35.50 3.15
N GLU A 4256 65.02 36.70 2.61
CA GLU A 4256 65.53 37.80 3.42
C GLU A 4256 64.47 38.24 4.42
N PRO A 4257 64.87 38.79 5.58
CA PRO A 4257 63.92 39.23 6.59
C PRO A 4257 63.40 40.64 6.35
N PHE A 4538 82.60 40.25 17.54
CA PHE A 4538 83.40 39.84 16.39
C PHE A 4538 82.81 38.57 15.77
N TRP A 4539 82.69 37.50 16.57
CA TRP A 4539 82.08 36.28 16.06
C TRP A 4539 80.62 36.51 15.69
N GLY A 4540 79.89 37.29 16.49
CA GLY A 4540 78.50 37.55 16.17
C GLY A 4540 78.34 38.25 14.82
N GLU A 4541 79.14 39.30 14.60
CA GLU A 4541 79.09 40.00 13.32
C GLU A 4541 79.50 39.07 12.17
N LEU A 4542 80.56 38.28 12.38
CA LEU A 4542 81.02 37.38 11.33
C LEU A 4542 79.93 36.37 10.96
N GLU A 4543 79.25 35.82 11.97
CA GLU A 4543 78.22 34.81 11.69
C GLU A 4543 77.01 35.44 11.02
N VAL A 4544 76.55 36.60 11.52
CA VAL A 4544 75.39 37.23 10.91
C VAL A 4544 75.67 37.67 9.47
N GLN A 4545 76.91 38.00 9.14
CA GLN A 4545 77.28 38.31 7.76
C GLN A 4545 77.43 37.05 6.91
N ARG A 4546 78.01 35.98 7.46
CA ARG A 4546 78.19 34.74 6.70
C ARG A 4546 76.83 34.14 6.34
N VAL A 4547 75.89 34.13 7.28
CA VAL A 4547 74.57 33.58 7.00
C VAL A 4547 73.90 34.38 5.91
N LYS A 4548 74.01 35.72 5.97
CA LYS A 4548 73.42 36.56 4.93
C LYS A 4548 74.05 36.29 3.57
N PHE A 4549 75.38 36.12 3.53
CA PHE A 4549 76.05 35.84 2.26
C PHE A 4549 75.59 34.51 1.68
N LEU A 4550 75.53 33.48 2.51
CA LEU A 4550 75.09 32.16 2.03
C LEU A 4550 73.65 32.22 1.56
N ASN A 4551 72.79 32.94 2.28
CA ASN A 4551 71.40 33.08 1.85
C ASN A 4551 71.32 33.81 0.51
N TYR A 4552 72.15 34.84 0.32
CA TYR A 4552 72.18 35.54 -0.96
C TYR A 4552 72.58 34.58 -2.08
N LEU A 4553 73.62 33.77 -1.86
CA LEU A 4553 74.03 32.81 -2.87
C LEU A 4553 72.92 31.81 -3.17
N SER A 4554 72.26 31.29 -2.13
CA SER A 4554 71.20 30.32 -2.34
C SER A 4554 70.05 30.94 -3.12
N ARG A 4555 69.69 32.18 -2.80
CA ARG A 4555 68.61 32.85 -3.52
C ARG A 4555 68.97 33.05 -4.98
N ASN A 4556 70.22 33.45 -5.26
CA ASN A 4556 70.65 33.78 -6.62
C ASN A 4556 71.45 32.66 -7.27
N PHE A 4557 71.21 31.41 -6.87
CA PHE A 4557 71.93 30.29 -7.46
C PHE A 4557 71.77 30.25 -8.97
N TYR A 4558 70.53 30.29 -9.47
CA TYR A 4558 70.30 30.19 -10.90
C TYR A 4558 70.87 31.38 -11.67
N THR A 4559 70.72 32.58 -11.12
CA THR A 4559 71.32 33.75 -11.76
C THR A 4559 72.81 33.60 -11.88
N LEU A 4560 73.45 33.01 -10.87
CA LEU A 4560 74.89 32.76 -10.93
C LEU A 4560 75.23 31.78 -12.05
N ARG A 4561 74.39 30.76 -12.24
CA ARG A 4561 74.63 29.80 -13.33
C ARG A 4561 74.52 30.49 -14.68
N PHE A 4562 73.49 31.33 -14.86
CA PHE A 4562 73.35 32.06 -16.12
C PHE A 4562 74.54 32.99 -16.34
N LEU A 4563 75.01 33.64 -15.27
CA LEU A 4563 76.18 34.49 -15.38
C LEU A 4563 77.42 33.69 -15.79
N ALA A 4564 77.56 32.49 -15.23
CA ALA A 4564 78.68 31.63 -15.62
C ALA A 4564 78.61 31.28 -17.10
N LEU A 4565 77.41 30.95 -17.59
CA LEU A 4565 77.26 30.65 -19.02
C LEU A 4565 77.62 31.86 -19.87
N PHE A 4566 77.16 33.05 -19.47
CA PHE A 4566 77.47 34.26 -20.22
C PHE A 4566 78.97 34.54 -20.24
N LEU A 4567 79.62 34.36 -19.08
CA LEU A 4567 81.06 34.56 -19.01
C LEU A 4567 81.81 33.57 -19.89
N ALA A 4568 81.37 32.30 -19.91
CA ALA A 4568 81.99 31.32 -20.79
C ALA A 4568 81.84 31.72 -22.26
N PHE A 4569 80.65 32.19 -22.64
CA PHE A 4569 80.45 32.64 -24.02
C PHE A 4569 81.35 33.81 -24.35
N ALA A 4570 81.49 34.77 -23.44
CA ALA A 4570 82.38 35.90 -23.69
C ALA A 4570 83.82 35.44 -23.84
N ILE A 4571 84.26 34.53 -22.96
CA ILE A 4571 85.62 34.02 -23.02
C ILE A 4571 85.88 33.34 -24.35
N ASN A 4572 84.92 32.55 -24.83
CA ASN A 4572 85.12 31.83 -26.09
C ASN A 4572 85.09 32.79 -27.27
N PHE A 4573 84.23 33.82 -27.21
CA PHE A 4573 84.24 34.83 -28.26
C PHE A 4573 85.59 35.50 -28.35
N ILE A 4574 86.22 35.76 -27.20
CA ILE A 4574 87.57 36.31 -27.21
C ILE A 4574 88.55 35.27 -27.76
N LEU A 4575 88.41 34.01 -27.36
CA LEU A 4575 89.30 32.96 -27.83
C LEU A 4575 89.27 32.85 -29.35
N LEU A 4576 88.16 33.23 -29.98
CA LEU A 4576 88.05 33.14 -31.43
C LEU A 4576 89.08 34.01 -32.15
N PHE A 4577 89.87 34.79 -31.42
CA PHE A 4577 90.87 35.67 -32.00
C PHE A 4577 92.29 35.15 -31.85
N TYR A 4578 92.49 33.98 -31.26
CA TYR A 4578 93.85 33.45 -31.12
C TYR A 4578 94.48 33.16 -32.47
N LYS A 4579 95.80 33.34 -32.54
CA LYS A 4579 96.60 33.06 -33.71
C LYS A 4579 97.87 32.34 -33.28
N VAL A 4580 98.44 31.57 -34.20
CA VAL A 4580 99.67 30.82 -33.96
C VAL A 4580 100.73 31.32 -34.92
N SER A 4581 101.94 31.57 -34.39
CA SER A 4581 103.04 32.09 -35.23
C SER A 4581 104.37 31.46 -34.80
N ASP A 4582 105.27 31.24 -35.76
CA ASP A 4582 106.63 30.70 -35.42
C ASP A 4582 107.43 31.78 -34.69
N SER A 4583 107.20 33.05 -35.04
CA SER A 4583 107.89 34.17 -34.34
C SER A 4583 107.19 34.45 -33.01
N PRO A 4584 107.92 34.76 -31.92
CA PRO A 4584 107.28 35.12 -30.65
C PRO A 4584 106.42 36.37 -30.80
N PRO A 4585 105.31 36.52 -30.03
CA PRO A 4585 104.42 37.68 -30.16
C PRO A 4585 105.20 39.00 -30.12
N ASN A 4624 111.59 27.14 -32.77
CA ASN A 4624 110.92 26.03 -33.42
C ASN A 4624 109.51 25.83 -32.85
N MET A 4625 109.40 25.88 -31.53
CA MET A 4625 108.09 25.72 -30.91
C MET A 4625 107.20 26.91 -31.25
N VAL A 4626 105.92 26.62 -31.50
CA VAL A 4626 104.98 27.67 -31.98
C VAL A 4626 104.49 28.54 -30.81
N TYR A 4627 104.11 29.78 -31.12
CA TYR A 4627 103.65 30.73 -30.07
C TYR A 4627 102.19 31.09 -30.33
N TYR A 4628 101.32 30.90 -29.34
CA TYR A 4628 99.89 31.23 -29.48
C TYR A 4628 99.66 32.59 -28.81
N PHE A 4629 98.89 33.47 -29.46
CA PHE A 4629 98.68 34.80 -28.92
C PHE A 4629 97.47 35.44 -29.57
N LEU A 4630 96.81 36.33 -28.83
CA LEU A 4630 95.69 37.08 -29.38
C LEU A 4630 96.18 38.07 -30.43
N GLU A 4631 95.40 38.22 -31.50
CA GLU A 4631 95.71 39.16 -32.57
C GLU A 4631 94.52 40.07 -32.76
N GLU A 4632 94.54 41.22 -32.09
CA GLU A 4632 93.43 42.17 -32.14
C GLU A 4632 93.98 43.58 -32.15
N SER A 4633 93.20 44.51 -32.70
CA SER A 4633 93.68 45.86 -32.93
C SER A 4633 93.62 46.72 -31.67
N THR A 4634 92.45 46.76 -31.01
CA THR A 4634 92.29 47.65 -29.87
C THR A 4634 93.34 47.40 -28.80
N GLY A 4635 93.75 46.15 -28.63
CA GLY A 4635 94.74 45.81 -27.63
C GLY A 4635 94.20 45.65 -26.23
N TYR A 4636 92.90 45.83 -26.02
CA TYR A 4636 92.28 45.64 -24.71
C TYR A 4636 91.77 44.23 -24.50
N MET A 4637 91.96 43.33 -25.47
CA MET A 4637 91.30 42.03 -25.40
C MET A 4637 91.95 41.11 -24.37
N GLU A 4638 93.28 41.11 -24.29
CA GLU A 4638 93.96 40.20 -23.36
C GLU A 4638 93.65 40.52 -21.91
N PRO A 4639 93.72 41.77 -21.44
CA PRO A 4639 93.29 42.04 -20.05
C PRO A 4639 91.85 41.65 -19.81
N ALA A 4640 90.97 41.87 -20.80
CA ALA A 4640 89.58 41.48 -20.66
C ALA A 4640 89.47 39.97 -20.49
N LEU A 4641 90.25 39.21 -21.26
CA LEU A 4641 90.24 37.76 -21.13
C LEU A 4641 90.69 37.34 -19.74
N ARG A 4642 91.76 37.96 -19.23
CA ARG A 4642 92.24 37.61 -17.89
C ARG A 4642 91.15 37.87 -16.85
N CYS A 4643 90.55 39.07 -16.89
CA CYS A 4643 89.52 39.41 -15.92
C CYS A 4643 88.32 38.49 -16.03
N LEU A 4644 87.91 38.18 -17.26
CA LEU A 4644 86.74 37.32 -17.46
C LEU A 4644 87.01 35.90 -16.95
N SER A 4645 88.23 35.39 -17.16
CA SER A 4645 88.58 34.08 -16.64
C SER A 4645 88.54 34.07 -15.11
N LEU A 4646 89.09 35.11 -14.49
CA LEU A 4646 89.04 35.18 -13.03
C LEU A 4646 87.60 35.22 -12.54
N LEU A 4647 86.77 36.04 -13.17
CA LEU A 4647 85.36 36.12 -12.79
C LEU A 4647 84.67 34.78 -12.99
N HIS A 4648 84.98 34.07 -14.08
CA HIS A 4648 84.36 32.78 -14.33
C HIS A 4648 84.71 31.78 -13.24
N THR A 4649 85.98 31.72 -12.84
CA THR A 4649 86.34 30.81 -11.75
C THR A 4649 85.65 31.20 -10.45
N LEU A 4650 85.60 32.50 -10.14
CA LEU A 4650 84.91 32.93 -8.93
C LEU A 4650 83.45 32.53 -8.96
N VAL A 4651 82.79 32.73 -10.10
CA VAL A 4651 81.37 32.43 -10.22
C VAL A 4651 81.13 30.93 -10.12
N ALA A 4652 82.03 30.12 -10.68
CA ALA A 4652 81.89 28.67 -10.53
C ALA A 4652 81.99 28.25 -9.08
N PHE A 4653 82.94 28.82 -8.34
CA PHE A 4653 83.04 28.52 -6.92
C PHE A 4653 81.78 28.94 -6.17
N LEU A 4654 81.26 30.12 -6.48
CA LEU A 4654 80.04 30.60 -5.83
C LEU A 4654 78.86 29.71 -6.19
N CYS A 4655 78.82 29.19 -7.42
CA CYS A 4655 77.76 28.27 -7.81
C CYS A 4655 77.84 26.99 -7.02
N ILE A 4656 79.04 26.46 -6.79
CA ILE A 4656 79.16 25.26 -5.96
C ILE A 4656 78.65 25.54 -4.55
N ILE A 4657 79.05 26.68 -3.98
CA ILE A 4657 78.59 27.00 -2.62
C ILE A 4657 77.07 27.14 -2.59
N GLY A 4658 76.50 27.84 -3.57
CA GLY A 4658 75.06 27.99 -3.62
C GLY A 4658 74.32 26.69 -3.75
N TYR A 4659 74.82 25.77 -4.60
CA TYR A 4659 74.22 24.45 -4.68
C TYR A 4659 74.28 23.75 -3.32
N ASN A 4660 75.45 23.76 -2.69
CA ASN A 4660 75.59 23.09 -1.40
C ASN A 4660 74.59 23.65 -0.38
N CYS A 4661 74.34 24.96 -0.44
CA CYS A 4661 73.46 25.58 0.54
C CYS A 4661 71.99 25.36 0.20
N LEU A 4662 71.66 25.23 -1.08
CA LEU A 4662 70.25 25.26 -1.51
C LEU A 4662 69.68 23.88 -1.81
N LYS A 4663 70.40 23.02 -2.52
CA LYS A 4663 69.83 21.78 -3.03
C LYS A 4663 70.36 20.52 -2.36
N VAL A 4664 71.55 20.55 -1.78
CA VAL A 4664 72.07 19.41 -1.04
C VAL A 4664 71.12 19.05 0.11
N PRO A 4665 70.56 20.03 0.82
CA PRO A 4665 69.63 19.69 1.92
C PRO A 4665 68.48 18.81 1.47
N LEU A 4666 67.91 19.04 0.30
CA LEU A 4666 66.82 18.18 -0.17
C LEU A 4666 67.32 16.76 -0.42
N VAL A 4667 68.53 16.63 -0.99
CA VAL A 4667 69.08 15.30 -1.22
C VAL A 4667 69.26 14.56 0.09
N ILE A 4668 69.81 15.22 1.10
CA ILE A 4668 70.01 14.58 2.39
C ILE A 4668 68.67 14.24 3.02
N PHE A 4669 67.68 15.13 2.89
CA PHE A 4669 66.36 14.85 3.43
C PHE A 4669 65.74 13.62 2.79
N LYS A 4670 65.81 13.52 1.47
CA LYS A 4670 65.26 12.37 0.78
C LYS A 4670 65.97 11.08 1.20
N ARG A 4671 67.30 11.13 1.29
CA ARG A 4671 68.04 9.95 1.71
C ARG A 4671 67.65 9.53 3.12
N GLU A 4672 67.56 10.49 4.04
CA GLU A 4672 67.23 10.18 5.42
C GLU A 4672 65.82 9.61 5.55
N LYS A 4673 64.85 10.19 4.84
CA LYS A 4673 63.49 9.67 4.92
C LYS A 4673 63.40 8.27 4.34
N GLU A 4674 64.07 8.03 3.20
CA GLU A 4674 64.07 6.69 2.64
C GLU A 4674 64.68 5.68 3.61
N LEU A 4675 65.81 6.04 4.23
CA LEU A 4675 66.43 5.13 5.19
C LEU A 4675 65.51 4.88 6.38
N ALA A 4676 64.86 5.92 6.89
CA ALA A 4676 63.99 5.75 8.04
C ALA A 4676 62.81 4.84 7.72
N ARG A 4677 62.17 5.05 6.56
CA ARG A 4677 61.04 4.21 6.17
C ARG A 4677 61.46 2.77 5.91
N LYS A 4678 62.62 2.55 5.28
CA LYS A 4678 63.07 1.18 5.08
C LYS A 4678 63.44 0.51 6.40
N LEU A 4679 64.00 1.28 7.33
CA LEU A 4679 64.30 0.73 8.65
C LEU A 4679 63.03 0.31 9.37
N GLU A 4680 62.02 1.18 9.40
CA GLU A 4680 60.84 0.92 10.20
C GLU A 4680 59.91 -0.10 9.56
N PHE A 4681 59.52 0.11 8.30
CA PHE A 4681 58.47 -0.70 7.68
C PHE A 4681 59.00 -1.88 6.88
N ASP A 4682 60.32 -2.06 6.78
CA ASP A 4682 60.91 -3.18 6.07
C ASP A 4682 61.98 -3.92 6.85
N GLY A 4683 62.55 -3.31 7.89
CA GLY A 4683 63.63 -3.95 8.62
C GLY A 4683 64.80 -4.26 7.70
N LEU A 4684 65.17 -3.30 6.86
CA LEU A 4684 66.23 -3.53 5.88
C LEU A 4684 67.55 -3.90 6.53
N TYR A 4685 67.78 -3.46 7.77
CA TYR A 4685 68.95 -3.85 8.54
C TYR A 4685 68.58 -4.73 9.72
N ILE A 4686 67.32 -5.12 9.86
CA ILE A 4686 66.84 -5.86 11.01
C ILE A 4686 66.30 -7.21 10.55
N THR A 4687 65.24 -7.18 9.74
CA THR A 4687 64.67 -8.43 9.23
C THR A 4687 65.52 -8.99 8.10
N GLU A 4688 66.03 -8.13 7.22
CA GLU A 4688 66.82 -8.53 6.07
C GLU A 4688 68.08 -7.68 6.02
N GLN A 4689 68.85 -7.83 4.96
CA GLN A 4689 70.09 -7.11 4.74
C GLN A 4689 70.15 -6.63 3.30
N PRO A 4690 70.95 -5.59 3.02
CA PRO A 4690 71.13 -5.16 1.64
C PRO A 4690 71.68 -6.28 0.77
N GLU A 4691 71.30 -6.28 -0.50
CA GLU A 4691 71.73 -7.33 -1.41
C GLU A 4691 73.25 -7.35 -1.58
N ASP A 4692 73.93 -6.27 -1.24
CA ASP A 4692 75.38 -6.13 -1.42
C ASP A 4692 75.72 -5.88 -2.87
N ASP A 4693 74.72 -5.94 -3.75
CA ASP A 4693 74.86 -5.42 -5.10
C ASP A 4693 74.50 -3.95 -5.20
N ASP A 4694 73.89 -3.40 -4.16
CA ASP A 4694 73.51 -1.99 -4.08
C ASP A 4694 74.41 -1.30 -3.08
N VAL A 4695 75.23 -0.36 -3.56
CA VAL A 4695 76.14 0.38 -2.69
C VAL A 4695 75.43 1.31 -1.74
N LYS A 4696 74.21 1.73 -2.05
CA LYS A 4696 73.52 2.73 -1.23
C LYS A 4696 73.24 2.18 0.17
N GLY A 4697 72.75 0.95 0.27
CA GLY A 4697 72.51 0.38 1.58
C GLY A 4697 73.79 0.19 2.38
N GLN A 4698 74.84 -0.30 1.71
CA GLN A 4698 76.11 -0.51 2.39
C GLN A 4698 76.65 0.79 2.94
N TRP A 4699 76.56 1.87 2.16
CA TRP A 4699 77.04 3.16 2.64
C TRP A 4699 76.11 3.76 3.70
N ASP A 4700 74.81 3.53 3.60
CA ASP A 4700 73.88 4.00 4.63
C ASP A 4700 74.07 3.26 5.94
N ARG A 4701 74.67 2.08 5.91
CA ARG A 4701 74.96 1.36 7.15
C ARG A 4701 75.76 2.22 8.13
N LEU A 4702 76.59 3.13 7.60
CA LEU A 4702 77.44 3.94 8.48
C LEU A 4702 76.63 4.82 9.41
N VAL A 4703 75.61 5.50 8.88
CA VAL A 4703 74.95 6.58 9.61
C VAL A 4703 73.98 6.10 10.67
N LEU A 4704 73.72 4.80 10.75
CA LEU A 4704 72.67 4.31 11.64
C LEU A 4704 72.90 4.73 13.08
N ASN A 4705 74.09 4.47 13.61
CA ASN A 4705 74.38 4.71 15.01
C ASN A 4705 74.81 6.14 15.31
N THR A 4706 74.92 7.00 14.31
CA THR A 4706 75.31 8.37 14.55
C THR A 4706 74.23 9.09 15.34
N PRO A 4707 74.59 9.96 16.30
CA PRO A 4707 73.55 10.64 17.09
C PRO A 4707 72.58 11.44 16.24
N SER A 4708 73.06 12.13 15.22
CA SER A 4708 72.21 12.97 14.37
C SER A 4708 71.75 12.24 13.11
N PHE A 4709 71.15 11.07 13.28
CA PHE A 4709 70.68 10.32 12.11
C PHE A 4709 69.58 11.07 11.35
N PRO A 4710 68.50 11.54 11.98
CA PRO A 4710 67.51 12.37 11.25
C PRO A 4710 67.83 13.86 11.34
N SER A 4711 68.97 14.25 10.77
CA SER A 4711 69.38 15.65 10.86
C SER A 4711 68.46 16.54 10.02
N ASN A 4712 68.11 16.11 8.82
CA ASN A 4712 67.23 16.86 7.93
C ASN A 4712 65.79 16.40 8.01
N TYR A 4713 65.54 15.09 7.93
CA TYR A 4713 64.19 14.58 8.07
C TYR A 4713 63.63 14.98 9.43
N TRP A 4714 62.46 15.61 9.42
CA TRP A 4714 61.95 16.24 10.64
C TRP A 4714 61.63 15.19 11.70
N ASP A 4715 61.12 14.03 11.30
CA ASP A 4715 60.73 13.02 12.27
C ASP A 4715 61.94 12.58 13.09
N LYS A 4716 61.94 12.94 14.37
CA LYS A 4716 63.03 12.61 15.28
C LYS A 4716 62.77 11.36 16.10
N PHE A 4717 61.61 10.71 15.92
CA PHE A 4717 61.26 9.52 16.67
C PHE A 4717 61.57 8.23 15.94
N VAL A 4718 62.36 8.29 14.86
CA VAL A 4718 62.59 7.10 14.03
C VAL A 4718 63.25 6.01 14.85
N LYS A 4719 64.24 6.37 15.66
CA LYS A 4719 64.99 5.36 16.40
C LYS A 4719 64.10 4.59 17.36
N ARG A 4720 63.31 5.30 18.18
CA ARG A 4720 62.45 4.57 19.11
C ARG A 4720 61.28 3.89 18.42
N LYS A 4721 60.81 4.42 17.29
CA LYS A 4721 59.80 3.71 16.52
C LYS A 4721 60.34 2.36 16.05
N VAL A 4722 61.55 2.35 15.49
CA VAL A 4722 62.15 1.10 15.06
C VAL A 4722 62.39 0.18 16.25
N LEU A 4723 62.85 0.74 17.37
CA LEU A 4723 63.07 -0.07 18.55
C LEU A 4723 61.79 -0.75 19.00
N ASP A 4724 60.69 0.00 19.10
CA ASP A 4724 59.43 -0.58 19.53
C ASP A 4724 58.95 -1.63 18.55
N LYS A 4725 59.08 -1.38 17.25
CA LYS A 4725 58.53 -2.31 16.27
C LYS A 4725 59.32 -3.61 16.22
N HIS A 4726 60.66 -3.53 16.17
CA HIS A 4726 61.50 -4.70 15.95
C HIS A 4726 62.34 -5.06 17.17
N GLY A 4727 61.89 -4.70 18.36
CA GLY A 4727 62.66 -4.97 19.56
C GLY A 4727 62.50 -6.38 20.10
N ASP A 4728 61.24 -6.79 20.30
CA ASP A 4728 60.99 -8.08 20.94
C ASP A 4728 61.54 -9.24 20.12
N ILE A 4729 61.35 -9.19 18.80
CA ILE A 4729 61.66 -10.35 17.97
C ILE A 4729 63.17 -10.58 17.92
N PHE A 4730 63.95 -9.52 17.70
CA PHE A 4730 65.39 -9.63 17.53
C PHE A 4730 66.19 -8.98 18.65
N GLY A 4731 65.57 -8.65 19.78
CA GLY A 4731 66.34 -8.21 20.92
C GLY A 4731 66.54 -6.71 21.03
N ARG A 4732 66.04 -6.14 22.12
CA ARG A 4732 66.19 -4.71 22.34
C ARG A 4732 67.64 -4.30 22.43
N GLU A 4733 68.49 -5.15 23.03
CA GLU A 4733 69.91 -4.84 23.11
C GLU A 4733 70.53 -4.75 21.72
N ARG A 4734 70.22 -5.71 20.84
CA ARG A 4734 70.75 -5.68 19.50
C ARG A 4734 70.27 -4.46 18.73
N ILE A 4735 68.98 -4.14 18.85
CA ILE A 4735 68.46 -2.97 18.16
C ILE A 4735 69.15 -1.70 18.67
N ALA A 4736 69.32 -1.59 19.99
CA ALA A 4736 69.95 -0.42 20.56
C ALA A 4736 71.40 -0.27 20.11
N GLU A 4737 72.17 -1.35 20.11
CA GLU A 4737 73.56 -1.25 19.69
C GLU A 4737 73.67 -0.97 18.19
N LEU A 4738 72.73 -1.49 17.39
CA LEU A 4738 72.74 -1.15 15.97
C LEU A 4738 72.43 0.32 15.75
N LEU A 4739 71.45 0.86 16.46
CA LEU A 4739 70.98 2.23 16.25
C LEU A 4739 71.74 3.26 17.09
N GLY A 4740 72.74 2.82 17.85
CA GLY A 4740 73.57 3.75 18.59
C GLY A 4740 72.80 4.52 19.65
N MET A 4741 71.97 3.81 20.41
CA MET A 4741 71.20 4.40 21.49
C MET A 4741 71.38 3.56 22.74
N ASP A 4742 71.24 4.20 23.91
CA ASP A 4742 71.44 3.55 25.19
C ASP A 4742 70.15 3.65 26.00
N LEU A 4743 69.51 2.51 26.24
CA LEU A 4743 68.28 2.50 27.02
C LEU A 4743 68.52 2.95 28.45
N ALA A 4744 69.66 2.56 29.03
CA ALA A 4744 70.01 3.03 30.37
C ALA A 4744 70.15 4.54 30.39
N SER A 4745 70.78 5.11 29.35
CA SER A 4745 70.90 6.56 29.27
C SER A 4745 69.53 7.21 29.16
N LEU A 4746 68.65 6.64 28.35
CA LEU A 4746 67.30 7.19 28.25
C LEU A 4746 66.59 7.19 29.59
N GLU A 4747 66.66 6.06 30.31
CA GLU A 4747 65.98 5.96 31.61
C GLU A 4747 66.58 6.93 32.62
N ILE A 4748 67.91 7.06 32.65
CA ILE A 4748 68.54 7.97 33.60
C ILE A 4748 68.19 9.41 33.27
N THR A 4749 68.13 9.74 31.97
CA THR A 4749 67.71 11.09 31.58
C THR A 4749 66.29 11.36 32.02
N ALA A 4750 65.40 10.38 31.88
CA ALA A 4750 64.04 10.54 32.38
C ALA A 4750 64.03 10.75 33.89
N HIS A 4751 64.87 9.99 34.61
CA HIS A 4751 64.88 10.09 36.07
C HIS A 4751 65.38 11.45 36.54
N ASN A 4752 66.51 11.91 36.02
CA ASN A 4752 67.11 13.16 36.48
C ASN A 4752 67.95 13.75 35.35
N GLU A 4753 68.33 15.01 35.50
CA GLU A 4753 68.93 15.79 34.43
C GLU A 4753 70.19 16.48 34.92
N ARG A 4754 71.19 16.57 34.03
CA ARG A 4754 72.43 17.29 34.29
C ARG A 4754 72.57 18.39 33.24
N LYS A 4755 73.25 19.48 33.60
CA LYS A 4755 73.41 20.63 32.73
C LYS A 4755 74.90 20.99 32.57
N PRO A 4756 75.68 20.14 31.90
CA PRO A 4756 77.01 20.59 31.46
C PRO A 4756 76.94 21.26 30.10
N ASP A 4757 77.29 22.54 30.02
CA ASP A 4757 77.26 23.29 28.77
C ASP A 4757 78.40 24.30 28.75
N PRO A 4758 79.59 23.91 28.29
CA PRO A 4758 80.72 24.83 28.27
C PRO A 4758 80.48 25.97 27.30
N PRO A 4759 81.06 27.14 27.54
CA PRO A 4759 80.86 28.28 26.62
C PRO A 4759 81.30 27.92 25.22
N PRO A 4760 80.58 28.36 24.19
CA PRO A 4760 80.98 28.03 22.81
C PRO A 4760 82.35 28.61 22.48
N GLY A 4761 83.24 27.74 22.02
CA GLY A 4761 84.56 28.14 21.57
C GLY A 4761 84.98 27.38 20.33
N LEU A 4762 86.17 26.81 20.36
CA LEU A 4762 86.65 25.94 19.29
C LEU A 4762 86.71 24.48 19.71
N LEU A 4763 87.22 24.20 20.92
CA LEU A 4763 87.26 22.82 21.39
C LEU A 4763 85.87 22.24 21.52
N THR A 4764 84.92 23.02 22.04
CA THR A 4764 83.55 22.53 22.15
C THR A 4764 82.96 22.24 20.77
N TRP A 4765 83.23 23.11 19.80
CA TRP A 4765 82.75 22.88 18.44
C TRP A 4765 83.31 21.59 17.86
N ILE A 4766 84.62 21.39 18.01
CA ILE A 4766 85.25 20.19 17.46
C ILE A 4766 84.69 18.95 18.14
N MET A 4767 84.52 19.00 19.46
CA MET A 4767 83.94 17.85 20.16
C MET A 4767 82.52 17.58 19.67
N SER A 4768 81.74 18.63 19.44
CA SER A 4768 80.36 18.46 18.99
C SER A 4768 80.31 17.81 17.61
N ILE A 4769 81.18 18.22 16.70
CA ILE A 4769 81.16 17.66 15.34
C ILE A 4769 81.19 16.14 15.41
N ASP A 4770 80.33 15.51 14.60
CA ASP A 4770 80.29 14.06 14.46
C ASP A 4770 80.99 13.70 13.16
N VAL A 4771 82.10 12.99 13.26
CA VAL A 4771 82.92 12.69 12.08
C VAL A 4771 82.20 11.70 11.17
N LYS A 4772 81.57 10.68 11.76
CA LYS A 4772 81.01 9.60 10.95
C LYS A 4772 79.81 10.09 10.13
N TYR A 4773 78.92 10.87 10.75
CA TYR A 4773 77.79 11.42 10.01
C TYR A 4773 78.26 12.34 8.90
N GLN A 4774 79.27 13.16 9.16
CA GLN A 4774 79.79 14.04 8.12
C GLN A 4774 80.40 13.24 6.98
N ILE A 4775 81.08 12.15 7.30
CA ILE A 4775 81.65 11.30 6.26
C ILE A 4775 80.54 10.73 5.38
N TRP A 4776 79.47 10.23 6.01
CA TRP A 4776 78.34 9.70 5.25
C TRP A 4776 77.71 10.78 4.37
N LYS A 4777 77.52 11.97 4.95
CA LYS A 4777 76.93 13.07 4.20
C LYS A 4777 77.78 13.44 3.00
N PHE A 4778 79.09 13.52 3.19
CA PHE A 4778 79.97 13.90 2.09
C PHE A 4778 80.02 12.81 1.03
N GLY A 4779 79.93 11.55 1.44
CA GLY A 4779 79.82 10.48 0.45
C GLY A 4779 78.58 10.63 -0.40
N VAL A 4780 77.43 10.90 0.23
CA VAL A 4780 76.20 11.10 -0.53
C VAL A 4780 76.34 12.29 -1.48
N ILE A 4781 76.89 13.40 -0.97
CA ILE A 4781 77.02 14.60 -1.79
C ILE A 4781 77.93 14.34 -2.99
N PHE A 4782 79.07 13.69 -2.76
CA PHE A 4782 80.01 13.42 -3.85
C PHE A 4782 79.48 12.36 -4.81
N THR A 4783 78.49 11.57 -4.39
CA THR A 4783 77.84 10.67 -5.34
C THR A 4783 76.71 11.38 -6.09
N ASP A 4784 76.24 12.50 -5.57
CA ASP A 4784 75.18 13.25 -6.25
C ASP A 4784 75.66 13.72 -7.63
N ASN A 4785 74.77 13.58 -8.63
CA ASN A 4785 75.15 13.87 -10.00
C ASN A 4785 75.37 15.35 -10.24
N SER A 4786 74.43 16.19 -9.79
CA SER A 4786 74.53 17.62 -10.06
C SER A 4786 75.75 18.23 -9.38
N PHE A 4787 76.04 17.81 -8.15
CA PHE A 4787 77.24 18.29 -7.47
C PHE A 4787 78.49 17.86 -8.23
N LEU A 4788 78.49 16.64 -8.77
CA LEU A 4788 79.62 16.20 -9.57
C LEU A 4788 79.79 17.06 -10.81
N TYR A 4789 78.68 17.40 -11.47
CA TYR A 4789 78.76 18.26 -12.64
C TYR A 4789 79.32 19.63 -12.29
N LEU A 4790 78.87 20.21 -11.18
CA LEU A 4790 79.37 21.52 -10.77
C LEU A 4790 80.85 21.44 -10.40
N GLY A 4791 81.27 20.36 -9.75
CA GLY A 4791 82.68 20.19 -9.45
C GLY A 4791 83.52 20.06 -10.70
N TRP A 4792 83.03 19.34 -11.71
CA TRP A 4792 83.73 19.27 -12.98
C TRP A 4792 83.79 20.65 -13.64
N TYR A 4793 82.70 21.41 -13.54
CA TYR A 4793 82.71 22.78 -14.07
C TYR A 4793 83.82 23.60 -13.44
N MET A 4794 83.92 23.56 -12.11
CA MET A 4794 85.01 24.26 -11.42
C MET A 4794 86.38 23.74 -11.82
N VAL A 4795 86.54 22.42 -11.95
CA VAL A 4795 87.84 21.87 -12.30
C VAL A 4795 88.27 22.37 -13.68
N MET A 4796 87.36 22.37 -14.64
CA MET A 4796 87.69 22.87 -15.97
C MET A 4796 87.93 24.37 -15.95
N SER A 4797 87.20 25.11 -15.11
CA SER A 4797 87.46 26.54 -14.99
C SER A 4797 88.86 26.79 -14.46
N LEU A 4798 89.30 26.01 -13.46
CA LEU A 4798 90.66 26.13 -12.96
C LEU A 4798 91.69 25.76 -14.03
N LEU A 4799 91.41 24.68 -14.78
CA LEU A 4799 92.32 24.29 -15.85
C LEU A 4799 92.39 25.36 -16.93
N GLY A 4800 91.34 26.16 -17.07
CA GLY A 4800 91.35 27.24 -18.04
C GLY A 4800 92.49 28.22 -17.82
N HIS A 4801 92.90 28.40 -16.56
CA HIS A 4801 94.04 29.27 -16.29
C HIS A 4801 95.34 28.61 -16.72
N TYR A 4802 95.43 27.28 -16.61
CA TYR A 4802 96.58 26.57 -17.14
C TYR A 4802 96.64 26.71 -18.66
N ASN A 4803 95.49 26.59 -19.32
CA ASN A 4803 95.38 26.78 -20.76
C ASN A 4803 94.00 27.36 -21.05
N ASN A 4804 93.97 28.54 -21.67
CA ASN A 4804 92.71 29.24 -21.87
C ASN A 4804 91.70 28.42 -22.67
N PHE A 4805 92.17 27.54 -23.56
CA PHE A 4805 91.24 26.82 -24.42
C PHE A 4805 90.43 25.79 -23.65
N PHE A 4806 90.81 25.44 -22.42
CA PHE A 4806 89.98 24.58 -21.60
C PHE A 4806 88.64 25.22 -21.29
N PHE A 4807 88.53 26.55 -21.40
CA PHE A 4807 87.26 27.22 -21.17
C PHE A 4807 86.23 26.84 -22.21
N ALA A 4808 86.67 26.29 -23.35
CA ALA A 4808 85.73 25.85 -24.37
C ALA A 4808 84.83 24.74 -23.86
N ALA A 4809 85.30 23.94 -22.91
CA ALA A 4809 84.51 22.86 -22.35
C ALA A 4809 83.25 23.35 -21.66
N HIS A 4810 83.19 24.62 -21.27
CA HIS A 4810 82.03 25.18 -20.60
C HIS A 4810 80.90 25.55 -21.54
N LEU A 4811 81.16 25.64 -22.84
CA LEU A 4811 80.08 25.86 -23.80
C LEU A 4811 79.13 24.68 -23.84
N LEU A 4812 79.57 23.50 -23.39
CA LEU A 4812 78.67 22.37 -23.26
C LEU A 4812 77.59 22.62 -22.23
N ASP A 4813 77.75 23.65 -21.40
CA ASP A 4813 76.75 23.95 -20.37
C ASP A 4813 75.42 24.38 -20.95
N ILE A 4814 75.36 24.70 -22.25
CA ILE A 4814 74.10 25.08 -22.86
C ILE A 4814 73.12 23.91 -22.82
N ALA A 4815 73.64 22.69 -22.91
CA ALA A 4815 72.78 21.51 -22.89
C ALA A 4815 71.99 21.43 -21.59
N MET A 4816 72.63 21.74 -20.46
CA MET A 4816 71.96 21.65 -19.18
C MET A 4816 71.24 22.96 -18.83
N GLY A 4817 71.69 24.07 -19.40
CA GLY A 4817 71.13 25.36 -19.06
C GLY A 4817 69.84 25.69 -19.80
N VAL A 4818 69.87 25.58 -21.13
CA VAL A 4818 68.70 25.95 -21.91
C VAL A 4818 67.69 24.81 -21.89
N LYS A 4819 66.46 25.14 -21.49
CA LYS A 4819 65.38 24.17 -21.41
C LYS A 4819 65.04 23.56 -22.78
N THR A 4820 65.04 24.38 -23.83
CA THR A 4820 64.76 23.86 -25.16
C THR A 4820 65.84 22.88 -25.60
N LEU A 4821 67.10 23.20 -25.32
CA LEU A 4821 68.17 22.27 -25.66
C LEU A 4821 68.05 20.98 -24.84
N ARG A 4822 67.70 21.08 -23.57
CA ARG A 4822 67.48 19.87 -22.78
C ARG A 4822 66.37 19.02 -23.39
N THR A 4823 65.26 19.65 -23.78
CA THR A 4823 64.16 18.90 -24.37
C THR A 4823 64.59 18.24 -25.68
N ILE A 4824 65.33 18.96 -26.52
CA ILE A 4824 65.76 18.41 -27.80
C ILE A 4824 66.71 17.24 -27.59
N LEU A 4825 67.67 17.39 -26.68
CA LEU A 4825 68.63 16.31 -26.43
C LEU A 4825 67.97 15.13 -25.73
N SER A 4826 66.82 15.37 -25.07
CA SER A 4826 66.06 14.26 -24.53
C SER A 4826 65.62 13.31 -25.64
N SER A 4827 65.44 13.83 -26.85
CA SER A 4827 65.12 12.97 -27.98
C SER A 4827 66.24 11.99 -28.27
N VAL A 4828 67.48 12.47 -28.25
CA VAL A 4828 68.63 11.61 -28.52
C VAL A 4828 68.84 10.64 -27.37
N THR A 4829 68.73 11.11 -26.13
CA THR A 4829 69.03 10.26 -24.98
C THR A 4829 67.89 9.30 -24.66
N HIS A 4830 66.71 9.54 -25.22
CA HIS A 4830 65.57 8.65 -24.95
C HIS A 4830 65.85 7.24 -25.44
N ASN A 4831 66.45 7.10 -26.63
CA ASN A 4831 66.80 5.82 -27.21
C ASN A 4831 68.32 5.65 -27.30
N GLY A 4832 69.04 6.12 -26.28
CA GLY A 4832 70.49 6.06 -26.34
C GLY A 4832 71.02 4.63 -26.37
N LYS A 4833 70.42 3.74 -25.59
CA LYS A 4833 70.86 2.35 -25.58
C LYS A 4833 70.67 1.72 -26.95
N GLN A 4834 69.50 1.96 -27.56
CA GLN A 4834 69.26 1.44 -28.91
C GLN A 4834 70.24 2.03 -29.91
N LEU A 4835 70.55 3.32 -29.78
CA LEU A 4835 71.50 3.95 -30.71
C LEU A 4835 72.88 3.32 -30.58
N VAL A 4836 73.34 3.10 -29.35
CA VAL A 4836 74.64 2.47 -29.15
C VAL A 4836 74.64 1.04 -29.69
N MET A 4837 73.57 0.29 -29.46
CA MET A 4837 73.49 -1.06 -30.00
C MET A 4837 73.49 -1.03 -31.53
N THR A 4838 72.87 -0.03 -32.12
CA THR A 4838 72.88 0.10 -33.58
C THR A 4838 74.29 0.38 -34.09
N VAL A 4839 75.03 1.23 -33.39
CA VAL A 4839 76.43 1.48 -33.78
C VAL A 4839 77.24 0.19 -33.68
N GLY A 4840 77.01 -0.59 -32.63
CA GLY A 4840 77.71 -1.86 -32.51
C GLY A 4840 77.36 -2.82 -33.63
N LEU A 4841 76.09 -2.89 -34.00
CA LEU A 4841 75.68 -3.74 -35.12
C LEU A 4841 76.33 -3.28 -36.42
N LEU A 4842 76.39 -1.96 -36.64
CA LEU A 4842 77.10 -1.45 -37.80
C LEU A 4842 78.56 -1.87 -37.81
N ALA A 4843 79.21 -1.80 -36.65
CA ALA A 4843 80.60 -2.23 -36.56
C ALA A 4843 80.75 -3.71 -36.90
N VAL A 4844 79.85 -4.56 -36.40
CA VAL A 4844 79.94 -5.99 -36.68
C VAL A 4844 79.73 -6.26 -38.16
N VAL A 4845 78.74 -5.60 -38.77
CA VAL A 4845 78.49 -5.81 -40.20
C VAL A 4845 79.68 -5.37 -41.03
N VAL A 4846 80.26 -4.22 -40.69
CA VAL A 4846 81.45 -3.76 -41.40
C VAL A 4846 82.62 -4.72 -41.18
N TYR A 4847 82.71 -5.34 -40.01
CA TYR A 4847 83.75 -6.35 -39.79
C TYR A 4847 83.55 -7.54 -40.70
N LEU A 4848 82.30 -7.98 -40.87
CA LEU A 4848 82.05 -9.10 -41.78
C LEU A 4848 82.43 -8.74 -43.22
N TYR A 4849 82.06 -7.54 -43.65
CA TYR A 4849 82.51 -7.06 -44.96
C TYR A 4849 84.02 -7.00 -45.07
N THR A 4850 84.71 -6.58 -44.00
CA THR A 4850 86.16 -6.56 -43.99
C THR A 4850 86.74 -7.96 -44.16
N VAL A 4851 86.15 -8.94 -43.48
CA VAL A 4851 86.62 -10.31 -43.61
C VAL A 4851 86.48 -10.78 -45.05
N VAL A 4852 85.33 -10.53 -45.67
CA VAL A 4852 85.13 -10.94 -47.05
C VAL A 4852 86.15 -10.26 -47.97
N ALA A 4853 86.33 -8.95 -47.82
CA ALA A 4853 87.27 -8.23 -48.67
C ALA A 4853 88.69 -8.73 -48.47
N PHE A 4854 89.09 -8.97 -47.22
CA PHE A 4854 90.43 -9.47 -46.95
C PHE A 4854 90.65 -10.83 -47.59
N ASN A 4855 89.63 -11.68 -47.57
CA ASN A 4855 89.79 -13.03 -48.11
C ASN A 4855 89.80 -13.03 -49.64
N PHE A 4856 88.98 -12.19 -50.28
CA PHE A 4856 88.78 -12.31 -51.71
C PHE A 4856 89.11 -11.07 -52.53
N PHE A 4857 89.01 -9.87 -51.98
CA PHE A 4857 89.10 -8.64 -52.76
C PHE A 4857 90.28 -7.76 -52.35
N ARG A 4858 91.44 -8.37 -52.10
CA ARG A 4858 92.59 -7.58 -51.68
C ARG A 4858 93.16 -6.75 -52.81
N LYS A 4859 93.11 -7.26 -54.05
CA LYS A 4859 93.80 -6.59 -55.15
C LYS A 4859 93.22 -5.21 -55.42
N PHE A 4860 91.97 -4.97 -55.05
CA PHE A 4860 91.29 -3.72 -55.37
C PHE A 4860 91.56 -2.61 -54.35
N TYR A 4861 92.31 -2.89 -53.29
CA TYR A 4861 92.47 -1.95 -52.19
C TYR A 4861 93.80 -1.21 -52.24
N ASN A 4862 94.40 -1.08 -53.42
CA ASN A 4862 95.62 -0.28 -53.57
C ASN A 4862 95.24 1.18 -53.74
N LYS A 4863 95.53 1.99 -52.73
CA LYS A 4863 95.17 3.40 -52.73
C LYS A 4863 96.29 4.32 -53.18
N SER A 4864 97.44 3.78 -53.58
CA SER A 4864 98.54 4.61 -54.04
C SER A 4864 98.42 4.92 -55.52
N GLU A 4865 98.78 6.15 -55.87
CA GLU A 4865 98.81 6.55 -57.27
C GLU A 4865 100.11 6.15 -57.96
N ASP A 4866 101.20 6.00 -57.21
CA ASP A 4866 102.47 5.62 -57.79
C ASP A 4866 102.56 4.11 -57.95
N GLU A 4867 103.00 3.66 -59.12
CA GLU A 4867 103.13 2.23 -59.36
C GLU A 4867 104.26 1.62 -58.52
N ASP A 4868 105.30 2.41 -58.25
CA ASP A 4868 106.46 1.88 -57.54
C ASP A 4868 106.11 1.52 -56.09
N GLU A 4869 105.26 2.32 -55.45
CA GLU A 4869 104.93 2.11 -54.05
C GLU A 4869 103.46 1.75 -53.91
N PRO A 4870 103.11 0.47 -53.79
CA PRO A 4870 101.70 0.12 -53.52
C PRO A 4870 101.30 0.37 -52.08
N ASP A 4871 100.26 1.17 -51.87
CA ASP A 4871 99.73 1.43 -50.53
C ASP A 4871 98.51 0.53 -50.28
N MET A 4872 98.78 -0.77 -50.20
CA MET A 4872 97.71 -1.72 -49.98
C MET A 4872 97.05 -1.47 -48.63
N LYS A 4873 95.72 -1.37 -48.64
CA LYS A 4873 94.95 -1.07 -47.44
C LYS A 4873 94.26 -2.29 -46.85
N CYS A 4874 94.41 -3.46 -47.46
CA CYS A 4874 93.76 -4.67 -46.95
C CYS A 4874 94.70 -5.87 -46.97
N ASP A 4875 95.99 -5.65 -46.75
CA ASP A 4875 96.93 -6.77 -46.66
C ASP A 4875 96.94 -7.37 -45.26
N ASP A 4876 96.44 -6.63 -44.27
CA ASP A 4876 96.28 -7.14 -42.91
C ASP A 4876 94.88 -6.79 -42.42
N MET A 4877 94.32 -7.68 -41.59
CA MET A 4877 92.92 -7.54 -41.21
C MET A 4877 92.65 -6.26 -40.42
N MET A 4878 93.55 -5.88 -39.50
CA MET A 4878 93.32 -4.67 -38.73
C MET A 4878 93.33 -3.43 -39.61
N THR A 4879 94.29 -3.32 -40.52
CA THR A 4879 94.30 -2.18 -41.44
C THR A 4879 93.07 -2.18 -42.34
N CYS A 4880 92.65 -3.36 -42.81
CA CYS A 4880 91.47 -3.42 -43.66
C CYS A 4880 90.22 -2.98 -42.89
N TYR A 4881 90.09 -3.42 -41.64
CA TYR A 4881 88.95 -3.04 -40.82
C TYR A 4881 88.94 -1.54 -40.55
N LEU A 4882 90.11 -0.98 -40.21
CA LEU A 4882 90.17 0.47 -40.01
C LEU A 4882 89.81 1.22 -41.28
N PHE A 4883 90.34 0.78 -42.43
CA PHE A 4883 89.97 1.41 -43.69
C PHE A 4883 88.46 1.36 -43.89
N HIS A 4884 87.85 0.19 -43.75
CA HIS A 4884 86.41 0.09 -43.97
C HIS A 4884 85.65 1.03 -43.04
N MET A 4885 85.88 0.92 -41.72
CA MET A 4885 85.13 1.73 -40.77
C MET A 4885 85.33 3.22 -41.01
N TYR A 4886 86.57 3.65 -41.25
CA TYR A 4886 86.87 5.07 -41.34
C TYR A 4886 86.41 5.67 -42.67
N VAL A 4887 86.42 4.88 -43.75
CA VAL A 4887 86.23 5.44 -45.08
C VAL A 4887 84.93 5.01 -45.74
N GLY A 4888 84.60 3.73 -45.76
CA GLY A 4888 83.42 3.28 -46.47
C GLY A 4888 82.14 3.76 -45.83
N VAL A 4889 82.12 3.82 -44.50
CA VAL A 4889 80.94 4.30 -43.80
C VAL A 4889 80.68 5.77 -44.12
N ARG A 4890 81.74 6.58 -44.13
CA ARG A 4890 81.61 8.00 -44.43
C ARG A 4890 81.41 8.27 -45.92
N ALA A 4891 81.75 7.32 -46.79
CA ALA A 4891 81.54 7.49 -48.21
C ALA A 4891 80.06 7.49 -48.54
N GLY A 4892 79.65 8.35 -49.48
CA GLY A 4892 78.25 8.46 -49.83
C GLY A 4892 77.66 7.20 -50.42
N GLY A 4893 78.39 6.54 -51.31
CA GLY A 4893 77.93 5.30 -51.93
C GLY A 4893 78.55 4.04 -51.39
N GLY A 4894 79.29 4.12 -50.28
CA GLY A 4894 79.88 2.95 -49.68
C GLY A 4894 81.34 2.75 -50.08
N ILE A 4895 81.82 1.55 -49.77
CA ILE A 4895 83.23 1.22 -50.01
C ILE A 4895 83.57 1.24 -51.50
N GLY A 4896 82.56 1.06 -52.36
CA GLY A 4896 82.80 1.03 -53.79
C GLY A 4896 83.30 2.36 -54.33
N ASP A 4897 82.82 3.46 -53.76
CA ASP A 4897 83.26 4.77 -54.20
C ASP A 4897 84.77 4.91 -54.04
N GLU A 4898 85.35 4.14 -53.12
CA GLU A 4898 86.73 4.40 -52.73
C GLU A 4898 87.68 3.33 -53.25
N ILE A 4899 87.24 2.07 -53.30
CA ILE A 4899 88.11 1.01 -53.78
C ILE A 4899 88.10 0.98 -55.30
N GLU A 4900 89.05 0.24 -55.89
CA GLU A 4900 89.30 0.26 -57.32
C GLU A 4900 88.07 -0.23 -58.09
N ASP A 4901 87.99 0.20 -59.35
CA ASP A 4901 86.87 -0.18 -60.22
C ASP A 4901 86.91 -1.67 -60.50
N PRO A 4902 85.75 -2.33 -60.61
CA PRO A 4902 85.73 -3.78 -60.84
C PRO A 4902 85.60 -4.20 -62.30
N ALA A 4903 85.39 -3.26 -63.21
CA ALA A 4903 85.07 -3.63 -64.59
C ALA A 4903 86.18 -4.48 -65.19
N GLY A 4904 85.77 -5.49 -65.97
CA GLY A 4904 86.73 -6.36 -66.64
C GLY A 4904 87.54 -7.23 -65.71
N ASP A 4905 86.91 -7.83 -64.71
CA ASP A 4905 87.57 -8.73 -63.77
C ASP A 4905 86.75 -10.00 -63.62
N GLU A 4906 87.45 -11.10 -63.32
CA GLU A 4906 86.77 -12.38 -63.15
C GLU A 4906 85.76 -12.33 -62.01
N TYR A 4907 85.97 -11.49 -61.02
CA TYR A 4907 85.11 -11.38 -59.84
C TYR A 4907 84.24 -10.13 -59.91
N GLU A 4908 83.96 -9.65 -61.12
CA GLU A 4908 83.24 -8.39 -61.25
C GLU A 4908 81.84 -8.46 -60.66
N LEU A 4909 81.10 -9.53 -60.96
CA LEU A 4909 79.73 -9.64 -60.43
C LEU A 4909 79.75 -9.82 -58.91
N TYR A 4910 80.66 -10.64 -58.41
CA TYR A 4910 80.77 -10.81 -56.96
C TYR A 4910 81.07 -9.48 -56.28
N ARG A 4911 81.97 -8.69 -56.87
CA ARG A 4911 82.39 -7.44 -56.23
C ARG A 4911 81.33 -6.35 -56.37
N VAL A 4912 80.57 -6.33 -57.48
CA VAL A 4912 79.45 -5.39 -57.55
C VAL A 4912 78.34 -5.76 -56.58
N VAL A 4913 78.08 -7.06 -56.37
CA VAL A 4913 77.16 -7.45 -55.31
C VAL A 4913 77.68 -7.00 -53.95
N PHE A 4914 78.98 -7.19 -53.72
CA PHE A 4914 79.61 -6.72 -52.49
C PHE A 4914 79.35 -5.23 -52.27
N ASP A 4915 79.65 -4.40 -53.27
CA ASP A 4915 79.50 -2.97 -53.13
C ASP A 4915 78.04 -2.57 -52.93
N ILE A 4916 77.13 -3.15 -53.73
CA ILE A 4916 75.73 -2.75 -53.66
C ILE A 4916 75.14 -3.15 -52.32
N THR A 4917 75.46 -4.35 -51.83
CA THR A 4917 74.96 -4.77 -50.53
C THR A 4917 75.55 -3.95 -49.40
N PHE A 4918 76.84 -3.60 -49.47
CA PHE A 4918 77.40 -2.67 -48.50
C PHE A 4918 76.61 -1.36 -48.48
N PHE A 4919 76.38 -0.77 -49.65
CA PHE A 4919 75.65 0.49 -49.72
C PHE A 4919 74.24 0.34 -49.16
N PHE A 4920 73.55 -0.76 -49.50
CA PHE A 4920 72.17 -0.91 -49.07
C PHE A 4920 72.05 -1.14 -47.57
N PHE A 4921 72.90 -2.00 -47.00
CA PHE A 4921 72.78 -2.34 -45.59
C PHE A 4921 73.38 -1.25 -44.69
N VAL A 4922 74.62 -0.83 -44.97
CA VAL A 4922 75.29 0.09 -44.07
C VAL A 4922 74.80 1.51 -44.29
N ILE A 4923 74.91 2.00 -45.53
CA ILE A 4923 74.64 3.41 -45.79
C ILE A 4923 73.15 3.72 -45.65
N VAL A 4924 72.29 2.82 -46.13
CA VAL A 4924 70.86 3.12 -46.22
C VAL A 4924 70.11 2.64 -45.00
N ILE A 4925 70.22 1.35 -44.67
CA ILE A 4925 69.36 0.76 -43.64
C ILE A 4925 69.77 1.24 -42.25
N LEU A 4926 71.02 0.98 -41.87
CA LEU A 4926 71.44 1.25 -40.49
C LEU A 4926 71.32 2.73 -40.16
N LEU A 4927 71.76 3.61 -41.07
CA LEU A 4927 71.56 5.03 -40.87
C LEU A 4927 70.07 5.35 -40.78
N ALA A 4928 69.27 4.70 -41.63
CA ALA A 4928 67.82 4.85 -41.53
C ALA A 4928 67.32 4.44 -40.15
N ILE A 4929 67.92 3.40 -39.58
CA ILE A 4929 67.55 2.98 -38.23
C ILE A 4929 67.85 4.07 -37.22
N ILE A 4930 69.00 4.73 -37.36
CA ILE A 4930 69.36 5.80 -36.42
C ILE A 4930 68.35 6.95 -36.52
N GLN A 4931 68.09 7.41 -37.75
CA GLN A 4931 67.12 8.49 -37.92
C GLN A 4931 65.75 8.09 -37.41
N GLY A 4932 65.34 6.84 -37.64
CA GLY A 4932 64.07 6.37 -37.14
C GLY A 4932 64.00 6.34 -35.64
N LEU A 4933 65.10 5.96 -34.98
CA LEU A 4933 65.12 5.99 -33.52
C LEU A 4933 64.94 7.41 -33.01
N ILE A 4934 65.62 8.38 -33.61
CA ILE A 4934 65.46 9.76 -33.15
C ILE A 4934 64.03 10.25 -33.37
N ILE A 4935 63.46 9.96 -34.55
CA ILE A 4935 62.11 10.41 -34.86
C ILE A 4935 61.12 9.76 -33.91
N ASP A 4936 61.28 8.47 -33.64
CA ASP A 4936 60.39 7.78 -32.72
C ASP A 4936 60.52 8.32 -31.31
N ALA A 4937 61.73 8.75 -30.92
CA ALA A 4937 61.88 9.40 -29.62
C ALA A 4937 61.05 10.67 -29.55
N PHE A 4938 61.14 11.51 -30.58
CA PHE A 4938 60.29 12.71 -30.63
C PHE A 4938 58.82 12.34 -30.49
N GLY A 4939 58.36 11.38 -31.29
CA GLY A 4939 56.96 11.00 -31.26
C GLY A 4939 56.52 10.44 -29.92
N GLU A 4940 57.37 9.63 -29.30
CA GLU A 4940 57.04 9.04 -28.01
C GLU A 4940 56.92 10.11 -26.93
N LEU A 4941 57.83 11.09 -26.93
CA LEU A 4941 57.72 12.17 -25.96
C LEU A 4941 56.44 12.96 -26.16
N ARG A 4942 56.10 13.28 -27.41
CA ARG A 4942 54.86 14.01 -27.66
C ARG A 4942 53.65 13.21 -27.20
N ASP A 4943 53.64 11.91 -27.49
CA ASP A 4943 52.51 11.07 -27.10
C ASP A 4943 52.38 11.00 -25.59
N GLN A 4944 53.51 10.90 -24.87
CA GLN A 4944 53.47 10.89 -23.41
C GLN A 4944 52.90 12.18 -22.85
N GLN A 4945 53.32 13.34 -23.38
CA GLN A 4945 52.76 14.59 -22.91
C GLN A 4945 51.25 14.66 -23.17
N GLU A 4946 50.83 14.23 -24.36
CA GLU A 4946 49.40 14.24 -24.67
C GLU A 4946 48.63 13.31 -23.74
N GLN A 4947 49.20 12.14 -23.42
CA GLN A 4947 48.54 11.23 -22.48
C GLN A 4947 48.39 11.87 -21.12
N VAL A 4948 49.43 12.55 -20.64
CA VAL A 4948 49.33 13.22 -19.34
C VAL A 4948 48.22 14.26 -19.37
N LYS A 4949 48.17 15.08 -20.41
CA LYS A 4949 47.13 16.10 -20.49
C LYS A 4949 45.73 15.48 -20.54
N GLU A 4950 45.55 14.42 -21.33
CA GLU A 4950 44.24 13.78 -21.42
C GLU A 4950 43.84 13.19 -20.07
N ASP A 4951 44.78 12.55 -19.38
CA ASP A 4951 44.47 11.96 -18.08
C ASP A 4951 44.05 13.04 -17.09
N MET A 4952 44.76 14.17 -17.09
CA MET A 4952 44.40 15.24 -16.16
C MET A 4952 43.06 15.88 -16.53
N GLU A 4953 42.71 15.86 -17.82
CA GLU A 4953 41.45 16.48 -18.23
C GLU A 4953 40.25 15.54 -18.10
N THR A 4954 40.48 14.23 -17.99
CA THR A 4954 39.37 13.29 -18.08
C THR A 4954 38.95 12.76 -16.71
N LYS A 4955 39.88 12.60 -15.78
CA LYS A 4955 39.57 12.00 -14.49
C LYS A 4955 40.29 12.76 -13.38
N CYS A 4956 39.73 12.67 -12.18
CA CYS A 4956 40.32 13.33 -11.01
C CYS A 4956 41.55 12.55 -10.56
N PHE A 4957 42.61 13.29 -10.20
CA PHE A 4957 43.85 12.65 -9.82
C PHE A 4957 43.71 11.91 -8.49
N ILE A 4958 42.88 12.41 -7.59
CA ILE A 4958 42.80 11.82 -6.26
C ILE A 4958 41.92 10.58 -6.25
N CYS A 4959 40.63 10.73 -6.57
CA CYS A 4959 39.68 9.63 -6.48
C CYS A 4959 39.53 8.83 -7.77
N GLY A 4960 39.97 9.37 -8.91
CA GLY A 4960 39.91 8.64 -10.16
C GLY A 4960 38.56 8.63 -10.84
N ILE A 4961 37.55 9.30 -10.27
CA ILE A 4961 36.24 9.33 -10.91
C ILE A 4961 36.31 10.18 -12.16
N GLY A 4962 35.55 9.77 -13.18
CA GLY A 4962 35.57 10.48 -14.44
C GLY A 4962 34.95 11.85 -14.37
N SER A 4963 35.33 12.70 -15.31
CA SER A 4963 34.81 14.06 -15.35
C SER A 4963 33.35 14.11 -15.74
N ASP A 4964 32.85 13.09 -16.45
CA ASP A 4964 31.45 13.09 -16.89
C ASP A 4964 30.49 13.01 -15.71
N TYR A 4965 30.84 12.26 -14.66
CA TYR A 4965 29.99 12.21 -13.49
C TYR A 4965 29.87 13.58 -12.83
N PHE A 4966 31.00 14.28 -12.68
CA PHE A 4966 30.97 15.58 -12.04
C PHE A 4966 30.28 16.62 -12.90
N ASP A 4967 30.46 16.55 -14.22
CA ASP A 4967 29.91 17.57 -15.12
C ASP A 4967 28.39 17.58 -15.17
N THR A 4968 27.72 16.72 -14.39
CA THR A 4968 26.27 16.80 -14.31
C THR A 4968 25.82 18.18 -13.84
N THR A 4969 26.50 18.73 -12.85
CA THR A 4969 26.27 20.11 -12.44
C THR A 4969 27.15 21.03 -13.28
N PRO A 4970 26.77 22.31 -13.41
CA PRO A 4970 27.56 23.23 -14.23
C PRO A 4970 29.00 23.35 -13.71
N HIS A 4971 29.95 23.07 -14.60
CA HIS A 4971 31.38 23.15 -14.27
C HIS A 4971 31.72 22.24 -13.09
N GLY A 4972 31.03 21.11 -12.99
CA GLY A 4972 31.21 20.24 -11.84
C GLY A 4972 32.62 19.72 -11.69
N PHE A 4973 33.22 19.29 -12.80
CA PHE A 4973 34.59 18.78 -12.74
C PHE A 4973 35.57 19.88 -12.34
N GLU A 4974 35.39 21.09 -12.88
CA GLU A 4974 36.27 22.19 -12.52
C GLU A 4974 36.16 22.49 -11.02
N THR A 4975 34.94 22.56 -10.49
CA THR A 4975 34.79 22.82 -9.07
C THR A 4975 35.37 21.67 -8.24
N HIS A 4976 35.18 20.43 -8.69
CA HIS A 4976 35.72 19.29 -7.95
C HIS A 4976 37.25 19.35 -7.89
N THR A 4977 37.90 19.64 -9.01
CA THR A 4977 39.36 19.66 -9.05
C THR A 4977 39.95 20.93 -8.45
N LEU A 4978 39.15 21.98 -8.29
CA LEU A 4978 39.69 23.21 -7.71
C LEU A 4978 39.45 23.29 -6.21
N GLU A 4979 38.33 22.75 -5.73
CA GLU A 4979 37.94 22.87 -4.33
C GLU A 4979 37.83 21.52 -3.62
N GLU A 4980 37.05 20.59 -4.15
CA GLU A 4980 36.74 19.37 -3.41
C GLU A 4980 37.96 18.48 -3.27
N HIS A 4981 38.64 18.19 -4.39
CA HIS A 4981 39.83 17.33 -4.40
C HIS A 4981 40.97 18.11 -5.06
N ASN A 4982 41.71 18.86 -4.23
CA ASN A 4982 42.79 19.69 -4.73
C ASN A 4982 44.12 19.19 -4.16
N LEU A 4983 45.07 18.93 -5.07
CA LEU A 4983 46.38 18.45 -4.65
C LEU A 4983 47.06 19.47 -3.75
N ALA A 4984 46.94 20.75 -4.08
CA ALA A 4984 47.50 21.80 -3.24
C ALA A 4984 46.88 21.76 -1.86
N ASN A 4985 45.57 21.55 -1.78
CA ASN A 4985 44.91 21.50 -0.48
C ASN A 4985 45.39 20.30 0.33
N TYR A 4986 45.56 19.15 -0.31
CA TYR A 4986 46.07 17.99 0.42
C TYR A 4986 47.49 18.23 0.93
N MET A 4987 48.35 18.82 0.09
CA MET A 4987 49.71 19.13 0.54
C MET A 4987 49.70 20.13 1.69
N PHE A 4988 48.87 21.16 1.60
CA PHE A 4988 48.74 22.12 2.69
C PHE A 4988 48.20 21.46 3.95
N PHE A 4989 47.27 20.52 3.83
CA PHE A 4989 46.78 19.82 5.01
C PHE A 4989 47.89 19.02 5.67
N LEU A 4990 48.69 18.32 4.87
CA LEU A 4990 49.81 17.59 5.45
C LEU A 4990 50.80 18.52 6.15
N MET A 4991 51.13 19.65 5.51
CA MET A 4991 52.06 20.60 6.13
C MET A 4991 51.49 21.16 7.43
N TYR A 4992 50.21 21.54 7.40
CA TYR A 4992 49.56 22.09 8.58
C TYR A 4992 49.48 21.06 9.71
N LEU A 4993 49.18 19.80 9.36
CA LEU A 4993 49.11 18.75 10.37
C LEU A 4993 50.48 18.50 10.99
N ILE A 4994 51.53 18.50 10.18
CA ILE A 4994 52.88 18.32 10.72
C ILE A 4994 53.23 19.49 11.64
N ASN A 4995 52.94 20.72 11.23
CA ASN A 4995 53.28 21.87 12.05
C ASN A 4995 52.51 21.87 13.36
N LYS A 4996 51.22 21.53 13.32
CA LYS A 4996 50.38 21.58 14.50
C LYS A 4996 50.86 20.58 15.55
N ASP A 4997 50.75 20.98 16.82
CA ASP A 4997 51.11 20.10 17.92
C ASP A 4997 50.13 18.94 18.01
N GLU A 4998 50.66 17.77 18.36
CA GLU A 4998 49.81 16.58 18.48
C GLU A 4998 48.73 16.78 19.54
N THR A 4999 49.08 17.43 20.66
CA THR A 4999 48.10 17.64 21.71
C THR A 4999 46.95 18.52 21.23
N GLU A 5000 47.20 19.37 20.24
CA GLU A 5000 46.17 20.27 19.72
C GLU A 5000 45.34 19.65 18.60
N HIS A 5001 45.71 18.46 18.13
CA HIS A 5001 44.99 17.84 17.03
C HIS A 5001 43.54 17.56 17.42
N THR A 5002 42.62 17.85 16.51
CA THR A 5002 41.23 17.47 16.67
C THR A 5002 41.08 15.97 16.44
N GLY A 5003 39.83 15.50 16.48
CA GLY A 5003 39.59 14.09 16.26
C GLY A 5003 39.94 13.63 14.86
N GLN A 5004 39.44 14.35 13.85
CA GLN A 5004 39.74 13.99 12.47
C GLN A 5004 41.21 14.14 12.17
N GLU A 5005 41.83 15.23 12.66
CA GLU A 5005 43.25 15.44 12.44
C GLU A 5005 44.07 14.35 13.12
N SER A 5006 43.68 13.91 14.32
CA SER A 5006 44.40 12.83 14.98
C SER A 5006 44.26 11.52 14.21
N TYR A 5007 43.06 11.25 13.69
CA TYR A 5007 42.86 10.06 12.86
C TYR A 5007 43.80 10.09 11.66
N VAL A 5008 43.81 11.20 10.92
CA VAL A 5008 44.65 11.29 9.74
C VAL A 5008 46.13 11.24 10.12
N TRP A 5009 46.48 11.82 11.26
CA TRP A 5009 47.88 11.81 11.69
C TRP A 5009 48.34 10.39 12.01
N LYS A 5010 47.50 9.62 12.70
CA LYS A 5010 47.85 8.23 12.99
C LYS A 5010 48.00 7.44 11.69
N MET A 5011 47.06 7.62 10.76
CA MET A 5011 47.17 6.90 9.50
C MET A 5011 48.43 7.29 8.74
N TYR A 5012 48.75 8.59 8.74
CA TYR A 5012 49.97 9.05 8.05
C TYR A 5012 51.22 8.47 8.69
N GLN A 5013 51.26 8.44 10.03
CA GLN A 5013 52.42 7.87 10.71
C GLN A 5013 52.56 6.39 10.43
N GLU A 5014 51.44 5.68 10.26
CA GLU A 5014 51.46 4.28 9.88
C GLU A 5014 51.64 4.09 8.38
N ARG A 5015 51.65 5.17 7.60
CA ARG A 5015 51.77 5.08 6.14
C ARG A 5015 50.59 4.32 5.54
N CYS A 5016 49.42 4.50 6.11
CA CYS A 5016 48.17 3.94 5.58
C CYS A 5016 47.42 5.06 4.85
N TRP A 5017 47.30 4.92 3.53
CA TRP A 5017 46.72 5.96 2.69
C TRP A 5017 45.23 5.73 2.45
N ASP A 5018 44.61 4.82 3.20
CA ASP A 5018 43.19 4.55 3.03
C ASP A 5018 42.32 5.78 3.29
N PHE A 5019 42.84 6.77 4.01
CA PHE A 5019 42.06 7.97 4.26
C PHE A 5019 41.89 8.80 2.99
N PHE A 5020 42.75 8.57 2.00
CA PHE A 5020 42.58 9.24 0.72
C PHE A 5020 41.34 8.68 0.02
N PRO A 5021 40.39 9.53 -0.38
CA PRO A 5021 39.20 9.00 -1.07
C PRO A 5021 39.60 8.36 -2.40
N ALA A 5022 39.08 7.16 -2.65
CA ALA A 5022 39.40 6.38 -3.84
C ALA A 5022 38.09 5.84 -4.40
N GLY A 5023 37.66 6.36 -5.55
CA GLY A 5023 36.41 5.95 -6.13
C GLY A 5023 35.19 6.49 -5.43
N ASP A 5024 35.36 7.43 -4.51
CA ASP A 5024 34.26 8.00 -3.75
C ASP A 5024 34.53 9.48 -3.50
N CYS A 5025 33.46 10.22 -3.22
CA CYS A 5025 33.55 11.65 -3.01
C CYS A 5025 32.35 12.08 -2.17
N PHE A 5026 32.37 13.35 -1.76
CA PHE A 5026 31.26 13.91 -0.99
C PHE A 5026 29.96 13.88 -1.80
N ARG A 5027 30.00 14.28 -3.06
CA ARG A 5027 28.81 14.28 -3.89
C ARG A 5027 28.22 12.88 -4.02
N LYS A 5028 29.05 11.89 -4.29
CA LYS A 5028 28.54 10.53 -4.46
C LYS A 5028 28.06 9.96 -3.12
N GLN A 5029 28.74 10.32 -2.03
CA GLN A 5029 28.32 9.85 -0.71
C GLN A 5029 26.95 10.38 -0.35
N TYR A 5030 26.69 11.66 -0.62
CA TYR A 5030 25.44 12.31 -0.25
C TYR A 5030 24.65 12.75 -1.48
N GLU A 5031 24.62 11.90 -2.50
CA GLU A 5031 23.99 12.29 -3.77
C GLU A 5031 22.52 12.63 -3.61
N ASP A 5032 21.74 11.74 -3.00
CA ASP A 5032 20.30 11.94 -2.95
C ASP A 5032 19.96 13.17 -2.11
N GLN A 5033 20.58 13.33 -0.94
CA GLN A 5033 20.31 14.50 -0.13
C GLN A 5033 20.78 15.78 -0.81
N LEU A 5034 21.98 15.74 -1.41
CA LEU A 5034 22.52 16.95 -2.03
C LEU A 5034 21.65 17.39 -3.20
N SER A 5035 21.18 16.45 -4.01
CA SER A 5035 20.34 16.77 -5.16
C SER A 5035 18.99 17.31 -4.71
CA GLY B 2 31.93 8.39 121.59
C GLY B 2 33.13 7.68 120.99
N VAL B 3 34.30 7.90 121.59
CA VAL B 3 35.55 7.31 121.14
C VAL B 3 36.17 6.54 122.30
N GLN B 4 36.63 5.33 122.04
CA GLN B 4 37.28 4.49 123.03
C GLN B 4 38.76 4.33 122.65
N VAL B 5 39.63 4.44 123.64
CA VAL B 5 41.08 4.38 123.43
C VAL B 5 41.63 3.19 124.20
N GLU B 6 42.38 2.34 123.51
CA GLU B 6 43.06 1.20 124.12
C GLU B 6 44.55 1.33 123.85
N THR B 7 45.37 1.22 124.89
CA THR B 7 46.81 1.42 124.76
C THR B 7 47.45 0.14 124.22
N ILE B 8 48.09 0.25 123.06
CA ILE B 8 48.84 -0.88 122.51
C ILE B 8 50.26 -0.89 123.06
N SER B 9 50.89 0.27 123.09
CA SER B 9 52.24 0.44 123.63
C SER B 9 52.26 1.65 124.54
N PRO B 10 53.11 1.63 125.57
CA PRO B 10 53.14 2.75 126.52
C PRO B 10 53.80 3.98 125.92
N GLY B 11 53.49 5.13 126.55
CA GLY B 11 54.13 6.38 126.21
C GLY B 11 54.80 6.98 127.43
N ASP B 12 55.29 8.20 127.27
CA ASP B 12 55.94 8.89 128.39
C ASP B 12 54.97 9.10 129.53
N GLY B 13 53.73 9.49 129.22
CA GLY B 13 52.73 9.73 130.23
C GLY B 13 52.72 11.12 130.81
N ARG B 14 53.71 11.96 130.47
CA ARG B 14 53.78 13.33 130.96
C ARG B 14 53.33 14.36 129.94
N THR B 15 53.58 14.13 128.66
CA THR B 15 53.27 15.09 127.61
C THR B 15 52.02 14.63 126.87
N PHE B 16 51.00 15.49 126.84
CA PHE B 16 49.79 15.25 126.08
C PHE B 16 49.51 16.45 125.18
N PRO B 17 48.91 16.25 124.01
CA PRO B 17 48.68 17.38 123.11
C PRO B 17 47.81 18.45 123.75
N LYS B 18 48.14 19.70 123.49
CA LYS B 18 47.36 20.85 123.91
C LYS B 18 46.74 21.53 122.70
N ARG B 19 45.69 22.31 122.94
CA ARG B 19 44.99 22.96 121.85
C ARG B 19 45.93 23.89 121.09
N GLY B 20 45.79 23.90 119.76
CA GLY B 20 46.64 24.71 118.92
C GLY B 20 48.02 24.17 118.68
N GLN B 21 48.29 22.93 119.11
CA GLN B 21 49.61 22.32 119.00
C GLN B 21 49.56 21.22 117.96
N THR B 22 50.50 21.22 117.03
CA THR B 22 50.48 20.30 115.92
C THR B 22 50.96 18.91 116.36
N CYS B 23 50.27 17.88 115.88
CA CYS B 23 50.58 16.49 116.19
C CYS B 23 51.00 15.78 114.92
N VAL B 24 52.07 15.00 115.02
CA VAL B 24 52.54 14.15 113.94
C VAL B 24 52.20 12.71 114.33
N VAL B 25 51.54 11.99 113.43
CA VAL B 25 51.05 10.65 113.77
C VAL B 25 51.24 9.71 112.58
N HIS B 26 51.26 8.42 112.88
CA HIS B 26 51.14 7.36 111.89
C HIS B 26 49.89 6.55 112.20
N TYR B 27 48.97 6.46 111.24
CA TYR B 27 47.70 5.82 111.47
C TYR B 27 47.43 4.76 110.42
N THR B 28 46.56 3.82 110.78
CA THR B 28 46.09 2.76 109.90
C THR B 28 44.60 2.57 110.15
N GLY B 29 43.78 2.89 109.14
CA GLY B 29 42.34 2.90 109.29
C GLY B 29 41.74 1.58 108.83
N MET B 30 40.92 1.00 109.69
CA MET B 30 40.19 -0.22 109.40
C MET B 30 38.71 -0.01 109.69
N LEU B 31 37.86 -0.56 108.84
CA LEU B 31 36.45 -0.64 109.16
C LEU B 31 36.23 -1.67 110.26
N GLU B 32 35.08 -1.58 110.93
CA GLU B 32 34.83 -2.46 112.06
C GLU B 32 34.85 -3.93 111.65
N ASP B 33 34.67 -4.23 110.36
CA ASP B 33 34.78 -5.60 109.87
C ASP B 33 36.23 -6.06 109.74
N GLY B 34 37.18 -5.14 109.81
CA GLY B 34 38.59 -5.50 109.68
C GLY B 34 39.13 -5.24 108.28
N LYS B 35 38.51 -4.31 107.56
CA LYS B 35 38.91 -3.96 106.21
C LYS B 35 39.67 -2.65 106.24
N LYS B 36 40.91 -2.66 105.72
CA LYS B 36 41.74 -1.46 105.70
C LYS B 36 41.28 -0.53 104.58
N PHE B 37 41.16 0.76 104.89
CA PHE B 37 40.80 1.75 103.90
C PHE B 37 41.82 2.88 103.79
N ASP B 38 42.67 3.07 104.79
CA ASP B 38 43.67 4.13 104.74
C ASP B 38 44.82 3.78 105.68
N SER B 39 45.99 4.31 105.36
CA SER B 39 47.17 4.16 106.20
C SER B 39 48.25 5.12 105.71
N SER B 40 48.81 5.91 106.62
CA SER B 40 49.87 6.84 106.25
C SER B 40 51.19 6.11 106.04
N ARG B 41 51.37 4.94 106.66
CA ARG B 41 52.64 4.25 106.56
C ARG B 41 52.91 3.80 105.13
N ASP B 42 51.86 3.49 104.38
CA ASP B 42 52.04 3.18 102.96
C ASP B 42 52.57 4.37 102.19
N ARG B 43 52.06 5.57 102.49
CA ARG B 43 52.56 6.77 101.85
C ARG B 43 53.91 7.19 102.39
N ASN B 44 54.34 6.61 103.51
CA ASN B 44 55.64 6.84 104.16
C ASN B 44 55.74 8.24 104.74
N LYS B 45 54.68 9.03 104.70
CA LYS B 45 54.70 10.40 105.19
C LYS B 45 53.80 10.55 106.42
N PRO B 46 54.35 10.92 107.57
CA PRO B 46 53.50 11.07 108.78
C PRO B 46 52.43 12.13 108.56
N PHE B 47 51.25 11.89 109.12
CA PHE B 47 50.15 12.84 109.01
C PHE B 47 50.28 13.89 110.11
N LYS B 48 50.25 15.16 109.70
CA LYS B 48 50.38 16.29 110.62
C LYS B 48 49.04 17.02 110.69
N PHE B 49 48.55 17.26 111.91
CA PHE B 49 47.31 18.00 112.08
C PHE B 49 47.34 18.79 113.38
N THR B 50 46.73 19.98 113.34
CA THR B 50 46.70 20.87 114.49
C THR B 50 45.36 20.77 115.20
N LEU B 51 45.42 20.69 116.53
CA LEU B 51 44.21 20.50 117.32
C LEU B 51 43.37 21.76 117.36
N GLY B 52 42.05 21.57 117.46
CA GLY B 52 41.13 22.67 117.66
C GLY B 52 40.73 23.41 116.41
N LYS B 53 41.27 23.00 115.25
CA LYS B 53 40.95 23.65 113.98
C LYS B 53 39.94 22.86 113.17
N GLN B 54 39.42 21.75 113.69
CA GLN B 54 38.38 20.96 113.04
C GLN B 54 38.84 20.37 111.72
N GLU B 55 40.14 20.11 111.56
CA GLU B 55 40.61 19.49 110.32
C GLU B 55 40.22 18.02 110.25
N VAL B 56 40.39 17.28 111.34
CA VAL B 56 40.04 15.87 111.40
C VAL B 56 38.76 15.74 112.21
N ILE B 57 38.17 14.53 112.15
CA ILE B 57 36.90 14.33 112.83
C ILE B 57 37.09 14.35 114.35
N ARG B 58 35.98 14.58 115.06
CA ARG B 58 36.05 14.73 116.51
C ARG B 58 36.58 13.48 117.18
N GLY B 59 36.43 12.31 116.55
CA GLY B 59 37.03 11.11 117.10
C GLY B 59 38.53 11.22 117.24
N TRP B 60 39.20 11.67 116.17
CA TRP B 60 40.62 12.01 116.29
C TRP B 60 40.84 13.13 117.29
N GLU B 61 40.05 14.20 117.21
CA GLU B 61 40.30 15.36 118.06
C GLU B 61 40.29 14.99 119.53
N GLU B 62 39.55 13.95 119.92
CA GLU B 62 39.53 13.53 121.31
C GLU B 62 40.55 12.42 121.58
N GLY B 63 40.65 11.43 120.69
CA GLY B 63 41.54 10.31 120.94
C GLY B 63 43.01 10.74 120.98
N VAL B 64 43.43 11.53 119.98
CA VAL B 64 44.82 11.98 119.96
C VAL B 64 45.09 12.88 121.15
N ALA B 65 44.10 13.68 121.55
CA ALA B 65 44.25 14.53 122.73
C ALA B 65 44.49 13.67 123.97
N GLN B 66 43.74 12.58 124.12
CA GLN B 66 43.97 11.68 125.24
C GLN B 66 45.36 11.05 125.17
N MET B 67 45.78 10.65 123.98
CA MET B 67 47.07 9.98 123.83
C MET B 67 48.22 10.87 124.25
N SER B 68 49.35 10.25 124.56
CA SER B 68 50.57 10.93 124.96
C SER B 68 51.65 10.74 123.92
N VAL B 69 52.71 11.54 124.02
CA VAL B 69 53.79 11.48 123.04
C VAL B 69 54.45 10.11 123.09
N GLY B 70 54.76 9.57 121.92
CA GLY B 70 55.36 8.27 121.83
C GLY B 70 54.46 7.14 122.31
N GLN B 71 53.16 7.26 122.06
CA GLN B 71 52.19 6.24 122.45
C GLN B 71 51.52 5.67 121.22
N ARG B 72 51.31 4.36 121.22
CA ARG B 72 50.53 3.68 120.19
C ARG B 72 49.23 3.21 120.82
N ALA B 73 48.11 3.46 120.15
CA ALA B 73 46.81 3.16 120.70
C ALA B 73 45.81 2.86 119.59
N LYS B 74 44.85 2.01 119.92
CA LYS B 74 43.73 1.70 119.04
C LYS B 74 42.56 2.59 119.44
N LEU B 75 42.05 3.34 118.47
CA LEU B 75 40.90 4.20 118.66
C LEU B 75 39.70 3.59 117.96
N ILE B 76 38.62 3.38 118.72
CA ILE B 76 37.35 2.92 118.18
C ILE B 76 36.43 4.15 118.20
N ILE B 77 36.08 4.62 117.01
CA ILE B 77 35.31 5.86 116.85
C ILE B 77 33.93 5.50 116.32
N SER B 78 32.90 5.93 117.03
CA SER B 78 31.53 5.62 116.68
C SER B 78 31.17 6.23 115.33
N SER B 79 30.04 5.78 114.78
CA SER B 79 29.61 6.28 113.48
C SER B 79 29.36 7.78 113.51
N ASP B 80 28.67 8.26 114.54
CA ASP B 80 28.30 9.68 114.59
C ASP B 80 29.51 10.58 114.89
N TYR B 81 30.46 10.09 115.70
CA TYR B 81 31.73 10.81 115.82
C TYR B 81 32.55 10.72 114.55
N ALA B 82 32.28 9.72 113.70
CA ALA B 82 32.91 9.60 112.39
C ALA B 82 32.07 10.31 111.35
N TYR B 83 32.36 10.06 110.07
CA TYR B 83 31.64 10.76 109.00
C TYR B 83 30.13 10.64 109.14
N GLY B 84 29.65 9.55 109.72
CA GLY B 84 28.24 9.44 110.08
C GLY B 84 27.35 8.90 108.98
N ALA B 85 26.16 9.48 108.85
CA ALA B 85 25.19 8.99 107.88
C ALA B 85 25.65 9.23 106.45
N THR B 86 26.21 10.41 106.16
CA THR B 86 26.69 10.68 104.81
C THR B 86 27.84 9.74 104.45
N GLY B 87 28.74 9.49 105.39
CA GLY B 87 29.91 8.69 105.12
C GLY B 87 30.86 9.42 104.18
N HIS B 88 31.85 8.67 103.70
CA HIS B 88 32.77 9.19 102.70
C HIS B 88 32.57 8.37 101.44
N PRO B 89 31.82 8.86 100.45
CA PRO B 89 31.38 7.98 99.36
C PRO B 89 32.55 7.33 98.64
N GLY B 90 32.39 6.03 98.35
CA GLY B 90 33.41 5.26 97.68
C GLY B 90 34.46 4.68 98.60
N ILE B 91 34.49 5.07 99.87
CA ILE B 91 35.51 4.59 100.80
C ILE B 91 34.84 3.96 102.01
N ILE B 92 34.07 4.74 102.73
CA ILE B 92 33.46 4.33 104.00
C ILE B 92 31.95 4.23 103.81
N PRO B 93 31.33 3.09 104.11
CA PRO B 93 29.88 2.99 103.99
C PRO B 93 29.18 3.86 105.02
N PRO B 94 27.89 4.16 104.82
CA PRO B 94 27.17 4.96 105.81
C PRO B 94 27.09 4.27 107.16
N HIS B 95 27.07 5.08 108.22
CA HIS B 95 26.87 4.59 109.59
C HIS B 95 27.89 3.51 109.94
N ALA B 96 29.17 3.80 109.69
CA ALA B 96 30.24 2.83 109.89
C ALA B 96 31.12 3.26 111.04
N THR B 97 31.28 2.37 112.02
CA THR B 97 32.26 2.56 113.08
C THR B 97 33.66 2.35 112.51
N LEU B 98 34.62 3.14 113.01
CA LEU B 98 35.99 3.10 112.51
C LEU B 98 36.94 2.63 113.59
N VAL B 99 37.94 1.85 113.19
CA VAL B 99 39.00 1.40 114.09
C VAL B 99 40.34 1.83 113.51
N PHE B 100 41.12 2.57 114.31
CA PHE B 100 42.37 3.16 113.86
C PHE B 100 43.49 2.71 114.78
N ASP B 101 44.68 2.51 114.21
CA ASP B 101 45.89 2.18 114.98
C ASP B 101 46.85 3.36 114.86
N VAL B 102 46.88 4.20 115.89
CA VAL B 102 47.52 5.52 115.83
C VAL B 102 48.75 5.52 116.72
N GLU B 103 49.87 5.96 116.17
CA GLU B 103 51.10 6.19 116.91
C GLU B 103 51.42 7.67 116.87
N LEU B 104 51.57 8.28 118.05
CA LEU B 104 51.84 9.72 118.15
C LEU B 104 53.36 9.91 118.19
N LEU B 105 53.93 10.29 117.04
CA LEU B 105 55.37 10.38 116.92
C LEU B 105 55.93 11.50 117.77
N LYS B 106 55.51 12.73 117.50
CA LYS B 106 56.04 13.90 118.19
C LYS B 106 55.06 15.06 118.05
N LEU B 107 55.28 16.09 118.84
CA LEU B 107 54.46 17.30 118.84
C LEU B 107 55.31 18.47 118.37
N GLU B 108 54.75 19.30 117.50
CA GLU B 108 55.45 20.47 117.00
C GLU B 108 54.48 21.61 116.71
N GLY C 2 38.22 82.66 71.83
CA GLY C 2 38.43 81.78 72.97
C GLY C 2 37.84 82.33 74.25
N SER C 3 37.84 81.50 75.30
CA SER C 3 37.28 81.90 76.58
C SER C 3 38.29 82.76 77.35
N GLU C 4 37.79 83.42 78.41
CA GLU C 4 38.66 84.27 79.20
C GLU C 4 39.74 83.44 79.91
N LEU C 5 39.46 82.16 80.14
CA LEU C 5 40.52 81.27 80.61
C LEU C 5 41.65 81.20 79.60
N GLU C 6 41.32 81.17 78.31
CA GLU C 6 42.36 81.20 77.31
C GLU C 6 43.21 82.46 77.43
N SER C 7 42.58 83.63 77.59
CA SER C 7 43.30 84.87 77.82
C SER C 7 44.20 84.78 79.05
N ALA C 8 43.73 84.13 80.11
CA ALA C 8 44.59 83.91 81.27
C ALA C 8 45.82 83.07 80.88
N MET C 9 45.62 82.05 80.04
CA MET C 9 46.74 81.26 79.57
C MET C 9 47.73 82.09 78.77
N GLU C 10 47.25 82.96 77.87
CA GLU C 10 48.18 83.84 77.18
C GLU C 10 48.86 84.80 78.15
N THR C 11 48.16 85.22 79.20
CA THR C 11 48.81 86.04 80.21
C THR C 11 50.01 85.31 80.82
N LEU C 12 49.80 84.06 81.25
CA LEU C 12 50.89 83.29 81.83
C LEU C 12 52.01 83.08 80.82
N ILE C 13 51.68 82.76 79.58
CA ILE C 13 52.72 82.46 78.61
C ILE C 13 53.51 83.73 78.27
N ASN C 14 52.83 84.87 78.14
CA ASN C 14 53.52 86.12 77.87
C ASN C 14 54.44 86.51 79.02
N VAL C 15 53.99 86.38 80.27
CA VAL C 15 54.88 86.72 81.38
C VAL C 15 56.08 85.78 81.39
N PHE C 16 55.84 84.47 81.20
CA PHE C 16 56.94 83.52 81.20
C PHE C 16 57.95 83.83 80.12
N HIS C 17 57.48 84.23 78.92
CA HIS C 17 58.42 84.51 77.84
C HIS C 17 59.13 85.83 78.04
N ALA C 18 58.40 86.86 78.49
CA ALA C 18 59.02 88.16 78.73
C ALA C 18 60.12 88.04 79.78
N HIS C 19 60.01 87.07 80.69
CA HIS C 19 61.09 86.90 81.65
C HIS C 19 62.07 85.79 81.24
N SER C 20 61.68 84.94 80.29
CA SER C 20 62.60 83.94 79.77
C SER C 20 63.63 84.58 78.85
N GLY C 21 63.25 85.65 78.16
CA GLY C 21 64.22 86.42 77.41
C GLY C 21 65.44 86.80 78.22
N LYS C 22 65.30 86.79 79.55
CA LYS C 22 66.44 87.07 80.43
C LYS C 22 67.58 86.09 80.18
N GLU C 23 67.37 84.81 80.49
CA GLU C 23 68.40 83.80 80.35
C GLU C 23 68.02 82.74 79.33
N GLY C 24 66.83 82.15 79.48
CA GLY C 24 66.48 81.02 78.65
C GLY C 24 66.19 81.42 77.22
N ASP C 25 66.32 80.46 76.30
CA ASP C 25 66.22 80.79 74.89
C ASP C 25 64.84 81.32 74.55
N LYS C 26 63.82 80.45 74.54
CA LYS C 26 62.46 80.92 74.38
C LYS C 26 61.53 80.35 75.45
N TYR C 27 61.37 79.02 75.48
CA TYR C 27 60.42 78.35 76.40
C TYR C 27 61.22 77.76 77.58
N LYS C 28 62.50 78.12 77.68
CA LYS C 28 63.38 77.66 78.78
C LYS C 28 63.67 78.91 79.61
N LEU C 29 64.05 78.77 80.88
CA LEU C 29 64.45 79.92 81.72
C LEU C 29 65.21 79.40 82.94
N SER C 30 66.42 79.92 83.19
CA SER C 30 67.23 79.54 84.33
C SER C 30 66.58 79.98 85.63
N LYS C 31 66.77 79.19 86.68
CA LYS C 31 66.16 79.52 87.96
C LYS C 31 66.74 80.80 88.53
N LYS C 32 68.06 80.99 88.36
CA LYS C 32 68.69 82.20 88.90
C LYS C 32 67.88 83.44 88.61
N GLU C 33 67.17 83.44 87.48
CA GLU C 33 66.27 84.54 87.13
C GLU C 33 64.81 84.23 87.40
N LEU C 34 64.34 83.02 87.12
CA LEU C 34 62.93 82.70 87.34
C LEU C 34 62.53 82.87 88.79
N LYS C 35 63.46 82.70 89.72
CA LYS C 35 63.20 83.01 91.12
C LYS C 35 62.81 84.47 91.29
N ASP C 36 63.60 85.38 90.69
CA ASP C 36 63.26 86.79 90.78
C ASP C 36 61.87 87.04 90.20
N LEU C 37 61.58 86.42 89.05
CA LEU C 37 60.23 86.52 88.50
C LEU C 37 59.19 86.11 89.54
N LEU C 38 59.38 84.96 90.18
CA LEU C 38 58.29 84.41 90.99
C LEU C 38 58.07 85.27 92.24
N GLN C 39 59.13 85.64 92.96
CA GLN C 39 58.88 86.53 94.09
C GLN C 39 58.33 87.89 93.64
N THR C 40 58.90 88.51 92.61
CA THR C 40 58.43 89.84 92.22
C THR C 40 56.97 89.81 91.82
N GLU C 41 56.55 88.78 91.07
CA GLU C 41 55.20 88.75 90.54
C GLU C 41 54.20 88.25 91.59
N LEU C 42 54.61 87.34 92.46
CA LEU C 42 53.76 86.86 93.55
C LEU C 42 53.90 87.75 94.78
N SER C 43 54.55 88.91 94.65
CA SER C 43 54.79 89.78 95.79
C SER C 43 53.51 90.02 96.58
N GLY C 44 52.40 90.26 95.89
CA GLY C 44 51.13 90.38 96.58
C GLY C 44 50.77 89.12 97.35
N PHE C 45 50.79 87.97 96.65
CA PHE C 45 50.44 86.72 97.30
C PHE C 45 51.41 86.38 98.43
N LEU C 46 52.71 86.39 98.15
CA LEU C 46 53.67 86.00 99.17
C LEU C 46 53.61 86.96 100.37
N ASP C 47 53.28 88.23 100.13
CA ASP C 47 53.15 89.18 101.23
C ASP C 47 51.87 88.97 102.02
N VAL C 48 50.81 88.48 101.37
CA VAL C 48 49.55 88.21 102.08
C VAL C 48 49.47 86.72 102.38
N GLN C 49 50.62 86.06 102.39
CA GLN C 49 50.65 84.60 102.57
C GLN C 49 49.88 84.20 103.81
N LYS C 50 49.06 83.16 103.68
CA LYS C 50 48.23 82.69 104.77
C LYS C 50 48.62 81.31 105.29
N ASP C 51 49.35 80.52 104.51
CA ASP C 51 49.83 79.21 104.93
C ASP C 51 51.35 79.31 105.14
N ALA C 52 51.77 79.39 106.40
CA ALA C 52 53.19 79.38 106.71
C ALA C 52 53.88 78.17 106.11
N ASP C 53 53.16 77.03 106.06
CA ASP C 53 53.72 75.85 105.43
C ASP C 53 54.02 76.10 103.96
N ALA C 54 53.06 76.68 103.22
CA ALA C 54 53.29 76.93 101.81
C ALA C 54 54.44 77.91 101.60
N VAL C 55 54.48 78.99 102.39
CA VAL C 55 55.54 79.97 102.18
C VAL C 55 56.90 79.36 102.50
N ASP C 56 57.01 78.55 103.56
CA ASP C 56 58.30 77.95 103.85
C ASP C 56 58.70 76.91 102.80
N LYS C 57 57.73 76.17 102.27
CA LYS C 57 58.04 75.25 101.18
C LYS C 57 58.60 75.98 99.97
N VAL C 58 58.02 77.13 99.61
CA VAL C 58 58.57 77.86 98.47
C VAL C 58 59.94 78.47 98.81
N MET C 59 60.11 78.97 100.03
CA MET C 59 61.39 79.52 100.43
C MET C 59 62.49 78.46 100.45
N LYS C 60 62.12 77.20 100.62
CA LYS C 60 63.11 76.13 100.50
C LYS C 60 63.24 75.64 99.06
N GLU C 61 62.16 75.75 98.27
CA GLU C 61 62.21 75.38 96.86
C GLU C 61 63.19 76.26 96.09
N LEU C 62 63.19 77.56 96.38
CA LEU C 62 64.08 78.47 95.67
C LEU C 62 65.52 78.00 95.73
N ASP C 63 65.92 77.40 96.86
CA ASP C 63 67.26 76.85 97.01
C ASP C 63 67.36 75.41 96.52
N GLU C 64 66.27 74.65 96.64
CA GLU C 64 66.29 73.26 96.21
C GLU C 64 66.53 73.12 94.72
N ASN C 65 66.01 74.06 93.92
CA ASN C 65 66.11 73.98 92.48
C ASN C 65 67.28 74.78 91.91
N GLY C 66 68.42 74.77 92.59
CA GLY C 66 69.62 75.45 92.11
C GLY C 66 70.26 74.73 90.95
N ASP C 67 69.62 74.75 89.79
CA ASP C 67 70.13 74.08 88.60
C ASP C 67 70.22 75.00 87.38
N GLY C 68 69.70 76.23 87.48
CA GLY C 68 69.70 77.12 86.35
C GLY C 68 68.88 76.64 85.18
N GLU C 69 67.90 75.77 85.44
CA GLU C 69 66.99 75.30 84.39
C GLU C 69 65.75 74.72 85.06
N VAL C 70 64.59 75.23 84.65
CA VAL C 70 63.32 74.88 85.26
C VAL C 70 62.22 75.06 84.22
N ASP C 71 61.40 74.02 84.03
CA ASP C 71 60.45 74.04 82.93
C ASP C 71 59.14 74.72 83.33
N PHE C 72 58.36 75.06 82.31
CA PHE C 72 57.16 75.85 82.52
C PHE C 72 56.13 75.10 83.36
N LYS C 73 56.09 73.76 83.24
CA LYS C 73 55.17 72.99 84.06
C LYS C 73 55.47 73.16 85.53
N GLU C 74 56.75 73.03 85.92
CA GLU C 74 57.11 73.25 87.31
C GLU C 74 56.95 74.71 87.74
N TYR C 75 57.16 75.67 86.84
CA TYR C 75 56.86 77.05 87.21
C TYR C 75 55.38 77.23 87.55
N VAL C 76 54.49 76.77 86.67
CA VAL C 76 53.07 76.91 86.95
C VAL C 76 52.70 76.16 88.22
N VAL C 77 53.30 74.99 88.44
CA VAL C 77 53.02 74.20 89.63
C VAL C 77 53.45 74.96 90.88
N LEU C 78 54.63 75.57 90.85
CA LEU C 78 55.16 76.20 92.05
C LEU C 78 54.44 77.51 92.36
N VAL C 79 53.98 78.23 91.33
CA VAL C 79 53.17 79.41 91.60
C VAL C 79 51.79 79.00 92.12
N ALA C 80 51.20 77.95 91.53
CA ALA C 80 49.95 77.43 92.05
C ALA C 80 50.10 76.92 93.48
N ALA C 81 51.30 76.52 93.89
CA ALA C 81 51.49 76.10 95.28
C ALA C 81 51.13 77.22 96.24
N LEU C 82 51.64 78.44 96.01
CA LEU C 82 51.25 79.57 96.83
C LEU C 82 49.80 79.94 96.60
N THR C 83 49.37 79.97 95.34
CA THR C 83 48.02 80.44 95.02
C THR C 83 46.95 79.60 95.69
N VAL C 84 47.05 78.27 95.56
CA VAL C 84 46.05 77.37 96.12
C VAL C 84 46.08 77.39 97.65
N ALA C 85 47.25 77.57 98.26
CA ALA C 85 47.31 77.67 99.71
C ALA C 85 46.56 78.90 100.19
N CYS C 86 46.86 80.07 99.62
CA CYS C 86 46.15 81.28 100.01
C CYS C 86 44.66 81.16 99.69
N ASN C 87 44.34 80.43 98.62
CA ASN C 87 42.95 80.15 98.26
C ASN C 87 42.23 79.35 99.35
N ASN C 88 42.81 78.22 99.74
CA ASN C 88 42.15 77.33 100.68
C ASN C 88 42.02 77.99 102.04
N PHE C 89 42.96 78.87 102.38
CA PHE C 89 42.78 79.63 103.62
C PHE C 89 41.56 80.54 103.53
N PHE C 90 41.45 81.32 102.45
CA PHE C 90 40.34 82.26 102.33
C PHE C 90 39.00 81.54 102.37
N TRP C 91 38.80 80.55 101.49
CA TRP C 91 37.48 79.95 101.37
C TRP C 91 37.35 78.67 102.19
N GLU C 92 36.10 78.19 102.27
CA GLU C 92 35.74 77.18 103.26
C GLU C 92 36.48 75.87 103.05
N THR C 93 36.69 75.47 101.80
CA THR C 93 37.29 74.18 101.47
C THR C 93 36.34 73.02 101.77
N SER C 94 35.06 73.20 101.46
CA SER C 94 34.06 72.15 101.58
C SER C 94 34.08 71.51 102.97
N MET D 1 42.17 92.29 88.53
CA MET D 1 42.64 93.52 89.22
C MET D 1 44.03 93.31 89.79
N GLY D 2 44.62 94.39 90.32
CA GLY D 2 45.97 94.30 90.85
C GLY D 2 46.98 93.99 89.75
N SER D 3 48.03 93.28 90.12
CA SER D 3 49.02 92.86 89.15
C SER D 3 48.39 91.91 88.13
N GLU D 4 48.85 92.02 86.89
CA GLU D 4 48.24 91.29 85.78
C GLU D 4 48.42 89.78 85.93
N LEU D 5 49.61 89.34 86.32
CA LEU D 5 49.87 87.91 86.50
C LEU D 5 49.02 87.35 87.64
N GLU D 6 48.94 88.10 88.74
CA GLU D 6 48.03 87.71 89.82
C GLU D 6 46.61 87.57 89.32
N SER D 7 46.10 88.60 88.64
CA SER D 7 44.76 88.54 88.08
C SER D 7 44.57 87.29 87.24
N ALA D 8 45.60 86.90 86.49
CA ALA D 8 45.51 85.67 85.71
C ALA D 8 45.31 84.46 86.62
N MET D 9 46.04 84.40 87.74
CA MET D 9 45.78 83.29 88.67
C MET D 9 44.36 83.33 89.22
N GLU D 10 43.83 84.49 89.59
CA GLU D 10 42.45 84.46 90.07
C GLU D 10 41.45 84.10 88.96
N THR D 11 41.78 84.40 87.70
CA THR D 11 40.94 83.91 86.61
C THR D 11 40.94 82.39 86.57
N LEU D 12 42.12 81.78 86.69
CA LEU D 12 42.19 80.32 86.88
C LEU D 12 41.30 79.88 88.04
N ILE D 13 41.40 80.58 89.17
CA ILE D 13 40.67 80.21 90.38
C ILE D 13 39.17 80.15 90.08
N ASN D 14 38.66 81.23 89.47
CA ASN D 14 37.23 81.34 89.24
C ASN D 14 36.76 80.32 88.21
N VAL D 15 37.55 80.09 87.16
CA VAL D 15 37.11 79.13 86.14
C VAL D 15 37.04 77.73 86.73
N PHE D 16 37.99 77.37 87.59
CA PHE D 16 37.94 76.03 88.19
C PHE D 16 36.78 75.92 89.17
N HIS D 17 36.54 76.98 89.95
CA HIS D 17 35.47 76.92 90.94
C HIS D 17 34.10 76.99 90.29
N ALA D 18 34.00 77.45 89.04
CA ALA D 18 32.74 77.36 88.32
C ALA D 18 32.24 75.91 88.31
N HIS D 19 33.11 74.96 87.95
CA HIS D 19 32.73 73.55 87.94
C HIS D 19 32.78 72.90 89.31
N SER D 20 33.69 73.35 90.18
CA SER D 20 33.64 72.91 91.57
C SER D 20 32.28 73.17 92.20
N GLY D 21 31.70 74.35 91.96
CA GLY D 21 30.39 74.63 92.52
C GLY D 21 29.32 73.67 92.02
N LYS D 22 29.35 73.33 90.72
CA LYS D 22 28.29 72.49 90.18
C LYS D 22 28.38 71.07 90.73
N GLU D 23 29.58 70.47 90.77
CA GLU D 23 29.61 69.07 91.19
C GLU D 23 29.84 68.93 92.69
N GLY D 24 30.89 69.57 93.22
CA GLY D 24 31.20 69.53 94.63
C GLY D 24 30.66 70.74 95.36
N ASP D 25 31.21 70.98 96.54
CA ASP D 25 30.73 72.11 97.34
C ASP D 25 31.31 73.43 96.86
N LYS D 26 32.63 73.63 97.04
CA LYS D 26 33.29 74.80 96.49
C LYS D 26 34.62 74.46 95.82
N TYR D 27 35.36 73.52 96.39
CA TYR D 27 36.70 73.16 95.91
C TYR D 27 36.76 71.80 95.24
N LYS D 28 35.99 70.83 95.71
CA LYS D 28 36.09 69.48 95.19
C LYS D 28 35.64 69.46 93.73
N LEU D 29 36.40 68.74 92.89
CA LEU D 29 36.08 68.59 91.48
C LEU D 29 36.21 67.12 91.09
N SER D 30 35.46 66.74 90.06
CA SER D 30 35.52 65.40 89.49
C SER D 30 35.93 65.48 88.03
N LYS D 31 36.71 64.48 87.59
CA LYS D 31 37.11 64.44 86.19
C LYS D 31 35.89 64.36 85.27
N LYS D 32 34.80 63.78 85.75
CA LYS D 32 33.56 63.72 84.97
C LYS D 32 33.26 65.07 84.34
N GLU D 33 33.51 66.16 85.07
CA GLU D 33 33.27 67.51 84.56
C GLU D 33 34.56 68.22 84.16
N LEU D 34 35.70 67.80 84.72
CA LEU D 34 36.97 68.39 84.28
C LEU D 34 37.20 68.14 82.80
N LYS D 35 36.75 66.99 82.29
CA LYS D 35 36.91 66.73 80.86
C LYS D 35 36.20 67.79 80.04
N ASP D 36 34.93 68.06 80.38
CA ASP D 36 34.17 69.08 79.66
C ASP D 36 34.79 70.44 79.81
N LEU D 37 35.20 70.80 81.03
CA LEU D 37 35.84 72.09 81.26
C LEU D 37 37.04 72.26 80.34
N LEU D 38 37.97 71.31 80.34
CA LEU D 38 39.15 71.47 79.51
C LEU D 38 38.76 71.51 78.03
N GLN D 39 37.99 70.53 77.56
CA GLN D 39 37.76 70.42 76.13
C GLN D 39 36.95 71.59 75.60
N THR D 40 36.20 72.28 76.48
CA THR D 40 35.39 73.40 76.04
C THR D 40 36.18 74.71 76.10
N GLU D 41 36.67 75.07 77.28
CA GLU D 41 37.33 76.37 77.41
C GLU D 41 38.67 76.42 76.70
N LEU D 42 39.40 75.30 76.60
CA LEU D 42 40.64 75.29 75.84
C LEU D 42 40.41 74.89 74.38
N SER D 43 39.19 75.07 73.87
CA SER D 43 38.91 74.76 72.47
C SER D 43 39.70 75.69 71.55
N GLY D 44 39.88 76.95 71.95
CA GLY D 44 40.61 77.88 71.11
C GLY D 44 42.04 77.43 70.85
N PHE D 45 42.71 76.90 71.88
CA PHE D 45 44.09 76.49 71.71
C PHE D 45 44.21 75.30 70.77
N LEU D 46 43.43 74.25 71.01
CA LEU D 46 43.59 73.02 70.23
C LEU D 46 43.36 73.25 68.74
N ASP D 47 42.61 74.31 68.38
CA ASP D 47 42.43 74.63 66.98
C ASP D 47 43.77 74.96 66.31
N VAL D 48 44.62 75.74 66.99
CA VAL D 48 45.92 76.13 66.46
C VAL D 48 47.03 75.23 66.97
N GLN D 49 46.71 74.27 67.83
CA GLN D 49 47.70 73.36 68.40
C GLN D 49 48.07 72.28 67.40
N LYS D 50 49.37 72.12 67.15
CA LYS D 50 49.86 71.12 66.21
C LYS D 50 50.73 70.06 66.88
N ASP D 51 50.88 70.09 68.20
CA ASP D 51 51.66 69.07 68.91
C ASP D 51 50.77 67.85 69.11
N ALA D 52 50.70 67.03 68.05
CA ALA D 52 49.88 65.83 68.09
C ALA D 52 50.26 64.96 69.28
N ASP D 53 51.55 64.87 69.60
CA ASP D 53 51.97 64.05 70.73
C ASP D 53 51.34 64.53 72.03
N ALA D 54 51.38 65.84 72.29
CA ALA D 54 50.84 66.36 73.53
C ALA D 54 49.33 66.25 73.59
N VAL D 55 48.64 66.55 72.48
CA VAL D 55 47.18 66.42 72.49
C VAL D 55 46.79 64.96 72.67
N ASP D 56 47.57 64.04 72.10
CA ASP D 56 47.32 62.62 72.32
C ASP D 56 47.55 62.25 73.78
N LYS D 57 48.58 62.84 74.40
CA LYS D 57 48.77 62.61 75.84
C LYS D 57 47.57 63.10 76.63
N VAL D 58 46.95 64.20 76.20
CA VAL D 58 45.76 64.69 76.89
C VAL D 58 44.58 63.74 76.68
N MET D 59 44.45 63.23 75.44
CA MET D 59 43.38 62.27 75.15
C MET D 59 43.60 60.97 75.92
N LYS D 60 44.85 60.67 76.27
CA LYS D 60 45.13 59.54 77.15
C LYS D 60 44.83 59.89 78.61
N GLU D 61 45.08 61.15 78.99
CA GLU D 61 44.77 61.59 80.34
C GLU D 61 43.28 61.46 80.61
N LEU D 62 42.45 61.81 79.64
CA LEU D 62 41.01 61.79 79.90
C LEU D 62 40.50 60.39 80.18
N ASP D 63 40.98 59.38 79.44
CA ASP D 63 40.48 58.03 79.68
C ASP D 63 41.23 57.37 80.84
N GLU D 64 42.42 57.86 81.17
CA GLU D 64 43.09 57.41 82.38
C GLU D 64 42.36 57.88 83.63
N ASN D 65 41.89 59.13 83.63
CA ASN D 65 41.40 59.78 84.83
C ASN D 65 39.87 59.70 84.96
N GLY D 66 39.25 58.69 84.36
CA GLY D 66 37.82 58.49 84.53
C GLY D 66 37.41 58.17 85.95
N ASP D 67 38.38 57.81 86.81
CA ASP D 67 38.06 57.54 88.21
C ASP D 67 37.36 58.73 88.87
N GLY D 68 37.64 59.94 88.42
CA GLY D 68 36.82 61.09 88.79
C GLY D 68 37.20 61.83 90.03
N GLU D 69 38.49 61.86 90.39
CA GLU D 69 38.97 62.73 91.46
C GLU D 69 40.02 63.68 90.89
N VAL D 70 39.83 64.98 91.13
CA VAL D 70 40.72 66.02 90.64
C VAL D 70 40.61 67.22 91.56
N ASP D 71 41.64 68.08 91.52
CA ASP D 71 41.66 69.31 92.30
C ASP D 71 42.30 70.40 91.45
N PHE D 72 42.45 71.58 92.05
CA PHE D 72 43.02 72.71 91.33
C PHE D 72 44.40 72.39 90.78
N LYS D 73 45.22 71.67 91.56
CA LYS D 73 46.56 71.34 91.09
C LYS D 73 46.50 70.51 89.82
N GLU D 74 45.65 69.47 89.81
CA GLU D 74 45.52 68.63 88.63
C GLU D 74 45.02 69.43 87.44
N TYR D 75 43.98 70.24 87.64
CA TYR D 75 43.43 70.98 86.52
C TYR D 75 44.44 71.97 85.96
N VAL D 76 45.16 72.69 86.83
CA VAL D 76 46.09 73.68 86.35
C VAL D 76 47.27 73.01 85.65
N VAL D 77 47.76 71.89 86.17
CA VAL D 77 48.90 71.25 85.52
C VAL D 77 48.48 70.68 84.17
N LEU D 78 47.28 70.12 84.06
CA LEU D 78 46.88 69.53 82.77
C LEU D 78 46.57 70.62 81.75
N VAL D 79 45.94 71.72 82.17
CA VAL D 79 45.73 72.82 81.23
C VAL D 79 47.04 73.51 80.89
N ALA D 80 48.02 73.51 81.79
CA ALA D 80 49.36 73.95 81.44
C ALA D 80 49.97 73.04 80.37
N ALA D 81 49.77 71.73 80.51
CA ALA D 81 50.20 70.82 79.45
C ALA D 81 49.51 71.16 78.13
N LEU D 82 48.21 71.46 78.16
CA LEU D 82 47.49 71.84 76.95
C LEU D 82 48.07 73.11 76.33
N THR D 83 48.29 74.14 77.13
CA THR D 83 48.76 75.41 76.57
C THR D 83 50.19 75.30 76.07
N VAL D 84 51.04 74.54 76.76
CA VAL D 84 52.39 74.33 76.24
C VAL D 84 52.34 73.49 74.97
N ALA D 85 51.37 72.57 74.86
CA ALA D 85 51.19 71.83 73.62
C ALA D 85 50.85 72.76 72.48
N CYS D 86 49.90 73.68 72.70
CA CYS D 86 49.49 74.60 71.64
C CYS D 86 50.63 75.54 71.27
N ASN D 87 51.26 76.17 72.27
CA ASN D 87 52.25 77.20 72.02
C ASN D 87 53.60 76.64 71.57
N ASN D 88 53.93 75.40 71.95
CA ASN D 88 55.24 74.85 71.59
C ASN D 88 55.37 74.70 70.09
N PHE D 89 54.25 74.68 69.36
CA PHE D 89 54.33 74.92 67.92
C PHE D 89 54.78 76.34 67.64
N PHE D 90 54.14 77.32 68.30
CA PHE D 90 54.53 78.71 68.10
C PHE D 90 55.99 78.94 68.43
N TRP D 91 56.45 78.46 69.62
CA TRP D 91 57.81 78.71 70.16
C TRP D 91 58.55 77.40 70.47
N GLU D 92 59.85 77.32 70.20
CA GLU D 92 60.66 76.11 70.44
C GLU D 92 60.79 75.88 71.96
N THR D 93 60.51 74.68 72.45
CA THR D 93 60.67 74.29 73.89
C THR D 93 61.74 73.21 74.00
N SER D 94 62.53 72.96 72.94
CA SER D 94 63.60 71.92 72.86
C SER D 94 62.98 70.62 72.33
CA GLY E 2 -10.86 -123.23 23.82
C GLY E 2 -10.31 -123.22 22.41
N VAL E 3 -9.56 -124.26 22.06
CA VAL E 3 -8.95 -124.41 20.75
C VAL E 3 -9.38 -125.74 20.16
N GLN E 4 -9.82 -125.72 18.90
CA GLN E 4 -10.23 -126.91 18.18
C GLN E 4 -9.22 -127.22 17.08
N VAL E 5 -8.87 -128.48 16.93
CA VAL E 5 -7.86 -128.92 15.98
C VAL E 5 -8.52 -129.88 14.99
N GLU E 6 -8.34 -129.60 13.70
CA GLU E 6 -8.84 -130.46 12.63
C GLU E 6 -7.68 -130.85 11.73
N THR E 7 -7.46 -132.15 11.55
CA THR E 7 -6.30 -132.65 10.82
C THR E 7 -6.55 -132.47 9.32
N ILE E 8 -5.68 -131.69 8.66
CA ILE E 8 -5.76 -131.56 7.21
C ILE E 8 -4.97 -132.67 6.53
N SER E 9 -3.77 -132.97 7.04
CA SER E 9 -2.92 -134.02 6.52
C SER E 9 -2.38 -134.84 7.70
N PRO E 10 -2.14 -136.13 7.49
CA PRO E 10 -1.67 -136.96 8.59
C PRO E 10 -0.22 -136.70 8.95
N GLY E 11 0.13 -137.10 10.18
CA GLY E 11 1.50 -137.04 10.64
C GLY E 11 1.97 -138.43 11.06
N ASP E 12 3.17 -138.47 11.65
CA ASP E 12 3.71 -139.73 12.11
C ASP E 12 2.83 -140.35 13.19
N GLY E 13 2.34 -139.52 14.11
CA GLY E 13 1.49 -139.98 15.19
C GLY E 13 2.23 -140.47 16.42
N ARG E 14 3.56 -140.57 16.36
CA ARG E 14 4.36 -141.00 17.49
C ARG E 14 5.05 -139.87 18.24
N THR E 15 5.48 -138.83 17.53
CA THR E 15 6.22 -137.72 18.12
C THR E 15 5.30 -136.53 18.29
N PHE E 16 5.20 -136.04 19.52
CA PHE E 16 4.46 -134.84 19.84
C PHE E 16 5.34 -133.88 20.63
N PRO E 17 5.17 -132.57 20.47
CA PRO E 17 6.05 -131.63 21.18
C PRO E 17 5.96 -131.80 22.68
N LYS E 18 7.11 -131.67 23.35
CA LYS E 18 7.19 -131.70 24.80
C LYS E 18 7.61 -130.33 25.32
N ARG E 19 7.29 -130.08 26.59
CA ARG E 19 7.59 -128.78 27.16
C ARG E 19 9.09 -128.50 27.12
N GLY E 20 9.44 -127.26 26.80
CA GLY E 20 10.83 -126.88 26.65
C GLY E 20 11.47 -127.31 25.35
N GLN E 21 10.68 -127.78 24.38
CA GLN E 21 11.19 -128.23 23.10
C GLN E 21 10.76 -127.24 22.01
N THR E 22 11.70 -126.88 21.15
CA THR E 22 11.42 -125.90 20.11
C THR E 22 10.69 -126.54 18.93
N CYS E 23 9.69 -125.85 18.41
CA CYS E 23 8.89 -126.30 17.28
C CYS E 23 9.11 -125.35 16.11
N VAL E 24 9.29 -125.93 14.93
CA VAL E 24 9.40 -125.18 13.68
C VAL E 24 8.11 -125.40 12.92
N VAL E 25 7.47 -124.32 12.48
CA VAL E 25 6.15 -124.42 11.88
C VAL E 25 6.03 -123.46 10.70
N HIS E 26 5.07 -123.75 9.83
CA HIS E 26 4.60 -122.82 8.80
C HIS E 26 3.12 -122.58 9.04
N TYR E 27 2.73 -121.33 9.22
CA TYR E 27 1.36 -121.00 9.58
C TYR E 27 0.79 -119.95 8.63
N THR E 28 -0.53 -119.93 8.54
CA THR E 28 -1.27 -118.94 7.78
C THR E 28 -2.48 -118.54 8.59
N GLY E 29 -2.52 -117.27 9.02
CA GLY E 29 -3.55 -116.78 9.92
C GLY E 29 -4.68 -116.12 9.15
N MET E 30 -5.90 -116.58 9.43
CA MET E 30 -7.11 -116.01 8.85
C MET E 30 -8.06 -115.63 9.97
N LEU E 31 -8.71 -114.48 9.80
CA LEU E 31 -9.83 -114.15 10.67
C LEU E 31 -11.01 -115.06 10.35
N GLU E 32 -11.93 -115.18 11.30
CA GLU E 32 -13.05 -116.11 11.13
C GLU E 32 -13.87 -115.78 9.89
N ASP E 33 -13.81 -114.54 9.40
CA ASP E 33 -14.49 -114.19 8.17
C ASP E 33 -13.78 -114.72 6.94
N GLY E 34 -12.52 -115.14 7.07
CA GLY E 34 -11.76 -115.64 5.95
C GLY E 34 -10.78 -114.63 5.40
N LYS E 35 -10.38 -113.66 6.23
CA LYS E 35 -9.44 -112.62 5.85
C LYS E 35 -8.06 -112.96 6.40
N LYS E 36 -7.08 -113.04 5.50
CA LYS E 36 -5.71 -113.36 5.90
C LYS E 36 -5.06 -112.13 6.54
N PHE E 37 -4.39 -112.34 7.67
CA PHE E 37 -3.66 -111.27 8.34
C PHE E 37 -2.18 -111.58 8.53
N ASP E 38 -1.78 -112.85 8.48
CA ASP E 38 -0.40 -113.22 8.67
C ASP E 38 -0.13 -114.56 8.00
N SER E 39 1.12 -114.77 7.61
CA SER E 39 1.56 -116.04 7.07
C SER E 39 3.09 -116.04 7.01
N SER E 40 3.70 -117.10 7.56
CA SER E 40 5.16 -117.20 7.50
C SER E 40 5.65 -117.60 6.11
N ARG E 41 4.80 -118.27 5.33
CA ARG E 41 5.24 -118.73 4.02
C ARG E 41 5.57 -117.56 3.10
N ASP E 42 4.88 -116.43 3.27
CA ASP E 42 5.24 -115.24 2.50
C ASP E 42 6.64 -114.76 2.85
N ARG E 43 6.99 -114.78 4.15
CA ARG E 43 8.32 -114.39 4.56
C ARG E 43 9.36 -115.46 4.23
N ASN E 44 8.92 -116.67 3.88
CA ASN E 44 9.75 -117.79 3.47
C ASN E 44 10.56 -118.35 4.64
N LYS E 45 10.37 -117.85 5.86
CA LYS E 45 11.13 -118.27 7.01
C LYS E 45 10.24 -118.98 8.01
N PRO E 46 10.48 -120.26 8.31
CA PRO E 46 9.63 -120.98 9.27
C PRO E 46 9.67 -120.30 10.64
N PHE E 47 8.52 -120.30 11.32
CA PHE E 47 8.44 -119.71 12.64
C PHE E 47 8.90 -120.73 13.69
N LYS E 48 9.86 -120.32 14.52
CA LYS E 48 10.39 -121.17 15.57
C LYS E 48 9.91 -120.64 16.91
N PHE E 49 9.30 -121.52 17.71
CA PHE E 49 8.86 -121.14 19.05
C PHE E 49 9.01 -122.33 20.00
N THR E 50 9.46 -122.05 21.21
CA THR E 50 9.69 -123.09 22.20
C THR E 50 8.56 -123.11 23.21
N LEU E 51 8.08 -124.30 23.52
CA LEU E 51 6.88 -124.46 24.35
C LEU E 51 7.15 -124.07 25.80
N GLY E 52 6.12 -123.53 26.45
CA GLY E 52 6.14 -123.32 27.88
C GLY E 52 6.72 -122.02 28.37
N LYS E 53 7.24 -121.19 27.47
CA LYS E 53 7.76 -119.88 27.84
C LYS E 53 6.77 -118.75 27.57
N GLN E 54 5.55 -119.09 27.14
CA GLN E 54 4.49 -118.12 26.89
C GLN E 54 4.84 -117.11 25.80
N GLU E 55 5.63 -117.53 24.81
CA GLU E 55 5.93 -116.65 23.69
C GLU E 55 4.71 -116.43 22.79
N VAL E 56 4.01 -117.51 22.45
CA VAL E 56 2.83 -117.44 21.61
C VAL E 56 1.59 -117.57 22.47
N ILE E 57 0.44 -117.27 21.87
CA ILE E 57 -0.81 -117.33 22.62
C ILE E 57 -1.12 -118.77 23.00
N ARG E 58 -1.95 -118.93 24.03
CA ARG E 58 -2.25 -120.25 24.55
C ARG E 58 -2.96 -121.13 23.52
N GLY E 59 -3.73 -120.54 22.61
CA GLY E 59 -4.32 -121.35 21.55
C GLY E 59 -3.26 -122.10 20.78
N TRP E 60 -2.21 -121.39 20.34
CA TRP E 60 -1.04 -122.05 19.79
C TRP E 60 -0.42 -123.03 20.77
N GLU E 61 -0.15 -122.59 22.00
CA GLU E 61 0.62 -123.42 22.92
C GLU E 61 -0.07 -124.75 23.20
N GLU E 62 -1.38 -124.85 22.98
CA GLU E 62 -2.07 -126.12 23.14
C GLU E 62 -2.25 -126.84 21.80
N GLY E 63 -2.59 -126.10 20.74
CA GLY E 63 -2.83 -126.75 19.46
C GLY E 63 -1.57 -127.41 18.90
N VAL E 64 -0.45 -126.69 18.93
CA VAL E 64 0.79 -127.25 18.43
C VAL E 64 1.23 -128.42 19.30
N ALA E 65 0.98 -128.32 20.62
CA ALA E 65 1.28 -129.44 21.50
C ALA E 65 0.48 -130.68 21.11
N GLN E 66 -0.80 -130.51 20.80
CA GLN E 66 -1.61 -131.64 20.34
C GLN E 66 -1.07 -132.19 19.02
N MET E 67 -0.67 -131.32 18.11
CA MET E 67 -0.20 -131.76 16.80
C MET E 67 1.04 -132.63 16.92
N SER E 68 1.31 -133.40 15.87
CA SER E 68 2.45 -134.28 15.79
C SER E 68 3.40 -133.81 14.69
N VAL E 69 4.63 -134.32 14.72
CA VAL E 69 5.63 -133.91 13.75
C VAL E 69 5.18 -134.28 12.35
N GLY E 70 5.39 -133.38 11.40
CA GLY E 70 4.96 -133.62 10.03
C GLY E 70 3.47 -133.68 9.87
N GLN E 71 2.72 -132.87 10.62
CA GLN E 71 1.27 -132.83 10.55
C GLN E 71 0.83 -131.43 10.15
N ARG E 72 -0.18 -131.36 9.29
CA ARG E 72 -0.83 -130.10 8.93
C ARG E 72 -2.23 -130.13 9.53
N ALA E 73 -2.62 -129.03 10.18
CA ALA E 73 -3.89 -128.97 10.88
C ALA E 73 -4.42 -127.54 10.91
N LYS E 74 -5.75 -127.44 10.94
CA LYS E 74 -6.44 -126.17 11.10
C LYS E 74 -6.77 -126.01 12.58
N LEU E 75 -6.32 -124.90 13.15
CA LEU E 75 -6.60 -124.55 14.54
C LEU E 75 -7.62 -123.41 14.57
N ILE E 76 -8.72 -123.64 15.27
CA ILE E 76 -9.72 -122.61 15.52
C ILE E 76 -9.54 -122.20 16.97
N ILE E 77 -9.11 -120.96 17.18
CA ILE E 77 -8.76 -120.45 18.50
C ILE E 77 -9.77 -119.38 18.90
N SER E 78 -10.41 -119.58 20.04
CA SER E 78 -11.44 -118.67 20.52
C SER E 78 -10.85 -117.29 20.78
N SER E 79 -11.74 -116.31 20.96
CA SER E 79 -11.29 -114.94 21.20
C SER E 79 -10.48 -114.83 22.48
N ASP E 80 -10.96 -115.47 23.56
CA ASP E 80 -10.29 -115.34 24.85
C ASP E 80 -8.97 -116.12 24.90
N TYR E 81 -8.87 -117.24 24.18
CA TYR E 81 -7.58 -117.90 24.01
C TYR E 81 -6.67 -117.10 23.07
N ALA E 82 -7.25 -116.25 22.23
CA ALA E 82 -6.49 -115.35 21.38
C ALA E 82 -6.26 -114.03 22.11
N TYR E 83 -5.85 -112.99 21.38
CA TYR E 83 -5.54 -111.71 21.99
C TYR E 83 -6.70 -111.19 22.84
N GLY E 84 -7.94 -111.52 22.48
CA GLY E 84 -9.07 -111.23 23.33
C GLY E 84 -9.69 -109.87 23.12
N ALA E 85 -10.08 -109.22 24.22
CA ALA E 85 -10.76 -107.93 24.13
C ALA E 85 -9.84 -106.84 23.62
N THR E 86 -8.59 -106.80 24.09
CA THR E 86 -7.65 -105.79 23.61
C THR E 86 -7.37 -105.98 22.11
N GLY E 87 -7.23 -107.23 21.68
CA GLY E 87 -6.87 -107.51 20.31
C GLY E 87 -5.45 -107.07 20.01
N HIS E 88 -5.12 -107.06 18.73
CA HIS E 88 -3.83 -106.56 18.27
C HIS E 88 -4.11 -105.34 17.40
N PRO E 89 -4.00 -104.12 17.92
CA PRO E 89 -4.54 -102.96 17.19
C PRO E 89 -3.95 -102.84 15.79
N GLY E 90 -4.82 -102.53 14.83
CA GLY E 90 -4.44 -102.39 13.45
C GLY E 90 -4.39 -103.68 12.66
N ILE E 91 -4.51 -104.83 13.31
CA ILE E 91 -4.41 -106.12 12.64
C ILE E 91 -5.67 -106.94 12.93
N ILE E 92 -5.91 -107.22 14.20
CA ILE E 92 -6.99 -108.12 14.63
C ILE E 92 -8.03 -107.29 15.37
N PRO E 93 -9.29 -107.32 14.97
CA PRO E 93 -10.32 -106.59 15.72
C PRO E 93 -10.55 -107.19 17.10
N PRO E 94 -11.15 -106.45 18.01
CA PRO E 94 -11.43 -107.01 19.34
C PRO E 94 -12.36 -108.21 19.27
N HIS E 95 -12.17 -109.13 20.21
CA HIS E 95 -13.06 -110.30 20.37
C HIS E 95 -13.19 -111.07 19.06
N ALA E 96 -12.05 -111.39 18.45
CA ALA E 96 -12.01 -112.05 17.15
C ALA E 96 -11.49 -113.47 17.29
N THR E 97 -12.28 -114.43 16.82
CA THR E 97 -11.81 -115.81 16.72
C THR E 97 -10.81 -115.91 15.57
N LEU E 98 -9.79 -116.75 15.74
CA LEU E 98 -8.73 -116.88 14.75
C LEU E 98 -8.73 -118.28 14.17
N VAL E 99 -8.41 -118.37 12.88
CA VAL E 99 -8.27 -119.65 12.19
C VAL E 99 -6.87 -119.71 11.59
N PHE E 100 -6.13 -120.76 11.92
CA PHE E 100 -4.74 -120.90 11.51
C PHE E 100 -4.58 -122.22 10.76
N ASP E 101 -3.72 -122.23 9.75
CA ASP E 101 -3.35 -123.44 9.03
C ASP E 101 -1.88 -123.73 9.31
N VAL E 102 -1.63 -124.61 10.26
CA VAL E 102 -0.30 -124.81 10.83
C VAL E 102 0.24 -126.15 10.38
N GLU E 103 1.47 -126.14 9.85
CA GLU E 103 2.20 -127.36 9.51
C GLU E 103 3.43 -127.43 10.42
N LEU E 104 3.58 -128.55 11.12
CA LEU E 104 4.68 -128.74 12.06
C LEU E 104 5.83 -129.41 11.32
N LEU E 105 6.80 -128.60 10.90
CA LEU E 105 7.89 -129.11 10.07
C LEU E 105 8.75 -130.11 10.82
N LYS E 106 9.37 -129.68 11.92
CA LYS E 106 10.28 -130.52 12.66
C LYS E 106 10.41 -130.00 14.09
N LEU E 107 10.99 -130.83 14.94
CA LEU E 107 11.19 -130.52 16.35
C LEU E 107 12.68 -130.39 16.64
N GLU E 108 13.07 -129.33 17.33
CA GLU E 108 14.46 -129.11 17.69
C GLU E 108 14.57 -128.36 19.01
CA GLY F 2 -53.46 112.53 18.73
C GLY F 2 -51.98 112.86 18.80
N VAL F 3 -51.63 114.08 18.41
CA VAL F 3 -50.25 114.56 18.42
C VAL F 3 -50.19 115.83 19.25
N GLN F 4 -49.19 115.91 20.13
CA GLN F 4 -48.97 117.07 20.97
C GLN F 4 -47.68 117.76 20.55
N VAL F 5 -47.69 119.09 20.49
CA VAL F 5 -46.56 119.88 20.03
C VAL F 5 -46.12 120.79 21.16
N GLU F 6 -44.83 120.76 21.49
CA GLU F 6 -44.25 121.62 22.51
C GLU F 6 -43.10 122.40 21.89
N THR F 7 -43.18 123.73 21.91
CA THR F 7 -42.19 124.57 21.24
C THR F 7 -40.89 124.57 22.05
N ILE F 8 -39.80 124.14 21.41
CA ILE F 8 -38.49 124.20 22.06
C ILE F 8 -37.85 125.56 21.78
N SER F 9 -37.93 126.04 20.54
CA SER F 9 -37.40 127.33 20.14
C SER F 9 -38.44 128.05 19.32
N PRO F 10 -38.46 129.38 19.35
CA PRO F 10 -39.48 130.13 18.62
C PRO F 10 -39.21 130.14 17.12
N GLY F 11 -40.29 130.43 16.37
CA GLY F 11 -40.19 130.61 14.95
C GLY F 11 -40.71 131.99 14.56
N ASP F 12 -40.81 132.20 13.24
CA ASP F 12 -41.32 133.48 12.76
C ASP F 12 -42.76 133.71 13.21
N GLY F 13 -43.59 132.67 13.16
CA GLY F 13 -44.97 132.76 13.56
C GLY F 13 -45.91 133.21 12.47
N ARG F 14 -45.40 133.61 11.31
CA ARG F 14 -46.24 134.05 10.19
C ARG F 14 -46.39 133.00 9.11
N THR F 15 -45.37 132.19 8.85
CA THR F 15 -45.37 131.22 7.77
C THR F 15 -45.60 129.83 8.36
N PHE F 16 -46.63 129.15 7.88
CA PHE F 16 -46.91 127.78 8.24
C PHE F 16 -47.09 126.94 6.98
N PRO F 17 -46.71 125.66 7.00
CA PRO F 17 -46.81 124.86 5.77
C PRO F 17 -48.25 124.78 5.28
N LYS F 18 -48.40 124.81 3.96
CA LYS F 18 -49.68 124.64 3.30
C LYS F 18 -49.69 123.33 2.51
N ARG F 19 -50.89 122.83 2.25
CA ARG F 19 -51.02 121.55 1.55
C ARG F 19 -50.36 121.64 0.17
N GLY F 20 -49.66 120.57 -0.19
CA GLY F 20 -48.94 120.55 -1.45
C GLY F 20 -47.62 121.30 -1.43
N GLN F 21 -47.14 121.72 -0.27
CA GLN F 21 -45.90 122.46 -0.13
C GLN F 21 -44.85 121.59 0.53
N THR F 22 -43.65 121.57 -0.02
CA THR F 22 -42.59 120.71 0.50
C THR F 22 -41.95 121.35 1.72
N CYS F 23 -41.68 120.53 2.74
CA CYS F 23 -41.05 120.95 3.98
C CYS F 23 -39.70 120.26 4.11
N VAL F 24 -38.70 121.04 4.51
CA VAL F 24 -37.36 120.53 4.80
C VAL F 24 -37.20 120.56 6.32
N VAL F 25 -36.78 119.44 6.91
CA VAL F 25 -36.74 119.34 8.36
C VAL F 25 -35.51 118.56 8.79
N HIS F 26 -35.13 118.76 10.06
CA HIS F 26 -34.17 117.91 10.74
C HIS F 26 -34.87 117.31 11.95
N TYR F 27 -34.89 115.98 12.04
CA TYR F 27 -35.64 115.31 13.09
C TYR F 27 -34.74 114.31 13.82
N THR F 28 -35.15 114.00 15.05
CA THR F 28 -34.49 112.99 15.88
C THR F 28 -35.59 112.21 16.59
N GLY F 29 -35.70 110.93 16.26
CA GLY F 29 -36.77 110.08 16.75
C GLY F 29 -36.35 109.31 17.98
N MET F 30 -37.14 109.43 19.05
CA MET F 30 -36.93 108.69 20.28
C MET F 30 -38.21 107.94 20.63
N LEU F 31 -38.03 106.71 21.12
CA LEU F 31 -39.14 106.01 21.73
C LEU F 31 -39.49 106.66 23.05
N GLU F 32 -40.71 106.42 23.52
CA GLU F 32 -41.18 107.09 24.74
C GLU F 32 -40.29 106.77 25.93
N ASP F 33 -39.55 105.67 25.88
CA ASP F 33 -38.60 105.36 26.94
C ASP F 33 -37.35 106.22 26.88
N GLY F 34 -37.10 106.89 25.75
CA GLY F 34 -35.93 107.71 25.59
C GLY F 34 -34.85 107.05 24.77
N LYS F 35 -35.23 106.08 23.93
CA LYS F 35 -34.30 105.35 23.09
C LYS F 35 -34.37 105.90 21.67
N LYS F 36 -33.23 106.34 21.15
CA LYS F 36 -33.16 106.90 19.80
C LYS F 36 -33.22 105.77 18.78
N PHE F 37 -34.05 105.95 17.75
CA PHE F 37 -34.13 104.99 16.66
C PHE F 37 -33.85 105.60 15.29
N ASP F 38 -33.94 106.91 15.14
CA ASP F 38 -33.69 107.56 13.87
C ASP F 38 -33.30 109.00 14.10
N SER F 39 -32.53 109.55 13.16
CA SER F 39 -32.17 110.96 13.17
C SER F 39 -31.56 111.31 11.83
N SER F 40 -32.07 112.39 11.21
CA SER F 40 -31.51 112.82 9.93
C SER F 40 -30.17 113.53 10.10
N ARG F 41 -29.92 114.10 11.28
CA ARG F 41 -28.69 114.85 11.49
C ARG F 41 -27.47 113.94 11.37
N ASP F 42 -27.60 112.68 11.76
CA ASP F 42 -26.52 111.73 11.57
C ASP F 42 -26.22 111.52 10.09
N ARG F 43 -27.26 111.42 9.27
CA ARG F 43 -27.07 111.28 7.83
C ARG F 43 -26.63 112.59 7.19
N ASN F 44 -26.76 113.71 7.90
CA ASN F 44 -26.34 115.04 7.49
C ASN F 44 -27.22 115.58 6.37
N LYS F 45 -28.27 114.88 5.97
CA LYS F 45 -29.13 115.28 4.89
C LYS F 45 -30.53 115.62 5.40
N PRO F 46 -31.00 116.86 5.25
CA PRO F 46 -32.34 117.21 5.74
C PRO F 46 -33.40 116.36 5.05
N PHE F 47 -34.43 116.00 5.82
CA PHE F 47 -35.53 115.21 5.26
C PHE F 47 -36.54 116.13 4.60
N LYS F 48 -36.85 115.84 3.34
CA LYS F 48 -37.79 116.62 2.55
C LYS F 48 -39.06 115.80 2.38
N PHE F 49 -40.21 116.38 2.72
CA PHE F 49 -41.49 115.72 2.51
C PHE F 49 -42.56 116.75 2.19
N THR F 50 -43.44 116.40 1.26
CA THR F 50 -44.49 117.32 0.81
C THR F 50 -45.82 116.92 1.44
N LEU F 51 -46.55 117.92 1.93
CA LEU F 51 -47.76 117.67 2.70
C LEU F 51 -48.88 117.15 1.80
N GLY F 52 -49.72 116.29 2.39
CA GLY F 52 -50.95 115.87 1.76
C GLY F 52 -50.88 114.68 0.83
N LYS F 53 -49.68 114.13 0.62
CA LYS F 53 -49.53 112.93 -0.20
C LYS F 53 -49.38 111.67 0.64
N GLN F 54 -49.52 111.77 1.96
CA GLN F 54 -49.47 110.63 2.87
C GLN F 54 -48.14 109.90 2.84
N GLU F 55 -47.03 110.62 2.59
CA GLU F 55 -45.72 109.98 2.64
C GLU F 55 -45.31 109.66 4.07
N VAL F 56 -45.50 110.60 5.00
CA VAL F 56 -45.13 110.41 6.39
C VAL F 56 -46.40 110.13 7.19
N ILE F 57 -46.23 109.66 8.41
CA ILE F 57 -47.36 109.32 9.25
C ILE F 57 -48.16 110.57 9.59
N ARG F 58 -49.42 110.38 9.95
CA ARG F 58 -50.30 111.52 10.21
C ARG F 58 -49.83 112.36 11.39
N GLY F 59 -49.16 111.75 12.37
CA GLY F 59 -48.59 112.54 13.45
C GLY F 59 -47.68 113.63 12.91
N TRP F 60 -46.75 113.25 12.04
CA TRP F 60 -45.97 114.24 11.31
C TRP F 60 -46.84 115.18 10.50
N GLU F 61 -47.77 114.63 9.70
CA GLU F 61 -48.51 115.45 8.76
C GLU F 61 -49.31 116.54 9.46
N GLU F 62 -49.61 116.37 10.75
CA GLU F 62 -50.29 117.42 11.50
C GLU F 62 -49.32 118.26 12.31
N GLY F 63 -48.31 117.64 12.94
CA GLY F 63 -47.39 118.41 13.76
C GLY F 63 -46.58 119.41 12.95
N VAL F 64 -46.03 118.96 11.82
CA VAL F 64 -45.26 119.86 10.98
C VAL F 64 -46.15 120.95 10.41
N ALA F 65 -47.40 120.61 10.10
CA ALA F 65 -48.35 121.61 9.63
C ALA F 65 -48.57 122.68 10.69
N GLN F 66 -48.72 122.28 11.95
CA GLN F 66 -48.85 123.25 13.04
C GLN F 66 -47.59 124.10 13.16
N MET F 67 -46.42 123.49 13.04
CA MET F 67 -45.17 124.21 13.22
C MET F 67 -45.03 125.32 12.17
N SER F 68 -44.15 126.27 12.47
CA SER F 68 -43.86 127.40 11.60
C SER F 68 -42.42 127.32 11.11
N VAL F 69 -42.11 128.09 10.06
CA VAL F 69 -40.77 128.07 9.49
C VAL F 69 -39.76 128.54 10.52
N GLY F 70 -38.63 127.86 10.57
CA GLY F 70 -37.60 128.19 11.55
C GLY F 70 -38.01 127.94 12.97
N GLN F 71 -38.78 126.88 13.23
CA GLN F 71 -39.22 126.52 14.55
C GLN F 71 -38.72 125.14 14.90
N ARG F 72 -38.29 124.96 16.15
CA ARG F 72 -37.92 123.68 16.70
C ARG F 72 -38.98 123.28 17.73
N ALA F 73 -39.45 122.03 17.65
CA ALA F 73 -40.53 121.59 18.50
C ALA F 73 -40.43 120.10 18.75
N LYS F 74 -40.92 119.69 19.93
CA LYS F 74 -41.03 118.29 20.30
C LYS F 74 -42.45 117.83 19.98
N LEU F 75 -42.55 116.77 19.17
CA LEU F 75 -43.83 116.17 18.81
C LEU F 75 -43.96 114.85 19.55
N ILE F 76 -45.05 114.70 20.29
CA ILE F 76 -45.40 113.44 20.94
C ILE F 76 -46.56 112.87 20.14
N ILE F 77 -46.31 111.74 19.47
CA ILE F 77 -47.26 111.14 18.55
C ILE F 77 -47.74 109.82 19.15
N SER F 78 -49.06 109.69 19.29
CA SER F 78 -49.65 108.51 19.89
C SER F 78 -49.37 107.27 19.04
N SER F 79 -49.63 106.11 19.63
CA SER F 79 -49.37 104.86 18.92
C SER F 79 -50.22 104.74 17.67
N ASP F 80 -51.50 105.09 17.75
CA ASP F 80 -52.39 104.92 16.61
C ASP F 80 -52.14 105.96 15.52
N TYR F 81 -51.70 107.17 15.89
CA TYR F 81 -51.23 108.12 14.89
C TYR F 81 -49.87 107.70 14.33
N ALA F 82 -49.13 106.88 15.06
CA ALA F 82 -47.87 106.31 14.58
C ALA F 82 -48.15 104.99 13.88
N TYR F 83 -47.10 104.19 13.66
CA TYR F 83 -47.25 102.93 12.93
C TYR F 83 -48.32 102.05 13.55
N GLY F 84 -48.52 102.14 14.87
CA GLY F 84 -49.63 101.47 15.51
C GLY F 84 -49.36 100.05 15.95
N ALA F 85 -50.36 99.17 15.76
CA ALA F 85 -50.23 97.79 16.21
C ALA F 85 -49.19 97.03 15.42
N THR F 86 -49.14 97.20 14.10
CA THR F 86 -48.13 96.52 13.30
C THR F 86 -46.74 96.98 13.67
N GLY F 87 -46.57 98.29 13.90
CA GLY F 87 -45.26 98.84 14.17
C GLY F 87 -44.38 98.77 12.94
N HIS F 88 -43.10 99.04 13.16
CA HIS F 88 -42.10 98.91 12.11
C HIS F 88 -41.14 97.81 12.52
N PRO F 89 -41.29 96.58 12.03
CA PRO F 89 -40.56 95.45 12.65
C PRO F 89 -39.07 95.69 12.66
N GLY F 90 -38.45 95.34 13.79
CA GLY F 90 -37.02 95.50 13.97
C GLY F 90 -36.59 96.86 14.44
N ILE F 91 -37.49 97.85 14.46
CA ILE F 91 -37.13 99.21 14.83
C ILE F 91 -38.03 99.67 15.98
N ILE F 92 -39.33 99.70 15.72
CA ILE F 92 -40.32 100.26 16.66
C ILE F 92 -41.18 99.11 17.17
N PRO F 93 -41.29 98.91 18.48
CA PRO F 93 -42.17 97.86 19.00
C PRO F 93 -43.63 98.19 18.74
N PRO F 94 -44.52 97.20 18.81
CA PRO F 94 -45.94 97.47 18.61
C PRO F 94 -46.49 98.42 19.66
N HIS F 95 -47.48 99.22 19.25
CA HIS F 95 -48.21 100.10 20.16
C HIS F 95 -47.25 101.02 20.92
N ALA F 96 -46.36 101.68 20.19
CA ALA F 96 -45.32 102.52 20.78
C ALA F 96 -45.59 103.98 20.46
N THR F 97 -45.66 104.80 21.51
CA THR F 97 -45.70 106.24 21.33
C THR F 97 -44.32 106.74 20.91
N LEU F 98 -44.30 107.76 20.05
CA LEU F 98 -43.06 108.26 19.50
C LEU F 98 -42.84 109.71 19.95
N VAL F 99 -41.59 110.06 20.19
CA VAL F 99 -41.20 111.42 20.53
C VAL F 99 -40.16 111.88 19.52
N PHE F 100 -40.42 113.02 18.87
CA PHE F 100 -39.58 113.53 17.80
C PHE F 100 -39.14 114.94 18.16
N ASP F 101 -37.93 115.30 17.78
CA ASP F 101 -37.41 116.66 17.94
C ASP F 101 -37.19 117.23 16.54
N VAL F 102 -38.16 118.00 16.05
CA VAL F 102 -38.23 118.40 14.66
C VAL F 102 -37.93 119.89 14.56
N GLU F 103 -37.01 120.24 13.65
CA GLU F 103 -36.71 121.61 13.31
C GLU F 103 -37.09 121.83 11.85
N LEU F 104 -37.93 122.84 11.60
CA LEU F 104 -38.43 123.14 10.25
C LEU F 104 -37.49 124.15 9.62
N LEU F 105 -36.58 123.67 8.78
CA LEU F 105 -35.55 124.53 8.22
C LEU F 105 -36.14 125.57 7.28
N LYS F 106 -36.81 125.11 6.21
CA LYS F 106 -37.33 126.02 5.21
C LYS F 106 -38.45 125.34 4.45
N LEU F 107 -39.20 126.14 3.69
CA LEU F 107 -40.33 125.67 2.90
C LEU F 107 -40.02 125.85 1.43
N GLU F 108 -40.27 124.81 0.64
CA GLU F 108 -40.04 124.85 -0.80
C GLU F 108 -41.03 123.95 -1.53
CA GLY G 2 -96.26 -19.09 -79.03
C GLY G 2 -95.42 -18.05 -79.77
N VAL G 3 -95.48 -18.10 -81.10
CA VAL G 3 -94.75 -17.17 -81.96
C VAL G 3 -95.74 -16.48 -82.88
N GLN G 4 -95.63 -15.16 -82.98
CA GLN G 4 -96.47 -14.35 -83.85
C GLN G 4 -95.64 -13.80 -85.00
N VAL G 5 -96.19 -13.85 -86.20
CA VAL G 5 -95.48 -13.43 -87.41
C VAL G 5 -96.26 -12.27 -88.04
N GLU G 6 -95.55 -11.18 -88.31
CA GLU G 6 -96.12 -10.02 -88.98
C GLU G 6 -95.30 -9.70 -90.23
N THR G 7 -95.96 -9.70 -91.38
CA THR G 7 -95.26 -9.54 -92.66
C THR G 7 -94.84 -8.07 -92.81
N ILE G 8 -93.54 -7.84 -92.96
CA ILE G 8 -93.04 -6.50 -93.25
C ILE G 8 -93.03 -6.25 -94.75
N SER G 9 -92.57 -7.23 -95.52
CA SER G 9 -92.52 -7.14 -96.97
C SER G 9 -93.06 -8.45 -97.55
N PRO G 10 -93.68 -8.40 -98.73
CA PRO G 10 -94.26 -9.61 -99.30
C PRO G 10 -93.21 -10.56 -99.85
N GLY G 11 -93.61 -11.82 -99.99
CA GLY G 11 -92.79 -12.82 -100.62
C GLY G 11 -93.51 -13.43 -101.81
N ASP G 12 -92.90 -14.49 -102.37
CA ASP G 12 -93.52 -15.16 -103.51
C ASP G 12 -94.87 -15.77 -103.12
N GLY G 13 -94.94 -16.36 -101.93
CA GLY G 13 -96.17 -16.97 -101.47
C GLY G 13 -96.37 -18.41 -101.90
N ARG G 14 -95.51 -18.94 -102.77
CA ARG G 14 -95.61 -20.31 -103.24
C ARG G 14 -94.63 -21.26 -102.57
N THR G 15 -93.44 -20.79 -102.25
CA THR G 15 -92.38 -21.62 -101.69
C THR G 15 -92.27 -21.35 -100.20
N PHE G 16 -92.40 -22.42 -99.40
CA PHE G 16 -92.21 -22.35 -97.97
C PHE G 16 -91.23 -23.44 -97.53
N PRO G 17 -90.44 -23.20 -96.48
CA PRO G 17 -89.44 -24.20 -96.08
C PRO G 17 -90.09 -25.53 -95.72
N LYS G 18 -89.43 -26.61 -96.10
CA LYS G 18 -89.83 -27.96 -95.75
C LYS G 18 -88.80 -28.59 -94.81
N ARG G 19 -89.25 -29.58 -94.06
CA ARG G 19 -88.37 -30.21 -93.07
C ARG G 19 -87.14 -30.80 -93.76
N GLY G 20 -85.98 -30.63 -93.12
CA GLY G 20 -84.74 -31.09 -93.67
C GLY G 20 -84.16 -30.22 -94.76
N GLN G 21 -84.71 -29.03 -94.97
CA GLN G 21 -84.28 -28.12 -96.02
C GLN G 21 -83.61 -26.91 -95.38
N THR G 22 -82.43 -26.54 -95.89
CA THR G 22 -81.65 -25.48 -95.27
C THR G 22 -82.19 -24.12 -95.68
N CYS G 23 -82.25 -23.20 -94.71
CA CYS G 23 -82.73 -21.85 -94.92
C CYS G 23 -81.59 -20.87 -94.67
N VAL G 24 -81.47 -19.89 -95.57
CA VAL G 24 -80.52 -18.80 -95.43
C VAL G 24 -81.32 -17.55 -95.07
N VAL G 25 -80.90 -16.84 -94.03
CA VAL G 25 -81.67 -15.72 -93.52
C VAL G 25 -80.75 -14.60 -93.07
N HIS G 26 -81.33 -13.40 -92.98
CA HIS G 26 -80.71 -12.27 -92.31
C HIS G 26 -81.64 -11.82 -91.19
N TYR G 27 -81.13 -11.79 -89.96
CA TYR G 27 -81.96 -11.52 -88.80
C TYR G 27 -81.36 -10.39 -87.97
N THR G 28 -82.22 -9.74 -87.20
CA THR G 28 -81.83 -8.70 -86.24
C THR G 28 -82.65 -8.91 -84.99
N GLY G 29 -81.97 -9.25 -83.89
CA GLY G 29 -82.63 -9.61 -82.64
C GLY G 29 -82.73 -8.42 -81.71
N MET G 30 -83.95 -8.14 -81.26
CA MET G 30 -84.21 -7.09 -80.29
C MET G 30 -84.96 -7.69 -79.11
N LEU G 31 -84.60 -7.23 -77.91
CA LEU G 31 -85.41 -7.52 -76.75
C LEU G 31 -86.72 -6.74 -76.82
N GLU G 32 -87.73 -7.21 -76.09
CA GLU G 32 -89.05 -6.58 -76.18
C GLU G 32 -89.01 -5.10 -75.82
N ASP G 33 -87.99 -4.67 -75.07
CA ASP G 33 -87.83 -3.25 -74.77
C ASP G 33 -87.31 -2.46 -75.96
N GLY G 34 -86.78 -3.14 -76.97
CA GLY G 34 -86.23 -2.46 -78.14
C GLY G 34 -84.72 -2.37 -78.12
N LYS G 35 -84.09 -3.28 -77.39
CA LYS G 35 -82.63 -3.31 -77.27
C LYS G 35 -82.09 -4.42 -78.16
N LYS G 36 -81.17 -4.04 -79.07
CA LYS G 36 -80.57 -4.99 -79.99
C LYS G 36 -79.53 -5.83 -79.27
N PHE G 37 -79.56 -7.14 -79.48
CA PHE G 37 -78.57 -8.04 -78.91
C PHE G 37 -77.83 -8.86 -79.96
N ASP G 38 -78.38 -9.01 -81.16
CA ASP G 38 -77.74 -9.79 -82.20
C ASP G 38 -78.23 -9.33 -83.56
N SER G 39 -77.39 -9.52 -84.57
CA SER G 39 -77.76 -9.25 -85.95
C SER G 39 -76.71 -9.84 -86.87
N SER G 40 -77.15 -10.62 -87.86
CA SER G 40 -76.21 -11.21 -88.81
C SER G 40 -75.70 -10.18 -89.81
N ARG G 41 -76.47 -9.11 -90.05
CA ARG G 41 -76.07 -8.14 -91.05
C ARG G 41 -74.79 -7.43 -90.65
N ASP G 42 -74.56 -7.26 -89.35
CA ASP G 42 -73.29 -6.71 -88.88
C ASP G 42 -72.12 -7.62 -89.23
N ARG G 43 -72.31 -8.93 -89.06
CA ARG G 43 -71.27 -9.88 -89.44
C ARG G 43 -71.16 -10.05 -90.95
N ASN G 44 -72.15 -9.58 -91.71
CA ASN G 44 -72.20 -9.59 -93.16
C ASN G 44 -72.38 -11.00 -93.71
N LYS G 45 -72.57 -12.01 -92.85
CA LYS G 45 -72.69 -13.39 -93.28
C LYS G 45 -74.09 -13.91 -92.98
N PRO G 46 -74.85 -14.32 -94.00
CA PRO G 46 -76.21 -14.83 -93.74
C PRO G 46 -76.17 -16.07 -92.86
N PHE G 47 -77.16 -16.18 -91.98
CA PHE G 47 -77.24 -17.34 -91.09
C PHE G 47 -77.95 -18.49 -91.80
N LYS G 48 -77.31 -19.66 -91.80
CA LYS G 48 -77.84 -20.85 -92.45
C LYS G 48 -78.22 -21.86 -91.38
N PHE G 49 -79.44 -22.38 -91.46
CA PHE G 49 -79.89 -23.40 -90.52
C PHE G 49 -80.86 -24.36 -91.20
N THR G 50 -80.77 -25.63 -90.82
CA THR G 50 -81.62 -26.67 -91.39
C THR G 50 -82.76 -26.98 -90.44
N LEU G 51 -83.96 -27.10 -91.02
CA LEU G 51 -85.17 -27.32 -90.22
C LEU G 51 -85.21 -28.74 -89.67
N GLY G 52 -85.78 -28.87 -88.47
CA GLY G 52 -86.04 -30.16 -87.89
C GLY G 52 -84.88 -30.78 -87.14
N LYS G 53 -83.74 -30.09 -87.11
CA LYS G 53 -82.57 -30.57 -86.40
C LYS G 53 -82.40 -29.90 -85.04
N GLN G 54 -83.34 -29.05 -84.63
CA GLN G 54 -83.35 -28.40 -83.33
C GLN G 54 -82.12 -27.54 -83.08
N GLU G 55 -81.52 -26.99 -84.15
CA GLU G 55 -80.37 -26.10 -83.95
C GLU G 55 -80.81 -24.76 -83.38
N VAL G 56 -81.89 -24.18 -83.89
CA VAL G 56 -82.39 -22.90 -83.42
C VAL G 56 -83.60 -23.15 -82.53
N ILE G 57 -83.98 -22.11 -81.79
CA ILE G 57 -85.11 -22.25 -80.87
C ILE G 57 -86.40 -22.49 -81.66
N ARG G 58 -87.40 -23.06 -80.98
CA ARG G 58 -88.64 -23.42 -81.65
C ARG G 58 -89.37 -22.22 -82.20
N GLY G 59 -89.23 -21.04 -81.57
CA GLY G 59 -89.82 -19.85 -82.15
C GLY G 59 -89.36 -19.63 -83.57
N TRP G 60 -88.03 -19.67 -83.78
CA TRP G 60 -87.50 -19.69 -85.14
C TRP G 60 -88.03 -20.87 -85.94
N GLU G 61 -87.95 -22.08 -85.40
CA GLU G 61 -88.26 -23.27 -86.19
C GLU G 61 -89.70 -23.24 -86.72
N GLU G 62 -90.58 -22.47 -86.07
CA GLU G 62 -91.94 -22.34 -86.58
C GLU G 62 -92.12 -21.07 -87.42
N GLY G 63 -91.53 -19.95 -86.97
CA GLY G 63 -91.71 -18.71 -87.71
C GLY G 63 -91.12 -18.76 -89.11
N VAL G 64 -89.88 -19.26 -89.22
CA VAL G 64 -89.26 -19.36 -90.53
C VAL G 64 -90.02 -20.36 -91.40
N ALA G 65 -90.53 -21.42 -90.78
CA ALA G 65 -91.34 -22.38 -91.54
C ALA G 65 -92.58 -21.71 -92.11
N GLN G 66 -93.25 -20.86 -91.32
CA GLN G 66 -94.39 -20.12 -91.83
C GLN G 66 -93.97 -19.18 -92.96
N MET G 67 -92.83 -18.52 -92.81
CA MET G 67 -92.39 -17.54 -93.80
C MET G 67 -92.16 -18.20 -95.16
N SER G 68 -92.16 -17.38 -96.20
CA SER G 68 -91.93 -17.81 -97.57
C SER G 68 -90.63 -17.22 -98.10
N VAL G 69 -90.16 -17.79 -99.21
CA VAL G 69 -88.90 -17.33 -99.79
C VAL G 69 -89.01 -15.88 -100.20
N GLY G 70 -87.96 -15.11 -99.94
CA GLY G 70 -87.97 -13.69 -100.26
C GLY G 70 -88.97 -12.90 -99.47
N GLN G 71 -89.20 -13.26 -98.20
CA GLN G 71 -90.14 -12.55 -97.34
C GLN G 71 -89.39 -11.99 -96.15
N ARG G 72 -89.76 -10.78 -95.75
CA ARG G 72 -89.27 -10.14 -94.55
C ARG G 72 -90.43 -10.09 -93.55
N ALA G 73 -90.16 -10.48 -92.31
CA ALA G 73 -91.22 -10.56 -91.31
C ALA G 73 -90.64 -10.34 -89.92
N LYS G 74 -91.49 -9.78 -89.06
CA LYS G 74 -91.18 -9.61 -87.64
C LYS G 74 -91.76 -10.78 -86.87
N LEU G 75 -90.90 -11.49 -86.13
CA LEU G 75 -91.29 -12.61 -85.30
C LEU G 75 -91.24 -12.17 -83.84
N ILE G 76 -92.37 -12.32 -83.14
CA ILE G 76 -92.44 -12.10 -81.71
C ILE G 76 -92.51 -13.48 -81.07
N ILE G 77 -91.46 -13.84 -80.33
CA ILE G 77 -91.30 -15.16 -79.77
C ILE G 77 -91.41 -15.05 -78.25
N SER G 78 -92.34 -15.82 -77.68
CA SER G 78 -92.58 -15.79 -76.25
C SER G 78 -91.35 -16.26 -75.48
N SER G 79 -91.38 -16.02 -74.17
CA SER G 79 -90.25 -16.39 -73.33
C SER G 79 -90.03 -17.91 -73.35
N ASP G 80 -91.11 -18.69 -73.23
CA ASP G 80 -90.97 -20.13 -73.14
C ASP G 80 -90.60 -20.76 -74.49
N TYR G 81 -91.05 -20.17 -75.60
CA TYR G 81 -90.54 -20.59 -76.90
C TYR G 81 -89.11 -20.12 -77.12
N ALA G 82 -88.67 -19.10 -76.39
CA ALA G 82 -87.29 -18.64 -76.41
C ALA G 82 -86.49 -19.37 -75.34
N TYR G 83 -85.30 -18.86 -75.02
CA TYR G 83 -84.44 -19.53 -74.05
C TYR G 83 -85.15 -19.77 -72.73
N GLY G 84 -86.10 -18.92 -72.35
CA GLY G 84 -86.96 -19.19 -71.22
C GLY G 84 -86.42 -18.70 -69.89
N ALA G 85 -86.58 -19.53 -68.86
CA ALA G 85 -86.17 -19.13 -67.51
C ALA G 85 -84.65 -19.06 -67.37
N THR G 86 -83.93 -20.02 -67.95
CA THR G 86 -82.47 -19.97 -67.89
C THR G 86 -81.94 -18.76 -68.63
N GLY G 87 -82.53 -18.45 -69.79
CA GLY G 87 -82.03 -17.38 -70.62
C GLY G 87 -80.69 -17.72 -71.21
N HIS G 88 -80.05 -16.70 -71.79
CA HIS G 88 -78.71 -16.84 -72.30
C HIS G 88 -77.81 -15.91 -71.49
N PRO G 89 -77.09 -16.40 -70.48
CA PRO G 89 -76.48 -15.49 -69.51
C PRO G 89 -75.57 -14.48 -70.18
N GLY G 90 -75.68 -13.23 -69.72
CA GLY G 90 -74.88 -12.15 -70.24
C GLY G 90 -75.45 -11.47 -71.48
N ILE G 91 -76.49 -12.04 -72.09
CA ILE G 91 -77.05 -11.48 -73.32
C ILE G 91 -78.53 -11.22 -73.12
N ILE G 92 -79.29 -12.28 -72.82
CA ILE G 92 -80.75 -12.22 -72.71
C ILE G 92 -81.12 -12.41 -71.25
N PRO G 93 -81.89 -11.50 -70.65
CA PRO G 93 -82.34 -11.71 -69.26
C PRO G 93 -83.33 -12.86 -69.18
N PRO G 94 -83.54 -13.42 -67.99
CA PRO G 94 -84.51 -14.51 -67.84
C PRO G 94 -85.92 -14.07 -68.21
N HIS G 95 -86.70 -15.01 -68.75
CA HIS G 95 -88.11 -14.79 -69.04
C HIS G 95 -88.30 -13.58 -69.94
N ALA G 96 -87.55 -13.52 -71.04
CA ALA G 96 -87.55 -12.37 -71.94
C ALA G 96 -88.18 -12.76 -73.27
N THR G 97 -89.21 -12.01 -73.67
CA THR G 97 -89.76 -12.14 -75.01
C THR G 97 -88.79 -11.54 -76.02
N LEU G 98 -88.70 -12.14 -77.20
CA LEU G 98 -87.74 -11.73 -78.22
C LEU G 98 -88.49 -11.23 -79.45
N VAL G 99 -87.94 -10.21 -80.09
CA VAL G 99 -88.46 -9.67 -81.34
C VAL G 99 -87.36 -9.74 -82.38
N PHE G 100 -87.65 -10.38 -83.51
CA PHE G 100 -86.67 -10.61 -84.56
C PHE G 100 -87.19 -10.02 -85.86
N ASP G 101 -86.29 -9.50 -86.69
CA ASP G 101 -86.61 -9.02 -88.02
C ASP G 101 -85.89 -9.91 -89.02
N VAL G 102 -86.60 -10.91 -89.55
CA VAL G 102 -86.00 -11.99 -90.32
C VAL G 102 -86.37 -11.85 -91.78
N GLU G 103 -85.37 -11.89 -92.65
CA GLU G 103 -85.55 -11.94 -94.10
C GLU G 103 -85.06 -13.28 -94.60
N LEU G 104 -85.92 -14.01 -95.30
CA LEU G 104 -85.59 -15.34 -95.81
C LEU G 104 -85.03 -15.18 -97.22
N LEU G 105 -83.70 -15.24 -97.33
CA LEU G 105 -83.04 -14.98 -98.60
C LEU G 105 -83.35 -16.07 -99.62
N LYS G 106 -82.98 -17.31 -99.31
CA LYS G 106 -83.13 -18.41 -100.24
C LYS G 106 -83.11 -19.72 -99.47
N LEU G 107 -83.48 -20.79 -100.16
CA LEU G 107 -83.50 -22.14 -99.60
C LEU G 107 -82.51 -23.01 -100.35
N GLU G 108 -81.75 -23.80 -99.61
CA GLU G 108 -80.77 -24.70 -100.23
C GLU G 108 -80.61 -25.98 -99.40
N MET H 1 -63.57 96.04 -69.85
CA MET H 1 -64.20 96.90 -70.89
C MET H 1 -63.47 98.24 -70.98
N GLY H 2 -63.85 99.05 -71.98
CA GLY H 2 -63.19 100.31 -72.19
C GLY H 2 -61.73 100.12 -72.58
N SER H 3 -60.91 101.08 -72.17
CA SER H 3 -59.48 100.98 -72.42
C SER H 3 -58.90 99.77 -71.69
N GLU H 4 -57.93 99.13 -72.32
CA GLU H 4 -57.39 97.88 -71.80
C GLU H 4 -56.66 98.08 -70.47
N LEU H 5 -55.87 99.15 -70.35
CA LEU H 5 -55.16 99.40 -69.10
C LEU H 5 -56.13 99.72 -67.97
N GLU H 6 -57.16 100.51 -68.26
CA GLU H 6 -58.22 100.75 -67.30
C GLU H 6 -58.85 99.43 -66.86
N SER H 7 -59.27 98.61 -67.82
CA SER H 7 -59.85 97.32 -67.49
C SER H 7 -58.94 96.53 -66.57
N ALA H 8 -57.62 96.60 -66.79
CA ALA H 8 -56.68 95.94 -65.91
C ALA H 8 -56.80 96.46 -64.48
N MET H 9 -56.92 97.80 -64.31
CA MET H 9 -57.12 98.30 -62.96
C MET H 9 -58.43 97.82 -62.35
N GLU H 10 -59.53 97.77 -63.11
CA GLU H 10 -60.74 97.23 -62.47
C GLU H 10 -60.62 95.74 -62.17
N THR H 11 -59.81 95.00 -62.93
CA THR H 11 -59.54 93.61 -62.55
C THR H 11 -58.84 93.55 -61.20
N LEU H 12 -57.82 94.41 -61.01
CA LEU H 12 -57.24 94.56 -59.67
C LEU H 12 -58.31 94.85 -58.63
N ILE H 13 -59.20 95.80 -58.95
CA ILE H 13 -60.22 96.23 -58.00
C ILE H 13 -61.05 95.03 -57.55
N ASN H 14 -61.53 94.25 -58.51
CA ASN H 14 -62.44 93.15 -58.22
C ASN H 14 -61.71 92.04 -57.47
N VAL H 15 -60.46 91.75 -57.84
CA VAL H 15 -59.75 90.67 -57.16
C VAL H 15 -59.50 91.04 -55.70
N PHE H 16 -59.19 92.31 -55.42
CA PHE H 16 -58.96 92.70 -54.03
C PHE H 16 -60.26 92.70 -53.25
N HIS H 17 -61.34 93.16 -53.88
CA HIS H 17 -62.62 93.21 -53.17
C HIS H 17 -63.23 91.83 -52.98
N ALA H 18 -62.78 90.84 -53.74
CA ALA H 18 -63.19 89.46 -53.46
C ALA H 18 -62.88 89.10 -52.01
N HIS H 19 -61.66 89.37 -51.56
CA HIS H 19 -61.27 89.08 -50.18
C HIS H 19 -61.73 90.14 -49.19
N SER H 20 -61.82 91.40 -49.63
CA SER H 20 -62.43 92.42 -48.79
C SER H 20 -63.84 92.03 -48.38
N GLY H 21 -64.65 91.50 -49.31
CA GLY H 21 -65.98 91.06 -48.97
C GLY H 21 -66.00 89.99 -47.91
N LYS H 22 -65.08 89.01 -48.01
CA LYS H 22 -65.13 87.90 -47.07
C LYS H 22 -64.74 88.33 -45.67
N GLU H 23 -63.67 89.13 -45.52
CA GLU H 23 -63.26 89.44 -44.15
C GLU H 23 -63.89 90.73 -43.64
N GLY H 24 -63.76 91.83 -44.40
CA GLY H 24 -64.34 93.09 -44.04
C GLY H 24 -65.67 93.33 -44.72
N ASP H 25 -66.09 94.59 -44.75
CA ASP H 25 -67.37 94.90 -45.35
C ASP H 25 -67.28 94.95 -46.87
N LYS H 26 -66.58 95.95 -47.43
CA LYS H 26 -66.34 95.98 -48.87
C LYS H 26 -64.90 96.32 -49.20
N TYR H 27 -64.29 97.23 -48.43
CA TYR H 27 -62.94 97.72 -48.70
C TYR H 27 -61.90 97.22 -47.71
N LYS H 28 -62.27 97.06 -46.44
CA LYS H 28 -61.29 96.69 -45.43
C LYS H 28 -60.75 95.30 -45.72
N LEU H 29 -59.43 95.13 -45.58
CA LEU H 29 -58.77 93.85 -45.77
C LEU H 29 -57.80 93.60 -44.62
N SER H 30 -57.55 92.33 -44.34
CA SER H 30 -56.58 91.90 -43.35
C SER H 30 -55.49 91.06 -44.00
N LYS H 31 -54.27 91.20 -43.50
CA LYS H 31 -53.18 90.41 -44.02
C LYS H 31 -53.43 88.92 -43.83
N LYS H 32 -54.21 88.55 -42.81
CA LYS H 32 -54.58 87.16 -42.59
C LYS H 32 -55.04 86.50 -43.88
N GLU H 33 -55.77 87.25 -44.71
CA GLU H 33 -56.25 86.75 -45.99
C GLU H 33 -55.46 87.28 -47.17
N LEU H 34 -54.81 88.44 -47.01
CA LEU H 34 -53.96 88.95 -48.09
C LEU H 34 -52.84 87.96 -48.40
N LYS H 35 -52.32 87.26 -47.38
CA LYS H 35 -51.29 86.28 -47.64
C LYS H 35 -51.78 85.20 -48.60
N ASP H 36 -52.97 84.64 -48.32
CA ASP H 36 -53.53 83.62 -49.19
C ASP H 36 -53.81 84.18 -50.58
N LEU H 37 -54.39 85.38 -50.65
CA LEU H 37 -54.66 85.98 -51.94
C LEU H 37 -53.39 86.07 -52.78
N LEU H 38 -52.32 86.65 -52.22
CA LEU H 38 -51.11 86.78 -53.02
C LEU H 38 -50.55 85.41 -53.39
N GLN H 39 -50.37 84.54 -52.39
CA GLN H 39 -49.66 83.29 -52.65
C GLN H 39 -50.45 82.39 -53.60
N THR H 40 -51.76 82.59 -53.70
CA THR H 40 -52.57 81.76 -54.57
C THR H 40 -52.65 82.34 -55.97
N GLU H 41 -53.16 83.57 -56.10
CA GLU H 41 -53.37 84.11 -57.43
C GLU H 41 -52.06 84.45 -58.15
N LEU H 42 -51.00 84.83 -57.42
CA LEU H 42 -49.71 85.04 -58.05
C LEU H 42 -48.85 83.77 -58.06
N SER H 43 -49.47 82.61 -57.98
CA SER H 43 -48.72 81.35 -58.04
C SER H 43 -48.07 81.18 -59.41
N GLY H 44 -48.75 81.62 -60.47
CA GLY H 44 -48.19 81.48 -61.80
C GLY H 44 -46.86 82.20 -61.95
N PHE H 45 -46.75 83.40 -61.38
CA PHE H 45 -45.52 84.17 -61.52
C PHE H 45 -44.36 83.50 -60.79
N LEU H 46 -44.56 83.16 -59.51
CA LEU H 46 -43.45 82.65 -58.72
C LEU H 46 -42.87 81.37 -59.30
N ASP H 47 -43.64 80.63 -60.10
CA ASP H 47 -43.11 79.46 -60.76
C ASP H 47 -41.97 79.82 -61.70
N VAL H 48 -42.12 80.90 -62.47
CA VAL H 48 -41.10 81.35 -63.41
C VAL H 48 -40.22 82.45 -62.81
N GLN H 49 -40.50 82.87 -61.59
CA GLN H 49 -39.75 83.92 -60.94
C GLN H 49 -38.43 83.38 -60.40
N LYS H 50 -37.32 84.03 -60.75
CA LYS H 50 -36.00 83.62 -60.31
C LYS H 50 -35.31 84.67 -59.46
N ASP H 51 -35.97 85.77 -59.12
CA ASP H 51 -35.39 86.80 -58.25
C ASP H 51 -35.56 86.34 -56.80
N ALA H 52 -34.64 85.47 -56.38
CA ALA H 52 -34.68 84.94 -55.03
C ALA H 52 -34.71 86.07 -54.01
N ASP H 53 -33.97 87.15 -54.26
CA ASP H 53 -33.95 88.27 -53.32
C ASP H 53 -35.35 88.86 -53.14
N ALA H 54 -36.06 89.10 -54.24
CA ALA H 54 -37.37 89.72 -54.15
C ALA H 54 -38.39 88.77 -53.54
N VAL H 55 -38.37 87.49 -53.91
CA VAL H 55 -39.32 86.57 -53.31
C VAL H 55 -39.03 86.40 -51.83
N ASP H 56 -37.75 86.46 -51.43
CA ASP H 56 -37.41 86.43 -50.02
C ASP H 56 -37.93 87.69 -49.32
N LYS H 57 -37.84 88.84 -49.98
CA LYS H 57 -38.43 90.05 -49.41
C LYS H 57 -39.92 89.89 -49.20
N VAL H 58 -40.60 89.19 -50.12
CA VAL H 58 -42.03 88.94 -49.95
C VAL H 58 -42.29 88.00 -48.78
N MET H 59 -41.45 86.96 -48.66
CA MET H 59 -41.58 86.03 -47.53
C MET H 59 -41.28 86.72 -46.21
N LYS H 60 -40.50 87.80 -46.26
CA LYS H 60 -40.30 88.63 -45.07
C LYS H 60 -41.49 89.55 -44.85
N GLU H 61 -42.10 90.02 -45.92
CA GLU H 61 -43.28 90.86 -45.80
C GLU H 61 -44.41 90.10 -45.11
N LEU H 62 -44.57 88.82 -45.44
CA LEU H 62 -45.71 88.09 -44.88
C LEU H 62 -45.58 87.95 -43.37
N ASP H 63 -44.37 87.67 -42.85
CA ASP H 63 -44.25 87.51 -41.41
C ASP H 63 -44.10 88.85 -40.71
N GLU H 64 -43.70 89.89 -41.44
CA GLU H 64 -43.73 91.24 -40.89
C GLU H 64 -45.15 91.73 -40.69
N ASN H 65 -46.04 91.44 -41.64
CA ASN H 65 -47.35 92.06 -41.70
C ASN H 65 -48.44 91.16 -41.09
N GLY H 66 -48.07 90.28 -40.17
CA GLY H 66 -49.05 89.47 -39.46
C GLY H 66 -50.00 90.28 -38.59
N ASP H 67 -49.67 91.56 -38.34
CA ASP H 67 -50.57 92.41 -37.56
C ASP H 67 -51.96 92.49 -38.18
N GLY H 68 -52.06 92.35 -39.50
CA GLY H 68 -53.34 92.11 -40.14
C GLY H 68 -54.13 93.34 -40.55
N GLU H 69 -53.47 94.45 -40.89
CA GLU H 69 -54.15 95.59 -41.50
C GLU H 69 -53.53 95.85 -42.87
N VAL H 70 -54.37 95.93 -43.89
CA VAL H 70 -53.94 96.17 -45.26
C VAL H 70 -55.09 96.82 -46.03
N ASP H 71 -54.75 97.48 -47.13
CA ASP H 71 -55.74 98.10 -48.00
C ASP H 71 -55.30 97.90 -49.45
N PHE H 72 -56.07 98.48 -50.37
CA PHE H 72 -55.78 98.32 -51.80
C PHE H 72 -54.37 98.80 -52.11
N LYS H 73 -53.93 99.90 -51.51
CA LYS H 73 -52.60 100.41 -51.80
C LYS H 73 -51.53 99.38 -51.43
N GLU H 74 -51.65 98.81 -50.22
CA GLU H 74 -50.68 97.80 -49.79
C GLU H 74 -50.71 96.59 -50.71
N TYR H 75 -51.90 96.08 -51.02
CA TYR H 75 -51.97 94.89 -51.85
C TYR H 75 -51.39 95.15 -53.24
N VAL H 76 -51.74 96.28 -53.85
CA VAL H 76 -51.26 96.55 -55.20
C VAL H 76 -49.76 96.76 -55.20
N VAL H 77 -49.21 97.45 -54.20
CA VAL H 77 -47.77 97.69 -54.20
C VAL H 77 -47.02 96.38 -53.97
N LEU H 78 -47.53 95.50 -53.10
CA LEU H 78 -46.81 94.25 -52.85
C LEU H 78 -46.93 93.29 -54.03
N VAL H 79 -48.10 93.23 -54.67
CA VAL H 79 -48.19 92.40 -55.87
C VAL H 79 -47.42 93.00 -57.03
N ALA H 80 -47.25 94.32 -57.07
CA ALA H 80 -46.33 94.93 -58.02
C ALA H 80 -44.90 94.51 -57.73
N ALA H 81 -44.52 94.44 -56.46
CA ALA H 81 -43.21 93.90 -56.11
C ALA H 81 -43.08 92.46 -56.60
N LEU H 82 -44.12 91.64 -56.42
CA LEU H 82 -44.08 90.26 -56.89
C LEU H 82 -43.91 90.19 -58.40
N THR H 83 -44.69 90.97 -59.15
CA THR H 83 -44.62 90.87 -60.61
C THR H 83 -43.29 91.41 -61.13
N VAL H 84 -42.76 92.47 -60.53
CA VAL H 84 -41.45 92.95 -60.94
C VAL H 84 -40.38 91.93 -60.57
N ALA H 85 -40.56 91.21 -59.46
CA ALA H 85 -39.65 90.13 -59.12
C ALA H 85 -39.65 89.05 -60.19
N CYS H 86 -40.83 88.64 -60.62
CA CYS H 86 -40.93 87.59 -61.64
C CYS H 86 -40.36 88.05 -62.97
N ASN H 87 -40.78 89.23 -63.43
CA ASN H 87 -40.42 89.71 -64.76
C ASN H 87 -38.99 90.23 -64.84
N ASN H 88 -38.42 90.71 -63.73
CA ASN H 88 -37.08 91.27 -63.78
C ASN H 88 -36.04 90.21 -64.15
N PHE H 89 -36.39 88.93 -63.98
CA PHE H 89 -35.62 87.90 -64.66
C PHE H 89 -35.80 88.00 -66.16
N PHE H 90 -37.05 88.11 -66.63
CA PHE H 90 -37.30 88.25 -68.06
C PHE H 90 -36.58 89.45 -68.64
N TRP H 91 -36.74 90.63 -68.00
CA TRP H 91 -36.21 91.94 -68.51
C TRP H 91 -35.30 92.62 -67.49
N GLU H 92 -34.22 93.26 -67.94
CA GLU H 92 -33.25 93.95 -67.04
C GLU H 92 -33.93 95.18 -66.41
N THR H 93 -33.87 95.35 -65.09
CA THR H 93 -34.41 96.53 -64.37
C THR H 93 -33.24 97.29 -63.71
N SER H 94 -31.99 96.99 -64.08
CA SER H 94 -30.74 97.60 -63.53
C SER H 94 -30.28 96.77 -62.33
N MET I 1 -43.80 -92.61 -87.52
CA MET I 1 -43.98 -93.79 -88.42
C MET I 1 -44.01 -93.36 -89.88
N GLY I 2 -44.03 -94.34 -90.77
CA GLY I 2 -44.01 -94.03 -92.19
C GLY I 2 -42.70 -93.36 -92.60
N SER I 3 -42.79 -92.49 -93.60
CA SER I 3 -41.63 -91.73 -94.03
C SER I 3 -41.15 -90.82 -92.90
N GLU I 4 -39.84 -90.66 -92.81
CA GLU I 4 -39.23 -89.93 -91.70
C GLU I 4 -39.62 -88.45 -91.71
N LEU I 5 -39.61 -87.82 -92.87
CA LEU I 5 -39.97 -86.41 -92.95
C LEU I 5 -41.44 -86.20 -92.60
N GLU I 6 -42.31 -87.10 -93.09
CA GLU I 6 -43.71 -87.07 -92.67
C GLU I 6 -43.82 -87.18 -91.15
N SER I 7 -43.19 -88.20 -90.56
CA SER I 7 -43.21 -88.35 -89.11
C SER I 7 -42.80 -87.08 -88.42
N ALA I 8 -41.80 -86.37 -88.97
CA ALA I 8 -41.40 -85.10 -88.40
C ALA I 8 -42.56 -84.10 -88.41
N MET I 9 -43.31 -84.02 -89.52
CA MET I 9 -44.46 -83.13 -89.50
C MET I 9 -45.50 -83.56 -88.47
N GLU I 10 -45.78 -84.86 -88.32
CA GLU I 10 -46.75 -85.19 -87.27
C GLU I 10 -46.20 -84.92 -85.86
N THR I 11 -44.88 -84.97 -85.68
CA THR I 11 -44.33 -84.53 -84.40
C THR I 11 -44.61 -83.05 -84.16
N LEU I 12 -44.41 -82.21 -85.18
CA LEU I 12 -44.87 -80.82 -85.11
C LEU I 12 -46.34 -80.75 -84.72
N ILE I 13 -47.17 -81.56 -85.39
CA ILE I 13 -48.61 -81.51 -85.17
C ILE I 13 -48.91 -81.76 -83.70
N ASN I 14 -48.34 -82.81 -83.15
CA ASN I 14 -48.65 -83.21 -81.78
C ASN I 14 -48.11 -82.19 -80.78
N VAL I 15 -46.93 -81.65 -81.02
CA VAL I 15 -46.38 -80.69 -80.06
C VAL I 15 -47.23 -79.42 -80.04
N PHE I 16 -47.73 -78.98 -81.20
CA PHE I 16 -48.56 -77.78 -81.20
C PHE I 16 -49.91 -78.07 -80.55
N HIS I 17 -50.48 -79.24 -80.81
CA HIS I 17 -51.78 -79.56 -80.26
C HIS I 17 -51.71 -79.85 -78.76
N ALA I 18 -50.52 -80.15 -78.23
CA ALA I 18 -50.38 -80.23 -76.79
C ALA I 18 -50.86 -78.95 -76.12
N HIS I 19 -50.42 -77.78 -76.61
CA HIS I 19 -50.84 -76.50 -76.05
C HIS I 19 -52.20 -76.05 -76.57
N SER I 20 -52.54 -76.41 -77.81
CA SER I 20 -53.90 -76.18 -78.28
C SER I 20 -54.93 -76.81 -77.35
N GLY I 21 -54.70 -78.05 -76.91
CA GLY I 21 -55.62 -78.68 -76.00
C GLY I 21 -55.79 -77.92 -74.70
N LYS I 22 -54.69 -77.41 -74.15
CA LYS I 22 -54.78 -76.76 -72.84
C LYS I 22 -55.54 -75.44 -72.94
N GLU I 23 -55.25 -74.61 -73.95
CA GLU I 23 -55.91 -73.31 -73.94
C GLU I 23 -57.20 -73.32 -74.76
N GLY I 24 -57.14 -73.78 -76.01
CA GLY I 24 -58.30 -73.86 -76.87
C GLY I 24 -58.91 -75.25 -76.85
N ASP I 25 -59.72 -75.52 -77.88
CA ASP I 25 -60.37 -76.83 -77.94
C ASP I 25 -59.44 -77.91 -78.46
N LYS I 26 -59.06 -77.84 -79.74
CA LYS I 26 -58.06 -78.75 -80.29
C LYS I 26 -57.03 -78.04 -81.15
N TYR I 27 -57.47 -77.04 -81.93
CA TYR I 27 -56.60 -76.34 -82.87
C TYR I 27 -56.26 -74.92 -82.44
N LYS I 28 -57.19 -74.21 -81.80
CA LYS I 28 -56.96 -72.81 -81.47
C LYS I 28 -55.82 -72.70 -80.48
N LEU I 29 -54.94 -71.73 -80.70
CA LEU I 29 -53.82 -71.45 -79.80
C LEU I 29 -53.73 -69.96 -79.55
N SER I 30 -53.17 -69.61 -78.39
CA SER I 30 -52.92 -68.23 -78.02
C SER I 30 -51.43 -68.01 -77.79
N LYS I 31 -50.96 -66.82 -78.15
CA LYS I 31 -49.55 -66.50 -77.92
C LYS I 31 -49.19 -66.56 -76.45
N LYS I 32 -50.17 -66.31 -75.58
CA LYS I 32 -49.95 -66.42 -74.14
C LYS I 32 -49.21 -67.71 -73.80
N GLU I 33 -49.54 -68.80 -74.49
CA GLU I 33 -48.89 -70.08 -74.26
C GLU I 33 -47.89 -70.44 -75.36
N LEU I 34 -48.04 -69.86 -76.55
CA LEU I 34 -47.05 -70.09 -77.59
C LEU I 34 -45.67 -69.60 -77.15
N LYS I 35 -45.62 -68.52 -76.37
CA LYS I 35 -44.34 -68.04 -75.88
C LYS I 35 -43.65 -69.11 -75.05
N ASP I 36 -44.37 -69.70 -74.10
CA ASP I 36 -43.80 -70.74 -73.26
C ASP I 36 -43.41 -71.96 -74.09
N LEU I 37 -44.28 -72.36 -75.02
CA LEU I 37 -43.96 -73.50 -75.86
C LEU I 37 -42.64 -73.29 -76.59
N LEU I 38 -42.50 -72.15 -77.28
CA LEU I 38 -41.26 -71.94 -78.03
C LEU I 38 -40.07 -71.86 -77.07
N GLN I 39 -40.15 -71.02 -76.04
CA GLN I 39 -38.97 -70.76 -75.22
C GLN I 39 -38.56 -72.02 -74.44
N THR I 40 -39.49 -72.95 -74.25
CA THR I 40 -39.15 -74.16 -73.50
C THR I 40 -38.63 -75.25 -74.42
N GLU I 41 -39.44 -75.66 -75.41
CA GLU I 41 -39.03 -76.79 -76.24
C GLU I 41 -37.85 -76.45 -77.16
N LEU I 42 -37.73 -75.19 -77.61
CA LEU I 42 -36.57 -74.80 -78.40
C LEU I 42 -35.44 -74.27 -77.53
N SER I 43 -35.40 -74.64 -76.26
CA SER I 43 -34.31 -74.22 -75.39
C SER I 43 -32.99 -74.81 -75.84
N GLY I 44 -33.02 -76.05 -76.35
CA GLY I 44 -31.79 -76.67 -76.79
C GLY I 44 -31.10 -75.89 -77.91
N PHE I 45 -31.89 -75.36 -78.85
CA PHE I 45 -31.29 -74.64 -79.97
C PHE I 45 -30.65 -73.34 -79.52
N LEU I 46 -31.39 -72.53 -78.76
CA LEU I 46 -30.89 -71.21 -78.40
C LEU I 46 -29.60 -71.27 -77.60
N ASP I 47 -29.33 -72.40 -76.95
CA ASP I 47 -28.06 -72.57 -76.25
C ASP I 47 -26.89 -72.51 -77.22
N VAL I 48 -27.01 -73.16 -78.38
CA VAL I 48 -25.96 -73.18 -79.38
C VAL I 48 -26.18 -72.13 -80.47
N GLN I 49 -27.28 -71.39 -80.40
CA GLN I 49 -27.60 -70.38 -81.39
C GLN I 49 -26.80 -69.12 -81.14
N LYS I 50 -26.12 -68.64 -82.18
CA LYS I 50 -25.30 -67.44 -82.09
C LYS I 50 -25.78 -66.32 -82.99
N ASP I 51 -26.91 -66.49 -83.68
CA ASP I 51 -27.48 -65.43 -84.52
C ASP I 51 -28.26 -64.47 -83.62
N ALA I 52 -27.50 -63.56 -83.00
CA ALA I 52 -28.10 -62.58 -82.11
C ALA I 52 -29.21 -61.82 -82.81
N ASP I 53 -29.03 -61.50 -84.09
CA ASP I 53 -30.06 -60.76 -84.82
C ASP I 53 -31.37 -61.54 -84.86
N ALA I 54 -31.30 -62.83 -85.19
CA ALA I 54 -32.52 -63.61 -85.31
C ALA I 54 -33.17 -63.85 -83.95
N VAL I 55 -32.38 -64.15 -82.92
CA VAL I 55 -32.97 -64.34 -81.60
C VAL I 55 -33.59 -63.04 -81.10
N ASP I 56 -32.97 -61.90 -81.44
CA ASP I 56 -33.56 -60.61 -81.10
C ASP I 56 -34.87 -60.41 -81.85
N LYS I 57 -34.92 -60.83 -83.11
CA LYS I 57 -36.18 -60.76 -83.85
C LYS I 57 -37.25 -61.61 -83.17
N VAL I 58 -36.87 -62.75 -82.60
CA VAL I 58 -37.83 -63.58 -81.88
C VAL I 58 -38.28 -62.89 -80.60
N MET I 59 -37.35 -62.26 -79.89
CA MET I 59 -37.69 -61.53 -78.68
C MET I 59 -38.58 -60.33 -79.00
N LYS I 60 -38.48 -59.82 -80.22
CA LYS I 60 -39.41 -58.78 -80.67
C LYS I 60 -40.75 -59.38 -81.06
N GLU I 61 -40.73 -60.59 -81.63
CA GLU I 61 -41.97 -61.26 -81.96
C GLU I 61 -42.82 -61.51 -80.72
N LEU I 62 -42.18 -61.89 -79.62
CA LEU I 62 -42.97 -62.24 -78.44
C LEU I 62 -43.71 -61.02 -77.89
N ASP I 63 -43.08 -59.85 -77.87
CA ASP I 63 -43.78 -58.69 -77.33
C ASP I 63 -44.67 -58.04 -78.37
N GLU I 64 -44.41 -58.30 -79.66
CA GLU I 64 -45.34 -57.88 -80.70
C GLU I 64 -46.64 -58.66 -80.63
N ASN I 65 -46.55 -59.97 -80.38
CA ASN I 65 -47.68 -60.87 -80.53
C ASN I 65 -48.39 -61.15 -79.22
N GLY I 66 -48.31 -60.24 -78.26
CA GLY I 66 -49.05 -60.37 -77.01
C GLY I 66 -50.55 -60.34 -77.18
N ASP I 67 -51.03 -59.91 -78.35
CA ASP I 67 -52.46 -59.91 -78.62
C ASP I 67 -53.08 -61.29 -78.43
N GLY I 68 -52.31 -62.34 -78.67
CA GLY I 68 -52.71 -63.68 -78.25
C GLY I 68 -53.52 -64.49 -79.23
N GLU I 69 -53.36 -64.28 -80.53
CA GLU I 69 -53.96 -65.16 -81.54
C GLU I 69 -52.84 -65.76 -82.38
N VAL I 70 -52.84 -67.09 -82.50
CA VAL I 70 -51.84 -67.84 -83.25
C VAL I 70 -52.45 -69.15 -83.71
N ASP I 71 -51.86 -69.73 -84.75
CA ASP I 71 -52.28 -71.03 -85.25
C ASP I 71 -51.03 -71.82 -85.66
N PHE I 72 -51.27 -73.02 -86.21
CA PHE I 72 -50.17 -73.89 -86.59
C PHE I 72 -49.22 -73.19 -87.55
N LYS I 73 -49.75 -72.43 -88.50
CA LYS I 73 -48.89 -71.75 -89.46
C LYS I 73 -47.95 -70.78 -88.75
N GLU I 74 -48.49 -69.96 -87.84
CA GLU I 74 -47.66 -69.03 -87.12
C GLU I 74 -46.61 -69.75 -86.29
N TYR I 75 -47.01 -70.78 -85.55
CA TYR I 75 -46.04 -71.47 -84.70
C TYR I 75 -44.95 -72.13 -85.54
N VAL I 76 -45.31 -72.79 -86.63
CA VAL I 76 -44.30 -73.47 -87.43
C VAL I 76 -43.37 -72.48 -88.09
N VAL I 77 -43.90 -71.35 -88.58
CA VAL I 77 -43.01 -70.39 -89.24
C VAL I 77 -42.07 -69.75 -88.23
N LEU I 78 -42.55 -69.45 -87.02
CA LEU I 78 -41.68 -68.81 -86.04
C LEU I 78 -40.63 -69.79 -85.49
N VAL I 79 -41.02 -71.05 -85.27
CA VAL I 79 -40.02 -72.03 -84.85
C VAL I 79 -39.07 -72.36 -85.98
N ALA I 80 -39.50 -72.26 -87.24
CA ALA I 80 -38.58 -72.35 -88.36
C ALA I 80 -37.59 -71.20 -88.34
N ALA I 81 -38.06 -69.99 -88.01
CA ALA I 81 -37.14 -68.87 -87.83
C ALA I 81 -36.14 -69.18 -86.72
N LEU I 82 -36.61 -69.75 -85.61
CA LEU I 82 -35.70 -70.10 -84.52
C LEU I 82 -34.65 -71.12 -84.96
N THR I 83 -35.09 -72.19 -85.65
CA THR I 83 -34.13 -73.23 -86.02
C THR I 83 -33.15 -72.74 -87.07
N VAL I 84 -33.61 -71.91 -88.02
CA VAL I 84 -32.67 -71.34 -88.98
C VAL I 84 -31.73 -70.37 -88.28
N ALA I 85 -32.20 -69.68 -87.24
CA ALA I 85 -31.31 -68.84 -86.46
C ALA I 85 -30.20 -69.66 -85.81
N CYS I 86 -30.58 -70.78 -85.20
CA CYS I 86 -29.59 -71.62 -84.52
C CYS I 86 -28.62 -72.23 -85.52
N ASN I 87 -29.14 -72.82 -86.59
CA ASN I 87 -28.32 -73.57 -87.53
C ASN I 87 -27.52 -72.67 -88.48
N ASN I 88 -28.00 -71.46 -88.75
CA ASN I 88 -27.30 -70.59 -89.69
C ASN I 88 -25.92 -70.21 -89.18
N PHE I 89 -25.70 -70.34 -87.87
CA PHE I 89 -24.33 -70.35 -87.37
C PHE I 89 -23.60 -71.60 -87.87
N PHE I 90 -24.23 -72.77 -87.72
CA PHE I 90 -23.61 -74.01 -88.18
C PHE I 90 -23.30 -73.94 -89.67
N TRP I 91 -24.29 -73.55 -90.49
CA TRP I 91 -24.20 -73.55 -91.98
C TRP I 91 -24.48 -72.17 -92.58
N GLU I 92 -23.76 -71.78 -93.62
CA GLU I 92 -23.93 -70.45 -94.28
C GLU I 92 -25.29 -70.41 -94.99
N THR I 93 -26.10 -69.37 -94.77
CA THR I 93 -27.42 -69.16 -95.44
C THR I 93 -27.34 -67.89 -96.29
N SER I 94 -26.14 -67.35 -96.53
CA SER I 94 -25.88 -66.09 -97.30
C SER I 94 -25.92 -64.90 -96.34
N MET J 1 61.84 -96.30 71.07
CA MET J 1 62.75 -97.10 71.94
C MET J 1 63.41 -98.21 71.12
N GLY J 2 64.36 -98.92 71.73
CA GLY J 2 65.08 -99.96 71.02
C GLY J 2 65.92 -99.38 69.89
N SER J 3 66.07 -100.17 68.84
CA SER J 3 66.79 -99.71 67.66
C SER J 3 66.05 -98.53 67.03
N GLU J 4 66.82 -97.59 66.49
CA GLU J 4 66.25 -96.34 65.99
C GLU J 4 65.36 -96.57 64.77
N LEU J 5 65.78 -97.43 63.85
CA LEU J 5 64.98 -97.71 62.67
C LEU J 5 63.67 -98.41 63.05
N GLU J 6 63.76 -99.37 63.98
CA GLU J 6 62.55 -99.98 64.51
C GLU J 6 61.63 -98.94 65.10
N SER J 7 62.15 -98.09 66.00
CA SER J 7 61.35 -97.02 66.58
C SER J 7 60.67 -96.21 65.50
N ALA J 8 61.36 -95.95 64.40
CA ALA J 8 60.74 -95.23 63.29
C ALA J 8 59.53 -95.98 62.75
N MET J 9 59.65 -97.30 62.58
CA MET J 9 58.46 -98.04 62.15
C MET J 9 57.33 -97.97 63.16
N GLU J 10 57.61 -98.07 64.47
CA GLU J 10 56.47 -97.93 65.39
C GLU J 10 55.90 -96.51 65.39
N THR J 11 56.71 -95.50 65.07
CA THR J 11 56.14 -94.16 64.88
C THR J 11 55.16 -94.14 63.72
N LEU J 12 55.55 -94.77 62.60
CA LEU J 12 54.59 -94.98 61.51
C LEU J 12 53.33 -95.67 62.02
N ILE J 13 53.51 -96.74 62.80
CA ILE J 13 52.38 -97.53 63.28
C ILE J 13 51.40 -96.64 64.03
N ASN J 14 51.92 -95.86 64.98
CA ASN J 14 51.08 -95.05 65.84
C ASN J 14 50.40 -93.92 65.05
N VAL J 15 51.13 -93.30 64.12
CA VAL J 15 50.52 -92.21 63.37
C VAL J 15 49.38 -92.73 62.50
N PHE J 16 49.54 -93.92 61.91
CA PHE J 16 48.44 -94.46 61.09
C PHE J 16 47.27 -94.88 61.96
N HIS J 17 47.55 -95.47 63.12
CA HIS J 17 46.46 -95.92 63.97
C HIS J 17 45.76 -94.77 64.66
N ALA J 18 46.37 -93.59 64.72
CA ALA J 18 45.65 -92.41 65.18
C ALA J 18 44.37 -92.21 64.38
N HIS J 19 44.47 -92.25 63.05
CA HIS J 19 43.29 -92.10 62.19
C HIS J 19 42.48 -93.38 62.05
N SER J 20 43.13 -94.54 62.11
CA SER J 20 42.39 -95.79 62.18
C SER J 20 41.42 -95.80 63.35
N GLY J 21 41.85 -95.33 64.52
CA GLY J 21 40.95 -95.28 65.66
C GLY J 21 39.74 -94.40 65.42
N LYS J 22 39.94 -93.25 64.77
CA LYS J 22 38.82 -92.33 64.61
C LYS J 22 37.79 -92.87 63.64
N GLU J 23 38.23 -93.41 62.49
CA GLU J 23 37.21 -93.83 61.52
C GLU J 23 36.83 -95.30 61.70
N GLY J 24 37.81 -96.20 61.71
CA GLY J 24 37.56 -97.61 61.90
C GLY J 24 37.74 -98.03 63.35
N ASP J 25 37.92 -99.34 63.53
CA ASP J 25 38.07 -99.83 64.90
C ASP J 25 39.49 -99.63 65.42
N LYS J 26 40.47 -100.34 64.85
CA LYS J 26 41.86 -100.09 65.20
C LYS J 26 42.77 -100.05 63.98
N TYR J 27 42.50 -100.89 62.99
CA TYR J 27 43.34 -101.01 61.80
C TYR J 27 42.71 -100.45 60.53
N LYS J 28 41.40 -100.56 60.39
CA LYS J 28 40.75 -100.15 59.16
C LYS J 28 40.88 -98.64 58.99
N LEU J 29 41.19 -98.21 57.77
CA LEU J 29 41.30 -96.80 57.44
C LEU J 29 40.57 -96.51 56.14
N SER J 30 40.11 -95.27 56.00
CA SER J 30 39.46 -94.79 54.80
C SER J 30 40.25 -93.63 54.19
N LYS J 31 40.27 -93.57 52.86
CA LYS J 31 40.96 -92.46 52.21
C LYS J 31 40.35 -91.12 52.60
N LYS J 32 39.05 -91.11 52.94
CA LYS J 32 38.40 -89.88 53.40
C LYS J 32 39.26 -89.16 54.44
N GLU J 33 39.93 -89.92 55.31
CA GLU J 33 40.78 -89.35 56.33
C GLU J 33 42.27 -89.50 56.01
N LEU J 34 42.62 -90.48 55.17
CA LEU J 34 44.01 -90.61 54.76
C LEU J 34 44.48 -89.36 54.02
N LYS J 35 43.57 -88.73 53.27
CA LYS J 35 43.95 -87.51 52.58
C LYS J 35 44.39 -86.44 53.57
N ASP J 36 43.60 -86.21 54.62
CA ASP J 36 43.94 -85.23 55.63
C ASP J 36 45.22 -85.61 56.35
N LEU J 37 45.35 -86.88 56.72
CA LEU J 37 46.56 -87.34 57.39
C LEU J 37 47.80 -87.00 56.56
N LEU J 38 47.81 -87.40 55.29
CA LEU J 38 49.00 -87.13 54.49
C LEU J 38 49.22 -85.63 54.34
N GLN J 39 48.19 -84.89 53.91
CA GLN J 39 48.39 -83.49 53.56
C GLN J 39 48.75 -82.66 54.79
N THR J 40 48.41 -83.15 55.98
CA THR J 40 48.71 -82.39 57.19
C THR J 40 50.08 -82.75 57.73
N GLU J 41 50.30 -84.03 58.06
CA GLU J 41 51.57 -84.40 58.70
C GLU J 41 52.75 -84.31 57.75
N LEU J 42 52.56 -84.54 56.44
CA LEU J 42 53.65 -84.36 55.49
C LEU J 42 53.67 -82.94 54.92
N SER J 43 53.11 -81.97 55.62
CA SER J 43 53.14 -80.59 55.17
C SER J 43 54.57 -80.07 55.15
N GLY J 44 55.39 -80.49 56.12
CA GLY J 44 56.76 -80.02 56.17
C GLY J 44 57.54 -80.38 54.92
N PHE J 45 57.35 -81.60 54.41
CA PHE J 45 58.09 -82.03 53.23
C PHE J 45 57.70 -81.23 51.99
N LEU J 46 56.40 -81.15 51.71
CA LEU J 46 55.96 -80.53 50.47
C LEU J 46 56.40 -79.06 50.37
N ASP J 47 56.68 -78.42 51.50
CA ASP J 47 57.20 -77.06 51.47
C ASP J 47 58.55 -77.00 50.75
N VAL J 48 59.43 -77.96 51.04
CA VAL J 48 60.75 -78.02 50.42
C VAL J 48 60.78 -78.96 49.22
N GLN J 49 59.67 -79.62 48.92
CA GLN J 49 59.59 -80.56 47.81
C GLN J 49 59.46 -79.82 46.50
N LYS J 50 60.33 -80.13 45.54
CA LYS J 50 60.31 -79.50 44.23
C LYS J 50 60.03 -80.48 43.09
N ASP J 51 59.74 -81.75 43.40
CA ASP J 51 59.40 -82.73 42.37
C ASP J 51 57.93 -82.55 42.02
N ALA J 52 57.68 -81.58 41.14
CA ALA J 52 56.32 -81.29 40.71
C ALA J 52 55.65 -82.54 40.16
N ASP J 53 56.39 -83.37 39.44
CA ASP J 53 55.81 -84.58 38.88
C ASP J 53 55.28 -85.49 39.98
N ALA J 54 56.08 -85.72 41.02
CA ALA J 54 55.65 -86.63 42.07
C ALA J 54 54.52 -86.05 42.90
N VAL J 55 54.57 -84.76 43.23
CA VAL J 55 53.47 -84.17 43.98
C VAL J 55 52.19 -84.18 43.15
N ASP J 56 52.32 -83.99 41.83
CA ASP J 56 51.16 -84.11 40.96
C ASP J 56 50.63 -85.54 40.96
N LYS J 57 51.52 -86.54 40.97
CA LYS J 57 51.07 -87.92 41.08
C LYS J 57 50.31 -88.13 42.38
N VAL J 58 50.73 -87.47 43.46
CA VAL J 58 50.01 -87.60 44.73
C VAL J 58 48.64 -86.92 44.63
N MET J 59 48.58 -85.76 43.99
CA MET J 59 47.31 -85.07 43.80
C MET J 59 46.38 -85.87 42.89
N LYS J 60 46.95 -86.72 42.03
CA LYS J 60 46.14 -87.64 41.25
C LYS J 60 45.72 -88.83 42.11
N GLU J 61 46.58 -89.26 43.02
CA GLU J 61 46.24 -90.36 43.91
C GLU J 61 45.03 -90.00 44.77
N LEU J 62 44.98 -88.76 45.24
CA LEU J 62 43.89 -88.40 46.15
C LEU J 62 42.54 -88.47 45.46
N ASP J 63 42.45 -88.00 44.21
CA ASP J 63 41.15 -88.04 43.54
C ASP J 63 40.89 -89.40 42.91
N GLU J 64 41.94 -90.20 42.69
CA GLU J 64 41.73 -91.58 42.29
C GLU J 64 41.15 -92.42 43.43
N ASN J 65 41.62 -92.19 44.64
CA ASN J 65 41.34 -93.07 45.77
C ASN J 65 40.19 -92.56 46.63
N GLY J 66 39.29 -91.76 46.07
CA GLY J 66 38.11 -91.32 46.79
C GLY J 66 37.17 -92.45 47.18
N ASP J 67 37.35 -93.65 46.60
CA ASP J 67 36.53 -94.79 46.97
C ASP J 67 36.60 -95.08 48.45
N GLY J 68 37.72 -94.78 49.10
CA GLY J 68 37.79 -94.75 50.55
C GLY J 68 38.16 -96.03 51.25
N GLU J 69 38.95 -96.89 50.61
CA GLU J 69 39.52 -98.06 51.29
C GLU J 69 41.04 -97.96 51.24
N VAL J 70 41.68 -98.07 52.40
CA VAL J 70 43.13 -97.98 52.53
C VAL J 70 43.55 -98.76 53.77
N ASP J 71 44.83 -99.15 53.81
CA ASP J 71 45.41 -99.84 54.95
C ASP J 71 46.83 -99.32 55.16
N PHE J 72 47.50 -99.91 56.15
CA PHE J 72 48.86 -99.49 56.47
C PHE J 72 49.77 -99.56 55.26
N LYS J 73 49.65 -100.62 54.45
CA LYS J 73 50.51 -100.75 53.28
C LYS J 73 50.31 -99.58 52.32
N GLU J 74 49.05 -99.24 52.03
CA GLU J 74 48.78 -98.12 51.14
C GLU J 74 49.32 -96.82 51.71
N TYR J 75 49.05 -96.56 52.99
CA TYR J 75 49.50 -95.29 53.57
C TYR J 75 51.03 -95.20 53.56
N VAL J 76 51.71 -96.28 53.94
CA VAL J 76 53.16 -96.21 54.01
C VAL J 76 53.76 -96.08 52.63
N VAL J 77 53.20 -96.76 51.63
CA VAL J 77 53.79 -96.65 50.29
C VAL J 77 53.55 -95.26 49.71
N LEU J 78 52.37 -94.68 49.96
CA LEU J 78 52.12 -93.34 49.40
C LEU J 78 52.92 -92.26 50.13
N VAL J 79 53.07 -92.38 51.45
CA VAL J 79 53.92 -91.41 52.14
C VAL J 79 55.40 -91.64 51.80
N ALA J 80 55.78 -92.87 51.48
CA ALA J 80 57.12 -93.10 50.93
C ALA J 80 57.29 -92.40 49.59
N ALA J 81 56.25 -92.45 48.74
CA ALA J 81 56.28 -91.68 47.50
C ALA J 81 56.44 -90.19 47.80
N LEU J 82 55.71 -89.68 48.79
CA LEU J 82 55.84 -88.27 49.16
C LEU J 82 57.25 -87.92 49.61
N THR J 83 57.83 -88.74 50.50
CA THR J 83 59.15 -88.41 51.04
C THR J 83 60.22 -88.53 49.96
N VAL J 84 60.11 -89.54 49.08
CA VAL J 84 61.07 -89.62 47.99
C VAL J 84 60.88 -88.45 47.02
N ALA J 85 59.65 -87.98 46.86
CA ALA J 85 59.42 -86.79 46.06
C ALA J 85 60.15 -85.58 46.65
N CYS J 86 60.01 -85.39 47.96
CA CYS J 86 60.65 -84.24 48.61
C CYS J 86 62.16 -84.35 48.56
N ASN J 87 62.70 -85.52 48.93
CA ASN J 87 64.14 -85.69 49.07
C ASN J 87 64.85 -85.85 47.73
N ASN J 88 64.17 -86.35 46.70
CA ASN J 88 64.82 -86.58 45.42
C ASN J 88 65.28 -85.26 44.80
N PHE J 89 64.72 -84.13 45.24
CA PHE J 89 65.36 -82.86 44.98
C PHE J 89 66.69 -82.77 45.72
N PHE J 90 66.68 -83.09 47.01
CA PHE J 90 67.91 -83.05 47.80
C PHE J 90 68.98 -83.96 47.20
N TRP J 91 68.62 -85.23 46.91
CA TRP J 91 69.56 -86.28 46.44
C TRP J 91 69.13 -86.89 45.10
N GLU J 92 70.07 -87.18 44.20
CA GLU J 92 69.77 -87.77 42.86
C GLU J 92 69.25 -89.19 43.04
N THR J 93 68.11 -89.55 42.43
CA THR J 93 67.53 -90.93 42.45
C THR J 93 67.53 -91.48 41.02
N SER J 94 68.25 -90.86 40.09
CA SER J 94 68.35 -91.24 38.64
C SER J 94 67.23 -90.52 37.87
N GLY K 2 -52.23 80.86 -65.39
CA GLY K 2 -52.39 81.83 -64.32
C GLY K 2 -53.78 82.42 -64.26
N SER K 3 -54.05 83.17 -63.20
CA SER K 3 -55.37 83.79 -63.03
C SER K 3 -55.49 85.05 -63.88
N GLU K 4 -56.72 85.53 -64.01
CA GLU K 4 -56.96 86.74 -64.80
C GLU K 4 -56.28 87.96 -64.16
N LEU K 5 -56.07 87.91 -62.84
CA LEU K 5 -55.24 88.93 -62.22
C LEU K 5 -53.84 88.92 -62.79
N GLU K 6 -53.30 87.73 -63.06
CA GLU K 6 -51.99 87.68 -63.68
C GLU K 6 -52.01 88.34 -65.04
N SER K 7 -53.03 88.09 -65.86
CA SER K 7 -53.19 88.77 -67.14
C SER K 7 -53.27 90.29 -66.97
N ALA K 8 -53.94 90.76 -65.92
CA ALA K 8 -53.94 92.19 -65.63
C ALA K 8 -52.51 92.69 -65.36
N MET K 9 -51.73 91.89 -64.62
CA MET K 9 -50.33 92.26 -64.37
C MET K 9 -49.53 92.34 -65.67
N GLU K 10 -49.70 91.37 -66.57
CA GLU K 10 -49.01 91.49 -67.86
C GLU K 10 -49.52 92.70 -68.64
N THR K 11 -50.81 93.03 -68.50
CA THR K 11 -51.30 94.24 -69.14
C THR K 11 -50.53 95.47 -68.65
N LEU K 12 -50.41 95.62 -67.33
CA LEU K 12 -49.67 96.75 -66.78
C LEU K 12 -48.21 96.74 -67.23
N ILE K 13 -47.57 95.57 -67.22
CA ILE K 13 -46.16 95.52 -67.54
C ILE K 13 -45.94 95.82 -69.02
N ASN K 14 -46.82 95.30 -69.89
CA ASN K 14 -46.70 95.60 -71.32
C ASN K 14 -46.91 97.08 -71.60
N VAL K 15 -47.91 97.71 -70.98
CA VAL K 15 -48.09 99.14 -71.22
C VAL K 15 -46.88 99.92 -70.72
N PHE K 16 -46.39 99.58 -69.52
CA PHE K 16 -45.23 100.28 -68.99
C PHE K 16 -44.02 100.14 -69.90
N HIS K 17 -43.81 98.96 -70.47
CA HIS K 17 -42.64 98.76 -71.33
C HIS K 17 -42.82 99.42 -72.68
N ALA K 18 -44.02 99.31 -73.26
CA ALA K 18 -44.28 99.94 -74.55
C ALA K 18 -44.10 101.44 -74.47
N HIS K 19 -44.31 102.03 -73.28
CA HIS K 19 -44.05 103.46 -73.15
C HIS K 19 -42.67 103.76 -72.57
N SER K 20 -42.02 102.77 -71.96
CA SER K 20 -40.66 102.96 -71.49
C SER K 20 -39.67 102.97 -72.65
N GLY K 21 -39.98 102.23 -73.70
CA GLY K 21 -39.18 102.32 -74.92
C GLY K 21 -38.99 103.75 -75.39
N LYS K 22 -39.87 104.66 -74.95
CA LYS K 22 -39.72 106.07 -75.28
C LYS K 22 -38.37 106.61 -74.80
N GLU K 23 -38.17 106.67 -73.49
CA GLU K 23 -36.94 107.21 -72.92
C GLU K 23 -36.15 106.17 -72.14
N GLY K 24 -36.81 105.48 -71.22
CA GLY K 24 -36.09 104.60 -70.32
C GLY K 24 -35.62 103.34 -71.03
N ASP K 25 -34.58 102.72 -70.46
CA ASP K 25 -33.95 101.59 -71.15
C ASP K 25 -34.94 100.44 -71.33
N LYS K 26 -35.26 99.74 -70.24
CA LYS K 26 -36.31 98.72 -70.31
C LYS K 26 -37.34 98.90 -69.19
N TYR K 27 -36.91 98.78 -67.93
CA TYR K 27 -37.83 98.83 -66.76
C TYR K 27 -37.71 100.22 -66.13
N LYS K 28 -37.05 101.15 -66.79
CA LYS K 28 -36.90 102.55 -66.31
C LYS K 28 -37.70 103.40 -67.29
N LEU K 29 -38.13 104.60 -66.90
CA LEU K 29 -38.84 105.53 -67.81
C LEU K 29 -38.82 106.94 -67.21
N SER K 30 -38.36 107.93 -67.97
CA SER K 30 -38.31 109.32 -67.52
C SER K 30 -39.71 109.87 -67.34
N LYS K 31 -39.86 110.76 -66.36
CA LYS K 31 -41.19 111.32 -66.10
C LYS K 31 -41.64 112.18 -67.27
N LYS K 32 -40.73 112.93 -67.89
CA LYS K 32 -41.12 113.79 -69.01
C LYS K 32 -42.02 113.06 -69.98
N GLU K 33 -41.85 111.74 -70.11
CA GLU K 33 -42.72 110.92 -70.93
C GLU K 33 -43.76 110.15 -70.15
N LEU K 34 -43.41 109.59 -68.98
CA LEU K 34 -44.38 108.82 -68.21
C LEU K 34 -45.59 109.65 -67.81
N LYS K 35 -45.41 110.96 -67.66
CA LYS K 35 -46.55 111.85 -67.44
C LYS K 35 -47.53 111.75 -68.61
N ASP K 36 -47.03 111.85 -69.83
CA ASP K 36 -47.91 111.73 -70.99
C ASP K 36 -48.61 110.39 -70.97
N LEU K 37 -47.88 109.32 -70.67
CA LEU K 37 -48.52 108.02 -70.52
C LEU K 37 -49.68 108.09 -69.54
N LEU K 38 -49.45 108.67 -68.35
CA LEU K 38 -50.45 108.54 -67.29
C LEU K 38 -51.69 109.35 -67.63
N GLN K 39 -51.55 110.61 -68.07
CA GLN K 39 -52.77 111.33 -68.48
C GLN K 39 -53.45 110.66 -69.67
N THR K 40 -52.71 110.28 -70.71
CA THR K 40 -53.36 109.72 -71.89
C THR K 40 -54.11 108.44 -71.54
N GLU K 41 -53.53 107.59 -70.70
CA GLU K 41 -54.13 106.29 -70.43
C GLU K 41 -55.23 106.39 -69.38
N LEU K 42 -55.08 107.30 -68.41
CA LEU K 42 -56.11 107.55 -67.41
C LEU K 42 -57.12 108.59 -67.88
N SER K 43 -57.07 108.95 -69.17
CA SER K 43 -57.95 109.99 -69.69
C SER K 43 -59.40 109.75 -69.29
N GLY K 44 -59.86 108.49 -69.38
CA GLY K 44 -61.19 108.18 -68.91
C GLY K 44 -61.36 108.48 -67.42
N PHE K 45 -60.46 107.95 -66.60
CA PHE K 45 -60.56 108.16 -65.16
C PHE K 45 -60.41 109.64 -64.80
N LEU K 46 -59.35 110.29 -65.29
CA LEU K 46 -59.13 111.68 -64.92
C LEU K 46 -60.28 112.57 -65.42
N ASP K 47 -60.90 112.21 -66.54
CA ASP K 47 -62.04 112.98 -67.03
C ASP K 47 -63.30 112.72 -66.22
N VAL K 48 -63.44 111.52 -65.66
CA VAL K 48 -64.61 111.21 -64.83
C VAL K 48 -64.22 111.33 -63.36
N GLN K 49 -63.15 112.08 -63.10
CA GLN K 49 -62.62 112.20 -61.74
C GLN K 49 -63.71 112.62 -60.78
N LYS K 50 -63.77 111.94 -59.62
CA LYS K 50 -64.79 112.20 -58.63
C LYS K 50 -64.25 112.81 -57.34
N ASP K 51 -62.95 112.68 -57.08
CA ASP K 51 -62.32 113.28 -55.91
C ASP K 51 -61.43 114.43 -56.38
N ALA K 52 -61.92 115.66 -56.21
CA ALA K 52 -61.13 116.83 -56.54
C ALA K 52 -59.79 116.80 -55.81
N ASP K 53 -59.78 116.26 -54.59
CA ASP K 53 -58.52 116.12 -53.87
C ASP K 53 -57.55 115.22 -54.63
N ALA K 54 -58.02 114.06 -55.09
CA ALA K 54 -57.13 113.15 -55.80
C ALA K 54 -56.63 113.78 -57.10
N VAL K 55 -57.52 114.43 -57.85
CA VAL K 55 -57.09 115.00 -59.11
C VAL K 55 -56.07 116.13 -58.88
N ASP K 56 -56.29 116.96 -57.86
CA ASP K 56 -55.31 118.02 -57.61
C ASP K 56 -53.99 117.46 -57.10
N LYS K 57 -54.03 116.40 -56.29
CA LYS K 57 -52.78 115.77 -55.88
C LYS K 57 -51.99 115.25 -57.07
N VAL K 58 -52.67 114.63 -58.05
CA VAL K 58 -51.92 114.15 -59.21
C VAL K 58 -51.43 115.32 -60.07
N MET K 59 -52.25 116.38 -60.21
CA MET K 59 -51.82 117.55 -60.98
C MET K 59 -50.63 118.25 -60.34
N LYS K 60 -50.46 118.10 -59.03
CA LYS K 60 -49.25 118.63 -58.40
C LYS K 60 -48.12 117.61 -58.42
N GLU K 61 -48.43 116.32 -58.44
CA GLU K 61 -47.41 115.29 -58.52
C GLU K 61 -46.66 115.38 -59.84
N LEU K 62 -47.38 115.64 -60.94
CA LEU K 62 -46.73 115.71 -62.25
C LEU K 62 -45.57 116.70 -62.23
N ASP K 63 -45.71 117.79 -61.47
CA ASP K 63 -44.64 118.77 -61.33
C ASP K 63 -43.68 118.42 -60.20
N GLU K 64 -44.18 117.77 -59.14
CA GLU K 64 -43.33 117.44 -58.01
C GLU K 64 -42.22 116.47 -58.42
N ASN K 65 -42.51 115.56 -59.35
CA ASN K 65 -41.55 114.53 -59.74
C ASN K 65 -40.75 114.91 -60.97
N GLY K 66 -40.36 116.17 -61.10
CA GLY K 66 -39.53 116.61 -62.21
C GLY K 66 -38.09 116.15 -62.10
N ASP K 67 -37.86 114.85 -62.28
CA ASP K 67 -36.53 114.27 -62.17
C ASP K 67 -36.15 113.44 -63.39
N GLY K 68 -37.07 113.23 -64.32
CA GLY K 68 -36.77 112.39 -65.47
C GLY K 68 -36.46 110.95 -65.13
N GLU K 69 -36.93 110.47 -63.98
CA GLU K 69 -36.73 109.08 -63.59
C GLU K 69 -37.73 108.74 -62.49
N VAL K 70 -38.50 107.69 -62.74
CA VAL K 70 -39.59 107.30 -61.85
C VAL K 70 -39.81 105.80 -61.99
N ASP K 71 -39.82 105.08 -60.86
CA ASP K 71 -39.84 103.63 -60.93
C ASP K 71 -41.26 103.09 -61.04
N PHE K 72 -41.35 101.81 -61.41
CA PHE K 72 -42.64 101.19 -61.71
C PHE K 72 -43.51 101.13 -60.47
N LYS K 73 -42.91 100.97 -59.28
CA LYS K 73 -43.71 100.95 -58.07
C LYS K 73 -44.43 102.27 -57.86
N GLU K 74 -43.74 103.40 -58.02
CA GLU K 74 -44.40 104.69 -57.91
C GLU K 74 -45.37 104.94 -59.05
N TYR K 75 -45.10 104.44 -60.26
CA TYR K 75 -46.11 104.55 -61.31
C TYR K 75 -47.41 103.83 -60.94
N VAL K 76 -47.31 102.57 -60.50
CA VAL K 76 -48.52 101.86 -60.13
C VAL K 76 -49.20 102.54 -58.95
N VAL K 77 -48.41 103.07 -58.01
CA VAL K 77 -48.98 103.75 -56.86
C VAL K 77 -49.75 104.99 -57.30
N LEU K 78 -49.17 105.77 -58.22
CA LEU K 78 -49.78 107.05 -58.59
C LEU K 78 -51.00 106.84 -59.47
N VAL K 79 -51.02 105.78 -60.29
CA VAL K 79 -52.23 105.48 -61.04
C VAL K 79 -53.31 104.95 -60.11
N ALA K 80 -52.93 104.09 -59.16
CA ALA K 80 -53.88 103.64 -58.15
C ALA K 80 -54.41 104.80 -57.32
N ALA K 81 -53.66 105.89 -57.19
CA ALA K 81 -54.16 107.04 -56.46
C ALA K 81 -55.46 107.56 -57.08
N LEU K 82 -55.48 107.75 -58.39
CA LEU K 82 -56.71 108.15 -59.07
C LEU K 82 -57.74 107.03 -59.03
N THR K 83 -57.30 105.79 -59.31
CA THR K 83 -58.23 104.68 -59.43
C THR K 83 -59.01 104.46 -58.14
N VAL K 84 -58.31 104.39 -57.01
CA VAL K 84 -58.94 104.12 -55.72
C VAL K 84 -59.84 105.27 -55.30
N ALA K 85 -59.46 106.52 -55.63
CA ALA K 85 -60.32 107.65 -55.31
C ALA K 85 -61.65 107.54 -56.05
N CYS K 86 -61.59 107.36 -57.37
CA CYS K 86 -62.83 107.20 -58.14
C CYS K 86 -63.60 105.98 -57.67
N ASN K 87 -62.89 104.94 -57.24
CA ASN K 87 -63.51 103.76 -56.69
C ASN K 87 -64.31 104.06 -55.42
N ASN K 88 -63.67 104.72 -54.45
CA ASN K 88 -64.31 104.96 -53.16
C ASN K 88 -65.48 105.92 -53.32
N PHE K 89 -65.41 106.82 -54.30
CA PHE K 89 -66.59 107.65 -54.57
C PHE K 89 -67.76 106.80 -55.05
N PHE K 90 -67.52 105.94 -56.05
CA PHE K 90 -68.61 105.14 -56.60
C PHE K 90 -69.25 104.26 -55.55
N TRP K 91 -68.46 103.45 -54.85
CA TRP K 91 -69.04 102.47 -53.95
C TRP K 91 -69.08 102.95 -52.50
N GLU K 92 -69.77 102.18 -51.66
CA GLU K 92 -70.19 102.66 -50.35
C GLU K 92 -69.00 102.95 -49.44
N THR K 93 -67.95 102.14 -49.52
CA THR K 93 -66.80 102.26 -48.62
C THR K 93 -67.15 101.82 -47.21
N SER K 94 -67.92 100.75 -47.08
CA SER K 94 -68.24 100.15 -45.78
C SER K 94 -68.78 101.18 -44.80
N GLY L 2 -32.11 -81.95 -76.02
CA GLY L 2 -33.26 -81.23 -76.51
C GLY L 2 -34.51 -82.09 -76.58
N SER L 3 -35.65 -81.45 -76.86
CA SER L 3 -36.91 -82.17 -76.94
C SER L 3 -37.05 -82.86 -78.29
N GLU L 4 -38.03 -83.77 -78.37
CA GLU L 4 -38.25 -84.50 -79.62
C GLU L 4 -38.69 -83.56 -80.73
N LEU L 5 -39.30 -82.43 -80.37
CA LEU L 5 -39.54 -81.38 -81.37
C LEU L 5 -38.24 -80.91 -81.98
N GLU L 6 -37.19 -80.77 -81.16
CA GLU L 6 -35.91 -80.40 -81.71
C GLU L 6 -35.42 -81.42 -82.72
N SER L 7 -35.52 -82.71 -82.40
CA SER L 7 -35.20 -83.76 -83.35
C SER L 7 -36.00 -83.67 -84.63
N ALA L 8 -37.28 -83.31 -84.53
CA ALA L 8 -38.07 -83.05 -85.73
C ALA L 8 -37.47 -81.91 -86.55
N MET L 9 -37.02 -80.85 -85.88
CA MET L 9 -36.36 -79.75 -86.57
C MET L 9 -35.10 -80.20 -87.28
N GLU L 10 -34.26 -81.02 -86.62
CA GLU L 10 -33.09 -81.53 -87.33
C GLU L 10 -33.52 -82.44 -88.49
N THR L 11 -34.62 -83.15 -88.34
CA THR L 11 -35.11 -83.95 -89.46
C THR L 11 -35.40 -83.06 -90.67
N LEU L 12 -36.15 -81.97 -90.45
CA LEU L 12 -36.46 -81.06 -91.55
C LEU L 12 -35.19 -80.44 -92.12
N ILE L 13 -34.25 -80.03 -91.27
CA ILE L 13 -33.07 -79.35 -91.78
C ILE L 13 -32.20 -80.32 -92.56
N ASN L 14 -32.06 -81.56 -92.08
CA ASN L 14 -31.28 -82.56 -92.80
C ASN L 14 -31.90 -82.89 -94.15
N VAL L 15 -33.23 -83.06 -94.21
CA VAL L 15 -33.83 -83.33 -95.51
C VAL L 15 -33.62 -82.15 -96.45
N PHE L 16 -33.84 -80.93 -95.95
CA PHE L 16 -33.67 -79.75 -96.79
C PHE L 16 -32.24 -79.66 -97.32
N HIS L 17 -31.25 -79.97 -96.49
CA HIS L 17 -29.86 -79.86 -96.94
C HIS L 17 -29.48 -80.99 -97.88
N ALA L 18 -29.92 -82.21 -97.57
CA ALA L 18 -29.62 -83.34 -98.43
C ALA L 18 -30.19 -83.14 -99.82
N HIS L 19 -31.28 -82.36 -99.93
CA HIS L 19 -31.81 -82.08 -101.26
C HIS L 19 -31.34 -80.73 -101.80
N SER L 20 -30.81 -79.85 -100.93
CA SER L 20 -30.24 -78.60 -101.40
C SER L 20 -28.90 -78.84 -102.07
N GLY L 21 -28.17 -79.86 -101.62
CA GLY L 21 -26.95 -80.25 -102.31
C GLY L 21 -27.17 -80.45 -103.80
N LYS L 22 -28.42 -80.68 -104.20
CA LYS L 22 -28.73 -80.80 -105.62
C LYS L 22 -28.33 -79.56 -106.40
N GLU L 23 -28.98 -78.43 -106.13
CA GLU L 23 -28.72 -77.19 -106.84
C GLU L 23 -28.17 -76.10 -105.92
N GLY L 24 -28.86 -75.84 -104.82
CA GLY L 24 -28.50 -74.71 -103.98
C GLY L 24 -27.22 -74.95 -103.22
N ASP L 25 -26.57 -73.86 -102.81
CA ASP L 25 -25.25 -73.99 -102.21
C ASP L 25 -25.31 -74.78 -100.91
N LYS L 26 -25.88 -74.18 -99.86
CA LYS L 26 -26.10 -74.94 -98.63
C LYS L 26 -27.54 -74.77 -98.13
N TYR L 27 -27.93 -73.53 -97.78
CA TYR L 27 -29.26 -73.25 -97.19
C TYR L 27 -30.16 -72.67 -98.28
N LYS L 28 -29.72 -72.73 -99.54
CA LYS L 28 -30.51 -72.24 -100.69
C LYS L 28 -30.86 -73.49 -101.49
N LEU L 29 -31.90 -73.46 -102.33
CA LEU L 29 -32.26 -74.59 -103.20
C LEU L 29 -33.21 -74.10 -104.30
N SER L 30 -32.88 -74.35 -105.56
CA SER L 30 -33.72 -73.96 -106.69
C SER L 30 -35.02 -74.74 -106.70
N LYS L 31 -36.08 -74.08 -107.15
CA LYS L 31 -37.38 -74.74 -107.16
C LYS L 31 -37.40 -75.91 -108.14
N LYS L 32 -36.73 -75.76 -109.29
CA LYS L 32 -36.72 -76.85 -110.27
C LYS L 32 -36.46 -78.19 -109.61
N GLU L 33 -35.69 -78.19 -108.51
CA GLU L 33 -35.45 -79.40 -107.75
C GLU L 33 -36.29 -79.50 -106.48
N LEU L 34 -36.48 -78.41 -105.75
CA LEU L 34 -37.25 -78.46 -104.52
C LEU L 34 -38.68 -78.94 -104.76
N LYS L 35 -39.22 -78.69 -105.95
CA LYS L 35 -40.51 -79.26 -106.31
C LYS L 35 -40.46 -80.78 -106.27
N ASP L 36 -39.44 -81.38 -106.88
CA ASP L 36 -39.31 -82.82 -106.84
C ASP L 36 -39.24 -83.30 -105.40
N LEU L 37 -38.44 -82.61 -104.58
CA LEU L 37 -38.40 -82.95 -103.15
C LEU L 37 -39.80 -82.96 -102.57
N LEU L 38 -40.57 -81.90 -102.81
CA LEU L 38 -41.82 -81.75 -102.06
C LEU L 38 -42.84 -82.81 -102.49
N GLN L 39 -43.03 -83.03 -103.80
CA GLN L 39 -43.94 -84.12 -104.17
C GLN L 39 -43.43 -85.48 -103.72
N THR L 40 -42.14 -85.78 -103.91
CA THR L 40 -41.65 -87.11 -103.55
C THR L 40 -41.82 -87.37 -102.06
N GLU L 41 -41.52 -86.36 -101.22
CA GLU L 41 -41.55 -86.58 -99.78
C GLU L 41 -42.96 -86.50 -99.22
N LEU L 42 -43.81 -85.65 -99.79
CA LEU L 42 -45.21 -85.56 -99.39
C LEU L 42 -46.08 -86.55 -100.15
N SER L 43 -45.45 -87.50 -100.87
CA SER L 43 -46.21 -88.45 -101.68
C SER L 43 -47.32 -89.11 -100.87
N GLY L 44 -47.04 -89.49 -99.62
CA GLY L 44 -48.10 -90.01 -98.78
C GLY L 44 -49.20 -89.00 -98.56
N PHE L 45 -48.83 -87.79 -98.12
CA PHE L 45 -49.83 -86.76 -97.86
C PHE L 45 -50.59 -86.38 -99.12
N LEU L 46 -49.86 -86.04 -100.19
CA LEU L 46 -50.54 -85.60 -101.41
C LEU L 46 -51.41 -86.70 -101.99
N ASP L 47 -51.03 -87.96 -101.79
CA ASP L 47 -51.85 -89.06 -102.28
C ASP L 47 -53.08 -89.28 -101.39
N VAL L 48 -52.99 -88.97 -100.09
CA VAL L 48 -54.13 -89.12 -99.21
C VAL L 48 -54.77 -87.75 -99.01
N GLN L 49 -54.53 -86.83 -99.94
CA GLN L 49 -54.99 -85.47 -99.81
C GLN L 49 -56.50 -85.44 -99.55
N LYS L 50 -56.91 -84.62 -98.60
CA LYS L 50 -58.31 -84.53 -98.20
C LYS L 50 -58.95 -83.19 -98.54
N ASP L 51 -58.16 -82.15 -98.75
CA ASP L 51 -58.67 -80.85 -99.16
C ASP L 51 -58.29 -80.59 -100.62
N ALA L 52 -59.27 -80.77 -101.51
CA ALA L 52 -59.04 -80.48 -102.92
C ALA L 52 -58.53 -79.05 -103.10
N ASP L 53 -59.00 -78.13 -102.26
CA ASP L 53 -58.49 -76.76 -102.32
C ASP L 53 -57.00 -76.71 -102.04
N ALA L 54 -56.55 -77.38 -100.98
CA ALA L 54 -55.12 -77.37 -100.66
C ALA L 54 -54.30 -78.00 -101.77
N VAL L 55 -54.75 -79.14 -102.30
CA VAL L 55 -53.97 -79.80 -103.33
C VAL L 55 -53.90 -78.95 -104.58
N ASP L 56 -55.00 -78.30 -104.98
CA ASP L 56 -54.95 -77.46 -106.16
C ASP L 56 -54.10 -76.21 -105.93
N LYS L 57 -54.12 -75.65 -104.73
CA LYS L 57 -53.24 -74.53 -104.43
C LYS L 57 -51.77 -74.93 -104.57
N VAL L 58 -51.40 -76.11 -104.08
CA VAL L 58 -50.00 -76.51 -104.24
C VAL L 58 -49.67 -76.82 -105.71
N MET L 59 -50.61 -77.45 -106.44
CA MET L 59 -50.37 -77.73 -107.84
C MET L 59 -50.23 -76.45 -108.66
N LYS L 60 -50.82 -75.35 -108.20
CA LYS L 60 -50.60 -74.07 -108.87
C LYS L 60 -49.37 -73.36 -108.33
N GLU L 61 -49.01 -73.60 -107.07
CA GLU L 61 -47.80 -73.03 -106.50
C GLU L 61 -46.56 -73.52 -107.22
N LEU L 62 -46.52 -74.82 -107.54
CA LEU L 62 -45.34 -75.38 -108.19
C LEU L 62 -45.00 -74.59 -109.45
N ASP L 63 -46.01 -74.09 -110.16
CA ASP L 63 -45.79 -73.28 -111.34
C ASP L 63 -45.63 -71.80 -111.00
N GLU L 64 -46.31 -71.33 -109.95
CA GLU L 64 -46.24 -69.92 -109.58
C GLU L 64 -44.83 -69.52 -109.18
N ASN L 65 -44.09 -70.42 -108.54
CA ASN L 65 -42.75 -70.11 -108.03
C ASN L 65 -41.64 -70.51 -109.00
N GLY L 66 -41.85 -70.34 -110.30
CA GLY L 66 -40.84 -70.63 -111.29
C GLY L 66 -39.72 -69.61 -111.30
N ASP L 67 -38.88 -69.61 -110.26
CA ASP L 67 -37.78 -68.67 -110.14
C ASP L 67 -36.44 -69.35 -109.87
N GLY L 68 -36.43 -70.66 -109.66
CA GLY L 68 -35.20 -71.36 -109.34
C GLY L 68 -34.56 -70.91 -108.05
N GLU L 69 -35.34 -70.36 -107.12
CA GLU L 69 -34.83 -69.96 -105.83
C GLU L 69 -36.00 -69.80 -104.87
N VAL L 70 -35.93 -70.50 -103.75
CA VAL L 70 -37.02 -70.55 -102.78
C VAL L 70 -36.44 -70.83 -101.40
N ASP L 71 -36.79 -70.00 -100.43
CA ASP L 71 -36.14 -70.07 -99.13
C ASP L 71 -36.81 -71.11 -98.22
N PHE L 72 -36.09 -71.46 -97.16
CA PHE L 72 -36.53 -72.54 -96.28
C PHE L 72 -37.83 -72.18 -95.58
N LYS L 73 -38.04 -70.90 -95.27
CA LYS L 73 -39.29 -70.49 -94.64
C LYS L 73 -40.48 -70.79 -95.53
N GLU L 74 -40.40 -70.43 -96.81
CA GLU L 74 -41.48 -70.76 -97.74
C GLU L 74 -41.59 -72.26 -97.99
N TYR L 75 -40.48 -73.01 -97.98
CA TYR L 75 -40.61 -74.46 -98.07
C TYR L 75 -41.40 -75.03 -96.90
N VAL L 76 -41.04 -74.66 -95.68
CA VAL L 76 -41.77 -75.19 -94.52
C VAL L 76 -43.23 -74.74 -94.59
N VAL L 77 -43.47 -73.50 -95.03
CA VAL L 77 -44.84 -72.99 -95.12
C VAL L 77 -45.64 -73.80 -96.13
N LEU L 78 -45.04 -74.10 -97.29
CA LEU L 78 -45.79 -74.76 -98.34
C LEU L 78 -46.03 -76.24 -98.02
N VAL L 79 -45.10 -76.88 -97.31
CA VAL L 79 -45.37 -78.25 -96.87
C VAL L 79 -46.42 -78.26 -95.78
N ALA L 80 -46.34 -77.30 -94.84
CA ALA L 80 -47.38 -77.17 -93.83
C ALA L 80 -48.74 -76.87 -94.45
N ALA L 81 -48.77 -76.26 -95.64
CA ALA L 81 -50.05 -76.01 -96.30
C ALA L 81 -50.80 -77.33 -96.53
N LEU L 82 -50.13 -78.33 -97.10
CA LEU L 82 -50.74 -79.65 -97.26
C LEU L 82 -50.99 -80.31 -95.91
N THR L 83 -49.98 -80.24 -95.02
CA THR L 83 -50.07 -80.97 -93.77
C THR L 83 -51.26 -80.51 -92.93
N VAL L 84 -51.41 -79.20 -92.76
CA VAL L 84 -52.48 -78.64 -91.93
C VAL L 84 -53.85 -78.89 -92.56
N ALA L 85 -53.93 -78.87 -93.89
CA ALA L 85 -55.20 -79.17 -94.54
C ALA L 85 -55.63 -80.61 -94.25
N CYS L 86 -54.74 -81.57 -94.48
CA CYS L 86 -55.07 -82.96 -94.19
C CYS L 86 -55.35 -83.15 -92.70
N ASN L 87 -54.66 -82.36 -91.87
CA ASN L 87 -54.89 -82.37 -90.43
C ASN L 87 -56.31 -81.94 -90.08
N ASN L 88 -56.73 -80.77 -90.58
CA ASN L 88 -58.02 -80.22 -90.21
C ASN L 88 -59.14 -81.08 -90.75
N PHE L 89 -58.91 -81.76 -91.88
CA PHE L 89 -59.92 -82.72 -92.33
C PHE L 89 -60.07 -83.86 -91.33
N PHE L 90 -58.95 -84.48 -90.93
CA PHE L 90 -59.03 -85.62 -90.03
C PHE L 90 -59.71 -85.25 -88.71
N TRP L 91 -59.22 -84.23 -88.04
CA TRP L 91 -59.72 -83.95 -86.69
C TRP L 91 -60.79 -82.86 -86.69
N GLU L 92 -61.42 -82.70 -85.52
CA GLU L 92 -62.69 -81.98 -85.43
C GLU L 92 -62.53 -80.50 -85.81
N THR L 93 -61.41 -79.88 -85.44
CA THR L 93 -61.19 -78.46 -85.64
C THR L 93 -62.07 -77.61 -84.71
N SER L 94 -62.20 -78.05 -83.46
CA SER L 94 -62.92 -77.29 -82.44
C SER L 94 -64.32 -76.88 -82.91
N GLY M 2 58.45 -79.76 61.26
CA GLY M 2 57.65 -80.89 60.82
C GLY M 2 57.21 -81.78 61.96
N SER M 3 56.31 -82.72 61.67
CA SER M 3 55.81 -83.63 62.68
C SER M 3 56.81 -84.75 62.95
N GLU M 4 56.58 -85.48 64.06
CA GLU M 4 57.48 -86.58 64.41
C GLU M 4 57.42 -87.68 63.36
N LEU M 5 56.31 -87.79 62.64
CA LEU M 5 56.27 -88.68 61.49
C LEU M 5 57.31 -88.28 60.46
N GLU M 6 57.48 -86.97 60.25
CA GLU M 6 58.52 -86.53 59.34
C GLU M 6 59.89 -86.98 59.81
N SER M 7 60.20 -86.84 61.10
CA SER M 7 61.44 -87.35 61.66
C SER M 7 61.59 -88.85 61.43
N ALA M 8 60.50 -89.61 61.54
CA ALA M 8 60.56 -91.03 61.20
C ALA M 8 60.96 -91.23 59.74
N MET M 9 60.40 -90.40 58.86
CA MET M 9 60.77 -90.47 57.44
C MET M 9 62.26 -90.17 57.23
N GLU M 10 62.79 -89.15 57.90
CA GLU M 10 64.23 -88.92 57.79
C GLU M 10 65.01 -90.08 58.38
N THR M 11 64.49 -90.71 59.43
CA THR M 11 65.17 -91.90 59.95
C THR M 11 65.28 -92.98 58.89
N LEU M 12 64.17 -93.29 58.22
CA LEU M 12 64.20 -94.30 57.16
C LEU M 12 65.13 -93.89 56.03
N ILE M 13 65.10 -92.62 55.62
CA ILE M 13 65.90 -92.21 54.47
C ILE M 13 67.39 -92.24 54.84
N ASN M 14 67.73 -91.81 56.06
CA ASN M 14 69.13 -91.86 56.49
C ASN M 14 69.63 -93.29 56.59
N VAL M 15 68.84 -94.22 57.13
CA VAL M 15 69.31 -95.60 57.18
C VAL M 15 69.49 -96.14 55.77
N PHE M 16 68.51 -95.89 54.90
CA PHE M 16 68.61 -96.38 53.53
C PHE M 16 69.85 -95.84 52.83
N HIS M 17 70.18 -94.57 53.04
CA HIS M 17 71.34 -93.99 52.36
C HIS M 17 72.65 -94.47 52.97
N ALA M 18 72.70 -94.55 54.31
CA ALA M 18 73.90 -95.02 54.98
C ALA M 18 74.23 -96.45 54.56
N HIS M 19 73.22 -97.22 54.17
CA HIS M 19 73.52 -98.56 53.69
C HIS M 19 73.56 -98.63 52.16
N SER M 20 73.03 -97.62 51.47
CA SER M 20 73.15 -97.57 50.01
C SER M 20 74.56 -97.19 49.60
N GLY M 21 75.25 -96.39 50.42
CA GLY M 21 76.65 -96.12 50.18
C GLY M 21 77.46 -97.39 49.99
N LYS M 22 76.94 -98.52 50.46
CA LYS M 22 77.61 -99.80 50.25
C LYS M 22 77.80 -100.09 48.76
N GLU M 23 76.71 -100.30 48.04
CA GLU M 23 76.77 -100.63 46.62
C GLU M 23 76.12 -99.56 45.75
N GLY M 24 74.89 -99.18 46.07
CA GLY M 24 74.16 -98.29 45.19
C GLY M 24 74.69 -96.87 45.23
N ASP M 25 74.43 -96.13 44.16
CA ASP M 25 75.02 -94.80 44.04
C ASP M 25 74.56 -93.88 45.16
N LYS M 26 73.30 -93.45 45.12
CA LYS M 26 72.75 -92.69 46.24
C LYS M 26 71.40 -93.25 46.69
N TYR M 27 70.40 -93.23 45.81
CA TYR M 27 69.01 -93.65 46.15
C TYR M 27 68.79 -95.06 45.59
N LYS M 28 69.85 -95.72 45.13
CA LYS M 28 69.78 -97.09 44.59
C LYS M 28 70.55 -97.94 45.58
N LEU M 29 70.31 -99.26 45.64
CA LEU M 29 71.08 -100.18 46.50
C LEU M 29 70.86 -101.62 46.04
N SER M 30 71.93 -102.36 45.78
CA SER M 30 71.86 -103.74 45.35
C SER M 30 71.31 -104.62 46.47
N LYS M 31 70.56 -105.66 46.08
CA LYS M 31 69.97 -106.54 47.08
C LYS M 31 71.04 -107.30 47.84
N LYS M 32 72.11 -107.72 47.15
CA LYS M 32 73.16 -108.48 47.83
C LYS M 32 73.54 -107.83 49.15
N GLU M 33 73.43 -106.50 49.24
CA GLU M 33 73.67 -105.78 50.49
C GLU M 33 72.40 -105.40 51.22
N LEU M 34 71.36 -104.94 50.51
CA LEU M 34 70.13 -104.53 51.18
C LEU M 34 69.51 -105.66 51.99
N LYS M 35 69.72 -106.91 51.57
CA LYS M 35 69.31 -108.04 52.38
C LYS M 35 69.98 -108.01 53.75
N ASP M 36 71.30 -107.80 53.78
CA ASP M 36 71.99 -107.72 55.05
C ASP M 36 71.41 -106.59 55.89
N LEU M 37 71.16 -105.44 55.28
CA LEU M 37 70.50 -104.35 55.98
C LEU M 37 69.21 -104.82 56.61
N LEU M 38 68.35 -105.50 55.84
CA LEU M 38 67.01 -105.76 56.32
C LEU M 38 67.02 -106.77 57.47
N GLN M 39 67.76 -107.89 57.33
CA GLN M 39 67.82 -108.79 58.48
C GLN M 39 68.50 -108.13 59.69
N THR M 40 69.63 -107.44 59.48
CA THR M 40 70.33 -106.87 60.64
C THR M 40 69.45 -105.85 61.37
N GLU M 41 68.73 -105.03 60.62
CA GLU M 41 67.96 -103.95 61.26
C GLU M 41 66.63 -104.46 61.80
N LEU M 42 66.02 -105.44 61.15
CA LEU M 42 64.79 -106.05 61.62
C LEU M 42 65.07 -107.21 62.56
N SER M 43 66.33 -107.36 63.01
CA SER M 43 66.71 -108.49 63.85
C SER M 43 65.77 -108.63 65.03
N GLY M 44 65.39 -107.51 65.66
CA GLY M 44 64.41 -107.58 66.72
C GLY M 44 63.07 -108.13 66.23
N PHE M 45 62.54 -107.52 65.16
CA PHE M 45 61.25 -107.96 64.63
C PHE M 45 61.32 -109.40 64.14
N LEU M 46 62.30 -109.73 63.28
CA LEU M 46 62.35 -111.07 62.73
C LEU M 46 62.57 -112.11 63.83
N ASP M 47 63.28 -111.74 64.90
CA ASP M 47 63.47 -112.66 66.02
C ASP M 47 62.21 -112.81 66.86
N VAL M 48 61.38 -111.77 66.94
CA VAL M 48 60.14 -111.86 67.71
C VAL M 48 59.00 -112.10 66.73
N GLN M 49 59.31 -112.64 65.56
CA GLN M 49 58.31 -112.81 64.52
C GLN M 49 57.12 -113.61 65.04
N LYS M 50 55.92 -113.14 64.72
CA LYS M 50 54.70 -113.76 65.20
C LYS M 50 53.87 -114.42 64.10
N ASP M 51 54.08 -114.04 62.85
CA ASP M 51 53.39 -114.65 61.71
C ASP M 51 54.41 -115.49 60.93
N ALA M 52 54.33 -116.81 61.12
CA ALA M 52 55.20 -117.71 60.37
C ALA M 52 55.03 -117.49 58.88
N ASP M 53 53.81 -117.15 58.44
CA ASP M 53 53.60 -116.83 57.04
C ASP M 53 54.44 -115.65 56.60
N ALA M 54 54.41 -114.56 57.38
CA ALA M 54 55.19 -113.38 57.01
C ALA M 54 56.68 -113.69 56.98
N VAL M 55 57.18 -114.40 57.99
CA VAL M 55 58.61 -114.67 58.03
C VAL M 55 59.02 -115.56 56.87
N ASP M 56 58.22 -116.56 56.51
CA ASP M 56 58.57 -117.41 55.38
C ASP M 56 58.48 -116.65 54.06
N LYS M 57 57.50 -115.74 53.92
CA LYS M 57 57.44 -114.91 52.72
C LYS M 57 58.71 -114.06 52.57
N VAL M 58 59.19 -113.47 53.66
CA VAL M 58 60.42 -112.68 53.54
C VAL M 58 61.63 -113.57 53.28
N MET M 59 61.69 -114.74 53.91
CA MET M 59 62.80 -115.66 53.67
C MET M 59 62.82 -116.16 52.23
N LYS M 60 61.67 -116.18 51.57
CA LYS M 60 61.66 -116.51 50.15
C LYS M 60 61.87 -115.28 49.28
N GLU M 61 61.48 -114.10 49.76
CA GLU M 61 61.72 -112.86 49.03
C GLU M 61 63.20 -112.59 48.87
N LEU M 62 63.99 -112.83 49.92
CA LEU M 62 65.43 -112.57 49.86
C LEU M 62 66.05 -113.26 48.67
N ASP M 63 65.56 -114.45 48.32
CA ASP M 63 66.04 -115.19 47.16
C ASP M 63 65.29 -114.80 45.88
N GLU M 64 64.02 -114.45 45.99
CA GLU M 64 63.24 -114.09 44.82
C GLU M 64 63.80 -112.85 44.13
N ASN M 65 64.32 -111.90 44.90
CA ASN M 65 64.80 -110.64 44.35
C ASN M 65 66.30 -110.64 44.07
N GLY M 66 66.84 -111.76 43.58
CA GLY M 66 68.24 -111.83 43.23
C GLY M 66 68.57 -111.08 41.95
N ASP M 67 68.52 -109.75 42.00
CA ASP M 67 68.79 -108.92 40.85
C ASP M 67 69.85 -107.85 41.12
N GLY M 68 70.30 -107.71 42.36
CA GLY M 68 71.26 -106.67 42.69
C GLY M 68 70.75 -105.26 42.47
N GLU M 69 69.43 -105.07 42.50
CA GLU M 69 68.84 -103.75 42.37
C GLU M 69 67.41 -103.81 42.87
N VAL M 70 67.10 -102.92 43.83
CA VAL M 70 65.82 -102.92 44.51
C VAL M 70 65.53 -101.50 44.99
N ASP M 71 64.35 -100.99 44.64
CA ASP M 71 64.07 -99.58 44.89
C ASP M 71 63.53 -99.36 46.30
N PHE M 72 63.55 -98.09 46.72
CA PHE M 72 63.21 -97.74 48.10
C PHE M 72 61.75 -98.06 48.39
N LYS M 73 60.88 -97.94 47.40
CA LYS M 73 59.47 -98.28 47.62
C LYS M 73 59.32 -99.75 48.01
N GLU M 74 59.96 -100.66 47.27
CA GLU M 74 59.90 -102.06 47.63
C GLU M 74 60.63 -102.35 48.93
N TYR M 75 61.71 -101.63 49.26
CA TYR M 75 62.32 -101.82 50.57
C TYR M 75 61.33 -101.47 51.70
N VAL M 76 60.70 -100.30 51.62
CA VAL M 76 59.75 -99.92 52.67
C VAL M 76 58.60 -100.92 52.70
N VAL M 77 58.16 -101.38 51.53
CA VAL M 77 57.06 -102.34 51.47
C VAL M 77 57.46 -103.64 52.16
N LEU M 78 58.67 -104.14 51.89
CA LEU M 78 59.06 -105.44 52.41
C LEU M 78 59.35 -105.38 53.91
N VAL M 79 59.85 -104.24 54.40
CA VAL M 79 60.02 -104.12 55.85
C VAL M 79 58.65 -103.99 56.52
N ALA M 80 57.75 -103.22 55.92
CA ALA M 80 56.39 -103.14 56.44
C ALA M 80 55.70 -104.49 56.41
N ALA M 81 56.10 -105.39 55.51
CA ALA M 81 55.51 -106.73 55.49
C ALA M 81 55.70 -107.42 56.84
N LEU M 82 56.93 -107.43 57.37
CA LEU M 82 57.17 -107.98 58.69
C LEU M 82 56.51 -107.14 59.77
N THR M 83 56.65 -105.81 59.66
CA THR M 83 56.17 -104.94 60.73
C THR M 83 54.66 -105.07 60.93
N VAL M 84 53.88 -105.02 59.86
CA VAL M 84 52.43 -105.09 59.95
C VAL M 84 51.98 -106.47 60.41
N ALA M 85 52.69 -107.53 60.02
CA ALA M 85 52.34 -108.86 60.50
C ALA M 85 52.49 -108.96 62.02
N CYS M 86 53.66 -108.56 62.53
CA CYS M 86 53.87 -108.59 63.97
C CYS M 86 52.89 -107.65 64.67
N ASN M 87 52.53 -106.55 64.00
CA ASN M 87 51.53 -105.62 64.51
C ASN M 87 50.17 -106.29 64.68
N ASN M 88 49.67 -106.91 63.60
CA ASN M 88 48.33 -107.47 63.62
C ASN M 88 48.25 -108.65 64.59
N PHE M 89 49.37 -109.35 64.80
CA PHE M 89 49.36 -110.37 65.85
C PHE M 89 49.18 -109.74 67.22
N PHE M 90 49.97 -108.71 67.54
CA PHE M 90 49.89 -108.11 68.86
C PHE M 90 48.49 -107.56 69.15
N TRP M 91 47.99 -106.71 68.27
CA TRP M 91 46.73 -106.02 68.57
C TRP M 91 45.53 -106.71 67.95
N GLU M 92 44.35 -106.24 68.35
CA GLU M 92 43.11 -106.99 68.12
C GLU M 92 42.79 -107.15 66.64
N THR M 93 43.07 -106.11 65.84
CA THR M 93 42.72 -106.10 64.42
C THR M 93 41.21 -105.97 64.23
N SER M 94 40.57 -105.12 65.03
CA SER M 94 39.15 -104.81 64.88
C SER M 94 38.29 -106.07 64.81
N GLU N 11 -10.92 -18.35 -14.69
CA GLU N 11 -10.79 -18.80 -16.08
C GLU N 11 -11.60 -20.07 -16.32
N VAL N 12 -11.89 -20.35 -17.58
CA VAL N 12 -12.62 -21.56 -17.93
C VAL N 12 -11.66 -22.75 -17.92
N GLN N 13 -12.19 -23.92 -17.58
CA GLN N 13 -11.42 -25.16 -17.53
C GLN N 13 -12.13 -26.24 -18.34
N PHE N 14 -11.35 -27.08 -19.00
CA PHE N 14 -11.86 -28.12 -19.87
C PHE N 14 -11.51 -29.49 -19.30
N LEU N 15 -12.52 -30.36 -19.21
CA LEU N 15 -12.29 -31.70 -18.71
C LEU N 15 -11.30 -32.44 -19.61
N ARG N 16 -10.38 -33.17 -18.98
CA ARG N 16 -9.39 -33.98 -19.68
C ARG N 16 -9.45 -35.41 -19.16
N THR N 17 -8.98 -36.34 -19.97
CA THR N 17 -8.95 -37.73 -19.57
C THR N 17 -8.11 -37.89 -18.31
N ASP N 18 -8.45 -38.91 -17.52
CA ASP N 18 -7.83 -39.26 -16.24
C ASP N 18 -8.32 -38.36 -15.11
N ASP N 19 -9.37 -37.57 -15.33
CA ASP N 19 -9.93 -36.70 -14.30
C ASP N 19 -11.16 -37.37 -13.69
N GLU N 20 -11.16 -37.55 -12.38
CA GLU N 20 -12.32 -38.08 -11.69
C GLU N 20 -13.48 -37.08 -11.78
N VAL N 21 -14.67 -37.59 -12.10
CA VAL N 21 -15.85 -36.77 -12.27
C VAL N 21 -17.02 -37.44 -11.57
N VAL N 22 -18.08 -36.65 -11.36
CA VAL N 22 -19.35 -37.16 -10.86
C VAL N 22 -20.44 -36.72 -11.84
N LEU N 23 -21.27 -37.68 -12.24
CA LEU N 23 -22.42 -37.39 -13.08
C LEU N 23 -23.59 -36.96 -12.21
N GLN N 24 -24.06 -35.73 -12.39
CA GLN N 24 -25.06 -35.13 -11.52
C GLN N 24 -26.26 -34.69 -12.33
N CYS N 25 -27.45 -34.92 -11.77
CA CYS N 25 -28.71 -34.52 -12.38
C CYS N 25 -29.55 -33.79 -11.33
N SER N 26 -30.56 -33.07 -11.80
CA SER N 26 -31.43 -32.28 -10.94
C SER N 26 -32.88 -32.67 -11.18
N ALA N 27 -33.62 -32.88 -10.11
CA ALA N 27 -35.04 -33.21 -10.17
C ALA N 27 -35.80 -32.36 -9.16
N THR N 28 -36.96 -31.85 -9.55
CA THR N 28 -37.77 -31.02 -8.66
C THR N 28 -38.89 -31.88 -8.07
N VAL N 29 -38.75 -32.21 -6.78
CA VAL N 29 -39.73 -33.02 -6.07
C VAL N 29 -40.31 -32.19 -4.94
N LEU N 30 -41.63 -32.12 -4.87
CA LEU N 30 -42.34 -31.39 -3.82
C LEU N 30 -41.87 -29.94 -3.76
N LYS N 31 -41.74 -29.30 -4.92
CA LYS N 31 -41.36 -27.90 -5.03
C LYS N 31 -40.00 -27.61 -4.44
N GLU N 32 -39.14 -28.63 -4.35
CA GLU N 32 -37.79 -28.48 -3.82
C GLU N 32 -36.81 -29.14 -4.78
N GLN N 33 -35.92 -28.34 -5.35
CA GLN N 33 -34.90 -28.88 -6.25
C GLN N 33 -33.96 -29.79 -5.48
N LEU N 34 -33.62 -30.93 -6.08
CA LEU N 34 -32.77 -31.93 -5.46
C LEU N 34 -31.74 -32.40 -6.48
N LYS N 35 -30.48 -32.44 -6.08
CA LYS N 35 -29.39 -32.85 -6.94
C LYS N 35 -28.98 -34.27 -6.56
N LEU N 36 -28.81 -35.13 -7.57
CA LEU N 36 -28.50 -36.53 -7.36
C LEU N 36 -27.30 -36.92 -8.21
N CYS N 37 -26.41 -37.72 -7.63
CA CYS N 37 -25.20 -38.19 -8.30
C CYS N 37 -25.36 -39.67 -8.63
N LEU N 38 -24.97 -40.04 -9.84
CA LEU N 38 -25.01 -41.44 -10.24
C LEU N 38 -24.00 -42.22 -9.41
N ALA N 39 -24.39 -43.41 -8.94
CA ALA N 39 -23.53 -44.19 -8.07
C ALA N 39 -23.75 -45.67 -8.35
N ALA N 40 -22.78 -46.48 -7.93
CA ALA N 40 -22.87 -47.93 -8.06
C ALA N 40 -21.87 -48.57 -7.11
N GLU N 41 -22.29 -49.68 -6.48
CA GLU N 41 -21.41 -50.37 -5.55
C GLU N 41 -20.34 -51.16 -6.30
N GLY N 42 -20.72 -51.81 -7.40
CA GLY N 42 -19.78 -52.59 -8.19
C GLY N 42 -19.71 -54.04 -7.77
N PHE N 43 -19.25 -54.30 -6.55
CA PHE N 43 -19.11 -55.65 -6.03
C PHE N 43 -20.41 -56.03 -5.33
N GLY N 44 -21.06 -57.10 -5.80
CA GLY N 44 -22.31 -57.55 -5.25
C GLY N 44 -23.54 -56.87 -5.78
N ASN N 45 -23.37 -55.75 -6.50
CA ASN N 45 -24.49 -55.03 -7.09
C ASN N 45 -23.96 -54.21 -8.25
N ARG N 46 -24.30 -54.62 -9.47
CA ARG N 46 -23.77 -54.02 -10.69
C ARG N 46 -24.69 -52.91 -11.22
N LEU N 47 -25.81 -52.66 -10.57
CA LEU N 47 -26.83 -51.75 -11.07
C LEU N 47 -26.66 -50.39 -10.41
N CYS N 48 -26.80 -49.33 -11.21
CA CYS N 48 -26.57 -47.99 -10.71
C CYS N 48 -27.82 -47.43 -10.04
N PHE N 49 -27.59 -46.62 -9.00
CA PHE N 49 -28.66 -45.91 -8.31
C PHE N 49 -28.25 -44.44 -8.24
N LEU N 50 -29.04 -43.65 -7.51
CA LEU N 50 -28.84 -42.22 -7.40
C LEU N 50 -28.69 -41.84 -5.94
N GLU N 51 -27.59 -41.18 -5.61
CA GLU N 51 -27.33 -40.71 -4.25
C GLU N 51 -27.63 -39.23 -4.18
N PRO N 52 -28.60 -38.79 -3.38
CA PRO N 52 -28.87 -37.35 -3.27
C PRO N 52 -27.71 -36.64 -2.57
N THR N 53 -27.48 -35.38 -2.94
CA THR N 53 -26.41 -34.58 -2.37
C THR N 53 -26.85 -33.16 -2.02
N SER N 54 -28.14 -32.85 -2.10
CA SER N 54 -28.58 -31.50 -1.76
C SER N 54 -28.57 -31.27 -0.26
N ASN N 55 -28.79 -32.33 0.53
CA ASN N 55 -28.81 -32.23 1.99
C ASN N 55 -27.45 -32.56 2.60
N ALA N 56 -26.35 -32.27 1.89
CA ALA N 56 -25.03 -32.66 2.37
C ALA N 56 -24.71 -32.02 3.72
N GLN N 57 -25.27 -30.83 3.98
CA GLN N 57 -24.90 -30.12 5.20
C GLN N 57 -25.42 -30.83 6.45
N ASN N 58 -26.53 -31.55 6.33
CA ASN N 58 -27.10 -32.25 7.49
C ASN N 58 -26.78 -33.74 7.48
N VAL N 59 -26.70 -34.35 6.29
CA VAL N 59 -26.41 -35.77 6.14
C VAL N 59 -25.35 -35.91 5.05
N PRO N 60 -24.14 -36.34 5.37
CA PRO N 60 -23.08 -36.39 4.36
C PRO N 60 -23.41 -37.38 3.26
N PRO N 61 -23.09 -37.07 2.01
CA PRO N 61 -23.31 -38.03 0.93
C PRO N 61 -22.21 -39.08 0.85
N ASP N 62 -22.47 -40.13 0.08
CA ASP N 62 -21.54 -41.25 -0.10
C ASP N 62 -20.89 -41.13 -1.46
N LEU N 63 -19.78 -40.39 -1.53
CA LEU N 63 -19.07 -40.15 -2.78
C LEU N 63 -18.01 -41.19 -3.08
N ALA N 64 -17.72 -42.11 -2.16
CA ALA N 64 -16.70 -43.12 -2.42
C ALA N 64 -17.06 -43.96 -3.64
N ILE N 65 -18.33 -44.01 -4.02
CA ILE N 65 -18.79 -44.84 -5.14
C ILE N 65 -19.33 -44.00 -6.29
N CYS N 66 -19.32 -42.68 -6.18
CA CYS N 66 -19.87 -41.80 -7.20
C CYS N 66 -18.80 -41.28 -8.17
N CYS N 67 -17.55 -41.64 -8.00
CA CYS N 67 -16.45 -41.08 -8.78
C CYS N 67 -16.10 -42.00 -9.94
N PHE N 68 -16.01 -41.42 -11.14
CA PHE N 68 -15.63 -42.13 -12.35
C PHE N 68 -14.42 -41.44 -12.98
N ILE N 69 -13.48 -42.26 -13.44
CA ILE N 69 -12.32 -41.77 -14.19
C ILE N 69 -12.64 -41.79 -15.67
N LEU N 70 -12.29 -40.71 -16.37
CA LEU N 70 -12.43 -40.58 -17.82
C LEU N 70 -11.19 -41.17 -18.46
N GLU N 71 -11.21 -42.47 -18.73
CA GLU N 71 -10.01 -43.11 -19.27
C GLU N 71 -9.68 -42.60 -20.66
N GLN N 72 -10.66 -42.62 -21.56
CA GLN N 72 -10.40 -42.37 -22.97
C GLN N 72 -11.54 -41.56 -23.58
N SER N 73 -11.19 -40.70 -24.52
CA SER N 73 -12.16 -39.96 -25.32
C SER N 73 -11.79 -40.15 -26.78
N LEU N 74 -12.71 -40.73 -27.55
CA LEU N 74 -12.44 -41.10 -28.94
C LEU N 74 -13.58 -40.63 -29.82
N SER N 75 -13.23 -40.22 -31.03
CA SER N 75 -14.23 -39.94 -32.04
C SER N 75 -14.95 -41.23 -32.41
N VAL N 76 -16.16 -41.11 -32.95
CA VAL N 76 -16.94 -42.30 -33.27
C VAL N 76 -16.23 -43.13 -34.32
N ARG N 77 -15.66 -42.48 -35.34
CA ARG N 77 -14.97 -43.21 -36.39
C ARG N 77 -13.74 -43.93 -35.84
N ALA N 78 -12.95 -43.24 -35.01
CA ALA N 78 -11.77 -43.87 -34.42
C ALA N 78 -12.17 -45.03 -33.52
N LEU N 79 -13.27 -44.88 -32.78
CA LEU N 79 -13.76 -45.96 -31.95
C LEU N 79 -14.16 -47.16 -32.78
N GLN N 80 -14.84 -46.93 -33.91
CA GLN N 80 -15.19 -48.02 -34.80
C GLN N 80 -13.95 -48.73 -35.31
N GLU N 81 -12.93 -47.97 -35.72
CA GLU N 81 -11.70 -48.58 -36.19
C GLU N 81 -11.03 -49.39 -35.09
N MET N 82 -10.99 -48.85 -33.86
CA MET N 82 -10.36 -49.56 -32.76
C MET N 82 -11.07 -50.85 -32.46
N LEU N 83 -12.40 -50.82 -32.45
CA LEU N 83 -13.18 -52.05 -32.23
C LEU N 83 -12.92 -53.06 -33.35
N ALA N 84 -12.87 -52.58 -34.60
CA ALA N 84 -12.64 -53.49 -35.71
C ALA N 84 -11.28 -54.15 -35.60
N ASN N 85 -10.24 -53.40 -35.24
CA ASN N 85 -8.91 -53.97 -35.08
C ASN N 85 -8.90 -55.01 -33.98
N HIS N 99 -2.90 -36.84 -21.57
CA HIS N 99 -4.26 -36.37 -21.33
C HIS N 99 -4.80 -35.63 -22.55
N ARG N 100 -6.01 -35.98 -22.96
CA ARG N 100 -6.65 -35.42 -24.15
C ARG N 100 -7.92 -34.70 -23.75
N THR N 101 -8.08 -33.47 -24.24
CA THR N 101 -9.26 -32.69 -23.93
C THR N 101 -10.50 -33.34 -24.51
N LEU N 102 -11.59 -33.32 -23.74
CA LEU N 102 -12.86 -33.84 -24.23
C LEU N 102 -13.52 -32.85 -25.17
N LEU N 103 -13.97 -33.35 -26.32
CA LEU N 103 -14.67 -32.56 -27.32
C LEU N 103 -16.04 -33.16 -27.57
N TYR N 104 -17.04 -32.30 -27.74
CA TYR N 104 -18.40 -32.77 -27.96
C TYR N 104 -18.46 -33.68 -29.18
N GLY N 105 -19.22 -34.77 -29.04
CA GLY N 105 -19.35 -35.75 -30.09
C GLY N 105 -18.43 -36.95 -29.94
N HIS N 106 -17.43 -36.87 -29.08
CA HIS N 106 -16.54 -37.98 -28.84
C HIS N 106 -17.19 -39.00 -27.89
N ALA N 107 -16.67 -40.22 -27.93
CA ALA N 107 -17.13 -41.30 -27.07
C ALA N 107 -16.16 -41.50 -25.92
N ILE N 108 -16.67 -41.46 -24.70
CA ILE N 108 -15.86 -41.46 -23.49
C ILE N 108 -16.01 -42.80 -22.78
N LEU N 109 -14.97 -43.18 -22.03
CA LEU N 109 -14.98 -44.39 -21.22
C LEU N 109 -14.89 -44.01 -19.74
N LEU N 110 -15.88 -44.46 -18.97
CA LEU N 110 -15.99 -44.14 -17.56
C LEU N 110 -15.68 -45.39 -16.75
N ARG N 111 -14.63 -45.32 -15.92
CA ARG N 111 -14.25 -46.42 -15.04
C ARG N 111 -14.57 -46.04 -13.60
N HIS N 112 -15.40 -46.84 -12.94
CA HIS N 112 -15.72 -46.61 -11.55
C HIS N 112 -14.44 -46.59 -10.72
N ALA N 113 -14.28 -45.55 -9.89
CA ALA N 113 -13.04 -45.38 -9.15
C ALA N 113 -12.83 -46.53 -8.17
N HIS N 114 -13.90 -46.97 -7.51
CA HIS N 114 -13.78 -48.01 -6.48
C HIS N 114 -13.64 -49.40 -7.09
N SER N 115 -14.64 -49.84 -7.85
CA SER N 115 -14.65 -51.21 -8.34
C SER N 115 -13.83 -51.38 -9.61
N ARG N 116 -13.42 -50.30 -10.27
CA ARG N 116 -12.64 -50.36 -11.50
C ARG N 116 -13.39 -51.09 -12.61
N MET N 117 -14.72 -51.03 -12.57
CA MET N 117 -15.57 -51.59 -13.63
C MET N 117 -16.12 -50.44 -14.47
N TYR N 118 -16.36 -50.71 -15.74
CA TYR N 118 -16.70 -49.65 -16.68
C TYR N 118 -18.21 -49.48 -16.79
N LEU N 119 -18.65 -48.23 -16.67
CA LEU N 119 -20.07 -47.91 -16.81
C LEU N 119 -20.55 -48.29 -18.21
N SER N 120 -21.68 -49.00 -18.26
CA SER N 120 -22.17 -49.53 -19.52
C SER N 120 -23.69 -49.64 -19.46
N CYS N 121 -24.30 -49.70 -20.64
CA CYS N 121 -25.74 -49.90 -20.76
C CYS N 121 -26.01 -51.39 -20.84
N LEU N 122 -26.71 -51.93 -19.84
CA LEU N 122 -26.95 -53.35 -19.75
C LEU N 122 -28.08 -53.77 -20.67
N THR N 123 -28.07 -55.06 -21.05
CA THR N 123 -29.14 -55.60 -21.87
C THR N 123 -30.41 -55.82 -21.04
N THR N 124 -30.25 -56.22 -19.79
CA THR N 124 -31.40 -56.47 -18.94
C THR N 124 -32.12 -55.17 -18.60
N SER N 125 -33.40 -55.29 -18.26
CA SER N 125 -34.23 -54.15 -17.88
C SER N 125 -35.15 -54.55 -16.75
N ARG N 126 -35.24 -53.69 -15.73
CA ARG N 126 -36.18 -53.88 -14.63
C ARG N 126 -37.35 -52.93 -14.69
N SER N 127 -37.25 -51.85 -15.47
CA SER N 127 -38.29 -50.83 -15.53
C SER N 127 -39.62 -51.43 -15.97
N MET N 128 -40.60 -51.46 -15.06
CA MET N 128 -41.92 -51.95 -15.42
C MET N 128 -42.67 -50.93 -16.26
N THR N 129 -42.56 -49.64 -15.91
CA THR N 129 -43.27 -48.60 -16.63
C THR N 129 -42.80 -48.52 -18.09
N ASP N 130 -41.49 -48.57 -18.31
CA ASP N 130 -40.91 -48.44 -19.64
C ASP N 130 -40.46 -49.81 -20.12
N LYS N 131 -41.02 -50.27 -21.23
CA LYS N 131 -40.61 -51.53 -21.84
C LYS N 131 -39.45 -51.37 -22.80
N LEU N 132 -39.15 -50.15 -23.24
CA LEU N 132 -38.04 -49.91 -24.16
C LEU N 132 -36.74 -49.58 -23.43
N ALA N 133 -36.85 -49.17 -22.16
CA ALA N 133 -35.67 -48.72 -21.41
C ALA N 133 -34.77 -49.89 -21.05
N PHE N 134 -33.49 -49.59 -20.79
CA PHE N 134 -32.53 -50.59 -20.36
C PHE N 134 -31.90 -50.14 -19.05
N ASP N 135 -31.43 -51.11 -18.28
CA ASP N 135 -30.73 -50.81 -17.05
C ASP N 135 -29.33 -50.31 -17.35
N VAL N 136 -28.80 -49.49 -16.44
CA VAL N 136 -27.45 -48.94 -16.53
C VAL N 136 -26.66 -49.46 -15.34
N GLY N 137 -25.49 -50.05 -15.62
CA GLY N 137 -24.70 -50.64 -14.58
C GLY N 137 -23.24 -50.71 -14.96
N LEU N 138 -22.50 -51.53 -14.23
CA LEU N 138 -21.06 -51.68 -14.40
C LEU N 138 -20.76 -53.05 -14.99
N GLN N 139 -19.72 -53.13 -15.80
CA GLN N 139 -19.24 -54.39 -16.35
C GLN N 139 -17.73 -54.50 -16.15
N GLU N 140 -17.26 -55.74 -16.01
CA GLU N 140 -15.90 -55.97 -15.56
C GLU N 140 -14.88 -55.44 -16.56
N ASP N 141 -15.08 -55.71 -17.85
CA ASP N 141 -14.09 -55.41 -18.87
C ASP N 141 -14.63 -54.34 -19.81
N ALA N 142 -13.70 -53.57 -20.38
CA ALA N 142 -14.03 -52.50 -21.31
C ALA N 142 -14.26 -53.00 -22.73
N THR N 143 -14.36 -54.32 -22.92
CA THR N 143 -14.59 -54.85 -24.26
C THR N 143 -16.02 -54.57 -24.71
N GLY N 144 -16.17 -54.40 -26.03
CA GLY N 144 -17.47 -54.13 -26.60
C GLY N 144 -17.80 -52.66 -26.63
N GLU N 145 -18.93 -52.36 -27.25
CA GLU N 145 -19.42 -51.00 -27.39
C GLU N 145 -20.49 -50.64 -26.36
N ALA N 146 -20.79 -51.54 -25.42
CA ALA N 146 -21.79 -51.23 -24.40
C ALA N 146 -21.24 -50.24 -23.38
N CYS N 147 -19.93 -50.29 -23.12
CA CYS N 147 -19.31 -49.44 -22.11
C CYS N 147 -19.00 -48.04 -22.62
N TRP N 148 -19.23 -47.75 -23.90
CA TRP N 148 -18.85 -46.47 -24.49
C TRP N 148 -20.06 -45.56 -24.58
N TRP N 149 -19.88 -44.30 -24.16
CA TRP N 149 -20.93 -43.30 -24.18
C TRP N 149 -20.44 -42.09 -24.96
N THR N 150 -21.35 -41.49 -25.73
CA THR N 150 -21.05 -40.33 -26.57
C THR N 150 -21.75 -39.11 -25.99
N MET N 151 -21.07 -37.97 -26.06
CA MET N 151 -21.58 -36.74 -25.46
C MET N 151 -22.23 -35.86 -26.53
N HIS N 152 -23.21 -35.07 -26.11
CA HIS N 152 -23.83 -34.09 -26.98
C HIS N 152 -24.15 -32.82 -26.20
N PRO N 153 -24.12 -31.66 -26.84
CA PRO N 153 -24.43 -30.42 -26.12
C PRO N 153 -25.91 -30.31 -25.80
N ALA N 154 -26.20 -29.73 -24.63
CA ALA N 154 -27.58 -29.55 -24.18
C ALA N 154 -28.22 -28.28 -24.75
N SER N 155 -27.45 -27.44 -25.42
CA SER N 155 -27.97 -26.18 -25.94
C SER N 155 -27.32 -25.88 -27.28
N LYS N 156 -27.99 -25.02 -28.06
CA LYS N 156 -27.41 -24.57 -29.32
C LYS N 156 -26.14 -23.75 -29.08
N GLN N 157 -25.98 -23.19 -27.88
CA GLN N 157 -24.77 -22.44 -27.56
C GLN N 157 -23.53 -23.28 -27.84
N ARG N 158 -23.48 -24.49 -27.30
CA ARG N 158 -22.36 -25.38 -27.55
C ARG N 158 -22.53 -26.05 -28.90
N SER N 159 -21.40 -26.43 -29.51
CA SER N 159 -21.38 -26.98 -30.85
C SER N 159 -20.56 -28.26 -30.87
N GLU N 160 -20.93 -29.17 -31.79
CA GLU N 160 -20.16 -30.40 -31.96
C GLU N 160 -18.71 -30.06 -32.29
N GLY N 161 -17.78 -30.73 -31.62
CA GLY N 161 -16.37 -30.48 -31.76
C GLY N 161 -15.82 -29.45 -30.80
N GLU N 162 -16.68 -28.75 -30.06
CA GLU N 162 -16.21 -27.81 -29.05
C GLU N 162 -15.69 -28.56 -27.83
N LYS N 163 -14.62 -28.04 -27.23
CA LYS N 163 -14.09 -28.67 -26.03
C LYS N 163 -15.09 -28.54 -24.89
N VAL N 164 -15.28 -29.65 -24.17
CA VAL N 164 -16.23 -29.63 -23.06
C VAL N 164 -15.69 -28.74 -21.93
N ARG N 165 -16.59 -28.01 -21.30
CA ARG N 165 -16.25 -27.08 -20.24
C ARG N 165 -16.87 -27.56 -18.94
N VAL N 166 -16.13 -27.37 -17.83
CA VAL N 166 -16.65 -27.74 -16.53
C VAL N 166 -17.96 -27.01 -16.27
N GLY N 167 -18.94 -27.73 -15.77
CA GLY N 167 -20.25 -27.16 -15.47
C GLY N 167 -21.21 -27.13 -16.63
N ASP N 168 -20.84 -27.64 -17.80
CA ASP N 168 -21.75 -27.68 -18.92
C ASP N 168 -22.87 -28.69 -18.69
N ASP N 169 -24.06 -28.34 -19.19
CA ASP N 169 -25.15 -29.29 -19.28
C ASP N 169 -25.00 -30.06 -20.59
N LEU N 170 -24.96 -31.39 -20.49
CA LEU N 170 -24.68 -32.25 -21.64
C LEU N 170 -25.49 -33.52 -21.54
N ILE N 171 -25.59 -34.21 -22.67
CA ILE N 171 -26.47 -35.37 -22.84
C ILE N 171 -25.61 -36.56 -23.21
N LEU N 172 -25.85 -37.70 -22.56
CA LEU N 172 -25.10 -38.93 -22.82
C LEU N 172 -25.98 -39.87 -23.64
N VAL N 173 -25.42 -40.44 -24.71
CA VAL N 173 -26.09 -41.45 -25.52
C VAL N 173 -25.23 -42.69 -25.53
N SER N 174 -25.88 -43.85 -25.55
CA SER N 174 -25.18 -45.13 -25.56
C SER N 174 -24.88 -45.53 -27.00
N VAL N 175 -23.60 -45.84 -27.27
CA VAL N 175 -23.21 -46.26 -28.62
C VAL N 175 -23.91 -47.56 -28.98
N SER N 176 -24.01 -48.49 -28.02
CA SER N 176 -24.57 -49.80 -28.31
C SER N 176 -26.08 -49.75 -28.54
N SER N 177 -26.80 -49.02 -27.68
CA SER N 177 -28.25 -49.06 -27.66
C SER N 177 -28.91 -47.78 -28.17
N GLU N 178 -28.14 -46.75 -28.50
CA GLU N 178 -28.70 -45.50 -29.00
C GLU N 178 -29.77 -44.96 -28.05
N ARG N 179 -29.49 -45.02 -26.76
CA ARG N 179 -30.42 -44.57 -25.72
C ARG N 179 -29.75 -43.54 -24.83
N TYR N 180 -30.57 -42.64 -24.30
CA TYR N 180 -30.08 -41.56 -23.44
C TYR N 180 -29.96 -42.03 -22.00
N LEU N 181 -28.89 -41.61 -21.33
CA LEU N 181 -28.83 -41.77 -19.88
C LEU N 181 -29.89 -40.90 -19.23
N HIS N 182 -30.94 -41.53 -18.73
CA HIS N 182 -32.19 -40.84 -18.42
C HIS N 182 -32.55 -41.02 -16.95
N LEU N 183 -33.06 -39.94 -16.36
CA LEU N 183 -33.59 -39.97 -15.00
C LEU N 183 -35.05 -40.38 -15.03
N SER N 184 -35.39 -41.46 -14.35
CA SER N 184 -36.74 -42.00 -14.36
C SER N 184 -37.50 -41.52 -13.13
N THR N 185 -38.48 -40.64 -13.36
CA THR N 185 -39.35 -40.14 -12.30
C THR N 185 -40.73 -40.78 -12.33
N ALA N 186 -40.90 -41.85 -13.11
CA ALA N 186 -42.22 -42.48 -13.24
C ALA N 186 -42.67 -43.06 -11.92
N SER N 187 -41.92 -44.01 -11.37
CA SER N 187 -42.27 -44.59 -10.08
C SER N 187 -42.01 -43.59 -8.97
N GLY N 188 -42.44 -43.97 -7.76
CA GLY N 188 -42.22 -43.10 -6.61
C GLY N 188 -40.75 -42.79 -6.38
N GLU N 189 -39.90 -43.80 -6.54
CA GLU N 189 -38.47 -43.60 -6.36
C GLU N 189 -37.84 -43.05 -7.64
N LEU N 190 -36.74 -42.33 -7.49
CA LEU N 190 -35.98 -41.82 -8.62
C LEU N 190 -34.91 -42.82 -9.01
N GLN N 191 -34.92 -43.23 -10.28
CA GLN N 191 -34.03 -44.25 -10.79
C GLN N 191 -33.35 -43.74 -12.05
N VAL N 192 -32.22 -44.36 -12.39
CA VAL N 192 -31.45 -44.03 -13.58
C VAL N 192 -31.51 -45.22 -14.53
N ASP N 193 -31.82 -44.95 -15.80
CA ASP N 193 -31.94 -45.99 -16.81
C ASP N 193 -31.68 -45.38 -18.17
N ALA N 194 -31.40 -46.25 -19.15
CA ALA N 194 -31.13 -45.84 -20.52
C ALA N 194 -32.43 -45.95 -21.32
N SER N 195 -33.01 -44.81 -21.64
CA SER N 195 -34.27 -44.75 -22.37
C SER N 195 -34.15 -43.77 -23.53
N PHE N 196 -35.20 -43.69 -24.34
CA PHE N 196 -35.19 -42.80 -25.48
C PHE N 196 -35.40 -41.35 -25.09
N MET N 197 -35.94 -41.11 -23.89
CA MET N 197 -36.07 -39.75 -23.39
C MET N 197 -34.73 -39.29 -22.82
N GLN N 198 -34.42 -38.01 -23.01
CA GLN N 198 -33.13 -37.45 -22.67
C GLN N 198 -33.19 -36.70 -21.35
N THR N 199 -32.04 -36.66 -20.67
CA THR N 199 -31.86 -35.87 -19.46
C THR N 199 -30.51 -35.17 -19.53
N LEU N 200 -30.42 -34.00 -18.90
CA LEU N 200 -29.20 -33.21 -18.93
C LEU N 200 -28.35 -33.52 -17.70
N TRP N 201 -27.13 -33.95 -17.93
CA TRP N 201 -26.20 -34.35 -16.88
C TRP N 201 -25.04 -33.37 -16.82
N ASN N 202 -24.47 -33.22 -15.62
CA ASN N 202 -23.29 -32.39 -15.41
C ASN N 202 -22.14 -33.27 -14.93
N MET N 203 -20.98 -33.14 -15.58
CA MET N 203 -19.78 -33.85 -15.15
C MET N 203 -19.00 -32.94 -14.22
N ASN N 204 -19.39 -32.93 -12.95
CA ASN N 204 -18.66 -32.08 -12.03
C ASN N 204 -17.29 -32.69 -11.74
N PRO N 205 -16.21 -31.91 -11.85
CA PRO N 205 -14.87 -32.50 -11.68
C PRO N 205 -14.49 -32.67 -10.22
N ILE N 206 -14.03 -33.88 -9.86
CA ILE N 206 -13.60 -34.13 -8.50
C ILE N 206 -12.11 -33.80 -8.34
N CYS N 207 -11.30 -34.25 -9.29
CA CYS N 207 -9.87 -33.95 -9.29
C CYS N 207 -9.34 -34.08 -10.70
N SER N 208 -8.21 -33.42 -10.94
CA SER N 208 -7.55 -33.48 -12.26
C SER N 208 -6.19 -34.16 -12.14
N GLY N 209 -5.34 -33.64 -11.26
CA GLY N 209 -4.03 -34.22 -11.05
C GLY N 209 -3.42 -33.71 -9.75
N CYS N 210 -2.80 -34.63 -9.03
CA CYS N 210 -2.28 -34.37 -7.69
C CYS N 210 -0.77 -34.22 -7.75
N GLU N 211 -0.26 -33.14 -7.17
CA GLU N 211 1.18 -32.99 -7.02
C GLU N 211 1.73 -34.10 -6.12
N GLU N 212 2.90 -34.61 -6.49
CA GLU N 212 3.44 -35.79 -5.81
C GLU N 212 3.59 -35.52 -4.32
N GLY N 213 3.12 -36.48 -3.51
CA GLY N 213 3.32 -36.43 -2.07
C GLY N 213 2.41 -35.48 -1.33
N PHE N 214 1.42 -34.89 -1.98
CA PHE N 214 0.54 -33.90 -1.37
C PHE N 214 -0.83 -34.52 -1.12
N VAL N 215 -1.39 -34.23 0.06
CA VAL N 215 -2.71 -34.75 0.42
C VAL N 215 -3.78 -33.99 -0.33
N THR N 216 -4.78 -34.70 -0.82
CA THR N 216 -5.96 -34.11 -1.44
C THR N 216 -7.20 -34.71 -0.80
N GLY N 217 -8.33 -34.03 -0.96
CA GLY N 217 -9.57 -34.55 -0.44
C GLY N 217 -9.95 -35.88 -1.08
N GLY N 218 -10.57 -36.73 -0.27
CA GLY N 218 -11.09 -37.99 -0.76
C GLY N 218 -10.13 -39.16 -0.79
N HIS N 219 -8.95 -39.02 -0.19
CA HIS N 219 -8.04 -40.15 -0.03
C HIS N 219 -8.34 -40.91 1.26
N VAL N 220 -8.22 -42.22 1.19
CA VAL N 220 -8.20 -43.06 2.38
C VAL N 220 -6.78 -43.05 2.91
N LEU N 221 -6.62 -42.83 4.21
CA LEU N 221 -5.30 -42.65 4.79
C LEU N 221 -5.35 -42.95 6.29
N ARG N 222 -4.18 -43.08 6.88
CA ARG N 222 -4.04 -43.30 8.31
C ARG N 222 -3.47 -42.05 8.97
N LEU N 223 -3.95 -41.77 10.17
CA LEU N 223 -3.49 -40.62 10.96
C LEU N 223 -2.60 -41.14 12.08
N PHE N 224 -1.29 -41.06 11.88
CA PHE N 224 -0.33 -41.56 12.85
C PHE N 224 0.00 -40.46 13.86
N HIS N 225 0.19 -40.88 15.11
CA HIS N 225 0.56 -39.96 16.19
C HIS N 225 2.00 -39.52 15.95
N GLY N 226 2.13 -38.37 15.30
CA GLY N 226 3.45 -37.85 14.94
C GLY N 226 4.22 -38.86 14.13
N HIS N 227 5.25 -39.44 14.75
CA HIS N 227 5.98 -40.57 14.18
C HIS N 227 6.21 -41.64 15.25
N MET N 228 5.27 -41.77 16.18
CA MET N 228 5.39 -42.69 17.30
C MET N 228 4.83 -44.07 16.99
N ASP N 229 4.45 -44.33 15.73
CA ASP N 229 3.94 -45.62 15.32
C ASP N 229 2.52 -45.87 15.83
N GLU N 230 1.95 -44.92 16.55
CA GLU N 230 0.55 -45.02 16.94
C GLU N 230 -0.32 -44.37 15.88
N CYS N 231 -1.51 -44.93 15.69
CA CYS N 231 -2.47 -44.43 14.71
C CYS N 231 -3.83 -44.29 15.36
N LEU N 232 -4.63 -43.38 14.80
CA LEU N 232 -6.00 -43.17 15.28
C LEU N 232 -6.90 -44.28 14.73
N THR N 233 -7.64 -44.93 15.61
CA THR N 233 -8.44 -46.07 15.22
C THR N 233 -9.68 -46.15 16.11
N ILE N 234 -10.49 -47.17 15.84
CA ILE N 234 -11.65 -47.48 16.69
C ILE N 234 -11.47 -48.88 17.23
N SER N 235 -12.30 -49.26 18.20
CA SER N 235 -12.14 -50.53 18.87
C SER N 235 -12.34 -51.68 17.89
N PRO N 236 -11.72 -52.84 18.14
CA PRO N 236 -11.90 -53.99 17.25
C PRO N 236 -13.37 -54.39 17.15
N SER N 237 -13.66 -55.18 16.14
CA SER N 237 -15.03 -55.66 15.93
C SER N 237 -15.47 -56.51 17.10
N ASP N 238 -16.76 -56.45 17.41
CA ASP N 238 -17.42 -57.17 18.50
C ASP N 238 -17.03 -56.60 19.86
N SER N 239 -16.41 -55.43 19.90
CA SER N 239 -16.05 -54.81 21.17
C SER N 239 -17.29 -54.32 21.91
N ASP N 240 -17.17 -54.27 23.24
CA ASP N 240 -18.30 -53.88 24.07
C ASP N 240 -18.64 -52.40 23.97
N ASP N 241 -17.71 -51.56 23.52
CA ASP N 241 -17.98 -50.14 23.40
C ASP N 241 -18.83 -49.80 22.18
N GLN N 242 -19.22 -50.80 21.39
CA GLN N 242 -20.05 -50.66 20.20
C GLN N 242 -19.33 -49.92 19.09
N ARG N 243 -18.00 -49.86 19.12
CA ARG N 243 -17.20 -49.24 18.06
C ARG N 243 -17.53 -47.77 17.88
N ARG N 244 -17.98 -47.10 18.94
CA ARG N 244 -18.33 -45.69 18.90
C ARG N 244 -17.24 -44.80 19.48
N LEU N 245 -16.11 -45.37 19.87
CA LEU N 245 -15.05 -44.64 20.54
C LEU N 245 -13.77 -44.69 19.71
N VAL N 246 -12.90 -43.71 19.92
CA VAL N 246 -11.67 -43.54 19.14
C VAL N 246 -10.49 -43.63 20.09
N TYR N 247 -9.43 -44.31 19.65
CA TYR N 247 -8.23 -44.52 20.44
C TYR N 247 -6.99 -44.27 19.60
N TYR N 248 -5.86 -44.11 20.28
CA TYR N 248 -4.54 -44.16 19.65
C TYR N 248 -3.93 -45.52 19.97
N GLU N 249 -3.67 -46.32 18.94
CA GLU N 249 -3.15 -47.66 19.13
C GLU N 249 -2.00 -47.91 18.17
N GLY N 250 -1.02 -48.71 18.61
CA GLY N 250 0.20 -48.86 17.84
C GLY N 250 0.73 -50.28 17.77
N GLY N 251 -0.16 -51.27 17.86
CA GLY N 251 0.22 -52.64 17.71
C GLY N 251 0.27 -53.02 16.23
N PRO N 252 -0.31 -54.17 15.88
CA PRO N 252 -0.46 -54.51 14.45
C PRO N 252 -1.65 -53.84 13.78
N VAL N 253 -2.41 -53.02 14.50
CA VAL N 253 -3.56 -52.35 13.93
C VAL N 253 -3.15 -51.42 12.79
N CYS N 254 -1.91 -50.93 12.80
CA CYS N 254 -1.46 -50.03 11.75
C CYS N 254 -1.51 -50.69 10.37
N THR N 255 -1.57 -52.01 10.32
CA THR N 255 -1.69 -52.74 9.06
C THR N 255 -3.12 -53.22 8.80
N HIS N 256 -4.05 -52.97 9.70
CA HIS N 256 -5.43 -53.41 9.54
C HIS N 256 -6.27 -52.31 8.92
N ALA N 257 -7.55 -52.62 8.69
CA ALA N 257 -8.46 -51.74 7.97
C ALA N 257 -9.41 -50.97 8.90
N ARG N 258 -9.30 -51.18 10.21
CA ARG N 258 -10.13 -50.45 11.16
C ARG N 258 -9.49 -49.13 11.58
N SER N 259 -8.30 -48.82 11.04
CA SER N 259 -7.65 -47.54 11.29
C SER N 259 -7.56 -46.68 10.02
N LEU N 260 -8.38 -46.97 9.01
CA LEU N 260 -8.34 -46.26 7.74
C LEU N 260 -9.44 -45.21 7.72
N TRP N 261 -9.05 -43.96 7.47
CA TRP N 261 -9.99 -42.84 7.45
C TRP N 261 -9.95 -42.15 6.09
N ARG N 262 -11.09 -41.55 5.73
CA ARG N 262 -11.24 -40.82 4.47
C ARG N 262 -11.54 -39.36 4.78
N LEU N 263 -10.85 -38.46 4.08
CA LEU N 263 -11.04 -37.02 4.27
C LEU N 263 -12.03 -36.52 3.21
N GLU N 264 -13.14 -35.93 3.67
CA GLU N 264 -14.19 -35.48 2.77
C GLU N 264 -14.39 -33.98 2.95
N PRO N 265 -13.96 -33.14 2.01
CA PRO N 265 -14.26 -31.71 2.13
C PRO N 265 -15.75 -31.46 2.07
N LEU N 266 -16.19 -30.38 2.73
CA LEU N 266 -17.60 -30.07 2.79
C LEU N 266 -18.16 -29.72 1.41
N ARG N 267 -17.29 -29.43 0.46
CA ARG N 267 -17.73 -29.13 -0.91
C ARG N 267 -17.77 -30.41 -1.74
N ILE N 268 -18.78 -30.53 -2.60
CA ILE N 268 -18.90 -31.72 -3.44
C ILE N 268 -18.01 -31.60 -4.66
N SER N 269 -18.13 -30.51 -5.41
CA SER N 269 -17.33 -30.30 -6.60
C SER N 269 -15.91 -29.90 -6.22
N TRP N 270 -14.94 -30.43 -6.96
CA TRP N 270 -13.52 -30.20 -6.67
C TRP N 270 -13.17 -30.69 -5.27
N SER N 271 -13.91 -31.67 -4.77
CA SER N 271 -13.62 -32.22 -3.45
C SER N 271 -12.30 -32.99 -3.43
N GLY N 272 -11.74 -33.30 -4.60
CA GLY N 272 -10.46 -33.98 -4.67
C GLY N 272 -9.30 -33.02 -4.81
N SER N 273 -9.54 -31.75 -4.49
CA SER N 273 -8.51 -30.73 -4.60
C SER N 273 -7.48 -30.88 -3.49
N HIS N 274 -6.38 -30.14 -3.62
CA HIS N 274 -5.35 -30.15 -2.60
C HIS N 274 -5.91 -29.68 -1.28
N LEU N 275 -5.52 -30.36 -0.21
CA LEU N 275 -6.05 -30.06 1.12
C LEU N 275 -5.26 -28.93 1.75
N ARG N 276 -5.95 -27.82 2.05
CA ARG N 276 -5.33 -26.61 2.55
C ARG N 276 -5.52 -26.51 4.06
N TRP N 277 -4.60 -25.80 4.71
CA TRP N 277 -4.71 -25.56 6.14
C TRP N 277 -5.99 -24.79 6.45
N GLY N 278 -6.70 -25.23 7.49
CA GLY N 278 -7.91 -24.57 7.90
C GLY N 278 -9.15 -24.94 7.10
N GLN N 279 -9.03 -25.84 6.13
CA GLN N 279 -10.17 -26.22 5.33
C GLN N 279 -11.10 -27.12 6.15
N PRO N 280 -12.38 -26.75 6.31
CA PRO N 280 -13.30 -27.64 7.03
C PRO N 280 -13.53 -28.93 6.26
N LEU N 281 -13.62 -30.04 6.99
CA LEU N 281 -13.77 -31.34 6.36
C LEU N 281 -14.34 -32.32 7.37
N ARG N 282 -14.80 -33.46 6.86
CA ARG N 282 -15.29 -34.56 7.69
C ARG N 282 -14.32 -35.73 7.57
N ILE N 283 -14.04 -36.36 8.70
CA ILE N 283 -13.20 -37.56 8.72
C ILE N 283 -14.11 -38.76 8.88
N ARG N 284 -14.20 -39.59 7.85
CA ARG N 284 -15.08 -40.74 7.82
C ARG N 284 -14.29 -42.00 8.11
N HIS N 285 -14.89 -42.92 8.86
CA HIS N 285 -14.28 -44.23 9.05
C HIS N 285 -14.73 -45.15 7.93
N VAL N 286 -13.79 -45.58 7.10
CA VAL N 286 -14.14 -46.27 5.85
C VAL N 286 -14.91 -47.55 6.14
N THR N 287 -14.43 -48.35 7.10
CA THR N 287 -14.99 -49.69 7.29
C THR N 287 -16.39 -49.64 7.86
N THR N 288 -16.62 -48.79 8.86
CA THR N 288 -17.93 -48.71 9.51
C THR N 288 -18.83 -47.65 8.90
N GLY N 289 -18.28 -46.73 8.12
CA GLY N 289 -19.10 -45.67 7.53
C GLY N 289 -19.67 -44.73 8.57
N ARG N 290 -18.90 -44.44 9.62
CA ARG N 290 -19.31 -43.54 10.70
C ARG N 290 -18.34 -42.38 10.75
N TYR N 291 -18.87 -41.17 10.90
CA TYR N 291 -18.05 -39.98 10.83
C TYR N 291 -17.57 -39.55 12.21
N LEU N 292 -16.33 -39.09 12.27
CA LEU N 292 -15.77 -38.56 13.51
C LEU N 292 -16.42 -37.23 13.84
N GLY N 293 -16.97 -37.12 15.04
CA GLY N 293 -17.70 -35.93 15.42
C GLY N 293 -17.65 -35.70 16.93
N LEU N 294 -18.25 -34.59 17.33
CA LEU N 294 -18.30 -34.16 18.73
C LEU N 294 -19.74 -34.21 19.21
N THR N 295 -20.01 -35.08 20.18
CA THR N 295 -21.31 -35.16 20.83
C THR N 295 -21.20 -34.59 22.23
N GLU N 296 -22.14 -33.71 22.58
CA GLU N 296 -22.08 -33.04 23.87
C GLU N 296 -22.11 -34.03 25.02
N ASP N 297 -22.88 -35.12 24.89
CA ASP N 297 -23.01 -36.08 25.98
C ASP N 297 -21.75 -36.94 26.12
N GLN N 298 -21.19 -37.41 25.00
CA GLN N 298 -20.09 -38.37 25.03
C GLN N 298 -18.80 -37.80 24.45
N GLY N 299 -18.72 -36.50 24.23
CA GLY N 299 -17.50 -35.91 23.69
C GLY N 299 -17.20 -36.37 22.28
N LEU N 300 -15.98 -36.89 22.06
CA LEU N 300 -15.53 -37.29 20.74
C LEU N 300 -15.91 -38.74 20.50
N VAL N 301 -16.71 -38.99 19.46
CA VAL N 301 -17.13 -40.33 19.07
C VAL N 301 -17.16 -40.39 17.55
N VAL N 302 -17.54 -41.55 17.03
CA VAL N 302 -17.83 -41.74 15.62
C VAL N 302 -19.33 -41.89 15.48
N VAL N 303 -19.98 -40.84 14.98
CA VAL N 303 -21.43 -40.80 14.89
C VAL N 303 -21.88 -41.38 13.55
N ASP N 304 -23.15 -41.75 13.48
CA ASP N 304 -23.72 -42.24 12.24
C ASP N 304 -23.85 -41.12 11.22
N ALA N 305 -23.96 -41.51 9.94
CA ALA N 305 -24.09 -40.52 8.89
C ALA N 305 -25.34 -39.68 9.09
N SER N 306 -26.45 -40.30 9.48
CA SER N 306 -27.69 -39.55 9.67
C SER N 306 -27.53 -38.47 10.72
N LYS N 307 -26.71 -38.70 11.74
CA LYS N 307 -26.49 -37.75 12.82
C LYS N 307 -25.28 -36.84 12.56
N ALA N 308 -24.51 -37.10 11.50
CA ALA N 308 -23.29 -36.33 11.23
C ALA N 308 -23.64 -35.05 10.47
N HIS N 309 -24.20 -34.10 11.22
CA HIS N 309 -24.46 -32.78 10.65
C HIS N 309 -23.17 -31.96 10.65
N THR N 310 -23.22 -30.82 9.94
CA THR N 310 -22.01 -30.06 9.68
C THR N 310 -21.36 -29.58 10.98
N LYS N 311 -22.16 -29.12 11.93
CA LYS N 311 -21.61 -28.58 13.17
C LYS N 311 -20.83 -29.65 13.93
N ALA N 312 -21.38 -30.86 14.02
CA ALA N 312 -20.77 -31.89 14.84
C ALA N 312 -19.51 -32.46 14.20
N THR N 313 -19.54 -32.73 12.89
CA THR N 313 -18.50 -33.47 12.22
C THR N 313 -17.60 -32.60 11.34
N SER N 314 -17.51 -31.30 11.62
CA SER N 314 -16.63 -30.41 10.87
C SER N 314 -15.30 -30.31 11.60
N PHE N 315 -14.23 -30.71 10.90
CA PHE N 315 -12.88 -30.67 11.45
C PHE N 315 -11.97 -29.93 10.48
N CYS N 316 -10.87 -29.38 11.02
CA CYS N 316 -9.91 -28.64 10.22
C CYS N 316 -8.50 -28.99 10.66
N PHE N 317 -7.58 -28.96 9.70
CA PHE N 317 -6.16 -29.19 9.96
C PHE N 317 -5.48 -27.84 10.17
N ARG N 318 -4.67 -27.76 11.22
CA ARG N 318 -3.93 -26.54 11.55
C ARG N 318 -2.44 -26.85 11.61
N ILE N 319 -1.64 -25.90 11.11
CA ILE N 319 -0.19 -26.05 11.20
C ILE N 319 0.28 -25.81 12.62
N SER N 320 -0.36 -24.90 13.34
CA SER N 320 0.05 -24.51 14.68
C SER N 320 -1.17 -24.25 15.56
N LYS N 321 -0.94 -24.33 16.86
CA LYS N 321 -2.00 -24.12 17.86
C LYS N 321 -2.44 -22.67 17.99
N GLU N 322 -1.58 -21.71 17.66
CA GLU N 322 -1.90 -20.32 17.94
C GLU N 322 -3.03 -19.82 17.04
N LYS N 323 -3.72 -18.77 17.53
CA LYS N 323 -5.04 -18.39 17.04
C LYS N 323 -4.92 -17.58 15.75
N LEU N 324 -5.01 -18.29 14.63
CA LEU N 324 -5.18 -17.69 13.32
C LEU N 324 -6.59 -17.87 12.76
N ASP N 325 -7.54 -18.32 13.59
CA ASP N 325 -8.90 -18.51 13.11
C ASP N 325 -9.56 -17.20 12.70
N VAL N 326 -8.96 -16.07 13.06
CA VAL N 326 -9.48 -14.76 12.68
C VAL N 326 -9.14 -14.48 11.22
N ALA N 327 -8.42 -15.41 10.59
CA ALA N 327 -8.06 -15.29 9.18
C ALA N 327 -9.07 -16.04 8.32
N PRO N 328 -9.82 -15.37 7.46
CA PRO N 328 -10.85 -16.06 6.68
C PRO N 328 -10.24 -17.02 5.68
N LYS N 329 -11.00 -18.06 5.36
CA LYS N 329 -10.62 -19.07 4.38
C LYS N 329 -11.47 -18.89 3.13
N ARG N 330 -10.83 -18.97 1.95
CA ARG N 330 -11.49 -18.77 0.68
C ARG N 330 -11.28 -19.99 -0.20
N ASP N 331 -12.32 -20.36 -0.95
CA ASP N 331 -12.27 -21.51 -1.85
C ASP N 331 -11.92 -21.09 -3.26
N VAL N 332 -11.59 -22.08 -4.09
CA VAL N 332 -11.25 -21.85 -5.49
C VAL N 332 -11.76 -23.02 -6.31
N GLU N 333 -12.00 -22.77 -7.59
CA GLU N 333 -12.41 -23.80 -8.55
C GLU N 333 -11.16 -24.33 -9.23
N GLY N 334 -10.65 -25.43 -8.71
CA GLY N 334 -9.42 -26.02 -9.22
C GLY N 334 -8.73 -26.80 -8.13
N MET N 335 -7.60 -27.39 -8.50
CA MET N 335 -6.83 -28.18 -7.55
C MET N 335 -6.31 -27.31 -6.41
N GLY N 336 -5.84 -26.11 -6.72
CA GLY N 336 -5.43 -25.17 -5.72
C GLY N 336 -3.99 -25.36 -5.28
N PRO N 337 -3.51 -24.46 -4.41
CA PRO N 337 -2.12 -24.55 -3.95
C PRO N 337 -1.88 -25.80 -3.13
N PRO N 338 -0.87 -26.59 -3.46
CA PRO N 338 -0.53 -27.74 -2.61
C PRO N 338 0.11 -27.29 -1.30
N GLU N 339 -0.51 -27.70 -0.19
CA GLU N 339 -0.06 -27.25 1.13
C GLU N 339 0.43 -28.41 1.99
N ILE N 340 -0.40 -29.45 2.15
CA ILE N 340 -0.09 -30.52 3.09
C ILE N 340 0.56 -31.68 2.35
N LYS N 341 1.56 -32.29 2.98
CA LYS N 341 2.35 -33.37 2.38
C LYS N 341 2.27 -34.61 3.26
N TYR N 342 2.25 -35.77 2.61
CA TYR N 342 2.25 -37.04 3.32
C TYR N 342 3.53 -37.22 4.10
N GLY N 343 3.40 -37.75 5.31
CA GLY N 343 4.56 -38.08 6.13
C GLY N 343 5.24 -36.90 6.77
N GLU N 344 5.68 -35.94 5.95
CA GLU N 344 6.46 -34.83 6.46
C GLU N 344 5.59 -33.86 7.26
N SER N 345 4.57 -33.30 6.62
CA SER N 345 3.75 -32.28 7.26
C SER N 345 3.14 -32.81 8.55
N LEU N 346 3.16 -31.99 9.60
CA LEU N 346 2.58 -32.30 10.89
C LEU N 346 1.36 -31.43 11.09
N CYS N 347 0.22 -32.06 11.40
CA CYS N 347 -1.07 -31.39 11.44
C CYS N 347 -1.71 -31.55 12.81
N PHE N 348 -2.47 -30.54 13.21
CA PHE N 348 -3.27 -30.58 14.44
C PHE N 348 -4.73 -30.58 14.03
N VAL N 349 -5.48 -31.57 14.49
CA VAL N 349 -6.91 -31.63 14.18
C VAL N 349 -7.67 -30.76 15.18
N GLN N 350 -8.56 -29.92 14.66
CA GLN N 350 -9.33 -29.00 15.50
C GLN N 350 -10.78 -29.05 15.09
N HIS N 351 -11.67 -29.10 16.09
CA HIS N 351 -13.10 -29.03 15.81
C HIS N 351 -13.49 -27.59 15.52
N VAL N 352 -14.06 -27.37 14.33
CA VAL N 352 -14.30 -26.01 13.86
C VAL N 352 -15.28 -25.29 14.77
N ALA N 353 -16.38 -25.96 15.14
CA ALA N 353 -17.42 -25.30 15.91
C ALA N 353 -16.92 -24.85 17.27
N SER N 354 -16.31 -25.77 18.03
CA SER N 354 -15.87 -25.48 19.38
C SER N 354 -14.43 -24.99 19.47
N GLY N 355 -13.61 -25.31 18.48
CA GLY N 355 -12.21 -24.91 18.52
C GLY N 355 -11.34 -25.84 19.35
N LEU N 356 -11.94 -26.91 19.87
CA LEU N 356 -11.18 -27.88 20.64
C LEU N 356 -10.13 -28.56 19.77
N TRP N 357 -9.15 -29.15 20.41
CA TRP N 357 -8.07 -29.86 19.73
C TRP N 357 -8.14 -31.34 20.02
N LEU N 358 -7.83 -32.15 19.02
CA LEU N 358 -7.86 -33.61 19.13
C LEU N 358 -6.59 -34.05 19.83
N THR N 359 -6.70 -34.39 21.10
CA THR N 359 -5.57 -34.81 21.91
C THR N 359 -5.90 -36.10 22.65
N TYR N 360 -4.87 -36.92 22.86
CA TYR N 360 -5.04 -38.14 23.62
C TYR N 360 -5.44 -37.82 25.05
N ALA N 361 -6.33 -38.62 25.60
CA ALA N 361 -6.76 -38.41 26.98
C ALA N 361 -5.59 -38.63 27.93
N ALA N 362 -5.78 -38.23 29.18
CA ALA N 362 -4.76 -38.45 30.19
C ALA N 362 -4.52 -39.94 30.35
N PRO N 363 -3.32 -40.35 30.76
CA PRO N 363 -3.01 -41.78 30.78
C PRO N 363 -4.00 -42.54 31.64
N ASP N 364 -4.39 -43.72 31.16
CA ASP N 364 -5.46 -44.46 31.81
C ASP N 364 -5.08 -44.78 33.26
N PRO N 365 -6.01 -44.62 34.20
CA PRO N 365 -5.70 -44.95 35.59
C PRO N 365 -5.33 -46.43 35.72
N LYS N 366 -4.37 -46.71 36.60
CA LYS N 366 -3.90 -48.07 36.80
C LYS N 366 -3.41 -48.69 35.49
N ALA N 367 -2.69 -47.87 34.71
CA ALA N 367 -2.27 -48.30 33.38
C ALA N 367 -1.48 -49.60 33.43
N LEU N 368 -0.62 -49.76 34.44
CA LEU N 368 0.13 -51.00 34.56
C LEU N 368 -0.78 -52.19 34.76
N ARG N 369 -1.80 -52.05 35.62
CA ARG N 369 -2.76 -53.13 35.81
C ARG N 369 -3.52 -53.42 34.52
N LEU N 370 -3.90 -52.37 33.79
CA LEU N 370 -4.60 -52.57 32.52
C LEU N 370 -3.73 -53.38 31.56
N GLY N 371 -2.46 -53.01 31.42
CA GLY N 371 -1.57 -53.70 30.52
C GLY N 371 -1.86 -53.42 29.06
N VAL N 372 -2.69 -52.41 28.81
CA VAL N 372 -3.10 -52.04 27.45
C VAL N 372 -2.52 -50.67 27.13
N LEU N 373 -1.99 -50.53 25.91
CA LEU N 373 -1.40 -49.28 25.45
C LEU N 373 -2.42 -48.39 24.75
N LYS N 374 -3.69 -48.79 24.71
CA LYS N 374 -4.71 -47.97 24.08
C LYS N 374 -4.88 -46.67 24.85
N LYS N 375 -4.90 -45.55 24.12
CA LYS N 375 -5.10 -44.23 24.69
C LYS N 375 -6.34 -43.62 24.07
N LYS N 376 -7.40 -43.47 24.87
CA LYS N 376 -8.63 -42.88 24.36
C LYS N 376 -8.38 -41.47 23.86
N ALA N 377 -8.94 -41.17 22.69
CA ALA N 377 -8.81 -39.85 22.09
C ALA N 377 -9.97 -38.97 22.55
N MET N 378 -9.65 -37.74 22.93
CA MET N 378 -10.64 -36.78 23.39
C MET N 378 -10.35 -35.42 22.78
N LEU N 379 -11.31 -34.51 22.95
CA LEU N 379 -11.19 -33.14 22.46
C LEU N 379 -11.04 -32.21 23.66
N HIS N 380 -9.98 -31.42 23.67
CA HIS N 380 -9.66 -30.56 24.79
C HIS N 380 -9.29 -29.17 24.27
N GLN N 381 -9.47 -28.17 25.14
CA GLN N 381 -9.22 -26.79 24.73
C GLN N 381 -7.73 -26.53 24.49
N GLU N 382 -6.87 -27.07 25.35
CA GLU N 382 -5.44 -26.81 25.29
C GLU N 382 -4.67 -27.94 24.59
N GLY N 383 -4.94 -29.19 24.95
CA GLY N 383 -4.19 -30.29 24.36
C GLY N 383 -2.76 -30.32 24.89
N HIS N 384 -1.90 -30.95 24.09
CA HIS N 384 -0.48 -31.08 24.41
C HIS N 384 0.34 -30.78 23.17
N MET N 385 1.67 -30.77 23.34
CA MET N 385 2.58 -30.46 22.25
C MET N 385 2.71 -31.59 21.24
N ASP N 386 2.58 -32.84 21.68
CA ASP N 386 2.72 -34.00 20.80
C ASP N 386 1.42 -34.38 20.12
N ASP N 387 0.47 -33.45 20.02
CA ASP N 387 -0.80 -33.71 19.35
C ASP N 387 -0.68 -33.75 17.84
N ALA N 388 0.46 -33.34 17.28
CA ALA N 388 0.61 -33.31 15.84
C ALA N 388 0.42 -34.71 15.26
N LEU N 389 -0.31 -34.78 14.15
CA LEU N 389 -0.61 -36.02 13.46
C LEU N 389 0.02 -36.01 12.08
N SER N 390 0.57 -37.14 11.66
CA SER N 390 1.15 -37.31 10.34
C SER N 390 0.20 -38.13 9.50
N LEU N 391 -0.06 -37.65 8.28
CA LEU N 391 -0.98 -38.35 7.38
C LEU N 391 -0.19 -39.30 6.48
N THR N 392 -0.53 -40.58 6.52
CA THR N 392 0.15 -41.60 5.74
C THR N 392 -0.82 -42.23 4.74
N ARG N 393 -0.36 -42.36 3.51
CA ARG N 393 -1.21 -42.88 2.45
C ARG N 393 -1.18 -44.41 2.45
N CYS N 394 -2.35 -45.00 2.25
CA CYS N 394 -2.50 -46.45 2.16
C CYS N 394 -2.56 -46.86 0.69
N GLN N 395 -2.43 -48.16 0.47
CA GLN N 395 -2.47 -48.69 -0.89
C GLN N 395 -3.91 -48.79 -1.39
N GLN N 396 -4.06 -48.67 -2.70
CA GLN N 396 -5.37 -48.84 -3.31
C GLN N 396 -5.96 -50.20 -2.94
N GLU N 397 -5.11 -51.21 -2.80
CA GLU N 397 -5.58 -52.52 -2.36
C GLU N 397 -6.27 -52.42 -1.00
N GLU N 398 -5.64 -51.77 -0.04
CA GLU N 398 -6.21 -51.65 1.30
C GLU N 398 -7.50 -50.83 1.27
N SER N 399 -7.50 -49.73 0.50
CA SER N 399 -8.70 -48.89 0.43
C SER N 399 -9.88 -49.66 -0.15
N GLN N 400 -9.65 -50.36 -1.27
CA GLN N 400 -10.71 -51.16 -1.87
C GLN N 400 -11.16 -52.26 -0.93
N ALA N 401 -10.22 -52.90 -0.24
CA ALA N 401 -10.59 -53.94 0.71
C ALA N 401 -11.48 -53.38 1.82
N ALA N 402 -11.15 -52.18 2.32
CA ALA N 402 -11.98 -51.57 3.36
C ALA N 402 -13.39 -51.29 2.85
N ARG N 403 -13.50 -50.73 1.64
CA ARG N 403 -14.84 -50.45 1.12
C ARG N 403 -15.64 -51.72 0.90
N MET N 404 -14.99 -52.77 0.36
CA MET N 404 -15.68 -54.04 0.20
C MET N 404 -16.09 -54.63 1.54
N ILE N 405 -15.25 -54.47 2.57
CA ILE N 405 -15.63 -54.93 3.90
C ILE N 405 -16.88 -54.22 4.37
N TYR N 406 -16.93 -52.89 4.21
CA TYR N 406 -18.13 -52.14 4.59
C TYR N 406 -19.36 -52.69 3.89
N SER N 407 -19.32 -52.79 2.56
CA SER N 407 -20.49 -53.22 1.80
C SER N 407 -20.88 -54.65 2.14
N THR N 408 -19.91 -55.55 2.23
CA THR N 408 -20.22 -56.95 2.51
C THR N 408 -20.77 -57.12 3.91
N ALA N 409 -20.23 -56.38 4.89
CA ALA N 409 -20.77 -56.44 6.24
C ALA N 409 -22.21 -56.00 6.25
N GLY N 410 -22.52 -54.89 5.57
CA GLY N 410 -23.90 -54.45 5.51
C GLY N 410 -24.81 -55.50 4.90
N LEU N 411 -24.41 -56.04 3.74
CA LEU N 411 -25.25 -57.01 3.05
C LEU N 411 -25.47 -58.27 3.88
N TYR N 412 -24.40 -58.83 4.45
CA TYR N 412 -24.54 -60.08 5.18
C TYR N 412 -25.26 -59.87 6.51
N ASN N 413 -25.10 -58.71 7.14
CA ASN N 413 -25.92 -58.42 8.32
C ASN N 413 -27.40 -58.33 7.96
N GLN N 414 -27.72 -57.71 6.82
CA GLN N 414 -29.12 -57.69 6.39
C GLN N 414 -29.63 -59.11 6.15
N PHE N 415 -28.81 -59.95 5.52
CA PHE N 415 -29.23 -61.33 5.27
C PHE N 415 -29.47 -62.09 6.57
N ILE N 416 -28.58 -61.91 7.55
CA ILE N 416 -28.73 -62.59 8.83
C ILE N 416 -29.98 -62.11 9.55
N LYS N 417 -30.25 -60.81 9.53
CA LYS N 417 -31.48 -60.30 10.13
C LYS N 417 -32.70 -60.88 9.43
N GLY N 418 -32.67 -60.96 8.10
CA GLY N 418 -33.78 -61.55 7.37
C GLY N 418 -34.04 -62.98 7.79
N LEU N 419 -32.98 -63.79 7.90
CA LEU N 419 -33.16 -65.16 8.35
C LEU N 419 -33.71 -65.22 9.77
N ASP N 420 -33.16 -64.41 10.66
CA ASP N 420 -33.64 -64.39 12.04
C ASP N 420 -35.09 -63.96 12.11
N SER N 421 -35.56 -63.21 11.11
CA SER N 421 -36.96 -62.76 11.13
C SER N 421 -37.93 -63.93 11.17
N PHE N 422 -37.70 -64.95 10.35
CA PHE N 422 -38.58 -66.11 10.27
C PHE N 422 -37.92 -67.38 10.80
N SER N 423 -36.84 -67.25 11.56
CA SER N 423 -36.15 -68.44 12.07
C SER N 423 -37.11 -69.40 12.77
N GLY N 424 -38.03 -68.87 13.55
CA GLY N 424 -38.88 -69.71 14.38
C GLY N 424 -40.34 -69.78 13.97
N LYS N 425 -40.73 -69.02 12.95
CA LYS N 425 -42.13 -68.92 12.56
C LYS N 425 -42.37 -69.66 11.26
N PRO N 426 -43.01 -70.84 11.27
CA PRO N 426 -43.35 -71.50 10.00
C PRO N 426 -44.45 -70.75 9.27
N ARG N 427 -44.33 -70.68 7.94
CA ARG N 427 -45.31 -69.94 7.15
C ARG N 427 -46.60 -70.73 6.99
N GLY N 428 -46.51 -72.05 7.02
CA GLY N 428 -47.68 -72.86 6.69
C GLY N 428 -48.08 -72.63 5.25
N SER N 429 -49.37 -72.36 5.04
CA SER N 429 -49.90 -72.01 3.72
C SER N 429 -50.20 -70.53 3.70
N GLY N 430 -49.38 -69.77 2.97
CA GLY N 430 -49.54 -68.34 2.90
C GLY N 430 -48.23 -67.62 2.67
N PRO N 431 -48.13 -66.37 3.13
CA PRO N 431 -46.91 -65.59 2.90
C PRO N 431 -45.75 -66.13 3.72
N PRO N 432 -44.51 -65.83 3.32
CA PRO N 432 -43.37 -66.34 4.10
C PRO N 432 -43.36 -65.88 5.54
N ALA N 433 -44.06 -64.80 5.87
CA ALA N 433 -44.17 -64.33 7.25
C ALA N 433 -42.84 -63.83 7.78
N GLY N 434 -42.12 -63.06 6.96
CA GLY N 434 -40.85 -62.48 7.38
C GLY N 434 -40.35 -61.48 6.36
N SER N 435 -39.32 -60.75 6.77
CA SER N 435 -38.72 -59.76 5.87
C SER N 435 -38.09 -60.44 4.68
N ALA N 436 -38.24 -59.84 3.51
CA ALA N 436 -37.72 -60.42 2.28
C ALA N 436 -36.20 -60.48 2.31
N LEU N 437 -35.65 -61.57 1.79
CA LEU N 437 -34.21 -61.76 1.81
C LEU N 437 -33.58 -61.14 0.56
N PRO N 438 -32.34 -60.64 0.66
CA PRO N 438 -31.62 -60.17 -0.54
C PRO N 438 -30.87 -61.30 -1.23
N ILE N 439 -31.64 -62.20 -1.85
CA ILE N 439 -31.05 -63.43 -2.40
C ILE N 439 -30.08 -63.09 -3.53
N GLU N 440 -30.51 -62.27 -4.49
CA GLU N 440 -29.67 -61.96 -5.63
C GLU N 440 -28.41 -61.23 -5.20
N GLY N 441 -28.56 -60.24 -4.31
CA GLY N 441 -27.39 -59.53 -3.83
C GLY N 441 -26.41 -60.43 -3.11
N VAL N 442 -26.92 -61.32 -2.26
CA VAL N 442 -26.05 -62.24 -1.54
C VAL N 442 -25.30 -63.14 -2.50
N ILE N 443 -26.02 -63.70 -3.49
CA ILE N 443 -25.38 -64.59 -4.45
C ILE N 443 -24.28 -63.86 -5.22
N LEU N 444 -24.59 -62.67 -5.73
CA LEU N 444 -23.60 -61.94 -6.51
C LEU N 444 -22.40 -61.55 -5.66
N SER N 445 -22.65 -61.10 -4.43
CA SER N 445 -21.54 -60.74 -3.54
C SER N 445 -20.67 -61.94 -3.23
N LEU N 446 -21.28 -63.09 -2.97
CA LEU N 446 -20.50 -64.28 -2.69
C LEU N 446 -19.65 -64.69 -3.88
N GLN N 447 -20.22 -64.67 -5.08
CA GLN N 447 -19.44 -64.99 -6.27
C GLN N 447 -18.31 -64.00 -6.49
N ASP N 448 -18.57 -62.71 -6.32
CA ASP N 448 -17.53 -61.70 -6.50
C ASP N 448 -16.42 -61.88 -5.48
N LEU N 449 -16.76 -62.21 -4.23
CA LEU N 449 -15.73 -62.40 -3.22
C LEU N 449 -14.92 -63.66 -3.47
N ILE N 450 -15.56 -64.73 -3.96
CA ILE N 450 -14.80 -65.92 -4.33
C ILE N 450 -13.82 -65.59 -5.44
N GLY N 451 -14.26 -64.86 -6.46
CA GLY N 451 -13.33 -64.44 -7.50
C GLY N 451 -12.23 -63.56 -6.95
N TYR N 452 -12.57 -62.69 -5.98
CA TYR N 452 -11.59 -61.81 -5.36
C TYR N 452 -10.49 -62.61 -4.65
N PHE N 453 -10.87 -63.64 -3.92
CA PHE N 453 -9.94 -64.46 -3.15
C PHE N 453 -9.43 -65.66 -3.92
N GLU N 454 -9.74 -65.77 -5.21
CA GLU N 454 -9.22 -66.88 -6.00
C GLU N 454 -7.69 -66.89 -5.93
N PRO N 455 -7.08 -68.05 -5.67
CA PRO N 455 -5.62 -68.10 -5.55
C PRO N 455 -4.97 -67.92 -6.91
N PRO N 456 -3.72 -67.46 -6.95
CA PRO N 456 -3.02 -67.36 -8.23
C PRO N 456 -2.82 -68.74 -8.86
N SER N 457 -2.89 -68.77 -10.19
CA SER N 457 -2.69 -70.03 -10.91
C SER N 457 -1.21 -70.39 -10.92
N GLU N 458 -0.94 -71.69 -11.00
CA GLU N 458 0.42 -72.21 -10.86
C GLU N 458 1.28 -71.92 -12.09
N GLU N 459 0.71 -71.46 -13.19
CA GLU N 459 1.50 -71.26 -14.40
C GLU N 459 2.24 -69.93 -14.41
N LEU N 460 1.89 -69.02 -13.50
CA LEU N 460 2.56 -67.72 -13.47
C LEU N 460 4.02 -67.86 -13.06
N GLN N 461 4.84 -66.91 -13.50
CA GLN N 461 6.24 -66.89 -13.11
C GLN N 461 6.37 -66.73 -11.60
N HIS N 462 7.56 -67.04 -11.09
CA HIS N 462 7.75 -67.09 -9.64
C HIS N 462 7.52 -65.73 -9.01
N GLU N 463 8.07 -64.66 -9.59
CA GLU N 463 7.95 -63.34 -8.98
C GLU N 463 6.51 -62.87 -8.93
N GLU N 464 5.79 -62.96 -10.06
CA GLU N 464 4.40 -62.53 -10.09
C GLU N 464 3.56 -63.38 -9.15
N LYS N 465 3.81 -64.69 -9.12
CA LYS N 465 3.08 -65.56 -8.21
C LYS N 465 3.32 -65.16 -6.76
N GLN N 466 4.57 -64.83 -6.42
CA GLN N 466 4.88 -64.45 -5.04
C GLN N 466 4.19 -63.15 -4.66
N THR N 467 4.22 -62.16 -5.55
CA THR N 467 3.53 -60.91 -5.26
C THR N 467 2.02 -61.12 -5.10
N LYS N 468 1.42 -61.92 -5.98
CA LYS N 468 0.00 -62.21 -5.86
C LYS N 468 -0.31 -62.94 -4.55
N LEU N 469 0.55 -63.87 -4.16
CA LEU N 469 0.35 -64.58 -2.90
C LEU N 469 0.43 -63.62 -1.71
N ARG N 470 1.40 -62.69 -1.74
CA ARG N 470 1.49 -61.72 -0.66
C ARG N 470 0.23 -60.86 -0.59
N SER N 471 -0.26 -60.40 -1.75
CA SER N 471 -1.49 -59.60 -1.76
C SER N 471 -2.67 -60.40 -1.23
N LEU N 472 -2.77 -61.67 -1.63
CA LEU N 472 -3.87 -62.52 -1.16
C LEU N 472 -3.81 -62.71 0.34
N ARG N 473 -2.61 -62.97 0.87
CA ARG N 473 -2.47 -63.09 2.33
C ARG N 473 -2.91 -61.82 3.02
N ASN N 474 -2.48 -60.66 2.50
CA ASN N 474 -2.84 -59.39 3.14
C ASN N 474 -4.34 -59.18 3.13
N ARG N 475 -5.00 -59.46 2.00
CA ARG N 475 -6.44 -59.24 1.92
C ARG N 475 -7.22 -60.21 2.80
N GLN N 476 -6.79 -61.47 2.84
CA GLN N 476 -7.43 -62.43 3.73
C GLN N 476 -7.28 -61.99 5.19
N SER N 477 -6.09 -61.52 5.56
CA SER N 477 -5.89 -61.03 6.93
C SER N 477 -6.78 -59.83 7.22
N LEU N 478 -6.91 -58.91 6.26
CA LEU N 478 -7.78 -57.76 6.46
C LEU N 478 -9.21 -58.20 6.72
N PHE N 479 -9.75 -59.06 5.86
CA PHE N 479 -11.13 -59.51 6.03
C PHE N 479 -11.33 -60.26 7.34
N GLN N 480 -10.39 -61.15 7.69
CA GLN N 480 -10.52 -61.89 8.94
C GLN N 480 -10.49 -60.95 10.13
N GLU N 481 -9.55 -60.00 10.14
CA GLU N 481 -9.46 -59.07 11.25
C GLU N 481 -10.73 -58.25 11.39
N GLU N 482 -11.29 -57.81 10.28
CA GLU N 482 -12.56 -57.08 10.34
C GLU N 482 -13.74 -57.99 10.65
N GLY N 483 -13.56 -59.30 10.61
CA GLY N 483 -14.58 -60.22 11.09
C GLY N 483 -15.52 -60.77 10.06
N MET N 484 -15.19 -60.65 8.76
CA MET N 484 -16.04 -61.22 7.73
C MET N 484 -16.17 -62.73 7.90
N LEU N 485 -15.14 -63.37 8.47
CA LEU N 485 -15.21 -64.81 8.73
C LEU N 485 -16.35 -65.13 9.69
N SER N 486 -16.51 -64.32 10.73
CA SER N 486 -17.60 -64.54 11.68
C SER N 486 -18.95 -64.39 11.01
N LEU N 487 -19.09 -63.40 10.12
CA LEU N 487 -20.35 -63.22 9.41
C LEU N 487 -20.64 -64.42 8.50
N VAL N 488 -19.61 -64.93 7.82
CA VAL N 488 -19.80 -66.11 6.98
C VAL N 488 -20.24 -67.30 7.82
N LEU N 489 -19.59 -67.49 8.97
CA LEU N 489 -19.96 -68.59 9.86
C LEU N 489 -21.38 -68.44 10.36
N ASN N 490 -21.79 -67.22 10.71
CA ASN N 490 -23.15 -67.00 11.18
C ASN N 490 -24.17 -67.30 10.08
N CYS N 491 -23.89 -66.84 8.85
CA CYS N 491 -24.79 -67.17 7.75
C CYS N 491 -24.87 -68.68 7.55
N ILE N 492 -23.73 -69.37 7.61
CA ILE N 492 -23.73 -70.82 7.47
C ILE N 492 -24.56 -71.47 8.56
N ASP N 493 -24.47 -70.98 9.79
CA ASP N 493 -25.25 -71.55 10.89
C ASP N 493 -26.73 -71.38 10.66
N ARG N 494 -27.15 -70.14 10.36
CA ARG N 494 -28.57 -69.88 10.16
C ARG N 494 -29.12 -70.69 9.00
N LEU N 495 -28.34 -70.85 7.92
CA LEU N 495 -28.79 -71.64 6.79
C LEU N 495 -28.76 -73.14 7.08
N ASN N 496 -27.82 -73.58 7.93
CA ASN N 496 -27.73 -74.99 8.30
C ASN N 496 -28.89 -75.43 9.18
N VAL N 497 -29.44 -74.51 9.98
CA VAL N 497 -30.55 -74.84 10.87
C VAL N 497 -31.58 -75.68 10.12
N TYR N 498 -31.73 -75.44 8.82
CA TYR N 498 -32.70 -76.17 8.00
C TYR N 498 -31.99 -77.34 7.31
N THR N 499 -32.65 -78.51 7.30
CA THR N 499 -32.01 -79.72 6.81
C THR N 499 -31.92 -79.76 5.29
N THR N 500 -32.95 -79.28 4.60
CA THR N 500 -33.01 -79.39 3.15
C THR N 500 -33.80 -78.22 2.56
N ALA N 501 -33.87 -78.21 1.23
CA ALA N 501 -34.53 -77.10 0.53
C ALA N 501 -36.01 -77.04 0.87
N ALA N 502 -36.68 -78.19 0.96
CA ALA N 502 -38.10 -78.19 1.32
C ALA N 502 -38.30 -77.66 2.73
N HIS N 503 -37.44 -78.06 3.67
CA HIS N 503 -37.55 -77.56 5.04
C HIS N 503 -37.34 -76.05 5.07
N PHE N 504 -36.38 -75.54 4.29
CA PHE N 504 -36.20 -74.10 4.21
C PHE N 504 -37.43 -73.42 3.61
N ALA N 505 -38.00 -74.03 2.57
CA ALA N 505 -39.19 -73.45 1.93
C ALA N 505 -40.35 -73.37 2.92
N GLU N 506 -40.43 -74.32 3.84
CA GLU N 506 -41.49 -74.30 4.84
C GLU N 506 -41.40 -73.06 5.75
N PHE N 507 -40.27 -72.34 5.74
CA PHE N 507 -40.10 -71.16 6.57
C PHE N 507 -39.85 -69.89 5.78
N ALA N 508 -39.42 -69.99 4.52
CA ALA N 508 -39.03 -68.83 3.74
C ALA N 508 -39.72 -68.70 2.40
N GLY N 509 -40.44 -69.71 1.94
CA GLY N 509 -41.12 -69.67 0.66
C GLY N 509 -40.32 -70.37 -0.43
N GLU N 510 -41.04 -70.81 -1.47
CA GLU N 510 -40.41 -71.56 -2.55
C GLU N 510 -39.40 -70.70 -3.30
N GLU N 511 -39.74 -69.43 -3.53
CA GLU N 511 -38.85 -68.56 -4.29
C GLU N 511 -37.49 -68.43 -3.61
N ALA N 512 -37.50 -68.17 -2.30
CA ALA N 512 -36.25 -68.11 -1.56
C ALA N 512 -35.57 -69.47 -1.50
N ALA N 513 -36.34 -70.52 -1.29
CA ALA N 513 -35.77 -71.85 -1.15
C ALA N 513 -35.06 -72.31 -2.41
N GLU N 514 -35.45 -71.76 -3.57
CA GLU N 514 -34.82 -72.17 -4.82
C GLU N 514 -33.32 -71.89 -4.82
N SER N 515 -32.86 -70.97 -3.97
CA SER N 515 -31.46 -70.57 -3.92
C SER N 515 -30.72 -71.09 -2.70
N TRP N 516 -31.36 -71.93 -1.88
CA TRP N 516 -30.74 -72.38 -0.63
C TRP N 516 -29.45 -73.15 -0.90
N LYS N 517 -29.51 -74.15 -1.77
CA LYS N 517 -28.34 -74.98 -2.04
C LYS N 517 -27.21 -74.15 -2.63
N GLU N 518 -27.55 -73.27 -3.58
CA GLU N 518 -26.53 -72.42 -4.19
C GLU N 518 -25.86 -71.53 -3.17
N ILE N 519 -26.65 -70.91 -2.29
CA ILE N 519 -26.09 -70.00 -1.30
C ILE N 519 -25.20 -70.74 -0.33
N VAL N 520 -25.63 -71.92 0.15
CA VAL N 520 -24.81 -72.65 1.10
C VAL N 520 -23.49 -73.09 0.45
N ASN N 521 -23.56 -73.58 -0.78
CA ASN N 521 -22.35 -73.99 -1.48
C ASN N 521 -21.40 -72.80 -1.65
N LEU N 522 -21.95 -71.65 -2.06
CA LEU N 522 -21.11 -70.46 -2.24
C LEU N 522 -20.50 -70.02 -0.93
N LEU N 523 -21.26 -70.11 0.17
CA LEU N 523 -20.72 -69.72 1.47
C LEU N 523 -19.56 -70.61 1.87
N TYR N 524 -19.72 -71.93 1.70
CA TYR N 524 -18.62 -72.83 2.01
C TYR N 524 -17.40 -72.56 1.13
N GLU N 525 -17.62 -72.30 -0.16
CA GLU N 525 -16.51 -71.97 -1.05
C GLU N 525 -15.81 -70.70 -0.61
N LEU N 526 -16.57 -69.68 -0.20
CA LEU N 526 -15.97 -68.44 0.27
C LEU N 526 -15.16 -68.66 1.55
N LEU N 527 -15.68 -69.49 2.46
CA LEU N 527 -14.93 -69.80 3.67
C LEU N 527 -13.61 -70.49 3.33
N ALA N 528 -13.66 -71.45 2.41
CA ALA N 528 -12.43 -72.12 1.99
C ALA N 528 -11.46 -71.12 1.37
N SER N 529 -11.96 -70.22 0.53
CA SER N 529 -11.10 -69.21 -0.07
C SER N 529 -10.46 -68.31 0.98
N LEU N 530 -11.24 -67.90 1.98
CA LEU N 530 -10.70 -67.05 3.03
C LEU N 530 -9.59 -67.75 3.80
N ILE N 531 -9.79 -69.02 4.15
CA ILE N 531 -8.82 -69.68 5.02
C ILE N 531 -7.68 -70.36 4.27
N ARG N 532 -7.77 -70.50 2.95
CA ARG N 532 -6.77 -71.26 2.22
C ARG N 532 -5.39 -70.64 2.38
N GLY N 533 -4.44 -71.44 2.85
CA GLY N 533 -3.05 -71.04 2.89
C GLY N 533 -2.69 -70.04 3.96
N ASN N 534 -3.63 -69.63 4.80
CA ASN N 534 -3.39 -68.63 5.83
C ASN N 534 -3.45 -69.31 7.19
N ARG N 535 -2.29 -69.49 7.83
CA ARG N 535 -2.24 -70.23 9.08
C ARG N 535 -3.03 -69.52 10.18
N THR N 536 -2.95 -68.19 10.23
CA THR N 536 -3.67 -67.45 11.26
C THR N 536 -5.18 -67.66 11.13
N ASN N 537 -5.69 -67.64 9.90
CA ASN N 537 -7.12 -67.88 9.70
C ASN N 537 -7.47 -69.34 10.01
N CYS N 538 -6.63 -70.28 9.60
CA CYS N 538 -6.92 -71.69 9.82
C CYS N 538 -6.97 -72.02 11.31
N ALA N 539 -6.04 -71.46 12.09
CA ALA N 539 -5.98 -71.79 13.51
C ALA N 539 -7.26 -71.42 14.24
N LEU N 540 -8.08 -70.54 13.69
CA LEU N 540 -9.32 -70.14 14.35
C LEU N 540 -10.22 -71.34 14.60
N PHE N 541 -10.17 -72.34 13.71
CA PHE N 541 -11.04 -73.50 13.87
C PHE N 541 -10.60 -74.39 15.02
N SER N 542 -9.44 -74.11 15.61
CA SER N 542 -8.96 -74.93 16.72
C SER N 542 -9.89 -74.84 17.93
N THR N 543 -10.78 -73.84 17.97
CA THR N 543 -11.71 -73.71 19.08
C THR N 543 -13.03 -74.43 18.81
N ASN N 544 -13.48 -74.42 17.55
CA ASN N 544 -14.80 -74.96 17.18
C ASN N 544 -14.61 -75.97 16.04
N LEU N 545 -13.64 -76.86 16.19
CA LEU N 545 -13.47 -77.93 15.21
C LEU N 545 -14.76 -78.73 15.03
N ASP N 546 -15.46 -79.03 16.14
CA ASP N 546 -16.69 -79.78 16.04
C ASP N 546 -17.69 -79.10 15.12
N TRP N 547 -17.73 -77.77 15.13
CA TRP N 547 -18.61 -77.03 14.23
C TRP N 547 -18.43 -77.48 12.79
N LEU N 548 -17.19 -77.67 12.36
CA LEU N 548 -16.92 -78.08 10.99
C LEU N 548 -17.16 -79.58 10.79
N VAL N 549 -16.67 -80.41 11.72
CA VAL N 549 -16.74 -81.85 11.52
C VAL N 549 -18.19 -82.33 11.49
N SER N 550 -19.04 -81.78 12.35
CA SER N 550 -20.41 -82.24 12.43
C SER N 550 -21.16 -82.06 11.11
N LYS N 551 -20.71 -81.13 10.27
CA LYS N 551 -21.38 -80.82 9.02
C LYS N 551 -20.95 -81.72 7.86
N LEU N 552 -19.99 -82.62 8.08
CA LEU N 552 -19.47 -83.42 6.98
C LEU N 552 -20.55 -84.28 6.35
N ASP N 553 -21.42 -84.86 7.17
CA ASP N 553 -22.44 -85.77 6.65
C ASP N 553 -23.46 -85.03 5.78
N ARG N 554 -23.56 -83.72 5.91
CA ARG N 554 -24.53 -82.96 5.14
C ARG N 554 -24.23 -83.10 3.65
N LEU N 555 -25.27 -83.37 2.87
CA LEU N 555 -25.12 -83.70 1.45
C LEU N 555 -25.22 -82.49 0.53
N GLU N 556 -25.76 -81.36 1.01
CA GLU N 556 -25.94 -80.21 0.13
C GLU N 556 -24.60 -79.64 -0.32
N ALA N 557 -23.61 -79.59 0.58
CA ALA N 557 -22.31 -79.00 0.28
C ALA N 557 -21.21 -79.87 0.85
N SER N 558 -21.32 -81.19 0.64
CA SER N 558 -20.34 -82.11 1.20
C SER N 558 -18.94 -81.83 0.65
N SER N 559 -18.83 -81.59 -0.65
CA SER N 559 -17.52 -81.33 -1.25
C SER N 559 -16.92 -80.04 -0.69
N GLY N 560 -17.73 -78.99 -0.55
CA GLY N 560 -17.22 -77.75 -0.01
C GLY N 560 -16.77 -77.89 1.43
N ILE N 561 -17.55 -78.60 2.25
CA ILE N 561 -17.17 -78.82 3.65
C ILE N 561 -15.87 -79.61 3.71
N LEU N 562 -15.74 -80.63 2.87
CA LEU N 562 -14.51 -81.41 2.85
C LEU N 562 -13.31 -80.55 2.43
N GLU N 563 -13.50 -79.65 1.46
CA GLU N 563 -12.42 -78.77 1.05
C GLU N 563 -12.02 -77.84 2.20
N VAL N 564 -13.00 -77.30 2.92
CA VAL N 564 -12.69 -76.43 4.06
C VAL N 564 -11.90 -77.21 5.10
N LEU N 565 -12.35 -78.43 5.42
CA LEU N 565 -11.63 -79.24 6.39
C LEU N 565 -10.21 -79.55 5.93
N TYR N 566 -10.05 -79.85 4.64
CA TYR N 566 -8.74 -80.12 4.08
C TYR N 566 -7.81 -78.93 4.23
N CYS N 567 -8.28 -77.72 3.91
CA CYS N 567 -7.45 -76.53 4.09
C CYS N 567 -7.08 -76.34 5.56
N VAL N 568 -8.05 -76.47 6.46
CA VAL N 568 -7.78 -76.25 7.87
C VAL N 568 -6.73 -77.23 8.36
N LEU N 569 -6.87 -78.51 8.02
CA LEU N 569 -5.94 -79.53 8.48
C LEU N 569 -4.57 -79.43 7.82
N ILE N 570 -4.49 -79.05 6.55
CA ILE N 570 -3.20 -78.91 5.88
C ILE N 570 -2.46 -77.66 6.30
N GLU N 571 -3.13 -76.68 6.92
CA GLU N 571 -2.45 -75.47 7.36
C GLU N 571 -2.26 -75.33 8.87
N SER N 572 -3.07 -75.99 9.70
CA SER N 572 -3.05 -75.74 11.14
C SER N 572 -2.55 -76.94 11.93
N PRO N 573 -1.31 -76.89 12.45
CA PRO N 573 -0.88 -77.94 13.39
C PRO N 573 -1.71 -78.01 14.67
N GLU N 574 -2.21 -76.87 15.16
CA GLU N 574 -2.98 -76.87 16.40
C GLU N 574 -4.26 -77.70 16.25
N VAL N 575 -4.93 -77.55 15.12
CA VAL N 575 -6.10 -78.39 14.85
C VAL N 575 -5.72 -79.86 14.94
N LEU N 576 -4.58 -80.22 14.34
CA LEU N 576 -4.13 -81.61 14.38
C LEU N 576 -3.89 -82.07 15.82
N ASN N 577 -3.26 -81.23 16.63
CA ASN N 577 -3.05 -81.59 18.03
C ASN N 577 -4.36 -81.76 18.80
N ILE N 578 -5.41 -81.02 18.42
CA ILE N 578 -6.68 -81.14 19.13
C ILE N 578 -7.62 -82.18 18.52
N ILE N 579 -7.25 -82.80 17.40
CA ILE N 579 -8.11 -83.83 16.81
C ILE N 579 -8.43 -84.89 17.86
N GLN N 580 -9.58 -85.54 17.70
CA GLN N 580 -10.03 -86.57 18.62
C GLN N 580 -10.56 -87.78 17.84
N GLU N 581 -10.78 -88.87 18.60
CA GLU N 581 -11.21 -90.12 17.99
C GLU N 581 -12.57 -89.97 17.33
N ASN N 582 -13.47 -89.20 17.91
CA ASN N 582 -14.79 -89.01 17.31
C ASN N 582 -14.66 -88.30 15.96
N HIS N 583 -13.78 -87.30 15.88
CA HIS N 583 -13.56 -86.62 14.61
C HIS N 583 -12.98 -87.58 13.58
N ILE N 584 -12.00 -88.39 13.98
CA ILE N 584 -11.40 -89.34 13.03
C ILE N 584 -12.44 -90.33 12.56
N LYS N 585 -13.31 -90.80 13.46
CA LYS N 585 -14.32 -91.77 13.09
C LYS N 585 -15.37 -91.14 12.17
N SER N 586 -15.69 -89.87 12.38
CA SER N 586 -16.58 -89.18 11.44
C SER N 586 -15.95 -89.08 10.06
N ILE N 587 -14.66 -88.76 10.01
CA ILE N 587 -14.00 -88.66 8.71
C ILE N 587 -13.95 -90.02 8.02
N ILE N 588 -13.80 -91.10 8.79
CA ILE N 588 -13.83 -92.43 8.19
C ILE N 588 -15.25 -92.79 7.73
N SER N 589 -16.27 -92.44 8.52
CA SER N 589 -17.64 -92.64 8.08
C SER N 589 -17.93 -91.87 6.81
N LEU N 590 -17.21 -90.78 6.57
CA LEU N 590 -17.34 -90.08 5.29
C LEU N 590 -16.98 -91.00 4.13
N LEU N 591 -15.86 -91.72 4.25
CA LEU N 591 -15.53 -92.74 3.26
C LEU N 591 -16.61 -93.81 3.20
N ASP N 592 -17.09 -94.23 4.36
CA ASP N 592 -18.05 -95.32 4.42
C ASP N 592 -19.34 -94.98 3.67
N LYS N 593 -19.82 -93.74 3.80
CA LYS N 593 -21.13 -93.36 3.32
C LYS N 593 -21.12 -92.66 1.96
N HIS N 594 -20.03 -91.97 1.62
CA HIS N 594 -20.03 -91.20 0.38
C HIS N 594 -19.32 -91.95 -0.75
N GLY N 595 -18.46 -92.89 -0.41
CA GLY N 595 -17.79 -93.72 -1.39
C GLY N 595 -16.29 -93.65 -1.26
N ARG N 596 -15.62 -94.16 -2.29
CA ARG N 596 -14.16 -94.20 -2.32
C ARG N 596 -13.66 -92.92 -2.97
N ASN N 597 -13.55 -91.86 -2.16
CA ASN N 597 -13.08 -90.56 -2.61
C ASN N 597 -11.65 -90.36 -2.13
N HIS N 598 -10.75 -90.04 -3.06
CA HIS N 598 -9.35 -89.90 -2.70
C HIS N 598 -9.08 -88.64 -1.90
N LYS N 599 -10.00 -87.67 -1.93
CA LYS N 599 -9.81 -86.47 -1.13
C LYS N 599 -9.96 -86.75 0.36
N VAL N 600 -10.86 -87.67 0.73
CA VAL N 600 -10.94 -88.08 2.13
C VAL N 600 -9.65 -88.76 2.56
N LEU N 601 -9.07 -89.57 1.68
CA LEU N 601 -7.77 -90.19 1.97
C LEU N 601 -6.71 -89.12 2.13
N ASP N 602 -6.74 -88.08 1.30
CA ASP N 602 -5.78 -86.98 1.43
C ASP N 602 -5.94 -86.28 2.78
N VAL N 603 -7.18 -86.06 3.20
CA VAL N 603 -7.43 -85.44 4.51
C VAL N 603 -6.86 -86.32 5.61
N LEU N 604 -7.12 -87.62 5.55
CA LEU N 604 -6.58 -88.53 6.56
C LEU N 604 -5.06 -88.51 6.55
N CYS N 605 -4.45 -88.47 5.37
CA CYS N 605 -3.00 -88.36 5.29
C CYS N 605 -2.50 -87.10 5.95
N SER N 606 -3.16 -85.97 5.68
CA SER N 606 -2.76 -84.70 6.30
C SER N 606 -2.88 -84.77 7.81
N LEU N 607 -3.84 -85.53 8.31
CA LEU N 607 -4.00 -85.65 9.76
C LEU N 607 -2.75 -86.22 10.43
N CYS N 608 -2.02 -87.09 9.71
CA CYS N 608 -0.89 -87.78 10.34
C CYS N 608 0.29 -86.84 10.55
N VAL N 609 0.66 -86.06 9.54
CA VAL N 609 1.91 -85.30 9.54
C VAL N 609 1.64 -83.90 9.04
N CYS N 610 2.36 -82.92 9.59
CA CYS N 610 2.28 -81.53 9.17
C CYS N 610 3.62 -80.86 9.42
N ASN N 611 4.20 -80.28 8.37
CA ASN N 611 5.48 -79.59 8.47
C ASN N 611 6.56 -80.50 9.04
N GLY N 612 6.54 -81.77 8.64
CA GLY N 612 7.55 -82.72 9.04
C GLY N 612 7.44 -83.22 10.46
N VAL N 613 6.33 -82.98 11.14
CA VAL N 613 6.12 -83.44 12.51
C VAL N 613 4.93 -84.40 12.51
N ALA N 614 5.11 -85.57 13.10
CA ALA N 614 4.12 -86.62 13.09
C ALA N 614 3.30 -86.59 14.37
N VAL N 615 1.99 -86.77 14.25
CA VAL N 615 1.09 -86.81 15.41
C VAL N 615 0.77 -88.29 15.66
N ARG N 616 1.41 -88.85 16.69
CA ARG N 616 1.28 -90.28 16.94
C ARG N 616 -0.14 -90.67 17.31
N SER N 617 -0.83 -89.83 18.09
CA SER N 617 -2.21 -90.15 18.45
C SER N 617 -3.09 -90.25 17.21
N ASN N 618 -2.96 -89.30 16.29
CA ASN N 618 -3.75 -89.35 15.06
C ASN N 618 -3.38 -90.56 14.23
N GLN N 619 -2.08 -90.86 14.09
CA GLN N 619 -1.67 -92.02 13.32
C GLN N 619 -2.26 -93.30 13.90
N ASP N 620 -2.15 -93.49 15.21
CA ASP N 620 -2.66 -94.69 15.86
C ASP N 620 -4.17 -94.80 15.73
N LEU N 621 -4.89 -93.69 15.93
CA LEU N 621 -6.34 -93.73 15.83
C LEU N 621 -6.78 -94.06 14.41
N ILE N 622 -6.16 -93.45 13.41
CA ILE N 622 -6.50 -93.75 12.03
C ILE N 622 -6.24 -95.22 11.72
N THR N 623 -5.08 -95.73 12.12
CA THR N 623 -4.78 -97.13 11.90
C THR N 623 -5.85 -98.02 12.53
N GLU N 624 -6.12 -97.81 13.82
CA GLU N 624 -7.04 -98.68 14.55
C GLU N 624 -8.44 -98.64 13.94
N ASN N 625 -8.91 -97.46 13.53
CA ASN N 625 -10.29 -97.33 13.09
C ASN N 625 -10.48 -97.67 11.62
N LEU N 626 -9.40 -97.66 10.83
CA LEU N 626 -9.55 -97.87 9.40
C LEU N 626 -9.03 -99.23 8.93
N LEU N 627 -7.82 -99.62 9.36
CA LEU N 627 -7.17 -100.77 8.73
C LEU N 627 -7.77 -102.10 9.16
N PRO N 628 -7.96 -102.39 10.45
CA PRO N 628 -8.30 -103.78 10.83
C PRO N 628 -9.62 -104.26 10.24
N GLY N 629 -10.52 -103.34 9.86
CA GLY N 629 -11.78 -103.77 9.28
C GLY N 629 -11.60 -104.52 7.96
N ARG N 630 -10.69 -104.05 7.12
CA ARG N 630 -10.45 -104.64 5.80
C ARG N 630 -11.75 -104.70 5.00
N GLU N 631 -12.51 -103.61 5.03
CA GLU N 631 -13.79 -103.53 4.35
C GLU N 631 -13.97 -102.27 3.50
N LEU N 632 -13.18 -101.23 3.74
CA LEU N 632 -13.25 -100.00 2.94
C LEU N 632 -12.13 -99.92 1.92
N LEU N 633 -10.88 -100.03 2.38
CA LEU N 633 -9.75 -99.95 1.49
C LEU N 633 -9.63 -101.23 0.64
N LEU N 634 -9.20 -101.05 -0.61
CA LEU N 634 -8.99 -102.19 -1.49
C LEU N 634 -7.86 -103.06 -0.94
N GLN N 635 -8.06 -104.37 -0.97
CA GLN N 635 -7.13 -105.33 -0.41
C GLN N 635 -6.32 -106.00 -1.51
N THR N 636 -5.05 -106.29 -1.21
CA THR N 636 -4.14 -106.90 -2.17
C THR N 636 -3.54 -108.16 -1.57
N ASN N 637 -3.17 -109.09 -2.45
CA ASN N 637 -2.59 -110.36 -2.02
C ASN N 637 -2.11 -111.11 -3.26
N LEU N 638 -1.24 -112.10 -3.04
CA LEU N 638 -0.76 -112.96 -4.10
C LEU N 638 -1.50 -114.29 -4.07
N ILE N 639 -1.97 -114.72 -5.24
CA ILE N 639 -2.73 -115.95 -5.39
C ILE N 639 -2.18 -116.74 -6.56
N ASN N 640 -2.42 -118.05 -6.54
CA ASN N 640 -1.99 -118.92 -7.62
C ASN N 640 -2.99 -118.86 -8.77
N TYR N 641 -2.49 -119.04 -9.99
CA TYR N 641 -3.37 -119.26 -11.12
C TYR N 641 -3.95 -120.68 -11.05
N VAL N 642 -5.24 -120.79 -11.34
CA VAL N 642 -5.97 -122.05 -11.26
C VAL N 642 -6.66 -122.29 -12.60
N THR N 643 -6.49 -123.50 -13.14
CA THR N 643 -7.10 -123.89 -14.40
C THR N 643 -7.93 -125.14 -14.18
N SER N 644 -8.64 -125.56 -15.23
CA SER N 644 -9.54 -126.70 -15.17
C SER N 644 -9.38 -127.55 -16.41
N ILE N 645 -9.55 -128.87 -16.24
CA ILE N 645 -9.44 -129.82 -17.33
C ILE N 645 -10.62 -130.80 -17.25
N ARG N 646 -11.20 -131.09 -18.41
CA ARG N 646 -12.31 -132.02 -18.52
C ARG N 646 -12.08 -132.97 -19.69
N PRO N 647 -12.60 -134.19 -19.63
CA PRO N 647 -12.79 -134.95 -20.86
C PRO N 647 -13.98 -134.40 -21.63
N ASN N 648 -14.01 -134.70 -22.93
CA ASN N 648 -15.11 -134.25 -23.79
C ASN N 648 -16.30 -135.20 -23.64
N ILE N 649 -16.76 -135.31 -22.41
CA ILE N 649 -17.89 -136.18 -22.04
C ILE N 649 -18.99 -135.29 -21.49
N PHE N 650 -20.17 -135.37 -22.08
CA PHE N 650 -21.29 -134.50 -21.74
C PHE N 650 -22.53 -135.35 -21.54
N VAL N 651 -23.09 -135.32 -20.33
CA VAL N 651 -24.26 -136.10 -19.97
C VAL N 651 -25.29 -135.17 -19.33
N GLY N 652 -26.54 -135.31 -19.74
CA GLY N 652 -27.61 -134.48 -19.23
C GLY N 652 -28.92 -135.24 -19.20
N ARG N 653 -29.96 -134.53 -18.77
CA ARG N 653 -31.30 -135.09 -18.65
C ARG N 653 -32.31 -134.16 -19.32
N ALA N 654 -33.34 -134.75 -19.91
CA ALA N 654 -34.43 -134.00 -20.51
C ALA N 654 -35.56 -134.96 -20.80
N GLU N 655 -36.73 -134.41 -21.13
CA GLU N 655 -37.91 -135.21 -21.42
C GLU N 655 -37.72 -135.91 -22.76
N GLY N 656 -37.57 -137.23 -22.71
CA GLY N 656 -37.35 -138.02 -23.91
C GLY N 656 -35.92 -138.06 -24.39
N SER N 657 -34.95 -137.65 -23.58
CA SER N 657 -33.56 -137.63 -24.00
C SER N 657 -33.05 -139.06 -24.21
N THR N 658 -32.12 -139.21 -25.15
CA THR N 658 -31.58 -140.53 -25.46
C THR N 658 -30.50 -140.95 -24.46
N GLN N 659 -29.90 -140.00 -23.77
CA GLN N 659 -28.75 -140.29 -22.93
C GLN N 659 -29.16 -141.09 -21.69
N TYR N 660 -28.20 -141.86 -21.18
CA TYR N 660 -28.37 -142.52 -19.89
C TYR N 660 -28.11 -141.52 -18.78
N GLY N 661 -28.71 -141.77 -17.62
CA GLY N 661 -28.77 -140.80 -16.55
C GLY N 661 -28.03 -141.14 -15.28
N LYS N 662 -27.03 -142.02 -15.31
CA LYS N 662 -26.43 -142.53 -14.09
C LYS N 662 -25.01 -142.95 -14.41
N TRP N 663 -24.03 -142.10 -14.06
CA TRP N 663 -22.67 -142.19 -14.58
C TRP N 663 -21.65 -142.18 -13.44
N TYR N 664 -20.43 -142.61 -13.78
CA TYR N 664 -19.38 -142.86 -12.79
C TYR N 664 -18.02 -142.64 -13.44
N PHE N 665 -17.07 -142.07 -12.70
CA PHE N 665 -15.68 -141.99 -13.15
C PHE N 665 -14.74 -141.88 -11.95
N GLU N 666 -13.44 -141.83 -12.21
CA GLU N 666 -12.46 -141.79 -11.14
C GLU N 666 -11.30 -140.88 -11.52
N VAL N 667 -10.61 -140.39 -10.48
CA VAL N 667 -9.38 -139.62 -10.64
C VAL N 667 -8.35 -140.13 -9.64
N MET N 668 -7.16 -140.48 -10.12
CA MET N 668 -6.08 -140.97 -9.27
C MET N 668 -5.00 -139.90 -9.18
N VAL N 669 -4.53 -139.65 -7.96
CA VAL N 669 -3.52 -138.61 -7.75
C VAL N 669 -2.14 -139.25 -7.63
N ASP N 670 -1.19 -138.79 -8.44
CA ASP N 670 0.16 -139.35 -8.45
C ASP N 670 1.15 -138.51 -7.66
N GLU N 671 1.15 -137.19 -7.83
CA GLU N 671 1.98 -136.31 -7.04
C GLU N 671 1.26 -134.98 -6.83
N VAL N 672 1.32 -134.47 -5.61
CA VAL N 672 0.75 -133.17 -5.26
C VAL N 672 1.70 -132.50 -4.29
N ALA N 673 2.36 -131.44 -4.73
CA ALA N 673 3.21 -130.66 -3.84
C ALA N 673 2.32 -129.79 -2.97
N PRO N 674 2.23 -130.04 -1.65
CA PRO N 674 1.28 -129.27 -0.84
C PRO N 674 1.49 -127.76 -0.93
N PHE N 675 2.74 -127.32 -0.97
CA PHE N 675 3.07 -125.89 -1.06
C PHE N 675 4.20 -125.71 -2.07
N LEU N 676 3.83 -125.55 -3.34
CA LEU N 676 4.81 -125.16 -4.35
C LEU N 676 5.14 -123.67 -4.22
N THR N 677 4.14 -122.87 -3.86
CA THR N 677 4.29 -121.44 -3.62
C THR N 677 3.83 -121.12 -2.20
N ALA N 678 3.76 -119.83 -1.88
CA ALA N 678 3.32 -119.43 -0.55
C ALA N 678 1.90 -119.92 -0.26
N GLN N 679 1.02 -119.85 -1.25
CA GLN N 679 -0.36 -120.30 -1.07
C GLN N 679 -0.47 -121.80 -1.30
N ALA N 680 -1.38 -122.41 -0.56
CA ALA N 680 -1.55 -123.87 -0.62
C ALA N 680 -1.98 -124.31 -2.01
N THR N 681 -1.49 -125.47 -2.43
CA THR N 681 -1.84 -126.02 -3.73
C THR N 681 -3.32 -126.35 -3.79
N HIS N 682 -3.91 -126.12 -4.95
CA HIS N 682 -5.33 -126.32 -5.19
C HIS N 682 -5.54 -127.55 -6.06
N LEU N 683 -6.40 -128.45 -5.62
CA LEU N 683 -6.78 -129.63 -6.39
C LEU N 683 -8.20 -130.02 -5.99
N ARG N 684 -9.10 -130.10 -6.98
CA ARG N 684 -10.49 -130.46 -6.76
C ARG N 684 -10.99 -131.30 -7.93
N VAL N 685 -11.85 -132.26 -7.63
CA VAL N 685 -12.45 -133.16 -8.61
C VAL N 685 -13.96 -133.12 -8.44
N GLY N 686 -14.69 -133.08 -9.56
CA GLY N 686 -16.13 -133.08 -9.45
C GLY N 686 -16.78 -132.99 -10.82
N TRP N 687 -18.05 -132.60 -10.80
CA TRP N 687 -18.84 -132.37 -12.00
C TRP N 687 -19.15 -130.89 -12.13
N ALA N 688 -19.37 -130.45 -13.36
CA ALA N 688 -19.74 -129.06 -13.64
C ALA N 688 -20.76 -129.04 -14.76
N LEU N 689 -21.58 -127.99 -14.76
CA LEU N 689 -22.59 -127.80 -15.79
C LEU N 689 -22.00 -127.11 -17.00
N SER N 690 -22.38 -127.57 -18.19
CA SER N 690 -21.80 -127.02 -19.41
C SER N 690 -22.07 -125.53 -19.54
N GLU N 691 -23.30 -125.11 -19.25
CA GLU N 691 -23.67 -123.70 -19.37
C GLU N 691 -23.47 -123.02 -18.01
N GLY N 692 -22.57 -122.03 -17.98
CA GLY N 692 -22.34 -121.23 -16.80
C GLY N 692 -20.98 -121.44 -16.16
N TYR N 693 -20.41 -122.64 -16.25
CA TYR N 693 -19.10 -122.91 -15.67
C TYR N 693 -18.03 -122.41 -16.63
N SER N 694 -17.62 -121.16 -16.43
CA SER N 694 -16.65 -120.48 -17.27
C SER N 694 -15.57 -119.87 -16.37
N PRO N 695 -14.76 -120.68 -15.71
CA PRO N 695 -13.65 -120.14 -14.94
C PRO N 695 -12.60 -119.53 -15.86
N TYR N 696 -12.27 -118.26 -15.61
CA TYR N 696 -11.36 -117.53 -16.46
C TYR N 696 -10.05 -117.29 -15.72
N PRO N 697 -8.90 -117.42 -16.38
CA PRO N 697 -7.63 -117.26 -15.66
C PRO N 697 -7.54 -115.91 -15.00
N GLY N 698 -6.97 -115.91 -13.80
CA GLY N 698 -6.74 -114.67 -13.06
C GLY N 698 -7.75 -114.48 -11.95
N GLY N 699 -8.33 -113.28 -11.88
CA GLY N 699 -9.27 -112.96 -10.81
C GLY N 699 -10.66 -113.53 -11.06
N GLY N 700 -11.52 -113.34 -10.06
CA GLY N 700 -12.88 -113.81 -10.14
C GLY N 700 -13.64 -113.56 -8.85
N GLU N 701 -14.53 -114.48 -8.48
CA GLU N 701 -15.28 -114.36 -7.24
C GLU N 701 -14.37 -114.63 -6.05
N GLY N 702 -14.73 -114.05 -4.91
CA GLY N 702 -13.93 -114.24 -3.71
C GLY N 702 -12.54 -113.69 -3.88
N TRP N 703 -11.54 -114.50 -3.55
CA TRP N 703 -10.14 -114.11 -3.62
C TRP N 703 -9.42 -114.72 -4.81
N GLY N 704 -10.14 -115.09 -5.85
CA GLY N 704 -9.55 -115.69 -7.03
C GLY N 704 -9.32 -117.17 -6.86
N GLY N 705 -8.49 -117.71 -7.76
CA GLY N 705 -8.22 -119.13 -7.75
C GLY N 705 -9.48 -119.95 -7.97
N ASN N 706 -10.32 -119.55 -8.92
CA ASN N 706 -11.61 -120.18 -9.12
C ASN N 706 -11.42 -121.56 -9.74
N GLY N 707 -12.05 -122.56 -9.15
CA GLY N 707 -12.01 -123.92 -9.66
C GLY N 707 -13.37 -124.58 -9.60
N VAL N 708 -13.40 -125.87 -9.29
CA VAL N 708 -14.66 -126.59 -9.15
C VAL N 708 -15.28 -126.22 -7.81
N GLY N 709 -16.57 -125.85 -7.84
CA GLY N 709 -17.29 -125.53 -6.64
C GLY N 709 -17.25 -124.08 -6.21
N ASP N 710 -16.52 -123.23 -6.93
CA ASP N 710 -16.46 -121.80 -6.60
C ASP N 710 -17.64 -121.02 -7.19
N ASP N 711 -18.54 -121.70 -7.89
CA ASP N 711 -19.79 -121.11 -8.34
C ASP N 711 -20.86 -122.20 -8.31
N LEU N 712 -22.11 -121.79 -8.41
CA LEU N 712 -23.23 -122.71 -8.29
C LEU N 712 -23.50 -123.51 -9.56
N TYR N 713 -22.54 -123.52 -10.49
CA TYR N 713 -22.60 -124.39 -11.67
C TYR N 713 -21.71 -125.61 -11.54
N SER N 714 -20.92 -125.71 -10.47
CA SER N 714 -19.97 -126.80 -10.30
C SER N 714 -20.08 -127.36 -8.89
N TYR N 715 -19.65 -128.60 -8.74
CA TYR N 715 -19.76 -129.35 -7.49
C TYR N 715 -18.50 -130.18 -7.32
N GLY N 716 -17.66 -129.81 -6.36
CA GLY N 716 -16.34 -130.39 -6.25
C GLY N 716 -16.09 -130.98 -4.88
N PHE N 717 -14.98 -131.71 -4.78
CA PHE N 717 -14.55 -132.39 -3.56
C PHE N 717 -13.03 -132.36 -3.49
N ASP N 718 -12.51 -131.75 -2.44
CA ASP N 718 -11.07 -131.56 -2.29
C ASP N 718 -10.41 -132.53 -1.33
N GLY N 719 -11.13 -133.57 -0.89
CA GLY N 719 -10.62 -134.51 0.07
C GLY N 719 -11.01 -134.23 1.51
N LEU N 720 -11.41 -133.00 1.81
CA LEU N 720 -11.85 -132.63 3.16
C LEU N 720 -13.15 -131.84 3.18
N HIS N 721 -13.53 -131.19 2.09
CA HIS N 721 -14.74 -130.38 2.05
C HIS N 721 -15.50 -130.67 0.77
N LEU N 722 -16.79 -130.37 0.79
CA LEU N 722 -17.60 -130.34 -0.41
C LEU N 722 -17.76 -128.88 -0.85
N TRP N 723 -17.32 -128.58 -2.07
CA TRP N 723 -17.22 -127.21 -2.56
C TRP N 723 -18.37 -126.93 -3.51
N THR N 724 -19.11 -125.86 -3.25
CA THR N 724 -20.15 -125.39 -4.15
C THR N 724 -20.53 -123.97 -3.75
N GLY N 725 -20.66 -123.10 -4.74
CA GLY N 725 -21.01 -121.72 -4.49
C GLY N 725 -19.97 -120.99 -3.64
N HIS N 726 -18.69 -121.35 -3.84
CA HIS N 726 -17.59 -120.68 -3.15
C HIS N 726 -17.75 -120.75 -1.63
N VAL N 727 -18.20 -121.90 -1.13
CA VAL N 727 -18.36 -122.13 0.30
C VAL N 727 -17.89 -123.55 0.60
N ALA N 728 -16.90 -123.69 1.47
CA ALA N 728 -16.44 -125.00 1.88
C ALA N 728 -17.26 -125.52 3.05
N ARG N 729 -17.68 -126.77 2.96
CA ARG N 729 -18.47 -127.42 4.00
C ARG N 729 -17.78 -128.71 4.42
N PRO N 730 -17.28 -128.83 5.65
CA PRO N 730 -16.54 -130.04 6.01
C PRO N 730 -17.38 -131.30 5.85
N VAL N 731 -16.73 -132.35 5.35
CA VAL N 731 -17.36 -133.65 5.17
C VAL N 731 -16.48 -134.70 5.83
N THR N 732 -17.09 -135.78 6.29
CA THR N 732 -16.43 -136.80 7.08
C THR N 732 -16.23 -138.06 6.25
N SER N 733 -15.00 -138.55 6.22
CA SER N 733 -14.65 -139.81 5.60
C SER N 733 -13.61 -140.50 6.47
N PRO N 734 -13.55 -141.84 6.46
CA PRO N 734 -12.56 -142.53 7.28
C PRO N 734 -11.15 -142.10 6.91
N GLY N 735 -10.37 -141.74 7.94
CA GLY N 735 -9.01 -141.27 7.72
C GLY N 735 -8.97 -140.08 6.79
N GLN N 736 -9.87 -139.11 7.00
CA GLN N 736 -9.99 -137.99 6.09
C GLN N 736 -8.69 -137.20 6.04
N HIS N 737 -8.30 -136.79 4.83
CA HIS N 737 -7.12 -135.96 4.65
C HIS N 737 -7.21 -135.29 3.29
N LEU N 738 -6.44 -134.23 3.13
CA LEU N 738 -6.40 -133.52 1.85
C LEU N 738 -5.90 -134.46 0.75
N LEU N 739 -6.45 -134.29 -0.45
CA LEU N 739 -6.08 -135.15 -1.57
C LEU N 739 -4.57 -135.26 -1.67
N ALA N 740 -4.07 -136.48 -1.51
CA ALA N 740 -2.65 -136.77 -1.45
C ALA N 740 -2.31 -137.82 -2.50
N PRO N 741 -1.01 -138.04 -2.76
CA PRO N 741 -0.63 -139.02 -3.78
C PRO N 741 -1.16 -140.40 -3.46
N GLU N 742 -1.49 -141.17 -4.50
CA GLU N 742 -1.99 -142.53 -4.39
C GLU N 742 -3.42 -142.55 -3.83
N ASP N 743 -4.16 -141.47 -4.09
CA ASP N 743 -5.57 -141.37 -3.67
C ASP N 743 -6.44 -141.55 -4.90
N VAL N 744 -7.45 -142.40 -4.77
CA VAL N 744 -8.44 -142.59 -5.82
C VAL N 744 -9.75 -141.94 -5.39
N VAL N 745 -10.26 -141.02 -6.19
CA VAL N 745 -11.50 -140.32 -5.93
C VAL N 745 -12.51 -140.79 -6.96
N SER N 746 -13.57 -141.44 -6.50
CA SER N 746 -14.63 -141.96 -7.35
C SER N 746 -15.81 -141.02 -7.29
N CYS N 747 -16.25 -140.54 -8.45
CA CYS N 747 -17.36 -139.60 -8.55
C CYS N 747 -18.53 -140.28 -9.22
N CYS N 748 -19.70 -140.19 -8.59
CA CYS N 748 -20.93 -140.78 -9.08
C CYS N 748 -21.96 -139.68 -9.27
N LEU N 749 -22.63 -139.67 -10.42
CA LEU N 749 -23.67 -138.70 -10.71
C LEU N 749 -24.94 -139.45 -11.10
N ASP N 750 -26.05 -139.10 -10.46
CA ASP N 750 -27.36 -139.66 -10.81
C ASP N 750 -28.25 -138.51 -11.23
N LEU N 751 -28.70 -138.52 -12.48
CA LEU N 751 -29.55 -137.43 -12.96
C LEU N 751 -30.99 -137.61 -12.50
N SER N 752 -31.35 -138.80 -12.03
CA SER N 752 -32.75 -139.07 -11.68
C SER N 752 -33.12 -138.43 -10.34
N VAL N 753 -32.20 -138.43 -9.38
CA VAL N 753 -32.51 -138.00 -8.02
C VAL N 753 -32.83 -136.51 -8.02
N PRO N 754 -31.95 -135.61 -8.51
CA PRO N 754 -30.55 -135.75 -8.91
C PRO N 754 -29.58 -135.65 -7.73
N SER N 755 -28.42 -136.30 -7.85
CA SER N 755 -27.46 -136.32 -6.75
C SER N 755 -26.06 -136.52 -7.28
N ILE N 756 -25.08 -136.01 -6.55
CA ILE N 756 -23.67 -136.23 -6.82
C ILE N 756 -23.03 -136.77 -5.54
N SER N 757 -22.39 -137.93 -5.63
CA SER N 757 -21.78 -138.59 -4.49
C SER N 757 -20.31 -138.88 -4.77
N PHE N 758 -19.55 -139.05 -3.70
CA PHE N 758 -18.11 -139.21 -3.79
C PHE N 758 -17.68 -140.39 -2.94
N ARG N 759 -16.54 -140.97 -3.32
CA ARG N 759 -15.90 -142.03 -2.55
C ARG N 759 -14.39 -141.79 -2.57
N ILE N 760 -13.74 -141.93 -1.43
CA ILE N 760 -12.30 -141.73 -1.30
C ILE N 760 -11.67 -143.06 -0.93
N ASN N 761 -10.78 -143.55 -1.79
CA ASN N 761 -10.10 -144.82 -1.57
C ASN N 761 -11.09 -145.96 -1.32
N GLY N 762 -12.26 -145.90 -1.94
CA GLY N 762 -13.29 -146.89 -1.74
C GLY N 762 -14.16 -146.65 -0.52
N CYS N 763 -13.80 -145.72 0.35
CA CYS N 763 -14.60 -145.44 1.54
C CYS N 763 -15.68 -144.41 1.21
N PRO N 764 -16.91 -144.60 1.67
CA PRO N 764 -17.96 -143.61 1.38
C PRO N 764 -17.62 -142.25 1.96
N VAL N 765 -17.97 -141.21 1.22
CA VAL N 765 -17.87 -139.84 1.70
C VAL N 765 -19.25 -139.41 2.15
N GLN N 766 -19.39 -139.11 3.44
CA GLN N 766 -20.70 -138.87 4.05
C GLN N 766 -21.17 -137.44 3.74
N GLY N 767 -21.51 -137.24 2.47
CA GLY N 767 -22.04 -135.98 2.01
C GLY N 767 -22.48 -136.06 0.57
N VAL N 768 -23.53 -135.32 0.20
CA VAL N 768 -24.05 -135.40 -1.16
C VAL N 768 -24.61 -134.05 -1.58
N PHE N 769 -24.44 -133.72 -2.86
CA PHE N 769 -25.16 -132.64 -3.51
C PHE N 769 -26.45 -133.20 -4.08
N GLU N 770 -27.52 -132.41 -4.05
CA GLU N 770 -28.79 -132.85 -4.61
C GLU N 770 -29.66 -131.65 -4.96
N SER N 771 -30.71 -131.92 -5.74
CA SER N 771 -31.69 -130.92 -6.11
C SER N 771 -31.07 -129.75 -6.85
N PHE N 772 -29.98 -130.00 -7.58
CA PHE N 772 -29.36 -128.93 -8.34
C PHE N 772 -30.05 -128.78 -9.70
N ASN N 773 -29.76 -127.67 -10.36
CA ASN N 773 -30.41 -127.36 -11.63
C ASN N 773 -30.02 -128.37 -12.69
N LEU N 774 -31.00 -128.79 -13.49
CA LEU N 774 -30.76 -129.66 -14.64
C LEU N 774 -31.29 -128.94 -15.89
N ASP N 775 -30.42 -128.12 -16.48
CA ASP N 775 -30.72 -127.39 -17.71
C ASP N 775 -29.52 -127.31 -18.63
N GLY N 776 -28.60 -128.24 -18.51
CA GLY N 776 -27.42 -128.27 -19.36
C GLY N 776 -26.84 -129.67 -19.38
N LEU N 777 -25.57 -129.74 -19.79
CA LEU N 777 -24.86 -131.00 -19.85
C LEU N 777 -23.74 -131.00 -18.81
N PHE N 778 -23.65 -132.10 -18.06
CA PHE N 778 -22.63 -132.25 -17.03
C PHE N 778 -21.41 -132.97 -17.59
N PHE N 779 -20.22 -132.51 -17.20
CA PHE N 779 -18.98 -133.13 -17.62
C PHE N 779 -18.07 -133.30 -16.41
N PRO N 780 -17.27 -134.37 -16.38
CA PRO N 780 -16.24 -134.47 -15.34
C PRO N 780 -15.25 -133.32 -15.46
N VAL N 781 -14.74 -132.86 -14.33
CA VAL N 781 -13.82 -131.74 -14.30
C VAL N 781 -12.88 -131.87 -13.12
N VAL N 782 -11.63 -131.49 -13.32
CA VAL N 782 -10.66 -131.33 -12.24
C VAL N 782 -10.07 -129.93 -12.36
N SER N 783 -10.10 -129.19 -11.26
CA SER N 783 -9.52 -127.86 -11.18
C SER N 783 -8.27 -127.94 -10.33
N PHE N 784 -7.23 -127.23 -10.75
CA PHE N 784 -5.94 -127.36 -10.08
C PHE N 784 -5.09 -126.12 -10.29
N SER N 785 -4.14 -125.95 -9.38
CA SER N 785 -3.04 -125.02 -9.52
C SER N 785 -1.80 -125.82 -9.93
N ALA N 786 -0.66 -125.15 -10.06
CA ALA N 786 0.57 -125.79 -10.46
C ALA N 786 1.09 -126.70 -9.35
N GLY N 787 1.63 -127.86 -9.75
CA GLY N 787 2.22 -128.78 -8.81
C GLY N 787 1.43 -130.06 -8.63
N ILE N 788 0.79 -130.53 -9.69
CA ILE N 788 -0.02 -131.75 -9.63
C ILE N 788 0.30 -132.67 -10.79
N LYS N 789 -0.01 -133.95 -10.58
CA LYS N 789 -0.14 -134.94 -11.65
C LYS N 789 -1.31 -135.83 -11.25
N VAL N 790 -2.35 -135.85 -12.08
CA VAL N 790 -3.54 -136.64 -11.83
C VAL N 790 -3.86 -137.43 -13.09
N ARG N 791 -4.71 -138.43 -12.94
CA ARG N 791 -5.11 -139.29 -14.04
C ARG N 791 -6.60 -139.56 -13.99
N PHE N 792 -7.29 -139.19 -15.07
CA PHE N 792 -8.68 -139.57 -15.29
C PHE N 792 -8.73 -141.06 -15.61
N LEU N 793 -9.49 -141.82 -14.82
CA LEU N 793 -9.85 -143.19 -15.11
C LEU N 793 -11.33 -143.18 -15.51
N LEU N 794 -11.59 -143.37 -16.80
CA LEU N 794 -12.93 -143.29 -17.37
C LEU N 794 -13.50 -144.66 -17.68
N GLY N 795 -12.83 -145.73 -17.28
CA GLY N 795 -13.29 -147.08 -17.55
C GLY N 795 -13.00 -147.53 -18.96
N GLY N 796 -13.37 -148.76 -19.28
CA GLY N 796 -13.12 -149.26 -20.63
C GLY N 796 -11.64 -149.27 -20.93
N ARG N 797 -11.30 -148.92 -22.18
CA ARG N 797 -9.92 -148.85 -22.61
C ARG N 797 -9.28 -147.50 -22.34
N HIS N 798 -10.03 -146.54 -21.80
CA HIS N 798 -9.51 -145.22 -21.49
C HIS N 798 -9.17 -145.06 -20.01
N GLY N 799 -9.20 -146.13 -19.24
CA GLY N 799 -8.89 -146.05 -17.82
C GLY N 799 -9.37 -147.31 -17.12
N GLU N 800 -8.65 -147.67 -16.07
CA GLU N 800 -8.94 -148.86 -15.27
C GLU N 800 -9.49 -148.44 -13.92
N PHE N 801 -10.72 -148.84 -13.63
CA PHE N 801 -11.38 -148.51 -12.38
C PHE N 801 -10.76 -149.32 -11.25
N LYS N 802 -10.16 -148.63 -10.28
CA LYS N 802 -9.61 -149.33 -9.12
C LYS N 802 -10.73 -149.93 -8.27
N PHE N 803 -11.88 -149.27 -8.23
CA PHE N 803 -13.05 -149.75 -7.50
C PHE N 803 -14.21 -149.89 -8.47
N LEU N 804 -14.93 -151.01 -8.38
CA LEU N 804 -16.01 -151.25 -9.31
C LEU N 804 -17.09 -150.17 -9.15
N PRO N 805 -17.69 -149.70 -10.23
CA PRO N 805 -18.77 -148.72 -10.11
C PRO N 805 -19.92 -149.28 -9.30
N PRO N 806 -20.60 -148.45 -8.51
CA PRO N 806 -21.78 -148.93 -7.80
C PRO N 806 -22.85 -149.37 -8.79
N PRO N 807 -23.73 -150.28 -8.39
CA PRO N 807 -24.62 -150.92 -9.37
C PRO N 807 -25.43 -149.91 -10.17
N GLY N 808 -25.51 -150.16 -11.47
CA GLY N 808 -26.33 -149.35 -12.36
C GLY N 808 -25.67 -148.10 -12.90
N TYR N 809 -24.41 -147.84 -12.54
CA TYR N 809 -23.69 -146.67 -13.02
C TYR N 809 -22.87 -147.05 -14.24
N ALA N 810 -22.99 -146.28 -15.31
CA ALA N 810 -22.26 -146.58 -16.53
C ALA N 810 -20.91 -145.86 -16.52
N PRO N 811 -19.84 -146.50 -16.96
CA PRO N 811 -18.57 -145.79 -17.12
C PRO N 811 -18.71 -144.62 -18.08
N CYS N 812 -17.96 -143.55 -17.80
CA CYS N 812 -18.12 -142.33 -18.58
C CYS N 812 -17.54 -142.45 -19.99
N HIS N 813 -16.67 -143.42 -20.23
CA HIS N 813 -16.13 -143.58 -21.58
C HIS N 813 -17.22 -143.95 -22.57
N GLU N 814 -18.36 -144.43 -22.08
CA GLU N 814 -19.48 -144.80 -22.93
C GLU N 814 -20.27 -143.59 -23.42
N ALA N 815 -19.98 -142.39 -22.90
CA ALA N 815 -20.74 -141.19 -23.23
C ALA N 815 -20.07 -140.36 -24.32
N VAL N 816 -18.97 -140.83 -24.90
CA VAL N 816 -18.28 -140.11 -25.96
C VAL N 816 -19.17 -140.13 -27.20
N LEU N 817 -19.35 -138.98 -27.83
CA LEU N 817 -20.27 -138.86 -28.95
C LEU N 817 -19.71 -139.60 -30.17
N PRO N 818 -20.58 -140.00 -31.10
CA PRO N 818 -20.10 -140.73 -32.28
C PRO N 818 -19.08 -139.96 -33.10
N ARG N 819 -19.23 -138.64 -33.22
CA ARG N 819 -18.38 -137.84 -34.09
C ARG N 819 -17.12 -137.34 -33.40
N GLU N 820 -16.93 -137.65 -32.13
CA GLU N 820 -15.82 -137.11 -31.36
C GLU N 820 -14.91 -138.24 -30.88
N ARG N 821 -13.67 -137.88 -30.59
CA ARG N 821 -12.68 -138.79 -30.03
C ARG N 821 -12.34 -138.32 -28.62
N LEU N 822 -12.32 -139.26 -27.67
CA LEU N 822 -12.14 -138.91 -26.28
C LEU N 822 -10.76 -138.31 -26.05
N HIS N 823 -10.72 -137.20 -25.32
CA HIS N 823 -9.47 -136.54 -24.98
C HIS N 823 -9.74 -135.48 -23.93
N LEU N 824 -8.67 -134.92 -23.37
CA LEU N 824 -8.75 -133.89 -22.35
C LEU N 824 -8.56 -132.52 -22.99
N GLN N 825 -9.37 -131.56 -22.57
CA GLN N 825 -9.37 -130.23 -23.17
C GLN N 825 -9.62 -129.17 -22.11
N PRO N 826 -9.17 -127.95 -22.33
CA PRO N 826 -9.56 -126.84 -21.44
C PRO N 826 -11.02 -126.48 -21.64
N ILE N 827 -11.50 -125.56 -20.80
CA ILE N 827 -12.90 -125.13 -20.81
C ILE N 827 -12.96 -123.66 -21.19
N LYS N 828 -13.68 -123.37 -22.28
CA LYS N 828 -13.95 -122.00 -22.71
C LYS N 828 -12.66 -121.17 -22.78
N GLU N 829 -11.63 -121.77 -23.37
CA GLU N 829 -10.38 -121.06 -23.57
C GLU N 829 -10.55 -119.96 -24.61
N TYR N 830 -10.01 -118.78 -24.31
CA TYR N 830 -9.93 -117.70 -25.28
C TYR N 830 -8.54 -117.56 -25.87
N ARG N 831 -7.63 -118.49 -25.58
CA ARG N 831 -6.27 -118.44 -26.06
C ARG N 831 -5.68 -119.84 -26.02
N ARG N 832 -4.81 -120.14 -26.98
CA ARG N 832 -4.10 -121.42 -26.99
C ARG N 832 -2.72 -121.21 -27.60
N GLU N 833 -1.86 -122.21 -27.45
CA GLU N 833 -0.56 -122.19 -28.09
C GLU N 833 -0.67 -122.66 -29.53
N GLY N 834 0.34 -122.34 -30.33
CA GLY N 834 0.43 -122.84 -31.68
C GLY N 834 1.86 -122.82 -32.20
N PRO N 835 2.04 -123.17 -33.47
CA PRO N 835 3.39 -123.19 -34.04
C PRO N 835 4.06 -121.83 -34.02
N ARG N 836 3.41 -120.82 -34.62
CA ARG N 836 4.01 -119.50 -34.72
C ARG N 836 3.94 -118.74 -33.41
N GLY N 837 2.82 -118.88 -32.69
CA GLY N 837 2.60 -118.13 -31.48
C GLY N 837 1.28 -118.44 -30.82
N PRO N 838 0.78 -117.52 -30.00
CA PRO N 838 -0.54 -117.72 -29.40
C PRO N 838 -1.66 -117.49 -30.40
N HIS N 839 -2.62 -118.41 -30.41
CA HIS N 839 -3.84 -118.30 -31.21
C HIS N 839 -4.95 -117.77 -30.33
N LEU N 840 -5.63 -116.74 -30.81
CA LEU N 840 -6.84 -116.25 -30.14
C LEU N 840 -8.05 -117.04 -30.63
N VAL N 841 -8.90 -117.41 -29.68
CA VAL N 841 -10.01 -118.33 -29.93
C VAL N 841 -11.32 -117.62 -29.63
N GLY N 842 -12.33 -117.85 -30.48
CA GLY N 842 -13.64 -117.34 -30.23
C GLY N 842 -14.45 -118.30 -29.39
N PRO N 843 -15.68 -117.91 -29.03
CA PRO N 843 -16.50 -118.79 -28.18
C PRO N 843 -16.73 -120.14 -28.83
N SER N 844 -16.71 -121.18 -28.00
CA SER N 844 -16.96 -122.52 -28.51
C SER N 844 -18.46 -122.81 -28.55
N ARG N 845 -18.87 -123.54 -29.58
CA ARG N 845 -20.26 -123.95 -29.72
C ARG N 845 -20.52 -125.17 -28.84
N CYS N 846 -21.53 -125.07 -27.98
CA CYS N 846 -21.81 -126.08 -26.98
C CYS N 846 -23.19 -126.66 -27.22
N LEU N 847 -23.30 -127.98 -27.08
CA LEU N 847 -24.59 -128.66 -27.19
C LEU N 847 -25.40 -128.44 -25.92
N SER N 848 -26.72 -128.49 -26.08
CA SER N 848 -27.66 -128.36 -24.97
C SER N 848 -28.30 -129.71 -24.68
N HIS N 849 -28.78 -129.85 -23.45
CA HIS N 849 -29.43 -131.11 -23.06
C HIS N 849 -30.60 -131.43 -23.97
N LEU N 850 -31.22 -130.42 -24.57
CA LEU N 850 -32.33 -130.65 -25.49
C LEU N 850 -31.86 -131.14 -26.85
N ASP N 851 -30.58 -130.98 -27.18
CA ASP N 851 -30.09 -131.46 -28.47
C ASP N 851 -30.09 -132.98 -28.55
N PHE N 852 -30.27 -133.68 -27.44
CA PHE N 852 -30.31 -135.13 -27.40
C PHE N 852 -31.72 -135.68 -27.47
N VAL N 853 -32.72 -134.82 -27.64
CA VAL N 853 -34.13 -135.22 -27.69
C VAL N 853 -34.55 -135.28 -29.15
N PRO N 854 -34.84 -136.45 -29.71
CA PRO N 854 -35.32 -136.49 -31.10
C PRO N 854 -36.64 -135.75 -31.24
N CYS N 855 -36.79 -135.05 -32.36
CA CYS N 855 -37.98 -134.25 -32.67
C CYS N 855 -38.44 -134.57 -34.08
N PRO N 856 -38.90 -135.79 -34.32
CA PRO N 856 -39.37 -136.16 -35.65
C PRO N 856 -40.69 -135.48 -36.00
N VAL N 857 -40.93 -135.33 -37.30
CA VAL N 857 -42.18 -134.77 -37.78
C VAL N 857 -43.24 -135.86 -37.80
N ASP N 858 -44.38 -135.58 -37.16
CA ASP N 858 -45.45 -136.56 -37.08
C ASP N 858 -46.04 -136.85 -38.45
N THR N 859 -46.49 -138.09 -38.64
CA THR N 859 -47.05 -138.53 -39.92
C THR N 859 -48.41 -139.19 -39.78
N ILE N 860 -48.88 -139.48 -38.56
CA ILE N 860 -50.12 -140.22 -38.39
C ILE N 860 -51.28 -139.46 -39.02
N GLN N 861 -51.26 -138.13 -38.93
CA GLN N 861 -52.34 -137.32 -39.50
C GLN N 861 -52.41 -137.40 -41.02
N ILE N 862 -51.39 -137.95 -41.67
CA ILE N 862 -51.32 -137.98 -43.12
C ILE N 862 -52.22 -139.09 -43.64
N VAL N 863 -52.87 -138.84 -44.78
CA VAL N 863 -53.70 -139.82 -45.46
C VAL N 863 -53.08 -140.11 -46.82
N LEU N 864 -53.05 -141.40 -47.19
CA LEU N 864 -52.34 -141.81 -48.40
C LEU N 864 -53.31 -141.99 -49.56
N PRO N 865 -53.20 -141.20 -50.63
CA PRO N 865 -54.03 -141.45 -51.82
C PRO N 865 -53.74 -142.80 -52.43
N PRO N 866 -54.74 -143.48 -53.00
CA PRO N 866 -54.49 -144.81 -53.59
C PRO N 866 -53.46 -144.79 -54.72
N HIS N 867 -53.45 -143.74 -55.54
CA HIS N 867 -52.45 -143.65 -56.59
C HIS N 867 -51.05 -143.62 -56.00
N LEU N 868 -50.94 -143.26 -54.72
CA LEU N 868 -49.67 -143.39 -54.02
C LEU N 868 -49.57 -144.73 -53.33
N GLU N 869 -50.70 -145.40 -53.12
CA GLU N 869 -50.67 -146.78 -52.63
C GLU N 869 -49.98 -147.70 -53.63
N ARG N 870 -50.30 -147.54 -54.92
CA ARG N 870 -49.60 -148.34 -55.92
C ARG N 870 -48.13 -148.00 -55.96
N ILE N 871 -47.80 -146.72 -55.78
CA ILE N 871 -46.39 -146.35 -55.64
C ILE N 871 -45.76 -147.15 -54.52
N ARG N 872 -46.24 -147.00 -53.29
CA ARG N 872 -45.60 -147.69 -52.17
C ARG N 872 -45.47 -149.19 -52.45
N GLU N 873 -46.45 -149.78 -53.14
CA GLU N 873 -46.31 -151.19 -53.49
C GLU N 873 -45.09 -151.44 -54.38
N LYS N 874 -44.99 -150.71 -55.48
CA LYS N 874 -43.87 -150.92 -56.40
C LYS N 874 -42.54 -150.54 -55.75
N LEU N 875 -42.56 -149.47 -54.94
CA LEU N 875 -41.37 -149.06 -54.21
C LEU N 875 -40.91 -150.17 -53.28
N ALA N 876 -41.83 -150.76 -52.51
CA ALA N 876 -41.45 -151.87 -51.64
C ALA N 876 -40.89 -153.03 -52.44
N GLU N 877 -41.44 -153.28 -53.64
CA GLU N 877 -40.82 -154.30 -54.46
C GLU N 877 -39.35 -153.97 -54.76
N ASN N 878 -39.08 -152.79 -55.28
CA ASN N 878 -37.70 -152.45 -55.61
C ASN N 878 -36.82 -152.46 -54.36
N ILE N 879 -37.41 -152.13 -53.20
CA ILE N 879 -36.64 -152.17 -51.96
C ILE N 879 -36.26 -153.59 -51.57
N HIS N 880 -37.14 -154.57 -51.81
CA HIS N 880 -36.69 -155.91 -51.44
C HIS N 880 -35.62 -156.36 -52.43
N GLU N 881 -35.70 -155.87 -53.67
CA GLU N 881 -34.64 -156.18 -54.63
C GLU N 881 -33.29 -155.64 -54.14
N LEU N 882 -33.28 -154.39 -53.68
CA LEU N 882 -32.05 -153.82 -53.11
C LEU N 882 -31.63 -154.59 -51.86
N TRP N 883 -32.60 -154.97 -51.03
CA TRP N 883 -32.35 -155.87 -49.92
C TRP N 883 -31.55 -157.09 -50.35
N ALA N 884 -32.07 -157.84 -51.33
CA ALA N 884 -31.42 -159.09 -51.74
C ALA N 884 -30.03 -158.82 -52.31
N LEU N 885 -29.88 -157.78 -53.13
CA LEU N 885 -28.56 -157.54 -53.68
C LEU N 885 -27.56 -157.19 -52.58
N THR N 886 -27.95 -156.32 -51.64
CA THR N 886 -27.07 -155.99 -50.53
C THR N 886 -26.73 -157.24 -49.72
N ARG N 887 -27.69 -158.16 -49.58
CA ARG N 887 -27.40 -159.38 -48.82
C ARG N 887 -26.40 -160.26 -49.55
N ILE N 888 -26.43 -160.28 -50.89
CA ILE N 888 -25.44 -161.07 -51.59
C ILE N 888 -24.06 -160.42 -51.47
N GLU N 889 -23.97 -159.09 -51.52
CA GLU N 889 -22.66 -158.50 -51.23
C GLU N 889 -22.22 -158.75 -49.79
N GLN N 890 -23.14 -158.82 -48.84
CA GLN N 890 -22.77 -159.07 -47.45
C GLN N 890 -22.36 -160.53 -47.19
N GLY N 891 -22.91 -161.47 -47.94
CA GLY N 891 -22.61 -162.88 -47.74
C GLY N 891 -23.75 -163.71 -47.20
N TRP N 892 -24.88 -163.10 -46.85
CA TRP N 892 -26.04 -163.86 -46.39
C TRP N 892 -26.54 -164.78 -47.48
N THR N 893 -26.91 -166.00 -47.10
CA THR N 893 -27.61 -166.92 -47.98
C THR N 893 -28.99 -167.23 -47.40
N TYR N 894 -29.80 -167.94 -48.17
CA TYR N 894 -31.18 -168.19 -47.78
C TYR N 894 -31.27 -169.39 -46.85
N GLY N 895 -32.12 -169.28 -45.83
CA GLY N 895 -32.35 -170.35 -44.89
C GLY N 895 -33.56 -170.09 -44.02
N PRO N 896 -34.06 -171.14 -43.36
CA PRO N 896 -35.27 -170.99 -42.52
C PRO N 896 -34.98 -170.29 -41.20
N VAL N 897 -33.85 -170.61 -40.58
CA VAL N 897 -33.46 -169.99 -39.32
C VAL N 897 -32.47 -168.86 -39.62
N ARG N 898 -32.43 -167.88 -38.72
CA ARG N 898 -31.64 -166.66 -38.92
C ARG N 898 -30.59 -166.57 -37.82
N ASP N 899 -29.33 -166.50 -38.22
CA ASP N 899 -28.22 -166.28 -37.31
C ASP N 899 -27.11 -165.54 -38.05
N ASP N 900 -26.46 -164.61 -37.35
CA ASP N 900 -25.42 -163.80 -37.98
C ASP N 900 -24.25 -164.67 -38.43
N ASN N 901 -23.83 -165.61 -37.58
CA ASN N 901 -22.75 -166.51 -37.95
C ASN N 901 -23.19 -167.52 -39.01
N LYS N 902 -24.45 -167.96 -38.94
CA LYS N 902 -24.93 -168.98 -39.86
C LYS N 902 -25.19 -168.42 -41.25
N ARG N 903 -25.24 -167.09 -41.38
CA ARG N 903 -25.38 -166.42 -42.68
C ARG N 903 -26.60 -166.93 -43.44
N LEU N 904 -27.69 -167.18 -42.72
CA LEU N 904 -28.94 -167.65 -43.29
C LEU N 904 -30.05 -166.69 -42.89
N HIS N 905 -30.89 -166.32 -43.85
CA HIS N 905 -31.97 -165.36 -43.61
C HIS N 905 -33.25 -165.86 -44.25
N PRO N 906 -34.39 -165.85 -43.55
CA PRO N 906 -35.63 -166.31 -44.19
C PRO N 906 -36.23 -165.29 -45.15
N CYS N 907 -35.94 -164.01 -44.95
CA CYS N 907 -36.58 -162.95 -45.73
C CYS N 907 -35.88 -162.72 -47.06
N LEU N 908 -35.06 -163.68 -47.49
CA LEU N 908 -34.37 -163.58 -48.78
C LEU N 908 -35.23 -164.03 -49.94
N VAL N 909 -36.45 -164.50 -49.69
CA VAL N 909 -37.32 -165.03 -50.73
C VAL N 909 -38.05 -163.83 -51.36
N ASN N 910 -38.59 -164.02 -52.55
CA ASN N 910 -39.18 -162.92 -53.29
C ASN N 910 -40.28 -162.22 -52.49
N PHE N 911 -40.57 -160.98 -52.87
CA PHE N 911 -41.47 -160.13 -52.08
C PHE N 911 -42.85 -160.75 -51.95
N HIS N 912 -43.48 -161.12 -53.07
CA HIS N 912 -44.76 -161.80 -53.00
C HIS N 912 -44.65 -163.06 -52.14
N SER N 913 -43.46 -163.67 -52.14
CA SER N 913 -43.21 -164.90 -51.41
C SER N 913 -42.64 -164.69 -50.01
N LEU N 914 -42.34 -163.45 -49.62
CA LEU N 914 -41.93 -163.22 -48.25
C LEU N 914 -43.09 -163.56 -47.31
N PRO N 915 -42.81 -163.97 -46.08
CA PRO N 915 -43.92 -164.21 -45.13
C PRO N 915 -44.75 -162.96 -44.95
N GLU N 916 -46.05 -163.15 -44.78
CA GLU N 916 -46.99 -162.03 -44.79
C GLU N 916 -46.60 -160.91 -43.85
N PRO N 917 -46.31 -161.13 -42.57
CA PRO N 917 -45.90 -160.01 -41.71
C PRO N 917 -44.63 -159.32 -42.19
N GLU N 918 -43.74 -160.07 -42.85
CA GLU N 918 -42.48 -159.49 -43.28
C GLU N 918 -42.67 -158.57 -44.48
N ARG N 919 -43.26 -159.11 -45.55
CA ARG N 919 -43.75 -158.28 -46.63
C ARG N 919 -44.50 -157.08 -46.08
N ASN N 920 -45.27 -157.27 -45.01
CA ASN N 920 -46.07 -156.18 -44.47
CA ASN N 920 -46.07 -156.18 -44.46
C ASN N 920 -45.19 -155.07 -43.90
N TYR N 921 -44.16 -155.41 -43.10
CA TYR N 921 -43.40 -154.31 -42.52
C TYR N 921 -42.71 -153.55 -43.64
N ASN N 922 -42.23 -154.28 -44.66
CA ASN N 922 -41.72 -153.58 -45.84
C ASN N 922 -42.77 -152.61 -46.39
N LEU N 923 -44.03 -153.05 -46.46
CA LEU N 923 -45.07 -152.19 -47.00
C LEU N 923 -45.24 -150.91 -46.20
N GLN N 924 -45.34 -150.99 -44.86
CA GLN N 924 -45.59 -149.72 -44.15
C GLN N 924 -44.31 -148.92 -43.99
N MET N 925 -43.14 -149.53 -44.20
CA MET N 925 -41.94 -148.70 -44.36
C MET N 925 -42.06 -147.84 -45.61
N SER N 926 -42.45 -148.43 -46.74
CA SER N 926 -42.66 -147.63 -47.93
C SER N 926 -43.74 -146.57 -47.71
N GLY N 927 -44.85 -146.97 -47.09
CA GLY N 927 -45.91 -146.02 -46.80
C GLY N 927 -45.44 -144.89 -45.90
N GLU N 928 -44.59 -145.20 -44.91
CA GLU N 928 -44.05 -144.17 -44.04
C GLU N 928 -43.17 -143.21 -44.81
N THR N 929 -42.36 -143.72 -45.75
CA THR N 929 -41.59 -142.81 -46.59
C THR N 929 -42.51 -141.84 -47.31
N LEU N 930 -43.55 -142.36 -47.98
CA LEU N 930 -44.46 -141.47 -48.71
C LEU N 930 -45.13 -140.47 -47.76
N LYS N 931 -45.59 -140.94 -46.61
CA LYS N 931 -46.21 -140.06 -45.63
C LYS N 931 -45.25 -138.97 -45.17
N THR N 932 -43.98 -139.32 -44.99
CA THR N 932 -43.00 -138.32 -44.58
C THR N 932 -42.82 -137.26 -45.66
N LEU N 933 -42.75 -137.67 -46.94
CA LEU N 933 -42.70 -136.67 -48.00
C LEU N 933 -43.89 -135.73 -47.92
N LEU N 934 -45.10 -136.30 -47.83
CA LEU N 934 -46.27 -135.43 -47.84
C LEU N 934 -46.30 -134.51 -46.63
N ALA N 935 -45.94 -135.03 -45.45
CA ALA N 935 -45.94 -134.22 -44.24
C ALA N 935 -44.93 -133.08 -44.34
N LEU N 936 -43.72 -133.38 -44.82
CA LEU N 936 -42.77 -132.31 -45.11
C LEU N 936 -43.32 -131.34 -46.13
N GLY N 937 -44.29 -131.77 -46.94
CA GLY N 937 -45.00 -130.89 -47.84
C GLY N 937 -44.79 -131.18 -49.31
N CYS N 938 -44.08 -132.24 -49.64
CA CYS N 938 -43.86 -132.57 -51.05
C CYS N 938 -45.18 -132.90 -51.72
N HIS N 939 -45.39 -132.30 -52.89
CA HIS N 939 -46.55 -132.59 -53.72
C HIS N 939 -46.11 -133.51 -54.85
N VAL N 940 -46.99 -134.45 -55.20
CA VAL N 940 -46.73 -135.45 -56.22
C VAL N 940 -47.77 -135.33 -57.31
N GLY N 941 -47.32 -135.29 -58.56
CA GLY N 941 -48.21 -135.12 -59.69
C GLY N 941 -47.84 -136.01 -60.85
N MET N 942 -48.80 -136.27 -61.73
CA MET N 942 -48.59 -137.16 -62.86
C MET N 942 -47.53 -136.59 -63.78
N ALA N 943 -46.64 -137.46 -64.29
CA ALA N 943 -45.62 -137.05 -65.25
C ALA N 943 -45.60 -137.88 -66.52
N ASP N 944 -45.63 -139.21 -66.42
CA ASP N 944 -45.65 -140.07 -67.59
C ASP N 944 -46.07 -141.48 -67.18
N GLU N 945 -47.16 -141.96 -67.78
CA GLU N 945 -47.62 -143.32 -67.56
C GLU N 945 -46.87 -144.34 -68.41
N LYS N 946 -46.14 -143.89 -69.43
CA LYS N 946 -45.31 -144.78 -70.23
C LYS N 946 -43.95 -145.05 -69.58
N ALA N 947 -43.57 -144.25 -68.59
CA ALA N 947 -42.32 -144.51 -67.87
C ALA N 947 -42.38 -145.84 -67.14
N GLU N 948 -43.57 -146.21 -66.64
CA GLU N 948 -43.73 -147.51 -66.00
C GLU N 948 -43.35 -148.63 -66.95
N ASP N 949 -43.85 -148.59 -68.19
CA ASP N 949 -43.50 -149.62 -69.17
C ASP N 949 -42.04 -149.52 -69.58
N ASN N 950 -41.52 -148.30 -69.72
CA ASN N 950 -40.13 -148.14 -70.13
C ASN N 950 -39.18 -148.75 -69.10
N LEU N 951 -39.49 -148.60 -67.81
CA LEU N 951 -38.64 -149.14 -66.77
C LEU N 951 -38.53 -150.65 -66.89
N LYS N 952 -37.32 -151.17 -66.68
CA LYS N 952 -37.05 -152.59 -66.79
C LYS N 952 -36.13 -153.03 -65.66
N LYS N 953 -36.16 -154.34 -65.38
CA LYS N 953 -35.27 -154.93 -64.38
C LYS N 953 -33.99 -155.41 -65.05
N THR N 954 -32.93 -155.50 -64.26
CA THR N 954 -31.61 -155.86 -64.75
C THR N 954 -31.37 -157.35 -64.57
N LYS N 955 -30.93 -158.00 -65.64
CA LYS N 955 -30.56 -159.41 -65.56
C LYS N 955 -29.36 -159.58 -64.65
N LEU N 956 -29.38 -160.63 -63.82
CA LEU N 956 -28.33 -160.86 -62.84
C LEU N 956 -27.66 -162.23 -63.06
N PRO N 957 -26.35 -162.31 -62.91
CA PRO N 957 -25.67 -163.61 -62.97
C PRO N 957 -26.07 -164.54 -61.83
N LYS N 958 -25.56 -165.77 -61.93
CA LYS N 958 -25.90 -166.81 -60.96
C LYS N 958 -25.31 -166.49 -59.59
N THR N 959 -24.12 -165.89 -59.54
CA THR N 959 -23.54 -165.53 -58.25
C THR N 959 -24.50 -164.64 -57.46
N TYR N 960 -25.18 -163.73 -58.15
CA TYR N 960 -26.23 -162.95 -57.50
C TYR N 960 -27.48 -163.79 -57.27
N MET N 961 -27.75 -164.76 -58.15
CA MET N 961 -28.78 -165.74 -57.85
C MET N 961 -28.40 -166.47 -56.58
N MET N 962 -29.37 -166.62 -55.67
CA MET N 962 -29.08 -166.97 -54.29
C MET N 962 -29.50 -168.43 -54.05
N SER N 963 -29.07 -169.01 -52.92
CA SER N 963 -29.40 -170.40 -52.63
C SER N 963 -30.91 -170.62 -52.64
N ASN N 964 -31.69 -169.57 -52.39
CA ASN N 964 -33.14 -169.69 -52.47
C ASN N 964 -33.58 -170.19 -53.84
N GLY N 965 -32.94 -169.68 -54.91
CA GLY N 965 -33.13 -170.16 -56.25
C GLY N 965 -33.58 -169.11 -57.25
N TYR N 966 -34.45 -168.19 -56.84
CA TYR N 966 -34.98 -167.22 -57.77
C TYR N 966 -33.90 -166.18 -58.12
N LYS N 967 -34.12 -165.46 -59.22
CA LYS N 967 -33.20 -164.44 -59.65
C LYS N 967 -33.73 -163.07 -59.25
N PRO N 968 -33.03 -162.30 -58.41
CA PRO N 968 -33.54 -160.96 -58.07
C PRO N 968 -33.65 -160.08 -59.30
N ALA N 969 -34.61 -159.17 -59.25
CA ALA N 969 -34.93 -158.29 -60.38
C ALA N 969 -34.98 -156.84 -59.91
N PRO N 970 -33.83 -156.25 -59.60
CA PRO N 970 -33.81 -154.82 -59.24
C PRO N 970 -34.17 -153.96 -60.45
N LEU N 971 -34.77 -152.81 -60.15
CA LEU N 971 -35.25 -151.90 -61.19
C LEU N 971 -34.11 -151.00 -61.66
N ASP N 972 -34.03 -150.80 -62.97
CA ASP N 972 -33.01 -149.93 -63.55
C ASP N 972 -33.48 -148.48 -63.51
N LEU N 973 -32.61 -147.59 -63.03
CA LEU N 973 -32.97 -146.18 -62.86
C LEU N 973 -31.85 -145.24 -63.29
N SER N 974 -31.00 -145.68 -64.24
CA SER N 974 -29.86 -144.85 -64.63
C SER N 974 -30.30 -143.56 -65.32
N HIS N 975 -31.44 -143.60 -66.03
CA HIS N 975 -31.87 -142.42 -66.78
C HIS N 975 -32.16 -141.25 -65.84
N VAL N 976 -32.69 -141.51 -64.65
CA VAL N 976 -33.10 -140.45 -63.75
C VAL N 976 -31.87 -139.77 -63.16
N ARG N 977 -32.01 -138.49 -62.84
CA ARG N 977 -30.96 -137.73 -62.17
C ARG N 977 -31.58 -136.79 -61.14
N LEU N 978 -30.90 -136.64 -60.01
CA LEU N 978 -31.43 -135.88 -58.89
C LEU N 978 -30.92 -134.44 -58.95
N THR N 979 -31.69 -133.52 -58.38
CA THR N 979 -31.23 -132.14 -58.24
C THR N 979 -30.90 -131.87 -56.78
N PRO N 980 -30.05 -130.86 -56.50
CA PRO N 980 -29.72 -130.57 -55.10
C PRO N 980 -30.96 -130.39 -54.24
N ALA N 981 -32.09 -130.00 -54.83
CA ALA N 981 -33.33 -129.94 -54.06
C ALA N 981 -33.71 -131.31 -53.52
N GLN N 982 -33.69 -132.35 -54.36
CA GLN N 982 -33.99 -133.68 -53.83
C GLN N 982 -32.85 -134.18 -52.95
N THR N 983 -31.63 -133.68 -53.14
CA THR N 983 -30.56 -134.08 -52.24
C THR N 983 -30.86 -133.63 -50.81
N THR N 984 -31.18 -132.34 -50.65
CA THR N 984 -31.53 -131.84 -49.31
C THR N 984 -32.82 -132.48 -48.82
N LEU N 985 -33.75 -132.78 -49.74
CA LEU N 985 -34.97 -133.46 -49.34
C LEU N 985 -34.67 -134.86 -48.78
N VAL N 986 -33.76 -135.58 -49.42
CA VAL N 986 -33.38 -136.91 -48.94
C VAL N 986 -32.69 -136.79 -47.59
N ASP N 987 -31.84 -135.78 -47.43
CA ASP N 987 -31.23 -135.53 -46.12
C ASP N 987 -32.31 -135.35 -45.06
N ARG N 988 -33.31 -134.52 -45.33
CA ARG N 988 -34.36 -134.27 -44.35
C ARG N 988 -35.19 -135.54 -44.08
N LEU N 989 -35.48 -136.31 -45.13
CA LEU N 989 -36.23 -137.54 -44.96
C LEU N 989 -35.48 -138.54 -44.09
N ALA N 990 -34.17 -138.69 -44.33
CA ALA N 990 -33.37 -139.57 -43.49
C ALA N 990 -33.34 -139.07 -42.05
N GLU N 991 -33.20 -137.76 -41.85
CA GLU N 991 -33.24 -137.20 -40.51
C GLU N 991 -34.53 -137.55 -39.82
N ASN N 992 -35.67 -137.35 -40.51
CA ASN N 992 -36.97 -137.63 -39.91
C ASN N 992 -37.12 -139.11 -39.57
N GLY N 993 -36.69 -139.98 -40.49
CA GLY N 993 -36.82 -141.41 -40.23
C GLY N 993 -35.99 -141.86 -39.03
N HIS N 994 -34.74 -141.41 -38.98
CA HIS N 994 -33.89 -141.76 -37.85
C HIS N 994 -34.44 -141.20 -36.55
N ASN N 995 -34.98 -139.98 -36.59
CA ASN N 995 -35.56 -139.40 -35.39
C ASN N 995 -36.76 -140.19 -34.91
N VAL N 996 -37.61 -140.64 -35.85
CA VAL N 996 -38.76 -141.46 -35.47
C VAL N 996 -38.29 -142.76 -34.83
N TRP N 997 -37.30 -143.42 -35.44
CA TRP N 997 -36.79 -144.66 -34.88
C TRP N 997 -36.21 -144.45 -33.49
N ALA N 998 -35.44 -143.38 -33.31
CA ALA N 998 -34.83 -143.10 -32.02
C ALA N 998 -35.89 -142.79 -30.97
N ARG N 999 -36.92 -142.04 -31.36
CA ARG N 999 -38.00 -141.74 -30.43
C ARG N 999 -38.71 -143.01 -29.99
N ASP N 1000 -38.99 -143.92 -30.93
CA ASP N 1000 -39.62 -145.18 -30.57
C ASP N 1000 -38.72 -146.00 -29.64
N ARG N 1001 -37.42 -146.06 -29.94
CA ARG N 1001 -36.51 -146.81 -29.09
C ARG N 1001 -36.43 -146.22 -27.69
N VAL N 1002 -36.42 -144.89 -27.59
CA VAL N 1002 -36.41 -144.24 -26.28
C VAL N 1002 -37.69 -144.56 -25.52
N ALA N 1003 -38.83 -144.50 -26.21
CA ALA N 1003 -40.09 -144.87 -25.58
C ALA N 1003 -40.03 -146.29 -25.05
N GLN N 1004 -39.40 -147.20 -25.80
CA GLN N 1004 -39.18 -148.55 -25.29
C GLN N 1004 -38.31 -148.52 -24.04
N GLY N 1005 -37.25 -147.70 -24.04
CA GLY N 1005 -36.39 -147.56 -22.87
C GLY N 1005 -34.91 -147.66 -23.18
N TRP N 1006 -34.55 -147.68 -24.46
CA TRP N 1006 -33.16 -147.81 -24.85
C TRP N 1006 -32.40 -146.52 -24.56
N SER N 1007 -31.08 -146.63 -24.51
CA SER N 1007 -30.20 -145.50 -24.24
C SER N 1007 -28.99 -145.56 -25.15
N TYR N 1008 -28.12 -144.56 -25.03
CA TYR N 1008 -26.94 -144.44 -25.87
C TYR N 1008 -25.71 -144.93 -25.13
N SER N 1009 -24.82 -145.60 -25.86
CA SER N 1009 -23.54 -146.06 -25.32
C SER N 1009 -22.57 -146.24 -26.48
N ALA N 1010 -21.35 -145.72 -26.32
CA ALA N 1010 -20.35 -145.90 -27.35
C ALA N 1010 -20.09 -147.38 -27.61
N VAL N 1011 -20.20 -148.20 -26.58
CA VAL N 1011 -20.10 -149.65 -26.71
C VAL N 1011 -21.50 -150.23 -26.74
N GLN N 1012 -21.75 -151.09 -27.72
CA GLN N 1012 -23.07 -151.66 -27.96
C GLN N 1012 -23.35 -152.76 -26.96
N ASP N 1013 -24.54 -152.75 -26.38
CA ASP N 1013 -24.94 -153.70 -25.35
C ASP N 1013 -26.44 -153.96 -25.49
N ILE N 1014 -26.79 -155.10 -26.05
CA ILE N 1014 -28.20 -155.41 -26.35
C ILE N 1014 -28.92 -155.81 -25.07
N PRO N 1015 -28.35 -156.67 -24.22
CA PRO N 1015 -29.05 -157.00 -22.97
C PRO N 1015 -29.39 -155.79 -22.13
N ALA N 1016 -28.54 -154.76 -22.16
CA ALA N 1016 -28.75 -153.54 -21.38
C ALA N 1016 -29.47 -152.46 -22.17
N ARG N 1017 -30.03 -152.80 -23.34
CA ARG N 1017 -30.75 -151.85 -24.19
C ARG N 1017 -29.94 -150.56 -24.38
N ARG N 1018 -28.72 -150.72 -24.88
CA ARG N 1018 -27.81 -149.62 -25.18
C ARG N 1018 -27.39 -149.74 -26.63
N ASN N 1019 -27.52 -148.64 -27.37
CA ASN N 1019 -27.26 -148.64 -28.82
C ASN N 1019 -26.33 -147.50 -29.17
N PRO N 1020 -25.24 -147.75 -29.91
CA PRO N 1020 -24.41 -146.64 -30.38
C PRO N 1020 -25.13 -145.67 -31.29
N ARG N 1021 -26.11 -146.14 -32.08
CA ARG N 1021 -26.80 -145.30 -33.04
C ARG N 1021 -27.95 -144.50 -32.43
N LEU N 1022 -28.35 -144.80 -31.19
CA LEU N 1022 -29.51 -144.15 -30.59
C LEU N 1022 -29.16 -142.72 -30.21
N VAL N 1023 -29.07 -141.87 -31.22
CA VAL N 1023 -28.76 -140.45 -31.07
C VAL N 1023 -29.50 -139.67 -32.14
N PRO N 1024 -29.86 -138.42 -31.86
CA PRO N 1024 -30.50 -137.61 -32.90
C PRO N 1024 -29.61 -137.51 -34.14
N TYR N 1025 -30.27 -137.46 -35.29
CA TYR N 1025 -29.58 -137.65 -36.57
C TYR N 1025 -28.38 -136.73 -36.71
N ARG N 1026 -28.54 -135.46 -36.36
CA ARG N 1026 -27.48 -134.49 -36.61
C ARG N 1026 -26.15 -134.91 -35.99
N LEU N 1027 -26.19 -135.65 -34.88
CA LEU N 1027 -24.99 -136.00 -34.14
C LEU N 1027 -24.39 -137.34 -34.55
N LEU N 1028 -24.94 -138.00 -35.55
CA LEU N 1028 -24.40 -139.29 -35.99
C LEU N 1028 -23.10 -139.08 -36.76
N ASP N 1029 -22.32 -140.16 -36.85
CA ASP N 1029 -21.13 -140.15 -37.68
C ASP N 1029 -21.52 -140.11 -39.16
N GLU N 1030 -20.58 -139.65 -39.99
CA GLU N 1030 -20.89 -139.44 -41.40
C GLU N 1030 -21.28 -140.75 -42.09
N ALA N 1031 -20.58 -141.84 -41.76
CA ALA N 1031 -20.83 -143.10 -42.47
C ALA N 1031 -22.27 -143.56 -42.32
N THR N 1032 -22.78 -143.58 -41.08
CA THR N 1032 -24.17 -143.98 -40.87
C THR N 1032 -25.13 -143.03 -41.57
N LYS N 1033 -24.86 -141.73 -41.48
CA LYS N 1033 -25.67 -140.75 -42.19
C LYS N 1033 -25.66 -141.03 -43.69
N ARG N 1034 -24.48 -141.33 -44.24
CA ARG N 1034 -24.39 -141.62 -45.67
C ARG N 1034 -25.21 -142.85 -46.03
N SER N 1035 -25.12 -143.91 -45.23
CA SER N 1035 -25.89 -145.12 -45.53
C SER N 1035 -27.39 -144.84 -45.49
N ASN N 1036 -27.85 -144.17 -44.44
CA ASN N 1036 -29.26 -143.87 -44.30
C ASN N 1036 -29.77 -142.92 -45.37
N ARG N 1037 -28.95 -141.98 -45.84
CA ARG N 1037 -29.32 -141.08 -46.92
C ARG N 1037 -29.34 -141.78 -48.28
N ASP N 1038 -28.42 -142.70 -48.52
CA ASP N 1038 -28.42 -143.49 -49.75
C ASP N 1038 -29.61 -144.43 -49.83
N SER N 1039 -29.99 -145.04 -48.71
CA SER N 1039 -31.14 -145.94 -48.72
C SER N 1039 -32.40 -145.20 -49.15
N LEU N 1040 -32.59 -143.97 -48.66
CA LEU N 1040 -33.77 -143.20 -49.06
C LEU N 1040 -33.58 -142.54 -50.42
N CYS N 1041 -32.33 -142.25 -50.78
CA CYS N 1041 -32.06 -141.71 -52.10
C CYS N 1041 -32.47 -142.72 -53.19
N GLN N 1042 -32.21 -143.99 -52.94
CA GLN N 1042 -32.65 -145.02 -53.89
C GLN N 1042 -34.17 -145.02 -54.03
N ALA N 1043 -34.89 -144.87 -52.91
CA ALA N 1043 -36.35 -144.88 -52.96
C ALA N 1043 -36.90 -143.68 -53.71
N VAL N 1044 -36.35 -142.49 -53.45
CA VAL N 1044 -36.80 -141.31 -54.18
C VAL N 1044 -36.45 -141.44 -55.66
N ARG N 1045 -35.33 -142.10 -55.96
CA ARG N 1045 -35.01 -142.44 -57.33
C ARG N 1045 -36.08 -143.34 -57.94
N THR N 1046 -36.53 -144.34 -57.19
CA THR N 1046 -37.59 -145.21 -57.67
C THR N 1046 -38.83 -144.39 -58.03
N LEU N 1047 -39.24 -143.51 -57.12
CA LEU N 1047 -40.45 -142.72 -57.35
C LEU N 1047 -40.29 -141.82 -58.57
N LEU N 1048 -39.17 -141.10 -58.67
CA LEU N 1048 -38.98 -140.20 -59.80
C LEU N 1048 -38.89 -140.97 -61.12
N GLY N 1049 -38.23 -142.12 -61.11
CA GLY N 1049 -38.19 -142.94 -62.31
C GLY N 1049 -39.55 -143.43 -62.73
N TYR N 1050 -40.38 -143.80 -61.75
CA TYR N 1050 -41.79 -144.04 -62.05
C TYR N 1050 -42.42 -142.78 -62.62
N GLY N 1051 -41.85 -141.61 -62.31
CA GLY N 1051 -42.20 -140.39 -63.01
C GLY N 1051 -42.88 -139.37 -62.12
N TYR N 1052 -43.53 -139.86 -61.07
CA TYR N 1052 -44.37 -139.02 -60.25
C TYR N 1052 -43.55 -137.86 -59.71
N ASN N 1053 -43.86 -136.64 -60.15
CA ASN N 1053 -42.98 -135.51 -59.95
C ASN N 1053 -43.11 -134.99 -58.52
N ILE N 1054 -41.99 -134.92 -57.80
CA ILE N 1054 -42.00 -134.43 -56.42
C ILE N 1054 -41.64 -132.95 -56.42
N GLU N 1055 -42.40 -132.16 -55.65
CA GLU N 1055 -42.17 -130.72 -55.55
C GLU N 1055 -41.57 -130.40 -54.20
N PRO N 1056 -40.25 -130.15 -54.11
CA PRO N 1056 -39.62 -129.70 -52.81
C PRO N 1056 -40.31 -128.47 -52.25
N PRO N 1057 -40.85 -128.54 -51.03
CA PRO N 1057 -41.33 -127.33 -50.37
C PRO N 1057 -40.23 -126.28 -50.26
N ASP N 1058 -40.62 -125.02 -50.38
CA ASP N 1058 -39.69 -123.93 -50.12
C ASP N 1058 -39.36 -123.88 -48.63
N GLN N 1059 -38.10 -123.59 -48.32
CA GLN N 1059 -37.64 -123.55 -46.94
C GLN N 1059 -37.54 -122.11 -46.47
N GLU N 1060 -38.11 -121.81 -45.30
CA GLU N 1060 -38.10 -120.47 -44.75
C GLU N 1060 -37.10 -120.41 -43.61
N PRO N 1061 -35.97 -119.72 -43.75
CA PRO N 1061 -35.00 -119.66 -42.65
C PRO N 1061 -35.58 -118.94 -41.44
N SER N 1062 -35.11 -119.34 -40.25
CA SER N 1062 -35.52 -118.74 -38.99
C SER N 1062 -34.28 -118.44 -38.16
N GLN N 1063 -34.40 -117.44 -37.29
CA GLN N 1063 -33.30 -116.97 -36.46
C GLN N 1063 -33.43 -117.51 -35.05
N VAL N 1064 -32.39 -118.20 -34.58
CA VAL N 1064 -32.39 -118.69 -33.20
C VAL N 1064 -32.29 -117.55 -32.21
N ASP N 1065 -31.48 -116.53 -32.54
CA ASP N 1065 -31.25 -115.37 -31.67
C ASP N 1065 -30.99 -115.82 -30.23
N SER N 1066 -30.14 -116.84 -30.09
CA SER N 1066 -29.79 -117.31 -28.74
C SER N 1066 -29.09 -116.23 -27.94
N GLN N 1067 -28.17 -115.50 -28.58
CA GLN N 1067 -27.41 -114.46 -27.90
C GLN N 1067 -27.24 -113.28 -28.86
N SER N 1068 -27.03 -112.10 -28.28
CA SER N 1068 -26.71 -110.92 -29.07
C SER N 1068 -25.39 -111.13 -29.80
N ARG N 1069 -25.25 -110.47 -30.96
CA ARG N 1069 -24.09 -110.71 -31.80
C ARG N 1069 -22.81 -110.16 -31.18
N GLY N 1070 -22.88 -108.95 -30.60
CA GLY N 1070 -21.70 -108.40 -29.96
C GLY N 1070 -21.23 -109.24 -28.80
N ASP N 1071 -22.16 -109.73 -27.98
CA ASP N 1071 -21.80 -110.64 -26.90
C ASP N 1071 -21.32 -111.98 -27.45
N ARG N 1072 -21.82 -112.35 -28.63
CA ARG N 1072 -21.49 -113.64 -29.22
C ARG N 1072 -20.05 -113.65 -29.74
N ALA N 1073 -19.58 -112.51 -30.23
CA ALA N 1073 -18.24 -112.40 -30.78
C ALA N 1073 -17.29 -111.78 -29.75
N ARG N 1074 -16.25 -112.52 -29.39
CA ARG N 1074 -15.20 -111.96 -28.55
C ARG N 1074 -14.46 -110.85 -29.28
N ILE N 1075 -14.01 -109.85 -28.54
CA ILE N 1075 -13.21 -108.76 -29.07
C ILE N 1075 -11.91 -108.71 -28.27
N PHE N 1076 -10.77 -108.84 -28.96
CA PHE N 1076 -9.45 -108.68 -28.37
C PHE N 1076 -8.84 -107.41 -28.93
N ARG N 1077 -8.46 -106.50 -28.04
CA ARG N 1077 -7.85 -105.25 -28.45
C ARG N 1077 -6.56 -105.02 -27.66
N ALA N 1078 -5.69 -104.17 -28.21
CA ALA N 1078 -4.52 -103.76 -27.46
C ALA N 1078 -4.94 -102.86 -26.30
N GLU N 1079 -4.06 -102.76 -25.30
CA GLU N 1079 -4.37 -101.96 -24.12
C GLU N 1079 -4.46 -100.49 -24.49
N LYS N 1080 -5.26 -99.74 -23.71
CA LYS N 1080 -5.49 -98.34 -24.03
C LYS N 1080 -4.20 -97.53 -24.03
N SER N 1081 -3.23 -97.92 -23.20
CA SER N 1081 -1.99 -97.17 -23.12
C SER N 1081 -1.18 -97.20 -24.41
N TYR N 1082 -1.43 -98.18 -25.28
CA TYR N 1082 -0.67 -98.33 -26.51
C TYR N 1082 -1.25 -97.52 -27.67
N ALA N 1083 -2.31 -96.75 -27.45
CA ALA N 1083 -2.96 -96.02 -28.54
C ALA N 1083 -1.96 -95.10 -29.23
N VAL N 1084 -1.96 -95.15 -30.56
CA VAL N 1084 -1.04 -94.36 -31.38
C VAL N 1084 -1.80 -93.18 -31.96
N GLN N 1085 -1.24 -91.97 -31.80
CA GLN N 1085 -1.86 -90.76 -32.31
C GLN N 1085 -1.12 -90.15 -33.49
N SER N 1086 -0.07 -90.80 -33.99
CA SER N 1086 0.66 -90.29 -35.13
C SER N 1086 1.53 -91.39 -35.71
N GLY N 1087 1.88 -91.24 -36.98
CA GLY N 1087 2.82 -92.14 -37.62
C GLY N 1087 2.15 -93.15 -38.54
N ARG N 1088 2.98 -94.04 -39.06
CA ARG N 1088 2.55 -95.14 -39.92
C ARG N 1088 2.81 -96.44 -39.20
N TRP N 1089 1.77 -97.25 -39.02
CA TRP N 1089 1.85 -98.48 -38.25
C TRP N 1089 1.25 -99.63 -39.02
N TYR N 1090 1.75 -100.83 -38.73
CA TYR N 1090 1.45 -102.04 -39.48
C TYR N 1090 1.38 -103.23 -38.53
N PHE N 1091 0.44 -104.15 -38.82
CA PHE N 1091 0.40 -105.42 -38.09
C PHE N 1091 -0.34 -106.45 -38.95
N GLU N 1092 -0.30 -107.71 -38.49
CA GLU N 1092 -0.79 -108.82 -39.30
C GLU N 1092 -1.79 -109.65 -38.50
N PHE N 1093 -2.72 -110.28 -39.20
CA PHE N 1093 -3.72 -111.15 -38.61
C PHE N 1093 -3.92 -112.36 -39.52
N GLU N 1094 -3.45 -113.52 -39.10
CA GLU N 1094 -3.61 -114.76 -39.84
C GLU N 1094 -4.92 -115.41 -39.42
N ALA N 1095 -5.76 -115.74 -40.38
CA ALA N 1095 -7.08 -116.31 -40.09
C ALA N 1095 -6.99 -117.83 -40.24
N VAL N 1096 -6.91 -118.54 -39.11
CA VAL N 1096 -6.77 -119.99 -39.18
C VAL N 1096 -8.05 -120.61 -39.72
N THR N 1097 -9.19 -120.06 -39.33
CA THR N 1097 -10.49 -120.48 -39.84
C THR N 1097 -11.00 -119.46 -40.86
N THR N 1098 -12.06 -119.85 -41.57
CA THR N 1098 -12.63 -119.02 -42.63
C THR N 1098 -14.01 -118.48 -42.25
N GLY N 1099 -14.31 -118.37 -40.97
CA GLY N 1099 -15.61 -117.92 -40.51
C GLY N 1099 -15.67 -116.43 -40.28
N GLU N 1100 -16.50 -116.04 -39.31
CA GLU N 1100 -16.75 -114.64 -39.01
C GLU N 1100 -15.60 -114.09 -38.18
N MET N 1101 -14.80 -113.21 -38.77
CA MET N 1101 -13.75 -112.53 -38.04
C MET N 1101 -13.52 -111.15 -38.64
N ARG N 1102 -13.36 -110.17 -37.77
CA ARG N 1102 -13.11 -108.79 -38.17
C ARG N 1102 -11.77 -108.36 -37.59
N VAL N 1103 -11.00 -107.60 -38.36
CA VAL N 1103 -9.69 -107.13 -37.91
C VAL N 1103 -9.50 -105.70 -38.35
N GLY N 1104 -8.94 -104.87 -37.47
CA GLY N 1104 -8.70 -103.48 -37.83
C GLY N 1104 -8.23 -102.67 -36.64
N TRP N 1105 -8.60 -101.40 -36.66
CA TRP N 1105 -8.18 -100.44 -35.65
C TRP N 1105 -9.42 -99.90 -34.94
N ALA N 1106 -9.33 -99.75 -33.62
CA ALA N 1106 -10.42 -99.25 -32.81
C ALA N 1106 -9.93 -98.15 -31.89
N ARG N 1107 -10.81 -97.19 -31.59
CA ARG N 1107 -10.47 -96.13 -30.68
C ARG N 1107 -10.41 -96.65 -29.26
N PRO N 1108 -9.71 -95.95 -28.35
CA PRO N 1108 -9.52 -96.47 -26.99
C PRO N 1108 -10.82 -96.74 -26.25
N GLU N 1109 -11.88 -95.98 -26.54
CA GLU N 1109 -13.14 -96.10 -25.80
C GLU N 1109 -14.10 -97.09 -26.47
N LEU N 1110 -13.57 -98.09 -27.17
CA LEU N 1110 -14.41 -99.08 -27.82
C LEU N 1110 -15.29 -99.78 -26.79
N ARG N 1111 -16.57 -99.96 -27.13
CA ARG N 1111 -17.52 -100.61 -26.22
C ARG N 1111 -17.53 -102.11 -26.46
N PRO N 1112 -17.52 -102.93 -25.40
CA PRO N 1112 -17.50 -104.39 -25.62
C PRO N 1112 -18.83 -104.94 -26.11
N ASP N 1113 -19.94 -104.26 -25.80
CA ASP N 1113 -21.25 -104.79 -26.15
C ASP N 1113 -21.50 -104.68 -27.66
N VAL N 1114 -20.97 -103.63 -28.29
CA VAL N 1114 -21.29 -103.34 -29.68
C VAL N 1114 -20.40 -104.16 -30.61
N GLU N 1115 -20.98 -104.61 -31.72
CA GLU N 1115 -20.21 -105.26 -32.76
C GLU N 1115 -19.16 -104.29 -33.32
N LEU N 1116 -18.00 -104.84 -33.67
CA LEU N 1116 -16.96 -104.00 -34.26
C LEU N 1116 -17.46 -103.37 -35.54
N GLY N 1117 -17.30 -102.04 -35.64
CA GLY N 1117 -17.63 -101.31 -36.84
C GLY N 1117 -19.07 -100.90 -36.96
N ALA N 1118 -19.95 -101.45 -36.13
CA ALA N 1118 -21.36 -101.03 -36.11
C ALA N 1118 -21.53 -99.63 -35.57
N ASP N 1119 -20.49 -99.05 -34.99
CA ASP N 1119 -20.51 -97.69 -34.47
C ASP N 1119 -19.32 -96.93 -35.03
N ASP N 1120 -19.10 -95.72 -34.52
CA ASP N 1120 -18.04 -94.87 -35.02
C ASP N 1120 -16.71 -95.12 -34.33
N LEU N 1121 -16.65 -96.08 -33.42
CA LEU N 1121 -15.44 -96.30 -32.62
C LEU N 1121 -14.49 -97.33 -33.22
N ALA N 1122 -14.78 -97.86 -34.41
CA ALA N 1122 -13.93 -98.89 -34.98
C ALA N 1122 -13.97 -98.85 -36.50
N TYR N 1123 -12.81 -99.08 -37.10
CA TYR N 1123 -12.67 -99.26 -38.54
C TYR N 1123 -12.06 -100.64 -38.75
N VAL N 1124 -12.85 -101.59 -39.26
CA VAL N 1124 -12.41 -102.98 -39.38
C VAL N 1124 -12.76 -103.55 -40.74
N PHE N 1125 -12.17 -104.70 -41.03
CA PHE N 1125 -12.40 -105.45 -42.26
C PHE N 1125 -12.91 -106.83 -41.89
N ASN N 1126 -13.98 -107.26 -42.57
CA ASN N 1126 -14.57 -108.59 -42.39
C ASN N 1126 -14.45 -109.35 -43.69
N GLY N 1127 -13.84 -110.53 -43.64
CA GLY N 1127 -13.57 -111.28 -44.86
C GLY N 1127 -14.27 -112.62 -44.96
N HIS N 1128 -15.24 -112.90 -44.08
CA HIS N 1128 -16.16 -113.98 -44.38
C HIS N 1128 -16.89 -113.68 -45.68
N ARG N 1129 -17.38 -112.45 -45.81
CA ARG N 1129 -17.75 -111.86 -47.09
C ARG N 1129 -17.16 -110.47 -47.12
N GLY N 1130 -16.38 -110.17 -48.17
CA GLY N 1130 -15.63 -108.93 -48.22
C GLY N 1130 -16.44 -107.71 -47.81
N GLN N 1131 -16.07 -107.10 -46.69
CA GLN N 1131 -16.80 -105.95 -46.18
C GLN N 1131 -15.86 -105.05 -45.37
N ARG N 1132 -16.12 -103.75 -45.43
CA ARG N 1132 -15.51 -102.77 -44.54
C ARG N 1132 -16.57 -102.33 -43.55
N TRP N 1133 -16.21 -102.29 -42.26
CA TRP N 1133 -17.16 -101.95 -41.21
C TRP N 1133 -16.69 -100.68 -40.50
N HIS N 1134 -17.51 -99.63 -40.61
CA HIS N 1134 -17.42 -98.43 -39.78
C HIS N 1134 -18.76 -97.72 -39.90
N LEU N 1135 -19.50 -97.64 -38.80
CA LEU N 1135 -20.84 -97.08 -38.81
C LEU N 1135 -21.71 -97.78 -39.86
N GLY N 1136 -21.56 -99.09 -39.96
CA GLY N 1136 -22.28 -99.90 -40.91
C GLY N 1136 -21.34 -100.74 -41.73
N SER N 1137 -21.87 -101.34 -42.79
CA SER N 1137 -21.11 -102.23 -43.65
C SER N 1137 -21.13 -101.74 -45.08
N GLU N 1138 -20.08 -102.08 -45.82
CA GLU N 1138 -19.97 -101.79 -47.25
C GLU N 1138 -19.08 -102.87 -47.85
N PRO N 1139 -19.44 -103.40 -49.03
CA PRO N 1139 -18.58 -104.42 -49.66
C PRO N 1139 -17.20 -103.86 -49.95
N PHE N 1140 -16.18 -104.69 -49.76
CA PHE N 1140 -14.80 -104.27 -49.96
C PHE N 1140 -13.90 -105.49 -49.89
N GLY N 1141 -12.90 -105.53 -50.76
CA GLY N 1141 -11.96 -106.62 -50.76
C GLY N 1141 -12.62 -107.92 -51.20
N ARG N 1142 -11.97 -109.03 -50.85
CA ARG N 1142 -12.45 -110.36 -51.12
C ARG N 1142 -12.29 -111.22 -49.88
N PRO N 1143 -13.08 -112.27 -49.74
CA PRO N 1143 -12.92 -113.15 -48.57
C PRO N 1143 -11.59 -113.87 -48.61
N TRP N 1144 -11.05 -114.18 -47.43
CA TRP N 1144 -9.81 -114.94 -47.32
C TRP N 1144 -10.11 -116.44 -47.36
N GLN N 1145 -9.09 -117.21 -47.70
CA GLN N 1145 -9.09 -118.65 -47.48
C GLN N 1145 -8.38 -118.95 -46.17
N SER N 1146 -8.46 -120.22 -45.74
CA SER N 1146 -7.81 -120.61 -44.50
C SER N 1146 -6.31 -120.38 -44.58
N GLY N 1147 -5.74 -119.81 -43.53
CA GLY N 1147 -4.32 -119.54 -43.45
C GLY N 1147 -3.88 -118.23 -44.05
N ASP N 1148 -4.80 -117.43 -44.60
CA ASP N 1148 -4.45 -116.16 -45.22
C ASP N 1148 -4.18 -115.09 -44.16
N VAL N 1149 -3.34 -114.13 -44.52
CA VAL N 1149 -2.88 -113.08 -43.63
C VAL N 1149 -3.46 -111.75 -44.10
N VAL N 1150 -4.09 -111.04 -43.18
CA VAL N 1150 -4.57 -109.68 -43.43
C VAL N 1150 -3.61 -108.71 -42.73
N GLY N 1151 -2.91 -107.91 -43.53
CA GLY N 1151 -2.05 -106.87 -43.01
C GLY N 1151 -2.81 -105.57 -42.94
N CYS N 1152 -2.91 -105.03 -41.72
CA CYS N 1152 -3.60 -103.77 -41.47
C CYS N 1152 -2.56 -102.67 -41.30
N MET N 1153 -2.79 -101.56 -41.99
CA MET N 1153 -1.90 -100.41 -42.00
C MET N 1153 -2.71 -99.17 -41.66
N ILE N 1154 -2.18 -98.36 -40.75
CA ILE N 1154 -2.78 -97.06 -40.42
C ILE N 1154 -1.75 -95.98 -40.68
N ASP N 1155 -2.11 -95.00 -41.51
CA ASP N 1155 -1.29 -93.83 -41.77
C ASP N 1155 -2.00 -92.63 -41.16
N LEU N 1156 -1.49 -92.13 -40.03
CA LEU N 1156 -2.12 -91.03 -39.32
C LEU N 1156 -1.64 -89.67 -39.81
N THR N 1157 -0.60 -89.62 -40.63
CA THR N 1157 -0.23 -88.40 -41.33
C THR N 1157 -1.16 -88.13 -42.52
N GLU N 1158 -1.61 -89.19 -43.19
CA GLU N 1158 -2.57 -89.09 -44.27
C GLU N 1158 -3.99 -89.37 -43.82
N ASN N 1159 -4.18 -89.88 -42.60
CA ASN N 1159 -5.50 -90.21 -42.08
C ASN N 1159 -6.19 -91.24 -42.98
N THR N 1160 -5.56 -92.40 -43.09
CA THR N 1160 -6.06 -93.46 -43.95
C THR N 1160 -5.75 -94.83 -43.35
N ILE N 1161 -6.50 -95.83 -43.80
CA ILE N 1161 -6.34 -97.22 -43.38
C ILE N 1161 -6.28 -98.08 -44.63
N ILE N 1162 -5.32 -99.01 -44.66
CA ILE N 1162 -5.10 -99.88 -45.81
C ILE N 1162 -5.11 -101.32 -45.33
N PHE N 1163 -5.70 -102.19 -46.14
CA PHE N 1163 -5.75 -103.62 -45.87
C PHE N 1163 -5.09 -104.38 -47.02
N THR N 1164 -4.31 -105.39 -46.69
CA THR N 1164 -3.59 -106.20 -47.68
C THR N 1164 -3.82 -107.66 -47.39
N LEU N 1165 -4.35 -108.40 -48.36
CA LEU N 1165 -4.58 -109.83 -48.22
C LEU N 1165 -3.48 -110.59 -48.94
N ASN N 1166 -2.70 -111.36 -48.20
CA ASN N 1166 -1.57 -112.12 -48.75
C ASN N 1166 -0.59 -111.20 -49.47
N GLY N 1167 -0.39 -110.00 -48.93
CA GLY N 1167 0.62 -109.10 -49.41
C GLY N 1167 0.19 -108.16 -50.51
N GLU N 1168 -1.00 -108.33 -51.08
CA GLU N 1168 -1.50 -107.46 -52.14
C GLU N 1168 -2.65 -106.62 -51.60
N VAL N 1169 -2.66 -105.34 -51.96
CA VAL N 1169 -3.65 -104.41 -51.40
C VAL N 1169 -5.04 -104.82 -51.83
N LEU N 1170 -5.95 -104.93 -50.86
CA LEU N 1170 -7.36 -105.09 -51.18
C LEU N 1170 -7.89 -103.78 -51.76
N MET N 1171 -8.67 -103.90 -52.83
CA MET N 1171 -9.10 -102.75 -53.61
C MET N 1171 -10.62 -102.64 -53.57
N SER N 1172 -11.10 -101.42 -53.32
CA SER N 1172 -12.52 -101.18 -53.18
C SER N 1172 -13.23 -101.41 -54.50
N ASP N 1173 -14.55 -101.60 -54.42
CA ASP N 1173 -15.34 -101.77 -55.64
C ASP N 1173 -15.22 -100.54 -56.54
N SER N 1174 -15.26 -99.34 -55.95
CA SER N 1174 -15.05 -98.13 -56.73
C SER N 1174 -13.62 -98.04 -57.23
N GLY N 1175 -12.69 -98.76 -56.61
CA GLY N 1175 -11.30 -98.78 -57.03
C GLY N 1175 -10.34 -98.00 -56.16
N SER N 1176 -10.74 -97.58 -54.97
CA SER N 1176 -9.85 -96.84 -54.08
C SER N 1176 -9.02 -97.82 -53.25
N GLU N 1177 -7.71 -97.59 -53.22
CA GLU N 1177 -6.81 -98.49 -52.48
C GLU N 1177 -7.08 -98.42 -50.99
N THR N 1178 -7.23 -97.22 -50.45
CA THR N 1178 -7.38 -97.03 -49.01
C THR N 1178 -8.81 -97.28 -48.59
N ALA N 1179 -9.00 -98.18 -47.62
CA ALA N 1179 -10.34 -98.58 -47.22
C ALA N 1179 -11.13 -97.42 -46.62
N PHE N 1180 -10.49 -96.63 -45.77
CA PHE N 1180 -11.15 -95.51 -45.12
C PHE N 1180 -10.33 -94.24 -45.31
N ARG N 1181 -11.02 -93.11 -45.37
CA ARG N 1181 -10.41 -91.82 -45.64
C ARG N 1181 -10.84 -90.81 -44.59
N ASP N 1182 -10.06 -89.73 -44.48
CA ASP N 1182 -10.37 -88.62 -43.59
C ASP N 1182 -10.58 -89.08 -42.16
N ILE N 1183 -9.63 -89.90 -41.66
CA ILE N 1183 -9.71 -90.37 -40.28
C ILE N 1183 -9.39 -89.21 -39.34
N GLU N 1184 -10.14 -89.15 -38.23
CA GLU N 1184 -9.88 -88.19 -37.17
C GLU N 1184 -9.05 -88.85 -36.09
N ILE N 1185 -7.87 -88.27 -35.83
CA ILE N 1185 -6.93 -88.91 -34.91
C ILE N 1185 -7.55 -89.06 -33.52
N GLY N 1186 -8.10 -87.98 -33.00
CA GLY N 1186 -8.74 -88.02 -31.69
C GLY N 1186 -7.82 -88.52 -30.60
N ASP N 1187 -8.22 -89.59 -29.92
CA ASP N 1187 -7.45 -90.15 -28.81
C ASP N 1187 -6.48 -91.24 -29.26
N GLY N 1188 -6.38 -91.51 -30.55
CA GLY N 1188 -5.51 -92.54 -31.07
C GLY N 1188 -6.28 -93.76 -31.54
N PHE N 1189 -5.52 -94.78 -31.94
CA PHE N 1189 -6.08 -96.02 -32.45
C PHE N 1189 -5.33 -97.21 -31.86
N LEU N 1190 -6.03 -98.35 -31.81
CA LEU N 1190 -5.51 -99.56 -31.19
C LEU N 1190 -5.81 -100.74 -32.10
N PRO N 1191 -4.89 -101.70 -32.23
CA PRO N 1191 -5.21 -102.93 -32.94
C PRO N 1191 -6.35 -103.68 -32.26
N VAL N 1192 -7.24 -104.25 -33.06
CA VAL N 1192 -8.41 -104.96 -32.55
C VAL N 1192 -8.81 -106.05 -33.52
N CYS N 1193 -9.34 -107.14 -32.96
CA CYS N 1193 -9.84 -108.26 -33.76
C CYS N 1193 -11.01 -108.90 -33.01
N SER N 1194 -12.12 -109.08 -33.71
CA SER N 1194 -13.29 -109.78 -33.19
C SER N 1194 -13.40 -111.15 -33.85
N LEU N 1195 -13.58 -112.18 -33.04
CA LEU N 1195 -13.67 -113.56 -33.50
C LEU N 1195 -15.05 -114.10 -33.16
N GLY N 1196 -15.72 -114.71 -34.13
CA GLY N 1196 -17.01 -115.31 -33.88
C GLY N 1196 -16.87 -116.67 -33.23
N PRO N 1197 -18.02 -117.30 -32.97
CA PRO N 1197 -18.00 -118.61 -32.31
C PRO N 1197 -17.26 -119.64 -33.15
N GLY N 1198 -16.28 -120.30 -32.54
CA GLY N 1198 -15.55 -121.36 -33.20
C GLY N 1198 -14.45 -120.91 -34.12
N GLN N 1199 -14.08 -119.63 -34.11
CA GLN N 1199 -13.08 -119.09 -35.02
C GLN N 1199 -11.73 -119.00 -34.32
N VAL N 1200 -10.66 -119.02 -35.11
CA VAL N 1200 -9.30 -118.95 -34.59
C VAL N 1200 -8.49 -117.96 -35.42
N GLY N 1201 -7.83 -117.04 -34.73
CA GLY N 1201 -6.97 -116.08 -35.37
C GLY N 1201 -5.60 -116.05 -34.72
N HIS N 1202 -4.68 -115.37 -35.39
CA HIS N 1202 -3.32 -115.20 -34.88
C HIS N 1202 -2.90 -113.76 -35.15
N LEU N 1203 -2.79 -112.97 -34.08
CA LEU N 1203 -2.45 -111.57 -34.17
C LEU N 1203 -0.93 -111.40 -34.02
N ASN N 1204 -0.29 -110.88 -35.05
CA ASN N 1204 1.14 -110.58 -35.01
C ASN N 1204 1.30 -109.06 -34.99
N LEU N 1205 1.67 -108.53 -33.83
CA LEU N 1205 1.84 -107.10 -33.66
C LEU N 1205 3.22 -106.62 -34.07
N GLY N 1206 4.08 -107.53 -34.54
CA GLY N 1206 5.35 -107.14 -35.11
C GLY N 1206 6.50 -106.95 -34.15
N GLN N 1207 6.43 -107.56 -32.96
CA GLN N 1207 7.55 -107.46 -32.04
C GLN N 1207 8.81 -108.10 -32.64
N ASP N 1208 8.64 -109.24 -33.31
CA ASP N 1208 9.73 -109.91 -34.03
C ASP N 1208 9.48 -109.64 -35.51
N VAL N 1209 10.22 -108.67 -36.07
CA VAL N 1209 9.99 -108.25 -37.45
C VAL N 1209 10.20 -109.42 -38.41
N SER N 1210 11.02 -110.39 -38.05
CA SER N 1210 11.24 -111.54 -38.89
C SER N 1210 10.03 -112.47 -38.92
N SER N 1211 9.14 -112.38 -37.93
CA SER N 1211 7.96 -113.23 -37.90
C SER N 1211 6.96 -112.83 -38.97
N LEU N 1212 6.85 -111.53 -39.25
CA LEU N 1212 5.91 -111.05 -40.25
C LEU N 1212 6.21 -111.69 -41.60
N ARG N 1213 5.17 -112.17 -42.28
CA ARG N 1213 5.31 -112.93 -43.51
C ARG N 1213 4.99 -112.12 -44.76
N PHE N 1214 4.52 -110.88 -44.62
CA PHE N 1214 4.21 -110.06 -45.78
C PHE N 1214 4.62 -108.60 -45.60
N PHE N 1215 5.26 -108.27 -44.48
CA PHE N 1215 5.69 -106.89 -44.25
C PHE N 1215 6.70 -106.45 -45.32
N ALA N 1216 7.64 -107.33 -45.66
CA ALA N 1216 8.63 -106.98 -46.68
C ALA N 1216 7.97 -106.74 -48.02
N ILE N 1217 7.03 -107.61 -48.40
CA ILE N 1217 6.38 -107.48 -49.71
C ILE N 1217 5.57 -106.18 -49.75
N CYS N 1218 4.81 -105.89 -48.70
CA CYS N 1218 3.98 -104.70 -48.67
C CYS N 1218 4.02 -104.07 -47.29
N GLY N 1219 4.50 -102.84 -47.21
CA GLY N 1219 4.50 -102.08 -45.97
C GLY N 1219 5.84 -101.51 -45.60
N LEU N 1220 6.91 -102.25 -45.84
CA LEU N 1220 8.25 -101.78 -45.46
C LEU N 1220 8.70 -100.64 -46.36
N GLN N 1221 8.54 -100.79 -47.67
CA GLN N 1221 9.00 -99.75 -48.59
C GLN N 1221 8.14 -98.51 -48.48
N GLU N 1222 6.84 -98.68 -48.19
CA GLU N 1222 5.95 -97.54 -48.04
C GLU N 1222 6.28 -96.71 -46.79
N GLY N 1223 7.13 -97.22 -45.90
CA GLY N 1223 7.51 -96.49 -44.71
C GLY N 1223 6.74 -96.87 -43.46
N PHE N 1224 5.94 -97.92 -43.51
CA PHE N 1224 5.17 -98.33 -42.34
C PHE N 1224 6.06 -99.07 -41.35
N GLU N 1225 5.71 -98.95 -40.07
CA GLU N 1225 6.48 -99.52 -38.98
C GLU N 1225 5.65 -100.55 -38.22
N PRO N 1226 6.22 -101.70 -37.87
CA PRO N 1226 5.45 -102.67 -37.09
C PRO N 1226 5.00 -102.06 -35.77
N PHE N 1227 3.80 -102.45 -35.33
CA PHE N 1227 3.18 -101.77 -34.20
C PHE N 1227 4.03 -101.88 -32.94
N ALA N 1228 4.59 -103.07 -32.67
CA ALA N 1228 5.34 -103.33 -31.45
C ALA N 1228 6.82 -103.58 -31.75
N ILE N 1229 7.37 -102.88 -32.74
CA ILE N 1229 8.73 -103.16 -33.19
C ILE N 1229 9.75 -102.92 -32.08
N ASN N 1230 9.62 -101.81 -31.37
CA ASN N 1230 10.62 -101.45 -30.37
C ASN N 1230 10.07 -101.59 -28.95
N MET N 1231 9.25 -102.61 -28.74
CA MET N 1231 8.77 -102.96 -27.41
C MET N 1231 9.64 -104.07 -26.86
N GLN N 1232 10.16 -103.87 -25.64
CA GLN N 1232 11.02 -104.89 -25.03
C GLN N 1232 10.20 -106.03 -24.44
N ARG N 1233 8.88 -105.82 -24.32
CA ARG N 1233 7.99 -106.86 -23.80
C ARG N 1233 6.76 -107.00 -24.70
N PRO N 1234 6.09 -108.15 -24.67
CA PRO N 1234 4.90 -108.32 -25.51
C PRO N 1234 3.80 -107.34 -25.13
N VAL N 1235 2.99 -106.97 -26.13
CA VAL N 1235 1.93 -106.00 -25.92
C VAL N 1235 0.80 -106.64 -25.13
N THR N 1236 0.35 -105.96 -24.09
CA THR N 1236 -0.78 -106.45 -23.30
C THR N 1236 -2.08 -106.34 -24.10
N THR N 1237 -3.00 -107.24 -23.83
CA THR N 1237 -4.27 -107.29 -24.54
C THR N 1237 -5.44 -107.32 -23.55
N TRP N 1238 -6.59 -106.86 -24.01
CA TRP N 1238 -7.82 -106.90 -23.25
C TRP N 1238 -8.90 -107.55 -24.11
N PHE N 1239 -9.62 -108.50 -23.52
CA PHE N 1239 -10.66 -109.24 -24.23
C PHE N 1239 -12.02 -108.98 -23.57
N SER N 1240 -13.06 -109.07 -24.39
CA SER N 1240 -14.42 -108.78 -23.95
C SER N 1240 -14.98 -110.01 -23.24
N LYS N 1241 -14.78 -110.08 -21.93
CA LYS N 1241 -15.31 -111.17 -21.13
C LYS N 1241 -16.84 -111.08 -21.11
N SER N 1242 -17.49 -112.23 -21.30
CA SER N 1242 -18.94 -112.30 -21.44
C SER N 1242 -19.66 -112.60 -20.13
N LEU N 1243 -18.96 -112.54 -19.01
CA LEU N 1243 -19.59 -112.82 -17.73
C LEU N 1243 -20.36 -111.58 -17.27
N PRO N 1244 -21.69 -111.64 -17.14
CA PRO N 1244 -22.44 -110.44 -16.75
C PRO N 1244 -22.02 -109.94 -15.37
N GLN N 1245 -21.99 -108.61 -15.22
CA GLN N 1245 -21.59 -107.98 -13.96
C GLN N 1245 -22.47 -106.78 -13.69
N PHE N 1246 -22.67 -106.47 -12.41
CA PHE N 1246 -23.46 -105.30 -12.04
C PHE N 1246 -22.60 -104.05 -12.09
N GLU N 1247 -23.08 -103.03 -12.79
CA GLU N 1247 -22.37 -101.77 -12.91
C GLU N 1247 -23.36 -100.63 -12.73
N PRO N 1248 -22.91 -99.48 -12.24
CA PRO N 1248 -23.85 -98.38 -11.98
C PRO N 1248 -24.56 -97.97 -13.26
N VAL N 1249 -25.83 -97.59 -13.11
CA VAL N 1249 -26.61 -97.19 -14.29
C VAL N 1249 -25.99 -95.93 -14.88
N PRO N 1250 -25.62 -95.92 -16.17
CA PRO N 1250 -25.00 -94.71 -16.73
C PRO N 1250 -25.91 -93.50 -16.60
N LEU N 1251 -25.30 -92.36 -16.30
CA LEU N 1251 -26.08 -91.13 -16.11
C LEU N 1251 -26.78 -90.72 -17.40
N GLU N 1252 -26.16 -91.00 -18.54
CA GLU N 1252 -26.70 -90.62 -19.85
C GLU N 1252 -27.35 -91.79 -20.57
N HIS N 1253 -27.73 -92.84 -19.85
CA HIS N 1253 -28.29 -94.01 -20.49
C HIS N 1253 -29.51 -93.62 -21.32
N PRO N 1254 -29.59 -94.04 -22.59
CA PRO N 1254 -30.67 -93.55 -23.46
C PRO N 1254 -32.07 -93.89 -22.97
N HIS N 1255 -32.25 -95.05 -22.31
CA HIS N 1255 -33.58 -95.54 -21.99
C HIS N 1255 -33.94 -95.52 -20.51
N TYR N 1256 -32.97 -95.71 -19.61
CA TYR N 1256 -33.25 -95.90 -18.19
C TYR N 1256 -32.76 -94.69 -17.41
N GLU N 1257 -33.63 -94.16 -16.54
CA GLU N 1257 -33.31 -93.03 -15.68
C GLU N 1257 -33.60 -93.41 -14.23
N VAL N 1258 -32.66 -93.07 -13.34
CA VAL N 1258 -32.81 -93.30 -11.90
C VAL N 1258 -32.84 -91.94 -11.22
N ALA N 1259 -33.88 -91.71 -10.43
CA ALA N 1259 -34.08 -90.44 -9.74
C ALA N 1259 -34.06 -90.67 -8.23
N ARG N 1260 -33.26 -89.87 -7.53
CA ARG N 1260 -33.17 -89.95 -6.07
C ARG N 1260 -34.13 -88.94 -5.47
N MET N 1261 -35.12 -89.43 -4.72
CA MET N 1261 -36.13 -88.60 -4.10
C MET N 1261 -35.89 -88.54 -2.61
N ASP N 1262 -35.93 -87.33 -2.04
CA ASP N 1262 -35.71 -87.14 -0.63
C ASP N 1262 -36.89 -87.68 0.18
N GLY N 1263 -36.65 -87.87 1.47
CA GLY N 1263 -37.69 -88.39 2.36
C GLY N 1263 -38.54 -87.29 2.95
N THR N 1264 -39.83 -87.30 2.61
CA THR N 1264 -40.78 -86.32 3.13
C THR N 1264 -41.37 -86.83 4.44
N VAL N 1265 -42.37 -86.10 4.96
CA VAL N 1265 -42.99 -86.50 6.23
C VAL N 1265 -43.68 -87.85 6.08
N ASP N 1266 -44.38 -88.07 4.97
CA ASP N 1266 -45.15 -89.27 4.76
C ASP N 1266 -44.48 -90.26 3.82
N THR N 1267 -43.29 -89.96 3.33
CA THR N 1267 -42.58 -90.87 2.44
C THR N 1267 -41.13 -91.03 2.88
N PRO N 1268 -40.54 -92.21 2.70
CA PRO N 1268 -39.13 -92.39 3.00
C PRO N 1268 -38.27 -91.99 1.82
N PRO N 1269 -36.94 -92.11 1.93
CA PRO N 1269 -36.09 -91.94 0.75
C PRO N 1269 -36.41 -93.00 -0.29
N CYS N 1270 -36.32 -92.62 -1.56
CA CYS N 1270 -36.70 -93.49 -2.66
C CYS N 1270 -35.71 -93.36 -3.80
N LEU N 1271 -35.53 -94.48 -4.51
CA LEU N 1271 -34.78 -94.52 -5.77
C LEU N 1271 -35.72 -95.07 -6.83
N ARG N 1272 -36.18 -94.21 -7.72
CA ARG N 1272 -37.21 -94.55 -8.69
C ARG N 1272 -36.58 -94.78 -10.06
N LEU N 1273 -37.04 -95.81 -10.76
CA LEU N 1273 -36.62 -96.09 -12.12
C LEU N 1273 -37.73 -95.68 -13.09
N THR N 1274 -37.35 -94.97 -14.15
CA THR N 1274 -38.29 -94.56 -15.19
C THR N 1274 -37.71 -94.92 -16.55
N HIS N 1275 -38.59 -95.29 -17.48
CA HIS N 1275 -38.20 -95.66 -18.83
C HIS N 1275 -38.31 -94.41 -19.71
N ARG N 1276 -37.16 -93.86 -20.11
CA ARG N 1276 -37.17 -92.59 -20.84
C ARG N 1276 -37.94 -92.70 -22.14
N THR N 1277 -37.67 -93.74 -22.93
CA THR N 1277 -38.18 -93.85 -24.30
C THR N 1277 -39.29 -94.88 -24.42
N TRP N 1278 -40.05 -95.11 -23.35
CA TRP N 1278 -41.13 -96.08 -23.41
C TRP N 1278 -42.26 -95.57 -24.30
N GLY N 1279 -42.91 -96.50 -25.00
CA GLY N 1279 -44.04 -96.14 -25.85
C GLY N 1279 -43.65 -95.23 -27.00
N SER N 1280 -42.53 -95.50 -27.66
CA SER N 1280 -42.08 -94.70 -28.78
C SER N 1280 -41.26 -95.58 -29.70
N GLN N 1281 -41.09 -95.11 -30.94
CA GLN N 1281 -40.26 -95.84 -31.91
C GLN N 1281 -38.83 -95.94 -31.39
N ASN N 1282 -38.19 -97.07 -31.66
CA ASN N 1282 -36.84 -97.45 -31.23
C ASN N 1282 -36.79 -97.74 -29.73
N SER N 1283 -37.93 -97.77 -29.05
CA SER N 1283 -37.93 -98.06 -27.62
C SER N 1283 -37.35 -99.44 -27.36
N LEU N 1284 -36.56 -99.55 -26.30
CA LEU N 1284 -35.93 -100.80 -25.90
C LEU N 1284 -36.70 -101.38 -24.72
N VAL N 1285 -37.16 -102.62 -24.87
CA VAL N 1285 -37.91 -103.32 -23.83
C VAL N 1285 -37.28 -104.69 -23.67
N GLU N 1286 -36.56 -104.89 -22.57
CA GLU N 1286 -35.94 -106.17 -22.27
C GLU N 1286 -35.84 -106.32 -20.75
N MET N 1287 -35.60 -107.54 -20.31
CA MET N 1287 -35.51 -107.82 -18.88
C MET N 1287 -34.39 -106.97 -18.27
N LEU N 1288 -34.65 -106.42 -17.09
CA LEU N 1288 -33.73 -105.54 -16.41
C LEU N 1288 -33.45 -106.08 -15.01
N PHE N 1289 -32.17 -106.25 -14.69
CA PHE N 1289 -31.73 -106.75 -13.40
C PHE N 1289 -31.04 -105.63 -12.65
N LEU N 1290 -31.58 -105.25 -11.50
CA LEU N 1290 -31.12 -104.11 -10.73
C LEU N 1290 -30.78 -104.55 -9.32
N ARG N 1291 -29.77 -103.92 -8.73
CA ARG N 1291 -29.44 -104.13 -7.32
C ARG N 1291 -28.97 -102.82 -6.72
N LEU N 1292 -29.05 -102.73 -5.40
CA LEU N 1292 -28.46 -101.61 -4.69
C LEU N 1292 -26.98 -101.88 -4.43
N SER N 1293 -26.16 -100.84 -4.56
CA SER N 1293 -24.71 -101.04 -4.63
C SER N 1293 -24.17 -101.68 -3.37
N LEU N 1294 -24.79 -101.43 -2.21
CA LEU N 1294 -24.18 -101.93 -0.98
C LEU N 1294 -24.93 -103.15 -0.46
N PRO N 1295 -24.23 -104.12 0.14
CA PRO N 1295 -24.91 -105.29 0.70
C PRO N 1295 -25.23 -105.16 2.18
N VAL N 1296 -26.02 -106.11 2.69
CA VAL N 1296 -26.22 -106.32 4.12
C VAL N 1296 -25.59 -107.66 4.46
N GLN N 1297 -24.80 -107.67 5.54
CA GLN N 1297 -24.05 -108.86 5.94
C GLN N 1297 -24.65 -109.43 7.22
N PHE N 1298 -24.93 -110.72 7.21
CA PHE N 1298 -25.48 -111.39 8.38
C PHE N 1298 -24.41 -111.61 9.44
N HIS N 1299 -24.83 -111.68 10.70
CA HIS N 1299 -23.89 -111.75 11.80
C HIS N 1299 -23.08 -113.03 11.75
N GLN N 1300 -21.88 -112.99 12.34
CA GLN N 1300 -21.00 -114.15 12.33
C GLN N 1300 -21.61 -115.33 13.05
N HIS N 1301 -22.26 -115.08 14.20
CA HIS N 1301 -22.88 -116.11 15.00
C HIS N 1301 -24.37 -115.84 15.11
N PHE N 1302 -25.17 -116.88 14.95
CA PHE N 1302 -26.62 -116.77 15.04
C PHE N 1302 -27.08 -117.08 16.46
N ARG N 1303 -28.16 -116.40 16.87
CA ARG N 1303 -28.73 -116.66 18.18
C ARG N 1303 -29.33 -118.06 18.23
N CYS N 1304 -29.48 -118.57 19.45
CA CYS N 1304 -30.01 -119.91 19.69
C CYS N 1304 -31.44 -119.79 20.21
N THR N 1305 -32.35 -120.49 19.57
CA THR N 1305 -33.77 -120.49 19.92
C THR N 1305 -34.26 -119.10 20.35
N ASP N 1420 -49.24 -93.03 17.78
CA ASP N 1420 -49.63 -94.02 16.78
C ASP N 1420 -48.43 -94.44 15.95
N ASN N 1421 -48.20 -95.76 15.86
CA ASN N 1421 -47.10 -96.31 15.08
C ASN N 1421 -45.77 -95.71 15.51
N ARG N 1422 -45.60 -95.55 16.82
CA ARG N 1422 -44.35 -95.04 17.39
C ARG N 1422 -43.50 -96.21 17.85
N ASP N 1423 -42.24 -96.22 17.43
CA ASP N 1423 -41.34 -97.33 17.77
C ASP N 1423 -41.02 -97.33 19.26
N ASP N 1424 -40.91 -98.53 19.82
CA ASP N 1424 -40.50 -98.65 21.21
C ASP N 1424 -39.00 -98.42 21.32
N PRO N 1425 -38.53 -97.63 22.29
CA PRO N 1425 -37.08 -97.34 22.35
C PRO N 1425 -36.23 -98.59 22.51
N GLU N 1426 -36.49 -99.40 23.54
CA GLU N 1426 -35.65 -100.57 23.78
C GLU N 1426 -35.73 -101.55 22.61
N ILE N 1427 -36.92 -101.76 22.07
CA ILE N 1427 -37.07 -102.71 20.97
C ILE N 1427 -36.31 -102.23 19.73
N ILE N 1428 -36.45 -100.95 19.39
CA ILE N 1428 -35.81 -100.46 18.17
C ILE N 1428 -34.29 -100.41 18.33
N LEU N 1429 -33.82 -100.12 19.55
CA LEU N 1429 -32.38 -100.14 19.78
C LEU N 1429 -31.80 -101.54 19.93
N ASN N 1430 -32.62 -102.55 20.21
CA ASN N 1430 -32.13 -103.91 20.38
C ASN N 1430 -32.57 -104.86 19.27
N THR N 1431 -33.20 -104.36 18.21
CA THR N 1431 -33.66 -105.21 17.13
C THR N 1431 -32.52 -105.53 16.16
N THR N 1432 -32.63 -106.69 15.50
CA THR N 1432 -31.71 -107.10 14.45
C THR N 1432 -32.42 -107.38 13.14
N THR N 1433 -33.65 -106.87 12.99
CA THR N 1433 -34.42 -107.04 11.77
C THR N 1433 -34.41 -105.75 10.98
N TYR N 1434 -34.14 -105.85 9.68
CA TYR N 1434 -34.06 -104.71 8.79
C TYR N 1434 -34.99 -104.90 7.60
N TYR N 1435 -35.54 -103.79 7.11
CA TYR N 1435 -36.64 -103.80 6.17
C TYR N 1435 -36.39 -102.83 5.02
N TYR N 1436 -36.88 -103.20 3.84
CA TYR N 1436 -36.92 -102.26 2.72
C TYR N 1436 -38.05 -102.68 1.79
N SER N 1437 -38.66 -101.72 1.10
CA SER N 1437 -39.81 -102.05 0.27
C SER N 1437 -39.53 -101.66 -1.17
N VAL N 1438 -40.32 -102.23 -2.07
CA VAL N 1438 -40.30 -101.91 -3.49
C VAL N 1438 -41.72 -101.58 -3.89
N ARG N 1439 -41.92 -100.39 -4.44
CA ARG N 1439 -43.21 -99.98 -4.99
C ARG N 1439 -43.19 -100.21 -6.49
N VAL N 1440 -44.03 -101.12 -6.95
CA VAL N 1440 -44.24 -101.34 -8.38
C VAL N 1440 -45.42 -100.50 -8.81
N PHE N 1441 -45.19 -99.57 -9.73
CA PHE N 1441 -46.20 -98.56 -10.04
C PHE N 1441 -47.35 -99.15 -10.84
N ALA N 1442 -48.50 -98.49 -10.74
CA ALA N 1442 -49.66 -98.89 -11.53
C ALA N 1442 -49.36 -98.73 -13.02
N GLY N 1443 -49.81 -99.71 -13.80
CA GLY N 1443 -49.46 -99.82 -15.19
C GLY N 1443 -48.26 -100.72 -15.46
N GLN N 1444 -47.47 -101.00 -14.44
CA GLN N 1444 -46.40 -101.98 -14.51
C GLN N 1444 -46.94 -103.31 -14.00
N GLU N 1445 -46.86 -104.34 -14.84
CA GLU N 1445 -47.49 -105.61 -14.52
C GLU N 1445 -46.79 -106.25 -13.33
N PRO N 1446 -47.50 -106.58 -12.24
CA PRO N 1446 -46.84 -107.31 -11.15
C PRO N 1446 -46.34 -108.68 -11.58
N SER N 1447 -46.90 -109.25 -12.64
CA SER N 1447 -46.43 -110.53 -13.14
C SER N 1447 -45.07 -110.43 -13.81
N CYS N 1448 -44.55 -109.22 -14.02
CA CYS N 1448 -43.28 -109.01 -14.71
C CYS N 1448 -42.21 -108.44 -13.79
N VAL N 1449 -42.38 -108.56 -12.47
CA VAL N 1449 -41.43 -107.99 -11.50
C VAL N 1449 -41.12 -109.06 -10.46
N TRP N 1450 -39.83 -109.23 -10.16
CA TRP N 1450 -39.37 -110.09 -9.09
C TRP N 1450 -38.59 -109.23 -8.09
N VAL N 1451 -38.94 -109.35 -6.81
CA VAL N 1451 -38.38 -108.51 -5.75
C VAL N 1451 -37.74 -109.41 -4.71
N GLY N 1452 -36.52 -109.08 -4.30
CA GLY N 1452 -35.84 -109.82 -3.26
C GLY N 1452 -34.38 -109.46 -3.10
N TRP N 1453 -33.52 -110.47 -2.93
CA TRP N 1453 -32.11 -110.27 -2.66
C TRP N 1453 -31.27 -111.13 -3.58
N VAL N 1454 -30.03 -110.73 -3.79
CA VAL N 1454 -29.06 -111.46 -4.61
C VAL N 1454 -27.72 -111.46 -3.89
N THR N 1455 -27.04 -112.59 -3.92
CA THR N 1455 -25.71 -112.72 -3.37
C THR N 1455 -24.68 -112.14 -4.33
N PRO N 1456 -23.44 -111.94 -3.88
CA PRO N 1456 -22.44 -111.30 -4.75
C PRO N 1456 -22.19 -112.04 -6.05
N ASP N 1457 -22.47 -113.35 -6.11
CA ASP N 1457 -22.10 -114.17 -7.24
C ASP N 1457 -23.27 -114.42 -8.20
N TYR N 1458 -24.15 -113.45 -8.38
CA TYR N 1458 -25.21 -113.55 -9.38
C TYR N 1458 -24.70 -113.02 -10.70
N HIS N 1459 -24.81 -113.84 -11.75
CA HIS N 1459 -24.33 -113.47 -13.07
C HIS N 1459 -25.26 -113.93 -14.20
N GLN N 1460 -26.55 -114.09 -13.94
CA GLN N 1460 -27.49 -114.61 -14.94
C GLN N 1460 -28.16 -113.43 -15.63
N HIS N 1461 -27.76 -113.18 -16.88
CA HIS N 1461 -28.42 -112.18 -17.73
C HIS N 1461 -29.38 -112.90 -18.66
N ASP N 1462 -30.43 -113.47 -18.06
CA ASP N 1462 -31.41 -114.28 -18.77
C ASP N 1462 -32.54 -113.40 -19.28
N MET N 1463 -32.65 -113.28 -20.60
CA MET N 1463 -33.72 -112.47 -21.19
C MET N 1463 -35.10 -113.04 -20.91
N SER N 1464 -35.20 -114.33 -20.60
CA SER N 1464 -36.45 -114.96 -20.22
C SER N 1464 -36.27 -115.54 -18.81
N PHE N 1465 -36.53 -114.72 -17.80
CA PHE N 1465 -36.23 -115.07 -16.42
C PHE N 1465 -37.51 -115.43 -15.67
N ASP N 1466 -37.46 -116.54 -14.94
CA ASP N 1466 -38.48 -116.92 -13.99
C ASP N 1466 -37.81 -117.61 -12.82
N LEU N 1467 -38.55 -117.75 -11.71
CA LEU N 1467 -37.95 -118.26 -10.49
C LEU N 1467 -37.44 -119.68 -10.64
N SER N 1468 -37.86 -120.40 -11.69
CA SER N 1468 -37.32 -121.73 -11.92
C SER N 1468 -35.89 -121.67 -12.43
N LYS N 1469 -35.50 -120.54 -13.02
CA LYS N 1469 -34.15 -120.42 -13.56
C LYS N 1469 -33.11 -120.26 -12.46
N VAL N 1470 -33.52 -119.74 -11.30
CA VAL N 1470 -32.60 -119.41 -10.21
C VAL N 1470 -31.80 -120.65 -9.82
N ARG N 1471 -30.49 -120.47 -9.62
CA ARG N 1471 -29.65 -121.56 -9.16
C ARG N 1471 -30.02 -121.96 -7.74
N ALA N 1472 -29.83 -123.24 -7.43
CA ALA N 1472 -30.11 -123.75 -6.09
C ALA N 1472 -29.57 -125.16 -5.99
N VAL N 1473 -29.00 -125.50 -4.84
CA VAL N 1473 -28.52 -126.85 -4.58
C VAL N 1473 -28.53 -127.11 -3.09
N THR N 1474 -28.80 -128.36 -2.71
CA THR N 1474 -28.84 -128.77 -1.31
C THR N 1474 -27.65 -129.66 -1.02
N VAL N 1475 -26.88 -129.31 0.00
CA VAL N 1475 -25.77 -130.11 0.49
C VAL N 1475 -26.28 -130.84 1.71
N THR N 1476 -26.23 -132.18 1.67
CA THR N 1476 -26.70 -133.01 2.77
C THR N 1476 -25.53 -133.74 3.40
N MET N 1477 -25.40 -133.59 4.72
CA MET N 1477 -24.35 -134.23 5.50
C MET N 1477 -24.99 -135.17 6.52
N GLY N 1478 -24.45 -136.39 6.61
CA GLY N 1478 -24.95 -137.36 7.55
C GLY N 1478 -23.84 -138.28 8.01
N ASP N 1479 -24.23 -139.30 8.78
CA ASP N 1479 -23.29 -140.33 9.19
C ASP N 1479 -23.41 -141.55 8.27
N GLU N 1480 -22.69 -142.61 8.63
CA GLU N 1480 -22.65 -143.79 7.77
C GLU N 1480 -24.03 -144.41 7.63
N GLN N 1481 -24.80 -144.47 8.71
CA GLN N 1481 -26.12 -145.11 8.69
C GLN N 1481 -27.21 -144.07 8.45
N GLY N 1482 -27.16 -143.46 7.28
CA GLY N 1482 -28.16 -142.47 6.92
C GLY N 1482 -28.18 -141.33 7.92
N ASN N 1483 -29.34 -141.11 8.55
CA ASN N 1483 -29.47 -140.18 9.66
C ASN N 1483 -28.81 -138.84 9.34
N VAL N 1484 -29.39 -138.15 8.36
CA VAL N 1484 -28.88 -136.87 7.90
C VAL N 1484 -28.63 -135.95 9.09
N HIS N 1485 -27.39 -135.50 9.25
CA HIS N 1485 -27.08 -134.56 10.32
C HIS N 1485 -27.56 -133.16 9.97
N SER N 1486 -27.38 -132.74 8.72
CA SER N 1486 -27.77 -131.41 8.30
C SER N 1486 -28.08 -131.41 6.81
N SER N 1487 -28.90 -130.46 6.39
CA SER N 1487 -29.24 -130.24 4.99
C SER N 1487 -29.33 -128.74 4.75
N LEU N 1488 -28.45 -128.21 3.90
CA LEU N 1488 -28.35 -126.78 3.68
C LEU N 1488 -28.67 -126.47 2.22
N LYS N 1489 -29.64 -125.58 2.00
CA LYS N 1489 -29.98 -125.11 0.67
C LYS N 1489 -29.23 -123.82 0.40
N CYS N 1490 -28.56 -123.75 -0.74
CA CYS N 1490 -27.79 -122.57 -1.13
C CYS N 1490 -28.14 -122.16 -2.54
N SER N 1491 -28.27 -120.84 -2.73
CA SER N 1491 -28.61 -120.26 -4.03
C SER N 1491 -27.97 -118.88 -4.09
N ASN N 1492 -28.15 -118.22 -5.24
CA ASN N 1492 -27.57 -116.90 -5.42
C ASN N 1492 -28.64 -115.81 -5.46
N CYS N 1493 -29.90 -116.18 -5.66
CA CYS N 1493 -30.98 -115.22 -5.78
C CYS N 1493 -32.15 -115.67 -4.91
N TYR N 1494 -32.57 -114.80 -3.99
CA TYR N 1494 -33.73 -115.03 -3.13
C TYR N 1494 -34.76 -113.98 -3.48
N MET N 1495 -35.89 -114.41 -4.03
CA MET N 1495 -36.87 -113.48 -4.56
C MET N 1495 -38.27 -114.07 -4.50
N VAL N 1496 -39.26 -113.19 -4.60
CA VAL N 1496 -40.66 -113.57 -4.68
C VAL N 1496 -41.24 -112.99 -5.96
N TRP N 1497 -41.96 -113.81 -6.72
CA TRP N 1497 -42.58 -113.34 -7.94
C TRP N 1497 -43.72 -112.39 -7.62
N GLY N 1498 -43.78 -111.27 -8.34
CA GLY N 1498 -44.86 -110.32 -8.11
C GLY N 1498 -46.21 -110.84 -8.52
N GLY N 1499 -46.24 -111.88 -9.36
CA GLY N 1499 -47.51 -112.44 -9.79
C GLY N 1499 -48.22 -113.22 -8.69
N ASP N 1500 -47.48 -113.59 -7.64
CA ASP N 1500 -48.11 -114.32 -6.53
C ASP N 1500 -49.09 -113.43 -5.78
N PHE N 1501 -48.83 -112.13 -5.74
CA PHE N 1501 -49.64 -111.19 -4.97
C PHE N 1501 -50.71 -110.50 -5.80
N VAL N 1502 -50.90 -110.90 -7.06
CA VAL N 1502 -51.97 -110.32 -7.87
C VAL N 1502 -53.27 -111.06 -7.57
N SER N 1503 -54.34 -110.30 -7.41
CA SER N 1503 -55.63 -110.91 -7.13
C SER N 1503 -56.06 -111.75 -8.34
N PRO N 1504 -56.60 -112.95 -8.11
CA PRO N 1504 -56.98 -113.79 -9.26
C PRO N 1504 -57.96 -113.11 -10.20
N GLY N 1505 -58.92 -112.37 -9.65
CA GLY N 1505 -59.81 -111.60 -10.51
C GLY N 1505 -59.10 -110.48 -11.24
N GLN N 1506 -58.12 -109.85 -10.58
CA GLN N 1506 -57.38 -108.77 -11.21
C GLN N 1506 -56.45 -109.29 -12.30
N GLN N 1507 -56.04 -110.56 -12.19
CA GLN N 1507 -55.18 -111.14 -13.22
C GLN N 1507 -55.85 -111.05 -14.58
N GLY N 1508 -55.08 -110.65 -15.58
CA GLY N 1508 -55.62 -110.35 -16.89
C GLY N 1508 -56.16 -108.94 -17.02
N ARG N 1509 -56.03 -108.12 -16.00
CA ARG N 1509 -56.52 -106.75 -16.02
C ARG N 1509 -55.45 -105.83 -15.43
N ILE N 1510 -55.56 -104.55 -15.77
CA ILE N 1510 -54.66 -103.54 -15.22
C ILE N 1510 -55.24 -103.02 -13.92
N SER N 1511 -54.39 -102.86 -12.92
CA SER N 1511 -54.80 -102.45 -11.58
C SER N 1511 -54.26 -101.05 -11.30
N HIS N 1512 -55.14 -100.16 -10.84
CA HIS N 1512 -54.71 -98.80 -10.53
C HIS N 1512 -53.88 -98.74 -9.25
N THR N 1513 -53.98 -99.77 -8.42
CA THR N 1513 -53.25 -99.77 -7.15
C THR N 1513 -51.80 -100.15 -7.38
N ASP N 1514 -50.88 -99.37 -6.80
CA ASP N 1514 -49.47 -99.72 -6.79
C ASP N 1514 -49.25 -100.89 -5.84
N LEU N 1515 -48.29 -101.74 -6.15
CA LEU N 1515 -48.03 -102.93 -5.35
C LEU N 1515 -46.75 -102.73 -4.55
N VAL N 1516 -46.85 -102.80 -3.22
CA VAL N 1516 -45.72 -102.57 -2.33
C VAL N 1516 -45.31 -103.92 -1.74
N ILE N 1517 -44.10 -104.36 -2.06
CA ILE N 1517 -43.55 -105.61 -1.57
C ILE N 1517 -42.42 -105.26 -0.61
N GLY N 1518 -42.57 -105.65 0.66
CA GLY N 1518 -41.58 -105.34 1.67
C GLY N 1518 -40.80 -106.58 2.05
N CYS N 1519 -39.48 -106.45 2.09
CA CYS N 1519 -38.56 -107.53 2.42
C CYS N 1519 -37.93 -107.25 3.77
N LEU N 1520 -37.98 -108.25 4.65
CA LEU N 1520 -37.42 -108.19 6.00
C LEU N 1520 -36.35 -109.26 6.13
N VAL N 1521 -35.23 -108.90 6.75
CA VAL N 1521 -34.14 -109.84 7.03
C VAL N 1521 -33.74 -109.70 8.49
N ASP N 1522 -33.67 -110.83 9.19
CA ASP N 1522 -33.22 -110.87 10.58
C ASP N 1522 -31.75 -111.29 10.57
N LEU N 1523 -30.86 -110.31 10.73
CA LEU N 1523 -29.43 -110.60 10.63
C LEU N 1523 -28.98 -111.57 11.70
N ALA N 1524 -29.66 -111.59 12.84
CA ALA N 1524 -29.25 -112.46 13.94
C ALA N 1524 -29.61 -113.91 13.66
N THR N 1525 -30.80 -114.17 13.13
CA THR N 1525 -31.27 -115.53 12.92
C THR N 1525 -31.17 -115.98 11.48
N GLY N 1526 -30.76 -115.12 10.55
CA GLY N 1526 -30.59 -115.52 9.17
C GLY N 1526 -31.89 -115.91 8.48
N LEU N 1527 -32.99 -115.24 8.82
CA LEU N 1527 -34.30 -115.55 8.29
C LEU N 1527 -34.80 -114.36 7.47
N MET N 1528 -35.29 -114.65 6.26
CA MET N 1528 -35.78 -113.64 5.33
C MET N 1528 -37.25 -113.89 5.06
N THR N 1529 -38.06 -112.82 5.15
CA THR N 1529 -39.50 -112.91 4.93
C THR N 1529 -39.95 -111.77 4.06
N PHE N 1530 -41.14 -111.92 3.47
CA PHE N 1530 -41.70 -110.95 2.54
C PHE N 1530 -43.16 -110.69 2.90
N THR N 1531 -43.61 -109.46 2.68
CA THR N 1531 -44.98 -109.05 2.94
C THR N 1531 -45.49 -108.22 1.78
N ALA N 1532 -46.65 -108.59 1.24
CA ALA N 1532 -47.24 -107.90 0.11
C ALA N 1532 -48.44 -107.09 0.56
N ASN N 1533 -48.40 -105.78 0.32
CA ASN N 1533 -49.49 -104.88 0.67
C ASN N 1533 -49.86 -105.02 2.14
N GLY N 1534 -48.84 -105.12 2.99
CA GLY N 1534 -49.07 -105.23 4.42
C GLY N 1534 -49.63 -106.56 4.86
N LYS N 1535 -49.49 -107.60 4.05
CA LYS N 1535 -49.97 -108.93 4.38
C LYS N 1535 -48.82 -109.91 4.24
N GLU N 1536 -48.59 -110.71 5.28
CA GLU N 1536 -47.44 -111.60 5.31
C GLU N 1536 -47.59 -112.72 4.29
N SER N 1537 -46.55 -112.92 3.49
CA SER N 1537 -46.55 -113.93 2.44
C SER N 1537 -45.88 -115.20 2.94
N ASN N 1538 -46.28 -116.34 2.36
CA ASN N 1538 -45.79 -117.63 2.83
C ASN N 1538 -44.29 -117.77 2.61
N THR N 1539 -43.77 -117.21 1.52
CA THR N 1539 -42.38 -117.42 1.16
C THR N 1539 -41.45 -116.98 2.29
N PHE N 1540 -40.48 -117.83 2.60
CA PHE N 1540 -39.45 -117.52 3.59
C PHE N 1540 -38.16 -118.20 3.17
N PHE N 1541 -37.04 -117.62 3.58
CA PHE N 1541 -35.73 -118.14 3.23
C PHE N 1541 -34.84 -118.17 4.47
N GLN N 1542 -33.87 -119.07 4.45
CA GLN N 1542 -32.88 -119.19 5.52
C GLN N 1542 -31.50 -119.15 4.90
N VAL N 1543 -30.61 -118.35 5.49
CA VAL N 1543 -29.27 -118.15 4.97
C VAL N 1543 -28.26 -118.42 6.08
N GLU N 1544 -27.07 -118.88 5.68
CA GLU N 1544 -26.01 -119.16 6.63
C GLU N 1544 -25.42 -117.86 7.16
N PRO N 1545 -24.75 -117.91 8.31
CA PRO N 1545 -24.10 -116.70 8.84
C PRO N 1545 -23.03 -116.20 7.90
N ASN N 1546 -22.75 -114.90 7.99
CA ASN N 1546 -21.73 -114.18 7.20
C ASN N 1546 -22.18 -113.95 5.76
N THR N 1547 -23.39 -114.34 5.40
CA THR N 1547 -23.86 -114.15 4.04
C THR N 1547 -24.05 -112.66 3.74
N LYS N 1548 -23.67 -112.26 2.54
CA LYS N 1548 -23.89 -110.91 2.04
C LYS N 1548 -25.03 -110.95 1.04
N LEU N 1549 -26.00 -110.06 1.20
CA LEU N 1549 -27.16 -109.99 0.31
C LEU N 1549 -27.36 -108.57 -0.17
N PHE N 1550 -27.56 -108.41 -1.47
CA PHE N 1550 -27.84 -107.11 -2.07
C PHE N 1550 -29.34 -106.99 -2.36
N PRO N 1551 -30.01 -105.91 -1.95
CA PRO N 1551 -31.38 -105.70 -2.41
C PRO N 1551 -31.40 -105.67 -3.94
N ALA N 1552 -32.41 -106.32 -4.52
CA ALA N 1552 -32.43 -106.48 -5.96
C ALA N 1552 -33.86 -106.54 -6.47
N VAL N 1553 -34.03 -106.21 -7.75
CA VAL N 1553 -35.31 -106.25 -8.43
C VAL N 1553 -35.06 -106.63 -9.89
N PHE N 1554 -35.77 -107.65 -10.36
CA PHE N 1554 -35.75 -108.04 -11.77
C PHE N 1554 -37.11 -107.72 -12.35
N VAL N 1555 -37.14 -106.92 -13.42
CA VAL N 1555 -38.39 -106.37 -13.94
C VAL N 1555 -38.33 -106.34 -15.46
N LEU N 1556 -39.45 -106.64 -16.09
CA LEU N 1556 -39.59 -106.39 -17.52
C LEU N 1556 -40.46 -105.15 -17.71
N PRO N 1557 -39.87 -103.99 -18.04
CA PRO N 1557 -40.65 -102.75 -18.03
C PRO N 1557 -41.84 -102.82 -18.99
N THR N 1558 -42.98 -102.31 -18.54
CA THR N 1558 -44.17 -102.18 -19.36
C THR N 1558 -44.86 -100.83 -19.14
N HIS N 1559 -44.14 -99.84 -18.64
CA HIS N 1559 -44.71 -98.54 -18.32
C HIS N 1559 -43.57 -97.55 -18.16
N GLN N 1560 -43.91 -96.26 -18.26
CA GLN N 1560 -42.89 -95.23 -18.07
C GLN N 1560 -42.45 -95.16 -16.61
N ASN N 1561 -43.35 -95.48 -15.68
CA ASN N 1561 -43.01 -95.59 -14.27
C ASN N 1561 -43.05 -97.06 -13.88
N VAL N 1562 -41.90 -97.59 -13.46
CA VAL N 1562 -41.77 -99.04 -13.28
C VAL N 1562 -41.74 -99.39 -11.79
N VAL N 1563 -40.67 -99.00 -11.11
CA VAL N 1563 -40.42 -99.45 -9.74
C VAL N 1563 -39.70 -98.37 -8.95
N GLN N 1564 -39.74 -98.53 -7.63
CA GLN N 1564 -39.17 -97.57 -6.69
C GLN N 1564 -38.66 -98.31 -5.46
N PHE N 1565 -37.34 -98.31 -5.27
CA PHE N 1565 -36.76 -98.79 -4.03
C PHE N 1565 -37.06 -97.78 -2.92
N GLU N 1566 -37.91 -98.17 -1.97
CA GLU N 1566 -38.23 -97.32 -0.82
C GLU N 1566 -37.42 -97.81 0.37
N LEU N 1567 -36.50 -96.96 0.84
CA LEU N 1567 -35.61 -97.31 1.94
C LEU N 1567 -36.20 -96.79 3.25
N GLY N 1568 -37.37 -97.34 3.59
CA GLY N 1568 -38.08 -96.94 4.78
C GLY N 1568 -38.03 -98.03 5.83
N LYS N 1569 -38.66 -97.75 6.96
CA LYS N 1569 -38.72 -98.67 8.08
C LYS N 1569 -40.16 -99.03 8.40
N GLN N 1570 -40.30 -100.01 9.30
CA GLN N 1570 -41.58 -100.37 9.92
C GLN N 1570 -41.44 -100.19 11.43
N LYS N 1571 -42.55 -100.37 12.14
CA LYS N 1571 -42.52 -100.22 13.58
C LYS N 1571 -41.62 -101.29 14.20
N ASN N 1572 -40.71 -100.85 15.08
CA ASN N 1572 -39.80 -101.74 15.79
C ASN N 1572 -38.84 -102.46 14.85
N ILE N 1573 -38.68 -101.97 13.61
CA ILE N 1573 -37.79 -102.57 12.64
C ILE N 1573 -36.91 -101.46 12.07
N MET N 1574 -35.59 -101.70 12.07
CA MET N 1574 -34.65 -100.69 11.66
C MET N 1574 -34.65 -100.54 10.13
N PRO N 1575 -34.26 -99.37 9.61
CA PRO N 1575 -34.14 -99.21 8.16
C PRO N 1575 -32.90 -99.92 7.62
N LEU N 1576 -32.78 -99.89 6.29
CA LEU N 1576 -31.70 -100.62 5.64
C LEU N 1576 -30.37 -99.89 5.79
N SER N 1577 -30.40 -98.56 5.93
CA SER N 1577 -29.17 -97.80 6.09
C SER N 1577 -28.45 -98.20 7.36
N ALA N 1578 -29.20 -98.49 8.43
CA ALA N 1578 -28.58 -98.91 9.68
C ALA N 1578 -27.77 -100.20 9.47
N ALA N 1579 -28.34 -101.16 8.74
CA ALA N 1579 -27.62 -102.38 8.44
C ALA N 1579 -26.40 -102.10 7.57
N MET N 1580 -26.57 -101.23 6.57
CA MET N 1580 -25.48 -101.03 5.60
C MET N 1580 -24.30 -100.29 6.20
N PHE N 1581 -24.53 -99.29 7.05
CA PHE N 1581 -23.49 -98.37 7.50
C PHE N 1581 -23.25 -98.53 8.99
N LEU N 1582 -21.97 -98.61 9.37
CA LEU N 1582 -21.61 -98.76 10.78
C LEU N 1582 -21.98 -97.52 11.58
N SER N 1583 -21.68 -96.34 11.05
CA SER N 1583 -21.88 -95.11 11.81
C SER N 1583 -23.35 -94.90 12.14
N GLU N 1584 -24.26 -95.40 11.29
CA GLU N 1584 -25.69 -95.27 11.48
C GLU N 1584 -26.31 -96.56 12.02
N ARG N 1585 -25.50 -97.40 12.66
CA ARG N 1585 -25.98 -98.71 13.10
C ARG N 1585 -27.07 -98.59 14.15
N LYS N 1586 -27.14 -97.46 14.86
CA LYS N 1586 -28.17 -97.23 15.87
C LYS N 1586 -29.04 -96.01 15.54
N ASN N 1587 -29.13 -95.64 14.26
CA ASN N 1587 -29.93 -94.50 13.85
C ASN N 1587 -31.21 -95.00 13.21
N PRO N 1588 -32.38 -94.83 13.84
CA PRO N 1588 -33.62 -95.29 13.21
C PRO N 1588 -34.11 -94.38 12.09
N ALA N 1589 -33.42 -93.29 11.81
CA ALA N 1589 -33.85 -92.39 10.74
C ALA N 1589 -33.41 -92.95 9.39
N PRO N 1590 -34.33 -93.23 8.47
CA PRO N 1590 -33.92 -93.74 7.15
C PRO N 1590 -33.02 -92.73 6.43
N GLN N 1591 -32.03 -93.26 5.71
CA GLN N 1591 -31.10 -92.45 4.95
C GLN N 1591 -30.77 -93.13 3.63
N CYS N 1592 -30.35 -92.31 2.66
CA CYS N 1592 -29.92 -92.78 1.34
C CYS N 1592 -28.64 -92.05 0.96
N PRO N 1593 -27.52 -92.42 1.55
CA PRO N 1593 -26.26 -91.71 1.28
C PRO N 1593 -25.87 -91.82 -0.18
N PRO N 1594 -24.93 -90.99 -0.65
CA PRO N 1594 -24.56 -91.03 -2.07
C PRO N 1594 -24.03 -92.37 -2.52
N ARG N 1595 -23.38 -93.14 -1.65
CA ARG N 1595 -22.83 -94.42 -2.07
C ARG N 1595 -23.95 -95.37 -2.51
N LEU N 1596 -25.07 -95.36 -1.81
CA LEU N 1596 -26.19 -96.23 -2.17
C LEU N 1596 -26.79 -95.78 -3.49
N GLU N 1597 -26.72 -96.64 -4.50
CA GLU N 1597 -27.22 -96.30 -5.82
C GLU N 1597 -27.67 -97.58 -6.53
N VAL N 1598 -28.37 -97.39 -7.64
CA VAL N 1598 -28.86 -98.52 -8.42
C VAL N 1598 -27.81 -98.94 -9.42
N GLN N 1599 -27.68 -100.26 -9.60
CA GLN N 1599 -26.71 -100.85 -10.51
C GLN N 1599 -27.43 -101.89 -11.36
N MET N 1600 -27.20 -101.84 -12.67
CA MET N 1600 -27.85 -102.73 -13.62
C MET N 1600 -26.87 -103.81 -14.07
N LEU N 1601 -27.40 -104.97 -14.42
CA LEU N 1601 -26.58 -106.05 -14.93
C LEU N 1601 -26.22 -105.80 -16.39
N MET N 1602 -24.92 -105.75 -16.68
CA MET N 1602 -24.41 -105.56 -18.02
C MET N 1602 -23.79 -106.87 -18.49
N PRO N 1603 -24.04 -107.28 -19.74
CA PRO N 1603 -23.66 -108.65 -20.14
C PRO N 1603 -22.17 -108.86 -20.35
N VAL N 1604 -21.47 -107.87 -20.89
CA VAL N 1604 -20.08 -108.02 -21.30
C VAL N 1604 -19.25 -106.90 -20.71
N SER N 1605 -17.98 -107.18 -20.41
CA SER N 1605 -17.09 -106.18 -19.85
C SER N 1605 -15.66 -106.51 -20.26
N TRP N 1606 -14.84 -105.48 -20.39
CA TRP N 1606 -13.43 -105.67 -20.72
C TRP N 1606 -12.71 -106.38 -19.57
N SER N 1607 -11.72 -107.21 -19.93
CA SER N 1607 -10.93 -107.91 -18.93
C SER N 1607 -9.52 -108.12 -19.48
N ARG N 1608 -8.52 -107.86 -18.65
CA ARG N 1608 -7.14 -107.99 -19.06
C ARG N 1608 -6.77 -109.45 -19.31
N MET N 1609 -5.92 -109.68 -20.32
CA MET N 1609 -5.43 -111.02 -20.63
C MET N 1609 -4.11 -111.26 -19.91
N PRO N 1610 -3.97 -112.31 -19.11
CA PRO N 1610 -2.69 -112.55 -18.44
C PRO N 1610 -1.56 -112.66 -19.45
N ASN N 1611 -0.39 -112.11 -19.07
CA ASN N 1611 0.75 -112.13 -19.98
C ASN N 1611 1.37 -113.52 -20.05
N HIS N 1612 1.23 -114.30 -18.98
CA HIS N 1612 1.73 -115.67 -18.95
C HIS N 1612 0.62 -116.60 -18.51
N PHE N 1613 0.60 -117.81 -19.07
CA PHE N 1613 -0.46 -118.77 -18.86
C PHE N 1613 0.12 -120.08 -18.34
N LEU N 1614 -0.66 -120.77 -17.52
CA LEU N 1614 -0.21 -122.05 -16.97
C LEU N 1614 0.00 -123.06 -18.08
N GLN N 1615 1.08 -123.82 -17.98
CA GLN N 1615 1.41 -124.87 -18.94
C GLN N 1615 0.91 -126.20 -18.41
N VAL N 1616 -0.11 -126.76 -19.08
CA VAL N 1616 -0.73 -128.01 -18.68
C VAL N 1616 -0.47 -129.05 -19.76
N ASP N 1617 0.02 -130.21 -19.36
CA ASP N 1617 0.31 -131.31 -20.27
C ASP N 1617 -0.75 -132.39 -20.09
N THR N 1618 -1.49 -132.66 -21.16
CA THR N 1618 -2.51 -133.71 -21.16
C THR N 1618 -2.10 -134.78 -22.15
N ARG N 1619 -2.05 -136.03 -21.69
CA ARG N 1619 -1.57 -137.13 -22.54
C ARG N 1619 -2.22 -138.43 -22.11
N ARG N 1620 -2.55 -139.28 -23.09
CA ARG N 1620 -3.09 -140.60 -22.79
C ARG N 1620 -1.95 -141.48 -22.29
N ALA N 1621 -1.86 -141.68 -20.97
CA ALA N 1621 -0.75 -142.44 -20.41
C ALA N 1621 -0.76 -143.87 -20.92
N GLY N 1622 -1.93 -144.49 -20.98
CA GLY N 1622 -2.05 -145.85 -21.47
C GLY N 1622 -3.47 -146.33 -21.34
N GLU N 1623 -3.71 -147.54 -21.85
CA GLU N 1623 -5.03 -148.14 -21.75
C GLU N 1623 -5.41 -148.39 -20.30
N ARG N 1624 -4.46 -148.86 -19.50
CA ARG N 1624 -4.71 -149.12 -18.09
C ARG N 1624 -4.53 -147.88 -17.21
N LEU N 1625 -3.55 -147.04 -17.55
CA LEU N 1625 -3.27 -145.86 -16.71
C LEU N 1625 -4.36 -144.81 -16.87
N GLY N 1626 -4.93 -144.67 -18.06
CA GLY N 1626 -5.93 -143.66 -18.31
C GLY N 1626 -5.36 -142.44 -18.98
N TRP N 1627 -6.02 -141.30 -18.74
CA TRP N 1627 -5.50 -140.04 -19.25
C TRP N 1627 -4.81 -139.28 -18.11
N ALA N 1628 -3.78 -138.51 -18.44
CA ALA N 1628 -2.93 -137.88 -17.45
C ALA N 1628 -2.87 -136.38 -17.68
N VAL N 1629 -2.99 -135.63 -16.58
CA VAL N 1629 -2.90 -134.18 -16.57
C VAL N 1629 -1.73 -133.84 -15.63
N GLN N 1630 -0.82 -133.01 -16.11
CA GLN N 1630 0.37 -132.62 -15.36
C GLN N 1630 0.54 -131.11 -15.41
N CYS N 1631 0.85 -130.52 -14.26
CA CYS N 1631 1.14 -129.09 -14.16
C CYS N 1631 2.20 -128.88 -13.10
N GLN N 1632 3.37 -128.38 -13.51
CA GLN N 1632 4.52 -128.32 -12.62
C GLN N 1632 5.14 -126.94 -12.47
N GLU N 1633 4.81 -125.97 -13.33
CA GLU N 1633 5.44 -124.66 -13.28
C GLU N 1633 4.53 -123.68 -12.55
N PRO N 1634 4.94 -123.11 -11.41
CA PRO N 1634 4.05 -122.24 -10.66
C PRO N 1634 3.94 -120.85 -11.28
N LEU N 1635 2.73 -120.29 -11.23
CA LEU N 1635 2.48 -118.90 -11.57
C LEU N 1635 1.64 -118.27 -10.48
N MET N 1636 1.86 -116.99 -10.23
CA MET N 1636 1.11 -116.25 -9.21
C MET N 1636 0.79 -114.86 -9.74
N MET N 1637 -0.27 -114.27 -9.20
CA MET N 1637 -0.69 -112.94 -9.57
C MET N 1637 -1.00 -112.13 -8.32
N MET N 1638 -0.87 -110.82 -8.43
CA MET N 1638 -1.24 -109.92 -7.35
C MET N 1638 -2.68 -109.48 -7.56
N ALA N 1639 -3.55 -109.88 -6.64
CA ALA N 1639 -4.99 -109.70 -6.79
C ALA N 1639 -5.43 -108.50 -5.97
N LEU N 1640 -6.17 -107.59 -6.59
CA LEU N 1640 -6.81 -106.48 -5.90
C LEU N 1640 -8.27 -106.85 -5.69
N HIS N 1641 -8.73 -106.79 -4.44
CA HIS N 1641 -9.99 -107.37 -4.02
C HIS N 1641 -10.93 -106.29 -3.53
N ILE N 1642 -12.06 -106.10 -4.23
CA ILE N 1642 -13.15 -105.27 -3.76
C ILE N 1642 -13.91 -106.08 -2.71
N PRO N 1643 -13.94 -105.64 -1.45
CA PRO N 1643 -14.58 -106.46 -0.40
C PRO N 1643 -16.09 -106.45 -0.45
N GLU N 1644 -16.72 -105.29 -0.60
CA GLU N 1644 -18.18 -105.21 -0.54
C GLU N 1644 -18.84 -105.95 -1.70
N GLU N 1645 -18.18 -106.02 -2.86
CA GLU N 1645 -18.64 -106.83 -3.97
C GLU N 1645 -18.06 -108.24 -3.90
N ASN N 1646 -17.14 -108.50 -2.97
CA ASN N 1646 -16.55 -109.81 -2.79
C ASN N 1646 -16.00 -110.35 -4.11
N ARG N 1647 -15.13 -109.56 -4.74
CA ARG N 1647 -14.53 -109.97 -6.00
C ARG N 1647 -13.10 -109.49 -6.07
N CYS N 1648 -12.35 -110.02 -7.03
CA CYS N 1648 -10.95 -109.66 -7.21
C CYS N 1648 -10.61 -109.60 -8.69
N MET N 1649 -9.62 -108.78 -9.01
CA MET N 1649 -9.07 -108.68 -10.36
C MET N 1649 -7.56 -108.61 -10.27
N ASP N 1650 -6.91 -108.61 -11.42
CA ASP N 1650 -5.47 -108.38 -11.46
C ASP N 1650 -5.18 -106.91 -11.19
N ILE N 1651 -4.23 -106.66 -10.28
CA ILE N 1651 -3.86 -105.29 -9.96
C ILE N 1651 -3.32 -104.57 -11.19
N LEU N 1652 -2.91 -105.30 -12.22
CA LEU N 1652 -2.50 -104.69 -13.47
C LEU N 1652 -3.66 -104.08 -14.23
N GLU N 1653 -4.89 -104.48 -13.91
CA GLU N 1653 -6.06 -103.88 -14.54
C GLU N 1653 -6.22 -102.41 -14.18
N LEU N 1654 -5.50 -101.95 -13.15
CA LEU N 1654 -5.56 -100.55 -12.77
C LEU N 1654 -4.87 -99.64 -13.79
N SER N 1655 -4.14 -100.22 -14.75
CA SER N 1655 -3.60 -99.42 -15.84
C SER N 1655 -4.72 -98.80 -16.68
N GLU N 1656 -5.90 -99.42 -16.65
CA GLU N 1656 -7.06 -98.88 -17.35
C GLU N 1656 -8.18 -98.49 -16.41
N ARG N 1657 -8.24 -99.10 -15.22
CA ARG N 1657 -9.18 -98.68 -14.17
C ARG N 1657 -8.52 -97.50 -13.45
N LEU N 1658 -8.82 -96.29 -13.92
CA LEU N 1658 -8.06 -95.12 -13.47
C LEU N 1658 -8.54 -94.57 -12.13
N ASP N 1659 -9.85 -94.55 -11.88
CA ASP N 1659 -10.34 -94.10 -10.58
C ASP N 1659 -9.83 -95.01 -9.46
N LEU N 1660 -9.91 -96.33 -9.67
CA LEU N 1660 -9.38 -97.27 -8.70
C LEU N 1660 -7.88 -97.10 -8.54
N GLN N 1661 -7.18 -96.78 -9.64
CA GLN N 1661 -5.75 -96.52 -9.55
C GLN N 1661 -5.46 -95.33 -8.64
N ARG N 1662 -6.20 -94.24 -8.83
CA ARG N 1662 -6.01 -93.06 -7.98
C ARG N 1662 -6.28 -93.40 -6.52
N PHE N 1663 -7.39 -94.10 -6.27
CA PHE N 1663 -7.74 -94.42 -4.89
C PHE N 1663 -6.69 -95.31 -4.24
N HIS N 1664 -6.18 -96.29 -4.98
CA HIS N 1664 -5.20 -97.21 -4.39
C HIS N 1664 -3.86 -96.51 -4.18
N SER N 1665 -3.47 -95.63 -5.10
CA SER N 1665 -2.24 -94.87 -4.90
C SER N 1665 -2.34 -93.99 -3.65
N HIS N 1666 -3.49 -93.34 -3.46
CA HIS N 1666 -3.66 -92.52 -2.27
C HIS N 1666 -3.78 -93.40 -1.02
N THR N 1667 -4.26 -94.63 -1.16
CA THR N 1667 -4.25 -95.56 -0.05
C THR N 1667 -2.83 -95.90 0.37
N LEU N 1668 -1.95 -96.13 -0.61
CA LEU N 1668 -0.54 -96.38 -0.28
C LEU N 1668 0.08 -95.14 0.36
N SER N 1669 -0.29 -93.95 -0.12
CA SER N 1669 0.17 -92.72 0.51
C SER N 1669 -0.29 -92.64 1.96
N LEU N 1670 -1.52 -93.04 2.24
CA LEU N 1670 -2.02 -93.04 3.61
C LEU N 1670 -1.29 -94.04 4.47
N TYR N 1671 -0.99 -95.22 3.94
CA TYR N 1671 -0.15 -96.17 4.65
C TYR N 1671 1.17 -95.52 5.04
N ARG N 1672 1.81 -94.87 4.08
CA ARG N 1672 3.09 -94.20 4.35
C ARG N 1672 2.93 -93.14 5.42
N SER N 1673 1.85 -92.36 5.35
CA SER N 1673 1.63 -91.31 6.34
C SER N 1673 1.45 -91.90 7.74
N VAL N 1674 0.67 -92.97 7.87
CA VAL N 1674 0.41 -93.53 9.19
C VAL N 1674 1.65 -94.18 9.78
N CYS N 1675 2.54 -94.74 8.96
CA CYS N 1675 3.80 -95.28 9.48
C CYS N 1675 4.94 -94.27 9.41
N ALA N 1676 4.64 -93.02 9.06
CA ALA N 1676 5.69 -92.04 8.80
C ALA N 1676 6.44 -91.65 10.07
N LEU N 1677 7.70 -91.27 9.88
CA LEU N 1677 8.52 -90.63 10.92
C LEU N 1677 8.60 -91.48 12.18
N GLY N 1678 8.96 -92.76 12.01
CA GLY N 1678 9.34 -93.59 13.14
C GLY N 1678 8.21 -94.26 13.89
N ASN N 1679 7.08 -94.52 13.23
CA ASN N 1679 5.99 -95.28 13.86
C ASN N 1679 6.21 -96.75 13.56
N ASN N 1680 7.14 -97.35 14.32
CA ASN N 1680 7.50 -98.75 14.09
C ASN N 1680 6.33 -99.67 14.39
N ARG N 1681 5.53 -99.34 15.41
CA ARG N 1681 4.37 -100.17 15.72
C ARG N 1681 3.37 -100.16 14.56
N VAL N 1682 3.12 -98.99 13.97
CA VAL N 1682 2.21 -98.92 12.83
C VAL N 1682 2.82 -99.63 11.62
N ALA N 1683 4.14 -99.57 11.47
CA ALA N 1683 4.78 -100.32 10.38
C ALA N 1683 4.58 -101.82 10.56
N HIS N 1684 4.74 -102.30 11.79
CA HIS N 1684 4.45 -103.71 12.07
C HIS N 1684 3.01 -104.04 11.74
N ALA N 1685 2.09 -103.15 12.10
CA ALA N 1685 0.68 -103.37 11.78
C ALA N 1685 0.47 -103.46 10.27
N LEU N 1686 1.10 -102.56 9.51
CA LEU N 1686 0.94 -102.53 8.06
C LEU N 1686 1.60 -103.72 7.36
N CYS N 1687 2.61 -104.33 7.99
CA CYS N 1687 3.22 -105.50 7.37
C CYS N 1687 2.20 -106.62 7.21
N SER N 1688 1.11 -106.59 7.97
CA SER N 1688 0.04 -107.56 7.79
C SER N 1688 -0.76 -107.27 6.52
N HIS N 1689 -1.07 -106.00 6.29
CA HIS N 1689 -1.90 -105.63 5.14
C HIS N 1689 -1.12 -105.71 3.84
N VAL N 1690 0.14 -105.31 3.85
CA VAL N 1690 1.01 -105.37 2.68
C VAL N 1690 2.22 -106.20 3.09
N ASP N 1691 2.26 -107.45 2.65
CA ASP N 1691 3.23 -108.42 3.15
C ASP N 1691 4.55 -108.31 2.37
N GLN N 1692 5.58 -108.97 2.91
CA GLN N 1692 6.90 -108.94 2.28
C GLN N 1692 6.87 -109.47 0.86
N ALA N 1693 6.18 -110.60 0.64
CA ALA N 1693 6.09 -111.14 -0.70
C ALA N 1693 5.39 -110.17 -1.64
N GLN N 1694 4.31 -109.54 -1.16
CA GLN N 1694 3.65 -108.51 -1.96
C GLN N 1694 4.62 -107.42 -2.37
N LEU N 1695 5.38 -106.90 -1.40
CA LEU N 1695 6.31 -105.82 -1.71
C LEU N 1695 7.39 -106.24 -2.68
N LEU N 1696 7.98 -107.42 -2.51
CA LEU N 1696 9.03 -107.86 -3.42
C LEU N 1696 8.49 -108.09 -4.82
N HIS N 1697 7.30 -108.70 -4.93
CA HIS N 1697 6.70 -108.92 -6.23
C HIS N 1697 6.40 -107.60 -6.92
N ALA N 1698 5.90 -106.61 -6.17
CA ALA N 1698 5.66 -105.30 -6.75
C ALA N 1698 6.97 -104.64 -7.18
N LEU N 1699 8.03 -104.79 -6.39
CA LEU N 1699 9.32 -104.22 -6.77
C LEU N 1699 9.80 -104.80 -8.09
N GLU N 1700 9.72 -106.12 -8.25
CA GLU N 1700 10.23 -106.77 -9.44
C GLU N 1700 9.25 -106.75 -10.61
N ASP N 1701 8.01 -106.31 -10.38
CA ASP N 1701 7.03 -106.26 -11.46
C ASP N 1701 7.38 -105.16 -12.45
N ALA N 1702 7.11 -105.41 -13.72
CA ALA N 1702 7.39 -104.46 -14.79
C ALA N 1702 6.14 -103.84 -15.39
N ARG N 1703 4.99 -104.49 -15.26
CA ARG N 1703 3.76 -104.00 -15.89
C ARG N 1703 2.94 -103.10 -14.99
N LEU N 1704 3.36 -102.87 -13.75
CA LEU N 1704 2.58 -102.04 -12.85
C LEU N 1704 2.50 -100.61 -13.40
N PRO N 1705 1.39 -99.90 -13.21
CA PRO N 1705 1.37 -98.48 -13.52
C PRO N 1705 2.46 -97.75 -12.75
N GLY N 1706 2.92 -96.62 -13.30
CA GLY N 1706 3.98 -95.87 -12.69
C GLY N 1706 3.66 -95.41 -11.30
N PRO N 1707 2.46 -94.83 -11.11
CA PRO N 1707 2.06 -94.42 -9.76
C PRO N 1707 2.08 -95.55 -8.75
N LEU N 1708 1.54 -96.72 -9.10
CA LEU N 1708 1.52 -97.84 -8.18
C LEU N 1708 2.91 -98.39 -7.92
N ARG N 1709 3.76 -98.47 -8.94
CA ARG N 1709 5.13 -98.93 -8.75
C ARG N 1709 5.89 -98.01 -7.80
N ALA N 1710 5.79 -96.70 -8.02
CA ALA N 1710 6.44 -95.76 -7.11
C ALA N 1710 5.87 -95.86 -5.71
N GLY N 1711 4.55 -96.00 -5.61
CA GLY N 1711 3.94 -96.13 -4.30
C GLY N 1711 4.42 -97.34 -3.55
N TYR N 1712 4.57 -98.47 -4.24
CA TYR N 1712 5.02 -99.68 -3.56
C TYR N 1712 6.49 -99.60 -3.18
N TYR N 1713 7.33 -99.01 -4.04
CA TYR N 1713 8.72 -98.81 -3.65
C TYR N 1713 8.82 -97.93 -2.41
N ASP N 1714 8.09 -96.80 -2.42
CA ASP N 1714 8.12 -95.91 -1.26
C ASP N 1714 7.51 -96.56 -0.03
N LEU N 1715 6.52 -97.43 -0.21
CA LEU N 1715 5.95 -98.15 0.93
C LEU N 1715 6.97 -99.09 1.54
N LEU N 1716 7.71 -99.83 0.70
CA LEU N 1716 8.77 -100.68 1.25
C LEU N 1716 9.78 -99.84 2.04
N ILE N 1717 10.22 -98.73 1.46
CA ILE N 1717 11.20 -97.89 2.15
C ILE N 1717 10.64 -97.39 3.48
N SER N 1718 9.39 -96.92 3.47
CA SER N 1718 8.79 -96.36 4.68
C SER N 1718 8.61 -97.43 5.75
N ILE N 1719 8.14 -98.61 5.36
CA ILE N 1719 7.85 -99.65 6.35
C ILE N 1719 9.13 -100.18 6.96
N HIS N 1720 10.14 -100.47 6.15
CA HIS N 1720 11.30 -101.22 6.63
C HIS N 1720 12.55 -100.37 6.84
N LEU N 1721 12.85 -99.44 5.93
CA LEU N 1721 14.18 -98.83 5.89
C LEU N 1721 14.22 -97.39 6.35
N GLU N 1722 13.07 -96.70 6.42
CA GLU N 1722 13.09 -95.25 6.60
C GLU N 1722 13.66 -94.86 7.95
N SER N 1723 13.27 -95.55 9.03
CA SER N 1723 13.72 -95.17 10.37
C SER N 1723 15.23 -95.37 10.51
N ALA N 1724 15.73 -96.52 10.08
CA ALA N 1724 17.17 -96.78 10.15
C ALA N 1724 17.94 -95.80 9.28
N CYS N 1725 17.42 -95.50 8.09
CA CYS N 1725 18.08 -94.52 7.23
C CYS N 1725 18.15 -93.17 7.90
N ARG N 1726 17.05 -92.74 8.53
CA ARG N 1726 17.06 -91.45 9.21
C ARG N 1726 18.07 -91.41 10.33
N SER N 1727 18.10 -92.46 11.16
CA SER N 1727 19.04 -92.48 12.28
C SER N 1727 20.48 -92.47 11.79
N ARG N 1728 20.79 -93.30 10.78
CA ARG N 1728 22.15 -93.33 10.26
C ARG N 1728 22.54 -92.00 9.61
N ARG N 1729 21.62 -91.37 8.88
CA ARG N 1729 21.92 -90.06 8.30
C ARG N 1729 22.17 -89.02 9.38
N SER N 1730 21.41 -89.06 10.47
CA SER N 1730 21.66 -88.14 11.57
C SER N 1730 23.03 -88.37 12.18
N MET N 1731 23.43 -89.64 12.32
CA MET N 1731 24.71 -89.96 12.95
C MET N 1731 25.91 -89.80 12.02
N LEU N 1732 25.71 -89.74 10.71
CA LEU N 1732 26.83 -89.63 9.78
C LEU N 1732 27.53 -88.28 9.84
N SER N 1733 26.95 -87.29 10.50
CA SER N 1733 27.54 -85.95 10.50
C SER N 1733 28.75 -85.87 11.43
N GLU N 1734 28.84 -86.78 12.38
CA GLU N 1734 29.94 -86.78 13.35
C GLU N 1734 30.90 -87.93 13.10
N TYR N 1735 32.17 -87.71 13.46
CA TYR N 1735 33.23 -88.70 13.26
C TYR N 1735 33.91 -88.95 14.60
N ILE N 1736 33.58 -90.07 15.24
CA ILE N 1736 34.23 -90.51 16.46
C ILE N 1736 35.14 -91.67 16.07
N VAL N 1737 36.44 -91.48 16.18
CA VAL N 1737 37.43 -92.42 15.66
C VAL N 1737 38.08 -93.13 16.85
N PRO N 1738 37.79 -94.40 17.09
CA PRO N 1738 38.52 -95.13 18.13
C PRO N 1738 39.96 -95.36 17.70
N LEU N 1739 40.86 -95.44 18.68
CA LEU N 1739 42.27 -95.60 18.41
C LEU N 1739 42.62 -97.07 18.25
N THR N 1740 41.90 -97.77 17.37
CA THR N 1740 42.12 -99.18 17.13
C THR N 1740 43.21 -99.39 16.09
N PRO N 1741 43.75 -100.61 16.00
CA PRO N 1741 44.75 -100.87 14.95
C PRO N 1741 44.21 -100.62 13.54
N GLU N 1742 42.92 -100.86 13.32
CA GLU N 1742 42.32 -100.55 12.04
C GLU N 1742 42.47 -99.07 11.72
N THR N 1743 42.25 -98.21 12.72
CA THR N 1743 42.43 -96.77 12.51
C THR N 1743 43.87 -96.45 12.11
N ARG N 1744 44.84 -97.05 12.80
CA ARG N 1744 46.23 -96.84 12.44
C ARG N 1744 46.51 -97.27 11.01
N ALA N 1745 45.86 -98.35 10.57
CA ALA N 1745 46.06 -98.85 9.22
C ALA N 1745 45.57 -97.90 8.14
N ILE N 1746 44.75 -96.91 8.48
CA ILE N 1746 44.18 -96.02 7.47
C ILE N 1746 45.22 -95.04 6.97
N THR N 1747 45.22 -94.81 5.66
CA THR N 1747 46.08 -93.81 5.03
C THR N 1747 45.29 -93.08 3.97
N LEU N 1748 45.69 -91.83 3.70
CA LEU N 1748 44.99 -91.02 2.70
C LEU N 1748 44.95 -91.73 1.35
N PHE N 1749 46.11 -92.16 0.86
CA PHE N 1749 46.21 -92.72 -0.47
C PHE N 1749 46.50 -94.22 -0.41
N PRO N 1750 45.93 -95.02 -1.31
CA PRO N 1750 46.20 -96.45 -1.27
C PRO N 1750 47.66 -96.73 -1.52
N PRO N 1751 48.20 -97.81 -0.94
CA PRO N 1751 49.61 -98.15 -1.19
C PRO N 1751 49.93 -98.24 -2.67
N GLY N 1752 50.79 -97.36 -3.16
CA GLY N 1752 51.11 -97.31 -4.58
C GLY N 1752 52.41 -96.57 -4.82
N ARG N 1753 52.80 -96.54 -6.10
CA ARG N 1753 54.05 -95.92 -6.52
C ARG N 1753 53.83 -94.91 -7.64
N SER N 1754 52.58 -94.61 -7.99
CA SER N 1754 52.32 -93.80 -9.17
C SER N 1754 52.94 -92.40 -9.06
N ALA N 1755 52.81 -91.78 -7.89
CA ALA N 1755 53.30 -90.43 -7.69
C ALA N 1755 53.85 -90.28 -6.28
N GLU N 1756 54.69 -89.27 -6.09
CA GLU N 1756 55.37 -89.07 -4.80
C GLU N 1756 54.36 -88.78 -3.71
N ASP N 1757 53.45 -87.84 -3.93
CA ASP N 1757 52.42 -87.49 -2.95
C ASP N 1757 51.30 -88.52 -3.00
N GLY N 1758 51.67 -89.77 -2.73
CA GLY N 1758 50.77 -90.88 -2.91
C GLY N 1758 50.43 -91.05 -4.37
N PRO N 1759 49.87 -92.20 -4.74
CA PRO N 1759 49.43 -92.38 -6.12
C PRO N 1759 48.44 -91.30 -6.52
N ARG N 1760 48.61 -90.78 -7.75
CA ARG N 1760 47.70 -89.74 -8.23
C ARG N 1760 46.26 -90.23 -8.21
N ARG N 1761 46.05 -91.53 -8.40
CA ARG N 1761 44.72 -92.10 -8.30
C ARG N 1761 44.32 -92.28 -6.83
N HIS N 1762 43.10 -91.87 -6.52
CA HIS N 1762 42.53 -92.13 -5.20
C HIS N 1762 41.98 -93.55 -5.16
N GLY N 1763 41.63 -93.99 -3.95
CA GLY N 1763 40.86 -95.20 -3.81
C GLY N 1763 39.40 -94.97 -4.17
N LEU N 1764 38.72 -96.05 -4.52
CA LEU N 1764 37.32 -95.92 -4.91
C LEU N 1764 36.51 -95.39 -3.73
N PRO N 1765 35.76 -94.29 -3.89
CA PRO N 1765 35.07 -93.71 -2.74
C PRO N 1765 34.08 -94.68 -2.12
N GLY N 1766 34.02 -94.69 -0.80
CA GLY N 1766 33.11 -95.56 -0.07
C GLY N 1766 33.60 -96.98 0.10
N VAL N 1767 34.74 -97.34 -0.49
CA VAL N 1767 35.29 -98.68 -0.42
C VAL N 1767 36.54 -98.65 0.43
N GLY N 1768 36.61 -99.54 1.43
CA GLY N 1768 37.76 -99.65 2.28
C GLY N 1768 37.35 -99.74 3.73
N VAL N 1769 38.30 -99.51 4.62
CA VAL N 1769 38.07 -99.60 6.05
C VAL N 1769 37.66 -98.23 6.58
N THR N 1770 36.53 -98.20 7.30
CA THR N 1770 36.08 -97.01 8.00
C THR N 1770 35.82 -97.38 9.44
N THR N 1771 36.50 -96.70 10.37
CA THR N 1771 36.42 -97.04 11.78
C THR N 1771 35.59 -96.06 12.59
N SER N 1772 35.05 -95.01 11.96
CA SER N 1772 34.20 -94.07 12.68
C SER N 1772 33.01 -94.81 13.27
N LEU N 1773 32.66 -94.49 14.52
CA LEU N 1773 31.61 -95.21 15.22
C LEU N 1773 30.25 -94.83 14.66
N ARG N 1774 29.48 -95.84 14.25
CA ARG N 1774 28.09 -95.70 13.88
C ARG N 1774 27.31 -96.81 14.57
N PRO N 1775 26.26 -96.50 15.33
CA PRO N 1775 25.54 -97.55 16.04
C PRO N 1775 24.87 -98.51 15.05
N PRO N 1776 24.76 -99.79 15.40
CA PRO N 1776 24.18 -100.74 14.44
C PRO N 1776 22.68 -100.53 14.27
N HIS N 1777 22.12 -101.25 13.30
CA HIS N 1777 20.69 -101.21 13.08
C HIS N 1777 20.01 -102.32 13.87
N HIS N 1778 18.79 -102.04 14.34
CA HIS N 1778 18.00 -102.98 15.12
C HIS N 1778 16.65 -103.18 14.45
N PHE N 1779 16.27 -104.43 14.23
CA PHE N 1779 15.03 -104.78 13.58
C PHE N 1779 14.36 -105.92 14.35
N SER N 1780 13.03 -105.97 14.26
CA SER N 1780 12.27 -107.01 14.93
C SER N 1780 11.47 -107.84 13.92
N PRO N 1781 11.44 -109.16 14.04
CA PRO N 1781 10.69 -109.96 13.06
C PRO N 1781 9.22 -109.59 13.06
N PRO N 1782 8.59 -109.51 11.88
CA PRO N 1782 7.14 -109.31 11.85
C PRO N 1782 6.39 -110.60 12.12
N CYS N 1783 5.82 -110.72 13.31
CA CYS N 1783 5.08 -111.91 13.72
C CYS N 1783 3.83 -111.48 14.48
N PHE N 1784 2.69 -112.05 14.09
CA PHE N 1784 1.41 -111.67 14.66
C PHE N 1784 0.75 -112.84 15.40
N VAL N 1785 1.52 -113.83 15.81
CA VAL N 1785 1.04 -114.90 16.69
C VAL N 1785 1.75 -114.90 18.03
N VAL N 1786 2.62 -113.92 18.29
CA VAL N 1786 3.30 -113.85 19.58
C VAL N 1786 2.38 -113.21 20.61
N ALA N 1787 2.61 -113.56 21.87
CA ALA N 1787 1.80 -113.04 22.96
C ALA N 1787 2.14 -111.59 23.24
N LEU N 1788 1.11 -110.75 23.34
CA LEU N 1788 1.32 -109.35 23.68
C LEU N 1788 1.75 -109.22 25.14
N PRO N 1789 2.47 -108.16 25.49
CA PRO N 1789 2.87 -107.98 26.89
C PRO N 1789 1.66 -107.96 27.80
N ALA N 1790 1.79 -108.65 28.94
CA ALA N 1790 0.69 -108.70 29.90
C ALA N 1790 0.40 -107.32 30.47
N ALA N 1791 1.44 -106.54 30.73
CA ALA N 1791 1.26 -105.19 31.24
C ALA N 1791 0.71 -104.28 30.16
N GLY N 1792 0.22 -103.11 30.59
CA GLY N 1792 -0.34 -102.17 29.66
C GLY N 1792 0.72 -101.50 28.80
N ALA N 1793 0.26 -100.73 27.83
CA ALA N 1793 1.15 -100.02 26.91
C ALA N 1793 2.04 -99.05 27.68
N THR N 1794 3.14 -98.64 27.06
CA THR N 1794 4.12 -97.74 27.66
C THR N 1794 5.03 -98.49 28.64
N GLU N 1795 4.79 -99.79 28.84
CA GLU N 1795 5.71 -100.59 29.64
C GLU N 1795 6.80 -101.20 28.78
N ALA N 1796 6.43 -101.83 27.66
CA ALA N 1796 7.42 -102.45 26.80
C ALA N 1796 8.26 -101.39 26.10
N PRO N 1797 9.49 -101.72 25.70
CA PRO N 1797 10.32 -100.76 24.99
C PRO N 1797 9.72 -100.41 23.63
N ALA N 1798 10.16 -99.28 23.10
CA ALA N 1798 9.68 -98.81 21.80
C ALA N 1798 9.89 -99.88 20.73
N ARG N 1799 8.87 -100.08 19.90
CA ARG N 1799 8.93 -101.13 18.90
C ARG N 1799 10.04 -100.85 17.89
N LEU N 1800 10.71 -101.91 17.45
CA LEU N 1800 11.73 -101.80 16.43
C LEU N 1800 11.10 -101.95 15.04
N SER N 1801 11.82 -101.45 14.03
CA SER N 1801 11.32 -101.51 12.67
C SER N 1801 11.23 -102.96 12.21
N PRO N 1802 10.27 -103.27 11.33
CA PRO N 1802 10.16 -104.64 10.82
C PRO N 1802 11.40 -105.03 10.02
N ALA N 1803 11.70 -106.33 10.06
CA ALA N 1803 12.88 -106.88 9.43
C ALA N 1803 12.54 -107.44 8.06
N ILE N 1804 13.38 -107.13 7.07
CA ILE N 1804 13.25 -107.69 5.73
C ILE N 1804 14.62 -108.23 5.33
N PRO N 1805 14.72 -109.37 4.65
CA PRO N 1805 16.03 -109.93 4.33
C PRO N 1805 16.87 -108.92 3.54
N LEU N 1806 17.89 -108.39 4.20
CA LEU N 1806 18.65 -107.30 3.60
C LEU N 1806 19.59 -107.81 2.51
N GLU N 1807 20.08 -109.05 2.65
CA GLU N 1807 20.94 -109.60 1.59
C GLU N 1807 20.16 -109.76 0.29
N ALA N 1808 19.01 -110.43 0.35
CA ALA N 1808 18.19 -110.58 -0.85
C ALA N 1808 17.77 -109.23 -1.38
N LEU N 1809 17.40 -108.30 -0.49
CA LEU N 1809 16.98 -106.98 -0.94
C LEU N 1809 18.12 -106.24 -1.63
N ARG N 1810 19.35 -106.32 -1.08
CA ARG N 1810 20.43 -105.54 -1.64
C ARG N 1810 20.90 -106.14 -2.97
N ASP N 1811 20.77 -107.45 -3.12
CA ASP N 1811 21.05 -108.07 -4.42
C ASP N 1811 20.00 -107.70 -5.46
N LYS N 1812 18.72 -107.75 -5.06
CA LYS N 1812 17.64 -107.43 -5.99
C LYS N 1812 17.74 -105.97 -6.44
N ALA N 1813 18.11 -105.07 -5.53
CA ALA N 1813 18.21 -103.66 -5.91
C ALA N 1813 19.27 -103.46 -7.00
N LEU N 1814 20.45 -104.07 -6.83
CA LEU N 1814 21.49 -103.94 -7.84
C LEU N 1814 21.06 -104.57 -9.15
N ARG N 1815 20.42 -105.74 -9.09
CA ARG N 1815 19.97 -106.38 -10.32
C ARG N 1815 18.97 -105.50 -11.06
N MET N 1816 18.01 -104.91 -10.34
CA MET N 1816 17.03 -104.04 -10.97
C MET N 1816 17.71 -102.81 -11.55
N LEU N 1817 18.68 -102.24 -10.84
CA LEU N 1817 19.35 -101.05 -11.35
C LEU N 1817 20.10 -101.37 -12.64
N GLY N 1818 20.79 -102.52 -12.69
CA GLY N 1818 21.47 -102.89 -13.92
C GLY N 1818 20.51 -103.12 -15.07
N GLU N 1819 19.40 -103.82 -14.80
CA GLU N 1819 18.40 -104.04 -15.84
C GLU N 1819 17.84 -102.73 -16.34
N ALA N 1820 17.56 -101.79 -15.43
CA ALA N 1820 17.07 -100.47 -15.83
C ALA N 1820 18.10 -99.73 -16.66
N VAL N 1821 19.37 -99.82 -16.28
CA VAL N 1821 20.43 -99.18 -17.06
C VAL N 1821 20.42 -99.69 -18.49
N ARG N 1822 20.41 -101.02 -18.65
CA ARG N 1822 20.43 -101.57 -20.00
C ARG N 1822 19.15 -101.22 -20.77
N ASP N 1823 18.00 -101.28 -20.11
CA ASP N 1823 16.74 -100.98 -20.78
C ASP N 1823 16.70 -99.52 -21.26
N GLY N 1824 17.15 -98.60 -20.41
CA GLY N 1824 17.24 -97.22 -20.84
C GLY N 1824 18.24 -97.00 -21.95
N GLY N 1825 19.35 -97.74 -21.93
CA GLY N 1825 20.27 -97.67 -23.05
C GLY N 1825 19.64 -98.08 -24.35
N GLN N 1826 18.82 -99.15 -24.32
CA GLN N 1826 18.14 -99.59 -25.53
C GLN N 1826 17.10 -98.59 -26.03
N HIS N 1827 16.51 -97.79 -25.12
CA HIS N 1827 15.48 -96.82 -25.48
C HIS N 1827 14.29 -97.51 -26.16
N ALA N 1828 13.62 -98.36 -25.39
CA ALA N 1828 12.41 -99.01 -25.86
C ALA N 1828 11.23 -98.04 -25.79
N ARG N 1829 10.14 -98.42 -26.45
CA ARG N 1829 8.95 -97.57 -26.48
C ARG N 1829 8.00 -97.85 -25.33
N ASP N 1830 8.30 -98.81 -24.47
CA ASP N 1830 7.45 -99.10 -23.31
C ASP N 1830 8.31 -99.18 -22.06
N PRO N 1831 8.78 -98.04 -21.55
CA PRO N 1831 9.61 -98.08 -20.33
C PRO N 1831 8.81 -98.60 -19.16
N VAL N 1832 9.52 -99.29 -18.25
CA VAL N 1832 8.87 -99.81 -17.06
C VAL N 1832 8.22 -98.66 -16.28
N GLY N 1833 6.94 -98.82 -15.97
CA GLY N 1833 6.19 -97.78 -15.31
C GLY N 1833 5.62 -96.72 -16.23
N GLY N 1834 5.84 -96.83 -17.54
CA GLY N 1834 5.30 -95.90 -18.50
C GLY N 1834 6.21 -94.72 -18.84
N SER N 1835 7.34 -94.58 -18.16
CA SER N 1835 8.26 -93.50 -18.47
C SER N 1835 9.61 -93.79 -17.84
N VAL N 1836 10.64 -93.10 -18.35
CA VAL N 1836 11.99 -93.27 -17.83
C VAL N 1836 12.04 -92.88 -16.35
N GLU N 1837 11.34 -91.82 -15.98
CA GLU N 1837 11.34 -91.38 -14.60
C GLU N 1837 10.77 -92.44 -13.67
N PHE N 1838 9.64 -93.04 -14.05
CA PHE N 1838 9.06 -94.11 -13.23
C PHE N 1838 9.89 -95.37 -13.28
N GLN N 1839 10.66 -95.59 -14.35
CA GLN N 1839 11.56 -96.73 -14.39
C GLN N 1839 12.72 -96.57 -13.44
N PHE N 1840 13.27 -95.36 -13.33
CA PHE N 1840 14.52 -95.14 -12.61
C PHE N 1840 14.33 -94.65 -11.18
N VAL N 1841 13.55 -93.60 -10.96
CA VAL N 1841 13.53 -92.89 -9.68
C VAL N 1841 13.30 -93.85 -8.51
N PRO N 1842 12.34 -94.78 -8.58
CA PRO N 1842 12.15 -95.70 -7.44
C PRO N 1842 13.38 -96.55 -7.15
N VAL N 1843 13.99 -97.11 -8.19
CA VAL N 1843 15.16 -97.96 -7.99
C VAL N 1843 16.31 -97.17 -7.38
N LEU N 1844 16.53 -95.95 -7.89
CA LEU N 1844 17.58 -95.11 -7.33
C LEU N 1844 17.28 -94.69 -5.90
N LYS N 1845 16.02 -94.43 -5.57
CA LYS N 1845 15.66 -94.13 -4.19
C LYS N 1845 15.99 -95.30 -3.27
N LEU N 1846 15.62 -96.52 -3.70
CA LEU N 1846 15.94 -97.70 -2.89
C LEU N 1846 17.45 -97.85 -2.72
N VAL N 1847 18.20 -97.68 -3.80
CA VAL N 1847 19.65 -97.84 -3.74
C VAL N 1847 20.27 -96.80 -2.82
N SER N 1848 19.81 -95.56 -2.92
CA SER N 1848 20.33 -94.51 -2.05
C SER N 1848 20.02 -94.79 -0.59
N THR N 1849 18.80 -95.25 -0.32
CA THR N 1849 18.44 -95.59 1.07
C THR N 1849 19.35 -96.68 1.60
N LEU N 1850 19.57 -97.72 0.80
CA LEU N 1850 20.43 -98.82 1.26
C LEU N 1850 21.86 -98.33 1.48
N LEU N 1851 22.38 -97.51 0.57
CA LEU N 1851 23.73 -96.98 0.75
C LEU N 1851 23.83 -96.17 2.03
N VAL N 1852 22.88 -95.26 2.27
CA VAL N 1852 22.94 -94.45 3.47
C VAL N 1852 22.85 -95.32 4.71
N MET N 1853 22.02 -96.37 4.66
CA MET N 1853 22.02 -97.34 5.75
C MET N 1853 23.39 -98.00 5.90
N GLY N 1854 24.16 -98.06 4.81
CA GLY N 1854 25.46 -98.69 4.83
C GLY N 1854 25.43 -100.19 4.67
N VAL N 1855 24.28 -100.75 4.25
CA VAL N 1855 24.17 -102.19 4.13
C VAL N 1855 25.06 -102.72 3.02
N PHE N 1856 25.21 -101.96 1.94
CA PHE N 1856 25.94 -102.45 0.78
C PHE N 1856 27.38 -102.77 1.14
N SER N 1857 27.87 -103.88 0.60
CA SER N 1857 29.24 -104.31 0.84
C SER N 1857 30.19 -103.65 -0.16
N ASP N 1858 31.48 -104.00 -0.06
CA ASP N 1858 32.48 -103.38 -0.93
C ASP N 1858 32.25 -103.75 -2.38
N GLU N 1859 31.96 -105.02 -2.66
CA GLU N 1859 31.69 -105.43 -4.03
C GLU N 1859 30.46 -104.73 -4.58
N ASP N 1860 29.42 -104.60 -3.77
CA ASP N 1860 28.20 -103.91 -4.20
C ASP N 1860 28.49 -102.45 -4.50
N VAL N 1861 29.28 -101.80 -3.64
CA VAL N 1861 29.64 -100.40 -3.89
C VAL N 1861 30.44 -100.28 -5.17
N LYS N 1862 31.35 -101.22 -5.43
CA LYS N 1862 32.09 -101.19 -6.69
C LYS N 1862 31.17 -101.36 -7.89
N GLN N 1863 30.18 -102.25 -7.81
CA GLN N 1863 29.23 -102.39 -8.91
C GLN N 1863 28.43 -101.11 -9.12
N ILE N 1864 28.00 -100.48 -8.02
CA ILE N 1864 27.24 -99.23 -8.14
C ILE N 1864 28.09 -98.15 -8.78
N LEU N 1865 29.36 -98.05 -8.37
CA LEU N 1865 30.25 -97.06 -8.97
C LEU N 1865 30.48 -97.34 -10.45
N LYS N 1866 30.63 -98.61 -10.83
CA LYS N 1866 30.77 -98.94 -12.24
C LYS N 1866 29.53 -98.53 -13.02
N MET N 1867 28.35 -98.77 -12.45
CA MET N 1867 27.12 -98.32 -13.10
C MET N 1867 27.11 -96.81 -13.25
N ILE N 1868 27.53 -96.09 -12.22
CA ILE N 1868 27.51 -94.62 -12.26
C ILE N 1868 28.43 -94.12 -13.37
N GLU N 1869 29.67 -94.60 -13.39
CA GLU N 1869 30.63 -94.20 -14.41
C GLU N 1869 31.66 -95.30 -14.60
N PRO N 1870 31.57 -96.08 -15.68
CA PRO N 1870 32.49 -97.22 -15.82
C PRO N 1870 33.96 -96.83 -15.86
N GLU N 1871 34.32 -95.84 -16.68
CA GLU N 1871 35.72 -95.55 -16.91
C GLU N 1871 36.41 -94.99 -15.67
N VAL N 1872 35.81 -93.99 -15.04
CA VAL N 1872 36.47 -93.31 -13.93
C VAL N 1872 36.66 -94.26 -12.75
N PHE N 1873 35.61 -94.94 -12.34
CA PHE N 1873 35.66 -95.88 -11.22
C PHE N 1873 35.93 -97.30 -11.72
N ARG N 1874 37.05 -97.44 -12.41
CA ARG N 1874 37.47 -98.70 -13.00
C ARG N 1874 38.69 -99.21 -12.25
N GLU N 1875 38.58 -100.38 -11.64
CA GLU N 1875 39.69 -100.97 -10.91
C GLU N 1875 40.79 -101.38 -11.87
N GLU N 1876 42.02 -101.02 -11.55
CA GLU N 1876 43.19 -101.37 -12.35
C GLU N 1876 42.96 -101.09 -13.83
N LEU N 1923 26.11 -101.90 -21.47
CA LEU N 1923 26.11 -100.57 -22.07
C LEU N 1923 27.28 -99.75 -21.53
N GLU N 1924 28.10 -99.23 -22.44
CA GLU N 1924 29.25 -98.43 -22.04
C GLU N 1924 28.82 -97.13 -21.37
N GLU N 1925 27.76 -96.52 -21.87
CA GLU N 1925 27.30 -95.25 -21.32
C GLU N 1925 26.90 -95.42 -19.86
N GLY N 1926 27.35 -94.49 -19.02
CA GLY N 1926 27.00 -94.51 -17.61
C GLY N 1926 25.73 -93.74 -17.31
N LEU N 1927 25.24 -93.93 -16.08
CA LEU N 1927 24.04 -93.22 -15.64
C LEU N 1927 24.23 -91.71 -15.73
N LEU N 1928 25.46 -91.24 -15.49
CA LEU N 1928 25.73 -89.80 -15.56
C LEU N 1928 25.68 -89.29 -16.99
N GLN N 1929 26.06 -90.14 -17.95
CA GLN N 1929 26.12 -89.76 -19.36
C GLN N 1929 24.91 -90.24 -20.14
N MET N 1930 23.88 -90.76 -19.46
CA MET N 1930 22.77 -91.42 -20.12
C MET N 1930 21.64 -90.47 -20.51
N LYS N 1931 21.77 -89.16 -20.30
CA LYS N 1931 20.74 -88.22 -20.74
C LYS N 1931 19.40 -88.54 -20.08
N LEU N 1932 19.31 -88.38 -18.77
CA LEU N 1932 18.15 -88.71 -17.98
C LEU N 1932 17.34 -87.47 -17.63
N PRO N 1933 16.11 -87.65 -17.17
CA PRO N 1933 15.30 -86.49 -16.76
C PRO N 1933 15.87 -85.82 -15.51
N GLU N 1934 15.16 -84.77 -15.07
CA GLU N 1934 15.69 -83.94 -13.99
C GLU N 1934 15.59 -84.64 -12.64
N SER N 1935 14.46 -85.31 -12.37
CA SER N 1935 14.32 -86.00 -11.09
C SER N 1935 15.36 -87.12 -10.95
N VAL N 1936 15.57 -87.87 -12.03
CA VAL N 1936 16.62 -88.90 -12.01
C VAL N 1936 17.97 -88.25 -11.75
N LYS N 1937 18.18 -87.05 -12.30
CA LYS N 1937 19.41 -86.31 -12.00
C LYS N 1937 19.47 -85.96 -10.52
N LEU N 1938 18.33 -85.67 -9.90
CA LEU N 1938 18.33 -85.39 -8.46
C LEU N 1938 18.75 -86.63 -7.67
N GLN N 1939 18.23 -87.80 -8.05
CA GLN N 1939 18.64 -89.03 -7.37
C GLN N 1939 20.13 -89.30 -7.56
N MET N 1940 20.63 -89.07 -8.78
CA MET N 1940 22.06 -89.23 -9.03
C MET N 1940 22.88 -88.25 -8.20
N CYS N 1941 22.36 -87.04 -8.01
CA CYS N 1941 23.02 -86.07 -7.15
C CYS N 1941 23.08 -86.57 -5.71
N HIS N 1942 22.01 -87.20 -5.24
CA HIS N 1942 22.04 -87.79 -3.90
C HIS N 1942 23.12 -88.86 -3.80
N LEU N 1943 23.22 -89.71 -4.82
CA LEU N 1943 24.27 -90.74 -4.82
C LEU N 1943 25.66 -90.11 -4.75
N LEU N 1944 25.89 -89.10 -5.58
CA LEU N 1944 27.19 -88.42 -5.58
C LEU N 1944 27.46 -87.74 -4.25
N GLU N 1945 26.42 -87.19 -3.61
CA GLU N 1945 26.59 -86.61 -2.28
C GLU N 1945 27.03 -87.66 -1.28
N TYR N 1946 26.43 -88.86 -1.33
CA TYR N 1946 26.86 -89.92 -0.44
C TYR N 1946 28.34 -90.26 -0.65
N PHE N 1947 28.76 -90.37 -1.91
CA PHE N 1947 30.15 -90.75 -2.16
C PHE N 1947 31.11 -89.65 -1.73
N CYS N 1948 30.74 -88.38 -1.94
CA CYS N 1948 31.56 -87.28 -1.47
C CYS N 1948 31.67 -87.27 0.06
N ASP N 1949 30.56 -87.55 0.75
CA ASP N 1949 30.59 -87.66 2.20
C ASP N 1949 31.52 -88.78 2.66
N GLN N 1950 31.50 -89.91 1.95
CA GLN N 1950 32.43 -90.99 2.25
C GLN N 1950 33.88 -90.57 2.07
N GLU N 1951 34.20 -89.82 1.01
CA GLU N 1951 35.56 -89.32 0.84
C GLU N 1951 35.95 -88.38 1.99
N LEU N 1952 35.02 -87.53 2.42
CA LEU N 1952 35.30 -86.65 3.55
C LEU N 1952 35.58 -87.47 4.81
N GLN N 1953 34.79 -88.51 5.05
CA GLN N 1953 35.03 -89.39 6.18
C GLN N 1953 36.42 -90.02 6.09
N HIS N 1954 36.81 -90.44 4.89
CA HIS N 1954 38.14 -91.02 4.71
C HIS N 1954 39.22 -90.01 5.08
N ARG N 1955 39.07 -88.77 4.63
CA ARG N 1955 40.06 -87.75 4.98
C ARG N 1955 40.15 -87.56 6.49
N VAL N 1956 38.99 -87.48 7.16
CA VAL N 1956 39.00 -87.25 8.60
C VAL N 1956 39.68 -88.41 9.32
N GLU N 1957 39.36 -89.65 8.91
CA GLU N 1957 39.95 -90.81 9.57
C GLU N 1957 41.45 -90.89 9.33
N SER N 1958 41.91 -90.56 8.12
CA SER N 1958 43.34 -90.55 7.86
C SER N 1958 44.04 -89.51 8.72
N LEU N 1959 43.44 -88.32 8.86
CA LEU N 1959 44.01 -87.31 9.73
C LEU N 1959 44.09 -87.80 11.17
N ALA N 1960 43.05 -88.49 11.63
CA ALA N 1960 43.06 -89.01 13.00
C ALA N 1960 44.18 -90.02 13.20
N ALA N 1961 44.37 -90.91 12.24
CA ALA N 1961 45.44 -91.91 12.36
C ALA N 1961 46.82 -91.24 12.37
N PHE N 1962 47.03 -90.27 11.47
CA PHE N 1962 48.30 -89.56 11.46
C PHE N 1962 48.51 -88.84 12.78
N ALA N 1963 47.45 -88.29 13.36
CA ALA N 1963 47.57 -87.68 14.68
C ALA N 1963 48.00 -88.70 15.72
N GLU N 1964 47.40 -89.89 15.68
CA GLU N 1964 47.80 -90.95 16.60
C GLU N 1964 49.30 -91.19 16.54
N CYS N 1965 49.84 -91.35 15.34
CA CYS N 1965 51.28 -91.63 15.24
C CYS N 1965 52.12 -90.41 15.64
N TYR N 1966 51.79 -89.24 15.12
CA TYR N 1966 52.65 -88.07 15.29
C TYR N 1966 52.68 -87.61 16.74
N VAL N 1967 51.54 -87.66 17.42
CA VAL N 1967 51.51 -87.22 18.81
C VAL N 1967 52.33 -88.17 19.68
N ASP N 1968 52.30 -89.47 19.39
CA ASP N 1968 53.16 -90.40 20.11
C ASP N 1968 54.63 -90.05 19.89
N LYS N 1969 55.00 -89.75 18.64
CA LYS N 1969 56.39 -89.34 18.39
C LYS N 1969 56.75 -88.10 19.21
N MET N 1970 55.87 -87.09 19.19
CA MET N 1970 56.15 -85.85 19.92
C MET N 1970 56.28 -86.11 21.41
N GLN N 1971 55.39 -86.93 21.97
CA GLN N 1971 55.44 -87.22 23.40
C GLN N 1971 56.73 -87.93 23.78
N GLY N 1972 57.17 -88.90 22.97
CA GLY N 1972 58.42 -89.56 23.25
C GLY N 1972 59.60 -88.60 23.22
N ASN N 1973 59.67 -87.76 22.18
CA ASN N 1973 60.77 -86.82 22.11
C ASN N 1973 60.71 -85.81 23.26
N GLN N 1974 59.49 -85.45 23.69
CA GLN N 1974 59.33 -84.56 24.82
C GLN N 1974 59.86 -85.19 26.11
N ARG N 1975 59.57 -86.47 26.31
CA ARG N 1975 60.18 -87.20 27.42
C ARG N 1975 61.70 -87.13 27.36
N GLY N 1976 62.27 -87.38 26.18
CA GLY N 1976 63.71 -87.34 26.05
C GLY N 1976 64.30 -85.97 26.38
N ARG N 1977 63.64 -84.92 25.87
CA ARG N 1977 64.12 -83.57 26.10
C ARG N 1977 64.04 -83.19 27.58
N TYR N 1978 62.95 -83.54 28.26
CA TYR N 1978 62.90 -83.32 29.70
C TYR N 1978 63.98 -84.11 30.43
N GLY N 1979 64.23 -85.34 30.01
CA GLY N 1979 65.33 -86.09 30.61
C GLY N 1979 66.64 -85.34 30.53
N LEU N 1980 67.01 -84.86 29.34
CA LEU N 1980 68.25 -84.11 29.20
C LEU N 1980 68.22 -82.82 30.01
N LEU N 1981 67.10 -82.10 29.98
CA LEU N 1981 67.02 -80.81 30.65
C LEU N 1981 67.16 -80.96 32.16
N MET N 1982 66.68 -82.09 32.71
CA MET N 1982 66.82 -82.39 34.17
C MET N 1982 68.24 -82.92 34.42
N LYS N 1983 68.86 -83.58 33.43
CA LYS N 1983 70.27 -84.06 33.54
C LYS N 1983 71.16 -82.83 33.52
N ALA N 1984 70.64 -81.67 33.14
CA ALA N 1984 71.37 -80.38 33.15
C ALA N 1984 71.36 -79.90 34.60
N PHE N 1985 72.51 -79.68 35.23
CA PHE N 1985 72.60 -79.31 36.65
C PHE N 1985 72.67 -77.79 36.80
N THR N 1986 71.59 -77.14 36.36
CA THR N 1986 71.42 -75.69 36.53
C THR N 1986 72.71 -74.92 36.25
N MET N 1987 73.42 -75.30 35.18
CA MET N 1987 74.67 -74.62 34.86
C MET N 1987 74.43 -73.14 34.59
N SER N 1988 73.38 -72.81 33.85
CA SER N 1988 73.04 -71.43 33.53
C SER N 1988 71.54 -71.26 33.70
N ALA N 1989 71.14 -70.54 34.76
CA ALA N 1989 69.71 -70.35 35.01
C ALA N 1989 69.03 -69.64 33.85
N ALA N 1990 69.72 -68.69 33.23
CA ALA N 1990 69.11 -67.94 32.13
C ALA N 1990 68.61 -68.85 31.03
N GLU N 1991 69.25 -69.99 30.83
CA GLU N 1991 68.82 -70.96 29.83
C GLU N 1991 67.96 -72.08 30.42
N THR N 1992 68.24 -72.48 31.66
CA THR N 1992 67.42 -73.51 32.30
C THR N 1992 65.97 -73.05 32.43
N ALA N 1993 65.75 -71.84 32.95
CA ALA N 1993 64.39 -71.32 33.06
C ALA N 1993 63.77 -71.11 31.68
N ARG N 1994 64.57 -70.67 30.71
CA ARG N 1994 64.04 -70.45 29.36
C ARG N 1994 63.52 -71.76 28.78
N ARG N 1995 64.27 -72.86 28.97
CA ARG N 1995 63.81 -74.15 28.47
C ARG N 1995 62.64 -74.70 29.27
N THR N 1996 62.64 -74.47 30.58
CA THR N 1996 61.62 -75.08 31.44
C THR N 1996 60.30 -74.33 31.42
N ARG N 1997 60.30 -73.07 30.96
CA ARG N 1997 59.03 -72.38 30.79
C ARG N 1997 58.14 -73.09 29.78
N GLU N 1998 58.74 -73.62 28.71
CA GLU N 1998 58.02 -74.48 27.79
C GLU N 1998 57.16 -75.49 28.54
N PHE N 1999 57.78 -76.31 29.38
CA PHE N 1999 57.07 -77.39 30.04
C PHE N 1999 56.18 -76.90 31.17
N ARG N 2000 56.47 -75.74 31.74
CA ARG N 2000 55.54 -75.11 32.67
C ARG N 2000 54.29 -74.58 31.99
N SER N 2001 54.33 -74.34 30.69
CA SER N 2001 53.16 -73.88 29.97
C SER N 2001 52.13 -75.00 29.86
N PRO N 2002 50.85 -74.67 29.68
CA PRO N 2002 49.80 -75.69 29.60
C PRO N 2002 49.98 -76.57 28.38
N PRO N 2003 49.46 -77.80 28.40
CA PRO N 2003 49.71 -78.73 27.28
C PRO N 2003 49.22 -78.23 25.93
N GLN N 2004 48.10 -77.51 25.89
CA GLN N 2004 47.61 -77.01 24.59
C GLN N 2004 48.61 -76.03 23.99
N GLU N 2005 49.11 -75.09 24.78
CA GLU N 2005 50.14 -74.18 24.30
C GLU N 2005 51.44 -74.90 24.00
N GLN N 2006 51.75 -75.97 24.75
CA GLN N 2006 52.92 -76.79 24.42
C GLN N 2006 52.79 -77.36 23.01
N ILE N 2007 51.64 -77.95 22.70
CA ILE N 2007 51.42 -78.50 21.37
C ILE N 2007 51.47 -77.41 20.31
N ASN N 2008 50.87 -76.25 20.58
CA ASN N 2008 50.93 -75.15 19.63
C ASN N 2008 52.36 -74.73 19.34
N MET N 2009 53.16 -74.53 20.40
CA MET N 2009 54.54 -74.11 20.21
C MET N 2009 55.32 -75.17 19.44
N LEU N 2010 55.14 -76.44 19.79
CA LEU N 2010 55.84 -77.51 19.09
C LEU N 2010 55.46 -77.53 17.62
N LEU N 2011 54.17 -77.35 17.32
CA LEU N 2011 53.69 -77.45 15.96
C LEU N 2011 54.02 -76.22 15.13
N HIS N 2012 54.35 -75.10 15.76
CA HIS N 2012 54.57 -73.85 15.04
C HIS N 2012 55.91 -73.85 14.29
N PHE N 2013 55.98 -74.57 13.17
CA PHE N 2013 57.15 -74.51 12.30
C PHE N 2013 56.76 -74.53 10.83
N LYS N 2014 55.54 -74.12 10.50
CA LYS N 2014 55.08 -74.20 9.11
C LYS N 2014 55.90 -73.30 8.20
N ASN N 2015 56.16 -72.06 8.63
CA ASN N 2015 56.91 -71.11 7.82
C ASN N 2015 58.41 -71.20 8.04
N GLY N 2016 58.88 -72.08 8.92
CA GLY N 2016 60.29 -72.22 9.20
C GLY N 2016 60.67 -71.65 10.54
N ALA N 2017 61.33 -72.46 11.36
CA ALA N 2017 61.76 -72.01 12.68
C ALA N 2017 63.00 -72.80 13.08
N ASP N 2018 63.83 -72.18 13.90
CA ASP N 2018 65.06 -72.81 14.36
C ASP N 2018 64.80 -73.68 15.59
N GLU N 2019 65.84 -74.40 16.01
CA GLU N 2019 65.69 -75.35 17.10
C GLU N 2019 65.29 -74.64 18.40
N GLU N 2020 65.89 -73.49 18.67
CA GLU N 2020 65.62 -72.81 19.94
C GLU N 2020 64.15 -72.46 20.09
N GLU N 2021 63.55 -71.88 19.05
CA GLU N 2021 62.12 -71.55 19.10
C GLU N 2021 61.26 -72.81 19.04
N CYS N 2022 61.56 -73.73 18.13
CA CYS N 2022 60.80 -74.97 18.02
C CYS N 2022 61.72 -76.16 18.26
N PRO N 2023 61.59 -76.85 19.40
CA PRO N 2023 62.52 -77.96 19.68
C PRO N 2023 62.42 -79.12 18.70
N LEU N 2024 61.32 -79.26 17.95
CA LEU N 2024 61.11 -80.44 17.15
C LEU N 2024 62.26 -80.66 16.16
N PRO N 2025 62.82 -81.87 16.07
CA PRO N 2025 63.88 -82.11 15.09
C PRO N 2025 63.36 -82.15 13.67
N GLU N 2026 64.28 -82.02 12.73
CA GLU N 2026 63.91 -82.06 11.31
C GLU N 2026 63.29 -83.39 10.93
N GLU N 2027 63.73 -84.48 11.58
CA GLU N 2027 63.16 -85.79 11.27
C GLU N 2027 61.67 -85.82 11.57
N ILE N 2028 61.26 -85.30 12.73
CA ILE N 2028 59.84 -85.24 13.06
C ILE N 2028 59.13 -84.22 12.18
N ARG N 2029 59.77 -83.09 11.90
CA ARG N 2029 59.14 -82.07 11.08
C ARG N 2029 58.80 -82.59 9.68
N GLN N 2030 59.70 -83.40 9.10
CA GLN N 2030 59.50 -83.88 7.75
C GLN N 2030 58.27 -84.76 7.65
N GLU N 2031 57.96 -85.53 8.69
CA GLU N 2031 56.75 -86.35 8.68
C GLU N 2031 55.52 -85.49 8.49
N LEU N 2032 55.40 -84.42 9.27
CA LEU N 2032 54.26 -83.53 9.15
C LEU N 2032 54.25 -82.84 7.79
N VAL N 2033 55.41 -82.42 7.30
CA VAL N 2033 55.44 -81.75 6.00
C VAL N 2033 54.94 -82.69 4.92
N ASN N 2034 55.41 -83.94 4.94
CA ASN N 2034 54.98 -84.92 3.94
C ASN N 2034 53.48 -85.19 4.04
N PHE N 2035 52.98 -85.34 5.28
CA PHE N 2035 51.55 -85.59 5.43
C PHE N 2035 50.72 -84.42 4.96
N HIS N 2036 51.17 -83.19 5.23
CA HIS N 2036 50.45 -82.02 4.77
C HIS N 2036 50.42 -81.95 3.25
N GLN N 2037 51.56 -82.24 2.61
CA GLN N 2037 51.57 -82.29 1.15
C GLN N 2037 50.61 -83.35 0.63
N ASP N 2038 50.59 -84.52 1.29
CA ASP N 2038 49.67 -85.58 0.86
C ASP N 2038 48.22 -85.16 1.02
N LEU N 2039 47.89 -84.48 2.12
CA LEU N 2039 46.52 -84.02 2.33
C LEU N 2039 46.12 -83.00 1.28
N LEU N 2040 47.01 -82.05 0.98
CA LEU N 2040 46.72 -81.06 -0.05
C LEU N 2040 46.53 -81.72 -1.41
N ALA N 2041 47.36 -82.71 -1.73
CA ALA N 2041 47.20 -83.44 -2.98
C ALA N 2041 45.88 -84.18 -3.03
N HIS N 2042 45.49 -84.81 -1.92
CA HIS N 2042 44.21 -85.52 -1.87
C HIS N 2042 43.06 -84.55 -2.09
N CYS N 2043 43.11 -83.38 -1.46
CA CYS N 2043 42.03 -82.40 -1.63
C CYS N 2043 42.13 -81.63 -2.95
N GLY N 2044 43.22 -81.79 -3.69
CA GLY N 2044 43.34 -81.19 -5.01
C GLY N 2044 43.89 -79.79 -5.05
N ILE N 2045 44.18 -79.17 -3.92
CA ILE N 2045 44.73 -77.81 -3.89
C ILE N 2045 46.17 -77.80 -4.36
N GLN N 2046 46.79 -78.98 -4.41
CA GLN N 2046 48.18 -79.10 -4.85
C GLN N 2046 48.20 -79.28 -6.37
N LEU N 2047 48.75 -78.29 -7.07
CA LEU N 2047 48.84 -78.32 -8.51
C LEU N 2047 50.29 -78.35 -8.96
N GLU N 2089 41.60 -82.39 -17.03
CA GLU N 2089 41.95 -83.25 -18.16
C GLU N 2089 40.71 -83.57 -18.99
N HIS N 2090 40.92 -84.05 -20.22
CA HIS N 2090 39.79 -84.35 -21.09
C HIS N 2090 38.91 -85.44 -20.50
N LYS N 2091 39.50 -86.40 -19.79
CA LYS N 2091 38.70 -87.32 -18.97
C LYS N 2091 38.82 -86.95 -17.50
N PRO N 2092 37.76 -87.17 -16.70
CA PRO N 2092 37.84 -86.75 -15.29
C PRO N 2092 38.99 -87.36 -14.51
N GLN N 2093 39.05 -88.70 -14.46
CA GLN N 2093 40.09 -89.46 -13.78
C GLN N 2093 39.96 -89.43 -12.26
N SER N 2094 38.94 -88.77 -11.72
CA SER N 2094 38.75 -88.72 -10.27
C SER N 2094 37.31 -88.35 -9.97
N LEU N 2095 36.90 -88.61 -8.72
CA LEU N 2095 35.53 -88.32 -8.32
C LEU N 2095 35.27 -86.82 -8.34
N GLN N 2096 36.22 -86.01 -7.85
CA GLN N 2096 36.01 -84.56 -7.82
C GLN N 2096 35.87 -84.01 -9.23
N GLU N 2097 36.78 -84.40 -10.13
CA GLU N 2097 36.71 -83.94 -11.51
C GLU N 2097 35.42 -84.41 -12.17
N LEU N 2098 35.03 -85.67 -11.92
CA LEU N 2098 33.80 -86.18 -12.51
C LEU N 2098 32.59 -85.39 -12.04
N VAL N 2099 32.51 -85.09 -10.75
CA VAL N 2099 31.35 -84.38 -10.22
C VAL N 2099 31.32 -82.96 -10.78
N SER N 2100 32.45 -82.27 -10.77
CA SER N 2100 32.48 -80.90 -11.31
C SER N 2100 32.10 -80.89 -12.78
N HIS N 2101 32.69 -81.78 -13.57
CA HIS N 2101 32.39 -81.82 -15.00
C HIS N 2101 30.92 -82.13 -15.23
N THR N 2102 30.37 -83.09 -14.50
CA THR N 2102 28.98 -83.47 -14.70
C THR N 2102 28.03 -82.32 -14.36
N VAL N 2103 28.27 -81.65 -13.23
CA VAL N 2103 27.40 -80.55 -12.82
C VAL N 2103 27.46 -79.43 -13.85
N VAL N 2104 28.67 -79.05 -14.26
CA VAL N 2104 28.81 -77.96 -15.22
C VAL N 2104 28.18 -78.35 -16.54
N ARG N 2105 28.34 -79.61 -16.96
CA ARG N 2105 27.77 -80.05 -18.24
C ARG N 2105 26.25 -80.04 -18.20
N TRP N 2106 25.67 -80.48 -17.08
CA TRP N 2106 24.21 -80.44 -16.95
C TRP N 2106 23.71 -79.00 -17.04
N ALA N 2107 24.32 -78.10 -16.27
CA ALA N 2107 23.91 -76.71 -16.29
C ALA N 2107 24.06 -76.10 -17.69
N GLN N 2108 25.15 -76.42 -18.38
CA GLN N 2108 25.35 -75.92 -19.73
C GLN N 2108 24.30 -76.46 -20.69
N GLU N 2109 24.02 -77.77 -20.61
CA GLU N 2109 23.12 -78.40 -21.56
C GLU N 2109 21.70 -77.89 -21.40
N ASP N 2110 21.22 -77.78 -20.17
CA ASP N 2110 19.81 -77.45 -19.97
C ASP N 2110 19.66 -76.35 -18.92
N PHE N 2111 18.60 -75.58 -19.08
CA PHE N 2111 18.18 -74.59 -18.08
C PHE N 2111 17.36 -75.31 -17.03
N VAL N 2112 18.02 -75.71 -15.94
CA VAL N 2112 17.37 -76.57 -14.95
C VAL N 2112 16.18 -75.84 -14.35
N GLN N 2113 15.02 -76.50 -14.35
CA GLN N 2113 13.78 -75.92 -13.85
C GLN N 2113 13.42 -76.44 -12.46
N SER N 2114 14.29 -77.25 -11.85
CA SER N 2114 14.00 -77.83 -10.55
C SER N 2114 14.83 -77.14 -9.48
N PRO N 2115 14.23 -76.37 -8.57
CA PRO N 2115 15.05 -75.66 -7.57
C PRO N 2115 15.89 -76.59 -6.70
N GLU N 2116 15.33 -77.72 -6.26
CA GLU N 2116 16.09 -78.65 -5.43
C GLU N 2116 17.23 -79.28 -6.23
N LEU N 2117 16.99 -79.57 -7.51
CA LEU N 2117 18.06 -80.08 -8.36
C LEU N 2117 19.18 -79.05 -8.47
N VAL N 2118 18.82 -77.79 -8.69
CA VAL N 2118 19.85 -76.74 -8.82
C VAL N 2118 20.64 -76.63 -7.52
N ARG N 2119 19.96 -76.63 -6.38
CA ARG N 2119 20.64 -76.53 -5.10
C ARG N 2119 21.59 -77.70 -4.89
N ALA N 2120 21.14 -78.93 -5.18
CA ALA N 2120 22.02 -80.08 -5.02
C ALA N 2120 23.23 -80.00 -5.94
N MET N 2121 23.01 -79.64 -7.21
CA MET N 2121 24.10 -79.49 -8.15
C MET N 2121 25.14 -78.52 -7.63
N PHE N 2122 24.71 -77.33 -7.20
CA PHE N 2122 25.68 -76.31 -6.84
C PHE N 2122 26.32 -76.59 -5.48
N SER N 2123 25.60 -77.24 -4.57
CA SER N 2123 26.23 -77.69 -3.33
C SER N 2123 27.34 -78.69 -3.62
N LEU N 2124 27.07 -79.65 -4.51
CA LEU N 2124 28.10 -80.60 -4.89
C LEU N 2124 29.29 -79.90 -5.53
N LEU N 2125 29.02 -78.96 -6.44
CA LEU N 2125 30.10 -78.24 -7.11
C LEU N 2125 30.96 -77.46 -6.12
N HIS N 2126 30.32 -76.78 -5.18
CA HIS N 2126 31.06 -76.05 -4.17
C HIS N 2126 31.90 -76.98 -3.30
N ARG N 2127 31.34 -78.13 -2.91
CA ARG N 2127 32.13 -79.08 -2.13
C ARG N 2127 33.35 -79.55 -2.91
N GLN N 2128 33.16 -79.85 -4.21
CA GLN N 2128 34.30 -80.31 -4.99
C GLN N 2128 35.36 -79.23 -5.13
N TYR N 2129 34.95 -77.98 -5.34
CA TYR N 2129 35.93 -76.92 -5.50
C TYR N 2129 36.65 -76.57 -4.20
N ASP N 2130 35.93 -76.51 -3.08
CA ASP N 2130 36.54 -76.17 -1.81
C ASP N 2130 36.80 -77.41 -0.97
N GLY N 2131 37.82 -78.19 -1.33
CA GLY N 2131 38.15 -79.38 -0.57
C GLY N 2131 38.62 -79.09 0.85
N LEU N 2132 39.51 -78.11 1.03
CA LEU N 2132 39.99 -77.80 2.36
C LEU N 2132 38.90 -77.14 3.21
N GLY N 2133 38.01 -76.37 2.59
CA GLY N 2133 36.92 -75.80 3.34
C GLY N 2133 36.01 -76.84 3.96
N GLU N 2134 35.67 -77.89 3.21
CA GLU N 2134 34.81 -78.93 3.74
C GLU N 2134 35.47 -79.67 4.90
N LEU N 2135 36.75 -80.02 4.75
CA LEU N 2135 37.45 -80.68 5.84
C LEU N 2135 37.58 -79.77 7.05
N LEU N 2136 37.85 -78.48 6.82
CA LEU N 2136 37.95 -77.53 7.91
C LEU N 2136 36.64 -77.43 8.68
N ARG N 2137 35.52 -77.42 7.96
CA ARG N 2137 34.23 -77.33 8.63
C ARG N 2137 33.85 -78.65 9.30
N ALA N 2138 34.35 -79.76 8.77
CA ALA N 2138 34.01 -81.07 9.34
C ALA N 2138 34.81 -81.37 10.61
N LEU N 2139 36.07 -80.94 10.67
CA LEU N 2139 36.91 -81.31 11.81
C LEU N 2139 36.29 -80.95 13.15
N PRO N 2140 35.65 -79.79 13.34
CA PRO N 2140 35.02 -79.50 14.64
C PRO N 2140 34.19 -80.64 15.21
N ARG N 2141 33.69 -81.52 14.33
CA ARG N 2141 32.87 -82.65 14.74
C ARG N 2141 33.66 -83.95 14.82
N ALA N 2142 34.99 -83.88 14.74
CA ALA N 2142 35.83 -85.06 14.80
C ALA N 2142 36.39 -85.24 16.21
N TYR N 2143 36.26 -86.44 16.74
CA TYR N 2143 36.73 -86.75 18.09
C TYR N 2143 37.38 -88.13 18.07
N THR N 2144 38.35 -88.32 18.97
CA THR N 2144 39.07 -89.57 19.11
C THR N 2144 38.94 -90.06 20.54
N ILE N 2145 38.68 -91.36 20.70
CA ILE N 2145 38.45 -91.96 22.01
C ILE N 2145 39.26 -93.23 22.13
N SER N 2146 39.63 -93.58 23.36
CA SER N 2146 40.37 -94.79 23.60
C SER N 2146 39.52 -96.02 23.29
N VAL N 2147 40.20 -97.15 23.09
CA VAL N 2147 39.50 -98.38 22.70
C VAL N 2147 38.55 -98.82 23.80
N SER N 2148 38.88 -98.54 25.06
CA SER N 2148 38.05 -99.01 26.17
C SER N 2148 36.71 -98.30 26.21
N SER N 2149 36.67 -97.04 25.75
CA SER N 2149 35.45 -96.25 25.84
C SER N 2149 34.45 -96.57 24.73
N VAL N 2150 34.77 -97.51 23.83
CA VAL N 2150 33.97 -97.71 22.63
C VAL N 2150 32.56 -98.18 23.00
N GLU N 2151 32.45 -99.12 23.94
CA GLU N 2151 31.14 -99.67 24.28
C GLU N 2151 30.22 -98.60 24.85
N ASP N 2152 30.71 -97.85 25.84
CA ASP N 2152 29.89 -96.80 26.44
C ASP N 2152 29.57 -95.71 25.44
N THR N 2153 30.53 -95.38 24.57
CA THR N 2153 30.27 -94.38 23.54
C THR N 2153 29.18 -94.84 22.58
N MET N 2154 29.19 -96.12 22.21
CA MET N 2154 28.13 -96.64 21.34
C MET N 2154 26.77 -96.60 22.02
N SER N 2155 26.72 -96.96 23.30
CA SER N 2155 25.45 -96.87 24.03
C SER N 2155 24.96 -95.44 24.08
N LEU N 2156 25.87 -94.49 24.33
CA LEU N 2156 25.49 -93.09 24.37
C LEU N 2156 25.01 -92.62 23.00
N LEU N 2157 25.65 -93.09 21.94
CA LEU N 2157 25.19 -92.76 20.60
C LEU N 2157 23.79 -93.29 20.35
N GLU N 2158 23.49 -94.50 20.82
CA GLU N 2158 22.12 -95.01 20.72
C GLU N 2158 21.12 -94.11 21.43
N CYS N 2159 21.42 -93.73 22.67
CA CYS N 2159 20.51 -92.84 23.40
C CYS N 2159 20.35 -91.50 22.69
N LEU N 2160 21.45 -90.93 22.20
CA LEU N 2160 21.38 -89.66 21.50
C LEU N 2160 20.56 -89.78 20.22
N GLY N 2161 20.70 -90.90 19.51
CA GLY N 2161 19.88 -91.12 18.34
C GLY N 2161 18.41 -91.19 18.68
N GLN N 2162 18.07 -91.85 19.79
CA GLN N 2162 16.69 -91.84 20.26
C GLN N 2162 16.20 -90.41 20.48
N ILE N 2163 16.96 -89.63 21.24
CA ILE N 2163 16.54 -88.27 21.55
C ILE N 2163 16.36 -87.46 20.28
N ARG N 2164 17.30 -87.61 19.33
CA ARG N 2164 17.19 -86.90 18.06
C ARG N 2164 15.93 -87.32 17.30
N SER N 2165 15.63 -88.62 17.31
CA SER N 2165 14.43 -89.11 16.62
C SER N 2165 13.17 -88.49 17.21
N LEU N 2166 13.16 -88.24 18.52
CA LEU N 2166 11.98 -87.62 19.12
C LEU N 2166 11.82 -86.14 18.76
N LEU N 2167 12.77 -85.55 18.04
CA LEU N 2167 12.59 -84.16 17.62
C LEU N 2167 11.47 -83.97 16.60
N ILE N 2168 11.06 -85.04 15.91
CA ILE N 2168 10.15 -84.92 14.78
C ILE N 2168 8.77 -85.46 15.05
N VAL N 2169 8.40 -85.64 16.32
CA VAL N 2169 7.11 -86.20 16.70
C VAL N 2169 6.53 -85.37 17.84
N GLN N 2170 5.22 -85.11 17.78
CA GLN N 2170 4.55 -84.44 18.87
C GLN N 2170 4.63 -85.30 20.12
N MET N 2171 4.99 -84.67 21.25
CA MET N 2171 5.26 -85.43 22.46
C MET N 2171 4.00 -86.08 23.00
N GLY N 2172 4.13 -87.35 23.39
CA GLY N 2172 3.06 -88.10 24.00
C GLY N 2172 3.56 -88.87 25.20
N PRO N 2173 2.73 -89.79 25.72
CA PRO N 2173 3.19 -90.58 26.88
C PRO N 2173 4.37 -91.48 26.58
N GLN N 2174 4.30 -92.25 25.49
CA GLN N 2174 5.39 -93.14 25.13
C GLN N 2174 6.68 -92.35 24.89
N GLU N 2175 6.57 -91.24 24.17
CA GLU N 2175 7.74 -90.43 23.87
C GLU N 2175 8.30 -89.81 25.15
N GLU N 2176 7.44 -89.39 26.07
CA GLU N 2176 7.90 -88.85 27.34
C GLU N 2176 8.69 -89.90 28.12
N ASN N 2177 8.15 -91.11 28.20
CA ASN N 2177 8.86 -92.17 28.92
C ASN N 2177 10.20 -92.49 28.25
N LEU N 2178 10.20 -92.56 26.92
CA LEU N 2178 11.44 -92.84 26.19
C LEU N 2178 12.48 -91.74 26.43
N MET N 2179 12.03 -90.49 26.41
CA MET N 2179 12.94 -89.37 26.61
C MET N 2179 13.53 -89.41 28.02
N ILE N 2180 12.69 -89.70 29.02
CA ILE N 2180 13.18 -89.80 30.39
C ILE N 2180 14.21 -90.90 30.51
N GLN N 2181 13.93 -92.08 29.93
CA GLN N 2181 14.87 -93.18 30.02
C GLN N 2181 16.19 -92.84 29.33
N SER N 2182 16.11 -92.20 28.16
CA SER N 2182 17.34 -91.83 27.44
C SER N 2182 18.18 -90.86 28.26
N ILE N 2183 17.54 -89.85 28.84
CA ILE N 2183 18.30 -88.88 29.64
C ILE N 2183 18.91 -89.55 30.86
N GLY N 2184 18.15 -90.44 31.52
CA GLY N 2184 18.70 -91.15 32.66
C GLY N 2184 19.92 -91.97 32.31
N ASN N 2185 19.84 -92.72 31.21
CA ASN N 2185 20.99 -93.52 30.78
C ASN N 2185 22.17 -92.63 30.41
N ILE N 2186 21.92 -91.53 29.71
CA ILE N 2186 23.01 -90.64 29.32
C ILE N 2186 23.70 -90.08 30.55
N MET N 2187 22.93 -89.64 31.54
CA MET N 2187 23.55 -89.14 32.77
C MET N 2187 24.32 -90.22 33.50
N ASN N 2188 23.83 -91.47 33.46
CA ASN N 2188 24.52 -92.55 34.15
C ASN N 2188 25.84 -92.90 33.45
N ASN N 2189 25.90 -92.71 32.13
CA ASN N 2189 27.06 -93.16 31.37
C ASN N 2189 28.29 -92.33 31.71
N LYS N 2190 29.46 -92.98 31.65
CA LYS N 2190 30.71 -92.32 32.04
C LYS N 2190 31.19 -91.32 31.00
N VAL N 2191 30.96 -91.60 29.72
CA VAL N 2191 31.48 -90.74 28.66
C VAL N 2191 30.96 -89.32 28.83
N PHE N 2192 29.74 -89.19 29.36
CA PHE N 2192 29.16 -87.87 29.61
C PHE N 2192 30.03 -87.05 30.57
N TYR N 2193 30.85 -87.72 31.37
CA TYR N 2193 31.73 -87.01 32.29
C TYR N 2193 33.15 -86.94 31.77
N GLN N 2194 33.63 -88.03 31.18
CA GLN N 2194 35.02 -88.08 30.73
C GLN N 2194 35.25 -87.27 29.47
N HIS N 2195 34.21 -87.00 28.67
CA HIS N 2195 34.40 -86.31 27.41
C HIS N 2195 33.30 -85.27 27.18
N PRO N 2196 33.26 -84.20 27.97
CA PRO N 2196 32.27 -83.14 27.71
C PRO N 2196 32.42 -82.48 26.35
N ASN N 2197 33.65 -82.35 25.85
CA ASN N 2197 33.87 -81.79 24.53
C ASN N 2197 33.19 -82.60 23.43
N LEU N 2198 33.27 -83.94 23.51
CA LEU N 2198 32.52 -84.77 22.58
C LEU N 2198 31.04 -84.43 22.62
N MET N 2199 30.50 -84.15 23.80
CA MET N 2199 29.08 -83.87 23.92
C MET N 2199 28.72 -82.52 23.31
N ARG N 2200 29.53 -81.49 23.58
CA ARG N 2200 29.31 -80.21 22.92
C ARG N 2200 29.40 -80.33 21.41
N ALA N 2201 30.32 -81.15 20.92
CA ALA N 2201 30.42 -81.37 19.48
C ALA N 2201 29.18 -82.06 18.96
N LEU N 2202 28.67 -83.05 19.70
CA LEU N 2202 27.49 -83.78 19.26
C LEU N 2202 26.25 -82.89 19.27
N GLY N 2203 26.25 -81.84 20.09
CA GLY N 2203 25.11 -80.95 20.17
C GLY N 2203 23.98 -81.46 21.03
N MET N 2204 24.24 -82.42 21.91
CA MET N 2204 23.21 -83.00 22.77
C MET N 2204 22.46 -81.93 23.56
N HIS N 2205 23.19 -80.93 24.08
CA HIS N 2205 22.53 -79.88 24.85
C HIS N 2205 21.47 -79.16 24.03
N GLU N 2206 21.80 -78.79 22.79
CA GLU N 2206 20.83 -78.13 21.94
C GLU N 2206 19.64 -79.01 21.60
N THR N 2207 19.86 -80.30 21.35
CA THR N 2207 18.75 -81.20 21.07
C THR N 2207 17.79 -81.27 22.26
N VAL N 2208 18.34 -81.44 23.47
CA VAL N 2208 17.49 -81.51 24.65
C VAL N 2208 16.73 -80.21 24.84
N MET N 2209 17.42 -79.07 24.65
CA MET N 2209 16.77 -77.78 24.81
C MET N 2209 15.65 -77.60 23.79
N GLU N 2210 15.87 -78.04 22.55
CA GLU N 2210 14.82 -77.91 21.54
C GLU N 2210 13.61 -78.76 21.89
N VAL N 2211 13.83 -79.98 22.37
CA VAL N 2211 12.69 -80.79 22.81
C VAL N 2211 11.93 -80.09 23.93
N MET N 2212 12.68 -79.57 24.92
CA MET N 2212 12.08 -78.91 26.06
C MET N 2212 11.24 -77.72 25.62
N VAL N 2213 11.81 -76.85 24.77
CA VAL N 2213 11.11 -75.64 24.37
C VAL N 2213 9.92 -75.95 23.50
N ASN N 2214 10.05 -76.96 22.61
CA ASN N 2214 8.90 -77.37 21.82
C ASN N 2214 7.73 -77.76 22.72
N VAL N 2215 7.98 -78.63 23.70
CA VAL N 2215 6.89 -79.08 24.55
C VAL N 2215 6.36 -77.92 25.40
N LEU N 2216 7.26 -77.06 25.89
CA LEU N 2216 6.81 -75.91 26.68
C LEU N 2216 5.89 -75.00 25.87
N GLY N 2217 6.27 -74.69 24.63
CA GLY N 2217 5.46 -73.86 23.77
C GLY N 2217 4.13 -74.51 23.46
N GLY N 2218 4.13 -75.84 23.32
CA GLY N 2218 2.88 -76.53 23.09
C GLY N 2218 1.88 -76.27 24.20
N GLY N 2219 0.69 -75.81 23.82
CA GLY N 2219 -0.36 -75.55 24.79
C GLY N 2219 0.01 -74.50 25.83
N GLU N 2220 0.55 -73.37 25.38
CA GLU N 2220 0.99 -72.34 26.33
C GLU N 2220 -0.17 -71.83 27.18
N SER N 2221 -1.30 -71.51 26.56
CA SER N 2221 -2.42 -70.93 27.30
C SER N 2221 -2.98 -71.93 28.31
N LYS N 2222 -3.11 -73.20 27.90
CA LYS N 2222 -3.72 -74.20 28.78
C LYS N 2222 -2.81 -74.54 29.95
N GLU N 2223 -1.69 -75.21 29.68
CA GLU N 2223 -0.74 -75.57 30.71
C GLU N 2223 0.49 -76.21 30.08
N ILE N 2224 1.49 -76.53 30.89
CA ILE N 2224 2.72 -77.18 30.43
C ILE N 2224 2.49 -78.67 30.47
N ARG N 2225 2.07 -79.24 29.34
CA ARG N 2225 1.80 -80.68 29.28
C ARG N 2225 3.12 -81.45 29.42
N PHE N 2226 3.02 -82.63 30.02
CA PHE N 2226 4.18 -83.46 30.35
C PHE N 2226 5.16 -82.71 31.25
N PRO N 2227 4.75 -82.34 32.47
CA PRO N 2227 5.69 -81.65 33.37
C PRO N 2227 6.91 -82.49 33.72
N LYS N 2228 6.77 -83.81 33.81
CA LYS N 2228 7.88 -84.65 34.20
C LYS N 2228 9.01 -84.58 33.18
N MET N 2229 8.67 -84.59 31.89
CA MET N 2229 9.71 -84.51 30.87
C MET N 2229 10.46 -83.19 30.96
N VAL N 2230 9.72 -82.09 31.16
CA VAL N 2230 10.37 -80.78 31.25
C VAL N 2230 11.28 -80.73 32.48
N THR N 2231 10.82 -81.29 33.59
CA THR N 2231 11.67 -81.36 34.78
C THR N 2231 12.94 -82.14 34.50
N SER N 2232 12.82 -83.30 33.83
CA SER N 2232 14.00 -84.10 33.53
C SER N 2232 14.96 -83.33 32.63
N CYS N 2233 14.44 -82.66 31.60
CA CYS N 2233 15.28 -81.92 30.69
C CYS N 2233 15.99 -80.78 31.41
N CYS N 2234 15.28 -80.06 32.27
CA CYS N 2234 15.89 -78.96 33.00
C CYS N 2234 16.97 -79.47 33.94
N ARG N 2235 16.73 -80.57 34.64
CA ARG N 2235 17.75 -81.16 35.49
C ARG N 2235 18.97 -81.55 34.67
N PHE N 2236 18.74 -82.19 33.52
CA PHE N 2236 19.84 -82.64 32.68
C PHE N 2236 20.67 -81.46 32.20
N LEU N 2237 20.01 -80.37 31.79
CA LEU N 2237 20.75 -79.21 31.31
C LEU N 2237 21.51 -78.51 32.43
N CYS N 2238 20.90 -78.37 33.61
CA CYS N 2238 21.62 -77.79 34.74
C CYS N 2238 22.85 -78.60 35.10
N TYR N 2239 22.73 -79.92 35.12
CA TYR N 2239 23.86 -80.76 35.48
C TYR N 2239 24.92 -80.76 34.37
N PHE N 2240 24.48 -80.64 33.11
CA PHE N 2240 25.40 -80.44 31.99
C PHE N 2240 26.20 -79.16 32.17
N CYS N 2241 25.55 -78.08 32.59
CA CYS N 2241 26.28 -76.87 32.96
C CYS N 2241 27.27 -77.11 34.08
N ARG N 2242 26.85 -77.83 35.13
CA ARG N 2242 27.73 -78.10 36.27
C ARG N 2242 28.97 -78.89 35.89
N ILE N 2243 28.88 -79.77 34.88
CA ILE N 2243 30.02 -80.63 34.57
C ILE N 2243 31.28 -79.82 34.30
N SER N 2244 31.18 -78.80 33.45
CA SER N 2244 32.37 -78.05 33.05
C SER N 2244 32.01 -76.61 32.73
N ARG N 2245 33.03 -75.75 32.77
CA ARG N 2245 32.82 -74.33 32.50
C ARG N 2245 32.46 -74.10 31.04
N GLN N 2246 33.09 -74.84 30.12
CA GLN N 2246 32.81 -74.64 28.70
C GLN N 2246 31.36 -74.94 28.37
N ASN N 2247 30.81 -76.00 28.96
CA ASN N 2247 29.39 -76.28 28.81
C ASN N 2247 28.55 -75.14 29.37
N GLN N 2248 28.99 -74.57 30.50
CA GLN N 2248 28.28 -73.45 31.09
C GLN N 2248 28.26 -72.25 30.15
N ARG N 2249 29.38 -71.99 29.47
CA ARG N 2249 29.41 -70.92 28.48
C ARG N 2249 28.51 -71.25 27.29
N SER N 2250 28.48 -72.52 26.88
CA SER N 2250 27.61 -72.92 25.79
C SER N 2250 26.15 -72.61 26.11
N MET N 2251 25.73 -72.92 27.34
CA MET N 2251 24.38 -72.60 27.77
C MET N 2251 24.17 -71.10 27.99
N PHE N 2252 25.20 -70.38 28.42
CA PHE N 2252 25.12 -68.92 28.49
C PHE N 2252 24.84 -68.32 27.12
N ASP N 2253 25.39 -68.93 26.06
CA ASP N 2253 25.11 -68.44 24.72
C ASP N 2253 23.61 -68.46 24.41
N HIS N 2254 22.91 -69.49 24.88
CA HIS N 2254 21.47 -69.64 24.64
C HIS N 2254 20.62 -69.06 25.76
N LEU N 2255 21.24 -68.51 26.80
CA LEU N 2255 20.49 -67.92 27.92
C LEU N 2255 19.23 -67.21 27.46
N SER N 2256 19.35 -66.30 26.50
CA SER N 2256 18.21 -65.48 26.11
C SER N 2256 17.02 -66.35 25.69
N TYR N 2257 17.29 -67.44 24.97
CA TYR N 2257 16.22 -68.33 24.54
C TYR N 2257 15.50 -68.93 25.74
N LEU N 2258 16.28 -69.38 26.73
CA LEU N 2258 15.70 -69.92 27.95
C LEU N 2258 14.90 -68.86 28.70
N LEU N 2259 15.42 -67.63 28.76
CA LEU N 2259 14.66 -66.56 29.40
C LEU N 2259 13.35 -66.29 28.66
N GLU N 2260 13.37 -66.38 27.33
CA GLU N 2260 12.13 -66.21 26.58
C GLU N 2260 11.12 -67.30 26.94
N ASN N 2261 11.58 -68.55 27.03
CA ASN N 2261 10.68 -69.67 27.30
C ASN N 2261 10.31 -69.80 28.79
N SER N 2262 10.99 -69.07 29.67
CA SER N 2262 10.72 -69.14 31.10
C SER N 2262 9.58 -68.24 31.54
N GLY N 2263 8.72 -67.81 30.62
CA GLY N 2263 7.63 -66.92 30.95
C GLY N 2263 6.64 -67.51 31.94
N ILE N 2264 6.28 -68.78 31.76
CA ILE N 2264 5.31 -69.46 32.61
C ILE N 2264 6.01 -70.62 33.30
N GLY N 2265 5.82 -70.72 34.61
CA GLY N 2265 6.46 -71.78 35.36
C GLY N 2265 5.82 -71.97 36.71
N LEU N 2266 6.38 -72.92 37.46
CA LEU N 2266 5.93 -73.25 38.82
C LEU N 2266 4.63 -74.06 38.78
N GLY N 2267 4.04 -74.23 37.59
CA GLY N 2267 2.93 -75.16 37.48
C GLY N 2267 3.38 -76.60 37.56
N MET N 2268 4.67 -76.85 37.33
CA MET N 2268 5.25 -78.18 37.46
C MET N 2268 5.94 -78.39 38.81
N GLN N 2269 6.47 -77.32 39.40
CA GLN N 2269 7.09 -77.30 40.72
C GLN N 2269 8.48 -77.92 40.73
N GLY N 2270 8.91 -78.54 39.63
CA GLY N 2270 10.25 -79.08 39.52
C GLY N 2270 11.20 -78.08 38.87
N SER N 2271 12.22 -78.62 38.22
CA SER N 2271 13.20 -77.78 37.54
C SER N 2271 12.55 -77.05 36.38
N THR N 2272 13.08 -75.88 36.05
CA THR N 2272 12.52 -75.00 35.04
C THR N 2272 13.60 -74.42 34.15
N PRO N 2273 13.24 -73.94 32.96
CA PRO N 2273 14.24 -73.23 32.14
C PRO N 2273 14.84 -72.03 32.85
N LEU N 2274 14.11 -71.42 33.79
CA LEU N 2274 14.71 -70.39 34.63
C LEU N 2274 15.84 -70.97 35.47
N ASP N 2275 15.64 -72.18 36.01
CA ASP N 2275 16.72 -72.85 36.73
C ASP N 2275 17.89 -73.14 35.80
N VAL N 2276 17.61 -73.54 34.56
CA VAL N 2276 18.68 -73.77 33.59
C VAL N 2276 19.47 -72.48 33.37
N ALA N 2277 18.77 -71.36 33.20
CA ALA N 2277 19.44 -70.09 33.00
C ALA N 2277 20.28 -69.71 34.21
N ALA N 2278 19.75 -69.93 35.41
CA ALA N 2278 20.51 -69.63 36.62
C ALA N 2278 21.78 -70.47 36.69
N ALA N 2279 21.67 -71.77 36.39
CA ALA N 2279 22.85 -72.62 36.38
C ALA N 2279 23.83 -72.18 35.31
N SER N 2280 23.33 -71.59 34.23
CA SER N 2280 24.21 -71.19 33.13
C SER N 2280 25.17 -70.08 33.54
N VAL N 2281 24.87 -69.35 34.61
CA VAL N 2281 25.67 -68.20 35.04
C VAL N 2281 26.16 -68.34 36.46
N ILE N 2282 25.70 -69.34 37.20
CA ILE N 2282 26.07 -69.47 38.61
C ILE N 2282 27.57 -69.61 38.75
N ASP N 2283 28.15 -68.85 39.68
CA ASP N 2283 29.54 -68.98 40.09
C ASP N 2283 30.51 -68.88 38.91
N ASN N 2284 30.31 -67.92 38.02
CA ASN N 2284 31.23 -67.65 36.91
C ASN N 2284 31.33 -66.14 36.72
N ASN N 2285 32.45 -65.57 37.15
CA ASN N 2285 32.63 -64.12 37.05
C ASN N 2285 32.60 -63.66 35.60
N GLU N 2286 33.27 -64.39 34.71
CA GLU N 2286 33.30 -64.00 33.30
C GLU N 2286 31.90 -63.93 32.72
N LEU N 2287 31.10 -64.99 32.92
CA LEU N 2287 29.76 -65.01 32.36
C LEU N 2287 28.86 -63.97 33.02
N ALA N 2288 29.02 -63.78 34.33
CA ALA N 2288 28.23 -62.76 35.02
C ALA N 2288 28.53 -61.37 34.47
N LEU N 2289 29.80 -61.09 34.19
CA LEU N 2289 30.16 -59.81 33.62
C LEU N 2289 29.68 -59.68 32.17
N ALA N 2290 29.63 -60.80 31.45
CA ALA N 2290 29.14 -60.82 30.08
C ALA N 2290 27.62 -60.83 29.99
N LEU N 2291 26.92 -60.94 31.13
CA LEU N 2291 25.46 -60.96 31.11
C LEU N 2291 24.92 -59.65 30.55
N GLN N 2292 23.79 -59.75 29.86
CA GLN N 2292 23.26 -58.64 29.08
C GLN N 2292 22.15 -57.89 29.80
N GLU N 2293 22.17 -56.57 29.66
CA GLU N 2293 21.13 -55.73 30.26
C GLU N 2293 19.76 -56.10 29.72
N GLN N 2294 19.68 -56.51 28.45
CA GLN N 2294 18.41 -56.96 27.91
C GLN N 2294 17.91 -58.18 28.66
N ASP N 2295 18.80 -59.14 28.91
CA ASP N 2295 18.41 -60.33 29.65
C ASP N 2295 17.95 -59.96 31.06
N LEU N 2296 18.64 -59.04 31.71
CA LEU N 2296 18.22 -58.61 33.04
C LEU N 2296 16.86 -57.94 33.01
N GLU N 2297 16.61 -57.08 32.03
CA GLU N 2297 15.34 -56.37 31.95
C GLU N 2297 14.19 -57.32 31.63
N LYS N 2298 14.45 -58.41 30.89
CA LYS N 2298 13.39 -59.38 30.66
C LYS N 2298 12.92 -60.00 31.97
N VAL N 2299 13.86 -60.39 32.82
CA VAL N 2299 13.51 -60.98 34.11
C VAL N 2299 12.85 -59.94 35.01
N VAL N 2300 13.32 -58.69 34.96
CA VAL N 2300 12.69 -57.65 35.76
C VAL N 2300 11.25 -57.41 35.31
N SER N 2301 11.01 -57.47 34.00
CA SER N 2301 9.65 -57.33 33.50
C SER N 2301 8.77 -58.50 33.93
N TYR N 2302 9.33 -59.71 33.92
CA TYR N 2302 8.58 -60.85 34.45
C TYR N 2302 8.23 -60.65 35.92
N LEU N 2303 9.19 -60.15 36.71
CA LEU N 2303 8.91 -59.88 38.12
C LEU N 2303 7.83 -58.82 38.29
N ALA N 2304 7.86 -57.78 37.47
CA ALA N 2304 6.81 -56.77 37.52
C ALA N 2304 5.45 -57.37 37.19
N GLY N 2305 5.39 -58.21 36.16
CA GLY N 2305 4.14 -58.87 35.83
C GLY N 2305 3.64 -59.74 36.96
N CYS N 2306 4.55 -60.45 37.63
CA CYS N 2306 4.15 -61.24 38.79
C CYS N 2306 3.63 -60.38 39.92
N GLY N 2307 4.25 -59.24 40.16
CA GLY N 2307 3.79 -58.34 41.21
C GLY N 2307 2.47 -57.68 40.88
N LEU N 2308 2.16 -57.59 39.58
CA LEU N 2308 0.91 -56.97 39.17
C LEU N 2308 -0.25 -57.96 39.19
N GLN N 2309 -0.12 -59.06 38.46
CA GLN N 2309 -1.22 -60.00 38.26
C GLN N 2309 -1.06 -61.24 39.15
N SER N 2310 -2.18 -61.92 39.38
CA SER N 2310 -2.21 -63.15 40.15
C SER N 2310 -1.95 -64.36 39.25
N CYS N 2311 -1.86 -65.52 39.86
CA CYS N 2311 -1.49 -66.73 39.13
C CYS N 2311 -2.74 -67.49 38.66
N PRO N 2312 -2.98 -67.59 37.36
CA PRO N 2312 -4.22 -68.26 36.91
C PRO N 2312 -4.33 -69.69 37.39
N MET N 2313 -3.22 -70.42 37.48
CA MET N 2313 -3.28 -71.80 37.94
C MET N 2313 -3.82 -71.88 39.37
N LEU N 2314 -3.28 -71.04 40.26
CA LEU N 2314 -3.76 -71.04 41.64
C LEU N 2314 -5.21 -70.58 41.72
N LEU N 2315 -5.59 -69.56 40.95
CA LEU N 2315 -6.99 -69.13 40.96
C LEU N 2315 -7.92 -70.25 40.49
N ALA N 2316 -7.53 -70.97 39.43
CA ALA N 2316 -8.34 -72.09 38.97
C ALA N 2316 -8.43 -73.18 40.02
N LYS N 2317 -7.31 -73.48 40.69
CA LYS N 2317 -7.33 -74.45 41.78
C LYS N 2317 -8.30 -74.03 42.86
N GLY N 2318 -8.42 -72.72 43.11
CA GLY N 2318 -9.38 -72.22 44.06
C GLY N 2318 -8.78 -71.40 45.17
N TYR N 2319 -7.49 -71.12 45.07
CA TYR N 2319 -6.82 -70.33 46.09
C TYR N 2319 -7.38 -68.92 46.08
N PRO N 2320 -7.45 -68.25 47.24
CA PRO N 2320 -7.98 -66.88 47.26
C PRO N 2320 -7.16 -65.96 46.37
N ASP N 2321 -7.85 -65.00 45.76
CA ASP N 2321 -7.22 -64.04 44.85
C ASP N 2321 -6.54 -62.95 45.68
N ILE N 2322 -5.21 -62.95 45.68
CA ILE N 2322 -4.45 -61.94 46.41
C ILE N 2322 -4.11 -60.75 45.53
N GLY N 2323 -4.02 -60.95 44.21
CA GLY N 2323 -3.72 -59.89 43.28
C GLY N 2323 -2.30 -59.90 42.73
N TRP N 2324 -1.42 -60.75 43.26
CA TRP N 2324 -0.05 -60.82 42.80
C TRP N 2324 0.48 -62.23 42.99
N ASN N 2325 1.64 -62.52 42.37
CA ASN N 2325 2.19 -63.86 42.34
C ASN N 2325 3.52 -63.96 43.08
N PRO N 2326 3.50 -64.08 44.41
CA PRO N 2326 4.76 -64.26 45.15
C PRO N 2326 5.50 -65.51 44.71
N CYS N 2327 4.75 -66.53 44.31
CA CYS N 2327 5.34 -67.81 43.96
C CYS N 2327 6.33 -67.67 42.80
N GLY N 2328 5.93 -66.94 41.75
CA GLY N 2328 6.83 -66.73 40.63
C GLY N 2328 7.81 -65.58 40.88
N GLY N 2329 7.38 -64.58 41.65
CA GLY N 2329 8.28 -63.52 42.01
C GLY N 2329 9.52 -64.03 42.72
N GLU N 2330 9.33 -65.04 43.58
CA GLU N 2330 10.48 -65.63 44.28
C GLU N 2330 11.45 -66.29 43.31
N ARG N 2331 10.94 -66.98 42.30
CA ARG N 2331 11.83 -67.61 41.33
C ARG N 2331 12.63 -66.57 40.55
N TYR N 2332 11.95 -65.51 40.10
CA TYR N 2332 12.66 -64.48 39.35
C TYR N 2332 13.68 -63.78 40.24
N LEU N 2333 13.32 -63.55 41.52
CA LEU N 2333 14.27 -62.95 42.45
C LEU N 2333 15.47 -63.86 42.68
N ASP N 2334 15.24 -65.18 42.73
CA ASP N 2334 16.35 -66.11 42.87
C ASP N 2334 17.31 -66.02 41.68
N PHE N 2335 16.75 -65.95 40.47
CA PHE N 2335 17.62 -65.79 39.30
C PHE N 2335 18.41 -64.49 39.39
N LEU N 2336 17.75 -63.40 39.77
CA LEU N 2336 18.44 -62.12 39.87
C LEU N 2336 19.54 -62.18 40.92
N ARG N 2337 19.29 -62.88 42.03
CA ARG N 2337 20.32 -63.03 43.05
C ARG N 2337 21.52 -63.79 42.51
N PHE N 2338 21.27 -64.90 41.81
CA PHE N 2338 22.39 -65.64 41.22
C PHE N 2338 23.14 -64.79 40.22
N ALA N 2339 22.45 -63.90 39.52
CA ALA N 2339 23.12 -63.03 38.56
C ALA N 2339 24.01 -62.01 39.26
N VAL N 2340 23.47 -61.34 40.29
CA VAL N 2340 24.21 -60.25 40.91
C VAL N 2340 25.37 -60.77 41.75
N PHE N 2341 25.15 -61.84 42.51
CA PHE N 2341 26.08 -62.28 43.54
C PHE N 2341 26.86 -63.49 43.04
N VAL N 2342 28.19 -63.38 43.05
CA VAL N 2342 29.08 -64.41 42.52
C VAL N 2342 30.24 -64.62 43.49
N ASN N 2343 30.47 -65.87 43.87
CA ASN N 2343 31.65 -66.27 44.64
C ASN N 2343 31.84 -65.40 45.88
N GLY N 2344 30.77 -65.13 46.60
CA GLY N 2344 30.85 -64.42 47.86
C GLY N 2344 31.02 -62.92 47.73
N GLU N 2345 31.12 -62.39 46.53
CA GLU N 2345 31.32 -60.96 46.31
C GLU N 2345 30.30 -60.45 45.30
N SER N 2346 29.75 -59.27 45.58
CA SER N 2346 28.77 -58.67 44.68
C SER N 2346 29.44 -58.21 43.39
N VAL N 2347 28.74 -58.41 42.27
CA VAL N 2347 29.18 -57.91 40.97
C VAL N 2347 28.57 -56.53 40.79
N GLU N 2348 29.43 -55.50 40.78
CA GLU N 2348 28.95 -54.13 40.86
C GLU N 2348 28.06 -53.77 39.67
N GLU N 2349 28.48 -54.16 38.46
CA GLU N 2349 27.72 -53.77 37.27
C GLU N 2349 26.31 -54.35 37.30
N ASN N 2350 26.20 -55.66 37.50
CA ASN N 2350 24.89 -56.29 37.51
C ASN N 2350 24.05 -55.78 38.68
N ALA N 2351 24.68 -55.59 39.85
CA ALA N 2351 23.95 -55.08 41.00
C ALA N 2351 23.35 -53.71 40.72
N ASN N 2352 24.16 -52.81 40.15
CA ASN N 2352 23.66 -51.47 39.85
C ASN N 2352 22.54 -51.52 38.82
N VAL N 2353 22.72 -52.32 37.76
CA VAL N 2353 21.70 -52.41 36.73
C VAL N 2353 20.40 -52.93 37.32
N VAL N 2354 20.48 -53.98 38.15
CA VAL N 2354 19.28 -54.54 38.75
C VAL N 2354 18.62 -53.54 39.69
N VAL N 2355 19.41 -52.78 40.47
CA VAL N 2355 18.83 -51.82 41.38
C VAL N 2355 18.06 -50.75 40.61
N ARG N 2356 18.68 -50.21 39.55
CA ARG N 2356 17.98 -49.20 38.75
C ARG N 2356 16.72 -49.77 38.11
N LEU N 2357 16.80 -51.00 37.58
CA LEU N 2357 15.65 -51.59 36.93
C LEU N 2357 14.52 -51.82 37.93
N LEU N 2358 14.86 -52.23 39.14
CA LEU N 2358 13.83 -52.47 40.15
C LEU N 2358 13.19 -51.17 40.62
N ILE N 2359 13.98 -50.12 40.82
CA ILE N 2359 13.39 -48.85 41.26
C ILE N 2359 12.52 -48.26 40.15
N ARG N 2360 12.91 -48.44 38.89
CA ARG N 2360 12.09 -47.93 37.79
C ARG N 2360 10.71 -48.59 37.80
N LYS N 2361 10.63 -49.87 38.14
CA LYS N 2361 9.36 -50.57 38.26
C LYS N 2361 9.10 -50.92 39.72
N PRO N 2362 8.44 -50.05 40.49
CA PRO N 2362 8.27 -50.30 41.93
C PRO N 2362 7.35 -51.47 42.26
N GLU N 2363 6.52 -51.93 41.32
CA GLU N 2363 5.61 -53.03 41.63
C GLU N 2363 6.39 -54.32 41.92
N CYS N 2364 7.63 -54.39 41.43
CA CYS N 2364 8.46 -55.57 41.71
C CYS N 2364 8.65 -55.76 43.20
N PHE N 2365 8.76 -54.66 43.95
CA PHE N 2365 8.96 -54.75 45.39
C PHE N 2365 7.77 -55.40 46.08
N GLY N 2366 6.62 -55.42 45.41
CA GLY N 2366 5.43 -56.03 45.96
C GLY N 2366 4.50 -55.01 46.60
N PRO N 2367 3.31 -55.46 46.99
CA PRO N 2367 2.33 -54.52 47.57
C PRO N 2367 2.73 -53.95 48.91
N ALA N 2368 3.61 -54.63 49.65
CA ALA N 2368 4.00 -54.12 50.96
C ALA N 2368 4.85 -52.87 50.84
N LEU N 2369 5.87 -52.91 49.98
CA LEU N 2369 6.74 -51.77 49.74
C LEU N 2369 6.19 -50.84 48.66
N ARG N 2370 5.03 -51.17 48.10
CA ARG N 2370 4.40 -50.32 47.09
C ARG N 2370 4.10 -48.95 47.70
N GLY N 2371 4.68 -47.91 47.09
CA GLY N 2371 4.88 -46.66 47.79
C GLY N 2371 3.64 -45.93 48.23
N GLU N 2372 2.64 -45.79 47.34
CA GLU N 2372 1.54 -44.88 47.61
C GLU N 2372 0.84 -45.20 48.93
N GLY N 2373 0.68 -46.49 49.24
CA GLY N 2373 -0.02 -46.90 50.44
C GLY N 2373 0.59 -48.11 51.11
N GLY N 2374 1.90 -48.29 50.96
CA GLY N 2374 2.59 -49.45 51.49
C GLY N 2374 2.50 -49.49 53.01
N SER N 2375 2.08 -50.65 53.52
CA SER N 2375 2.01 -50.83 54.97
C SER N 2375 3.41 -50.93 55.58
N GLY N 2376 4.34 -51.54 54.87
CA GLY N 2376 5.69 -51.76 55.34
C GLY N 2376 6.01 -53.24 55.40
N LEU N 2377 7.31 -53.53 55.39
CA LEU N 2377 7.78 -54.92 55.38
C LEU N 2377 7.38 -55.67 56.64
N LEU N 2378 7.57 -55.05 57.81
CA LEU N 2378 7.19 -55.70 59.07
C LEU N 2378 5.70 -55.98 59.10
N ALA N 2379 4.89 -55.00 58.73
CA ALA N 2379 3.44 -55.19 58.71
C ALA N 2379 3.06 -56.30 57.74
N ALA N 2380 3.72 -56.35 56.58
CA ALA N 2380 3.41 -57.38 55.60
C ALA N 2380 3.75 -58.76 56.12
N ILE N 2381 4.90 -58.91 56.79
CA ILE N 2381 5.27 -60.22 57.31
C ILE N 2381 4.31 -60.64 58.43
N GLU N 2382 3.94 -59.70 59.31
CA GLU N 2382 2.95 -60.03 60.34
C GLU N 2382 1.63 -60.44 59.71
N GLU N 2383 1.20 -59.72 58.68
CA GLU N 2383 -0.02 -60.08 57.98
C GLU N 2383 0.08 -61.47 57.38
N ALA N 2384 1.24 -61.80 56.80
CA ALA N 2384 1.42 -63.12 56.22
C ALA N 2384 1.35 -64.21 57.29
N ILE N 2385 1.93 -63.94 58.46
CA ILE N 2385 1.80 -64.90 59.57
C ILE N 2385 0.34 -65.10 59.92
N ARG N 2386 -0.43 -64.02 59.97
CA ARG N 2386 -1.86 -64.15 60.24
C ARG N 2386 -2.58 -64.91 59.13
N ILE N 2387 -2.17 -64.71 57.88
CA ILE N 2387 -2.72 -65.51 56.78
C ILE N 2387 -2.48 -66.98 57.06
N SER N 2388 -1.25 -67.34 57.40
CA SER N 2388 -0.93 -68.74 57.67
C SER N 2388 -1.78 -69.28 58.81
N GLU N 2389 -1.95 -68.48 59.87
CA GLU N 2389 -2.76 -68.94 61.01
C GLU N 2389 -4.22 -69.12 60.62
N ASP N 2390 -4.74 -68.28 59.72
CA ASP N 2390 -6.15 -68.30 59.37
C ASP N 2390 -6.41 -69.24 58.21
N PRO N 2391 -7.20 -70.30 58.38
CA PRO N 2391 -7.62 -71.11 57.22
C PRO N 2391 -8.68 -70.39 56.41
N ALA N 2392 -8.91 -70.91 55.20
CA ALA N 2392 -9.83 -70.40 54.18
C ALA N 2392 -9.29 -69.13 53.53
N ARG N 2393 -8.17 -68.59 54.00
CA ARG N 2393 -7.49 -67.47 53.38
C ARG N 2393 -6.06 -67.80 52.99
N ASP N 2394 -5.43 -68.74 53.71
CA ASP N 2394 -4.13 -69.26 53.31
C ASP N 2394 -4.27 -70.21 52.12
N GLY N 2395 -5.29 -71.05 52.11
CA GLY N 2395 -5.50 -72.02 51.06
C GLY N 2395 -6.93 -72.03 50.58
N PRO N 2396 -7.23 -72.85 49.56
CA PRO N 2396 -8.59 -72.88 49.02
C PRO N 2396 -9.64 -73.24 50.06
N GLY N 2397 -9.35 -74.22 50.93
CA GLY N 2397 -10.28 -74.60 51.97
C GLY N 2397 -11.65 -74.96 51.44
N VAL N 2398 -11.69 -75.73 50.36
CA VAL N 2398 -12.96 -76.10 49.72
C VAL N 2398 -13.78 -76.92 50.70
N PRO N 2411 -3.65 -82.51 47.52
CA PRO N 2411 -2.36 -82.29 48.18
C PRO N 2411 -1.22 -83.16 47.66
N PRO N 2412 -1.08 -83.28 46.33
CA PRO N 2412 -0.03 -84.17 45.79
C PRO N 2412 1.39 -83.85 46.24
N GLU N 2413 1.77 -82.58 46.41
CA GLU N 2413 3.08 -82.23 46.95
C GLU N 2413 2.89 -81.43 48.22
N GLU N 2414 3.01 -82.10 49.37
CA GLU N 2414 2.88 -81.48 50.68
C GLU N 2414 1.83 -80.37 50.67
N ASN N 2415 0.63 -80.70 50.19
CA ASN N 2415 -0.51 -79.77 50.21
C ASN N 2415 -0.27 -78.56 49.32
N ARG N 2416 0.22 -78.79 48.11
CA ARG N 2416 0.37 -77.71 47.12
C ARG N 2416 1.18 -76.57 47.77
N VAL N 2417 0.67 -75.35 47.80
CA VAL N 2417 1.40 -74.20 48.31
C VAL N 2417 0.51 -73.46 49.32
N HIS N 2418 1.16 -72.64 50.13
CA HIS N 2418 0.49 -71.84 51.16
C HIS N 2418 0.80 -70.37 50.91
N LEU N 2419 -0.24 -69.54 50.89
CA LEU N 2419 -0.06 -68.14 50.51
C LEU N 2419 0.77 -67.38 51.54
N GLY N 2420 0.58 -67.67 52.82
CA GLY N 2420 1.36 -66.98 53.84
C GLY N 2420 2.84 -67.23 53.68
N HIS N 2421 3.20 -68.51 53.55
CA HIS N 2421 4.60 -68.86 53.35
C HIS N 2421 5.11 -68.33 52.02
N ALA N 2422 4.25 -68.27 51.00
CA ALA N 2422 4.68 -67.72 49.72
C ALA N 2422 5.01 -66.24 49.84
N ILE N 2423 4.18 -65.49 50.57
CA ILE N 2423 4.43 -64.06 50.77
C ILE N 2423 5.72 -63.87 51.56
N MET N 2424 5.90 -64.64 52.63
CA MET N 2424 7.13 -64.53 53.42
C MET N 2424 8.34 -64.86 52.56
N SER N 2425 8.26 -65.91 51.73
CA SER N 2425 9.37 -66.28 50.88
C SER N 2425 9.68 -65.19 49.86
N PHE N 2426 8.64 -64.60 49.28
CA PHE N 2426 8.85 -63.52 48.32
C PHE N 2426 9.59 -62.36 48.98
N TYR N 2427 9.14 -61.93 50.15
CA TYR N 2427 9.80 -60.79 50.79
C TYR N 2427 11.21 -61.14 51.23
N ALA N 2428 11.42 -62.36 51.73
CA ALA N 2428 12.77 -62.78 52.09
C ALA N 2428 13.69 -62.77 50.88
N ALA N 2429 13.21 -63.27 49.73
CA ALA N 2429 14.02 -63.29 48.53
C ALA N 2429 14.32 -61.87 48.06
N LEU N 2430 13.34 -60.97 48.13
CA LEU N 2430 13.56 -59.59 47.72
C LEU N 2430 14.63 -58.94 48.58
N ILE N 2431 14.52 -59.09 49.90
CA ILE N 2431 15.49 -58.47 50.79
C ILE N 2431 16.86 -59.11 50.61
N ASP N 2432 16.90 -60.41 50.37
CA ASP N 2432 18.16 -61.09 50.11
C ASP N 2432 18.83 -60.52 48.85
N LEU N 2433 18.05 -60.36 47.77
CA LEU N 2433 18.61 -59.83 46.54
C LEU N 2433 19.13 -58.41 46.75
N LEU N 2434 18.37 -57.57 47.47
CA LEU N 2434 18.83 -56.21 47.71
C LEU N 2434 20.12 -56.21 48.53
N GLY N 2435 20.19 -57.04 49.57
CA GLY N 2435 21.40 -57.12 50.36
C GLY N 2435 22.59 -57.57 49.54
N ARG N 2436 22.38 -58.54 48.65
CA ARG N 2436 23.46 -58.96 47.77
C ARG N 2436 23.87 -57.83 46.83
N CYS N 2437 22.90 -57.06 46.35
CA CYS N 2437 23.21 -55.90 45.52
C CYS N 2437 23.96 -54.82 46.30
N ALA N 2438 23.89 -54.85 47.63
CA ALA N 2438 24.60 -53.89 48.47
C ALA N 2438 26.05 -53.75 48.02
N PRO N 2439 26.61 -52.55 47.98
CA PRO N 2439 27.99 -52.39 47.54
C PRO N 2439 28.98 -53.04 48.50
N GLU N 2440 30.21 -53.20 48.03
CA GLU N 2440 31.25 -53.82 48.83
C GLU N 2440 31.88 -52.82 49.79
N THR N 2441 32.39 -53.35 50.91
CA THR N 2441 32.95 -52.49 51.95
C THR N 2441 34.16 -51.71 51.45
N HIS N 2442 35.02 -52.35 50.64
CA HIS N 2442 36.20 -51.64 50.17
C HIS N 2442 35.82 -50.53 49.21
N LEU N 2443 34.79 -50.73 48.38
CA LEU N 2443 34.29 -49.65 47.55
C LEU N 2443 33.75 -48.51 48.41
N ILE N 2444 32.95 -48.84 49.43
CA ILE N 2444 32.40 -47.81 50.29
C ILE N 2444 33.50 -47.00 50.96
N GLN N 2445 34.55 -47.68 51.44
CA GLN N 2445 35.67 -46.98 52.05
C GLN N 2445 36.44 -46.14 51.04
N ALA N 2446 36.63 -46.63 49.82
CA ALA N 2446 37.26 -45.83 48.78
C ALA N 2446 36.43 -44.59 48.49
N GLY N 2447 35.12 -44.66 48.73
CA GLY N 2447 34.25 -43.50 48.60
C GLY N 2447 33.57 -43.35 47.27
N LYS N 2448 33.55 -44.39 46.44
CA LYS N 2448 32.92 -44.31 45.13
C LYS N 2448 31.52 -43.73 45.25
N GLY N 2449 31.26 -42.66 44.51
CA GLY N 2449 29.94 -42.03 44.56
C GLY N 2449 28.84 -42.98 44.14
N GLU N 2450 29.11 -43.80 43.13
CA GLU N 2450 28.10 -44.76 42.67
C GLU N 2450 27.74 -45.74 43.79
N ALA N 2451 28.75 -46.31 44.46
CA ALA N 2451 28.48 -47.23 45.55
C ALA N 2451 27.75 -46.55 46.71
N LEU N 2452 28.16 -45.33 47.07
CA LEU N 2452 27.48 -44.63 48.14
C LEU N 2452 26.01 -44.38 47.79
N ARG N 2453 25.76 -43.98 46.54
CA ARG N 2453 24.39 -43.74 46.09
C ARG N 2453 23.57 -45.02 46.12
N ILE N 2454 24.14 -46.12 45.67
CA ILE N 2454 23.41 -47.39 45.67
C ILE N 2454 23.06 -47.81 47.10
N ARG N 2455 24.03 -47.68 48.02
CA ARG N 2455 23.76 -48.05 49.40
C ARG N 2455 22.70 -47.14 50.00
N ALA N 2456 22.73 -45.84 49.69
CA ALA N 2456 21.70 -44.94 50.16
C ALA N 2456 20.33 -45.32 49.63
N ILE N 2457 20.24 -45.70 48.35
CA ILE N 2457 18.96 -46.11 47.78
C ILE N 2457 18.44 -47.35 48.49
N LEU N 2458 19.32 -48.33 48.73
CA LEU N 2458 18.89 -49.54 49.43
C LEU N 2458 18.40 -49.23 50.84
N ARG N 2459 19.12 -48.37 51.56
CA ARG N 2459 18.68 -47.97 52.89
C ARG N 2459 17.34 -47.26 52.83
N SER N 2460 17.13 -46.41 51.83
CA SER N 2460 15.83 -45.75 51.68
C SER N 2460 14.72 -46.76 51.46
N LEU N 2461 14.98 -47.77 50.62
CA LEU N 2461 13.97 -48.79 50.36
C LEU N 2461 13.63 -49.56 51.63
N VAL N 2462 14.63 -49.98 52.40
CA VAL N 2462 14.43 -50.85 53.55
C VAL N 2462 14.79 -50.09 54.82
N PRO N 2463 13.83 -49.74 55.67
CA PRO N 2463 14.17 -49.18 56.99
C PRO N 2463 14.82 -50.19 57.90
N LEU N 2464 15.63 -49.69 58.85
CA LEU N 2464 16.32 -50.57 59.78
C LEU N 2464 15.36 -51.16 60.82
N ASP N 2465 14.43 -50.33 61.33
CA ASP N 2465 13.53 -50.80 62.38
C ASP N 2465 12.68 -51.98 61.90
N ASP N 2466 12.27 -51.95 60.63
CA ASP N 2466 11.51 -53.08 60.10
C ASP N 2466 12.33 -54.36 60.15
N LEU N 2467 13.60 -54.30 59.74
CA LEU N 2467 14.47 -55.46 59.81
C LEU N 2467 14.66 -55.95 61.24
N VAL N 2468 14.87 -55.04 62.19
CA VAL N 2468 15.03 -55.46 63.58
C VAL N 2468 13.75 -56.12 64.08
N GLY N 2469 12.59 -55.57 63.76
CA GLY N 2469 11.35 -56.19 64.20
C GLY N 2469 11.13 -57.56 63.61
N ILE N 2470 11.42 -57.73 62.32
CA ILE N 2470 11.26 -59.04 61.69
C ILE N 2470 12.23 -60.04 62.31
N ILE N 2471 13.47 -59.64 62.55
CA ILE N 2471 14.41 -60.52 63.22
C ILE N 2471 13.94 -60.83 64.64
N SER N 2472 13.16 -59.91 65.24
CA SER N 2472 12.63 -60.12 66.58
C SER N 2472 11.35 -60.95 66.59
N LEU N 2473 10.72 -61.18 65.44
CA LEU N 2473 9.48 -61.93 65.43
C LEU N 2473 9.69 -63.31 66.03
N PRO N 2474 8.71 -63.84 66.78
CA PRO N 2474 8.91 -65.12 67.48
C PRO N 2474 8.69 -66.31 66.55
N LEU N 2475 9.60 -67.27 66.62
CA LEU N 2475 9.46 -68.51 65.85
C LEU N 2475 8.77 -69.58 66.67
N GLN N 2476 7.85 -70.30 66.04
CA GLN N 2476 7.21 -71.43 66.70
C GLN N 2476 8.22 -72.55 66.92
N ILE N 2477 8.22 -73.11 68.12
CA ILE N 2477 9.17 -74.14 68.52
C ILE N 2477 8.40 -75.44 68.72
N PRO N 2478 8.96 -76.59 68.37
CA PRO N 2478 8.29 -77.86 68.67
C PRO N 2478 8.12 -78.03 70.17
N THR N 2479 7.00 -78.65 70.56
CA THR N 2479 6.70 -78.93 71.96
C THR N 2479 6.10 -80.32 72.08
N LEU N 2480 6.32 -80.93 73.24
CA LEU N 2480 5.80 -82.27 73.52
C LEU N 2480 4.47 -82.14 74.25
N GLY N 2481 3.41 -82.63 73.64
CA GLY N 2481 2.07 -82.50 74.21
C GLY N 2481 1.14 -83.57 73.67
N LYS N 2482 -0.04 -83.63 74.30
CA LYS N 2482 -1.07 -84.58 73.90
C LYS N 2482 -0.56 -86.02 73.96
N ASP N 2483 -0.19 -86.46 75.17
CA ASP N 2483 0.22 -87.85 75.40
C ASP N 2483 1.45 -88.20 74.57
N GLY N 2484 2.49 -87.38 74.69
CA GLY N 2484 3.76 -87.66 74.05
C GLY N 2484 3.83 -87.31 72.58
N ALA N 2485 2.76 -86.76 72.01
CA ALA N 2485 2.80 -86.39 70.60
C ALA N 2485 3.69 -85.18 70.38
N LEU N 2486 4.46 -85.20 69.30
CA LEU N 2486 5.35 -84.10 68.95
C LEU N 2486 4.58 -83.09 68.12
N VAL N 2487 4.44 -81.87 68.65
CA VAL N 2487 3.77 -80.79 67.92
C VAL N 2487 4.81 -80.07 67.09
N GLN N 2488 5.09 -80.59 65.90
CA GLN N 2488 6.08 -79.98 65.03
C GLN N 2488 5.43 -78.92 64.15
N PRO N 2489 5.98 -77.70 64.11
CA PRO N 2489 5.44 -76.71 63.18
C PRO N 2489 5.65 -77.15 61.73
N LYS N 2490 4.68 -76.82 60.89
CA LYS N 2490 4.72 -77.21 59.49
C LYS N 2490 5.57 -76.20 58.73
N MET N 2491 6.77 -76.63 58.30
CA MET N 2491 7.71 -75.70 57.70
C MET N 2491 7.16 -75.09 56.42
N SER N 2492 6.52 -75.90 55.58
CA SER N 2492 6.07 -75.41 54.28
C SER N 2492 5.02 -74.31 54.43
N ALA N 2493 4.32 -74.26 55.57
CA ALA N 2493 3.20 -73.36 55.77
C ALA N 2493 3.40 -72.41 56.94
N SER N 2494 4.64 -72.19 57.39
CA SER N 2494 4.88 -71.39 58.59
C SER N 2494 6.14 -70.55 58.41
N PHE N 2495 6.27 -69.55 59.29
CA PHE N 2495 7.45 -68.71 59.34
C PHE N 2495 8.66 -69.54 59.75
N VAL N 2496 9.78 -69.35 59.05
CA VAL N 2496 10.94 -70.21 59.22
C VAL N 2496 12.19 -69.35 59.38
N PRO N 2497 13.26 -69.92 59.94
CA PRO N 2497 14.48 -69.13 60.18
C PRO N 2497 15.12 -68.54 58.92
N ASP N 2498 14.92 -69.15 57.75
CA ASP N 2498 15.56 -68.64 56.54
C ASP N 2498 15.05 -67.23 56.20
N HIS N 2499 13.76 -66.99 56.44
CA HIS N 2499 13.20 -65.67 56.21
C HIS N 2499 13.94 -64.62 57.05
N LYS N 2500 14.27 -64.98 58.29
CA LYS N 2500 15.05 -64.08 59.14
C LYS N 2500 16.50 -64.01 58.70
N ALA N 2501 17.03 -65.11 58.15
CA ALA N 2501 18.42 -65.12 57.69
C ALA N 2501 18.63 -64.13 56.56
N SER N 2502 17.66 -64.05 55.65
CA SER N 2502 17.75 -63.05 54.58
C SER N 2502 17.79 -61.64 55.16
N MET N 2503 16.95 -61.37 56.16
CA MET N 2503 16.93 -60.06 56.79
C MET N 2503 18.26 -59.76 57.46
N VAL N 2504 18.85 -60.78 58.09
CA VAL N 2504 20.16 -60.61 58.73
C VAL N 2504 21.22 -60.29 57.70
N LEU N 2505 21.18 -60.97 56.55
CA LEU N 2505 22.14 -60.66 55.49
C LEU N 2505 22.00 -59.22 55.04
N PHE N 2506 20.76 -58.75 54.86
CA PHE N 2506 20.56 -57.35 54.49
C PHE N 2506 21.12 -56.42 55.56
N LEU N 2507 20.82 -56.70 56.83
CA LEU N 2507 21.29 -55.84 57.91
C LEU N 2507 22.81 -55.78 57.95
N ASP N 2508 23.47 -56.92 57.72
CA ASP N 2508 24.92 -57.01 57.74
C ASP N 2508 25.58 -56.29 56.57
N ARG N 2509 25.05 -56.45 55.36
CA ARG N 2509 25.73 -55.88 54.19
C ARG N 2509 25.37 -54.42 53.99
N VAL N 2510 24.10 -54.07 54.09
CA VAL N 2510 23.64 -52.72 53.74
C VAL N 2510 23.85 -51.79 54.93
N TYR N 2511 23.19 -52.09 56.04
CA TYR N 2511 23.28 -51.20 57.21
C TYR N 2511 24.59 -51.40 57.95
N GLY N 2512 24.84 -52.62 58.41
CA GLY N 2512 26.05 -52.91 59.14
C GLY N 2512 25.93 -52.53 60.60
N ILE N 2513 26.60 -53.29 61.46
CA ILE N 2513 26.60 -53.06 62.89
C ILE N 2513 27.91 -52.37 63.24
N GLU N 2514 27.81 -51.13 63.73
CA GLU N 2514 28.98 -50.33 64.07
C GLU N 2514 28.92 -49.72 65.47
N ASN N 2515 27.81 -49.84 66.18
CA ASN N 2515 27.64 -49.22 67.48
C ASN N 2515 27.39 -50.29 68.54
N GLN N 2516 28.04 -50.13 69.69
CA GLN N 2516 27.87 -51.10 70.77
C GLN N 2516 26.42 -51.15 71.23
N ASP N 2517 25.77 -49.99 71.37
CA ASP N 2517 24.39 -49.98 71.82
C ASP N 2517 23.49 -50.72 70.83
N PHE N 2518 23.68 -50.48 69.53
CA PHE N 2518 22.87 -51.17 68.54
C PHE N 2518 23.12 -52.68 68.56
N LEU N 2519 24.39 -53.08 68.67
CA LEU N 2519 24.69 -54.51 68.74
C LEU N 2519 24.02 -55.15 69.94
N LEU N 2520 24.12 -54.52 71.10
CA LEU N 2520 23.50 -55.07 72.31
C LEU N 2520 21.98 -55.11 72.17
N HIS N 2521 21.38 -54.07 71.59
CA HIS N 2521 19.93 -54.05 71.43
C HIS N 2521 19.46 -55.18 70.52
N VAL N 2522 20.10 -55.33 69.36
CA VAL N 2522 19.68 -56.38 68.43
C VAL N 2522 19.90 -57.76 69.05
N LEU N 2523 21.02 -57.92 69.78
CA LEU N 2523 21.29 -59.19 70.44
C LEU N 2523 20.23 -59.52 71.48
N ASP N 2524 19.84 -58.52 72.28
CA ASP N 2524 18.85 -58.75 73.32
C ASP N 2524 17.48 -59.06 72.72
N VAL N 2525 17.12 -58.37 71.63
CA VAL N 2525 15.75 -58.48 71.13
C VAL N 2525 15.59 -59.69 70.22
N GLY N 2526 16.43 -59.82 69.20
CA GLY N 2526 16.19 -60.80 68.16
C GLY N 2526 17.06 -62.04 68.14
N PHE N 2527 18.36 -61.88 68.42
CA PHE N 2527 19.28 -62.99 68.25
C PHE N 2527 19.25 -63.93 69.45
N LEU N 2528 19.49 -63.37 70.63
CA LEU N 2528 19.64 -64.19 71.84
C LEU N 2528 18.44 -65.08 72.11
N PRO N 2529 17.19 -64.62 71.95
CA PRO N 2529 16.07 -65.56 72.10
C PRO N 2529 16.13 -66.73 71.14
N ASP N 2530 16.53 -66.48 69.89
CA ASP N 2530 16.65 -67.57 68.92
C ASP N 2530 17.75 -68.54 69.33
N MET N 2531 18.87 -68.03 69.82
CA MET N 2531 19.93 -68.91 70.30
C MET N 2531 19.48 -69.72 71.51
N ARG N 2532 18.72 -69.11 72.42
CA ARG N 2532 18.19 -69.85 73.56
C ARG N 2532 17.26 -70.95 73.10
N ALA N 2533 16.40 -70.66 72.13
CA ALA N 2533 15.51 -71.69 71.60
C ALA N 2533 16.28 -72.82 70.95
N ALA N 2534 17.31 -72.49 70.17
CA ALA N 2534 18.12 -73.53 69.57
C ALA N 2534 18.80 -74.40 70.63
N ALA N 2535 19.28 -73.78 71.71
CA ALA N 2535 19.85 -74.57 72.81
C ALA N 2535 18.80 -75.48 73.43
N SER N 2536 17.60 -74.95 73.67
CA SER N 2536 16.56 -75.75 74.31
C SER N 2536 16.10 -76.91 73.43
N LEU N 2537 16.18 -76.75 72.11
CA LEU N 2537 15.86 -77.83 71.18
C LEU N 2537 17.02 -78.80 70.97
N ASP N 2538 17.99 -78.82 71.88
CA ASP N 2538 19.13 -79.73 71.78
C ASP N 2538 18.83 -81.11 72.37
N THR N 2539 17.66 -81.30 72.97
CA THR N 2539 17.33 -82.56 73.60
C THR N 2539 17.07 -83.64 72.56
N ALA N 2540 17.23 -84.90 72.98
CA ALA N 2540 17.10 -86.02 72.06
C ALA N 2540 15.77 -85.98 71.31
N THR N 2541 14.69 -85.59 72.00
CA THR N 2541 13.38 -85.59 71.37
C THR N 2541 13.32 -84.62 70.20
N PHE N 2542 13.78 -83.39 70.41
CA PHE N 2542 13.69 -82.35 69.40
C PHE N 2542 15.02 -82.08 68.69
N SER N 2543 16.06 -82.86 68.96
CA SER N 2543 17.38 -82.55 68.43
C SER N 2543 17.39 -82.57 66.90
N THR N 2544 16.78 -83.59 66.30
CA THR N 2544 16.83 -83.78 64.85
C THR N 2544 15.55 -83.29 64.16
N THR N 2545 14.71 -82.55 64.87
CA THR N 2545 13.51 -82.01 64.27
C THR N 2545 13.87 -81.00 63.17
N GLU N 2546 12.95 -80.83 62.23
CA GLU N 2546 13.20 -79.95 61.10
C GLU N 2546 13.42 -78.52 61.56
N MET N 2547 12.62 -78.04 62.52
CA MET N 2547 12.83 -76.68 63.03
C MET N 2547 14.14 -76.55 63.78
N ALA N 2548 14.55 -77.59 64.50
CA ALA N 2548 15.85 -77.55 65.18
C ALA N 2548 16.98 -77.44 64.17
N LEU N 2549 16.94 -78.23 63.10
CA LEU N 2549 17.96 -78.15 62.07
C LEU N 2549 17.93 -76.79 61.38
N ALA N 2550 16.74 -76.26 61.14
CA ALA N 2550 16.62 -74.95 60.50
C ALA N 2550 17.24 -73.87 61.37
N LEU N 2551 16.97 -73.91 62.68
CA LEU N 2551 17.57 -72.95 63.59
C LEU N 2551 19.09 -73.10 63.62
N ASN N 2552 19.58 -74.34 63.61
CA ASN N 2552 21.02 -74.55 63.59
C ASN N 2552 21.65 -73.89 62.36
N ARG N 2553 21.07 -74.16 61.18
CA ARG N 2553 21.60 -73.57 59.96
C ARG N 2553 21.51 -72.05 60.00
N TYR N 2554 20.36 -71.52 60.41
CA TYR N 2554 20.18 -70.07 60.48
C TYR N 2554 21.24 -69.44 61.35
N LEU N 2555 21.41 -69.94 62.57
CA LEU N 2555 22.43 -69.38 63.45
C LEU N 2555 23.80 -69.47 62.81
N CYS N 2556 24.21 -70.67 62.40
CA CYS N 2556 25.59 -70.88 61.98
C CYS N 2556 25.93 -70.06 60.74
N LEU N 2557 24.96 -69.83 59.86
CA LEU N 2557 25.23 -69.16 58.60
C LEU N 2557 24.91 -67.68 58.60
N ALA N 2558 24.14 -67.17 59.56
CA ALA N 2558 23.79 -65.77 59.57
C ALA N 2558 24.26 -65.06 60.84
N VAL N 2559 23.93 -65.62 62.02
CA VAL N 2559 24.05 -64.86 63.25
C VAL N 2559 25.46 -64.99 63.83
N LEU N 2560 25.88 -66.22 64.10
CA LEU N 2560 27.16 -66.46 64.77
C LEU N 2560 28.30 -65.81 64.00
N PRO N 2561 28.34 -65.90 62.67
CA PRO N 2561 29.36 -65.14 61.93
C PRO N 2561 29.28 -63.64 62.19
N LEU N 2562 28.05 -63.10 62.26
CA LEU N 2562 27.90 -61.68 62.51
C LEU N 2562 28.43 -61.30 63.89
N ILE N 2563 28.11 -62.10 64.91
CA ILE N 2563 28.61 -61.83 66.25
C ILE N 2563 30.11 -61.96 66.30
N THR N 2564 30.67 -62.94 65.59
CA THR N 2564 32.12 -63.09 65.53
C THR N 2564 32.76 -61.85 64.92
N LYS N 2565 32.18 -61.33 63.83
CA LYS N 2565 32.70 -60.13 63.21
C LYS N 2565 32.58 -58.92 64.14
N CYS N 2566 31.50 -58.86 64.91
CA CYS N 2566 31.25 -57.73 65.81
C CYS N 2566 31.86 -57.94 67.19
N ALA N 2567 32.63 -59.00 67.40
CA ALA N 2567 33.19 -59.30 68.72
C ALA N 2567 33.95 -58.13 69.32
N PRO N 2568 34.78 -57.39 68.58
CA PRO N 2568 35.53 -56.28 69.20
C PRO N 2568 34.64 -55.28 69.93
N LEU N 2569 33.38 -55.15 69.52
CA LEU N 2569 32.49 -54.17 70.16
C LEU N 2569 32.17 -54.59 71.59
N PHE N 2570 32.33 -55.87 71.91
CA PHE N 2570 31.97 -56.35 73.24
C PHE N 2570 32.90 -55.84 74.34
N ALA N 2571 34.01 -55.21 73.98
CA ALA N 2571 34.88 -54.62 74.99
C ALA N 2571 34.17 -53.50 75.71
N GLY N 2572 34.34 -53.45 77.03
CA GLY N 2572 33.72 -52.40 77.83
C GLY N 2572 32.20 -52.46 77.87
N THR N 2573 31.63 -53.65 78.04
CA THR N 2573 30.19 -53.84 78.16
C THR N 2573 29.83 -54.31 79.57
N GLU N 2574 30.52 -53.77 80.57
CA GLU N 2574 30.26 -54.17 81.95
C GLU N 2574 28.85 -53.82 82.41
N HIS N 2575 28.16 -52.92 81.71
CA HIS N 2575 26.81 -52.54 82.13
C HIS N 2575 25.80 -53.63 81.82
N ARG N 2576 25.88 -54.24 80.63
CA ARG N 2576 25.02 -55.38 80.29
C ARG N 2576 25.73 -56.70 80.60
N ALA N 2577 26.24 -56.78 81.83
CA ALA N 2577 27.00 -57.96 82.24
C ALA N 2577 26.12 -59.21 82.26
N ILE N 2578 24.89 -59.08 82.75
CA ILE N 2578 24.00 -60.23 82.81
C ILE N 2578 23.71 -60.77 81.41
N MET N 2579 23.41 -59.87 80.47
CA MET N 2579 23.13 -60.31 79.11
C MET N 2579 24.36 -60.93 78.47
N VAL N 2580 25.54 -60.36 78.72
CA VAL N 2580 26.77 -60.93 78.15
C VAL N 2580 26.99 -62.34 78.70
N ASP N 2581 26.79 -62.52 80.01
CA ASP N 2581 26.97 -63.83 80.60
C ASP N 2581 25.98 -64.84 80.02
N SER N 2582 24.71 -64.41 79.86
CA SER N 2582 23.71 -65.30 79.30
C SER N 2582 24.06 -65.69 77.86
N MET N 2583 24.54 -64.73 77.07
CA MET N 2583 24.94 -65.02 75.70
C MET N 2583 26.11 -65.99 75.66
N LEU N 2584 27.11 -65.81 76.53
CA LEU N 2584 28.23 -66.73 76.56
C LEU N 2584 27.77 -68.14 76.92
N HIS N 2585 26.91 -68.25 77.94
CA HIS N 2585 26.41 -69.56 78.34
C HIS N 2585 25.62 -70.21 77.22
N THR N 2586 24.77 -69.44 76.53
CA THR N 2586 23.99 -69.99 75.44
C THR N 2586 24.88 -70.48 74.31
N VAL N 2587 25.89 -69.69 73.95
CA VAL N 2587 26.77 -70.09 72.86
C VAL N 2587 27.52 -71.38 73.24
N TYR N 2588 28.00 -71.46 74.47
CA TYR N 2588 28.69 -72.67 74.90
C TYR N 2588 27.75 -73.88 74.88
N ARG N 2589 26.50 -73.68 75.31
CA ARG N 2589 25.54 -74.78 75.29
C ARG N 2589 25.27 -75.25 73.86
N LEU N 2590 25.16 -74.30 72.92
CA LEU N 2590 25.04 -74.69 71.52
C LEU N 2590 26.26 -75.48 71.06
N SER N 2591 27.45 -75.01 71.46
CA SER N 2591 28.67 -75.74 71.10
C SER N 2591 28.58 -77.19 71.57
N ARG N 2592 28.16 -77.40 72.81
CA ARG N 2592 27.91 -78.75 73.33
C ARG N 2592 26.54 -79.22 72.83
N GLY N 2593 26.50 -79.56 71.56
CA GLY N 2593 25.25 -79.97 70.91
C GLY N 2593 25.45 -81.16 70.01
N ARG N 2594 24.41 -81.99 69.93
CA ARG N 2594 24.41 -83.14 69.04
C ARG N 2594 23.78 -82.77 67.69
N SER N 2595 23.74 -83.75 66.78
CA SER N 2595 23.15 -83.56 65.46
C SER N 2595 23.66 -82.29 64.80
N LEU N 2596 24.94 -81.98 65.02
CA LEU N 2596 25.54 -80.73 64.57
C LEU N 2596 26.72 -81.07 63.67
N THR N 2597 26.73 -80.51 62.47
CA THR N 2597 27.79 -80.79 61.52
C THR N 2597 29.11 -80.17 61.99
N LYS N 2598 30.21 -80.70 61.46
CA LYS N 2598 31.53 -80.25 61.90
C LYS N 2598 31.76 -78.79 61.57
N ALA N 2599 31.32 -78.35 60.38
CA ALA N 2599 31.47 -76.94 60.02
C ALA N 2599 30.67 -76.04 60.95
N GLN N 2600 29.45 -76.46 61.29
CA GLN N 2600 28.63 -75.68 62.21
C GLN N 2600 29.29 -75.59 63.58
N ARG N 2601 29.82 -76.70 64.07
CA ARG N 2601 30.55 -76.69 65.34
C ARG N 2601 31.75 -75.76 65.27
N ASP N 2602 32.45 -75.77 64.13
CA ASP N 2602 33.61 -74.89 63.96
C ASP N 2602 33.19 -73.43 64.03
N VAL N 2603 32.08 -73.08 63.37
CA VAL N 2603 31.60 -71.71 63.42
C VAL N 2603 31.27 -71.31 64.85
N ILE N 2604 30.57 -72.19 65.58
CA ILE N 2604 30.20 -71.89 66.95
C ILE N 2604 31.45 -71.67 67.80
N GLU N 2605 32.43 -72.57 67.68
CA GLU N 2605 33.63 -72.47 68.50
C GLU N 2605 34.42 -71.21 68.16
N ASP N 2606 34.53 -70.88 66.87
CA ASP N 2606 35.22 -69.67 66.48
C ASP N 2606 34.53 -68.44 67.05
N CYS N 2607 33.19 -68.41 67.03
CA CYS N 2607 32.48 -67.31 67.67
C CYS N 2607 32.81 -67.23 69.15
N LEU N 2608 32.88 -68.38 69.82
CA LEU N 2608 33.18 -68.36 71.25
C LEU N 2608 34.57 -67.80 71.53
N MET N 2609 35.59 -68.28 70.81
CA MET N 2609 36.93 -67.74 71.03
C MET N 2609 37.00 -66.26 70.69
N ALA N 2610 36.35 -65.84 69.59
CA ALA N 2610 36.36 -64.43 69.24
C ALA N 2610 35.73 -63.57 70.33
N LEU N 2611 34.62 -64.02 70.92
CA LEU N 2611 34.02 -63.29 72.02
C LEU N 2611 34.97 -63.22 73.21
N CYS N 2612 35.48 -64.37 73.66
CA CYS N 2612 36.32 -64.42 74.84
C CYS N 2612 37.65 -63.69 74.66
N ARG N 2613 38.08 -63.45 73.43
CA ARG N 2613 39.30 -62.69 73.20
C ARG N 2613 39.15 -61.23 73.59
N TYR N 2614 37.98 -60.65 73.34
CA TYR N 2614 37.77 -59.22 73.55
C TYR N 2614 36.96 -58.90 74.81
N ILE N 2615 36.21 -59.85 75.35
CA ILE N 2615 35.43 -59.59 76.56
C ILE N 2615 36.41 -59.43 77.73
N ARG N 2616 36.04 -58.55 78.66
CA ARG N 2616 36.89 -58.29 79.82
C ARG N 2616 37.05 -59.56 80.66
N PRO N 2617 38.19 -59.76 81.30
CA PRO N 2617 38.40 -61.01 82.05
C PRO N 2617 37.39 -61.23 83.15
N SER N 2618 36.89 -60.18 83.79
CA SER N 2618 36.01 -60.34 84.93
C SER N 2618 34.69 -60.99 84.53
N MET N 2619 34.13 -60.59 83.40
CA MET N 2619 32.77 -61.03 83.05
C MET N 2619 32.75 -62.51 82.65
N LEU N 2620 33.92 -63.12 82.45
CA LEU N 2620 33.98 -64.52 82.06
C LEU N 2620 33.98 -65.45 83.27
N GLN N 2621 33.68 -64.90 84.45
CA GLN N 2621 33.77 -65.70 85.67
C GLN N 2621 32.81 -66.90 85.64
N HIS N 2622 31.57 -66.70 85.22
CA HIS N 2622 30.60 -67.79 85.21
C HIS N 2622 30.94 -68.81 84.14
N LEU N 2623 31.46 -68.36 82.98
CA LEU N 2623 31.88 -69.30 81.96
C LEU N 2623 33.03 -70.17 82.46
N LEU N 2624 34.01 -69.55 83.13
CA LEU N 2624 35.08 -70.32 83.75
C LEU N 2624 34.54 -71.29 84.78
N ARG N 2625 33.54 -70.84 85.55
CA ARG N 2625 32.90 -71.70 86.54
C ARG N 2625 32.28 -72.94 85.90
N ARG N 2626 31.57 -72.77 84.79
CA ARG N 2626 31.02 -73.92 84.09
C ARG N 2626 32.13 -74.81 83.53
N LEU N 2627 33.19 -74.19 83.01
CA LEU N 2627 34.30 -74.98 82.47
C LEU N 2627 35.00 -75.80 83.54
N VAL N 2628 35.01 -75.32 84.78
CA VAL N 2628 35.61 -76.13 85.85
C VAL N 2628 34.98 -77.51 85.90
N PHE N 2629 33.64 -77.57 85.81
CA PHE N 2629 32.98 -78.86 85.81
C PHE N 2629 33.15 -79.57 84.47
N ASP N 2630 33.02 -78.84 83.35
CA ASP N 2630 32.97 -79.52 82.06
C ASP N 2630 34.31 -80.11 81.65
N VAL N 2631 35.38 -79.32 81.71
CA VAL N 2631 36.66 -79.69 81.10
C VAL N 2631 37.28 -80.94 81.72
N PRO N 2632 37.35 -81.06 83.05
CA PRO N 2632 38.14 -82.15 83.64
C PRO N 2632 37.80 -83.53 83.13
N ILE N 2633 36.59 -83.73 82.59
CA ILE N 2633 36.26 -85.03 82.02
C ILE N 2633 37.20 -85.40 80.88
N LEU N 2634 37.77 -84.42 80.20
CA LEU N 2634 38.74 -84.65 79.14
C LEU N 2634 38.17 -85.58 78.07
N ASN N 2635 36.90 -85.37 77.72
CA ASN N 2635 36.28 -86.09 76.63
C ASN N 2635 36.61 -85.41 75.30
N GLU N 2636 35.93 -85.84 74.23
CA GLU N 2636 36.14 -85.23 72.92
C GLU N 2636 35.74 -83.76 72.93
N PHE N 2637 34.63 -83.43 73.58
CA PHE N 2637 34.18 -82.04 73.61
C PHE N 2637 35.16 -81.15 74.37
N ALA N 2638 36.01 -81.75 75.21
CA ALA N 2638 36.89 -80.96 76.06
C ALA N 2638 37.98 -80.23 75.29
N LYS N 2639 38.22 -80.59 74.03
CA LYS N 2639 39.33 -80.01 73.30
C LYS N 2639 39.18 -78.51 73.13
N MET N 2640 38.00 -78.05 72.69
CA MET N 2640 37.81 -76.62 72.49
C MET N 2640 37.93 -75.84 73.80
N PRO N 2641 37.29 -76.26 74.89
CA PRO N 2641 37.50 -75.54 76.15
C PRO N 2641 38.96 -75.42 76.54
N LEU N 2642 39.78 -76.44 76.24
CA LEU N 2642 41.20 -76.34 76.55
C LEU N 2642 41.84 -75.18 75.78
N LYS N 2643 41.56 -75.06 74.49
CA LYS N 2643 42.11 -73.96 73.71
C LYS N 2643 41.60 -72.62 74.23
N LEU N 2644 40.30 -72.55 74.54
CA LEU N 2644 39.73 -71.30 75.03
C LEU N 2644 40.40 -70.86 76.33
N LEU N 2645 40.56 -71.81 77.27
CA LEU N 2645 41.21 -71.49 78.54
C LEU N 2645 42.67 -71.09 78.33
N THR N 2646 43.37 -71.80 77.45
CA THR N 2646 44.76 -71.44 77.16
C THR N 2646 44.86 -70.00 76.67
N ASN N 2647 44.05 -69.64 75.67
CA ASN N 2647 44.10 -68.29 75.13
C ASN N 2647 43.72 -67.28 76.22
N HIS N 2648 42.66 -67.56 76.97
CA HIS N 2648 42.20 -66.61 77.98
C HIS N 2648 43.26 -66.35 79.03
N TYR N 2649 43.87 -67.42 79.56
CA TYR N 2649 44.85 -67.24 80.62
C TYR N 2649 46.15 -66.65 80.09
N GLU N 2650 46.56 -67.02 78.87
CA GLU N 2650 47.74 -66.39 78.29
C GLU N 2650 47.52 -64.90 78.10
N ARG N 2651 46.30 -64.50 77.69
CA ARG N 2651 46.00 -63.09 77.53
C ARG N 2651 45.97 -62.36 78.86
N CYS N 2652 45.31 -62.94 79.87
CA CYS N 2652 45.02 -62.24 81.12
C CYS N 2652 45.87 -62.77 82.28
N TRP N 2653 47.09 -63.24 81.99
CA TRP N 2653 47.94 -63.76 83.06
C TRP N 2653 48.22 -62.69 84.11
N LYS N 2654 48.34 -61.42 83.71
CA LYS N 2654 48.58 -60.37 84.69
C LYS N 2654 47.36 -60.09 85.57
N TYR N 2655 46.16 -60.36 85.08
CA TYR N 2655 44.96 -60.15 85.88
C TYR N 2655 44.97 -61.03 87.12
N TYR N 2656 45.60 -62.20 87.04
CA TYR N 2656 45.63 -63.15 88.13
C TYR N 2656 46.95 -63.12 88.91
N CYS N 2657 48.07 -63.32 88.22
CA CYS N 2657 49.34 -63.50 88.91
C CYS N 2657 49.77 -62.24 89.66
N LEU N 2658 49.70 -61.08 89.00
CA LEU N 2658 50.23 -59.86 89.60
C LEU N 2658 49.40 -59.45 90.81
N PRO N 2659 50.02 -58.82 91.82
CA PRO N 2659 49.25 -58.32 92.96
C PRO N 2659 48.48 -57.06 92.61
N THR N 2660 49.09 -56.19 91.80
CA THR N 2660 48.42 -54.96 91.39
C THR N 2660 47.24 -55.27 90.48
N GLY N 2661 47.37 -56.27 89.62
CA GLY N 2661 46.35 -56.60 88.65
C GLY N 2661 46.59 -55.92 87.32
N TRP N 2662 45.95 -56.47 86.28
CA TRP N 2662 46.11 -55.92 84.94
C TRP N 2662 45.58 -54.50 84.89
N ALA N 2663 46.34 -53.60 84.26
CA ALA N 2663 45.97 -52.19 84.22
C ALA N 2663 44.63 -52.01 83.50
N ASN N 2664 43.76 -51.22 84.11
CA ASN N 2664 42.44 -50.85 83.59
C ASN N 2664 41.44 -51.99 83.65
N PHE N 2665 41.86 -53.20 84.06
CA PHE N 2665 40.96 -54.34 84.15
C PHE N 2665 40.72 -54.82 85.58
N GLY N 2666 41.38 -54.22 86.57
CA GLY N 2666 41.19 -54.65 87.94
C GLY N 2666 42.14 -55.75 88.34
N VAL N 2667 41.82 -56.37 89.48
CA VAL N 2667 42.61 -57.45 90.03
C VAL N 2667 41.70 -58.66 90.26
N THR N 2668 42.30 -59.84 90.23
CA THR N 2668 41.54 -61.07 90.38
C THR N 2668 40.93 -61.17 91.77
N SER N 2669 39.95 -62.06 91.90
CA SER N 2669 39.27 -62.30 93.17
C SER N 2669 39.62 -63.69 93.70
N GLU N 2670 39.38 -63.88 94.99
CA GLU N 2670 39.65 -65.17 95.61
C GLU N 2670 38.88 -66.28 94.92
N GLU N 2671 37.63 -66.01 94.53
CA GLU N 2671 36.86 -67.00 93.81
C GLU N 2671 37.48 -67.30 92.45
N GLU N 2672 37.95 -66.27 91.75
CA GLU N 2672 38.64 -66.49 90.49
C GLU N 2672 39.84 -67.41 90.67
N LEU N 2673 40.65 -67.15 91.70
CA LEU N 2673 41.84 -67.97 91.92
C LEU N 2673 41.47 -69.39 92.31
N HIS N 2674 40.41 -69.54 93.11
CA HIS N 2674 39.95 -70.88 93.49
C HIS N 2674 39.52 -71.68 92.26
N LEU N 2675 38.74 -71.04 91.38
CA LEU N 2675 38.33 -71.71 90.15
C LEU N 2675 39.53 -72.06 89.28
N THR N 2676 40.50 -71.15 89.17
CA THR N 2676 41.69 -71.44 88.37
C THR N 2676 42.48 -72.62 88.94
N ARG N 2677 42.63 -72.67 90.27
CA ARG N 2677 43.33 -73.78 90.91
C ARG N 2677 42.59 -75.09 90.67
N LYS N 2678 41.26 -75.07 90.77
CA LYS N 2678 40.49 -76.28 90.48
C LYS N 2678 40.68 -76.72 89.04
N LEU N 2679 40.65 -75.78 88.10
CA LEU N 2679 40.97 -76.12 86.72
C LEU N 2679 42.30 -76.83 86.62
N PHE N 2680 43.34 -76.23 87.19
CA PHE N 2680 44.68 -76.78 87.04
C PHE N 2680 44.74 -78.20 87.60
N TRP N 2681 44.24 -78.40 88.82
CA TRP N 2681 44.40 -79.69 89.47
C TRP N 2681 43.51 -80.75 88.84
N GLY N 2682 42.29 -80.40 88.46
CA GLY N 2682 41.44 -81.35 87.76
C GLY N 2682 42.05 -81.81 86.45
N ILE N 2683 42.54 -80.85 85.65
CA ILE N 2683 43.18 -81.20 84.39
C ILE N 2683 44.41 -82.07 84.64
N PHE N 2684 45.21 -81.72 85.65
CA PHE N 2684 46.42 -82.48 85.92
C PHE N 2684 46.10 -83.92 86.27
N ASP N 2685 45.19 -84.12 87.23
CA ASP N 2685 44.85 -85.49 87.65
C ASP N 2685 44.23 -86.27 86.50
N SER N 2686 43.29 -85.65 85.78
CA SER N 2686 42.66 -86.35 84.66
C SER N 2686 43.71 -86.77 83.64
N LEU N 2687 44.52 -85.83 83.17
CA LEU N 2687 45.53 -86.16 82.16
C LEU N 2687 46.49 -87.22 82.66
N ALA N 2688 46.79 -87.20 83.97
CA ALA N 2688 47.66 -88.23 84.53
C ALA N 2688 47.01 -89.60 84.41
N HIS N 2689 45.72 -89.70 84.68
CA HIS N 2689 45.04 -91.00 84.65
C HIS N 2689 44.56 -91.41 83.25
N LYS N 2690 44.58 -90.51 82.27
CA LYS N 2690 44.13 -90.87 80.93
C LYS N 2690 45.20 -91.66 80.18
N LYS N 2691 44.74 -92.53 79.29
CA LYS N 2691 45.64 -93.22 78.38
C LYS N 2691 46.20 -92.23 77.37
N TYR N 2692 47.40 -92.51 76.88
CA TYR N 2692 48.08 -91.56 76.01
C TYR N 2692 47.25 -91.28 74.75
N ASP N 2693 47.16 -90.00 74.40
CA ASP N 2693 46.55 -89.56 73.15
C ASP N 2693 47.29 -88.32 72.68
N GLN N 2694 47.85 -88.38 71.47
CA GLN N 2694 48.69 -87.29 70.99
C GLN N 2694 47.91 -85.99 70.92
N GLU N 2695 46.69 -86.02 70.38
CA GLU N 2695 45.89 -84.81 70.24
C GLU N 2695 45.56 -84.22 71.61
N LEU N 2696 45.07 -85.05 72.52
CA LEU N 2696 44.70 -84.56 73.84
C LEU N 2696 45.90 -83.97 74.57
N TYR N 2697 47.03 -84.68 74.53
CA TYR N 2697 48.23 -84.17 75.20
C TYR N 2697 48.73 -82.86 74.59
N ARG N 2698 48.76 -82.76 73.26
CA ARG N 2698 49.22 -81.54 72.61
C ARG N 2698 48.31 -80.36 72.92
N ILE N 2699 46.99 -80.57 72.96
CA ILE N 2699 46.08 -79.49 73.33
C ILE N 2699 46.19 -79.14 74.81
N ALA N 2700 46.37 -80.13 75.69
CA ALA N 2700 46.35 -79.91 77.12
C ALA N 2700 47.62 -79.25 77.65
N MET N 2701 48.79 -79.67 77.18
CA MET N 2701 50.03 -79.13 77.73
C MET N 2701 50.09 -77.61 77.69
N PRO N 2702 49.80 -76.95 76.57
CA PRO N 2702 49.76 -75.47 76.60
C PRO N 2702 48.76 -74.93 77.60
N CYS N 2703 47.59 -75.59 77.74
CA CYS N 2703 46.60 -75.12 78.70
C CYS N 2703 47.13 -75.22 80.13
N LEU N 2704 47.75 -76.35 80.47
CA LEU N 2704 48.30 -76.50 81.81
C LEU N 2704 49.37 -75.45 82.08
N CYS N 2705 50.26 -75.22 81.10
CA CYS N 2705 51.29 -74.21 81.28
C CYS N 2705 50.68 -72.83 81.47
N ALA N 2706 49.65 -72.49 80.69
CA ALA N 2706 49.03 -71.18 80.81
C ALA N 2706 48.38 -71.01 82.17
N ILE N 2707 47.65 -72.01 82.64
CA ILE N 2707 47.01 -71.92 83.95
C ILE N 2707 48.06 -71.79 85.05
N ALA N 2708 49.13 -72.58 84.97
CA ALA N 2708 50.18 -72.50 85.98
C ALA N 2708 50.82 -71.11 85.99
N GLY N 2709 51.09 -70.55 84.81
CA GLY N 2709 51.66 -69.22 84.77
C GLY N 2709 50.72 -68.17 85.32
N ALA N 2710 49.44 -68.28 85.00
CA ALA N 2710 48.48 -67.29 85.45
C ALA N 2710 48.29 -67.32 86.96
N LEU N 2711 48.18 -68.52 87.53
CA LEU N 2711 47.86 -68.64 88.95
C LEU N 2711 49.08 -68.27 89.79
N PRO N 2712 48.95 -67.41 90.80
CA PRO N 2712 50.12 -66.98 91.58
C PRO N 2712 50.78 -68.15 92.28
N PRO N 2713 52.10 -68.12 92.46
CA PRO N 2713 52.76 -69.22 93.19
C PRO N 2713 52.40 -69.27 94.67
N ASP N 2714 52.41 -68.12 95.36
CA ASP N 2714 52.20 -68.12 96.80
C ASP N 2714 50.73 -68.07 97.19
N TYR N 2715 49.83 -68.03 96.22
CA TYR N 2715 48.40 -67.98 96.52
C TYR N 2715 47.99 -69.19 97.36
N VAL N 2716 47.21 -68.94 98.40
CA VAL N 2716 46.72 -69.97 99.31
C VAL N 2716 45.21 -70.03 99.18
N ASP N 2717 44.68 -71.22 98.92
CA ASP N 2717 43.25 -71.38 98.73
C ASP N 2717 42.51 -71.14 100.04
N ALA N 2718 41.38 -70.44 99.95
CA ALA N 2718 40.61 -70.08 101.13
C ALA N 2718 40.05 -71.30 101.85
N SER N 2719 39.49 -72.27 101.10
CA SER N 2719 38.86 -73.46 101.68
C SER N 2719 39.53 -74.70 101.08
N TYR N 2720 40.63 -75.12 101.72
CA TYR N 2720 41.34 -76.31 101.28
C TYR N 2720 40.53 -77.57 101.64
N SER N 2721 40.63 -78.58 100.79
CA SER N 2721 39.97 -79.85 101.01
C SER N 2721 41.00 -80.98 101.01
N SER N 2722 41.00 -81.78 102.07
CA SER N 2722 41.88 -82.94 102.15
C SER N 2722 41.24 -84.19 101.57
N LYS N 2723 39.91 -84.31 101.67
CA LYS N 2723 39.23 -85.46 101.10
C LYS N 2723 39.35 -85.48 99.58
N THR N 2724 39.22 -84.31 98.95
CA THR N 2724 39.37 -84.19 97.49
C THR N 2724 38.43 -85.15 96.75
N GLU N 2725 37.19 -85.27 97.25
CA GLU N 2725 36.23 -86.13 96.61
C GLU N 2725 35.74 -85.52 95.30
N LYS N 2726 35.78 -86.32 94.24
CA LYS N 2726 35.42 -85.85 92.90
C LYS N 2726 36.19 -84.58 92.56
N ASN N 2735 26.95 -83.55 83.30
CA ASN N 2735 26.55 -84.83 83.87
C ASN N 2735 26.67 -84.79 85.39
N PHE N 2736 26.28 -83.66 85.98
CA PHE N 2736 26.32 -83.52 87.43
C PHE N 2736 25.27 -84.40 88.09
N ASP N 2737 25.64 -85.01 89.21
CA ASP N 2737 24.74 -85.90 89.94
C ASP N 2737 24.53 -85.35 91.35
N PRO N 2738 23.47 -84.55 91.59
CA PRO N 2738 23.28 -83.93 92.92
C PRO N 2738 22.83 -84.94 93.98
N ARG N 2739 23.69 -85.91 94.26
CA ARG N 2739 23.35 -87.00 95.18
C ARG N 2739 23.41 -86.57 96.63
N PRO N 2740 22.30 -86.61 97.36
CA PRO N 2740 22.36 -86.42 98.82
C PRO N 2740 22.55 -87.74 99.53
N VAL N 2741 22.73 -87.64 100.86
CA VAL N 2741 22.76 -88.84 101.69
C VAL N 2741 21.34 -89.32 101.95
N GLU N 2742 21.21 -90.61 102.28
CA GLU N 2742 19.90 -91.23 102.47
C GLU N 2742 19.38 -90.89 103.87
N THR N 2743 19.20 -89.59 104.09
CA THR N 2743 18.73 -89.12 105.38
C THR N 2743 17.40 -89.75 105.75
N LEU N 2744 16.54 -90.00 104.76
CA LEU N 2744 15.23 -90.59 105.05
C LEU N 2744 15.35 -92.00 105.61
N ASN N 2745 16.26 -92.82 105.07
CA ASN N 2745 16.39 -94.19 105.60
C ASN N 2745 17.14 -94.18 106.93
N VAL N 2746 18.09 -93.25 107.11
CA VAL N 2746 18.78 -93.16 108.39
C VAL N 2746 17.75 -92.88 109.50
N ILE N 2747 18.03 -93.40 110.69
CA ILE N 2747 17.09 -93.37 111.80
C ILE N 2747 17.51 -92.29 112.79
N ILE N 2748 16.62 -91.93 113.71
CA ILE N 2748 16.78 -90.72 114.53
C ILE N 2748 16.74 -91.06 116.02
N PRO N 2749 17.61 -90.47 116.84
CA PRO N 2749 17.46 -90.60 118.30
C PRO N 2749 16.35 -89.71 118.86
N GLU N 2750 15.85 -90.10 120.03
CA GLU N 2750 14.78 -89.35 120.70
C GLU N 2750 15.29 -88.08 121.37
N LYS N 2751 16.52 -88.11 121.89
CA LYS N 2751 17.10 -86.88 122.41
C LYS N 2751 17.28 -85.85 121.28
N LEU N 2752 17.66 -86.32 120.10
CA LEU N 2752 17.71 -85.42 118.95
C LEU N 2752 16.30 -85.05 118.48
N ASP N 2753 15.31 -85.89 118.78
CA ASP N 2753 13.92 -85.46 118.54
C ASP N 2753 13.56 -84.27 119.43
N SER N 2754 13.96 -84.33 120.69
CA SER N 2754 13.76 -83.18 121.58
C SER N 2754 14.51 -81.95 121.06
N PHE N 2755 15.74 -82.16 120.60
CA PHE N 2755 16.46 -81.06 119.96
C PHE N 2755 15.69 -80.52 118.76
N ILE N 2756 15.03 -81.42 118.01
CA ILE N 2756 14.26 -80.99 116.85
C ILE N 2756 13.10 -80.11 117.27
N ASN N 2757 12.41 -80.48 118.36
CA ASN N 2757 11.30 -79.64 118.81
C ASN N 2757 11.81 -78.28 119.27
N LYS N 2758 12.97 -78.25 119.95
CA LYS N 2758 13.55 -76.98 120.37
C LYS N 2758 13.98 -76.13 119.17
N PHE N 2759 14.56 -76.75 118.13
CA PHE N 2759 14.97 -75.98 116.96
C PHE N 2759 13.75 -75.53 116.17
N ALA N 2760 12.67 -76.31 116.18
CA ALA N 2760 11.41 -75.83 115.63
C ALA N 2760 10.94 -74.60 116.37
N GLU N 2761 11.03 -74.63 117.70
CA GLU N 2761 10.75 -73.43 118.50
C GLU N 2761 11.57 -72.24 118.04
N TYR N 2762 12.89 -72.41 117.93
CA TYR N 2762 13.77 -71.30 117.58
C TYR N 2762 13.49 -70.77 116.17
N THR N 2763 13.38 -71.66 115.18
CA THR N 2763 13.18 -71.21 113.82
C THR N 2763 11.80 -70.61 113.64
N HIS N 2764 10.79 -71.13 114.34
CA HIS N 2764 9.45 -70.58 114.34
C HIS N 2764 9.41 -69.20 115.00
N GLU N 2765 10.23 -68.98 116.02
CA GLU N 2765 10.38 -67.66 116.62
C GLU N 2765 11.03 -66.68 115.66
N LYS N 2766 12.13 -67.08 115.02
CA LYS N 2766 12.83 -66.22 114.06
C LYS N 2766 11.94 -65.88 112.87
N TRP N 2767 11.35 -66.89 112.24
CA TRP N 2767 10.52 -66.64 111.07
C TRP N 2767 9.28 -65.86 111.46
N ALA N 2768 8.74 -66.11 112.65
CA ALA N 2768 7.61 -65.33 113.14
C ALA N 2768 8.00 -63.86 113.31
N PHE N 2769 9.20 -63.59 113.82
CA PHE N 2769 9.68 -62.21 113.89
C PHE N 2769 9.79 -61.60 112.51
N ASP N 2770 10.32 -62.35 111.54
CA ASP N 2770 10.41 -61.84 110.17
C ASP N 2770 9.03 -61.51 109.61
N LYS N 2771 8.04 -62.37 109.88
CA LYS N 2771 6.68 -62.11 109.44
C LYS N 2771 6.10 -60.88 110.14
N ILE N 2772 6.44 -60.67 111.41
CA ILE N 2772 6.02 -59.46 112.11
C ILE N 2772 6.59 -58.23 111.43
N GLN N 2773 7.87 -58.27 111.06
CA GLN N 2773 8.44 -57.16 110.28
C GLN N 2773 7.69 -56.98 108.97
N ASN N 2774 7.32 -58.08 108.32
CA ASN N 2774 6.52 -58.03 107.11
C ASN N 2774 5.07 -57.63 107.38
N ASN N 2775 4.70 -57.44 108.65
CA ASN N 2775 3.37 -57.00 109.05
C ASN N 2775 2.36 -58.15 108.97
N TRP N 2776 2.85 -59.39 108.92
CA TRP N 2776 1.98 -60.57 108.93
C TRP N 2776 1.66 -60.92 110.38
N SER N 2777 0.60 -60.34 110.91
CA SER N 2777 0.14 -60.66 112.24
C SER N 2777 -0.59 -62.00 112.25
N TYR N 2778 -0.79 -62.54 113.45
CA TYR N 2778 -1.47 -63.82 113.57
C TYR N 2778 -2.88 -63.73 113.00
N GLY N 2779 -3.28 -64.75 112.25
CA GLY N 2779 -4.58 -64.76 111.61
C GLY N 2779 -5.24 -66.11 111.56
N GLU N 2780 -6.26 -66.24 110.70
CA GLU N 2780 -6.98 -67.50 110.57
C GLU N 2780 -6.51 -68.30 109.35
N ASN N 2781 -6.12 -67.60 108.28
CA ASN N 2781 -5.66 -68.26 107.08
C ASN N 2781 -4.69 -67.34 106.35
N ILE N 2782 -3.85 -67.91 105.50
CA ILE N 2782 -2.84 -67.14 104.77
C ILE N 2782 -3.45 -66.60 103.49
N ASP N 2783 -3.19 -65.32 103.21
CA ASP N 2783 -3.63 -64.69 101.97
C ASP N 2783 -2.82 -63.41 101.77
N GLU N 2784 -2.52 -63.11 100.51
CA GLU N 2784 -1.73 -61.92 100.21
C GLU N 2784 -2.44 -60.65 100.67
N GLU N 2785 -3.75 -60.58 100.43
CA GLU N 2785 -4.50 -59.38 100.81
C GLU N 2785 -4.72 -59.32 102.31
N LEU N 2786 -4.99 -60.46 102.95
CA LEU N 2786 -5.23 -60.46 104.39
C LEU N 2786 -4.02 -59.97 105.16
N LYS N 2787 -2.82 -60.37 104.73
CA LYS N 2787 -1.59 -60.03 105.44
C LYS N 2787 -1.64 -60.51 106.87
N THR N 2788 -2.15 -61.73 107.07
CA THR N 2788 -2.24 -62.35 108.38
C THR N 2788 -1.91 -63.82 108.24
N HIS N 2789 -1.24 -64.39 109.24
CA HIS N 2789 -0.69 -65.74 109.14
C HIS N 2789 -1.14 -66.57 110.33
N PRO N 2790 -1.74 -67.75 110.14
CA PRO N 2790 -2.19 -68.54 111.29
C PRO N 2790 -1.13 -69.48 111.86
N MET N 2791 -0.12 -69.86 111.07
CA MET N 2791 0.82 -70.87 111.54
C MET N 2791 1.65 -70.35 112.70
N LEU N 2792 1.92 -69.05 112.73
CA LEU N 2792 2.63 -68.45 113.85
C LEU N 2792 1.68 -68.33 115.04
N ARG N 2793 1.94 -69.13 116.06
CA ARG N 2793 1.10 -69.15 117.27
C ARG N 2793 1.96 -69.62 118.43
N PRO N 2794 1.45 -69.56 119.65
CA PRO N 2794 2.13 -70.22 120.76
C PRO N 2794 2.29 -71.70 120.49
N TYR N 2795 3.34 -72.29 121.05
CA TYR N 2795 3.71 -73.65 120.69
C TYR N 2795 2.73 -74.67 121.28
N LYS N 2796 1.87 -74.25 122.21
CA LYS N 2796 0.84 -75.14 122.72
C LYS N 2796 -0.40 -75.14 121.83
N THR N 2797 -0.92 -73.95 121.51
CA THR N 2797 -2.05 -73.87 120.60
C THR N 2797 -1.69 -74.40 119.22
N PHE N 2798 -0.43 -74.25 118.83
CA PHE N 2798 0.03 -74.72 117.54
C PHE N 2798 -0.22 -76.21 117.39
N SER N 2799 -0.89 -76.59 116.31
CA SER N 2799 -1.32 -77.98 116.13
C SER N 2799 -0.13 -78.93 116.11
N GLU N 2800 -0.33 -80.10 116.71
CA GLU N 2800 0.72 -81.11 116.72
C GLU N 2800 1.06 -81.57 115.31
N LYS N 2801 0.06 -81.74 114.45
CA LYS N 2801 0.32 -82.10 113.07
C LYS N 2801 1.17 -81.04 112.37
N ASP N 2802 0.84 -79.76 112.58
CA ASP N 2802 1.61 -78.70 111.94
C ASP N 2802 3.05 -78.71 112.43
N LYS N 2803 3.26 -78.94 113.73
CA LYS N 2803 4.61 -78.96 114.26
C LYS N 2803 5.41 -80.15 113.75
N GLU N 2804 4.76 -81.27 113.48
CA GLU N 2804 5.49 -82.41 112.90
C GLU N 2804 5.95 -82.09 111.48
N ILE N 2805 5.06 -81.56 110.65
CA ILE N 2805 5.43 -81.16 109.30
C ILE N 2805 6.52 -80.11 109.33
N TYR N 2806 6.47 -79.18 110.29
CA TYR N 2806 7.46 -78.12 110.42
C TYR N 2806 8.78 -78.61 110.98
N ARG N 2807 8.76 -79.68 111.78
CA ARG N 2807 9.99 -80.30 112.27
C ARG N 2807 10.62 -81.21 111.23
N TRP N 2808 9.85 -81.65 110.24
CA TRP N 2808 10.36 -82.60 109.25
C TRP N 2808 11.66 -82.14 108.59
N PRO N 2809 11.84 -80.88 108.18
CA PRO N 2809 13.12 -80.48 107.58
C PRO N 2809 14.31 -80.66 108.53
N ILE N 2810 14.10 -80.30 109.80
CA ILE N 2810 15.14 -80.49 110.81
C ILE N 2810 15.38 -81.98 111.03
N LYS N 2811 14.29 -82.76 110.98
CA LYS N 2811 14.40 -84.21 111.04
C LYS N 2811 15.34 -84.72 109.95
N GLU N 2812 15.11 -84.28 108.71
CA GLU N 2812 15.94 -84.72 107.60
C GLU N 2812 17.39 -84.28 107.78
N SER N 2813 17.60 -83.05 108.23
CA SER N 2813 18.96 -82.57 108.43
C SER N 2813 19.70 -83.42 109.45
N LEU N 2814 19.07 -83.69 110.60
CA LEU N 2814 19.74 -84.49 111.62
C LEU N 2814 19.98 -85.91 111.16
N LYS N 2815 19.00 -86.52 110.48
CA LYS N 2815 19.25 -87.82 109.90
C LYS N 2815 20.39 -87.78 108.89
N ALA N 2816 20.58 -86.67 108.19
CA ALA N 2816 21.71 -86.54 107.29
C ALA N 2816 23.03 -86.53 108.05
N MET N 2817 23.10 -85.75 109.14
CA MET N 2817 24.33 -85.76 109.93
C MET N 2817 24.61 -87.14 110.50
N ILE N 2818 23.57 -87.86 110.94
CA ILE N 2818 23.78 -89.24 111.37
C ILE N 2818 24.29 -90.09 110.22
N ALA N 2819 23.79 -89.84 109.00
CA ALA N 2819 24.30 -90.56 107.84
C ALA N 2819 25.79 -90.31 107.65
N TRP N 2820 26.24 -89.07 107.89
CA TRP N 2820 27.66 -88.77 107.81
C TRP N 2820 28.43 -89.27 109.03
N GLU N 2821 27.80 -90.02 109.92
CA GLU N 2821 28.46 -90.59 111.09
C GLU N 2821 28.94 -89.53 112.06
N TRP N 2822 28.46 -88.30 111.91
CA TRP N 2822 28.76 -87.26 112.89
C TRP N 2822 27.90 -87.46 114.13
N THR N 2823 28.53 -87.45 115.29
CA THR N 2823 27.85 -87.72 116.56
C THR N 2823 27.76 -86.44 117.38
N VAL N 2824 26.64 -86.27 118.07
CA VAL N 2824 26.36 -85.09 118.88
C VAL N 2824 25.89 -85.55 120.25
N GLU N 2825 26.42 -84.93 121.30
CA GLU N 2825 26.15 -85.35 122.68
C GLU N 2825 25.91 -84.13 123.55
N LYS N 2826 25.09 -84.31 124.58
CA LYS N 2826 24.82 -83.27 125.58
C LYS N 2826 25.73 -83.40 126.81
N ALA N 2827 26.87 -84.06 126.69
CA ALA N 2827 27.78 -84.20 127.82
C ALA N 2827 28.36 -82.86 128.26
N ARG N 2828 28.23 -81.82 127.45
CA ARG N 2828 28.70 -80.49 127.79
C ARG N 2828 27.59 -79.48 127.54
N GLU N 2829 27.68 -78.34 128.21
CA GLU N 2829 26.74 -77.23 128.03
C GLU N 2829 27.48 -76.06 127.43
N GLY N 2830 26.98 -75.56 126.29
CA GLY N 2830 27.59 -74.43 125.62
C GLY N 2830 26.54 -73.49 125.07
N GLU N 2831 26.99 -72.27 124.80
CA GLU N 2831 26.10 -71.23 124.29
C GLU N 2831 26.22 -71.11 122.77
N TYR N 2856 1.60 -64.15 117.32
CA TYR N 2856 2.02 -64.06 118.70
C TYR N 2856 3.22 -63.13 118.84
N ASN N 2857 3.94 -63.23 119.97
CA ASN N 2857 5.07 -62.35 120.23
C ASN N 2857 6.36 -63.12 120.00
N PRO N 2858 7.11 -62.85 118.93
CA PRO N 2858 8.37 -63.58 118.70
C PRO N 2858 9.58 -62.92 119.35
N GLN N 2859 10.32 -63.67 120.16
CA GLN N 2859 11.55 -63.20 120.79
C GLN N 2859 12.62 -64.27 120.65
N PRO N 2860 13.18 -64.44 119.45
CA PRO N 2860 14.17 -65.50 119.24
C PRO N 2860 15.50 -65.17 119.92
N PRO N 2861 16.18 -66.17 120.47
CA PRO N 2861 17.54 -65.93 120.97
C PRO N 2861 18.53 -65.88 119.82
N ASP N 2862 19.27 -64.76 119.73
CA ASP N 2862 20.17 -64.56 118.61
C ASP N 2862 21.30 -65.59 118.64
N LEU N 2863 21.54 -66.22 117.49
CA LEU N 2863 22.61 -67.19 117.34
C LEU N 2863 23.83 -66.62 116.64
N SER N 2864 23.74 -65.42 116.08
CA SER N 2864 24.88 -64.82 115.38
C SER N 2864 26.04 -64.56 116.33
N VAL N 2865 25.73 -64.10 117.55
CA VAL N 2865 26.79 -63.81 118.51
C VAL N 2865 27.60 -65.06 118.81
N VAL N 2866 26.97 -66.23 118.73
CA VAL N 2866 27.68 -67.47 119.02
C VAL N 2866 28.78 -67.68 117.97
N THR N 2867 30.00 -67.91 118.45
CA THR N 2867 31.14 -68.07 117.57
C THR N 2867 31.08 -69.42 116.84
N LEU N 2868 31.76 -69.47 115.69
CA LEU N 2868 31.82 -70.68 114.88
C LEU N 2868 33.28 -70.99 114.56
N SER N 2869 33.72 -72.20 114.90
CA SER N 2869 35.05 -72.64 114.54
C SER N 2869 35.07 -73.08 113.07
N ARG N 2870 36.27 -73.20 112.52
CA ARG N 2870 36.40 -73.51 111.10
C ARG N 2870 35.97 -74.93 110.78
N GLU N 2871 36.15 -75.88 111.71
CA GLU N 2871 35.65 -77.22 111.48
C GLU N 2871 34.13 -77.26 111.47
N LEU N 2872 33.49 -76.48 112.34
CA LEU N 2872 32.04 -76.38 112.31
C LEU N 2872 31.58 -75.66 111.04
N GLN N 2873 32.39 -74.72 110.54
CA GLN N 2873 32.10 -74.12 109.24
C GLN N 2873 32.16 -75.16 108.13
N ALA N 2874 33.14 -76.07 108.20
CA ALA N 2874 33.21 -77.15 107.22
C ALA N 2874 31.99 -78.06 107.30
N MET N 2875 31.53 -78.35 108.53
CA MET N 2875 30.28 -79.07 108.69
C MET N 2875 29.10 -78.33 108.06
N ALA N 2876 29.00 -77.02 108.27
CA ALA N 2876 27.94 -76.26 107.64
C ALA N 2876 28.05 -76.33 106.12
N GLU N 2877 29.28 -76.29 105.60
CA GLU N 2877 29.48 -76.38 104.15
C GLU N 2877 29.02 -77.73 103.62
N GLN N 2878 29.32 -78.81 104.33
CA GLN N 2878 28.86 -80.13 103.90
C GLN N 2878 27.36 -80.26 103.99
N LEU N 2879 26.76 -79.67 105.02
CA LEU N 2879 25.31 -79.73 105.16
C LEU N 2879 24.65 -78.95 104.03
N ALA N 2880 25.24 -77.82 103.64
CA ALA N 2880 24.75 -77.06 102.49
C ALA N 2880 25.00 -77.82 101.19
N GLU N 2881 26.08 -78.59 101.13
CA GLU N 2881 26.28 -79.51 100.01
C GLU N 2881 25.09 -80.43 99.87
N ASN N 2882 24.66 -81.02 100.98
CA ASN N 2882 23.51 -81.92 100.95
C ASN N 2882 22.24 -81.17 100.56
N TYR N 2883 22.05 -79.96 101.09
CA TYR N 2883 20.90 -79.16 100.67
C TYR N 2883 20.91 -78.93 99.16
N HIS N 2884 22.05 -78.56 98.61
CA HIS N 2884 22.15 -78.34 97.17
C HIS N 2884 21.91 -79.63 96.41
N ASN N 2885 22.35 -80.76 96.95
CA ASN N 2885 22.10 -82.04 96.28
C ASN N 2885 20.60 -82.31 96.19
N THR N 2886 19.88 -82.17 97.30
CA THR N 2886 18.44 -82.39 97.29
C THR N 2886 17.75 -81.41 96.36
N TRP N 2887 18.12 -80.14 96.45
CA TRP N 2887 17.52 -79.10 95.61
C TRP N 2887 17.76 -79.40 94.13
N GLY N 2888 18.98 -79.81 93.80
CA GLY N 2888 19.32 -80.10 92.43
C GLY N 2888 18.57 -81.31 91.89
N ARG N 2889 18.38 -82.34 92.72
CA ARG N 2889 17.62 -83.49 92.25
C ARG N 2889 16.14 -83.14 92.08
N LYS N 2890 15.58 -82.34 92.98
CA LYS N 2890 14.21 -81.90 92.78
C LYS N 2890 14.08 -81.15 91.45
N LYS N 2891 15.00 -80.22 91.19
CA LYS N 2891 14.96 -79.51 89.91
C LYS N 2891 15.28 -80.43 88.74
N LYS N 2892 15.99 -81.54 89.00
CA LYS N 2892 16.32 -82.47 87.92
C LYS N 2892 15.10 -83.28 87.51
N GLN N 2893 14.33 -83.76 88.48
CA GLN N 2893 13.05 -84.37 88.15
C GLN N 2893 12.10 -83.35 87.54
N GLU N 2894 12.19 -82.08 87.95
CA GLU N 2894 11.42 -81.04 87.29
C GLU N 2894 11.80 -80.93 85.81
N LEU N 2895 13.10 -80.96 85.51
CA LEU N 2895 13.54 -80.93 84.13
C LEU N 2895 13.05 -82.14 83.37
N GLU N 2896 13.09 -83.32 83.99
CA GLU N 2896 12.54 -84.51 83.35
C GLU N 2896 11.06 -84.32 83.02
N ALA N 2897 10.30 -83.74 83.95
CA ALA N 2897 8.89 -83.49 83.70
C ALA N 2897 8.71 -82.52 82.54
N LYS N 2898 9.51 -81.45 82.52
CA LYS N 2898 9.47 -80.51 81.39
C LYS N 2898 9.89 -81.17 80.09
N GLY N 2899 10.62 -82.27 80.15
CA GLY N 2899 11.07 -82.95 78.94
C GLY N 2899 12.06 -82.15 78.12
N GLY N 2900 12.93 -81.39 78.79
CA GLY N 2900 13.95 -80.63 78.09
C GLY N 2900 14.54 -79.51 78.91
N GLY N 2901 15.69 -78.99 78.47
CA GLY N 2901 16.34 -77.90 79.16
C GLY N 2901 17.16 -78.37 80.35
N SER N 2902 17.92 -77.43 80.91
CA SER N 2902 18.75 -77.69 82.07
C SER N 2902 18.65 -76.53 83.04
N HIS N 2903 18.70 -76.83 84.32
CA HIS N 2903 18.64 -75.79 85.33
C HIS N 2903 19.95 -74.99 85.34
N PRO N 2904 19.89 -73.65 85.28
CA PRO N 2904 21.14 -72.89 85.32
C PRO N 2904 21.98 -73.17 86.56
N LEU N 2905 21.35 -73.34 87.72
CA LEU N 2905 22.07 -73.59 88.97
C LEU N 2905 22.13 -75.09 89.26
N LEU N 2906 22.69 -75.83 88.31
CA LEU N 2906 22.89 -77.27 88.45
C LEU N 2906 24.34 -77.61 88.76
N VAL N 2907 25.17 -76.61 89.06
CA VAL N 2907 26.60 -76.78 89.25
C VAL N 2907 26.91 -77.26 90.67
N PRO N 2908 28.09 -77.82 90.91
CA PRO N 2908 28.43 -78.27 92.26
C PRO N 2908 28.51 -77.13 93.26
N TYR N 2909 28.11 -77.46 94.50
CA TYR N 2909 28.21 -76.52 95.62
C TYR N 2909 29.53 -75.77 95.61
N ASP N 2910 30.65 -76.51 95.65
CA ASP N 2910 31.96 -75.88 95.72
C ASP N 2910 32.16 -74.92 94.55
N THR N 2911 31.65 -75.27 93.38
CA THR N 2911 31.82 -74.41 92.21
C THR N 2911 31.01 -73.13 92.34
N LEU N 2912 29.86 -73.19 93.02
CA LEU N 2912 29.05 -71.99 93.18
C LEU N 2912 29.88 -70.85 93.76
N THR N 2913 29.56 -69.63 93.36
CA THR N 2913 30.20 -68.45 93.92
C THR N 2913 29.76 -68.24 95.36
N ALA N 2914 30.67 -67.68 96.16
CA ALA N 2914 30.43 -67.59 97.61
C ALA N 2914 29.10 -66.92 97.91
N LYS N 2915 28.70 -65.94 97.11
CA LYS N 2915 27.41 -65.29 97.33
C LYS N 2915 26.26 -66.28 97.16
N GLU N 2916 26.34 -67.14 96.13
CA GLU N 2916 25.33 -68.18 95.97
C GLU N 2916 25.41 -69.21 97.08
N LYS N 2917 26.61 -69.44 97.62
CA LYS N 2917 26.77 -70.37 98.73
C LYS N 2917 25.99 -69.91 99.96
N ALA N 2918 25.86 -68.59 100.11
CA ALA N 2918 25.31 -68.05 101.35
C ALA N 2918 23.92 -68.59 101.66
N ARG N 2919 23.01 -68.52 100.68
CA ARG N 2919 21.62 -68.87 100.90
C ARG N 2919 21.49 -70.16 101.70
N ASP N 2920 22.41 -71.10 101.48
CA ASP N 2920 22.33 -72.38 102.18
C ASP N 2920 23.30 -72.43 103.36
N ARG N 2921 24.41 -71.68 103.30
CA ARG N 2921 25.34 -71.71 104.42
C ARG N 2921 24.67 -71.17 105.67
N GLU N 2922 23.86 -70.12 105.53
CA GLU N 2922 23.12 -69.64 106.70
C GLU N 2922 22.15 -70.70 107.21
N LYS N 2923 21.43 -71.36 106.29
CA LYS N 2923 20.42 -72.32 106.71
C LYS N 2923 21.06 -73.51 107.40
N ALA N 2924 22.33 -73.78 107.11
CA ALA N 2924 23.06 -74.85 107.80
C ALA N 2924 23.63 -74.36 109.13
N GLN N 2925 24.28 -73.21 109.13
CA GLN N 2925 24.99 -72.75 110.31
C GLN N 2925 24.02 -72.33 111.41
N GLU N 2926 22.81 -71.92 111.04
CA GLU N 2926 21.82 -71.63 112.08
C GLU N 2926 21.49 -72.89 112.88
N LEU N 2927 21.25 -74.01 112.19
CA LEU N 2927 20.99 -75.26 112.90
C LEU N 2927 22.20 -75.69 113.70
N LEU N 2928 23.41 -75.55 113.14
CA LEU N 2928 24.60 -75.93 113.88
C LEU N 2928 24.78 -75.07 115.13
N LYS N 2929 24.53 -73.77 115.02
CA LYS N 2929 24.60 -72.88 116.16
C LYS N 2929 23.57 -73.25 117.22
N PHE N 2930 22.36 -73.63 116.80
CA PHE N 2930 21.36 -74.04 117.77
C PHE N 2930 21.80 -75.32 118.48
N LEU N 2931 22.41 -76.25 117.73
CA LEU N 2931 22.99 -77.43 118.37
C LEU N 2931 23.98 -77.03 119.45
N GLN N 2932 24.90 -76.11 119.12
CA GLN N 2932 25.90 -75.68 120.09
C GLN N 2932 25.23 -75.03 121.30
N MET N 2933 24.22 -74.19 121.08
CA MET N 2933 23.55 -73.53 122.19
C MET N 2933 22.87 -74.55 123.11
N ASN N 2934 22.22 -75.55 122.53
CA ASN N 2934 21.66 -76.63 123.35
C ASN N 2934 22.76 -77.34 124.12
N GLY N 2935 23.92 -77.52 123.50
CA GLY N 2935 25.04 -78.22 124.11
C GLY N 2935 25.61 -79.33 123.25
N TYR N 2936 24.99 -79.64 122.11
CA TYR N 2936 25.48 -80.69 121.24
C TYR N 2936 26.79 -80.27 120.58
N ALA N 2937 27.70 -81.24 120.47
CA ALA N 2937 29.00 -81.03 119.83
C ALA N 2937 29.13 -82.01 118.69
N VAL N 2938 29.13 -81.49 117.46
CA VAL N 2938 29.29 -82.34 116.29
C VAL N 2938 30.71 -82.89 116.27
N THR N 2939 30.83 -84.21 116.27
CA THR N 2939 32.12 -84.87 116.30
C THR N 2939 32.65 -84.99 114.88
N ARG N 2940 33.73 -84.26 114.58
CA ARG N 2940 34.31 -84.26 113.25
C ARG N 2940 34.88 -85.63 112.89
N GLY N 2941 35.56 -86.28 113.82
CA GLY N 2941 36.18 -87.56 113.55
C GLY N 2941 37.35 -87.44 112.60
N LEU N 2942 37.18 -87.95 111.38
CA LEU N 2942 38.26 -87.86 110.39
C LEU N 2942 38.55 -86.41 110.02
N LYS N 2943 37.53 -85.55 110.03
CA LYS N 2943 37.72 -84.17 109.61
C LYS N 2943 38.57 -83.40 110.62
N ASP N 2944 38.56 -83.81 111.89
CA ASP N 2944 39.48 -83.22 112.86
C ASP N 2944 40.93 -83.38 112.40
N MET N 2945 41.32 -84.60 112.04
CA MET N 2945 42.68 -84.83 111.56
C MET N 2945 42.92 -84.18 110.20
N GLU N 2946 41.88 -84.14 109.36
CA GLU N 2946 42.03 -83.47 108.06
C GLU N 2946 42.36 -81.98 108.24
N LEU N 2947 41.69 -81.32 109.18
CA LEU N 2947 41.83 -79.88 109.35
C LEU N 2947 43.05 -79.57 110.20
N ASP N 2948 44.06 -78.96 109.58
CA ASP N 2948 45.26 -78.50 110.26
C ASP N 2948 46.19 -77.85 109.25
N THR N 2949 47.32 -78.48 108.95
CA THR N 2949 48.23 -78.01 107.90
C THR N 2949 48.61 -76.56 108.22
N SER N 2950 49.20 -75.84 107.26
CA SER N 2950 49.50 -74.43 107.43
C SER N 2950 49.66 -73.80 106.06
N SER N 2951 49.62 -72.47 106.03
CA SER N 2951 49.59 -71.75 104.75
C SER N 2951 50.77 -72.15 103.85
N ILE N 2952 51.95 -72.36 104.44
CA ILE N 2952 53.10 -72.71 103.63
C ILE N 2952 52.87 -74.01 102.88
N GLU N 2953 52.31 -75.00 103.57
CA GLU N 2953 52.00 -76.27 102.90
C GLU N 2953 50.83 -76.13 101.95
N LYS N 2954 49.90 -75.22 102.26
CA LYS N 2954 48.75 -74.99 101.38
C LYS N 2954 49.13 -74.29 100.08
N ARG N 2955 50.27 -73.61 100.06
CA ARG N 2955 50.64 -72.83 98.88
C ARG N 2955 50.62 -73.68 97.62
N PHE N 2956 50.16 -73.06 96.52
CA PHE N 2956 50.05 -73.76 95.25
C PHE N 2956 51.40 -74.26 94.77
N ALA N 2957 52.44 -73.43 94.86
CA ALA N 2957 53.76 -73.85 94.42
C ALA N 2957 54.29 -75.02 95.23
N PHE N 2958 54.07 -75.00 96.55
CA PHE N 2958 54.49 -76.11 97.40
C PHE N 2958 53.77 -77.40 97.00
N GLY N 2959 52.45 -77.33 96.76
CA GLY N 2959 51.74 -78.52 96.32
C GLY N 2959 52.23 -79.02 94.97
N PHE N 2960 52.46 -78.08 94.04
CA PHE N 2960 52.95 -78.46 92.71
C PHE N 2960 54.30 -79.14 92.80
N LEU N 2961 55.19 -78.63 93.65
CA LEU N 2961 56.49 -79.26 93.85
C LEU N 2961 56.37 -80.63 94.50
N GLN N 2962 55.46 -80.82 95.47
CA GLN N 2962 55.22 -82.15 95.98
C GLN N 2962 54.82 -83.11 94.88
N GLN N 2963 53.88 -82.70 94.02
CA GLN N 2963 53.44 -83.58 92.94
C GLN N 2963 54.59 -83.88 91.99
N LEU N 2964 55.40 -82.87 91.67
CA LEU N 2964 56.54 -83.09 90.77
C LEU N 2964 57.53 -84.08 91.38
N LEU N 2965 57.80 -83.97 92.68
CA LEU N 2965 58.71 -84.90 93.32
C LEU N 2965 58.14 -86.32 93.35
N ARG N 2966 56.85 -86.46 93.59
CA ARG N 2966 56.24 -87.79 93.50
C ARG N 2966 56.40 -88.38 92.11
N TRP N 2967 56.21 -87.55 91.08
CA TRP N 2967 56.39 -88.05 89.72
C TRP N 2967 57.84 -88.37 89.44
N MET N 2968 58.78 -87.66 90.07
CA MET N 2968 60.18 -88.05 89.98
C MET N 2968 60.40 -89.43 90.59
N ASP N 2969 59.75 -89.69 91.72
CA ASP N 2969 59.85 -91.01 92.34
C ASP N 2969 59.35 -92.10 91.39
N ILE N 2970 58.23 -91.83 90.71
CA ILE N 2970 57.74 -92.79 89.72
C ILE N 2970 58.72 -92.92 88.55
N SER N 2971 59.36 -91.80 88.20
CA SER N 2971 60.31 -91.80 87.09
C SER N 2971 61.48 -92.71 87.37
N GLN N 2972 62.01 -92.66 88.59
CA GLN N 2972 63.08 -93.57 88.95
C GLN N 2972 62.68 -95.02 88.70
N GLU N 2973 61.45 -95.39 89.12
CA GLU N 2973 61.01 -96.77 88.96
C GLU N 2973 60.93 -97.16 87.50
N PHE N 2974 60.23 -96.38 86.67
CA PHE N 2974 60.05 -96.88 85.31
C PHE N 2974 61.32 -96.74 84.48
N ILE N 2975 62.20 -95.79 84.80
CA ILE N 2975 63.48 -95.73 84.10
C ILE N 2975 64.34 -96.91 84.49
N ALA N 2976 64.28 -97.35 85.75
CA ALA N 2976 64.98 -98.58 86.13
C ALA N 2976 64.44 -99.78 85.37
N HIS N 2977 63.11 -99.85 85.21
CA HIS N 2977 62.52 -100.93 84.43
C HIS N 2977 63.02 -100.90 82.99
N LEU N 2978 63.10 -99.71 82.40
CA LEU N 2978 63.61 -99.58 81.04
C LEU N 2978 65.06 -100.02 80.96
N GLU N 2979 65.87 -99.65 81.96
CA GLU N 2979 67.25 -100.13 82.02
C GLU N 2979 67.28 -101.65 82.01
N ALA N 2980 66.46 -102.28 82.84
CA ALA N 2980 66.46 -103.74 82.92
C ALA N 2980 66.10 -104.39 81.59
N VAL N 2981 65.02 -103.90 80.95
CA VAL N 2981 64.58 -104.51 79.70
C VAL N 2981 65.63 -104.30 78.62
N VAL N 2982 66.25 -103.11 78.56
CA VAL N 2982 67.31 -102.88 77.59
C VAL N 2982 68.48 -103.81 77.85
N SER N 2983 68.82 -104.03 79.12
CA SER N 2983 69.93 -104.92 79.44
C SER N 2983 69.65 -106.35 78.98
N SER N 2984 68.44 -106.84 79.23
CA SER N 2984 68.10 -108.19 78.80
C SER N 2984 66.60 -108.29 78.60
N GLY N 2985 66.18 -109.28 77.81
CA GLY N 2985 64.78 -109.46 77.51
C GLY N 2985 64.18 -108.22 76.89
N ARG N 2986 64.78 -107.77 75.77
CA ARG N 2986 64.38 -106.48 75.21
C ARG N 2986 62.92 -106.47 74.79
N VAL N 2987 62.44 -107.56 74.18
CA VAL N 2987 61.05 -107.62 73.76
C VAL N 2987 60.16 -107.77 74.98
N GLU N 2988 59.41 -106.71 75.30
CA GLU N 2988 58.48 -106.72 76.43
C GLU N 2988 57.32 -105.79 76.09
N LYS N 2989 56.32 -105.80 76.97
CA LYS N 2989 55.18 -104.89 76.89
C LYS N 2989 55.31 -103.93 78.07
N SER N 2990 55.86 -102.75 77.81
CA SER N 2990 56.16 -101.80 78.87
C SER N 2990 54.91 -101.48 79.68
N PRO N 2991 54.81 -101.94 80.93
CA PRO N 2991 53.64 -101.56 81.75
C PRO N 2991 53.57 -100.07 82.05
N HIS N 2992 54.67 -99.34 81.91
CA HIS N 2992 54.73 -97.93 82.23
C HIS N 2992 54.70 -97.03 81.00
N GLU N 2993 54.08 -97.48 79.91
CA GLU N 2993 54.04 -96.66 78.70
C GLU N 2993 53.31 -95.35 78.95
N GLN N 2994 52.17 -95.41 79.64
CA GLN N 2994 51.43 -94.18 79.92
C GLN N 2994 52.24 -93.25 80.82
N GLU N 2995 52.90 -93.80 81.83
CA GLU N 2995 53.71 -92.96 82.70
C GLU N 2995 54.85 -92.30 81.94
N ILE N 2996 55.53 -93.05 81.07
CA ILE N 2996 56.63 -92.49 80.29
C ILE N 2996 56.11 -91.37 79.39
N LYS N 2997 55.02 -91.63 78.69
CA LYS N 2997 54.49 -90.62 77.78
C LYS N 2997 54.05 -89.37 78.51
N PHE N 2998 53.30 -89.53 79.62
CA PHE N 2998 52.94 -88.37 80.43
C PHE N 2998 54.16 -87.60 80.88
N PHE N 2999 55.12 -88.28 81.53
CA PHE N 2999 56.33 -87.61 81.98
C PHE N 2999 56.93 -86.79 80.85
N ALA N 3000 57.38 -87.46 79.78
CA ALA N 3000 58.13 -86.78 78.73
C ALA N 3000 57.32 -85.66 78.08
N LYS N 3001 56.06 -85.93 77.72
CA LYS N 3001 55.32 -84.97 76.93
C LYS N 3001 54.86 -83.78 77.76
N ILE N 3002 54.39 -84.00 78.99
CA ILE N 3002 53.74 -82.98 79.78
C ILE N 3002 54.70 -82.37 80.81
N LEU N 3003 55.32 -83.19 81.66
CA LEU N 3003 55.98 -82.65 82.83
C LEU N 3003 57.17 -81.79 82.45
N LEU N 3004 57.98 -82.24 81.49
CA LEU N 3004 59.17 -81.48 81.12
C LEU N 3004 58.83 -80.12 80.55
N PRO N 3005 57.97 -79.99 79.53
CA PRO N 3005 57.56 -78.64 79.12
C PRO N 3005 56.92 -77.85 80.25
N LEU N 3006 56.11 -78.50 81.08
CA LEU N 3006 55.49 -77.81 82.21
C LEU N 3006 56.53 -77.30 83.18
N ILE N 3007 57.49 -78.16 83.55
CA ILE N 3007 58.55 -77.74 84.46
C ILE N 3007 59.31 -76.56 83.88
N ASN N 3008 59.74 -76.67 82.62
CA ASN N 3008 60.53 -75.62 81.99
C ASN N 3008 59.76 -74.30 81.99
N GLN N 3009 58.52 -74.32 81.49
CA GLN N 3009 57.76 -73.09 81.36
C GLN N 3009 57.46 -72.48 82.72
N TYR N 3010 57.03 -73.31 83.68
CA TYR N 3010 56.67 -72.80 85.00
C TYR N 3010 57.86 -72.15 85.68
N PHE N 3011 59.03 -72.80 85.67
CA PHE N 3011 60.17 -72.22 86.36
C PHE N 3011 60.80 -71.07 85.60
N THR N 3012 60.70 -71.05 84.27
CA THR N 3012 61.09 -69.85 83.53
C THR N 3012 60.20 -68.68 83.90
N ASN N 3013 58.90 -68.92 84.05
CA ASN N 3013 57.98 -67.85 84.41
C ASN N 3013 58.26 -67.35 85.82
N HIS N 3014 58.35 -68.25 86.80
CA HIS N 3014 58.47 -67.88 88.20
C HIS N 3014 59.87 -68.12 88.76
N CYS N 3015 60.91 -67.89 87.96
CA CYS N 3015 62.28 -68.01 88.47
C CYS N 3015 62.54 -67.03 89.60
N LEU N 3016 62.08 -65.77 89.44
CA LEU N 3016 62.40 -64.74 90.42
C LEU N 3016 61.81 -65.07 91.79
N TYR N 3017 60.59 -65.64 91.81
CA TYR N 3017 59.92 -65.90 93.08
C TYR N 3017 60.72 -66.88 93.93
N PHE N 3018 61.26 -67.93 93.32
CA PHE N 3018 62.02 -68.92 94.06
C PHE N 3018 63.39 -68.41 94.49
N LEU N 3019 63.92 -67.41 93.80
CA LEU N 3019 65.23 -66.86 94.13
C LEU N 3019 65.14 -65.72 95.15
N SER N 3020 63.95 -65.19 95.39
CA SER N 3020 63.79 -64.10 96.35
C SER N 3020 63.97 -64.60 97.78
N THR N 3021 64.45 -63.72 98.64
CA THR N 3021 64.59 -63.97 100.06
C THR N 3021 63.89 -62.86 100.84
N PRO N 3022 63.44 -63.14 102.07
CA PRO N 3022 62.68 -62.11 102.80
C PRO N 3022 63.42 -60.79 102.95
N ALA N 3023 64.74 -60.82 103.12
CA ALA N 3023 65.50 -59.58 103.25
C ALA N 3023 65.43 -58.75 101.98
N LYS N 3024 65.71 -59.36 100.84
CA LYS N 3024 65.68 -58.69 99.54
C LYS N 3024 64.85 -59.51 98.58
N VAL N 3025 63.90 -58.86 97.91
CA VAL N 3025 62.97 -59.54 97.01
C VAL N 3025 63.34 -59.13 95.59
N LEU N 3026 63.96 -60.07 94.85
CA LEU N 3026 64.25 -59.82 93.44
C LEU N 3026 62.97 -59.78 92.63
N GLY N 3027 62.02 -60.66 92.92
CA GLY N 3027 60.79 -60.73 92.16
C GLY N 3027 59.87 -59.55 92.44
N SER N 3028 58.88 -59.40 91.56
CA SER N 3028 57.93 -58.30 91.68
C SER N 3028 57.08 -58.43 92.94
N GLY N 3029 56.60 -59.64 93.23
CA GLY N 3029 55.74 -59.84 94.38
C GLY N 3029 55.86 -61.22 95.01
N GLY N 3030 55.99 -61.26 96.32
CA GLY N 3030 56.05 -62.51 97.04
C GLY N 3030 57.46 -63.08 97.13
N HIS N 3031 57.67 -63.91 98.14
CA HIS N 3031 58.94 -64.59 98.36
C HIS N 3031 58.69 -66.06 98.64
N ALA N 3032 59.58 -66.90 98.11
CA ALA N 3032 59.47 -68.34 98.28
C ALA N 3032 59.87 -68.75 99.69
N SER N 3033 59.33 -69.89 100.13
CA SER N 3033 59.63 -70.40 101.46
C SER N 3033 60.88 -71.27 101.43
N ASN N 3034 61.47 -71.47 102.61
CA ASN N 3034 62.63 -72.34 102.71
C ASN N 3034 62.29 -73.76 102.28
N LYS N 3035 61.10 -74.24 102.65
CA LYS N 3035 60.69 -75.58 102.23
C LYS N 3035 60.57 -75.67 100.72
N GLU N 3036 60.03 -74.63 100.08
CA GLU N 3036 59.93 -74.62 98.62
C GLU N 3036 61.31 -74.62 97.97
N LYS N 3037 62.24 -73.85 98.51
CA LYS N 3037 63.61 -73.87 98.00
C LYS N 3037 64.24 -75.25 98.15
N GLU N 3038 64.02 -75.88 99.31
CA GLU N 3038 64.50 -77.25 99.51
C GLU N 3038 63.90 -78.20 98.48
N MET N 3039 62.61 -78.06 98.21
CA MET N 3039 61.94 -78.94 97.26
C MET N 3039 62.47 -78.76 95.85
N ILE N 3040 62.70 -77.51 95.43
CA ILE N 3040 63.23 -77.29 94.09
C ILE N 3040 64.66 -77.79 93.98
N THR N 3041 65.45 -77.63 95.04
CA THR N 3041 66.80 -78.20 95.04
C THR N 3041 66.76 -79.72 94.89
N SER N 3042 65.86 -80.36 95.65
CA SER N 3042 65.73 -81.81 95.56
C SER N 3042 65.28 -82.23 94.17
N LEU N 3043 64.37 -81.47 93.57
CA LEU N 3043 63.92 -81.77 92.22
C LEU N 3043 65.09 -81.71 91.24
N PHE N 3044 65.90 -80.65 91.33
CA PHE N 3044 67.03 -80.51 90.42
C PHE N 3044 68.01 -81.67 90.59
N CYS N 3045 68.37 -81.99 91.83
CA CYS N 3045 69.30 -83.09 92.05
C CYS N 3045 68.73 -84.43 91.57
N LYS N 3046 67.46 -84.70 91.85
CA LYS N 3046 66.86 -85.95 91.41
C LYS N 3046 66.82 -86.06 89.89
N LEU N 3047 66.47 -84.97 89.21
CA LEU N 3047 66.43 -84.99 87.75
C LEU N 3047 67.83 -85.21 87.17
N ALA N 3048 68.83 -84.54 87.74
CA ALA N 3048 70.19 -84.75 87.28
C ALA N 3048 70.63 -86.20 87.48
N ALA N 3049 70.34 -86.78 88.65
CA ALA N 3049 70.68 -88.18 88.89
C ALA N 3049 69.96 -89.09 87.91
N LEU N 3050 68.69 -88.79 87.63
CA LEU N 3050 67.93 -89.61 86.68
C LEU N 3050 68.57 -89.59 85.31
N VAL N 3051 68.96 -88.40 84.82
CA VAL N 3051 69.53 -88.30 83.48
C VAL N 3051 70.99 -88.73 83.44
N ARG N 3052 71.63 -88.93 84.59
CA ARG N 3052 73.03 -89.34 84.62
C ARG N 3052 73.21 -90.63 83.83
N HIS N 3053 74.21 -90.67 82.95
CA HIS N 3053 74.61 -91.85 82.20
C HIS N 3053 73.45 -92.52 81.47
N ARG N 3054 72.37 -91.78 81.21
CA ARG N 3054 71.17 -92.34 80.60
C ARG N 3054 70.65 -91.49 79.45
N VAL N 3055 71.53 -90.72 78.81
CA VAL N 3055 71.09 -89.81 77.75
C VAL N 3055 70.52 -90.58 76.58
N SER N 3056 71.14 -91.71 76.23
CA SER N 3056 70.71 -92.47 75.06
C SER N 3056 69.27 -92.94 75.21
N LEU N 3057 68.91 -93.44 76.38
CA LEU N 3057 67.54 -93.93 76.59
C LEU N 3057 66.53 -92.81 76.39
N PHE N 3058 66.80 -91.62 76.95
CA PHE N 3058 65.90 -90.50 76.74
C PHE N 3058 65.83 -90.12 75.27
N GLY N 3059 66.98 -90.15 74.58
CA GLY N 3059 66.97 -89.91 73.14
C GLY N 3059 66.40 -88.55 72.81
N THR N 3060 65.27 -88.56 72.09
CA THR N 3060 64.66 -87.30 71.66
C THR N 3060 64.30 -86.41 72.84
N ASP N 3061 64.10 -87.01 74.02
CA ASP N 3061 63.75 -86.25 75.21
C ASP N 3061 64.97 -85.74 75.97
N ALA N 3062 66.18 -86.15 75.57
CA ALA N 3062 67.38 -85.67 76.25
C ALA N 3062 67.54 -84.16 76.15
N PRO N 3063 67.34 -83.53 74.99
CA PRO N 3063 67.39 -82.06 74.95
C PRO N 3063 66.39 -81.41 75.89
N ALA N 3064 65.18 -81.94 75.98
CA ALA N 3064 64.18 -81.38 76.89
C ALA N 3064 64.63 -81.51 78.33
N VAL N 3065 65.19 -82.68 78.69
CA VAL N 3065 65.66 -82.88 80.06
C VAL N 3065 66.80 -81.91 80.38
N VAL N 3066 67.72 -81.72 79.43
CA VAL N 3066 68.84 -80.82 79.66
C VAL N 3066 68.35 -79.38 79.80
N ASN N 3067 67.38 -78.98 78.98
CA ASN N 3067 66.82 -77.64 79.12
C ASN N 3067 66.14 -77.45 80.46
N CYS N 3068 65.39 -78.46 80.91
CA CYS N 3068 64.76 -78.38 82.23
C CYS N 3068 65.81 -78.26 83.32
N LEU N 3069 66.92 -79.00 83.20
CA LEU N 3069 68.00 -78.88 84.17
C LEU N 3069 68.59 -77.48 84.16
N HIS N 3070 68.76 -76.90 82.97
CA HIS N 3070 69.25 -75.52 82.88
C HIS N 3070 68.33 -74.57 83.63
N ILE N 3071 67.02 -74.68 83.38
CA ILE N 3071 66.06 -73.77 84.02
C ILE N 3071 66.08 -73.95 85.53
N LEU N 3072 66.09 -75.20 85.99
CA LEU N 3072 66.12 -75.45 87.42
C LEU N 3072 67.40 -74.92 88.06
N ALA N 3073 68.53 -75.09 87.38
CA ALA N 3073 69.79 -74.55 87.89
C ALA N 3073 69.72 -73.04 88.01
N ARG N 3074 69.15 -72.38 87.00
CA ARG N 3074 69.00 -70.92 87.10
C ARG N 3074 68.11 -70.53 88.27
N SER N 3075 67.03 -71.30 88.50
CA SER N 3075 66.05 -70.96 89.51
C SER N 3075 66.38 -71.54 90.89
N LEU N 3076 67.53 -72.19 91.04
CA LEU N 3076 67.89 -72.86 92.28
C LEU N 3076 68.59 -71.88 93.22
N ASP N 3077 68.05 -71.74 94.43
CA ASP N 3077 68.72 -70.98 95.49
C ASP N 3077 69.41 -71.96 96.43
N ALA N 3078 70.72 -71.81 96.59
CA ALA N 3078 71.52 -72.80 97.31
C ALA N 3078 72.03 -72.30 98.66
N ARG N 3079 72.26 -71.00 98.82
CA ARG N 3079 72.78 -70.50 100.09
C ARG N 3079 71.80 -70.79 101.22
N THR N 3080 70.51 -70.51 101.00
CA THR N 3080 69.52 -70.79 102.03
C THR N 3080 69.47 -72.27 102.36
N VAL N 3081 69.51 -73.12 101.34
CA VAL N 3081 69.44 -74.56 101.54
C VAL N 3081 70.63 -75.03 102.38
N MET N 3082 71.84 -74.57 102.04
CA MET N 3082 73.02 -75.00 102.78
C MET N 3082 73.01 -74.48 104.21
N LYS N 3083 72.78 -73.17 104.39
CA LYS N 3083 72.84 -72.59 105.72
C LYS N 3083 71.77 -73.18 106.62
N SER N 3084 70.55 -73.37 106.09
CA SER N 3084 69.45 -73.97 106.83
C SER N 3084 68.69 -74.88 105.87
N GLY N 3085 68.88 -76.18 106.00
CA GLY N 3085 68.21 -77.13 105.15
C GLY N 3085 68.35 -78.55 105.66
N PRO N 3086 67.49 -79.45 105.17
CA PRO N 3086 67.54 -80.84 105.64
C PRO N 3086 68.81 -81.55 105.20
N GLU N 3087 69.25 -82.49 106.05
CA GLU N 3087 70.45 -83.26 105.75
C GLU N 3087 70.30 -84.01 104.43
N ILE N 3088 69.10 -84.53 104.15
CA ILE N 3088 68.89 -85.29 102.94
C ILE N 3088 69.10 -84.40 101.70
N VAL N 3089 68.55 -83.19 101.72
CA VAL N 3089 68.68 -82.29 100.58
C VAL N 3089 70.14 -81.84 100.42
N LYS N 3090 70.77 -81.47 101.53
CA LYS N 3090 72.16 -81.02 101.45
C LYS N 3090 73.06 -82.13 100.94
N ALA N 3091 72.85 -83.36 101.43
CA ALA N 3091 73.63 -84.49 100.95
C ALA N 3091 73.32 -84.78 99.48
N GLY N 3092 72.08 -84.57 99.05
CA GLY N 3092 71.76 -84.77 97.65
C GLY N 3092 72.54 -83.84 96.75
N LEU N 3093 72.61 -82.56 97.09
CA LEU N 3093 73.34 -81.62 96.24
C LEU N 3093 74.85 -81.86 96.34
N ARG N 3094 75.35 -82.20 97.53
CA ARG N 3094 76.76 -82.55 97.66
C ARG N 3094 77.09 -83.76 96.80
N SER N 3095 76.21 -84.76 96.77
CA SER N 3095 76.40 -85.92 95.93
C SER N 3095 76.34 -85.55 94.45
N PHE N 3096 75.47 -84.62 94.08
CA PHE N 3096 75.48 -84.14 92.70
C PHE N 3096 76.86 -83.59 92.33
N PHE N 3097 77.41 -82.71 93.16
CA PHE N 3097 78.74 -82.17 92.86
C PHE N 3097 79.81 -83.24 92.83
N GLU N 3098 79.80 -84.17 93.78
CA GLU N 3098 80.82 -85.22 93.80
C GLU N 3098 80.72 -86.11 92.57
N SER N 3099 79.49 -86.48 92.19
CA SER N 3099 79.30 -87.30 91.00
C SER N 3099 79.75 -86.57 89.74
N ALA N 3100 79.46 -85.26 89.66
CA ALA N 3100 79.95 -84.48 88.53
C ALA N 3100 81.47 -84.50 88.46
N SER N 3101 82.12 -84.32 89.61
CA SER N 3101 83.58 -84.37 89.62
C SER N 3101 84.10 -85.73 89.17
N GLU N 3102 83.49 -86.81 89.66
CA GLU N 3102 83.95 -88.14 89.28
C GLU N 3102 83.75 -88.38 87.79
N ASP N 3103 82.60 -87.98 87.24
CA ASP N 3103 82.34 -88.17 85.82
C ASP N 3103 83.33 -87.36 84.97
N ILE N 3104 83.60 -86.13 85.37
CA ILE N 3104 84.58 -85.33 84.64
C ILE N 3104 85.95 -85.99 84.69
N GLU N 3105 86.35 -86.52 85.85
CA GLU N 3105 87.62 -87.21 85.94
C GLU N 3105 87.66 -88.41 85.01
N LYS N 3106 86.60 -89.22 85.00
CA LYS N 3106 86.57 -90.39 84.13
C LYS N 3106 86.69 -89.99 82.67
N MET N 3107 85.95 -88.95 82.26
CA MET N 3107 86.08 -88.46 80.89
C MET N 3107 87.49 -87.99 80.61
N VAL N 3108 88.15 -87.39 81.61
CA VAL N 3108 89.51 -86.91 81.41
C VAL N 3108 90.46 -88.08 81.14
N GLU N 3109 90.37 -89.15 81.95
CA GLU N 3109 91.22 -90.30 81.67
C GLU N 3109 90.88 -90.92 80.33
N ASN N 3110 89.60 -90.95 79.97
CA ASN N 3110 89.22 -91.54 78.69
C ASN N 3110 89.84 -90.77 77.52
N LEU N 3111 89.76 -89.44 77.55
CA LEU N 3111 90.41 -88.65 76.50
C LEU N 3111 91.92 -88.83 76.51
N ARG N 3112 92.54 -88.84 77.70
CA ARG N 3112 93.97 -89.04 77.77
C ARG N 3112 94.40 -90.42 77.26
N LEU N 3113 93.49 -91.39 77.28
CA LEU N 3113 93.78 -92.73 76.79
C LEU N 3113 94.99 -93.31 77.50
N LYS N 3124 81.32 -100.22 75.85
CA LYS N 3124 80.88 -98.90 75.38
C LYS N 3124 80.62 -97.97 76.57
N GLY N 3125 81.07 -98.39 77.74
CA GLY N 3125 80.92 -97.53 78.92
C GLY N 3125 81.62 -96.20 78.76
N VAL N 3126 82.81 -96.22 78.16
CA VAL N 3126 83.55 -94.97 77.94
C VAL N 3126 82.77 -94.05 77.02
N GLY N 3127 82.23 -94.59 75.93
CA GLY N 3127 81.44 -93.77 75.02
C GLY N 3127 80.18 -93.22 75.67
N GLN N 3128 79.50 -94.05 76.46
CA GLN N 3128 78.30 -93.60 77.17
C GLN N 3128 78.64 -92.46 78.13
N ASN N 3129 79.74 -92.61 78.88
CA ASN N 3129 80.14 -91.54 79.79
C ASN N 3129 80.50 -90.27 79.02
N LEU N 3130 81.21 -90.42 77.90
CA LEU N 3130 81.61 -89.25 77.12
C LEU N 3130 80.38 -88.51 76.58
N THR N 3131 79.43 -89.24 76.00
CA THR N 3131 78.25 -88.58 75.47
C THR N 3131 77.44 -87.94 76.59
N TYR N 3132 77.26 -88.64 77.71
CA TYR N 3132 76.58 -88.03 78.85
C TYR N 3132 77.25 -86.72 79.24
N THR N 3133 78.57 -86.75 79.46
CA THR N 3133 79.27 -85.53 79.85
C THR N 3133 79.01 -84.43 78.84
N THR N 3134 79.48 -84.63 77.61
CA THR N 3134 79.45 -83.55 76.62
C THR N 3134 78.05 -83.01 76.39
N VAL N 3135 77.02 -83.86 76.50
CA VAL N 3135 75.68 -83.40 76.15
C VAL N 3135 75.00 -82.74 77.34
N ALA N 3136 75.05 -83.37 78.52
CA ALA N 3136 74.24 -82.93 79.65
C ALA N 3136 75.01 -82.32 80.81
N LEU N 3137 76.24 -82.79 81.10
CA LEU N 3137 76.90 -82.41 82.34
C LEU N 3137 77.60 -81.06 82.24
N LEU N 3138 78.51 -80.92 81.27
CA LEU N 3138 79.24 -79.66 81.13
C LEU N 3138 78.31 -78.46 80.95
N PRO N 3139 77.28 -78.52 80.10
CA PRO N 3139 76.34 -77.39 80.05
C PRO N 3139 75.65 -77.12 81.38
N VAL N 3140 75.12 -78.17 82.02
CA VAL N 3140 74.37 -77.99 83.26
C VAL N 3140 75.28 -77.46 84.36
N LEU N 3141 76.48 -78.06 84.50
CA LEU N 3141 77.42 -77.59 85.51
C LEU N 3141 77.88 -76.17 85.22
N THR N 3142 78.11 -75.82 83.96
CA THR N 3142 78.48 -74.46 83.60
C THR N 3142 77.39 -73.49 84.01
N THR N 3143 76.13 -73.83 83.72
CA THR N 3143 75.02 -72.96 84.09
C THR N 3143 74.92 -72.82 85.61
N LEU N 3144 75.09 -73.92 86.34
CA LEU N 3144 75.03 -73.87 87.79
C LEU N 3144 76.11 -72.95 88.36
N PHE N 3145 77.34 -73.10 87.86
CA PHE N 3145 78.44 -72.26 88.37
C PHE N 3145 78.22 -70.80 87.99
N GLN N 3146 77.74 -70.54 86.77
CA GLN N 3146 77.44 -69.18 86.39
C GLN N 3146 76.38 -68.57 87.28
N HIS N 3147 75.34 -69.34 87.60
CA HIS N 3147 74.29 -68.85 88.51
C HIS N 3147 74.86 -68.55 89.89
N ILE N 3148 75.67 -69.45 90.43
CA ILE N 3148 76.25 -69.23 91.75
C ILE N 3148 77.11 -67.98 91.76
N ALA N 3149 77.97 -67.83 90.76
CA ALA N 3149 78.83 -66.65 90.69
C ALA N 3149 78.02 -65.38 90.53
N GLN N 3150 76.98 -65.41 89.68
CA GLN N 3150 76.16 -64.23 89.46
C GLN N 3150 75.48 -63.79 90.74
N HIS N 3151 74.95 -64.75 91.51
CA HIS N 3151 74.23 -64.41 92.73
C HIS N 3151 75.11 -64.41 93.97
N GLN N 3152 76.43 -64.52 93.80
CA GLN N 3152 77.37 -64.36 94.91
C GLN N 3152 77.13 -65.42 95.99
N PHE N 3153 76.72 -66.61 95.55
CA PHE N 3153 76.47 -67.72 96.45
C PHE N 3153 77.72 -68.56 96.70
N GLY N 3154 78.85 -68.19 96.09
CA GLY N 3154 80.01 -69.06 96.13
C GLY N 3154 80.55 -69.28 97.53
N ASP N 3155 80.63 -68.21 98.32
CA ASP N 3155 81.25 -68.32 99.65
C ASP N 3155 80.50 -69.32 100.52
N ASP N 3156 79.17 -69.32 100.45
CA ASP N 3156 78.38 -70.19 101.32
C ASP N 3156 78.20 -71.58 100.71
N VAL N 3157 77.87 -71.64 99.42
CA VAL N 3157 77.53 -72.92 98.81
C VAL N 3157 78.74 -73.82 98.70
N ILE N 3158 79.85 -73.30 98.21
CA ILE N 3158 81.03 -74.14 97.89
C ILE N 3158 81.89 -74.17 99.15
N LEU N 3159 81.68 -75.21 99.95
CA LEU N 3159 82.47 -75.44 101.15
C LEU N 3159 82.62 -76.95 101.37
N ASP N 3160 83.70 -77.31 102.04
CA ASP N 3160 83.94 -78.68 102.52
C ASP N 3160 83.87 -79.63 101.32
N ASP N 3161 82.99 -80.65 101.36
CA ASP N 3161 82.97 -81.65 100.29
C ASP N 3161 82.73 -81.00 98.93
N VAL N 3162 81.91 -79.94 98.90
CA VAL N 3162 81.68 -79.23 97.65
C VAL N 3162 82.99 -78.63 97.15
N GLN N 3163 83.77 -78.03 98.05
CA GLN N 3163 85.07 -77.49 97.67
C GLN N 3163 86.01 -78.57 97.16
N VAL N 3164 86.00 -79.73 97.82
CA VAL N 3164 86.86 -80.83 97.38
C VAL N 3164 86.47 -81.30 95.99
N SER N 3165 85.18 -81.48 95.74
CA SER N 3165 84.70 -81.87 94.42
C SER N 3165 84.97 -80.82 93.36
N CYS N 3166 84.94 -79.53 93.72
CA CYS N 3166 85.27 -78.46 92.80
C CYS N 3166 86.75 -78.43 92.45
N TYR N 3167 87.63 -78.67 93.42
CA TYR N 3167 89.04 -78.86 93.13
C TYR N 3167 89.27 -80.05 92.21
N ARG N 3168 88.64 -81.19 92.51
CA ARG N 3168 88.79 -82.38 91.68
C ARG N 3168 88.34 -82.13 90.24
N THR N 3169 87.45 -81.16 90.03
CA THR N 3169 87.00 -80.81 88.68
C THR N 3169 87.95 -79.82 88.01
N LEU N 3170 88.18 -78.66 88.64
CA LEU N 3170 89.15 -77.70 88.14
C LEU N 3170 90.44 -78.40 87.67
N CYS N 3171 91.03 -79.20 88.55
CA CYS N 3171 92.38 -79.67 88.29
C CYS N 3171 92.38 -80.70 87.16
N SER N 3172 91.36 -81.55 87.12
CA SER N 3172 91.24 -82.52 86.03
C SER N 3172 91.00 -81.81 84.70
N ILE N 3173 90.22 -80.73 84.72
CA ILE N 3173 90.00 -79.96 83.49
C ILE N 3173 91.31 -79.41 82.96
N TYR N 3174 92.11 -78.83 83.86
CA TYR N 3174 93.41 -78.30 83.42
C TYR N 3174 94.31 -79.42 82.89
N SER N 3175 94.31 -80.56 83.59
CA SER N 3175 95.12 -81.69 83.14
C SER N 3175 94.72 -82.14 81.75
N LEU N 3176 93.41 -82.24 81.49
CA LEU N 3176 92.94 -82.56 80.14
C LEU N 3176 93.41 -81.51 79.15
N GLY N 3177 93.23 -80.23 79.47
CA GLY N 3177 93.66 -79.17 78.59
C GLY N 3177 95.11 -79.26 78.20
N THR N 3178 95.95 -79.80 79.10
CA THR N 3178 97.35 -80.01 78.73
C THR N 3178 97.49 -80.95 77.54
N THR N 3179 96.73 -82.05 77.53
CA THR N 3179 96.90 -83.08 76.51
C THR N 3179 96.35 -82.62 75.17
N ARG N 3180 96.91 -83.19 74.10
CA ARG N 3180 96.52 -82.90 72.72
C ARG N 3180 95.91 -84.14 72.12
N ASN N 3181 94.70 -84.01 71.57
CA ASN N 3181 94.05 -85.12 70.90
C ASN N 3181 92.90 -84.58 70.06
N PRO N 3182 92.60 -85.22 68.93
CA PRO N 3182 91.61 -84.66 68.00
C PRO N 3182 90.25 -84.42 68.65
N TYR N 3183 89.89 -85.26 69.62
CA TYR N 3183 88.69 -85.00 70.41
C TYR N 3183 88.89 -83.79 71.31
N VAL N 3184 90.12 -83.59 71.80
CA VAL N 3184 90.38 -82.51 72.74
C VAL N 3184 90.24 -81.15 72.08
N GLU N 3185 90.76 -80.99 70.86
CA GLU N 3185 90.56 -79.67 70.22
C GLU N 3185 89.08 -79.31 70.13
N LYS N 3186 88.23 -80.28 69.79
CA LYS N 3186 86.81 -79.98 69.66
C LYS N 3186 86.11 -79.81 71.00
N LEU N 3187 86.56 -80.51 72.05
CA LEU N 3187 85.95 -80.39 73.36
C LEU N 3187 86.45 -79.19 74.15
N ARG N 3188 87.55 -78.57 73.74
CA ARG N 3188 88.15 -77.47 74.50
C ARG N 3188 87.22 -76.28 74.68
N PRO N 3189 86.47 -75.87 73.65
CA PRO N 3189 85.64 -74.66 73.80
C PRO N 3189 84.65 -74.72 74.95
N ALA N 3190 84.00 -75.86 75.18
CA ALA N 3190 83.06 -75.96 76.29
C ALA N 3190 83.78 -76.11 77.62
N LEU N 3191 84.91 -76.84 77.62
CA LEU N 3191 85.66 -77.04 78.84
C LEU N 3191 86.19 -75.71 79.38
N GLY N 3192 86.63 -74.83 78.48
CA GLY N 3192 87.12 -73.53 78.90
C GLY N 3192 86.04 -72.69 79.56
N GLU N 3193 84.85 -72.66 78.97
CA GLU N 3193 83.76 -71.90 79.56
C GLU N 3193 83.36 -72.48 80.92
N CYS N 3194 83.29 -73.81 81.01
CA CYS N 3194 83.00 -74.44 82.30
C CYS N 3194 84.06 -74.06 83.33
N LEU N 3195 85.32 -74.05 82.92
CA LEU N 3195 86.40 -73.69 83.84
C LEU N 3195 86.28 -72.24 84.28
N ALA N 3196 85.91 -71.34 83.36
CA ALA N 3196 85.75 -69.94 83.72
C ALA N 3196 84.63 -69.76 84.74
N ARG N 3197 83.48 -70.41 84.51
CA ARG N 3197 82.40 -70.30 85.48
C ARG N 3197 82.79 -70.92 86.82
N LEU N 3198 83.50 -72.05 86.80
CA LEU N 3198 83.95 -72.65 88.04
C LEU N 3198 84.88 -71.71 88.79
N ALA N 3199 85.81 -71.07 88.09
CA ALA N 3199 86.73 -70.13 88.73
C ALA N 3199 85.96 -68.96 89.34
N ALA N 3200 84.97 -68.44 88.61
CA ALA N 3200 84.14 -67.38 89.17
C ALA N 3200 83.38 -67.86 90.40
N ALA N 3201 83.08 -69.16 90.46
CA ALA N 3201 82.31 -69.69 91.58
C ALA N 3201 83.19 -69.94 92.81
N MET N 3202 84.46 -70.32 92.60
CA MET N 3202 85.32 -70.76 93.69
C MET N 3202 85.46 -69.69 94.76
N PRO N 3203 85.40 -70.05 96.04
CA PRO N 3203 85.64 -69.08 97.12
C PRO N 3203 87.07 -69.03 97.64
N VAL N 3204 87.99 -69.78 97.03
CA VAL N 3204 89.37 -69.87 97.49
C VAL N 3204 90.30 -69.55 96.32
N ALA N 3205 91.34 -68.77 96.60
CA ALA N 3205 92.30 -68.36 95.57
C ALA N 3205 93.22 -69.52 95.22
N PHE N 3206 92.75 -70.43 94.36
CA PHE N 3206 93.54 -71.60 94.02
C PHE N 3206 94.82 -71.23 93.27
N LEU N 3207 94.83 -70.12 92.54
CA LEU N 3207 96.02 -69.74 91.80
C LEU N 3207 97.10 -69.17 92.71
N GLU N 3208 96.74 -68.75 93.92
CA GLU N 3208 97.71 -68.22 94.87
C GLU N 3208 97.59 -69.00 96.18
N PRO N 3209 98.25 -70.14 96.33
CA PRO N 3209 98.11 -70.94 97.56
C PRO N 3209 98.96 -70.50 98.74
N GLU N 3210 99.88 -69.54 98.56
CA GLU N 3210 100.70 -69.05 99.66
C GLU N 3210 99.96 -68.06 100.54
N LEU N 3211 98.78 -67.59 100.13
CA LEU N 3211 97.95 -66.70 100.92
C LEU N 3211 96.64 -67.36 101.35
N ASN N 3212 96.52 -68.67 101.16
CA ASN N 3212 95.24 -69.34 101.40
C ASN N 3212 94.84 -69.29 102.86
N GLU N 3213 95.80 -69.44 103.78
CA GLU N 3213 95.46 -69.57 105.19
C GLU N 3213 94.77 -68.34 105.75
N TYR N 3214 94.83 -67.21 105.05
CA TYR N 3214 94.09 -66.03 105.49
C TYR N 3214 92.61 -66.18 105.20
N ASN N 3215 92.24 -66.98 104.20
CA ASN N 3215 90.85 -67.10 103.80
C ASN N 3215 90.04 -67.78 104.89
N ALA N 3216 88.91 -67.15 105.25
CA ALA N 3216 88.02 -67.75 106.24
C ALA N 3216 87.18 -68.87 105.63
N CYS N 3217 86.76 -68.69 104.37
CA CYS N 3217 85.89 -69.66 103.69
C CYS N 3217 86.75 -70.64 102.89
N SER N 3218 87.54 -71.41 103.62
CA SER N 3218 88.39 -72.46 103.05
C SER N 3218 88.22 -73.74 103.84
N VAL N 3219 88.37 -74.87 103.15
CA VAL N 3219 88.27 -76.16 103.83
C VAL N 3219 89.36 -76.30 104.88
N TYR N 3220 90.59 -75.92 104.56
CA TYR N 3220 91.70 -76.07 105.50
C TYR N 3220 91.48 -75.27 106.77
N THR N 3221 90.76 -74.15 106.68
CA THR N 3221 90.48 -73.35 107.86
C THR N 3221 89.26 -73.88 108.62
N THR N 3222 88.16 -74.09 107.90
CA THR N 3222 86.92 -74.52 108.57
C THR N 3222 87.10 -75.87 109.24
N LYS N 3223 87.60 -76.86 108.51
CA LYS N 3223 87.76 -78.19 109.06
C LYS N 3223 88.94 -78.24 110.02
N SER N 3224 88.70 -78.83 111.19
CA SER N 3224 89.72 -78.91 112.21
C SER N 3224 90.80 -79.92 111.81
N PRO N 3225 91.96 -79.86 112.46
CA PRO N 3225 93.05 -80.79 112.08
C PRO N 3225 92.64 -82.25 112.13
N ARG N 3226 91.80 -82.64 113.09
CA ARG N 3226 91.36 -84.02 113.15
C ARG N 3226 90.62 -84.41 111.88
N GLU N 3227 89.71 -83.57 111.41
CA GLU N 3227 89.14 -83.75 110.09
C GLU N 3227 90.22 -83.51 109.04
N ARG N 3228 89.88 -83.80 107.78
CA ARG N 3228 90.77 -83.78 106.63
C ARG N 3228 91.75 -84.96 106.66
N ALA N 3229 91.76 -85.75 107.73
CA ALA N 3229 92.52 -87.00 107.76
C ALA N 3229 91.64 -88.18 107.39
N ILE N 3230 90.39 -88.18 107.86
CA ILE N 3230 89.41 -89.14 107.36
C ILE N 3230 89.18 -88.93 105.88
N LEU N 3231 89.20 -87.67 105.44
CA LEU N 3231 89.12 -87.33 104.04
C LEU N 3231 90.47 -87.57 103.37
N GLY N 3232 90.47 -87.50 102.03
CA GLY N 3232 91.69 -87.62 101.26
C GLY N 3232 92.47 -86.33 101.12
N LEU N 3233 92.12 -85.30 101.87
CA LEU N 3233 92.79 -84.02 101.74
C LEU N 3233 94.25 -84.15 102.18
N PRO N 3234 95.19 -83.60 101.41
CA PRO N 3234 96.59 -83.63 101.83
C PRO N 3234 96.85 -82.65 102.98
N ASN N 3235 98.12 -82.59 103.38
CA ASN N 3235 98.48 -81.76 104.53
C ASN N 3235 98.55 -80.28 104.16
N SER N 3236 98.93 -79.96 102.94
CA SER N 3236 99.17 -78.58 102.53
C SER N 3236 98.24 -78.19 101.38
N VAL N 3237 97.99 -76.87 101.28
CA VAL N 3237 97.14 -76.36 100.21
C VAL N 3237 97.78 -76.63 98.85
N GLU N 3238 99.10 -76.43 98.74
CA GLU N 3238 99.78 -76.65 97.47
C GLU N 3238 99.59 -78.07 96.98
N GLU N 3239 99.38 -79.02 97.89
CA GLU N 3239 99.18 -80.41 97.50
C GLU N 3239 97.73 -80.71 97.14
N MET N 3240 96.81 -79.76 97.29
CA MET N 3240 95.43 -80.02 96.92
C MET N 3240 95.39 -80.52 95.48
N CYS N 3241 96.19 -79.92 94.61
CA CYS N 3241 96.77 -80.60 93.46
C CYS N 3241 97.85 -79.69 92.90
N PRO N 3242 99.04 -80.24 92.60
CA PRO N 3242 100.17 -79.35 92.24
C PRO N 3242 100.14 -78.88 90.80
N ASP N 3243 99.29 -79.48 89.95
CA ASP N 3243 99.42 -79.28 88.51
C ASP N 3243 99.22 -77.81 88.12
N ILE N 3244 98.11 -77.22 88.55
CA ILE N 3244 97.81 -75.86 88.09
C ILE N 3244 98.89 -74.90 88.60
N PRO N 3245 99.46 -74.03 87.75
CA PRO N 3245 100.52 -73.14 88.23
C PRO N 3245 100.02 -72.05 89.16
N VAL N 3246 100.95 -71.22 89.65
CA VAL N 3246 100.60 -70.08 90.48
C VAL N 3246 100.31 -68.88 89.59
N LEU N 3247 99.67 -67.85 90.16
CA LEU N 3247 99.25 -66.70 89.37
C LEU N 3247 100.46 -66.00 88.73
N GLU N 3248 101.52 -65.81 89.51
CA GLU N 3248 102.69 -65.10 89.00
C GLU N 3248 103.27 -65.81 87.79
N ARG N 3249 103.52 -67.12 87.91
CA ARG N 3249 104.12 -67.85 86.80
C ARG N 3249 103.16 -67.93 85.62
N LEU N 3250 101.87 -68.10 85.90
CA LEU N 3250 100.88 -68.11 84.82
C LEU N 3250 100.97 -66.83 83.99
N MET N 3251 100.89 -65.69 84.66
CA MET N 3251 101.07 -64.42 83.97
C MET N 3251 102.41 -64.38 83.25
N ALA N 3252 103.42 -65.00 83.85
CA ALA N 3252 104.74 -65.03 83.21
C ALA N 3252 104.69 -65.67 81.84
N GLU N 3253 104.13 -66.88 81.72
CA GLU N 3253 104.18 -67.49 80.39
C GLU N 3253 103.18 -66.81 79.46
N ILE N 3254 102.07 -66.29 79.99
CA ILE N 3254 101.16 -65.54 79.11
C ILE N 3254 101.88 -64.38 78.47
N GLY N 3255 102.58 -63.56 79.27
CA GLY N 3255 103.35 -62.46 78.72
C GLY N 3255 104.46 -62.90 77.80
N GLY N 3256 105.18 -63.97 78.16
CA GLY N 3256 106.25 -64.44 77.30
C GLY N 3256 105.75 -64.92 75.95
N LEU N 3257 104.64 -65.66 75.95
CA LEU N 3257 104.05 -66.12 74.70
C LEU N 3257 103.57 -64.95 73.86
N ALA N 3258 102.92 -63.96 74.49
CA ALA N 3258 102.49 -62.78 73.75
C ALA N 3258 103.67 -62.06 73.12
N GLU N 3259 104.77 -61.92 73.87
CA GLU N 3259 105.96 -61.28 73.32
C GLU N 3259 106.54 -62.09 72.17
N SER N 3260 106.63 -63.42 72.33
CA SER N 3260 107.19 -64.25 71.28
C SER N 3260 106.30 -64.21 70.03
N GLY N 3261 105.01 -63.94 70.19
CA GLY N 3261 104.12 -63.88 69.06
C GLY N 3261 103.69 -65.22 68.52
N ALA N 3262 103.62 -66.25 69.36
CA ALA N 3262 103.19 -67.56 68.90
C ALA N 3262 101.77 -67.50 68.38
N ARG N 3263 101.50 -68.27 67.33
CA ARG N 3263 100.18 -68.30 66.72
C ARG N 3263 99.26 -69.21 67.53
N TYR N 3264 97.99 -69.29 67.12
CA TYR N 3264 97.02 -70.07 67.88
C TYR N 3264 97.41 -71.53 67.94
N THR N 3265 97.86 -72.09 66.82
CA THR N 3265 98.17 -73.52 66.75
C THR N 3265 99.34 -73.93 67.62
N GLU N 3266 100.20 -73.00 68.01
CA GLU N 3266 101.36 -73.35 68.83
C GLU N 3266 101.01 -73.46 70.30
N MET N 3267 99.85 -72.97 70.71
CA MET N 3267 99.45 -72.97 72.12
C MET N 3267 97.93 -72.91 72.24
N PRO N 3268 97.23 -73.88 71.64
CA PRO N 3268 95.76 -73.89 71.78
C PRO N 3268 95.28 -74.05 73.21
N HIS N 3269 96.06 -74.72 74.06
CA HIS N 3269 95.67 -74.88 75.46
C HIS N 3269 95.45 -73.53 76.13
N VAL N 3270 96.44 -72.63 76.02
CA VAL N 3270 96.37 -71.36 76.73
C VAL N 3270 95.10 -70.62 76.38
N ILE N 3271 94.94 -70.24 75.11
CA ILE N 3271 93.83 -69.38 74.71
C ILE N 3271 92.50 -70.02 75.06
N GLU N 3272 92.37 -71.33 74.83
CA GLU N 3272 91.08 -71.97 74.98
C GLU N 3272 90.68 -72.14 76.44
N ILE N 3273 91.65 -72.45 77.31
CA ILE N 3273 91.30 -72.82 78.69
C ILE N 3273 91.91 -71.86 79.70
N THR N 3274 93.23 -71.69 79.66
CA THR N 3274 93.92 -71.04 80.77
C THR N 3274 93.59 -69.56 80.83
N LEU N 3275 93.45 -68.93 79.68
CA LEU N 3275 93.33 -67.48 79.60
C LEU N 3275 91.90 -67.07 79.98
N PRO N 3276 90.87 -67.78 79.51
CA PRO N 3276 89.52 -67.54 80.06
C PRO N 3276 89.44 -67.74 81.56
N MET N 3277 90.17 -68.70 82.11
CA MET N 3277 90.16 -68.92 83.55
C MET N 3277 90.66 -67.69 84.30
N LEU N 3278 91.78 -67.12 83.85
CA LEU N 3278 92.31 -65.92 84.49
C LEU N 3278 91.37 -64.74 84.30
N CYS N 3279 90.77 -64.61 83.11
CA CYS N 3279 89.86 -63.50 82.85
C CYS N 3279 88.76 -63.42 83.89
N SER N 3280 88.20 -64.56 84.29
CA SER N 3280 87.15 -64.60 85.29
C SER N 3280 87.68 -64.66 86.72
N TYR N 3281 88.90 -65.16 86.91
CA TYR N 3281 89.49 -65.25 88.23
C TYR N 3281 89.91 -63.89 88.79
N LEU N 3282 90.55 -63.05 87.96
CA LEU N 3282 91.17 -61.84 88.47
C LEU N 3282 90.16 -60.87 89.10
N PRO N 3283 89.03 -60.57 88.46
CA PRO N 3283 88.12 -59.56 89.03
C PRO N 3283 87.52 -59.97 90.37
N ARG N 3284 87.03 -61.21 90.47
CA ARG N 3284 86.43 -61.67 91.71
C ARG N 3284 87.38 -61.49 92.88
N TRP N 3285 88.62 -61.93 92.73
CA TRP N 3285 89.58 -61.85 93.82
C TRP N 3285 90.18 -60.46 93.98
N TRP N 3286 90.09 -59.60 92.96
CA TRP N 3286 90.37 -58.19 93.19
C TRP N 3286 89.37 -57.62 94.18
N GLU N 3287 88.09 -57.92 93.98
CA GLU N 3287 87.06 -57.30 94.81
C GLU N 3287 87.32 -57.57 96.28
N ARG N 3288 88.00 -58.67 96.60
CA ARG N 3288 88.26 -59.06 97.97
C ARG N 3288 89.72 -58.86 98.39
N GLY N 3289 90.62 -58.57 97.45
CA GLY N 3289 92.02 -58.42 97.75
C GLY N 3289 92.38 -56.98 98.05
N PRO N 3290 93.68 -56.67 98.01
CA PRO N 3290 94.13 -55.30 98.26
C PRO N 3290 93.69 -54.37 97.14
N GLU N 3291 93.82 -53.07 97.40
CA GLU N 3291 93.47 -52.02 96.45
C GLU N 3291 91.96 -51.98 96.21
N ALA N 3292 91.21 -52.85 96.88
CA ALA N 3292 89.76 -52.79 96.77
C ALA N 3292 89.25 -51.52 97.45
N PRO N 3293 88.09 -51.01 97.05
CA PRO N 3293 87.43 -49.95 97.81
C PRO N 3293 86.58 -50.52 98.93
N PRO N 3294 87.16 -50.83 100.08
CA PRO N 3294 86.43 -51.57 101.09
C PRO N 3294 85.65 -50.64 102.00
N PRO N 3295 84.32 -50.81 102.10
CA PRO N 3295 83.57 -50.00 103.07
C PRO N 3295 83.94 -50.28 104.52
N ALA N 3296 84.57 -51.42 104.80
CA ALA N 3296 85.02 -51.76 106.14
C ALA N 3296 86.49 -51.46 106.36
N LEU N 3297 87.11 -50.69 105.47
CA LEU N 3297 88.53 -50.38 105.63
C LEU N 3297 88.85 -49.78 107.00
N PRO N 3298 88.09 -48.81 107.52
CA PRO N 3298 88.41 -48.31 108.87
C PRO N 3298 88.41 -49.41 109.92
N ALA N 3299 87.48 -50.36 109.82
CA ALA N 3299 87.45 -51.47 110.77
C ALA N 3299 88.65 -52.39 110.53
N GLY N 3300 89.16 -52.97 111.62
CA GLY N 3300 90.26 -53.90 111.51
C GLY N 3300 89.93 -55.05 110.57
N ALA N 3301 90.72 -55.20 109.52
CA ALA N 3301 90.46 -56.19 108.49
C ALA N 3301 91.58 -57.23 108.47
N PRO N 3302 91.28 -58.52 108.51
CA PRO N 3302 92.33 -59.52 108.29
C PRO N 3302 93.02 -59.29 106.95
N PRO N 3303 94.33 -59.49 106.87
CA PRO N 3303 95.03 -59.22 105.62
C PRO N 3303 94.41 -59.97 104.46
N PRO N 3304 94.33 -59.36 103.28
CA PRO N 3304 93.65 -60.02 102.16
C PRO N 3304 94.29 -61.35 101.81
N CYS N 3305 93.44 -62.29 101.41
CA CYS N 3305 93.88 -63.64 101.07
C CYS N 3305 94.51 -63.73 99.69
N THR N 3306 94.53 -62.64 98.93
CA THR N 3306 95.13 -62.60 97.61
C THR N 3306 95.99 -61.34 97.47
N ALA N 3307 96.62 -61.21 96.31
CA ALA N 3307 97.47 -60.06 96.02
C ALA N 3307 97.17 -59.47 94.65
N VAL N 3308 96.04 -59.82 94.06
CA VAL N 3308 95.69 -59.31 92.73
C VAL N 3308 95.37 -57.82 92.82
N THR N 3309 95.90 -57.05 91.87
CA THR N 3309 95.71 -55.61 91.84
C THR N 3309 95.43 -55.17 90.41
N SER N 3310 95.17 -53.86 90.25
CA SER N 3310 94.86 -53.33 88.93
C SER N 3310 95.98 -53.59 87.93
N ASP N 3311 97.23 -53.66 88.41
CA ASP N 3311 98.36 -53.90 87.52
C ASP N 3311 98.22 -55.24 86.83
N HIS N 3312 97.80 -56.27 87.57
CA HIS N 3312 97.64 -57.59 86.98
C HIS N 3312 96.60 -57.58 85.87
N LEU N 3313 95.45 -56.95 86.12
CA LEU N 3313 94.41 -56.91 85.10
C LEU N 3313 94.88 -56.11 83.88
N ASN N 3314 95.56 -54.99 84.10
CA ASN N 3314 96.05 -54.20 82.98
C ASN N 3314 97.05 -54.99 82.14
N SER N 3315 97.99 -55.68 82.78
CA SER N 3315 98.94 -56.49 82.05
C SER N 3315 98.26 -57.62 81.32
N LEU N 3316 97.28 -58.27 81.95
CA LEU N 3316 96.58 -59.36 81.29
C LEU N 3316 95.86 -58.86 80.05
N LEU N 3317 95.16 -57.73 80.15
CA LEU N 3317 94.48 -57.19 78.97
C LEU N 3317 95.46 -56.78 77.88
N GLY N 3318 96.59 -56.18 78.25
CA GLY N 3318 97.61 -55.90 77.26
C GLY N 3318 98.07 -57.14 76.54
N ASN N 3319 98.23 -58.24 77.30
CA ASN N 3319 98.62 -59.50 76.67
C ASN N 3319 97.51 -60.04 75.77
N ILE N 3320 96.25 -59.88 76.18
CA ILE N 3320 95.14 -60.27 75.30
C ILE N 3320 95.24 -59.55 73.97
N LEU N 3321 95.39 -58.23 74.01
CA LEU N 3321 95.47 -57.45 72.79
C LEU N 3321 96.69 -57.86 71.97
N ARG N 3322 97.82 -58.08 72.62
CA ARG N 3322 99.03 -58.46 71.89
C ARG N 3322 98.85 -59.81 71.21
N ILE N 3323 98.23 -60.77 71.89
CA ILE N 3323 98.00 -62.08 71.29
C ILE N 3323 97.07 -61.96 70.10
N ILE N 3324 95.99 -61.19 70.24
CA ILE N 3324 95.03 -61.05 69.15
C ILE N 3324 95.68 -60.40 67.94
N VAL N 3325 96.47 -59.34 68.17
CA VAL N 3325 97.12 -58.67 67.06
C VAL N 3325 98.16 -59.58 66.41
N ASN N 3326 98.86 -60.38 67.22
CA ASN N 3326 99.80 -61.34 66.67
C ASN N 3326 99.10 -62.33 65.75
N ASN N 3327 97.96 -62.86 66.18
CA ASN N 3327 97.20 -63.80 65.37
C ASN N 3327 96.26 -63.11 64.40
N LEU N 3328 96.39 -61.79 64.23
CA LEU N 3328 95.49 -61.06 63.36
C LEU N 3328 95.67 -61.48 61.90
N GLY N 3329 94.57 -61.49 61.16
CA GLY N 3329 94.62 -61.72 59.73
C GLY N 3329 94.62 -63.18 59.31
N ILE N 3330 94.56 -64.12 60.25
CA ILE N 3330 94.56 -65.53 59.87
C ILE N 3330 93.27 -65.88 59.12
N ASP N 3331 93.36 -66.90 58.28
CA ASP N 3331 92.22 -67.31 57.47
C ASP N 3331 91.03 -67.70 58.34
N GLU N 3332 91.28 -68.50 59.38
CA GLU N 3332 90.23 -68.96 60.28
C GLU N 3332 90.69 -68.81 61.72
N ALA N 3333 89.89 -68.10 62.53
CA ALA N 3333 90.13 -67.98 63.96
C ALA N 3333 88.77 -67.81 64.65
N SER N 3334 88.19 -68.92 65.08
CA SER N 3334 86.96 -68.86 65.88
C SER N 3334 87.24 -68.51 67.33
N TRP N 3335 88.46 -68.77 67.80
CA TRP N 3335 88.80 -68.51 69.20
C TRP N 3335 88.76 -67.03 69.52
N MET N 3336 88.92 -66.17 68.51
CA MET N 3336 88.91 -64.73 68.76
C MET N 3336 87.59 -64.29 69.39
N LYS N 3337 86.48 -64.80 68.83
CA LYS N 3337 85.15 -64.47 69.34
C LYS N 3337 85.02 -64.81 70.82
N ARG N 3338 85.32 -66.07 71.17
CA ARG N 3338 85.15 -66.51 72.54
C ARG N 3338 86.11 -65.77 73.47
N LEU N 3339 87.34 -65.53 73.02
CA LEU N 3339 88.31 -64.82 73.85
C LEU N 3339 87.86 -63.40 74.13
N ALA N 3340 87.31 -62.72 73.12
CA ALA N 3340 86.82 -61.36 73.34
C ALA N 3340 85.66 -61.36 74.32
N VAL N 3341 84.73 -62.29 74.14
CA VAL N 3341 83.59 -62.37 75.06
C VAL N 3341 84.07 -62.62 76.48
N PHE N 3342 85.08 -63.47 76.64
CA PHE N 3342 85.58 -63.81 77.97
C PHE N 3342 86.42 -62.69 78.57
N ALA N 3343 87.03 -61.87 77.72
CA ALA N 3343 87.94 -60.83 78.18
C ALA N 3343 87.26 -59.48 78.37
N GLN N 3344 86.01 -59.32 77.96
CA GLN N 3344 85.32 -58.06 78.25
C GLN N 3344 85.38 -57.67 79.72
N PRO N 3345 85.14 -58.55 80.68
CA PRO N 3345 85.03 -58.09 82.09
C PRO N 3345 86.24 -57.31 82.58
N ILE N 3346 87.45 -57.72 82.23
CA ILE N 3346 88.64 -57.08 82.77
C ILE N 3346 88.87 -55.70 82.18
N VAL N 3347 88.18 -55.36 81.09
CA VAL N 3347 88.41 -54.07 80.43
C VAL N 3347 88.06 -52.92 81.35
N SER N 3348 87.12 -53.13 82.28
CA SER N 3348 86.65 -52.03 83.13
C SER N 3348 87.80 -51.42 83.92
N ARG N 3349 88.84 -52.21 84.22
CA ARG N 3349 89.94 -51.76 85.05
C ARG N 3349 91.14 -51.25 84.25
N ALA N 3350 91.10 -51.29 82.93
CA ALA N 3350 92.27 -50.91 82.15
C ALA N 3350 92.69 -49.49 82.49
N ARG N 3351 93.99 -49.32 82.75
CA ARG N 3351 94.54 -48.02 83.10
C ARG N 3351 94.70 -47.18 81.83
N PRO N 3352 94.60 -45.84 81.93
CA PRO N 3352 94.48 -45.04 80.70
C PRO N 3352 95.64 -45.16 79.71
N GLU N 3353 96.89 -45.37 80.16
CA GLU N 3353 97.97 -45.45 79.17
C GLU N 3353 97.84 -46.66 78.25
N LEU N 3354 96.95 -47.60 78.57
CA LEU N 3354 96.71 -48.72 77.65
C LEU N 3354 96.38 -48.22 76.25
N LEU N 3355 95.70 -47.08 76.15
CA LEU N 3355 95.27 -46.58 74.84
C LEU N 3355 96.45 -46.46 73.90
N ARG N 3356 97.39 -45.55 74.20
CA ARG N 3356 98.53 -45.32 73.33
C ARG N 3356 99.32 -46.61 73.10
N SER N 3357 99.51 -47.39 74.17
CA SER N 3357 100.38 -48.55 74.07
C SER N 3357 99.84 -49.59 73.10
N HIS N 3358 98.54 -49.89 73.17
CA HIS N 3358 97.98 -51.02 72.43
C HIS N 3358 96.91 -50.63 71.43
N PHE N 3359 95.94 -49.81 71.83
CA PHE N 3359 94.75 -49.65 71.00
C PHE N 3359 95.08 -48.89 69.72
N ILE N 3360 95.88 -47.82 69.82
CA ILE N 3360 96.18 -47.02 68.63
C ILE N 3360 96.92 -47.83 67.57
N PRO N 3361 98.03 -48.50 67.87
CA PRO N 3361 98.69 -49.30 66.82
C PRO N 3361 97.80 -50.39 66.24
N THR N 3362 97.00 -51.05 67.07
CA THR N 3362 96.16 -52.14 66.61
C THR N 3362 95.11 -51.64 65.63
N ILE N 3363 94.30 -50.67 66.06
CA ILE N 3363 93.31 -50.09 65.17
C ILE N 3363 93.95 -49.44 63.96
N GLY N 3364 95.20 -48.98 64.07
CA GLY N 3364 95.90 -48.46 62.92
C GLY N 3364 96.18 -49.52 61.88
N ARG N 3365 96.64 -50.69 62.34
CA ARG N 3365 96.85 -51.80 61.41
C ARG N 3365 95.55 -52.23 60.77
N LEU N 3366 94.47 -52.31 61.56
CA LEU N 3366 93.17 -52.68 60.99
C LEU N 3366 92.70 -51.64 59.97
N ARG N 3367 92.85 -50.35 60.27
CA ARG N 3367 92.44 -49.30 59.35
C ARG N 3367 93.25 -49.35 58.06
N LYS N 3368 94.56 -49.58 58.17
CA LYS N 3368 95.40 -49.69 56.98
C LYS N 3368 94.98 -50.87 56.12
N ARG N 3369 94.71 -52.02 56.75
CA ARG N 3369 94.26 -53.17 55.99
C ARG N 3369 92.91 -52.89 55.31
N ALA N 3370 92.00 -52.22 56.02
CA ALA N 3370 90.71 -51.88 55.42
C ALA N 3370 90.89 -50.98 54.22
N GLY N 3371 91.77 -49.97 54.35
CA GLY N 3371 92.03 -49.09 53.22
C GLY N 3371 92.57 -49.85 52.01
N LYS N 3372 93.57 -50.71 52.24
CA LYS N 3372 94.10 -51.49 51.12
C LYS N 3372 93.00 -52.33 50.48
N VAL N 3373 92.21 -53.02 51.29
CA VAL N 3373 91.25 -53.97 50.76
C VAL N 3373 90.16 -53.23 49.98
N VAL N 3374 89.73 -52.07 50.48
CA VAL N 3374 88.76 -51.28 49.73
C VAL N 3374 89.38 -50.74 48.45
N ALA N 3375 90.70 -50.53 48.45
CA ALA N 3375 91.37 -50.15 47.21
C ALA N 3375 91.28 -51.27 46.16
N GLU N 3376 91.54 -52.51 46.58
CA GLU N 3376 91.37 -53.62 45.64
C GLU N 3376 89.91 -53.76 45.21
N GLU N 3377 88.98 -53.50 46.13
CA GLU N 3377 87.57 -53.52 45.75
C GLU N 3377 87.28 -52.49 44.67
N GLU N 3378 87.82 -51.28 44.84
CA GLU N 3378 87.62 -50.22 43.85
C GLU N 3378 88.18 -50.64 42.49
N GLN N 3379 89.39 -51.22 42.48
CA GLN N 3379 89.97 -51.64 41.21
C GLN N 3379 89.14 -52.73 40.56
N LEU N 3380 88.71 -53.72 41.33
CA LEU N 3380 87.92 -54.81 40.75
C LEU N 3380 86.59 -54.31 40.20
N ARG N 3381 85.90 -53.45 40.94
CA ARG N 3381 84.63 -52.92 40.46
C ARG N 3381 84.80 -51.98 39.28
N LEU N 3382 85.93 -51.28 39.18
CA LEU N 3382 86.25 -50.57 37.95
C LEU N 3382 86.39 -51.55 36.79
N GLU N 3383 87.07 -52.67 37.02
CA GLU N 3383 87.10 -53.74 36.04
C GLU N 3383 85.70 -54.37 35.92
N ALA N 3384 85.45 -54.97 34.76
CA ALA N 3384 84.12 -55.46 34.42
C ALA N 3384 84.21 -56.87 33.83
N LYS N 3385 83.05 -57.51 33.76
CA LYS N 3385 82.88 -58.82 33.11
C LYS N 3385 83.70 -59.86 33.88
N ALA N 3386 84.32 -60.82 33.20
CA ALA N 3386 84.98 -61.93 33.89
C ALA N 3386 85.98 -61.42 34.92
N GLU N 3387 86.66 -60.31 34.61
CA GLU N 3387 87.58 -59.72 35.58
C GLU N 3387 86.84 -59.31 36.85
N ALA N 3388 85.60 -58.82 36.70
CA ALA N 3388 84.82 -58.45 37.87
C ALA N 3388 84.34 -59.67 38.63
N GLU N 3389 83.83 -60.68 37.92
CA GLU N 3389 83.31 -61.86 38.61
C GLU N 3389 84.42 -62.62 39.33
N GLU N 3390 85.64 -62.58 38.80
CA GLU N 3390 86.77 -63.23 39.45
C GLU N 3390 87.55 -62.21 40.28
N GLY N 3391 88.14 -62.71 41.37
CA GLY N 3391 88.86 -61.83 42.28
C GLY N 3391 87.94 -61.18 43.29
N GLU N 3392 86.67 -61.02 42.91
CA GLU N 3392 85.68 -60.51 43.85
C GLU N 3392 85.54 -61.45 45.03
N LEU N 3393 85.65 -62.77 44.80
CA LEU N 3393 85.60 -63.71 45.90
C LEU N 3393 86.79 -63.53 46.83
N LEU N 3394 87.98 -63.29 46.29
CA LEU N 3394 89.16 -63.06 47.11
C LEU N 3394 89.00 -61.80 47.95
N VAL N 3395 88.51 -60.72 47.34
CA VAL N 3395 88.31 -59.48 48.09
C VAL N 3395 87.21 -59.65 49.13
N ARG N 3396 86.20 -60.46 48.80
CA ARG N 3396 85.14 -60.76 49.76
C ARG N 3396 85.70 -61.54 50.95
N ASP N 3397 86.63 -62.46 50.70
CA ASP N 3397 87.28 -63.17 51.81
C ASP N 3397 88.11 -62.23 52.66
N GLU N 3398 88.83 -61.29 52.03
CA GLU N 3398 89.54 -60.27 52.80
C GLU N 3398 88.59 -59.43 53.65
N PHE N 3399 87.46 -59.05 53.09
CA PHE N 3399 86.43 -58.36 53.87
C PHE N 3399 85.93 -59.22 55.03
N SER N 3400 85.74 -60.51 54.79
CA SER N 3400 85.29 -61.39 55.87
C SER N 3400 86.29 -61.46 57.01
N VAL N 3401 87.57 -61.65 56.70
CA VAL N 3401 88.57 -61.73 57.76
C VAL N 3401 88.69 -60.39 58.48
N LEU N 3402 88.62 -59.28 57.74
CA LEU N 3402 88.69 -57.97 58.38
C LEU N 3402 87.49 -57.76 59.30
N CYS N 3403 86.30 -58.19 58.88
CA CYS N 3403 85.12 -58.08 59.73
C CYS N 3403 85.27 -58.92 60.98
N ARG N 3404 85.83 -60.13 60.84
CA ARG N 3404 86.08 -60.95 62.01
C ARG N 3404 87.01 -60.25 62.98
N ASP N 3405 88.08 -59.65 62.46
CA ASP N 3405 89.02 -58.93 63.32
C ASP N 3405 88.35 -57.76 64.02
N LEU N 3406 87.55 -56.98 63.27
CA LEU N 3406 86.89 -55.82 63.84
C LEU N 3406 85.92 -56.24 64.94
N TYR N 3407 85.12 -57.28 64.70
CA TYR N 3407 84.20 -57.75 65.71
C TYR N 3407 84.91 -58.43 66.86
N ALA N 3408 86.16 -58.86 66.67
CA ALA N 3408 86.94 -59.39 67.77
C ALA N 3408 87.44 -58.28 68.68
N LEU N 3409 87.89 -57.16 68.10
CA LEU N 3409 88.56 -56.14 68.90
C LEU N 3409 87.64 -55.00 69.37
N TYR N 3410 86.70 -54.55 68.55
CA TYR N 3410 85.76 -53.50 69.00
C TYR N 3410 84.97 -53.86 70.25
N PRO N 3411 84.52 -55.10 70.46
CA PRO N 3411 83.81 -55.37 71.72
C PRO N 3411 84.66 -55.04 72.94
N LEU N 3412 85.98 -55.14 72.81
CA LEU N 3412 86.86 -54.69 73.87
C LEU N 3412 86.94 -53.17 73.93
N LEU N 3413 86.99 -52.52 72.76
CA LEU N 3413 87.13 -51.07 72.73
C LEU N 3413 85.92 -50.38 73.34
N ILE N 3414 84.71 -50.90 73.08
CA ILE N 3414 83.50 -50.26 73.57
C ILE N 3414 83.55 -50.11 75.09
N ARG N 3415 83.92 -51.17 75.80
CA ARG N 3415 84.02 -51.08 77.25
C ARG N 3415 85.11 -50.10 77.66
N TYR N 3416 86.25 -50.12 76.98
CA TYR N 3416 87.33 -49.19 77.31
C TYR N 3416 86.89 -47.75 77.05
N VAL N 3417 86.20 -47.50 75.94
CA VAL N 3417 85.77 -46.14 75.63
C VAL N 3417 84.80 -45.62 76.70
N ASP N 3418 83.85 -46.47 77.10
CA ASP N 3418 82.81 -46.03 78.04
C ASP N 3418 83.44 -45.50 79.33
N ASN N 3419 84.40 -46.24 79.87
CA ASN N 3419 84.99 -45.83 81.15
C ASN N 3419 85.77 -44.54 81.02
N ASN N 3420 86.56 -44.39 79.95
CA ASN N 3420 87.45 -43.25 79.79
C ASN N 3420 86.84 -42.12 78.97
N ARG N 3421 85.63 -42.31 78.44
CA ARG N 3421 85.01 -41.24 77.65
C ARG N 3421 84.76 -40.00 78.52
N ALA N 3422 84.35 -40.19 79.78
CA ALA N 3422 84.14 -39.05 80.66
C ALA N 3422 85.42 -38.25 80.85
N HIS N 3423 86.54 -38.92 81.13
CA HIS N 3423 87.79 -38.21 81.29
C HIS N 3423 88.21 -37.52 79.99
N TRP N 3424 88.05 -38.21 78.86
CA TRP N 3424 88.43 -37.61 77.59
C TRP N 3424 87.61 -36.36 77.30
N LEU N 3425 86.31 -36.40 77.58
CA LEU N 3425 85.45 -35.24 77.35
C LEU N 3425 85.71 -34.13 78.35
N THR N 3426 86.13 -34.47 79.57
CA THR N 3426 86.46 -33.46 80.56
C THR N 3426 87.77 -32.75 80.23
N GLU N 3427 88.75 -33.48 79.71
CA GLU N 3427 90.05 -32.93 79.37
C GLU N 3427 90.46 -33.42 77.98
N PRO N 3428 90.78 -32.52 77.04
CA PRO N 3428 91.14 -32.98 75.69
C PRO N 3428 92.36 -33.88 75.71
N ASN N 3429 92.36 -34.89 74.82
CA ASN N 3429 93.42 -35.87 74.76
C ASN N 3429 93.74 -36.20 73.30
N PRO N 3430 94.89 -35.79 72.77
CA PRO N 3430 95.17 -36.05 71.35
C PRO N 3430 95.17 -37.51 70.98
N ASN N 3431 95.53 -38.41 71.91
CA ASN N 3431 95.49 -39.84 71.59
C ASN N 3431 94.05 -40.30 71.37
N ALA N 3432 93.14 -39.93 72.27
CA ALA N 3432 91.73 -40.23 72.04
C ALA N 3432 91.24 -39.59 70.75
N GLU N 3433 91.79 -38.42 70.41
CA GLU N 3433 91.36 -37.75 69.18
C GLU N 3433 91.80 -38.54 67.95
N GLU N 3434 93.04 -39.02 67.95
CA GLU N 3434 93.50 -39.90 66.89
C GLU N 3434 92.62 -41.15 66.80
N LEU N 3435 92.27 -41.72 67.96
CA LEU N 3435 91.38 -42.87 67.95
C LEU N 3435 90.05 -42.54 67.27
N PHE N 3436 89.51 -41.34 67.56
CA PHE N 3436 88.26 -40.93 66.92
C PHE N 3436 88.44 -40.86 65.41
N ARG N 3437 89.51 -40.21 64.94
CA ARG N 3437 89.75 -40.12 63.51
C ARG N 3437 89.81 -41.51 62.88
N MET N 3438 90.47 -42.44 63.57
CA MET N 3438 90.68 -43.78 63.04
C MET N 3438 89.36 -44.53 62.91
N VAL N 3439 88.56 -44.53 63.98
CA VAL N 3439 87.26 -45.20 63.94
C VAL N 3439 86.37 -44.55 62.89
N GLY N 3440 86.46 -43.21 62.77
CA GLY N 3440 85.69 -42.53 61.74
C GLY N 3440 86.07 -42.95 60.34
N GLU N 3441 87.37 -43.08 60.06
CA GLU N 3441 87.79 -43.54 58.75
C GLU N 3441 87.26 -44.95 58.47
N ILE N 3442 87.33 -45.83 59.46
CA ILE N 3442 86.82 -47.19 59.25
C ILE N 3442 85.32 -47.15 58.96
N PHE N 3443 84.58 -46.29 59.68
CA PHE N 3443 83.15 -46.20 59.42
C PHE N 3443 82.87 -45.64 58.04
N ILE N 3444 83.69 -44.69 57.58
CA ILE N 3444 83.55 -44.16 56.23
C ILE N 3444 83.72 -45.27 55.20
N TYR N 3445 84.72 -46.12 55.42
CA TYR N 3445 84.88 -47.27 54.53
C TYR N 3445 83.64 -48.18 54.58
N TRP N 3446 83.11 -48.41 55.78
CA TRP N 3446 81.90 -49.25 55.89
C TRP N 3446 80.74 -48.64 55.11
N SER N 3447 80.54 -47.33 55.24
CA SER N 3447 79.44 -46.67 54.55
C SER N 3447 79.64 -46.73 53.04
N LYS N 3448 80.87 -46.51 52.58
CA LYS N 3448 81.11 -46.47 51.13
C LYS N 3448 80.97 -47.84 50.50
N SER N 3449 81.57 -48.87 51.11
CA SER N 3449 81.68 -50.18 50.49
C SER N 3449 80.41 -50.98 50.73
N HIS N 3450 79.80 -51.44 49.63
CA HIS N 3450 78.57 -52.23 49.75
C HIS N 3450 78.88 -53.70 50.00
N ASN N 3451 80.10 -54.16 49.67
CA ASN N 3451 80.49 -55.50 50.08
C ASN N 3451 80.76 -55.59 51.57
N PHE N 3452 81.34 -54.55 52.16
CA PHE N 3452 81.75 -54.63 53.55
C PHE N 3452 80.53 -54.85 54.44
N LYS N 3453 79.43 -54.17 54.11
CA LYS N 3453 78.19 -54.33 54.87
C LYS N 3453 77.72 -55.78 54.87
N ARG N 3454 77.58 -56.38 53.70
CA ARG N 3454 77.04 -57.73 53.62
C ARG N 3454 78.00 -58.74 54.25
N GLU N 3455 79.31 -58.51 54.11
CA GLU N 3455 80.27 -59.39 54.77
C GLU N 3455 80.15 -59.32 56.28
N GLU N 3456 80.00 -58.12 56.83
CA GLU N 3456 79.79 -57.98 58.27
C GLU N 3456 78.51 -58.70 58.69
N GLN N 3457 77.43 -58.48 57.94
CA GLN N 3457 76.15 -59.09 58.31
C GLN N 3457 76.22 -60.62 58.24
N ASN N 3458 76.84 -61.15 57.20
CA ASN N 3458 77.07 -62.59 57.12
C ASN N 3458 77.87 -63.07 58.32
N PHE N 3459 79.12 -62.64 58.44
CA PHE N 3459 79.93 -63.05 59.57
C PHE N 3459 79.12 -63.08 60.86
N VAL N 3460 78.38 -61.99 61.15
CA VAL N 3460 77.70 -61.91 62.44
C VAL N 3460 76.57 -62.93 62.52
N VAL N 3461 75.81 -63.12 61.43
CA VAL N 3461 74.67 -64.03 61.53
C VAL N 3461 75.11 -65.49 61.56
N GLN N 3462 76.10 -65.89 60.74
CA GLN N 3462 76.64 -67.24 60.88
C GLN N 3462 77.25 -67.48 62.26
N ASN N 3463 78.00 -66.51 62.79
CA ASN N 3463 78.58 -66.69 64.12
C ASN N 3463 77.55 -66.56 65.22
N GLU N 3464 76.33 -66.11 64.92
CA GLU N 3464 75.21 -66.05 65.86
C GLU N 3464 75.48 -65.16 67.05
N ILE N 3465 76.51 -64.31 66.98
CA ILE N 3465 76.76 -63.37 68.08
C ILE N 3465 75.64 -62.35 68.13
N ASN N 3466 75.11 -62.14 69.34
CA ASN N 3466 74.14 -61.08 69.57
C ASN N 3466 74.91 -59.81 69.91
N ASN N 3467 74.71 -58.76 69.10
CA ASN N 3467 75.46 -57.53 69.32
C ASN N 3467 75.04 -56.84 70.61
N MET N 3468 73.84 -57.12 71.11
CA MET N 3468 73.34 -56.41 72.28
C MET N 3468 74.16 -56.74 73.51
N SER N 3469 74.69 -57.96 73.59
CA SER N 3469 75.57 -58.30 74.71
C SER N 3469 76.84 -57.44 74.68
N PHE N 3470 77.41 -57.26 73.49
CA PHE N 3470 78.61 -56.41 73.39
C PHE N 3470 78.27 -54.97 73.75
N LEU N 3471 77.17 -54.44 73.22
CA LEU N 3471 76.82 -53.05 73.48
C LEU N 3471 76.52 -52.81 74.96
N THR N 3472 75.80 -53.73 75.60
CA THR N 3472 75.49 -53.58 77.02
C THR N 3472 76.76 -53.58 77.85
N TYR N 3504 72.32 -58.57 61.11
CA TYR N 3504 71.42 -57.99 62.11
C TYR N 3504 71.07 -56.55 61.74
N SER N 3505 70.36 -55.88 62.64
CA SER N 3505 69.90 -54.52 62.36
C SER N 3505 71.07 -53.57 62.16
N VAL N 3506 70.87 -52.56 61.32
CA VAL N 3506 71.93 -51.60 61.04
C VAL N 3506 72.37 -50.90 62.32
N GLN N 3507 71.41 -50.57 63.19
CA GLN N 3507 71.75 -49.89 64.44
C GLN N 3507 72.66 -50.76 65.31
N THR N 3508 72.37 -52.06 65.38
CA THR N 3508 73.18 -52.96 66.18
C THR N 3508 74.54 -53.25 65.56
N SER N 3509 74.76 -52.83 64.31
CA SER N 3509 76.06 -53.05 63.68
C SER N 3509 77.16 -52.42 64.53
N LEU N 3510 78.13 -53.25 64.92
CA LEU N 3510 79.17 -52.77 65.82
C LEU N 3510 80.01 -51.67 65.18
N ILE N 3511 80.15 -51.70 63.86
CA ILE N 3511 80.95 -50.70 63.18
C ILE N 3511 80.39 -49.31 63.43
N VAL N 3512 79.08 -49.14 63.23
CA VAL N 3512 78.44 -47.85 63.46
C VAL N 3512 78.30 -47.58 64.96
N ALA N 3513 78.10 -48.64 65.75
CA ALA N 3513 77.91 -48.45 67.18
C ALA N 3513 79.16 -47.83 67.83
N THR N 3514 80.34 -48.34 67.47
CA THR N 3514 81.56 -47.81 68.05
C THR N 3514 81.74 -46.33 67.71
N LEU N 3515 81.47 -45.95 66.46
CA LEU N 3515 81.60 -44.54 66.09
C LEU N 3515 80.58 -43.68 66.82
N LYS N 3516 79.35 -44.18 66.99
CA LYS N 3516 78.38 -43.41 67.75
C LYS N 3516 78.78 -43.28 69.21
N LYS N 3517 79.52 -44.25 69.75
CA LYS N 3517 80.11 -44.07 71.07
C LYS N 3517 81.19 -43.00 71.06
N MET N 3518 82.03 -42.98 70.03
CA MET N 3518 83.20 -42.12 69.97
C MET N 3518 82.89 -40.70 69.49
N LEU N 3519 81.71 -40.46 68.93
CA LEU N 3519 81.44 -39.18 68.28
C LEU N 3519 81.65 -37.97 69.19
N PRO N 3520 81.23 -37.98 70.46
CA PRO N 3520 81.41 -36.78 71.28
C PRO N 3520 82.86 -36.33 71.36
N ILE N 3521 83.81 -37.25 71.26
CA ILE N 3521 85.22 -36.87 71.36
C ILE N 3521 85.62 -35.98 70.19
N GLY N 3522 85.02 -36.19 69.01
CA GLY N 3522 85.32 -35.35 67.86
C GLY N 3522 84.48 -34.09 67.84
N LEU N 3523 83.24 -34.22 68.31
CA LEU N 3523 82.43 -33.02 68.50
C LEU N 3523 83.10 -32.07 69.49
N ASN N 3524 83.96 -32.62 70.37
CA ASN N 3524 84.72 -31.78 71.27
C ASN N 3524 85.82 -31.02 70.54
N MET N 3525 86.41 -31.63 69.51
CA MET N 3525 87.27 -30.87 68.61
C MET N 3525 86.50 -29.72 67.99
N CYS N 3526 85.35 -30.03 67.41
CA CYS N 3526 84.58 -29.01 66.72
C CYS N 3526 84.16 -27.92 67.71
N ALA N 3527 84.58 -26.71 67.42
CA ALA N 3527 84.26 -25.56 68.26
C ALA N 3527 82.88 -25.03 67.92
N PRO N 3528 82.23 -24.33 68.84
CA PRO N 3528 80.85 -23.86 68.55
C PRO N 3528 80.80 -22.92 67.37
N THR N 3529 81.86 -22.14 67.14
CA THR N 3529 81.90 -21.26 65.98
C THR N 3529 81.88 -22.06 64.68
N ASP N 3530 82.33 -23.32 64.73
CA ASP N 3530 82.50 -24.10 63.52
C ASP N 3530 81.20 -24.72 63.01
N GLN N 3531 80.14 -24.74 63.81
CA GLN N 3531 78.94 -25.51 63.44
C GLN N 3531 78.51 -25.18 62.02
N ASP N 3532 78.54 -23.90 61.64
CA ASP N 3532 78.17 -23.52 60.28
C ASP N 3532 79.15 -24.07 59.26
N LEU N 3533 80.44 -24.09 59.59
CA LEU N 3533 81.43 -24.68 58.67
C LEU N 3533 81.17 -26.17 58.48
N ILE N 3534 80.85 -26.88 59.57
CA ILE N 3534 80.48 -28.29 59.46
C ILE N 3534 79.24 -28.45 58.59
N VAL N 3535 78.26 -27.55 58.73
CA VAL N 3535 77.08 -27.62 57.88
C VAL N 3535 77.46 -27.47 56.41
N LEU N 3536 78.32 -26.49 56.11
CA LEU N 3536 78.73 -26.27 54.72
C LEU N 3536 79.49 -27.48 54.17
N ALA N 3537 80.39 -28.03 54.97
CA ALA N 3537 81.14 -29.22 54.54
C ALA N 3537 80.23 -30.43 54.36
N LYS N 3538 79.20 -30.55 55.20
CA LYS N 3538 78.20 -31.60 55.01
C LYS N 3538 77.46 -31.41 53.69
N ALA N 3539 77.13 -30.16 53.37
CA ALA N 3539 76.50 -29.90 52.06
C ALA N 3539 77.42 -30.29 50.92
N ARG N 3540 78.72 -29.97 51.04
CA ARG N 3540 79.67 -30.37 50.01
C ARG N 3540 79.73 -31.88 49.88
N TYR N 3541 79.77 -32.60 51.01
CA TYR N 3541 79.81 -34.06 50.96
C TYR N 3541 78.52 -34.61 50.34
N ALA N 3542 77.39 -33.94 50.58
CA ALA N 3542 76.16 -34.30 49.89
C ALA N 3542 76.31 -34.11 48.39
N LEU N 3543 77.00 -33.04 47.98
CA LEU N 3543 77.34 -32.83 46.58
C LEU N 3543 78.33 -33.91 46.13
N LYS N 3544 78.88 -34.65 47.08
CA LYS N 3544 79.76 -35.79 46.81
C LYS N 3544 81.13 -35.35 46.32
N ASP N 3545 81.59 -34.21 46.80
CA ASP N 3545 82.93 -33.75 46.49
C ASP N 3545 83.97 -34.51 47.31
N THR N 3546 85.15 -34.69 46.73
CA THR N 3546 86.20 -35.46 47.39
C THR N 3546 86.81 -34.65 48.53
N ASP N 3547 87.54 -35.36 49.40
CA ASP N 3547 88.02 -34.76 50.63
C ASP N 3547 88.98 -33.61 50.36
N GLU N 3548 89.85 -33.74 49.34
CA GLU N 3548 90.78 -32.66 49.03
C GLU N 3548 90.05 -31.38 48.68
N GLU N 3549 89.04 -31.46 47.80
CA GLU N 3549 88.38 -30.25 47.35
C GLU N 3549 87.42 -29.72 48.40
N VAL N 3550 86.91 -30.59 49.28
CA VAL N 3550 86.18 -30.10 50.45
C VAL N 3550 87.12 -29.29 51.34
N ARG N 3551 88.35 -29.79 51.55
CA ARG N 3551 89.33 -29.04 52.30
C ARG N 3551 89.61 -27.70 51.63
N GLU N 3552 89.70 -27.69 50.30
CA GLU N 3552 89.93 -26.44 49.57
C GLU N 3552 88.77 -25.47 49.72
N PHE N 3553 87.53 -25.97 49.69
CA PHE N 3553 86.38 -25.11 49.90
C PHE N 3553 86.41 -24.50 51.29
N LEU N 3554 86.74 -25.30 52.31
CA LEU N 3554 86.85 -24.75 53.66
C LEU N 3554 87.97 -23.73 53.74
N GLN N 3555 89.10 -23.99 53.08
CA GLN N 3555 90.21 -23.05 53.07
C GLN N 3555 89.83 -21.73 52.41
N ASN N 3556 89.06 -21.78 51.32
CA ASN N 3556 88.64 -20.55 50.67
C ASN N 3556 87.60 -19.81 51.50
N ASN N 3557 86.76 -20.54 52.22
CA ASN N 3557 85.77 -19.93 53.11
C ASN N 3557 86.35 -19.77 54.51
N LEU N 3558 87.42 -18.98 54.57
CA LEU N 3558 88.03 -18.67 55.87
C LEU N 3558 87.03 -17.98 56.78
N ASN N 3559 86.30 -17.00 56.25
CA ASN N 3559 85.16 -16.41 56.96
C ASN N 3559 83.95 -17.32 56.82
N LEU N 3560 82.76 -16.80 57.13
CA LEU N 3560 81.53 -17.57 57.32
C LEU N 3560 81.55 -18.34 58.64
N GLN N 3561 82.51 -18.05 59.52
CA GLN N 3561 82.53 -18.64 60.84
C GLN N 3561 81.52 -17.96 61.75
N GLY N 3562 80.89 -18.74 62.61
CA GLY N 3562 79.82 -18.21 63.44
C GLY N 3562 80.28 -17.02 64.26
N LYS N 3563 79.37 -16.07 64.47
CA LYS N 3563 79.71 -14.81 65.14
C LYS N 3563 79.13 -14.81 66.55
N VAL N 3564 79.96 -14.36 67.51
CA VAL N 3564 79.61 -14.49 68.92
C VAL N 3564 78.35 -13.69 69.25
N GLU N 3565 78.30 -12.42 68.87
CA GLU N 3565 77.07 -11.66 69.08
C GLU N 3565 75.99 -12.07 68.09
N GLY N 3566 76.38 -12.73 66.99
CA GLY N 3566 75.41 -13.19 66.03
C GLY N 3566 74.50 -14.27 66.59
N SER N 3567 75.06 -15.21 67.34
CA SER N 3567 74.30 -16.34 67.85
C SER N 3567 74.11 -16.22 69.36
N PRO N 3568 72.87 -16.33 69.87
CA PRO N 3568 72.70 -16.26 71.34
C PRO N 3568 73.34 -17.40 72.09
N SER N 3569 73.06 -18.65 71.71
CA SER N 3569 73.60 -19.79 72.45
C SER N 3569 75.12 -19.80 72.42
N LEU N 3570 75.71 -19.16 71.40
CA LEU N 3570 77.14 -19.29 71.19
C LEU N 3570 77.91 -18.63 72.33
N ARG N 3571 77.35 -17.62 72.98
CA ARG N 3571 78.06 -17.01 74.10
C ARG N 3571 78.30 -18.02 75.23
N TRP N 3572 77.29 -18.78 75.62
CA TRP N 3572 77.51 -19.74 76.71
C TRP N 3572 78.29 -20.95 76.22
N GLN N 3573 78.07 -21.37 74.97
CA GLN N 3573 78.90 -22.45 74.43
C GLN N 3573 80.38 -22.06 74.45
N MET N 3574 80.67 -20.81 74.06
CA MET N 3574 82.06 -20.33 74.06
C MET N 3574 82.56 -20.11 75.48
N ALA N 3575 81.67 -19.74 76.40
CA ALA N 3575 82.09 -19.67 77.80
C ALA N 3575 82.61 -21.03 78.25
N LEU N 3576 81.88 -22.11 77.97
CA LEU N 3576 82.35 -23.44 78.30
C LEU N 3576 83.66 -23.76 77.57
N TYR N 3577 83.70 -23.44 76.27
CA TYR N 3577 84.88 -23.74 75.46
C TYR N 3577 86.13 -23.09 76.02
N ARG N 3578 86.06 -21.77 76.27
CA ARG N 3578 87.15 -21.03 76.88
C ARG N 3578 87.50 -21.53 78.27
N GLY N 3579 86.50 -21.82 79.10
CA GLY N 3579 86.74 -22.24 80.47
C GLY N 3579 87.48 -23.55 80.57
N VAL N 3580 87.12 -24.53 79.74
CA VAL N 3580 87.75 -25.84 79.83
C VAL N 3580 89.24 -25.67 79.57
N PRO N 3581 90.13 -26.17 80.45
CA PRO N 3581 91.57 -25.98 80.22
C PRO N 3581 92.08 -26.81 79.05
N GLY N 3582 93.22 -26.39 78.52
CA GLY N 3582 93.88 -27.09 77.45
C GLY N 3582 93.35 -26.78 76.06
N ARG N 3583 92.33 -25.95 75.95
CA ARG N 3583 91.73 -25.59 74.68
C ARG N 3583 92.06 -24.16 74.26
N GLU N 3584 93.12 -23.57 74.82
CA GLU N 3584 93.49 -22.21 74.49
C GLU N 3584 94.47 -22.15 73.33
N GLU N 3585 95.53 -22.96 73.36
CA GLU N 3585 96.49 -23.02 72.28
C GLU N 3585 95.93 -23.86 71.13
N ASP N 3586 94.82 -23.36 70.58
CA ASP N 3586 94.11 -24.04 69.50
C ASP N 3586 93.38 -23.00 68.67
N ALA N 3587 92.98 -23.40 67.46
CA ALA N 3587 92.25 -22.53 66.55
C ALA N 3587 93.11 -21.38 66.05
N ASP N 3588 94.40 -21.39 66.40
CA ASP N 3588 95.29 -20.33 65.94
C ASP N 3588 95.66 -20.52 64.47
N ASP N 3589 95.55 -21.75 63.97
CA ASP N 3589 96.00 -22.07 62.63
C ASP N 3589 94.85 -22.54 61.72
N PRO N 3590 94.54 -21.79 60.65
CA PRO N 3590 93.40 -22.16 59.80
C PRO N 3590 93.51 -23.55 59.19
N GLU N 3591 94.72 -24.04 58.93
CA GLU N 3591 94.82 -25.40 58.39
C GLU N 3591 94.30 -26.42 59.40
N LYS N 3592 94.58 -26.22 60.69
CA LYS N 3592 94.03 -27.12 61.71
C LYS N 3592 92.51 -27.00 61.76
N ILE N 3593 91.98 -25.78 61.80
CA ILE N 3593 90.52 -25.66 61.82
C ILE N 3593 89.92 -26.37 60.61
N VAL N 3594 90.46 -26.12 59.42
CA VAL N 3594 89.92 -26.73 58.21
C VAL N 3594 89.97 -28.25 58.30
N ARG N 3595 91.12 -28.78 58.72
CA ARG N 3595 91.25 -30.23 58.84
C ARG N 3595 90.16 -30.79 59.75
N ARG N 3596 90.18 -30.38 61.03
CA ARG N 3596 89.24 -30.95 62.00
C ARG N 3596 87.80 -30.84 61.51
N VAL N 3597 87.44 -29.66 60.98
CA VAL N 3597 86.10 -29.51 60.42
C VAL N 3597 85.85 -30.54 59.34
N GLN N 3598 86.88 -30.83 58.53
CA GLN N 3598 86.71 -31.78 57.43
C GLN N 3598 86.39 -33.17 57.95
N GLU N 3599 87.21 -33.69 58.87
CA GLU N 3599 86.92 -35.03 59.38
C GLU N 3599 85.55 -35.08 60.03
N VAL N 3600 85.23 -34.10 60.89
CA VAL N 3600 83.96 -34.17 61.61
C VAL N 3600 82.80 -34.10 60.64
N SER N 3601 82.88 -33.24 59.63
CA SER N 3601 81.80 -33.12 58.66
C SER N 3601 81.61 -34.41 57.88
N ALA N 3602 82.71 -35.03 57.45
CA ALA N 3602 82.60 -36.29 56.74
C ALA N 3602 81.92 -37.35 57.60
N VAL N 3603 82.35 -37.46 58.86
CA VAL N 3603 81.77 -38.46 59.75
C VAL N 3603 80.29 -38.20 59.96
N LEU N 3604 79.91 -36.94 60.19
CA LEU N 3604 78.50 -36.62 60.42
C LEU N 3604 77.66 -36.93 59.18
N TYR N 3605 78.15 -36.57 57.99
CA TYR N 3605 77.38 -36.84 56.78
C TYR N 3605 77.17 -38.34 56.59
N HIS N 3606 78.23 -39.12 56.71
CA HIS N 3606 78.08 -40.57 56.52
C HIS N 3606 77.16 -41.16 57.60
N LEU N 3607 77.27 -40.66 58.83
CA LEU N 3607 76.37 -41.13 59.89
C LEU N 3607 74.92 -40.83 59.56
N ASP N 3608 74.65 -39.64 59.03
CA ASP N 3608 73.27 -39.29 58.70
C ASP N 3608 72.74 -40.14 57.55
N GLN N 3609 73.58 -40.39 56.53
CA GLN N 3609 73.14 -41.27 55.46
C GLN N 3609 72.82 -42.66 56.00
N THR N 3610 73.66 -43.18 56.90
CA THR N 3610 73.37 -44.47 57.49
C THR N 3610 72.08 -44.45 58.31
N GLU N 3611 71.87 -43.36 59.07
CA GLU N 3611 70.68 -43.25 59.90
C GLU N 3611 69.41 -43.29 59.05
N HIS N 3612 69.37 -42.49 57.98
CA HIS N 3612 68.21 -42.45 57.10
C HIS N 3612 68.64 -42.78 55.67
N PRO N 3613 68.16 -43.87 55.06
CA PRO N 3613 68.52 -44.20 53.68
C PRO N 3613 67.63 -43.51 52.65
N VAL N 3634 50.88 -70.99 41.77
CA VAL N 3634 51.63 -72.19 42.07
C VAL N 3634 51.52 -73.18 40.91
N ALA N 3635 50.50 -73.01 40.08
CA ALA N 3635 50.34 -73.85 38.91
C ALA N 3635 51.52 -73.69 37.96
N CYS N 3636 52.04 -72.47 37.83
CA CYS N 3636 53.20 -72.24 36.99
C CYS N 3636 54.40 -73.03 37.49
N PHE N 3637 54.62 -73.03 38.81
CA PHE N 3637 55.69 -73.86 39.38
C PHE N 3637 55.43 -75.33 39.12
N ARG N 3638 54.18 -75.77 39.26
CA ARG N 3638 53.83 -77.16 38.98
C ARG N 3638 53.99 -77.43 37.48
N MET N 3639 54.68 -78.51 37.16
CA MET N 3639 54.94 -78.86 35.77
C MET N 3639 53.68 -79.39 35.12
N THR N 3640 53.56 -79.21 33.81
CA THR N 3640 52.46 -79.74 33.02
C THR N 3640 53.00 -80.44 31.77
N PRO N 3641 53.71 -81.56 31.95
CA PRO N 3641 54.27 -82.26 30.79
C PRO N 3641 53.19 -82.70 29.81
N LEU N 3642 53.50 -82.58 28.52
CA LEU N 3642 52.60 -83.10 27.49
C LEU N 3642 52.65 -84.62 27.45
N TYR N 3643 53.82 -85.21 27.72
CA TYR N 3643 53.98 -86.66 27.59
C TYR N 3643 53.29 -87.41 28.72
N ASN N 3644 52.95 -86.73 29.81
CA ASN N 3644 52.03 -87.27 30.82
C ASN N 3644 50.58 -86.88 30.49
N LEU N 3645 50.13 -87.30 29.32
CA LEU N 3645 48.79 -87.03 28.86
C LEU N 3645 48.32 -88.20 28.00
N PRO N 3646 47.10 -88.70 28.23
CA PRO N 3646 46.62 -89.84 27.44
C PRO N 3646 46.57 -89.54 25.95
N THR N 3647 46.80 -90.60 25.17
CA THR N 3647 47.00 -90.44 23.73
C THR N 3647 45.76 -89.83 23.06
N HIS N 3648 44.57 -90.17 23.53
CA HIS N 3648 43.37 -89.67 22.87
C HIS N 3648 43.18 -88.18 23.08
N ARG N 3649 43.40 -87.69 24.31
CA ARG N 3649 43.36 -86.25 24.54
C ARG N 3649 44.47 -85.55 23.76
N ALA N 3650 45.65 -86.16 23.71
CA ALA N 3650 46.74 -85.57 22.94
C ALA N 3650 46.37 -85.48 21.47
N CYS N 3651 45.71 -86.51 20.94
CA CYS N 3651 45.27 -86.50 19.55
C CYS N 3651 44.25 -85.40 19.30
N ASN N 3652 43.29 -85.23 20.21
CA ASN N 3652 42.30 -84.17 20.03
C ASN N 3652 42.97 -82.80 20.03
N MET N 3653 43.90 -82.58 20.96
CA MET N 3653 44.60 -81.30 20.99
C MET N 3653 45.43 -81.09 19.72
N PHE N 3654 46.08 -82.15 19.24
CA PHE N 3654 46.85 -82.04 18.00
C PHE N 3654 45.95 -81.70 16.83
N LEU N 3655 44.77 -82.33 16.77
CA LEU N 3655 43.83 -82.02 15.69
C LEU N 3655 43.42 -80.56 15.73
N GLU N 3656 43.09 -80.06 16.92
CA GLU N 3656 42.71 -78.65 17.03
C GLU N 3656 43.84 -77.73 16.60
N SER N 3657 45.06 -78.01 17.07
CA SER N 3657 46.18 -77.14 16.76
C SER N 3657 46.53 -77.18 15.27
N TYR N 3658 46.52 -78.38 14.68
CA TYR N 3658 46.78 -78.52 13.25
C TYR N 3658 45.75 -77.78 12.44
N LYS N 3659 44.47 -77.93 12.79
CA LYS N 3659 43.43 -77.19 12.10
C LYS N 3659 43.64 -75.68 12.20
N ALA N 3660 43.98 -75.19 13.39
CA ALA N 3660 44.16 -73.76 13.60
C ALA N 3660 45.38 -73.19 12.87
N SER N 3661 46.48 -73.92 12.82
CA SER N 3661 47.75 -73.35 12.38
C SER N 3661 48.18 -73.75 10.98
N TRP N 3662 47.84 -74.95 10.51
CA TRP N 3662 48.26 -75.43 9.19
C TRP N 3662 47.13 -75.41 8.17
N ILE N 3663 46.00 -76.07 8.47
CA ILE N 3663 44.92 -76.13 7.50
C ILE N 3663 44.34 -74.74 7.26
N LEU N 3664 44.12 -73.98 8.32
CA LEU N 3664 43.50 -72.67 8.18
C LEU N 3664 44.42 -71.67 7.51
N THR N 3665 45.72 -71.70 7.85
CA THR N 3665 46.66 -70.75 7.28
C THR N 3665 46.89 -70.99 5.79
N GLU N 3666 46.79 -72.24 5.35
CA GLU N 3666 46.97 -72.55 3.94
C GLU N 3666 45.98 -71.75 3.10
N ASP N 3667 46.47 -71.14 2.03
CA ASP N 3667 45.67 -70.28 1.16
C ASP N 3667 45.51 -70.92 -0.20
N HIS N 3668 44.27 -70.95 -0.68
CA HIS N 3668 43.95 -71.49 -2.00
C HIS N 3668 42.91 -70.59 -2.66
N SER N 3669 43.25 -70.06 -3.83
CA SER N 3669 42.39 -69.11 -4.54
C SER N 3669 41.69 -69.83 -5.68
N PHE N 3670 40.58 -70.48 -5.34
CA PHE N 3670 39.74 -71.17 -6.32
C PHE N 3670 38.63 -70.30 -6.88
N GLU N 3671 38.46 -69.08 -6.37
CA GLU N 3671 37.30 -68.27 -6.73
C GLU N 3671 37.34 -67.87 -8.20
N ASP N 3672 38.49 -67.37 -8.66
CA ASP N 3672 38.60 -66.94 -10.05
C ASP N 3672 38.35 -68.10 -11.01
N ARG N 3673 38.99 -69.24 -10.74
CA ARG N 3673 38.82 -70.41 -11.59
C ARG N 3673 37.37 -70.87 -11.60
N MET N 3674 36.74 -70.93 -10.43
CA MET N 3674 35.36 -71.39 -10.35
C MET N 3674 34.42 -70.46 -11.10
N ILE N 3675 34.60 -69.14 -10.93
CA ILE N 3675 33.72 -68.20 -11.60
C ILE N 3675 33.92 -68.26 -13.11
N ASP N 3676 35.17 -68.37 -13.57
CA ASP N 3676 35.40 -68.48 -15.00
C ASP N 3676 34.76 -69.74 -15.57
N ASP N 3677 34.93 -70.87 -14.88
CA ASP N 3677 34.35 -72.12 -15.35
C ASP N 3677 32.83 -72.04 -15.40
N LEU N 3678 32.22 -71.46 -14.37
CA LEU N 3678 30.78 -71.34 -14.33
C LEU N 3678 30.25 -70.35 -15.37
N SER N 3679 31.03 -69.32 -15.69
CA SER N 3679 30.59 -68.34 -16.68
C SER N 3679 30.69 -68.89 -18.09
N LYS N 3680 31.74 -69.65 -18.40
CA LYS N 3680 31.89 -70.17 -19.74
C LYS N 3680 30.74 -71.11 -20.09
N ALA N 3681 30.06 -70.82 -21.19
CA ALA N 3681 29.01 -71.67 -21.72
C ALA N 3681 29.57 -72.61 -22.76
N GLY N 3682 28.79 -73.63 -23.12
CA GLY N 3682 29.28 -74.67 -24.00
C GLY N 3682 28.34 -75.07 -25.13
N GLU N 3683 28.92 -75.33 -26.30
CA GLU N 3683 28.23 -75.92 -27.44
C GLU N 3683 26.91 -75.23 -27.77
N GLN N 3684 26.86 -73.90 -27.61
CA GLN N 3684 25.68 -73.17 -28.07
C GLN N 3684 25.51 -73.29 -29.58
N GLU N 3685 26.64 -73.39 -30.31
CA GLU N 3685 26.56 -73.60 -31.75
C GLU N 3685 25.88 -74.92 -32.08
N GLU N 3686 25.88 -75.86 -31.15
CA GLU N 3686 25.18 -77.12 -31.38
C GLU N 3686 23.67 -76.89 -31.49
N GLU N 3687 23.11 -76.06 -30.59
CA GLU N 3687 21.68 -75.79 -30.64
C GLU N 3687 21.33 -74.81 -31.76
N GLU N 3688 22.20 -73.84 -32.02
CA GLU N 3688 21.94 -72.81 -33.03
C GLU N 3688 20.64 -72.06 -32.74
N GLU N 3689 20.50 -71.61 -31.50
CA GLU N 3689 19.30 -70.85 -31.13
C GLU N 3689 19.29 -69.54 -31.89
N GLU N 3690 18.42 -69.44 -32.90
CA GLU N 3690 18.42 -68.28 -33.77
C GLU N 3690 18.15 -66.99 -33.01
N VAL N 3691 17.26 -67.03 -32.03
CA VAL N 3691 16.95 -65.85 -31.23
C VAL N 3691 18.17 -65.47 -30.42
N GLU N 3692 18.40 -64.16 -30.26
CA GLU N 3692 19.58 -63.70 -29.54
C GLU N 3692 19.59 -64.20 -28.11
N GLU N 3693 18.42 -64.20 -27.45
CA GLU N 3693 18.34 -64.74 -26.11
C GLU N 3693 18.68 -66.22 -26.11
N LYS N 3694 19.49 -66.64 -25.14
CA LYS N 3694 19.94 -68.02 -25.04
C LYS N 3694 19.71 -68.53 -23.63
N LYS N 3695 19.80 -69.84 -23.48
CA LYS N 3695 19.62 -70.43 -22.17
C LYS N 3695 20.64 -69.87 -21.19
N PRO N 3696 20.25 -69.52 -19.97
CA PRO N 3696 21.23 -68.97 -19.01
C PRO N 3696 22.38 -69.95 -18.77
N ASP N 3697 23.59 -69.42 -18.70
CA ASP N 3697 24.77 -70.22 -18.41
C ASP N 3697 24.77 -70.54 -16.92
N PRO N 3698 25.61 -71.48 -16.47
CA PRO N 3698 25.48 -71.96 -15.08
C PRO N 3698 25.55 -70.86 -14.04
N LEU N 3699 26.41 -69.85 -14.24
CA LEU N 3699 26.48 -68.75 -13.27
C LEU N 3699 25.17 -67.98 -13.24
N HIS N 3700 24.60 -67.71 -14.42
CA HIS N 3700 23.30 -67.03 -14.48
C HIS N 3700 22.23 -67.86 -13.78
N GLN N 3701 22.26 -69.18 -13.98
CA GLN N 3701 21.27 -70.04 -13.33
C GLN N 3701 21.42 -70.02 -11.82
N LEU N 3702 22.66 -70.02 -11.33
CA LEU N 3702 22.89 -69.92 -9.89
C LEU N 3702 22.34 -68.61 -9.34
N VAL N 3703 22.64 -67.50 -10.02
CA VAL N 3703 22.15 -66.20 -9.57
C VAL N 3703 20.63 -66.19 -9.59
N LEU N 3704 20.02 -66.79 -10.60
CA LEU N 3704 18.55 -66.82 -10.68
C LEU N 3704 17.96 -67.67 -9.55
N HIS N 3705 18.61 -68.78 -9.22
CA HIS N 3705 18.13 -69.59 -8.10
C HIS N 3705 18.17 -68.80 -6.80
N PHE N 3706 19.27 -68.09 -6.54
CA PHE N 3706 19.33 -67.27 -5.33
C PHE N 3706 18.30 -66.15 -5.38
N SER N 3707 18.04 -65.60 -6.58
CA SER N 3707 17.02 -64.57 -6.71
C SER N 3707 15.64 -65.12 -6.36
N ARG N 3708 15.33 -66.34 -6.82
CA ARG N 3708 14.06 -66.96 -6.44
C ARG N 3708 13.99 -67.15 -4.93
N THR N 3709 15.07 -67.64 -4.32
CA THR N 3709 15.05 -67.84 -2.87
C THR N 3709 14.79 -66.52 -2.15
N ALA N 3710 15.42 -65.44 -2.61
CA ALA N 3710 15.18 -64.13 -2.01
C ALA N 3710 13.75 -63.67 -2.21
N LEU N 3711 13.19 -63.89 -3.41
CA LEU N 3711 11.87 -63.37 -3.73
C LEU N 3711 10.75 -64.16 -3.09
N THR N 3712 11.01 -65.39 -2.66
CA THR N 3712 9.94 -66.20 -2.08
C THR N 3712 9.30 -65.46 -0.90
N GLU N 3713 7.97 -65.40 -0.90
CA GLU N 3713 7.24 -64.74 0.18
C GLU N 3713 7.37 -65.58 1.44
N LYS N 3714 7.80 -64.93 2.53
CA LYS N 3714 8.08 -65.65 3.76
C LYS N 3714 8.21 -64.63 4.89
N SER N 3715 8.15 -65.13 6.12
CA SER N 3715 8.26 -64.29 7.31
C SER N 3715 9.69 -63.85 7.59
N LYS N 3716 10.66 -64.76 7.51
CA LYS N 3716 12.04 -64.45 7.84
C LYS N 3716 12.96 -65.13 6.83
N LEU N 3717 14.21 -64.65 6.80
CA LEU N 3717 15.23 -65.20 5.92
C LEU N 3717 16.10 -66.17 6.71
N ASP N 3718 16.13 -67.43 6.26
CA ASP N 3718 16.95 -68.43 6.92
C ASP N 3718 18.42 -68.23 6.59
N GLU N 3719 19.28 -68.78 7.44
CA GLU N 3719 20.72 -68.74 7.23
C GLU N 3719 21.12 -69.86 6.28
N ASP N 3720 21.46 -69.50 5.04
CA ASP N 3720 21.76 -70.47 3.99
C ASP N 3720 23.26 -70.49 3.75
N TYR N 3721 23.91 -71.59 4.15
CA TYR N 3721 25.36 -71.70 3.99
C TYR N 3721 25.75 -71.66 2.52
N LEU N 3722 24.91 -72.23 1.65
CA LEU N 3722 25.22 -72.20 0.22
C LEU N 3722 25.31 -70.77 -0.28
N TYR N 3723 24.32 -69.94 0.05
CA TYR N 3723 24.37 -68.55 -0.35
C TYR N 3723 25.55 -67.83 0.31
N MET N 3724 25.80 -68.09 1.59
CA MET N 3724 26.87 -67.39 2.28
C MET N 3724 28.23 -67.72 1.66
N ALA N 3725 28.37 -68.92 1.09
CA ALA N 3725 29.63 -69.30 0.47
C ALA N 3725 29.73 -68.77 -0.95
N TYR N 3726 28.65 -68.89 -1.73
CA TYR N 3726 28.69 -68.47 -3.12
C TYR N 3726 28.79 -66.95 -3.24
N ALA N 3727 28.14 -66.22 -2.33
CA ALA N 3727 28.30 -64.76 -2.31
C ALA N 3727 29.74 -64.37 -2.02
N ASP N 3728 30.39 -65.08 -1.09
CA ASP N 3728 31.80 -64.81 -0.81
C ASP N 3728 32.66 -65.10 -2.03
N ILE N 3729 32.37 -66.19 -2.72
CA ILE N 3729 33.14 -66.52 -3.93
C ILE N 3729 32.98 -65.42 -4.97
N MET N 3730 31.75 -64.99 -5.23
CA MET N 3730 31.52 -63.93 -6.20
C MET N 3730 32.20 -62.63 -5.76
N ALA N 3731 32.14 -62.30 -4.47
CA ALA N 3731 32.78 -61.09 -3.98
C ALA N 3731 34.29 -61.13 -4.20
N LYS N 3732 34.92 -62.26 -3.88
CA LYS N 3732 36.36 -62.38 -4.09
C LYS N 3732 36.71 -62.43 -5.58
N SER N 3733 35.75 -62.78 -6.44
CA SER N 3733 36.02 -62.76 -7.87
C SER N 3733 36.50 -61.40 -8.33
N CYS N 3734 36.03 -60.33 -7.69
CA CYS N 3734 36.43 -58.96 -8.02
C CYS N 3734 37.58 -58.57 -7.09
N HIS N 3735 38.80 -58.64 -7.62
CA HIS N 3735 39.98 -58.50 -6.79
C HIS N 3735 40.12 -57.09 -6.20
N LEU N 3736 40.01 -56.06 -7.05
CA LEU N 3736 40.30 -54.69 -6.64
C LEU N 3736 41.76 -54.55 -6.19
N GLU N 3737 42.65 -54.96 -7.08
CA GLU N 3737 44.09 -54.88 -6.82
C GLU N 3737 44.56 -53.43 -6.82
N VAL N 3752 54.90 -47.36 -4.30
CA VAL N 3752 55.33 -46.87 -5.61
C VAL N 3752 54.13 -46.78 -6.55
N GLU N 3753 53.96 -45.62 -7.18
CA GLU N 3753 52.90 -45.45 -8.16
C GLU N 3753 53.19 -46.28 -9.40
N VAL N 3754 52.18 -47.00 -9.88
CA VAL N 3754 52.32 -47.83 -11.07
C VAL N 3754 52.21 -46.96 -12.30
N SER N 3755 52.59 -47.50 -13.46
CA SER N 3755 52.46 -46.76 -14.69
C SER N 3755 50.99 -46.47 -15.00
N PHE N 3756 50.75 -45.40 -15.74
CA PHE N 3756 49.40 -45.01 -16.11
C PHE N 3756 48.70 -46.09 -16.92
N GLU N 3757 49.41 -46.78 -17.82
CA GLU N 3757 48.83 -47.93 -18.50
C GLU N 3757 48.50 -49.05 -17.54
N GLU N 3758 49.40 -49.31 -16.59
CA GLU N 3758 49.15 -50.32 -15.56
C GLU N 3758 47.84 -50.04 -14.84
N LYS N 3759 47.62 -48.78 -14.46
CA LYS N 3759 46.46 -48.42 -13.67
C LYS N 3759 45.17 -48.60 -14.45
N GLU N 3760 45.12 -48.08 -15.69
CA GLU N 3760 43.93 -48.23 -16.52
C GLU N 3760 43.65 -49.68 -16.82
N MET N 3761 44.70 -50.46 -17.06
CA MET N 3761 44.60 -51.89 -17.34
C MET N 3761 44.05 -52.67 -16.14
N GLU N 3762 44.49 -52.33 -14.94
CA GLU N 3762 43.87 -52.89 -13.74
C GLU N 3762 42.39 -52.50 -13.64
N LYS N 3763 42.07 -51.23 -13.92
CA LYS N 3763 40.68 -50.81 -13.92
C LYS N 3763 39.85 -51.66 -14.89
N GLN N 3764 40.43 -51.97 -16.05
CA GLN N 3764 39.71 -52.76 -17.04
C GLN N 3764 39.42 -54.17 -16.54
N ARG N 3765 40.38 -54.82 -15.87
CA ARG N 3765 40.02 -56.11 -15.27
C ARG N 3765 38.94 -55.96 -14.21
N LEU N 3766 39.02 -54.93 -13.36
CA LEU N 3766 38.00 -54.80 -12.33
C LEU N 3766 36.62 -54.65 -12.97
N LEU N 3767 36.54 -53.84 -14.03
CA LEU N 3767 35.28 -53.68 -14.74
C LEU N 3767 34.81 -54.98 -15.39
N TYR N 3768 35.71 -55.75 -16.00
CA TYR N 3768 35.31 -57.00 -16.63
C TYR N 3768 34.81 -57.99 -15.58
N GLN N 3769 35.48 -58.06 -14.43
CA GLN N 3769 35.07 -58.98 -13.39
C GLN N 3769 33.72 -58.59 -12.80
N GLN N 3770 33.46 -57.29 -12.68
CA GLN N 3770 32.15 -56.84 -12.21
C GLN N 3770 31.09 -57.07 -13.27
N SER N 3771 31.48 -57.01 -14.55
CA SER N 3771 30.56 -57.33 -15.64
C SER N 3771 30.13 -58.78 -15.59
N ARG N 3772 31.08 -59.69 -15.34
CA ARG N 3772 30.74 -61.10 -15.27
C ARG N 3772 29.58 -61.32 -14.31
N LEU N 3773 29.54 -60.56 -13.22
CA LEU N 3773 28.47 -60.74 -12.24
C LEU N 3773 27.21 -59.96 -12.61
N HIS N 3774 27.31 -58.63 -12.77
CA HIS N 3774 26.08 -57.86 -12.86
C HIS N 3774 25.42 -58.00 -14.22
N ASN N 3775 26.13 -58.61 -15.19
CA ASN N 3775 25.45 -58.96 -16.44
C ASN N 3775 24.53 -60.15 -16.25
N ARG N 3776 24.63 -60.84 -15.10
CA ARG N 3776 23.84 -62.03 -14.84
C ARG N 3776 22.84 -61.83 -13.71
N GLY N 3777 22.56 -60.59 -13.30
CA GLY N 3777 21.56 -60.32 -12.30
C GLY N 3777 22.06 -60.21 -10.88
N ALA N 3778 23.37 -60.08 -10.67
CA ALA N 3778 23.91 -60.00 -9.31
C ALA N 3778 23.40 -58.77 -8.58
N ALA N 3779 23.25 -57.65 -9.28
CA ALA N 3779 22.73 -56.44 -8.63
C ALA N 3779 21.30 -56.63 -8.14
N GLU N 3780 20.44 -57.20 -8.97
CA GLU N 3780 19.08 -57.48 -8.55
C GLU N 3780 19.06 -58.49 -7.40
N MET N 3781 19.94 -59.48 -7.45
CA MET N 3781 20.03 -60.44 -6.35
C MET N 3781 20.41 -59.74 -5.05
N VAL N 3782 21.37 -58.83 -5.11
CA VAL N 3782 21.81 -58.13 -3.90
C VAL N 3782 20.67 -57.29 -3.34
N LEU N 3783 19.98 -56.55 -4.21
CA LEU N 3783 18.86 -55.74 -3.74
C LEU N 3783 17.76 -56.61 -3.14
N GLN N 3784 17.44 -57.73 -3.80
CA GLN N 3784 16.40 -58.61 -3.29
C GLN N 3784 16.79 -59.20 -1.95
N MET N 3785 18.06 -59.57 -1.77
CA MET N 3785 18.50 -60.13 -0.51
C MET N 3785 18.45 -59.10 0.60
N ILE N 3786 18.87 -57.86 0.31
CA ILE N 3786 18.81 -56.81 1.31
C ILE N 3786 17.37 -56.51 1.69
N SER N 3787 16.45 -56.59 0.73
CA SER N 3787 15.04 -56.40 1.05
C SER N 3787 14.47 -57.59 1.82
N ALA N 3788 14.95 -58.80 1.56
CA ALA N 3788 14.40 -59.99 2.20
C ALA N 3788 14.90 -60.14 3.62
N CYS N 3789 16.10 -59.63 3.92
CA CYS N 3789 16.61 -59.76 5.29
C CYS N 3789 15.67 -59.12 6.29
N LYS N 3790 14.87 -58.15 5.86
CA LYS N 3790 13.83 -57.54 6.68
C LYS N 3790 14.41 -56.90 7.94
N GLY N 3791 15.63 -56.38 7.83
CA GLY N 3791 16.20 -55.56 8.88
C GLY N 3791 16.81 -56.30 10.04
N GLU N 3792 16.92 -57.62 9.98
CA GLU N 3792 17.59 -58.40 11.01
C GLU N 3792 19.03 -58.66 10.57
N THR N 3793 19.98 -58.17 11.36
CA THR N 3793 21.39 -58.32 11.04
C THR N 3793 21.81 -59.78 11.10
N GLY N 3794 22.82 -60.13 10.31
CA GLY N 3794 23.33 -61.49 10.33
C GLY N 3794 24.35 -61.70 9.23
N ALA N 3795 24.85 -62.93 9.19
CA ALA N 3795 25.83 -63.29 8.16
C ALA N 3795 25.25 -63.16 6.77
N MET N 3796 23.95 -63.41 6.61
CA MET N 3796 23.35 -63.29 5.28
C MET N 3796 23.44 -61.87 4.75
N VAL N 3797 23.00 -60.90 5.55
CA VAL N 3797 23.06 -59.52 5.10
C VAL N 3797 24.51 -59.04 5.02
N SER N 3798 25.39 -59.52 5.90
CA SER N 3798 26.80 -59.15 5.78
C SER N 3798 27.37 -59.59 4.44
N SER N 3799 27.12 -60.84 4.05
CA SER N 3799 27.61 -61.33 2.76
C SER N 3799 26.98 -60.59 1.61
N THR N 3800 25.68 -60.28 1.72
CA THR N 3800 25.02 -59.53 0.65
C THR N 3800 25.66 -58.15 0.48
N LEU N 3801 25.92 -57.46 1.60
CA LEU N 3801 26.54 -56.15 1.52
C LEU N 3801 27.95 -56.24 0.96
N LYS N 3802 28.71 -57.27 1.34
CA LYS N 3802 30.05 -57.44 0.79
C LYS N 3802 30.00 -57.67 -0.72
N LEU N 3803 29.06 -58.49 -1.18
CA LEU N 3803 28.91 -58.72 -2.62
C LEU N 3803 28.54 -57.42 -3.34
N GLY N 3804 27.62 -56.65 -2.77
CA GLY N 3804 27.27 -55.37 -3.36
C GLY N 3804 28.45 -54.42 -3.44
N ILE N 3805 29.25 -54.33 -2.38
CA ILE N 3805 30.44 -53.50 -2.41
C ILE N 3805 31.40 -53.99 -3.48
N SER N 3806 31.56 -55.31 -3.59
CA SER N 3806 32.48 -55.85 -4.59
C SER N 3806 32.05 -55.47 -6.00
N ILE N 3807 30.75 -55.56 -6.29
CA ILE N 3807 30.29 -55.25 -7.64
C ILE N 3807 30.16 -53.75 -7.87
N LEU N 3808 30.12 -52.94 -6.81
CA LEU N 3808 30.04 -51.49 -6.96
C LEU N 3808 31.37 -50.77 -6.83
N ASN N 3809 32.44 -51.48 -6.49
CA ASN N 3809 33.72 -50.83 -6.25
C ASN N 3809 34.14 -50.00 -7.45
N GLY N 3810 34.61 -48.79 -7.20
CA GLY N 3810 34.95 -47.87 -8.26
C GLY N 3810 33.79 -47.08 -8.82
N GLY N 3811 32.64 -47.09 -8.15
CA GLY N 3811 31.49 -46.34 -8.63
C GLY N 3811 31.00 -46.81 -9.98
N ASN N 3812 30.85 -48.12 -10.14
CA ASN N 3812 30.43 -48.68 -11.42
C ASN N 3812 29.08 -48.09 -11.84
N ALA N 3813 29.12 -47.27 -12.91
CA ALA N 3813 27.91 -46.57 -13.33
C ALA N 3813 26.88 -47.54 -13.91
N GLU N 3814 27.33 -48.56 -14.63
CA GLU N 3814 26.39 -49.53 -15.18
C GLU N 3814 25.66 -50.28 -14.07
N VAL N 3815 26.40 -50.69 -13.03
CA VAL N 3815 25.76 -51.34 -11.89
C VAL N 3815 24.82 -50.38 -11.19
N GLN N 3816 25.23 -49.12 -11.05
CA GLN N 3816 24.37 -48.14 -10.40
C GLN N 3816 23.05 -47.98 -11.14
N GLN N 3817 23.11 -47.89 -12.47
CA GLN N 3817 21.89 -47.78 -13.26
C GLN N 3817 21.06 -49.05 -13.20
N LYS N 3818 21.70 -50.23 -13.22
CA LYS N 3818 20.97 -51.47 -13.09
C LYS N 3818 20.21 -51.55 -11.77
N MET N 3819 20.83 -51.11 -10.68
CA MET N 3819 20.16 -51.09 -9.38
C MET N 3819 19.03 -50.06 -9.35
N LEU N 3820 19.27 -48.86 -9.87
CA LEU N 3820 18.25 -47.82 -9.84
C LEU N 3820 17.02 -48.24 -10.64
N ASP N 3821 17.23 -48.80 -11.84
CA ASP N 3821 16.11 -49.21 -12.67
C ASP N 3821 15.27 -50.26 -11.96
N TYR N 3822 15.93 -51.25 -11.36
CA TYR N 3822 15.19 -52.28 -10.63
C TYR N 3822 14.40 -51.70 -9.48
N LEU N 3823 15.02 -50.82 -8.68
CA LEU N 3823 14.31 -50.25 -7.54
C LEU N 3823 13.11 -49.43 -8.00
N LYS N 3824 13.30 -48.56 -8.99
CA LYS N 3824 12.21 -47.70 -9.45
C LYS N 3824 11.10 -48.53 -10.08
N ASP N 3825 11.44 -49.60 -10.80
CA ASP N 3825 10.44 -50.42 -11.45
C ASP N 3825 9.63 -51.22 -10.44
N LYS N 3826 10.28 -51.82 -9.44
CA LYS N 3826 9.55 -52.65 -8.50
C LYS N 3826 8.79 -51.82 -7.47
N LYS N 3827 9.29 -50.63 -7.14
CA LYS N 3827 8.63 -49.72 -6.20
C LYS N 3827 8.38 -50.37 -4.85
N GLU N 3828 9.30 -51.20 -4.37
CA GLU N 3828 9.13 -51.84 -3.08
C GLU N 3828 9.73 -50.98 -1.97
N VAL N 3829 9.05 -50.93 -0.82
CA VAL N 3829 9.57 -50.20 0.33
C VAL N 3829 10.43 -51.07 1.24
N GLY N 3830 10.39 -52.39 1.04
CA GLY N 3830 11.12 -53.28 1.93
C GLY N 3830 12.62 -53.01 1.93
N PHE N 3831 13.17 -52.65 0.78
CA PHE N 3831 14.61 -52.40 0.70
C PHE N 3831 15.03 -51.29 1.66
N PHE N 3832 14.38 -50.13 1.57
CA PHE N 3832 14.78 -49.00 2.39
C PHE N 3832 14.34 -49.19 3.84
N GLN N 3833 13.22 -49.88 4.07
CA GLN N 3833 12.85 -50.19 5.45
C GLN N 3833 13.91 -51.07 6.10
N SER N 3834 14.42 -52.06 5.37
CA SER N 3834 15.48 -52.92 5.91
C SER N 3834 16.77 -52.13 6.14
N ILE N 3835 17.10 -51.23 5.21
CA ILE N 3835 18.30 -50.42 5.39
C ILE N 3835 18.18 -49.57 6.65
N GLN N 3836 17.02 -48.94 6.84
CA GLN N 3836 16.80 -48.12 8.02
C GLN N 3836 16.84 -48.94 9.30
N ALA N 3837 16.25 -50.13 9.29
CA ALA N 3837 16.30 -51.00 10.47
C ALA N 3837 17.73 -51.40 10.78
N LEU N 3838 18.52 -51.71 9.75
CA LEU N 3838 19.92 -52.08 9.97
C LEU N 3838 20.70 -50.92 10.56
N MET N 3839 20.47 -49.70 10.06
CA MET N 3839 21.12 -48.54 10.66
C MET N 3839 20.71 -48.37 12.12
N GLN N 3840 19.42 -48.51 12.42
CA GLN N 3840 18.99 -48.38 13.80
C GLN N 3840 19.61 -49.44 14.68
N THR N 3841 19.90 -50.62 14.12
CA THR N 3841 20.54 -51.69 14.86
C THR N 3841 22.05 -51.52 14.97
N CYS N 3842 22.67 -50.70 14.12
CA CYS N 3842 24.11 -50.47 14.21
C CYS N 3842 24.47 -49.94 15.59
N SER N 3843 25.58 -50.43 16.14
CA SER N 3843 25.95 -50.12 17.50
C SER N 3843 26.98 -48.99 17.55
N VAL N 3844 27.23 -48.50 18.77
CA VAL N 3844 28.18 -47.44 19.03
C VAL N 3844 29.00 -47.80 20.27
N LEU N 3845 29.96 -46.94 20.59
CA LEU N 3845 30.80 -47.17 21.76
C LEU N 3845 29.96 -47.23 23.02
N ASP N 3846 30.22 -48.21 23.87
CA ASP N 3846 29.46 -48.44 25.10
C ASP N 3846 30.41 -48.49 26.29
N LEU N 3847 30.29 -47.52 27.18
CA LEU N 3847 31.19 -47.44 28.33
C LEU N 3847 30.92 -48.55 29.34
N ASN N 3848 29.65 -48.93 29.55
CA ASN N 3848 29.36 -50.04 30.44
C ASN N 3848 30.01 -51.33 29.94
N ALA N 3849 29.88 -51.59 28.64
CA ALA N 3849 30.53 -52.76 28.04
C ALA N 3849 32.04 -52.66 28.14
N PHE N 3850 32.61 -51.48 27.94
CA PHE N 3850 34.04 -51.30 28.08
C PHE N 3850 34.49 -51.65 29.50
N GLU N 3851 33.77 -51.17 30.50
CA GLU N 3851 34.14 -51.44 31.89
C GLU N 3851 34.01 -52.93 32.20
N ARG N 3852 32.94 -53.57 31.71
CA ARG N 3852 32.78 -55.01 31.92
C ARG N 3852 33.94 -55.77 31.31
N GLN N 3853 34.32 -55.43 30.08
CA GLN N 3853 35.43 -56.12 29.42
C GLN N 3853 36.74 -55.88 30.16
N ASN N 3854 36.96 -54.66 30.63
CA ASN N 3854 38.18 -54.37 31.37
C ASN N 3854 38.26 -55.22 32.64
N LYS N 3855 37.16 -55.28 33.39
CA LYS N 3855 37.17 -56.08 34.61
C LYS N 3855 37.36 -57.56 34.32
N ALA N 3856 36.69 -58.06 33.27
CA ALA N 3856 36.83 -59.48 32.92
C ALA N 3856 38.27 -59.79 32.53
N GLU N 3857 38.90 -58.91 31.73
CA GLU N 3857 40.29 -59.13 31.36
C GLU N 3857 41.19 -59.09 32.59
N GLY N 3858 40.93 -58.16 33.51
CA GLY N 3858 41.70 -58.07 34.73
C GLY N 3858 41.64 -59.36 35.53
N LEU N 3859 40.44 -59.90 35.70
CA LEU N 3859 40.32 -61.21 36.34
C LEU N 3859 40.97 -62.28 35.46
N GLY N 3860 41.63 -63.23 36.11
CA GLY N 3860 42.38 -64.27 35.42
C GLY N 3860 42.07 -65.66 35.94
N MET N 3861 42.26 -66.66 35.09
CA MET N 3861 42.06 -68.06 35.46
C MET N 3861 43.21 -68.54 36.34
N VAL N 3862 42.86 -69.19 37.46
CA VAL N 3862 43.85 -69.95 38.21
C VAL N 3862 44.19 -71.23 37.47
N ASN N 3863 43.21 -71.80 36.76
CA ASN N 3863 43.40 -73.06 36.05
C ASN N 3863 44.30 -72.86 34.84
N GLU N 3864 44.82 -73.98 34.33
CA GLU N 3864 45.73 -73.94 33.19
C GLU N 3864 45.02 -73.40 31.95
N ASP N 3865 45.74 -72.57 31.18
CA ASP N 3865 45.15 -71.93 30.02
C ASP N 3865 44.56 -72.95 29.05
N GLY N 3866 45.26 -74.06 28.83
CA GLY N 3866 44.75 -75.07 27.91
C GLY N 3866 43.43 -75.67 28.37
N THR N 3867 43.28 -75.85 29.68
CA THR N 3867 42.07 -76.48 30.21
C THR N 3867 40.88 -75.53 30.24
N VAL N 3868 41.11 -74.24 30.46
CA VAL N 3868 40.03 -73.28 30.67
C VAL N 3868 40.11 -72.17 29.63
N ILE N 3869 39.08 -71.32 29.57
CA ILE N 3869 39.01 -70.29 28.53
C ILE N 3869 40.19 -69.33 28.63
N ASN N 3870 40.47 -68.85 29.85
CA ASN N 3870 41.55 -67.88 30.09
C ASN N 3870 41.29 -66.56 29.37
N ARG N 3871 40.09 -66.02 29.54
CA ARG N 3871 39.78 -64.65 29.13
C ARG N 3871 39.93 -64.46 27.62
N GLN N 3872 39.40 -65.38 26.84
CA GLN N 3872 39.26 -65.22 25.39
C GLN N 3872 37.78 -65.14 25.07
N ASN N 3873 37.29 -63.92 24.83
CA ASN N 3873 35.92 -63.67 24.43
C ASN N 3873 35.89 -62.52 23.44
N GLY N 3874 34.90 -62.53 22.56
CA GLY N 3874 34.77 -61.51 21.54
C GLY N 3874 34.58 -60.13 22.15
N GLU N 3875 35.17 -59.13 21.50
CA GLU N 3875 35.04 -57.76 21.97
C GLU N 3875 33.57 -57.35 22.01
N LYS N 3876 33.16 -56.80 23.15
CA LYS N 3876 31.79 -56.34 23.35
C LYS N 3876 31.62 -54.85 23.16
N VAL N 3877 32.67 -54.12 22.80
CA VAL N 3877 32.59 -52.70 22.50
C VAL N 3877 32.57 -52.53 21.00
N MET N 3878 31.44 -52.06 20.46
CA MET N 3878 31.26 -51.88 19.03
C MET N 3878 31.67 -53.14 18.28
N ALA N 3879 30.96 -54.24 18.55
CA ALA N 3879 31.31 -55.52 17.96
C ALA N 3879 31.04 -55.57 16.47
N ASP N 3880 30.12 -54.74 15.98
CA ASP N 3880 29.71 -54.75 14.58
C ASP N 3880 30.28 -53.59 13.78
N ASP N 3881 31.50 -53.16 14.09
CA ASP N 3881 32.14 -52.06 13.36
C ASP N 3881 32.29 -52.43 11.89
N GLU N 3882 32.68 -53.68 11.62
CA GLU N 3882 32.88 -54.10 10.24
C GLU N 3882 31.58 -54.04 9.45
N PHE N 3883 30.48 -54.49 10.06
CA PHE N 3883 29.20 -54.47 9.36
C PHE N 3883 28.71 -53.03 9.16
N THR N 3884 28.91 -52.17 10.17
CA THR N 3884 28.53 -50.77 10.02
C THR N 3884 29.29 -50.12 8.87
N GLN N 3885 30.60 -50.35 8.82
CA GLN N 3885 31.41 -49.81 7.74
C GLN N 3885 30.99 -50.39 6.39
N ASP N 3886 30.65 -51.67 6.33
CA ASP N 3886 30.19 -52.25 5.07
C ASP N 3886 28.89 -51.59 4.61
N LEU N 3887 27.94 -51.41 5.52
CA LEU N 3887 26.68 -50.77 5.15
C LEU N 3887 26.92 -49.36 4.62
N PHE N 3888 27.69 -48.56 5.34
CA PHE N 3888 27.89 -47.18 4.91
C PHE N 3888 28.74 -47.10 3.66
N ARG N 3889 29.67 -48.04 3.46
CA ARG N 3889 30.44 -48.08 2.22
C ARG N 3889 29.55 -48.43 1.05
N PHE N 3890 28.61 -49.36 1.24
CA PHE N 3890 27.65 -49.67 0.19
C PHE N 3890 26.83 -48.43 -0.18
N LEU N 3891 26.34 -47.71 0.82
CA LEU N 3891 25.55 -46.52 0.53
C LEU N 3891 26.38 -45.45 -0.15
N GLN N 3892 27.66 -45.32 0.23
CA GLN N 3892 28.54 -44.36 -0.45
C GLN N 3892 28.78 -44.78 -1.90
N LEU N 3893 29.08 -46.06 -2.12
CA LEU N 3893 29.35 -46.54 -3.47
C LEU N 3893 28.14 -46.33 -4.36
N LEU N 3894 26.93 -46.39 -3.80
CA LEU N 3894 25.75 -46.11 -4.59
C LEU N 3894 25.81 -44.72 -5.22
N CYS N 3895 26.26 -43.72 -4.47
CA CYS N 3895 26.28 -42.34 -4.93
C CYS N 3895 27.62 -41.89 -5.49
N GLU N 3896 28.66 -42.73 -5.45
CA GLU N 3896 29.94 -42.31 -5.98
C GLU N 3896 29.83 -41.94 -7.46
N GLY N 3897 30.58 -40.93 -7.87
CA GLY N 3897 30.51 -40.41 -9.21
C GLY N 3897 29.55 -39.25 -9.37
N HIS N 3898 29.05 -38.67 -8.28
CA HIS N 3898 28.07 -37.59 -8.34
C HIS N 3898 26.81 -38.03 -9.06
N ASN N 3899 26.30 -39.21 -8.69
CA ASN N 3899 25.08 -39.72 -9.31
C ASN N 3899 23.87 -38.99 -8.74
N ASN N 3900 23.36 -38.02 -9.49
CA ASN N 3900 22.26 -37.20 -9.01
C ASN N 3900 21.03 -38.03 -8.74
N ASP N 3901 20.79 -39.05 -9.58
CA ASP N 3901 19.57 -39.86 -9.42
C ASP N 3901 19.55 -40.56 -8.07
N PHE N 3902 20.64 -41.24 -7.70
CA PHE N 3902 20.70 -41.84 -6.36
C PHE N 3902 20.71 -40.77 -5.28
N GLN N 3903 21.45 -39.68 -5.50
CA GLN N 3903 21.52 -38.65 -4.47
C GLN N 3903 20.13 -38.10 -4.15
N ASN N 3904 19.20 -38.17 -5.11
CA ASN N 3904 17.84 -37.74 -4.85
C ASN N 3904 16.98 -38.89 -4.33
N TYR N 3905 17.19 -40.09 -4.87
CA TYR N 3905 16.37 -41.24 -4.48
C TYR N 3905 16.56 -41.58 -3.00
N LEU N 3906 17.80 -41.56 -2.52
CA LEU N 3906 18.04 -41.88 -1.12
C LEU N 3906 17.35 -40.89 -0.20
N ARG N 3907 17.02 -39.70 -0.69
CA ARG N 3907 16.31 -38.72 0.13
C ARG N 3907 14.80 -38.92 0.02
N THR N 3908 14.29 -39.05 -1.20
CA THR N 3908 12.87 -39.25 -1.42
C THR N 3908 12.65 -40.24 -2.55
N GLN N 3909 11.81 -41.24 -2.32
CA GLN N 3909 11.40 -42.18 -3.34
C GLN N 3909 10.03 -41.77 -3.87
N THR N 3910 9.99 -41.27 -5.10
CA THR N 3910 8.75 -40.70 -5.64
C THR N 3910 7.69 -41.78 -5.84
N GLY N 3911 8.06 -42.93 -6.39
CA GLY N 3911 7.06 -43.92 -6.75
C GLY N 3911 6.53 -44.72 -5.59
N ASN N 3912 7.32 -44.87 -4.52
CA ASN N 3912 6.92 -45.73 -3.42
C ASN N 3912 5.76 -45.13 -2.64
N THR N 3913 5.02 -45.99 -1.95
CA THR N 3913 3.90 -45.53 -1.12
C THR N 3913 4.39 -44.65 0.02
N THR N 3914 5.51 -45.01 0.64
CA THR N 3914 6.11 -44.23 1.71
C THR N 3914 7.60 -44.06 1.44
N THR N 3915 8.15 -42.94 1.88
CA THR N 3915 9.55 -42.63 1.67
C THR N 3915 10.31 -42.67 2.99
N ILE N 3916 11.60 -42.99 2.89
CA ILE N 3916 12.50 -43.01 4.04
C ILE N 3916 13.70 -42.13 3.69
N ASN N 3917 14.07 -41.24 4.61
CA ASN N 3917 15.16 -40.30 4.36
C ASN N 3917 16.45 -40.92 4.86
N ILE N 3918 17.16 -41.58 3.95
CA ILE N 3918 18.42 -42.24 4.31
C ILE N 3918 19.44 -41.23 4.78
N ILE N 3919 19.37 -40.01 4.25
CA ILE N 3919 20.28 -38.95 4.67
C ILE N 3919 20.09 -38.65 6.15
N ILE N 3920 18.83 -38.48 6.56
CA ILE N 3920 18.54 -38.18 7.95
C ILE N 3920 18.88 -39.38 8.84
N CYS N 3921 18.67 -40.60 8.33
CA CYS N 3921 19.06 -41.78 9.10
C CYS N 3921 20.56 -41.79 9.35
N THR N 3922 21.35 -41.48 8.32
CA THR N 3922 22.80 -41.40 8.49
C THR N 3922 23.16 -40.32 9.50
N VAL N 3923 22.49 -39.17 9.44
CA VAL N 3923 22.75 -38.09 10.39
C VAL N 3923 22.46 -38.56 11.80
N ASP N 3924 21.35 -39.28 11.99
CA ASP N 3924 20.99 -39.77 13.33
C ASP N 3924 22.04 -40.74 13.86
N TYR N 3925 22.51 -41.65 13.00
CA TYR N 3925 23.55 -42.57 13.46
C TYR N 3925 24.83 -41.79 13.80
N LEU N 3926 25.17 -40.79 13.00
CA LEU N 3926 26.35 -39.98 13.30
C LEU N 3926 26.20 -39.28 14.64
N LEU N 3927 25.00 -38.80 14.96
CA LEU N 3927 24.76 -38.16 16.25
C LEU N 3927 24.91 -39.15 17.39
N ARG N 3928 24.37 -40.36 17.23
CA ARG N 3928 24.58 -41.38 18.26
C ARG N 3928 26.07 -41.65 18.46
N LEU N 3929 26.81 -41.75 17.36
CA LEU N 3929 28.25 -42.00 17.44
C LEU N 3929 28.97 -40.86 18.15
N GLN N 3930 28.59 -39.60 17.87
CA GLN N 3930 29.31 -38.48 18.48
C GLN N 3930 29.00 -38.40 19.97
N GLU N 3931 27.76 -38.71 20.36
CA GLU N 3931 27.46 -38.79 21.78
C GLU N 3931 28.31 -39.87 22.46
N SER N 3932 28.41 -41.04 21.83
CA SER N 3932 29.21 -42.11 22.41
C SER N 3932 30.68 -41.70 22.54
N ILE N 3933 31.22 -41.07 21.51
CA ILE N 3933 32.63 -40.65 21.55
C ILE N 3933 32.85 -39.59 22.60
N SER N 3934 31.92 -38.64 22.73
CA SER N 3934 32.05 -37.63 23.78
C SER N 3934 32.01 -38.25 25.17
N ASP N 3935 31.12 -39.23 25.38
CA ASP N 3935 31.09 -39.92 26.67
C ASP N 3935 32.41 -40.63 26.95
N PHE N 3936 32.97 -41.29 25.92
CA PHE N 3936 34.23 -42.00 26.11
C PHE N 3936 35.36 -41.03 26.43
N TYR N 3937 35.39 -39.89 25.75
CA TYR N 3937 36.41 -38.89 26.04
C TYR N 3937 36.26 -38.34 27.44
N TRP N 3938 35.01 -38.12 27.89
CA TRP N 3938 34.82 -37.67 29.26
C TRP N 3938 35.29 -38.73 30.26
N TYR N 3939 35.10 -40.00 29.91
CA TYR N 3939 35.63 -41.08 30.75
C TYR N 3939 37.14 -41.00 30.87
N TYR N 3940 37.84 -40.77 29.76
CA TYR N 3940 39.29 -40.79 29.75
C TYR N 3940 39.93 -39.42 30.00
N SER N 3941 39.13 -38.38 30.24
CA SER N 3941 39.70 -37.07 30.49
C SER N 3941 40.56 -37.03 31.74
N GLY N 3942 40.10 -37.64 32.82
CA GLY N 3942 40.85 -37.59 34.07
C GLY N 3942 42.19 -38.30 33.97
N LYS N 3943 42.20 -39.49 33.36
CA LYS N 3943 43.42 -40.27 33.27
C LYS N 3943 44.47 -39.54 32.44
N ASP N 3944 45.72 -39.62 32.88
CA ASP N 3944 46.80 -38.91 32.20
C ASP N 3944 47.18 -39.58 30.89
N VAL N 3945 47.25 -40.90 30.86
CA VAL N 3945 47.67 -41.65 29.68
C VAL N 3945 46.57 -42.65 29.31
N ILE N 3946 46.17 -42.64 28.04
CA ILE N 3946 45.16 -43.58 27.57
C ILE N 3946 45.78 -44.95 27.37
N GLU N 3947 45.09 -45.98 27.84
CA GLU N 3947 45.60 -47.34 27.74
C GLU N 3947 45.38 -47.91 26.35
N GLU N 3948 45.96 -49.10 26.12
CA GLU N 3948 45.93 -49.70 24.80
C GLU N 3948 44.52 -50.03 24.35
N GLN N 3949 43.69 -50.58 25.25
CA GLN N 3949 42.32 -50.90 24.89
C GLN N 3949 41.53 -49.64 24.57
N GLY N 3950 41.74 -48.58 25.35
CA GLY N 3950 41.10 -47.31 25.04
C GLY N 3950 41.50 -46.78 23.68
N LYS N 3951 42.78 -46.87 23.35
CA LYS N 3951 43.23 -46.43 22.03
C LYS N 3951 42.60 -47.26 20.92
N ARG N 3952 42.49 -48.57 21.13
CA ARG N 3952 41.89 -49.43 20.12
C ARG N 3952 40.41 -49.08 19.90
N ASN N 3953 39.67 -48.88 20.99
CA ASN N 3953 38.27 -48.51 20.86
C ASN N 3953 38.12 -47.16 20.18
N PHE N 3954 38.97 -46.19 20.54
CA PHE N 3954 38.98 -44.92 19.84
C PHE N 3954 39.24 -45.11 18.35
N SER N 3955 40.19 -45.97 18.00
CA SER N 3955 40.51 -46.17 16.59
C SER N 3955 39.31 -46.71 15.83
N LYS N 3956 38.63 -47.71 16.40
CA LYS N 3956 37.44 -48.24 15.71
C LYS N 3956 36.37 -47.17 15.57
N ALA N 3957 36.12 -46.41 16.64
CA ALA N 3957 35.07 -45.39 16.58
C ALA N 3957 35.40 -44.33 15.53
N MET N 3958 36.65 -43.88 15.48
CA MET N 3958 37.02 -42.86 14.50
C MET N 3958 36.98 -43.41 13.08
N SER N 3959 37.32 -44.69 12.89
CA SER N 3959 37.18 -45.28 11.56
C SER N 3959 35.73 -45.26 11.11
N VAL N 3960 34.82 -45.65 12.00
CA VAL N 3960 33.40 -45.67 11.62
C VAL N 3960 32.91 -44.24 11.34
N ALA N 3961 33.33 -43.28 12.17
CA ALA N 3961 32.92 -41.90 11.94
C ALA N 3961 33.46 -41.37 10.62
N LYS N 3962 34.70 -41.73 10.28
CA LYS N 3962 35.28 -41.35 9.01
C LYS N 3962 34.45 -41.89 7.86
N GLN N 3963 34.04 -43.16 7.94
CA GLN N 3963 33.23 -43.74 6.88
C GLN N 3963 31.89 -43.01 6.76
N VAL N 3964 31.27 -42.69 7.89
CA VAL N 3964 29.98 -41.99 7.86
C VAL N 3964 30.14 -40.61 7.22
N PHE N 3965 31.20 -39.90 7.56
CA PHE N 3965 31.45 -38.60 6.95
C PHE N 3965 31.67 -38.74 5.44
N ASN N 3966 32.42 -39.75 5.02
CA ASN N 3966 32.61 -39.96 3.59
C ASN N 3966 31.28 -40.20 2.90
N SER N 3967 30.40 -40.98 3.53
CA SER N 3967 29.08 -41.24 2.96
C SER N 3967 28.27 -39.95 2.84
N LEU N 3968 28.28 -39.12 3.87
CA LEU N 3968 27.54 -37.85 3.80
C LEU N 3968 28.09 -36.95 2.70
N THR N 3969 29.42 -36.86 2.61
CA THR N 3969 30.03 -36.06 1.55
C THR N 3969 29.61 -36.57 0.18
N GLU N 3970 29.58 -37.90 0.01
CA GLU N 3970 29.15 -38.47 -1.26
C GLU N 3970 27.69 -38.14 -1.54
N TYR N 3971 26.85 -38.13 -0.49
CA TYR N 3971 25.46 -37.75 -0.67
C TYR N 3971 25.34 -36.32 -1.19
N ILE N 3972 26.10 -35.40 -0.61
CA ILE N 3972 25.86 -33.99 -0.91
C ILE N 3972 26.64 -33.46 -2.11
N GLN N 3973 27.78 -34.05 -2.46
CA GLN N 3973 28.57 -33.52 -3.56
C GLN N 3973 27.84 -33.68 -4.89
N GLY N 3974 28.19 -32.83 -5.84
CA GLY N 3974 27.67 -32.89 -7.18
C GLY N 3974 27.29 -31.54 -7.77
N PRO N 3975 26.72 -30.63 -6.98
CA PRO N 3975 26.08 -30.76 -5.67
C PRO N 3975 24.65 -31.27 -5.79
N CYS N 3976 24.10 -31.82 -4.71
CA CYS N 3976 22.68 -32.17 -4.65
C CYS N 3976 21.99 -31.17 -3.73
N THR N 3977 21.23 -30.25 -4.32
CA THR N 3977 20.59 -29.20 -3.53
C THR N 3977 19.61 -29.77 -2.53
N GLY N 3978 18.85 -30.78 -2.93
CA GLY N 3978 17.91 -31.38 -1.99
C GLY N 3978 18.58 -31.97 -0.77
N ASN N 3979 19.67 -32.73 -0.99
CA ASN N 3979 20.39 -33.32 0.13
C ASN N 3979 21.06 -32.24 0.98
N GLN N 3980 21.59 -31.19 0.34
CA GLN N 3980 22.18 -30.10 1.09
C GLN N 3980 21.15 -29.46 2.02
N GLN N 3981 19.96 -29.15 1.49
CA GLN N 3981 18.93 -28.54 2.31
C GLN N 3981 18.47 -29.50 3.41
N SER N 3982 18.35 -30.79 3.08
CA SER N 3982 17.93 -31.76 4.09
C SER N 3982 18.92 -31.82 5.24
N LEU N 3983 20.22 -31.88 4.94
CA LEU N 3983 21.21 -31.89 6.01
C LEU N 3983 21.20 -30.58 6.78
N ALA N 3984 21.05 -29.46 6.09
CA ALA N 3984 21.02 -28.17 6.77
C ALA N 3984 19.89 -28.12 7.78
N HIS N 3985 18.71 -28.62 7.41
CA HIS N 3985 17.59 -28.64 8.35
C HIS N 3985 17.71 -29.77 9.37
N SER N 3986 18.56 -30.76 9.10
CA SER N 3986 18.73 -31.87 10.02
C SER N 3986 19.56 -31.47 11.24
N ARG N 3987 19.84 -32.45 12.09
CA ARG N 3987 20.63 -32.27 13.30
C ARG N 3987 22.12 -32.50 13.08
N LEU N 3988 22.62 -32.33 11.87
CA LEU N 3988 24.06 -32.51 11.63
C LEU N 3988 24.87 -31.49 12.41
N TRP N 3989 24.31 -30.31 12.64
CA TRP N 3989 25.08 -29.23 13.26
C TRP N 3989 25.48 -29.59 14.68
N ASP N 3990 24.59 -30.20 15.46
CA ASP N 3990 24.92 -30.62 16.81
C ASP N 3990 26.03 -31.66 16.83
N ALA N 3991 25.98 -32.63 15.91
CA ALA N 3991 27.05 -33.61 15.82
C ALA N 3991 28.38 -32.96 15.48
N VAL N 3992 28.36 -31.98 14.58
CA VAL N 3992 29.60 -31.29 14.23
C VAL N 3992 30.13 -30.51 15.43
N VAL N 3993 29.23 -29.94 16.24
CA VAL N 3993 29.67 -29.25 17.45
C VAL N 3993 30.33 -30.24 18.42
N GLY N 3994 29.72 -31.40 18.61
CA GLY N 3994 30.30 -32.40 19.48
C GLY N 3994 31.68 -32.84 19.00
N PHE N 3995 31.81 -33.08 17.69
CA PHE N 3995 33.13 -33.36 17.13
C PHE N 3995 34.11 -32.21 17.34
N LEU N 3996 33.66 -30.96 17.22
CA LEU N 3996 34.59 -29.86 17.42
C LEU N 3996 35.14 -29.87 18.85
N HIS N 3997 34.25 -30.00 19.83
CA HIS N 3997 34.69 -30.07 21.22
C HIS N 3997 35.65 -31.23 21.45
N VAL N 3998 35.25 -32.43 21.01
CA VAL N 3998 36.06 -33.61 21.22
C VAL N 3998 37.41 -33.46 20.54
N PHE N 3999 37.42 -32.93 19.31
CA PHE N 3999 38.67 -32.79 18.58
C PHE N 3999 39.62 -31.84 19.30
N ALA N 4000 39.12 -30.69 19.74
CA ALA N 4000 40.01 -29.75 20.42
C ALA N 4000 40.62 -30.40 21.66
N HIS N 4001 39.78 -30.94 22.53
CA HIS N 4001 40.29 -31.47 23.78
C HIS N 4001 41.20 -32.67 23.55
N MET N 4002 40.83 -33.55 22.61
CA MET N 4002 41.62 -34.74 22.35
C MET N 4002 42.96 -34.40 21.71
N MET N 4003 42.98 -33.41 20.81
CA MET N 4003 44.28 -33.00 20.27
C MET N 4003 45.17 -32.47 21.37
N MET N 4004 44.65 -31.63 22.28
CA MET N 4004 45.50 -31.19 23.37
C MET N 4004 46.03 -32.37 24.18
N LYS N 4005 45.13 -33.25 24.62
CA LYS N 4005 45.53 -34.34 25.51
C LYS N 4005 46.52 -35.27 24.83
N LEU N 4006 46.28 -35.62 23.57
CA LEU N 4006 47.12 -36.55 22.83
C LEU N 4006 48.45 -35.92 22.41
N ALA N 4007 48.47 -34.61 22.16
CA ALA N 4007 49.73 -33.93 21.90
C ALA N 4007 50.60 -33.88 23.15
N GLN N 4008 50.00 -33.77 24.33
CA GLN N 4008 50.81 -33.80 25.55
C GLN N 4008 51.59 -35.11 25.67
N ASP N 4009 51.17 -36.17 25.00
CA ASP N 4009 51.81 -37.47 25.09
C ASP N 4009 52.34 -37.88 23.72
N SER N 4010 53.58 -38.37 23.68
CA SER N 4010 54.21 -38.74 22.42
C SER N 4010 53.80 -40.13 21.95
N SER N 4011 53.56 -41.07 22.86
CA SER N 4011 53.27 -42.44 22.46
C SER N 4011 51.98 -42.54 21.65
N GLN N 4012 51.07 -41.59 21.83
CA GLN N 4012 49.76 -41.60 21.17
C GLN N 4012 49.77 -40.84 19.85
N ILE N 4013 50.93 -40.75 19.19
CA ILE N 4013 51.03 -39.97 17.96
C ILE N 4013 50.17 -40.58 16.87
N GLU N 4014 50.13 -41.91 16.77
CA GLU N 4014 49.32 -42.55 15.75
C GLU N 4014 47.84 -42.23 15.93
N LEU N 4015 47.35 -42.30 17.17
CA LEU N 4015 45.97 -41.95 17.44
C LEU N 4015 45.71 -40.48 17.11
N LEU N 4016 46.67 -39.61 17.41
CA LEU N 4016 46.50 -38.20 17.06
C LEU N 4016 46.40 -38.02 15.55
N LYS N 4017 47.22 -38.73 14.79
CA LYS N 4017 47.13 -38.67 13.34
C LYS N 4017 45.76 -39.13 12.85
N GLU N 4018 45.26 -40.22 13.42
CA GLU N 4018 43.94 -40.71 13.03
C GLU N 4018 42.85 -39.67 13.33
N LEU N 4019 42.93 -39.05 14.50
CA LEU N 4019 41.96 -38.02 14.86
C LEU N 4019 42.03 -36.84 13.91
N LEU N 4020 43.25 -36.44 13.54
CA LEU N 4020 43.40 -35.33 12.60
C LEU N 4020 42.82 -35.68 11.23
N ASP N 4021 43.00 -36.94 10.80
CA ASP N 4021 42.39 -37.36 9.54
C ASP N 4021 40.87 -37.30 9.61
N LEU N 4022 40.30 -37.74 10.74
CA LEU N 4022 38.85 -37.65 10.90
C LEU N 4022 38.39 -36.20 10.86
N GLN N 4023 39.15 -35.31 11.49
CA GLN N 4023 38.83 -33.87 11.44
C GLN N 4023 38.87 -33.36 10.00
N LYS N 4024 39.87 -33.80 9.24
CA LYS N 4024 39.95 -33.39 7.84
C LYS N 4024 38.72 -33.83 7.07
N ASP N 4025 38.27 -35.07 7.30
CA ASP N 4025 37.07 -35.54 6.62
C ASP N 4025 35.85 -34.72 7.02
N MET N 4026 35.74 -34.37 8.29
CA MET N 4026 34.63 -33.52 8.72
C MET N 4026 34.66 -32.17 8.01
N VAL N 4027 35.85 -31.56 7.89
CA VAL N 4027 35.95 -30.28 7.22
C VAL N 4027 35.62 -30.41 5.74
N VAL N 4028 36.01 -31.52 5.12
CA VAL N 4028 35.68 -31.74 3.72
C VAL N 4028 34.17 -31.84 3.55
N MET N 4029 33.50 -32.54 4.47
CA MET N 4029 32.03 -32.60 4.41
C MET N 4029 31.43 -31.21 4.56
N LEU N 4030 31.97 -30.40 5.48
CA LEU N 4030 31.44 -29.06 5.68
C LEU N 4030 31.60 -28.21 4.42
N LEU N 4031 32.75 -28.31 3.75
CA LEU N 4031 32.95 -27.60 2.50
C LEU N 4031 32.02 -28.09 1.39
N SER N 4032 31.85 -29.41 1.27
CA SER N 4032 30.90 -29.95 0.30
C SER N 4032 29.49 -29.41 0.55
N LEU N 4033 29.15 -29.16 1.82
CA LEU N 4033 27.89 -28.50 2.11
C LEU N 4033 27.85 -27.11 1.48
N LEU N 4034 28.97 -26.39 1.50
CA LEU N 4034 29.02 -25.02 1.00
C LEU N 4034 29.15 -24.95 -0.52
N GLU N 4035 29.45 -26.07 -1.20
CA GLU N 4035 29.49 -26.05 -2.65
C GLU N 4035 28.22 -25.41 -3.21
N GLY N 4036 28.40 -24.49 -4.15
CA GLY N 4036 27.27 -23.84 -4.80
C GLY N 4036 26.51 -22.87 -3.93
N ASN N 4037 27.15 -22.31 -2.91
CA ASN N 4037 26.46 -21.40 -2.00
C ASN N 4037 26.19 -20.05 -2.65
N VAL N 4038 25.23 -19.33 -2.10
CA VAL N 4038 24.92 -17.97 -2.50
C VAL N 4038 25.25 -17.04 -1.34
N VAL N 4039 25.48 -15.77 -1.67
CA VAL N 4039 25.77 -14.79 -0.63
C VAL N 4039 24.60 -14.70 0.33
N ASN N 4040 24.91 -14.66 1.63
CA ASN N 4040 23.90 -14.69 2.67
C ASN N 4040 23.00 -15.92 2.52
N GLY N 4041 23.61 -17.04 2.14
CA GLY N 4041 22.85 -18.27 1.97
C GLY N 4041 22.40 -18.87 3.29
N MET N 4042 21.33 -19.66 3.20
CA MET N 4042 20.79 -20.30 4.39
C MET N 4042 21.79 -21.24 5.02
N ILE N 4043 22.46 -22.06 4.20
CA ILE N 4043 23.46 -22.99 4.71
C ILE N 4043 24.63 -22.24 5.31
N ALA N 4044 25.08 -21.18 4.64
CA ALA N 4044 26.20 -20.40 5.16
C ALA N 4044 25.86 -19.79 6.51
N ARG N 4045 24.67 -19.21 6.64
CA ARG N 4045 24.27 -18.63 7.92
C ARG N 4045 24.15 -19.70 9.00
N GLN N 4046 23.62 -20.87 8.64
CA GLN N 4046 23.53 -21.95 9.62
C GLN N 4046 24.91 -22.39 10.08
N MET N 4047 25.87 -22.47 9.17
CA MET N 4047 27.23 -22.87 9.55
C MET N 4047 27.89 -21.81 10.40
N VAL N 4048 27.65 -20.53 10.10
CA VAL N 4048 28.19 -19.46 10.94
C VAL N 4048 27.59 -19.56 12.34
N ASP N 4049 26.29 -19.86 12.43
CA ASP N 4049 25.66 -20.04 13.73
C ASP N 4049 26.30 -21.20 14.49
N MET N 4050 26.57 -22.31 13.78
CA MET N 4050 27.26 -23.43 14.40
C MET N 4050 28.62 -23.00 14.95
N LEU N 4051 29.39 -22.26 14.16
CA LEU N 4051 30.71 -21.84 14.60
C LEU N 4051 30.61 -20.93 15.81
N VAL N 4052 29.62 -20.05 15.82
CA VAL N 4052 29.41 -19.18 16.98
C VAL N 4052 29.08 -20.00 18.21
N GLU N 4053 28.23 -21.02 18.06
CA GLU N 4053 27.90 -21.89 19.19
C GLU N 4053 29.14 -22.60 19.70
N SER N 4054 29.97 -23.10 18.80
CA SER N 4054 31.19 -23.82 19.15
C SER N 4054 32.43 -22.92 19.20
N SER N 4055 32.23 -21.63 19.45
CA SER N 4055 33.31 -20.65 19.47
C SER N 4055 34.57 -21.15 20.16
N SER N 4056 34.45 -21.52 21.45
CA SER N 4056 35.64 -21.81 22.24
C SER N 4056 36.45 -22.96 21.65
N ASN N 4057 35.77 -24.03 21.25
CA ASN N 4057 36.48 -25.20 20.72
C ASN N 4057 37.17 -24.87 19.40
N VAL N 4058 36.50 -24.11 18.53
CA VAL N 4058 37.13 -23.69 17.29
C VAL N 4058 38.34 -22.81 17.59
N GLU N 4059 38.22 -21.96 18.60
CA GLU N 4059 39.36 -21.13 19.00
C GLU N 4059 40.53 -22.00 19.44
N MET N 4060 40.26 -23.05 20.22
CA MET N 4060 41.33 -23.95 20.66
C MET N 4060 41.97 -24.65 19.47
N ILE N 4061 41.15 -25.10 18.51
CA ILE N 4061 41.69 -25.77 17.32
C ILE N 4061 42.60 -24.83 16.56
N LEU N 4062 42.14 -23.59 16.33
CA LEU N 4062 42.94 -22.61 15.61
C LEU N 4062 44.22 -22.31 16.35
N LYS N 4063 44.15 -22.20 17.68
CA LYS N 4063 45.34 -21.92 18.47
C LYS N 4063 46.34 -23.07 18.36
N PHE N 4064 45.86 -24.31 18.40
CA PHE N 4064 46.76 -25.45 18.24
C PHE N 4064 47.49 -25.39 16.90
N PHE N 4065 46.73 -25.23 15.81
CA PHE N 4065 47.36 -25.18 14.50
C PHE N 4065 48.33 -24.02 14.40
N ASP N 4066 47.94 -22.85 14.91
CA ASP N 4066 48.81 -21.68 14.87
C ASP N 4066 50.11 -21.92 15.62
N MET N 4067 50.02 -22.44 16.85
CA MET N 4067 51.22 -22.66 17.64
C MET N 4067 52.16 -23.66 16.96
N PHE N 4068 51.61 -24.79 16.50
CA PHE N 4068 52.49 -25.83 15.96
C PHE N 4068 52.86 -25.60 14.50
N LEU N 4069 52.34 -24.56 13.85
CA LEU N 4069 52.96 -24.09 12.62
C LEU N 4069 54.01 -23.01 12.88
N LYS N 4070 53.71 -22.07 13.80
CA LYS N 4070 54.65 -21.01 14.13
C LYS N 4070 55.92 -21.57 14.77
N LEU N 4071 55.82 -22.74 15.42
CA LEU N 4071 57.02 -23.35 15.99
C LEU N 4071 58.08 -23.58 14.93
N LYS N 4072 57.68 -23.93 13.72
CA LYS N 4072 58.64 -24.14 12.63
C LYS N 4072 59.45 -22.89 12.34
N ASP N 4073 58.93 -21.70 12.66
CA ASP N 4073 59.62 -20.45 12.40
C ASP N 4073 60.35 -19.91 13.62
N ILE N 4074 59.72 -19.94 14.81
CA ILE N 4074 60.38 -19.42 16.00
C ILE N 4074 61.65 -20.20 16.29
N VAL N 4075 61.71 -21.47 15.89
CA VAL N 4075 62.94 -22.24 16.05
C VAL N 4075 64.07 -21.60 15.25
N GLY N 4076 63.79 -21.20 14.02
CA GLY N 4076 64.82 -20.56 13.20
C GLY N 4076 65.15 -19.16 13.67
N SER N 4077 64.35 -18.60 14.58
CA SER N 4077 64.59 -17.26 15.07
C SER N 4077 65.98 -17.16 15.69
N GLU N 4078 66.70 -16.09 15.33
CA GLU N 4078 68.05 -15.91 15.84
C GLU N 4078 68.05 -15.74 17.35
N ALA N 4079 67.02 -15.10 17.90
CA ALA N 4079 66.94 -14.94 19.35
C ALA N 4079 66.87 -16.29 20.06
N PHE N 4080 66.06 -17.22 19.53
CA PHE N 4080 65.97 -18.53 20.14
C PHE N 4080 67.26 -19.32 19.91
N GLN N 4081 67.86 -19.19 18.73
CA GLN N 4081 69.13 -19.85 18.48
C GLN N 4081 70.21 -19.34 19.43
N ASP N 4082 70.09 -18.09 19.87
CA ASP N 4082 71.00 -17.56 20.87
C ASP N 4082 70.84 -18.28 22.20
N TYR N 4083 69.59 -18.52 22.63
CA TYR N 4083 69.38 -19.29 23.86
C TYR N 4083 69.85 -20.72 23.69
N VAL N 4084 69.83 -21.24 22.46
CA VAL N 4084 70.42 -22.56 22.21
C VAL N 4084 71.90 -22.52 22.59
N THR N 4085 72.33 -23.48 23.42
CA THR N 4085 73.71 -23.55 23.86
C THR N 4085 74.33 -24.94 23.77
N ASP N 4086 73.53 -25.98 23.49
CA ASP N 4086 74.05 -27.34 23.44
C ASP N 4086 74.65 -27.62 22.07
N PRO N 4087 75.92 -28.04 21.97
CA PRO N 4087 76.48 -28.31 20.63
C PRO N 4087 75.70 -29.34 19.84
N ARG N 4088 75.13 -30.35 20.51
CA ARG N 4088 74.35 -31.35 19.81
C ARG N 4088 73.00 -30.81 19.36
N GLY N 4089 72.62 -29.62 19.81
CA GLY N 4089 71.38 -28.99 19.41
C GLY N 4089 70.24 -29.16 20.38
N LEU N 4090 70.42 -29.96 21.43
CA LEU N 4090 69.35 -30.19 22.39
C LEU N 4090 69.30 -29.04 23.39
N ILE N 4091 68.28 -28.19 23.26
CA ILE N 4091 68.13 -27.00 24.11
C ILE N 4091 67.61 -27.41 25.47
N SER N 4092 68.06 -26.70 26.50
CA SER N 4092 67.56 -26.90 27.85
C SER N 4092 66.14 -26.38 27.97
N LYS N 4093 65.38 -26.97 28.89
CA LYS N 4093 64.01 -26.53 29.13
C LYS N 4093 63.97 -25.06 29.52
N LYS N 4094 64.84 -24.65 30.43
CA LYS N 4094 64.83 -23.26 30.90
C LYS N 4094 65.18 -22.30 29.77
N ASP N 4095 66.20 -22.65 28.96
CA ASP N 4095 66.58 -21.77 27.85
C ASP N 4095 65.46 -21.69 26.82
N PHE N 4096 64.79 -22.80 26.54
CA PHE N 4096 63.67 -22.81 25.60
C PHE N 4096 62.54 -21.92 26.10
N GLN N 4097 62.18 -22.06 27.38
CA GLN N 4097 61.13 -21.23 27.95
C GLN N 4097 61.51 -19.76 27.93
N LYS N 4098 62.76 -19.43 28.29
CA LYS N 4098 63.20 -18.04 28.26
C LYS N 4098 63.20 -17.50 26.84
N ALA N 4099 63.58 -18.31 25.86
CA ALA N 4099 63.57 -17.86 24.48
C ALA N 4099 62.17 -17.45 24.06
N MET N 4100 61.17 -18.29 24.34
CA MET N 4100 59.81 -17.90 23.96
C MET N 4100 59.33 -16.71 24.78
N ASP N 4101 59.68 -16.66 26.08
CA ASP N 4101 59.26 -15.55 26.92
C ASP N 4101 59.81 -14.23 26.41
N SER N 4102 61.05 -14.21 25.93
CA SER N 4102 61.64 -13.04 25.32
C SER N 4102 61.06 -12.71 23.97
N GLN N 4103 60.75 -13.73 23.15
CA GLN N 4103 60.11 -13.47 21.87
C GLN N 4103 58.74 -12.84 22.04
N LYS N 4104 58.00 -13.23 23.07
CA LYS N 4104 56.67 -12.71 23.40
C LYS N 4104 55.60 -13.13 22.40
N GLN N 4105 55.96 -13.87 21.35
CA GLN N 4105 54.95 -14.44 20.47
C GLN N 4105 54.11 -15.50 21.15
N PHE N 4106 54.59 -16.07 22.26
CA PHE N 4106 53.86 -17.06 23.03
C PHE N 4106 53.53 -16.49 24.39
N THR N 4107 52.51 -17.05 25.03
CA THR N 4107 52.09 -16.61 26.35
C THR N 4107 52.37 -17.72 27.36
N GLY N 4108 52.58 -17.32 28.62
CA GLY N 4108 53.05 -18.21 29.66
C GLY N 4108 52.48 -19.61 29.58
N PRO N 4109 51.15 -19.74 29.63
CA PRO N 4109 50.55 -21.08 29.47
C PRO N 4109 50.89 -21.75 28.16
N GLU N 4110 51.05 -20.98 27.07
CA GLU N 4110 51.44 -21.59 25.80
C GLU N 4110 52.85 -22.15 25.88
N ILE N 4111 53.77 -21.42 26.53
CA ILE N 4111 55.10 -21.95 26.78
C ILE N 4111 55.02 -23.22 27.62
N GLN N 4112 54.15 -23.22 28.64
CA GLN N 4112 54.03 -24.39 29.50
C GLN N 4112 53.52 -25.61 28.71
N PHE N 4113 52.52 -25.38 27.85
CA PHE N 4113 52.00 -26.48 27.03
C PHE N 4113 53.05 -26.98 26.05
N LEU N 4114 53.83 -26.08 25.45
CA LEU N 4114 54.91 -26.50 24.58
C LEU N 4114 55.96 -27.30 25.34
N LEU N 4115 56.26 -26.90 26.59
CA LEU N 4115 57.14 -27.72 27.43
C LEU N 4115 56.57 -29.10 27.64
N SER N 4116 55.27 -29.19 27.96
CA SER N 4116 54.65 -30.49 28.20
C SER N 4116 54.73 -31.37 26.96
N CYS N 4117 54.51 -30.79 25.78
CA CYS N 4117 54.57 -31.52 24.53
C CYS N 4117 56.00 -31.68 24.01
N SER N 4118 56.98 -31.09 24.69
CA SER N 4118 58.35 -31.05 24.17
C SER N 4118 58.93 -32.45 24.00
N GLU N 4119 58.46 -33.40 24.79
CA GLU N 4119 59.04 -34.75 24.81
C GLU N 4119 60.49 -34.71 25.29
N ALA N 4120 60.75 -33.91 26.31
CA ALA N 4120 62.09 -33.82 26.87
C ALA N 4120 62.44 -35.11 27.59
N ASP N 4121 63.69 -35.55 27.44
CA ASP N 4121 64.16 -36.75 28.11
C ASP N 4121 64.48 -36.44 29.57
N GLU N 4122 65.04 -37.45 30.26
CA GLU N 4122 65.40 -37.26 31.66
C GLU N 4122 66.40 -36.12 31.83
N ASN N 4123 67.19 -35.83 30.80
CA ASN N 4123 68.20 -34.78 30.85
C ASN N 4123 67.63 -33.38 30.59
N GLU N 4124 66.31 -33.23 30.61
CA GLU N 4124 65.68 -31.95 30.30
C GLU N 4124 66.14 -31.42 28.93
N MET N 4125 66.42 -32.35 28.02
CA MET N 4125 66.91 -32.04 26.68
C MET N 4125 65.76 -32.17 25.68
N ILE N 4126 65.57 -31.14 24.86
CA ILE N 4126 64.50 -31.09 23.87
C ILE N 4126 65.13 -31.09 22.48
N ASN N 4127 64.63 -31.97 21.61
CA ASN N 4127 65.09 -32.04 20.22
C ASN N 4127 64.18 -31.14 19.39
N CYS N 4128 64.69 -29.95 19.03
CA CYS N 4128 63.87 -28.96 18.35
C CYS N 4128 63.40 -29.46 16.99
N GLU N 4129 64.29 -30.12 16.24
CA GLU N 4129 63.90 -30.59 14.91
C GLU N 4129 62.74 -31.57 14.98
N GLU N 4130 62.81 -32.55 15.89
CA GLU N 4130 61.71 -33.49 16.05
C GLU N 4130 60.46 -32.79 16.56
N PHE N 4131 60.61 -31.86 17.51
CA PHE N 4131 59.46 -31.16 18.05
C PHE N 4131 58.72 -30.41 16.95
N ALA N 4132 59.46 -29.78 16.04
CA ALA N 4132 58.83 -29.06 14.95
C ALA N 4132 58.24 -29.99 13.90
N ASN N 4133 58.97 -31.06 13.56
CA ASN N 4133 58.53 -31.94 12.48
C ASN N 4133 57.32 -32.76 12.89
N ARG N 4134 57.18 -33.08 14.17
CA ARG N 4134 56.13 -34.00 14.61
C ARG N 4134 54.75 -33.54 14.17
N PHE N 4135 54.46 -32.24 14.28
CA PHE N 4135 53.10 -31.74 14.11
C PHE N 4135 52.99 -30.72 12.99
N GLN N 4136 53.62 -30.98 11.85
CA GLN N 4136 53.53 -30.10 10.69
C GLN N 4136 52.88 -30.76 9.48
N GLU N 4137 53.14 -32.04 9.25
CA GLU N 4137 52.62 -32.71 8.06
C GLU N 4137 51.10 -32.76 8.05
N PRO N 4138 50.42 -33.24 9.09
CA PRO N 4138 48.95 -33.27 9.05
C PRO N 4138 48.35 -31.91 9.35
N ALA N 4139 49.02 -31.18 10.25
CA ALA N 4139 48.56 -29.85 10.62
C ALA N 4139 48.44 -28.97 9.39
N ARG N 4140 49.38 -29.09 8.45
CA ARG N 4140 49.31 -28.29 7.23
C ARG N 4140 48.00 -28.56 6.47
N ASP N 4141 47.67 -29.83 6.25
CA ASP N 4141 46.49 -30.18 5.48
C ASP N 4141 45.21 -29.69 6.17
N ILE N 4142 45.04 -30.03 7.45
CA ILE N 4142 43.81 -29.65 8.13
C ILE N 4142 43.73 -28.13 8.29
N GLY N 4143 44.87 -27.47 8.50
CA GLY N 4143 44.85 -26.03 8.59
C GLY N 4143 44.48 -25.37 7.28
N PHE N 4144 44.98 -25.90 6.16
CA PHE N 4144 44.59 -25.36 4.87
C PHE N 4144 43.10 -25.53 4.62
N ASN N 4145 42.56 -26.71 4.94
CA ASN N 4145 41.13 -26.90 4.75
C ASN N 4145 40.30 -25.99 5.65
N VAL N 4146 40.73 -25.80 6.91
CA VAL N 4146 40.00 -24.88 7.79
C VAL N 4146 40.09 -23.45 7.27
N ALA N 4147 41.25 -23.06 6.75
CA ALA N 4147 41.40 -21.73 6.18
C ALA N 4147 40.49 -21.54 4.99
N VAL N 4148 40.39 -22.56 4.13
CA VAL N 4148 39.50 -22.47 2.98
C VAL N 4148 38.05 -22.35 3.45
N LEU N 4149 37.67 -23.13 4.45
CA LEU N 4149 36.33 -23.04 5.00
C LEU N 4149 36.03 -21.63 5.51
N LEU N 4150 36.95 -21.08 6.30
CA LEU N 4150 36.74 -19.75 6.86
C LEU N 4150 36.70 -18.69 5.77
N THR N 4151 37.57 -18.78 4.76
CA THR N 4151 37.53 -17.82 3.67
C THR N 4151 36.22 -17.88 2.91
N ASN N 4152 35.75 -19.10 2.60
CA ASN N 4152 34.48 -19.25 1.90
C ASN N 4152 33.34 -18.64 2.71
N LEU N 4153 33.28 -18.97 4.00
CA LEU N 4153 32.23 -18.43 4.85
C LEU N 4153 32.31 -16.92 4.91
N SER N 4154 33.51 -16.37 5.04
CA SER N 4154 33.67 -14.92 5.13
C SER N 4154 33.20 -14.23 3.87
N GLU N 4155 33.56 -14.77 2.71
CA GLU N 4155 33.21 -14.11 1.46
C GLU N 4155 31.73 -14.28 1.12
N HIS N 4156 31.10 -15.34 1.65
CA HIS N 4156 29.69 -15.56 1.33
C HIS N 4156 28.77 -14.97 2.39
N VAL N 4157 29.32 -14.60 3.55
CA VAL N 4157 28.55 -13.90 4.58
C VAL N 4157 29.37 -12.69 5.01
N PRO N 4158 29.30 -11.57 4.29
CA PRO N 4158 30.27 -10.49 4.49
C PRO N 4158 30.00 -9.58 5.68
N HIS N 4159 28.74 -9.50 6.12
CA HIS N 4159 28.33 -8.51 7.10
C HIS N 4159 28.07 -9.10 8.49
N ASP N 4160 28.55 -10.31 8.76
CA ASP N 4160 28.36 -10.89 10.08
C ASP N 4160 29.53 -10.53 10.99
N PRO N 4161 29.30 -9.87 12.15
CA PRO N 4161 30.42 -9.49 13.00
C PRO N 4161 31.10 -10.66 13.69
N ARG N 4162 30.32 -11.71 14.00
CA ARG N 4162 30.88 -12.87 14.69
C ARG N 4162 31.91 -13.58 13.84
N LEU N 4163 31.65 -13.70 12.54
CA LEU N 4163 32.61 -14.33 11.64
C LEU N 4163 33.89 -13.50 11.56
N ARG N 4164 33.78 -12.17 11.56
CA ARG N 4164 34.96 -11.33 11.61
C ARG N 4164 35.73 -11.55 12.91
N ASN N 4165 35.01 -11.70 14.02
CA ASN N 4165 35.68 -11.97 15.29
C ASN N 4165 36.48 -13.26 15.22
N PHE N 4166 35.90 -14.31 14.62
CA PHE N 4166 36.66 -15.55 14.46
C PHE N 4166 37.86 -15.36 13.54
N LEU N 4167 37.68 -14.61 12.45
CA LEU N 4167 38.78 -14.40 11.53
C LEU N 4167 39.92 -13.64 12.20
N GLU N 4168 39.61 -12.76 13.14
CA GLU N 4168 40.65 -12.04 13.85
C GLU N 4168 41.59 -12.99 14.58
N LEU N 4169 41.01 -14.02 15.21
CA LEU N 4169 41.85 -15.04 15.84
C LEU N 4169 42.53 -15.93 14.80
N ALA N 4170 41.85 -16.15 13.67
CA ALA N 4170 42.37 -17.05 12.64
C ALA N 4170 43.35 -16.37 11.70
N GLU N 4171 43.70 -15.11 11.93
CA GLU N 4171 44.59 -14.37 11.04
C GLU N 4171 45.89 -15.13 10.77
N SER N 4172 46.51 -15.65 11.84
CA SER N 4172 47.82 -16.28 11.68
C SER N 4172 47.75 -17.47 10.72
N ILE N 4173 46.83 -18.40 10.99
CA ILE N 4173 46.69 -19.57 10.12
C ILE N 4173 46.25 -19.14 8.72
N LEU N 4174 45.40 -18.11 8.64
CA LEU N 4174 44.97 -17.60 7.34
C LEU N 4174 46.14 -17.00 6.57
N GLU N 4175 46.94 -16.15 7.24
CA GLU N 4175 48.05 -15.50 6.56
C GLU N 4175 49.16 -16.47 6.19
N TYR N 4176 49.32 -17.56 6.95
CA TYR N 4176 50.32 -18.55 6.58
C TYR N 4176 49.97 -19.22 5.25
N PHE N 4177 48.70 -19.54 5.05
CA PHE N 4177 48.24 -20.24 3.85
C PHE N 4177 47.83 -19.29 2.74
N ARG N 4178 47.80 -17.99 2.99
CA ARG N 4178 47.39 -17.05 1.95
C ARG N 4178 48.11 -17.26 0.63
N PRO N 4179 49.44 -17.42 0.56
CA PRO N 4179 50.07 -17.65 -0.74
C PRO N 4179 49.59 -18.92 -1.43
N TYR N 4180 49.18 -19.93 -0.67
CA TYR N 4180 48.80 -21.21 -1.23
C TYR N 4180 47.30 -21.38 -1.41
N LEU N 4181 46.49 -20.41 -1.01
CA LEU N 4181 45.04 -20.49 -1.19
C LEU N 4181 44.66 -19.78 -2.47
N GLY N 4182 44.41 -20.54 -3.54
CA GLY N 4182 44.04 -19.96 -4.82
C GLY N 4182 42.53 -19.97 -4.98
N ARG N 4183 42.01 -18.92 -5.62
CA ARG N 4183 40.59 -18.78 -5.84
C ARG N 4183 40.33 -18.36 -7.28
N ILE N 4184 39.24 -18.87 -7.85
CA ILE N 4184 38.81 -18.51 -9.20
C ILE N 4184 37.29 -18.36 -9.20
N GLU N 4185 36.78 -17.81 -10.29
CA GLU N 4185 35.35 -17.66 -10.52
C GLU N 4185 34.96 -18.32 -11.83
N ILE N 4186 33.85 -19.05 -11.82
CA ILE N 4186 33.35 -19.74 -12.99
C ILE N 4186 31.85 -19.51 -13.12
N MET N 4187 31.32 -19.82 -14.29
CA MET N 4187 29.87 -19.93 -14.47
C MET N 4187 29.46 -21.36 -14.17
N GLY N 4188 29.00 -21.60 -12.94
CA GLY N 4188 28.76 -22.94 -12.47
C GLY N 4188 27.50 -23.56 -13.03
N ALA N 4189 27.28 -24.82 -12.65
CA ALA N 4189 26.10 -25.55 -13.12
C ALA N 4189 24.82 -24.90 -12.62
N SER N 4190 24.88 -24.14 -11.53
CA SER N 4190 23.71 -23.47 -11.00
C SER N 4190 23.25 -22.32 -11.89
N ARG N 4191 24.03 -21.96 -12.91
CA ARG N 4191 23.79 -20.85 -13.82
C ARG N 4191 24.15 -19.52 -13.20
N ARG N 4192 24.82 -19.52 -12.05
CA ARG N 4192 25.29 -18.30 -11.41
C ARG N 4192 26.80 -18.36 -11.26
N ILE N 4193 27.42 -17.19 -11.11
CA ILE N 4193 28.86 -17.15 -10.89
C ILE N 4193 29.18 -17.77 -9.54
N GLU N 4194 30.09 -18.73 -9.54
CA GLU N 4194 30.50 -19.43 -8.33
C GLU N 4194 32.01 -19.28 -8.14
N ARG N 4195 32.42 -19.16 -6.89
CA ARG N 4195 33.81 -18.99 -6.53
C ARG N 4195 34.36 -20.31 -5.98
N ILE N 4196 35.50 -20.74 -6.53
CA ILE N 4196 36.10 -22.03 -6.22
C ILE N 4196 37.45 -21.78 -5.57
N TYR N 4197 37.76 -22.56 -4.54
CA TYR N 4197 39.00 -22.45 -3.77
C TYR N 4197 39.79 -23.74 -3.91
N PHE N 4198 41.10 -23.62 -4.06
CA PHE N 4198 41.97 -24.77 -4.25
C PHE N 4198 43.35 -24.46 -3.69
N GLU N 4199 44.24 -25.45 -3.77
CA GLU N 4199 45.57 -25.39 -3.18
C GLU N 4199 46.61 -25.22 -4.26
N ILE N 4200 47.51 -24.25 -4.07
CA ILE N 4200 48.65 -24.03 -4.95
C ILE N 4200 49.89 -24.47 -4.20
N SER N 4201 50.71 -25.30 -4.84
CA SER N 4201 51.92 -25.81 -4.19
C SER N 4201 53.05 -24.79 -4.28
N GLU N 4202 53.97 -24.88 -3.32
CA GLU N 4202 55.08 -23.93 -3.26
C GLU N 4202 55.95 -24.02 -4.50
N THR N 4203 56.22 -25.23 -4.97
CA THR N 4203 57.05 -25.40 -6.16
C THR N 4203 56.40 -24.76 -7.38
N ASN N 4204 55.08 -24.94 -7.54
CA ASN N 4204 54.39 -24.31 -8.66
C ASN N 4204 54.43 -22.79 -8.53
N ARG N 4205 54.21 -22.27 -7.31
CA ARG N 4205 54.30 -20.82 -7.13
C ARG N 4205 55.67 -20.30 -7.53
N ALA N 4206 56.73 -20.95 -7.05
CA ALA N 4206 58.08 -20.49 -7.36
C ALA N 4206 58.38 -20.58 -8.85
N GLN N 4207 57.95 -21.66 -9.49
CA GLN N 4207 58.23 -21.81 -10.92
C GLN N 4207 57.44 -20.79 -11.74
N TRP N 4208 56.24 -20.44 -11.28
CA TRP N 4208 55.50 -19.35 -11.92
C TRP N 4208 56.22 -18.02 -11.77
N GLU N 4209 56.75 -17.75 -10.57
CA GLU N 4209 57.52 -16.53 -10.37
C GLU N 4209 58.86 -16.53 -11.11
N MET N 4210 59.33 -17.69 -11.54
CA MET N 4210 60.58 -17.76 -12.30
C MET N 4210 60.50 -16.82 -13.49
N PRO N 4211 61.58 -16.08 -13.80
CA PRO N 4211 61.46 -14.99 -14.79
C PRO N 4211 61.00 -15.42 -16.18
N GLN N 4212 61.57 -16.49 -16.73
CA GLN N 4212 61.25 -16.84 -18.11
C GLN N 4212 59.76 -17.10 -18.29
N VAL N 4213 59.11 -17.66 -17.27
CA VAL N 4213 57.67 -17.86 -17.32
C VAL N 4213 56.96 -16.51 -17.41
N LYS N 4214 57.47 -15.49 -16.72
CA LYS N 4214 56.91 -14.15 -16.82
C LYS N 4214 57.07 -13.57 -18.21
N GLU N 4215 58.22 -13.79 -18.87
CA GLU N 4215 58.37 -13.36 -20.25
C GLU N 4215 57.39 -14.07 -21.17
N SER N 4216 57.17 -15.38 -20.93
CA SER N 4216 56.18 -16.10 -21.71
C SER N 4216 54.79 -15.51 -21.53
N LYS N 4217 54.43 -15.17 -20.28
CA LYS N 4217 53.13 -14.55 -20.02
C LYS N 4217 53.01 -13.21 -20.73
N ARG N 4218 54.06 -12.40 -20.68
CA ARG N 4218 54.04 -11.11 -21.37
C ARG N 4218 53.84 -11.28 -22.86
N GLN N 4219 54.58 -12.23 -23.47
CA GLN N 4219 54.44 -12.47 -24.89
C GLN N 4219 53.04 -12.96 -25.23
N PHE N 4220 52.47 -13.83 -24.40
CA PHE N 4220 51.12 -14.33 -24.64
C PHE N 4220 50.11 -13.20 -24.60
N ILE N 4221 50.23 -12.32 -23.60
CA ILE N 4221 49.29 -11.21 -23.49
C ILE N 4221 49.42 -10.29 -24.70
N PHE N 4222 50.66 -9.97 -25.09
CA PHE N 4222 50.86 -9.15 -26.28
C PHE N 4222 50.21 -9.80 -27.50
N ASP N 4223 50.43 -11.09 -27.70
CA ASP N 4223 49.89 -11.77 -28.87
C ASP N 4223 48.37 -11.76 -28.87
N VAL N 4224 47.74 -12.10 -27.75
CA VAL N 4224 46.28 -12.13 -27.71
C VAL N 4224 45.72 -10.73 -27.95
N VAL N 4225 46.31 -9.71 -27.33
CA VAL N 4225 45.75 -8.36 -27.46
C VAL N 4225 45.90 -7.85 -28.89
N ASN N 4226 47.05 -8.10 -29.52
CA ASN N 4226 47.28 -7.53 -30.84
C ASN N 4226 46.62 -8.33 -31.95
N GLU N 4227 46.77 -9.65 -31.94
CA GLU N 4227 46.25 -10.50 -33.00
C GLU N 4227 45.10 -11.41 -32.57
N GLY N 4228 45.14 -11.96 -31.37
CA GLY N 4228 44.13 -12.93 -30.96
C GLY N 4228 42.74 -12.32 -31.01
N GLY N 4229 41.79 -13.10 -31.52
CA GLY N 4229 40.42 -12.64 -31.58
C GLY N 4229 39.67 -12.86 -30.27
N GLU N 4230 38.61 -12.08 -30.09
CA GLU N 4230 37.81 -12.19 -28.87
C GLU N 4230 37.15 -13.55 -28.75
N SER N 4231 36.68 -14.11 -29.88
CA SER N 4231 36.00 -15.40 -29.83
C SER N 4231 36.96 -16.51 -29.38
N GLU N 4232 38.21 -16.45 -29.82
CA GLU N 4232 39.20 -17.47 -29.51
C GLU N 4232 40.13 -17.07 -28.38
N LYS N 4233 39.81 -15.98 -27.66
CA LYS N 4233 40.66 -15.56 -26.54
C LYS N 4233 40.81 -16.65 -25.51
N MET N 4234 39.71 -17.28 -25.11
CA MET N 4234 39.77 -18.32 -24.08
C MET N 4234 40.47 -19.58 -24.57
N GLU N 4235 40.27 -19.95 -25.84
CA GLU N 4235 41.00 -21.08 -26.40
C GLU N 4235 42.50 -20.82 -26.37
N MET N 4236 42.93 -19.63 -26.78
CA MET N 4236 44.33 -19.29 -26.74
C MET N 4236 44.87 -19.28 -25.32
N PHE N 4237 44.09 -18.75 -24.37
CA PHE N 4237 44.52 -18.72 -22.99
C PHE N 4237 44.69 -20.12 -22.42
N VAL N 4238 43.75 -21.03 -22.72
CA VAL N 4238 43.89 -22.40 -22.22
C VAL N 4238 45.08 -23.09 -22.86
N SER N 4239 45.33 -22.86 -24.15
CA SER N 4239 46.52 -23.43 -24.78
C SER N 4239 47.78 -22.92 -24.13
N PHE N 4240 47.83 -21.61 -23.83
CA PHE N 4240 48.98 -21.05 -23.13
C PHE N 4240 49.16 -21.68 -21.76
N CYS N 4241 48.05 -21.89 -21.03
CA CYS N 4241 48.14 -22.52 -19.72
C CYS N 4241 48.70 -23.93 -19.83
N GLU N 4242 48.24 -24.70 -20.83
CA GLU N 4242 48.76 -26.06 -21.01
C GLU N 4242 50.25 -26.04 -21.32
N ASP N 4243 50.67 -25.14 -22.21
CA ASP N 4243 52.10 -25.05 -22.54
C ASP N 4243 52.92 -24.68 -21.31
N THR N 4244 52.44 -23.72 -20.52
CA THR N 4244 53.15 -23.32 -19.32
C THR N 4244 53.23 -24.45 -18.31
N ILE N 4245 52.16 -25.25 -18.20
CA ILE N 4245 52.18 -26.39 -17.30
C ILE N 4245 53.24 -27.40 -17.74
N PHE N 4246 53.29 -27.68 -19.05
CA PHE N 4246 54.31 -28.62 -19.53
C PHE N 4246 55.71 -28.09 -19.27
N GLU N 4247 55.91 -26.78 -19.49
CA GLU N 4247 57.22 -26.20 -19.20
C GLU N 4247 57.58 -26.27 -17.73
N MET N 4248 56.62 -26.04 -16.82
CA MET N 4248 56.91 -26.20 -15.41
C MET N 4248 57.27 -27.65 -15.08
N GLN N 4249 56.59 -28.61 -15.69
CA GLN N 4249 56.95 -30.00 -15.45
C GLN N 4249 58.39 -30.27 -15.91
N ILE N 4250 58.76 -29.77 -17.09
CA ILE N 4250 60.13 -29.98 -17.59
C ILE N 4250 61.13 -29.33 -16.65
N ALA N 4251 60.83 -28.11 -16.18
CA ALA N 4251 61.72 -27.45 -15.23
C ALA N 4251 61.88 -28.26 -13.96
N ALA N 4252 60.78 -28.85 -13.48
CA ALA N 4252 60.83 -29.68 -12.29
C ALA N 4252 61.74 -30.89 -12.52
N GLN N 4253 61.63 -31.55 -13.68
CA GLN N 4253 62.51 -32.69 -13.92
C GLN N 4253 63.97 -32.27 -13.97
N ILE N 4254 64.28 -31.17 -14.66
CA ILE N 4254 65.69 -30.80 -14.82
C ILE N 4254 66.26 -30.24 -13.52
N SER N 4255 65.41 -29.75 -12.62
CA SER N 4255 65.90 -29.18 -11.37
C SER N 4255 66.67 -30.23 -10.58
N GLU N 4256 67.78 -29.82 -9.97
CA GLU N 4256 68.59 -30.75 -9.21
C GLU N 4256 67.85 -31.18 -7.95
N PRO N 4257 68.12 -32.40 -7.43
CA PRO N 4257 67.45 -32.88 -6.23
C PRO N 4257 68.10 -32.40 -4.93
N PHE N 4538 77.42 -50.82 -13.20
CA PHE N 4538 78.06 -50.14 -14.31
C PHE N 4538 77.01 -49.35 -15.11
N TRP N 4539 75.98 -50.04 -15.60
CA TRP N 4539 74.91 -49.34 -16.30
C TRP N 4539 74.18 -48.37 -15.39
N GLY N 4540 73.95 -48.76 -14.14
CA GLY N 4540 73.28 -47.86 -13.22
C GLY N 4540 74.05 -46.57 -13.01
N GLU N 4541 75.36 -46.69 -12.75
CA GLU N 4541 76.19 -45.50 -12.58
C GLU N 4541 76.22 -44.67 -13.85
N LEU N 4542 76.36 -45.33 -15.01
CA LEU N 4542 76.41 -44.59 -16.27
C LEU N 4542 75.11 -43.82 -16.50
N GLU N 4543 73.97 -44.43 -16.22
CA GLU N 4543 72.69 -43.77 -16.45
C GLU N 4543 72.48 -42.62 -15.46
N VAL N 4544 72.78 -42.84 -14.18
CA VAL N 4544 72.60 -41.78 -13.19
C VAL N 4544 73.53 -40.60 -13.46
N GLN N 4545 74.70 -40.83 -14.04
CA GLN N 4545 75.58 -39.74 -14.45
C GLN N 4545 75.13 -39.06 -15.73
N ARG N 4546 74.65 -39.83 -16.71
CA ARG N 4546 74.18 -39.25 -17.96
C ARG N 4546 72.98 -38.35 -17.74
N VAL N 4547 72.03 -38.80 -16.91
CA VAL N 4547 70.85 -37.97 -16.63
C VAL N 4547 71.27 -36.68 -15.95
N LYS N 4548 72.20 -36.76 -15.00
CA LYS N 4548 72.69 -35.55 -14.33
C LYS N 4548 73.36 -34.60 -15.31
N PHE N 4549 74.17 -35.15 -16.23
CA PHE N 4549 74.85 -34.31 -17.21
C PHE N 4549 73.84 -33.61 -18.12
N LEU N 4550 72.85 -34.35 -18.62
CA LEU N 4550 71.84 -33.75 -19.48
C LEU N 4550 71.03 -32.70 -18.73
N ASN N 4551 70.71 -32.96 -17.46
CA ASN N 4551 69.99 -31.97 -16.67
C ASN N 4551 70.83 -30.72 -16.47
N TYR N 4552 72.13 -30.88 -16.25
CA TYR N 4552 73.02 -29.73 -16.14
C TYR N 4552 73.00 -28.91 -17.42
N LEU N 4553 73.11 -29.57 -18.57
CA LEU N 4553 73.07 -28.85 -19.84
C LEU N 4553 71.75 -28.13 -20.03
N SER N 4554 70.64 -28.80 -19.72
CA SER N 4554 69.33 -28.16 -19.88
C SER N 4554 69.20 -26.94 -18.97
N ARG N 4555 69.67 -27.06 -17.74
CA ARG N 4555 69.61 -25.92 -16.82
C ARG N 4555 70.45 -24.77 -17.31
N ASN N 4556 71.65 -25.04 -17.83
CA ASN N 4556 72.59 -24.01 -18.24
C ASN N 4556 72.60 -23.78 -19.74
N PHE N 4557 71.48 -24.06 -20.42
CA PHE N 4557 71.42 -23.86 -21.87
C PHE N 4557 71.76 -22.43 -22.26
N TYR N 4558 71.10 -21.45 -21.64
CA TYR N 4558 71.33 -20.06 -22.02
C TYR N 4558 72.74 -19.58 -21.68
N THR N 4559 73.26 -19.99 -20.53
CA THR N 4559 74.64 -19.65 -20.19
C THR N 4559 75.60 -20.21 -21.23
N LEU N 4560 75.33 -21.40 -21.74
CA LEU N 4560 76.17 -21.97 -22.80
C LEU N 4560 76.10 -21.13 -24.06
N ARG N 4561 74.92 -20.61 -24.40
CA ARG N 4561 74.78 -19.76 -25.58
C ARG N 4561 75.59 -18.46 -25.40
N PHE N 4562 75.50 -17.85 -24.22
CA PHE N 4562 76.29 -16.65 -23.97
C PHE N 4562 77.77 -16.95 -24.03
N LEU N 4563 78.19 -18.10 -23.50
CA LEU N 4563 79.59 -18.49 -23.59
C LEU N 4563 80.03 -18.68 -25.03
N ALA N 4564 79.16 -19.26 -25.86
CA ALA N 4564 79.48 -19.41 -27.27
C ALA N 4564 79.66 -18.05 -27.93
N LEU N 4565 78.78 -17.10 -27.63
CA LEU N 4565 78.93 -15.76 -28.19
C LEU N 4565 80.24 -15.12 -27.75
N PHE N 4566 80.59 -15.26 -26.47
CA PHE N 4566 81.83 -14.69 -25.97
C PHE N 4566 83.04 -15.32 -26.64
N LEU N 4567 83.01 -16.64 -26.82
CA LEU N 4567 84.10 -17.33 -27.49
C LEU N 4567 84.23 -16.88 -28.94
N ALA N 4568 83.10 -16.70 -29.64
CA ALA N 4568 83.15 -16.19 -31.00
C ALA N 4568 83.77 -14.81 -31.05
N PHE N 4569 83.39 -13.93 -30.11
CA PHE N 4569 83.98 -12.60 -30.08
C PHE N 4569 85.48 -12.66 -29.83
N ALA N 4570 85.92 -13.52 -28.91
CA ALA N 4570 87.35 -13.66 -28.67
C ALA N 4570 88.08 -14.16 -29.90
N ILE N 4571 87.50 -15.16 -30.58
CA ILE N 4571 88.12 -15.71 -31.79
C ILE N 4571 88.26 -14.63 -32.85
N ASN N 4572 87.24 -13.81 -33.02
CA ASN N 4572 87.29 -12.77 -34.04
C ASN N 4572 88.27 -11.66 -33.66
N PHE N 4573 88.35 -11.32 -32.37
CA PHE N 4573 89.35 -10.36 -31.93
C PHE N 4573 90.75 -10.87 -32.26
N ILE N 4574 90.99 -12.17 -32.07
CA ILE N 4574 92.27 -12.74 -32.47
C ILE N 4574 92.44 -12.69 -33.99
N LEU N 4575 91.37 -13.00 -34.72
CA LEU N 4575 91.44 -12.98 -36.18
C LEU N 4575 91.82 -11.60 -36.71
N LEU N 4576 91.51 -10.55 -35.95
CA LEU N 4576 91.83 -9.19 -36.38
C LEU N 4576 93.33 -8.97 -36.56
N PHE N 4577 94.16 -9.97 -36.21
CA PHE N 4577 95.61 -9.85 -36.32
C PHE N 4577 96.19 -10.62 -37.51
N TYR N 4578 95.36 -11.26 -38.33
CA TYR N 4578 95.89 -11.99 -39.47
C TYR N 4578 96.55 -11.05 -40.47
N LYS N 4579 97.59 -11.56 -41.13
CA LYS N 4579 98.33 -10.85 -42.17
C LYS N 4579 98.59 -11.80 -43.33
N VAL N 4580 98.75 -11.24 -44.52
CA VAL N 4580 99.02 -12.00 -45.73
C VAL N 4580 100.39 -11.60 -46.27
N SER N 4581 101.19 -12.58 -46.63
CA SER N 4581 102.56 -12.29 -47.14
C SER N 4581 102.91 -13.26 -48.27
N ASP N 4582 103.70 -12.80 -49.25
CA ASP N 4582 104.15 -13.70 -50.35
C ASP N 4582 105.18 -14.68 -49.79
N SER N 4583 105.97 -14.25 -48.81
CA SER N 4583 106.96 -15.16 -48.17
C SER N 4583 106.25 -16.05 -47.15
N PRO N 4584 106.61 -17.35 -47.01
CA PRO N 4584 106.01 -18.21 -46.00
C PRO N 4584 106.30 -17.66 -44.60
N PRO N 4585 105.41 -17.88 -43.60
CA PRO N 4585 105.60 -17.35 -42.24
C PRO N 4585 106.99 -17.70 -41.69
N ASN N 4624 104.35 -18.31 -55.16
CA ASN N 4624 103.36 -17.44 -55.80
C ASN N 4624 102.10 -17.35 -54.94
N MET N 4625 101.64 -18.49 -54.44
CA MET N 4625 100.45 -18.50 -53.60
C MET N 4625 100.72 -17.78 -52.29
N VAL N 4626 99.74 -17.00 -51.83
CA VAL N 4626 99.94 -16.15 -50.63
C VAL N 4626 99.83 -16.96 -49.34
N TYR N 4627 100.47 -16.50 -48.27
CA TYR N 4627 100.46 -17.23 -46.97
C TYR N 4627 99.78 -16.35 -45.93
N TYR N 4628 98.75 -16.88 -45.27
CA TYR N 4628 98.04 -16.13 -44.21
C TYR N 4628 98.56 -16.60 -42.85
N PHE N 4629 98.82 -15.67 -41.93
CA PHE N 4629 99.39 -16.04 -40.65
C PHE N 4629 99.19 -14.91 -39.65
N LEU N 4630 99.10 -15.28 -38.38
CA LEU N 4630 99.00 -14.28 -37.31
C LEU N 4630 100.32 -13.53 -37.17
N GLU N 4631 100.22 -12.23 -36.92
CA GLU N 4631 101.40 -11.38 -36.73
C GLU N 4631 101.24 -10.67 -35.39
N GLU N 4632 101.81 -11.26 -34.34
CA GLU N 4632 101.68 -10.72 -33.00
C GLU N 4632 103.00 -10.92 -32.26
N SER N 4633 103.25 -10.06 -31.28
CA SER N 4633 104.55 -10.05 -30.61
C SER N 4633 104.67 -11.13 -29.54
N THR N 4634 103.70 -11.22 -28.63
CA THR N 4634 103.81 -12.16 -27.51
C THR N 4634 104.03 -13.58 -28.00
N GLY N 4635 103.43 -13.94 -29.14
CA GLY N 4635 103.56 -15.27 -29.67
C GLY N 4635 102.65 -16.32 -29.06
N TYR N 4636 101.82 -15.93 -28.10
CA TYR N 4636 100.86 -16.84 -27.49
C TYR N 4636 99.51 -16.84 -28.18
N MET N 4637 99.36 -16.07 -29.26
CA MET N 4637 98.02 -15.86 -29.84
C MET N 4637 97.54 -17.09 -30.60
N GLU N 4638 98.42 -17.75 -31.35
CA GLU N 4638 97.99 -18.89 -32.15
C GLU N 4638 97.53 -20.07 -31.30
N PRO N 4639 98.26 -20.49 -30.26
CA PRO N 4639 97.71 -21.54 -29.39
C PRO N 4639 96.39 -21.15 -28.75
N ALA N 4640 96.26 -19.88 -28.37
CA ALA N 4640 95.00 -19.41 -27.81
C ALA N 4640 93.87 -19.54 -28.82
N LEU N 4641 94.15 -19.21 -30.09
CA LEU N 4641 93.14 -19.34 -31.12
C LEU N 4641 92.73 -20.79 -31.30
N ARG N 4642 93.71 -21.70 -31.31
CA ARG N 4642 93.38 -23.13 -31.45
C ARG N 4642 92.49 -23.59 -30.30
N CYS N 4643 92.89 -23.27 -29.06
CA CYS N 4643 92.10 -23.70 -27.91
C CYS N 4643 90.71 -23.09 -27.92
N LEU N 4644 90.61 -21.81 -28.28
CA LEU N 4644 89.31 -21.14 -28.30
C LEU N 4644 88.41 -21.74 -29.38
N SER N 4645 88.96 -22.08 -30.54
CA SER N 4645 88.16 -22.73 -31.57
C SER N 4645 87.65 -24.09 -31.10
N LEU N 4646 88.52 -24.87 -30.45
CA LEU N 4646 88.09 -26.17 -29.93
C LEU N 4646 86.97 -25.98 -28.91
N LEU N 4647 87.14 -25.04 -27.99
CA LEU N 4647 86.11 -24.77 -27.00
C LEU N 4647 84.81 -24.31 -27.65
N HIS N 4648 84.90 -23.49 -28.69
CA HIS N 4648 83.71 -23.01 -29.37
C HIS N 4648 82.94 -24.16 -30.00
N THR N 4649 83.64 -25.08 -30.67
CA THR N 4649 82.95 -26.23 -31.24
C THR N 4649 82.32 -27.10 -30.16
N LEU N 4650 83.05 -27.34 -29.06
CA LEU N 4650 82.49 -28.12 -27.97
C LEU N 4650 81.23 -27.46 -27.42
N VAL N 4651 81.27 -26.14 -27.22
CA VAL N 4651 80.14 -25.43 -26.64
C VAL N 4651 78.95 -25.44 -27.60
N ALA N 4652 79.21 -25.34 -28.91
CA ALA N 4652 78.12 -25.44 -29.87
C ALA N 4652 77.45 -26.81 -29.80
N PHE N 4653 78.24 -27.87 -29.72
CA PHE N 4653 77.66 -29.20 -29.58
C PHE N 4653 76.84 -29.32 -28.29
N LEU N 4654 77.38 -28.80 -27.19
CA LEU N 4654 76.65 -28.85 -25.93
C LEU N 4654 75.37 -28.02 -26.00
N CYS N 4655 75.39 -26.91 -26.73
CA CYS N 4655 74.18 -26.12 -26.92
C CYS N 4655 73.13 -26.89 -27.69
N ILE N 4656 73.53 -27.61 -28.73
CA ILE N 4656 72.56 -28.44 -29.45
C ILE N 4656 71.96 -29.49 -28.52
N ILE N 4657 72.80 -30.16 -27.72
CA ILE N 4657 72.28 -31.17 -26.81
C ILE N 4657 71.32 -30.54 -25.80
N GLY N 4658 71.70 -29.39 -25.24
CA GLY N 4658 70.84 -28.72 -24.28
C GLY N 4658 69.51 -28.31 -24.87
N TYR N 4659 69.52 -27.79 -26.10
CA TYR N 4659 68.25 -27.48 -26.78
C TYR N 4659 67.41 -28.74 -26.92
N ASN N 4660 68.01 -29.81 -27.42
CA ASN N 4660 67.27 -31.05 -27.61
C ASN N 4660 66.64 -31.53 -26.30
N CYS N 4661 67.34 -31.33 -25.19
CA CYS N 4661 66.84 -31.83 -23.91
C CYS N 4661 65.80 -30.89 -23.31
N LEU N 4662 65.89 -29.60 -23.59
CA LEU N 4662 65.08 -28.60 -22.88
C LEU N 4662 63.88 -28.11 -23.67
N LYS N 4663 64.03 -27.79 -24.95
CA LYS N 4663 62.97 -27.10 -25.69
C LYS N 4663 62.30 -27.95 -26.75
N VAL N 4664 62.95 -29.01 -27.25
CA VAL N 4664 62.32 -29.92 -28.19
C VAL N 4664 61.07 -30.54 -27.57
N PRO N 4665 61.11 -30.92 -26.29
CA PRO N 4665 59.91 -31.52 -25.67
C PRO N 4665 58.69 -30.64 -25.78
N LEU N 4666 58.82 -29.32 -25.62
CA LEU N 4666 57.65 -28.46 -25.77
C LEU N 4666 57.14 -28.46 -27.21
N VAL N 4667 58.04 -28.49 -28.19
CA VAL N 4667 57.63 -28.54 -29.58
C VAL N 4667 56.84 -29.80 -29.85
N ILE N 4668 57.35 -30.95 -29.37
CA ILE N 4668 56.65 -32.21 -29.59
C ILE N 4668 55.31 -32.21 -28.87
N PHE N 4669 55.26 -31.64 -27.66
CA PHE N 4669 54.01 -31.57 -26.92
C PHE N 4669 52.98 -30.74 -27.67
N LYS N 4670 53.37 -29.58 -28.18
CA LYS N 4670 52.45 -28.74 -28.94
C LYS N 4670 51.95 -29.46 -30.19
N ARG N 4671 52.87 -30.11 -30.91
CA ARG N 4671 52.46 -30.83 -32.12
C ARG N 4671 51.48 -31.94 -31.78
N GLU N 4672 51.76 -32.70 -30.72
CA GLU N 4672 50.89 -33.82 -30.35
C GLU N 4672 49.51 -33.33 -29.91
N LYS N 4673 49.46 -32.26 -29.11
CA LYS N 4673 48.16 -31.76 -28.67
C LYS N 4673 47.36 -31.22 -29.85
N GLU N 4674 48.02 -30.50 -30.76
CA GLU N 4674 47.31 -30.01 -31.94
C GLU N 4674 46.76 -31.16 -32.77
N LEU N 4675 47.56 -32.21 -32.98
CA LEU N 4675 47.09 -33.35 -33.73
C LEU N 4675 45.92 -34.03 -33.03
N ALA N 4676 46.01 -34.20 -31.71
CA ALA N 4676 44.94 -34.85 -30.98
C ALA N 4676 43.63 -34.07 -31.07
N ARG N 4677 43.69 -32.76 -30.87
CA ARG N 4677 42.49 -31.94 -30.96
C ARG N 4677 41.90 -31.91 -32.36
N LYS N 4678 42.74 -31.84 -33.40
CA LYS N 4678 42.23 -31.87 -34.76
C LYS N 4678 41.62 -33.23 -35.09
N LEU N 4679 42.21 -34.32 -34.55
CA LEU N 4679 41.65 -35.64 -34.75
C LEU N 4679 40.28 -35.74 -34.11
N GLU N 4680 40.15 -35.32 -32.86
CA GLU N 4680 38.92 -35.52 -32.11
C GLU N 4680 37.81 -34.56 -32.52
N PHE N 4681 38.07 -33.26 -32.51
CA PHE N 4681 37.02 -32.27 -32.69
C PHE N 4681 36.86 -31.79 -34.13
N ASP N 4682 37.68 -32.29 -35.06
CA ASP N 4682 37.56 -31.91 -36.46
C ASP N 4682 37.55 -33.10 -37.41
N GLY N 4683 38.01 -34.27 -36.99
CA GLY N 4683 38.11 -35.40 -37.88
C GLY N 4683 38.98 -35.10 -39.08
N LEU N 4684 40.14 -34.47 -38.83
CA LEU N 4684 41.02 -34.06 -39.91
C LEU N 4684 41.47 -35.22 -40.77
N TYR N 4685 41.52 -36.43 -40.20
CA TYR N 4685 41.82 -37.64 -40.97
C TYR N 4685 40.63 -38.56 -41.05
N ILE N 4686 39.46 -38.14 -40.56
CA ILE N 4686 38.28 -38.99 -40.50
C ILE N 4686 37.17 -38.38 -41.32
N THR N 4687 36.72 -37.18 -40.93
CA THR N 4687 35.67 -36.50 -41.68
C THR N 4687 36.23 -35.85 -42.94
N GLU N 4688 37.42 -35.27 -42.84
CA GLU N 4688 38.06 -34.59 -43.96
C GLU N 4688 39.50 -35.07 -44.08
N GLN N 4689 40.25 -34.44 -44.97
CA GLN N 4689 41.64 -34.77 -45.22
C GLN N 4689 42.46 -33.49 -45.32
N PRO N 4690 43.77 -33.58 -45.11
CA PRO N 4690 44.61 -32.39 -45.30
C PRO N 4690 44.53 -31.88 -46.72
N GLU N 4691 44.67 -30.56 -46.88
CA GLU N 4691 44.56 -29.94 -48.19
C GLU N 4691 45.62 -30.45 -49.15
N ASP N 4692 46.71 -31.03 -48.64
CA ASP N 4692 47.83 -31.51 -49.44
C ASP N 4692 48.69 -30.33 -49.89
N ASP N 4693 48.24 -29.10 -49.60
CA ASP N 4693 49.10 -27.93 -49.70
C ASP N 4693 49.87 -27.67 -48.41
N ASP N 4694 49.49 -28.34 -47.33
CA ASP N 4694 50.12 -28.20 -46.03
C ASP N 4694 50.89 -29.50 -45.73
N VAL N 4695 52.22 -29.39 -45.65
CA VAL N 4695 53.05 -30.56 -45.39
C VAL N 4695 52.88 -31.09 -43.98
N LYS N 4696 52.42 -30.27 -43.03
CA LYS N 4696 52.35 -30.69 -41.64
C LYS N 4696 51.37 -31.84 -41.46
N GLY N 4697 50.19 -31.75 -42.07
CA GLY N 4697 49.23 -32.83 -41.97
C GLY N 4697 49.73 -34.11 -42.63
N GLN N 4698 50.33 -33.97 -43.80
CA GLN N 4698 50.84 -35.15 -44.51
C GLN N 4698 51.90 -35.85 -43.68
N TRP N 4699 52.80 -35.09 -43.05
CA TRP N 4699 53.82 -35.70 -42.22
C TRP N 4699 53.27 -36.24 -40.91
N ASP N 4700 52.25 -35.59 -40.34
CA ASP N 4700 51.60 -36.11 -39.14
C ASP N 4700 50.83 -37.39 -39.41
N ARG N 4701 50.47 -37.65 -40.67
CA ARG N 4701 49.80 -38.90 -41.00
C ARG N 4701 50.61 -40.11 -40.53
N LEU N 4702 51.94 -39.97 -40.49
CA LEU N 4702 52.78 -41.11 -40.14
C LEU N 4702 52.52 -41.59 -38.71
N VAL N 4703 52.43 -40.66 -37.76
CA VAL N 4703 52.48 -41.01 -36.34
C VAL N 4703 51.16 -41.56 -35.81
N LEU N 4704 50.09 -41.53 -36.62
CA LEU N 4704 48.77 -41.88 -36.10
C LEU N 4704 48.76 -43.28 -35.49
N ASN N 4705 49.24 -44.29 -36.23
CA ASN N 4705 49.14 -45.67 -35.79
C ASN N 4705 50.29 -46.10 -34.88
N THR N 4706 51.24 -45.22 -34.61
CA THR N 4706 52.34 -45.58 -33.73
C THR N 4706 51.83 -45.81 -32.31
N PRO N 4707 52.35 -46.82 -31.60
CA PRO N 4707 51.84 -47.05 -30.23
C PRO N 4707 51.97 -45.86 -29.31
N SER N 4708 53.08 -45.13 -29.39
CA SER N 4708 53.32 -43.99 -28.51
C SER N 4708 52.92 -42.67 -29.16
N PHE N 4709 51.68 -42.58 -29.64
CA PHE N 4709 51.23 -41.33 -30.26
C PHE N 4709 51.23 -40.17 -29.29
N PRO N 4710 50.60 -40.25 -28.11
CA PRO N 4710 50.70 -39.15 -27.13
C PRO N 4710 51.87 -39.33 -26.17
N SER N 4711 53.09 -39.32 -26.71
CA SER N 4711 54.27 -39.54 -25.88
C SER N 4711 54.50 -38.38 -24.92
N ASN N 4712 54.34 -37.14 -25.40
CA ASN N 4712 54.52 -35.96 -24.58
C ASN N 4712 53.21 -35.40 -24.05
N TYR N 4713 52.20 -35.25 -24.91
CA TYR N 4713 50.89 -34.80 -24.47
C TYR N 4713 50.34 -35.78 -23.42
N TRP N 4714 49.97 -35.24 -22.26
CA TRP N 4714 49.64 -36.11 -21.13
C TRP N 4714 48.40 -36.95 -21.40
N ASP N 4715 47.41 -36.39 -22.10
CA ASP N 4715 46.17 -37.13 -22.34
C ASP N 4715 46.45 -38.39 -23.14
N LYS N 4716 46.30 -39.53 -22.48
CA LYS N 4716 46.54 -40.83 -23.10
C LYS N 4716 45.27 -41.48 -23.63
N PHE N 4717 44.12 -40.83 -23.50
CA PHE N 4717 42.85 -41.38 -23.96
C PHE N 4717 42.45 -40.88 -25.33
N VAL N 4718 43.36 -40.25 -26.07
CA VAL N 4718 42.99 -39.63 -27.34
C VAL N 4718 42.47 -40.67 -28.32
N LYS N 4719 43.13 -41.83 -28.38
CA LYS N 4719 42.74 -42.83 -29.36
C LYS N 4719 41.32 -43.32 -29.13
N ARG N 4720 40.98 -43.70 -27.89
CA ARG N 4720 39.63 -44.20 -27.66
C ARG N 4720 38.60 -43.07 -27.68
N LYS N 4721 38.99 -41.84 -27.34
CA LYS N 4721 38.07 -40.73 -27.51
C LYS N 4721 37.68 -40.57 -28.98
N VAL N 4722 38.68 -40.58 -29.87
CA VAL N 4722 38.40 -40.46 -31.30
C VAL N 4722 37.58 -41.66 -31.77
N LEU N 4723 37.92 -42.86 -31.28
CA LEU N 4723 37.16 -44.05 -31.66
C LEU N 4723 35.69 -43.91 -31.29
N ASP N 4724 35.42 -43.50 -30.05
CA ASP N 4724 34.04 -43.36 -29.61
C ASP N 4724 33.32 -42.28 -30.41
N LYS N 4725 33.99 -41.17 -30.69
CA LYS N 4725 33.31 -40.06 -31.36
C LYS N 4725 33.01 -40.38 -32.81
N HIS N 4726 33.98 -40.92 -33.55
CA HIS N 4726 33.86 -41.10 -34.99
C HIS N 4726 33.82 -42.57 -35.40
N GLY N 4727 33.36 -43.46 -34.50
CA GLY N 4727 33.33 -44.86 -34.80
C GLY N 4727 32.12 -45.31 -35.59
N ASP N 4728 30.93 -44.96 -35.11
CA ASP N 4728 29.71 -45.45 -35.74
C ASP N 4728 29.58 -44.96 -37.18
N ILE N 4729 29.89 -43.70 -37.43
CA ILE N 4729 29.59 -43.10 -38.73
C ILE N 4729 30.48 -43.72 -39.81
N PHE N 4730 31.79 -43.83 -39.53
CA PHE N 4730 32.75 -44.31 -40.51
C PHE N 4730 33.38 -45.65 -40.16
N GLY N 4731 32.82 -46.40 -39.21
CA GLY N 4731 33.28 -47.76 -39.00
C GLY N 4731 34.37 -47.90 -37.96
N ARG N 4732 34.06 -48.66 -36.90
CA ARG N 4732 35.04 -48.89 -35.85
C ARG N 4732 36.28 -49.60 -36.39
N GLU N 4733 36.10 -50.52 -37.33
CA GLU N 4733 37.25 -51.21 -37.91
C GLU N 4733 38.17 -50.21 -38.62
N ARG N 4734 37.60 -49.32 -39.43
CA ARG N 4734 38.41 -48.33 -40.12
C ARG N 4734 39.12 -47.40 -39.15
N ILE N 4735 38.42 -46.94 -38.11
CA ILE N 4735 39.05 -46.07 -37.13
C ILE N 4735 40.20 -46.81 -36.44
N ALA N 4736 39.98 -48.08 -36.07
CA ALA N 4736 41.00 -48.84 -35.38
C ALA N 4736 42.22 -49.05 -36.25
N GLU N 4737 42.04 -49.42 -37.52
CA GLU N 4737 43.18 -49.64 -38.39
C GLU N 4737 43.91 -48.32 -38.70
N LEU N 4738 43.19 -47.21 -38.77
CA LEU N 4738 43.86 -45.93 -38.94
C LEU N 4738 44.69 -45.57 -37.72
N LEU N 4739 44.15 -45.77 -36.52
CA LEU N 4739 44.80 -45.34 -35.29
C LEU N 4739 45.73 -46.42 -34.71
N GLY N 4740 45.90 -47.55 -35.40
CA GLY N 4740 46.84 -48.55 -34.96
C GLY N 4740 46.49 -49.17 -33.62
N MET N 4741 45.21 -49.50 -33.43
CA MET N 4741 44.73 -50.13 -32.21
C MET N 4741 43.91 -51.35 -32.58
N ASP N 4742 43.87 -52.32 -31.67
CA ASP N 4742 43.18 -53.59 -31.89
C ASP N 4742 42.12 -53.75 -30.80
N LEU N 4743 40.84 -53.72 -31.22
CA LEU N 4743 39.75 -53.88 -30.27
C LEU N 4743 39.77 -55.26 -29.64
N ALA N 4744 40.11 -56.29 -30.44
CA ALA N 4744 40.23 -57.63 -29.89
C ALA N 4744 41.32 -57.69 -28.83
N SER N 4745 42.45 -57.02 -29.09
CA SER N 4745 43.52 -56.97 -28.09
C SER N 4745 43.04 -56.26 -26.83
N LEU N 4746 42.31 -55.16 -26.98
CA LEU N 4746 41.79 -54.47 -25.80
C LEU N 4746 40.89 -55.38 -24.99
N GLU N 4747 39.96 -56.07 -25.66
CA GLU N 4747 39.03 -56.95 -24.95
C GLU N 4747 39.76 -58.11 -24.27
N ILE N 4748 40.74 -58.70 -24.94
CA ILE N 4748 41.47 -59.82 -24.34
C ILE N 4748 42.30 -59.34 -23.16
N THR N 4749 42.88 -58.14 -23.25
CA THR N 4749 43.61 -57.58 -22.12
C THR N 4749 42.68 -57.36 -20.95
N ALA N 4750 41.46 -56.86 -21.21
CA ALA N 4750 40.48 -56.72 -20.13
C ALA N 4750 40.14 -58.07 -19.52
N HIS N 4751 39.98 -59.10 -20.37
CA HIS N 4751 39.61 -60.42 -19.86
C HIS N 4751 40.70 -61.02 -18.98
N ASN N 4752 41.94 -61.05 -19.46
CA ASN N 4752 43.03 -61.69 -18.75
C ASN N 4752 44.34 -61.03 -19.14
N GLU N 4753 45.39 -61.31 -18.36
CA GLU N 4753 46.64 -60.59 -18.45
C GLU N 4753 47.80 -61.56 -18.54
N ARG N 4754 48.82 -61.19 -19.32
CA ARG N 4754 50.06 -61.94 -19.43
C ARG N 4754 51.21 -61.04 -19.01
N LYS N 4755 52.28 -61.64 -18.48
CA LYS N 4755 53.43 -60.90 -17.97
C LYS N 4755 54.73 -61.40 -18.62
N PRO N 4756 54.92 -61.15 -19.92
CA PRO N 4756 56.26 -61.32 -20.50
C PRO N 4756 57.08 -60.05 -20.36
N ASP N 4757 58.19 -60.11 -19.63
CA ASP N 4757 59.06 -58.95 -19.42
C ASP N 4757 60.51 -59.41 -19.35
N PRO N 4758 61.20 -59.52 -20.48
CA PRO N 4758 62.59 -59.97 -20.45
C PRO N 4758 63.49 -58.97 -19.74
N PRO N 4759 64.58 -59.42 -19.14
CA PRO N 4759 65.48 -58.48 -18.44
C PRO N 4759 65.98 -57.41 -19.39
N PRO N 4760 66.11 -56.16 -18.94
CA PRO N 4760 66.59 -55.11 -19.84
C PRO N 4760 68.01 -55.39 -20.31
N GLY N 4761 68.19 -55.37 -21.63
CA GLY N 4761 69.50 -55.53 -22.23
C GLY N 4761 69.68 -54.61 -23.43
N LEU N 4762 70.10 -55.16 -24.54
CA LEU N 4762 70.19 -54.43 -25.80
C LEU N 4762 69.14 -54.87 -26.80
N LEU N 4763 68.92 -56.17 -26.95
CA LEU N 4763 67.89 -56.65 -27.87
C LEU N 4763 66.51 -56.17 -27.45
N THR N 4764 66.22 -56.21 -26.15
CA THR N 4764 64.93 -55.72 -25.68
C THR N 4764 64.77 -54.24 -25.97
N TRP N 4765 65.83 -53.45 -25.76
CA TRP N 4765 65.78 -52.03 -26.05
C TRP N 4765 65.49 -51.78 -27.51
N ILE N 4766 66.21 -52.48 -28.40
CA ILE N 4766 66.01 -52.29 -29.84
C ILE N 4766 64.60 -52.67 -30.24
N MET N 4767 64.10 -53.79 -29.71
CA MET N 4767 62.73 -54.20 -30.01
C MET N 4767 61.73 -53.14 -29.53
N SER N 4768 61.97 -52.57 -28.35
CA SER N 4768 61.05 -51.58 -27.80
C SER N 4768 61.02 -50.33 -28.67
N ILE N 4769 62.19 -49.86 -29.15
CA ILE N 4769 62.22 -48.65 -29.95
C ILE N 4769 61.21 -48.74 -31.10
N ASP N 4770 60.46 -47.66 -31.31
CA ASP N 4770 59.52 -47.55 -32.41
C ASP N 4770 60.17 -46.68 -33.48
N VAL N 4771 60.43 -47.28 -34.65
CA VAL N 4771 61.16 -46.57 -35.70
C VAL N 4771 60.30 -45.46 -36.30
N LYS N 4772 59.02 -45.73 -36.52
CA LYS N 4772 58.17 -44.77 -37.23
C LYS N 4772 57.94 -43.52 -36.41
N TYR N 4773 57.65 -43.67 -35.12
CA TYR N 4773 57.47 -42.51 -34.26
C TYR N 4773 58.75 -41.68 -34.18
N GLN N 4774 59.90 -42.34 -34.08
CA GLN N 4774 61.16 -41.62 -34.03
C GLN N 4774 61.42 -40.87 -35.33
N ILE N 4775 61.05 -41.48 -36.46
CA ILE N 4775 61.20 -40.80 -37.74
C ILE N 4775 60.35 -39.54 -37.79
N TRP N 4776 59.09 -39.66 -37.34
CA TRP N 4776 58.21 -38.49 -37.31
C TRP N 4776 58.77 -37.40 -36.38
N LYS N 4777 59.25 -37.82 -35.21
CA LYS N 4777 59.80 -36.86 -34.25
C LYS N 4777 61.01 -36.14 -34.83
N PHE N 4778 61.90 -36.88 -35.49
CA PHE N 4778 63.09 -36.27 -36.06
C PHE N 4778 62.74 -35.36 -37.22
N GLY N 4779 61.71 -35.71 -37.99
CA GLY N 4779 61.25 -34.79 -39.02
C GLY N 4779 60.76 -33.48 -38.44
N VAL N 4780 59.96 -33.55 -37.36
CA VAL N 4780 59.49 -32.33 -36.72
C VAL N 4780 60.67 -31.51 -36.20
N ILE N 4781 61.62 -32.18 -35.53
CA ILE N 4781 62.76 -31.48 -34.95
C ILE N 4781 63.57 -30.80 -36.04
N PHE N 4782 63.87 -31.51 -37.13
CA PHE N 4782 64.65 -30.94 -38.21
C PHE N 4782 63.90 -29.88 -38.99
N THR N 4783 62.57 -29.83 -38.87
CA THR N 4783 61.84 -28.71 -39.45
C THR N 4783 61.77 -27.53 -38.48
N ASP N 4784 62.02 -27.77 -37.19
CA ASP N 4784 62.01 -26.69 -36.21
C ASP N 4784 63.07 -25.65 -36.56
N ASN N 4785 62.70 -24.37 -36.43
CA ASN N 4785 63.58 -23.29 -36.86
C ASN N 4785 64.78 -23.14 -35.94
N SER N 4786 64.55 -23.12 -34.62
CA SER N 4786 65.65 -22.88 -33.69
C SER N 4786 66.67 -24.02 -33.75
N PHE N 4787 66.20 -25.26 -33.86
CA PHE N 4787 67.12 -26.38 -34.01
C PHE N 4787 67.94 -26.26 -35.29
N LEU N 4788 67.30 -25.79 -36.37
CA LEU N 4788 68.03 -25.57 -37.61
C LEU N 4788 69.11 -24.50 -37.43
N TYR N 4789 68.78 -23.42 -36.72
CA TYR N 4789 69.77 -22.38 -36.47
C TYR N 4789 70.95 -22.92 -35.67
N LEU N 4790 70.67 -23.71 -34.64
CA LEU N 4790 71.75 -24.27 -33.83
C LEU N 4790 72.59 -25.25 -34.64
N GLY N 4791 71.96 -26.04 -35.51
CA GLY N 4791 72.71 -26.92 -36.38
C GLY N 4791 73.60 -26.16 -37.34
N TRP N 4792 73.09 -25.06 -37.90
CA TRP N 4792 73.93 -24.21 -38.74
C TRP N 4792 75.09 -23.62 -37.94
N TYR N 4793 74.82 -23.23 -36.69
CA TYR N 4793 75.89 -22.72 -35.83
C TYR N 4793 77.00 -23.76 -35.68
N MET N 4794 76.62 -25.00 -35.37
CA MET N 4794 77.61 -26.08 -35.28
C MET N 4794 78.33 -26.33 -36.60
N VAL N 4795 77.60 -26.29 -37.72
CA VAL N 4795 78.24 -26.55 -39.01
C VAL N 4795 79.30 -25.49 -39.30
N MET N 4796 78.97 -24.22 -39.05
CA MET N 4796 79.95 -23.16 -39.26
C MET N 4796 81.10 -23.26 -38.27
N SER N 4797 80.82 -23.69 -37.04
CA SER N 4797 81.91 -23.89 -36.08
C SER N 4797 82.87 -24.97 -36.55
N LEU N 4798 82.34 -26.07 -37.10
CA LEU N 4798 83.19 -27.10 -37.67
C LEU N 4798 83.98 -26.59 -38.87
N LEU N 4799 83.31 -25.82 -39.74
CA LEU N 4799 84.00 -25.25 -40.89
C LEU N 4799 85.11 -24.29 -40.46
N GLY N 4800 84.96 -23.69 -39.27
CA GLY N 4800 85.98 -22.81 -38.76
C GLY N 4800 87.33 -23.48 -38.63
N HIS N 4801 87.34 -24.78 -38.36
CA HIS N 4801 88.61 -25.51 -38.29
C HIS N 4801 89.20 -25.70 -39.68
N TYR N 4802 88.35 -25.86 -40.70
CA TYR N 4802 88.83 -25.89 -42.08
C TYR N 4802 89.44 -24.55 -42.45
N ASN N 4803 88.78 -23.46 -42.07
CA ASN N 4803 89.29 -22.12 -42.28
C ASN N 4803 88.81 -21.24 -41.14
N ASN N 4804 89.78 -20.65 -40.41
CA ASN N 4804 89.44 -19.90 -39.20
C ASN N 4804 88.45 -18.76 -39.46
N PHE N 4805 88.47 -18.17 -40.66
CA PHE N 4805 87.63 -17.02 -40.93
C PHE N 4805 86.15 -17.37 -40.98
N PHE N 4806 85.81 -18.66 -41.11
CA PHE N 4806 84.41 -19.05 -41.01
C PHE N 4806 83.82 -18.75 -39.64
N PHE N 4807 84.67 -18.57 -38.63
CA PHE N 4807 84.17 -18.22 -37.30
C PHE N 4807 83.53 -16.83 -37.29
N ALA N 4808 83.83 -16.02 -38.31
CA ALA N 4808 83.22 -14.69 -38.39
C ALA N 4808 81.71 -14.78 -38.54
N ALA N 4809 81.22 -15.86 -39.14
CA ALA N 4809 79.78 -16.03 -39.31
C ALA N 4809 79.03 -16.11 -37.99
N HIS N 4810 79.70 -16.41 -36.88
CA HIS N 4810 79.06 -16.51 -35.59
C HIS N 4810 78.83 -15.16 -34.92
N LEU N 4811 79.49 -14.09 -35.40
CA LEU N 4811 79.19 -12.77 -34.88
C LEU N 4811 77.77 -12.33 -35.22
N LEU N 4812 77.16 -12.95 -36.23
CA LEU N 4812 75.75 -12.70 -36.52
C LEU N 4812 74.86 -13.15 -35.37
N ASP N 4813 75.38 -13.95 -34.45
CA ASP N 4813 74.58 -14.45 -33.34
C ASP N 4813 74.13 -13.33 -32.41
N ILE N 4814 74.73 -12.13 -32.51
CA ILE N 4814 74.30 -11.03 -31.66
C ILE N 4814 72.85 -10.67 -31.96
N ALA N 4815 72.43 -10.84 -33.21
CA ALA N 4815 71.05 -10.50 -33.57
C ALA N 4815 70.06 -11.33 -32.78
N MET N 4816 70.35 -12.61 -32.59
CA MET N 4816 69.42 -13.48 -31.87
C MET N 4816 69.68 -13.46 -30.38
N GLY N 4817 70.90 -13.12 -29.96
CA GLY N 4817 71.27 -13.15 -28.57
C GLY N 4817 70.85 -11.93 -27.79
N VAL N 4818 71.20 -10.74 -28.28
CA VAL N 4818 70.89 -9.52 -27.55
C VAL N 4818 69.44 -9.13 -27.79
N LYS N 4819 68.70 -8.95 -26.71
CA LYS N 4819 67.29 -8.57 -26.79
C LYS N 4819 67.09 -7.21 -27.44
N THR N 4820 67.96 -6.24 -27.14
CA THR N 4820 67.84 -4.93 -27.76
C THR N 4820 68.07 -5.02 -29.27
N LEU N 4821 69.06 -5.81 -29.69
CA LEU N 4821 69.28 -5.99 -31.12
C LEU N 4821 68.10 -6.70 -31.77
N ARG N 4822 67.51 -7.69 -31.10
CA ARG N 4822 66.32 -8.33 -31.65
C ARG N 4822 65.20 -7.32 -31.83
N THR N 4823 64.98 -6.48 -30.82
CA THR N 4823 63.92 -5.48 -30.90
C THR N 4823 64.18 -4.49 -32.03
N ILE N 4824 65.43 -4.05 -32.19
CA ILE N 4824 65.77 -3.09 -33.24
C ILE N 4824 65.56 -3.72 -34.62
N LEU N 4825 66.04 -4.95 -34.80
CA LEU N 4825 65.91 -5.60 -36.09
C LEU N 4825 64.45 -5.99 -36.38
N SER N 4826 63.62 -6.06 -35.34
CA SER N 4826 62.19 -6.24 -35.55
C SER N 4826 61.62 -5.08 -36.34
N SER N 4827 62.23 -3.89 -36.21
CA SER N 4827 61.79 -2.75 -37.00
C SER N 4827 62.00 -3.00 -38.49
N VAL N 4828 63.16 -3.55 -38.84
CA VAL N 4828 63.45 -3.82 -40.25
C VAL N 4828 62.59 -4.96 -40.76
N THR N 4829 62.44 -6.03 -39.97
CA THR N 4829 61.73 -7.21 -40.45
C THR N 4829 60.22 -7.02 -40.39
N HIS N 4830 59.74 -5.99 -39.70
CA HIS N 4830 58.30 -5.78 -39.61
C HIS N 4830 57.71 -5.48 -40.99
N ASN N 4831 58.39 -4.66 -41.78
CA ASN N 4831 57.97 -4.32 -43.13
C ASN N 4831 58.92 -4.89 -44.18
N GLY N 4832 59.41 -6.12 -43.95
CA GLY N 4832 60.38 -6.70 -44.87
C GLY N 4832 59.81 -6.92 -46.26
N LYS N 4833 58.56 -7.39 -46.34
CA LYS N 4833 57.94 -7.61 -47.64
C LYS N 4833 57.82 -6.31 -48.41
N GLN N 4834 57.38 -5.23 -47.73
CA GLN N 4834 57.29 -3.94 -48.38
C GLN N 4834 58.67 -3.44 -48.81
N LEU N 4835 59.69 -3.67 -47.98
CA LEU N 4835 61.03 -3.24 -48.35
C LEU N 4835 61.52 -3.96 -49.60
N VAL N 4836 61.31 -5.28 -49.67
CA VAL N 4836 61.72 -6.03 -50.85
C VAL N 4836 60.95 -5.57 -52.08
N MET N 4837 59.65 -5.33 -51.94
CA MET N 4837 58.88 -4.83 -53.07
C MET N 4837 59.37 -3.46 -53.52
N THR N 4838 59.79 -2.63 -52.57
CA THR N 4838 60.34 -1.31 -52.92
C THR N 4838 61.65 -1.46 -53.69
N VAL N 4839 62.50 -2.40 -53.27
CA VAL N 4839 63.73 -2.65 -54.02
C VAL N 4839 63.41 -3.11 -55.44
N GLY N 4840 62.40 -3.98 -55.58
CA GLY N 4840 62.01 -4.41 -56.91
C GLY N 4840 61.49 -3.27 -57.77
N LEU N 4841 60.70 -2.39 -57.17
CA LEU N 4841 60.20 -1.22 -57.90
C LEU N 4841 61.35 -0.32 -58.33
N LEU N 4842 62.34 -0.13 -57.45
CA LEU N 4842 63.53 0.63 -57.82
C LEU N 4842 64.24 -0.01 -58.99
N ALA N 4843 64.38 -1.34 -58.98
CA ALA N 4843 65.01 -2.03 -60.10
C ALA N 4843 64.24 -1.81 -61.40
N VAL N 4844 62.91 -1.89 -61.35
CA VAL N 4844 62.12 -1.71 -62.57
C VAL N 4844 62.26 -0.27 -63.10
N VAL N 4845 62.21 0.71 -62.20
CA VAL N 4845 62.34 2.10 -62.63
C VAL N 4845 63.72 2.33 -63.25
N VAL N 4846 64.77 1.80 -62.63
CA VAL N 4846 66.10 1.93 -63.19
C VAL N 4846 66.19 1.22 -64.53
N TYR N 4847 65.48 0.10 -64.70
CA TYR N 4847 65.46 -0.56 -66.01
C TYR N 4847 64.82 0.33 -67.07
N LEU N 4848 63.73 1.02 -66.72
CA LEU N 4848 63.10 1.92 -67.68
C LEU N 4848 64.05 3.05 -68.06
N TYR N 4849 64.73 3.62 -67.07
CA TYR N 4849 65.76 4.63 -67.37
C TYR N 4849 66.87 4.06 -68.25
N THR N 4850 67.27 2.81 -68.01
CA THR N 4850 68.29 2.19 -68.84
C THR N 4850 67.80 2.05 -70.28
N VAL N 4851 66.54 1.67 -70.47
CA VAL N 4851 65.99 1.56 -71.83
C VAL N 4851 66.05 2.92 -72.52
N VAL N 4852 65.62 3.97 -71.83
CA VAL N 4852 65.65 5.30 -72.45
C VAL N 4852 67.07 5.70 -72.81
N ALA N 4853 68.02 5.50 -71.88
CA ALA N 4853 69.40 5.88 -72.15
C ALA N 4853 69.99 5.08 -73.31
N PHE N 4854 69.70 3.77 -73.35
CA PHE N 4854 70.20 2.94 -74.44
C PHE N 4854 69.65 3.40 -75.78
N ASN N 4855 68.38 3.80 -75.80
CA ASN N 4855 67.78 4.19 -77.08
C ASN N 4855 68.27 5.56 -77.54
N PHE N 4856 68.47 6.52 -76.61
CA PHE N 4856 68.70 7.90 -77.02
C PHE N 4856 70.00 8.52 -76.53
N PHE N 4857 70.54 8.08 -75.39
CA PHE N 4857 71.66 8.77 -74.77
C PHE N 4857 72.92 7.90 -74.68
N ARG N 4858 73.23 7.15 -75.73
CA ARG N 4858 74.41 6.29 -75.69
C ARG N 4858 75.71 7.09 -75.74
N LYS N 4859 75.72 8.20 -76.48
CA LYS N 4859 76.97 8.92 -76.70
C LYS N 4859 77.58 9.45 -75.40
N PHE N 4860 76.77 9.66 -74.38
CA PHE N 4860 77.24 10.27 -73.14
C PHE N 4860 77.82 9.25 -72.16
N TYR N 4861 77.82 7.96 -72.49
CA TYR N 4861 78.20 6.92 -71.55
C TYR N 4861 79.62 6.40 -71.80
N ASN N 4862 80.49 7.20 -72.40
CA ASN N 4862 81.89 6.83 -72.57
C ASN N 4862 82.65 7.17 -71.30
N LYS N 4863 83.07 6.15 -70.55
CA LYS N 4863 83.75 6.34 -69.28
C LYS N 4863 85.26 6.28 -69.39
N SER N 4864 85.81 6.13 -70.59
CA SER N 4864 87.26 6.07 -70.76
C SER N 4864 87.84 7.48 -70.89
N GLU N 4865 89.01 7.66 -70.29
CA GLU N 4865 89.74 8.92 -70.43
C GLU N 4865 90.58 8.97 -71.69
N ASP N 4866 90.99 7.81 -72.22
CA ASP N 4866 91.79 7.78 -73.43
C ASP N 4866 90.90 7.85 -74.67
N GLU N 4867 91.27 8.71 -75.62
CA GLU N 4867 90.49 8.84 -76.84
C GLU N 4867 90.60 7.59 -77.70
N ASP N 4868 91.74 6.90 -77.65
CA ASP N 4868 91.96 5.74 -78.52
C ASP N 4868 91.03 4.59 -78.15
N GLU N 4869 90.77 4.39 -76.85
CA GLU N 4869 89.98 3.27 -76.39
C GLU N 4869 88.69 3.77 -75.76
N PRO N 4870 87.56 3.80 -76.48
CA PRO N 4870 86.29 4.16 -75.84
C PRO N 4870 85.72 3.04 -74.98
N ASP N 4871 85.48 3.32 -73.70
CA ASP N 4871 84.86 2.35 -72.79
C ASP N 4871 83.37 2.64 -72.67
N MET N 4872 82.67 2.42 -73.78
CA MET N 4872 81.23 2.65 -73.81
C MET N 4872 80.52 1.74 -72.83
N LYS N 4873 79.70 2.32 -71.97
CA LYS N 4873 78.99 1.58 -70.93
C LYS N 4873 77.53 1.32 -71.26
N CYS N 4874 77.04 1.78 -72.41
CA CYS N 4874 75.65 1.59 -72.78
C CYS N 4874 75.50 1.18 -74.25
N ASP N 4875 76.46 0.42 -74.78
CA ASP N 4875 76.32 -0.08 -76.14
C ASP N 4875 75.50 -1.37 -76.18
N ASP N 4876 75.33 -2.03 -75.04
CA ASP N 4876 74.46 -3.19 -74.91
C ASP N 4876 73.58 -3.02 -73.68
N MET N 4877 72.36 -3.54 -73.77
CA MET N 4877 71.37 -3.28 -72.73
C MET N 4877 71.78 -3.85 -71.38
N MET N 4878 72.37 -5.05 -71.35
CA MET N 4878 72.76 -5.63 -70.07
C MET N 4878 73.87 -4.82 -69.40
N THR N 4879 74.88 -4.41 -70.16
CA THR N 4879 75.93 -3.56 -69.60
C THR N 4879 75.36 -2.23 -69.13
N CYS N 4880 74.46 -1.64 -69.91
CA CYS N 4880 73.88 -0.36 -69.51
C CYS N 4880 73.07 -0.51 -68.23
N TYR N 4881 72.30 -1.59 -68.11
CA TYR N 4881 71.52 -1.81 -66.89
C TYR N 4881 72.41 -2.04 -65.68
N LEU N 4882 73.47 -2.83 -65.85
CA LEU N 4882 74.41 -3.02 -64.75
C LEU N 4882 75.06 -1.70 -64.35
N PHE N 4883 75.49 -0.91 -65.33
CA PHE N 4883 76.05 0.41 -65.01
C PHE N 4883 75.05 1.24 -64.22
N HIS N 4884 73.82 1.36 -64.71
CA HIS N 4884 72.84 2.17 -63.99
C HIS N 4884 72.65 1.69 -62.56
N MET N 4885 72.31 0.41 -62.39
CA MET N 4885 72.04 -0.12 -61.05
C MET N 4885 73.23 0.03 -60.12
N TYR N 4886 74.44 -0.27 -60.60
CA TYR N 4886 75.61 -0.29 -59.73
C TYR N 4886 76.11 1.11 -59.41
N VAL N 4887 75.93 2.06 -60.33
CA VAL N 4887 76.59 3.35 -60.21
C VAL N 4887 75.64 4.51 -59.95
N GLY N 4888 74.56 4.64 -60.73
CA GLY N 4888 73.69 5.78 -60.59
C GLY N 4888 72.93 5.78 -59.28
N VAL N 4889 72.54 4.59 -58.82
CA VAL N 4889 71.83 4.47 -57.56
C VAL N 4889 72.72 4.90 -56.41
N ARG N 4890 73.98 4.47 -56.42
CA ARG N 4890 74.92 4.82 -55.37
C ARG N 4890 75.43 6.25 -55.49
N ALA N 4891 75.31 6.87 -56.67
CA ALA N 4891 75.73 8.25 -56.83
C ALA N 4891 74.82 9.19 -56.06
N GLY N 4892 75.41 10.23 -55.46
CA GLY N 4892 74.63 11.15 -54.66
C GLY N 4892 73.59 11.93 -55.42
N GLY N 4893 73.92 12.40 -56.63
CA GLY N 4893 72.99 13.13 -57.47
C GLY N 4893 72.41 12.34 -58.62
N GLY N 4894 72.62 11.02 -58.66
CA GLY N 4894 72.06 10.20 -59.71
C GLY N 4894 73.05 9.93 -60.84
N ILE N 4895 72.49 9.42 -61.94
CA ILE N 4895 73.31 9.02 -63.09
C ILE N 4895 74.02 10.21 -63.71
N GLY N 4896 73.48 11.42 -63.51
CA GLY N 4896 74.08 12.60 -64.11
C GLY N 4896 75.46 12.91 -63.56
N ASP N 4897 75.68 12.63 -62.27
CA ASP N 4897 76.99 12.84 -61.68
C ASP N 4897 78.06 12.06 -62.42
N GLU N 4898 77.67 10.96 -63.06
CA GLU N 4898 78.65 10.01 -63.56
C GLU N 4898 78.75 10.05 -65.09
N ILE N 4899 77.64 10.26 -65.78
CA ILE N 4899 77.68 10.29 -67.24
C ILE N 4899 78.14 11.67 -67.72
N GLU N 4900 78.48 11.76 -69.01
CA GLU N 4900 79.11 12.96 -69.56
C GLU N 4900 78.19 14.17 -69.43
N ASP N 4901 78.81 15.36 -69.44
CA ASP N 4901 78.08 16.61 -69.33
C ASP N 4901 77.20 16.83 -70.55
N PRO N 4902 76.01 17.40 -70.39
CA PRO N 4902 75.11 17.60 -71.54
C PRO N 4902 75.20 18.95 -72.22
N ALA N 4903 75.97 19.89 -71.66
CA ALA N 4903 75.95 21.26 -72.17
C ALA N 4903 76.32 21.31 -73.65
N GLY N 4904 75.64 22.16 -74.39
CA GLY N 4904 75.91 22.34 -75.80
C GLY N 4904 75.59 21.13 -76.66
N ASP N 4905 74.46 20.50 -76.43
CA ASP N 4905 74.03 19.35 -77.22
C ASP N 4905 72.58 19.54 -77.65
N GLU N 4906 72.23 18.94 -78.80
CA GLU N 4906 70.87 19.06 -79.31
C GLU N 4906 69.85 18.48 -78.34
N TYR N 4907 70.25 17.50 -77.53
CA TYR N 4907 69.37 16.82 -76.60
C TYR N 4907 69.61 17.28 -75.15
N GLU N 4908 70.12 18.51 -74.99
CA GLU N 4908 70.51 18.96 -73.66
C GLU N 4908 69.32 19.04 -72.71
N LEU N 4909 68.19 19.60 -73.17
CA LEU N 4909 67.03 19.71 -72.29
C LEU N 4909 66.44 18.34 -71.98
N TYR N 4910 66.36 17.47 -72.99
CA TYR N 4910 65.87 16.12 -72.74
C TYR N 4910 66.74 15.40 -71.72
N ARG N 4911 68.06 15.56 -71.83
CA ARG N 4911 68.97 14.83 -70.95
C ARG N 4911 69.01 15.43 -69.54
N VAL N 4912 68.85 16.76 -69.42
CA VAL N 4912 68.74 17.32 -68.08
C VAL N 4912 67.43 16.92 -67.41
N VAL N 4913 66.33 16.82 -68.16
CA VAL N 4913 65.11 16.26 -67.61
C VAL N 4913 65.35 14.82 -67.17
N PHE N 4914 66.02 14.04 -68.00
CA PHE N 4914 66.37 12.67 -67.65
C PHE N 4914 67.11 12.61 -66.32
N ASP N 4915 68.18 13.40 -66.17
CA ASP N 4915 68.98 13.36 -64.96
C ASP N 4915 68.18 13.83 -63.74
N ILE N 4916 67.43 14.93 -63.88
CA ILE N 4916 66.71 15.48 -62.74
C ILE N 4916 65.62 14.52 -62.28
N THR N 4917 64.91 13.92 -63.23
CA THR N 4917 63.87 12.95 -62.86
C THR N 4917 64.47 11.70 -62.25
N PHE N 4918 65.60 11.22 -62.76
CA PHE N 4918 66.29 10.11 -62.11
C PHE N 4918 66.61 10.45 -60.66
N PHE N 4919 67.21 11.63 -60.43
CA PHE N 4919 67.56 12.03 -59.07
C PHE N 4919 66.33 12.14 -58.18
N PHE N 4920 65.24 12.71 -58.71
CA PHE N 4920 64.05 12.93 -57.89
C PHE N 4920 63.35 11.62 -57.54
N PHE N 4921 63.19 10.73 -58.51
CA PHE N 4921 62.44 9.49 -58.28
C PHE N 4921 63.28 8.45 -57.55
N VAL N 4922 64.49 8.17 -58.04
CA VAL N 4922 65.28 7.08 -57.48
C VAL N 4922 65.96 7.53 -56.18
N ILE N 4923 66.74 8.60 -56.25
CA ILE N 4923 67.56 8.99 -55.11
C ILE N 4923 66.72 9.51 -53.97
N VAL N 4924 65.68 10.30 -54.28
CA VAL N 4924 64.94 11.00 -53.24
C VAL N 4924 63.71 10.22 -52.79
N ILE N 4925 62.84 9.85 -53.73
CA ILE N 4925 61.54 9.28 -53.34
C ILE N 4925 61.70 7.86 -52.82
N LEU N 4926 62.26 6.97 -53.64
CA LEU N 4926 62.30 5.56 -53.27
C LEU N 4926 63.09 5.34 -51.98
N LEU N 4927 64.25 5.98 -51.86
CA LEU N 4927 64.99 5.92 -50.61
C LEU N 4927 64.15 6.48 -49.47
N ALA N 4928 63.45 7.59 -49.73
CA ALA N 4928 62.53 8.12 -48.73
C ALA N 4928 61.48 7.09 -48.35
N ILE N 4929 61.03 6.30 -49.31
CA ILE N 4929 60.06 5.24 -49.00
C ILE N 4929 60.68 4.22 -48.06
N ILE N 4930 61.94 3.85 -48.29
CA ILE N 4930 62.60 2.87 -47.41
C ILE N 4930 62.71 3.43 -45.98
N GLN N 4931 63.21 4.65 -45.85
CA GLN N 4931 63.32 5.25 -44.52
C GLN N 4931 61.95 5.38 -43.86
N GLY N 4932 60.92 5.74 -44.63
CA GLY N 4932 59.59 5.83 -44.07
C GLY N 4932 59.05 4.50 -43.62
N LEU N 4933 59.34 3.43 -44.35
CA LEU N 4933 58.92 2.10 -43.91
C LEU N 4933 59.57 1.74 -42.58
N ILE N 4934 60.87 2.02 -42.43
CA ILE N 4934 61.53 1.69 -41.17
C ILE N 4934 60.94 2.52 -40.02
N ILE N 4935 60.74 3.82 -40.26
CA ILE N 4935 60.20 4.70 -39.22
C ILE N 4935 58.80 4.26 -38.82
N ASP N 4936 57.97 3.91 -39.81
CA ASP N 4936 56.63 3.47 -39.53
C ASP N 4936 56.62 2.14 -38.79
N ALA N 4937 57.61 1.28 -39.05
CA ALA N 4937 57.73 0.06 -38.27
C ALA N 4937 57.99 0.38 -36.80
N PHE N 4938 58.92 1.29 -36.53
CA PHE N 4938 59.15 1.72 -35.15
C PHE N 4938 57.85 2.22 -34.52
N GLY N 4939 57.17 3.12 -35.22
CA GLY N 4939 55.95 3.71 -34.66
C GLY N 4939 54.87 2.67 -34.41
N GLU N 4940 54.71 1.73 -35.35
CA GLU N 4940 53.70 0.70 -35.20
C GLU N 4940 53.98 -0.20 -34.00
N LEU N 4941 55.25 -0.58 -33.81
CA LEU N 4941 55.58 -1.39 -32.64
C LEU N 4941 55.29 -0.64 -31.35
N ARG N 4942 55.67 0.65 -31.28
CA ARG N 4942 55.39 1.42 -30.08
C ARG N 4942 53.88 1.52 -29.83
N ASP N 4943 53.10 1.76 -30.89
CA ASP N 4943 51.65 1.88 -30.74
C ASP N 4943 51.04 0.57 -30.27
N GLN N 4944 51.53 -0.57 -30.79
CA GLN N 4944 51.03 -1.86 -30.33
C GLN N 4944 51.32 -2.10 -28.86
N GLN N 4945 52.54 -1.78 -28.41
CA GLN N 4945 52.84 -1.94 -26.98
C GLN N 4945 51.93 -1.05 -26.13
N GLU N 4946 51.73 0.20 -26.56
CA GLU N 4946 50.86 1.10 -25.80
C GLU N 4946 49.43 0.58 -25.77
N GLN N 4947 48.94 0.02 -26.89
CA GLN N 4947 47.60 -0.55 -26.90
C GLN N 4947 47.50 -1.71 -25.93
N VAL N 4948 48.50 -2.58 -25.89
CA VAL N 4948 48.47 -3.69 -24.94
C VAL N 4948 48.40 -3.17 -23.51
N LYS N 4949 49.24 -2.19 -23.17
CA LYS N 4949 49.22 -1.65 -21.82
C LYS N 4949 47.88 -1.01 -21.48
N GLU N 4950 47.30 -0.23 -22.40
CA GLU N 4950 46.02 0.39 -22.14
C GLU N 4950 44.93 -0.65 -21.94
N ASP N 4951 44.93 -1.69 -22.78
CA ASP N 4951 43.93 -2.74 -22.64
C ASP N 4951 44.04 -3.44 -21.28
N MET N 4952 45.27 -3.72 -20.85
CA MET N 4952 45.44 -4.38 -19.56
C MET N 4952 45.06 -3.45 -18.41
N GLU N 4953 45.22 -2.14 -18.59
CA GLU N 4953 44.89 -1.21 -17.52
C GLU N 4953 43.42 -0.83 -17.47
N THR N 4954 42.67 -1.06 -18.56
CA THR N 4954 41.32 -0.51 -18.63
C THR N 4954 40.26 -1.57 -18.37
N LYS N 4955 40.49 -2.82 -18.78
CA LYS N 4955 39.47 -3.86 -18.65
C LYS N 4955 40.12 -5.15 -18.17
N CYS N 4956 39.31 -6.00 -17.55
CA CYS N 4956 39.78 -7.29 -17.05
C CYS N 4956 39.96 -8.25 -18.22
N PHE N 4957 41.06 -9.01 -18.19
CA PHE N 4957 41.36 -9.91 -19.29
C PHE N 4957 40.36 -11.05 -19.37
N ILE N 4958 39.85 -11.50 -18.23
CA ILE N 4958 38.97 -12.68 -18.22
C ILE N 4958 37.55 -12.32 -18.63
N CYS N 4959 36.88 -11.47 -17.86
CA CYS N 4959 35.47 -11.17 -18.09
C CYS N 4959 35.26 -9.95 -19.00
N GLY N 4960 36.26 -9.11 -19.19
CA GLY N 4960 36.14 -7.97 -20.07
C GLY N 4960 35.42 -6.77 -19.49
N ILE N 4961 34.99 -6.83 -18.23
CA ILE N 4961 34.32 -5.70 -17.62
C ILE N 4961 35.32 -4.57 -17.40
N GLY N 4962 34.85 -3.34 -17.56
CA GLY N 4962 35.73 -2.19 -17.43
C GLY N 4962 36.18 -1.96 -16.00
N SER N 4963 37.31 -1.26 -15.88
CA SER N 4963 37.86 -0.98 -14.56
C SER N 4963 37.02 0.01 -13.78
N ASP N 4964 36.23 0.85 -14.47
CA ASP N 4964 35.42 1.84 -13.77
C ASP N 4964 34.34 1.20 -12.91
N TYR N 4965 33.75 0.09 -13.37
CA TYR N 4965 32.76 -0.60 -12.55
C TYR N 4965 33.38 -1.12 -11.26
N PHE N 4966 34.56 -1.73 -11.36
CA PHE N 4966 35.21 -2.27 -10.17
C PHE N 4966 35.69 -1.17 -9.23
N ASP N 4967 36.19 -0.06 -9.78
CA ASP N 4967 36.76 1.00 -8.97
C ASP N 4967 35.74 1.71 -8.09
N THR N 4968 34.48 1.28 -8.09
CA THR N 4968 33.51 1.85 -7.16
C THR N 4968 33.96 1.64 -5.72
N THR N 4969 34.49 0.45 -5.41
CA THR N 4969 35.11 0.22 -4.12
C THR N 4969 36.59 0.62 -4.19
N PRO N 4970 37.21 0.91 -3.05
CA PRO N 4970 38.62 1.32 -3.06
C PRO N 4970 39.51 0.24 -3.67
N HIS N 4971 40.25 0.62 -4.71
CA HIS N 4971 41.17 -0.29 -5.39
C HIS N 4971 40.44 -1.53 -5.91
N GLY N 4972 39.19 -1.33 -6.34
CA GLY N 4972 38.38 -2.47 -6.74
C GLY N 4972 38.96 -3.22 -7.92
N PHE N 4973 39.43 -2.48 -8.93
CA PHE N 4973 40.01 -3.14 -10.10
C PHE N 4973 41.28 -3.91 -9.73
N GLU N 4974 42.11 -3.32 -8.89
CA GLU N 4974 43.33 -4.01 -8.47
C GLU N 4974 42.99 -5.30 -7.73
N THR N 4975 42.03 -5.25 -6.80
CA THR N 4975 41.65 -6.46 -6.10
C THR N 4975 41.04 -7.48 -7.04
N HIS N 4976 40.23 -7.02 -8.00
CA HIS N 4976 39.61 -7.93 -8.96
C HIS N 4976 40.68 -8.66 -9.78
N THR N 4977 41.65 -7.92 -10.30
CA THR N 4977 42.68 -8.52 -11.15
C THR N 4977 43.73 -9.29 -10.37
N LEU N 4978 43.84 -9.07 -9.05
CA LEU N 4978 44.83 -9.80 -8.27
C LEU N 4978 44.25 -11.05 -7.62
N GLU N 4979 42.97 -11.00 -7.22
CA GLU N 4979 42.35 -12.10 -6.49
C GLU N 4979 41.17 -12.72 -7.23
N GLU N 4980 40.18 -11.91 -7.62
CA GLU N 4980 38.93 -12.47 -8.13
C GLU N 4980 39.14 -13.14 -9.49
N HIS N 4981 39.76 -12.44 -10.44
CA HIS N 4981 40.00 -12.96 -11.78
C HIS N 4981 41.50 -12.85 -12.06
N ASN N 4982 42.25 -13.89 -11.69
CA ASN N 4982 43.69 -13.90 -11.85
C ASN N 4982 44.09 -14.99 -12.84
N LEU N 4983 44.85 -14.59 -13.87
CA LEU N 4983 45.30 -15.56 -14.88
C LEU N 4983 46.15 -16.64 -14.24
N ALA N 4984 47.02 -16.25 -13.31
CA ALA N 4984 47.82 -17.24 -12.60
C ALA N 4984 46.94 -18.22 -11.85
N ASN N 4985 45.88 -17.72 -11.20
CA ASN N 4985 44.99 -18.61 -10.47
C ASN N 4985 44.27 -19.58 -11.40
N TYR N 4986 43.83 -19.09 -12.56
CA TYR N 4986 43.18 -20.00 -13.51
C TYR N 4986 44.15 -21.06 -14.02
N MET N 4987 45.39 -20.67 -14.34
CA MET N 4987 46.38 -21.66 -14.77
C MET N 4987 46.68 -22.66 -13.68
N PHE N 4988 46.82 -22.21 -12.43
CA PHE N 4988 47.02 -23.11 -11.31
C PHE N 4988 45.83 -24.03 -11.12
N PHE N 4989 44.60 -23.54 -11.31
CA PHE N 4989 43.44 -24.41 -11.18
C PHE N 4989 43.45 -25.49 -12.25
N LEU N 4990 43.80 -25.13 -13.49
CA LEU N 4990 43.89 -26.15 -14.52
C LEU N 4990 44.96 -27.19 -14.19
N MET N 4991 46.13 -26.74 -13.74
CA MET N 4991 47.20 -27.68 -13.38
C MET N 4991 46.77 -28.60 -12.24
N TYR N 4992 46.16 -28.01 -11.20
CA TYR N 4992 45.70 -28.78 -10.05
C TYR N 4992 44.61 -29.78 -10.45
N LEU N 4993 43.70 -29.37 -11.31
CA LEU N 4993 42.64 -30.27 -11.76
C LEU N 4993 43.20 -31.42 -12.57
N ILE N 4994 44.18 -31.14 -13.44
CA ILE N 4994 44.82 -32.21 -14.19
C ILE N 4994 45.53 -33.18 -13.26
N ASN N 4995 46.27 -32.66 -12.28
CA ASN N 4995 47.01 -33.53 -11.37
C ASN N 4995 46.07 -34.38 -10.52
N LYS N 4996 44.98 -33.77 -10.03
CA LYS N 4996 44.08 -34.48 -9.15
C LYS N 4996 43.41 -35.65 -9.86
N ASP N 4997 43.20 -36.73 -9.12
CA ASP N 4997 42.52 -37.90 -9.66
C ASP N 4997 41.06 -37.59 -9.93
N GLU N 4998 40.53 -38.15 -11.03
CA GLU N 4998 39.13 -37.92 -11.37
C GLU N 4998 38.20 -38.40 -10.27
N THR N 4999 38.52 -39.54 -9.66
CA THR N 4999 37.65 -40.07 -8.60
C THR N 4999 37.59 -39.12 -7.41
N GLU N 5000 38.64 -38.31 -7.22
CA GLU N 5000 38.69 -37.39 -6.10
C GLU N 5000 38.07 -36.03 -6.42
N HIS N 5001 37.68 -35.79 -7.67
CA HIS N 5001 37.13 -34.49 -8.04
C HIS N 5001 35.84 -34.23 -7.27
N THR N 5002 35.69 -32.99 -6.79
CA THR N 5002 34.44 -32.55 -6.19
C THR N 5002 33.41 -32.30 -7.30
N GLY N 5003 32.24 -31.81 -6.90
CA GLY N 5003 31.20 -31.54 -7.90
C GLY N 5003 31.59 -30.44 -8.86
N GLN N 5004 32.03 -29.29 -8.33
CA GLN N 5004 32.43 -28.18 -9.19
C GLN N 5004 33.65 -28.55 -10.04
N GLU N 5005 34.62 -29.23 -9.43
CA GLU N 5005 35.79 -29.65 -10.18
C GLU N 5005 35.43 -30.64 -11.28
N SER N 5006 34.49 -31.56 -11.02
CA SER N 5006 34.06 -32.49 -12.06
C SER N 5006 33.35 -31.75 -13.19
N TYR N 5007 32.51 -30.78 -12.83
CA TYR N 5007 31.85 -29.96 -13.86
C TYR N 5007 32.89 -29.28 -14.76
N VAL N 5008 33.86 -28.61 -14.15
CA VAL N 5008 34.86 -27.90 -14.94
C VAL N 5008 35.72 -28.87 -15.72
N TRP N 5009 36.00 -30.06 -15.15
CA TRP N 5009 36.80 -31.05 -15.84
C TRP N 5009 36.07 -31.56 -17.09
N LYS N 5010 34.78 -31.84 -16.97
CA LYS N 5010 34.01 -32.28 -18.13
C LYS N 5010 33.99 -31.19 -19.20
N MET N 5011 33.77 -29.94 -18.79
CA MET N 5011 33.76 -28.86 -19.78
C MET N 5011 35.12 -28.71 -20.45
N TYR N 5012 36.20 -28.83 -19.68
CA TYR N 5012 37.54 -28.73 -20.25
C TYR N 5012 37.81 -29.86 -21.23
N GLN N 5013 37.40 -31.08 -20.88
CA GLN N 5013 37.61 -32.21 -21.78
C GLN N 5013 36.81 -32.04 -23.06
N GLU N 5014 35.63 -31.43 -22.97
CA GLU N 5014 34.84 -31.12 -24.16
C GLU N 5014 35.30 -29.84 -24.86
N ARG N 5015 36.27 -29.12 -24.28
CA ARG N 5015 36.75 -27.86 -24.86
C ARG N 5015 35.63 -26.82 -24.92
N CYS N 5016 34.78 -26.83 -23.91
CA CYS N 5016 33.73 -25.82 -23.76
C CYS N 5016 34.19 -24.83 -22.71
N TRP N 5017 34.42 -23.58 -23.12
CA TRP N 5017 34.97 -22.55 -22.25
C TRP N 5017 33.88 -21.69 -21.62
N ASP N 5018 32.61 -22.12 -21.71
CA ASP N 5018 31.52 -21.35 -21.14
C ASP N 5018 31.66 -21.19 -19.63
N PHE N 5019 32.44 -22.04 -18.97
CA PHE N 5019 32.63 -21.91 -17.52
C PHE N 5019 33.45 -20.68 -17.19
N PHE N 5020 34.20 -20.16 -18.16
CA PHE N 5020 34.93 -18.92 -17.94
C PHE N 5020 33.94 -17.76 -17.84
N PRO N 5021 33.97 -16.97 -16.77
CA PRO N 5021 33.04 -15.84 -16.68
C PRO N 5021 33.30 -14.83 -17.79
N ALA N 5022 32.23 -14.40 -18.46
CA ALA N 5022 32.31 -13.48 -19.58
C ALA N 5022 31.23 -12.42 -19.40
N GLY N 5023 31.64 -11.19 -19.10
CA GLY N 5023 30.71 -10.13 -18.83
C GLY N 5023 30.01 -10.22 -17.50
N ASP N 5024 30.45 -11.11 -16.61
CA ASP N 5024 29.84 -11.30 -15.31
C ASP N 5024 30.92 -11.62 -14.30
N CYS N 5025 30.59 -11.39 -13.03
CA CYS N 5025 31.53 -11.60 -11.94
C CYS N 5025 30.74 -11.83 -10.66
N PHE N 5026 31.46 -12.19 -9.58
CA PHE N 5026 30.82 -12.38 -8.29
C PHE N 5026 30.17 -11.10 -7.78
N ARG N 5027 30.87 -9.96 -7.88
CA ARG N 5027 30.32 -8.69 -7.43
C ARG N 5027 29.03 -8.34 -8.17
N LYS N 5028 29.02 -8.49 -9.50
CA LYS N 5028 27.83 -8.14 -10.26
C LYS N 5028 26.71 -9.14 -10.01
N GLN N 5029 27.07 -10.42 -9.81
CA GLN N 5029 26.06 -11.43 -9.52
C GLN N 5029 25.36 -11.15 -8.20
N TYR N 5030 26.11 -10.77 -7.17
CA TYR N 5030 25.57 -10.55 -5.84
C TYR N 5030 25.72 -9.09 -5.41
N GLU N 5031 25.45 -8.17 -6.33
CA GLU N 5031 25.67 -6.76 -6.06
C GLU N 5031 24.84 -6.26 -4.89
N ASP N 5032 23.52 -6.49 -4.92
CA ASP N 5032 22.66 -5.91 -3.90
C ASP N 5032 22.97 -6.48 -2.52
N GLN N 5033 23.14 -7.80 -2.43
CA GLN N 5033 23.48 -8.40 -1.13
C GLN N 5033 24.85 -7.97 -0.66
N LEU N 5034 25.84 -7.95 -1.57
CA LEU N 5034 27.20 -7.60 -1.16
C LEU N 5034 27.26 -6.16 -0.67
N SER N 5035 26.58 -5.25 -1.35
CA SER N 5035 26.58 -3.84 -0.95
C SER N 5035 25.87 -3.66 0.38
N GLU O 11 5.12 17.39 18.53
CA GLU O 11 6.31 18.06 19.04
C GLU O 11 5.94 19.14 20.05
N VAL O 12 6.91 19.53 20.88
CA VAL O 12 6.69 20.58 21.85
C VAL O 12 6.75 21.93 21.16
N GLN O 13 5.99 22.90 21.67
CA GLN O 13 5.95 24.25 21.14
C GLN O 13 6.17 25.24 22.27
N PHE O 14 6.86 26.34 21.96
CA PHE O 14 7.23 27.35 22.93
C PHE O 14 6.53 28.66 22.59
N LEU O 15 5.88 29.26 23.59
CA LEU O 15 5.21 30.53 23.38
C LEU O 15 6.21 31.60 22.96
N ARG O 16 5.81 32.41 21.98
CA ARG O 16 6.62 33.52 21.49
C ARG O 16 5.81 34.81 21.56
N THR O 17 6.50 35.94 21.60
CA THR O 17 5.84 37.22 21.62
C THR O 17 4.96 37.38 20.37
N ASP O 18 3.90 38.17 20.52
CA ASP O 18 2.88 38.44 19.50
C ASP O 18 1.89 37.29 19.36
N ASP O 19 1.89 36.32 20.26
CA ASP O 19 0.95 35.22 20.23
C ASP O 19 -0.19 35.49 21.20
N GLU O 20 -1.42 35.46 20.70
CA GLU O 20 -2.58 35.61 21.55
C GLU O 20 -2.71 34.40 22.47
N VAL O 21 -2.97 34.67 23.75
CA VAL O 21 -3.06 33.63 24.76
C VAL O 21 -4.26 33.90 25.65
N VAL O 22 -4.66 32.87 26.41
CA VAL O 22 -5.69 32.99 27.42
C VAL O 22 -5.11 32.47 28.73
N LEU O 23 -5.27 33.26 29.79
CA LEU O 23 -4.86 32.86 31.13
C LEU O 23 -5.99 32.04 31.76
N GLN O 24 -5.70 30.79 32.08
CA GLN O 24 -6.72 29.85 32.54
C GLN O 24 -6.33 29.27 33.89
N CYS O 25 -7.32 29.15 34.76
CA CYS O 25 -7.13 28.56 36.09
C CYS O 25 -8.22 27.51 36.32
N SER O 26 -8.00 26.66 37.31
CA SER O 26 -8.92 25.57 37.63
C SER O 26 -9.31 25.65 39.10
N ALA O 27 -10.61 25.53 39.36
CA ALA O 27 -11.14 25.53 40.72
C ALA O 27 -12.14 24.39 40.86
N THR O 28 -12.10 23.70 42.00
CA THR O 28 -13.01 22.58 42.24
C THR O 28 -14.14 23.06 43.14
N VAL O 29 -15.32 23.22 42.56
CA VAL O 29 -16.51 23.67 43.28
C VAL O 29 -17.56 22.56 43.21
N LEU O 30 -18.08 22.19 44.38
CA LEU O 30 -19.13 21.17 44.47
C LEU O 30 -18.68 19.87 43.81
N LYS O 31 -17.44 19.46 44.08
CA LYS O 31 -16.88 18.21 43.57
C LYS O 31 -16.86 18.16 42.04
N GLU O 32 -16.86 19.32 41.39
CA GLU O 32 -16.81 19.41 39.93
C GLU O 32 -15.73 20.40 39.54
N GLN O 33 -14.71 19.92 38.84
CA GLN O 33 -13.64 20.81 38.37
C GLN O 33 -14.21 21.78 37.34
N LEU O 34 -13.80 23.04 37.45
CA LEU O 34 -14.28 24.11 36.58
C LEU O 34 -13.08 24.95 36.14
N LYS O 35 -13.00 25.21 34.84
CA LYS O 35 -11.92 25.99 34.26
C LYS O 35 -12.43 27.39 33.95
N LEU O 36 -11.66 28.40 34.33
CA LEU O 36 -12.05 29.79 34.19
C LEU O 36 -10.93 30.57 33.50
N CYS O 37 -11.32 31.44 32.57
CA CYS O 37 -10.37 32.28 31.84
C CYS O 37 -10.46 33.71 32.33
N LEU O 38 -9.31 34.34 32.53
CA LEU O 38 -9.30 35.74 32.92
C LEU O 38 -9.85 36.60 31.79
N ALA O 39 -10.68 37.58 32.15
CA ALA O 39 -11.34 38.40 31.13
C ALA O 39 -11.51 39.81 31.66
N ALA O 40 -11.71 40.75 30.74
CA ALA O 40 -11.96 42.14 31.10
C ALA O 40 -12.59 42.85 29.91
N GLU O 41 -13.57 43.71 30.19
CA GLU O 41 -14.23 44.45 29.13
C GLU O 41 -13.35 45.56 28.59
N GLY O 42 -12.64 46.27 29.47
CA GLY O 42 -11.77 47.34 29.05
C GLY O 42 -12.45 48.70 29.04
N PHE O 43 -13.44 48.87 28.17
CA PHE O 43 -14.16 50.12 28.05
C PHE O 43 -15.36 50.09 28.99
N GLY O 44 -15.41 51.04 29.92
CA GLY O 44 -16.48 51.11 30.89
C GLY O 44 -16.28 50.25 32.12
N ASN O 45 -15.33 49.32 32.09
CA ASN O 45 -15.03 48.46 33.23
C ASN O 45 -13.60 47.97 33.09
N ARG O 46 -12.72 48.47 33.95
CA ARG O 46 -11.29 48.18 33.87
C ARG O 46 -10.89 47.00 34.75
N LEU O 47 -11.83 46.41 35.47
CA LEU O 47 -11.54 45.37 36.45
C LEU O 47 -11.77 44.00 35.83
N CYS O 48 -10.86 43.07 36.11
CA CYS O 48 -10.92 41.75 35.50
C CYS O 48 -11.86 40.83 36.27
N PHE O 49 -12.53 39.96 35.53
CA PHE O 49 -13.37 38.92 36.12
C PHE O 49 -12.95 37.59 35.51
N LEU O 50 -13.72 36.55 35.81
CA LEU O 50 -13.43 35.19 35.36
C LEU O 50 -14.61 34.64 34.57
N GLU O 51 -14.35 34.21 33.35
CA GLU O 51 -15.38 33.62 32.51
C GLU O 51 -15.22 32.10 32.52
N PRO O 52 -16.20 31.34 33.02
CA PRO O 52 -16.06 29.88 32.98
C PRO O 52 -16.11 29.36 31.55
N THR O 53 -15.40 28.25 31.31
CA THR O 53 -15.35 27.64 29.99
C THR O 53 -15.51 26.13 30.03
N SER O 54 -15.83 25.54 31.18
CA SER O 54 -15.99 24.09 31.25
C SER O 54 -17.30 23.65 30.60
N ASN O 55 -18.32 24.49 30.64
CA ASN O 55 -19.62 24.18 30.05
C ASN O 55 -19.76 24.72 28.63
N ALA O 56 -18.65 24.78 27.88
CA ALA O 56 -18.70 25.38 26.55
C ALA O 56 -19.64 24.65 25.62
N GLN O 57 -19.82 23.34 25.84
CA GLN O 57 -20.62 22.55 24.91
C GLN O 57 -22.10 22.93 24.98
N ASN O 58 -22.57 23.38 26.15
CA ASN O 58 -23.97 23.76 26.30
C ASN O 58 -24.18 25.27 26.24
N VAL O 59 -23.21 26.05 26.74
CA VAL O 59 -23.31 27.50 26.74
C VAL O 59 -21.97 28.05 26.25
N PRO O 60 -21.91 28.69 25.09
CA PRO O 60 -20.62 29.12 24.55
C PRO O 60 -19.99 30.17 25.44
N PRO O 61 -18.66 30.14 25.60
CA PRO O 61 -17.98 31.17 26.38
C PRO O 61 -17.75 32.44 25.57
N ASP O 62 -17.39 33.51 26.28
CA ASP O 62 -17.15 34.81 25.69
C ASP O 62 -15.65 35.06 25.63
N LEU O 63 -15.02 34.61 24.54
CA LEU O 63 -13.58 34.73 24.37
C LEU O 63 -13.15 36.02 23.68
N ALA O 64 -14.08 36.83 23.20
CA ALA O 64 -13.70 38.07 22.53
C ALA O 64 -12.92 38.98 23.46
N ILE O 65 -13.05 38.80 24.77
CA ILE O 65 -12.40 39.65 25.76
C ILE O 65 -11.37 38.90 26.59
N CYS O 66 -11.16 37.61 26.34
CA CYS O 66 -10.24 36.79 27.11
C CYS O 66 -8.86 36.67 26.47
N CYS O 67 -8.64 37.29 25.32
CA CYS O 67 -7.41 37.12 24.55
C CYS O 67 -6.44 38.25 24.85
N PHE O 68 -5.19 37.89 25.15
CA PHE O 68 -4.12 38.85 25.40
C PHE O 68 -2.96 38.56 24.47
N ILE O 69 -2.38 39.62 23.92
CA ILE O 69 -1.17 39.53 23.10
C ILE O 69 0.05 39.70 24.00
N LEU O 70 1.05 38.84 23.79
CA LEU O 70 2.32 38.91 24.49
C LEU O 70 3.24 39.85 23.72
N GLU O 71 3.17 41.14 24.04
CA GLU O 71 3.95 42.11 23.28
C GLU O 71 5.45 41.90 23.45
N GLN O 72 5.90 41.83 24.70
CA GLN O 72 7.32 41.85 25.00
C GLN O 72 7.64 40.92 26.15
N SER O 73 8.81 40.30 26.08
CA SER O 73 9.35 39.50 27.17
C SER O 73 10.76 39.99 27.45
N LEU O 74 10.99 40.44 28.68
CA LEU O 74 12.24 41.07 29.05
C LEU O 74 12.75 40.48 30.36
N SER O 75 14.07 40.37 30.48
CA SER O 75 14.67 40.02 31.75
C SER O 75 14.45 41.16 32.73
N VAL O 76 14.52 40.84 34.03
CA VAL O 76 14.26 41.85 35.04
C VAL O 76 15.28 42.98 34.95
N ARG O 77 16.55 42.63 34.74
CA ARG O 77 17.58 43.65 34.65
C ARG O 77 17.37 44.54 33.42
N ALA O 78 17.07 43.94 32.27
CA ALA O 78 16.82 44.72 31.08
C ALA O 78 15.60 45.61 31.24
N LEU O 79 14.57 45.10 31.92
CA LEU O 79 13.38 45.90 32.18
C LEU O 79 13.73 47.10 33.06
N GLN O 80 14.54 46.88 34.09
CA GLN O 80 14.97 47.99 34.94
C GLN O 80 15.72 49.03 34.12
N GLU O 81 16.65 48.58 33.26
CA GLU O 81 17.37 49.53 32.42
C GLU O 81 16.44 50.30 31.50
N MET O 82 15.48 49.60 30.89
CA MET O 82 14.54 50.25 29.97
C MET O 82 13.72 51.30 30.70
N LEU O 83 13.23 50.97 31.90
CA LEU O 83 12.47 51.94 32.68
C LEU O 83 13.35 53.13 33.06
N ALA O 84 14.60 52.88 33.44
CA ALA O 84 15.49 53.97 33.82
C ALA O 84 15.73 54.90 32.65
N ASN O 85 15.96 54.36 31.46
CA ASN O 85 16.17 55.18 30.27
C ASN O 85 14.94 56.03 29.97
N HIS O 99 10.05 38.04 16.84
CA HIS O 99 9.44 37.24 17.89
C HIS O 99 10.51 36.59 18.76
N ARG O 100 10.36 36.71 20.08
CA ARG O 100 11.33 36.20 21.03
C ARG O 100 10.68 35.15 21.92
N THR O 101 11.34 34.02 22.07
CA THR O 101 10.80 32.94 22.89
C THR O 101 10.72 33.38 24.35
N LEU O 102 9.64 32.99 25.03
CA LEU O 102 9.50 33.29 26.44
C LEU O 102 10.33 32.33 27.28
N LEU O 103 11.09 32.88 28.21
CA LEU O 103 11.92 32.11 29.13
C LEU O 103 11.51 32.42 30.56
N TYR O 104 11.50 31.39 31.40
CA TYR O 104 11.09 31.56 32.78
C TYR O 104 11.95 32.61 33.47
N GLY O 105 11.32 33.46 34.27
CA GLY O 105 11.98 34.54 34.95
C GLY O 105 11.91 35.87 34.25
N HIS O 106 11.53 35.89 32.98
CA HIS O 106 11.38 37.13 32.24
C HIS O 106 10.06 37.82 32.60
N ALA O 107 10.00 39.12 32.32
CA ALA O 107 8.82 39.91 32.56
C ALA O 107 8.08 40.16 31.25
N ILE O 108 6.80 39.82 31.22
CA ILE O 108 6.01 39.83 30.00
C ILE O 108 5.01 40.98 30.04
N LEU O 109 4.62 41.45 28.86
CA LEU O 109 3.61 42.49 28.74
C LEU O 109 2.40 41.93 28.01
N LEU O 110 1.24 42.03 28.65
CA LEU O 110 -0.02 41.48 28.13
C LEU O 110 -0.91 42.63 27.71
N ARG O 111 -1.25 42.69 26.43
CA ARG O 111 -2.16 43.70 25.90
C ARG O 111 -3.49 43.04 25.55
N HIS O 112 -4.57 43.51 26.15
CA HIS O 112 -5.90 43.02 25.84
C HIS O 112 -6.17 43.17 24.34
N ALA O 113 -6.62 42.08 23.72
CA ALA O 113 -6.80 42.08 22.28
C ALA O 113 -7.88 43.08 21.85
N HIS O 114 -8.97 43.17 22.63
CA HIS O 114 -10.08 44.04 22.26
C HIS O 114 -9.79 45.50 22.58
N SER O 115 -9.57 45.81 23.86
CA SER O 115 -9.44 47.21 24.28
C SER O 115 -8.04 47.76 24.07
N ARG O 116 -7.05 46.89 23.81
CA ARG O 116 -5.67 47.32 23.61
C ARG O 116 -5.10 48.01 24.84
N MET O 117 -5.61 47.66 26.02
CA MET O 117 -5.09 48.15 27.29
C MET O 117 -4.28 47.05 27.96
N TYR O 118 -3.27 47.44 28.72
CA TYR O 118 -2.30 46.49 29.25
C TYR O 118 -2.71 46.00 30.63
N LEU O 119 -2.70 44.68 30.80
CA LEU O 119 -3.02 44.08 32.08
C LEU O 119 -2.02 44.54 33.13
N SER O 120 -2.55 44.98 34.28
CA SER O 120 -1.71 45.56 35.32
C SER O 120 -2.34 45.31 36.67
N CYS O 121 -1.51 45.41 37.72
CA CYS O 121 -1.98 45.29 39.09
C CYS O 121 -2.34 46.68 39.60
N LEU O 122 -3.63 46.88 39.90
CA LEU O 122 -4.11 48.19 40.30
C LEU O 122 -3.79 48.48 41.75
N THR O 123 -3.74 49.77 42.09
CA THR O 123 -3.51 50.18 43.47
C THR O 123 -4.77 49.96 44.32
N THR O 124 -5.93 50.20 43.73
CA THR O 124 -7.19 50.06 44.46
C THR O 124 -7.47 48.59 44.77
N SER O 125 -8.26 48.37 45.81
CA SER O 125 -8.64 47.02 46.23
C SER O 125 -10.09 47.03 46.67
N ARG O 126 -10.84 46.03 46.22
CA ARG O 126 -12.22 45.84 46.64
C ARG O 126 -12.38 44.65 47.59
N SER O 127 -11.39 43.76 47.65
CA SER O 127 -11.49 42.55 48.46
C SER O 127 -11.72 42.90 49.93
N MET O 128 -12.90 42.57 50.45
CA MET O 128 -13.17 42.79 51.87
C MET O 128 -12.46 41.75 52.73
N THR O 129 -12.43 40.50 52.28
CA THR O 129 -11.80 39.45 53.06
C THR O 129 -10.30 39.69 53.21
N ASP O 130 -9.63 40.07 52.13
CA ASP O 130 -8.19 40.28 52.13
C ASP O 130 -7.90 41.77 52.11
N LYS O 131 -7.20 42.25 53.14
CA LYS O 131 -6.79 43.64 53.20
C LYS O 131 -5.46 43.90 52.52
N LEU O 132 -4.68 42.85 52.24
CA LEU O 132 -3.40 43.03 51.57
C LEU O 132 -3.51 42.88 50.06
N ALA O 133 -4.60 42.27 49.57
CA ALA O 133 -4.74 42.00 48.14
C ALA O 133 -5.01 43.28 47.36
N PHE O 134 -4.71 43.24 46.06
CA PHE O 134 -4.97 44.35 45.16
C PHE O 134 -5.83 43.87 44.00
N ASP O 135 -6.57 44.80 43.41
CA ASP O 135 -7.36 44.47 42.23
C ASP O 135 -6.47 44.37 41.01
N VAL O 136 -6.91 43.55 40.05
CA VAL O 136 -6.21 43.35 38.79
C VAL O 136 -7.10 43.85 37.67
N GLY O 137 -6.57 44.72 36.83
CA GLY O 137 -7.35 45.31 35.77
C GLY O 137 -6.49 45.77 34.62
N LEU O 138 -7.07 46.61 33.78
CA LEU O 138 -6.42 47.12 32.57
C LEU O 138 -6.09 48.59 32.74
N GLN O 139 -4.99 49.03 32.14
CA GLN O 139 -4.61 50.43 32.12
C GLN O 139 -4.26 50.85 30.69
N GLU O 140 -4.51 52.13 30.40
CA GLU O 140 -4.47 52.59 29.02
C GLU O 140 -3.07 52.47 28.42
N ASP O 141 -2.04 52.87 29.16
CA ASP O 141 -0.68 52.96 28.64
C ASP O 141 0.21 51.95 29.34
N ALA O 142 1.24 51.50 28.62
CA ALA O 142 2.20 50.53 29.13
C ALA O 142 3.28 51.19 29.98
N THR O 143 3.12 52.45 30.35
CA THR O 143 4.12 53.12 31.17
C THR O 143 4.08 52.59 32.60
N GLY O 144 5.24 52.59 33.24
CA GLY O 144 5.36 52.13 34.62
C GLY O 144 5.59 50.64 34.70
N GLU O 145 5.81 50.18 35.93
CA GLU O 145 6.06 48.77 36.21
C GLU O 145 4.82 48.04 36.71
N ALA O 146 3.66 48.70 36.74
CA ALA O 146 2.45 48.03 37.18
C ALA O 146 1.94 47.04 36.13
N CYS O 147 2.18 47.35 34.85
CA CYS O 147 1.69 46.50 33.77
C CYS O 147 2.58 45.31 33.47
N TRP O 148 3.72 45.17 34.14
CA TRP O 148 4.68 44.12 33.85
C TRP O 148 4.51 42.97 34.85
N TRP O 149 4.49 41.75 34.33
CA TRP O 149 4.37 40.55 35.13
C TRP O 149 5.52 39.60 34.83
N THR O 150 6.01 38.94 35.86
CA THR O 150 7.15 38.03 35.75
C THR O 150 6.65 36.60 35.97
N MET O 151 7.21 35.67 35.22
CA MET O 151 6.77 34.28 35.25
C MET O 151 7.69 33.45 36.14
N HIS O 152 7.15 32.40 36.74
CA HIS O 152 7.93 31.45 37.49
C HIS O 152 7.39 30.04 37.27
N PRO O 153 8.24 29.02 37.34
CA PRO O 153 7.77 27.65 37.14
C PRO O 153 6.96 27.15 38.33
N ALA O 154 5.92 26.37 38.03
CA ALA O 154 5.07 25.81 39.07
C ALA O 154 5.63 24.53 39.68
N SER O 155 6.71 23.98 39.14
CA SER O 155 7.27 22.74 39.62
C SER O 155 8.80 22.81 39.54
N LYS O 156 9.44 21.94 40.32
CA LYS O 156 10.89 21.82 40.23
C LYS O 156 11.32 21.29 38.87
N GLN O 157 10.42 20.61 38.16
CA GLN O 157 10.76 20.12 36.83
C GLN O 157 11.26 21.24 35.94
N ARG O 158 10.52 22.34 35.86
CA ARG O 158 10.95 23.49 35.08
C ARG O 158 11.97 24.30 35.89
N SER O 159 12.83 25.02 35.16
CA SER O 159 13.92 25.75 35.77
C SER O 159 13.96 27.17 35.24
N GLU O 160 14.44 28.10 36.06
CA GLU O 160 14.60 29.47 35.62
C GLU O 160 15.51 29.53 34.41
N GLY O 161 15.07 30.28 33.40
CA GLY O 161 15.79 30.38 32.14
C GLY O 161 15.35 29.38 31.09
N GLU O 162 14.53 28.39 31.48
CA GLU O 162 14.00 27.45 30.50
C GLU O 162 12.92 28.11 29.66
N LYS O 163 12.88 27.76 28.38
CA LYS O 163 11.85 28.29 27.50
C LYS O 163 10.49 27.79 27.92
N VAL O 164 9.51 28.70 27.97
CA VAL O 164 8.17 28.30 28.38
C VAL O 164 7.56 27.40 27.31
N ARG O 165 6.82 26.38 27.76
CA ARG O 165 6.20 25.41 26.88
C ARG O 165 4.69 25.53 26.99
N VAL O 166 4.00 25.36 25.86
CA VAL O 166 2.55 25.40 25.85
C VAL O 166 2.01 24.36 26.82
N GLY O 167 1.03 24.75 27.62
CA GLY O 167 0.41 23.87 28.58
C GLY O 167 1.12 23.80 29.93
N ASP O 168 2.18 24.55 30.13
CA ASP O 168 2.87 24.54 31.42
C ASP O 168 2.02 25.21 32.48
N ASP O 169 2.11 24.70 33.70
CA ASP O 169 1.58 25.38 34.88
C ASP O 169 2.64 26.35 35.37
N LEU O 170 2.27 27.62 35.51
CA LEU O 170 3.21 28.67 35.83
C LEU O 170 2.54 29.71 36.72
N ILE O 171 3.37 30.52 37.38
CA ILE O 171 2.93 31.46 38.40
C ILE O 171 3.32 32.86 37.96
N LEU O 172 2.38 33.80 38.07
CA LEU O 172 2.61 35.19 37.70
C LEU O 172 2.81 36.02 38.96
N VAL O 173 3.85 36.85 38.96
CA VAL O 173 4.10 37.80 40.05
C VAL O 173 4.15 39.20 39.46
N SER O 174 3.67 40.17 40.24
CA SER O 174 3.65 41.55 39.80
C SER O 174 4.96 42.22 40.17
N VAL O 175 5.61 42.84 39.17
CA VAL O 175 6.86 43.54 39.43
C VAL O 175 6.64 44.69 40.40
N SER O 176 5.54 45.41 40.24
CA SER O 176 5.30 46.60 41.06
C SER O 176 4.95 46.23 42.50
N SER O 177 4.09 45.25 42.69
CA SER O 177 3.53 44.95 44.01
C SER O 177 4.04 43.65 44.62
N GLU O 178 4.84 42.89 43.90
CA GLU O 178 5.38 41.63 44.42
C GLU O 178 4.26 40.72 44.93
N ARG O 179 3.17 40.64 44.16
CA ARG O 179 2.00 39.85 44.52
C ARG O 179 1.68 38.87 43.39
N TYR O 180 1.10 37.74 43.78
CA TYR O 180 0.75 36.68 42.84
C TYR O 180 -0.62 36.95 42.23
N LEU O 181 -0.73 36.68 40.92
CA LEU O 181 -2.05 36.63 40.31
C LEU O 181 -2.83 35.45 40.87
N HIS O 182 -3.80 35.75 41.72
CA HIS O 182 -4.39 34.76 42.61
C HIS O 182 -5.88 34.63 42.38
N LEU O 183 -6.37 33.39 42.43
CA LEU O 183 -7.79 33.10 42.36
C LEU O 183 -8.38 33.14 43.77
N SER O 184 -9.37 34.02 43.95
CA SER O 184 -9.98 34.24 45.27
C SER O 184 -11.25 33.41 45.39
N THR O 185 -11.21 32.38 46.23
CA THR O 185 -12.36 31.53 46.51
C THR O 185 -12.99 31.86 47.86
N ALA O 186 -12.59 32.96 48.49
CA ALA O 186 -13.09 33.28 49.82
C ALA O 186 -14.59 33.54 49.79
N SER O 187 -15.02 34.55 49.03
CA SER O 187 -16.44 34.84 48.92
C SER O 187 -17.14 33.76 48.09
N GLY O 188 -18.47 33.84 48.04
CA GLY O 188 -19.22 32.88 47.26
C GLY O 188 -18.82 32.89 45.80
N GLU O 189 -18.60 34.07 45.24
CA GLU O 189 -18.19 34.18 43.84
C GLU O 189 -16.69 33.98 43.71
N LEU O 190 -16.26 33.52 42.54
CA LEU O 190 -14.84 33.36 42.24
C LEU O 190 -14.33 34.64 41.58
N GLN O 191 -13.28 35.22 42.17
CA GLN O 191 -12.72 36.48 41.71
C GLN O 191 -11.22 36.32 41.53
N VAL O 192 -10.64 37.24 40.74
CA VAL O 192 -9.21 37.28 40.48
C VAL O 192 -8.64 38.54 41.09
N ASP O 193 -7.56 38.41 41.84
CA ASP O 193 -6.92 39.53 42.51
C ASP O 193 -5.45 39.21 42.73
N ALA O 194 -4.67 40.25 43.00
CA ALA O 194 -3.24 40.13 43.25
C ALA O 194 -3.02 40.06 44.75
N SER O 195 -2.67 38.87 45.25
CA SER O 195 -2.47 38.64 46.68
C SER O 195 -1.15 37.89 46.87
N PHE O 196 -0.79 37.71 48.15
CA PHE O 196 0.46 37.03 48.46
C PHE O 196 0.34 35.52 48.27
N MET O 197 -0.88 34.99 48.26
CA MET O 197 -1.06 33.58 47.95
C MET O 197 -0.99 33.35 46.44
N GLN O 198 -0.41 32.22 46.06
CA GLN O 198 -0.12 31.93 44.66
C GLN O 198 -1.17 31.00 44.07
N THR O 199 -1.35 31.11 42.76
CA THR O 199 -2.20 30.21 41.99
C THR O 199 -1.48 29.86 40.69
N LEU O 200 -1.76 28.66 40.18
CA LEU O 200 -1.11 28.17 38.97
C LEU O 200 -1.97 28.47 37.75
N TRP O 201 -1.42 29.21 36.81
CA TRP O 201 -2.12 29.63 35.61
C TRP O 201 -1.53 28.94 34.39
N ASN O 202 -2.37 28.76 33.37
CA ASN O 202 -1.94 28.20 32.10
C ASN O 202 -2.15 29.24 31.00
N MET O 203 -1.12 29.47 30.19
CA MET O 203 -1.23 30.37 29.04
C MET O 203 -1.58 29.51 27.83
N ASN O 204 -2.86 29.23 27.67
CA ASN O 204 -3.24 28.43 26.50
C ASN O 204 -3.14 29.30 25.24
N PRO O 205 -2.47 28.81 24.19
CA PRO O 205 -2.27 29.65 23.00
C PRO O 205 -3.48 29.69 22.10
N ILE O 206 -3.90 30.89 21.72
CA ILE O 206 -5.05 31.03 20.82
C ILE O 206 -4.57 31.03 19.37
N CYS O 207 -3.51 31.79 19.08
CA CYS O 207 -2.94 31.82 17.74
C CYS O 207 -1.49 32.29 17.85
N SER O 208 -0.70 31.95 16.83
CA SER O 208 0.70 32.35 16.77
C SER O 208 0.94 33.29 15.61
N GLY O 209 0.58 32.86 14.41
CA GLY O 209 0.73 33.67 13.22
C GLY O 209 -0.11 33.13 12.09
N CYS O 210 -0.74 34.05 11.36
CA CYS O 210 -1.69 33.72 10.32
C CYS O 210 -1.06 33.93 8.95
N GLU O 211 -1.15 32.92 8.10
CA GLU O 211 -0.73 33.07 6.71
C GLU O 211 -1.58 34.13 6.03
N GLU O 212 -0.95 34.94 5.19
CA GLU O 212 -1.64 36.09 4.61
C GLU O 212 -2.87 35.65 3.83
N GLY O 213 -3.98 36.34 4.07
CA GLY O 213 -5.19 36.12 3.31
C GLY O 213 -5.99 34.88 3.68
N PHE O 214 -5.63 34.20 4.76
CA PHE O 214 -6.28 32.96 5.15
C PHE O 214 -7.14 33.19 6.38
N VAL O 215 -8.35 32.61 6.37
CA VAL O 215 -9.26 32.76 7.48
C VAL O 215 -8.80 31.89 8.65
N THR O 216 -8.90 32.44 9.86
CA THR O 216 -8.62 31.68 11.07
C THR O 216 -9.79 31.89 12.03
N GLY O 217 -9.90 31.01 13.01
CA GLY O 217 -10.95 31.15 14.00
C GLY O 217 -10.81 32.43 14.80
N GLY O 218 -11.96 32.99 15.17
CA GLY O 218 -11.99 34.15 16.02
C GLY O 218 -11.89 35.49 15.34
N HIS O 219 -11.96 35.55 14.01
CA HIS O 219 -12.02 36.82 13.30
C HIS O 219 -13.47 37.28 13.17
N VAL O 220 -13.67 38.58 13.29
CA VAL O 220 -14.92 39.22 12.91
C VAL O 220 -14.89 39.46 11.41
N LEU O 221 -15.95 39.08 10.71
CA LEU O 221 -15.95 39.13 9.26
C LEU O 221 -17.38 39.18 8.76
N ARG O 222 -17.52 39.48 7.47
CA ARG O 222 -18.82 39.51 6.80
C ARG O 222 -18.92 38.34 5.84
N LEU O 223 -20.12 37.76 5.73
CA LEU O 223 -20.39 36.65 4.84
C LEU O 223 -21.20 37.19 3.67
N PHE O 224 -20.53 37.44 2.55
CA PHE O 224 -21.17 37.98 1.36
C PHE O 224 -21.72 36.86 0.50
N HIS O 225 -22.88 37.11 -0.12
CA HIS O 225 -23.49 36.15 -1.02
C HIS O 225 -22.65 36.09 -2.29
N GLY O 226 -21.75 35.10 -2.32
CA GLY O 226 -20.84 34.96 -3.44
C GLY O 226 -20.05 36.24 -3.67
N HIS O 227 -20.36 36.93 -4.75
CA HIS O 227 -19.85 38.27 -5.02
C HIS O 227 -20.96 39.19 -5.49
N MET O 228 -22.18 38.96 -5.01
CA MET O 228 -23.35 39.71 -5.42
C MET O 228 -23.59 40.96 -4.58
N ASP O 229 -22.66 41.29 -3.68
CA ASP O 229 -22.76 42.50 -2.87
C ASP O 229 -23.80 42.34 -1.76
N GLU O 230 -24.44 41.18 -1.68
CA GLU O 230 -25.32 40.90 -0.56
C GLU O 230 -24.53 40.24 0.56
N CYS O 231 -24.92 40.53 1.80
CA CYS O 231 -24.28 39.98 2.98
C CYS O 231 -25.34 39.44 3.93
N LEU O 232 -24.92 38.47 4.74
CA LEU O 232 -25.79 37.89 5.75
C LEU O 232 -25.87 38.83 6.94
N THR O 233 -27.10 39.16 7.36
CA THR O 233 -27.29 40.13 8.41
C THR O 233 -28.56 39.79 9.19
N ILE O 234 -28.85 40.63 10.18
CA ILE O 234 -30.11 40.54 10.93
C ILE O 234 -30.86 41.85 10.76
N SER O 235 -32.11 41.87 11.18
CA SER O 235 -32.95 43.04 10.95
C SER O 235 -32.39 44.25 11.70
N PRO O 236 -32.66 45.45 11.21
CA PRO O 236 -32.18 46.65 11.91
C PRO O 236 -32.72 46.72 13.33
N SER O 237 -32.09 47.57 14.13
CA SER O 237 -32.51 47.75 15.52
C SER O 237 -33.92 48.30 15.57
N ASP O 238 -34.65 47.90 16.61
CA ASP O 238 -36.05 48.28 16.86
C ASP O 238 -37.00 47.62 15.88
N SER O 239 -36.55 46.61 15.12
CA SER O 239 -37.42 45.92 14.20
C SER O 239 -38.44 45.06 14.95
N ASP O 240 -39.58 44.83 14.31
CA ASP O 240 -40.65 44.08 14.92
C ASP O 240 -40.35 42.59 15.05
N ASP O 241 -39.41 42.07 14.27
CA ASP O 241 -39.07 40.65 14.35
C ASP O 241 -38.22 40.31 15.56
N GLN O 242 -37.86 41.31 16.38
CA GLN O 242 -37.06 41.16 17.59
C GLN O 242 -35.62 40.78 17.27
N ARG O 243 -35.16 41.01 16.03
CA ARG O 243 -33.77 40.77 15.66
C ARG O 243 -33.39 39.30 15.81
N ARG O 244 -34.36 38.40 15.69
CA ARG O 244 -34.13 36.97 15.81
C ARG O 244 -34.06 36.27 14.45
N LEU O 245 -34.13 37.02 13.35
CA LEU O 245 -34.18 36.46 12.02
C LEU O 245 -32.97 36.92 11.22
N VAL O 246 -32.62 36.13 10.20
CA VAL O 246 -31.43 36.38 9.38
C VAL O 246 -31.88 36.58 7.94
N TYR O 247 -31.25 37.55 7.26
CA TYR O 247 -31.58 37.89 5.88
C TYR O 247 -30.30 38.07 5.07
N TYR O 248 -30.47 38.07 3.76
CA TYR O 248 -29.44 38.52 2.83
C TYR O 248 -29.81 39.91 2.35
N GLU O 249 -28.96 40.89 2.65
CA GLU O 249 -29.26 42.28 2.30
C GLU O 249 -28.02 42.92 1.69
N GLY O 250 -28.24 43.84 0.75
CA GLY O 250 -27.13 44.39 -0.02
C GLY O 250 -27.20 45.88 -0.26
N GLY O 251 -27.84 46.61 0.65
CA GLY O 251 -27.87 48.05 0.58
C GLY O 251 -26.61 48.65 1.18
N PRO O 252 -26.76 49.67 2.02
CA PRO O 252 -25.60 50.17 2.78
C PRO O 252 -25.27 49.36 4.02
N VAL O 253 -26.02 48.29 4.29
CA VAL O 253 -25.76 47.47 5.47
C VAL O 253 -24.38 46.84 5.42
N CYS O 254 -23.83 46.66 4.21
CA CYS O 254 -22.51 46.05 4.10
C CYS O 254 -21.43 46.88 4.79
N THR O 255 -21.71 48.15 5.07
CA THR O 255 -20.78 49.01 5.80
C THR O 255 -21.17 49.18 7.27
N HIS O 256 -22.28 48.59 7.70
CA HIS O 256 -22.73 48.73 9.08
C HIS O 256 -22.23 47.57 9.93
N ALA O 257 -22.56 47.62 11.22
CA ALA O 257 -22.04 46.67 12.20
C ALA O 257 -23.05 45.58 12.56
N ARG O 258 -24.24 45.60 11.97
CA ARG O 258 -25.23 44.56 12.23
C ARG O 258 -25.08 43.38 11.29
N SER O 259 -24.08 43.42 10.39
CA SER O 259 -23.78 42.32 9.50
C SER O 259 -22.42 41.71 9.80
N LEU O 260 -21.86 41.94 10.98
CA LEU O 260 -20.54 41.46 11.36
C LEU O 260 -20.69 40.20 12.20
N TRP O 261 -20.03 39.12 11.77
CA TRP O 261 -20.10 37.84 12.46
C TRP O 261 -18.70 37.39 12.87
N ARG O 262 -18.66 36.60 13.93
CA ARG O 262 -17.42 36.06 14.47
C ARG O 262 -17.47 34.54 14.41
N LEU O 263 -16.39 33.93 13.93
CA LEU O 263 -16.30 32.48 13.82
C LEU O 263 -15.60 31.93 15.05
N GLU O 264 -16.27 31.04 15.78
CA GLU O 264 -15.74 30.50 17.02
C GLU O 264 -15.63 28.98 16.91
N PRO O 265 -14.43 28.42 16.77
CA PRO O 265 -14.32 26.95 16.78
C PRO O 265 -14.76 26.39 18.12
N LEU O 266 -15.28 25.14 18.07
CA LEU O 266 -15.77 24.51 19.29
C LEU O 266 -14.65 24.27 20.29
N ARG O 267 -13.40 24.33 19.86
CA ARG O 267 -12.27 24.15 20.74
C ARG O 267 -11.83 25.50 21.31
N ILE O 268 -11.44 25.51 22.58
CA ILE O 268 -11.01 26.75 23.21
C ILE O 268 -9.54 27.03 22.88
N SER O 269 -8.66 26.06 23.13
CA SER O 269 -7.24 26.22 22.86
C SER O 269 -6.99 26.10 21.36
N TRP O 270 -6.08 26.94 20.87
CA TRP O 270 -5.76 27.00 19.43
C TRP O 270 -7.02 27.34 18.61
N SER O 271 -7.96 28.04 19.24
CA SER O 271 -9.17 28.44 18.52
C SER O 271 -8.88 29.48 17.45
N GLY O 272 -7.69 30.06 17.45
CA GLY O 272 -7.32 31.03 16.43
C GLY O 272 -6.54 30.39 15.30
N SER O 273 -6.64 29.07 15.18
CA SER O 273 -5.93 28.34 14.15
C SER O 273 -6.60 28.55 12.79
N HIS O 274 -5.90 28.11 11.74
CA HIS O 274 -6.46 28.20 10.40
C HIS O 274 -7.76 27.41 10.30
N LEU O 275 -8.73 28.00 9.62
CA LEU O 275 -10.05 27.39 9.52
C LEU O 275 -10.08 26.38 8.38
N ARG O 276 -10.34 25.12 8.73
CA ARG O 276 -10.30 24.02 7.78
C ARG O 276 -11.70 23.65 7.33
N TRP O 277 -11.80 23.08 6.13
CA TRP O 277 -13.07 22.61 5.62
C TRP O 277 -13.64 21.53 6.54
N GLY O 278 -14.93 21.63 6.82
CA GLY O 278 -15.60 20.66 7.66
C GLY O 278 -15.41 20.86 9.14
N GLN O 279 -14.70 21.89 9.56
CA GLN O 279 -14.48 22.13 10.98
C GLN O 279 -15.77 22.64 11.62
N PRO O 280 -16.30 21.99 12.65
CA PRO O 280 -17.49 22.52 13.32
C PRO O 280 -17.16 23.83 14.03
N LEU O 281 -18.10 24.76 14.00
CA LEU O 281 -17.88 26.08 14.58
C LEU O 281 -19.23 26.74 14.84
N ARG O 282 -19.20 27.81 15.62
CA ARG O 282 -20.37 28.63 15.90
C ARG O 282 -20.18 30.00 15.25
N ILE O 283 -21.24 30.50 14.63
CA ILE O 283 -21.22 31.84 14.05
C ILE O 283 -21.98 32.77 14.99
N ARG O 284 -21.26 33.69 15.61
CA ARG O 284 -21.83 34.61 16.59
C ARG O 284 -22.08 35.96 15.95
N HIS O 285 -23.19 36.59 16.32
CA HIS O 285 -23.43 37.96 15.88
C HIS O 285 -22.80 38.92 16.89
N VAL O 286 -21.79 39.66 16.44
CA VAL O 286 -20.96 40.43 17.36
C VAL O 286 -21.79 41.45 18.13
N THR O 287 -22.66 42.18 17.43
CA THR O 287 -23.33 43.32 18.07
C THR O 287 -24.36 42.87 19.09
N THR O 288 -25.14 41.85 18.78
CA THR O 288 -26.19 41.38 19.68
C THR O 288 -25.73 40.23 20.58
N GLY O 289 -24.61 39.60 20.26
CA GLY O 289 -24.16 38.47 21.07
C GLY O 289 -25.08 37.29 21.02
N ARG O 290 -25.69 37.03 19.87
CA ARG O 290 -26.60 35.91 19.67
C ARG O 290 -26.03 35.01 18.59
N TYR O 291 -26.07 33.70 18.84
CA TYR O 291 -25.44 32.75 17.94
C TYR O 291 -26.43 32.24 16.89
N LEU O 292 -25.92 32.06 15.68
CA LEU O 292 -26.71 31.50 14.59
C LEU O 292 -26.94 30.02 14.85
N GLY O 293 -28.21 29.61 14.84
CA GLY O 293 -28.55 28.24 15.16
C GLY O 293 -29.84 27.81 14.48
N LEU O 294 -30.17 26.54 14.69
CA LEU O 294 -31.35 25.91 14.11
C LEU O 294 -32.33 25.56 15.24
N THR O 295 -33.49 26.19 15.21
CA THR O 295 -34.57 25.88 16.14
C THR O 295 -35.67 25.13 15.39
N GLU O 296 -36.13 24.03 15.97
CA GLU O 296 -37.12 23.20 15.29
C GLU O 296 -38.40 23.98 15.00
N ASP O 297 -38.80 24.87 15.91
CA ASP O 297 -40.05 25.59 15.73
C ASP O 297 -39.91 26.69 14.67
N GLN O 298 -38.81 27.43 14.68
CA GLN O 298 -38.65 28.60 13.83
C GLN O 298 -37.53 28.44 12.81
N GLY O 299 -37.00 27.23 12.62
CA GLY O 299 -35.93 27.03 11.66
C GLY O 299 -34.66 27.75 12.02
N LEU O 300 -34.14 28.55 11.09
CA LEU O 300 -32.86 29.24 11.27
C LEU O 300 -33.12 30.59 11.92
N VAL O 301 -32.53 30.80 13.11
CA VAL O 301 -32.64 32.05 13.84
C VAL O 301 -31.28 32.34 14.50
N VAL O 302 -31.23 33.45 15.22
CA VAL O 302 -30.09 33.76 16.08
C VAL O 302 -30.55 33.59 17.51
N VAL O 303 -30.09 32.52 18.15
CA VAL O 303 -30.54 32.17 19.49
C VAL O 303 -29.62 32.82 20.51
N ASP O 304 -30.10 32.90 21.75
CA ASP O 304 -29.30 33.43 22.83
C ASP O 304 -28.17 32.47 23.19
N ALA O 305 -27.15 33.02 23.86
CA ALA O 305 -26.02 32.19 24.26
C ALA O 305 -26.46 31.06 25.18
N SER O 306 -27.36 31.36 26.12
CA SER O 306 -27.82 30.32 27.04
C SER O 306 -28.47 29.16 26.32
N LYS O 307 -29.14 29.42 25.20
CA LYS O 307 -29.80 28.39 24.43
C LYS O 307 -28.93 27.83 23.30
N ALA O 308 -27.76 28.41 23.07
CA ALA O 308 -26.89 27.99 21.97
C ALA O 308 -26.05 26.78 22.39
N HIS O 309 -26.71 25.64 22.46
CA HIS O 309 -25.99 24.40 22.72
C HIS O 309 -25.32 23.89 21.43
N THR O 310 -24.45 22.90 21.59
CA THR O 310 -23.60 22.48 20.48
C THR O 310 -24.43 21.97 19.31
N LYS O 311 -25.47 21.19 19.58
CA LYS O 311 -26.27 20.62 18.50
C LYS O 311 -26.91 21.71 17.65
N ALA O 312 -27.46 22.74 18.29
CA ALA O 312 -28.23 23.74 17.56
C ALA O 312 -27.32 24.68 16.77
N THR O 313 -26.20 25.11 17.37
CA THR O 313 -25.39 26.17 16.81
C THR O 313 -24.07 25.67 16.22
N SER O 314 -23.99 24.40 15.83
CA SER O 314 -22.79 23.86 15.21
C SER O 314 -22.94 23.95 13.70
N PHE O 315 -22.01 24.69 13.06
CA PHE O 315 -22.00 24.87 11.62
C PHE O 315 -20.63 24.50 11.08
N CYS O 316 -20.59 24.16 9.80
CA CYS O 316 -19.36 23.78 9.13
C CYS O 316 -19.31 24.37 7.73
N PHE O 317 -18.10 24.70 7.29
CA PHE O 317 -17.87 25.20 5.94
C PHE O 317 -17.51 24.03 5.03
N ARG O 318 -18.14 23.96 3.87
CA ARG O 318 -17.90 22.92 2.88
C ARG O 318 -17.47 23.53 1.56
N ILE O 319 -16.52 22.89 0.90
CA ILE O 319 -16.10 23.35 -0.43
C ILE O 319 -17.16 23.01 -1.47
N SER O 320 -17.84 21.88 -1.31
CA SER O 320 -18.81 21.39 -2.28
C SER O 320 -19.99 20.74 -1.57
N LYS O 321 -21.10 20.66 -2.29
CA LYS O 321 -22.34 20.08 -1.76
C LYS O 321 -22.29 18.57 -1.64
N GLU O 322 -21.46 17.89 -2.43
CA GLU O 322 -21.52 16.43 -2.46
C GLU O 322 -21.00 15.83 -1.16
N LYS O 323 -21.45 14.59 -0.89
CA LYS O 323 -21.41 14.00 0.44
C LYS O 323 -20.02 13.44 0.75
N LEU O 324 -19.20 14.27 1.38
CA LEU O 324 -17.94 13.85 1.97
C LEU O 324 -17.99 13.79 3.49
N ASP O 325 -19.19 13.87 4.08
CA ASP O 325 -19.29 13.83 5.53
C ASP O 325 -18.87 12.48 6.09
N VAL O 326 -18.72 11.47 5.24
CA VAL O 326 -18.27 10.15 5.66
C VAL O 326 -16.76 10.18 5.90
N ALA O 327 -16.13 11.33 5.66
CA ALA O 327 -14.71 11.51 5.88
C ALA O 327 -14.48 12.13 7.25
N PRO O 328 -13.81 11.43 8.17
CA PRO O 328 -13.64 12.00 9.52
C PRO O 328 -12.73 13.21 9.52
N LYS O 329 -12.95 14.08 10.49
CA LYS O 329 -12.17 15.29 10.69
C LYS O 329 -11.30 15.11 11.94
N ARG O 330 -10.03 15.50 11.83
CA ARG O 330 -9.07 15.36 12.91
C ARG O 330 -8.48 16.71 13.27
N ASP O 331 -8.26 16.94 14.56
CA ASP O 331 -7.70 18.19 15.04
C ASP O 331 -6.20 18.07 15.23
N VAL O 332 -5.55 19.23 15.43
CA VAL O 332 -4.12 19.30 15.65
C VAL O 332 -3.83 20.44 16.62
N GLU O 333 -2.69 20.33 17.31
CA GLU O 333 -2.22 21.37 18.23
C GLU O 333 -1.27 22.27 17.45
N GLY O 334 -1.80 23.37 16.93
CA GLY O 334 -1.03 24.29 16.12
C GLY O 334 -1.94 25.03 15.17
N MET O 335 -1.32 25.92 14.39
CA MET O 335 -2.08 26.71 13.43
C MET O 335 -2.72 25.81 12.37
N GLY O 336 -1.99 24.81 11.90
CA GLY O 336 -2.54 23.84 10.98
C GLY O 336 -2.46 24.29 9.53
N PRO O 337 -2.85 23.41 8.62
CA PRO O 337 -2.79 23.73 7.18
C PRO O 337 -3.72 24.88 6.84
N PRO O 338 -3.24 25.92 6.17
CA PRO O 338 -4.14 26.97 5.69
C PRO O 338 -4.98 26.47 4.53
N GLU O 339 -6.31 26.57 4.69
CA GLU O 339 -7.23 26.05 3.69
C GLU O 339 -8.10 27.14 3.07
N ILE O 340 -8.78 27.93 3.91
CA ILE O 340 -9.76 28.89 3.42
C ILE O 340 -9.11 30.26 3.30
N LYS O 341 -9.47 30.98 2.23
CA LYS O 341 -8.89 32.28 1.93
C LYS O 341 -9.98 33.34 1.83
N TYR O 342 -9.66 34.54 2.28
CA TYR O 342 -10.60 35.65 2.20
C TYR O 342 -10.88 36.01 0.74
N GLY O 343 -12.14 36.31 0.45
CA GLY O 343 -12.53 36.77 -0.87
C GLY O 343 -12.58 35.68 -1.92
N GLU O 344 -11.47 34.99 -2.13
CA GLU O 344 -11.39 34.01 -3.21
C GLU O 344 -12.21 32.76 -2.89
N SER O 345 -11.88 32.09 -1.79
CA SER O 345 -12.53 30.82 -1.47
C SER O 345 -14.04 31.01 -1.35
N LEU O 346 -14.78 30.06 -1.91
CA LEU O 346 -16.24 30.04 -1.87
C LEU O 346 -16.66 28.89 -0.97
N CYS O 347 -17.49 29.19 0.03
CA CYS O 347 -17.85 28.24 1.07
C CYS O 347 -19.36 28.05 1.12
N PHE O 348 -19.77 26.85 1.50
CA PHE O 348 -21.18 26.52 1.72
C PHE O 348 -21.34 26.24 3.21
N VAL O 349 -22.27 26.96 3.86
CA VAL O 349 -22.52 26.74 5.28
C VAL O 349 -23.49 25.59 5.44
N GLN O 350 -23.16 24.65 6.32
CA GLN O 350 -23.99 23.47 6.53
C GLN O 350 -24.17 23.24 8.02
N HIS O 351 -25.39 22.93 8.43
CA HIS O 351 -25.65 22.59 9.81
C HIS O 351 -25.21 21.16 10.09
N VAL O 352 -24.29 20.99 11.03
CA VAL O 352 -23.64 19.70 11.23
C VAL O 352 -24.66 18.65 11.65
N ALA O 353 -25.55 18.99 12.59
CA ALA O 353 -26.46 18.00 13.13
C ALA O 353 -27.42 17.48 12.05
N SER O 354 -28.08 18.39 11.34
CA SER O 354 -29.10 18.00 10.36
C SER O 354 -28.53 17.85 8.95
N GLY O 355 -27.41 18.49 8.64
CA GLY O 355 -26.85 18.42 7.31
C GLY O 355 -27.48 19.38 6.33
N LEU O 356 -28.41 20.20 6.82
CA LEU O 356 -29.05 21.19 5.98
C LEU O 356 -28.03 22.21 5.48
N TRP O 357 -28.40 22.92 4.42
CA TRP O 357 -27.55 23.93 3.82
C TRP O 357 -28.18 25.31 4.00
N LEU O 358 -27.33 26.30 4.25
CA LEU O 358 -27.78 27.68 4.44
C LEU O 358 -28.04 28.29 3.08
N THR O 359 -29.32 28.41 2.72
CA THR O 359 -29.73 28.94 1.43
C THR O 359 -30.80 30.00 1.63
N TYR O 360 -30.81 30.98 0.73
CA TYR O 360 -31.83 32.02 0.76
C TYR O 360 -33.20 31.40 0.50
N ALA O 361 -34.20 31.89 1.21
CA ALA O 361 -35.56 31.38 1.01
C ALA O 361 -36.04 31.72 -0.40
N ALA O 362 -37.15 31.09 -0.79
CA ALA O 362 -37.74 31.38 -2.08
C ALA O 362 -38.13 32.85 -2.14
N PRO O 363 -38.15 33.46 -3.33
CA PRO O 363 -38.38 34.90 -3.40
C PRO O 363 -39.70 35.28 -2.74
N ASP O 364 -39.68 36.39 -2.02
CA ASP O 364 -40.82 36.77 -1.20
C ASP O 364 -42.06 36.94 -2.07
N PRO O 365 -43.21 36.43 -1.64
CA PRO O 365 -44.43 36.62 -2.43
C PRO O 365 -44.75 38.10 -2.59
N LYS O 366 -45.25 38.46 -3.77
CA LYS O 366 -45.58 39.85 -4.08
C LYS O 366 -44.35 40.74 -3.90
N ALA O 367 -43.19 40.24 -4.35
CA ALA O 367 -41.94 40.95 -4.13
C ALA O 367 -42.00 42.38 -4.67
N LEU O 368 -42.64 42.57 -5.83
CA LEU O 368 -42.75 43.91 -6.38
C LEU O 368 -43.54 44.82 -5.45
N ARG O 369 -44.65 44.33 -4.90
CA ARG O 369 -45.41 45.12 -3.95
C ARG O 369 -44.60 45.42 -2.70
N LEU O 370 -43.84 44.43 -2.21
CA LEU O 370 -42.99 44.66 -1.05
C LEU O 370 -41.98 45.78 -1.31
N GLY O 371 -41.31 45.73 -2.47
CA GLY O 371 -40.33 46.74 -2.80
C GLY O 371 -39.05 46.62 -1.99
N VAL O 372 -38.90 45.50 -1.29
CA VAL O 372 -37.74 45.25 -0.44
C VAL O 372 -36.93 44.11 -1.03
N LEU O 373 -35.61 44.29 -1.05
CA LEU O 373 -34.70 43.28 -1.57
C LEU O 373 -34.23 42.30 -0.52
N LYS O 374 -34.74 42.40 0.72
CA LYS O 374 -34.36 41.47 1.77
C LYS O 374 -34.82 40.06 1.42
N LYS O 375 -33.91 39.10 1.56
CA LYS O 375 -34.20 37.69 1.31
C LYS O 375 -33.96 36.92 2.59
N LYS O 376 -35.03 36.42 3.20
CA LYS O 376 -34.89 35.65 4.42
C LYS O 376 -34.02 34.42 4.19
N ALA O 377 -33.11 34.17 5.13
CA ALA O 377 -32.22 33.03 5.05
C ALA O 377 -32.85 31.85 5.77
N MET O 378 -32.81 30.69 5.14
CA MET O 378 -33.37 29.47 5.71
C MET O 378 -32.40 28.32 5.49
N LEU O 379 -32.70 27.19 6.15
CA LEU O 379 -31.90 25.98 6.04
C LEU O 379 -32.71 24.94 5.28
N HIS O 380 -32.15 24.41 4.21
CA HIS O 380 -32.86 23.49 3.33
C HIS O 380 -31.94 22.31 2.99
N GLN O 381 -32.56 21.18 2.65
CA GLN O 381 -31.79 19.97 2.39
C GLN O 381 -30.97 20.10 1.10
N GLU O 382 -31.55 20.69 0.06
CA GLU O 382 -30.91 20.77 -1.24
C GLU O 382 -30.26 22.13 -1.49
N GLY O 383 -30.96 23.23 -1.20
CA GLY O 383 -30.41 24.53 -1.48
C GLY O 383 -30.37 24.82 -2.97
N HIS O 384 -29.48 25.74 -3.34
CA HIS O 384 -29.28 26.14 -4.73
C HIS O 384 -27.79 26.22 -5.01
N MET O 385 -27.46 26.48 -6.28
CA MET O 385 -26.07 26.55 -6.71
C MET O 385 -25.37 27.83 -6.26
N ASP O 386 -26.09 28.94 -6.12
CA ASP O 386 -25.52 30.21 -5.73
C ASP O 386 -25.46 30.39 -4.21
N ASP O 387 -25.51 29.29 -3.46
CA ASP O 387 -25.43 29.35 -2.01
C ASP O 387 -24.03 29.64 -1.50
N ALA O 388 -23.02 29.59 -2.37
CA ALA O 388 -21.65 29.82 -1.93
C ALA O 388 -21.51 31.20 -1.31
N LEU O 389 -20.79 31.27 -0.19
CA LEU O 389 -20.57 32.51 0.53
C LEU O 389 -19.08 32.83 0.51
N SER O 390 -18.77 34.12 0.36
CA SER O 390 -17.40 34.61 0.40
C SER O 390 -17.17 35.32 1.73
N LEU O 391 -16.05 34.98 2.37
CA LEU O 391 -15.73 35.57 3.67
C LEU O 391 -14.85 36.79 3.46
N THR O 392 -15.30 37.94 3.95
CA THR O 392 -14.58 39.20 3.80
C THR O 392 -14.18 39.74 5.16
N ARG O 393 -12.92 40.15 5.28
CA ARG O 393 -12.40 40.63 6.54
C ARG O 393 -12.73 42.10 6.75
N CYS O 394 -13.11 42.44 7.98
CA CYS O 394 -13.41 43.80 8.37
C CYS O 394 -12.21 44.41 9.08
N GLN O 395 -12.25 45.73 9.24
CA GLN O 395 -11.17 46.43 9.90
C GLN O 395 -11.26 46.28 11.41
N GLN O 396 -10.10 46.32 12.07
CA GLN O 396 -10.07 46.28 13.52
C GLN O 396 -10.92 47.39 14.11
N GLU O 397 -10.98 48.54 13.42
CA GLU O 397 -11.84 49.63 13.88
C GLU O 397 -13.29 49.18 13.94
N GLU O 398 -13.79 48.55 12.87
CA GLU O 398 -15.18 48.10 12.85
C GLU O 398 -15.42 47.02 13.89
N SER O 399 -14.48 46.08 14.04
CA SER O 399 -14.67 45.01 15.02
C SER O 399 -14.75 45.57 16.43
N GLN O 400 -13.82 46.46 16.78
CA GLN O 400 -13.84 47.08 18.10
C GLN O 400 -15.10 47.89 18.30
N ALA O 401 -15.53 48.62 17.26
CA ALA O 401 -16.76 49.40 17.37
C ALA O 401 -17.95 48.49 17.65
N ALA O 402 -18.01 47.33 16.98
CA ALA O 402 -19.12 46.41 17.21
C ALA O 402 -19.11 45.89 18.65
N ARG O 403 -17.94 45.51 19.16
CA ARG O 403 -17.88 45.00 20.52
C ARG O 403 -18.27 46.09 21.53
N MET O 404 -17.78 47.32 21.32
CA MET O 404 -18.18 48.42 22.19
C MET O 404 -19.67 48.69 22.11
N ILE O 405 -20.26 48.57 20.92
CA ILE O 405 -21.69 48.73 20.80
C ILE O 405 -22.42 47.68 21.62
N TYR O 406 -21.98 46.42 21.54
CA TYR O 406 -22.60 45.37 22.35
C TYR O 406 -22.55 45.72 23.84
N SER O 407 -21.35 46.02 24.34
CA SER O 407 -21.19 46.28 25.76
C SER O 407 -21.97 47.52 26.20
N THR O 408 -21.89 48.60 25.43
CA THR O 408 -22.58 49.83 25.79
C THR O 408 -24.09 49.66 25.76
N ALA O 409 -24.60 48.93 24.77
CA ALA O 409 -26.03 48.67 24.71
C ALA O 409 -26.46 47.91 25.95
N GLY O 410 -25.72 46.87 26.33
CA GLY O 410 -26.06 46.15 27.54
C GLY O 410 -26.08 47.04 28.77
N LEU O 411 -25.01 47.83 28.95
CA LEU O 411 -24.91 48.67 30.14
C LEU O 411 -26.03 49.71 30.19
N TYR O 412 -26.27 50.40 29.08
CA TYR O 412 -27.28 51.46 29.09
C TYR O 412 -28.69 50.90 29.19
N ASN O 413 -28.94 49.72 28.61
CA ASN O 413 -30.24 49.08 28.84
C ASN O 413 -30.43 48.71 30.29
N GLN O 414 -29.38 48.21 30.95
CA GLN O 414 -29.49 47.95 32.39
C GLN O 414 -29.79 49.22 33.15
N PHE O 415 -29.11 50.32 32.81
CA PHE O 415 -29.35 51.60 33.48
C PHE O 415 -30.79 52.06 33.28
N ILE O 416 -31.31 51.96 32.06
CA ILE O 416 -32.67 52.37 31.78
C ILE O 416 -33.66 51.53 32.56
N LYS O 417 -33.45 50.21 32.61
CA LYS O 417 -34.33 49.36 33.41
C LYS O 417 -34.27 49.73 34.88
N GLY O 418 -33.08 50.03 35.39
CA GLY O 418 -32.96 50.44 36.77
C GLY O 418 -33.75 51.71 37.06
N LEU O 419 -33.65 52.70 36.18
CA LEU O 419 -34.43 53.92 36.37
C LEU O 419 -35.93 53.64 36.30
N ASP O 420 -36.36 52.85 35.32
CA ASP O 420 -37.77 52.51 35.20
C ASP O 420 -38.27 51.76 36.41
N SER O 421 -37.37 51.08 37.14
CA SER O 421 -37.79 50.33 38.31
C SER O 421 -38.44 51.23 39.35
N PHE O 422 -37.85 52.39 39.63
CA PHE O 422 -38.37 53.31 40.63
C PHE O 422 -38.89 54.61 40.01
N SER O 423 -39.15 54.62 38.71
CA SER O 423 -39.63 55.83 38.06
C SER O 423 -40.83 56.44 38.79
N GLY O 424 -41.76 55.60 39.23
CA GLY O 424 -43.00 56.09 39.79
C GLY O 424 -43.19 55.89 41.28
N LYS O 425 -42.23 55.23 41.93
CA LYS O 425 -42.37 54.87 43.35
C LYS O 425 -41.44 55.71 44.20
N PRO O 426 -41.95 56.71 44.94
CA PRO O 426 -41.08 57.46 45.86
C PRO O 426 -40.65 56.60 47.04
N ARG O 427 -39.39 56.75 47.45
CA ARG O 427 -38.87 55.93 48.54
C ARG O 427 -39.38 56.43 49.89
N GLY O 428 -39.68 57.72 50.00
CA GLY O 428 -39.99 58.28 51.30
C GLY O 428 -38.78 58.18 52.21
N SER O 429 -38.99 57.66 53.41
CA SER O 429 -37.92 57.41 54.37
C SER O 429 -37.67 55.91 54.43
N GLY O 430 -36.54 55.48 53.88
CA GLY O 430 -36.21 54.07 53.83
C GLY O 430 -35.36 53.71 52.62
N PRO O 431 -35.45 52.46 52.17
CA PRO O 431 -34.62 52.02 51.05
C PRO O 431 -35.06 52.69 49.75
N PRO O 432 -34.19 52.74 48.74
CA PRO O 432 -34.59 53.37 47.47
C PRO O 432 -35.79 52.72 46.81
N ALA O 433 -36.09 51.47 47.15
CA ALA O 433 -37.27 50.79 46.63
C ALA O 433 -37.14 50.52 45.14
N GLY O 434 -35.96 50.08 44.71
CA GLY O 434 -35.76 49.74 43.31
C GLY O 434 -34.44 49.04 43.11
N SER O 435 -34.25 48.51 41.91
CA SER O 435 -33.01 47.83 41.58
C SER O 435 -31.85 48.81 41.59
N ALA O 436 -30.70 48.36 42.11
CA ALA O 436 -29.54 49.23 42.22
C ALA O 436 -29.02 49.63 40.85
N LEU O 437 -28.60 50.89 40.72
CA LEU O 437 -28.14 51.39 39.44
C LEU O 437 -26.64 51.13 39.28
N PRO O 438 -26.16 50.91 38.05
CA PRO O 438 -24.71 50.80 37.80
C PRO O 438 -24.07 52.16 37.57
N ILE O 439 -24.00 52.95 38.65
CA ILE O 439 -23.56 54.34 38.53
C ILE O 439 -22.11 54.42 38.06
N GLU O 440 -21.22 53.67 38.72
CA GLU O 440 -19.81 53.73 38.37
C GLU O 440 -19.57 53.25 36.95
N GLY O 441 -20.21 52.14 36.56
CA GLY O 441 -20.05 51.63 35.21
C GLY O 441 -20.55 52.62 34.17
N VAL O 442 -21.70 53.24 34.43
CA VAL O 442 -22.25 54.21 33.48
C VAL O 442 -21.32 55.39 33.35
N ILE O 443 -20.80 55.91 34.47
CA ILE O 443 -19.91 57.07 34.41
C ILE O 443 -18.65 56.72 33.62
N LEU O 444 -18.02 55.59 33.92
CA LEU O 444 -16.80 55.22 33.24
C LEU O 444 -17.04 54.98 31.75
N SER O 445 -18.15 54.32 31.41
CA SER O 445 -18.46 54.08 30.00
C SER O 445 -18.69 55.39 29.26
N LEU O 446 -19.42 56.32 29.88
CA LEU O 446 -19.66 57.61 29.24
C LEU O 446 -18.36 58.37 29.01
N GLN O 447 -17.47 58.39 30.01
CA GLN O 447 -16.19 59.07 29.84
C GLN O 447 -15.36 58.41 28.75
N ASP O 448 -15.32 57.08 28.73
CA ASP O 448 -14.54 56.37 27.72
C ASP O 448 -15.10 56.64 26.32
N LEU O 449 -16.42 56.70 26.18
CA LEU O 449 -17.00 56.96 24.87
C LEU O 449 -16.78 58.40 24.43
N ILE O 450 -16.81 59.35 25.36
CA ILE O 450 -16.47 60.73 25.01
C ILE O 450 -15.03 60.80 24.52
N GLY O 451 -14.10 60.15 25.23
CA GLY O 451 -12.73 60.11 24.73
C GLY O 451 -12.63 59.42 23.38
N TYR O 452 -13.43 58.38 23.17
CA TYR O 452 -13.43 57.66 21.90
C TYR O 452 -13.85 58.57 20.75
N PHE O 453 -14.89 59.36 20.96
CA PHE O 453 -15.43 60.24 19.92
C PHE O 453 -14.82 61.63 19.94
N GLU O 454 -13.79 61.87 20.77
CA GLU O 454 -13.14 63.16 20.78
C GLU O 454 -12.65 63.52 19.37
N PRO O 455 -12.93 64.73 18.89
CA PRO O 455 -12.50 65.09 17.54
C PRO O 455 -11.00 65.27 17.47
N PRO O 456 -10.41 65.12 16.29
CA PRO O 456 -8.96 65.37 16.16
C PRO O 456 -8.64 66.84 16.44
N SER O 457 -7.47 67.05 17.04
CA SER O 457 -7.03 68.41 17.33
C SER O 457 -6.57 69.10 16.05
N GLU O 458 -6.70 70.43 16.05
CA GLU O 458 -6.44 71.21 14.84
C GLU O 458 -4.96 71.32 14.50
N GLU O 459 -4.06 70.90 15.40
CA GLU O 459 -2.63 71.08 15.15
C GLU O 459 -2.06 69.97 14.28
N LEU O 460 -2.79 68.87 14.10
CA LEU O 460 -2.28 67.77 13.28
C LEU O 460 -2.16 68.18 11.82
N GLN O 461 -1.25 67.51 11.12
CA GLN O 461 -1.09 67.75 9.69
C GLN O 461 -2.37 67.40 8.95
N HIS O 462 -2.46 67.90 7.70
CA HIS O 462 -3.70 67.77 6.97
C HIS O 462 -4.06 66.31 6.70
N GLU O 463 -3.09 65.49 6.30
CA GLU O 463 -3.38 64.11 5.95
C GLU O 463 -3.84 63.32 7.17
N GLU O 464 -3.11 63.42 8.27
CA GLU O 464 -3.49 62.69 9.47
C GLU O 464 -4.83 63.17 9.99
N LYS O 465 -5.07 64.49 9.95
CA LYS O 465 -6.36 65.02 10.37
C LYS O 465 -7.49 64.48 9.50
N GLN O 466 -7.27 64.39 8.19
CA GLN O 466 -8.31 63.89 7.30
C GLN O 466 -8.61 62.42 7.57
N THR O 467 -7.56 61.61 7.76
CA THR O 467 -7.80 60.20 8.09
C THR O 467 -8.53 60.04 9.41
N LYS O 468 -8.15 60.81 10.43
CA LYS O 468 -8.84 60.74 11.71
C LYS O 468 -10.30 61.18 11.57
N LEU O 469 -10.55 62.21 10.77
CA LEU O 469 -11.92 62.66 10.55
C LEU O 469 -12.74 61.58 9.86
N ARG O 470 -12.16 60.91 8.86
CA ARG O 470 -12.87 59.82 8.19
C ARG O 470 -13.20 58.71 9.17
N SER O 471 -12.24 58.33 10.01
CA SER O 471 -12.50 57.29 11.00
C SER O 471 -13.58 57.71 11.97
N LEU O 472 -13.54 58.96 12.42
CA LEU O 472 -14.56 59.46 13.35
C LEU O 472 -15.94 59.44 12.72
N ARG O 473 -16.05 59.88 11.46
CA ARG O 473 -17.33 59.81 10.77
C ARG O 473 -17.83 58.37 10.70
N ASN O 474 -16.95 57.43 10.35
CA ASN O 474 -17.36 56.04 10.21
C ASN O 474 -17.86 55.49 11.55
N ARG O 475 -17.14 55.78 12.64
CA ARG O 475 -17.54 55.24 13.94
C ARG O 475 -18.84 55.88 14.43
N GLN O 476 -19.00 57.18 14.22
CA GLN O 476 -20.27 57.82 14.58
C GLN O 476 -21.42 57.22 13.80
N SER O 477 -21.22 56.98 12.50
CA SER O 477 -22.27 56.35 11.70
C SER O 477 -22.58 54.95 12.20
N LEU O 478 -21.56 54.18 12.57
CA LEU O 478 -21.78 52.85 13.10
C LEU O 478 -22.64 52.90 14.36
N PHE O 479 -22.26 53.75 15.31
CA PHE O 479 -23.02 53.83 16.57
C PHE O 479 -24.45 54.31 16.32
N GLN O 480 -24.62 55.33 15.48
CA GLN O 480 -25.96 55.83 15.20
C GLN O 480 -26.82 54.74 14.54
N GLU O 481 -26.27 54.04 13.56
CA GLU O 481 -27.03 53.00 12.88
C GLU O 481 -27.43 51.91 13.84
N GLU O 482 -26.53 51.51 14.74
CA GLU O 482 -26.89 50.53 15.75
C GLU O 482 -27.80 51.08 16.84
N GLY O 483 -28.00 52.40 16.88
CA GLY O 483 -29.01 52.97 17.74
C GLY O 483 -28.54 53.43 19.10
N MET O 484 -27.23 53.60 19.29
CA MET O 484 -26.74 54.11 20.57
C MET O 484 -27.28 55.51 20.84
N LEU O 485 -27.56 56.26 19.77
CA LEU O 485 -28.15 57.59 19.95
C LEU O 485 -29.50 57.50 20.64
N SER O 486 -30.32 56.52 20.24
CA SER O 486 -31.63 56.35 20.88
C SER O 486 -31.47 56.00 22.36
N LEU O 487 -30.50 55.15 22.68
CA LEU O 487 -30.28 54.80 24.09
C LEU O 487 -29.84 56.03 24.89
N VAL O 488 -28.97 56.86 24.31
CA VAL O 488 -28.54 58.06 25.00
C VAL O 488 -29.73 58.98 25.23
N LEU O 489 -30.58 59.15 24.21
CA LEU O 489 -31.76 59.99 24.36
C LEU O 489 -32.70 59.45 25.43
N ASN O 490 -32.88 58.13 25.47
CA ASN O 490 -33.75 57.53 26.47
C ASN O 490 -33.20 57.76 27.87
N CYS O 491 -31.90 57.57 28.05
CA CYS O 491 -31.29 57.85 29.36
C CYS O 491 -31.48 59.31 29.74
N ILE O 492 -31.29 60.22 28.79
CA ILE O 492 -31.48 61.64 29.07
C ILE O 492 -32.92 61.92 29.46
N ASP O 493 -33.89 61.28 28.81
CA ASP O 493 -35.30 61.49 29.16
C ASP O 493 -35.59 61.01 30.57
N ARG O 494 -35.19 59.78 30.88
CA ARG O 494 -35.47 59.23 32.21
C ARG O 494 -34.80 60.07 33.30
N LEU O 495 -33.59 60.55 33.04
CA LEU O 495 -32.91 61.38 34.03
C LEU O 495 -33.50 62.79 34.10
N ASN O 496 -34.02 63.30 32.98
CA ASN O 496 -34.65 64.62 32.96
C ASN O 496 -35.96 64.64 33.72
N VAL O 497 -36.67 63.51 33.75
CA VAL O 497 -37.95 63.45 34.45
C VAL O 497 -37.85 64.13 35.81
N TYR O 498 -36.67 64.06 36.43
CA TYR O 498 -36.45 64.68 37.74
C TYR O 498 -35.84 66.06 37.56
N THR O 499 -36.33 67.03 38.34
CA THR O 499 -35.94 68.42 38.13
C THR O 499 -34.54 68.71 38.68
N THR O 500 -34.17 68.11 39.82
CA THR O 500 -32.91 68.41 40.46
C THR O 500 -32.41 67.21 41.23
N ALA O 501 -31.23 67.37 41.84
CA ALA O 501 -30.59 66.28 42.54
C ALA O 501 -31.42 65.82 43.73
N ALA O 502 -32.00 66.77 44.49
CA ALA O 502 -32.85 66.39 45.62
C ALA O 502 -34.07 65.61 45.14
N HIS O 503 -34.70 66.07 44.06
CA HIS O 503 -35.86 65.35 43.53
C HIS O 503 -35.47 63.94 43.10
N PHE O 504 -34.31 63.79 42.48
CA PHE O 504 -33.84 62.46 42.12
C PHE O 504 -33.59 61.61 43.37
N ALA O 505 -32.99 62.21 44.41
CA ALA O 505 -32.72 61.49 45.64
C ALA O 505 -34.02 61.00 46.28
N GLU O 506 -35.09 61.76 46.13
CA GLU O 506 -36.38 61.34 46.67
C GLU O 506 -36.88 60.04 46.05
N PHE O 507 -36.31 59.61 44.92
CA PHE O 507 -36.73 58.38 44.26
C PHE O 507 -35.63 57.34 44.14
N ALA O 508 -34.36 57.72 44.28
CA ALA O 508 -33.25 56.80 44.07
C ALA O 508 -32.25 56.73 45.22
N GLY O 509 -32.34 57.61 46.21
CA GLY O 509 -31.42 57.61 47.32
C GLY O 509 -30.30 58.63 47.14
N GLU O 510 -29.73 59.04 48.28
CA GLU O 510 -28.69 60.07 48.26
C GLU O 510 -27.44 59.58 47.53
N GLU O 511 -27.08 58.32 47.73
CA GLU O 511 -25.87 57.80 47.10
C GLU O 511 -25.97 57.88 45.59
N ALA O 512 -27.09 57.44 45.03
CA ALA O 512 -27.28 57.53 43.58
C ALA O 512 -27.40 58.99 43.15
N ALA O 513 -28.11 59.81 43.93
CA ALA O 513 -28.33 61.20 43.55
C ALA O 513 -27.03 61.98 43.50
N GLU O 514 -26.01 61.54 44.23
CA GLU O 514 -24.74 62.27 44.22
C GLU O 514 -24.13 62.34 42.82
N SER O 515 -24.52 61.43 41.93
CA SER O 515 -23.96 61.36 40.59
C SER O 515 -24.91 61.84 39.50
N TRP O 516 -26.08 62.38 39.87
CA TRP O 516 -27.08 62.76 38.88
C TRP O 516 -26.55 63.83 37.93
N LYS O 517 -26.01 64.92 38.50
CA LYS O 517 -25.52 66.02 37.68
C LYS O 517 -24.39 65.56 36.77
N GLU O 518 -23.46 64.79 37.32
CA GLU O 518 -22.34 64.30 36.53
C GLU O 518 -22.82 63.44 35.36
N ILE O 519 -23.77 62.53 35.64
CA ILE O 519 -24.24 61.63 34.59
C ILE O 519 -24.97 62.41 33.51
N VAL O 520 -25.82 63.36 33.89
CA VAL O 520 -26.55 64.11 32.86
C VAL O 520 -25.59 64.93 32.02
N ASN O 521 -24.60 65.58 32.65
CA ASN O 521 -23.62 66.35 31.88
C ASN O 521 -22.84 65.44 30.93
N LEU O 522 -22.42 64.27 31.40
CA LEU O 522 -21.68 63.35 30.56
C LEU O 522 -22.54 62.86 29.40
N LEU O 523 -23.83 62.61 29.66
CA LEU O 523 -24.73 62.16 28.59
C LEU O 523 -24.87 63.23 27.51
N TYR O 524 -25.06 64.49 27.93
CA TYR O 524 -25.15 65.56 26.94
C TYR O 524 -23.86 65.71 26.15
N GLU O 525 -22.71 65.60 26.84
CA GLU O 525 -21.44 65.66 26.14
C GLU O 525 -21.28 64.52 25.14
N LEU O 526 -21.69 63.31 25.51
CA LEU O 526 -21.61 62.19 24.58
C LEU O 526 -22.53 62.40 23.38
N LEU O 527 -23.72 62.94 23.61
CA LEU O 527 -24.61 63.23 22.49
C LEU O 527 -23.99 64.23 21.54
N ALA O 528 -23.39 65.29 22.10
CA ALA O 528 -22.71 66.27 21.26
C ALA O 528 -21.57 65.63 20.48
N SER O 529 -20.79 64.77 21.13
CA SER O 529 -19.70 64.09 20.45
C SER O 529 -20.22 63.21 19.32
N LEU O 530 -21.31 62.49 19.55
CA LEU O 530 -21.87 61.64 18.51
C LEU O 530 -22.32 62.45 17.30
N ILE O 531 -22.99 63.56 17.54
CA ILE O 531 -23.58 64.30 16.41
C ILE O 531 -22.64 65.33 15.79
N ARG O 532 -21.52 65.64 16.42
CA ARG O 532 -20.66 66.70 15.92
C ARG O 532 -20.16 66.40 14.52
N GLY O 533 -20.41 67.32 13.60
CA GLY O 533 -19.86 67.24 12.26
C GLY O 533 -20.47 66.20 11.35
N ASN O 534 -21.47 65.46 11.80
CA ASN O 534 -22.09 64.40 11.02
C ASN O 534 -23.49 64.83 10.64
N ARG O 535 -23.68 65.17 9.36
CA ARG O 535 -24.97 65.70 8.92
C ARG O 535 -26.09 64.68 9.08
N THR O 536 -25.80 63.41 8.79
CA THR O 536 -26.83 62.38 8.91
C THR O 536 -27.31 62.26 10.35
N ASN O 537 -26.38 62.30 11.31
CA ASN O 537 -26.78 62.25 12.71
C ASN O 537 -27.51 63.52 13.13
N CYS O 538 -27.05 64.68 12.68
CA CYS O 538 -27.69 65.94 13.07
C CYS O 538 -29.12 66.03 12.56
N ALA O 539 -29.36 65.58 11.32
CA ALA O 539 -30.69 65.69 10.74
C ALA O 539 -31.74 64.94 11.56
N LEU O 540 -31.33 63.99 12.39
CA LEU O 540 -32.29 63.22 13.17
C LEU O 540 -33.12 64.14 14.06
N PHE O 541 -32.52 65.24 14.53
CA PHE O 541 -33.24 66.14 15.43
C PHE O 541 -34.33 66.92 14.69
N SER O 542 -34.37 66.83 13.36
CA SER O 542 -35.39 67.55 12.61
C SER O 542 -36.79 67.08 12.96
N THR O 543 -36.92 65.91 13.59
CA THR O 543 -38.24 65.41 13.96
C THR O 543 -38.64 65.84 15.37
N ASN O 544 -37.67 65.91 16.29
CA ASN O 544 -37.94 66.18 17.70
C ASN O 544 -37.08 67.36 18.16
N LEU O 545 -37.06 68.43 17.35
CA LEU O 545 -36.34 69.64 17.75
C LEU O 545 -36.85 70.16 19.10
N ASP O 546 -38.16 70.11 19.33
CA ASP O 546 -38.69 70.57 20.60
C ASP O 546 -38.07 69.82 21.78
N TRP O 547 -37.79 68.53 21.60
CA TRP O 547 -37.15 67.76 22.65
C TRP O 547 -35.87 68.45 23.14
N LEU O 548 -35.08 68.98 22.21
CA LEU O 548 -33.84 69.65 22.58
C LEU O 548 -34.08 71.06 23.10
N VAL O 549 -34.92 71.82 22.42
CA VAL O 549 -35.11 73.24 22.77
C VAL O 549 -35.71 73.37 24.16
N SER O 550 -36.68 72.51 24.50
CA SER O 550 -37.35 72.64 25.78
C SER O 550 -36.39 72.50 26.96
N LYS O 551 -35.26 71.83 26.76
CA LYS O 551 -34.30 71.56 27.82
C LYS O 551 -33.30 72.69 28.03
N LEU O 552 -33.35 73.75 27.20
CA LEU O 552 -32.34 74.79 27.30
C LEU O 552 -32.37 75.47 28.67
N ASP O 553 -33.57 75.72 29.20
CA ASP O 553 -33.67 76.44 30.47
C ASP O 553 -33.10 75.63 31.63
N ARG O 554 -32.95 74.32 31.46
CA ARG O 554 -32.42 73.49 32.54
C ARG O 554 -31.01 73.92 32.89
N LEU O 555 -30.74 74.05 34.19
CA LEU O 555 -29.49 74.62 34.67
C LEU O 555 -28.41 73.57 34.95
N GLU O 556 -28.80 72.30 35.08
CA GLU O 556 -27.80 71.28 35.41
C GLU O 556 -26.77 71.10 34.30
N ALA O 557 -27.21 71.14 33.05
CA ALA O 557 -26.34 70.90 31.90
C ALA O 557 -26.65 71.92 30.80
N SER O 558 -26.80 73.18 31.18
CA SER O 558 -27.15 74.22 30.22
C SER O 558 -26.09 74.34 29.13
N SER O 559 -24.81 74.34 29.52
CA SER O 559 -23.74 74.46 28.53
C SER O 559 -23.73 73.28 27.58
N GLY O 560 -23.91 72.07 28.10
CA GLY O 560 -23.94 70.91 27.23
C GLY O 560 -25.11 70.93 26.26
N ILE O 561 -26.28 71.32 26.75
CA ILE O 561 -27.45 71.39 25.88
C ILE O 561 -27.23 72.44 24.80
N LEU O 562 -26.64 73.58 25.17
CA LEU O 562 -26.35 74.61 24.18
C LEU O 562 -25.35 74.11 23.14
N GLU O 563 -24.34 73.36 23.57
CA GLU O 563 -23.38 72.81 22.62
C GLU O 563 -24.05 71.84 21.66
N VAL O 564 -24.94 71.00 22.17
CA VAL O 564 -25.67 70.06 21.31
C VAL O 564 -26.50 70.83 20.29
N LEU O 565 -27.21 71.86 20.75
CA LEU O 565 -28.01 72.66 19.83
C LEU O 565 -27.14 73.34 18.79
N TYR O 566 -25.99 73.86 19.21
CA TYR O 566 -25.07 74.50 18.28
C TYR O 566 -24.60 73.54 17.20
N CYS O 567 -24.21 72.31 17.58
CA CYS O 567 -23.79 71.34 16.58
C CYS O 567 -24.95 71.02 15.62
N VAL O 568 -26.14 70.78 16.17
CA VAL O 568 -27.26 70.43 15.31
C VAL O 568 -27.56 71.53 14.31
N LEU O 569 -27.58 72.79 14.77
CA LEU O 569 -27.88 73.91 13.90
C LEU O 569 -26.78 74.22 12.90
N ILE O 570 -25.50 74.06 13.30
CA ILE O 570 -24.40 74.32 12.39
C ILE O 570 -24.23 73.23 11.35
N GLU O 571 -24.82 72.04 11.57
CA GLU O 571 -24.68 70.96 10.59
C GLU O 571 -25.94 70.65 9.79
N SER O 572 -27.14 70.97 10.28
CA SER O 572 -28.37 70.51 9.65
C SER O 572 -29.18 71.66 9.05
N PRO O 573 -29.20 71.82 7.72
CA PRO O 573 -30.13 72.79 7.12
C PRO O 573 -31.59 72.48 7.36
N GLU O 574 -31.96 71.19 7.44
CA GLU O 574 -33.36 70.83 7.64
C GLU O 574 -33.88 71.36 8.97
N VAL O 575 -33.07 71.24 10.02
CA VAL O 575 -33.44 71.81 11.31
C VAL O 575 -33.72 73.30 11.15
N LEU O 576 -32.84 74.00 10.42
CA LEU O 576 -33.03 75.43 10.19
C LEU O 576 -34.34 75.72 9.48
N ASN O 577 -34.66 74.93 8.45
CA ASN O 577 -35.93 75.11 7.75
C ASN O 577 -37.13 74.87 8.65
N ILE O 578 -37.01 73.97 9.63
CA ILE O 578 -38.15 73.69 10.52
C ILE O 578 -38.17 74.57 11.77
N ILE O 579 -37.16 75.42 11.98
CA ILE O 579 -37.18 76.29 13.15
C ILE O 579 -38.48 77.10 13.18
N GLN O 580 -38.90 77.48 14.37
CA GLN O 580 -40.13 78.23 14.57
C GLN O 580 -39.90 79.40 15.54
N GLU O 581 -40.90 80.27 15.60
CA GLU O 581 -40.80 81.47 16.42
C GLU O 581 -40.66 81.12 17.89
N ASN O 582 -41.36 80.08 18.35
CA ASN O 582 -41.24 79.70 19.76
C ASN O 582 -39.81 79.24 20.08
N HIS O 583 -39.20 78.48 19.15
CA HIS O 583 -37.82 78.07 19.36
C HIS O 583 -36.89 79.29 19.40
N ILE O 584 -37.08 80.23 18.48
CA ILE O 584 -36.22 81.41 18.46
C ILE O 584 -36.39 82.21 19.75
N LYS O 585 -37.64 82.33 20.23
CA LYS O 585 -37.89 83.10 21.45
C LYS O 585 -37.30 82.39 22.66
N SER O 586 -37.31 81.06 22.69
CA SER O 586 -36.64 80.33 23.76
C SER O 586 -35.14 80.59 23.73
N ILE O 587 -34.55 80.58 22.54
CA ILE O 587 -33.11 80.83 22.44
C ILE O 587 -32.79 82.25 22.89
N ILE O 588 -33.66 83.22 22.60
CA ILE O 588 -33.44 84.57 23.08
C ILE O 588 -33.62 84.66 24.59
N SER O 589 -34.62 83.97 25.14
CA SER O 589 -34.78 83.93 26.60
C SER O 589 -33.56 83.31 27.26
N LEU O 590 -32.83 82.46 26.54
CA LEU O 590 -31.58 81.95 27.06
C LEU O 590 -30.60 83.09 27.34
N LEU O 591 -30.45 84.02 26.39
CA LEU O 591 -29.67 85.23 26.63
C LEU O 591 -30.26 86.01 27.79
N ASP O 592 -31.59 86.14 27.83
CA ASP O 592 -32.23 86.96 28.84
C ASP O 592 -31.94 86.45 30.25
N LYS O 593 -31.95 85.14 30.44
CA LYS O 593 -31.91 84.54 31.78
C LYS O 593 -30.53 84.07 32.20
N HIS O 594 -29.65 83.71 31.25
CA HIS O 594 -28.36 83.16 31.63
C HIS O 594 -27.25 84.20 31.56
N GLY O 595 -27.46 85.26 30.79
CA GLY O 595 -26.52 86.36 30.71
C GLY O 595 -26.07 86.61 29.29
N ARG O 596 -25.01 87.40 29.17
CA ARG O 596 -24.46 87.78 27.87
C ARG O 596 -23.40 86.76 27.49
N ASN O 597 -23.86 85.65 26.91
CA ASN O 597 -22.99 84.57 26.46
C ASN O 597 -22.85 84.62 24.95
N HIS O 598 -21.60 84.66 24.46
CA HIS O 598 -21.39 84.80 23.03
C HIS O 598 -21.73 83.51 22.28
N LYS O 599 -21.82 82.38 22.97
CA LYS O 599 -22.20 81.15 22.30
C LYS O 599 -23.67 81.16 21.88
N VAL O 600 -24.54 81.79 22.67
CA VAL O 600 -25.92 81.95 22.25
C VAL O 600 -25.99 82.84 21.02
N LEU O 601 -25.16 83.88 20.97
CA LEU O 601 -25.09 84.72 19.78
C LEU O 601 -24.61 83.92 18.58
N ASP O 602 -23.63 83.02 18.79
CA ASP O 602 -23.15 82.17 17.71
C ASP O 602 -24.27 81.26 17.21
N VAL O 603 -25.05 80.70 18.13
CA VAL O 603 -26.18 79.86 17.73
C VAL O 603 -27.19 80.65 16.90
N LEU O 604 -27.51 81.87 17.36
CA LEU O 604 -28.43 82.71 16.61
C LEU O 604 -27.87 83.04 15.22
N CYS O 605 -26.57 83.30 15.14
CA CYS O 605 -25.94 83.56 13.85
C CYS O 605 -26.07 82.34 12.94
N SER O 606 -25.82 81.16 13.48
CA SER O 606 -25.93 79.94 12.67
C SER O 606 -27.36 79.74 12.19
N LEU O 607 -28.34 80.19 12.97
CA LEU O 607 -29.72 80.04 12.55
C LEU O 607 -30.00 80.78 11.24
N CYS O 608 -29.29 81.89 10.99
CA CYS O 608 -29.60 82.71 9.82
C CYS O 608 -29.15 82.05 8.53
N VAL O 609 -27.92 81.53 8.49
CA VAL O 609 -27.29 81.08 7.25
C VAL O 609 -26.62 79.74 7.49
N CYS O 610 -26.64 78.88 6.47
CA CYS O 610 -25.98 77.59 6.49
C CYS O 610 -25.55 77.22 5.08
N ASN O 611 -24.26 76.95 4.89
CA ASN O 611 -23.73 76.56 3.60
C ASN O 611 -24.06 77.60 2.52
N GLY O 612 -24.00 78.87 2.91
CA GLY O 612 -24.19 79.95 1.97
C GLY O 612 -25.64 80.21 1.57
N VAL O 613 -26.60 79.61 2.27
CA VAL O 613 -28.03 79.81 1.98
C VAL O 613 -28.67 80.44 3.19
N ALA O 614 -29.41 81.53 2.96
CA ALA O 614 -30.00 82.32 4.03
C ALA O 614 -31.45 81.91 4.23
N VAL O 615 -31.85 81.80 5.49
CA VAL O 615 -33.23 81.47 5.86
C VAL O 615 -33.92 82.77 6.27
N ARG O 616 -34.74 83.31 5.36
CA ARG O 616 -35.34 84.63 5.58
C ARG O 616 -36.28 84.62 6.78
N SER O 617 -37.04 83.53 6.97
CA SER O 617 -37.94 83.47 8.11
C SER O 617 -37.17 83.56 9.41
N ASN O 618 -36.07 82.81 9.53
CA ASN O 618 -35.26 82.86 10.75
C ASN O 618 -34.66 84.24 10.93
N GLN O 619 -34.13 84.84 9.85
CA GLN O 619 -33.54 86.17 9.96
C GLN O 619 -34.57 87.17 10.47
N ASP O 620 -35.76 87.18 9.85
CA ASP O 620 -36.80 88.13 10.25
C ASP O 620 -37.25 87.91 11.68
N LEU O 621 -37.45 86.65 12.07
CA LEU O 621 -37.89 86.38 13.43
C LEU O 621 -36.85 86.81 14.46
N ILE O 622 -35.58 86.51 14.20
CA ILE O 622 -34.53 86.92 15.12
C ILE O 622 -34.49 88.44 15.22
N THR O 623 -34.55 89.13 14.08
CA THR O 623 -34.55 90.59 14.12
C THR O 623 -35.71 91.10 14.96
N GLU O 624 -36.93 90.65 14.65
CA GLU O 624 -38.11 91.17 15.33
C GLU O 624 -38.08 90.90 16.82
N ASN O 625 -37.61 89.73 17.23
CA ASN O 625 -37.68 89.35 18.64
C ASN O 625 -36.50 89.85 19.45
N LEU O 626 -35.39 90.20 18.80
CA LEU O 626 -34.20 90.59 19.55
C LEU O 626 -33.90 92.09 19.46
N LEU O 627 -33.93 92.68 18.26
CA LEU O 627 -33.39 94.03 18.10
C LEU O 627 -34.30 95.11 18.66
N PRO O 628 -35.60 95.15 18.36
CA PRO O 628 -36.37 96.35 18.73
C PRO O 628 -36.43 96.60 20.23
N GLY O 629 -36.21 95.58 21.06
CA GLY O 629 -36.25 95.79 22.49
C GLY O 629 -35.16 96.74 22.97
N ARG O 630 -33.96 96.62 22.41
CA ARG O 630 -32.82 97.45 22.82
C ARG O 630 -32.58 97.33 24.33
N GLU O 631 -32.64 96.09 24.84
CA GLU O 631 -32.47 95.84 26.25
C GLU O 631 -31.49 94.72 26.57
N LEU O 632 -31.17 93.85 25.60
CA LEU O 632 -30.21 92.78 25.81
C LEU O 632 -28.86 93.10 25.18
N LEU O 633 -28.84 93.43 23.90
CA LEU O 633 -27.60 93.75 23.22
C LEU O 633 -27.09 95.12 23.64
N LEU O 634 -25.76 95.24 23.73
CA LEU O 634 -25.15 96.52 24.06
C LEU O 634 -25.42 97.52 22.96
N GLN O 635 -25.77 98.75 23.36
CA GLN O 635 -26.16 99.80 22.42
C GLN O 635 -25.01 100.79 22.24
N THR O 636 -24.89 101.31 21.03
CA THR O 636 -23.84 102.25 20.68
C THR O 636 -24.44 103.51 20.07
N ASN O 637 -23.73 104.62 20.23
CA ASN O 637 -24.18 105.91 19.73
C ASN O 637 -23.06 106.93 19.90
N LEU O 638 -23.17 108.04 19.18
CA LEU O 638 -22.22 109.14 19.31
C LEU O 638 -22.82 110.25 20.16
N ILE O 639 -22.04 110.73 21.12
CA ILE O 639 -22.47 111.76 22.05
C ILE O 639 -21.38 112.83 22.15
N ASN O 640 -21.79 114.03 22.55
CA ASN O 640 -20.85 115.12 22.73
C ASN O 640 -20.17 115.02 24.09
N TYR O 641 -18.93 115.49 24.15
CA TYR O 641 -18.27 115.67 25.44
C TYR O 641 -18.88 116.88 26.15
N VAL O 642 -19.11 116.74 27.45
CA VAL O 642 -19.73 117.78 28.26
C VAL O 642 -18.83 118.06 29.45
N THR O 643 -18.55 119.34 29.70
CA THR O 643 -17.73 119.76 30.82
C THR O 643 -18.51 120.75 31.67
N SER O 644 -17.91 121.15 32.80
CA SER O 644 -18.56 122.03 33.75
C SER O 644 -17.57 123.07 34.24
N ILE O 645 -18.08 124.27 34.52
CA ILE O 645 -17.27 125.39 35.01
C ILE O 645 -18.00 126.04 36.18
N ARG O 646 -17.23 126.37 37.22
CA ARG O 646 -17.76 127.03 38.41
C ARG O 646 -16.83 128.17 38.80
N PRO O 647 -17.35 129.22 39.43
CA PRO O 647 -16.47 130.09 40.22
C PRO O 647 -16.09 129.41 41.52
N ASN O 648 -14.99 129.88 42.12
CA ASN O 648 -14.52 129.32 43.38
C ASN O 648 -15.30 129.95 44.55
N ILE O 649 -16.63 129.77 44.48
CA ILE O 649 -17.55 130.29 45.48
C ILE O 649 -18.25 129.10 46.12
N PHE O 650 -18.16 128.99 47.44
CA PHE O 650 -18.68 127.85 48.17
C PHE O 650 -19.51 128.36 49.36
N VAL O 651 -20.80 128.02 49.36
CA VAL O 651 -21.73 128.46 50.38
C VAL O 651 -22.47 127.23 50.91
N GLY O 652 -22.59 127.15 52.25
CA GLY O 652 -23.25 126.03 52.87
C GLY O 652 -23.92 126.45 54.16
N ARG O 653 -24.54 125.47 54.83
CA ARG O 653 -25.25 125.68 56.07
C ARG O 653 -24.81 124.67 57.10
N ALA O 654 -24.80 125.09 58.37
CA ALA O 654 -24.47 124.21 59.48
C ALA O 654 -24.85 124.92 60.77
N GLU O 655 -24.84 124.16 61.87
CA GLU O 655 -25.19 124.72 63.16
C GLU O 655 -24.07 125.63 63.64
N GLY O 656 -24.36 126.93 63.69
CA GLY O 656 -23.37 127.91 64.08
C GLY O 656 -22.42 128.36 62.99
N SER O 657 -22.72 128.05 61.74
CA SER O 657 -21.83 128.43 60.64
C SER O 657 -21.78 129.94 60.48
N THR O 658 -20.62 130.44 60.03
CA THR O 658 -20.44 131.88 59.88
C THR O 658 -21.04 132.38 58.57
N GLN O 659 -21.24 131.49 57.60
CA GLN O 659 -21.64 131.91 56.26
C GLN O 659 -23.09 132.40 56.26
N TYR O 660 -23.38 133.28 55.31
CA TYR O 660 -24.75 133.69 55.04
C TYR O 660 -25.44 132.62 54.20
N GLY O 661 -26.76 132.55 54.31
CA GLY O 661 -27.52 131.44 53.80
C GLY O 661 -28.48 131.73 52.66
N LYS O 662 -28.28 132.81 51.91
CA LYS O 662 -29.29 133.26 50.96
C LYS O 662 -28.58 134.04 49.85
N TRP O 663 -28.34 133.38 48.71
CA TRP O 663 -27.40 133.86 47.70
C TRP O 663 -28.04 133.91 46.33
N TYR O 664 -27.40 134.66 45.42
CA TYR O 664 -27.96 134.98 44.11
C TYR O 664 -26.83 135.19 43.11
N PHE O 665 -27.03 134.74 41.87
CA PHE O 665 -26.09 135.04 40.78
C PHE O 665 -26.81 134.98 39.44
N GLU O 666 -26.08 135.26 38.36
CA GLU O 666 -26.68 135.28 37.04
C GLU O 666 -25.72 134.73 35.99
N VAL O 667 -26.28 134.26 34.89
CA VAL O 667 -25.52 133.82 33.73
C VAL O 667 -26.17 134.39 32.48
N MET O 668 -25.38 135.07 31.65
CA MET O 668 -25.86 135.66 30.40
C MET O 668 -25.30 134.87 29.23
N VAL O 669 -26.17 134.54 28.27
CA VAL O 669 -25.77 133.74 27.13
C VAL O 669 -25.53 134.65 25.93
N ASP O 670 -24.34 134.54 25.32
CA ASP O 670 -23.97 135.40 24.20
C ASP O 670 -24.12 134.70 22.85
N GLU O 671 -23.67 133.45 22.73
CA GLU O 671 -23.88 132.66 21.51
C GLU O 671 -24.03 131.20 21.89
N VAL O 672 -25.00 130.54 21.28
CA VAL O 672 -25.22 129.10 21.44
C VAL O 672 -25.60 128.54 20.09
N ALA O 673 -24.73 127.73 19.52
CA ALA O 673 -25.04 127.04 18.27
C ALA O 673 -25.96 125.86 18.59
N PRO O 674 -27.23 125.89 18.19
CA PRO O 674 -28.14 124.79 18.61
C PRO O 674 -27.63 123.42 18.22
N PHE O 675 -27.04 123.27 17.03
CA PHE O 675 -26.52 122.00 16.56
C PHE O 675 -25.15 122.22 15.92
N LEU O 676 -24.11 122.18 16.74
CA LEU O 676 -22.76 122.17 16.20
C LEU O 676 -22.40 120.81 15.64
N THR O 677 -22.91 119.75 16.27
CA THR O 677 -22.75 118.38 15.83
C THR O 677 -24.14 117.76 15.62
N ALA O 678 -24.15 116.45 15.37
CA ALA O 678 -25.42 115.76 15.16
C ALA O 678 -26.31 115.86 16.40
N GLN O 679 -25.72 115.75 17.59
CA GLN O 679 -26.48 115.84 18.83
C GLN O 679 -26.66 117.29 19.25
N ALA O 680 -27.80 117.57 19.87
CA ALA O 680 -28.14 118.93 20.26
C ALA O 680 -27.14 119.47 21.28
N THR O 681 -26.85 120.77 21.16
CA THR O 681 -25.93 121.41 22.08
C THR O 681 -26.49 121.40 23.50
N HIS O 682 -25.60 121.21 24.48
CA HIS O 682 -25.96 121.12 25.88
C HIS O 682 -25.51 122.38 26.60
N LEU O 683 -26.44 123.00 27.33
CA LEU O 683 -26.15 124.16 28.17
C LEU O 683 -27.11 124.15 29.36
N ARG O 684 -26.56 124.17 30.57
CA ARG O 684 -27.35 124.17 31.78
C ARG O 684 -26.68 125.03 32.84
N VAL O 685 -27.49 125.72 33.64
CA VAL O 685 -27.01 126.60 34.71
C VAL O 685 -27.70 126.19 35.99
N GLY O 686 -26.95 126.15 37.09
CA GLY O 686 -27.57 125.82 38.37
C GLY O 686 -26.56 125.79 39.49
N TRP O 687 -26.94 125.12 40.56
CA TRP O 687 -26.10 124.90 41.72
C TRP O 687 -25.76 123.43 41.84
N ALA O 688 -24.62 123.13 42.47
CA ALA O 688 -24.20 121.76 42.70
C ALA O 688 -23.55 121.66 44.08
N LEU O 689 -23.61 120.46 44.66
CA LEU O 689 -23.01 120.22 45.96
C LEU O 689 -21.54 119.87 45.80
N SER O 690 -20.71 120.40 46.70
CA SER O 690 -19.27 120.19 46.59
C SER O 690 -18.92 118.71 46.65
N GLU O 691 -19.53 117.98 47.58
CA GLU O 691 -19.24 116.56 47.75
C GLU O 691 -20.23 115.75 46.93
N GLY O 692 -19.71 115.00 45.95
CA GLY O 692 -20.51 114.11 45.14
C GLY O 692 -20.65 114.52 43.69
N TYR O 693 -20.63 115.82 43.40
CA TYR O 693 -20.74 116.29 42.01
C TYR O 693 -19.36 116.19 41.37
N SER O 694 -19.12 115.04 40.73
CA SER O 694 -17.84 114.75 40.08
C SER O 694 -18.12 114.27 38.66
N PRO O 695 -18.60 115.14 37.78
CA PRO O 695 -18.78 114.75 36.38
C PRO O 695 -17.43 114.54 35.71
N TYR O 696 -17.24 113.36 35.14
CA TYR O 696 -15.97 112.99 34.54
C TYR O 696 -16.11 112.95 33.02
N PRO O 697 -15.12 113.43 32.27
CA PRO O 697 -15.27 113.46 30.82
C PRO O 697 -15.53 112.08 30.25
N GLY O 698 -16.41 112.02 29.26
CA GLY O 698 -16.71 110.78 28.57
C GLY O 698 -18.04 110.19 29.01
N GLY O 699 -18.05 108.90 29.31
CA GLY O 699 -19.27 108.22 29.68
C GLY O 699 -19.68 108.48 31.12
N GLY O 700 -20.86 107.96 31.47
CA GLY O 700 -21.40 108.12 32.81
C GLY O 700 -22.78 107.51 32.94
N GLU O 701 -23.64 108.14 33.74
CA GLU O 701 -25.00 107.66 33.89
C GLU O 701 -25.82 107.95 32.63
N GLY O 702 -26.84 107.14 32.41
CA GLY O 702 -27.68 107.33 31.24
C GLY O 702 -26.89 107.13 29.97
N TRP O 703 -27.01 108.10 29.05
CA TRP O 703 -26.35 108.04 27.74
C TRP O 703 -25.15 108.98 27.68
N GLY O 704 -24.55 109.32 28.81
CA GLY O 704 -23.41 110.21 28.83
C GLY O 704 -23.82 111.67 28.77
N GLY O 705 -22.82 112.50 28.47
CA GLY O 705 -23.06 113.94 28.45
C GLY O 705 -23.50 114.47 29.79
N ASN O 706 -22.86 114.02 30.86
CA ASN O 706 -23.29 114.38 32.21
C ASN O 706 -22.98 115.84 32.50
N GLY O 707 -23.98 116.58 32.98
CA GLY O 707 -23.79 117.97 33.35
C GLY O 707 -24.50 118.29 34.65
N VAL O 708 -25.09 119.48 34.74
CA VAL O 708 -25.83 119.85 35.94
C VAL O 708 -27.19 119.15 35.91
N GLY O 709 -27.55 118.52 37.02
CA GLY O 709 -28.83 117.86 37.14
C GLY O 709 -28.87 116.41 36.71
N ASP O 710 -27.76 115.86 36.23
CA ASP O 710 -27.70 114.46 35.82
C ASP O 710 -27.42 113.53 37.00
N ASP O 711 -27.28 114.07 38.20
CA ASP O 711 -27.19 113.30 39.43
C ASP O 711 -27.85 114.10 40.54
N LEU O 712 -28.13 113.43 41.65
CA LEU O 712 -28.86 114.05 42.75
C LEU O 712 -27.99 114.94 43.62
N TYR O 713 -26.80 115.32 43.14
CA TYR O 713 -25.96 116.31 43.80
C TYR O 713 -26.02 117.68 43.12
N SER O 714 -26.73 117.79 42.00
CA SER O 714 -26.77 119.02 41.23
C SER O 714 -28.22 119.32 40.84
N TYR O 715 -28.48 120.60 40.58
CA TYR O 715 -29.83 121.09 40.30
C TYR O 715 -29.71 122.17 39.22
N GLY O 716 -30.18 121.85 38.01
CA GLY O 716 -29.93 122.70 36.86
C GLY O 716 -31.21 123.12 36.17
N PHE O 717 -31.05 124.05 35.24
CA PHE O 717 -32.15 124.62 34.47
C PHE O 717 -31.67 124.93 33.07
N ASP O 718 -32.29 124.31 32.06
CA ASP O 718 -31.84 124.42 30.68
C ASP O 718 -32.70 125.37 29.85
N GLY O 719 -33.60 126.12 30.47
CA GLY O 719 -34.49 127.02 29.76
C GLY O 719 -35.86 126.44 29.50
N LEU O 720 -36.01 125.12 29.56
CA LEU O 720 -37.29 124.46 29.35
C LEU O 720 -37.61 123.39 30.39
N HIS O 721 -36.62 122.85 31.09
CA HIS O 721 -36.84 121.80 32.07
C HIS O 721 -36.02 122.10 33.31
N LEU O 722 -36.45 121.52 34.43
CA LEU O 722 -35.65 121.48 35.65
C LEU O 722 -34.98 120.12 35.73
N TRP O 723 -33.66 120.11 35.78
CA TRP O 723 -32.87 118.88 35.69
C TRP O 723 -32.36 118.50 37.07
N THR O 724 -32.62 117.25 37.47
CA THR O 724 -32.08 116.71 38.70
C THR O 724 -32.26 115.20 38.67
N GLY O 725 -31.22 114.47 39.06
CA GLY O 725 -31.26 113.02 39.05
C GLY O 725 -31.47 112.44 37.68
N HIS O 726 -30.91 113.10 36.66
CA HIS O 726 -30.99 112.60 35.28
C HIS O 726 -32.43 112.41 34.83
N VAL O 727 -33.30 113.34 35.20
CA VAL O 727 -34.71 113.31 34.80
C VAL O 727 -35.13 114.73 34.49
N ALA O 728 -35.59 114.95 33.26
CA ALA O 728 -36.09 116.27 32.86
C ALA O 728 -37.56 116.40 33.21
N ARG O 729 -37.92 117.52 33.83
CA ARG O 729 -39.29 117.80 34.20
C ARG O 729 -39.71 119.15 33.62
N PRO O 730 -40.66 119.19 32.69
CA PRO O 730 -40.99 120.48 32.05
C PRO O 730 -41.44 121.51 33.07
N VAL O 731 -41.00 122.75 32.83
CA VAL O 731 -41.36 123.89 33.68
C VAL O 731 -41.86 124.99 32.77
N THR O 732 -42.76 125.83 33.31
CA THR O 732 -43.45 126.85 32.53
C THR O 732 -42.92 128.23 32.88
N SER O 733 -42.55 128.98 31.85
CA SER O 733 -42.16 130.37 31.97
C SER O 733 -42.72 131.14 30.78
N PRO O 734 -42.99 132.44 30.95
CA PRO O 734 -43.52 133.21 29.82
C PRO O 734 -42.58 133.16 28.63
N GLY O 735 -43.14 132.84 27.46
CA GLY O 735 -42.35 132.72 26.25
C GLY O 735 -41.22 131.73 26.42
N GLN O 736 -41.51 130.57 27.00
CA GLN O 736 -40.48 129.60 27.31
C GLN O 736 -39.79 129.13 26.02
N HIS O 737 -38.46 129.02 26.09
CA HIS O 737 -37.67 128.52 24.99
C HIS O 737 -36.32 128.06 25.52
N LEU O 738 -35.66 127.23 24.73
CA LEU O 738 -34.33 126.75 25.10
C LEU O 738 -33.37 127.93 25.22
N LEU O 739 -32.45 127.83 26.17
CA LEU O 739 -31.49 128.90 26.43
C LEU O 739 -30.88 129.37 25.12
N ALA O 740 -31.11 130.63 24.79
CA ALA O 740 -30.72 131.23 23.52
C ALA O 740 -29.89 132.48 23.79
N PRO O 741 -29.22 133.01 22.77
CA PRO O 741 -28.39 134.20 22.97
C PRO O 741 -29.20 135.36 23.54
N GLU O 742 -28.53 136.17 24.37
CA GLU O 742 -29.14 137.35 24.98
C GLU O 742 -30.16 136.97 26.05
N ASP O 743 -29.96 135.80 26.66
CA ASP O 743 -30.82 135.32 27.75
C ASP O 743 -30.07 135.48 29.06
N VAL O 744 -30.75 136.05 30.05
CA VAL O 744 -30.20 136.16 31.39
C VAL O 744 -30.93 135.18 32.29
N VAL O 745 -30.17 134.30 32.94
CA VAL O 745 -30.71 133.30 33.86
C VAL O 745 -30.25 133.68 35.25
N SER O 746 -31.21 134.00 36.12
CA SER O 746 -30.94 134.39 37.49
C SER O 746 -31.21 133.20 38.40
N CYS O 747 -30.21 132.81 39.19
CA CYS O 747 -30.31 131.68 40.08
C CYS O 747 -30.29 132.16 41.52
N CYS O 748 -31.27 131.72 42.31
CA CYS O 748 -31.41 132.08 43.70
C CYS O 748 -31.37 130.81 44.55
N LEU O 749 -30.57 130.82 45.61
CA LEU O 749 -30.47 129.69 46.53
C LEU O 749 -30.74 130.19 47.94
N ASP O 750 -31.64 129.51 48.64
CA ASP O 750 -31.94 129.80 50.03
C ASP O 750 -31.64 128.55 50.84
N LEU O 751 -30.65 128.65 51.74
CA LEU O 751 -30.29 127.48 52.55
C LEU O 751 -31.27 127.26 53.69
N SER O 752 -32.09 128.25 54.01
CA SER O 752 -32.98 128.13 55.16
C SER O 752 -34.18 127.23 54.87
N VAL O 753 -34.71 127.31 53.65
CA VAL O 753 -35.95 126.61 53.32
C VAL O 753 -35.74 125.09 53.39
N PRO O 754 -34.77 124.52 52.65
CA PRO O 754 -33.92 125.03 51.57
C PRO O 754 -34.62 124.98 50.21
N SER O 755 -34.23 125.87 49.30
CA SER O 755 -34.88 125.95 48.00
C SER O 755 -33.93 126.55 46.97
N ILE O 756 -34.13 126.17 45.71
CA ILE O 756 -33.42 126.74 44.58
C ILE O 756 -34.46 127.21 43.58
N SER O 757 -34.41 128.49 43.21
CA SER O 757 -35.37 129.09 42.29
C SER O 757 -34.65 129.75 41.13
N PHE O 758 -35.37 129.91 40.02
CA PHE O 758 -34.80 130.41 38.79
C PHE O 758 -35.67 131.52 38.24
N ARG O 759 -35.05 132.40 37.46
CA ARG O 759 -35.75 133.44 36.72
C ARG O 759 -35.12 133.56 35.34
N ILE O 760 -35.96 133.67 34.31
CA ILE O 760 -35.50 133.78 32.93
C ILE O 760 -35.91 135.14 32.41
N ASN O 761 -34.93 135.96 32.03
CA ASN O 761 -35.15 137.30 31.51
C ASN O 761 -36.00 138.13 32.47
N GLY O 762 -35.85 137.90 33.77
CA GLY O 762 -36.65 138.58 34.77
C GLY O 762 -38.01 137.97 35.03
N CYS O 763 -38.45 137.04 34.20
CA CYS O 763 -39.75 136.40 34.41
C CYS O 763 -39.62 135.22 35.36
N PRO O 764 -40.53 135.05 36.33
CA PRO O 764 -40.42 133.91 37.23
C PRO O 764 -40.51 132.59 36.49
N VAL O 765 -39.72 131.62 36.95
CA VAL O 765 -39.81 130.25 36.46
C VAL O 765 -40.63 129.45 37.47
N GLN O 766 -41.77 128.94 37.02
CA GLN O 766 -42.74 128.32 37.93
C GLN O 766 -42.31 126.89 38.26
N GLY O 767 -41.25 126.81 39.04
CA GLY O 767 -40.75 125.54 39.53
C GLY O 767 -39.61 125.73 40.52
N VAL O 768 -39.49 124.84 41.50
CA VAL O 768 -38.47 125.00 42.53
C VAL O 768 -37.99 123.63 43.00
N PHE O 769 -36.70 123.55 43.31
CA PHE O 769 -36.13 122.44 44.06
C PHE O 769 -36.22 122.78 45.55
N GLU O 770 -36.46 121.76 46.38
CA GLU O 770 -36.51 121.99 47.81
C GLU O 770 -36.23 120.70 48.56
N SER O 771 -35.98 120.83 49.85
CA SER O 771 -35.78 119.70 50.75
C SER O 771 -34.61 118.83 50.31
N PHE O 772 -33.62 119.42 49.65
CA PHE O 772 -32.45 118.65 49.24
C PHE O 772 -31.45 118.56 50.38
N ASN O 773 -30.50 117.65 50.22
CA ASN O 773 -29.52 117.40 51.27
C ASN O 773 -28.64 118.62 51.49
N LEU O 774 -28.37 118.92 52.76
CA LEU O 774 -27.44 119.98 53.15
C LEU O 774 -26.35 119.36 54.01
N ASP O 775 -25.31 118.84 53.35
CA ASP O 775 -24.15 118.27 54.02
C ASP O 775 -22.86 118.60 53.28
N GLY O 776 -22.84 119.69 52.54
CA GLY O 776 -21.66 120.11 51.82
C GLY O 776 -21.74 121.58 51.51
N LEU O 777 -20.92 122.01 50.55
CA LEU O 777 -20.90 123.40 50.11
C LEU O 777 -21.43 123.49 48.69
N PHE O 778 -22.32 124.45 48.47
CA PHE O 778 -22.92 124.68 47.16
C PHE O 778 -22.13 125.74 46.39
N PHE O 779 -21.95 125.49 45.10
CA PHE O 779 -21.25 126.44 44.24
C PHE O 779 -22.04 126.64 42.95
N PRO O 780 -22.03 127.84 42.38
CA PRO O 780 -22.61 128.02 41.04
C PRO O 780 -21.88 127.16 40.02
N VAL O 781 -22.62 126.65 39.03
CA VAL O 781 -22.05 125.76 38.03
C VAL O 781 -22.81 125.94 36.72
N VAL O 782 -22.07 125.87 35.62
CA VAL O 782 -22.65 125.80 34.28
C VAL O 782 -22.02 124.60 33.58
N SER O 783 -22.87 123.71 33.07
CA SER O 783 -22.42 122.55 32.31
C SER O 783 -22.75 122.78 30.84
N PHE O 784 -21.83 122.40 29.96
CA PHE O 784 -21.99 122.72 28.56
C PHE O 784 -21.22 121.75 27.68
N SER O 785 -21.65 121.67 26.44
CA SER O 785 -20.90 121.04 25.36
C SER O 785 -20.27 122.16 24.52
N ALA O 786 -19.58 121.79 23.44
CA ALA O 786 -18.91 122.75 22.59
C ALA O 786 -19.94 123.57 21.82
N GLY O 787 -19.64 124.86 21.66
CA GLY O 787 -20.49 125.74 20.89
C GLY O 787 -21.23 126.76 21.73
N ILE O 788 -20.61 127.24 22.80
CA ILE O 788 -21.24 128.22 23.67
C ILE O 788 -20.28 129.35 24.00
N LYS O 789 -20.88 130.48 24.39
CA LYS O 789 -20.19 131.56 25.08
C LYS O 789 -21.17 132.10 26.12
N VAL O 790 -20.80 132.00 27.40
CA VAL O 790 -21.64 132.46 28.49
C VAL O 790 -20.80 133.34 29.40
N ARG O 791 -21.48 134.08 30.26
CA ARG O 791 -20.82 134.98 31.19
C ARG O 791 -21.47 134.89 32.56
N PHE O 792 -20.66 134.55 33.56
CA PHE O 792 -21.07 134.63 34.96
C PHE O 792 -21.12 136.10 35.37
N LEU O 793 -22.28 136.53 35.84
CA LEU O 793 -22.47 137.82 36.50
C LEU O 793 -22.65 137.53 37.99
N LEU O 794 -21.62 137.85 38.77
CA LEU O 794 -21.58 137.56 40.19
C LEU O 794 -21.81 138.80 41.05
N GLY O 795 -22.17 139.92 40.43
CA GLY O 795 -22.41 141.14 41.16
C GLY O 795 -21.13 141.85 41.53
N GLY O 796 -21.25 143.01 42.18
CA GLY O 796 -20.06 143.75 42.57
C GLY O 796 -19.24 144.14 41.36
N ARG O 797 -17.92 144.07 41.51
CA ARG O 797 -17.01 144.38 40.41
C ARG O 797 -16.71 143.17 39.53
N HIS O 798 -17.25 142.01 39.85
CA HIS O 798 -17.06 140.81 39.05
C HIS O 798 -18.22 140.50 38.13
N GLY O 799 -19.17 141.41 38.00
CA GLY O 799 -20.32 141.20 37.14
C GLY O 799 -21.41 142.19 37.48
N GLU O 800 -22.19 142.54 36.46
CA GLU O 800 -23.27 143.51 36.59
C GLU O 800 -24.61 142.78 36.48
N PHE O 801 -25.41 142.84 37.54
CA PHE O 801 -26.70 142.17 37.57
C PHE O 801 -27.67 142.93 36.68
N LYS O 802 -28.17 142.26 35.64
CA LYS O 802 -29.18 142.88 34.78
C LYS O 802 -30.49 143.08 35.54
N PHE O 803 -30.81 142.18 36.47
CA PHE O 803 -31.99 142.26 37.30
C PHE O 803 -31.57 142.28 38.76
N LEU O 804 -32.17 143.17 39.54
CA LEU O 804 -31.79 143.31 40.94
C LEU O 804 -32.08 142.00 41.67
N PRO O 805 -31.21 141.57 42.59
CA PRO O 805 -31.49 140.36 43.36
C PRO O 805 -32.77 140.52 44.16
N PRO O 806 -33.55 139.44 44.32
CA PRO O 806 -34.72 139.53 45.18
C PRO O 806 -34.32 139.85 46.60
N PRO O 807 -35.21 140.47 47.38
CA PRO O 807 -34.81 141.03 48.67
C PRO O 807 -34.14 140.00 49.57
N GLY O 808 -33.06 140.42 50.21
CA GLY O 808 -32.36 139.58 51.19
C GLY O 808 -31.35 138.62 50.62
N TYR O 809 -31.16 138.59 49.31
CA TYR O 809 -30.20 137.71 48.67
C TYR O 809 -28.88 138.45 48.47
N ALA O 810 -27.78 137.84 48.90
CA ALA O 810 -26.49 138.47 48.77
C ALA O 810 -25.84 138.08 47.45
N PRO O 811 -25.19 139.02 46.75
CA PRO O 811 -24.43 138.64 45.55
C PRO O 811 -23.35 137.63 45.89
N CYS O 812 -23.09 136.72 44.96
CA CYS O 812 -22.15 135.63 45.22
C CYS O 812 -20.71 136.09 45.28
N HIS O 813 -20.38 137.27 44.73
CA HIS O 813 -19.00 137.73 44.82
C HIS O 813 -18.59 138.00 46.26
N GLU O 814 -19.56 138.13 47.16
CA GLU O 814 -19.28 138.34 48.58
C GLU O 814 -18.86 137.08 49.30
N ALA O 815 -18.94 135.92 48.65
CA ALA O 815 -18.65 134.64 49.28
C ALA O 815 -17.24 134.15 49.00
N VAL O 816 -16.43 134.95 48.30
CA VAL O 816 -15.06 134.57 48.01
C VAL O 816 -14.25 134.58 49.31
N LEU O 817 -13.50 133.52 49.55
CA LEU O 817 -12.80 133.37 50.81
C LEU O 817 -11.65 134.38 50.92
N PRO O 818 -11.22 134.71 52.14
CA PRO O 818 -10.14 135.71 52.28
C PRO O 818 -8.85 135.32 51.57
N ARG O 819 -8.51 134.04 51.57
CA ARG O 819 -7.23 133.58 51.03
C ARG O 819 -7.27 133.29 49.54
N GLU O 820 -8.42 133.44 48.89
CA GLU O 820 -8.59 133.06 47.50
C GLU O 820 -8.96 134.27 46.66
N ARG O 821 -8.67 134.17 45.37
CA ARG O 821 -9.03 135.18 44.38
C ARG O 821 -10.08 134.60 43.45
N LEU O 822 -11.13 135.37 43.19
CA LEU O 822 -12.25 134.85 42.41
C LEU O 822 -11.81 134.56 40.98
N HIS O 823 -12.21 133.39 40.48
CA HIS O 823 -11.91 132.99 39.11
C HIS O 823 -12.72 131.75 38.78
N LEU O 824 -12.70 131.37 37.51
CA LEU O 824 -13.42 130.21 37.02
C LEU O 824 -12.46 129.03 36.89
N GLN O 825 -12.92 127.86 37.31
CA GLN O 825 -12.08 126.67 37.35
C GLN O 825 -12.90 125.43 36.99
N PRO O 826 -12.25 124.38 36.48
CA PRO O 826 -12.94 123.11 36.32
C PRO O 826 -13.21 122.45 37.67
N ILE O 827 -13.93 121.34 37.62
CA ILE O 827 -14.34 120.61 38.81
C ILE O 827 -13.67 119.23 38.81
N LYS O 828 -12.89 118.95 39.85
CA LYS O 828 -12.29 117.63 40.06
C LYS O 828 -11.57 117.15 38.81
N GLU O 829 -10.80 118.05 38.20
CA GLU O 829 -10.00 117.68 37.05
C GLU O 829 -8.88 116.74 37.46
N TYR O 830 -8.68 115.68 36.67
CA TYR O 830 -7.54 114.81 36.82
C TYR O 830 -6.45 115.07 35.78
N ARG O 831 -6.60 116.13 34.99
CA ARG O 831 -5.65 116.46 33.94
C ARG O 831 -5.80 117.94 33.59
N ARG O 832 -4.68 118.57 33.25
CA ARG O 832 -4.70 119.95 32.80
C ARG O 832 -3.60 120.17 31.77
N GLU O 833 -3.65 121.30 31.10
CA GLU O 833 -2.58 121.67 30.17
C GLU O 833 -1.43 122.32 30.92
N GLY O 834 -0.27 122.35 30.28
CA GLY O 834 0.86 123.07 30.81
C GLY O 834 1.86 123.44 29.74
N PRO O 835 2.98 124.02 30.14
CA PRO O 835 3.99 124.43 29.14
C PRO O 835 4.53 123.25 28.33
N ARG O 836 5.05 122.24 29.01
CA ARG O 836 5.67 121.13 28.30
C ARG O 836 4.64 120.17 27.73
N GLY O 837 3.55 119.94 28.47
CA GLY O 837 2.54 119.00 28.06
C GLY O 837 1.39 118.90 29.04
N PRO O 838 0.68 117.76 29.02
CA PRO O 838 -0.39 117.57 30.00
C PRO O 838 0.17 117.25 31.39
N HIS O 839 -0.39 117.91 32.39
CA HIS O 839 -0.09 117.65 33.79
C HIS O 839 -1.17 116.75 34.38
N LEU O 840 -0.75 115.67 35.03
CA LEU O 840 -1.67 114.84 35.77
C LEU O 840 -1.86 115.39 37.17
N VAL O 841 -3.11 115.42 37.63
CA VAL O 841 -3.49 116.09 38.86
C VAL O 841 -4.08 115.05 39.82
N GLY O 842 -3.74 115.18 41.09
CA GLY O 842 -4.33 114.35 42.12
C GLY O 842 -5.60 114.97 42.65
N PRO O 843 -6.29 114.27 43.55
CA PRO O 843 -7.55 114.78 44.08
C PRO O 843 -7.36 116.14 44.76
N SER O 844 -8.33 117.02 44.56
CA SER O 844 -8.27 118.33 45.19
C SER O 844 -8.84 118.27 46.61
N ARG O 845 -8.23 119.04 47.51
CA ARG O 845 -8.70 119.14 48.88
C ARG O 845 -9.87 120.13 48.94
N CYS O 846 -11.00 119.66 49.48
CA CYS O 846 -12.23 120.42 49.49
C CYS O 846 -12.65 120.70 50.93
N LEU O 847 -13.11 121.93 51.17
CA LEU O 847 -13.63 122.30 52.47
C LEU O 847 -15.03 121.71 52.67
N SER O 848 -15.38 121.48 53.93
CA SER O 848 -16.69 120.99 54.31
C SER O 848 -17.50 122.09 54.98
N HIS O 849 -18.82 121.94 54.95
CA HIS O 849 -19.69 122.94 55.55
C HIS O 849 -19.38 123.13 57.03
N LEU O 850 -18.82 122.09 57.67
CA LEU O 850 -18.45 122.21 59.07
C LEU O 850 -17.16 122.99 59.28
N ASP O 851 -16.36 123.18 58.23
CA ASP O 851 -15.12 123.94 58.37
C ASP O 851 -15.39 125.42 58.65
N PHE O 852 -16.63 125.87 58.46
CA PHE O 852 -17.00 127.26 58.70
C PHE O 852 -17.58 127.48 60.09
N VAL O 853 -17.59 126.45 60.93
CA VAL O 853 -18.15 126.53 62.28
C VAL O 853 -17.00 126.70 63.26
N PRO O 854 -16.86 127.85 63.92
CA PRO O 854 -15.80 127.98 64.92
C PRO O 854 -15.98 126.99 66.05
N CYS O 855 -14.86 126.45 66.53
CA CYS O 855 -14.85 125.46 67.61
C CYS O 855 -13.81 125.88 68.65
N PRO O 856 -14.05 126.99 69.34
CA PRO O 856 -13.09 127.43 70.36
C PRO O 856 -13.11 126.54 71.59
N VAL O 857 -11.98 126.53 72.29
CA VAL O 857 -11.88 125.78 73.54
C VAL O 857 -12.49 126.59 74.67
N ASP O 858 -13.42 125.98 75.40
CA ASP O 858 -14.11 126.66 76.48
C ASP O 858 -13.15 127.01 77.61
N THR O 859 -13.42 128.13 78.28
CA THR O 859 -12.58 128.61 79.36
C THR O 859 -13.35 128.92 80.64
N ILE O 860 -14.69 128.91 80.60
CA ILE O 860 -15.46 129.30 81.78
C ILE O 860 -15.14 128.40 82.97
N GLN O 861 -14.91 127.12 82.70
CA GLN O 861 -14.61 126.19 83.79
C GLN O 861 -13.29 126.48 84.48
N ILE O 862 -12.45 127.33 83.90
CA ILE O 862 -11.11 127.59 84.43
C ILE O 862 -11.22 128.54 85.62
N VAL O 863 -10.37 128.32 86.63
CA VAL O 863 -10.29 129.18 87.80
C VAL O 863 -8.90 129.81 87.83
N LEU O 864 -8.84 131.09 88.14
CA LEU O 864 -7.59 131.84 88.04
C LEU O 864 -6.93 131.97 89.42
N PRO O 865 -5.76 131.40 89.64
CA PRO O 865 -5.04 131.63 90.90
C PRO O 865 -4.69 133.09 91.08
N PRO O 866 -4.70 133.60 92.32
CA PRO O 866 -4.37 135.03 92.53
C PRO O 866 -2.97 135.40 92.05
N HIS O 867 -1.98 134.52 92.21
CA HIS O 867 -0.65 134.82 91.73
C HIS O 867 -0.67 135.02 90.21
N LEU O 868 -1.70 134.51 89.55
CA LEU O 868 -1.90 134.80 88.13
C LEU O 868 -2.80 136.03 87.96
N GLU O 869 -3.55 136.38 89.02
CA GLU O 869 -4.30 137.64 88.99
C GLU O 869 -3.35 138.83 88.91
N ARG O 870 -2.27 138.80 89.69
CA ARG O 870 -1.29 139.88 89.59
C ARG O 870 -0.63 139.89 88.22
N ILE O 871 -0.38 138.71 87.66
CA ILE O 871 0.09 138.65 86.28
C ILE O 871 -0.87 139.40 85.37
N ARG O 872 -2.12 138.96 85.29
CA ARG O 872 -3.07 139.60 84.37
C ARG O 872 -3.11 141.11 84.58
N GLU O 873 -2.97 141.56 85.83
CA GLU O 873 -2.92 143.01 86.07
C GLU O 873 -1.73 143.65 85.36
N LYS O 874 -0.53 143.13 85.60
CA LYS O 874 0.66 143.72 84.98
C LYS O 874 0.63 143.57 83.47
N LEU O 875 0.14 142.42 83.00
CA LEU O 875 0.00 142.18 81.57
C LEU O 875 -0.92 143.21 80.93
N ALA O 876 -2.08 143.47 81.55
CA ALA O 876 -2.98 144.48 81.03
C ALA O 876 -2.32 145.85 81.02
N GLU O 877 -1.49 146.13 82.03
CA GLU O 877 -0.75 147.39 81.97
C GLU O 877 0.12 147.45 80.71
N ASN O 878 0.96 146.44 80.50
CA ASN O 878 1.84 146.48 79.33
C ASN O 878 1.02 146.51 78.04
N ILE O 879 -0.16 145.89 78.04
CA ILE O 879 -1.00 145.91 76.86
C ILE O 879 -1.55 147.30 76.58
N HIS O 880 -1.87 148.09 77.62
CA HIS O 880 -2.34 149.42 77.26
C HIS O 880 -1.16 150.25 76.76
N GLU O 881 0.04 149.94 77.26
CA GLU O 881 1.23 150.62 76.72
C GLU O 881 1.40 150.33 75.23
N LEU O 882 1.27 149.07 74.85
CA LEU O 882 1.33 148.72 73.43
C LEU O 882 0.19 149.37 72.67
N TRP O 883 -1.00 149.38 73.26
CA TRP O 883 -2.12 150.14 72.71
C TRP O 883 -1.72 151.56 72.35
N ALA O 884 -1.20 152.31 73.33
CA ALA O 884 -0.86 153.71 73.10
C ALA O 884 0.21 153.87 72.03
N LEU O 885 1.25 153.02 72.07
CA LEU O 885 2.28 153.16 71.06
C LEU O 885 1.72 152.89 69.67
N THR O 886 0.94 151.83 69.52
CA THR O 886 0.34 151.55 68.22
C THR O 886 -0.56 152.70 67.78
N ARG O 887 -1.25 153.35 68.71
CA ARG O 887 -2.11 154.46 68.34
C ARG O 887 -1.28 155.66 67.86
N ILE O 888 -0.09 155.86 68.44
CA ILE O 888 0.73 156.96 67.93
C ILE O 888 1.27 156.63 66.54
N GLU O 889 1.64 155.37 66.29
CA GLU O 889 1.99 155.06 64.90
C GLU O 889 0.80 155.19 63.95
N GLN O 890 -0.41 154.91 64.41
CA GLN O 890 -1.59 155.03 63.56
C GLN O 890 -2.00 156.47 63.30
N GLY O 891 -1.74 157.38 64.25
CA GLY O 891 -2.12 158.76 64.11
C GLY O 891 -3.22 159.23 65.04
N TRP O 892 -3.80 158.34 65.83
CA TRP O 892 -4.83 158.73 66.80
C TRP O 892 -4.22 159.67 67.84
N THR O 893 -4.99 160.70 68.19
CA THR O 893 -4.66 161.56 69.33
C THR O 893 -5.74 161.45 70.38
N TYR O 894 -5.51 162.07 71.54
CA TYR O 894 -6.43 161.94 72.65
C TYR O 894 -7.57 162.93 72.55
N GLY O 895 -8.78 162.47 72.89
CA GLY O 895 -9.95 163.32 72.88
C GLY O 895 -11.13 162.67 73.58
N PRO O 896 -12.14 163.46 73.93
CA PRO O 896 -13.29 162.91 74.65
C PRO O 896 -14.22 162.11 73.76
N VAL O 897 -14.45 162.58 72.53
CA VAL O 897 -15.30 161.89 71.58
C VAL O 897 -14.42 161.07 70.63
N ARG O 898 -14.99 159.98 70.09
CA ARG O 898 -14.25 159.03 69.27
C ARG O 898 -14.84 159.02 67.87
N ASP O 899 -14.00 159.30 66.87
CA ASP O 899 -14.37 159.20 65.47
C ASP O 899 -13.13 158.86 64.66
N ASP O 900 -13.31 157.99 63.66
CA ASP O 900 -12.17 157.55 62.85
C ASP O 900 -11.54 158.73 62.10
N ASN O 901 -12.37 159.60 61.53
CA ASN O 901 -11.84 160.76 60.83
C ASN O 901 -11.28 161.79 61.81
N LYS O 902 -11.90 161.91 62.99
CA LYS O 902 -11.48 162.92 63.95
C LYS O 902 -10.19 162.53 64.65
N ARG O 903 -9.79 161.26 64.55
CA ARG O 903 -8.51 160.79 65.10
C ARG O 903 -8.38 161.12 66.58
N LEU O 904 -9.49 160.99 67.30
CA LEU O 904 -9.54 161.25 68.74
C LEU O 904 -10.09 160.02 69.44
N HIS O 905 -9.45 159.62 70.54
CA HIS O 905 -9.84 158.41 71.26
C HIS O 905 -9.83 158.69 72.76
N PRO O 906 -10.89 158.33 73.49
CA PRO O 906 -10.86 158.58 74.95
C PRO O 906 -9.99 157.61 75.72
N CYS O 907 -9.77 156.41 75.19
CA CYS O 907 -9.06 155.37 75.92
C CYS O 907 -7.55 155.50 75.78
N LEU O 908 -7.07 156.67 75.37
CA LEU O 908 -5.65 156.93 75.24
C LEU O 908 -5.00 157.35 76.56
N VAL O 909 -5.79 157.48 77.62
CA VAL O 909 -5.29 157.94 78.91
C VAL O 909 -4.72 156.73 79.64
N ASN O 910 -3.88 156.96 80.65
CA ASN O 910 -3.16 155.88 81.31
C ASN O 910 -4.14 154.84 81.87
N PHE O 911 -3.61 153.63 82.10
CA PHE O 911 -4.46 152.49 82.47
C PHE O 911 -5.23 152.75 83.76
N HIS O 912 -4.53 153.14 84.82
CA HIS O 912 -5.22 153.49 86.06
C HIS O 912 -6.23 154.59 85.80
N SER O 913 -5.94 155.45 84.83
CA SER O 913 -6.80 156.59 84.49
C SER O 913 -7.80 156.30 83.38
N LEU O 914 -7.75 155.12 82.76
CA LEU O 914 -8.81 154.78 81.80
C LEU O 914 -10.14 154.71 82.53
N PRO O 915 -11.25 154.98 81.85
CA PRO O 915 -12.56 154.82 82.49
C PRO O 915 -12.74 153.40 82.99
N GLU O 916 -13.42 153.26 84.13
CA GLU O 916 -13.48 151.98 84.80
C GLU O 916 -13.94 150.83 83.91
N PRO O 917 -15.05 150.93 83.17
CA PRO O 917 -15.41 149.82 82.28
C PRO O 917 -14.36 149.52 81.22
N GLU O 918 -13.61 150.54 80.79
CA GLU O 918 -12.64 150.32 79.74
C GLU O 918 -11.42 149.58 80.26
N ARG O 919 -10.79 150.12 81.31
CA ARG O 919 -9.80 149.37 82.06
C ARG O 919 -10.30 147.96 82.34
N ASN O 920 -11.58 147.82 82.62
CA ASN O 920 -12.12 146.50 82.96
CA ASN O 920 -12.12 146.50 82.96
C ASN O 920 -12.06 145.55 81.77
N TYR O 921 -12.48 146.00 80.58
CA TYR O 921 -12.47 145.02 79.49
C TYR O 921 -11.04 144.62 79.19
N ASN O 922 -10.12 145.58 79.28
CA ASN O 922 -8.71 145.19 79.20
C ASN O 922 -8.37 144.11 80.22
N LEU O 923 -8.87 144.26 81.45
CA LEU O 923 -8.57 143.28 82.48
C LEU O 923 -9.06 141.88 82.11
N GLN O 924 -10.33 141.73 81.69
CA GLN O 924 -10.76 140.35 81.44
C GLN O 924 -10.26 139.85 80.10
N MET O 925 -9.78 140.73 79.21
CA MET O 925 -9.01 140.23 78.07
C MET O 925 -7.73 139.56 78.54
N SER O 926 -7.00 140.21 79.44
CA SER O 926 -5.80 139.57 80.00
C SER O 926 -6.16 138.27 80.72
N GLY O 927 -7.22 138.31 81.53
CA GLY O 927 -7.65 137.12 82.22
C GLY O 927 -8.03 136.00 81.27
N GLU O 928 -8.68 136.35 80.16
CA GLU O 928 -9.04 135.35 79.16
C GLU O 928 -7.80 134.74 78.54
N THR O 929 -6.78 135.55 78.25
CA THR O 929 -5.53 134.97 77.76
C THR O 929 -4.99 133.94 78.74
N LEU O 930 -4.88 134.30 80.02
CA LEU O 930 -4.36 133.35 81.00
C LEU O 930 -5.23 132.10 81.08
N LYS O 931 -6.55 132.27 81.09
CA LYS O 931 -7.46 131.13 81.15
C LYS O 931 -7.28 130.23 79.93
N THR O 932 -7.06 130.83 78.75
CA THR O 932 -6.83 130.03 77.55
C THR O 932 -5.55 129.21 77.67
N LEU O 933 -4.49 129.82 78.18
CA LEU O 933 -3.27 129.03 78.41
C LEU O 933 -3.56 127.85 79.31
N LEU O 934 -4.20 128.09 80.45
CA LEU O 934 -4.43 127.00 81.39
C LEU O 934 -5.33 125.93 80.78
N ALA O 935 -6.39 126.33 80.07
CA ALA O 935 -7.29 125.36 79.46
C ALA O 935 -6.57 124.52 78.41
N LEU O 936 -5.76 125.15 77.56
CA LEU O 936 -4.93 124.38 76.65
C LEU O 936 -3.97 123.48 77.42
N GLY O 937 -3.69 123.79 78.68
CA GLY O 937 -2.94 122.91 79.54
C GLY O 937 -1.61 123.46 80.01
N CYS O 938 -1.28 124.70 79.65
CA CYS O 938 -0.01 125.28 80.06
C CYS O 938 0.04 125.40 81.58
N HIS O 939 1.16 124.95 82.15
CA HIS O 939 1.42 125.09 83.57
C HIS O 939 2.40 126.24 83.78
N VAL O 940 2.16 126.99 84.85
CA VAL O 940 2.96 128.17 85.17
C VAL O 940 3.58 127.98 86.54
N GLY O 941 4.89 128.24 86.62
CA GLY O 941 5.63 128.04 87.86
C GLY O 941 6.61 129.16 88.12
N MET O 942 7.00 129.31 89.39
CA MET O 942 7.88 130.40 89.78
C MET O 942 9.24 130.23 89.10
N ALA O 943 9.81 131.34 88.64
CA ALA O 943 11.16 131.32 88.05
C ALA O 943 12.11 132.32 88.67
N ASP O 944 11.71 133.57 88.85
CA ASP O 944 12.57 134.58 89.46
C ASP O 944 11.73 135.76 89.90
N GLU O 945 11.76 136.08 91.19
CA GLU O 945 11.09 137.25 91.73
C GLU O 945 11.89 138.52 91.54
N LYS O 946 13.19 138.41 91.22
CA LYS O 946 14.01 139.58 90.93
C LYS O 946 13.86 140.04 89.49
N ALA O 947 13.27 139.21 88.62
CA ALA O 947 13.03 139.64 87.25
C ALA O 947 12.04 140.80 87.21
N GLU O 948 11.07 140.80 88.13
CA GLU O 948 10.15 141.93 88.22
C GLU O 948 10.90 143.24 88.42
N ASP O 949 11.84 143.27 89.36
CA ASP O 949 12.61 144.48 89.61
C ASP O 949 13.54 144.79 88.43
N ASN O 950 14.13 143.74 87.84
CA ASN O 950 15.04 143.96 86.71
C ASN O 950 14.32 144.62 85.55
N LEU O 951 13.09 144.20 85.28
CA LEU O 951 12.33 144.77 84.16
C LEU O 951 12.14 146.27 84.35
N LYS O 952 12.26 147.01 83.25
CA LYS O 952 12.14 148.45 83.27
C LYS O 952 11.36 148.92 82.05
N LYS O 953 10.79 150.12 82.15
CA LYS O 953 10.09 150.74 81.04
C LYS O 953 11.05 151.60 80.23
N THR O 954 10.70 151.80 78.96
CA THR O 954 11.54 152.53 78.02
C THR O 954 11.13 153.99 77.95
N LYS O 955 12.11 154.88 78.09
CA LYS O 955 11.85 156.30 77.93
C LYS O 955 11.42 156.61 76.50
N LEU O 956 10.42 157.48 76.36
CA LEU O 956 9.88 157.80 75.05
C LEU O 956 10.02 159.29 74.74
N PRO O 957 10.33 159.65 73.49
CA PRO O 957 10.34 161.07 73.11
C PRO O 957 8.95 161.70 73.15
N LYS O 958 8.96 163.02 72.92
CA LYS O 958 7.72 163.79 72.98
C LYS O 958 6.76 163.42 71.86
N THR O 959 7.29 163.09 70.68
CA THR O 959 6.42 162.68 69.58
C THR O 959 5.56 161.49 69.99
N TYR O 960 6.14 160.55 70.74
CA TYR O 960 5.35 159.48 71.31
C TYR O 960 4.49 159.98 72.47
N MET O 961 4.96 160.97 73.21
CA MET O 961 4.10 161.64 74.18
C MET O 961 2.91 162.23 73.43
N MET O 962 1.71 162.02 73.96
CA MET O 962 0.50 162.22 73.20
C MET O 962 -0.20 163.50 73.69
N SER O 963 -1.20 163.97 72.94
CA SER O 963 -1.89 165.20 73.33
C SER O 963 -2.50 165.07 74.73
N ASN O 964 -2.76 163.84 75.17
CA ASN O 964 -3.24 163.64 76.54
C ASN O 964 -2.28 164.23 77.56
N GLY O 965 -0.97 164.04 77.34
CA GLY O 965 0.06 164.67 78.13
C GLY O 965 1.04 163.70 78.76
N TYR O 966 0.55 162.56 79.26
CA TYR O 966 1.44 161.64 79.96
C TYR O 966 2.37 160.94 78.98
N LYS O 967 3.44 160.37 79.51
CA LYS O 967 4.41 159.66 78.69
C LYS O 967 4.17 158.15 78.81
N PRO O 968 3.84 157.45 77.73
CA PRO O 968 3.64 156.00 77.84
C PRO O 968 4.92 155.31 78.30
N ALA O 969 4.73 154.19 79.02
CA ALA O 969 5.83 153.45 79.64
C ALA O 969 5.71 151.97 79.27
N PRO O 970 5.98 151.62 78.02
CA PRO O 970 6.01 150.20 77.64
C PRO O 970 7.15 149.47 78.31
N LEU O 971 6.93 148.18 78.57
CA LEU O 971 7.90 147.36 79.27
C LEU O 971 8.94 146.82 78.30
N ASP O 972 10.20 146.84 78.72
CA ASP O 972 11.29 146.33 77.91
C ASP O 972 11.42 144.82 78.10
N LEU O 973 11.50 144.08 77.00
CA LEU O 973 11.54 142.62 77.04
C LEU O 973 12.55 142.04 76.05
N SER O 974 13.61 142.78 75.73
CA SER O 974 14.57 142.31 74.74
C SER O 974 15.32 141.08 75.23
N HIS O 975 15.54 140.96 76.53
CA HIS O 975 16.32 139.84 77.05
C HIS O 975 15.65 138.50 76.76
N VAL O 976 14.32 138.46 76.81
CA VAL O 976 13.60 137.21 76.65
C VAL O 976 13.66 136.74 75.20
N ARG O 977 13.61 135.44 74.99
CA ARG O 977 13.57 134.83 73.67
C ARG O 977 12.62 133.65 73.67
N LEU O 978 11.89 133.49 72.58
CA LEU O 978 10.86 132.46 72.50
C LEU O 978 11.42 131.20 71.84
N THR O 979 10.83 130.05 72.19
CA THR O 979 11.19 128.81 71.50
C THR O 979 10.06 128.40 70.56
N PRO O 980 10.34 127.59 69.54
CA PRO O 980 9.27 127.17 68.64
C PRO O 980 8.07 126.59 69.37
N ALA O 981 8.28 126.04 70.57
CA ALA O 981 7.16 125.59 71.38
C ALA O 981 6.21 126.75 71.70
N GLN O 982 6.74 127.88 72.18
CA GLN O 982 5.85 129.00 72.44
C GLN O 982 5.35 129.62 71.14
N THR O 983 6.09 129.44 70.04
CA THR O 983 5.56 129.93 68.76
C THR O 983 4.28 129.21 68.40
N THR O 984 4.30 127.87 68.41
CA THR O 984 3.09 127.11 68.13
C THR O 984 2.02 127.37 69.19
N LEU O 985 2.45 127.57 70.43
CA LEU O 985 1.48 127.90 71.49
C LEU O 985 0.77 129.21 71.21
N VAL O 986 1.52 130.23 70.74
CA VAL O 986 0.92 131.51 70.40
C VAL O 986 -0.03 131.35 69.22
N ASP O 987 0.38 130.54 68.23
CA ASP O 987 -0.52 130.24 67.13
C ASP O 987 -1.84 129.68 67.64
N ARG O 988 -1.77 128.69 68.54
CA ARG O 988 -2.99 128.07 69.06
C ARG O 988 -3.81 129.06 69.88
N LEU O 989 -3.14 129.89 70.67
CA LEU O 989 -3.85 130.88 71.47
C LEU O 989 -4.60 131.88 70.59
N ALA O 990 -3.94 132.35 69.53
CA ALA O 990 -4.61 133.26 68.60
C ALA O 990 -5.78 132.57 67.92
N GLU O 991 -5.60 131.31 67.52
CA GLU O 991 -6.70 130.56 66.93
C GLU O 991 -7.89 130.49 67.88
N ASN O 992 -7.63 130.15 69.14
CA ASN O 992 -8.71 130.04 70.11
C ASN O 992 -9.39 131.37 70.34
N GLY O 993 -8.62 132.45 70.47
CA GLY O 993 -9.22 133.76 70.68
C GLY O 993 -10.09 134.20 69.52
N HIS O 994 -9.59 134.04 68.30
CA HIS O 994 -10.38 134.41 67.13
C HIS O 994 -11.63 133.54 67.03
N ASN O 995 -11.51 132.25 67.35
CA ASN O 995 -12.67 131.37 67.29
C ASN O 995 -13.72 131.79 68.32
N VAL O 996 -13.29 132.17 69.52
CA VAL O 996 -14.23 132.65 70.53
C VAL O 996 -14.94 133.91 70.03
N TRP O 997 -14.17 134.85 69.48
CA TRP O 997 -14.77 136.09 69.00
C TRP O 997 -15.78 135.81 67.88
N ALA O 998 -15.40 134.93 66.95
CA ALA O 998 -16.29 134.60 65.83
C ALA O 998 -17.55 133.90 66.33
N ARG O 999 -17.41 133.00 67.31
CA ARG O 999 -18.58 132.33 67.86
C ARG O 999 -19.53 133.33 68.51
N ASP O 1000 -18.97 134.28 69.28
CA ASP O 1000 -19.83 135.29 69.89
C ASP O 1000 -20.51 136.15 68.83
N ARG O 1001 -19.79 136.54 67.79
CA ARG O 1001 -20.39 137.35 66.74
C ARG O 1001 -21.50 136.59 66.02
N VAL O 1002 -21.28 135.30 65.76
CA VAL O 1002 -22.31 134.48 65.12
C VAL O 1002 -23.53 134.37 66.03
N ALA O 1003 -23.31 134.16 67.32
CA ALA O 1003 -24.42 134.14 68.27
C ALA O 1003 -25.21 135.44 68.21
N GLN O 1004 -24.51 136.57 68.09
CA GLN O 1004 -25.20 137.84 67.87
C GLN O 1004 -26.00 137.82 66.57
N GLY O 1005 -25.43 137.28 65.50
CA GLY O 1005 -26.13 137.17 64.24
C GLY O 1005 -25.34 137.64 63.04
N TRP O 1006 -24.06 137.94 63.24
CA TRP O 1006 -23.23 138.43 62.16
C TRP O 1006 -22.93 137.32 61.15
N SER O 1007 -22.51 137.72 59.95
CA SER O 1007 -22.18 136.78 58.89
C SER O 1007 -20.92 137.26 58.17
N TYR O 1008 -20.49 136.47 57.19
CA TYR O 1008 -19.27 136.76 56.44
C TYR O 1008 -19.60 137.40 55.10
N SER O 1009 -18.77 138.36 54.69
CA SER O 1009 -18.89 139.00 53.39
C SER O 1009 -17.54 139.57 53.01
N ALA O 1010 -17.11 139.32 51.76
CA ALA O 1010 -15.85 139.88 51.30
C ALA O 1010 -15.86 141.41 51.40
N VAL O 1011 -17.03 142.01 51.20
CA VAL O 1011 -17.21 143.44 51.38
C VAL O 1011 -17.81 143.69 52.76
N GLN O 1012 -17.21 144.62 53.50
CA GLN O 1012 -17.60 144.89 54.88
C GLN O 1012 -18.87 145.74 54.88
N ASP O 1013 -19.83 145.38 55.73
CA ASP O 1013 -21.11 146.05 55.81
C ASP O 1013 -21.60 145.97 57.25
N ILE O 1014 -21.47 147.08 57.99
CA ILE O 1014 -21.78 147.10 59.42
C ILE O 1014 -23.30 147.13 59.62
N PRO O 1015 -24.05 147.96 58.89
CA PRO O 1015 -25.52 147.93 59.07
C PRO O 1015 -26.12 146.56 58.85
N ALA O 1016 -25.55 145.76 57.94
CA ALA O 1016 -26.06 144.43 57.64
C ALA O 1016 -25.35 143.34 58.44
N ARG O 1017 -24.59 143.71 59.46
CA ARG O 1017 -23.86 142.77 60.31
C ARG O 1017 -23.11 141.74 59.47
N ARG O 1018 -22.25 142.25 58.60
CA ARG O 1018 -21.39 141.44 57.73
C ARG O 1018 -19.94 141.87 57.95
N ASN O 1019 -19.07 140.89 58.20
CA ASN O 1019 -17.68 141.17 58.54
C ASN O 1019 -16.76 140.33 57.68
N PRO O 1020 -15.75 140.94 57.03
CA PRO O 1020 -14.77 140.13 56.30
C PRO O 1020 -14.00 139.17 57.18
N ARG O 1021 -13.75 139.52 58.44
CA ARG O 1021 -12.94 138.69 59.32
C ARG O 1021 -13.73 137.57 59.99
N LEU O 1022 -15.06 137.57 59.90
CA LEU O 1022 -15.88 136.61 60.62
C LEU O 1022 -15.77 135.24 59.92
N VAL O 1023 -14.63 134.61 60.14
CA VAL O 1023 -14.34 133.29 59.57
C VAL O 1023 -13.47 132.53 60.56
N PRO O 1024 -13.57 131.20 60.59
CA PRO O 1024 -12.67 130.43 61.45
C PRO O 1024 -11.21 130.73 61.13
N TYR O 1025 -10.39 130.70 62.20
CA TYR O 1025 -9.03 131.24 62.11
C TYR O 1025 -8.25 130.64 60.94
N ARG O 1026 -8.35 129.32 60.75
CA ARG O 1026 -7.51 128.67 59.75
C ARG O 1026 -7.67 129.29 58.37
N LEU O 1027 -8.86 129.82 58.07
CA LEU O 1027 -9.17 130.31 56.74
C LEU O 1027 -8.89 131.81 56.55
N LEU O 1028 -8.35 132.47 57.57
CA LEU O 1028 -8.03 133.89 57.44
C LEU O 1028 -6.82 134.11 56.55
N ASP O 1029 -6.69 135.33 56.04
CA ASP O 1029 -5.50 135.72 55.31
C ASP O 1029 -4.31 135.82 56.24
N GLU O 1030 -3.11 135.72 55.67
CA GLU O 1030 -1.90 135.66 56.48
C GLU O 1030 -1.72 136.93 57.30
N ALA O 1031 -2.00 138.09 56.71
CA ALA O 1031 -1.75 139.35 57.39
C ALA O 1031 -2.52 139.44 58.71
N THR O 1032 -3.82 139.16 58.68
CA THR O 1032 -4.61 139.20 59.90
C THR O 1032 -4.12 138.17 60.91
N LYS O 1033 -3.79 136.96 60.43
CA LYS O 1033 -3.23 135.95 61.31
C LYS O 1033 -1.94 136.43 61.94
N ARG O 1034 -1.08 137.08 61.15
CA ARG O 1034 0.17 137.60 61.68
C ARG O 1034 -0.08 138.65 62.76
N SER O 1035 -1.00 139.57 62.51
CA SER O 1035 -1.29 140.60 63.50
C SER O 1035 -1.81 139.99 64.80
N ASN O 1036 -2.77 139.08 64.70
CA ASN O 1036 -3.35 138.44 65.87
C ASN O 1036 -2.35 137.58 66.62
N ARG O 1037 -1.40 136.93 65.92
CA ARG O 1037 -0.36 136.15 66.55
C ARG O 1037 0.69 137.01 67.23
N ASP O 1038 1.04 138.16 66.63
CA ASP O 1038 1.97 139.10 67.24
C ASP O 1038 1.40 139.74 68.49
N SER O 1039 0.11 140.08 68.47
CA SER O 1039 -0.51 140.67 69.64
C SER O 1039 -0.41 139.75 70.86
N LEU O 1040 -0.64 138.45 70.65
CA LEU O 1040 -0.54 137.50 71.76
C LEU O 1040 0.91 137.12 72.02
N CYS O 1041 1.76 137.16 71.00
CA CYS O 1041 3.18 136.91 71.21
C CYS O 1041 3.77 137.94 72.16
N GLN O 1042 3.35 139.20 72.04
CA GLN O 1042 3.82 140.23 72.96
C GLN O 1042 3.38 139.91 74.39
N ALA O 1043 2.14 139.42 74.56
CA ALA O 1043 1.66 139.11 75.91
C ALA O 1043 2.42 137.94 76.52
N VAL O 1044 2.65 136.88 75.75
CA VAL O 1044 3.40 135.75 76.28
C VAL O 1044 4.84 136.19 76.57
N ARG O 1045 5.36 137.13 75.77
CA ARG O 1045 6.65 137.73 76.09
C ARG O 1045 6.60 138.43 77.43
N THR O 1046 5.53 139.19 77.69
CA THR O 1046 5.38 139.85 78.98
C THR O 1046 5.44 138.85 80.11
N LEU O 1047 4.67 137.77 79.98
CA LEU O 1047 4.62 136.76 81.04
C LEU O 1047 5.99 136.12 81.26
N LEU O 1048 6.65 135.69 80.18
CA LEU O 1048 7.95 135.03 80.33
C LEU O 1048 9.00 135.99 80.89
N GLY O 1049 8.96 137.26 80.48
CA GLY O 1049 9.88 138.23 81.03
C GLY O 1049 9.65 138.45 82.51
N TYR O 1050 8.38 138.47 82.93
CA TYR O 1050 8.08 138.44 84.35
C TYR O 1050 8.65 137.17 84.97
N GLY O 1051 8.83 136.13 84.16
CA GLY O 1051 9.62 134.97 84.56
C GLY O 1051 8.80 133.71 84.65
N TYR O 1052 7.50 133.87 84.89
CA TYR O 1052 6.65 132.75 85.21
C TYR O 1052 6.71 131.73 84.07
N ASN O 1053 7.28 130.56 84.34
CA ASN O 1053 7.68 129.63 83.29
C ASN O 1053 6.46 128.90 82.76
N ILE O 1054 6.23 128.98 81.45
CA ILE O 1054 5.11 128.30 80.83
C ILE O 1054 5.57 126.94 80.28
N GLU O 1055 4.78 125.91 80.54
CA GLU O 1055 5.10 124.56 80.08
C GLU O 1055 4.16 124.18 78.94
N PRO O 1056 4.62 124.23 77.68
CA PRO O 1056 3.77 123.74 76.53
C PRO O 1056 3.30 122.32 76.73
N PRO O 1057 1.98 122.09 76.73
CA PRO O 1057 1.50 120.70 76.73
C PRO O 1057 2.03 119.94 75.52
N ASP O 1058 2.29 118.64 75.74
CA ASP O 1058 2.64 117.77 74.64
C ASP O 1058 1.42 117.57 73.73
N GLN O 1059 1.67 117.53 72.42
CA GLN O 1059 0.59 117.39 71.44
C GLN O 1059 0.54 115.95 70.95
N GLU O 1060 -0.66 115.37 70.94
CA GLU O 1060 -0.85 113.99 70.51
C GLU O 1060 -1.51 113.98 69.14
N PRO O 1061 -0.81 113.60 68.07
CA PRO O 1061 -1.44 113.60 66.75
C PRO O 1061 -2.58 112.59 66.68
N SER O 1062 -3.56 112.91 65.83
CA SER O 1062 -4.72 112.06 65.60
C SER O 1062 -4.94 111.92 64.11
N GLN O 1063 -5.55 110.80 63.72
CA GLN O 1063 -5.78 110.48 62.32
C GLN O 1063 -7.23 110.76 61.95
N VAL O 1064 -7.44 111.57 60.92
CA VAL O 1064 -8.78 111.85 60.45
C VAL O 1064 -9.39 110.61 59.77
N ASP O 1065 -8.56 109.87 59.02
CA ASP O 1065 -9.00 108.68 58.30
C ASP O 1065 -10.31 108.95 57.54
N SER O 1066 -10.37 110.11 56.88
CA SER O 1066 -11.55 110.44 56.09
C SER O 1066 -11.77 109.44 54.98
N GLN O 1067 -10.71 109.04 54.29
CA GLN O 1067 -10.79 108.11 53.18
C GLN O 1067 -9.61 107.16 53.23
N SER O 1068 -9.79 105.98 52.62
CA SER O 1068 -8.69 105.04 52.49
C SER O 1068 -7.59 105.65 51.62
N ARG O 1069 -6.36 105.21 51.85
CA ARG O 1069 -5.22 105.84 51.18
C ARG O 1069 -5.18 105.50 49.69
N GLY O 1070 -5.46 104.24 49.34
CA GLY O 1070 -5.48 103.87 47.94
C GLY O 1070 -6.55 104.62 47.16
N ASP O 1071 -7.74 104.76 47.75
CA ASP O 1071 -8.79 105.56 47.13
C ASP O 1071 -8.42 107.03 47.12
N ARG O 1072 -7.62 107.46 48.10
CA ARG O 1072 -7.27 108.87 48.23
C ARG O 1072 -6.27 109.27 47.15
N ALA O 1073 -5.40 108.36 46.75
CA ALA O 1073 -4.39 108.64 45.74
C ALA O 1073 -4.83 108.11 44.38
N ARG O 1074 -4.94 108.99 43.40
CA ARG O 1074 -5.20 108.58 42.03
C ARG O 1074 -4.01 107.78 41.50
N ILE O 1075 -4.29 106.81 40.64
CA ILE O 1075 -3.27 106.03 39.96
C ILE O 1075 -3.51 106.16 38.46
N PHE O 1076 -2.50 106.63 37.74
CA PHE O 1076 -2.51 106.70 36.28
C PHE O 1076 -1.50 105.70 35.75
N ARG O 1077 -1.95 104.77 34.92
CA ARG O 1077 -1.08 103.76 34.34
C ARG O 1077 -1.26 103.73 32.83
N ALA O 1078 -0.27 103.19 32.15
CA ALA O 1078 -0.42 102.94 30.73
C ALA O 1078 -1.42 101.81 30.49
N GLU O 1079 -1.98 101.77 29.28
CA GLU O 1079 -2.98 100.75 28.98
C GLU O 1079 -2.33 99.37 28.98
N LYS O 1080 -3.16 98.35 29.28
CA LYS O 1080 -2.64 96.99 29.41
C LYS O 1080 -1.98 96.51 28.12
N SER O 1081 -2.46 96.98 26.97
CA SER O 1081 -1.92 96.52 25.69
C SER O 1081 -0.46 96.94 25.50
N TYR O 1082 0.00 97.95 26.21
CA TYR O 1082 1.37 98.45 26.05
C TYR O 1082 2.38 97.72 26.91
N ALA O 1083 1.97 96.70 27.67
CA ALA O 1083 2.88 96.02 28.57
C ALA O 1083 4.08 95.47 27.81
N VAL O 1084 5.27 95.70 28.36
CA VAL O 1084 6.52 95.28 27.75
C VAL O 1084 7.02 94.04 28.49
N GLN O 1085 7.38 93.00 27.74
CA GLN O 1085 7.88 91.76 28.30
C GLN O 1085 9.36 91.53 28.04
N SER O 1086 10.03 92.47 27.39
CA SER O 1086 11.46 92.31 27.11
C SER O 1086 12.05 93.66 26.72
N GLY O 1087 13.36 93.77 26.89
CA GLY O 1087 14.08 94.96 26.44
C GLY O 1087 14.43 95.91 27.57
N ARG O 1088 15.01 97.04 27.16
CA ARG O 1088 15.37 98.12 28.06
C ARG O 1088 14.52 99.34 27.73
N TRP O 1089 13.79 99.84 28.72
CA TRP O 1089 12.84 100.93 28.51
C TRP O 1089 13.07 102.02 29.54
N TYR O 1090 12.71 103.25 29.16
CA TYR O 1090 12.99 104.46 29.91
C TYR O 1090 11.85 105.44 29.78
N PHE O 1091 11.56 106.16 30.87
CA PHE O 1091 10.60 107.26 30.81
C PHE O 1091 10.87 108.21 31.96
N GLU O 1092 10.19 109.36 31.94
CA GLU O 1092 10.48 110.44 32.88
C GLU O 1092 9.21 110.88 33.59
N PHE O 1093 9.36 111.39 34.81
CA PHE O 1093 8.26 111.92 35.60
C PHE O 1093 8.74 113.16 36.33
N GLU O 1094 8.26 114.33 35.89
CA GLU O 1094 8.60 115.59 36.54
C GLU O 1094 7.58 115.87 37.64
N ALA O 1095 8.07 116.13 38.84
CA ALA O 1095 7.20 116.34 40.00
C ALA O 1095 7.02 117.84 40.21
N VAL O 1096 5.87 118.38 39.78
CA VAL O 1096 5.66 119.81 39.91
C VAL O 1096 5.54 120.20 41.38
N THR O 1097 4.89 119.35 42.17
CA THR O 1097 4.79 119.54 43.61
C THR O 1097 5.76 118.60 44.32
N THR O 1098 5.93 118.82 45.63
CA THR O 1098 6.85 118.07 46.45
C THR O 1098 6.14 117.17 47.46
N GLY O 1099 4.89 116.81 47.20
CA GLY O 1099 4.10 116.02 48.11
C GLY O 1099 4.21 114.53 47.85
N GLU O 1100 3.12 113.82 48.16
CA GLU O 1100 3.08 112.37 48.05
C GLU O 1100 2.87 111.98 46.59
N MET O 1101 3.89 111.41 45.97
CA MET O 1101 3.78 110.88 44.62
C MET O 1101 4.72 109.69 44.46
N ARG O 1102 4.22 108.65 43.81
CA ARG O 1102 4.97 107.44 43.53
C ARG O 1102 5.03 107.25 42.03
N VAL O 1103 6.18 106.81 41.53
CA VAL O 1103 6.36 106.59 40.10
C VAL O 1103 7.15 105.31 39.89
N GLY O 1104 6.76 104.51 38.91
CA GLY O 1104 7.47 103.29 38.63
C GLY O 1104 6.77 102.44 37.60
N TRP O 1105 6.94 101.13 37.75
CA TRP O 1105 6.39 100.15 36.82
C TRP O 1105 5.43 99.24 37.57
N ALA O 1106 4.30 98.93 36.94
CA ALA O 1106 3.28 98.06 37.52
C ALA O 1106 2.88 96.98 36.53
N ARG O 1107 2.51 95.82 37.08
CA ARG O 1107 2.05 94.72 36.24
C ARG O 1107 0.66 95.03 35.69
N PRO O 1108 0.27 94.38 34.59
CA PRO O 1108 -1.01 94.73 33.96
C PRO O 1108 -2.21 94.58 34.86
N GLU O 1109 -2.18 93.65 35.82
CA GLU O 1109 -3.32 93.37 36.69
C GLU O 1109 -3.30 94.20 37.97
N LEU O 1110 -2.69 95.38 37.93
CA LEU O 1110 -2.64 96.24 39.10
C LEU O 1110 -4.05 96.57 39.57
N ARG O 1111 -4.25 96.51 40.89
CA ARG O 1111 -5.56 96.77 41.49
C ARG O 1111 -5.69 98.25 41.81
N PRO O 1112 -6.83 98.89 41.50
CA PRO O 1112 -6.95 100.33 41.80
C PRO O 1112 -7.13 100.63 43.27
N ASP O 1113 -7.66 99.68 44.04
CA ASP O 1113 -7.93 99.94 45.46
C ASP O 1113 -6.64 99.99 46.26
N VAL O 1114 -5.64 99.20 45.88
CA VAL O 1114 -4.44 99.07 46.69
C VAL O 1114 -3.46 100.20 46.39
N GLU O 1115 -2.76 100.66 47.43
CA GLU O 1115 -1.69 101.62 47.25
C GLU O 1115 -0.59 101.02 46.38
N LEU O 1116 0.03 101.85 45.55
CA LEU O 1116 1.13 101.38 44.72
C LEU O 1116 2.24 100.83 45.60
N GLY O 1117 2.70 99.62 45.29
CA GLY O 1117 3.82 99.03 45.96
C GLY O 1117 3.50 98.32 47.26
N ALA O 1118 2.29 98.52 47.80
CA ALA O 1118 1.87 97.80 48.99
C ALA O 1118 1.64 96.33 48.73
N ASP O 1119 1.62 95.91 47.46
CA ASP O 1119 1.46 94.53 47.07
C ASP O 1119 2.58 94.15 46.11
N ASP O 1120 2.45 92.96 45.53
CA ASP O 1120 3.50 92.46 44.64
C ASP O 1120 3.30 92.89 43.19
N LEU O 1121 2.28 93.70 42.91
CA LEU O 1121 1.96 94.06 41.54
C LEU O 1121 2.60 95.36 41.07
N ALA O 1122 3.45 95.98 41.90
CA ALA O 1122 4.04 97.26 41.50
C ALA O 1122 5.41 97.42 42.15
N TYR O 1123 6.33 98.00 41.39
CA TYR O 1123 7.64 98.43 41.86
C TYR O 1123 7.73 99.93 41.60
N VAL O 1124 7.70 100.74 42.67
CA VAL O 1124 7.64 102.19 42.52
C VAL O 1124 8.61 102.86 43.47
N PHE O 1125 8.83 104.15 43.23
CA PHE O 1125 9.68 105.01 44.04
C PHE O 1125 8.85 106.16 44.57
N ASN O 1126 8.98 106.44 45.86
CA ASN O 1126 8.30 107.54 46.53
C ASN O 1126 9.35 108.51 47.07
N GLY O 1127 9.26 109.78 46.66
CA GLY O 1127 10.28 110.74 47.02
C GLY O 1127 9.81 111.89 47.89
N HIS O 1128 8.60 111.81 48.46
CA HIS O 1128 8.29 112.68 49.58
C HIS O 1128 9.27 112.42 50.72
N ARG O 1129 9.49 111.15 51.03
CA ARG O 1129 10.64 110.69 51.78
C ARG O 1129 11.20 109.49 51.05
N GLY O 1130 12.50 109.52 50.73
CA GLY O 1130 13.10 108.51 49.88
C GLY O 1130 12.71 107.10 50.27
N GLN O 1131 11.98 106.41 49.38
CA GLN O 1131 11.51 105.07 49.67
C GLN O 1131 11.33 104.31 48.37
N ARG O 1132 11.59 102.99 48.42
CA ARG O 1132 11.22 102.07 47.36
C ARG O 1132 10.04 101.25 47.86
N TRP O 1133 9.02 101.10 47.02
CA TRP O 1133 7.80 100.40 47.39
C TRP O 1133 7.62 99.18 46.50
N HIS O 1134 7.65 98.00 47.13
CA HIS O 1134 7.21 96.74 46.52
C HIS O 1134 6.99 95.77 47.68
N LEU O 1135 5.74 95.35 47.88
CA LEU O 1135 5.39 94.51 49.03
C LEU O 1135 5.86 95.15 50.33
N GLY O 1136 5.71 96.46 50.44
CA GLY O 1136 6.12 97.22 51.60
C GLY O 1136 7.01 98.36 51.20
N SER O 1137 7.64 98.98 52.19
CA SER O 1137 8.49 100.15 51.98
C SER O 1137 9.89 99.87 52.51
N GLU O 1138 10.87 100.55 51.91
CA GLU O 1138 12.26 100.52 52.33
C GLU O 1138 12.89 101.84 51.95
N PRO O 1139 13.69 102.45 52.82
CA PRO O 1139 14.34 103.72 52.45
C PRO O 1139 15.24 103.53 51.24
N PHE O 1140 15.25 104.54 50.36
CA PHE O 1140 16.04 104.48 49.14
C PHE O 1140 16.03 105.85 48.48
N GLY O 1141 17.17 106.24 47.92
CA GLY O 1141 17.25 107.51 47.25
C GLY O 1141 17.12 108.68 48.21
N ARG O 1142 16.79 109.83 47.66
CA ARG O 1142 16.56 111.05 48.40
C ARG O 1142 15.30 111.73 47.87
N PRO O 1143 14.63 112.53 48.70
CA PRO O 1143 13.45 113.25 48.22
C PRO O 1143 13.81 114.25 47.13
N TRP O 1144 12.87 114.49 46.22
CA TRP O 1144 13.05 115.48 45.18
C TRP O 1144 12.63 116.85 45.68
N GLN O 1145 13.14 117.89 45.02
CA GLN O 1145 12.61 119.24 45.15
C GLN O 1145 11.61 119.50 44.02
N SER O 1146 10.92 120.62 44.11
CA SER O 1146 9.94 120.97 43.09
C SER O 1146 10.62 121.10 41.73
N GLY O 1147 10.00 120.51 40.70
CA GLY O 1147 10.51 120.57 39.35
C GLY O 1147 11.51 119.50 39.00
N ASP O 1148 11.85 118.61 39.93
CA ASP O 1148 12.83 117.56 39.66
C ASP O 1148 12.21 116.44 38.85
N VAL O 1149 13.07 115.75 38.09
CA VAL O 1149 12.66 114.71 37.15
C VAL O 1149 13.18 113.37 37.65
N VAL O 1150 12.28 112.40 37.76
CA VAL O 1150 12.64 111.02 38.08
C VAL O 1150 12.58 110.21 36.80
N GLY O 1151 13.74 109.73 36.35
CA GLY O 1151 13.81 108.84 35.21
C GLY O 1151 13.76 107.39 35.68
N CYS O 1152 12.77 106.68 35.20
CA CYS O 1152 12.56 105.28 35.52
C CYS O 1152 13.05 104.42 34.36
N MET O 1153 13.84 103.40 34.68
CA MET O 1153 14.43 102.50 33.71
C MET O 1153 14.11 101.07 34.11
N ILE O 1154 13.66 100.26 33.15
CA ILE O 1154 13.44 98.84 33.35
C ILE O 1154 14.29 98.07 32.36
N ASP O 1155 15.14 97.17 32.88
CA ASP O 1155 15.94 96.26 32.07
C ASP O 1155 15.40 94.86 32.29
N LEU O 1156 14.68 94.33 31.30
CA LEU O 1156 14.06 93.02 31.41
C LEU O 1156 14.98 91.89 30.98
N THR O 1157 16.11 92.21 30.36
CA THR O 1157 17.16 91.22 30.13
C THR O 1157 17.95 90.93 31.39
N GLU O 1158 18.16 91.95 32.23
CA GLU O 1158 18.81 91.79 33.53
C GLU O 1158 17.82 91.68 34.67
N ASN O 1159 16.53 91.93 34.42
CA ASN O 1159 15.50 91.88 35.44
C ASN O 1159 15.83 92.85 36.59
N THR O 1160 15.89 94.13 36.25
CA THR O 1160 16.25 95.17 37.21
C THR O 1160 15.51 96.46 36.88
N ILE O 1161 15.42 97.32 37.89
CA ILE O 1161 14.78 98.63 37.79
C ILE O 1161 15.74 99.65 38.36
N ILE O 1162 15.90 100.77 37.65
CA ILE O 1162 16.82 101.84 38.04
C ILE O 1162 16.05 103.15 38.09
N PHE O 1163 16.38 103.98 39.07
CA PHE O 1163 15.79 105.30 39.22
C PHE O 1163 16.90 106.35 39.20
N THR O 1164 16.65 107.45 38.51
CA THR O 1164 17.62 108.53 38.39
C THR O 1164 16.94 109.85 38.70
N LEU O 1165 17.46 110.59 39.68
CA LEU O 1165 16.92 111.90 40.04
C LEU O 1165 17.81 112.97 39.45
N ASN O 1166 17.24 113.79 38.56
CA ASN O 1166 17.98 114.85 37.89
C ASN O 1166 19.20 114.31 37.14
N GLY O 1167 19.06 113.12 36.57
CA GLY O 1167 20.06 112.54 35.72
C GLY O 1167 21.12 111.70 36.41
N GLU O 1168 21.15 111.69 37.73
CA GLU O 1168 22.12 110.89 38.47
C GLU O 1168 21.40 109.75 39.18
N VAL O 1169 22.01 108.56 39.15
CA VAL O 1169 21.37 107.37 39.66
C VAL O 1169 21.16 107.51 41.16
N LEU O 1170 19.92 107.27 41.60
CA LEU O 1170 19.67 107.14 43.03
C LEU O 1170 20.29 105.85 43.55
N MET O 1171 20.94 105.95 44.71
CA MET O 1171 21.75 104.86 45.23
C MET O 1171 21.19 104.40 46.56
N SER O 1172 21.07 103.09 46.71
CA SER O 1172 20.47 102.52 47.90
C SER O 1172 21.36 102.77 49.12
N ASP O 1173 20.76 102.63 50.31
CA ASP O 1173 21.53 102.80 51.53
C ASP O 1173 22.66 101.78 51.61
N SER O 1174 22.39 100.54 51.21
CA SER O 1174 23.44 99.53 51.16
C SER O 1174 24.45 99.85 50.05
N GLY O 1175 24.05 100.66 49.08
CA GLY O 1175 24.93 101.05 48.00
C GLY O 1175 24.68 100.39 46.66
N SER O 1176 23.54 99.72 46.48
CA SER O 1176 23.23 99.08 45.21
C SER O 1176 22.58 100.08 44.28
N GLU O 1177 23.08 100.16 43.03
CA GLU O 1177 22.54 101.11 42.07
C GLU O 1177 21.10 100.76 41.70
N THR O 1178 20.84 99.48 41.43
CA THR O 1178 19.53 99.05 40.96
C THR O 1178 18.57 98.90 42.14
N ALA O 1179 17.42 99.58 42.05
CA ALA O 1179 16.47 99.61 43.15
C ALA O 1179 15.91 98.23 43.44
N PHE O 1180 15.55 97.47 42.40
CA PHE O 1180 14.98 96.14 42.58
C PHE O 1180 15.74 95.15 41.72
N ARG O 1181 15.81 93.90 42.20
CA ARG O 1181 16.56 92.84 41.56
C ARG O 1181 15.69 91.62 41.38
N ASP O 1182 16.11 90.75 40.46
CA ASP O 1182 15.45 89.47 40.22
C ASP O 1182 13.97 89.66 39.90
N ILE O 1183 13.68 90.58 38.98
CA ILE O 1183 12.31 90.81 38.56
C ILE O 1183 11.82 89.63 37.72
N GLU O 1184 10.57 89.23 37.93
CA GLU O 1184 9.93 88.20 37.14
C GLU O 1184 9.11 88.86 36.04
N ILE O 1185 9.43 88.54 34.79
CA ILE O 1185 8.80 89.23 33.65
C ILE O 1185 7.29 89.02 33.68
N GLY O 1186 6.85 87.77 33.81
CA GLY O 1186 5.44 87.48 33.87
C GLY O 1186 4.67 88.00 32.67
N ASP O 1187 3.66 88.83 32.92
CA ASP O 1187 2.82 89.38 31.87
C ASP O 1187 3.34 90.71 31.33
N GLY O 1188 4.47 91.20 31.82
CA GLY O 1188 5.02 92.46 31.39
C GLY O 1188 4.89 93.54 32.45
N PHE O 1189 5.29 94.75 32.08
CA PHE O 1189 5.28 95.89 32.98
C PHE O 1189 4.75 97.12 32.25
N LEU O 1190 4.18 98.05 33.02
CA LEU O 1190 3.54 99.23 32.50
C LEU O 1190 3.98 100.45 33.30
N PRO O 1191 4.22 101.59 32.66
CA PRO O 1191 4.47 102.81 33.43
C PRO O 1191 3.26 103.17 34.29
N VAL O 1192 3.53 103.64 35.50
CA VAL O 1192 2.49 103.98 36.46
C VAL O 1192 2.97 105.09 37.38
N CYS O 1193 2.02 105.94 37.79
CA CYS O 1193 2.29 107.01 38.74
C CYS O 1193 1.06 107.25 39.59
N SER O 1194 1.25 107.28 40.90
CA SER O 1194 0.19 107.61 41.84
C SER O 1194 0.44 108.99 42.42
N LEU O 1195 -0.60 109.82 42.43
CA LEU O 1195 -0.53 111.20 42.89
C LEU O 1195 -1.46 111.36 44.07
N GLY O 1196 -0.97 111.94 45.16
CA GLY O 1196 -1.80 112.19 46.32
C GLY O 1196 -2.64 113.43 46.14
N PRO O 1197 -3.44 113.73 47.17
CA PRO O 1197 -4.33 114.90 47.07
C PRO O 1197 -3.53 116.19 46.91
N GLY O 1198 -3.88 116.94 45.87
CA GLY O 1198 -3.27 118.24 45.63
C GLY O 1198 -1.91 118.19 44.94
N GLN O 1199 -1.50 117.05 44.42
CA GLN O 1199 -0.20 116.89 43.80
C GLN O 1199 -0.31 116.99 42.28
N VAL O 1200 0.78 117.37 41.63
CA VAL O 1200 0.83 117.55 40.19
C VAL O 1200 2.09 116.91 39.64
N GLY O 1201 1.91 116.06 38.62
CA GLY O 1201 3.04 115.43 37.97
C GLY O 1201 2.94 115.62 36.47
N HIS O 1202 4.04 115.28 35.79
CA HIS O 1202 4.13 115.33 34.34
C HIS O 1202 4.84 114.09 33.85
N LEU O 1203 4.10 113.20 33.20
CA LEU O 1203 4.62 111.93 32.72
C LEU O 1203 5.07 112.09 31.28
N ASN O 1204 6.36 111.90 31.02
CA ASN O 1204 6.92 111.92 29.68
C ASN O 1204 7.30 110.50 29.30
N LEU O 1205 6.50 109.90 28.41
CA LEU O 1205 6.73 108.54 27.97
C LEU O 1205 7.73 108.45 26.82
N GLY O 1206 8.26 109.58 26.37
CA GLY O 1206 9.33 109.59 25.40
C GLY O 1206 8.92 109.52 23.95
N GLN O 1207 7.67 109.92 23.61
CA GLN O 1207 7.28 109.94 22.22
C GLN O 1207 8.13 110.92 21.43
N ASP O 1208 8.42 112.09 22.01
CA ASP O 1208 9.31 113.08 21.43
C ASP O 1208 10.62 112.99 22.21
N VAL O 1209 11.62 112.32 21.61
CA VAL O 1209 12.87 112.07 22.31
C VAL O 1209 13.55 113.36 22.70
N SER O 1210 13.30 114.43 21.94
CA SER O 1210 13.89 115.73 22.27
C SER O 1210 13.25 116.36 23.50
N SER O 1211 12.06 115.91 23.90
CA SER O 1211 11.41 116.47 25.08
C SER O 1211 12.10 116.01 26.35
N LEU O 1212 12.61 114.77 26.37
CA LEU O 1212 13.28 114.25 27.54
C LEU O 1212 14.46 115.14 27.91
N ARG O 1213 14.59 115.46 29.20
CA ARG O 1213 15.58 116.41 29.68
C ARG O 1213 16.78 115.75 30.35
N PHE O 1214 16.75 114.43 30.55
CA PHE O 1214 17.88 113.74 31.17
C PHE O 1214 18.19 112.41 30.49
N PHE O 1215 17.49 112.05 29.41
CA PHE O 1215 17.76 110.80 28.72
C PHE O 1215 19.18 110.77 28.18
N ALA O 1216 19.64 111.87 27.60
CA ALA O 1216 21.00 111.91 27.06
C ALA O 1216 22.03 111.74 28.16
N ILE O 1217 21.83 112.41 29.30
CA ILE O 1217 22.79 112.33 30.39
C ILE O 1217 22.85 110.92 30.95
N CYS O 1218 21.68 110.31 31.16
CA CYS O 1218 21.63 108.96 31.73
C CYS O 1218 20.52 108.16 31.04
N GLY O 1219 20.91 107.08 30.38
CA GLY O 1219 19.96 106.16 29.79
C GLY O 1219 20.25 105.86 28.32
N LEU O 1220 20.69 106.86 27.57
CA LEU O 1220 20.93 106.64 26.15
C LEU O 1220 22.16 105.78 25.92
N GLN O 1221 23.27 106.10 26.61
CA GLN O 1221 24.50 105.34 26.41
C GLN O 1221 24.37 103.92 26.96
N GLU O 1222 23.60 103.76 28.05
CA GLU O 1222 23.40 102.43 28.61
C GLU O 1222 22.58 101.52 27.70
N GLY O 1223 21.97 102.07 26.64
CA GLY O 1223 21.20 101.28 25.71
C GLY O 1223 19.71 101.27 25.96
N PHE O 1224 19.21 102.12 26.85
CA PHE O 1224 17.79 102.16 27.15
C PHE O 1224 17.05 102.92 26.05
N GLU O 1225 15.79 102.53 25.83
CA GLU O 1225 14.96 103.09 24.79
C GLU O 1225 13.74 103.78 25.39
N PRO O 1226 13.37 104.96 24.91
CA PRO O 1226 12.16 105.61 25.43
C PRO O 1226 10.94 104.72 25.21
N PHE O 1227 10.02 104.76 26.17
CA PHE O 1227 8.92 103.79 26.17
C PHE O 1227 8.07 103.91 24.92
N ALA O 1228 7.77 105.12 24.49
CA ALA O 1228 6.88 105.37 23.35
C ALA O 1228 7.63 105.99 22.18
N ILE O 1229 8.89 105.58 21.98
CA ILE O 1229 9.72 106.24 20.98
C ILE O 1229 9.14 106.07 19.58
N ASN O 1230 8.71 104.87 19.22
CA ASN O 1230 8.26 104.59 17.87
C ASN O 1230 6.75 104.40 17.82
N MET O 1231 6.01 105.16 18.62
CA MET O 1231 4.56 105.19 18.58
C MET O 1231 4.12 106.37 17.74
N GLN O 1232 3.26 106.11 16.74
CA GLN O 1232 2.80 107.19 15.88
C GLN O 1232 1.71 108.00 16.56
N ARG O 1233 1.16 107.50 17.67
CA ARG O 1233 0.13 108.22 18.42
C ARG O 1233 0.47 108.20 19.91
N PRO O 1234 -0.07 109.16 20.68
CA PRO O 1234 0.21 109.18 22.12
C PRO O 1234 -0.30 107.92 22.81
N VAL O 1235 0.39 107.54 23.88
CA VAL O 1235 0.04 106.33 24.62
C VAL O 1235 -1.23 106.57 25.42
N THR O 1236 -2.20 105.66 25.30
CA THR O 1236 -3.42 105.76 26.07
C THR O 1236 -3.15 105.46 27.54
N THR O 1237 -3.93 106.10 28.42
CA THR O 1237 -3.77 105.95 29.85
C THR O 1237 -5.10 105.58 30.51
N TRP O 1238 -4.99 104.93 31.67
CA TRP O 1238 -6.14 104.59 32.48
C TRP O 1238 -5.91 105.09 33.89
N PHE O 1239 -6.91 105.76 34.45
CA PHE O 1239 -6.82 106.34 35.79
C PHE O 1239 -7.84 105.68 36.71
N SER O 1240 -7.51 105.64 38.00
CA SER O 1240 -8.34 104.99 39.01
C SER O 1240 -9.47 105.95 39.40
N LYS O 1241 -10.59 105.86 38.70
CA LYS O 1241 -11.75 106.67 39.04
C LYS O 1241 -12.31 106.24 40.39
N SER O 1242 -12.64 107.23 41.22
CA SER O 1242 -13.05 106.99 42.61
C SER O 1242 -14.56 106.91 42.77
N LEU O 1243 -15.31 106.85 41.67
CA LEU O 1243 -16.77 106.77 41.77
C LEU O 1243 -17.17 105.34 42.10
N PRO O 1244 -17.79 105.08 43.25
CA PRO O 1244 -18.15 103.69 43.59
C PRO O 1244 -19.13 103.11 42.58
N GLN O 1245 -18.95 101.81 42.29
CA GLN O 1245 -19.79 101.11 41.34
C GLN O 1245 -20.09 99.71 41.85
N PHE O 1246 -21.24 99.17 41.47
CA PHE O 1246 -21.60 97.81 41.85
C PHE O 1246 -20.96 96.81 40.90
N GLU O 1247 -20.27 95.83 41.46
CA GLU O 1247 -19.61 94.79 40.69
C GLU O 1247 -19.89 93.44 41.33
N PRO O 1248 -19.91 92.36 40.56
CA PRO O 1248 -20.22 91.05 41.14
C PRO O 1248 -19.24 90.68 42.24
N VAL O 1249 -19.74 90.01 43.26
CA VAL O 1249 -18.88 89.62 44.37
C VAL O 1249 -17.83 88.65 43.87
N PRO O 1250 -16.53 88.90 44.05
CA PRO O 1250 -15.53 87.98 43.54
C PRO O 1250 -15.69 86.58 44.12
N LEU O 1251 -15.49 85.58 43.28
CA LEU O 1251 -15.66 84.20 43.72
C LEU O 1251 -14.66 83.84 44.81
N GLU O 1252 -13.46 84.41 44.76
CA GLU O 1252 -12.40 84.13 45.70
C GLU O 1252 -12.25 85.21 46.76
N HIS O 1253 -13.27 86.01 46.98
CA HIS O 1253 -13.17 87.12 47.91
C HIS O 1253 -12.77 86.59 49.30
N PRO O 1254 -11.75 87.16 49.93
CA PRO O 1254 -11.25 86.58 51.19
C PRO O 1254 -12.28 86.52 52.31
N HIS O 1255 -13.20 87.48 52.38
CA HIS O 1255 -14.09 87.61 53.52
C HIS O 1255 -15.55 87.29 53.24
N TYR O 1256 -16.06 87.56 52.04
CA TYR O 1256 -17.48 87.46 51.75
C TYR O 1256 -17.73 86.28 50.81
N GLU O 1257 -18.72 85.46 51.16
CA GLU O 1257 -19.13 84.31 50.36
C GLU O 1257 -20.62 84.40 50.09
N VAL O 1258 -21.00 84.15 48.85
CA VAL O 1258 -22.41 84.11 48.44
C VAL O 1258 -22.73 82.71 47.98
N ALA O 1259 -23.77 82.13 48.56
CA ALA O 1259 -24.18 80.75 48.28
C ALA O 1259 -25.58 80.74 47.69
N ARG O 1260 -25.74 80.05 46.57
CA ARG O 1260 -27.04 79.93 45.91
C ARG O 1260 -27.71 78.65 46.39
N MET O 1261 -28.86 78.80 47.04
CA MET O 1261 -29.59 77.66 47.58
C MET O 1261 -30.85 77.43 46.75
N ASP O 1262 -31.09 76.18 46.39
CA ASP O 1262 -32.25 75.84 45.58
C ASP O 1262 -33.53 75.96 46.41
N GLY O 1263 -34.67 76.01 45.71
CA GLY O 1263 -35.95 76.14 46.36
C GLY O 1263 -36.55 74.80 46.74
N THR O 1264 -36.73 74.57 48.03
CA THR O 1264 -37.31 73.33 48.52
C THR O 1264 -38.82 73.49 48.62
N VAL O 1265 -39.50 72.48 49.19
CA VAL O 1265 -40.94 72.54 49.31
C VAL O 1265 -41.38 73.70 50.18
N ASP O 1266 -40.68 73.91 51.30
CA ASP O 1266 -41.05 74.94 52.27
C ASP O 1266 -40.18 76.18 52.19
N THR O 1267 -39.22 76.24 51.27
CA THR O 1267 -38.37 77.41 51.12
C THR O 1267 -38.28 77.83 49.65
N PRO O 1268 -38.17 79.12 49.38
CA PRO O 1268 -37.96 79.57 48.00
C PRO O 1268 -36.49 79.56 47.65
N PRO O 1269 -36.14 79.96 46.42
CA PRO O 1269 -34.72 80.17 46.10
C PRO O 1269 -34.14 81.27 46.96
N CYS O 1270 -32.87 81.10 47.34
CA CYS O 1270 -32.22 82.03 48.25
C CYS O 1270 -30.80 82.30 47.79
N LEU O 1271 -30.34 83.51 48.10
CA LEU O 1271 -28.96 83.92 47.93
C LEU O 1271 -28.45 84.40 49.28
N ARG O 1272 -27.61 83.60 49.93
CA ARG O 1272 -27.19 83.83 51.30
C ARG O 1272 -25.78 84.41 51.31
N LEU O 1273 -25.56 85.40 52.18
CA LEU O 1273 -24.23 85.97 52.38
C LEU O 1273 -23.67 85.47 53.70
N THR O 1274 -22.42 85.04 53.69
CA THR O 1274 -21.72 84.59 54.89
C THR O 1274 -20.36 85.25 54.97
N HIS O 1275 -19.94 85.56 56.19
CA HIS O 1275 -18.65 86.20 56.44
C HIS O 1275 -17.62 85.12 56.71
N ARG O 1276 -16.71 84.90 55.75
CA ARG O 1276 -15.78 83.79 55.86
C ARG O 1276 -14.90 83.91 57.09
N THR O 1277 -14.32 85.09 57.33
CA THR O 1277 -13.30 85.28 58.36
C THR O 1277 -13.83 86.05 59.57
N TRP O 1278 -15.12 85.94 59.85
CA TRP O 1278 -15.69 86.63 61.00
C TRP O 1278 -15.18 86.02 62.30
N GLY O 1279 -14.99 86.87 63.31
CA GLY O 1279 -14.55 86.39 64.61
C GLY O 1279 -13.17 85.77 64.59
N SER O 1280 -12.24 86.39 63.88
CA SER O 1280 -10.87 85.90 63.80
C SER O 1280 -9.93 87.07 63.57
N GLN O 1281 -8.65 86.85 63.84
CA GLN O 1281 -7.65 87.88 63.59
C GLN O 1281 -7.61 88.21 62.11
N ASN O 1282 -7.39 89.49 61.80
CA ASN O 1282 -7.38 90.10 60.47
C ASN O 1282 -8.77 90.16 59.87
N SER O 1283 -9.81 89.83 60.63
CA SER O 1283 -11.17 89.90 60.10
C SER O 1283 -11.51 91.32 59.69
N LEU O 1284 -12.21 91.44 58.55
CA LEU O 1284 -12.62 92.73 58.02
C LEU O 1284 -14.09 92.94 58.33
N VAL O 1285 -14.40 94.05 58.99
CA VAL O 1285 -15.78 94.39 59.35
C VAL O 1285 -16.00 95.83 58.91
N GLU O 1286 -16.78 96.02 57.86
CA GLU O 1286 -17.12 97.35 57.36
C GLU O 1286 -18.48 97.28 56.69
N MET O 1287 -19.07 98.45 56.48
CA MET O 1287 -20.39 98.51 55.86
C MET O 1287 -20.34 97.87 54.48
N LEU O 1288 -21.38 97.11 54.15
CA LEU O 1288 -21.46 96.35 52.91
C LEU O 1288 -22.74 96.74 52.19
N PHE O 1289 -22.60 97.13 50.92
CA PHE O 1289 -23.72 97.54 50.09
C PHE O 1289 -23.88 96.50 48.99
N LEU O 1290 -25.04 95.84 48.96
CA LEU O 1290 -25.31 94.73 48.06
C LEU O 1290 -26.57 95.02 47.25
N ARG O 1291 -26.58 94.56 46.00
CA ARG O 1291 -27.77 94.61 45.18
C ARG O 1291 -27.85 93.36 44.31
N LEU O 1292 -29.06 93.06 43.83
CA LEU O 1292 -29.22 92.02 42.84
C LEU O 1292 -28.98 92.58 41.45
N SER O 1293 -28.33 91.78 40.61
CA SER O 1293 -27.78 92.30 39.36
C SER O 1293 -28.87 92.87 38.45
N LEU O 1294 -30.08 92.31 38.52
CA LEU O 1294 -31.08 92.73 37.55
C LEU O 1294 -32.11 93.66 38.20
N PRO O 1295 -32.61 94.67 37.46
CA PRO O 1295 -33.63 95.55 38.03
C PRO O 1295 -35.06 95.14 37.71
N VAL O 1296 -36.02 95.78 38.36
CA VAL O 1296 -37.43 95.74 37.98
C VAL O 1296 -37.81 97.11 37.47
N GLN O 1297 -38.50 97.15 36.33
CA GLN O 1297 -38.87 98.40 35.68
C GLN O 1297 -40.37 98.61 35.78
N PHE O 1298 -40.76 99.80 36.24
CA PHE O 1298 -42.17 100.13 36.38
C PHE O 1298 -42.77 100.42 35.00
N HIS O 1299 -44.08 100.22 34.90
CA HIS O 1299 -44.76 100.34 33.61
C HIS O 1299 -44.70 101.76 33.09
N GLN O 1300 -44.79 101.89 31.76
CA GLN O 1300 -44.72 103.21 31.14
C GLN O 1300 -45.87 104.11 31.58
N HIS O 1301 -47.07 103.54 31.67
CA HIS O 1301 -48.26 104.28 32.07
C HIS O 1301 -48.85 103.67 33.33
N PHE O 1302 -49.23 104.51 34.27
CA PHE O 1302 -49.81 104.06 35.53
C PHE O 1302 -51.33 104.03 35.42
N ARG O 1303 -51.94 103.08 36.12
CA ARG O 1303 -53.39 103.00 36.16
C ARG O 1303 -53.97 104.20 36.88
N CYS O 1304 -55.25 104.48 36.60
CA CYS O 1304 -55.96 105.61 37.18
C CYS O 1304 -56.92 105.09 38.24
N THR O 1305 -56.83 105.66 39.44
CA THR O 1305 -57.67 105.28 40.58
C THR O 1305 -57.92 103.77 40.63
N ASP O 1420 -55.15 75.66 51.29
CA ASP O 1420 -54.61 76.67 52.18
C ASP O 1420 -53.51 77.48 51.49
N ASN O 1421 -53.66 78.80 51.53
CA ASN O 1421 -52.68 79.71 50.94
C ASN O 1421 -52.44 79.37 49.46
N ARG O 1422 -53.52 79.07 48.75
CA ARG O 1422 -53.46 78.77 47.33
C ARG O 1422 -53.84 80.03 46.54
N ASP O 1423 -53.00 80.38 45.57
CA ASP O 1423 -53.23 81.60 44.80
C ASP O 1423 -54.46 81.45 43.91
N ASP O 1424 -55.20 82.53 43.76
CA ASP O 1424 -56.34 82.54 42.85
C ASP O 1424 -55.84 82.65 41.42
N PRO O 1425 -56.35 81.84 40.49
CA PRO O 1425 -55.82 81.89 39.12
C PRO O 1425 -55.94 83.26 38.46
N GLU O 1426 -57.15 83.83 38.41
CA GLU O 1426 -57.32 85.11 37.73
C GLU O 1426 -56.52 86.21 38.41
N ILE O 1427 -56.50 86.22 39.75
CA ILE O 1427 -55.78 87.26 40.47
C ILE O 1427 -54.29 87.16 40.20
N ILE O 1428 -53.73 85.95 40.28
CA ILE O 1428 -52.29 85.80 40.12
C ILE O 1428 -51.87 86.08 38.68
N LEU O 1429 -52.72 85.72 37.71
CA LEU O 1429 -52.41 86.04 36.32
C LEU O 1429 -52.66 87.49 35.94
N ASN O 1430 -53.44 88.24 36.73
CA ASN O 1430 -53.72 89.63 36.42
C ASN O 1430 -53.10 90.61 37.41
N THR O 1431 -52.26 90.14 38.32
CA THR O 1431 -51.65 91.03 39.30
C THR O 1431 -50.43 91.74 38.72
N THR O 1432 -50.13 92.92 39.25
CA THR O 1432 -48.94 93.69 38.90
C THR O 1432 -48.07 93.98 40.12
N THR O 1433 -48.27 93.25 41.21
CA THR O 1433 -47.49 93.42 42.43
C THR O 1433 -46.48 92.29 42.54
N TYR O 1434 -45.24 92.65 42.83
CA TYR O 1434 -44.14 91.69 42.95
C TYR O 1434 -43.46 91.85 44.29
N TYR O 1435 -42.96 90.74 44.82
CA TYR O 1435 -42.51 90.63 46.20
C TYR O 1435 -41.17 89.93 46.28
N TYR O 1436 -40.36 90.35 47.26
CA TYR O 1436 -39.15 89.61 47.61
C TYR O 1436 -38.82 89.90 49.06
N SER O 1437 -38.20 88.94 49.74
CA SER O 1437 -37.95 89.11 51.16
C SER O 1437 -36.45 89.02 51.44
N VAL O 1438 -36.07 89.53 52.61
CA VAL O 1438 -34.71 89.44 53.10
C VAL O 1438 -34.78 88.86 54.51
N ARG O 1439 -34.08 87.75 54.73
CA ARG O 1439 -33.97 87.13 56.04
C ARG O 1439 -32.65 87.59 56.66
N VAL O 1440 -32.74 88.35 57.75
CA VAL O 1440 -31.58 88.73 58.55
C VAL O 1440 -31.45 87.71 59.67
N PHE O 1441 -30.31 87.01 59.68
CA PHE O 1441 -30.17 85.85 60.56
C PHE O 1441 -30.00 86.29 62.02
N ALA O 1442 -30.36 85.37 62.92
CA ALA O 1442 -30.16 85.61 64.34
C ALA O 1442 -28.67 85.75 64.64
N GLY O 1443 -28.35 86.71 65.52
CA GLY O 1443 -26.99 87.09 65.77
C GLY O 1443 -26.52 88.27 64.94
N GLN O 1444 -27.22 88.58 63.84
CA GLN O 1444 -26.98 89.78 63.06
C GLN O 1444 -27.94 90.86 63.54
N GLU O 1445 -27.39 91.99 63.96
CA GLU O 1445 -28.20 93.02 64.59
C GLU O 1445 -29.16 93.62 63.58
N PRO O 1446 -30.47 93.60 63.83
CA PRO O 1446 -31.39 94.30 62.91
C PRO O 1446 -31.14 95.79 62.83
N SER O 1447 -30.51 96.38 63.85
CA SER O 1447 -30.17 97.79 63.82
C SER O 1447 -29.05 98.11 62.84
N CYS O 1448 -28.39 97.09 62.29
CA CYS O 1448 -27.27 97.28 61.38
C CYS O 1448 -27.58 96.84 59.96
N VAL O 1449 -28.85 96.70 59.59
CA VAL O 1449 -29.25 96.24 58.27
C VAL O 1449 -30.32 97.18 57.72
N TRP O 1450 -30.16 97.59 56.47
CA TRP O 1450 -31.16 98.36 55.75
C TRP O 1450 -31.58 97.56 54.52
N VAL O 1451 -32.89 97.41 54.33
CA VAL O 1451 -33.44 96.57 53.27
C VAL O 1451 -34.36 97.43 52.41
N GLY O 1452 -34.21 97.32 51.09
CA GLY O 1452 -35.07 98.03 50.17
C GLY O 1452 -34.60 97.99 48.73
N TRP O 1453 -34.66 99.13 48.05
CA TRP O 1453 -34.36 99.22 46.63
C TRP O 1453 -33.41 100.38 46.38
N VAL O 1454 -32.68 100.30 45.27
CA VAL O 1454 -31.76 101.35 44.84
C VAL O 1454 -31.91 101.54 43.34
N THR O 1455 -31.89 102.80 42.91
CA THR O 1455 -31.94 103.14 41.50
C THR O 1455 -30.57 102.95 40.88
N PRO O 1456 -30.47 102.97 39.54
CA PRO O 1456 -29.17 102.72 38.90
C PRO O 1456 -28.08 103.69 39.29
N ASP O 1457 -28.43 104.89 39.77
CA ASP O 1457 -27.45 105.93 40.03
C ASP O 1457 -27.07 106.05 41.49
N TYR O 1458 -27.01 104.93 42.22
CA TYR O 1458 -26.53 104.95 43.60
C TYR O 1458 -25.01 104.76 43.60
N HIS O 1459 -24.29 105.68 44.24
CA HIS O 1459 -22.84 105.63 44.28
C HIS O 1459 -22.26 106.03 45.63
N GLN O 1460 -23.02 105.85 46.72
CA GLN O 1460 -22.57 106.29 48.05
C GLN O 1460 -21.92 105.11 48.77
N HIS O 1461 -20.58 105.14 48.87
CA HIS O 1461 -19.83 104.16 49.64
C HIS O 1461 -19.52 104.77 51.01
N ASP O 1462 -20.57 104.99 51.80
CA ASP O 1462 -20.47 105.65 53.08
C ASP O 1462 -20.21 104.63 54.18
N MET O 1463 -19.04 104.69 54.80
CA MET O 1463 -18.71 103.76 55.87
C MET O 1463 -19.59 103.94 57.09
N SER O 1464 -20.21 105.12 57.24
CA SER O 1464 -21.15 105.39 58.32
C SER O 1464 -22.48 105.78 57.69
N PHE O 1465 -23.30 104.77 57.38
CA PHE O 1465 -24.52 104.97 56.61
C PHE O 1465 -25.74 104.92 57.52
N ASP O 1466 -26.64 105.88 57.34
CA ASP O 1466 -27.96 105.87 57.94
C ASP O 1466 -28.93 106.51 56.96
N LEU O 1467 -30.23 106.31 57.22
CA LEU O 1467 -31.22 106.74 56.26
C LEU O 1467 -31.23 108.26 56.06
N SER O 1468 -30.61 109.00 56.98
CA SER O 1468 -30.50 110.46 56.79
C SER O 1468 -29.50 110.79 55.70
N LYS O 1469 -28.57 109.88 55.40
CA LYS O 1469 -27.56 110.15 54.39
C LYS O 1469 -28.15 110.07 52.98
N VAL O 1470 -29.22 109.30 52.81
CA VAL O 1470 -29.78 109.04 51.49
C VAL O 1470 -30.13 110.35 50.79
N ARG O 1471 -29.80 110.43 49.51
CA ARG O 1471 -30.14 111.61 48.73
C ARG O 1471 -31.66 111.70 48.55
N ALA O 1472 -32.16 112.93 48.45
CA ALA O 1472 -33.58 113.15 48.23
C ALA O 1472 -33.80 114.63 47.92
N VAL O 1473 -34.71 114.90 46.99
CA VAL O 1473 -35.07 116.28 46.66
C VAL O 1473 -36.49 116.30 46.10
N THR O 1474 -37.21 117.38 46.38
CA THR O 1474 -38.58 117.56 45.92
C THR O 1474 -38.61 118.64 44.86
N VAL O 1475 -39.17 118.31 43.70
CA VAL O 1475 -39.39 119.27 42.62
C VAL O 1475 -40.86 119.68 42.70
N THR O 1476 -41.09 120.97 42.87
CA THR O 1476 -42.45 121.50 42.99
C THR O 1476 -42.76 122.38 41.77
N MET O 1477 -43.86 122.07 41.11
CA MET O 1477 -44.33 122.81 39.94
C MET O 1477 -45.69 123.40 40.25
N GLY O 1478 -45.87 124.69 39.92
CA GLY O 1478 -47.11 125.38 40.13
C GLY O 1478 -47.34 126.45 39.07
N ASP O 1479 -48.40 127.22 39.28
CA ASP O 1479 -48.66 128.36 38.42
C ASP O 1479 -48.16 129.64 39.08
N GLU O 1480 -48.45 130.78 38.44
CA GLU O 1480 -47.94 132.05 38.92
C GLU O 1480 -48.45 132.36 40.33
N GLN O 1481 -49.72 132.08 40.58
CA GLN O 1481 -50.33 132.40 41.88
C GLN O 1481 -50.28 131.18 42.82
N GLY O 1482 -49.06 130.79 43.14
CA GLY O 1482 -48.89 129.65 44.06
C GLY O 1482 -49.52 128.40 43.49
N ASN O 1483 -50.47 127.84 44.25
CA ASN O 1483 -51.31 126.75 43.79
C ASN O 1483 -50.48 125.65 43.12
N VAL O 1484 -49.64 125.01 43.94
CA VAL O 1484 -48.75 123.96 43.47
C VAL O 1484 -49.54 122.95 42.63
N HIS O 1485 -49.12 122.77 41.37
CA HIS O 1485 -49.76 121.78 40.51
C HIS O 1485 -49.30 120.38 40.89
N SER O 1486 -48.02 120.20 41.16
CA SER O 1486 -47.47 118.90 41.48
C SER O 1486 -46.24 119.05 42.36
N SER O 1487 -45.94 118.00 43.13
CA SER O 1487 -44.75 117.93 43.95
C SER O 1487 -44.23 116.51 43.92
N LEU O 1488 -43.02 116.33 43.38
CA LEU O 1488 -42.46 115.00 43.17
C LEU O 1488 -41.19 114.86 43.99
N LYS O 1489 -41.14 113.82 44.82
CA LYS O 1489 -39.97 113.48 45.60
C LYS O 1489 -39.15 112.45 44.83
N CYS O 1490 -37.85 112.71 44.67
CA CYS O 1490 -36.97 111.81 43.96
C CYS O 1490 -35.72 111.54 44.80
N SER O 1491 -35.29 110.28 44.79
CA SER O 1491 -34.12 109.83 45.52
C SER O 1491 -33.51 108.66 44.77
N ASN O 1492 -32.39 108.15 45.29
CA ASN O 1492 -31.71 107.04 44.64
C ASN O 1492 -31.82 105.75 45.45
N CYS O 1493 -32.17 105.85 46.73
CA CYS O 1493 -32.25 104.69 47.61
C CYS O 1493 -33.56 104.74 48.38
N TYR O 1494 -34.35 103.67 48.26
CA TYR O 1494 -35.60 103.50 48.99
C TYR O 1494 -35.43 102.30 49.91
N MET O 1495 -35.43 102.55 51.23
CA MET O 1495 -35.10 101.50 52.18
C MET O 1495 -35.80 101.76 53.50
N VAL O 1496 -35.87 100.70 54.31
CA VAL O 1496 -36.40 100.76 55.66
C VAL O 1496 -35.32 100.26 56.62
N TRP O 1497 -35.09 101.00 57.69
CA TRP O 1497 -34.10 100.58 58.67
C TRP O 1497 -34.59 99.37 59.44
N GLY O 1498 -33.71 98.39 59.61
CA GLY O 1498 -34.09 97.19 60.35
C GLY O 1498 -34.33 97.44 61.82
N GLY O 1499 -33.82 98.56 62.34
CA GLY O 1499 -34.03 98.88 63.73
C GLY O 1499 -35.45 99.30 64.05
N ASP O 1500 -36.22 99.67 63.01
CA ASP O 1500 -37.61 100.06 63.25
C ASP O 1500 -38.45 98.87 63.69
N PHE O 1501 -38.09 97.67 63.25
CA PHE O 1501 -38.87 96.47 63.53
C PHE O 1501 -38.37 95.69 64.73
N VAL O 1502 -37.38 96.21 65.46
CA VAL O 1502 -36.90 95.54 66.67
C VAL O 1502 -37.81 95.90 67.83
N SER O 1503 -38.19 94.91 68.62
CA SER O 1503 -39.04 95.16 69.77
C SER O 1503 -38.30 96.06 70.76
N PRO O 1504 -38.98 97.06 71.34
CA PRO O 1504 -38.26 97.95 72.27
C PRO O 1504 -37.62 97.21 73.43
N GLY O 1505 -38.29 96.20 73.97
CA GLY O 1505 -37.68 95.39 75.01
C GLY O 1505 -36.50 94.58 74.49
N GLN O 1506 -36.59 94.10 73.25
CA GLN O 1506 -35.51 93.32 72.66
C GLN O 1506 -34.30 94.20 72.34
N GLN O 1507 -34.54 95.50 72.12
CA GLN O 1507 -33.43 96.40 71.83
C GLN O 1507 -32.43 96.37 72.98
N GLY O 1508 -31.15 96.31 72.62
CA GLY O 1508 -30.10 96.09 73.60
C GLY O 1508 -29.85 94.64 73.93
N ARG O 1509 -30.55 93.71 73.28
CA ARG O 1509 -30.39 92.28 73.53
C ARG O 1509 -30.33 91.56 72.19
N ILE O 1510 -29.76 90.35 72.22
CA ILE O 1510 -29.70 89.51 71.04
C ILE O 1510 -30.97 88.67 70.96
N SER O 1511 -31.54 88.57 69.76
CA SER O 1511 -32.79 87.87 69.54
C SER O 1511 -32.54 86.61 68.73
N HIS O 1512 -33.07 85.49 69.20
CA HIS O 1512 -32.89 84.22 68.48
C HIS O 1512 -33.72 84.17 67.21
N THR O 1513 -34.76 85.01 67.12
CA THR O 1513 -35.62 84.99 65.95
C THR O 1513 -34.98 85.72 64.78
N ASP O 1514 -34.98 85.09 63.61
CA ASP O 1514 -34.56 85.74 62.39
C ASP O 1514 -35.61 86.78 61.98
N LEU O 1515 -35.16 87.87 61.37
CA LEU O 1515 -36.07 88.94 60.98
C LEU O 1515 -36.29 88.91 59.48
N VAL O 1516 -37.53 88.76 59.04
CA VAL O 1516 -37.86 88.67 57.63
C VAL O 1516 -38.56 89.97 57.22
N ILE O 1517 -37.92 90.71 56.33
CA ILE O 1517 -38.45 91.97 55.81
C ILE O 1517 -38.83 91.74 54.36
N GLY O 1518 -40.12 91.89 54.04
CA GLY O 1518 -40.60 91.68 52.69
C GLY O 1518 -40.94 92.99 52.02
N CYS O 1519 -40.46 93.16 50.80
CA CYS O 1519 -40.67 94.36 50.01
C CYS O 1519 -41.61 94.02 48.84
N LEU O 1520 -42.64 94.85 48.68
CA LEU O 1520 -43.64 94.71 47.63
C LEU O 1520 -43.60 95.96 46.77
N VAL O 1521 -43.68 95.78 45.45
CA VAL O 1521 -43.74 96.89 44.50
C VAL O 1521 -44.88 96.62 43.54
N ASP O 1522 -45.75 97.63 43.35
CA ASP O 1522 -46.84 97.56 42.40
C ASP O 1522 -46.41 98.28 41.14
N LEU O 1523 -46.00 97.53 40.11
CA LEU O 1523 -45.45 98.15 38.92
C LEU O 1523 -46.48 99.02 38.22
N ALA O 1524 -47.76 98.70 38.37
CA ALA O 1524 -48.80 99.48 37.70
C ALA O 1524 -49.01 100.84 38.34
N THR O 1525 -49.03 100.89 39.67
CA THR O 1525 -49.31 102.12 40.39
C THR O 1525 -48.07 102.81 40.95
N GLY O 1526 -46.90 102.20 40.81
CA GLY O 1526 -45.67 102.83 41.29
C GLY O 1526 -45.62 103.02 42.79
N LEU O 1527 -46.18 102.08 43.55
CA LEU O 1527 -46.24 102.15 44.99
C LEU O 1527 -45.41 101.02 45.60
N MET O 1528 -44.57 101.37 46.57
CA MET O 1528 -43.68 100.42 47.23
C MET O 1528 -44.02 100.37 48.71
N THR O 1529 -44.16 99.15 49.24
CA THR O 1529 -44.51 98.94 50.63
C THR O 1529 -43.62 97.86 51.23
N PHE O 1530 -43.55 97.84 52.57
CA PHE O 1530 -42.71 96.92 53.30
C PHE O 1530 -43.50 96.28 54.44
N THR O 1531 -43.18 95.03 54.75
CA THR O 1531 -43.84 94.28 55.81
C THR O 1531 -42.78 93.53 56.62
N ALA O 1532 -42.80 93.71 57.93
CA ALA O 1532 -41.83 93.08 58.83
C ALA O 1532 -42.50 91.96 59.60
N ASN O 1533 -41.96 90.76 59.47
CA ASN O 1533 -42.47 89.58 60.17
C ASN O 1533 -43.97 89.41 59.95
N GLY O 1534 -44.39 89.62 58.70
CA GLY O 1534 -45.78 89.45 58.34
C GLY O 1534 -46.70 90.53 58.88
N LYS O 1535 -46.14 91.69 59.23
CA LYS O 1535 -46.91 92.81 59.73
C LYS O 1535 -46.60 94.04 58.89
N GLU O 1536 -47.64 94.70 58.39
CA GLU O 1536 -47.44 95.81 57.47
C GLU O 1536 -46.83 97.01 58.18
N SER O 1537 -45.77 97.56 57.59
CA SER O 1537 -45.06 98.70 58.17
C SER O 1537 -45.56 100.00 57.56
N ASN O 1538 -45.44 101.08 58.33
CA ASN O 1538 -45.98 102.37 57.89
C ASN O 1538 -45.26 102.88 56.65
N THR O 1539 -43.97 102.62 56.52
CA THR O 1539 -43.18 103.19 55.45
C THR O 1539 -43.76 102.81 54.09
N PHE O 1540 -43.88 103.80 53.20
CA PHE O 1540 -44.33 103.59 51.84
C PHE O 1540 -43.63 104.60 50.94
N PHE O 1541 -43.46 104.23 49.67
CA PHE O 1541 -42.78 105.08 48.71
C PHE O 1541 -43.57 105.13 47.42
N GLN O 1542 -43.42 106.22 46.68
CA GLN O 1542 -44.05 106.40 45.37
C GLN O 1542 -42.97 106.77 44.36
N VAL O 1543 -43.00 106.11 43.21
CA VAL O 1543 -42.00 106.30 42.17
C VAL O 1543 -42.69 106.62 40.86
N GLU O 1544 -42.01 107.40 40.02
CA GLU O 1544 -42.54 107.76 38.72
C GLU O 1544 -42.51 106.57 37.78
N PRO O 1545 -43.32 106.59 36.72
CA PRO O 1545 -43.29 105.50 35.74
C PRO O 1545 -41.93 105.40 35.06
N ASN O 1546 -41.60 104.19 34.59
CA ASN O 1546 -40.37 103.85 33.88
C ASN O 1546 -39.17 103.76 34.82
N THR O 1547 -39.38 103.91 36.12
CA THR O 1547 -38.27 103.82 37.08
C THR O 1547 -37.74 102.39 37.13
N LYS O 1548 -36.42 102.27 37.22
CA LYS O 1548 -35.74 100.99 37.41
C LYS O 1548 -35.26 100.92 38.85
N LEU O 1549 -35.56 99.81 39.53
CA LEU O 1549 -35.17 99.63 40.93
C LEU O 1549 -34.49 98.28 41.09
N PHE O 1550 -33.34 98.28 41.77
CA PHE O 1550 -32.62 97.05 42.07
C PHE O 1550 -32.87 96.65 43.50
N PRO O 1551 -33.24 95.39 43.78
CA PRO O 1551 -33.27 94.94 45.18
C PRO O 1551 -31.90 95.15 45.81
N ALA O 1552 -31.89 95.63 47.05
CA ALA O 1552 -30.62 95.99 47.68
C ALA O 1552 -30.71 95.79 49.18
N VAL O 1553 -29.54 95.64 49.79
CA VAL O 1553 -29.39 95.50 51.24
C VAL O 1553 -28.08 96.13 51.65
N PHE O 1554 -28.14 97.02 52.64
CA PHE O 1554 -26.95 97.61 53.24
C PHE O 1554 -26.84 97.09 54.67
N VAL O 1555 -25.72 96.47 54.99
CA VAL O 1555 -25.58 95.74 56.25
C VAL O 1555 -24.18 95.95 56.81
N LEU O 1556 -24.07 96.07 58.12
CA LEU O 1556 -22.78 96.02 58.78
C LEU O 1556 -22.64 94.65 59.45
N PRO O 1557 -21.87 93.72 58.89
CA PRO O 1557 -21.88 92.34 59.40
C PRO O 1557 -21.46 92.29 60.86
N THR O 1558 -22.18 91.48 61.64
CA THR O 1558 -21.83 91.20 63.03
C THR O 1558 -21.97 89.72 63.36
N HIS O 1559 -21.94 88.85 62.35
CA HIS O 1559 -22.14 87.42 62.54
C HIS O 1559 -21.65 86.70 61.30
N GLN O 1560 -21.39 85.40 61.46
CA GLN O 1560 -20.96 84.61 60.31
C GLN O 1560 -22.10 84.41 59.32
N ASN O 1561 -23.33 84.39 59.80
CA ASN O 1561 -24.52 84.36 58.95
C ASN O 1561 -25.20 85.71 59.04
N VAL O 1562 -25.30 86.42 57.91
CA VAL O 1562 -25.74 87.80 57.93
C VAL O 1562 -27.15 87.94 57.37
N VAL O 1563 -27.30 87.70 56.07
CA VAL O 1563 -28.53 87.99 55.36
C VAL O 1563 -28.74 86.99 54.22
N GLN O 1564 -29.98 86.94 53.76
CA GLN O 1564 -30.41 86.00 52.72
C GLN O 1564 -31.49 86.65 51.88
N PHE O 1565 -31.19 86.91 50.61
CA PHE O 1565 -32.21 87.31 49.65
C PHE O 1565 -33.09 86.12 49.33
N GLU O 1566 -34.35 86.15 49.77
CA GLU O 1566 -35.30 85.09 49.48
C GLU O 1566 -36.19 85.57 48.33
N LEU O 1567 -36.09 84.88 47.19
CA LEU O 1567 -36.84 85.26 45.99
C LEU O 1567 -38.12 84.43 45.92
N GLY O 1568 -38.98 84.64 46.92
CA GLY O 1568 -40.22 83.91 47.03
C GLY O 1568 -41.40 84.82 46.72
N LYS O 1569 -42.59 84.24 46.80
CA LYS O 1569 -43.83 84.94 46.53
C LYS O 1569 -44.74 84.91 47.76
N GLN O 1570 -45.81 85.68 47.67
CA GLN O 1570 -46.91 85.64 48.63
C GLN O 1570 -48.18 85.27 47.88
N LYS O 1571 -49.28 85.09 48.61
CA LYS O 1571 -50.54 84.75 47.99
C LYS O 1571 -51.01 85.88 47.08
N ASN O 1572 -51.36 85.53 45.85
CA ASN O 1572 -51.88 86.49 44.87
C ASN O 1572 -50.85 87.55 44.48
N ILE O 1573 -49.57 87.29 44.77
CA ILE O 1573 -48.48 88.21 44.45
C ILE O 1573 -47.41 87.44 43.71
N MET O 1574 -46.98 87.97 42.56
CA MET O 1574 -46.03 87.26 41.72
C MET O 1574 -44.63 87.35 42.32
N PRO O 1575 -43.75 86.40 42.00
CA PRO O 1575 -42.36 86.49 42.44
C PRO O 1575 -41.58 87.53 41.65
N LEU O 1576 -40.33 87.73 42.07
CA LEU O 1576 -39.51 88.77 41.47
C LEU O 1576 -38.99 88.36 40.10
N SER O 1577 -38.84 87.05 39.87
CA SER O 1577 -38.35 86.57 38.59
C SER O 1577 -39.33 86.93 37.47
N ALA O 1578 -40.63 86.88 37.76
CA ALA O 1578 -41.63 87.24 36.76
C ALA O 1578 -41.45 88.69 36.32
N ALA O 1579 -41.21 89.59 37.28
CA ALA O 1579 -40.95 90.98 36.92
C ALA O 1579 -39.66 91.12 36.13
N MET O 1580 -38.62 90.39 36.54
CA MET O 1580 -37.30 90.59 35.93
C MET O 1580 -37.24 90.06 34.50
N PHE O 1581 -37.87 88.92 34.24
CA PHE O 1581 -37.68 88.20 32.97
C PHE O 1581 -38.98 88.19 32.17
N LEU O 1582 -38.88 88.50 30.88
CA LEU O 1582 -40.05 88.51 30.02
C LEU O 1582 -40.63 87.11 29.83
N SER O 1583 -39.76 86.12 29.61
CA SER O 1583 -40.24 84.78 29.30
C SER O 1583 -41.03 84.19 30.46
N GLU O 1584 -40.71 84.60 31.69
CA GLU O 1584 -41.39 84.11 32.88
C GLU O 1584 -42.37 85.13 33.43
N ARG O 1585 -42.85 86.03 32.56
CA ARG O 1585 -43.72 87.11 33.02
C ARG O 1585 -45.05 86.60 33.56
N LYS O 1586 -45.46 85.39 33.18
CA LYS O 1586 -46.69 84.78 33.66
C LYS O 1586 -46.43 83.46 34.39
N ASN O 1587 -45.23 83.28 34.92
CA ASN O 1587 -44.89 82.06 35.64
C ASN O 1587 -44.89 82.35 37.14
N PRO O 1588 -45.84 81.82 37.91
CA PRO O 1588 -45.83 82.07 39.36
C PRO O 1588 -44.80 81.25 40.11
N ALA O 1589 -44.03 80.40 39.44
CA ALA O 1589 -43.03 79.61 40.12
C ALA O 1589 -41.77 80.45 40.35
N PRO O 1590 -41.34 80.64 41.60
CA PRO O 1590 -40.12 81.42 41.83
C PRO O 1590 -38.92 80.77 41.16
N GLN O 1591 -38.02 81.61 40.64
CA GLN O 1591 -36.81 81.15 39.97
C GLN O 1591 -35.65 82.08 40.31
N CYS O 1592 -34.43 81.54 40.20
CA CYS O 1592 -33.20 82.29 40.41
C CYS O 1592 -32.23 81.93 39.30
N PRO O 1593 -32.43 82.45 38.10
CA PRO O 1593 -31.56 82.09 36.98
C PRO O 1593 -30.13 82.51 37.23
N PRO O 1594 -29.18 81.99 36.44
CA PRO O 1594 -27.77 82.32 36.68
C PRO O 1594 -27.46 83.81 36.60
N ARG O 1595 -28.19 84.56 35.76
CA ARG O 1595 -27.91 85.99 35.64
C ARG O 1595 -28.13 86.71 36.96
N LEU O 1596 -29.17 86.34 37.69
CA LEU O 1596 -29.46 86.97 38.97
C LEU O 1596 -28.38 86.61 39.99
N GLU O 1597 -27.62 87.59 40.45
CA GLU O 1597 -26.54 87.36 41.39
C GLU O 1597 -26.36 88.58 42.27
N VAL O 1598 -25.56 88.42 43.32
CA VAL O 1598 -25.30 89.50 44.26
C VAL O 1598 -24.11 90.31 43.77
N GLN O 1599 -24.20 91.64 43.92
CA GLN O 1599 -23.16 92.56 43.51
C GLN O 1599 -22.89 93.52 44.65
N MET O 1600 -21.61 93.73 44.95
CA MET O 1600 -21.20 94.58 46.06
C MET O 1600 -20.67 95.89 45.52
N LEU O 1601 -20.81 96.95 46.32
CA LEU O 1601 -20.30 98.26 45.94
C LEU O 1601 -18.79 98.32 46.16
N MET O 1602 -18.05 98.60 45.10
CA MET O 1602 -16.61 98.75 45.14
C MET O 1602 -16.25 100.21 44.97
N PRO O 1603 -15.31 100.74 45.76
CA PRO O 1603 -15.12 102.20 45.79
C PRO O 1603 -14.43 102.77 44.56
N VAL O 1604 -13.47 102.06 43.99
CA VAL O 1604 -12.62 102.59 42.93
C VAL O 1604 -12.61 101.60 41.77
N SER O 1605 -12.48 102.12 40.56
CA SER O 1605 -12.43 101.28 39.36
C SER O 1605 -11.61 101.98 38.29
N TRP O 1606 -10.96 101.18 37.44
CA TRP O 1606 -10.20 101.75 36.34
C TRP O 1606 -11.12 102.42 35.33
N SER O 1607 -10.62 103.49 34.71
CA SER O 1607 -11.39 104.20 33.70
C SER O 1607 -10.44 104.81 32.68
N ARG O 1608 -10.76 104.66 31.40
CA ARG O 1608 -9.91 105.16 30.34
C ARG O 1608 -9.89 106.68 30.32
N MET O 1609 -8.73 107.25 30.01
CA MET O 1609 -8.57 108.69 29.89
C MET O 1609 -8.79 109.11 28.43
N PRO O 1610 -9.70 110.04 28.15
CA PRO O 1610 -9.89 110.46 26.76
C PRO O 1610 -8.60 110.98 26.15
N ASN O 1611 -8.39 110.65 24.88
CA ASN O 1611 -7.16 111.06 24.21
C ASN O 1611 -7.18 112.55 23.88
N HIS O 1612 -8.37 113.12 23.71
CA HIS O 1612 -8.53 114.54 23.43
C HIS O 1612 -9.55 115.12 24.41
N PHE O 1613 -9.32 116.36 24.82
CA PHE O 1613 -10.12 117.01 25.84
C PHE O 1613 -10.67 118.32 25.31
N LEU O 1614 -11.85 118.70 25.79
CA LEU O 1614 -12.48 119.95 25.36
C LEU O 1614 -11.62 121.13 25.77
N GLN O 1615 -11.50 122.10 24.86
CA GLN O 1615 -10.74 123.32 25.11
C GLN O 1615 -11.70 124.41 25.55
N VAL O 1616 -11.60 124.82 26.81
CA VAL O 1616 -12.47 125.81 27.41
C VAL O 1616 -11.64 127.03 27.75
N ASP O 1617 -12.09 128.21 27.33
CA ASP O 1617 -11.40 129.47 27.60
C ASP O 1617 -12.20 130.24 28.65
N THR O 1618 -11.57 130.50 29.79
CA THR O 1618 -12.18 131.27 30.88
C THR O 1618 -11.37 132.55 31.06
N ARG O 1619 -12.06 133.69 31.02
CA ARG O 1619 -11.37 134.97 31.09
C ARG O 1619 -12.29 136.02 31.70
N ARG O 1620 -11.72 136.91 32.51
CA ARG O 1620 -12.48 138.01 33.08
C ARG O 1620 -12.71 139.05 31.99
N ALA O 1621 -13.92 139.06 31.41
CA ALA O 1621 -14.19 139.96 30.29
C ALA O 1621 -14.06 141.42 30.73
N GLY O 1622 -14.59 141.75 31.90
CA GLY O 1622 -14.49 143.10 32.41
C GLY O 1622 -15.23 143.23 33.71
N GLU O 1623 -15.13 144.41 34.31
CA GLU O 1623 -15.84 144.66 35.56
C GLU O 1623 -17.34 144.60 35.35
N ARG O 1624 -17.83 145.16 34.24
CA ARG O 1624 -19.26 145.14 33.93
C ARG O 1624 -19.69 143.86 33.24
N LEU O 1625 -18.84 143.31 32.35
CA LEU O 1625 -19.23 142.13 31.60
C LEU O 1625 -19.25 140.88 32.48
N GLY O 1626 -18.35 140.81 33.45
CA GLY O 1626 -18.26 139.64 34.32
C GLY O 1626 -17.17 138.69 33.89
N TRP O 1627 -17.37 137.42 34.20
CA TRP O 1627 -16.44 136.40 33.75
C TRP O 1627 -17.03 135.66 32.56
N ALA O 1628 -16.18 135.20 31.65
CA ALA O 1628 -16.62 134.64 30.39
C ALA O 1628 -16.05 133.23 30.20
N VAL O 1629 -16.92 132.33 29.76
CA VAL O 1629 -16.58 130.94 29.43
C VAL O 1629 -16.91 130.75 27.97
N GLN O 1630 -15.96 130.22 27.20
CA GLN O 1630 -16.12 130.01 25.77
C GLN O 1630 -15.67 128.60 25.42
N CYS O 1631 -16.46 127.93 24.57
CA CYS O 1631 -16.11 126.60 24.07
C CYS O 1631 -16.64 126.48 22.65
N GLN O 1632 -15.73 126.33 21.68
CA GLN O 1632 -16.11 126.40 20.27
C GLN O 1632 -15.69 125.19 19.44
N GLU O 1633 -14.82 124.32 19.94
CA GLU O 1633 -14.34 123.17 19.16
C GLU O 1633 -15.12 121.93 19.54
N PRO O 1634 -15.86 121.30 18.62
CA PRO O 1634 -16.67 120.14 19.00
C PRO O 1634 -15.84 118.88 19.14
N LEU O 1635 -16.19 118.06 20.12
CA LEU O 1635 -15.65 116.71 20.29
C LEU O 1635 -16.81 115.75 20.51
N MET O 1636 -16.66 114.52 20.00
CA MET O 1636 -17.67 113.50 20.17
C MET O 1636 -17.00 112.17 20.46
N MET O 1637 -17.75 111.28 21.11
CA MET O 1637 -17.26 109.96 21.45
C MET O 1637 -18.32 108.93 21.09
N MET O 1638 -17.88 107.71 20.82
CA MET O 1638 -18.77 106.59 20.59
C MET O 1638 -19.02 105.88 21.91
N ALA O 1639 -20.26 105.93 22.39
CA ALA O 1639 -20.61 105.44 23.71
C ALA O 1639 -21.25 104.06 23.60
N LEU O 1640 -20.73 103.12 24.39
CA LEU O 1640 -21.34 101.80 24.53
C LEU O 1640 -22.15 101.80 25.81
N HIS O 1641 -23.43 101.44 25.71
CA HIS O 1641 -24.39 101.66 26.77
C HIS O 1641 -24.94 100.32 27.26
N ILE O 1642 -24.68 100.00 28.52
CA ILE O 1642 -25.32 98.88 29.20
C ILE O 1642 -26.72 99.33 29.59
N PRO O 1643 -27.78 98.71 29.04
CA PRO O 1643 -29.14 99.19 29.32
C PRO O 1643 -29.65 98.85 30.71
N GLU O 1644 -29.47 97.61 31.16
CA GLU O 1644 -30.03 97.19 32.44
C GLU O 1644 -29.40 97.92 33.62
N GLU O 1645 -28.14 98.31 33.50
CA GLU O 1645 -27.48 99.17 34.48
C GLU O 1645 -27.64 100.64 34.14
N ASN O 1646 -28.22 100.95 32.98
CA ASN O 1646 -28.46 102.33 32.56
C ASN O 1646 -27.19 103.16 32.68
N ARG O 1647 -26.12 102.70 32.03
CA ARG O 1647 -24.86 103.42 32.05
C ARG O 1647 -24.16 103.29 30.72
N CYS O 1648 -23.14 104.12 30.51
CA CYS O 1648 -22.39 104.12 29.27
C CYS O 1648 -20.91 104.36 29.55
N MET O 1649 -20.08 103.85 28.65
CA MET O 1649 -18.64 104.08 28.69
C MET O 1649 -18.15 104.34 27.27
N ASP O 1650 -16.87 104.66 27.16
CA ASP O 1650 -16.26 104.77 25.84
C ASP O 1650 -16.08 103.37 25.24
N ILE O 1651 -16.48 103.23 23.97
CA ILE O 1651 -16.33 101.94 23.32
C ILE O 1651 -14.87 101.55 23.21
N LEU O 1652 -13.96 102.51 23.37
CA LEU O 1652 -12.53 102.20 23.39
C LEU O 1652 -12.13 101.46 24.66
N GLU O 1653 -12.95 101.52 25.71
CA GLU O 1653 -12.68 100.77 26.93
C GLU O 1653 -12.73 99.27 26.71
N LEU O 1654 -13.29 98.83 25.58
CA LEU O 1654 -13.33 97.41 25.27
C LEU O 1654 -11.96 96.85 24.91
N SER O 1655 -10.95 97.71 24.74
CA SER O 1655 -9.59 97.23 24.56
C SER O 1655 -9.10 96.51 25.82
N GLU O 1656 -9.70 96.83 26.97
CA GLU O 1656 -9.37 96.15 28.21
C GLU O 1656 -10.54 95.38 28.78
N ARG O 1657 -11.77 95.78 28.45
CA ARG O 1657 -12.96 95.00 28.81
C ARG O 1657 -13.11 93.91 27.76
N LEU O 1658 -12.51 92.75 28.03
CA LEU O 1658 -12.38 91.73 26.99
C LEU O 1658 -13.64 90.88 26.81
N ASP O 1659 -14.34 90.54 27.88
CA ASP O 1659 -15.59 89.80 27.72
C ASP O 1659 -16.62 90.62 26.96
N LEU O 1660 -16.76 91.90 27.32
CA LEU O 1660 -17.65 92.78 26.59
C LEU O 1660 -17.21 92.92 25.14
N GLN O 1661 -15.89 92.95 24.90
CA GLN O 1661 -15.39 93.01 23.54
C GLN O 1661 -15.84 91.79 22.73
N ARG O 1662 -15.69 90.60 23.31
CA ARG O 1662 -16.12 89.39 22.62
C ARG O 1662 -17.61 89.43 22.33
N PHE O 1663 -18.40 89.82 23.33
CA PHE O 1663 -19.85 89.83 23.14
C PHE O 1663 -20.26 90.83 22.06
N HIS O 1664 -19.63 92.01 22.04
CA HIS O 1664 -20.02 93.02 21.06
C HIS O 1664 -19.55 92.63 19.67
N SER O 1665 -18.38 92.00 19.55
CA SER O 1665 -17.94 91.52 18.24
C SER O 1665 -18.91 90.47 17.71
N HIS O 1666 -19.35 89.55 18.57
CA HIS O 1666 -20.31 88.54 18.11
C HIS O 1666 -21.67 89.17 17.85
N THR O 1667 -22.00 90.27 18.53
CA THR O 1667 -23.21 91.00 18.21
C THR O 1667 -23.15 91.59 16.81
N LEU O 1668 -21.99 92.16 16.45
CA LEU O 1668 -21.83 92.66 15.08
C LEU O 1668 -21.92 91.52 14.08
N SER O 1669 -21.34 90.36 14.43
CA SER O 1669 -21.46 89.18 13.56
C SER O 1669 -22.92 88.79 13.38
N LEU O 1670 -23.71 88.85 14.46
CA LEU O 1670 -25.12 88.52 14.35
C LEU O 1670 -25.87 89.52 13.48
N TYR O 1671 -25.54 90.81 13.62
CA TYR O 1671 -26.10 91.81 12.72
C TYR O 1671 -25.83 91.42 11.26
N ARG O 1672 -24.57 91.09 10.97
CA ARG O 1672 -24.20 90.70 9.62
C ARG O 1672 -24.99 89.48 9.16
N SER O 1673 -25.14 88.50 10.04
CA SER O 1673 -25.88 87.28 9.68
C SER O 1673 -27.33 87.59 9.37
N VAL O 1674 -27.98 88.44 10.19
CA VAL O 1674 -29.39 88.71 9.98
C VAL O 1674 -29.62 89.53 8.72
N CYS O 1675 -28.68 90.39 8.33
CA CYS O 1675 -28.81 91.12 7.07
C CYS O 1675 -28.10 90.42 5.92
N ALA O 1676 -27.62 89.20 6.13
CA ALA O 1676 -26.77 88.53 5.15
C ALA O 1676 -27.56 88.15 3.90
N LEU O 1677 -26.84 88.09 2.78
CA LEU O 1677 -27.34 87.51 1.53
C LEU O 1677 -28.64 88.16 1.08
N GLY O 1678 -28.65 89.49 1.00
CA GLY O 1678 -29.72 90.20 0.33
C GLY O 1678 -30.95 90.48 1.16
N ASN O 1679 -30.83 90.58 2.47
CA ASN O 1679 -31.97 90.96 3.32
C ASN O 1679 -31.97 92.48 3.47
N ASN O 1680 -32.44 93.15 2.41
CA ASN O 1680 -32.42 94.61 2.39
C ASN O 1680 -33.33 95.19 3.46
N ARG O 1681 -34.46 94.54 3.73
CA ARG O 1681 -35.35 95.01 4.78
C ARG O 1681 -34.67 94.96 6.14
N VAL O 1682 -33.96 93.87 6.42
CA VAL O 1682 -33.25 93.76 7.69
C VAL O 1682 -32.10 94.76 7.74
N ALA O 1683 -31.47 95.03 6.60
CA ALA O 1683 -30.42 96.06 6.57
C ALA O 1683 -30.99 97.43 6.90
N HIS O 1684 -32.16 97.75 6.34
CA HIS O 1684 -32.83 99.00 6.69
C HIS O 1684 -33.14 99.04 8.18
N ALA O 1685 -33.59 97.91 8.74
CA ALA O 1685 -33.87 97.85 10.16
C ALA O 1685 -32.60 98.11 10.99
N LEU O 1686 -31.49 97.52 10.58
CA LEU O 1686 -30.23 97.67 11.32
C LEU O 1686 -29.63 99.05 11.17
N CYS O 1687 -29.95 99.78 10.10
CA CYS O 1687 -29.45 101.14 9.98
C CYS O 1687 -29.93 102.02 11.13
N SER O 1688 -31.00 101.62 11.80
CA SER O 1688 -31.45 102.34 12.99
C SER O 1688 -30.54 102.07 14.17
N HIS O 1689 -30.15 100.80 14.35
CA HIS O 1689 -29.33 100.44 15.52
C HIS O 1689 -27.89 100.89 15.35
N VAL O 1690 -27.35 100.79 14.13
CA VAL O 1690 -25.99 101.23 13.83
C VAL O 1690 -26.11 102.23 12.70
N ASP O 1691 -25.98 103.52 13.03
CA ASP O 1691 -26.28 104.58 12.10
C ASP O 1691 -25.08 104.90 11.22
N GLN O 1692 -25.34 105.69 10.16
CA GLN O 1692 -24.29 106.05 9.21
C GLN O 1692 -23.14 106.77 9.90
N ALA O 1693 -23.45 107.73 10.77
CA ALA O 1693 -22.39 108.44 11.48
C ALA O 1693 -21.58 107.48 12.34
N GLN O 1694 -22.26 106.56 13.03
CA GLN O 1694 -21.54 105.54 13.80
C GLN O 1694 -20.57 104.77 12.92
N LEU O 1695 -21.05 104.30 11.77
CA LEU O 1695 -20.19 103.51 10.88
C LEU O 1695 -19.01 104.31 10.37
N LEU O 1696 -19.22 105.56 9.95
CA LEU O 1696 -18.12 106.35 9.42
C LEU O 1696 -17.10 106.67 10.52
N HIS O 1697 -17.58 107.00 11.72
CA HIS O 1697 -16.67 107.27 12.82
C HIS O 1697 -15.85 106.03 13.17
N ALA O 1698 -16.49 104.86 13.17
CA ALA O 1698 -15.76 103.62 13.42
C ALA O 1698 -14.74 103.35 12.32
N LEU O 1699 -15.11 103.62 11.06
CA LEU O 1699 -14.17 103.43 9.96
C LEU O 1699 -12.93 104.28 10.15
N GLU O 1700 -13.11 105.57 10.48
CA GLU O 1700 -11.99 106.49 10.59
C GLU O 1700 -11.30 106.42 11.96
N ASP O 1701 -11.85 105.68 12.92
CA ASP O 1701 -11.22 105.56 14.22
C ASP O 1701 -9.95 104.74 14.13
N ALA O 1702 -8.95 105.11 14.94
CA ALA O 1702 -7.68 104.41 14.97
C ALA O 1702 -7.45 103.62 16.25
N ARG O 1703 -8.14 103.98 17.34
CA ARG O 1703 -7.90 103.32 18.62
C ARG O 1703 -8.81 102.13 18.87
N LEU O 1704 -9.73 101.82 17.96
CA LEU O 1704 -10.63 100.70 18.17
C LEU O 1704 -9.84 99.40 18.24
N PRO O 1705 -10.26 98.44 19.07
CA PRO O 1705 -9.65 97.10 19.00
C PRO O 1705 -9.79 96.54 17.59
N GLY O 1706 -8.87 95.64 17.23
CA GLY O 1706 -8.86 95.07 15.92
C GLY O 1706 -10.14 94.34 15.59
N PRO O 1707 -10.61 93.48 16.50
CA PRO O 1707 -11.88 92.78 16.24
C PRO O 1707 -13.04 93.73 15.99
N LEU O 1708 -13.19 94.78 16.81
CA LEU O 1708 -14.29 95.72 16.62
C LEU O 1708 -14.14 96.53 15.33
N ARG O 1709 -12.92 96.96 14.99
CA ARG O 1709 -12.70 97.68 13.75
C ARG O 1709 -13.07 96.83 12.54
N ALA O 1710 -12.61 95.57 12.51
CA ALA O 1710 -12.97 94.68 11.43
C ALA O 1710 -14.47 94.43 11.40
N GLY O 1711 -15.09 94.26 12.57
CA GLY O 1711 -16.52 94.03 12.62
C GLY O 1711 -17.30 95.20 12.05
N TYR O 1712 -16.87 96.42 12.36
CA TYR O 1712 -17.59 97.60 11.88
C TYR O 1712 -17.38 97.79 10.38
N TYR O 1713 -16.17 97.55 9.89
CA TYR O 1713 -15.96 97.61 8.44
C TYR O 1713 -16.85 96.60 7.72
N ASP O 1714 -16.86 95.35 8.20
CA ASP O 1714 -17.68 94.32 7.58
C ASP O 1714 -19.16 94.63 7.73
N LEU O 1715 -19.56 95.27 8.83
CA LEU O 1715 -20.96 95.66 9.00
C LEU O 1715 -21.35 96.71 7.97
N LEU O 1716 -20.49 97.70 7.74
CA LEU O 1716 -20.79 98.68 6.70
C LEU O 1716 -20.96 97.99 5.36
N ILE O 1717 -20.02 97.10 5.01
CA ILE O 1717 -20.09 96.42 3.73
C ILE O 1717 -21.38 95.60 3.63
N SER O 1718 -21.72 94.87 4.69
CA SER O 1718 -22.90 94.02 4.66
C SER O 1718 -24.18 94.84 4.54
N ILE O 1719 -24.27 95.93 5.30
CA ILE O 1719 -25.50 96.72 5.33
C ILE O 1719 -25.71 97.43 3.99
N HIS O 1720 -24.67 98.06 3.45
CA HIS O 1720 -24.85 98.96 2.33
C HIS O 1720 -24.40 98.40 0.99
N LEU O 1721 -23.25 97.72 0.94
CA LEU O 1721 -22.59 97.44 -0.33
C LEU O 1721 -22.66 95.98 -0.76
N GLU O 1722 -22.99 95.06 0.14
CA GLU O 1722 -22.82 93.64 -0.17
C GLU O 1722 -23.75 93.18 -1.30
N SER O 1723 -25.02 93.60 -1.26
CA SER O 1723 -25.97 93.14 -2.27
C SER O 1723 -25.60 93.64 -3.66
N ALA O 1724 -25.29 94.94 -3.77
CA ALA O 1724 -24.89 95.50 -5.05
C ALA O 1724 -23.60 94.87 -5.54
N CYS O 1725 -22.64 94.63 -4.64
CA CYS O 1725 -21.40 93.98 -5.04
C CYS O 1725 -21.67 92.58 -5.57
N ARG O 1726 -22.55 91.83 -4.91
CA ARG O 1726 -22.87 90.48 -5.37
C ARG O 1726 -23.51 90.52 -6.75
N SER O 1727 -24.48 91.41 -6.95
CA SER O 1727 -25.14 91.48 -8.24
C SER O 1727 -24.17 91.87 -9.35
N ARG O 1728 -23.34 92.88 -9.10
CA ARG O 1728 -22.38 93.29 -10.11
C ARG O 1728 -21.37 92.21 -10.40
N ARG O 1729 -20.89 91.50 -9.38
CA ARG O 1729 -19.96 90.40 -9.61
C ARG O 1729 -20.61 89.29 -10.43
N SER O 1730 -21.89 88.99 -10.16
CA SER O 1730 -22.57 87.99 -10.97
C SER O 1730 -22.67 88.44 -12.43
N MET O 1731 -22.94 89.73 -12.65
CA MET O 1731 -23.12 90.24 -14.01
C MET O 1731 -21.81 90.49 -14.75
N LEU O 1732 -20.68 90.58 -14.05
CA LEU O 1732 -19.41 90.87 -14.71
C LEU O 1732 -18.90 89.72 -15.57
N SER O 1733 -19.49 88.53 -15.46
CA SER O 1733 -18.96 87.39 -16.18
C SER O 1733 -19.34 87.45 -17.66
N GLU O 1734 -20.38 88.20 -18.00
CA GLU O 1734 -20.84 88.30 -19.37
C GLU O 1734 -20.53 89.67 -19.96
N TYR O 1735 -20.34 89.69 -21.28
CA TYR O 1735 -20.00 90.91 -22.02
C TYR O 1735 -21.02 91.10 -23.13
N ILE O 1736 -21.97 92.00 -22.92
CA ILE O 1736 -22.94 92.40 -23.95
C ILE O 1736 -22.53 93.78 -24.43
N VAL O 1737 -22.10 93.87 -25.68
CA VAL O 1737 -21.48 95.07 -26.23
C VAL O 1737 -22.48 95.73 -27.18
N PRO O 1738 -23.09 96.85 -26.83
CA PRO O 1738 -23.92 97.57 -27.79
C PRO O 1738 -23.07 98.18 -28.89
N LEU O 1739 -23.65 98.31 -30.08
CA LEU O 1739 -22.92 98.82 -31.23
C LEU O 1739 -22.98 100.35 -31.25
N THR O 1740 -22.61 100.99 -30.14
CA THR O 1740 -22.64 102.43 -30.02
C THR O 1740 -21.35 103.03 -30.57
N PRO O 1741 -21.34 104.35 -30.84
CA PRO O 1741 -20.09 104.98 -31.27
C PRO O 1741 -18.96 104.83 -30.27
N GLU O 1742 -19.30 104.80 -28.97
CA GLU O 1742 -18.27 104.55 -27.95
C GLU O 1742 -17.60 103.21 -28.18
N THR O 1743 -18.38 102.19 -28.52
CA THR O 1743 -17.80 100.87 -28.81
C THR O 1743 -16.85 100.95 -30.00
N ARG O 1744 -17.25 101.65 -31.06
CA ARG O 1744 -16.37 101.81 -32.22
C ARG O 1744 -15.07 102.51 -31.82
N ALA O 1745 -15.15 103.47 -30.89
CA ALA O 1745 -13.98 104.20 -30.45
C ALA O 1745 -12.96 103.33 -29.72
N ILE O 1746 -13.35 102.13 -29.28
CA ILE O 1746 -12.44 101.31 -28.47
C ILE O 1746 -11.39 100.68 -29.37
N THR O 1747 -10.16 100.65 -28.88
CA THR O 1747 -9.05 99.99 -29.55
C THR O 1747 -8.20 99.25 -28.51
N LEU O 1748 -7.54 98.18 -28.95
CA LEU O 1748 -6.71 97.40 -28.04
C LEU O 1748 -5.66 98.27 -27.35
N PHE O 1749 -4.90 99.03 -28.14
CA PHE O 1749 -3.79 99.79 -27.61
C PHE O 1749 -4.08 101.29 -27.67
N PRO O 1750 -3.65 102.07 -26.68
CA PRO O 1750 -3.92 103.49 -26.72
C PRO O 1750 -3.22 104.14 -27.90
N PRO O 1751 -3.79 105.21 -28.46
CA PRO O 1751 -3.13 105.90 -29.58
C PRO O 1751 -1.69 106.27 -29.25
N GLY O 1752 -0.74 105.69 -29.97
CA GLY O 1752 0.66 105.93 -29.70
C GLY O 1752 1.53 105.55 -30.88
N ARG O 1753 2.83 105.81 -30.73
CA ARG O 1753 3.81 105.55 -31.77
C ARG O 1753 4.98 104.70 -31.28
N SER O 1754 4.91 104.18 -30.05
CA SER O 1754 6.06 103.52 -29.46
C SER O 1754 6.50 102.30 -30.28
N ALA O 1755 5.53 101.49 -30.71
CA ALA O 1755 5.84 100.28 -31.45
C ALA O 1755 4.80 100.05 -32.54
N GLU O 1756 5.17 99.24 -33.53
CA GLU O 1756 4.30 99.01 -34.68
C GLU O 1756 3.00 98.32 -34.26
N ASP O 1757 3.10 97.25 -33.49
CA ASP O 1757 1.91 96.53 -33.01
C ASP O 1757 1.31 97.28 -31.81
N GLY O 1758 0.93 98.52 -32.08
CA GLY O 1758 0.50 99.42 -31.03
C GLY O 1758 1.65 99.72 -30.11
N PRO O 1759 1.52 100.76 -29.28
CA PRO O 1759 2.57 101.04 -28.29
C PRO O 1759 2.82 99.84 -27.40
N ARG O 1760 4.10 99.56 -27.14
CA ARG O 1760 4.45 98.43 -26.28
C ARG O 1760 3.79 98.57 -24.91
N ARG O 1761 3.59 99.79 -24.45
CA ARG O 1761 2.88 100.03 -23.20
C ARG O 1761 1.37 99.89 -23.41
N HIS O 1762 0.73 99.16 -22.51
CA HIS O 1762 -0.72 99.09 -22.47
C HIS O 1762 -1.29 100.33 -21.77
N GLY O 1763 -2.60 100.49 -21.89
CA GLY O 1763 -3.28 101.46 -21.06
C GLY O 1763 -3.44 100.96 -19.64
N LEU O 1764 -3.61 101.89 -18.72
CA LEU O 1764 -3.74 101.51 -17.32
C LEU O 1764 -4.99 100.64 -17.15
N PRO O 1765 -4.86 99.45 -16.57
CA PRO O 1765 -6.02 98.55 -16.50
C PRO O 1765 -7.16 99.17 -15.70
N GLY O 1766 -8.38 98.96 -16.18
CA GLY O 1766 -9.56 99.49 -15.52
C GLY O 1766 -9.87 100.94 -15.82
N VAL O 1767 -9.01 101.63 -16.56
CA VAL O 1767 -9.17 103.04 -16.87
C VAL O 1767 -9.47 103.16 -18.36
N GLY O 1768 -10.54 103.87 -18.68
CA GLY O 1768 -10.92 104.13 -20.05
C GLY O 1768 -12.40 103.90 -20.24
N VAL O 1769 -12.80 103.76 -21.50
CA VAL O 1769 -14.20 103.58 -21.85
C VAL O 1769 -14.53 102.09 -21.90
N THR O 1770 -15.58 101.70 -21.18
CA THR O 1770 -16.09 100.33 -21.23
C THR O 1770 -17.59 100.42 -21.52
N THR O 1771 -18.02 99.79 -22.61
CA THR O 1771 -19.40 99.88 -23.06
C THR O 1771 -20.21 98.62 -22.79
N SER O 1772 -19.60 97.58 -22.20
CA SER O 1772 -20.35 96.39 -21.86
C SER O 1772 -21.48 96.74 -20.91
N LEU O 1773 -22.66 96.15 -21.15
CA LEU O 1773 -23.84 96.51 -20.37
C LEU O 1773 -23.76 95.92 -18.97
N ARG O 1774 -23.89 96.78 -17.97
CA ARG O 1774 -24.03 96.38 -16.58
C ARG O 1774 -25.19 97.17 -15.99
N PRO O 1775 -26.19 96.52 -15.39
CA PRO O 1775 -27.32 97.26 -14.86
C PRO O 1775 -26.90 98.18 -13.73
N PRO O 1776 -27.54 99.33 -13.56
CA PRO O 1776 -27.11 100.26 -12.52
C PRO O 1776 -27.45 99.75 -11.12
N HIS O 1777 -26.94 100.46 -10.12
CA HIS O 1777 -27.25 100.13 -8.74
C HIS O 1777 -28.48 100.92 -8.28
N HIS O 1778 -29.27 100.29 -7.41
CA HIS O 1778 -30.48 100.91 -6.87
C HIS O 1778 -30.41 100.90 -5.35
N PHE O 1779 -30.64 102.05 -4.74
CA PHE O 1779 -30.58 102.20 -3.29
C PHE O 1779 -31.77 103.02 -2.83
N SER O 1780 -32.20 102.79 -1.59
CA SER O 1780 -33.32 103.52 -1.01
C SER O 1780 -32.88 104.29 0.23
N PRO O 1781 -33.30 105.53 0.42
CA PRO O 1781 -32.88 106.28 1.60
C PRO O 1781 -33.31 105.58 2.88
N PRO O 1782 -32.47 105.55 3.91
CA PRO O 1782 -32.93 105.02 5.21
C PRO O 1782 -33.73 106.06 5.97
N CYS O 1783 -35.06 105.85 6.02
CA CYS O 1783 -35.95 106.77 6.69
C CYS O 1783 -37.00 105.97 7.45
N PHE O 1784 -37.19 106.31 8.73
CA PHE O 1784 -38.09 105.57 9.61
C PHE O 1784 -39.27 106.42 10.08
N VAL O 1785 -39.58 107.50 9.35
CA VAL O 1785 -40.78 108.29 9.61
C VAL O 1785 -41.74 108.26 8.43
N VAL O 1786 -41.44 107.47 7.39
CA VAL O 1786 -42.33 107.36 6.24
C VAL O 1786 -43.46 106.38 6.56
N ALA O 1787 -44.59 106.58 5.90
CA ALA O 1787 -45.76 105.72 6.12
C ALA O 1787 -45.55 104.37 5.48
N LEU O 1788 -45.83 103.32 6.23
CA LEU O 1788 -45.74 101.97 5.70
C LEU O 1788 -46.87 101.72 4.71
N PRO O 1789 -46.68 100.81 3.76
CA PRO O 1789 -47.76 100.52 2.80
C PRO O 1789 -49.03 100.09 3.52
N ALA O 1790 -50.17 100.61 3.05
CA ALA O 1790 -51.44 100.26 3.66
C ALA O 1790 -51.75 98.78 3.50
N ALA O 1791 -51.43 98.23 2.33
CA ALA O 1791 -51.65 96.81 2.08
C ALA O 1791 -50.66 95.97 2.88
N GLY O 1792 -50.96 94.68 2.98
CA GLY O 1792 -50.12 93.77 3.71
C GLY O 1792 -48.80 93.51 3.01
N ALA O 1793 -47.91 92.81 3.70
CA ALA O 1793 -46.60 92.47 3.15
C ALA O 1793 -46.75 91.62 1.90
N THR O 1794 -45.69 91.56 1.09
CA THR O 1794 -45.68 90.84 -0.18
C THR O 1794 -46.40 91.61 -1.27
N GLU O 1795 -46.95 92.78 -0.94
CA GLU O 1795 -47.53 93.64 -1.97
C GLU O 1795 -46.49 94.61 -2.52
N ALA O 1796 -45.77 95.30 -1.65
CA ALA O 1796 -44.77 96.24 -2.09
C ALA O 1796 -43.59 95.52 -2.73
N PRO O 1797 -42.86 96.18 -3.63
CA PRO O 1797 -41.68 95.54 -4.24
C PRO O 1797 -40.60 95.28 -3.20
N ALA O 1798 -39.70 94.37 -3.55
CA ALA O 1798 -38.60 94.00 -2.67
C ALA O 1798 -37.80 95.24 -2.28
N ARG O 1799 -37.46 95.32 -1.00
CA ARG O 1799 -36.77 96.50 -0.48
C ARG O 1799 -35.39 96.64 -1.12
N LEU O 1800 -35.00 97.88 -1.38
CA LEU O 1800 -33.67 98.16 -1.91
C LEU O 1800 -32.69 98.36 -0.77
N SER O 1801 -31.41 98.20 -1.09
CA SER O 1801 -30.37 98.35 -0.08
C SER O 1801 -30.32 99.79 0.41
N PRO O 1802 -29.95 100.01 1.68
CA PRO O 1802 -29.83 101.37 2.18
C PRO O 1802 -28.76 102.15 1.46
N ALA O 1803 -28.97 103.46 1.37
CA ALA O 1803 -28.09 104.36 0.62
C ALA O 1803 -27.11 105.03 1.57
N ILE O 1804 -25.84 105.07 1.16
CA ILE O 1804 -24.80 105.77 1.91
C ILE O 1804 -24.06 106.66 0.92
N PRO O 1805 -23.67 107.89 1.27
CA PRO O 1805 -23.03 108.76 0.29
C PRO O 1805 -21.78 108.11 -0.29
N LEU O 1806 -21.89 107.73 -1.57
CA LEU O 1806 -20.82 106.95 -2.17
C LEU O 1806 -19.62 107.82 -2.51
N GLU O 1807 -19.83 109.10 -2.81
CA GLU O 1807 -18.70 109.98 -3.07
C GLU O 1807 -17.84 110.15 -1.83
N ALA O 1808 -18.47 110.53 -0.72
CA ALA O 1808 -17.72 110.67 0.52
C ALA O 1808 -17.08 109.34 0.91
N LEU O 1809 -17.82 108.24 0.75
CA LEU O 1809 -17.26 106.95 1.11
C LEU O 1809 -16.05 106.60 0.24
N ARG O 1810 -16.12 106.86 -1.06
CA ARG O 1810 -15.03 106.44 -1.93
C ARG O 1810 -13.81 107.32 -1.74
N ASP O 1811 -14.00 108.58 -1.36
CA ASP O 1811 -12.88 109.44 -0.99
C ASP O 1811 -12.24 108.99 0.31
N LYS O 1812 -13.08 108.70 1.32
CA LYS O 1812 -12.56 108.28 2.62
C LYS O 1812 -11.79 106.97 2.50
N ALA O 1813 -12.26 106.05 1.66
CA ALA O 1813 -11.57 104.77 1.50
C ALA O 1813 -10.15 104.99 0.96
N LEU O 1814 -10.02 105.81 -0.08
CA LEU O 1814 -8.69 106.08 -0.64
C LEU O 1814 -7.80 106.78 0.37
N ARG O 1815 -8.36 107.75 1.11
CA ARG O 1815 -7.55 108.45 2.10
C ARG O 1815 -7.05 107.48 3.17
N MET O 1816 -7.93 106.60 3.65
CA MET O 1816 -7.51 105.64 4.66
C MET O 1816 -6.46 104.68 4.11
N LEU O 1817 -6.62 104.25 2.85
CA LEU O 1817 -5.64 103.34 2.27
C LEU O 1817 -4.28 104.00 2.16
N GLY O 1818 -4.24 105.27 1.73
CA GLY O 1818 -2.97 105.97 1.66
C GLY O 1818 -2.34 106.16 3.03
N GLU O 1819 -3.15 106.53 4.03
CA GLU O 1819 -2.61 106.67 5.39
C GLU O 1819 -2.07 105.36 5.90
N ALA O 1820 -2.78 104.26 5.64
CA ALA O 1820 -2.30 102.94 6.06
C ALA O 1820 -1.01 102.58 5.34
N VAL O 1821 -0.91 102.89 4.05
CA VAL O 1821 0.33 102.63 3.31
C VAL O 1821 1.50 103.35 3.98
N ARG O 1822 1.35 104.63 4.26
CA ARG O 1822 2.45 105.38 4.86
C ARG O 1822 2.75 104.87 6.27
N ASP O 1823 1.72 104.56 7.06
CA ASP O 1823 1.94 104.10 8.42
C ASP O 1823 2.68 102.76 8.42
N GLY O 1824 2.29 101.84 7.54
CA GLY O 1824 3.02 100.59 7.41
C GLY O 1824 4.44 100.78 6.93
N GLY O 1825 4.66 101.74 6.04
CA GLY O 1825 6.02 102.05 5.63
C GLY O 1825 6.87 102.50 6.81
N GLN O 1826 6.30 103.34 7.68
CA GLN O 1826 7.05 103.79 8.86
C GLN O 1826 7.34 102.65 9.84
N HIS O 1827 6.49 101.63 9.89
CA HIS O 1827 6.67 100.51 10.82
C HIS O 1827 6.69 101.00 12.27
N ALA O 1828 5.55 101.56 12.69
CA ALA O 1828 5.39 101.98 14.07
C ALA O 1828 5.12 100.76 14.96
N ARG O 1829 5.24 100.98 16.28
CA ARG O 1829 5.02 99.90 17.23
C ARG O 1829 3.57 99.77 17.67
N ASP O 1830 2.68 100.64 17.21
CA ASP O 1830 1.27 100.55 17.54
C ASP O 1830 0.43 100.64 16.28
N PRO O 1831 0.39 99.58 15.47
CA PRO O 1831 -0.41 99.61 14.24
C PRO O 1831 -1.88 99.76 14.56
N VAL O 1832 -2.61 100.44 13.66
CA VAL O 1832 -4.04 100.62 13.86
C VAL O 1832 -4.70 99.25 13.95
N GLY O 1833 -5.49 99.07 15.01
CA GLY O 1833 -6.12 97.79 15.27
C GLY O 1833 -5.26 96.78 15.98
N GLY O 1834 -4.02 97.14 16.34
CA GLY O 1834 -3.14 96.25 17.06
C GLY O 1834 -2.23 95.39 16.21
N SER O 1835 -2.40 95.41 14.89
CA SER O 1835 -1.55 94.61 14.01
C SER O 1835 -1.69 95.12 12.59
N VAL O 1836 -0.70 94.76 11.76
CA VAL O 1836 -0.71 95.16 10.36
C VAL O 1836 -1.94 94.57 9.66
N GLU O 1837 -2.29 93.33 9.99
CA GLU O 1837 -3.45 92.70 9.36
C GLU O 1837 -4.73 93.46 9.66
N PHE O 1838 -4.94 93.82 10.92
CA PHE O 1838 -6.12 94.59 11.28
C PHE O 1838 -6.07 96.02 10.74
N GLN O 1839 -4.87 96.56 10.51
CA GLN O 1839 -4.75 97.87 9.89
C GLN O 1839 -5.16 97.84 8.43
N PHE O 1840 -4.79 96.78 7.70
CA PHE O 1840 -4.93 96.74 6.25
C PHE O 1840 -6.18 96.02 5.77
N VAL O 1841 -6.42 94.79 6.23
CA VAL O 1841 -7.43 93.92 5.63
C VAL O 1841 -8.78 94.61 5.51
N PRO O 1842 -9.27 95.30 6.55
CA PRO O 1842 -10.59 95.96 6.40
C PRO O 1842 -10.60 97.02 5.30
N VAL O 1843 -9.56 97.86 5.24
CA VAL O 1843 -9.50 98.91 4.24
C VAL O 1843 -9.46 98.32 2.84
N LEU O 1844 -8.65 97.28 2.65
CA LEU O 1844 -8.57 96.62 1.36
C LEU O 1844 -9.87 95.93 0.99
N LYS O 1845 -10.58 95.34 1.96
CA LYS O 1845 -11.89 94.77 1.68
C LYS O 1845 -12.87 95.83 1.20
N LEU O 1846 -12.89 96.98 1.87
CA LEU O 1846 -13.76 98.06 1.45
C LEU O 1846 -13.40 98.53 0.04
N VAL O 1847 -12.11 98.70 -0.23
CA VAL O 1847 -11.68 99.18 -1.54
C VAL O 1847 -12.05 98.18 -2.63
N SER O 1848 -11.84 96.88 -2.37
CA SER O 1848 -12.20 95.87 -3.34
C SER O 1848 -13.70 95.85 -3.60
N THR O 1849 -14.50 95.97 -2.55
CA THR O 1849 -15.95 96.01 -2.72
C THR O 1849 -16.35 97.19 -3.60
N LEU O 1850 -15.79 98.36 -3.31
CA LEU O 1850 -16.13 99.54 -4.11
C LEU O 1850 -15.70 99.36 -5.56
N LEU O 1851 -14.50 98.83 -5.79
CA LEU O 1851 -14.05 98.60 -7.15
C LEU O 1851 -14.99 97.65 -7.90
N VAL O 1852 -15.34 96.53 -7.26
CA VAL O 1852 -16.22 95.57 -7.93
C VAL O 1852 -17.58 96.21 -8.21
N MET O 1853 -18.07 97.03 -7.29
CA MET O 1853 -19.27 97.81 -7.58
C MET O 1853 -19.06 98.72 -8.78
N GLY O 1854 -17.81 99.12 -9.02
CA GLY O 1854 -17.48 100.02 -10.11
C GLY O 1854 -17.70 101.47 -9.79
N VAL O 1855 -17.87 101.83 -8.51
CA VAL O 1855 -18.13 103.20 -8.13
C VAL O 1855 -16.92 104.08 -8.41
N PHE O 1856 -15.72 103.55 -8.23
CA PHE O 1856 -14.51 104.36 -8.34
C PHE O 1856 -14.38 104.94 -9.74
N SER O 1857 -13.97 106.21 -9.81
CA SER O 1857 -13.78 106.89 -11.07
C SER O 1857 -12.39 106.62 -11.63
N ASP O 1858 -12.09 107.23 -12.78
CA ASP O 1858 -10.80 107.00 -13.42
C ASP O 1858 -9.65 107.51 -12.57
N GLU O 1859 -9.80 108.72 -12.01
CA GLU O 1859 -8.75 109.25 -11.15
C GLU O 1859 -8.54 108.38 -9.92
N ASP O 1860 -9.64 107.90 -9.33
CA ASP O 1860 -9.53 107.03 -8.17
C ASP O 1860 -8.82 105.72 -8.52
N VAL O 1861 -9.15 105.16 -9.68
CA VAL O 1861 -8.49 103.93 -10.12
C VAL O 1861 -7.00 104.18 -10.34
N LYS O 1862 -6.65 105.33 -10.91
CA LYS O 1862 -5.25 105.66 -11.08
C LYS O 1862 -4.52 105.79 -9.74
N GLN O 1863 -5.16 106.42 -8.75
CA GLN O 1863 -4.55 106.50 -7.42
C GLN O 1863 -4.37 105.11 -6.81
N ILE O 1864 -5.37 104.24 -6.95
CA ILE O 1864 -5.26 102.89 -6.41
C ILE O 1864 -4.12 102.14 -7.09
N LEU O 1865 -4.00 102.28 -8.41
CA LEU O 1865 -2.92 101.62 -9.13
C LEU O 1865 -1.56 102.15 -8.70
N LYS O 1866 -1.45 103.47 -8.50
CA LYS O 1866 -0.20 104.04 -8.00
C LYS O 1866 0.15 103.48 -6.63
N MET O 1867 -0.85 103.35 -5.76
CA MET O 1867 -0.61 102.74 -4.45
C MET O 1867 -0.13 101.31 -4.60
N ILE O 1868 -0.75 100.55 -5.50
CA ILE O 1868 -0.38 99.14 -5.69
C ILE O 1868 1.07 99.04 -6.16
N GLU O 1869 1.42 99.78 -7.19
CA GLU O 1869 2.78 99.76 -7.72
C GLU O 1869 3.08 101.09 -8.39
N PRO O 1870 3.85 101.98 -7.76
CA PRO O 1870 4.05 103.31 -8.37
C PRO O 1870 4.71 103.28 -9.74
N GLU O 1871 5.80 102.52 -9.88
CA GLU O 1871 6.59 102.61 -11.11
C GLU O 1871 5.84 102.03 -12.31
N VAL O 1872 5.29 100.84 -12.17
CA VAL O 1872 4.69 100.17 -13.32
C VAL O 1872 3.47 100.94 -13.82
N PHE O 1873 2.57 101.30 -12.92
CA PHE O 1873 1.36 102.03 -13.28
C PHE O 1873 1.59 103.54 -13.11
N ARG O 1874 2.58 104.04 -13.82
CA ARG O 1874 2.98 105.44 -13.77
C ARG O 1874 2.64 106.10 -15.10
N GLU O 1875 1.77 107.10 -15.06
CA GLU O 1875 1.39 107.80 -16.28
C GLU O 1875 2.57 108.61 -16.82
N GLU O 1876 2.81 108.47 -18.13
CA GLU O 1876 3.88 109.21 -18.80
C GLU O 1876 5.20 109.11 -18.03
N LEU O 1923 5.76 107.22 0.36
CA LEU O 1923 6.60 106.02 0.41
C LEU O 1923 6.73 105.42 -0.99
N GLU O 1924 7.97 105.24 -1.44
CA GLU O 1924 8.21 104.68 -2.77
C GLU O 1924 7.75 103.23 -2.83
N GLU O 1925 7.96 102.46 -1.76
CA GLU O 1925 7.57 101.06 -1.76
C GLU O 1925 6.07 100.91 -1.96
N GLY O 1926 5.68 99.98 -2.84
CA GLY O 1926 4.29 99.72 -3.09
C GLY O 1926 3.72 98.65 -2.19
N LEU O 1927 2.39 98.54 -2.21
CA LEU O 1927 1.72 97.51 -1.42
C LEU O 1927 2.21 96.12 -1.77
N LEU O 1928 2.56 95.90 -3.05
CA LEU O 1928 3.03 94.60 -3.48
C LEU O 1928 4.43 94.31 -2.94
N GLN O 1929 5.24 95.35 -2.77
CA GLN O 1929 6.62 95.22 -2.31
C GLN O 1929 6.76 95.52 -0.83
N MET O 1930 5.67 95.68 -0.10
CA MET O 1930 5.71 96.16 1.28
C MET O 1930 5.87 95.06 2.31
N LYS O 1931 6.02 93.80 1.90
CA LYS O 1931 6.25 92.72 2.87
C LYS O 1931 5.10 92.62 3.87
N LEU O 1932 3.92 92.25 3.39
CA LEU O 1932 2.71 92.19 4.17
C LEU O 1932 2.38 90.76 4.58
N PRO O 1933 1.47 90.57 5.53
CA PRO O 1933 1.07 89.21 5.92
C PRO O 1933 0.29 88.52 4.81
N GLU O 1934 -0.12 87.28 5.11
CA GLU O 1934 -0.71 86.43 4.08
C GLU O 1934 -2.13 86.89 3.72
N SER O 1935 -2.94 87.23 4.73
CA SER O 1935 -4.30 87.67 4.45
C SER O 1935 -4.30 88.96 3.63
N VAL O 1936 -3.42 89.90 3.97
CA VAL O 1936 -3.29 91.11 3.18
C VAL O 1936 -2.87 90.77 1.76
N LYS O 1937 -2.03 89.75 1.61
CA LYS O 1937 -1.69 89.26 0.28
C LYS O 1937 -2.92 88.73 -0.43
N LEU O 1938 -3.84 88.09 0.29
CA LEU O 1938 -5.08 87.61 -0.32
C LEU O 1938 -5.92 88.77 -0.84
N GLN O 1939 -6.03 89.84 -0.04
CA GLN O 1939 -6.77 91.01 -0.50
C GLN O 1939 -6.11 91.64 -1.73
N MET O 1940 -4.78 91.71 -1.72
CA MET O 1940 -4.07 92.23 -2.88
C MET O 1940 -4.31 91.35 -4.10
N CYS O 1941 -4.39 90.04 -3.89
CA CYS O 1941 -4.70 89.13 -4.99
C CYS O 1941 -6.08 89.40 -5.54
N HIS O 1942 -7.05 89.69 -4.67
CA HIS O 1942 -8.38 90.07 -5.14
C HIS O 1942 -8.32 91.33 -6.00
N LEU O 1943 -7.56 92.33 -5.56
CA LEU O 1943 -7.41 93.55 -6.35
C LEU O 1943 -6.82 93.26 -7.73
N LEU O 1944 -5.76 92.46 -7.75
CA LEU O 1944 -5.12 92.09 -9.02
C LEU O 1944 -6.09 91.31 -9.91
N GLU O 1945 -6.91 90.45 -9.32
CA GLU O 1945 -7.91 89.73 -10.08
C GLU O 1945 -8.90 90.69 -10.73
N TYR O 1946 -9.34 91.70 -9.98
CA TYR O 1946 -10.23 92.69 -10.57
C TYR O 1946 -9.57 93.38 -11.77
N PHE O 1947 -8.32 93.79 -11.63
CA PHE O 1947 -7.67 94.50 -12.72
C PHE O 1947 -7.46 93.58 -13.94
N CYS O 1948 -7.11 92.32 -13.70
CA CYS O 1948 -6.99 91.38 -14.81
C CYS O 1948 -8.33 91.17 -15.51
N ASP O 1949 -9.42 91.08 -14.74
CA ASP O 1949 -10.74 90.96 -15.35
C ASP O 1949 -11.07 92.19 -16.19
N GLN O 1950 -10.69 93.38 -15.72
CA GLN O 1950 -10.88 94.58 -16.53
C GLN O 1950 -10.08 94.54 -17.82
N GLU O 1951 -8.84 94.04 -17.79
CA GLU O 1951 -8.08 93.91 -19.03
C GLU O 1951 -8.76 92.92 -19.99
N LEU O 1952 -9.29 91.82 -19.45
CA LEU O 1952 -10.01 90.87 -20.29
C LEU O 1952 -11.24 91.52 -20.93
N GLN O 1953 -11.98 92.32 -20.15
CA GLN O 1953 -13.11 93.05 -20.69
C GLN O 1953 -12.67 93.98 -21.82
N HIS O 1954 -11.54 94.66 -21.63
CA HIS O 1954 -11.02 95.54 -22.66
C HIS O 1954 -10.73 94.76 -23.94
N ARG O 1955 -10.10 93.60 -23.81
CA ARG O 1955 -9.81 92.79 -24.99
C ARG O 1955 -11.11 92.40 -25.71
N VAL O 1956 -12.11 91.96 -24.95
CA VAL O 1956 -13.36 91.53 -25.57
C VAL O 1956 -14.03 92.69 -26.30
N GLU O 1957 -14.06 93.87 -25.67
CA GLU O 1957 -14.70 95.02 -26.29
C GLU O 1957 -13.96 95.46 -27.54
N SER O 1958 -12.62 95.44 -27.50
CA SER O 1958 -11.85 95.79 -28.69
C SER O 1958 -12.14 94.82 -29.83
N LEU O 1959 -12.22 93.52 -29.51
CA LEU O 1959 -12.57 92.55 -30.55
C LEU O 1959 -13.95 92.82 -31.12
N ALA O 1960 -14.90 93.18 -30.27
CA ALA O 1960 -16.25 93.47 -30.74
C ALA O 1960 -16.25 94.67 -31.69
N ALA O 1961 -15.52 95.72 -31.34
CA ALA O 1961 -15.46 96.90 -32.20
C ALA O 1961 -14.82 96.57 -33.55
N PHE O 1962 -13.72 95.82 -33.51
CA PHE O 1962 -13.08 95.43 -34.78
C PHE O 1962 -14.03 94.58 -35.61
N ALA O 1963 -14.81 93.73 -34.97
CA ALA O 1963 -15.82 92.96 -35.69
C ALA O 1963 -16.83 93.89 -36.35
N GLU O 1964 -17.29 94.91 -35.61
CA GLU O 1964 -18.22 95.87 -36.19
C GLU O 1964 -17.67 96.46 -37.48
N CYS O 1965 -16.43 96.92 -37.46
CA CYS O 1965 -15.86 97.52 -38.68
C CYS O 1965 -15.65 96.49 -39.79
N TYR O 1966 -15.03 95.36 -39.44
CA TYR O 1966 -14.61 94.41 -40.47
C TYR O 1966 -15.80 93.75 -41.15
N VAL O 1967 -16.85 93.44 -40.39
CA VAL O 1967 -18.02 92.81 -40.99
C VAL O 1967 -18.72 93.77 -41.92
N ASP O 1968 -18.76 95.06 -41.60
CA ASP O 1968 -19.30 96.05 -42.52
C ASP O 1968 -18.49 96.06 -43.81
N LYS O 1969 -17.16 96.06 -43.70
CA LYS O 1969 -16.33 96.01 -44.91
C LYS O 1969 -16.66 94.78 -45.74
N MET O 1970 -16.73 93.61 -45.09
CA MET O 1970 -17.00 92.37 -45.82
C MET O 1970 -18.36 92.41 -46.50
N GLN O 1971 -19.38 92.93 -45.81
CA GLN O 1971 -20.72 92.99 -46.38
C GLN O 1971 -20.75 93.92 -47.59
N GLY O 1972 -20.09 95.07 -47.50
CA GLY O 1972 -20.04 95.96 -48.67
C GLY O 1972 -19.36 95.31 -49.86
N ASN O 1973 -18.22 94.67 -49.63
CA ASN O 1973 -17.53 94.02 -50.74
C ASN O 1973 -18.35 92.86 -51.29
N GLN O 1974 -19.11 92.18 -50.42
CA GLN O 1974 -19.98 91.10 -50.87
C GLN O 1974 -21.09 91.65 -51.77
N ARG O 1975 -21.68 92.79 -51.40
CA ARG O 1975 -22.62 93.46 -52.29
C ARG O 1975 -21.99 93.74 -53.64
N GLY O 1976 -20.78 94.29 -53.65
CA GLY O 1976 -20.12 94.59 -54.90
C GLY O 1976 -19.90 93.37 -55.77
N ARG O 1977 -19.44 92.29 -55.13
CA ARG O 1977 -19.17 91.06 -55.85
C ARG O 1977 -20.44 90.44 -56.43
N TYR O 1978 -21.53 90.44 -55.66
CA TYR O 1978 -22.80 90.00 -56.23
C TYR O 1978 -23.25 90.89 -57.38
N GLY O 1979 -23.05 92.20 -57.26
CA GLY O 1979 -23.37 93.08 -58.38
C GLY O 1979 -22.65 92.67 -59.65
N LEU O 1980 -21.33 92.47 -59.57
CA LEU O 1980 -20.58 92.05 -60.76
C LEU O 1980 -21.03 90.68 -61.25
N LEU O 1981 -21.25 89.73 -60.32
CA LEU O 1981 -21.59 88.38 -60.72
C LEU O 1981 -22.94 88.33 -61.43
N MET O 1982 -23.87 89.22 -61.06
CA MET O 1982 -25.19 89.32 -61.72
C MET O 1982 -25.03 90.12 -63.02
N LYS O 1983 -24.06 91.04 -63.09
CA LYS O 1983 -23.75 91.81 -64.32
C LYS O 1983 -23.12 90.83 -65.31
N ALA O 1984 -22.72 89.64 -64.86
CA ALA O 1984 -22.16 88.58 -65.72
C ALA O 1984 -23.37 87.90 -66.37
N PHE O 1985 -23.47 87.85 -67.70
CA PHE O 1985 -24.63 87.30 -68.39
C PHE O 1985 -24.39 85.83 -68.75
N THR O 1986 -24.24 85.02 -67.69
CA THR O 1986 -24.13 83.57 -67.83
C THR O 1986 -23.24 83.17 -69.00
N MET O 1987 -22.09 83.84 -69.15
CA MET O 1987 -21.19 83.52 -70.25
C MET O 1987 -20.70 82.09 -70.15
N SER O 1988 -20.34 81.65 -68.95
CA SER O 1988 -19.86 80.29 -68.72
C SER O 1988 -20.53 79.75 -67.47
N ALA O 1989 -21.46 78.82 -67.63
CA ALA O 1989 -22.17 78.27 -66.48
C ALA O 1989 -21.22 77.61 -65.50
N ALA O 1990 -20.18 76.94 -66.01
CA ALA O 1990 -19.24 76.23 -65.14
C ALA O 1990 -18.63 77.17 -64.10
N GLU O 1991 -18.48 78.45 -64.42
CA GLU O 1991 -17.96 79.43 -63.49
C GLU O 1991 -19.06 80.23 -62.79
N THR O 1992 -20.17 80.49 -63.48
CA THR O 1992 -21.28 81.19 -62.83
C THR O 1992 -21.81 80.41 -61.65
N ALA O 1993 -22.09 79.11 -61.84
CA ALA O 1993 -22.57 78.29 -60.74
C ALA O 1993 -21.50 78.16 -59.66
N ARG O 1994 -20.23 78.05 -60.06
CA ARG O 1994 -19.16 77.93 -59.07
C ARG O 1994 -19.12 79.15 -58.16
N ARG O 1995 -19.27 80.35 -58.74
CA ARG O 1995 -19.28 81.57 -57.95
C ARG O 1995 -20.55 81.71 -57.12
N THR O 1996 -21.69 81.29 -57.69
CA THR O 1996 -22.97 81.52 -57.03
C THR O 1996 -23.27 80.50 -55.94
N ARG O 1997 -22.57 79.36 -55.93
CA ARG O 1997 -22.72 78.43 -54.82
C ARG O 1997 -22.30 79.07 -53.51
N GLU O 1998 -21.23 79.87 -53.55
CA GLU O 1998 -20.85 80.68 -52.39
C GLU O 1998 -22.07 81.34 -51.76
N PHE O 1999 -22.79 82.14 -52.54
CA PHE O 1999 -23.89 82.92 -52.01
C PHE O 1999 -25.12 82.08 -51.72
N ARG O 2000 -25.27 80.93 -52.39
CA ARG O 2000 -26.31 79.97 -52.03
C ARG O 2000 -26.03 79.30 -50.70
N SER O 2001 -24.78 79.27 -50.25
CA SER O 2001 -24.46 78.67 -48.98
C SER O 2001 -24.99 79.53 -47.82
N PRO O 2002 -25.22 78.94 -46.65
CA PRO O 2002 -25.76 79.70 -45.52
C PRO O 2002 -24.79 80.77 -45.05
N PRO O 2003 -25.28 81.84 -44.41
CA PRO O 2003 -24.39 82.95 -44.04
C PRO O 2003 -23.23 82.56 -43.13
N GLN O 2004 -23.44 81.62 -42.21
CA GLN O 2004 -22.34 81.22 -41.33
C GLN O 2004 -21.20 80.59 -42.12
N GLU O 2005 -21.52 79.69 -43.04
CA GLU O 2005 -20.51 79.12 -43.92
C GLU O 2005 -19.93 80.16 -44.87
N GLN O 2006 -20.73 81.14 -45.29
CA GLN O 2006 -20.19 82.24 -46.07
C GLN O 2006 -19.10 82.97 -45.32
N ILE O 2007 -19.36 83.33 -44.06
CA ILE O 2007 -18.37 84.00 -43.24
C ILE O 2007 -17.15 83.12 -43.03
N ASN O 2008 -17.36 81.83 -42.77
CA ASN O 2008 -16.22 80.93 -42.60
C ASN O 2008 -15.35 80.90 -43.85
N MET O 2009 -15.96 80.72 -45.02
CA MET O 2009 -15.20 80.67 -46.26
C MET O 2009 -14.45 81.98 -46.49
N LEU O 2010 -15.13 83.10 -46.28
CA LEU O 2010 -14.48 84.40 -46.47
C LEU O 2010 -13.29 84.55 -45.54
N LEU O 2011 -13.45 84.14 -44.27
CA LEU O 2011 -12.42 84.32 -43.27
C LEU O 2011 -11.27 83.34 -43.42
N HIS O 2012 -11.47 82.24 -44.15
CA HIS O 2012 -10.45 81.20 -44.24
C HIS O 2012 -9.29 81.61 -45.14
N PHE O 2013 -8.41 82.49 -44.65
CA PHE O 2013 -7.19 82.83 -45.37
C PHE O 2013 -6.01 82.99 -44.41
N LYS O 2014 -6.06 82.36 -43.25
CA LYS O 2014 -5.01 82.54 -42.26
C LYS O 2014 -3.67 82.00 -42.77
N ASN O 2015 -3.68 80.80 -43.36
CA ASN O 2015 -2.46 80.18 -43.86
C ASN O 2015 -2.13 80.57 -45.29
N GLY O 2016 -2.96 81.40 -45.92
CA GLY O 2016 -2.72 81.81 -47.29
C GLY O 2016 -3.66 81.14 -48.27
N ALA O 2017 -4.36 81.95 -49.07
CA ALA O 2017 -5.29 81.42 -50.07
C ALA O 2017 -5.37 82.40 -51.22
N ASP O 2018 -5.67 81.87 -52.40
CA ASP O 2018 -5.78 82.69 -53.60
C ASP O 2018 -7.18 83.27 -53.72
N GLU O 2019 -7.34 84.14 -54.72
CA GLU O 2019 -8.60 84.85 -54.88
C GLU O 2019 -9.75 83.89 -55.15
N GLU O 2020 -9.52 82.86 -55.97
CA GLU O 2020 -10.61 81.97 -56.34
C GLU O 2020 -11.20 81.28 -55.13
N GLU O 2021 -10.35 80.74 -54.25
CA GLU O 2021 -10.84 80.09 -53.04
C GLU O 2021 -11.40 81.12 -52.05
N CYS O 2022 -10.66 82.20 -51.81
CA CYS O 2022 -11.12 83.25 -50.89
C CYS O 2022 -11.28 84.55 -51.64
N PRO O 2023 -12.51 85.03 -51.88
CA PRO O 2023 -12.68 86.27 -52.67
C PRO O 2023 -12.10 87.51 -52.01
N LEU O 2024 -11.85 87.49 -50.70
CA LEU O 2024 -11.47 88.71 -50.00
C LEU O 2024 -10.21 89.33 -50.61
N PRO O 2025 -10.20 90.63 -50.90
CA PRO O 2025 -8.99 91.26 -51.43
C PRO O 2025 -7.90 91.39 -50.37
N GLU O 2026 -6.68 91.61 -50.84
CA GLU O 2026 -5.54 91.76 -49.94
C GLU O 2026 -5.74 92.98 -49.03
N GLU O 2027 -6.41 94.02 -49.52
CA GLU O 2027 -6.63 95.19 -48.69
C GLU O 2027 -7.45 94.85 -47.45
N ILE O 2028 -8.53 94.07 -47.63
CA ILE O 2028 -9.33 93.66 -46.49
C ILE O 2028 -8.56 92.65 -45.64
N ARG O 2029 -7.82 91.75 -46.28
CA ARG O 2029 -7.07 90.74 -45.54
C ARG O 2029 -6.06 91.38 -44.59
N GLN O 2030 -5.40 92.44 -45.05
CA GLN O 2030 -4.35 93.06 -44.24
C GLN O 2030 -4.91 93.65 -42.96
N GLU O 2031 -6.14 94.16 -43.00
CA GLU O 2031 -6.75 94.68 -41.78
C GLU O 2031 -6.83 93.60 -40.70
N LEU O 2032 -7.35 92.42 -41.08
CA LEU O 2032 -7.44 91.32 -40.13
C LEU O 2032 -6.07 90.86 -39.67
N VAL O 2033 -5.10 90.79 -40.59
CA VAL O 2033 -3.77 90.35 -40.20
C VAL O 2033 -3.18 91.31 -39.17
N ASN O 2034 -3.31 92.61 -39.41
CA ASN O 2034 -2.79 93.61 -38.48
C ASN O 2034 -3.50 93.52 -37.13
N PHE O 2035 -4.82 93.36 -37.14
CA PHE O 2035 -5.55 93.26 -35.88
C PHE O 2035 -5.16 92.01 -35.12
N HIS O 2036 -4.96 90.89 -35.82
CA HIS O 2036 -4.54 89.66 -35.16
C HIS O 2036 -3.16 89.82 -34.53
N GLN O 2037 -2.24 90.45 -35.24
CA GLN O 2037 -0.92 90.72 -34.67
C GLN O 2037 -1.05 91.61 -33.44
N ASP O 2038 -1.92 92.63 -33.50
CA ASP O 2038 -2.10 93.51 -32.35
C ASP O 2038 -2.68 92.74 -31.16
N LEU O 2039 -3.63 91.85 -31.41
CA LEU O 2039 -4.22 91.07 -30.33
C LEU O 2039 -3.19 90.14 -29.70
N LEU O 2040 -2.38 89.48 -30.53
CA LEU O 2040 -1.33 88.62 -29.99
C LEU O 2040 -0.33 89.42 -29.18
N ALA O 2041 0.04 90.61 -29.65
CA ALA O 2041 0.95 91.46 -28.89
C ALA O 2041 0.34 91.88 -27.57
N HIS O 2042 -0.95 92.23 -27.57
CA HIS O 2042 -1.62 92.60 -26.33
C HIS O 2042 -1.61 91.46 -25.34
N CYS O 2043 -1.90 90.25 -25.80
CA CYS O 2043 -1.91 89.09 -24.93
C CYS O 2043 -0.52 88.57 -24.59
N GLY O 2044 0.52 89.07 -25.25
CA GLY O 2044 1.89 88.73 -24.92
C GLY O 2044 2.45 87.51 -25.61
N ILE O 2045 1.66 86.80 -26.43
CA ILE O 2045 2.15 85.61 -27.12
C ILE O 2045 3.11 86.01 -28.25
N GLN O 2046 3.11 87.29 -28.61
CA GLN O 2046 3.99 87.78 -29.67
C GLN O 2046 5.32 88.19 -29.06
N LEU O 2047 6.37 87.47 -29.42
CA LEU O 2047 7.71 87.73 -28.91
C LEU O 2047 8.63 88.17 -30.04
N GLU O 2089 11.84 91.29 -18.33
CA GLU O 2089 12.78 92.36 -18.07
C GLU O 2089 13.01 92.51 -16.56
N HIS O 2090 14.09 93.21 -16.19
CA HIS O 2090 14.39 93.37 -14.77
C HIS O 2090 13.30 94.13 -14.04
N LYS O 2091 12.65 95.08 -14.72
CA LYS O 2091 11.41 95.66 -14.20
C LYS O 2091 10.21 95.11 -14.96
N PRO O 2092 9.05 94.97 -14.29
CA PRO O 2092 7.89 94.35 -14.99
C PRO O 2092 7.48 95.10 -16.25
N GLN O 2093 7.15 96.40 -16.12
CA GLN O 2093 6.74 97.27 -17.22
C GLN O 2093 5.33 96.98 -17.72
N SER O 2094 4.62 96.03 -17.11
CA SER O 2094 3.26 95.71 -17.53
C SER O 2094 2.55 94.99 -16.41
N LEU O 2095 1.21 94.96 -16.50
CA LEU O 2095 0.41 94.31 -15.47
C LEU O 2095 0.68 92.80 -15.45
N GLN O 2096 0.76 92.17 -16.62
CA GLN O 2096 0.99 90.73 -16.67
C GLN O 2096 2.34 90.38 -16.05
N GLU O 2097 3.39 91.09 -16.46
CA GLU O 2097 4.71 90.85 -15.91
C GLU O 2097 4.72 91.10 -14.41
N LEU O 2098 4.09 92.18 -13.96
CA LEU O 2098 4.05 92.48 -12.54
C LEU O 2098 3.37 91.37 -11.76
N VAL O 2099 2.23 90.88 -12.25
CA VAL O 2099 1.50 89.84 -11.52
C VAL O 2099 2.31 88.56 -11.47
N SER O 2100 2.88 88.15 -12.61
CA SER O 2100 3.68 86.93 -12.63
C SER O 2100 4.87 87.04 -11.68
N HIS O 2101 5.61 88.14 -11.77
CA HIS O 2101 6.78 88.34 -10.92
C HIS O 2101 6.38 88.34 -9.45
N THR O 2102 5.29 89.04 -9.11
CA THR O 2102 4.89 89.11 -7.71
C THR O 2102 4.49 87.74 -7.18
N VAL O 2103 3.70 86.98 -7.95
CA VAL O 2103 3.28 85.67 -7.48
C VAL O 2103 4.48 84.75 -7.29
N VAL O 2104 5.37 84.72 -8.28
CA VAL O 2104 6.54 83.85 -8.18
C VAL O 2104 7.42 84.28 -7.01
N ARG O 2105 7.57 85.59 -6.80
CA ARG O 2105 8.42 86.08 -5.72
C ARG O 2105 7.82 85.72 -4.36
N TRP O 2106 6.51 85.84 -4.22
CA TRP O 2106 5.87 85.45 -2.96
C TRP O 2106 6.09 83.97 -2.69
N ALA O 2107 5.82 83.13 -3.68
CA ALA O 2107 6.01 81.70 -3.50
C ALA O 2107 7.46 81.35 -3.18
N GLN O 2108 8.41 82.01 -3.84
CA GLN O 2108 9.82 81.77 -3.54
C GLN O 2108 10.17 82.21 -2.13
N GLU O 2109 9.70 83.39 -1.72
CA GLU O 2109 10.10 83.94 -0.43
C GLU O 2109 9.55 83.10 0.72
N ASP O 2110 8.29 82.69 0.64
CA ASP O 2110 7.66 82.03 1.78
C ASP O 2110 6.92 80.78 1.33
N PHE O 2111 6.84 79.82 2.24
CA PHE O 2111 6.02 78.62 2.07
C PHE O 2111 4.61 78.97 2.49
N VAL O 2112 3.77 79.34 1.51
CA VAL O 2112 2.45 79.87 1.84
C VAL O 2112 1.64 78.81 2.56
N GLN O 2113 1.06 79.18 3.70
CA GLN O 2113 0.29 78.27 4.53
C GLN O 2113 -1.21 78.48 4.38
N SER O 2114 -1.63 79.35 3.47
CA SER O 2114 -3.05 79.66 3.29
C SER O 2114 -3.55 79.03 2.01
N PRO O 2115 -4.42 78.01 2.07
CA PRO O 2115 -4.87 77.37 0.81
C PRO O 2115 -5.56 78.32 -0.14
N GLU O 2116 -6.41 79.21 0.36
CA GLU O 2116 -7.09 80.15 -0.53
C GLU O 2116 -6.10 81.14 -1.14
N LEU O 2117 -5.10 81.56 -0.36
CA LEU O 2117 -4.06 82.42 -0.92
C LEU O 2117 -3.31 81.70 -2.04
N VAL O 2118 -2.96 80.43 -1.82
CA VAL O 2118 -2.23 79.68 -2.86
C VAL O 2118 -3.09 79.56 -4.11
N ARG O 2119 -4.37 79.23 -3.93
CA ARG O 2119 -5.25 79.10 -5.09
C ARG O 2119 -5.36 80.41 -5.86
N ALA O 2120 -5.53 81.52 -5.15
CA ALA O 2120 -5.63 82.82 -5.83
C ALA O 2120 -4.33 83.14 -6.57
N MET O 2121 -3.19 82.94 -5.90
CA MET O 2121 -1.90 83.19 -6.54
C MET O 2121 -1.77 82.40 -7.84
N PHE O 2122 -2.06 81.11 -7.79
CA PHE O 2122 -1.80 80.29 -8.98
C PHE O 2122 -2.85 80.49 -10.06
N SER O 2123 -4.08 80.83 -9.67
CA SER O 2123 -5.07 81.22 -10.67
C SER O 2123 -4.63 82.48 -11.41
N LEU O 2124 -4.15 83.47 -10.67
CA LEU O 2124 -3.65 84.68 -11.31
C LEU O 2124 -2.47 84.36 -12.22
N LEU O 2125 -1.53 83.53 -11.76
CA LEU O 2125 -0.37 83.20 -12.56
C LEU O 2125 -0.78 82.49 -13.85
N HIS O 2126 -1.71 81.55 -13.76
CA HIS O 2126 -2.19 80.85 -14.95
C HIS O 2126 -2.88 81.81 -15.91
N ARG O 2127 -3.69 82.74 -15.39
CA ARG O 2127 -4.32 83.71 -16.28
C ARG O 2127 -3.28 84.56 -16.99
N GLN O 2128 -2.25 85.00 -16.27
CA GLN O 2128 -1.22 85.82 -16.90
C GLN O 2128 -0.47 85.04 -17.97
N TYR O 2129 -0.14 83.77 -17.70
CA TYR O 2129 0.61 82.99 -18.68
C TYR O 2129 -0.23 82.64 -19.90
N ASP O 2130 -1.49 82.24 -19.71
CA ASP O 2130 -2.35 81.86 -20.83
C ASP O 2130 -3.29 83.00 -21.22
N GLY O 2131 -2.77 84.03 -21.87
CA GLY O 2131 -3.61 85.13 -22.30
C GLY O 2131 -4.65 84.75 -23.34
N LEU O 2132 -4.26 83.98 -24.36
CA LEU O 2132 -5.23 83.59 -25.37
C LEU O 2132 -6.23 82.58 -24.84
N GLY O 2133 -5.82 81.74 -23.89
CA GLY O 2133 -6.77 80.82 -23.29
C GLY O 2133 -7.90 81.53 -22.57
N GLU O 2134 -7.58 82.56 -21.81
CA GLU O 2134 -8.61 83.30 -21.08
C GLU O 2134 -9.58 83.97 -22.04
N LEU O 2135 -9.06 84.63 -23.07
CA LEU O 2135 -9.94 85.27 -24.06
C LEU O 2135 -10.78 84.23 -24.79
N LEU O 2136 -10.18 83.09 -25.13
CA LEU O 2136 -10.92 82.04 -25.82
C LEU O 2136 -12.06 81.53 -24.95
N ARG O 2137 -11.82 81.37 -23.65
CA ARG O 2137 -12.88 80.89 -22.75
C ARG O 2137 -13.92 81.97 -22.51
N ALA O 2138 -13.51 83.24 -22.58
CA ALA O 2138 -14.45 84.33 -22.30
C ALA O 2138 -15.37 84.61 -23.48
N LEU O 2139 -14.86 84.48 -24.71
CA LEU O 2139 -15.67 84.85 -25.87
C LEU O 2139 -17.03 84.16 -25.91
N PRO O 2140 -17.17 82.88 -25.58
CA PRO O 2140 -18.51 82.25 -25.58
C PRO O 2140 -19.57 83.08 -24.88
N ARG O 2141 -19.17 83.94 -23.95
CA ARG O 2141 -20.09 84.78 -23.21
C ARG O 2141 -20.17 86.20 -23.76
N ALA O 2142 -19.60 86.45 -24.93
CA ALA O 2142 -19.62 87.77 -25.54
C ALA O 2142 -20.72 87.84 -26.58
N TYR O 2143 -21.53 88.90 -26.50
CA TYR O 2143 -22.64 89.10 -27.42
C TYR O 2143 -22.70 90.57 -27.80
N THR O 2144 -23.21 90.83 -29.00
CA THR O 2144 -23.35 92.19 -29.51
C THR O 2144 -24.80 92.42 -29.90
N ILE O 2145 -25.34 93.59 -29.54
CA ILE O 2145 -26.74 93.91 -29.77
C ILE O 2145 -26.84 95.31 -30.35
N SER O 2146 -27.90 95.54 -31.13
CA SER O 2146 -28.12 96.84 -31.72
C SER O 2146 -28.42 97.87 -30.64
N VAL O 2147 -28.26 99.15 -31.00
CA VAL O 2147 -28.44 100.23 -30.03
C VAL O 2147 -29.89 100.27 -29.54
N SER O 2148 -30.83 99.89 -30.40
CA SER O 2148 -32.25 99.99 -30.03
C SER O 2148 -32.60 98.99 -28.93
N SER O 2149 -31.92 97.84 -28.91
CA SER O 2149 -32.26 96.79 -27.95
C SER O 2149 -31.70 97.04 -26.55
N VAL O 2150 -30.98 98.15 -26.35
CA VAL O 2150 -30.24 98.34 -25.10
C VAL O 2150 -31.19 98.41 -23.91
N GLU O 2151 -32.29 99.16 -24.05
CA GLU O 2151 -33.21 99.33 -22.91
C GLU O 2151 -33.81 98.00 -22.48
N ASP O 2152 -34.36 97.24 -23.44
CA ASP O 2152 -34.97 95.97 -23.10
C ASP O 2152 -33.93 94.99 -22.57
N THR O 2153 -32.71 95.03 -23.12
CA THR O 2153 -31.65 94.16 -22.63
C THR O 2153 -31.29 94.50 -21.20
N MET O 2154 -31.24 95.79 -20.85
CA MET O 2154 -30.96 96.17 -19.47
C MET O 2154 -32.07 95.73 -18.53
N SER O 2155 -33.33 95.87 -18.94
CA SER O 2155 -34.41 95.39 -18.10
C SER O 2155 -34.32 93.88 -17.90
N LEU O 2156 -34.00 93.15 -18.96
CA LEU O 2156 -33.85 91.71 -18.84
C LEU O 2156 -32.68 91.34 -17.94
N LEU O 2157 -31.60 92.11 -18.00
CA LEU O 2157 -30.48 91.89 -17.10
C LEU O 2157 -30.89 92.11 -15.65
N GLU O 2158 -31.70 93.14 -15.39
CA GLU O 2158 -32.22 93.34 -14.04
C GLU O 2158 -33.03 92.14 -13.56
N CYS O 2159 -33.95 91.65 -14.38
CA CYS O 2159 -34.74 90.48 -13.99
C CYS O 2159 -33.86 89.26 -13.77
N LEU O 2160 -32.88 89.04 -14.65
CA LEU O 2160 -31.98 87.90 -14.50
C LEU O 2160 -31.16 88.03 -13.22
N GLY O 2161 -30.72 89.24 -12.90
CA GLY O 2161 -30.01 89.44 -11.64
C GLY O 2161 -30.88 89.12 -10.43
N GLN O 2162 -32.14 89.52 -10.48
CA GLN O 2162 -33.07 89.12 -9.42
C GLN O 2162 -33.13 87.61 -9.29
N ILE O 2163 -33.36 86.91 -10.41
CA ILE O 2163 -33.48 85.46 -10.36
C ILE O 2163 -32.21 84.83 -9.80
N ARG O 2164 -31.05 85.33 -10.24
CA ARG O 2164 -29.78 84.81 -9.73
C ARG O 2164 -29.65 85.05 -8.24
N SER O 2165 -30.06 86.23 -7.76
CA SER O 2165 -29.99 86.52 -6.34
C SER O 2165 -30.84 85.56 -5.54
N LEU O 2166 -31.97 85.12 -6.09
CA LEU O 2166 -32.80 84.16 -5.35
C LEU O 2166 -32.19 82.76 -5.28
N LEU O 2167 -31.06 82.50 -5.94
CA LEU O 2167 -30.44 81.18 -5.82
C LEU O 2167 -29.88 80.91 -4.43
N ILE O 2168 -29.65 81.95 -3.62
CA ILE O 2168 -28.93 81.80 -2.36
C ILE O 2168 -29.82 81.97 -1.14
N VAL O 2169 -31.13 81.87 -1.30
CA VAL O 2169 -32.06 82.05 -0.19
C VAL O 2169 -33.12 80.95 -0.25
N GLN O 2170 -33.48 80.42 0.92
CA GLN O 2170 -34.56 79.45 0.98
C GLN O 2170 -35.86 80.10 0.53
N MET O 2171 -36.59 79.42 -0.33
CA MET O 2171 -37.76 80.01 -0.96
C MET O 2171 -38.86 80.29 0.07
N GLY O 2172 -39.46 81.48 -0.02
CA GLY O 2172 -40.57 81.85 0.81
C GLY O 2172 -41.64 82.54 -0.01
N PRO O 2173 -42.62 83.16 0.66
CA PRO O 2173 -43.70 83.85 -0.09
C PRO O 2173 -43.19 85.03 -0.91
N GLN O 2174 -42.40 85.91 -0.28
CA GLN O 2174 -41.88 87.07 -1.00
C GLN O 2174 -41.01 86.64 -2.18
N GLU O 2175 -40.14 85.66 -1.95
CA GLU O 2175 -39.27 85.19 -3.02
C GLU O 2175 -40.08 84.53 -4.13
N GLU O 2176 -41.13 83.79 -3.78
CA GLU O 2176 -41.99 83.19 -4.79
C GLU O 2176 -42.64 84.24 -5.66
N ASN O 2177 -43.19 85.29 -5.03
CA ASN O 2177 -43.82 86.36 -5.80
C ASN O 2177 -42.80 87.07 -6.68
N LEU O 2178 -41.61 87.34 -6.15
CA LEU O 2178 -40.57 88.00 -6.92
C LEU O 2178 -40.17 87.15 -8.12
N MET O 2179 -40.01 85.84 -7.91
CA MET O 2179 -39.61 84.94 -8.98
C MET O 2179 -40.68 84.90 -10.07
N ILE O 2180 -41.95 84.84 -9.66
CA ILE O 2180 -43.03 84.84 -10.64
C ILE O 2180 -43.01 86.12 -11.46
N GLN O 2181 -42.86 87.27 -10.79
CA GLN O 2181 -42.84 88.54 -11.51
C GLN O 2181 -41.67 88.61 -12.48
N SER O 2182 -40.49 88.15 -12.04
CA SER O 2182 -39.31 88.18 -12.90
C SER O 2182 -39.53 87.32 -14.14
N ILE O 2183 -40.05 86.11 -13.96
CA ILE O 2183 -40.27 85.23 -15.10
C ILE O 2183 -41.32 85.83 -16.03
N GLY O 2184 -42.38 86.41 -15.48
CA GLY O 2184 -43.38 87.04 -16.34
C GLY O 2184 -42.79 88.16 -17.18
N ASN O 2185 -42.01 89.04 -16.54
CA ASN O 2185 -41.38 90.13 -17.29
C ASN O 2185 -40.41 89.60 -18.35
N ILE O 2186 -39.62 88.59 -18.00
CA ILE O 2186 -38.67 88.04 -18.97
C ILE O 2186 -39.40 87.48 -20.17
N MET O 2187 -40.48 86.72 -19.94
CA MET O 2187 -41.25 86.20 -21.06
C MET O 2187 -41.87 87.31 -21.89
N ASN O 2188 -42.31 88.40 -21.24
CA ASN O 2188 -42.91 89.49 -21.99
C ASN O 2188 -41.88 90.23 -22.84
N ASN O 2189 -40.63 90.27 -22.39
CA ASN O 2189 -39.62 91.07 -23.07
C ASN O 2189 -39.28 90.51 -24.44
N LYS O 2190 -38.95 91.40 -25.38
CA LYS O 2190 -38.70 91.00 -26.76
C LYS O 2190 -37.35 90.29 -26.92
N VAL O 2191 -36.35 90.71 -26.15
CA VAL O 2191 -35.01 90.15 -26.33
C VAL O 2191 -35.03 88.65 -26.14
N PHE O 2192 -35.92 88.16 -25.27
CA PHE O 2192 -36.06 86.73 -25.05
C PHE O 2192 -36.42 85.99 -26.34
N TYR O 2193 -37.00 86.71 -27.31
CA TYR O 2193 -37.36 86.08 -28.58
C TYR O 2193 -36.34 86.42 -29.66
N GLN O 2194 -35.88 87.66 -29.70
CA GLN O 2194 -34.99 88.09 -30.76
C GLN O 2194 -33.58 87.56 -30.59
N HIS O 2195 -33.18 87.18 -29.37
CA HIS O 2195 -31.81 86.75 -29.13
C HIS O 2195 -31.77 85.53 -28.21
N PRO O 2196 -32.26 84.37 -28.64
CA PRO O 2196 -32.15 83.17 -27.80
C PRO O 2196 -30.71 82.76 -27.50
N ASN O 2197 -29.78 83.00 -28.42
CA ASN O 2197 -28.37 82.72 -28.17
C ASN O 2197 -27.82 83.50 -27.00
N LEU O 2198 -28.16 84.79 -26.90
CA LEU O 2198 -27.79 85.57 -25.73
C LEU O 2198 -28.29 84.90 -24.45
N MET O 2199 -29.48 84.32 -24.48
CA MET O 2199 -30.04 83.71 -23.29
C MET O 2199 -29.32 82.43 -22.92
N ARG O 2200 -29.03 81.58 -23.92
CA ARG O 2200 -28.24 80.38 -23.65
C ARG O 2200 -26.86 80.76 -23.10
N ALA O 2201 -26.27 81.83 -23.62
CA ALA O 2201 -24.98 82.29 -23.09
C ALA O 2201 -25.11 82.75 -21.65
N LEU O 2202 -26.20 83.47 -21.34
CA LEU O 2202 -26.40 83.97 -19.99
C LEU O 2202 -26.65 82.83 -19.00
N GLY O 2203 -27.15 81.70 -19.50
CA GLY O 2203 -27.45 80.57 -18.64
C GLY O 2203 -28.75 80.67 -17.88
N MET O 2204 -29.67 81.53 -18.34
CA MET O 2204 -30.95 81.71 -17.66
C MET O 2204 -31.69 80.39 -17.47
N HIS O 2205 -31.67 79.53 -18.48
CA HIS O 2205 -32.38 78.26 -18.35
C HIS O 2205 -31.86 77.45 -17.18
N GLU O 2206 -30.54 77.34 -17.03
CA GLU O 2206 -29.96 76.61 -15.91
C GLU O 2206 -30.29 77.25 -14.57
N THR O 2207 -30.28 78.58 -14.48
CA THR O 2207 -30.64 79.23 -13.22
C THR O 2207 -32.07 78.90 -12.82
N VAL O 2208 -33.00 79.00 -13.76
CA VAL O 2208 -34.40 78.71 -13.47
C VAL O 2208 -34.55 77.25 -13.06
N MET O 2209 -33.87 76.35 -13.78
CA MET O 2209 -33.96 74.93 -13.45
C MET O 2209 -33.40 74.65 -12.05
N GLU O 2210 -32.30 75.31 -11.68
CA GLU O 2210 -31.74 75.11 -10.35
C GLU O 2210 -32.70 75.59 -9.27
N VAL O 2211 -33.34 76.75 -9.47
CA VAL O 2211 -34.32 77.20 -8.50
C VAL O 2211 -35.45 76.17 -8.39
N MET O 2212 -35.95 75.71 -9.53
CA MET O 2212 -37.06 74.76 -9.54
C MET O 2212 -36.69 73.49 -8.78
N VAL O 2213 -35.52 72.91 -9.09
CA VAL O 2213 -35.14 71.64 -8.49
C VAL O 2213 -34.85 71.81 -7.00
N ASN O 2214 -34.24 72.94 -6.62
CA ASN O 2214 -34.03 73.20 -5.20
C ASN O 2214 -35.36 73.16 -4.45
N VAL O 2215 -36.35 73.92 -4.94
CA VAL O 2215 -37.63 73.97 -4.22
C VAL O 2215 -38.32 72.61 -4.27
N LEU O 2216 -38.24 71.91 -5.40
CA LEU O 2216 -38.85 70.59 -5.49
C LEU O 2216 -38.25 69.62 -4.47
N GLY O 2217 -36.92 69.60 -4.36
CA GLY O 2217 -36.25 68.74 -3.40
C GLY O 2217 -36.60 69.11 -1.98
N GLY O 2218 -36.77 70.40 -1.72
CA GLY O 2218 -37.18 70.83 -0.40
C GLY O 2218 -38.50 70.19 0.01
N GLY O 2219 -38.48 69.53 1.17
CA GLY O 2219 -39.68 68.90 1.69
C GLY O 2219 -40.24 67.81 0.79
N GLU O 2220 -39.39 66.90 0.31
CA GLU O 2220 -39.85 65.88 -0.62
C GLU O 2220 -40.92 65.00 0.00
N SER O 2221 -40.70 64.52 1.23
CA SER O 2221 -41.65 63.61 1.84
C SER O 2221 -42.98 64.29 2.11
N LYS O 2222 -42.96 65.54 2.57
CA LYS O 2222 -44.19 66.23 2.92
C LYS O 2222 -45.00 66.59 1.68
N GLU O 2223 -44.50 67.53 0.88
CA GLU O 2223 -45.17 67.94 -0.35
C GLU O 2223 -44.30 68.93 -1.11
N ILE O 2224 -44.74 69.35 -2.29
CA ILE O 2224 -44.01 70.30 -3.11
C ILE O 2224 -44.47 71.70 -2.69
N ARG O 2225 -43.74 72.31 -1.78
CA ARG O 2225 -44.11 73.65 -1.30
C ARG O 2225 -43.93 74.67 -2.42
N PHE O 2226 -44.78 75.68 -2.40
CA PHE O 2226 -44.85 76.69 -3.44
C PHE O 2226 -45.13 76.07 -4.82
N PRO O 2227 -46.29 75.44 -4.99
CA PRO O 2227 -46.60 74.85 -6.30
C PRO O 2227 -46.66 75.88 -7.42
N LYS O 2228 -47.10 77.10 -7.13
CA LYS O 2228 -47.24 78.11 -8.17
C LYS O 2228 -45.89 78.45 -8.79
N MET O 2229 -44.86 78.58 -7.96
CA MET O 2229 -43.53 78.88 -8.50
C MET O 2229 -43.04 77.78 -9.41
N VAL O 2230 -43.24 76.52 -9.00
CA VAL O 2230 -42.79 75.40 -9.81
C VAL O 2230 -43.55 75.37 -11.13
N THR O 2231 -44.85 75.64 -11.09
CA THR O 2231 -45.63 75.71 -12.32
C THR O 2231 -45.10 76.80 -13.23
N SER O 2232 -44.81 77.97 -12.69
CA SER O 2232 -44.27 79.07 -13.50
C SER O 2232 -42.93 78.68 -14.12
N CYS O 2233 -42.05 78.08 -13.33
CA CYS O 2233 -40.75 77.69 -13.85
C CYS O 2233 -40.87 76.64 -14.95
N CYS O 2234 -41.75 75.65 -14.76
CA CYS O 2234 -41.95 74.63 -15.77
C CYS O 2234 -42.51 75.23 -17.06
N ARG O 2235 -43.48 76.13 -16.94
CA ARG O 2235 -44.01 76.79 -18.12
C ARG O 2235 -42.91 77.58 -18.83
N PHE O 2236 -42.11 78.31 -18.07
CA PHE O 2236 -41.04 79.12 -18.66
C PHE O 2236 -40.05 78.24 -19.39
N LEU O 2237 -39.66 77.11 -18.80
CA LEU O 2237 -38.69 76.23 -19.44
C LEU O 2237 -39.27 75.56 -20.68
N CYS O 2238 -40.53 75.11 -20.63
CA CYS O 2238 -41.15 74.54 -21.82
C CYS O 2238 -41.21 75.55 -22.95
N TYR O 2239 -41.58 76.79 -22.65
CA TYR O 2239 -41.68 77.80 -23.70
C TYR O 2239 -40.30 78.21 -24.20
N PHE O 2240 -39.29 78.18 -23.32
CA PHE O 2240 -37.89 78.37 -23.73
C PHE O 2240 -37.47 77.29 -24.71
N CYS O 2241 -37.85 76.04 -24.46
CA CYS O 2241 -37.63 74.98 -25.45
C CYS O 2241 -38.35 75.27 -26.76
N ARG O 2242 -39.61 75.72 -26.70
CA ARG O 2242 -40.37 76.00 -27.90
C ARG O 2242 -39.76 77.11 -28.75
N ILE O 2243 -39.09 78.08 -28.13
CA ILE O 2243 -38.58 79.22 -28.91
C ILE O 2243 -37.69 78.76 -30.06
N SER O 2244 -36.73 77.88 -29.78
CA SER O 2244 -35.77 77.50 -30.81
C SER O 2244 -35.28 76.07 -30.57
N ARG O 2245 -34.76 75.47 -31.65
CA ARG O 2245 -34.26 74.10 -31.56
C ARG O 2245 -33.02 74.01 -30.67
N GLN O 2246 -32.13 75.00 -30.76
CA GLN O 2246 -30.90 74.95 -29.97
C GLN O 2246 -31.21 74.96 -28.49
N ASN O 2247 -32.19 75.78 -28.07
CA ASN O 2247 -32.62 75.75 -26.68
C ASN O 2247 -33.18 74.38 -26.32
N GLN O 2248 -33.90 73.76 -27.25
CA GLN O 2248 -34.44 72.43 -27.02
C GLN O 2248 -33.34 71.42 -26.80
N ARG O 2249 -32.25 71.52 -27.59
CA ARG O 2249 -31.10 70.65 -27.36
C ARG O 2249 -30.43 70.94 -26.02
N SER O 2250 -30.35 72.21 -25.64
CA SER O 2250 -29.78 72.56 -24.36
C SER O 2250 -30.54 71.89 -23.22
N MET O 2251 -31.87 71.91 -23.29
CA MET O 2251 -32.68 71.23 -22.29
C MET O 2251 -32.60 69.70 -22.41
N PHE O 2252 -32.46 69.18 -23.63
CA PHE O 2252 -32.22 67.75 -23.79
C PHE O 2252 -30.95 67.31 -23.08
N ASP O 2253 -29.93 68.18 -23.06
CA ASP O 2253 -28.71 67.85 -22.34
C ASP O 2253 -28.99 67.58 -20.87
N HIS O 2254 -29.90 68.32 -20.26
CA HIS O 2254 -30.23 68.18 -18.85
C HIS O 2254 -31.43 67.26 -18.61
N LEU O 2255 -32.02 66.72 -19.68
CA LEU O 2255 -33.17 65.82 -19.54
C LEU O 2255 -33.05 64.92 -18.32
N SER O 2256 -31.93 64.21 -18.18
CA SER O 2256 -31.81 63.22 -17.12
C SER O 2256 -32.06 63.85 -15.75
N TYR O 2257 -31.56 65.06 -15.53
CA TYR O 2257 -31.76 65.74 -14.26
C TYR O 2257 -33.25 65.98 -14.01
N LEU O 2258 -33.96 66.45 -15.04
CA LEU O 2258 -35.40 66.65 -14.93
C LEU O 2258 -36.12 65.34 -14.67
N LEU O 2259 -35.71 64.26 -15.33
CA LEU O 2259 -36.32 62.96 -15.07
C LEU O 2259 -36.08 62.52 -13.64
N GLU O 2260 -34.88 62.79 -13.10
CA GLU O 2260 -34.62 62.48 -11.71
C GLU O 2260 -35.56 63.24 -10.78
N ASN O 2261 -35.76 64.54 -11.03
CA ASN O 2261 -36.59 65.36 -10.17
C ASN O 2261 -38.09 65.19 -10.41
N SER O 2262 -38.48 64.51 -11.49
CA SER O 2262 -39.89 64.30 -11.82
C SER O 2262 -40.48 63.09 -11.10
N GLY O 2263 -39.88 62.64 -10.00
CA GLY O 2263 -40.38 61.48 -9.30
C GLY O 2263 -41.76 61.67 -8.72
N ILE O 2264 -42.01 62.83 -8.13
CA ILE O 2264 -43.28 63.14 -7.49
C ILE O 2264 -43.93 64.32 -8.22
N GLY O 2265 -45.20 64.18 -8.57
CA GLY O 2265 -45.88 65.22 -9.29
C GLY O 2265 -47.38 65.06 -9.23
N LEU O 2266 -48.07 65.98 -9.89
CA LEU O 2266 -49.53 66.00 -9.97
C LEU O 2266 -50.16 66.49 -8.67
N GLY O 2267 -49.34 66.70 -7.64
CA GLY O 2267 -49.84 67.36 -6.44
C GLY O 2267 -50.09 68.83 -6.67
N MET O 2268 -49.46 69.41 -7.69
CA MET O 2268 -49.67 70.80 -8.07
C MET O 2268 -50.68 70.95 -9.20
N GLN O 2269 -50.79 69.94 -10.08
CA GLN O 2269 -51.74 69.87 -11.18
C GLN O 2269 -51.39 70.79 -12.35
N GLY O 2270 -50.38 71.65 -12.20
CA GLY O 2270 -49.90 72.48 -13.28
C GLY O 2270 -48.76 71.84 -14.03
N SER O 2271 -47.92 72.69 -14.62
CA SER O 2271 -46.76 72.21 -15.35
C SER O 2271 -45.78 71.53 -14.39
N THR O 2272 -45.02 70.58 -14.93
CA THR O 2272 -44.12 69.75 -14.14
C THR O 2272 -42.79 69.57 -14.85
N PRO O 2273 -41.73 69.20 -14.12
CA PRO O 2273 -40.46 68.87 -14.80
C PRO O 2273 -40.61 67.75 -15.80
N LEU O 2274 -41.59 66.85 -15.61
CA LEU O 2274 -41.90 65.88 -16.65
C LEU O 2274 -42.37 66.56 -17.92
N ASP O 2275 -43.20 67.60 -17.77
CA ASP O 2275 -43.62 68.38 -18.94
C ASP O 2275 -42.42 69.07 -19.58
N VAL O 2276 -41.50 69.57 -18.76
CA VAL O 2276 -40.28 70.18 -19.31
C VAL O 2276 -39.50 69.16 -20.13
N ALA O 2277 -39.34 67.95 -19.59
CA ALA O 2277 -38.62 66.90 -20.30
C ALA O 2277 -39.33 66.55 -21.60
N ALA O 2278 -40.67 66.46 -21.58
CA ALA O 2278 -41.40 66.15 -22.80
C ALA O 2278 -41.20 67.24 -23.86
N ALA O 2279 -41.25 68.50 -23.44
CA ALA O 2279 -41.01 69.60 -24.37
C ALA O 2279 -39.59 69.56 -24.90
N SER O 2280 -38.65 69.04 -24.09
CA SER O 2280 -37.26 69.03 -24.51
C SER O 2280 -37.03 68.12 -25.71
N VAL O 2281 -37.94 67.19 -25.98
CA VAL O 2281 -37.77 66.19 -27.03
C VAL O 2281 -38.91 66.23 -28.04
N ILE O 2282 -39.97 66.97 -27.76
CA ILE O 2282 -41.14 66.97 -28.64
C ILE O 2282 -40.74 67.42 -30.04
N ASP O 2283 -41.20 66.69 -31.05
CA ASP O 2283 -41.10 67.07 -32.45
C ASP O 2283 -39.65 67.37 -32.87
N ASN O 2284 -38.70 66.53 -32.47
CA ASN O 2284 -37.31 66.64 -32.89
C ASN O 2284 -36.77 65.25 -33.13
N ASN O 2285 -36.60 64.88 -34.41
CA ASN O 2285 -36.12 63.55 -34.75
C ASN O 2285 -34.72 63.32 -34.21
N GLU O 2286 -33.85 64.31 -34.34
CA GLU O 2286 -32.47 64.15 -33.87
C GLU O 2286 -32.43 63.85 -32.37
N LEU O 2287 -33.15 64.66 -31.58
CA LEU O 2287 -33.14 64.46 -30.14
C LEU O 2287 -33.83 63.15 -29.75
N ALA O 2288 -34.91 62.81 -30.45
CA ALA O 2288 -35.59 61.54 -30.16
C ALA O 2288 -34.66 60.36 -30.42
N LEU O 2289 -33.89 60.42 -31.50
CA LEU O 2289 -32.94 59.34 -31.78
C LEU O 2289 -31.79 59.34 -30.79
N ALA O 2290 -31.41 60.52 -30.29
CA ALA O 2290 -30.35 60.63 -29.29
C ALA O 2290 -30.83 60.30 -27.88
N LEU O 2291 -32.13 60.08 -27.69
CA LEU O 2291 -32.65 59.77 -26.36
C LEU O 2291 -32.05 58.47 -25.84
N GLN O 2292 -31.87 58.40 -24.53
CA GLN O 2292 -31.09 57.33 -23.90
C GLN O 2292 -31.99 56.26 -23.31
N GLU O 2293 -31.54 55.00 -23.46
CA GLU O 2293 -32.28 53.88 -22.90
C GLU O 2293 -32.38 54.01 -21.38
N GLN O 2294 -31.36 54.58 -20.74
CA GLN O 2294 -31.43 54.80 -19.30
C GLN O 2294 -32.56 55.75 -18.96
N ASP O 2295 -32.69 56.83 -19.72
CA ASP O 2295 -33.77 57.79 -19.51
C ASP O 2295 -35.12 57.11 -19.70
N LEU O 2296 -35.25 56.28 -20.73
CA LEU O 2296 -36.50 55.57 -20.96
C LEU O 2296 -36.83 54.61 -19.82
N GLU O 2297 -35.83 53.88 -19.33
CA GLU O 2297 -36.06 52.93 -18.24
C GLU O 2297 -36.41 53.63 -16.94
N LYS O 2298 -35.89 54.85 -16.70
CA LYS O 2298 -36.29 55.58 -15.51
C LYS O 2298 -37.79 55.87 -15.52
N VAL O 2299 -38.30 56.33 -16.66
CA VAL O 2299 -39.73 56.63 -16.77
C VAL O 2299 -40.55 55.34 -16.70
N VAL O 2300 -40.04 54.25 -17.28
CA VAL O 2300 -40.76 52.99 -17.20
C VAL O 2300 -40.83 52.50 -15.75
N SER O 2301 -39.75 52.69 -14.99
CA SER O 2301 -39.75 52.33 -13.58
C SER O 2301 -40.73 53.18 -12.80
N TYR O 2302 -40.80 54.48 -13.11
CA TYR O 2302 -41.80 55.33 -12.48
C TYR O 2302 -43.21 54.84 -12.78
N LEU O 2303 -43.46 54.45 -14.03
CA LEU O 2303 -44.77 53.92 -14.40
C LEU O 2303 -45.08 52.63 -13.64
N ALA O 2304 -44.09 51.75 -13.50
CA ALA O 2304 -44.30 50.53 -12.72
C ALA O 2304 -44.63 50.86 -11.27
N GLY O 2305 -43.90 51.81 -10.67
CA GLY O 2305 -44.21 52.21 -9.32
C GLY O 2305 -45.62 52.76 -9.19
N CYS O 2306 -46.05 53.55 -10.17
CA CYS O 2306 -47.43 54.05 -10.17
C CYS O 2306 -48.44 52.93 -10.28
N GLY O 2307 -48.17 51.94 -11.11
CA GLY O 2307 -49.09 50.82 -11.26
C GLY O 2307 -49.12 49.93 -10.02
N LEU O 2308 -48.04 49.97 -9.24
CA LEU O 2308 -47.98 49.14 -8.03
C LEU O 2308 -48.64 49.83 -6.84
N GLN O 2309 -48.19 51.03 -6.50
CA GLN O 2309 -48.64 51.71 -5.28
C GLN O 2309 -49.65 52.81 -5.61
N SER O 2310 -50.41 53.18 -4.58
CA SER O 2310 -51.41 54.23 -4.69
C SER O 2310 -50.77 55.58 -4.37
N CYS O 2311 -51.56 56.65 -4.53
CA CYS O 2311 -51.04 58.00 -4.38
C CYS O 2311 -51.25 58.51 -2.96
N PRO O 2312 -50.17 58.75 -2.19
CA PRO O 2312 -50.38 59.18 -0.80
C PRO O 2312 -51.17 60.47 -0.68
N MET O 2313 -51.01 61.41 -1.61
CA MET O 2313 -51.78 62.64 -1.51
C MET O 2313 -53.27 62.39 -1.61
N LEU O 2314 -53.69 61.56 -2.58
CA LEU O 2314 -55.11 61.25 -2.69
C LEU O 2314 -55.61 60.47 -1.48
N LEU O 2315 -54.82 59.51 -0.99
CA LEU O 2315 -55.24 58.79 0.20
C LEU O 2315 -55.41 59.72 1.41
N ALA O 2316 -54.47 60.66 1.60
CA ALA O 2316 -54.60 61.62 2.68
C ALA O 2316 -55.83 62.49 2.49
N LYS O 2317 -56.10 62.94 1.26
CA LYS O 2317 -57.30 63.70 0.99
C LYS O 2317 -58.55 62.91 1.36
N GLY O 2318 -58.51 61.59 1.17
CA GLY O 2318 -59.61 60.74 1.59
C GLY O 2318 -60.22 59.92 0.47
N TYR O 2319 -59.59 59.97 -0.70
CA TYR O 2319 -60.08 59.21 -1.83
C TYR O 2319 -59.96 57.72 -1.53
N PRO O 2320 -60.88 56.89 -2.03
CA PRO O 2320 -60.78 55.44 -1.76
C PRO O 2320 -59.47 54.88 -2.29
N ASP O 2321 -58.95 53.88 -1.56
CA ASP O 2321 -57.68 53.25 -1.92
C ASP O 2321 -57.93 52.23 -3.03
N ILE O 2322 -57.44 52.54 -4.22
CA ILE O 2322 -57.61 51.62 -5.35
C ILE O 2322 -56.41 50.68 -5.48
N GLY O 2323 -55.23 51.10 -5.01
CA GLY O 2323 -54.04 50.28 -5.07
C GLY O 2323 -53.04 50.70 -6.13
N TRP O 2324 -53.38 51.64 -7.00
CA TRP O 2324 -52.48 52.09 -8.05
C TRP O 2324 -52.78 53.54 -8.40
N ASN O 2325 -51.87 54.16 -9.15
CA ASN O 2325 -51.94 55.60 -9.43
C ASN O 2325 -52.15 55.87 -10.91
N PRO O 2326 -53.38 55.79 -11.41
CA PRO O 2326 -53.63 56.13 -12.82
C PRO O 2326 -53.25 57.57 -13.12
N CYS O 2327 -53.39 58.44 -12.12
CA CYS O 2327 -53.16 59.86 -12.34
C CYS O 2327 -51.71 60.12 -12.77
N GLY O 2328 -50.74 59.49 -12.11
CA GLY O 2328 -49.36 59.66 -12.50
C GLY O 2328 -48.98 58.74 -13.66
N GLY O 2329 -49.60 57.57 -13.73
CA GLY O 2329 -49.35 56.69 -14.85
C GLY O 2329 -49.66 57.36 -16.17
N GLU O 2330 -50.73 58.16 -16.21
CA GLU O 2330 -51.09 58.88 -17.43
C GLU O 2330 -49.99 59.88 -17.81
N ARG O 2331 -49.42 60.59 -16.84
CA ARG O 2331 -48.36 61.54 -17.16
C ARG O 2331 -47.13 60.84 -17.73
N TYR O 2332 -46.73 59.73 -17.08
CA TYR O 2332 -45.57 59.01 -17.60
C TYR O 2332 -45.84 58.43 -18.98
N LEU O 2333 -47.07 57.95 -19.20
CA LEU O 2333 -47.43 57.44 -20.52
C LEU O 2333 -47.40 58.56 -21.56
N ASP O 2334 -47.83 59.76 -21.17
CA ASP O 2334 -47.77 60.89 -22.09
C ASP O 2334 -46.32 61.19 -22.49
N PHE O 2335 -45.41 61.19 -21.50
CA PHE O 2335 -44.01 61.40 -21.85
C PHE O 2335 -43.51 60.32 -22.79
N LEU O 2336 -43.85 59.06 -22.50
CA LEU O 2336 -43.40 57.98 -23.38
C LEU O 2336 -43.95 58.13 -24.78
N ARG O 2337 -45.20 58.58 -24.89
CA ARG O 2337 -45.80 58.80 -26.21
C ARG O 2337 -45.04 59.89 -26.97
N PHE O 2338 -44.74 61.00 -26.30
CA PHE O 2338 -43.97 62.06 -26.95
C PHE O 2338 -42.60 61.56 -27.36
N ALA O 2339 -42.01 60.65 -26.58
CA ALA O 2339 -40.71 60.11 -26.93
C ALA O 2339 -40.78 59.23 -28.17
N VAL O 2340 -41.75 58.30 -28.20
CA VAL O 2340 -41.80 57.33 -29.28
C VAL O 2340 -42.26 57.96 -30.59
N PHE O 2341 -43.26 58.84 -30.53
CA PHE O 2341 -43.95 59.31 -31.73
C PHE O 2341 -43.49 60.73 -32.05
N VAL O 2342 -42.99 60.93 -33.27
CA VAL O 2342 -42.42 62.20 -33.70
C VAL O 2342 -42.92 62.51 -35.11
N ASN O 2343 -43.46 63.72 -35.28
CA ASN O 2343 -43.82 64.25 -36.61
C ASN O 2343 -44.67 63.27 -37.41
N GLY O 2344 -45.65 62.66 -36.75
CA GLY O 2344 -46.60 61.81 -37.45
C GLY O 2344 -46.08 60.42 -37.78
N GLU O 2345 -44.84 60.12 -37.46
CA GLU O 2345 -44.25 58.82 -37.77
C GLU O 2345 -43.59 58.25 -36.52
N SER O 2346 -43.77 56.95 -36.31
CA SER O 2346 -43.19 56.29 -35.16
C SER O 2346 -41.67 56.19 -35.31
N VAL O 2347 -40.97 56.38 -34.19
CA VAL O 2347 -39.52 56.19 -34.15
C VAL O 2347 -39.26 54.76 -33.74
N GLU O 2348 -38.70 53.96 -34.65
CA GLU O 2348 -38.64 52.52 -34.45
C GLU O 2348 -37.80 52.16 -33.23
N GLU O 2349 -36.64 52.80 -33.06
CA GLU O 2349 -35.76 52.44 -31.96
C GLU O 2349 -36.43 52.67 -30.61
N ASN O 2350 -36.95 53.88 -30.39
CA ASN O 2350 -37.59 54.19 -29.13
C ASN O 2350 -38.83 53.33 -28.92
N ALA O 2351 -39.61 53.10 -29.99
CA ALA O 2351 -40.80 52.28 -29.85
C ALA O 2351 -40.46 50.87 -29.41
N ASN O 2352 -39.44 50.27 -30.04
CA ASN O 2352 -39.05 48.91 -29.66
C ASN O 2352 -38.53 48.87 -28.23
N VAL O 2353 -37.70 49.84 -27.87
CA VAL O 2353 -37.16 49.85 -26.51
C VAL O 2353 -38.28 49.96 -25.50
N VAL O 2354 -39.24 50.86 -25.74
CA VAL O 2354 -40.35 51.04 -24.81
C VAL O 2354 -41.21 49.79 -24.75
N VAL O 2355 -41.45 49.12 -25.88
CA VAL O 2355 -42.27 47.91 -25.87
C VAL O 2355 -41.61 46.84 -25.03
N ARG O 2356 -40.31 46.61 -25.25
CA ARG O 2356 -39.62 45.60 -24.45
C ARG O 2356 -39.63 45.97 -22.97
N LEU O 2357 -39.40 47.25 -22.65
CA LEU O 2357 -39.36 47.65 -21.24
C LEU O 2357 -40.72 47.47 -20.59
N LEU O 2358 -41.80 47.74 -21.34
CA LEU O 2358 -43.14 47.60 -20.78
C LEU O 2358 -43.49 46.14 -20.57
N ILE O 2359 -43.15 45.27 -21.54
CA ILE O 2359 -43.47 43.85 -21.37
C ILE O 2359 -42.66 43.26 -20.22
N ARG O 2360 -41.42 43.71 -20.04
CA ARG O 2360 -40.61 43.19 -18.93
C ARG O 2360 -41.26 43.51 -17.59
N LYS O 2361 -41.90 44.67 -17.47
CA LYS O 2361 -42.62 45.04 -16.26
C LYS O 2361 -44.12 45.09 -16.57
N PRO O 2362 -44.85 44.00 -16.40
CA PRO O 2362 -46.27 43.98 -16.79
C PRO O 2362 -47.17 44.85 -15.91
N GLU O 2363 -46.73 45.25 -14.71
CA GLU O 2363 -47.60 46.06 -13.86
C GLU O 2363 -47.86 47.42 -14.49
N CYS O 2364 -46.99 47.85 -15.40
CA CYS O 2364 -47.20 49.13 -16.08
C CYS O 2364 -48.53 49.14 -16.83
N PHE O 2365 -48.91 47.99 -17.39
CA PHE O 2365 -50.16 47.90 -18.15
C PHE O 2365 -51.36 48.15 -17.25
N GLY O 2366 -51.19 48.01 -15.94
CA GLY O 2366 -52.26 48.25 -14.99
C GLY O 2366 -52.94 46.96 -14.56
N PRO O 2367 -53.82 47.06 -13.56
CA PRO O 2367 -54.49 45.85 -13.06
C PRO O 2367 -55.43 45.19 -14.06
N ALA O 2368 -55.94 45.93 -15.04
CA ALA O 2368 -56.86 45.34 -16.00
C ALA O 2368 -56.15 44.34 -16.90
N LEU O 2369 -55.01 44.74 -17.47
CA LEU O 2369 -54.22 43.87 -18.33
C LEU O 2369 -53.24 43.02 -17.54
N ARG O 2370 -53.22 43.16 -16.21
CA ARG O 2370 -52.36 42.35 -15.37
C ARG O 2370 -52.70 40.87 -15.56
N GLY O 2371 -51.70 40.09 -15.99
CA GLY O 2371 -51.97 38.83 -16.64
C GLY O 2371 -52.66 37.78 -15.80
N GLU O 2372 -52.20 37.56 -14.57
CA GLU O 2372 -52.63 36.39 -13.81
C GLU O 2372 -54.14 36.34 -13.67
N GLY O 2373 -54.77 37.49 -13.45
CA GLY O 2373 -56.21 37.55 -13.25
C GLY O 2373 -56.87 38.76 -13.89
N GLY O 2374 -56.30 39.25 -14.98
CA GLY O 2374 -56.79 40.43 -15.65
C GLY O 2374 -58.20 40.24 -16.17
N SER O 2375 -59.08 41.17 -15.82
CA SER O 2375 -60.46 41.12 -16.32
C SER O 2375 -60.51 41.44 -17.80
N GLY O 2376 -59.67 42.34 -18.26
CA GLY O 2376 -59.65 42.79 -19.64
C GLY O 2376 -59.92 44.27 -19.73
N LEU O 2377 -59.52 44.85 -20.85
CA LEU O 2377 -59.64 46.29 -21.06
C LEU O 2377 -61.10 46.74 -21.11
N LEU O 2378 -61.94 46.01 -21.83
CA LEU O 2378 -63.37 46.35 -21.90
C LEU O 2378 -64.01 46.29 -20.53
N ALA O 2379 -63.74 45.20 -19.79
CA ALA O 2379 -64.30 45.08 -18.45
C ALA O 2379 -63.81 46.20 -17.55
N ALA O 2380 -62.54 46.57 -17.67
CA ALA O 2380 -62.00 47.63 -16.84
C ALA O 2380 -62.66 48.97 -17.15
N ILE O 2381 -62.88 49.27 -18.43
CA ILE O 2381 -63.51 50.53 -18.78
C ILE O 2381 -64.97 50.55 -18.31
N GLU O 2382 -65.68 49.44 -18.46
CA GLU O 2382 -67.05 49.37 -17.94
C GLU O 2382 -67.06 49.56 -16.43
N GLU O 2383 -66.12 48.92 -15.74
CA GLU O 2383 -66.03 49.10 -14.29
C GLU O 2383 -65.75 50.54 -13.93
N ALA O 2384 -64.88 51.22 -14.69
CA ALA O 2384 -64.59 52.62 -14.43
C ALA O 2384 -65.83 53.48 -14.63
N ILE O 2385 -66.62 53.18 -15.66
CA ILE O 2385 -67.87 53.91 -15.85
C ILE O 2385 -68.78 53.72 -14.65
N ARG O 2386 -68.84 52.49 -14.13
CA ARG O 2386 -69.65 52.25 -12.93
C ARG O 2386 -69.08 52.99 -11.73
N ILE O 2387 -67.76 53.08 -11.62
CA ILE O 2387 -67.14 53.89 -10.57
C ILE O 2387 -67.64 55.32 -10.66
N SER O 2388 -67.59 55.89 -11.87
CA SER O 2388 -68.03 57.28 -12.04
C SER O 2388 -69.49 57.43 -11.65
N GLU O 2389 -70.34 56.46 -12.04
CA GLU O 2389 -71.75 56.55 -11.70
C GLU O 2389 -71.98 56.45 -10.20
N ASP O 2390 -71.17 55.66 -9.51
CA ASP O 2390 -71.37 55.41 -8.08
C ASP O 2390 -70.63 56.43 -7.24
N PRO O 2391 -71.31 57.25 -6.44
CA PRO O 2391 -70.60 58.09 -5.47
C PRO O 2391 -70.09 57.29 -4.29
N ALA O 2392 -69.20 57.92 -3.52
CA ALA O 2392 -68.51 57.37 -2.36
C ALA O 2392 -67.43 56.38 -2.78
N ARG O 2393 -67.32 56.03 -4.06
CA ARG O 2393 -66.27 55.20 -4.59
C ARG O 2393 -65.47 55.91 -5.68
N ASP O 2394 -66.09 56.85 -6.39
CA ASP O 2394 -65.37 57.70 -7.32
C ASP O 2394 -64.57 58.76 -6.58
N GLY O 2395 -65.13 59.34 -5.53
CA GLY O 2395 -64.47 60.37 -4.77
C GLY O 2395 -64.56 60.14 -3.28
N PRO O 2396 -63.94 61.02 -2.49
CA PRO O 2396 -63.96 60.82 -1.03
C PRO O 2396 -65.36 60.77 -0.45
N GLY O 2397 -66.26 61.64 -0.91
CA GLY O 2397 -67.62 61.64 -0.43
C GLY O 2397 -67.73 61.76 1.07
N VAL O 2398 -66.93 62.64 1.67
CA VAL O 2398 -66.91 62.82 3.11
C VAL O 2398 -68.29 63.28 3.60
N PRO O 2411 -62.99 71.43 -3.44
CA PRO O 2411 -63.08 71.41 -4.90
C PRO O 2411 -62.38 72.59 -5.59
N PRO O 2412 -61.15 72.93 -5.17
CA PRO O 2412 -60.48 74.11 -5.76
C PRO O 2412 -60.30 74.05 -7.28
N GLU O 2413 -60.02 72.89 -7.87
CA GLU O 2413 -59.96 72.78 -9.32
C GLU O 2413 -60.99 71.76 -9.80
N GLU O 2414 -62.13 72.27 -10.26
CA GLU O 2414 -63.23 71.44 -10.77
C GLU O 2414 -63.36 70.14 -9.97
N ASN O 2415 -63.41 70.26 -8.64
CA ASN O 2415 -63.65 69.11 -7.77
C ASN O 2415 -62.48 68.12 -7.81
N ARG O 2416 -61.25 68.64 -7.72
CA ARG O 2416 -60.06 67.77 -7.63
C ARG O 2416 -60.10 66.78 -8.79
N VAL O 2417 -60.04 65.48 -8.53
CA VAL O 2417 -59.97 64.46 -9.56
C VAL O 2417 -61.04 63.40 -9.28
N HIS O 2418 -61.35 62.62 -10.32
CA HIS O 2418 -62.34 61.56 -10.24
C HIS O 2418 -61.67 60.25 -10.64
N LEU O 2419 -61.83 59.22 -9.82
CA LEU O 2419 -61.11 57.97 -10.05
C LEU O 2419 -61.57 57.27 -11.32
N GLY O 2420 -62.87 57.31 -11.62
CA GLY O 2420 -63.33 56.67 -12.84
C GLY O 2420 -62.72 57.28 -14.07
N HIS O 2421 -62.75 58.61 -14.15
CA HIS O 2421 -62.15 59.30 -15.29
C HIS O 2421 -60.63 59.09 -15.30
N ALA O 2422 -60.02 59.00 -14.12
CA ALA O 2422 -58.57 58.76 -14.06
C ALA O 2422 -58.23 57.40 -14.64
N ILE O 2423 -59.02 56.37 -14.29
CA ILE O 2423 -58.78 55.03 -14.82
C ILE O 2423 -58.98 55.01 -16.33
N MET O 2424 -60.06 55.64 -16.80
CA MET O 2424 -60.29 55.69 -18.24
C MET O 2424 -59.15 56.41 -18.95
N SER O 2425 -58.68 57.52 -18.38
CA SER O 2425 -57.58 58.27 -18.98
C SER O 2425 -56.30 57.44 -19.01
N PHE O 2426 -56.02 56.72 -17.93
CA PHE O 2426 -54.84 55.88 -17.91
C PHE O 2426 -54.90 54.83 -19.01
N TYR O 2427 -56.02 54.13 -19.14
CA TYR O 2427 -56.09 53.09 -20.16
C TYR O 2427 -56.06 53.69 -21.57
N ALA O 2428 -56.71 54.83 -21.77
CA ALA O 2428 -56.65 55.49 -23.07
C ALA O 2428 -55.21 55.87 -23.41
N ALA O 2429 -54.47 56.42 -22.45
CA ALA O 2429 -53.09 56.79 -22.70
C ALA O 2429 -52.23 55.56 -22.99
N LEU O 2430 -52.45 54.47 -22.26
CA LEU O 2430 -51.68 53.25 -22.51
C LEU O 2430 -51.93 52.74 -23.92
N ILE O 2431 -53.19 52.66 -24.33
CA ILE O 2431 -53.50 52.15 -25.66
C ILE O 2431 -52.99 53.11 -26.73
N ASP O 2432 -53.05 54.41 -26.45
CA ASP O 2432 -52.50 55.38 -27.39
C ASP O 2432 -51.00 55.18 -27.57
N LEU O 2433 -50.27 55.00 -26.47
CA LEU O 2433 -48.83 54.80 -26.55
C LEU O 2433 -48.50 53.52 -27.31
N LEU O 2434 -49.24 52.45 -27.05
CA LEU O 2434 -48.99 51.20 -27.77
C LEU O 2434 -49.26 51.37 -29.26
N GLY O 2435 -50.36 52.02 -29.61
CA GLY O 2435 -50.65 52.26 -31.02
C GLY O 2435 -49.58 53.09 -31.70
N ARG O 2436 -49.06 54.11 -30.99
CA ARG O 2436 -47.97 54.89 -31.56
C ARG O 2436 -46.73 54.03 -31.73
N CYS O 2437 -46.47 53.14 -30.77
CA CYS O 2437 -45.34 52.22 -30.88
C CYS O 2437 -45.53 51.24 -32.04
N ALA O 2438 -46.76 51.05 -32.50
CA ALA O 2438 -47.04 50.16 -33.62
C ALA O 2438 -46.07 50.43 -34.77
N PRO O 2439 -45.56 49.40 -35.45
CA PRO O 2439 -44.62 49.63 -36.55
C PRO O 2439 -45.28 50.33 -37.73
N GLU O 2440 -44.44 50.84 -38.62
CA GLU O 2440 -44.93 51.56 -39.80
C GLU O 2440 -45.34 50.59 -40.90
N THR O 2441 -46.27 51.05 -41.73
CA THR O 2441 -46.82 50.19 -42.78
C THR O 2441 -45.75 49.79 -43.79
N HIS O 2442 -44.85 50.71 -44.14
CA HIS O 2442 -43.84 50.37 -45.13
C HIS O 2442 -42.85 49.35 -44.57
N LEU O 2443 -42.53 49.45 -43.28
CA LEU O 2443 -41.71 48.41 -42.65
C LEU O 2443 -42.43 47.06 -42.68
N ILE O 2444 -43.71 47.05 -42.32
CA ILE O 2444 -44.46 45.81 -42.31
C ILE O 2444 -44.47 45.18 -43.70
N GLN O 2445 -44.68 46.01 -44.74
CA GLN O 2445 -44.66 45.49 -46.11
C GLN O 2445 -43.28 45.01 -46.52
N ALA O 2446 -42.22 45.71 -46.12
CA ALA O 2446 -40.88 45.23 -46.39
C ALA O 2446 -40.62 43.89 -45.71
N GLY O 2447 -41.34 43.63 -44.62
CA GLY O 2447 -41.28 42.34 -43.97
C GLY O 2447 -40.29 42.24 -42.83
N LYS O 2448 -39.79 43.36 -42.33
CA LYS O 2448 -38.82 43.34 -41.23
C LYS O 2448 -39.30 42.45 -40.10
N GLY O 2449 -38.48 41.45 -39.74
CA GLY O 2449 -38.87 40.56 -38.66
C GLY O 2449 -39.10 41.28 -37.35
N GLU O 2450 -38.28 42.29 -37.07
CA GLU O 2450 -38.46 43.05 -35.84
C GLU O 2450 -39.81 43.74 -35.81
N ALA O 2451 -40.18 44.40 -36.90
CA ALA O 2451 -41.47 45.07 -36.96
C ALA O 2451 -42.63 44.08 -36.87
N LEU O 2452 -42.54 42.95 -37.57
CA LEU O 2452 -43.59 41.95 -37.48
C LEU O 2452 -43.74 41.44 -36.06
N ARG O 2453 -42.61 41.18 -35.38
CA ARG O 2453 -42.66 40.70 -34.02
C ARG O 2453 -43.28 41.73 -33.08
N ILE O 2454 -42.92 43.01 -33.26
CA ILE O 2454 -43.47 44.06 -32.40
C ILE O 2454 -44.97 44.17 -32.60
N ARG O 2455 -45.43 44.13 -33.86
CA ARG O 2455 -46.86 44.20 -34.12
C ARG O 2455 -47.58 43.00 -33.55
N ALA O 2456 -46.99 41.81 -33.64
CA ALA O 2456 -47.59 40.64 -33.03
C ALA O 2456 -47.69 40.77 -31.52
N ILE O 2457 -46.67 41.31 -30.88
CA ILE O 2457 -46.71 41.50 -29.44
C ILE O 2457 -47.82 42.47 -29.06
N LEU O 2458 -47.94 43.56 -29.81
CA LEU O 2458 -49.00 44.54 -29.51
C LEU O 2458 -50.38 43.92 -29.69
N ARG O 2459 -50.57 43.14 -30.75
CA ARG O 2459 -51.84 42.45 -30.96
C ARG O 2459 -52.12 41.48 -29.82
N SER O 2460 -51.10 40.76 -29.35
CA SER O 2460 -51.29 39.85 -28.23
C SER O 2460 -51.72 40.61 -26.99
N LEU O 2461 -51.10 41.77 -26.73
CA LEU O 2461 -51.47 42.55 -25.56
C LEU O 2461 -52.91 43.04 -25.64
N VAL O 2462 -53.33 43.55 -26.79
CA VAL O 2462 -54.65 44.16 -26.95
C VAL O 2462 -55.49 43.33 -27.90
N PRO O 2463 -56.53 42.65 -27.43
CA PRO O 2463 -57.46 41.97 -28.35
C PRO O 2463 -58.28 42.97 -29.16
N LEU O 2464 -58.73 42.53 -30.33
CA LEU O 2464 -59.53 43.39 -31.21
C LEU O 2464 -60.94 43.58 -30.66
N ASP O 2465 -61.56 42.50 -30.16
CA ASP O 2465 -62.93 42.59 -29.70
C ASP O 2465 -63.08 43.59 -28.56
N ASP O 2466 -62.08 43.67 -27.68
CA ASP O 2466 -62.13 44.66 -26.62
C ASP O 2466 -62.17 46.08 -27.19
N LEU O 2467 -61.32 46.37 -28.18
CA LEU O 2467 -61.33 47.67 -28.81
C LEU O 2467 -62.66 47.97 -29.49
N VAL O 2468 -63.23 47.00 -30.19
CA VAL O 2468 -64.53 47.23 -30.83
C VAL O 2468 -65.60 47.50 -29.78
N GLY O 2469 -65.61 46.76 -28.68
CA GLY O 2469 -66.59 46.99 -27.64
C GLY O 2469 -66.46 48.37 -27.01
N ILE O 2470 -65.22 48.78 -26.72
CA ILE O 2470 -65.01 50.11 -26.13
C ILE O 2470 -65.45 51.19 -27.10
N ILE O 2471 -65.12 51.05 -28.39
CA ILE O 2471 -65.59 52.01 -29.38
C ILE O 2471 -67.10 51.99 -29.46
N SER O 2472 -67.72 50.85 -29.15
CA SER O 2472 -69.17 50.72 -29.17
C SER O 2472 -69.84 51.23 -27.90
N LEU O 2473 -69.09 51.48 -26.84
CA LEU O 2473 -69.70 51.91 -25.59
C LEU O 2473 -70.48 53.20 -25.82
N PRO O 2474 -71.63 53.38 -25.16
CA PRO O 2474 -72.48 54.55 -25.43
C PRO O 2474 -71.99 55.78 -24.68
N LEU O 2475 -71.94 56.91 -25.38
CA LEU O 2475 -71.57 58.18 -24.76
C LEU O 2475 -72.81 58.93 -24.31
N GLN O 2476 -72.73 59.51 -23.11
CA GLN O 2476 -73.83 60.35 -22.63
C GLN O 2476 -73.91 61.62 -23.45
N ILE O 2477 -75.12 61.99 -23.86
CA ILE O 2477 -75.37 63.13 -24.72
C ILE O 2477 -76.13 64.18 -23.91
N PRO O 2478 -75.87 65.47 -24.11
CA PRO O 2478 -76.68 66.49 -23.43
C PRO O 2478 -78.14 66.39 -23.85
N THR O 2479 -79.03 66.67 -22.92
CA THR O 2479 -80.46 66.66 -23.17
C THR O 2479 -81.11 67.84 -22.46
N LEU O 2480 -82.22 68.31 -23.02
CA LEU O 2480 -82.96 69.44 -22.47
C LEU O 2480 -84.08 68.90 -21.59
N GLY O 2481 -84.02 69.22 -20.30
CA GLY O 2481 -85.00 68.71 -19.35
C GLY O 2481 -85.10 69.60 -18.13
N LYS O 2482 -86.11 69.31 -17.31
CA LYS O 2482 -86.33 70.05 -16.07
C LYS O 2482 -86.53 71.53 -16.35
N ASP O 2483 -87.59 71.86 -17.09
CA ASP O 2483 -87.96 73.26 -17.34
C ASP O 2483 -86.84 74.00 -18.07
N GLY O 2484 -86.39 73.43 -19.19
CA GLY O 2484 -85.41 74.08 -20.03
C GLY O 2484 -83.98 73.98 -19.56
N ALA O 2485 -83.72 73.30 -18.45
CA ALA O 2485 -82.35 73.16 -17.96
C ALA O 2485 -81.56 72.23 -18.87
N LEU O 2486 -80.31 72.59 -19.12
CA LEU O 2486 -79.42 71.78 -19.96
C LEU O 2486 -78.71 70.76 -19.07
N VAL O 2487 -78.97 69.48 -19.34
CA VAL O 2487 -78.31 68.40 -18.61
C VAL O 2487 -77.01 68.06 -19.32
N GLN O 2488 -75.96 68.81 -19.02
CA GLN O 2488 -74.67 68.58 -19.66
C GLN O 2488 -73.87 67.54 -18.87
N PRO O 2489 -73.36 66.49 -19.52
CA PRO O 2489 -72.49 65.56 -18.82
C PRO O 2489 -71.21 66.25 -18.37
N LYS O 2490 -70.73 65.83 -17.19
CA LYS O 2490 -69.54 66.43 -16.61
C LYS O 2490 -68.31 65.77 -17.23
N MET O 2491 -67.59 66.51 -18.06
CA MET O 2491 -66.49 65.93 -18.82
C MET O 2491 -65.39 65.41 -17.90
N SER O 2492 -65.05 66.17 -16.85
CA SER O 2492 -63.93 65.79 -16.00
C SER O 2492 -64.20 64.48 -15.28
N ALA O 2493 -65.48 64.10 -15.12
CA ALA O 2493 -65.86 62.94 -14.32
C ALA O 2493 -66.63 61.89 -15.12
N SER O 2494 -66.54 61.90 -16.44
CA SER O 2494 -67.34 61.00 -17.27
C SER O 2494 -66.54 60.51 -18.45
N PHE O 2495 -67.06 59.45 -19.08
CA PHE O 2495 -66.47 58.90 -20.29
C PHE O 2495 -66.59 59.91 -21.43
N VAL O 2496 -65.51 60.07 -22.18
CA VAL O 2496 -65.43 61.15 -23.17
C VAL O 2496 -64.93 60.57 -24.49
N PRO O 2497 -65.18 61.29 -25.60
CA PRO O 2497 -64.77 60.77 -26.91
C PRO O 2497 -63.28 60.54 -27.07
N ASP O 2498 -62.42 61.26 -26.33
CA ASP O 2498 -60.98 61.08 -26.50
C ASP O 2498 -60.54 59.67 -26.11
N HIS O 2499 -61.16 59.11 -25.07
CA HIS O 2499 -60.86 57.74 -24.69
C HIS O 2499 -61.11 56.78 -25.85
N LYS O 2500 -62.19 57.01 -26.60
CA LYS O 2500 -62.47 56.20 -27.77
C LYS O 2500 -61.52 56.53 -28.91
N ALA O 2501 -61.09 57.79 -29.01
CA ALA O 2501 -60.18 58.18 -30.08
C ALA O 2501 -58.85 57.44 -29.95
N SER O 2502 -58.36 57.29 -28.72
CA SER O 2502 -57.13 56.50 -28.54
C SER O 2502 -57.33 55.07 -29.01
N MET O 2503 -58.48 54.47 -28.69
CA MET O 2503 -58.75 53.11 -29.13
C MET O 2503 -58.81 53.02 -30.65
N VAL O 2504 -59.39 54.05 -31.28
CA VAL O 2504 -59.46 54.08 -32.74
C VAL O 2504 -58.06 54.17 -33.34
N LEU O 2505 -57.19 54.98 -32.73
CA LEU O 2505 -55.81 55.06 -33.21
C LEU O 2505 -55.13 53.71 -33.13
N PHE O 2506 -55.31 53.01 -32.00
CA PHE O 2506 -54.73 51.67 -31.89
C PHE O 2506 -55.29 50.73 -32.96
N LEU O 2507 -56.61 50.75 -33.16
CA LEU O 2507 -57.21 49.87 -34.15
C LEU O 2507 -56.68 50.15 -35.54
N ASP O 2508 -56.48 51.43 -35.87
CA ASP O 2508 -56.01 51.84 -37.19
C ASP O 2508 -54.55 51.47 -37.42
N ARG O 2509 -53.67 51.69 -36.42
CA ARG O 2509 -52.25 51.48 -36.66
C ARG O 2509 -51.86 50.02 -36.47
N VAL O 2510 -52.34 49.38 -35.41
CA VAL O 2510 -51.89 48.03 -35.07
C VAL O 2510 -52.67 47.00 -35.87
N TYR O 2511 -53.98 46.96 -35.69
CA TYR O 2511 -54.80 45.96 -36.35
C TYR O 2511 -55.04 46.34 -37.81
N GLY O 2512 -55.64 47.50 -38.03
CA GLY O 2512 -55.93 47.95 -39.38
C GLY O 2512 -57.20 47.34 -39.92
N ILE O 2513 -57.90 48.09 -40.75
CA ILE O 2513 -59.15 47.65 -41.37
C ILE O 2513 -58.82 47.23 -42.79
N GLU O 2514 -59.02 45.95 -43.08
CA GLU O 2514 -58.72 45.39 -44.40
C GLU O 2514 -59.86 44.57 -44.99
N ASN O 2515 -60.94 44.33 -44.26
CA ASN O 2515 -62.04 43.50 -44.72
C ASN O 2515 -63.32 44.32 -44.76
N GLN O 2516 -64.09 44.14 -45.84
CA GLN O 2516 -65.35 44.86 -45.98
C GLN O 2516 -66.31 44.52 -44.85
N ASP O 2517 -66.41 43.24 -44.50
CA ASP O 2517 -67.31 42.84 -43.42
C ASP O 2517 -66.91 43.50 -42.11
N PHE O 2518 -65.62 43.51 -41.79
CA PHE O 2518 -65.17 44.14 -40.56
C PHE O 2518 -65.44 45.64 -40.57
N LEU O 2519 -65.17 46.30 -41.69
CA LEU O 2519 -65.45 47.73 -41.77
C LEU O 2519 -66.92 48.02 -41.55
N LEU O 2520 -67.80 47.27 -42.22
CA LEU O 2520 -69.23 47.46 -42.05
C LEU O 2520 -69.68 47.18 -40.62
N HIS O 2521 -69.13 46.13 -40.00
CA HIS O 2521 -69.51 45.81 -38.62
C HIS O 2521 -69.11 46.93 -37.67
N VAL O 2522 -67.87 47.39 -37.75
CA VAL O 2522 -67.43 48.44 -36.84
C VAL O 2522 -68.22 49.73 -37.10
N LEU O 2523 -68.51 50.02 -38.37
CA LEU O 2523 -69.29 51.21 -38.69
C LEU O 2523 -70.69 51.12 -38.10
N ASP O 2524 -71.32 49.96 -38.21
CA ASP O 2524 -72.68 49.81 -37.71
C ASP O 2524 -72.70 49.88 -36.19
N VAL O 2525 -71.71 49.30 -35.52
CA VAL O 2525 -71.78 49.16 -34.07
C VAL O 2525 -71.29 50.43 -33.38
N GLY O 2526 -70.09 50.90 -33.71
CA GLY O 2526 -69.46 51.94 -32.92
C GLY O 2526 -69.41 53.34 -33.52
N PHE O 2527 -69.14 53.44 -34.82
CA PHE O 2527 -68.90 54.74 -35.42
C PHE O 2527 -70.21 55.46 -35.74
N LEU O 2528 -71.07 54.79 -36.51
CA LEU O 2528 -72.29 55.43 -37.00
C LEU O 2528 -73.18 55.98 -35.90
N PRO O 2529 -73.40 55.28 -34.78
CA PRO O 2529 -74.15 55.91 -33.69
C PRO O 2529 -73.51 57.19 -33.17
N ASP O 2530 -72.18 57.23 -33.08
CA ASP O 2530 -71.51 58.45 -32.63
C ASP O 2530 -71.71 59.58 -33.64
N MET O 2531 -71.61 59.26 -34.92
CA MET O 2531 -71.87 60.27 -35.95
C MET O 2531 -73.31 60.77 -35.89
N ARG O 2532 -74.27 59.87 -35.68
CA ARG O 2532 -75.66 60.28 -35.55
C ARG O 2532 -75.83 61.22 -34.35
N ALA O 2533 -75.20 60.88 -33.23
CA ALA O 2533 -75.28 61.75 -32.05
C ALA O 2533 -74.68 63.11 -32.33
N ALA O 2534 -73.52 63.15 -32.99
CA ALA O 2534 -72.92 64.42 -33.33
C ALA O 2534 -73.82 65.24 -34.23
N ALA O 2535 -74.48 64.61 -35.19
CA ALA O 2535 -75.44 65.32 -36.02
C ALA O 2535 -76.60 65.87 -35.20
N SER O 2536 -77.13 65.06 -34.28
CA SER O 2536 -78.28 65.49 -33.49
C SER O 2536 -77.91 66.63 -32.54
N LEU O 2537 -76.65 66.69 -32.11
CA LEU O 2537 -76.17 67.79 -31.28
C LEU O 2537 -75.78 69.03 -32.10
N ASP O 2538 -76.25 69.14 -33.34
CA ASP O 2538 -75.95 70.28 -34.19
C ASP O 2538 -76.90 71.45 -33.94
N THR O 2539 -77.92 71.28 -33.10
CA THR O 2539 -78.90 72.32 -32.88
C THR O 2539 -78.29 73.46 -32.06
N ALA O 2540 -78.91 74.64 -32.18
CA ALA O 2540 -78.38 75.83 -31.53
C ALA O 2540 -78.18 75.61 -30.03
N THR O 2541 -79.10 74.89 -29.39
CA THR O 2541 -79.01 74.68 -27.96
C THR O 2541 -77.76 73.91 -27.58
N PHE O 2542 -77.50 72.80 -28.26
CA PHE O 2542 -76.38 71.92 -27.93
C PHE O 2542 -75.19 72.07 -28.88
N SER O 2543 -75.24 73.02 -29.82
CA SER O 2543 -74.20 73.10 -30.83
C SER O 2543 -72.82 73.35 -30.23
N THR O 2544 -72.73 74.29 -29.29
CA THR O 2544 -71.45 74.69 -28.71
C THR O 2544 -71.19 74.05 -27.36
N THR O 2545 -71.97 73.03 -27.00
CA THR O 2545 -71.73 72.33 -25.75
C THR O 2545 -70.39 71.61 -25.79
N GLU O 2546 -69.83 71.38 -24.59
CA GLU O 2546 -68.52 70.75 -24.50
C GLU O 2546 -68.53 69.36 -25.11
N MET O 2547 -69.58 68.58 -24.85
CA MET O 2547 -69.65 67.23 -25.43
C MET O 2547 -69.83 67.30 -26.95
N ALA O 2548 -70.57 68.28 -27.45
CA ALA O 2548 -70.69 68.43 -28.89
C ALA O 2548 -69.34 68.73 -29.53
N LEU O 2549 -68.57 69.65 -28.94
CA LEU O 2549 -67.26 69.96 -29.47
C LEU O 2549 -66.33 68.75 -29.37
N ALA O 2550 -66.42 68.00 -28.26
CA ALA O 2550 -65.59 66.81 -28.10
C ALA O 2550 -65.91 65.78 -29.17
N LEU O 2551 -67.20 65.56 -29.45
CA LEU O 2551 -67.59 64.64 -30.51
C LEU O 2551 -67.09 65.12 -31.86
N ASN O 2552 -67.19 66.42 -32.12
CA ASN O 2552 -66.69 66.95 -33.38
C ASN O 2552 -65.20 66.65 -33.54
N ARG O 2553 -64.41 66.95 -32.51
CA ARG O 2553 -62.97 66.69 -32.58
C ARG O 2553 -62.70 65.20 -32.75
N TYR O 2554 -63.38 64.36 -31.95
CA TYR O 2554 -63.17 62.93 -32.04
C TYR O 2554 -63.43 62.43 -33.45
N LEU O 2555 -64.59 62.76 -34.02
CA LEU O 2555 -64.88 62.32 -35.38
C LEU O 2555 -63.82 62.82 -36.34
N CYS O 2556 -63.57 64.13 -36.37
CA CYS O 2556 -62.74 64.71 -37.41
C CYS O 2556 -61.31 64.18 -37.34
N LEU O 2557 -60.81 63.86 -36.14
CA LEU O 2557 -59.42 63.48 -35.99
C LEU O 2557 -59.20 61.98 -35.92
N ALA O 2558 -60.24 61.17 -35.69
CA ALA O 2558 -60.06 59.73 -35.59
C ALA O 2558 -60.88 58.98 -36.63
N VAL O 2559 -62.18 59.27 -36.71
CA VAL O 2559 -63.08 58.38 -37.44
C VAL O 2559 -63.11 58.73 -38.92
N LEU O 2560 -63.49 59.97 -39.23
CA LEU O 2560 -63.67 60.40 -40.61
C LEU O 2560 -62.42 60.14 -41.43
N PRO O 2561 -61.22 60.44 -40.92
CA PRO O 2561 -60.02 60.05 -41.66
C PRO O 2561 -59.93 58.55 -41.91
N LEU O 2562 -60.33 57.74 -40.92
CA LEU O 2562 -60.29 56.30 -41.10
C LEU O 2562 -61.25 55.85 -42.19
N ILE O 2563 -62.47 56.40 -42.19
CA ILE O 2563 -63.44 56.04 -43.21
C ILE O 2563 -62.97 56.50 -44.58
N THR O 2564 -62.35 57.67 -44.64
CA THR O 2564 -61.80 58.16 -45.91
C THR O 2564 -60.72 57.20 -46.42
N LYS O 2565 -59.84 56.74 -45.54
CA LYS O 2565 -58.81 55.79 -45.94
C LYS O 2565 -59.42 54.47 -46.39
N CYS O 2566 -60.50 54.04 -45.73
CA CYS O 2566 -61.15 52.77 -46.04
C CYS O 2566 -62.22 52.90 -47.11
N ALA O 2567 -62.36 54.06 -47.73
CA ALA O 2567 -63.41 54.28 -48.72
C ALA O 2567 -63.42 53.23 -49.84
N PRO O 2568 -62.28 52.82 -50.39
CA PRO O 2568 -62.32 51.83 -51.49
C PRO O 2568 -63.06 50.56 -51.12
N LEU O 2569 -63.13 50.21 -49.84
CA LEU O 2569 -63.81 48.97 -49.45
C LEU O 2569 -65.31 49.07 -49.66
N PHE O 2570 -65.84 50.30 -49.75
CA PHE O 2570 -67.28 50.48 -49.89
C PHE O 2570 -67.81 50.04 -51.24
N ALA O 2571 -66.94 49.73 -52.20
CA ALA O 2571 -67.40 49.22 -53.48
C ALA O 2571 -68.06 47.87 -53.30
N GLY O 2572 -69.18 47.66 -53.99
CA GLY O 2572 -69.88 46.39 -53.90
C GLY O 2572 -70.49 46.10 -52.55
N THR O 2573 -71.12 47.08 -51.91
CA THR O 2573 -71.80 46.92 -50.64
C THR O 2573 -73.30 47.08 -50.81
N GLU O 2574 -73.85 46.57 -51.92
CA GLU O 2574 -75.27 46.69 -52.18
C GLU O 2574 -76.12 45.97 -51.14
N HIS O 2575 -75.53 45.05 -50.37
CA HIS O 2575 -76.31 44.31 -49.37
C HIS O 2575 -76.65 45.17 -48.17
N ARG O 2576 -75.69 45.96 -47.68
CA ARG O 2576 -75.96 46.91 -46.60
C ARG O 2576 -76.28 48.30 -47.17
N ALA O 2577 -77.22 48.31 -48.11
CA ALA O 2577 -77.59 49.55 -48.78
C ALA O 2577 -78.21 50.55 -47.81
N ILE O 2578 -79.06 50.07 -46.90
CA ILE O 2578 -79.71 50.97 -45.95
C ILE O 2578 -78.67 51.63 -45.06
N MET O 2579 -77.73 50.84 -44.54
CA MET O 2579 -76.70 51.40 -43.67
C MET O 2579 -75.82 52.38 -44.43
N VAL O 2580 -75.47 52.06 -45.68
CA VAL O 2580 -74.66 52.96 -46.47
C VAL O 2580 -75.39 54.29 -46.69
N ASP O 2581 -76.68 54.23 -47.01
CA ASP O 2581 -77.45 55.44 -47.21
C ASP O 2581 -77.51 56.27 -45.92
N SER O 2582 -77.74 55.60 -44.79
CA SER O 2582 -77.79 56.31 -43.52
C SER O 2582 -76.46 56.98 -43.20
N MET O 2583 -75.35 56.28 -43.45
CA MET O 2583 -74.03 56.86 -43.22
C MET O 2583 -73.80 58.07 -44.12
N LEU O 2584 -74.16 57.98 -45.40
CA LEU O 2584 -74.00 59.12 -46.29
C LEU O 2584 -74.81 60.32 -45.80
N HIS O 2585 -76.07 60.08 -45.42
CA HIS O 2585 -76.91 61.17 -44.93
C HIS O 2585 -76.33 61.78 -43.67
N THR O 2586 -75.85 60.95 -42.75
CA THR O 2586 -75.27 61.47 -41.51
C THR O 2586 -74.03 62.31 -41.79
N VAL O 2587 -73.16 61.83 -42.68
CA VAL O 2587 -71.95 62.58 -42.98
C VAL O 2587 -72.31 63.93 -43.60
N TYR O 2588 -73.28 63.94 -44.52
CA TYR O 2588 -73.68 65.19 -45.15
C TYR O 2588 -74.28 66.14 -44.11
N ARG O 2589 -75.08 65.61 -43.18
CA ARG O 2589 -75.66 66.45 -42.14
C ARG O 2589 -74.58 67.05 -41.25
N LEU O 2590 -73.55 66.26 -40.90
CA LEU O 2590 -72.41 66.81 -40.18
C LEU O 2590 -71.73 67.91 -40.98
N SER O 2591 -71.55 67.68 -42.28
CA SER O 2591 -70.96 68.72 -43.14
C SER O 2591 -71.74 70.02 -43.02
N ARG O 2592 -73.06 69.94 -43.12
CA ARG O 2592 -73.93 71.10 -42.89
C ARG O 2592 -74.09 71.31 -41.38
N GLY O 2593 -73.02 71.82 -40.77
CA GLY O 2593 -72.99 72.04 -39.34
C GLY O 2593 -72.37 73.36 -38.97
N ARG O 2594 -72.87 73.93 -37.87
CA ARG O 2594 -72.33 75.18 -37.34
C ARG O 2594 -71.26 74.88 -36.29
N SER O 2595 -70.67 75.95 -35.75
CA SER O 2595 -69.65 75.83 -34.70
C SER O 2595 -68.58 74.82 -35.10
N LEU O 2596 -68.23 74.78 -36.38
CA LEU O 2596 -67.33 73.79 -36.93
C LEU O 2596 -66.16 74.52 -37.58
N THR O 2597 -64.94 74.16 -37.18
CA THR O 2597 -63.77 74.82 -37.73
C THR O 2597 -63.58 74.44 -39.20
N LYS O 2598 -62.81 75.28 -39.90
CA LYS O 2598 -62.63 75.08 -41.33
C LYS O 2598 -61.92 73.77 -41.61
N ALA O 2599 -60.90 73.44 -40.82
CA ALA O 2599 -60.20 72.17 -41.01
C ALA O 2599 -61.13 70.99 -40.81
N GLN O 2600 -61.98 71.05 -39.78
CA GLN O 2600 -62.93 69.98 -39.53
C GLN O 2600 -63.91 69.84 -40.69
N ARG O 2601 -64.41 70.96 -41.20
CA ARG O 2601 -65.28 70.91 -42.37
C ARG O 2601 -64.56 70.31 -43.56
N ASP O 2602 -63.29 70.65 -43.74
CA ASP O 2602 -62.51 70.09 -44.84
C ASP O 2602 -62.40 68.58 -44.71
N VAL O 2603 -62.13 68.09 -43.50
CA VAL O 2603 -62.04 66.64 -43.29
C VAL O 2603 -63.36 65.98 -43.63
N ILE O 2604 -64.47 66.56 -43.15
CA ILE O 2604 -65.78 65.97 -43.42
C ILE O 2604 -66.04 65.92 -44.93
N GLU O 2605 -65.77 67.03 -45.62
CA GLU O 2605 -66.05 67.09 -47.05
C GLU O 2605 -65.17 66.11 -47.82
N ASP O 2606 -63.90 66.01 -47.45
CA ASP O 2606 -63.01 65.04 -48.10
C ASP O 2606 -63.51 63.62 -47.89
N CYS O 2607 -63.96 63.30 -46.68
CA CYS O 2607 -64.55 61.98 -46.46
C CYS O 2607 -65.75 61.76 -47.37
N LEU O 2608 -66.59 62.77 -47.53
CA LEU O 2608 -67.77 62.60 -48.37
C LEU O 2608 -67.39 62.35 -49.83
N MET O 2609 -66.47 63.14 -50.38
CA MET O 2609 -66.06 62.90 -51.76
C MET O 2609 -65.39 61.54 -51.91
N ALA O 2610 -64.54 61.16 -50.95
CA ALA O 2610 -63.90 59.86 -51.02
C ALA O 2610 -64.92 58.73 -51.03
N LEU O 2611 -65.96 58.82 -50.20
CA LEU O 2611 -67.00 57.81 -50.20
C LEU O 2611 -67.72 57.78 -51.55
N CYS O 2612 -68.19 58.94 -52.01
CA CYS O 2612 -68.97 59.00 -53.25
C CYS O 2612 -68.16 58.62 -54.48
N ARG O 2613 -66.83 58.68 -54.41
CA ARG O 2613 -66.01 58.26 -55.54
C ARG O 2613 -66.08 56.75 -55.77
N TYR O 2614 -66.15 55.97 -54.70
CA TYR O 2614 -66.10 54.51 -54.82
C TYR O 2614 -67.45 53.83 -54.64
N ILE O 2615 -68.43 54.49 -54.03
CA ILE O 2615 -69.75 53.89 -53.87
C ILE O 2615 -70.41 53.78 -55.24
N ARG O 2616 -71.19 52.71 -55.42
CA ARG O 2616 -71.87 52.48 -56.69
C ARG O 2616 -72.85 53.61 -56.97
N PRO O 2617 -73.06 53.96 -58.24
CA PRO O 2617 -73.94 55.09 -58.54
C PRO O 2617 -75.36 54.93 -58.03
N SER O 2618 -75.87 53.70 -58.00
CA SER O 2618 -77.27 53.48 -57.65
C SER O 2618 -77.55 53.87 -56.19
N MET O 2619 -76.63 53.52 -55.28
CA MET O 2619 -76.91 53.70 -53.86
C MET O 2619 -76.89 55.17 -53.46
N LEU O 2620 -76.42 56.05 -54.34
CA LEU O 2620 -76.36 57.48 -54.02
C LEU O 2620 -77.67 58.19 -54.37
N GLN O 2621 -78.72 57.42 -54.66
CA GLN O 2621 -79.97 58.02 -55.10
C GLN O 2621 -80.57 58.96 -54.06
N HIS O 2622 -80.59 58.54 -52.79
CA HIS O 2622 -81.18 59.38 -51.75
C HIS O 2622 -80.32 60.60 -51.46
N LEU O 2623 -79.00 60.45 -51.54
CA LEU O 2623 -78.13 61.62 -51.37
C LEU O 2623 -78.35 62.63 -52.48
N LEU O 2624 -78.46 62.17 -53.72
CA LEU O 2624 -78.81 63.06 -54.83
C LEU O 2624 -80.16 63.71 -54.61
N ARG O 2625 -81.11 62.94 -54.07
CA ARG O 2625 -82.43 63.47 -53.77
C ARG O 2625 -82.36 64.61 -52.77
N ARG O 2626 -81.58 64.44 -51.70
CA ARG O 2626 -81.41 65.54 -50.75
C ARG O 2626 -80.70 66.74 -51.39
N LEU O 2627 -79.71 66.46 -52.24
CA LEU O 2627 -78.99 67.55 -52.90
C LEU O 2627 -79.89 68.34 -53.84
N VAL O 2628 -80.90 67.70 -54.43
CA VAL O 2628 -81.83 68.45 -55.28
C VAL O 2628 -82.41 69.62 -54.52
N PHE O 2629 -82.84 69.39 -53.27
CA PHE O 2629 -83.37 70.49 -52.46
C PHE O 2629 -82.26 71.41 -51.99
N ASP O 2630 -81.14 70.85 -51.53
CA ASP O 2630 -80.14 71.67 -50.84
C ASP O 2630 -79.41 72.61 -51.81
N VAL O 2631 -78.91 72.09 -52.93
CA VAL O 2631 -77.97 72.83 -53.78
C VAL O 2631 -78.59 74.07 -54.40
N PRO O 2632 -79.79 74.00 -54.99
CA PRO O 2632 -80.28 75.14 -55.78
C PRO O 2632 -80.26 76.47 -55.05
N ILE O 2633 -80.25 76.48 -53.71
CA ILE O 2633 -80.16 77.74 -52.98
C ILE O 2633 -78.88 78.48 -53.32
N LEU O 2634 -77.82 77.76 -53.71
CA LEU O 2634 -76.56 78.36 -54.12
C LEU O 2634 -76.01 79.29 -53.04
N ASN O 2635 -76.11 78.85 -51.78
CA ASN O 2635 -75.52 79.57 -50.67
C ASN O 2635 -74.04 79.19 -50.54
N GLU O 2636 -73.42 79.61 -49.43
CA GLU O 2636 -72.03 79.26 -49.19
C GLU O 2636 -71.84 77.76 -49.05
N PHE O 2637 -72.77 77.08 -48.36
CA PHE O 2637 -72.64 75.64 -48.16
C PHE O 2637 -72.76 74.90 -49.49
N ALA O 2638 -73.35 75.53 -50.51
CA ALA O 2638 -73.63 74.86 -51.76
C ALA O 2638 -72.36 74.51 -52.54
N LYS O 2639 -71.23 75.11 -52.20
CA LYS O 2639 -70.02 74.91 -53.01
C LYS O 2639 -69.58 73.46 -53.02
N MET O 2640 -69.51 72.82 -51.84
CA MET O 2640 -69.08 71.43 -51.81
C MET O 2640 -70.03 70.51 -52.56
N PRO O 2641 -71.35 70.59 -52.37
CA PRO O 2641 -72.25 69.76 -53.17
C PRO O 2641 -72.04 69.93 -54.67
N LEU O 2642 -71.70 71.13 -55.13
CA LEU O 2642 -71.44 71.31 -56.55
C LEU O 2642 -70.25 70.46 -57.00
N LYS O 2643 -69.15 70.48 -56.23
CA LYS O 2643 -68.00 69.65 -56.58
C LYS O 2643 -68.35 68.17 -56.53
N LEU O 2644 -69.09 67.75 -55.50
CA LEU O 2644 -69.46 66.36 -55.37
C LEU O 2644 -70.29 65.89 -56.56
N LEU O 2645 -71.30 66.70 -56.94
CA LEU O 2645 -72.12 66.35 -58.08
C LEU O 2645 -71.32 66.33 -59.37
N THR O 2646 -70.42 67.31 -59.55
CA THR O 2646 -69.58 67.32 -60.74
C THR O 2646 -68.78 66.03 -60.84
N ASN O 2647 -68.08 65.65 -59.77
CA ASN O 2647 -67.28 64.43 -59.82
C ASN O 2647 -68.16 63.22 -60.05
N HIS O 2648 -69.29 63.13 -59.35
CA HIS O 2648 -70.16 61.97 -59.49
C HIS O 2648 -70.66 61.80 -60.91
N TYR O 2649 -71.15 62.89 -61.51
CA TYR O 2649 -71.72 62.78 -62.85
C TYR O 2649 -70.64 62.58 -63.90
N GLU O 2650 -69.46 63.20 -63.73
CA GLU O 2650 -68.37 62.96 -64.65
C GLU O 2650 -67.94 61.50 -64.60
N ARG O 2651 -67.92 60.91 -63.40
CA ARG O 2651 -67.57 59.51 -63.27
C ARG O 2651 -68.61 58.59 -63.89
N CYS O 2652 -69.89 58.85 -63.60
CA CYS O 2652 -70.98 57.93 -63.96
C CYS O 2652 -71.83 58.46 -65.11
N TRP O 2653 -71.23 59.23 -66.02
CA TRP O 2653 -72.00 59.76 -67.14
C TRP O 2653 -72.61 58.64 -67.98
N LYS O 2654 -71.92 57.50 -68.12
CA LYS O 2654 -72.47 56.40 -68.88
C LYS O 2654 -73.65 55.73 -68.19
N TYR O 2655 -73.70 55.79 -66.85
CA TYR O 2655 -74.82 55.18 -66.14
C TYR O 2655 -76.13 55.85 -66.50
N TYR O 2656 -76.09 57.13 -66.87
CA TYR O 2656 -77.29 57.89 -67.20
C TYR O 2656 -77.50 58.04 -68.70
N CYS O 2657 -76.51 58.59 -69.40
CA CYS O 2657 -76.72 58.95 -70.80
C CYS O 2657 -76.95 57.72 -71.68
N LEU O 2658 -76.12 56.69 -71.52
CA LEU O 2658 -76.18 55.55 -72.42
C LEU O 2658 -77.49 54.79 -72.23
N PRO O 2659 -78.03 54.16 -73.30
CA PRO O 2659 -79.23 53.34 -73.13
C PRO O 2659 -78.91 52.00 -72.48
N THR O 2660 -77.76 51.43 -72.84
CA THR O 2660 -77.35 50.16 -72.25
C THR O 2660 -77.03 50.32 -70.77
N GLY O 2661 -76.44 51.45 -70.40
CA GLY O 2661 -76.02 51.68 -69.03
C GLY O 2661 -74.56 51.27 -68.81
N TRP O 2662 -73.98 51.82 -67.74
CA TRP O 2662 -72.59 51.52 -67.43
C TRP O 2662 -72.41 50.03 -67.14
N ALA O 2663 -71.37 49.45 -67.72
CA ALA O 2663 -71.14 48.01 -67.58
C ALA O 2663 -70.94 47.64 -66.11
N ASN O 2664 -71.63 46.59 -65.67
CA ASN O 2664 -71.56 46.00 -64.34
C ASN O 2664 -72.24 46.88 -63.29
N PHE O 2665 -72.72 48.07 -63.64
CA PHE O 2665 -73.39 48.95 -62.69
C PHE O 2665 -74.88 49.15 -62.98
N GLY O 2666 -75.40 48.57 -64.06
CA GLY O 2666 -76.80 48.72 -64.39
C GLY O 2666 -77.07 49.95 -65.24
N VAL O 2667 -78.35 50.29 -65.31
CA VAL O 2667 -78.81 51.43 -66.08
C VAL O 2667 -79.62 52.35 -65.18
N THR O 2668 -79.65 53.63 -65.53
CA THR O 2668 -80.34 54.62 -64.72
C THR O 2668 -81.84 54.37 -64.71
N SER O 2669 -82.52 54.99 -63.75
CA SER O 2669 -83.96 54.87 -63.60
C SER O 2669 -84.62 56.21 -63.92
N GLU O 2670 -85.93 56.14 -64.20
CA GLU O 2670 -86.68 57.35 -64.51
C GLU O 2670 -86.60 58.34 -63.36
N GLU O 2671 -86.64 57.86 -62.12
CA GLU O 2671 -86.49 58.75 -60.97
C GLU O 2671 -85.10 59.39 -60.95
N GLU O 2672 -84.07 58.60 -61.25
CA GLU O 2672 -82.72 59.15 -61.33
C GLU O 2672 -82.67 60.29 -62.35
N LEU O 2673 -83.23 60.07 -63.53
CA LEU O 2673 -83.18 61.10 -64.57
C LEU O 2673 -84.00 62.32 -64.18
N HIS O 2674 -85.15 62.11 -63.52
CA HIS O 2674 -85.96 63.24 -63.06
C HIS O 2674 -85.19 64.08 -62.06
N LEU O 2675 -84.53 63.43 -61.10
CA LEU O 2675 -83.72 64.16 -60.13
C LEU O 2675 -82.58 64.91 -60.81
N THR O 2676 -81.91 64.27 -61.78
CA THR O 2676 -80.82 64.94 -62.49
C THR O 2676 -81.32 66.17 -63.25
N ARG O 2677 -82.47 66.04 -63.91
CA ARG O 2677 -83.04 67.17 -64.63
C ARG O 2677 -83.40 68.31 -63.67
N LYS O 2678 -83.97 67.97 -62.51
CA LYS O 2678 -84.27 69.01 -61.53
C LYS O 2678 -83.00 69.69 -61.05
N LEU O 2679 -81.94 68.92 -60.78
CA LEU O 2679 -80.66 69.52 -60.45
C LEU O 2679 -80.24 70.52 -61.52
N PHE O 2680 -80.24 70.10 -62.78
CA PHE O 2680 -79.75 70.96 -63.86
C PHE O 2680 -80.55 72.25 -63.92
N TRP O 2681 -81.88 72.15 -63.93
CA TRP O 2681 -82.70 73.33 -64.14
C TRP O 2681 -82.69 74.24 -62.92
N GLY O 2682 -82.72 73.68 -61.71
CA GLY O 2682 -82.62 74.51 -60.53
C GLY O 2682 -81.31 75.28 -60.49
N ILE O 2683 -80.20 74.59 -60.75
CA ILE O 2683 -78.90 75.27 -60.76
C ILE O 2683 -78.88 76.34 -61.84
N PHE O 2684 -79.41 76.04 -63.02
CA PHE O 2684 -79.39 77.00 -64.12
C PHE O 2684 -80.16 78.26 -63.75
N ASP O 2685 -81.40 78.11 -63.29
CA ASP O 2685 -82.21 79.28 -62.94
C ASP O 2685 -81.58 80.06 -61.80
N SER O 2686 -81.13 79.37 -60.75
CA SER O 2686 -80.51 80.06 -59.64
C SER O 2686 -79.30 80.86 -60.09
N LEU O 2687 -78.36 80.21 -60.78
CA LEU O 2687 -77.15 80.90 -61.24
C LEU O 2687 -77.51 82.07 -62.15
N ALA O 2688 -78.56 81.92 -62.95
CA ALA O 2688 -78.99 83.02 -63.80
C ALA O 2688 -79.44 84.22 -62.98
N HIS O 2689 -80.17 83.97 -61.89
CA HIS O 2689 -80.68 85.08 -61.07
C HIS O 2689 -79.69 85.57 -60.01
N LYS O 2690 -78.59 84.86 -59.78
CA LYS O 2690 -77.62 85.30 -58.77
C LYS O 2690 -76.74 86.42 -59.32
N LYS O 2691 -76.31 87.29 -58.40
CA LYS O 2691 -75.30 88.29 -58.76
C LYS O 2691 -73.96 87.61 -59.01
N TYR O 2692 -73.15 88.23 -59.85
CA TYR O 2692 -71.89 87.61 -60.26
C TYR O 2692 -71.00 87.33 -59.05
N ASP O 2693 -70.43 86.14 -59.01
CA ASP O 2693 -69.42 85.77 -58.03
C ASP O 2693 -68.45 84.81 -58.70
N GLN O 2694 -67.16 85.18 -58.70
CA GLN O 2694 -66.17 84.39 -59.43
C GLN O 2694 -66.10 82.96 -58.89
N GLU O 2695 -66.06 82.81 -57.56
CA GLU O 2695 -65.95 81.48 -56.97
C GLU O 2695 -67.17 80.63 -57.31
N LEU O 2696 -68.37 81.19 -57.11
CA LEU O 2696 -69.59 80.43 -57.39
C LEU O 2696 -69.66 80.03 -58.85
N TYR O 2697 -69.38 80.96 -59.76
CA TYR O 2697 -69.43 80.65 -61.18
C TYR O 2697 -68.41 79.59 -61.57
N ARG O 2698 -67.17 79.70 -61.09
CA ARG O 2698 -66.14 78.73 -61.42
C ARG O 2698 -66.50 77.35 -60.90
N ILE O 2699 -67.05 77.24 -59.69
CA ILE O 2699 -67.47 75.94 -59.19
C ILE O 2699 -68.69 75.41 -59.94
N ALA O 2700 -69.64 76.27 -60.30
CA ALA O 2700 -70.89 75.84 -60.90
C ALA O 2700 -70.75 75.41 -62.35
N MET O 2701 -69.99 76.14 -63.16
CA MET O 2701 -69.92 75.83 -64.59
C MET O 2701 -69.51 74.39 -64.84
N PRO O 2702 -68.45 73.84 -64.23
CA PRO O 2702 -68.16 72.42 -64.42
C PRO O 2702 -69.31 71.52 -64.00
N CYS O 2703 -70.01 71.87 -62.91
CA CYS O 2703 -71.14 71.05 -62.47
C CYS O 2703 -72.25 71.05 -63.51
N LEU O 2704 -72.59 72.22 -64.04
CA LEU O 2704 -73.64 72.30 -65.06
C LEU O 2704 -73.25 71.49 -66.29
N CYS O 2705 -71.99 71.62 -66.73
CA CYS O 2705 -71.55 70.85 -67.88
C CYS O 2705 -71.63 69.35 -67.61
N ALA O 2706 -71.21 68.91 -66.42
CA ALA O 2706 -71.25 67.49 -66.10
C ALA O 2706 -72.69 66.96 -66.10
N ILE O 2707 -73.61 67.70 -65.47
CA ILE O 2707 -75.00 67.27 -65.43
C ILE O 2707 -75.57 67.21 -66.84
N ALA O 2708 -75.29 68.23 -67.66
CA ALA O 2708 -75.81 68.23 -69.03
C ALA O 2708 -75.28 67.05 -69.82
N GLY O 2709 -73.98 66.76 -69.68
CA GLY O 2709 -73.43 65.61 -70.38
C GLY O 2709 -74.03 64.30 -69.91
N ALA O 2710 -74.24 64.16 -68.60
CA ALA O 2710 -74.76 62.91 -68.06
C ALA O 2710 -76.21 62.69 -68.50
N LEU O 2711 -77.03 63.72 -68.45
CA LEU O 2711 -78.46 63.55 -68.70
C LEU O 2711 -78.70 63.35 -70.21
N PRO O 2712 -79.45 62.35 -70.63
CA PRO O 2712 -79.63 62.07 -72.06
C PRO O 2712 -80.30 63.24 -72.77
N PRO O 2713 -79.96 63.50 -74.03
CA PRO O 2713 -80.64 64.59 -74.76
C PRO O 2713 -82.11 64.33 -75.01
N ASP O 2714 -82.47 63.13 -75.48
CA ASP O 2714 -83.85 62.86 -75.87
C ASP O 2714 -84.72 62.42 -74.70
N TYR O 2715 -84.16 62.32 -73.50
CA TYR O 2715 -84.95 61.91 -72.34
C TYR O 2715 -86.13 62.85 -72.13
N VAL O 2716 -87.30 62.27 -71.89
CA VAL O 2716 -88.53 63.03 -71.65
C VAL O 2716 -88.98 62.76 -70.23
N ASP O 2717 -89.21 63.82 -69.46
CA ASP O 2717 -89.59 63.67 -68.07
C ASP O 2717 -90.99 63.08 -67.96
N ALA O 2718 -91.16 62.16 -67.01
CA ALA O 2718 -92.43 61.47 -66.86
C ALA O 2718 -93.56 62.40 -66.44
N SER O 2719 -93.31 63.32 -65.50
CA SER O 2719 -94.33 64.23 -64.98
C SER O 2719 -93.83 65.68 -65.17
N TYR O 2720 -94.09 66.23 -66.34
CA TYR O 2720 -93.71 67.61 -66.62
C TYR O 2720 -94.62 68.58 -65.86
N SER O 2721 -94.04 69.70 -65.45
CA SER O 2721 -94.77 70.74 -64.75
C SER O 2721 -94.65 72.06 -65.51
N SER O 2722 -95.79 72.67 -65.82
CA SER O 2722 -95.81 73.97 -66.48
C SER O 2722 -95.80 75.12 -65.48
N LYS O 2723 -96.41 74.92 -64.30
CA LYS O 2723 -96.40 75.96 -63.28
C LYS O 2723 -94.99 76.23 -62.78
N THR O 2724 -94.19 75.17 -62.58
CA THR O 2724 -92.80 75.31 -62.14
C THR O 2724 -92.70 76.13 -60.86
N GLU O 2725 -93.62 75.89 -59.92
CA GLU O 2725 -93.59 76.60 -58.66
C GLU O 2725 -92.45 76.09 -57.79
N LYS O 2726 -91.66 77.03 -57.26
CA LYS O 2726 -90.48 76.69 -56.47
C LYS O 2726 -89.59 75.70 -57.22
N ASN O 2735 -84.37 74.00 -45.32
CA ASN O 2735 -85.32 75.05 -44.99
C ASN O 2735 -86.64 74.81 -45.71
N PHE O 2736 -87.07 73.56 -45.77
CA PHE O 2736 -88.32 73.22 -46.42
C PHE O 2736 -89.49 73.73 -45.60
N ASP O 2737 -90.52 74.22 -46.29
CA ASP O 2737 -91.71 74.76 -45.64
C ASP O 2737 -92.93 73.96 -46.09
N PRO O 2738 -93.35 72.93 -45.36
CA PRO O 2738 -94.47 72.09 -45.81
C PRO O 2738 -95.82 72.80 -45.68
N ARG O 2739 -95.99 73.89 -46.43
CA ARG O 2739 -97.19 74.72 -46.32
C ARG O 2739 -98.38 74.09 -47.03
N PRO O 2740 -99.45 73.77 -46.31
CA PRO O 2740 -100.70 73.39 -46.98
C PRO O 2740 -101.59 74.60 -47.23
N VAL O 2741 -102.69 74.35 -47.95
CA VAL O 2741 -103.70 75.38 -48.14
C VAL O 2741 -104.56 75.48 -46.88
N GLU O 2742 -105.20 76.64 -46.70
CA GLU O 2742 -106.00 76.91 -45.51
C GLU O 2742 -107.38 76.26 -45.66
N THR O 2743 -107.35 74.93 -45.78
CA THR O 2743 -108.58 74.17 -45.95
C THR O 2743 -109.54 74.43 -44.80
N LEU O 2744 -109.01 74.62 -43.58
CA LEU O 2744 -109.89 74.84 -42.44
C LEU O 2744 -110.67 76.15 -42.55
N ASN O 2745 -110.04 77.23 -43.03
CA ASN O 2745 -110.77 78.49 -43.16
C ASN O 2745 -111.70 78.46 -44.37
N VAL O 2746 -111.30 77.75 -45.43
CA VAL O 2746 -112.19 77.63 -46.59
C VAL O 2746 -113.50 76.96 -46.15
N ILE O 2747 -114.60 77.34 -46.80
CA ILE O 2747 -115.93 76.93 -46.40
C ILE O 2747 -116.43 75.84 -47.35
N ILE O 2748 -117.51 75.15 -46.97
CA ILE O 2748 -117.91 73.90 -47.63
C ILE O 2748 -119.34 73.99 -48.13
N PRO O 2749 -119.64 73.50 -49.35
CA PRO O 2749 -121.04 73.37 -49.76
C PRO O 2749 -121.74 72.18 -49.13
N GLU O 2750 -123.08 72.27 -49.09
CA GLU O 2750 -123.89 71.20 -48.50
C GLU O 2750 -124.03 70.00 -49.43
N LYS O 2751 -124.06 70.22 -50.75
CA LYS O 2751 -124.03 69.09 -51.67
C LYS O 2751 -122.72 68.32 -51.53
N LEU O 2752 -121.62 69.03 -51.32
CA LEU O 2752 -120.36 68.35 -51.04
C LEU O 2752 -120.36 67.75 -49.64
N ASP O 2753 -121.18 68.27 -48.73
CA ASP O 2753 -121.38 67.59 -47.45
C ASP O 2753 -122.04 66.23 -47.66
N SER O 2754 -123.05 66.18 -48.52
CA SER O 2754 -123.66 64.90 -48.87
C SER O 2754 -122.64 63.97 -49.51
N PHE O 2755 -121.83 64.51 -50.42
CA PHE O 2755 -120.73 63.71 -50.97
C PHE O 2755 -119.81 63.21 -49.87
N ILE O 2756 -119.58 64.02 -48.84
CA ILE O 2756 -118.71 63.61 -47.74
C ILE O 2756 -119.32 62.44 -47.00
N ASN O 2757 -120.63 62.48 -46.76
CA ASN O 2757 -121.25 61.35 -46.06
C ASN O 2757 -121.18 60.09 -46.92
N LYS O 2758 -121.35 60.23 -48.24
CA LYS O 2758 -121.23 59.06 -49.11
C LYS O 2758 -119.80 58.53 -49.15
N PHE O 2759 -118.80 59.41 -49.17
CA PHE O 2759 -117.42 58.93 -49.17
C PHE O 2759 -117.04 58.35 -47.82
N ALA O 2760 -117.62 58.85 -46.75
CA ALA O 2760 -117.48 58.19 -45.45
C ALA O 2760 -118.04 56.78 -45.52
N GLU O 2761 -119.22 56.64 -46.13
CA GLU O 2761 -119.77 55.30 -46.38
C GLU O 2761 -118.78 54.41 -47.11
N TYR O 2762 -118.23 54.89 -48.23
CA TYR O 2762 -117.34 54.07 -49.05
C TYR O 2762 -116.06 53.71 -48.32
N THR O 2763 -115.41 54.68 -47.69
CA THR O 2763 -114.14 54.41 -47.02
C THR O 2763 -114.35 53.55 -45.78
N HIS O 2764 -115.48 53.72 -45.09
CA HIS O 2764 -115.84 52.88 -43.96
C HIS O 2764 -116.13 51.45 -44.38
N GLU O 2765 -116.71 51.27 -45.57
CA GLU O 2765 -116.89 49.94 -46.14
C GLU O 2765 -115.57 49.29 -46.51
N LYS O 2766 -114.68 50.03 -47.17
CA LYS O 2766 -113.37 49.50 -47.55
C LYS O 2766 -112.53 49.15 -46.32
N TRP O 2767 -112.41 50.08 -45.37
CA TRP O 2767 -111.60 49.83 -44.20
C TRP O 2767 -112.22 48.74 -43.34
N ALA O 2768 -113.55 48.68 -43.30
CA ALA O 2768 -114.23 47.58 -42.61
C ALA O 2768 -113.90 46.24 -43.23
N PHE O 2769 -113.87 46.18 -44.57
CA PHE O 2769 -113.44 44.96 -45.24
C PHE O 2769 -112.01 44.59 -44.87
N ASP O 2770 -111.12 45.58 -44.84
CA ASP O 2770 -109.74 45.32 -44.46
C ASP O 2770 -109.67 44.77 -43.03
N LYS O 2771 -110.46 45.34 -42.12
CA LYS O 2771 -110.50 44.83 -40.76
C LYS O 2771 -111.07 43.42 -40.70
N ILE O 2772 -112.05 43.11 -41.55
CA ILE O 2772 -112.55 41.74 -41.63
C ILE O 2772 -111.44 40.78 -42.07
N GLN O 2773 -110.65 41.17 -43.06
CA GLN O 2773 -109.49 40.35 -43.43
C GLN O 2773 -108.54 40.21 -42.24
N ASN O 2774 -108.34 41.28 -41.49
CA ASN O 2774 -107.53 41.23 -40.28
C ASN O 2774 -108.20 40.47 -39.15
N ASN O 2775 -109.45 40.02 -39.35
CA ASN O 2775 -110.20 39.24 -38.38
C ASN O 2775 -110.74 40.12 -37.26
N TRP O 2776 -110.81 41.44 -37.50
CA TRP O 2776 -111.41 42.38 -36.54
C TRP O 2776 -112.91 42.42 -36.78
N SER O 2777 -113.64 41.54 -36.11
CA SER O 2777 -115.09 41.54 -36.20
C SER O 2777 -115.66 42.67 -35.34
N TYR O 2778 -116.94 42.96 -35.55
CA TYR O 2778 -117.59 44.02 -34.80
C TYR O 2778 -117.57 43.69 -33.32
N GLY O 2779 -117.26 44.70 -32.49
CA GLY O 2779 -117.16 44.50 -31.06
C GLY O 2779 -117.66 45.67 -30.24
N GLU O 2780 -117.29 45.69 -28.96
CA GLU O 2780 -117.73 46.76 -28.07
C GLU O 2780 -116.63 47.81 -27.88
N ASN O 2781 -115.37 47.40 -27.91
CA ASN O 2781 -114.26 48.32 -27.73
C ASN O 2781 -113.04 47.75 -28.46
N ILE O 2782 -112.09 48.63 -28.78
CA ILE O 2782 -110.89 48.22 -29.52
C ILE O 2782 -109.83 47.75 -28.53
N ASP O 2783 -109.20 46.62 -28.84
CA ASP O 2783 -108.10 46.11 -28.05
C ASP O 2783 -107.33 45.09 -28.90
N GLU O 2784 -106.02 45.05 -28.71
CA GLU O 2784 -105.19 44.13 -29.48
C GLU O 2784 -105.57 42.68 -29.20
N GLU O 2785 -105.82 42.35 -27.93
CA GLU O 2785 -106.16 40.97 -27.59
C GLU O 2785 -107.58 40.63 -28.02
N LEU O 2786 -108.52 41.58 -27.86
CA LEU O 2786 -109.90 41.30 -28.21
C LEU O 2786 -110.05 41.00 -29.70
N LYS O 2787 -109.31 41.72 -30.54
CA LYS O 2787 -109.42 41.56 -31.99
C LYS O 2787 -110.86 41.79 -32.45
N THR O 2788 -111.49 42.82 -31.88
CA THR O 2788 -112.85 43.21 -32.23
C THR O 2788 -112.93 44.72 -32.25
N HIS O 2789 -113.72 45.27 -33.18
CA HIS O 2789 -113.74 46.71 -33.43
C HIS O 2789 -115.17 47.22 -33.38
N PRO O 2790 -115.48 48.25 -32.58
CA PRO O 2790 -116.87 48.74 -32.53
C PRO O 2790 -117.20 49.79 -33.57
N MET O 2791 -116.21 50.52 -34.10
CA MET O 2791 -116.53 51.63 -34.99
C MET O 2791 -117.15 51.14 -36.29
N LEU O 2792 -116.78 49.94 -36.74
CA LEU O 2792 -117.40 49.35 -37.93
C LEU O 2792 -118.79 48.86 -37.56
N ARG O 2793 -119.81 49.53 -38.07
CA ARG O 2793 -121.20 49.17 -37.81
C ARG O 2793 -122.04 49.65 -38.98
N PRO O 2794 -123.32 49.29 -39.02
CA PRO O 2794 -124.23 49.90 -39.99
C PRO O 2794 -124.26 51.42 -39.80
N TYR O 2795 -124.51 52.14 -40.89
CA TYR O 2795 -124.37 53.59 -40.87
C TYR O 2795 -125.49 54.26 -40.06
N LYS O 2796 -126.54 53.51 -39.72
CA LYS O 2796 -127.58 54.06 -38.87
C LYS O 2796 -127.23 53.91 -37.39
N THR O 2797 -126.86 52.70 -36.97
CA THR O 2797 -126.43 52.49 -35.59
C THR O 2797 -125.18 53.30 -35.29
N PHE O 2798 -124.33 53.50 -36.29
CA PHE O 2798 -123.10 54.25 -36.11
C PHE O 2798 -123.40 55.65 -35.61
N SER O 2799 -122.75 56.03 -34.51
CA SER O 2799 -123.07 57.28 -33.84
C SER O 2799 -122.82 58.47 -34.76
N GLU O 2800 -123.70 59.47 -34.65
CA GLU O 2800 -123.56 60.67 -35.45
C GLU O 2800 -122.27 61.41 -35.12
N LYS O 2801 -121.89 61.47 -33.85
CA LYS O 2801 -120.63 62.09 -33.47
C LYS O 2801 -119.45 61.36 -34.11
N ASP O 2802 -119.46 60.03 -34.09
CA ASP O 2802 -118.37 59.28 -34.69
C ASP O 2802 -118.30 59.54 -36.19
N LYS O 2803 -119.44 59.61 -36.87
CA LYS O 2803 -119.44 59.86 -38.30
C LYS O 2803 -118.95 61.26 -38.63
N GLU O 2804 -119.19 62.24 -37.76
CA GLU O 2804 -118.67 63.58 -38.03
C GLU O 2804 -117.15 63.59 -37.92
N ILE O 2805 -116.60 63.00 -36.84
CA ILE O 2805 -115.15 62.91 -36.70
C ILE O 2805 -114.54 62.14 -37.86
N TYR O 2806 -115.21 61.10 -38.33
CA TYR O 2806 -114.74 60.28 -39.45
C TYR O 2806 -114.87 60.96 -40.80
N ARG O 2807 -115.84 61.87 -40.93
CA ARG O 2807 -115.98 62.67 -42.15
C ARG O 2807 -115.01 63.85 -42.17
N TRP O 2808 -114.51 64.23 -41.00
CA TRP O 2808 -113.64 65.41 -40.92
C TRP O 2808 -112.46 65.38 -41.90
N PRO O 2809 -111.75 64.26 -42.09
CA PRO O 2809 -110.64 64.26 -43.07
C PRO O 2809 -111.11 64.56 -44.48
N ILE O 2810 -112.24 63.97 -44.87
CA ILE O 2810 -112.82 64.24 -46.19
C ILE O 2810 -113.28 65.69 -46.25
N LYS O 2811 -113.81 66.21 -45.15
CA LYS O 2811 -114.14 67.63 -45.04
C LYS O 2811 -112.94 68.49 -45.39
N GLU O 2812 -111.80 68.20 -44.74
CA GLU O 2812 -110.59 68.98 -44.97
C GLU O 2812 -110.12 68.86 -46.42
N SER O 2813 -110.17 67.65 -46.98
CA SER O 2813 -109.75 67.47 -48.36
C SER O 2813 -110.60 68.31 -49.31
N LEU O 2814 -111.92 68.25 -49.16
CA LEU O 2814 -112.79 69.01 -50.07
C LEU O 2814 -112.60 70.51 -49.88
N LYS O 2815 -112.49 70.97 -48.63
CA LYS O 2815 -112.17 72.37 -48.43
C LYS O 2815 -110.84 72.74 -49.06
N ALA O 2816 -109.87 71.82 -49.10
CA ALA O 2816 -108.62 72.09 -49.79
C ALA O 2816 -108.83 72.26 -51.28
N MET O 2817 -109.61 71.37 -51.91
CA MET O 2817 -109.87 71.53 -53.33
C MET O 2817 -110.60 72.84 -53.62
N ILE O 2818 -111.53 73.23 -52.74
CA ILE O 2818 -112.17 74.54 -52.89
C ILE O 2818 -111.13 75.65 -52.76
N ALA O 2819 -110.16 75.48 -51.87
CA ALA O 2819 -109.09 76.46 -51.75
C ALA O 2819 -108.31 76.58 -53.05
N TRP O 2820 -108.09 75.46 -53.74
CA TRP O 2820 -107.43 75.50 -55.04
C TRP O 2820 -108.37 75.97 -56.15
N GLU O 2821 -109.57 76.42 -55.83
CA GLU O 2821 -110.51 76.95 -56.81
C GLU O 2821 -110.98 75.88 -57.80
N TRP O 2822 -110.73 74.61 -57.49
CA TRP O 2822 -111.27 73.54 -58.30
C TRP O 2822 -112.75 73.35 -57.99
N THR O 2823 -113.57 73.30 -59.04
CA THR O 2823 -115.02 73.22 -58.89
C THR O 2823 -115.51 71.85 -59.33
N VAL O 2824 -116.50 71.33 -58.62
CA VAL O 2824 -117.07 70.00 -58.87
C VAL O 2824 -118.58 70.13 -58.93
N GLU O 2825 -119.19 69.50 -59.93
CA GLU O 2825 -120.62 69.64 -60.17
C GLU O 2825 -121.23 68.28 -60.49
N LYS O 2826 -122.50 68.10 -60.14
CA LYS O 2826 -123.27 66.90 -60.46
C LYS O 2826 -124.07 67.04 -61.75
N ALA O 2827 -123.69 67.96 -62.63
CA ALA O 2827 -124.42 68.13 -63.89
C ALA O 2827 -124.30 66.90 -64.79
N ARG O 2828 -123.38 65.99 -64.50
CA ARG O 2828 -123.21 64.77 -65.27
C ARG O 2828 -123.17 63.58 -64.31
N GLU O 2829 -123.47 62.41 -64.83
CA GLU O 2829 -123.40 61.16 -64.07
C GLU O 2829 -122.32 60.27 -64.68
N GLY O 2830 -121.37 59.85 -63.85
CA GLY O 2830 -120.28 59.02 -64.30
C GLY O 2830 -119.96 57.95 -63.28
N GLU O 2831 -119.26 56.92 -63.74
CA GLU O 2831 -118.89 55.79 -62.89
C GLU O 2831 -117.45 55.93 -62.41
N TYR O 2856 -119.93 44.47 -39.03
CA TYR O 2856 -121.01 44.27 -39.98
C TYR O 2856 -120.48 43.63 -41.26
N ASN O 2857 -121.25 43.71 -42.34
CA ASN O 2857 -120.89 43.09 -43.61
C ASN O 2857 -120.38 44.15 -44.57
N PRO O 2858 -119.08 44.23 -44.85
CA PRO O 2858 -118.59 45.25 -45.79
C PRO O 2858 -118.57 44.79 -47.24
N GLN O 2859 -119.20 45.56 -48.12
CA GLN O 2859 -119.22 45.28 -49.56
C GLN O 2859 -118.94 46.59 -50.31
N PRO O 2860 -117.70 47.05 -50.31
CA PRO O 2860 -117.38 48.33 -50.95
C PRO O 2860 -117.43 48.21 -52.47
N PRO O 2861 -117.92 49.25 -53.16
CA PRO O 2861 -117.82 49.25 -54.63
C PRO O 2861 -116.40 49.60 -55.06
N ASP O 2862 -115.81 48.71 -55.87
CA ASP O 2862 -114.41 48.88 -56.26
C ASP O 2862 -114.26 50.12 -57.13
N LEU O 2863 -113.28 50.96 -56.79
CA LEU O 2863 -112.98 52.17 -57.56
C LEU O 2863 -111.76 52.00 -58.46
N SER O 2864 -111.02 50.89 -58.33
CA SER O 2864 -109.84 50.69 -59.17
C SER O 2864 -110.22 50.56 -60.64
N VAL O 2865 -111.33 49.87 -60.93
CA VAL O 2865 -111.75 49.68 -62.31
C VAL O 2865 -112.00 51.03 -62.98
N VAL O 2866 -112.43 52.02 -62.20
CA VAL O 2866 -112.70 53.33 -62.76
C VAL O 2866 -111.40 53.92 -63.31
N THR O 2867 -111.45 54.37 -64.56
CA THR O 2867 -110.27 54.91 -65.22
C THR O 2867 -109.94 56.30 -64.67
N LEU O 2868 -108.67 56.69 -64.81
CA LEU O 2868 -108.19 57.99 -64.36
C LEU O 2868 -107.43 58.65 -65.50
N SER O 2869 -107.86 59.86 -65.86
CA SER O 2869 -107.15 60.65 -66.83
C SER O 2869 -105.92 61.30 -66.20
N ARG O 2870 -105.00 61.77 -67.04
CA ARG O 2870 -103.74 62.31 -66.54
C ARG O 2870 -103.94 63.63 -65.81
N GLU O 2871 -104.92 64.44 -66.22
CA GLU O 2871 -105.21 65.66 -65.47
C GLU O 2871 -105.75 65.35 -64.08
N LEU O 2872 -106.61 64.32 -63.98
CA LEU O 2872 -107.08 63.89 -62.66
C LEU O 2872 -105.94 63.30 -61.85
N GLN O 2873 -104.98 62.66 -62.52
CA GLN O 2873 -103.78 62.20 -61.83
C GLN O 2873 -102.99 63.39 -61.28
N ALA O 2874 -102.90 64.47 -62.05
CA ALA O 2874 -102.23 65.67 -61.56
C ALA O 2874 -102.96 66.26 -60.36
N MET O 2875 -104.29 66.25 -60.38
CA MET O 2875 -105.07 66.64 -59.21
C MET O 2875 -104.76 65.75 -58.01
N ALA O 2876 -104.69 64.43 -58.20
CA ALA O 2876 -104.32 63.55 -57.10
C ALA O 2876 -102.93 63.88 -56.58
N GLU O 2877 -102.01 64.19 -57.48
CA GLU O 2877 -100.64 64.54 -57.07
C GLU O 2877 -100.64 65.81 -56.24
N GLN O 2878 -101.42 66.82 -56.63
CA GLN O 2878 -101.50 68.06 -55.85
C GLN O 2878 -102.15 67.82 -54.50
N LEU O 2879 -103.17 66.97 -54.47
CA LEU O 2879 -103.84 66.67 -53.20
C LEU O 2879 -102.88 65.94 -52.27
N ALA O 2880 -102.06 65.05 -52.83
CA ALA O 2880 -101.03 64.38 -52.03
C ALA O 2880 -99.93 65.36 -51.62
N GLU O 2881 -99.66 66.36 -52.46
CA GLU O 2881 -98.79 67.45 -52.05
C GLU O 2881 -99.31 68.09 -50.78
N ASN O 2882 -100.60 68.40 -50.75
CA ASN O 2882 -101.19 69.00 -49.55
C ASN O 2882 -101.13 68.05 -48.36
N TYR O 2883 -101.40 66.76 -48.58
CA TYR O 2883 -101.26 65.80 -47.50
C TYR O 2883 -99.86 65.80 -46.93
N HIS O 2884 -98.85 65.79 -47.81
CA HIS O 2884 -97.46 65.81 -47.35
C HIS O 2884 -97.15 67.12 -46.63
N ASN O 2885 -97.74 68.22 -47.08
CA ASN O 2885 -97.52 69.50 -46.39
C ASN O 2885 -98.04 69.43 -44.96
N THR O 2886 -99.28 68.97 -44.78
CA THR O 2886 -99.84 68.86 -43.43
C THR O 2886 -99.03 67.90 -42.58
N TRP O 2887 -98.69 66.74 -43.14
CA TRP O 2887 -97.91 65.73 -42.42
C TRP O 2887 -96.56 66.30 -42.00
N GLY O 2888 -95.91 67.01 -42.91
CA GLY O 2888 -94.61 67.58 -42.61
C GLY O 2888 -94.68 68.65 -41.55
N ARG O 2889 -95.73 69.48 -41.56
CA ARG O 2889 -95.84 70.48 -40.50
C ARG O 2889 -96.15 69.84 -39.15
N LYS O 2890 -96.99 68.81 -39.13
CA LYS O 2890 -97.20 68.10 -37.87
C LYS O 2890 -95.88 67.55 -37.33
N LYS O 2891 -95.09 66.90 -38.19
CA LYS O 2891 -93.79 66.40 -37.76
C LYS O 2891 -92.83 67.53 -37.44
N LYS O 2892 -93.05 68.71 -38.01
CA LYS O 2892 -92.18 69.86 -37.74
C LYS O 2892 -92.44 70.42 -36.35
N GLN O 2893 -93.70 70.56 -35.97
CA GLN O 2893 -94.00 70.90 -34.58
C GLN O 2893 -93.58 69.80 -33.63
N GLU O 2894 -93.62 68.54 -34.08
CA GLU O 2894 -93.06 67.46 -33.27
C GLU O 2894 -91.57 67.66 -33.04
N LEU O 2895 -90.83 68.02 -34.09
CA LEU O 2895 -89.41 68.31 -33.94
C LEU O 2895 -89.18 69.48 -33.00
N GLU O 2896 -90.00 70.53 -33.11
CA GLU O 2896 -89.90 71.64 -32.18
C GLU O 2896 -90.09 71.18 -30.74
N ALA O 2897 -91.08 70.31 -30.52
CA ALA O 2897 -91.30 69.78 -29.17
C ALA O 2897 -90.10 68.97 -28.69
N LYS O 2898 -89.54 68.14 -29.56
CA LYS O 2898 -88.33 67.40 -29.22
C LYS O 2898 -87.15 68.32 -28.97
N GLY O 2899 -87.19 69.54 -29.49
CA GLY O 2899 -86.08 70.47 -29.31
C GLY O 2899 -84.81 70.04 -30.00
N GLY O 2900 -84.92 69.42 -31.17
CA GLY O 2900 -83.74 69.03 -31.92
C GLY O 2900 -84.02 67.96 -32.95
N GLY O 2901 -83.08 67.78 -33.88
CA GLY O 2901 -83.22 66.77 -34.91
C GLY O 2901 -84.09 67.24 -36.06
N SER O 2902 -84.11 66.43 -37.11
CA SER O 2902 -84.92 66.69 -38.29
C SER O 2902 -85.56 65.40 -38.76
N HIS O 2903 -86.78 65.51 -39.29
CA HIS O 2903 -87.48 64.34 -39.80
C HIS O 2903 -86.82 63.87 -41.10
N PRO O 2904 -86.49 62.58 -41.23
CA PRO O 2904 -85.90 62.11 -42.49
C PRO O 2904 -86.76 62.40 -43.69
N LEU O 2905 -88.08 62.24 -43.56
CA LEU O 2905 -89.00 62.46 -44.68
C LEU O 2905 -89.59 63.87 -44.64
N LEU O 2906 -88.70 64.85 -44.64
CA LEU O 2906 -89.08 66.26 -44.67
C LEU O 2906 -88.90 66.87 -46.06
N VAL O 2907 -88.64 66.06 -47.06
CA VAL O 2907 -88.33 66.52 -48.41
C VAL O 2907 -89.61 66.83 -49.19
N PRO O 2908 -89.53 67.60 -50.27
CA PRO O 2908 -90.73 67.91 -51.06
C PRO O 2908 -91.34 66.68 -51.70
N TYR O 2909 -92.67 66.72 -51.78
CA TYR O 2909 -93.44 65.67 -52.47
C TYR O 2909 -92.78 65.26 -53.77
N ASP O 2910 -92.57 66.22 -54.68
CA ASP O 2910 -92.01 65.88 -55.99
C ASP O 2910 -90.67 65.19 -55.85
N THR O 2911 -89.88 65.59 -54.86
CA THR O 2911 -88.56 64.98 -54.67
C THR O 2911 -88.69 63.53 -54.19
N LEU O 2912 -89.73 63.23 -53.41
CA LEU O 2912 -89.90 61.87 -52.93
C LEU O 2912 -89.86 60.87 -54.09
N THR O 2913 -89.34 59.69 -53.81
CA THR O 2913 -89.34 58.61 -54.79
C THR O 2913 -90.76 58.10 -55.01
N ALA O 2914 -91.03 57.65 -56.24
CA ALA O 2914 -92.39 57.29 -56.61
C ALA O 2914 -93.01 56.30 -55.63
N LYS O 2915 -92.21 55.37 -55.09
CA LYS O 2915 -92.72 54.43 -54.11
C LYS O 2915 -93.21 55.15 -52.86
N GLU O 2916 -92.46 56.15 -52.40
CA GLU O 2916 -92.91 56.94 -51.26
C GLU O 2916 -94.13 57.79 -51.63
N LYS O 2917 -94.22 58.20 -52.89
CA LYS O 2917 -95.38 58.96 -53.35
C LYS O 2917 -96.66 58.16 -53.21
N ALA O 2918 -96.56 56.84 -53.35
CA ALA O 2918 -97.75 56.00 -53.44
C ALA O 2918 -98.66 56.16 -52.22
N ARG O 2919 -98.09 56.03 -51.02
CA ARG O 2919 -98.88 56.02 -49.80
C ARG O 2919 -99.93 57.11 -49.80
N ASP O 2920 -99.62 58.26 -50.40
CA ASP O 2920 -100.57 59.37 -50.43
C ASP O 2920 -101.29 59.46 -51.77
N ARG O 2921 -100.66 58.99 -52.85
CA ARG O 2921 -101.34 59.07 -54.13
C ARG O 2921 -102.59 58.22 -54.12
N GLU O 2922 -102.52 57.04 -53.49
CA GLU O 2922 -103.74 56.23 -53.37
C GLU O 2922 -104.79 56.96 -52.53
N LYS O 2923 -104.37 57.55 -51.42
CA LYS O 2923 -105.34 58.20 -50.53
C LYS O 2923 -106.00 59.38 -51.21
N ALA O 2924 -105.34 59.98 -52.20
CA ALA O 2924 -105.94 61.07 -52.97
C ALA O 2924 -106.82 60.53 -54.10
N GLN O 2925 -106.31 59.56 -54.85
CA GLN O 2925 -107.03 59.11 -56.04
C GLN O 2925 -108.27 58.32 -55.67
N GLU O 2926 -108.30 57.71 -54.49
CA GLU O 2926 -109.52 57.05 -54.06
C GLU O 2926 -110.65 58.06 -53.89
N LEU O 2927 -110.37 59.18 -53.23
CA LEU O 2927 -111.38 60.23 -53.09
C LEU O 2927 -111.77 60.79 -54.45
N LEU O 2928 -110.79 61.01 -55.32
CA LEU O 2928 -111.11 61.54 -56.65
C LEU O 2928 -111.98 60.57 -57.44
N LYS O 2929 -111.67 59.28 -57.36
CA LYS O 2929 -112.48 58.25 -58.03
C LYS O 2929 -113.89 58.23 -57.46
N PHE O 2930 -114.04 58.38 -56.14
CA PHE O 2930 -115.37 58.41 -55.57
C PHE O 2930 -116.14 59.63 -56.06
N LEU O 2931 -115.47 60.78 -56.18
CA LEU O 2931 -116.09 61.95 -56.78
C LEU O 2931 -116.62 61.61 -58.16
N GLN O 2932 -115.77 60.99 -58.99
CA GLN O 2932 -116.19 60.66 -60.35
C GLN O 2932 -117.38 59.70 -60.34
N MET O 2933 -117.36 58.71 -59.46
CA MET O 2933 -118.45 57.75 -59.40
C MET O 2933 -119.76 58.43 -59.01
N ASN O 2934 -119.70 59.34 -58.04
CA ASN O 2934 -120.89 60.12 -57.70
C ASN O 2934 -121.35 60.93 -58.90
N GLY O 2935 -120.41 61.48 -59.66
CA GLY O 2935 -120.70 62.31 -60.82
C GLY O 2935 -119.97 63.63 -60.82
N TYR O 2936 -119.25 63.95 -59.76
CA TYR O 2936 -118.51 65.20 -59.69
C TYR O 2936 -117.35 65.21 -60.68
N ALA O 2937 -117.13 66.37 -61.30
CA ALA O 2937 -116.04 66.55 -62.25
C ALA O 2937 -115.18 67.70 -61.76
N VAL O 2938 -113.95 67.38 -61.34
CA VAL O 2938 -113.03 68.42 -60.89
C VAL O 2938 -112.63 69.27 -62.08
N THR O 2939 -112.88 70.57 -62.00
CA THR O 2939 -112.59 71.49 -63.07
C THR O 2939 -111.13 71.94 -62.95
N ARG O 2940 -110.31 71.52 -63.92
CA ARG O 2940 -108.89 71.86 -63.91
C ARG O 2940 -108.67 73.36 -64.07
N GLY O 2941 -109.41 74.00 -64.96
CA GLY O 2941 -109.23 75.41 -65.22
C GLY O 2941 -107.92 75.70 -65.92
N LEU O 2942 -106.99 76.34 -65.20
CA LEU O 2942 -105.68 76.64 -65.78
C LEU O 2942 -104.92 75.38 -66.12
N LYS O 2943 -105.10 74.32 -65.32
CA LYS O 2943 -104.34 73.10 -65.54
C LYS O 2943 -104.77 72.39 -66.82
N ASP O 2944 -106.01 72.60 -67.26
CA ASP O 2944 -106.41 72.09 -68.57
C ASP O 2944 -105.52 72.64 -69.68
N MET O 2945 -105.32 73.96 -69.71
CA MET O 2945 -104.44 74.56 -70.70
C MET O 2945 -102.98 74.20 -70.47
N GLU O 2946 -102.58 74.05 -69.19
CA GLU O 2946 -101.21 73.63 -68.91
C GLU O 2946 -100.92 72.25 -69.50
N LEU O 2947 -101.86 71.32 -69.38
CA LEU O 2947 -101.64 69.94 -69.78
C LEU O 2947 -101.89 69.79 -71.28
N ASP O 2948 -100.81 69.53 -72.03
CA ASP O 2948 -100.89 69.25 -73.46
C ASP O 2948 -99.49 68.99 -73.99
N THR O 2949 -98.95 69.90 -74.80
CA THR O 2949 -97.57 69.81 -75.27
C THR O 2949 -97.39 68.45 -75.96
N SER O 2950 -96.15 68.04 -76.22
CA SER O 2950 -95.86 66.72 -76.76
C SER O 2950 -94.42 66.36 -76.44
N SER O 2951 -94.10 65.07 -76.60
CA SER O 2951 -92.80 64.56 -76.17
C SER O 2951 -91.65 65.35 -76.81
N ILE O 2952 -91.80 65.74 -78.07
CA ILE O 2952 -90.73 66.45 -78.75
C ILE O 2952 -90.43 67.77 -78.04
N GLU O 2953 -91.48 68.49 -77.65
CA GLU O 2953 -91.28 69.75 -76.93
C GLU O 2953 -90.82 69.49 -75.50
N LYS O 2954 -91.22 68.35 -74.92
CA LYS O 2954 -90.81 68.01 -73.57
C LYS O 2954 -89.34 67.61 -73.49
N ARG O 2955 -88.74 67.22 -74.61
CA ARG O 2955 -87.37 66.72 -74.59
C ARG O 2955 -86.42 67.73 -73.93
N PHE O 2956 -85.46 67.19 -73.17
CA PHE O 2956 -84.50 68.03 -72.45
C PHE O 2956 -83.71 68.90 -73.41
N ALA O 2957 -83.21 68.32 -74.50
CA ALA O 2957 -82.43 69.09 -75.45
C ALA O 2957 -83.24 70.21 -76.09
N PHE O 2958 -84.50 69.94 -76.42
CA PHE O 2958 -85.37 70.98 -76.97
C PHE O 2958 -85.56 72.12 -75.97
N GLY O 2959 -85.81 71.79 -74.70
CA GLY O 2959 -85.94 72.83 -73.69
C GLY O 2959 -84.66 73.63 -73.52
N PHE O 2960 -83.53 72.93 -73.50
CA PHE O 2960 -82.24 73.59 -73.34
C PHE O 2960 -81.98 74.55 -74.50
N LEU O 2961 -82.30 74.13 -75.73
CA LEU O 2961 -82.15 75.00 -76.88
C LEU O 2961 -83.09 76.20 -76.83
N GLN O 2962 -84.34 76.02 -76.36
CA GLN O 2962 -85.20 77.18 -76.16
C GLN O 2962 -84.56 78.17 -75.20
N GLN O 2963 -84.04 77.69 -74.08
CA GLN O 2963 -83.42 78.60 -73.12
C GLN O 2963 -82.20 79.29 -73.72
N LEU O 2964 -81.40 78.55 -74.48
CA LEU O 2964 -80.22 79.16 -75.11
C LEU O 2964 -80.63 80.24 -76.10
N LEU O 2965 -81.69 80.00 -76.87
CA LEU O 2965 -82.14 81.01 -77.82
C LEU O 2965 -82.70 82.24 -77.12
N ARG O 2966 -83.41 82.05 -76.01
CA ARG O 2966 -83.87 83.20 -75.23
C ARG O 2966 -82.67 84.01 -74.73
N TRP O 2967 -81.63 83.32 -74.27
CA TRP O 2967 -80.45 84.05 -73.80
C TRP O 2967 -79.74 84.74 -74.95
N MET O 2968 -79.80 84.17 -76.16
CA MET O 2968 -79.30 84.88 -77.33
C MET O 2968 -80.09 86.16 -77.58
N ASP O 2969 -81.41 86.10 -77.41
CA ASP O 2969 -82.23 87.30 -77.55
C ASP O 2969 -81.81 88.37 -76.55
N ILE O 2970 -81.53 87.96 -75.30
CA ILE O 2970 -81.03 88.92 -74.31
C ILE O 2970 -79.66 89.44 -74.71
N SER O 2971 -78.84 88.57 -75.31
CA SER O 2971 -77.49 88.95 -75.72
C SER O 2971 -77.53 90.05 -76.76
N GLN O 2972 -78.43 89.94 -77.73
CA GLN O 2972 -78.57 91.01 -78.71
C GLN O 2972 -78.83 92.35 -78.01
N GLU O 2973 -79.73 92.35 -77.04
CA GLU O 2973 -80.07 93.59 -76.36
C GLU O 2973 -78.86 94.18 -75.64
N PHE O 2974 -78.19 93.39 -74.79
CA PHE O 2974 -77.14 94.05 -74.01
C PHE O 2974 -75.90 94.32 -74.85
N ILE O 2975 -75.65 93.56 -75.91
CA ILE O 2975 -74.54 93.90 -76.80
C ILE O 2975 -74.84 95.18 -77.55
N ALA O 2976 -76.10 95.39 -77.93
CA ALA O 2976 -76.47 96.67 -78.54
C ALA O 2976 -76.25 97.82 -77.56
N HIS O 2977 -76.61 97.61 -76.29
CA HIS O 2977 -76.37 98.64 -75.28
C HIS O 2977 -74.87 98.94 -75.15
N LEU O 2978 -74.05 97.90 -75.17
CA LEU O 2978 -72.60 98.10 -75.10
C LEU O 2978 -72.10 98.86 -76.31
N GLU O 2979 -72.61 98.53 -77.50
CA GLU O 2979 -72.28 99.30 -78.70
C GLU O 2979 -72.61 100.77 -78.50
N ALA O 2980 -73.80 101.07 -78.00
CA ALA O 2980 -74.21 102.46 -77.82
C ALA O 2980 -73.27 103.19 -76.85
N VAL O 2981 -72.99 102.58 -75.69
CA VAL O 2981 -72.16 103.26 -74.70
C VAL O 2981 -70.75 103.46 -75.25
N VAL O 2982 -70.20 102.46 -75.96
CA VAL O 2982 -68.89 102.62 -76.56
C VAL O 2982 -68.90 103.75 -77.58
N SER O 2983 -69.97 103.85 -78.37
CA SER O 2983 -70.07 104.91 -79.36
C SER O 2983 -70.07 106.28 -78.71
N SER O 2984 -70.86 106.45 -77.64
CA SER O 2984 -70.90 107.74 -76.97
C SER O 2984 -71.29 107.52 -75.51
N GLY O 2985 -70.95 108.50 -74.67
CA GLY O 2985 -71.23 108.40 -73.25
C GLY O 2985 -70.60 107.16 -72.64
N ARG O 2986 -69.28 107.03 -72.81
CA ARG O 2986 -68.62 105.78 -72.41
C ARG O 2986 -68.78 105.51 -70.93
N VAL O 2987 -68.64 106.53 -70.08
CA VAL O 2987 -68.79 106.33 -68.65
C VAL O 2987 -70.25 106.10 -68.31
N GLU O 2988 -70.56 104.86 -67.92
CA GLU O 2988 -71.92 104.49 -67.55
C GLU O 2988 -71.83 103.39 -66.49
N LYS O 2989 -72.99 103.03 -65.94
CA LYS O 2989 -73.13 101.91 -65.03
C LYS O 2989 -73.94 100.84 -65.76
N SER O 2990 -73.23 99.87 -66.33
CA SER O 2990 -73.86 98.86 -67.17
C SER O 2990 -74.97 98.15 -66.41
N PRO O 2991 -76.25 98.38 -66.76
CA PRO O 2991 -77.33 97.63 -66.09
C PRO O 2991 -77.28 96.13 -66.36
N HIS O 2992 -76.58 95.70 -67.41
CA HIS O 2992 -76.54 94.30 -67.81
C HIS O 2992 -75.23 93.62 -67.43
N GLU O 2993 -74.58 94.08 -66.36
CA GLU O 2993 -73.31 93.47 -65.96
C GLU O 2993 -73.51 92.00 -65.60
N GLN O 2994 -74.56 91.68 -64.83
CA GLN O 2994 -74.81 90.30 -64.46
C GLN O 2994 -75.11 89.45 -65.69
N GLU O 2995 -75.91 89.97 -66.62
CA GLU O 2995 -76.21 89.22 -67.83
C GLU O 2995 -74.95 88.96 -68.65
N ILE O 2996 -74.09 89.98 -68.80
CA ILE O 2996 -72.86 89.80 -69.56
C ILE O 2996 -71.98 88.74 -68.91
N LYS O 2997 -71.80 88.84 -67.58
CA LYS O 2997 -70.94 87.89 -66.90
C LYS O 2997 -71.49 86.48 -66.99
N PHE O 2998 -72.79 86.30 -66.74
CA PHE O 2998 -73.38 84.98 -66.90
C PHE O 2998 -73.19 84.44 -68.31
N PHE O 2999 -73.57 85.22 -69.32
CA PHE O 2999 -73.38 84.78 -70.70
C PHE O 2999 -71.95 84.29 -70.91
N ALA O 3000 -70.98 85.21 -70.78
CA ALA O 3000 -69.60 84.88 -71.14
C ALA O 3000 -69.06 83.72 -70.32
N LYS O 3001 -69.25 83.74 -69.00
CA LYS O 3001 -68.59 82.76 -68.15
C LYS O 3001 -69.24 81.39 -68.25
N ILE O 3002 -70.57 81.32 -68.29
CA ILE O 3002 -71.30 80.07 -68.18
C ILE O 3002 -71.72 79.54 -69.55
N LEU O 3003 -72.45 80.35 -70.32
CA LEU O 3003 -73.15 79.80 -71.48
C LEU O 3003 -72.18 79.30 -72.53
N LEU O 3004 -71.12 80.06 -72.80
CA LEU O 3004 -70.18 79.66 -73.84
C LEU O 3004 -69.48 78.36 -73.51
N PRO O 3005 -68.86 78.18 -72.34
CA PRO O 3005 -68.31 76.85 -72.00
C PRO O 3005 -69.40 75.78 -72.01
N LEU O 3006 -70.58 76.10 -71.51
CA LEU O 3006 -71.67 75.13 -71.51
C LEU O 3006 -72.06 74.73 -72.92
N ILE O 3007 -72.24 75.71 -73.81
CA ILE O 3007 -72.57 75.42 -75.19
C ILE O 3007 -71.50 74.53 -75.82
N ASN O 3008 -70.24 74.93 -75.68
CA ASN O 3008 -69.14 74.19 -76.30
C ASN O 3008 -69.12 72.75 -75.81
N GLN O 3009 -69.12 72.56 -74.48
CA GLN O 3009 -69.00 71.22 -73.93
C GLN O 3009 -70.21 70.37 -74.30
N TYR O 3010 -71.42 70.93 -74.17
CA TYR O 3010 -72.62 70.15 -74.46
C TYR O 3010 -72.65 69.69 -75.90
N PHE O 3011 -72.37 70.59 -76.85
CA PHE O 3011 -72.44 70.19 -78.25
C PHE O 3011 -71.26 69.33 -78.68
N THR O 3012 -70.09 69.49 -78.06
CA THR O 3012 -69.02 68.54 -78.30
C THR O 3012 -69.41 67.15 -77.82
N ASN O 3013 -70.08 67.07 -76.67
CA ASN O 3013 -70.49 65.77 -76.14
C ASN O 3013 -71.55 65.13 -77.03
N HIS O 3014 -72.60 65.89 -77.38
CA HIS O 3014 -73.74 65.35 -78.11
C HIS O 3014 -73.79 65.80 -79.57
N CYS O 3015 -72.63 65.94 -80.21
CA CYS O 3015 -72.62 66.29 -81.63
C CYS O 3015 -73.33 65.23 -82.47
N LEU O 3016 -73.06 63.96 -82.19
CA LEU O 3016 -73.61 62.89 -83.02
C LEU O 3016 -75.13 62.86 -82.98
N TYR O 3017 -75.71 63.13 -81.81
CA TYR O 3017 -77.17 63.04 -81.68
C TYR O 3017 -77.87 64.03 -82.60
N PHE O 3018 -77.36 65.26 -82.67
CA PHE O 3018 -77.98 66.27 -83.52
C PHE O 3018 -77.74 66.04 -85.00
N LEU O 3019 -76.70 65.29 -85.35
CA LEU O 3019 -76.40 65.01 -86.74
C LEU O 3019 -77.09 63.74 -87.25
N SER O 3020 -77.63 62.93 -86.35
CA SER O 3020 -78.30 61.69 -86.76
C SER O 3020 -79.64 62.00 -87.41
N THR O 3021 -80.04 61.13 -88.33
CA THR O 3021 -81.33 61.19 -88.99
C THR O 3021 -82.04 59.85 -88.85
N PRO O 3022 -83.38 59.82 -88.90
CA PRO O 3022 -84.08 58.55 -88.65
C PRO O 3022 -83.65 57.43 -89.57
N ALA O 3023 -83.32 57.74 -90.83
CA ALA O 3023 -82.89 56.70 -91.76
C ALA O 3023 -81.58 56.07 -91.31
N LYS O 3024 -80.58 56.90 -91.00
CA LYS O 3024 -79.27 56.44 -90.56
C LYS O 3024 -78.88 57.19 -89.30
N VAL O 3025 -78.48 56.44 -88.27
CA VAL O 3025 -78.16 57.02 -86.97
C VAL O 3025 -76.65 56.93 -86.79
N LEU O 3026 -75.98 58.08 -86.92
CA LEU O 3026 -74.54 58.11 -86.65
C LEU O 3026 -74.25 57.91 -85.16
N GLY O 3027 -75.07 58.50 -84.30
CA GLY O 3027 -74.85 58.40 -82.88
C GLY O 3027 -75.17 57.02 -82.33
N SER O 3028 -74.70 56.78 -81.10
CA SER O 3028 -74.91 55.48 -80.46
C SER O 3028 -76.38 55.23 -80.18
N GLY O 3029 -77.09 56.24 -79.68
CA GLY O 3029 -78.49 56.06 -79.33
C GLY O 3029 -79.32 57.32 -79.48
N GLY O 3030 -80.48 57.19 -80.13
CA GLY O 3030 -81.39 58.30 -80.29
C GLY O 3030 -81.08 59.16 -81.51
N HIS O 3031 -82.11 59.86 -81.98
CA HIS O 3031 -82.00 60.76 -83.12
C HIS O 3031 -82.67 62.08 -82.78
N ALA O 3032 -82.06 63.17 -83.25
CA ALA O 3032 -82.59 64.50 -83.00
C ALA O 3032 -83.80 64.77 -83.86
N SER O 3033 -84.65 65.68 -83.39
CA SER O 3033 -85.86 66.04 -84.11
C SER O 3033 -85.57 67.17 -85.09
N ASN O 3034 -86.47 67.32 -86.07
CA ASN O 3034 -86.35 68.40 -87.04
C ASN O 3034 -86.40 69.76 -86.34
N LYS O 3035 -87.27 69.89 -85.33
CA LYS O 3035 -87.35 71.16 -84.60
C LYS O 3035 -86.04 71.44 -83.86
N GLU O 3036 -85.43 70.41 -83.28
CA GLU O 3036 -84.15 70.60 -82.60
C GLU O 3036 -83.06 71.01 -83.58
N LYS O 3037 -83.04 70.40 -84.77
CA LYS O 3037 -82.07 70.80 -85.79
C LYS O 3037 -82.30 72.25 -86.21
N GLU O 3038 -83.56 72.64 -86.38
CA GLU O 3038 -83.88 74.03 -86.69
C GLU O 3038 -83.38 74.95 -85.59
N MET O 3039 -83.57 74.57 -84.33
CA MET O 3039 -83.17 75.42 -83.22
C MET O 3039 -81.66 75.57 -83.16
N ILE O 3040 -80.92 74.49 -83.40
CA ILE O 3040 -79.46 74.59 -83.35
C ILE O 3040 -78.96 75.42 -84.53
N THR O 3041 -79.58 75.29 -85.70
CA THR O 3041 -79.21 76.14 -86.83
C THR O 3041 -79.45 77.61 -86.50
N SER O 3042 -80.60 77.91 -85.90
CA SER O 3042 -80.90 79.29 -85.53
C SER O 3042 -79.91 79.80 -84.50
N LEU O 3043 -79.53 78.95 -83.55
CA LEU O 3043 -78.53 79.35 -82.55
C LEU O 3043 -77.20 79.70 -83.22
N PHE O 3044 -76.76 78.85 -84.16
CA PHE O 3044 -75.50 79.11 -84.83
C PHE O 3044 -75.55 80.43 -85.60
N CYS O 3045 -76.61 80.63 -86.39
CA CYS O 3045 -76.73 81.87 -87.15
C CYS O 3045 -76.80 83.10 -86.24
N LYS O 3046 -77.57 83.02 -85.16
CA LYS O 3046 -77.69 84.16 -84.26
C LYS O 3046 -76.36 84.47 -83.60
N LEU O 3047 -75.61 83.45 -83.17
CA LEU O 3047 -74.32 83.69 -82.54
C LEU O 3047 -73.33 84.30 -83.53
N ALA O 3048 -73.33 83.80 -84.77
CA ALA O 3048 -72.47 84.39 -85.79
C ALA O 3048 -72.81 85.85 -86.04
N ALA O 3049 -74.11 86.16 -86.16
CA ALA O 3049 -74.52 87.55 -86.36
C ALA O 3049 -74.11 88.41 -85.17
N LEU O 3050 -74.25 87.88 -83.96
CA LEU O 3050 -73.85 88.63 -82.77
C LEU O 3050 -72.37 88.97 -82.80
N VAL O 3051 -71.53 87.98 -83.14
CA VAL O 3051 -70.09 88.22 -83.13
C VAL O 3051 -69.61 88.97 -84.37
N ARG O 3052 -70.46 89.13 -85.37
CA ARG O 3052 -70.06 89.84 -86.58
C ARG O 3052 -69.59 91.25 -86.25
N HIS O 3053 -68.44 91.64 -86.79
CA HIS O 3053 -67.88 92.98 -86.66
C HIS O 3053 -67.80 93.47 -85.23
N ARG O 3054 -67.78 92.55 -84.25
CA ARG O 3054 -67.80 92.91 -82.84
C ARG O 3054 -66.76 92.14 -82.03
N VAL O 3055 -65.69 91.70 -82.69
CA VAL O 3055 -64.69 90.88 -82.00
C VAL O 3055 -64.00 91.67 -80.89
N SER O 3056 -63.73 92.95 -81.15
CA SER O 3056 -62.99 93.76 -80.17
C SER O 3056 -63.75 93.86 -78.86
N LEU O 3057 -65.08 94.08 -78.93
CA LEU O 3057 -65.86 94.22 -77.70
C LEU O 3057 -65.79 92.94 -76.88
N PHE O 3058 -65.93 91.79 -77.53
CA PHE O 3058 -65.82 90.52 -76.80
C PHE O 3058 -64.43 90.36 -76.20
N GLY O 3059 -63.39 90.74 -76.96
CA GLY O 3059 -62.05 90.74 -76.41
C GLY O 3059 -61.64 89.35 -75.96
N THR O 3060 -61.41 89.21 -74.65
CA THR O 3060 -60.96 87.93 -74.12
C THR O 3060 -61.96 86.81 -74.40
N ASP O 3061 -63.23 87.16 -74.60
CA ASP O 3061 -64.26 86.17 -74.89
C ASP O 3061 -64.38 85.85 -76.37
N ALA O 3062 -63.67 86.57 -77.23
CA ALA O 3062 -63.74 86.29 -78.67
C ALA O 3062 -63.25 84.88 -78.99
N PRO O 3063 -62.12 84.41 -78.44
CA PRO O 3063 -61.74 83.01 -78.69
C PRO O 3063 -62.81 82.01 -78.27
N ALA O 3064 -63.45 82.24 -77.13
CA ALA O 3064 -64.51 81.34 -76.69
C ALA O 3064 -65.68 81.35 -77.65
N VAL O 3065 -66.07 82.54 -78.12
CA VAL O 3065 -67.18 82.64 -79.07
C VAL O 3065 -66.82 81.92 -80.37
N VAL O 3066 -65.59 82.08 -80.84
CA VAL O 3066 -65.18 81.43 -82.09
C VAL O 3066 -65.17 79.92 -81.92
N ASN O 3067 -64.69 79.43 -80.77
CA ASN O 3067 -64.71 78.00 -80.52
C ASN O 3067 -66.13 77.46 -80.48
N CYS O 3068 -67.04 78.20 -79.84
CA CYS O 3068 -68.44 77.78 -79.81
C CYS O 3068 -69.02 77.74 -81.21
N LEU O 3069 -68.67 78.72 -82.04
CA LEU O 3069 -69.13 78.70 -83.42
C LEU O 3069 -68.58 77.49 -84.17
N HIS O 3070 -67.31 77.15 -83.93
CA HIS O 3070 -66.74 75.95 -84.54
C HIS O 3070 -67.54 74.71 -84.16
N ILE O 3071 -67.82 74.56 -82.86
CA ILE O 3071 -68.53 73.37 -82.39
C ILE O 3071 -69.93 73.32 -82.99
N LEU O 3072 -70.63 74.45 -83.00
CA LEU O 3072 -71.97 74.49 -83.56
C LEU O 3072 -71.95 74.18 -85.05
N ALA O 3073 -70.96 74.69 -85.77
CA ALA O 3073 -70.85 74.39 -87.20
C ALA O 3073 -70.64 72.90 -87.42
N ARG O 3074 -69.79 72.28 -86.59
CA ARG O 3074 -69.60 70.83 -86.71
C ARG O 3074 -70.89 70.08 -86.44
N SER O 3075 -71.66 70.53 -85.44
CA SER O 3075 -72.86 69.84 -85.01
C SER O 3075 -74.11 70.27 -85.77
N LEU O 3076 -73.98 71.12 -86.78
CA LEU O 3076 -75.12 71.67 -87.51
C LEU O 3076 -75.48 70.74 -88.66
N ASP O 3077 -76.75 70.29 -88.69
CA ASP O 3077 -77.28 69.56 -89.82
C ASP O 3077 -78.10 70.52 -90.68
N ALA O 3078 -77.74 70.65 -91.95
CA ALA O 3078 -78.32 71.67 -92.82
C ALA O 3078 -79.24 71.11 -93.90
N ARG O 3079 -79.00 69.88 -94.36
CA ARG O 3079 -79.85 69.33 -95.41
C ARG O 3079 -81.29 69.22 -94.95
N THR O 3080 -81.51 68.70 -93.74
CA THR O 3080 -82.86 68.58 -93.22
C THR O 3080 -83.51 69.94 -93.08
N VAL O 3081 -82.76 70.92 -92.57
CA VAL O 3081 -83.31 72.26 -92.38
C VAL O 3081 -83.74 72.85 -93.72
N MET O 3082 -82.88 72.74 -94.74
CA MET O 3082 -83.22 73.31 -96.04
C MET O 3082 -84.39 72.59 -96.68
N LYS O 3083 -84.33 71.26 -96.74
CA LYS O 3083 -85.39 70.51 -97.42
C LYS O 3083 -86.73 70.70 -96.73
N SER O 3084 -86.74 70.68 -95.40
CA SER O 3084 -87.94 70.90 -94.60
C SER O 3084 -87.56 71.73 -93.39
N GLY O 3085 -87.90 73.03 -93.42
CA GLY O 3085 -87.60 73.91 -92.32
C GLY O 3085 -88.33 75.23 -92.45
N PRO O 3086 -88.40 75.99 -91.35
CA PRO O 3086 -89.13 77.26 -91.37
C PRO O 3086 -88.43 78.29 -92.24
N GLU O 3087 -89.24 79.17 -92.83
CA GLU O 3087 -88.71 80.23 -93.68
C GLU O 3087 -87.75 81.12 -92.90
N ILE O 3088 -88.06 81.39 -91.62
CA ILE O 3088 -87.20 82.25 -90.83
C ILE O 3088 -85.81 81.63 -90.66
N VAL O 3089 -85.75 80.33 -90.35
CA VAL O 3089 -84.46 79.67 -90.14
C VAL O 3089 -83.69 79.60 -91.45
N LYS O 3090 -84.37 79.21 -92.53
CA LYS O 3090 -83.70 79.11 -93.83
C LYS O 3090 -83.15 80.46 -94.26
N ALA O 3091 -83.96 81.52 -94.09
CA ALA O 3091 -83.49 82.86 -94.42
C ALA O 3091 -82.35 83.29 -93.52
N GLY O 3092 -82.37 82.87 -92.26
CA GLY O 3092 -81.27 83.19 -91.38
C GLY O 3092 -79.95 82.61 -91.85
N LEU O 3093 -79.95 81.35 -92.25
CA LEU O 3093 -78.70 80.74 -92.71
C LEU O 3093 -78.29 81.29 -94.07
N ARG O 3094 -79.25 81.56 -94.95
CA ARG O 3094 -78.94 82.20 -96.22
C ARG O 3094 -78.32 83.57 -95.99
N SER O 3095 -78.84 84.32 -95.03
CA SER O 3095 -78.27 85.62 -94.69
C SER O 3095 -76.88 85.47 -94.11
N PHE O 3096 -76.65 84.43 -93.31
CA PHE O 3096 -75.29 84.18 -92.83
C PHE O 3096 -74.33 84.02 -94.01
N PHE O 3097 -74.68 83.18 -94.98
CA PHE O 3097 -73.80 82.99 -96.13
C PHE O 3097 -73.62 84.28 -96.93
N GLU O 3098 -74.70 85.03 -97.17
CA GLU O 3098 -74.59 86.27 -97.93
C GLU O 3098 -73.71 87.29 -97.21
N SER O 3099 -73.90 87.42 -95.90
CA SER O 3099 -73.07 88.34 -95.12
C SER O 3099 -71.61 87.93 -95.13
N ALA O 3100 -71.35 86.62 -95.03
CA ALA O 3100 -69.98 86.15 -95.14
C ALA O 3100 -69.36 86.53 -96.48
N SER O 3101 -70.12 86.33 -97.56
CA SER O 3101 -69.61 86.70 -98.88
C SER O 3101 -69.32 88.19 -98.95
N GLU O 3102 -70.23 89.02 -98.44
CA GLU O 3102 -70.02 90.46 -98.50
C GLU O 3102 -68.81 90.88 -97.69
N ASP O 3103 -68.64 90.31 -96.49
CA ASP O 3103 -67.50 90.65 -95.66
C ASP O 3103 -66.18 90.22 -96.32
N ILE O 3104 -66.16 89.04 -96.91
CA ILE O 3104 -64.96 88.60 -97.63
C ILE O 3104 -64.66 89.54 -98.79
N GLU O 3105 -65.68 89.96 -99.53
CA GLU O 3105 -65.46 90.91 -100.62
C GLU O 3105 -64.87 92.21 -100.09
N LYS O 3106 -65.44 92.75 -99.02
CA LYS O 3106 -64.93 93.99 -98.46
C LYS O 3106 -63.47 93.86 -98.04
N MET O 3107 -63.14 92.76 -97.36
CA MET O 3107 -61.75 92.51 -97.00
C MET O 3107 -60.87 92.43 -98.24
N VAL O 3108 -61.39 91.85 -99.32
CA VAL O 3108 -60.61 91.73 -100.55
C VAL O 3108 -60.28 93.11 -101.11
N GLU O 3109 -61.28 93.99 -101.20
CA GLU O 3109 -61.00 95.34 -101.69
C GLU O 3109 -60.05 96.06 -100.74
N ASN O 3110 -60.20 95.85 -99.44
CA ASN O 3110 -59.31 96.52 -98.49
C ASN O 3110 -57.85 96.10 -98.70
N LEU O 3111 -57.61 94.80 -98.84
CA LEU O 3111 -56.25 94.34 -99.12
C LEU O 3111 -55.75 94.86 -100.46
N ARG O 3112 -56.60 94.83 -101.49
CA ARG O 3112 -56.18 95.34 -102.79
C ARG O 3112 -55.87 96.83 -102.75
N LEU O 3113 -56.44 97.56 -101.80
CA LEU O 3113 -56.20 98.99 -101.66
C LEU O 3113 -56.54 99.72 -102.96
N LYS O 3124 -61.60 103.51 -88.91
CA LYS O 3124 -61.03 102.22 -88.52
C LYS O 3124 -61.99 101.08 -88.90
N GLY O 3125 -62.99 101.41 -89.72
CA GLY O 3125 -63.90 100.37 -90.18
C GLY O 3125 -63.20 99.27 -90.95
N VAL O 3126 -62.23 99.65 -91.78
CA VAL O 3126 -61.48 98.65 -92.55
C VAL O 3126 -60.73 97.72 -91.61
N GLY O 3127 -60.06 98.28 -90.60
CA GLY O 3127 -59.34 97.45 -89.65
C GLY O 3127 -60.26 96.55 -88.85
N GLN O 3128 -61.42 97.07 -88.44
CA GLN O 3128 -62.39 96.26 -87.71
C GLN O 3128 -62.87 95.09 -88.57
N ASN O 3129 -63.18 95.37 -89.84
CA ASN O 3129 -63.61 94.30 -90.74
C ASN O 3129 -62.50 93.28 -90.95
N LEU O 3130 -61.26 93.74 -91.11
CA LEU O 3130 -60.15 92.83 -91.32
C LEU O 3130 -59.94 91.91 -90.12
N THR O 3131 -59.93 92.49 -88.91
CA THR O 3131 -59.73 91.67 -87.73
C THR O 3131 -60.89 90.70 -87.55
N TYR O 3132 -62.13 91.17 -87.73
CA TYR O 3132 -63.27 90.26 -87.67
C TYR O 3132 -63.08 89.09 -88.63
N THR O 3133 -62.80 89.38 -89.90
CA THR O 3133 -62.63 88.32 -90.88
C THR O 3133 -61.56 87.35 -90.41
N THR O 3134 -60.32 87.82 -90.29
CA THR O 3134 -59.19 86.93 -90.03
C THR O 3134 -59.38 86.13 -88.76
N VAL O 3135 -60.04 86.69 -87.74
CA VAL O 3135 -60.11 86.00 -86.47
C VAL O 3135 -61.28 85.03 -86.43
N ALA O 3136 -62.47 85.46 -86.85
CA ALA O 3136 -63.68 84.70 -86.63
C ALA O 3136 -64.31 84.11 -87.90
N LEU O 3137 -64.23 84.79 -89.05
CA LEU O 3137 -65.03 84.40 -90.20
C LEU O 3137 -64.37 83.27 -90.99
N LEU O 3138 -63.14 83.48 -91.46
CA LEU O 3138 -62.46 82.46 -92.24
C LEU O 3138 -62.36 81.13 -91.52
N PRO O 3139 -61.99 81.07 -90.23
CA PRO O 3139 -62.02 79.78 -89.53
C PRO O 3139 -63.41 79.16 -89.48
N VAL O 3140 -64.42 79.96 -89.11
CA VAL O 3140 -65.78 79.43 -88.96
C VAL O 3140 -66.32 78.96 -90.31
N LEU O 3141 -66.14 79.78 -91.34
CA LEU O 3141 -66.60 79.39 -92.67
C LEU O 3141 -65.86 78.17 -93.19
N THR O 3142 -64.55 78.09 -92.94
CA THR O 3142 -63.78 76.92 -93.33
C THR O 3142 -64.32 75.67 -92.65
N THR O 3143 -64.61 75.76 -91.36
CA THR O 3143 -65.15 74.61 -90.63
C THR O 3143 -66.52 74.22 -91.18
N LEU O 3144 -67.37 75.22 -91.45
CA LEU O 3144 -68.70 74.93 -92.00
C LEU O 3144 -68.60 74.21 -93.33
N PHE O 3145 -67.74 74.71 -94.23
CA PHE O 3145 -67.60 74.07 -95.54
C PHE O 3145 -67.01 72.68 -95.42
N GLN O 3146 -66.03 72.50 -94.53
CA GLN O 3146 -65.48 71.17 -94.30
C GLN O 3146 -66.54 70.21 -93.81
N HIS O 3147 -67.38 70.67 -92.88
CA HIS O 3147 -68.47 69.83 -92.37
C HIS O 3147 -69.43 69.46 -93.48
N ILE O 3148 -69.83 70.43 -94.30
CA ILE O 3148 -70.77 70.15 -95.38
C ILE O 3148 -70.18 69.14 -96.36
N ALA O 3149 -68.92 69.34 -96.75
CA ALA O 3149 -68.28 68.41 -97.68
C ALA O 3149 -68.14 67.03 -97.07
N GLN O 3150 -67.77 66.95 -95.79
CA GLN O 3150 -67.59 65.66 -95.13
C GLN O 3150 -68.90 64.89 -95.10
N HIS O 3151 -70.01 65.58 -94.78
CA HIS O 3151 -71.30 64.91 -94.68
C HIS O 3151 -72.09 64.92 -95.97
N GLN O 3152 -71.48 65.35 -97.09
CA GLN O 3152 -72.11 65.25 -98.40
C GLN O 3152 -73.40 66.05 -98.46
N PHE O 3153 -73.44 67.16 -97.73
CA PHE O 3153 -74.59 68.04 -97.71
C PHE O 3153 -74.55 69.10 -98.80
N GLY O 3154 -73.50 69.09 -99.63
CA GLY O 3154 -73.31 70.19 -100.57
C GLY O 3154 -74.43 70.30 -101.59
N ASP O 3155 -74.88 69.18 -102.15
CA ASP O 3155 -75.87 69.23 -103.21
C ASP O 3155 -77.15 69.89 -102.74
N ASP O 3156 -77.58 69.59 -101.51
CA ASP O 3156 -78.85 70.12 -101.02
C ASP O 3156 -78.69 71.51 -100.40
N VAL O 3157 -77.65 71.68 -99.58
CA VAL O 3157 -77.51 72.93 -98.82
C VAL O 3157 -77.18 74.09 -99.74
N ILE O 3158 -76.21 73.91 -100.63
CA ILE O 3158 -75.68 75.04 -101.43
C ILE O 3158 -76.51 75.07 -102.71
N LEU O 3159 -77.55 75.90 -102.69
CA LEU O 3159 -78.40 76.13 -103.85
C LEU O 3159 -78.88 77.58 -103.85
N ASP O 3160 -79.18 78.07 -105.05
CA ASP O 3160 -79.84 79.37 -105.25
C ASP O 3160 -79.00 80.45 -104.55
N ASP O 3161 -79.58 81.23 -103.63
CA ASP O 3161 -78.85 82.34 -103.03
C ASP O 3161 -77.56 81.86 -102.36
N VAL O 3162 -77.59 80.67 -101.77
CA VAL O 3162 -76.39 80.12 -101.16
C VAL O 3162 -75.31 79.91 -102.23
N GLN O 3163 -75.71 79.38 -103.39
CA GLN O 3163 -74.76 79.21 -104.49
C GLN O 3163 -74.21 80.54 -104.97
N VAL O 3164 -75.07 81.55 -105.06
CA VAL O 3164 -74.61 82.88 -105.50
C VAL O 3164 -73.60 83.45 -104.50
N SER O 3165 -73.89 83.36 -103.21
CA SER O 3165 -72.96 83.83 -102.19
C SER O 3165 -71.67 83.04 -102.16
N CYS O 3166 -71.72 81.74 -102.48
CA CYS O 3166 -70.52 80.92 -102.57
C CYS O 3166 -69.66 81.28 -103.77
N TYR O 3167 -70.27 81.57 -104.92
CA TYR O 3167 -69.54 82.12 -106.05
C TYR O 3167 -68.89 83.46 -105.71
N ARG O 3168 -69.65 84.36 -105.08
CA ARG O 3168 -69.11 85.66 -104.70
C ARG O 3168 -67.93 85.53 -103.76
N THR O 3169 -67.84 84.43 -103.01
CA THR O 3169 -66.71 84.20 -102.12
C THR O 3169 -65.53 83.55 -102.85
N LEU O 3170 -65.75 82.40 -103.49
CA LEU O 3170 -64.73 81.78 -104.31
C LEU O 3170 -63.99 82.80 -105.17
N CYS O 3171 -64.76 83.58 -105.95
CA CYS O 3171 -64.14 84.38 -106.99
C CYS O 3171 -63.34 85.54 -106.38
N SER O 3172 -63.87 86.13 -105.31
CA SER O 3172 -63.15 87.20 -104.63
C SER O 3172 -61.88 86.66 -103.97
N ILE O 3173 -61.94 85.45 -103.43
CA ILE O 3173 -60.74 84.84 -102.85
C ILE O 3173 -59.66 84.69 -103.92
N TYR O 3174 -60.04 84.18 -105.10
CA TYR O 3174 -59.05 84.02 -106.16
C TYR O 3174 -58.50 85.39 -106.60
N SER O 3175 -59.39 86.38 -106.70
CA SER O 3175 -58.94 87.72 -107.09
C SER O 3175 -57.93 88.27 -106.09
N LEU O 3176 -58.19 88.11 -104.79
CA LEU O 3176 -57.23 88.51 -103.79
C LEU O 3176 -55.91 87.76 -103.96
N GLY O 3177 -55.99 86.44 -104.13
CA GLY O 3177 -54.79 85.64 -104.31
C GLY O 3177 -53.94 86.12 -105.47
N THR O 3178 -54.56 86.70 -106.49
CA THR O 3178 -53.76 87.27 -107.59
C THR O 3178 -52.85 88.39 -107.08
N THR O 3179 -53.37 89.27 -106.23
CA THR O 3179 -52.62 90.45 -105.82
C THR O 3179 -51.50 90.09 -104.85
N ARG O 3180 -50.46 90.93 -104.84
CA ARG O 3180 -49.30 90.77 -103.98
C ARG O 3180 -49.25 91.91 -102.99
N ASN O 3181 -49.17 91.59 -101.70
CA ASN O 3181 -49.05 92.61 -100.67
C ASN O 3181 -48.59 91.96 -99.38
N PRO O 3182 -47.83 92.68 -98.55
CA PRO O 3182 -47.22 92.05 -97.37
C PRO O 3182 -48.24 91.43 -96.44
N TYR O 3183 -49.45 92.00 -96.38
CA TYR O 3183 -50.54 91.36 -95.67
C TYR O 3183 -51.00 90.10 -96.38
N VAL O 3184 -50.95 90.11 -97.72
CA VAL O 3184 -51.47 88.99 -98.50
C VAL O 3184 -50.61 87.75 -98.31
N GLU O 3185 -49.28 87.89 -98.31
CA GLU O 3185 -48.47 86.68 -98.07
C GLU O 3185 -48.86 86.01 -96.76
N LYS O 3186 -49.08 86.80 -95.70
CA LYS O 3186 -49.41 86.21 -94.41
C LYS O 3186 -50.84 85.69 -94.35
N LEU O 3187 -51.78 86.30 -95.08
CA LEU O 3187 -53.16 85.85 -95.07
C LEU O 3187 -53.42 84.69 -96.02
N ARG O 3188 -52.50 84.41 -96.94
CA ARG O 3188 -52.72 83.38 -97.95
C ARG O 3188 -52.95 81.99 -97.35
N PRO O 3189 -52.20 81.58 -96.34
CA PRO O 3189 -52.37 80.21 -95.82
C PRO O 3189 -53.78 79.86 -95.39
N ALA O 3190 -54.49 80.78 -94.72
CA ALA O 3190 -55.85 80.50 -94.30
C ALA O 3190 -56.83 80.61 -95.47
N LEU O 3191 -56.58 81.56 -96.37
CA LEU O 3191 -57.45 81.74 -97.52
C LEU O 3191 -57.44 80.50 -98.40
N GLY O 3192 -56.27 79.90 -98.57
CA GLY O 3192 -56.18 78.69 -99.39
C GLY O 3192 -56.98 77.54 -98.81
N GLU O 3193 -56.87 77.33 -97.49
CA GLU O 3193 -57.63 76.25 -96.86
C GLU O 3193 -59.13 76.52 -96.95
N CYS O 3194 -59.54 77.77 -96.74
CA CYS O 3194 -60.95 78.12 -96.89
C CYS O 3194 -61.41 77.83 -98.32
N LEU O 3195 -60.58 78.17 -99.30
CA LEU O 3195 -60.94 77.93 -100.69
C LEU O 3195 -61.05 76.44 -100.98
N ALA O 3196 -60.15 75.64 -100.42
CA ALA O 3196 -60.22 74.20 -100.63
C ALA O 3196 -61.51 73.61 -100.06
N ARG O 3197 -61.86 74.00 -98.83
CA ARG O 3197 -63.11 73.52 -98.25
C ARG O 3197 -64.32 74.00 -99.06
N LEU O 3198 -64.29 75.25 -99.52
CA LEU O 3198 -65.39 75.75 -100.34
C LEU O 3198 -65.51 74.94 -101.62
N ALA O 3199 -64.39 74.64 -102.27
CA ALA O 3199 -64.43 73.85 -103.49
C ALA O 3199 -64.99 72.46 -103.23
N ALA O 3200 -64.57 71.85 -102.12
CA ALA O 3200 -65.14 70.55 -101.76
C ALA O 3200 -66.64 70.65 -101.49
N ALA O 3201 -67.10 71.83 -101.05
CA ALA O 3201 -68.51 71.99 -100.73
C ALA O 3201 -69.35 72.25 -101.97
N MET O 3202 -68.78 72.93 -102.97
CA MET O 3202 -69.56 73.39 -104.12
C MET O 3202 -70.23 72.23 -104.84
N PRO O 3203 -71.49 72.37 -105.25
CA PRO O 3203 -72.16 71.33 -106.05
C PRO O 3203 -72.09 71.53 -107.55
N VAL O 3204 -71.38 72.55 -108.03
CA VAL O 3204 -71.31 72.88 -109.45
C VAL O 3204 -69.85 72.96 -109.86
N ALA O 3205 -69.54 72.40 -111.03
CA ALA O 3205 -68.17 72.39 -111.55
C ALA O 3205 -67.78 73.76 -112.06
N PHE O 3206 -67.38 74.66 -111.15
CA PHE O 3206 -67.04 76.02 -111.55
C PHE O 3206 -65.82 76.07 -112.47
N LEU O 3207 -64.90 75.11 -112.34
CA LEU O 3207 -63.72 75.12 -113.19
C LEU O 3207 -64.02 74.68 -114.61
N GLU O 3208 -65.14 74.01 -114.83
CA GLU O 3208 -65.54 73.58 -116.18
C GLU O 3208 -66.93 74.11 -116.48
N PRO O 3209 -67.09 75.34 -116.96
CA PRO O 3209 -68.43 75.89 -117.21
C PRO O 3209 -69.08 75.48 -118.52
N GLU O 3210 -68.37 74.80 -119.42
CA GLU O 3210 -68.95 74.34 -120.67
C GLU O 3210 -69.80 73.09 -120.51
N LEU O 3211 -69.74 72.43 -119.35
CA LEU O 3211 -70.57 71.26 -119.06
C LEU O 3211 -71.57 71.54 -117.94
N ASN O 3212 -71.74 72.80 -117.56
CA ASN O 3212 -72.58 73.12 -116.40
C ASN O 3212 -74.04 72.76 -116.64
N GLU O 3213 -74.54 72.97 -117.85
CA GLU O 3213 -75.97 72.82 -118.09
C GLU O 3213 -76.46 71.40 -117.88
N TYR O 3214 -75.55 70.42 -117.83
CA TYR O 3214 -75.94 69.06 -117.51
C TYR O 3214 -76.25 68.91 -116.02
N ASN O 3215 -75.67 69.75 -115.18
CA ASN O 3215 -75.84 69.61 -113.73
C ASN O 3215 -77.27 69.91 -113.34
N ALA O 3216 -77.87 69.00 -112.56
CA ALA O 3216 -79.22 69.22 -112.06
C ALA O 3216 -79.22 70.20 -110.89
N CYS O 3217 -78.21 70.12 -110.04
CA CYS O 3217 -78.13 70.96 -108.84
C CYS O 3217 -77.32 72.22 -109.14
N SER O 3218 -77.87 73.03 -110.04
CA SER O 3218 -77.27 74.31 -110.41
C SER O 3218 -78.35 75.39 -110.39
N VAL O 3219 -77.92 76.61 -110.07
CA VAL O 3219 -78.86 77.73 -110.06
C VAL O 3219 -79.45 77.96 -111.44
N TYR O 3220 -78.62 77.92 -112.49
CA TYR O 3220 -79.10 78.18 -113.85
C TYR O 3220 -80.15 77.16 -114.27
N THR O 3221 -80.07 75.93 -113.75
CA THR O 3221 -81.06 74.91 -114.10
C THR O 3221 -82.31 75.04 -113.22
N THR O 3222 -82.11 75.09 -111.91
CA THR O 3222 -83.26 75.14 -110.99
C THR O 3222 -84.11 76.37 -111.22
N LYS O 3223 -83.49 77.55 -111.23
CA LYS O 3223 -84.23 78.79 -111.40
C LYS O 3223 -84.68 78.96 -112.84
N SER O 3224 -85.96 79.30 -113.01
CA SER O 3224 -86.54 79.45 -114.33
C SER O 3224 -86.00 80.73 -114.99
N PRO O 3225 -86.15 80.83 -116.31
CA PRO O 3225 -85.62 82.03 -117.00
C PRO O 3225 -86.15 83.34 -116.43
N ARG O 3226 -87.41 83.38 -116.00
CA ARG O 3226 -87.94 84.60 -115.41
C ARG O 3226 -87.15 85.00 -114.17
N GLU O 3227 -86.87 84.05 -113.29
CA GLU O 3227 -85.92 84.29 -112.23
C GLU O 3227 -84.52 84.47 -112.81
N ARG O 3228 -83.58 84.86 -111.96
CA ARG O 3228 -82.22 85.21 -112.30
C ARG O 3228 -82.16 86.56 -113.02
N ALA O 3229 -83.30 87.17 -113.35
CA ALA O 3229 -83.33 88.54 -113.86
C ALA O 3229 -83.59 89.53 -112.73
N ILE O 3230 -84.47 89.17 -111.80
CA ILE O 3230 -84.59 89.95 -110.56
C ILE O 3230 -83.28 89.91 -109.78
N LEU O 3231 -82.60 88.78 -109.82
CA LEU O 3231 -81.28 88.64 -109.23
C LEU O 3231 -80.23 89.28 -110.14
N GLY O 3232 -79.02 89.41 -109.63
CA GLY O 3232 -77.90 89.91 -110.40
C GLY O 3232 -77.20 88.88 -111.24
N LEU O 3233 -77.77 87.70 -111.37
CA LEU O 3233 -77.12 86.63 -112.12
C LEU O 3233 -77.00 87.02 -113.59
N PRO O 3234 -75.85 86.83 -114.22
CA PRO O 3234 -75.72 87.11 -115.65
C PRO O 3234 -76.44 86.07 -116.49
N ASN O 3235 -76.33 86.22 -117.81
CA ASN O 3235 -77.05 85.34 -118.72
C ASN O 3235 -76.35 83.99 -118.85
N SER O 3236 -75.03 83.94 -118.75
CA SER O 3236 -74.26 82.73 -119.01
C SER O 3236 -73.48 82.31 -117.77
N VAL O 3237 -73.18 81.01 -117.70
CA VAL O 3237 -72.40 80.48 -116.58
C VAL O 3237 -71.01 81.10 -116.57
N GLU O 3238 -70.38 81.21 -117.74
CA GLU O 3238 -69.03 81.77 -117.81
C GLU O 3238 -68.98 83.17 -117.23
N GLU O 3239 -70.10 83.90 -117.28
CA GLU O 3239 -70.13 85.25 -116.73
C GLU O 3239 -70.41 85.27 -115.23
N MET O 3240 -70.67 84.12 -114.61
CA MET O 3240 -70.89 84.11 -113.16
C MET O 3240 -69.72 84.80 -112.47
N CYS O 3241 -68.51 84.53 -112.94
CA CYS O 3241 -67.40 85.50 -112.89
C CYS O 3241 -66.31 84.95 -113.79
N PRO O 3242 -65.72 85.79 -114.65
CA PRO O 3242 -64.78 85.25 -115.65
C PRO O 3242 -63.38 85.00 -115.12
N ASP O 3243 -63.07 85.51 -113.93
CA ASP O 3243 -61.67 85.56 -113.49
C ASP O 3243 -61.06 84.17 -113.37
N ILE O 3244 -61.72 83.28 -112.64
CA ILE O 3244 -61.11 81.97 -112.39
C ILE O 3244 -60.95 81.22 -113.71
N PRO O 3245 -59.78 80.64 -114.01
CA PRO O 3245 -59.62 79.95 -115.30
C PRO O 3245 -60.39 78.65 -115.38
N VAL O 3246 -60.31 77.99 -116.54
CA VAL O 3246 -60.93 76.68 -116.73
C VAL O 3246 -59.96 75.60 -116.30
N LEU O 3247 -60.48 74.39 -116.11
CA LEU O 3247 -59.66 73.30 -115.58
C LEU O 3247 -58.48 72.99 -116.52
N GLU O 3248 -58.75 72.94 -117.82
CA GLU O 3248 -57.71 72.59 -118.77
C GLU O 3248 -56.56 73.60 -118.71
N ARG O 3249 -56.88 74.89 -118.79
CA ARG O 3249 -55.82 75.90 -118.77
C ARG O 3249 -55.12 75.93 -117.41
N LEU O 3250 -55.88 75.76 -116.33
CA LEU O 3250 -55.27 75.71 -115.00
C LEU O 3250 -54.20 74.62 -114.95
N MET O 3251 -54.58 73.40 -115.32
CA MET O 3251 -53.60 72.33 -115.39
C MET O 3251 -52.46 72.70 -116.32
N ALA O 3252 -52.76 73.44 -117.38
CA ALA O 3252 -51.72 73.86 -118.31
C ALA O 3252 -50.64 74.68 -117.61
N GLU O 3253 -51.01 75.73 -116.88
CA GLU O 3253 -49.93 76.53 -116.29
C GLU O 3253 -49.29 75.78 -115.12
N ILE O 3254 -50.06 74.95 -114.41
CA ILE O 3254 -49.44 74.16 -113.35
C ILE O 3254 -48.32 73.30 -113.91
N GLY O 3255 -48.61 72.55 -115.00
CA GLY O 3255 -47.59 71.75 -115.64
C GLY O 3255 -46.45 72.57 -116.20
N GLY O 3256 -46.75 73.70 -116.83
CA GLY O 3256 -45.69 74.53 -117.38
C GLY O 3256 -44.76 75.07 -116.32
N LEU O 3257 -45.33 75.54 -115.20
CA LEU O 3257 -44.53 76.03 -114.09
C LEU O 3257 -43.68 74.92 -113.49
N ALA O 3258 -44.27 73.73 -113.32
CA ALA O 3258 -43.48 72.62 -112.80
C ALA O 3258 -42.32 72.28 -113.73
N GLU O 3259 -42.56 72.28 -115.04
CA GLU O 3259 -41.49 72.02 -116.00
C GLU O 3259 -40.42 73.10 -115.93
N SER O 3260 -40.83 74.37 -115.88
CA SER O 3260 -39.87 75.46 -115.82
C SER O 3260 -39.05 75.41 -114.54
N GLY O 3261 -39.62 74.83 -113.48
CA GLY O 3261 -38.90 74.73 -112.22
C GLY O 3261 -38.87 76.01 -111.42
N ALA O 3262 -39.89 76.86 -111.54
CA ALA O 3262 -39.93 78.09 -110.77
C ALA O 3262 -39.97 77.79 -109.28
N ARG O 3263 -39.29 78.63 -108.50
CA ARG O 3263 -39.22 78.45 -107.06
C ARG O 3263 -40.50 78.99 -106.42
N TYR O 3264 -40.61 78.84 -105.10
CA TYR O 3264 -41.83 79.26 -104.40
C TYR O 3264 -42.07 80.75 -104.56
N THR O 3265 -41.03 81.56 -104.44
CA THR O 3265 -41.17 83.01 -104.46
C THR O 3265 -41.62 83.54 -105.81
N GLU O 3266 -41.46 82.78 -106.89
CA GLU O 3266 -41.84 83.27 -108.21
C GLU O 3266 -43.33 83.06 -108.48
N MET O 3267 -44.01 82.27 -107.66
CA MET O 3267 -45.43 81.97 -107.87
C MET O 3267 -46.07 81.54 -106.55
N PRO O 3268 -46.02 82.41 -105.54
CA PRO O 3268 -46.68 82.06 -104.26
C PRO O 3268 -48.18 81.90 -104.38
N HIS O 3269 -48.82 82.59 -105.33
CA HIS O 3269 -50.27 82.44 -105.51
C HIS O 3269 -50.64 80.99 -105.80
N VAL O 3270 -49.97 80.37 -106.77
CA VAL O 3270 -50.35 79.03 -107.19
C VAL O 3270 -50.33 78.08 -106.01
N ILE O 3271 -49.16 77.87 -105.42
CA ILE O 3271 -49.00 76.85 -104.38
C ILE O 3271 -49.95 77.11 -103.23
N GLU O 3272 -50.09 78.37 -102.82
CA GLU O 3272 -50.83 78.67 -101.61
C GLU O 3272 -52.34 78.53 -101.82
N ILE O 3273 -52.85 78.90 -102.99
CA ILE O 3273 -54.30 78.99 -103.18
C ILE O 3273 -54.78 78.06 -104.28
N THR O 3274 -54.22 78.19 -105.48
CA THR O 3274 -54.82 77.56 -106.65
C THR O 3274 -54.66 76.05 -106.60
N LEU O 3275 -53.53 75.58 -106.10
CA LEU O 3275 -53.18 74.17 -106.18
C LEU O 3275 -53.94 73.39 -105.11
N PRO O 3276 -54.05 73.91 -103.88
CA PRO O 3276 -54.99 73.30 -102.92
C PRO O 3276 -56.42 73.23 -103.42
N MET O 3277 -56.87 74.25 -104.15
CA MET O 3277 -58.22 74.24 -104.69
C MET O 3277 -58.43 73.06 -105.63
N LEU O 3278 -57.49 72.83 -106.55
CA LEU O 3278 -57.60 71.71 -107.46
C LEU O 3278 -57.51 70.38 -106.72
N CYS O 3279 -56.62 70.30 -105.71
CA CYS O 3279 -56.47 69.07 -104.96
C CYS O 3279 -57.79 68.58 -104.39
N SER O 3280 -58.62 69.49 -103.87
CA SER O 3280 -59.91 69.14 -103.33
C SER O 3280 -61.02 69.11 -104.36
N TYR O 3281 -60.86 69.83 -105.47
CA TYR O 3281 -61.86 69.86 -106.53
C TYR O 3281 -61.90 68.56 -107.33
N LEU O 3282 -60.73 68.02 -107.70
CA LEU O 3282 -60.69 66.92 -108.64
C LEU O 3282 -61.40 65.67 -108.14
N PRO O 3283 -61.16 65.21 -106.90
CA PRO O 3283 -61.79 63.95 -106.46
C PRO O 3283 -63.31 64.00 -106.40
N ARG O 3284 -63.86 65.07 -105.81
CA ARG O 3284 -65.30 65.19 -105.70
C ARG O 3284 -65.97 65.05 -107.05
N TRP O 3285 -65.49 65.78 -108.05
CA TRP O 3285 -66.10 65.76 -109.37
C TRP O 3285 -65.70 64.53 -110.18
N TRP O 3286 -64.62 63.85 -109.82
CA TRP O 3286 -64.41 62.52 -110.37
C TRP O 3286 -65.54 61.59 -109.96
N GLU O 3287 -65.89 61.62 -108.67
CA GLU O 3287 -66.88 60.66 -108.17
C GLU O 3287 -68.18 60.76 -108.96
N ARG O 3288 -68.46 61.93 -109.53
CA ARG O 3288 -69.70 62.16 -110.27
C ARG O 3288 -69.50 62.23 -111.77
N GLY O 3289 -68.25 62.30 -112.25
CA GLY O 3289 -67.98 62.43 -113.66
C GLY O 3289 -67.79 61.08 -114.34
N PRO O 3290 -67.21 61.08 -115.53
CA PRO O 3290 -66.97 59.84 -116.25
C PRO O 3290 -65.90 59.01 -115.54
N GLU O 3291 -65.80 57.75 -115.96
CA GLU O 3291 -64.82 56.79 -115.41
C GLU O 3291 -65.15 56.45 -113.95
N ALA O 3292 -66.22 57.02 -113.43
CA ALA O 3292 -66.64 56.64 -112.08
C ALA O 3292 -67.15 55.21 -112.08
N PRO O 3293 -67.09 54.51 -110.94
CA PRO O 3293 -67.79 53.22 -110.81
C PRO O 3293 -69.24 53.41 -110.41
N PRO O 3294 -70.14 53.67 -111.36
CA PRO O 3294 -71.49 54.07 -110.99
C PRO O 3294 -72.38 52.87 -110.80
N PRO O 3295 -73.00 52.71 -109.61
CA PRO O 3295 -73.96 51.61 -109.44
C PRO O 3295 -75.19 51.74 -110.32
N ALA O 3296 -75.47 52.94 -110.83
CA ALA O 3296 -76.60 53.17 -111.72
C ALA O 3296 -76.19 53.18 -113.19
N LEU O 3297 -74.99 52.72 -113.51
CA LEU O 3297 -74.55 52.71 -114.90
C LEU O 3297 -75.52 52.01 -115.82
N PRO O 3298 -76.06 50.83 -115.50
CA PRO O 3298 -77.04 50.21 -116.39
C PRO O 3298 -78.24 51.11 -116.66
N ALA O 3299 -78.70 51.84 -115.64
CA ALA O 3299 -79.82 52.75 -115.83
C ALA O 3299 -79.39 53.94 -116.67
N GLY O 3300 -80.31 54.45 -117.49
CA GLY O 3300 -80.02 55.62 -118.29
C GLY O 3300 -79.56 56.78 -117.45
N ALA O 3301 -78.35 57.28 -117.71
CA ALA O 3301 -77.75 58.32 -116.92
C ALA O 3301 -77.55 59.57 -117.77
N PRO O 3302 -77.98 60.74 -117.31
CA PRO O 3302 -77.63 61.97 -118.02
C PRO O 3302 -76.13 62.11 -118.14
N PRO O 3303 -75.61 62.62 -119.25
CA PRO O 3303 -74.17 62.69 -119.43
C PRO O 3303 -73.52 63.46 -118.29
N PRO O 3304 -72.35 63.03 -117.83
CA PRO O 3304 -71.73 63.68 -116.67
C PRO O 3304 -71.49 65.15 -116.91
N CYS O 3305 -71.65 65.93 -115.85
CA CYS O 3305 -71.48 67.37 -115.90
C CYS O 3305 -70.03 67.81 -115.89
N THR O 3306 -69.09 66.88 -115.78
CA THR O 3306 -67.66 67.18 -115.79
C THR O 3306 -66.95 66.18 -116.70
N ALA O 3307 -65.64 66.37 -116.83
CA ALA O 3307 -64.80 65.49 -117.65
C ALA O 3307 -63.54 65.07 -116.91
N VAL O 3308 -63.49 65.24 -115.59
CA VAL O 3308 -62.31 64.87 -114.83
C VAL O 3308 -62.17 63.36 -114.80
N THR O 3309 -60.95 62.87 -115.01
CA THR O 3309 -60.66 61.45 -115.04
C THR O 3309 -59.37 61.17 -114.27
N SER O 3310 -59.02 59.89 -114.17
CA SER O 3310 -57.82 59.50 -113.44
C SER O 3310 -56.57 60.16 -114.02
N ASP O 3311 -56.57 60.43 -115.33
CA ASP O 3311 -55.40 61.05 -115.95
C ASP O 3311 -55.14 62.43 -115.34
N HIS O 3312 -56.20 63.20 -115.12
CA HIS O 3312 -56.02 64.52 -114.54
C HIS O 3312 -55.39 64.45 -113.15
N LEU O 3313 -55.90 63.55 -112.31
CA LEU O 3313 -55.34 63.42 -110.96
C LEU O 3313 -53.89 62.94 -111.01
N ASN O 3314 -53.59 61.98 -111.89
CA ASN O 3314 -52.21 61.50 -111.99
C ASN O 3314 -51.27 62.62 -112.44
N SER O 3315 -51.67 63.38 -113.45
CA SER O 3315 -50.84 64.50 -113.89
C SER O 3315 -50.68 65.55 -112.80
N LEU O 3316 -51.75 65.85 -112.08
CA LEU O 3316 -51.66 66.84 -111.01
C LEU O 3316 -50.69 66.38 -109.93
N LEU O 3317 -50.78 65.12 -109.52
CA LEU O 3317 -49.84 64.62 -108.51
C LEU O 3317 -48.41 64.61 -109.02
N GLY O 3318 -48.20 64.24 -110.29
CA GLY O 3318 -46.87 64.35 -110.85
C GLY O 3318 -46.33 65.76 -110.78
N ASN O 3319 -47.20 66.74 -111.06
CA ASN O 3319 -46.79 68.14 -110.98
C ASN O 3319 -46.50 68.54 -109.53
N ILE O 3320 -47.28 68.02 -108.58
CA ILE O 3320 -46.99 68.29 -107.17
C ILE O 3320 -45.59 67.82 -106.84
N LEU O 3321 -45.27 66.58 -107.19
CA LEU O 3321 -43.96 66.03 -106.87
C LEU O 3321 -42.86 66.82 -107.58
N ARG O 3322 -43.09 67.20 -108.84
CA ARG O 3322 -42.09 67.94 -109.58
C ARG O 3322 -41.84 69.31 -108.94
N ILE O 3323 -42.90 69.99 -108.52
CA ILE O 3323 -42.74 71.29 -107.87
C ILE O 3323 -41.97 71.13 -106.56
N ILE O 3324 -42.32 70.13 -105.76
CA ILE O 3324 -41.66 69.94 -104.48
C ILE O 3324 -40.18 69.64 -104.68
N VAL O 3325 -39.86 68.77 -105.64
CA VAL O 3325 -38.46 68.44 -105.88
C VAL O 3325 -37.71 69.65 -106.43
N ASN O 3326 -38.37 70.45 -107.26
CA ASN O 3326 -37.74 71.68 -107.75
C ASN O 3326 -37.39 72.60 -106.59
N ASN O 3327 -38.31 72.79 -105.66
CA ASN O 3327 -38.08 73.65 -104.50
C ASN O 3327 -37.38 72.91 -103.36
N LEU O 3328 -36.89 71.70 -103.61
CA LEU O 3328 -36.26 70.92 -102.55
C LEU O 3328 -34.98 71.58 -102.08
N GLY O 3329 -34.70 71.46 -100.78
CA GLY O 3329 -33.45 71.91 -100.22
C GLY O 3329 -33.40 73.37 -99.82
N ILE O 3330 -34.48 74.12 -100.00
CA ILE O 3330 -34.46 75.54 -99.64
C ILE O 3330 -34.33 75.69 -98.13
N ASP O 3331 -33.78 76.83 -97.72
CA ASP O 3331 -33.56 77.08 -96.30
C ASP O 3331 -34.87 77.06 -95.52
N GLU O 3332 -35.89 77.73 -96.04
CA GLU O 3332 -37.19 77.80 -95.38
C GLU O 3332 -38.29 77.54 -96.40
N ALA O 3333 -39.14 76.55 -96.11
CA ALA O 3333 -40.32 76.28 -96.92
C ALA O 3333 -41.41 75.69 -95.99
N SER O 3334 -42.27 76.57 -95.48
CA SER O 3334 -43.41 76.11 -94.70
C SER O 3334 -44.54 75.62 -95.59
N TRP O 3335 -44.59 76.08 -96.84
CA TRP O 3335 -45.66 75.70 -97.74
C TRP O 3335 -45.63 74.21 -98.07
N MET O 3336 -44.48 73.56 -97.93
CA MET O 3336 -44.37 72.14 -98.24
C MET O 3336 -45.32 71.34 -97.36
N LYS O 3337 -45.34 71.65 -96.07
CA LYS O 3337 -46.20 70.96 -95.12
C LYS O 3337 -47.67 71.03 -95.54
N ARG O 3338 -48.15 72.26 -95.76
CA ARG O 3338 -49.56 72.44 -96.11
C ARG O 3338 -49.89 71.80 -97.46
N LEU O 3339 -48.97 71.93 -98.41
CA LEU O 3339 -49.21 71.34 -99.73
C LEU O 3339 -49.30 69.82 -99.65
N ALA O 3340 -48.43 69.20 -98.86
CA ALA O 3340 -48.50 67.74 -98.71
C ALA O 3340 -49.82 67.33 -98.05
N VAL O 3341 -50.21 68.04 -96.99
CA VAL O 3341 -51.46 67.72 -96.33
C VAL O 3341 -52.63 67.86 -97.30
N PHE O 3342 -52.59 68.88 -98.14
CA PHE O 3342 -53.69 69.12 -99.07
C PHE O 3342 -53.67 68.15 -100.24
N ALA O 3343 -52.50 67.62 -100.59
CA ALA O 3343 -52.35 66.77 -101.75
C ALA O 3343 -52.46 65.28 -101.41
N GLN O 3344 -52.51 64.91 -100.14
CA GLN O 3344 -52.73 63.49 -99.82
C GLN O 3344 -53.95 62.91 -100.52
N PRO O 3345 -55.11 63.56 -100.56
CA PRO O 3345 -56.31 62.88 -101.10
C PRO O 3345 -56.14 62.33 -102.51
N ILE O 3346 -55.47 63.05 -103.39
CA ILE O 3346 -55.38 62.63 -104.79
C ILE O 3346 -54.45 61.43 -104.97
N VAL O 3347 -53.64 61.12 -103.95
CA VAL O 3347 -52.67 60.03 -104.10
C VAL O 3347 -53.37 58.70 -104.32
N SER O 3348 -54.59 58.54 -103.81
CA SER O 3348 -55.28 57.25 -103.89
C SER O 3348 -55.45 56.82 -105.35
N ARG O 3349 -55.50 57.76 -106.28
CA ARG O 3349 -55.76 57.44 -107.67
C ARG O 3349 -54.49 57.36 -108.52
N ALA O 3350 -53.32 57.59 -107.93
CA ALA O 3350 -52.10 57.61 -108.74
C ALA O 3350 -51.93 56.28 -109.47
N ARG O 3351 -51.65 56.38 -110.78
CA ARG O 3351 -51.47 55.19 -111.60
C ARG O 3351 -50.07 54.62 -111.38
N PRO O 3352 -49.90 53.29 -111.51
CA PRO O 3352 -48.64 52.68 -111.03
C PRO O 3352 -47.36 53.20 -111.67
N GLU O 3353 -47.35 53.62 -112.94
CA GLU O 3353 -46.09 54.09 -113.51
C GLU O 3353 -45.58 55.37 -112.85
N LEU O 3354 -46.40 56.02 -112.02
CA LEU O 3354 -45.92 57.18 -111.28
C LEU O 3354 -44.66 56.85 -110.48
N LEU O 3355 -44.55 55.60 -109.99
CA LEU O 3355 -43.42 55.22 -109.16
C LEU O 3355 -42.11 55.51 -109.87
N ARG O 3356 -41.84 54.80 -110.98
CA ARG O 3356 -40.58 54.98 -111.68
C ARG O 3356 -40.38 56.42 -112.12
N SER O 3357 -41.45 57.06 -112.60
CA SER O 3357 -41.31 58.39 -113.17
C SER O 3357 -40.87 59.42 -112.13
N HIS O 3358 -41.47 59.40 -110.94
CA HIS O 3358 -41.26 60.47 -109.98
C HIS O 3358 -40.66 60.00 -108.66
N PHE O 3359 -41.20 58.93 -108.07
CA PHE O 3359 -40.84 58.63 -106.69
C PHE O 3359 -39.39 58.17 -106.59
N ILE O 3360 -38.94 57.31 -107.51
CA ILE O 3360 -37.58 56.78 -107.41
C ILE O 3360 -36.54 57.89 -107.54
N PRO O 3361 -36.56 58.74 -108.56
CA PRO O 3361 -35.55 59.81 -108.60
C PRO O 3361 -35.59 60.75 -107.41
N THR O 3362 -36.79 61.07 -106.93
CA THR O 3362 -36.92 62.00 -105.81
C THR O 3362 -36.30 61.43 -104.54
N ILE O 3363 -36.78 60.25 -104.14
CA ILE O 3363 -36.20 59.60 -102.97
C ILE O 3363 -34.73 59.30 -103.16
N GLY O 3364 -34.26 59.13 -104.40
CA GLY O 3364 -32.85 58.96 -104.65
C GLY O 3364 -32.06 60.20 -104.33
N ARG O 3365 -32.57 61.36 -104.75
CA ARG O 3365 -31.90 62.62 -104.40
C ARG O 3365 -31.89 62.82 -102.89
N LEU O 3366 -33.02 62.54 -102.24
CA LEU O 3366 -33.06 62.68 -100.78
C LEU O 3366 -32.07 61.74 -100.09
N ARG O 3367 -32.01 60.48 -100.54
CA ARG O 3367 -31.09 59.51 -99.96
C ARG O 3367 -29.63 59.94 -100.16
N LYS O 3368 -29.31 60.45 -101.36
CA LYS O 3368 -27.95 60.92 -101.61
C LYS O 3368 -27.60 62.09 -100.72
N ARG O 3369 -28.52 63.04 -100.55
CA ARG O 3369 -28.26 64.16 -99.66
C ARG O 3369 -28.08 63.69 -98.23
N ALA O 3370 -28.90 62.73 -97.79
CA ALA O 3370 -28.75 62.20 -96.44
C ALA O 3370 -27.40 61.55 -96.25
N GLY O 3371 -26.96 60.77 -97.23
CA GLY O 3371 -25.64 60.14 -97.15
C GLY O 3371 -24.53 61.18 -97.04
N LYS O 3372 -24.56 62.20 -97.90
CA LYS O 3372 -23.54 63.23 -97.81
C LYS O 3372 -23.55 63.90 -96.44
N VAL O 3373 -24.73 64.25 -95.96
CA VAL O 3373 -24.82 65.03 -94.72
C VAL O 3373 -24.35 64.19 -93.54
N VAL O 3374 -24.69 62.90 -93.52
CA VAL O 3374 -24.19 62.04 -92.47
C VAL O 3374 -22.68 61.85 -92.60
N ALA O 3375 -22.15 61.94 -93.82
CA ALA O 3375 -20.70 61.92 -93.98
C ALA O 3375 -20.05 63.13 -93.31
N GLU O 3376 -20.61 64.32 -93.52
CA GLU O 3376 -20.09 65.49 -92.83
C GLU O 3376 -20.25 65.36 -91.32
N GLU O 3377 -21.36 64.76 -90.88
CA GLU O 3377 -21.53 64.51 -89.45
C GLU O 3377 -20.43 63.62 -88.92
N GLU O 3378 -20.11 62.54 -89.65
CA GLU O 3378 -19.05 61.64 -89.23
C GLU O 3378 -17.71 62.37 -89.13
N GLN O 3379 -17.40 63.20 -90.13
CA GLN O 3379 -16.13 63.94 -90.08
C GLN O 3379 -16.09 64.90 -88.90
N LEU O 3380 -17.17 65.63 -88.67
CA LEU O 3380 -17.19 66.59 -87.57
C LEU O 3380 -17.06 65.89 -86.21
N ARG O 3381 -17.79 64.79 -86.02
CA ARG O 3381 -17.69 64.06 -84.76
C ARG O 3381 -16.34 63.38 -84.58
N LEU O 3382 -15.69 62.97 -85.67
CA LEU O 3382 -14.31 62.55 -85.57
C LEU O 3382 -13.43 63.70 -85.09
N GLU O 3383 -13.64 64.89 -85.62
CA GLU O 3383 -12.99 66.08 -85.09
C GLU O 3383 -13.53 66.38 -83.68
N ALA O 3384 -12.71 67.08 -82.89
CA ALA O 3384 -13.00 67.30 -81.48
C ALA O 3384 -12.76 68.77 -81.12
N LYS O 3385 -13.26 69.13 -79.94
CA LYS O 3385 -13.04 70.45 -79.33
C LYS O 3385 -13.67 71.52 -80.23
N ALA O 3386 -13.04 72.69 -80.38
CA ALA O 3386 -13.68 73.80 -81.08
C ALA O 3386 -14.12 73.38 -82.48
N GLU O 3387 -13.35 72.52 -83.13
CA GLU O 3387 -13.75 72.01 -84.43
C GLU O 3387 -15.07 71.26 -84.33
N ALA O 3388 -15.28 70.53 -83.24
CA ALA O 3388 -16.54 69.81 -83.06
C ALA O 3388 -17.68 70.77 -82.74
N GLU O 3389 -17.45 71.73 -81.85
CA GLU O 3389 -18.54 72.65 -81.48
C GLU O 3389 -18.95 73.52 -82.65
N GLU O 3390 -18.01 73.84 -83.55
CA GLU O 3390 -18.34 74.62 -84.73
C GLU O 3390 -18.58 73.70 -85.93
N GLY O 3391 -19.45 74.15 -86.83
CA GLY O 3391 -19.83 73.33 -87.98
C GLY O 3391 -20.92 72.34 -87.65
N GLU O 3392 -21.00 71.95 -86.36
CA GLU O 3392 -22.10 71.09 -85.93
C GLU O 3392 -23.43 71.79 -86.13
N LEU O 3393 -23.47 73.12 -85.95
CA LEU O 3393 -24.70 73.86 -86.21
C LEU O 3393 -25.07 73.81 -87.68
N LEU O 3394 -24.08 73.93 -88.57
CA LEU O 3394 -24.36 73.85 -90.01
C LEU O 3394 -24.88 72.47 -90.38
N VAL O 3395 -24.26 71.41 -89.86
CA VAL O 3395 -24.73 70.07 -90.17
C VAL O 3395 -26.10 69.83 -89.56
N ARG O 3396 -26.36 70.43 -88.40
CA ARG O 3396 -27.69 70.33 -87.79
C ARG O 3396 -28.73 71.02 -88.66
N ASP O 3397 -28.38 72.16 -89.26
CA ASP O 3397 -29.30 72.82 -90.18
C ASP O 3397 -29.55 71.98 -91.42
N GLU O 3398 -28.51 71.33 -91.94
CA GLU O 3398 -28.72 70.40 -93.06
C GLU O 3398 -29.64 69.25 -92.67
N PHE O 3399 -29.46 68.70 -91.47
CA PHE O 3399 -30.38 67.69 -90.96
C PHE O 3399 -31.80 68.23 -90.86
N SER O 3400 -31.96 69.47 -90.40
CA SER O 3400 -33.29 70.05 -90.28
C SER O 3400 -33.97 70.18 -91.64
N VAL O 3401 -33.27 70.69 -92.63
CA VAL O 3401 -33.88 70.84 -93.96
C VAL O 3401 -34.18 69.47 -94.56
N LEU O 3402 -33.28 68.50 -94.36
CA LEU O 3402 -33.54 67.15 -94.88
C LEU O 3402 -34.76 66.54 -94.20
N CYS O 3403 -34.91 66.75 -92.89
CA CYS O 3403 -36.08 66.25 -92.18
C CYS O 3403 -37.35 66.91 -92.70
N ARG O 3404 -37.29 68.21 -92.96
CA ARG O 3404 -38.45 68.89 -93.53
C ARG O 3404 -38.82 68.27 -94.87
N ASP O 3405 -37.83 68.02 -95.72
CA ASP O 3405 -38.09 67.41 -97.02
C ASP O 3405 -38.70 66.02 -96.86
N LEU O 3406 -38.15 65.21 -95.97
CA LEU O 3406 -38.63 63.86 -95.77
C LEU O 3406 -40.08 63.87 -95.28
N TYR O 3407 -40.39 64.73 -94.30
CA TYR O 3407 -41.74 64.82 -93.80
C TYR O 3407 -42.69 65.46 -94.81
N ALA O 3408 -42.15 66.19 -95.79
CA ALA O 3408 -42.98 66.71 -96.86
C ALA O 3408 -43.37 65.62 -97.85
N LEU O 3409 -42.43 64.74 -98.19
CA LEU O 3409 -42.67 63.78 -99.27
C LEU O 3409 -43.17 62.41 -98.80
N TYR O 3410 -42.68 61.88 -97.69
CA TYR O 3410 -43.18 60.60 -97.19
C TYR O 3410 -44.69 60.57 -96.93
N PRO O 3411 -45.32 61.63 -96.40
CA PRO O 3411 -46.78 61.54 -96.23
C PRO O 3411 -47.49 61.24 -97.54
N LEU O 3412 -46.91 61.65 -98.66
CA LEU O 3412 -47.45 61.26 -99.96
C LEU O 3412 -47.13 59.80 -100.28
N LEU O 3413 -45.91 59.36 -99.95
CA LEU O 3413 -45.50 58.00 -100.28
C LEU O 3413 -46.33 56.96 -99.53
N ILE O 3414 -46.66 57.24 -98.27
CA ILE O 3414 -47.41 56.28 -97.47
C ILE O 3414 -48.72 55.91 -98.15
N ARG O 3415 -49.46 56.91 -98.61
CA ARG O 3415 -50.72 56.63 -99.30
C ARG O 3415 -50.48 55.88 -100.60
N TYR O 3416 -49.45 56.26 -101.35
CA TYR O 3416 -49.13 55.55 -102.58
C TYR O 3416 -48.74 54.11 -102.31
N VAL O 3417 -47.93 53.88 -101.28
CA VAL O 3417 -47.50 52.52 -100.96
C VAL O 3417 -48.70 51.65 -100.60
N ASP O 3418 -49.60 52.18 -99.78
CA ASP O 3418 -50.72 51.38 -99.28
C ASP O 3418 -51.54 50.82 -100.44
N ASN O 3419 -51.85 51.67 -101.43
CA ASN O 3419 -52.70 51.21 -102.53
C ASN O 3419 -52.00 50.17 -103.38
N ASN O 3420 -50.72 50.37 -103.68
CA ASN O 3420 -49.99 49.49 -104.59
C ASN O 3420 -49.21 48.39 -103.87
N ARG O 3421 -49.22 48.38 -102.54
CA ARG O 3421 -48.49 47.32 -101.83
C ARG O 3421 -49.08 45.95 -102.14
N ALA O 3422 -50.41 45.85 -102.25
CA ALA O 3422 -51.02 44.57 -102.58
C ALA O 3422 -50.55 44.06 -103.93
N HIS O 3423 -50.54 44.92 -104.95
CA HIS O 3423 -50.07 44.50 -106.26
C HIS O 3423 -48.59 44.12 -106.23
N TRP O 3424 -47.78 44.92 -105.52
CA TRP O 3424 -46.35 44.62 -105.43
C TRP O 3424 -46.11 43.27 -104.77
N LEU O 3425 -46.85 42.98 -103.70
CA LEU O 3425 -46.68 41.70 -103.00
C LEU O 3425 -47.25 40.53 -103.80
N THR O 3426 -48.27 40.78 -104.62
CA THR O 3426 -48.82 39.73 -105.48
C THR O 3426 -47.88 39.40 -106.64
N GLU O 3427 -47.22 40.40 -107.20
CA GLU O 3427 -46.31 40.22 -108.32
C GLU O 3427 -45.02 40.98 -108.07
N PRO O 3428 -43.85 40.34 -108.11
CA PRO O 3428 -42.61 41.06 -107.82
C PRO O 3428 -42.38 42.21 -108.79
N ASN O 3429 -41.81 43.30 -108.28
CA ASN O 3429 -41.59 44.51 -109.07
C ASN O 3429 -40.23 45.11 -108.72
N PRO O 3430 -39.24 45.06 -109.61
CA PRO O 3430 -37.92 45.58 -109.25
C PRO O 3430 -37.91 47.05 -108.88
N ASN O 3431 -38.82 47.85 -109.43
CA ASN O 3431 -38.87 49.26 -109.06
C ASN O 3431 -39.30 49.42 -107.60
N ALA O 3432 -40.36 48.72 -107.19
CA ALA O 3432 -40.74 48.73 -105.79
C ALA O 3432 -39.60 48.19 -104.92
N GLU O 3433 -38.83 47.24 -105.46
CA GLU O 3433 -37.73 46.69 -104.68
C GLU O 3433 -36.64 47.72 -104.46
N GLU O 3434 -36.30 48.47 -105.51
CA GLU O 3434 -35.37 49.58 -105.36
C GLU O 3434 -35.89 50.59 -104.35
N LEU O 3435 -37.19 50.89 -104.40
CA LEU O 3435 -37.77 51.80 -103.43
C LEU O 3435 -37.57 51.28 -102.01
N PHE O 3436 -37.75 49.96 -101.81
CA PHE O 3436 -37.54 49.38 -100.50
C PHE O 3436 -36.09 49.58 -100.05
N ARG O 3437 -35.14 49.27 -100.94
CA ARG O 3437 -33.73 49.45 -100.58
C ARG O 3437 -33.46 50.89 -100.17
N MET O 3438 -34.04 51.83 -100.91
CA MET O 3438 -33.80 53.25 -100.69
C MET O 3438 -34.33 53.70 -99.33
N VAL O 3439 -35.60 53.36 -99.04
CA VAL O 3439 -36.18 53.70 -97.75
C VAL O 3439 -35.41 53.03 -96.62
N GLY O 3440 -34.97 51.79 -96.84
CA GLY O 3440 -34.17 51.11 -95.85
C GLY O 3440 -32.86 51.82 -95.55
N GLU O 3441 -32.16 52.28 -96.60
CA GLU O 3441 -30.93 53.01 -96.38
C GLU O 3441 -31.18 54.29 -95.59
N ILE O 3442 -32.26 55.00 -95.92
CA ILE O 3442 -32.56 56.23 -95.16
C ILE O 3442 -32.84 55.89 -93.70
N PHE O 3443 -33.55 54.79 -93.45
CA PHE O 3443 -33.83 54.42 -92.07
C PHE O 3443 -32.55 54.02 -91.34
N ILE O 3444 -31.63 53.36 -92.04
CA ILE O 3444 -30.34 53.02 -91.44
C ILE O 3444 -29.60 54.28 -91.02
N TYR O 3445 -29.62 55.30 -91.88
CA TYR O 3445 -29.04 56.57 -91.49
C TYR O 3445 -29.73 57.16 -90.27
N TRP O 3446 -31.05 57.08 -90.22
CA TRP O 3446 -31.78 57.58 -89.06
C TRP O 3446 -31.37 56.86 -87.79
N SER O 3447 -31.26 55.54 -87.85
CA SER O 3447 -30.89 54.76 -86.68
C SER O 3447 -29.47 55.09 -86.24
N LYS O 3448 -28.55 55.22 -87.20
CA LYS O 3448 -27.14 55.45 -86.85
C LYS O 3448 -26.94 56.84 -86.26
N SER O 3449 -27.51 57.86 -86.90
CA SER O 3449 -27.20 59.25 -86.55
C SER O 3449 -28.06 59.70 -85.37
N HIS O 3450 -27.40 60.17 -84.31
CA HIS O 3450 -28.14 60.63 -83.13
C HIS O 3450 -28.58 62.08 -83.29
N ASN O 3451 -27.95 62.84 -84.18
CA ASN O 3451 -28.47 64.17 -84.51
C ASN O 3451 -29.74 64.08 -85.33
N PHE O 3452 -29.83 63.13 -86.25
CA PHE O 3452 -30.96 63.09 -87.17
C PHE O 3452 -32.25 62.89 -86.40
N LYS O 3453 -32.20 62.04 -85.37
CA LYS O 3453 -33.38 61.80 -84.54
C LYS O 3453 -33.87 63.08 -83.89
N ARG O 3454 -33.00 63.80 -83.20
CA ARG O 3454 -33.45 64.99 -82.48
C ARG O 3454 -33.88 66.09 -83.45
N GLU O 3455 -33.24 66.18 -84.61
CA GLU O 3455 -33.67 67.15 -85.61
C GLU O 3455 -35.07 66.83 -86.12
N GLU O 3456 -35.34 65.55 -86.38
CA GLU O 3456 -36.69 65.16 -86.79
C GLU O 3456 -37.70 65.50 -85.71
N GLN O 3457 -37.37 65.15 -84.46
CA GLN O 3457 -38.30 65.39 -83.35
C GLN O 3457 -38.57 66.88 -83.18
N ASN O 3458 -37.51 67.70 -83.22
CA ASN O 3458 -37.69 69.15 -83.19
C ASN O 3458 -38.60 69.61 -84.32
N PHE O 3459 -38.15 69.46 -85.57
CA PHE O 3459 -38.97 69.88 -86.69
C PHE O 3459 -40.43 69.52 -86.47
N VAL O 3460 -40.72 68.27 -86.09
CA VAL O 3460 -42.11 67.84 -86.01
C VAL O 3460 -42.83 68.56 -84.86
N VAL O 3461 -42.17 68.73 -83.71
CA VAL O 3461 -42.88 69.33 -82.57
C VAL O 3461 -43.07 70.83 -82.77
N GLN O 3462 -42.06 71.56 -83.27
CA GLN O 3462 -42.29 72.96 -83.61
C GLN O 3462 -43.37 73.12 -84.68
N ASN O 3463 -43.36 72.28 -85.71
CA ASN O 3463 -44.38 72.38 -86.75
C ASN O 3463 -45.74 71.86 -86.29
N GLU O 3464 -45.80 71.20 -85.12
CA GLU O 3464 -47.05 70.75 -84.50
C GLU O 3464 -47.82 69.77 -85.37
N ILE O 3465 -47.19 69.19 -86.38
CA ILE O 3465 -47.87 68.19 -87.19
C ILE O 3465 -48.11 66.94 -86.36
N ASN O 3466 -49.33 66.44 -86.40
CA ASN O 3466 -49.66 65.16 -85.77
C ASN O 3466 -49.39 64.06 -86.80
N ASN O 3467 -48.50 63.13 -86.46
CA ASN O 3467 -48.14 62.08 -87.41
C ASN O 3467 -49.31 61.13 -87.65
N MET O 3468 -50.25 61.05 -86.72
CA MET O 3468 -51.33 60.08 -86.84
C MET O 3468 -52.22 60.40 -88.03
N SER O 3469 -52.38 61.68 -88.36
CA SER O 3469 -53.15 62.04 -89.56
C SER O 3469 -52.46 61.51 -90.82
N PHE O 3470 -51.14 61.63 -90.89
CA PHE O 3470 -50.42 61.11 -92.04
C PHE O 3470 -50.54 59.59 -92.12
N LEU O 3471 -50.34 58.92 -90.98
CA LEU O 3471 -50.40 57.45 -90.97
C LEU O 3471 -51.78 56.94 -91.34
N THR O 3472 -52.83 57.56 -90.81
CA THR O 3472 -54.19 57.13 -91.12
C THR O 3472 -54.48 57.29 -92.61
N TYR O 3504 -42.11 63.60 -81.10
CA TYR O 3504 -43.21 62.69 -80.78
C TYR O 3504 -42.68 61.28 -80.54
N SER O 3505 -43.60 60.34 -80.36
CA SER O 3505 -43.20 58.96 -80.03
C SER O 3505 -42.39 58.35 -81.16
N VAL O 3506 -41.47 57.46 -80.78
CA VAL O 3506 -40.61 56.82 -81.78
C VAL O 3506 -41.45 56.05 -82.79
N GLN O 3507 -42.50 55.38 -82.32
CA GLN O 3507 -43.36 54.63 -83.24
C GLN O 3507 -44.00 55.54 -84.27
N THR O 3508 -44.47 56.71 -83.85
CA THR O 3508 -45.11 57.64 -84.77
C THR O 3508 -44.11 58.32 -85.70
N SER O 3509 -42.81 58.16 -85.46
CA SER O 3509 -41.82 58.76 -86.34
C SER O 3509 -42.04 58.28 -87.77
N LEU O 3510 -42.22 59.23 -88.68
CA LEU O 3510 -42.55 58.87 -90.06
C LEU O 3510 -41.42 58.10 -90.72
N ILE O 3511 -40.18 58.36 -90.32
CA ILE O 3511 -39.04 57.68 -90.91
C ILE O 3511 -39.16 56.18 -90.72
N VAL O 3512 -39.42 55.75 -89.48
CA VAL O 3512 -39.57 54.33 -89.19
C VAL O 3512 -40.91 53.81 -89.71
N ALA O 3513 -41.94 54.66 -89.68
CA ALA O 3513 -43.26 54.23 -90.13
C ALA O 3513 -43.24 53.82 -91.59
N THR O 3514 -42.61 54.62 -92.44
CA THR O 3514 -42.57 54.30 -93.87
C THR O 3514 -41.85 52.98 -94.11
N LEU O 3515 -40.74 52.73 -93.42
CA LEU O 3515 -40.04 51.47 -93.60
C LEU O 3515 -40.87 50.30 -93.10
N LYS O 3516 -41.60 50.47 -91.99
CA LYS O 3516 -42.45 49.39 -91.53
C LYS O 3516 -43.61 49.14 -92.50
N LYS O 3517 -44.04 50.16 -93.24
CA LYS O 3517 -44.98 49.93 -94.33
C LYS O 3517 -44.33 49.14 -95.47
N MET O 3518 -43.08 49.47 -95.81
CA MET O 3518 -42.42 48.92 -96.97
C MET O 3518 -41.77 47.55 -96.71
N LEU O 3519 -41.64 47.13 -95.45
CA LEU O 3519 -40.86 45.94 -95.15
C LEU O 3519 -41.33 44.69 -95.88
N PRO O 3520 -42.62 44.41 -96.00
CA PRO O 3520 -43.03 43.17 -96.68
C PRO O 3520 -42.47 43.05 -98.09
N ILE O 3521 -42.24 44.17 -98.76
CA ILE O 3521 -41.74 44.12 -100.13
C ILE O 3521 -40.33 43.53 -100.17
N GLY O 3522 -39.53 43.77 -99.13
CA GLY O 3522 -38.19 43.20 -99.05
C GLY O 3522 -38.20 41.80 -98.48
N LEU O 3523 -39.10 41.57 -97.52
CA LEU O 3523 -39.30 40.21 -97.05
C LEU O 3523 -39.74 39.30 -98.20
N ASN O 3524 -40.33 39.88 -99.24
CA ASN O 3524 -40.69 39.12 -100.43
C ASN O 3524 -39.44 38.74 -101.22
N MET O 3525 -38.44 39.62 -101.25
CA MET O 3525 -37.14 39.22 -101.78
C MET O 3525 -36.61 38.03 -101.02
N CYS O 3526 -36.57 38.16 -99.69
CA CYS O 3526 -36.00 37.10 -98.88
C CYS O 3526 -36.79 35.81 -99.05
N ALA O 3527 -36.11 34.78 -99.51
CA ALA O 3527 -36.72 33.48 -99.72
C ALA O 3527 -36.79 32.71 -98.42
N PRO O 3528 -37.71 31.75 -98.31
CA PRO O 3528 -37.84 31.03 -97.03
C PRO O 3528 -36.58 30.28 -96.65
N THR O 3529 -35.81 29.82 -97.63
CA THR O 3529 -34.54 29.15 -97.33
C THR O 3529 -33.56 30.11 -96.67
N ASP O 3530 -33.73 31.41 -96.90
CA ASP O 3530 -32.75 32.39 -96.45
C ASP O 3530 -32.90 32.76 -94.98
N GLN O 3531 -34.03 32.42 -94.34
CA GLN O 3531 -34.30 32.95 -93.00
C GLN O 3531 -33.10 32.74 -92.08
N ASP O 3532 -32.46 31.58 -92.15
CA ASP O 3532 -31.28 31.32 -91.33
C ASP O 3532 -30.12 32.24 -91.71
N LEU O 3533 -29.95 32.51 -93.01
CA LEU O 3533 -28.89 33.43 -93.44
C LEU O 3533 -29.16 34.84 -92.92
N ILE O 3534 -30.42 35.28 -92.96
CA ILE O 3534 -30.77 36.58 -92.36
C ILE O 3534 -30.48 36.57 -90.87
N VAL O 3535 -30.75 35.46 -90.17
CA VAL O 3535 -30.43 35.39 -88.76
C VAL O 3535 -28.93 35.55 -88.53
N LEU O 3536 -28.12 34.85 -89.33
CA LEU O 3536 -26.68 34.94 -89.18
C LEU O 3536 -26.17 36.36 -89.46
N ALA O 3537 -26.69 36.98 -90.52
CA ALA O 3537 -26.30 38.35 -90.83
C ALA O 3537 -26.74 39.33 -89.76
N LYS O 3538 -27.91 39.09 -89.15
CA LYS O 3538 -28.34 39.91 -88.02
C LYS O 3538 -27.38 39.75 -86.85
N ALA O 3539 -26.91 38.52 -86.60
CA ALA O 3539 -25.91 38.32 -85.56
C ALA O 3539 -24.63 39.08 -85.87
N ARG O 3540 -24.19 39.05 -87.13
CA ARG O 3540 -23.00 39.80 -87.50
C ARG O 3540 -23.21 41.30 -87.29
N TYR O 3541 -24.38 41.82 -87.67
CA TYR O 3541 -24.65 43.24 -87.46
C TYR O 3541 -24.69 43.58 -85.98
N ALA O 3542 -25.16 42.63 -85.15
CA ALA O 3542 -25.07 42.81 -83.70
C ALA O 3542 -23.62 42.88 -83.27
N LEU O 3543 -22.76 42.08 -83.89
CA LEU O 3543 -21.32 42.16 -83.66
C LEU O 3543 -20.79 43.49 -84.20
N LYS O 3544 -21.63 44.19 -84.98
CA LYS O 3544 -21.31 45.53 -85.49
C LYS O 3544 -20.27 45.49 -86.60
N ASP O 3545 -20.28 44.42 -87.39
CA ASP O 3545 -19.40 44.33 -88.54
C ASP O 3545 -19.94 45.17 -89.69
N THR O 3546 -19.02 45.70 -90.49
CA THR O 3546 -19.41 46.58 -91.59
C THR O 3546 -20.04 45.77 -92.72
N ASP O 3547 -20.72 46.49 -93.62
CA ASP O 3547 -21.52 45.83 -94.65
C ASP O 3547 -20.66 44.99 -95.58
N GLU O 3548 -19.45 45.46 -95.92
CA GLU O 3548 -18.59 44.69 -96.81
C GLU O 3548 -18.25 43.34 -96.19
N GLU O 3549 -17.84 43.32 -94.93
CA GLU O 3549 -17.40 42.07 -94.33
C GLU O 3549 -18.58 41.18 -93.96
N VAL O 3550 -19.76 41.77 -93.73
CA VAL O 3550 -20.97 40.96 -93.62
C VAL O 3550 -21.25 40.26 -94.95
N ARG O 3551 -21.09 40.99 -96.05
CA ARG O 3551 -21.24 40.38 -97.37
C ARG O 3551 -20.24 39.24 -97.54
N GLU O 3552 -19.00 39.47 -97.10
CA GLU O 3552 -17.98 38.42 -97.20
C GLU O 3552 -18.32 37.21 -96.35
N PHE O 3553 -18.84 37.41 -95.14
CA PHE O 3553 -19.26 36.30 -94.32
C PHE O 3553 -20.37 35.50 -95.00
N LEU O 3554 -21.35 36.19 -95.58
CA LEU O 3554 -22.40 35.48 -96.31
C LEU O 3554 -21.84 34.74 -97.51
N GLN O 3555 -20.89 35.35 -98.22
CA GLN O 3555 -20.27 34.70 -99.36
C GLN O 3555 -19.51 33.44 -98.95
N ASN O 3556 -18.82 33.48 -97.81
CA ASN O 3556 -18.10 32.29 -97.35
C ASN O 3556 -19.06 31.22 -96.87
N ASN O 3557 -20.19 31.63 -96.28
CA ASN O 3557 -21.21 30.68 -95.83
C ASN O 3557 -22.22 30.44 -96.95
N LEU O 3558 -21.71 29.92 -98.07
CA LEU O 3558 -22.59 29.56 -99.18
C LEU O 3558 -23.63 28.54 -98.75
N ASN O 3559 -23.19 27.51 -98.01
CA ASN O 3559 -24.11 26.58 -97.37
C ASN O 3559 -24.63 27.20 -96.08
N LEU O 3560 -25.23 26.38 -95.21
CA LEU O 3560 -26.03 26.81 -94.06
C LEU O 3560 -27.38 27.36 -94.49
N GLN O 3561 -27.76 27.17 -95.75
CA GLN O 3561 -29.08 27.55 -96.23
C GLN O 3561 -30.11 26.52 -95.77
N GLY O 3562 -31.30 27.00 -95.44
CA GLY O 3562 -32.31 26.12 -94.88
C GLY O 3562 -32.61 24.96 -95.81
N LYS O 3563 -32.93 23.80 -95.22
CA LYS O 3563 -33.13 22.57 -95.98
C LYS O 3563 -34.60 22.23 -96.03
N VAL O 3564 -35.06 21.84 -97.22
CA VAL O 3564 -36.50 21.67 -97.46
C VAL O 3564 -37.08 20.57 -96.58
N GLU O 3565 -36.46 19.39 -96.56
CA GLU O 3565 -36.93 18.35 -95.66
C GLU O 3565 -36.52 18.65 -94.22
N GLY O 3566 -35.54 19.54 -94.04
CA GLY O 3566 -35.12 19.90 -92.69
C GLY O 3566 -36.21 20.65 -91.94
N SER O 3567 -36.89 21.57 -92.61
CA SER O 3567 -37.89 22.41 -91.96
C SER O 3567 -39.29 22.01 -92.41
N PRO O 3568 -40.24 21.77 -91.48
CA PRO O 3568 -41.60 21.44 -91.92
C PRO O 3568 -42.31 22.57 -92.64
N SER O 3569 -42.36 23.77 -92.04
CA SER O 3569 -43.08 24.87 -92.65
C SER O 3569 -42.50 25.23 -94.01
N LEU O 3570 -41.22 24.91 -94.23
CA LEU O 3570 -40.54 25.39 -95.42
C LEU O 3570 -41.14 24.76 -96.67
N ARG O 3571 -41.70 23.56 -96.58
CA ARG O 3571 -42.32 22.97 -97.77
C ARG O 3571 -43.47 23.82 -98.29
N TRP O 3572 -44.37 24.27 -97.41
CA TRP O 3572 -45.48 25.07 -97.90
C TRP O 3572 -45.04 26.49 -98.23
N GLN O 3573 -44.09 27.04 -97.47
CA GLN O 3573 -43.54 28.33 -97.84
C GLN O 3573 -42.93 28.30 -99.24
N MET O 3574 -42.19 27.22 -99.54
CA MET O 3574 -41.57 27.08 -100.86
C MET O 3574 -42.62 26.76 -101.91
N ALA O 3575 -43.70 26.07 -101.54
CA ALA O 3575 -44.78 25.89 -102.48
C ALA O 3575 -45.32 27.24 -102.94
N LEU O 3576 -45.57 28.14 -102.00
CA LEU O 3576 -45.99 29.49 -102.36
C LEU O 3576 -44.93 30.21 -103.20
N TYR O 3577 -43.68 30.12 -102.77
CA TYR O 3577 -42.58 30.79 -103.45
C TYR O 3577 -42.47 30.36 -104.91
N ARG O 3578 -42.44 29.04 -105.15
CA ARG O 3578 -42.42 28.48 -106.49
C ARG O 3578 -43.66 28.84 -107.29
N GLY O 3579 -44.84 28.76 -106.68
CA GLY O 3579 -46.09 29.01 -107.38
C GLY O 3579 -46.21 30.43 -107.90
N VAL O 3580 -45.81 31.41 -107.09
CA VAL O 3580 -45.96 32.81 -107.50
C VAL O 3580 -45.14 33.02 -108.77
N PRO O 3581 -45.72 33.56 -109.84
CA PRO O 3581 -44.95 33.75 -111.08
C PRO O 3581 -43.89 34.84 -110.94
N GLY O 3582 -42.91 34.77 -111.82
CA GLY O 3582 -41.85 35.76 -111.88
C GLY O 3582 -40.73 35.54 -110.90
N ARG O 3583 -40.81 34.53 -110.05
CA ARG O 3583 -39.79 34.24 -109.05
C ARG O 3583 -38.97 33.01 -109.39
N GLU O 3584 -38.96 32.60 -110.67
CA GLU O 3584 -38.22 31.41 -111.07
C GLU O 3584 -36.79 31.76 -111.49
N GLU O 3585 -36.63 32.76 -112.35
CA GLU O 3585 -35.31 33.21 -112.77
C GLU O 3585 -34.67 34.06 -111.67
N ASP O 3586 -34.46 33.41 -110.53
CA ASP O 3586 -33.90 34.07 -109.35
C ASP O 3586 -33.18 33.02 -108.51
N ALA O 3587 -32.33 33.51 -107.61
CA ALA O 3587 -31.57 32.64 -106.71
C ALA O 3587 -30.55 31.80 -107.46
N ASP O 3588 -30.39 32.06 -108.76
CA ASP O 3588 -29.42 31.31 -109.54
C ASP O 3588 -28.00 31.79 -109.26
N ASP O 3589 -27.86 33.02 -108.77
CA ASP O 3589 -26.55 33.63 -108.58
C ASP O 3589 -26.26 33.96 -107.11
N PRO O 3590 -25.24 33.32 -106.51
CA PRO O 3590 -24.97 33.56 -105.08
C PRO O 3590 -24.71 35.00 -104.73
N GLU O 3591 -24.13 35.79 -105.64
CA GLU O 3591 -23.92 37.20 -105.32
C GLU O 3591 -25.25 37.91 -105.09
N LYS O 3592 -26.27 37.59 -105.90
CA LYS O 3592 -27.59 38.18 -105.68
C LYS O 3592 -28.17 37.71 -104.35
N ILE O 3593 -28.12 36.41 -104.06
CA ILE O 3593 -28.64 35.96 -102.77
C ILE O 3593 -27.93 36.69 -101.63
N VAL O 3594 -26.60 36.76 -101.69
CA VAL O 3594 -25.84 37.40 -100.62
C VAL O 3594 -26.25 38.86 -100.47
N ARG O 3595 -26.33 39.57 -101.60
CA ARG O 3595 -26.72 40.98 -101.54
C ARG O 3595 -28.07 41.13 -100.85
N ARG O 3596 -29.12 40.55 -101.43
CA ARG O 3596 -30.47 40.74 -100.90
C ARG O 3596 -30.53 40.36 -99.42
N VAL O 3597 -29.91 39.24 -99.04
CA VAL O 3597 -29.87 38.88 -97.64
C VAL O 3597 -29.21 39.98 -96.83
N GLN O 3598 -28.17 40.60 -97.39
CA GLN O 3598 -27.45 41.65 -96.64
C GLN O 3598 -28.36 42.84 -96.36
N GLU O 3599 -29.01 43.38 -97.39
CA GLU O 3599 -29.89 44.53 -97.14
C GLU O 3599 -30.99 44.17 -96.15
N VAL O 3600 -31.64 43.03 -96.35
CA VAL O 3600 -32.78 42.69 -95.49
C VAL O 3600 -32.31 42.51 -94.05
N SER O 3601 -31.17 41.84 -93.86
CA SER O 3601 -30.66 41.64 -92.50
C SER O 3601 -30.32 42.96 -91.83
N ALA O 3602 -29.67 43.86 -92.56
CA ALA O 3602 -29.36 45.16 -91.97
C ALA O 3602 -30.63 45.89 -91.55
N VAL O 3603 -31.63 45.90 -92.43
CA VAL O 3603 -32.88 46.61 -92.12
C VAL O 3603 -33.54 45.99 -90.90
N LEU O 3604 -33.61 44.66 -90.84
CA LEU O 3604 -34.25 44.00 -89.70
C LEU O 3604 -33.50 44.29 -88.40
N TYR O 3605 -32.18 44.23 -88.42
CA TYR O 3605 -31.43 44.50 -87.20
C TYR O 3605 -31.66 45.92 -86.70
N HIS O 3606 -31.57 46.90 -87.60
CA HIS O 3606 -31.78 48.27 -87.17
C HIS O 3606 -33.22 48.48 -86.67
N LEU O 3607 -34.18 47.84 -87.34
CA LEU O 3607 -35.58 47.93 -86.90
C LEU O 3607 -35.74 47.36 -85.50
N ASP O 3608 -35.09 46.23 -85.22
CA ASP O 3608 -35.21 45.63 -83.89
C ASP O 3608 -34.56 46.50 -82.82
N GLN O 3609 -33.39 47.08 -83.13
CA GLN O 3609 -32.79 48.00 -82.17
C GLN O 3609 -33.70 49.18 -81.89
N THR O 3610 -34.32 49.73 -82.93
CA THR O 3610 -35.26 50.82 -82.71
C THR O 3610 -36.46 50.37 -81.88
N GLU O 3611 -36.98 49.18 -82.16
CA GLU O 3611 -38.15 48.68 -81.44
C GLU O 3611 -37.84 48.55 -79.95
N HIS O 3612 -36.71 47.93 -79.60
CA HIS O 3612 -36.33 47.76 -78.20
C HIS O 3612 -34.96 48.39 -77.97
N PRO O 3613 -34.83 49.42 -77.12
CA PRO O 3613 -33.52 50.02 -76.85
C PRO O 3613 -32.77 49.31 -75.73
N VAL O 3634 -35.29 73.59 -52.10
CA VAL O 3634 -35.56 74.88 -52.71
C VAL O 3634 -34.78 75.98 -52.00
N ALA O 3635 -34.36 75.69 -50.76
CA ALA O 3635 -33.55 76.66 -50.02
C ALA O 3635 -32.23 76.90 -50.73
N CYS O 3636 -31.65 75.86 -51.33
CA CYS O 3636 -30.41 76.04 -52.08
C CYS O 3636 -30.61 76.99 -53.25
N PHE O 3637 -31.72 76.85 -53.97
CA PHE O 3637 -32.02 77.80 -55.04
C PHE O 3637 -32.22 79.20 -54.48
N ARG O 3638 -32.91 79.32 -53.35
CA ARG O 3638 -33.09 80.62 -52.71
C ARG O 3638 -31.75 81.14 -52.22
N MET O 3639 -31.45 82.39 -52.55
CA MET O 3639 -30.18 82.99 -52.17
C MET O 3639 -30.18 83.31 -50.67
N THR O 3640 -28.99 83.31 -50.08
CA THR O 3640 -28.79 83.69 -48.68
C THR O 3640 -27.64 84.67 -48.57
N PRO O 3641 -27.79 85.88 -49.10
CA PRO O 3641 -26.70 86.86 -49.05
C PRO O 3641 -26.30 87.18 -47.61
N LEU O 3642 -25.00 87.34 -47.39
CA LEU O 3642 -24.52 87.78 -46.09
C LEU O 3642 -24.81 89.27 -45.89
N TYR O 3643 -24.76 90.05 -46.96
CA TYR O 3643 -24.91 91.50 -46.83
C TYR O 3643 -26.35 91.90 -46.55
N ASN O 3644 -27.31 90.99 -46.79
CA ASN O 3644 -28.68 91.17 -46.28
C ASN O 3644 -28.82 90.51 -44.90
N LEU O 3645 -28.02 90.99 -43.96
CA LEU O 3645 -28.03 90.49 -42.60
C LEU O 3645 -27.70 91.63 -41.64
N PRO O 3646 -28.45 91.80 -40.57
CA PRO O 3646 -28.19 92.91 -39.65
C PRO O 3646 -26.78 92.84 -39.05
N THR O 3647 -26.24 94.03 -38.79
CA THR O 3647 -24.83 94.13 -38.41
C THR O 3647 -24.54 93.37 -37.12
N HIS O 3648 -25.48 93.36 -36.18
CA HIS O 3648 -25.20 92.70 -34.89
C HIS O 3648 -25.13 91.18 -35.04
N ARG O 3649 -26.04 90.59 -35.80
CA ARG O 3649 -25.94 89.15 -36.08
C ARG O 3649 -24.68 88.85 -36.87
N ALA O 3650 -24.33 89.72 -37.83
CA ALA O 3650 -23.10 89.51 -38.59
C ALA O 3650 -21.89 89.56 -37.67
N CYS O 3651 -21.89 90.49 -36.70
CA CYS O 3651 -20.79 90.58 -35.76
C CYS O 3651 -20.68 89.33 -34.90
N ASN O 3652 -21.82 88.81 -34.43
CA ASN O 3652 -21.78 87.59 -33.62
C ASN O 3652 -21.22 86.43 -34.43
N MET O 3653 -21.67 86.28 -35.68
CA MET O 3653 -21.15 85.21 -36.52
C MET O 3653 -19.66 85.39 -36.77
N PHE O 3654 -19.22 86.62 -37.02
CA PHE O 3654 -17.81 86.88 -37.23
C PHE O 3654 -16.99 86.53 -35.99
N LEU O 3655 -17.51 86.87 -34.81
CA LEU O 3655 -16.81 86.53 -33.58
C LEU O 3655 -16.67 85.02 -33.45
N GLU O 3656 -17.75 84.28 -33.70
CA GLU O 3656 -17.66 82.83 -33.60
C GLU O 3656 -16.66 82.27 -34.60
N SER O 3657 -16.70 82.74 -35.85
CA SER O 3657 -15.81 82.20 -36.86
C SER O 3657 -14.35 82.55 -36.57
N TYR O 3658 -14.09 83.78 -36.14
CA TYR O 3658 -12.74 84.19 -35.79
C TYR O 3658 -12.21 83.36 -34.63
N LYS O 3659 -13.03 83.17 -33.59
CA LYS O 3659 -12.62 82.33 -32.49
C LYS O 3659 -12.29 80.91 -32.95
N ALA O 3660 -13.13 80.34 -33.81
CA ALA O 3660 -12.92 78.97 -34.27
C ALA O 3660 -11.70 78.80 -35.16
N SER O 3661 -11.42 79.76 -36.04
CA SER O 3661 -10.43 79.57 -37.09
C SER O 3661 -9.09 80.27 -36.84
N TRP O 3662 -9.07 81.41 -36.17
CA TRP O 3662 -7.83 82.16 -35.94
C TRP O 3662 -7.32 82.04 -34.51
N ILE O 3663 -8.14 82.37 -33.52
CA ILE O 3663 -7.68 82.33 -32.14
C ILE O 3663 -7.36 80.90 -31.73
N LEU O 3664 -8.24 79.96 -32.07
CA LEU O 3664 -8.03 78.58 -31.65
C LEU O 3664 -6.87 77.93 -32.38
N THR O 3665 -6.70 78.20 -33.67
CA THR O 3665 -5.63 77.58 -34.44
C THR O 3665 -4.25 78.10 -34.01
N GLU O 3666 -4.17 79.34 -33.55
CA GLU O 3666 -2.90 79.89 -33.10
C GLU O 3666 -2.33 79.02 -31.98
N ASP O 3667 -1.04 78.69 -32.10
CA ASP O 3667 -0.36 77.82 -31.16
C ASP O 3667 0.67 78.61 -30.36
N HIS O 3668 0.65 78.43 -29.04
CA HIS O 3668 1.59 79.08 -28.14
C HIS O 3668 2.02 78.07 -27.08
N SER O 3669 3.32 77.81 -26.99
CA SER O 3669 3.86 76.81 -26.07
C SER O 3669 4.47 77.52 -24.86
N PHE O 3670 3.61 77.84 -23.90
CA PHE O 3670 4.03 78.46 -22.66
C PHE O 3670 4.33 77.46 -21.56
N GLU O 3671 4.09 76.17 -21.80
CA GLU O 3671 4.17 75.18 -20.72
C GLU O 3671 5.60 75.02 -20.23
N ASP O 3672 6.56 74.87 -21.15
CA ASP O 3672 7.95 74.69 -20.75
C ASP O 3672 8.45 75.90 -19.97
N ARG O 3673 8.19 77.10 -20.49
CA ARG O 3673 8.64 78.31 -19.81
C ARG O 3673 8.01 78.43 -18.43
N MET O 3674 6.70 78.16 -18.33
CA MET O 3674 6.02 78.29 -17.04
C MET O 3674 6.57 77.29 -16.04
N ILE O 3675 6.78 76.03 -16.46
CA ILE O 3675 7.28 75.02 -15.54
C ILE O 3675 8.70 75.36 -15.10
N ASP O 3676 9.54 75.81 -16.02
CA ASP O 3676 10.91 76.19 -15.64
C ASP O 3676 10.89 77.34 -14.65
N ASP O 3677 10.07 78.36 -14.91
CA ASP O 3677 10.00 79.50 -14.01
C ASP O 3677 9.52 79.09 -12.63
N LEU O 3678 8.49 78.24 -12.59
CA LEU O 3678 7.96 77.79 -11.31
C LEU O 3678 8.93 76.88 -10.57
N SER O 3679 9.74 76.11 -11.29
CA SER O 3679 10.69 75.22 -10.65
C SER O 3679 11.88 75.98 -10.08
N LYS O 3680 12.36 77.00 -10.80
CA LYS O 3680 13.52 77.74 -10.32
C LYS O 3680 13.19 78.42 -8.99
N ALA O 3681 14.02 78.15 -7.98
CA ALA O 3681 13.91 78.82 -6.68
C ALA O 3681 14.85 80.01 -6.64
N GLY O 3682 14.65 80.86 -5.63
CA GLY O 3682 15.39 82.10 -5.56
C GLY O 3682 15.97 82.45 -4.21
N GLU O 3683 17.18 83.01 -4.22
CA GLU O 3683 17.83 83.59 -3.04
C GLU O 3683 17.80 82.67 -1.82
N GLN O 3684 17.94 81.36 -2.04
CA GLN O 3684 18.10 80.45 -0.90
C GLN O 3684 19.37 80.77 -0.12
N GLU O 3685 20.41 81.23 -0.83
CA GLU O 3685 21.64 81.63 -0.15
C GLU O 3685 21.40 82.79 0.80
N GLU O 3686 20.33 83.55 0.57
CA GLU O 3686 20.00 84.64 1.48
C GLU O 3686 19.59 84.10 2.85
N GLU O 3687 18.78 83.04 2.87
CA GLU O 3687 18.36 82.46 4.13
C GLU O 3687 19.47 81.61 4.76
N GLU O 3688 20.24 80.91 3.93
CA GLU O 3688 21.29 80.01 4.42
C GLU O 3688 20.72 78.96 5.35
N GLU O 3689 19.65 78.29 4.92
CA GLU O 3689 19.05 77.24 5.73
C GLU O 3689 20.04 76.08 5.86
N GLU O 3690 20.65 75.95 7.03
CA GLU O 3690 21.70 74.96 7.21
C GLU O 3690 21.21 73.55 6.95
N VAL O 3691 19.99 73.24 7.37
CA VAL O 3691 19.43 71.90 7.16
C VAL O 3691 19.22 71.70 5.66
N GLU O 3692 19.46 70.47 5.21
CA GLU O 3692 19.35 70.18 3.78
C GLU O 3692 17.94 70.45 3.27
N GLU O 3693 16.93 70.09 4.06
CA GLU O 3693 15.56 70.39 3.67
C GLU O 3693 15.35 71.89 3.58
N LYS O 3694 14.67 72.33 2.53
CA LYS O 3694 14.44 73.75 2.29
C LYS O 3694 12.96 73.97 2.00
N LYS O 3695 12.56 75.23 2.05
CA LYS O 3695 11.16 75.56 1.79
C LYS O 3695 10.79 75.11 0.38
N PRO O 3696 9.63 74.50 0.19
CA PRO O 3696 9.25 74.05 -1.15
C PRO O 3696 9.23 75.21 -2.14
N ASP O 3697 9.73 74.96 -3.35
CA ASP O 3697 9.71 75.96 -4.40
C ASP O 3697 8.29 76.05 -4.97
N PRO O 3698 7.98 77.08 -5.75
CA PRO O 3698 6.56 77.30 -6.13
C PRO O 3698 5.90 76.09 -6.78
N LEU O 3699 6.62 75.36 -7.63
CA LEU O 3699 6.03 74.17 -8.24
C LEU O 3699 5.70 73.12 -7.19
N HIS O 3700 6.61 72.91 -6.25
CA HIS O 3700 6.34 71.97 -5.15
C HIS O 3700 5.13 72.42 -4.34
N GLN O 3701 5.03 73.73 -4.09
CA GLN O 3701 3.89 74.23 -3.32
C GLN O 3701 2.58 74.01 -4.07
N LEU O 3702 2.59 74.22 -5.38
CA LEU O 3702 1.39 73.96 -6.19
C LEU O 3702 1.00 72.50 -6.11
N VAL O 3703 1.97 71.60 -6.28
CA VAL O 3703 1.68 70.18 -6.21
C VAL O 3703 1.14 69.81 -4.83
N LEU O 3704 1.71 70.41 -3.77
CA LEU O 3704 1.23 70.12 -2.42
C LEU O 3704 -0.19 70.63 -2.21
N HIS O 3705 -0.52 71.80 -2.77
CA HIS O 3705 -1.88 72.30 -2.67
C HIS O 3705 -2.87 71.36 -3.34
N PHE O 3706 -2.53 70.88 -4.54
CA PHE O 3706 -3.41 69.93 -5.20
C PHE O 3706 -3.49 68.62 -4.42
N SER O 3707 -2.39 68.22 -3.79
CA SER O 3707 -2.40 67.01 -2.96
C SER O 3707 -3.34 67.17 -1.79
N ARG O 3708 -3.33 68.34 -1.14
CA ARG O 3708 -4.27 68.59 -0.06
C ARG O 3708 -5.70 68.53 -0.56
N THR O 3709 -5.97 69.16 -1.70
CA THR O 3709 -7.33 69.13 -2.25
C THR O 3709 -7.78 67.70 -2.51
N ALA O 3710 -6.89 66.87 -3.05
CA ALA O 3710 -7.22 65.46 -3.27
C ALA O 3710 -7.45 64.73 -1.96
N LEU O 3711 -6.62 64.99 -0.95
CA LEU O 3711 -6.69 64.24 0.30
C LEU O 3711 -7.87 64.65 1.17
N THR O 3712 -8.44 65.83 0.96
CA THR O 3712 -9.54 66.28 1.79
C THR O 3712 -10.67 65.24 1.79
N GLU O 3713 -11.13 64.88 2.99
CA GLU O 3713 -12.22 63.92 3.11
C GLU O 3713 -13.52 64.56 2.62
N LYS O 3714 -14.18 63.87 1.69
CA LYS O 3714 -15.37 64.44 1.05
C LYS O 3714 -16.10 63.33 0.32
N SER O 3715 -17.36 63.60 -0.05
CA SER O 3715 -18.20 62.65 -0.75
C SER O 3715 -17.83 62.50 -2.21
N LYS O 3716 -17.61 63.61 -2.91
CA LYS O 3716 -17.33 63.58 -4.34
C LYS O 3716 -16.24 64.59 -4.67
N LEU O 3717 -15.66 64.42 -5.86
CA LEU O 3717 -14.61 65.30 -6.35
C LEU O 3717 -15.21 66.33 -7.30
N ASP O 3718 -15.08 67.60 -6.97
CA ASP O 3718 -15.61 68.65 -7.82
C ASP O 3718 -14.73 68.85 -9.05
N GLU O 3719 -15.31 69.45 -10.07
CA GLU O 3719 -14.58 69.77 -11.30
C GLU O 3719 -13.83 71.08 -11.10
N ASP O 3720 -12.51 71.00 -10.97
CA ASP O 3720 -11.67 72.16 -10.67
C ASP O 3720 -10.91 72.55 -11.93
N TYR O 3721 -11.29 73.69 -12.51
CA TYR O 3721 -10.64 74.15 -13.73
C TYR O 3721 -9.16 74.42 -13.50
N LEU O 3722 -8.81 74.92 -12.31
CA LEU O 3722 -7.40 75.18 -12.02
C LEU O 3722 -6.58 73.89 -12.11
N TYR O 3723 -7.07 72.82 -11.48
CA TYR O 3723 -6.37 71.54 -11.58
C TYR O 3723 -6.37 71.03 -13.00
N MET O 3724 -7.50 71.13 -13.70
CA MET O 3724 -7.56 70.61 -15.06
C MET O 3724 -6.59 71.33 -15.99
N ALA O 3725 -6.29 72.60 -15.71
CA ALA O 3725 -5.36 73.34 -16.55
C ALA O 3725 -3.91 73.08 -16.13
N TYR O 3726 -3.65 73.06 -14.82
CA TYR O 3726 -2.27 72.87 -14.36
C TYR O 3726 -1.79 71.45 -14.65
N ALA O 3727 -2.68 70.46 -14.54
CA ALA O 3727 -2.30 69.10 -14.90
C ALA O 3727 -1.96 69.01 -16.38
N ASP O 3728 -2.72 69.69 -17.23
CA ASP O 3728 -2.40 69.71 -18.66
C ASP O 3728 -1.05 70.36 -18.91
N ILE O 3729 -0.77 71.46 -18.19
CA ILE O 3729 0.53 72.13 -18.35
C ILE O 3729 1.66 71.19 -17.96
N MET O 3730 1.52 70.54 -16.80
CA MET O 3730 2.57 69.61 -16.37
C MET O 3730 2.72 68.45 -17.35
N ALA O 3731 1.60 67.93 -17.87
CA ALA O 3731 1.68 66.83 -18.82
C ALA O 3731 2.42 67.25 -20.09
N LYS O 3732 2.10 68.43 -20.62
CA LYS O 3732 2.79 68.90 -21.81
C LYS O 3732 4.24 69.25 -21.53
N SER O 3733 4.59 69.50 -20.26
CA SER O 3733 5.99 69.76 -19.93
C SER O 3733 6.89 68.63 -20.39
N CYS O 3734 6.37 67.39 -20.38
CA CYS O 3734 7.13 66.22 -20.82
C CYS O 3734 6.81 65.96 -22.28
N HIS O 3735 7.72 66.38 -23.16
CA HIS O 3735 7.42 66.39 -24.59
C HIS O 3735 7.26 64.98 -25.15
N LEU O 3736 8.22 64.10 -24.88
CA LEU O 3736 8.27 62.78 -25.51
C LEU O 3736 8.43 62.91 -27.02
N GLU O 3737 9.47 63.64 -27.41
CA GLU O 3737 9.76 63.85 -28.83
C GLU O 3737 10.27 62.56 -29.46
N VAL O 3752 13.15 58.68 -40.73
CA VAL O 3752 14.60 58.51 -40.67
C VAL O 3752 15.03 58.30 -39.23
N GLU O 3753 15.80 57.24 -38.99
CA GLU O 3753 16.33 56.98 -37.66
C GLU O 3753 17.37 58.03 -37.31
N VAL O 3754 17.27 58.56 -36.09
CA VAL O 3754 18.20 59.57 -35.61
C VAL O 3754 19.48 58.89 -35.15
N SER O 3755 20.54 59.67 -34.93
CA SER O 3755 21.78 59.12 -34.43
C SER O 3755 21.57 58.56 -33.03
N PHE O 3756 22.41 57.58 -32.68
CA PHE O 3756 22.33 56.96 -31.36
C PHE O 3756 22.57 57.95 -30.24
N GLU O 3757 23.47 58.91 -30.43
CA GLU O 3757 23.63 59.99 -29.45
C GLU O 3757 22.38 60.86 -29.38
N GLU O 3758 21.78 61.16 -30.53
CA GLU O 3758 20.55 61.93 -30.56
C GLU O 3758 19.48 61.24 -29.71
N LYS O 3759 19.35 59.93 -29.85
CA LYS O 3759 18.29 59.20 -29.18
C LYS O 3759 18.48 59.19 -27.66
N GLU O 3760 19.69 58.87 -27.21
CA GLU O 3760 19.98 58.86 -25.77
C GLU O 3760 19.82 60.25 -25.19
N MET O 3761 20.25 61.28 -25.93
CA MET O 3761 20.14 62.67 -25.50
C MET O 3761 18.68 63.12 -25.37
N GLU O 3762 17.82 62.70 -26.31
CA GLU O 3762 16.39 62.93 -26.15
C GLU O 3762 15.85 62.19 -24.91
N LYS O 3763 16.27 60.95 -24.70
CA LYS O 3763 15.87 60.23 -23.50
C LYS O 3763 16.24 61.00 -22.24
N GLN O 3764 17.44 61.61 -22.24
CA GLN O 3764 17.88 62.35 -21.07
C GLN O 3764 17.00 63.57 -20.81
N ARG O 3765 16.60 64.31 -21.85
CA ARG O 3765 15.63 65.38 -21.57
C ARG O 3765 14.32 64.83 -21.04
N LEU O 3766 13.82 63.73 -21.61
CA LEU O 3766 12.55 63.22 -21.12
C LEU O 3766 12.66 62.86 -19.64
N LEU O 3767 13.77 62.22 -19.26
CA LEU O 3767 13.99 61.88 -17.86
C LEU O 3767 14.10 63.12 -16.98
N TYR O 3768 14.81 64.15 -17.44
CA TYR O 3768 14.94 65.37 -16.64
C TYR O 3768 13.59 66.06 -16.45
N GLN O 3769 12.79 66.10 -17.51
CA GLN O 3769 11.48 66.74 -17.43
C GLN O 3769 10.55 65.96 -16.50
N GLN O 3770 10.64 64.62 -16.52
CA GLN O 3770 9.84 63.84 -15.58
C GLN O 3770 10.36 63.97 -14.16
N SER O 3771 11.67 64.20 -14.01
CA SER O 3771 12.24 64.45 -12.70
C SER O 3771 11.71 65.76 -12.11
N ARG O 3772 11.63 66.80 -12.93
CA ARG O 3772 11.12 68.07 -12.44
C ARG O 3772 9.77 67.88 -11.74
N LEU O 3773 8.95 66.97 -12.25
CA LEU O 3773 7.64 66.75 -11.66
C LEU O 3773 7.69 65.77 -10.49
N HIS O 3774 8.17 64.55 -10.72
CA HIS O 3774 7.98 63.52 -9.69
C HIS O 3774 8.93 63.73 -8.52
N ASN O 3775 9.92 64.60 -8.68
CA ASN O 3775 10.73 64.98 -7.51
C ASN O 3775 9.94 65.90 -6.58
N ARG O 3776 8.80 66.41 -7.02
CA ARG O 3776 8.01 67.33 -6.24
C ARG O 3776 6.66 66.75 -5.82
N GLY O 3777 6.47 65.43 -5.92
CA GLY O 3777 5.26 64.79 -5.46
C GLY O 3777 4.19 64.59 -6.50
N ALA O 3778 4.51 64.73 -7.78
CA ALA O 3778 3.49 64.57 -8.82
C ALA O 3778 2.93 63.16 -8.85
N ALA O 3779 3.76 62.14 -8.60
CA ALA O 3779 3.25 60.77 -8.58
C ALA O 3779 2.25 60.56 -7.46
N GLU O 3780 2.56 61.03 -6.25
CA GLU O 3780 1.61 60.93 -5.14
C GLU O 3780 0.35 61.72 -5.45
N MET O 3781 0.49 62.89 -6.08
CA MET O 3781 -0.69 63.67 -6.45
C MET O 3781 -1.57 62.88 -7.43
N VAL O 3782 -0.96 62.24 -8.41
CA VAL O 3782 -1.72 61.48 -9.39
C VAL O 3782 -2.45 60.33 -8.72
N LEU O 3783 -1.76 59.58 -7.85
CA LEU O 3783 -2.41 58.48 -7.16
C LEU O 3783 -3.55 58.98 -6.28
N GLN O 3784 -3.32 60.08 -5.55
CA GLN O 3784 -4.36 60.62 -4.68
C GLN O 3784 -5.56 61.08 -5.49
N MET O 3785 -5.34 61.69 -6.65
CA MET O 3785 -6.46 62.15 -7.47
C MET O 3785 -7.24 60.97 -8.03
N ILE O 3786 -6.54 59.92 -8.47
CA ILE O 3786 -7.24 58.74 -8.99
C ILE O 3786 -8.04 58.08 -7.88
N SER O 3787 -7.52 58.08 -6.65
CA SER O 3787 -8.28 57.53 -5.54
C SER O 3787 -9.45 58.42 -5.16
N ALA O 3788 -9.31 59.74 -5.30
CA ALA O 3788 -10.36 60.67 -4.88
C ALA O 3788 -11.50 60.70 -5.89
N CYS O 3789 -11.22 60.45 -7.16
CA CYS O 3789 -12.29 60.49 -8.15
C CYS O 3789 -13.39 59.51 -7.80
N LYS O 3790 -13.07 58.45 -7.05
CA LYS O 3790 -14.08 57.51 -6.53
C LYS O 3790 -14.84 56.83 -7.67
N GLY O 3791 -14.18 56.62 -8.80
CA GLY O 3791 -14.73 55.80 -9.86
C GLY O 3791 -15.73 56.48 -10.77
N GLU O 3792 -15.93 57.79 -10.64
CA GLU O 3792 -16.79 58.54 -11.55
C GLU O 3792 -15.93 59.18 -12.63
N THR O 3793 -16.19 58.82 -13.88
CA THR O 3793 -15.41 59.32 -14.99
C THR O 3793 -15.65 60.82 -15.19
N GLY O 3794 -14.65 61.50 -15.73
CA GLY O 3794 -14.79 62.92 -15.98
C GLY O 3794 -13.47 63.51 -16.44
N ALA O 3795 -13.52 64.83 -16.69
CA ALA O 3795 -12.33 65.54 -17.11
C ALA O 3795 -11.24 65.49 -16.04
N MET O 3796 -11.63 65.47 -14.76
CA MET O 3796 -10.63 65.42 -13.71
C MET O 3796 -9.80 64.15 -13.79
N VAL O 3797 -10.46 62.99 -13.85
CA VAL O 3797 -9.72 61.74 -13.94
C VAL O 3797 -9.00 61.63 -15.29
N SER O 3798 -9.58 62.16 -16.36
CA SER O 3798 -8.88 62.14 -17.65
C SER O 3798 -7.57 62.89 -17.56
N SER O 3799 -7.58 64.10 -16.98
CA SER O 3799 -6.36 64.88 -16.84
C SER O 3799 -5.37 64.18 -15.91
N THR O 3800 -5.87 63.58 -14.82
CA THR O 3800 -4.99 62.86 -13.92
C THR O 3800 -4.30 61.71 -14.63
N LEU O 3801 -5.04 60.94 -15.42
CA LEU O 3801 -4.45 59.83 -16.15
C LEU O 3801 -3.44 60.32 -17.18
N LYS O 3802 -3.75 61.43 -17.86
CA LYS O 3802 -2.81 61.98 -18.82
C LYS O 3802 -1.51 62.42 -18.15
N LEU O 3803 -1.63 63.06 -16.97
CA LEU O 3803 -0.43 63.46 -16.24
C LEU O 3803 0.38 62.25 -15.81
N GLY O 3804 -0.30 61.21 -15.32
CA GLY O 3804 0.39 59.99 -14.96
C GLY O 3804 1.11 59.35 -16.12
N ILE O 3805 0.46 59.28 -17.28
CA ILE O 3805 1.12 58.75 -18.48
C ILE O 3805 2.33 59.61 -18.85
N SER O 3806 2.19 60.93 -18.74
CA SER O 3806 3.31 61.81 -19.09
C SER O 3806 4.51 61.55 -18.20
N ILE O 3807 4.27 61.39 -16.89
CA ILE O 3807 5.40 61.19 -15.97
C ILE O 3807 5.90 59.76 -15.99
N LEU O 3808 5.11 58.81 -16.51
CA LEU O 3808 5.55 57.42 -16.59
C LEU O 3808 6.08 57.01 -17.95
N ASN O 3809 6.00 57.88 -18.95
CA ASN O 3809 6.39 57.50 -20.31
C ASN O 3809 7.82 56.99 -20.31
N GLY O 3810 8.04 55.90 -21.02
CA GLY O 3810 9.33 55.25 -21.05
C GLY O 3810 9.59 54.30 -19.89
N GLY O 3811 8.57 53.95 -19.12
CA GLY O 3811 8.75 53.05 -18.01
C GLY O 3811 9.68 53.59 -16.95
N ASN O 3812 9.47 54.84 -16.54
CA ASN O 3812 10.36 55.47 -15.57
C ASN O 3812 10.38 54.65 -14.28
N ALA O 3813 11.52 54.04 -14.00
CA ALA O 3813 11.64 53.16 -12.84
C ALA O 3813 11.56 53.94 -11.54
N GLU O 3814 12.14 55.14 -11.50
CA GLU O 3814 12.08 55.94 -10.29
C GLU O 3814 10.65 56.33 -9.96
N VAL O 3815 9.88 56.73 -10.98
CA VAL O 3815 8.47 57.05 -10.76
C VAL O 3815 7.70 55.80 -10.35
N GLN O 3816 8.03 54.65 -10.96
CA GLN O 3816 7.35 53.42 -10.59
C GLN O 3816 7.56 53.08 -9.12
N GLN O 3817 8.81 53.20 -8.66
CA GLN O 3817 9.10 52.95 -7.25
C GLN O 3817 8.46 53.97 -6.34
N LYS O 3818 8.44 55.24 -6.74
CA LYS O 3818 7.78 56.26 -5.93
C LYS O 3818 6.29 55.97 -5.77
N MET O 3819 5.62 55.53 -6.84
CA MET O 3819 4.22 55.14 -6.76
C MET O 3819 4.01 53.91 -5.90
N LEU O 3820 4.84 52.88 -6.10
CA LEU O 3820 4.68 51.64 -5.33
C LEU O 3820 4.86 51.89 -3.84
N ASP O 3821 5.89 52.65 -3.47
CA ASP O 3821 6.13 52.91 -2.05
C ASP O 3821 4.95 53.63 -1.43
N TYR O 3822 4.42 54.65 -2.12
CA TYR O 3822 3.26 55.36 -1.59
C TYR O 3822 2.06 54.44 -1.41
N LEU O 3823 1.77 53.62 -2.43
CA LEU O 3823 0.61 52.74 -2.33
C LEU O 3823 0.78 51.74 -1.20
N LYS O 3824 1.94 51.10 -1.11
CA LYS O 3824 2.14 50.10 -0.06
C LYS O 3824 2.13 50.73 1.32
N ASP O 3825 2.66 51.94 1.45
CA ASP O 3825 2.69 52.61 2.75
C ASP O 3825 1.30 53.05 3.20
N LYS O 3826 0.50 53.62 2.30
CA LYS O 3826 -0.81 54.12 2.69
C LYS O 3826 -1.82 52.98 2.85
N LYS O 3827 -1.67 51.90 2.08
CA LYS O 3827 -2.55 50.75 2.16
C LYS O 3827 -4.01 51.10 1.95
N GLU O 3828 -4.29 52.04 1.05
CA GLU O 3828 -5.68 52.42 0.78
C GLU O 3828 -6.26 51.56 -0.35
N VAL O 3829 -7.53 51.19 -0.19
CA VAL O 3829 -8.21 50.43 -1.23
C VAL O 3829 -8.91 51.33 -2.24
N GLY O 3830 -9.06 52.62 -1.94
CA GLY O 3830 -9.79 53.50 -2.82
C GLY O 3830 -9.19 53.58 -4.22
N PHE O 3831 -7.86 53.54 -4.30
CA PHE O 3831 -7.20 53.64 -5.61
C PHE O 3831 -7.67 52.52 -6.54
N PHE O 3832 -7.56 51.27 -6.08
CA PHE O 3832 -7.90 50.16 -6.95
C PHE O 3832 -9.41 50.01 -7.11
N GLN O 3833 -10.19 50.39 -6.09
CA GLN O 3833 -11.63 50.40 -6.25
C GLN O 3833 -12.04 51.39 -7.35
N SER O 3834 -11.42 52.57 -7.37
CA SER O 3834 -11.71 53.55 -8.40
C SER O 3834 -11.28 53.05 -9.77
N ILE O 3835 -10.11 52.41 -9.85
CA ILE O 3835 -9.65 51.87 -11.13
C ILE O 3835 -10.64 50.83 -11.65
N GLN O 3836 -11.09 49.93 -10.78
CA GLN O 3836 -12.05 48.92 -11.18
C GLN O 3836 -13.38 49.53 -11.61
N ALA O 3837 -13.86 50.54 -10.89
CA ALA O 3837 -15.10 51.21 -11.28
C ALA O 3837 -14.95 51.87 -12.64
N LEU O 3838 -13.80 52.51 -12.89
CA LEU O 3838 -13.57 53.14 -14.17
C LEU O 3838 -13.56 52.10 -15.29
N MET O 3839 -12.91 50.96 -15.07
CA MET O 3839 -12.95 49.90 -16.07
C MET O 3839 -14.38 49.43 -16.32
N GLN O 3840 -15.15 49.23 -15.26
CA GLN O 3840 -16.54 48.79 -15.43
C GLN O 3840 -17.34 49.83 -16.20
N THR O 3841 -16.99 51.11 -16.05
CA THR O 3841 -17.67 52.18 -16.77
C THR O 3841 -17.18 52.34 -18.21
N CYS O 3842 -16.01 51.82 -18.54
CA CYS O 3842 -15.50 51.91 -19.91
C CYS O 3842 -16.50 51.27 -20.87
N SER O 3843 -16.70 51.91 -22.01
CA SER O 3843 -17.73 51.49 -22.96
C SER O 3843 -17.14 50.64 -24.08
N VAL O 3844 -18.04 50.04 -24.86
CA VAL O 3844 -17.68 49.19 -25.99
C VAL O 3844 -18.58 49.54 -27.16
N LEU O 3845 -18.33 48.88 -28.29
CA LEU O 3845 -19.13 49.12 -29.49
C LEU O 3845 -20.59 48.78 -29.22
N ASP O 3846 -21.49 49.67 -29.66
CA ASP O 3846 -22.93 49.54 -29.43
C ASP O 3846 -23.66 49.62 -30.76
N LEU O 3847 -24.30 48.52 -31.16
CA LEU O 3847 -24.99 48.48 -32.43
C LEU O 3847 -26.25 49.33 -32.44
N ASN O 3848 -26.98 49.38 -31.32
CA ASN O 3848 -28.15 50.25 -31.26
C ASN O 3848 -27.76 51.71 -31.43
N ALA O 3849 -26.68 52.13 -30.76
CA ALA O 3849 -26.17 53.48 -30.93
C ALA O 3849 -25.69 53.73 -32.35
N PHE O 3850 -25.03 52.74 -32.96
CA PHE O 3850 -24.60 52.88 -34.34
C PHE O 3850 -25.79 53.11 -35.26
N GLU O 3851 -26.85 52.32 -35.09
CA GLU O 3851 -28.03 52.47 -35.94
C GLU O 3851 -28.70 53.82 -35.72
N ARG O 3852 -28.79 54.26 -34.46
CA ARG O 3852 -29.36 55.57 -34.19
C ARG O 3852 -28.56 56.68 -34.87
N GLN O 3853 -27.23 56.61 -34.77
CA GLN O 3853 -26.39 57.63 -35.40
C GLN O 3853 -26.53 57.59 -36.92
N ASN O 3854 -26.60 56.38 -37.50
CA ASN O 3854 -26.76 56.28 -38.95
C ASN O 3854 -28.06 56.92 -39.39
N LYS O 3855 -29.16 56.62 -38.70
CA LYS O 3855 -30.44 57.21 -39.08
C LYS O 3855 -30.44 58.72 -38.90
N ALA O 3856 -29.85 59.21 -37.80
CA ALA O 3856 -29.80 60.64 -37.58
C ALA O 3856 -28.99 61.34 -38.67
N GLU O 3857 -27.85 60.76 -39.05
CA GLU O 3857 -27.06 61.34 -40.13
C GLU O 3857 -27.83 61.32 -41.44
N GLY O 3858 -28.55 60.23 -41.71
CA GLY O 3858 -29.35 60.14 -42.92
C GLY O 3858 -30.38 61.24 -42.98
N LEU O 3859 -31.10 61.47 -41.90
CA LEU O 3859 -32.01 62.60 -41.83
C LEU O 3859 -31.23 63.90 -41.92
N GLY O 3860 -31.79 64.88 -42.63
CA GLY O 3860 -31.13 66.16 -42.88
C GLY O 3860 -32.03 67.34 -42.60
N MET O 3861 -31.41 68.47 -42.27
CA MET O 3861 -32.14 69.72 -42.03
C MET O 3861 -32.63 70.31 -43.35
N VAL O 3862 -33.91 70.68 -43.39
CA VAL O 3862 -34.40 71.53 -44.47
C VAL O 3862 -33.90 72.95 -44.28
N ASN O 3863 -33.75 73.38 -43.03
CA ASN O 3863 -33.33 74.74 -42.73
C ASN O 3863 -31.85 74.94 -43.09
N GLU O 3864 -31.46 76.21 -43.17
CA GLU O 3864 -30.09 76.54 -43.54
C GLU O 3864 -29.10 76.06 -42.49
N ASP O 3865 -27.96 75.54 -42.95
CA ASP O 3865 -26.98 74.96 -42.04
C ASP O 3865 -26.55 75.96 -40.97
N GLY O 3866 -26.35 77.22 -41.34
CA GLY O 3866 -25.93 78.21 -40.36
C GLY O 3866 -26.97 78.41 -39.27
N THR O 3867 -28.25 78.36 -39.63
CA THR O 3867 -29.31 78.61 -38.67
C THR O 3867 -29.55 77.42 -37.74
N VAL O 3868 -29.38 76.19 -38.24
CA VAL O 3868 -29.74 75.00 -37.49
C VAL O 3868 -28.52 74.10 -37.32
N ILE O 3869 -28.65 73.07 -36.49
CA ILE O 3869 -27.51 72.22 -36.16
C ILE O 3869 -26.96 71.54 -37.40
N ASN O 3870 -27.84 70.96 -38.22
CA ASN O 3870 -27.43 70.24 -39.43
C ASN O 3870 -26.58 69.01 -39.12
N ARG O 3871 -27.05 68.19 -38.18
CA ARG O 3871 -26.48 66.87 -37.93
C ARG O 3871 -25.02 66.95 -37.50
N GLN O 3872 -24.72 67.83 -36.56
CA GLN O 3872 -23.42 67.86 -35.87
C GLN O 3872 -23.66 67.49 -34.41
N ASN O 3873 -23.34 66.25 -34.07
CA ASN O 3873 -23.42 65.76 -32.71
C ASN O 3873 -22.28 64.79 -32.46
N GLY O 3874 -21.85 64.71 -31.20
CA GLY O 3874 -20.74 63.86 -30.84
C GLY O 3874 -21.05 62.39 -31.12
N GLU O 3875 -20.02 61.66 -31.52
CA GLU O 3875 -20.17 60.24 -31.80
C GLU O 3875 -20.66 59.51 -30.57
N LYS O 3876 -21.71 58.71 -30.73
CA LYS O 3876 -22.28 57.93 -29.64
C LYS O 3876 -21.84 56.48 -29.63
N VAL O 3877 -20.97 56.08 -30.55
CA VAL O 3877 -20.41 54.73 -30.58
C VAL O 3877 -19.01 54.79 -29.97
N MET O 3878 -18.84 54.17 -28.81
CA MET O 3878 -17.57 54.17 -28.10
C MET O 3878 -17.02 55.59 -27.97
N ALA O 3879 -17.78 56.43 -27.28
CA ALA O 3879 -17.41 57.84 -27.17
C ALA O 3879 -16.17 58.05 -26.31
N ASP O 3880 -15.88 57.11 -25.41
CA ASP O 3880 -14.77 57.25 -24.48
C ASP O 3880 -13.57 56.38 -24.84
N ASP O 3881 -13.31 56.20 -26.14
CA ASP O 3881 -12.17 55.39 -26.58
C ASP O 3881 -10.87 56.00 -26.07
N GLU O 3882 -10.77 57.33 -26.14
CA GLU O 3882 -9.55 57.99 -25.69
C GLU O 3882 -9.30 57.75 -24.21
N PHE O 3883 -10.35 57.85 -23.39
CA PHE O 3883 -10.17 57.63 -21.95
C PHE O 3883 -9.85 56.18 -21.66
N THR O 3884 -10.49 55.24 -22.36
CA THR O 3884 -10.18 53.83 -22.17
C THR O 3884 -8.71 53.55 -22.49
N GLN O 3885 -8.24 54.08 -23.63
CA GLN O 3885 -6.85 53.91 -24.00
C GLN O 3885 -5.91 54.57 -22.99
N ASP O 3886 -6.28 55.74 -22.47
CA ASP O 3886 -5.43 56.38 -21.46
C ASP O 3886 -5.34 55.52 -20.20
N LEU O 3887 -6.47 54.99 -19.73
CA LEU O 3887 -6.45 54.14 -18.55
C LEU O 3887 -5.56 52.92 -18.75
N PHE O 3888 -5.76 52.22 -19.87
CA PHE O 3888 -4.98 51.00 -20.08
C PHE O 3888 -3.52 51.30 -20.36
N ARG O 3889 -3.22 52.45 -20.97
CA ARG O 3889 -1.83 52.85 -21.16
C ARG O 3889 -1.17 53.16 -19.83
N PHE O 3890 -1.90 53.81 -18.92
CA PHE O 3890 -1.37 54.05 -17.58
C PHE O 3890 -1.05 52.73 -16.89
N LEU O 3891 -1.98 51.77 -16.94
CA LEU O 3891 -1.73 50.49 -16.30
C LEU O 3891 -0.57 49.75 -16.94
N GLN O 3892 -0.42 49.86 -18.27
CA GLN O 3892 0.73 49.24 -18.93
C GLN O 3892 2.04 49.92 -18.51
N LEU O 3893 2.05 51.25 -18.49
CA LEU O 3893 3.26 51.98 -18.11
C LEU O 3893 3.68 51.63 -16.69
N LEU O 3894 2.71 51.33 -15.83
CA LEU O 3894 3.06 50.91 -14.48
C LEU O 3894 3.97 49.69 -14.49
N CYS O 3895 3.68 48.71 -15.36
CA CYS O 3895 4.42 47.45 -15.39
C CYS O 3895 5.51 47.41 -16.45
N GLU O 3896 5.67 48.44 -17.26
CA GLU O 3896 6.71 48.42 -18.28
C GLU O 3896 8.08 48.26 -17.64
N GLY O 3897 8.96 47.52 -18.31
CA GLY O 3897 10.26 47.19 -17.77
C GLY O 3897 10.33 45.89 -17.02
N HIS O 3898 9.28 45.06 -17.10
CA HIS O 3898 9.22 43.80 -16.36
C HIS O 3898 9.32 44.05 -14.85
N ASN O 3899 8.53 45.00 -14.36
CA ASN O 3899 8.53 45.31 -12.94
C ASN O 3899 7.73 44.26 -12.18
N ASN O 3900 8.45 43.32 -11.57
CA ASN O 3900 7.81 42.21 -10.89
C ASN O 3900 6.92 42.69 -9.75
N ASP O 3901 7.36 43.75 -9.06
CA ASP O 3901 6.59 44.22 -7.90
C ASP O 3901 5.20 44.69 -8.32
N PHE O 3902 5.11 45.53 -9.35
CA PHE O 3902 3.79 45.92 -9.85
C PHE O 3902 3.06 44.74 -10.46
N GLN O 3903 3.76 43.88 -11.19
CA GLN O 3903 3.10 42.75 -11.84
C GLN O 3903 2.43 41.87 -10.79
N ASN O 3904 2.94 41.86 -9.56
CA ASN O 3904 2.30 41.10 -8.50
C ASN O 3904 1.27 41.94 -7.75
N TYR O 3905 1.55 43.22 -7.55
CA TYR O 3905 0.64 44.08 -6.79
C TYR O 3905 -0.69 44.23 -7.50
N LEU O 3906 -0.67 44.41 -8.82
CA LEU O 3906 -1.93 44.57 -9.56
C LEU O 3906 -2.79 43.33 -9.45
N ARG O 3907 -2.19 42.17 -9.13
CA ARG O 3907 -2.97 40.95 -8.97
C ARG O 3907 -3.46 40.81 -7.54
N THR O 3908 -2.57 41.01 -6.56
CA THR O 3908 -2.94 40.91 -5.15
C THR O 3908 -2.22 41.98 -4.36
N GLN O 3909 -2.97 42.72 -3.55
CA GLN O 3909 -2.40 43.69 -2.61
C GLN O 3909 -2.34 43.06 -1.23
N THR O 3910 -1.12 42.75 -0.77
CA THR O 3910 -0.97 42.01 0.47
C THR O 3910 -1.41 42.82 1.68
N GLY O 3911 -1.05 44.11 1.73
CA GLY O 3911 -1.31 44.88 2.93
C GLY O 3911 -2.74 45.36 3.06
N ASN O 3912 -3.44 45.52 1.95
CA ASN O 3912 -4.78 46.10 1.99
C ASN O 3912 -5.76 45.13 2.64
N THR O 3913 -6.86 45.69 3.15
CA THR O 3913 -7.90 44.87 3.77
C THR O 3913 -8.56 43.96 2.73
N THR O 3914 -8.79 44.47 1.53
CA THR O 3914 -9.37 43.70 0.43
C THR O 3914 -8.54 43.91 -0.82
N THR O 3915 -8.48 42.88 -1.67
CA THR O 3915 -7.72 42.95 -2.90
C THR O 3915 -8.63 42.95 -4.11
N ILE O 3916 -8.15 43.57 -5.19
CA ILE O 3916 -8.86 43.62 -6.46
C ILE O 3916 -7.91 43.10 -7.54
N ASN O 3917 -8.39 42.19 -8.37
CA ASN O 3917 -7.57 41.56 -9.40
C ASN O 3917 -7.69 42.39 -10.68
N ILE O 3918 -6.76 43.32 -10.85
CA ILE O 3918 -6.77 44.19 -12.02
C ILE O 3918 -6.59 43.37 -13.29
N ILE O 3919 -5.86 42.25 -13.19
CA ILE O 3919 -5.67 41.39 -14.35
C ILE O 3919 -7.01 40.84 -14.81
N ILE O 3920 -7.80 40.32 -13.87
CA ILE O 3920 -9.10 39.76 -14.22
C ILE O 3920 -10.05 40.85 -14.68
N CYS O 3921 -9.94 42.06 -14.12
CA CYS O 3921 -10.76 43.17 -14.61
C CYS O 3921 -10.44 43.49 -16.06
N THR O 3922 -9.15 43.52 -16.41
CA THR O 3922 -8.75 43.74 -17.79
C THR O 3922 -9.29 42.64 -18.69
N VAL O 3923 -9.21 41.39 -18.23
CA VAL O 3923 -9.74 40.27 -19.01
C VAL O 3923 -11.24 40.43 -19.24
N ASP O 3924 -11.97 40.85 -18.21
CA ASP O 3924 -13.41 41.03 -18.35
C ASP O 3924 -13.73 42.13 -19.36
N TYR O 3925 -13.00 43.25 -19.31
CA TYR O 3925 -13.23 44.29 -20.29
C TYR O 3925 -12.91 43.79 -21.71
N LEU O 3926 -11.83 43.01 -21.83
CA LEU O 3926 -11.49 42.46 -23.15
C LEU O 3926 -12.59 41.54 -23.66
N LEU O 3927 -13.20 40.77 -22.76
CA LEU O 3927 -14.31 39.91 -23.17
C LEU O 3927 -15.52 40.72 -23.62
N ARG O 3928 -15.84 41.79 -22.89
CA ARG O 3928 -16.92 42.66 -23.33
C ARG O 3928 -16.62 43.22 -24.72
N LEU O 3929 -15.38 43.66 -24.93
CA LEU O 3929 -14.99 44.20 -26.23
C LEU O 3929 -15.11 43.17 -27.33
N GLN O 3930 -14.71 41.92 -27.07
CA GLN O 3930 -14.75 40.91 -28.13
C GLN O 3930 -16.18 40.54 -28.46
N GLU O 3931 -17.06 40.50 -27.45
CA GLU O 3931 -18.47 40.30 -27.75
C GLU O 3931 -19.01 41.42 -28.61
N SER O 3932 -18.67 42.67 -28.28
CA SER O 3932 -19.16 43.79 -29.08
C SER O 3932 -18.64 43.71 -30.51
N ILE O 3933 -17.37 43.38 -30.69
CA ILE O 3933 -16.79 43.30 -32.03
C ILE O 3933 -17.42 42.15 -32.82
N SER O 3934 -17.67 41.01 -32.18
CA SER O 3934 -18.34 39.92 -32.87
C SER O 3934 -19.74 40.30 -33.29
N ASP O 3935 -20.49 41.01 -32.43
CA ASP O 3935 -21.81 41.46 -32.82
C ASP O 3935 -21.74 42.42 -34.01
N PHE O 3936 -20.77 43.33 -34.01
CA PHE O 3936 -20.64 44.27 -35.11
C PHE O 3936 -20.29 43.55 -36.41
N TYR O 3937 -19.40 42.56 -36.33
CA TYR O 3937 -19.07 41.78 -37.52
C TYR O 3937 -20.27 41.00 -38.03
N TRP O 3938 -21.08 40.44 -37.12
CA TRP O 3938 -22.29 39.77 -37.57
C TRP O 3938 -23.25 40.74 -38.22
N TYR O 3939 -23.29 41.98 -37.73
CA TYR O 3939 -24.10 43.01 -38.38
C TYR O 3939 -23.65 43.25 -39.81
N TYR O 3940 -22.33 43.36 -40.02
CA TYR O 3940 -21.80 43.71 -41.33
C TYR O 3940 -21.49 42.50 -42.22
N SER O 3941 -21.76 41.28 -41.74
CA SER O 3941 -21.47 40.11 -42.55
C SER O 3941 -22.28 40.08 -43.84
N GLY O 3942 -23.57 40.40 -43.77
CA GLY O 3942 -24.40 40.33 -44.96
C GLY O 3942 -23.99 41.33 -46.03
N LYS O 3943 -23.70 42.56 -45.61
CA LYS O 3943 -23.36 43.62 -46.56
C LYS O 3943 -22.06 43.27 -47.28
N ASP O 3944 -22.02 43.57 -48.58
CA ASP O 3944 -20.85 43.23 -49.39
C ASP O 3944 -19.68 44.16 -49.09
N VAL O 3945 -19.93 45.46 -48.95
CA VAL O 3945 -18.88 46.45 -48.74
C VAL O 3945 -19.17 47.21 -47.46
N ILE O 3946 -18.18 47.31 -46.58
CA ILE O 3946 -18.33 48.05 -45.33
C ILE O 3946 -18.23 49.54 -45.61
N GLU O 3947 -19.14 50.31 -45.01
CA GLU O 3947 -19.18 51.74 -45.24
C GLU O 3947 -18.13 52.46 -44.39
N GLU O 3948 -17.98 53.76 -44.65
CA GLU O 3948 -16.93 54.54 -44.00
C GLU O 3948 -17.11 54.58 -42.49
N GLN O 3949 -18.36 54.80 -42.03
CA GLN O 3949 -18.60 54.85 -40.59
C GLN O 3949 -18.32 53.51 -39.93
N GLY O 3950 -18.70 52.41 -40.60
CA GLY O 3950 -18.37 51.10 -40.09
C GLY O 3950 -16.88 50.88 -39.97
N LYS O 3951 -16.12 51.31 -40.99
CA LYS O 3951 -14.67 51.19 -40.93
C LYS O 3951 -14.09 52.01 -39.79
N ARG O 3952 -14.62 53.22 -39.58
CA ARG O 3952 -14.12 54.06 -38.50
C ARG O 3952 -14.38 53.42 -37.14
N ASN O 3953 -15.59 52.90 -36.94
CA ASN O 3953 -15.91 52.23 -35.68
C ASN O 3953 -15.03 51.01 -35.47
N PHE O 3954 -14.84 50.22 -36.52
CA PHE O 3954 -13.91 49.10 -36.44
C PHE O 3954 -12.52 49.56 -36.04
N SER O 3955 -12.05 50.65 -36.64
CA SER O 3955 -10.70 51.14 -36.33
C SER O 3955 -10.57 51.50 -34.86
N LYS O 3956 -11.55 52.22 -34.31
CA LYS O 3956 -11.50 52.57 -32.90
C LYS O 3956 -11.51 51.32 -32.02
N ALA O 3957 -12.40 50.37 -32.34
CA ALA O 3957 -12.49 49.15 -31.53
C ALA O 3957 -11.19 48.37 -31.55
N MET O 3958 -10.59 48.22 -32.74
CA MET O 3958 -9.34 47.47 -32.83
C MET O 3958 -8.19 48.21 -32.15
N SER O 3959 -8.18 49.54 -32.18
CA SER O 3959 -7.17 50.28 -31.43
C SER O 3959 -7.29 50.00 -29.94
N VAL O 3960 -8.50 50.04 -29.41
CA VAL O 3960 -8.69 49.79 -27.99
C VAL O 3960 -8.29 48.35 -27.65
N ALA O 3961 -8.67 47.39 -28.50
CA ALA O 3961 -8.30 46.00 -28.25
C ALA O 3961 -6.78 45.82 -28.28
N LYS O 3962 -6.12 46.50 -29.22
CA LYS O 3962 -4.66 46.44 -29.28
C LYS O 3962 -4.04 46.96 -27.98
N GLN O 3963 -4.56 48.07 -27.46
CA GLN O 3963 -4.03 48.61 -26.21
C GLN O 3963 -4.25 47.62 -25.07
N VAL O 3964 -5.42 46.99 -25.01
CA VAL O 3964 -5.70 46.04 -23.93
C VAL O 3964 -4.75 44.84 -24.02
N PHE O 3965 -4.52 44.35 -25.24
CA PHE O 3965 -3.57 43.24 -25.40
C PHE O 3965 -2.17 43.66 -24.97
N ASN O 3966 -1.74 44.86 -25.33
CA ASN O 3966 -0.43 45.32 -24.89
C ASN O 3966 -0.35 45.36 -23.38
N SER O 3967 -1.42 45.82 -22.73
CA SER O 3967 -1.43 45.85 -21.26
C SER O 3967 -1.33 44.44 -20.67
N LEU O 3968 -2.07 43.49 -21.23
CA LEU O 3968 -1.99 42.12 -20.72
C LEU O 3968 -0.59 41.53 -20.91
N THR O 3969 0.00 41.76 -22.08
CA THR O 3969 1.35 41.29 -22.33
C THR O 3969 2.33 41.90 -21.33
N GLU O 3970 2.17 43.19 -21.02
CA GLU O 3970 3.03 43.83 -20.04
C GLU O 3970 2.82 43.22 -18.66
N TYR O 3971 1.58 42.87 -18.32
CA TYR O 3971 1.32 42.21 -17.05
C TYR O 3971 2.06 40.89 -16.95
N ILE O 3972 2.03 40.08 -18.00
CA ILE O 3972 2.52 38.71 -17.88
C ILE O 3972 4.02 38.57 -18.18
N GLN O 3973 4.61 39.45 -18.99
CA GLN O 3973 6.02 39.29 -19.34
C GLN O 3973 6.91 39.47 -18.12
N GLY O 3974 8.10 38.87 -18.18
CA GLY O 3974 9.10 39.02 -17.15
C GLY O 3974 9.81 37.72 -16.78
N PRO O 3975 9.09 36.59 -16.72
CA PRO O 3975 7.64 36.37 -16.65
C PRO O 3975 7.12 36.56 -15.23
N CYS O 3976 5.81 36.80 -15.09
CA CYS O 3976 5.15 36.80 -13.78
C CYS O 3976 4.30 35.54 -13.69
N THR O 3977 4.77 34.57 -12.89
CA THR O 3977 4.06 33.30 -12.80
C THR O 3977 2.67 33.48 -12.23
N GLY O 3978 2.51 34.35 -11.22
CA GLY O 3978 1.20 34.57 -10.65
C GLY O 3978 0.21 35.11 -11.67
N ASN O 3979 0.63 36.12 -12.44
CA ASN O 3979 -0.25 36.67 -13.46
C ASN O 3979 -0.54 35.66 -14.56
N GLN O 3980 0.48 34.87 -14.95
CA GLN O 3980 0.27 33.84 -15.95
C GLN O 3980 -0.80 32.85 -15.49
N GLN O 3981 -0.69 32.37 -14.26
CA GLN O 3981 -1.67 31.42 -13.74
C GLN O 3981 -3.05 32.08 -13.63
N SER O 3982 -3.09 33.33 -13.19
CA SER O 3982 -4.37 34.02 -13.06
C SER O 3982 -5.06 34.13 -14.42
N LEU O 3983 -4.34 34.53 -15.46
CA LEU O 3983 -4.94 34.61 -16.79
C LEU O 3983 -5.35 33.23 -17.29
N ALA O 3984 -4.51 32.21 -17.03
CA ALA O 3984 -4.85 30.87 -17.48
C ALA O 3984 -6.17 30.41 -16.87
N HIS O 3985 -6.38 30.68 -15.58
CA HIS O 3985 -7.64 30.30 -14.95
C HIS O 3985 -8.77 31.26 -15.30
N SER O 3986 -8.44 32.45 -15.81
CA SER O 3986 -9.46 33.42 -16.16
C SER O 3986 -10.17 33.04 -17.46
N ARG O 3987 -11.06 33.92 -17.91
CA ARG O 3987 -11.82 33.75 -19.14
C ARG O 3987 -11.14 34.34 -20.36
N LEU O 3988 -9.81 34.46 -20.35
CA LEU O 3988 -9.11 35.00 -21.52
C LEU O 3988 -9.30 34.09 -22.73
N TRP O 3989 -9.43 32.78 -22.49
CA TRP O 3989 -9.47 31.84 -23.60
C TRP O 3989 -10.69 32.06 -24.48
N ASP O 3990 -11.85 32.33 -23.89
CA ASP O 3990 -13.05 32.61 -24.68
C ASP O 3990 -12.90 33.85 -25.52
N ALA O 3991 -12.31 34.91 -24.97
CA ALA O 3991 -12.06 36.12 -25.75
C ALA O 3991 -11.12 35.83 -26.91
N VAL O 3992 -10.09 35.03 -26.67
CA VAL O 3992 -9.16 34.70 -27.75
C VAL O 3992 -9.88 33.89 -28.84
N VAL O 3993 -10.81 33.01 -28.45
CA VAL O 3993 -11.58 32.26 -29.43
C VAL O 3993 -12.44 33.21 -30.27
N GLY O 3994 -13.10 34.17 -29.61
CA GLY O 3994 -13.91 35.14 -30.35
C GLY O 3994 -13.07 35.94 -31.33
N PHE O 3995 -11.90 36.39 -30.89
CA PHE O 3995 -10.97 37.06 -31.81
C PHE O 3995 -10.53 36.14 -32.94
N LEU O 3996 -10.31 34.86 -32.68
CA LEU O 3996 -9.90 33.98 -33.77
C LEU O 3996 -10.99 33.88 -34.83
N HIS O 3997 -12.24 33.68 -34.41
CA HIS O 3997 -13.34 33.62 -35.35
C HIS O 3997 -13.46 34.93 -36.13
N VAL O 3998 -13.48 36.05 -35.42
CA VAL O 3998 -13.65 37.35 -36.07
C VAL O 3998 -12.50 37.61 -37.02
N PHE O 3999 -11.27 37.29 -36.62
CA PHE O 3999 -10.12 37.54 -37.47
C PHE O 3999 -10.21 36.74 -38.76
N ALA O 4000 -10.53 35.45 -38.66
CA ALA O 4000 -10.61 34.65 -39.88
C ALA O 4000 -11.65 35.23 -40.84
N HIS O 4001 -12.87 35.43 -40.35
CA HIS O 4001 -13.94 35.87 -41.24
C HIS O 4001 -13.67 37.26 -41.78
N MET O 4002 -13.15 38.17 -40.94
CA MET O 4002 -12.90 39.53 -41.37
C MET O 4002 -11.75 39.60 -42.36
N MET O 4003 -10.71 38.79 -42.18
CA MET O 4003 -9.65 38.77 -43.19
C MET O 4003 -10.20 38.30 -44.52
N MET O 4004 -11.02 37.24 -44.54
CA MET O 4004 -11.60 36.84 -45.82
C MET O 4004 -12.41 37.97 -46.45
N LYS O 4005 -13.33 38.55 -45.67
CA LYS O 4005 -14.23 39.56 -46.23
C LYS O 4005 -13.47 40.78 -46.71
N LEU O 4006 -12.50 41.25 -45.92
CA LEU O 4006 -11.74 42.45 -46.26
C LEU O 4006 -10.73 42.21 -47.37
N ALA O 4007 -10.20 40.99 -47.49
CA ALA O 4007 -9.35 40.66 -48.63
C ALA O 4007 -10.14 40.62 -49.92
N GLN O 4008 -11.42 40.20 -49.87
CA GLN O 4008 -12.22 40.22 -51.08
C GLN O 4008 -12.34 41.64 -51.65
N ASP O 4009 -12.13 42.67 -50.83
CA ASP O 4009 -12.28 44.06 -51.26
C ASP O 4009 -10.94 44.77 -51.12
N SER O 4010 -10.57 45.54 -52.16
CA SER O 4010 -9.28 46.22 -52.16
C SER O 4010 -9.31 47.54 -51.38
N SER O 4011 -10.45 48.25 -51.40
CA SER O 4011 -10.50 49.57 -50.77
C SER O 4011 -10.26 49.49 -49.27
N GLN O 4012 -10.53 48.34 -48.65
CA GLN O 4012 -10.42 48.16 -47.22
C GLN O 4012 -9.05 47.62 -46.80
N ILE O 4013 -8.01 47.90 -47.59
CA ILE O 4013 -6.69 47.35 -47.31
C ILE O 4013 -6.16 47.90 -46.00
N GLU O 4014 -6.39 49.20 -45.73
CA GLU O 4014 -5.89 49.78 -44.49
C GLU O 4014 -6.53 49.11 -43.27
N LEU O 4015 -7.85 48.88 -43.33
CA LEU O 4015 -8.51 48.19 -42.23
C LEU O 4015 -7.98 46.77 -42.09
N LEU O 4016 -7.70 46.10 -43.21
CA LEU O 4016 -7.13 44.76 -43.12
C LEU O 4016 -5.76 44.79 -42.45
N LYS O 4017 -4.94 45.78 -42.78
CA LYS O 4017 -3.64 45.91 -42.12
C LYS O 4017 -3.81 46.12 -40.62
N GLU O 4018 -4.75 46.97 -40.23
CA GLU O 4018 -4.99 47.20 -38.81
C GLU O 4018 -5.43 45.91 -38.11
N LEU O 4019 -6.31 45.15 -38.75
CA LEU O 4019 -6.76 43.89 -38.17
C LEU O 4019 -5.61 42.91 -38.03
N LEU O 4020 -4.73 42.85 -39.04
CA LEU O 4020 -3.58 41.96 -38.96
C LEU O 4020 -2.63 42.38 -37.84
N ASP O 4021 -2.46 43.68 -37.63
CA ASP O 4021 -1.64 44.15 -36.51
C ASP O 4021 -2.25 43.73 -35.18
N LEU O 4022 -3.57 43.86 -35.04
CA LEU O 4022 -4.23 43.41 -33.82
C LEU O 4022 -4.03 41.92 -33.60
N GLN O 4023 -4.12 41.13 -34.68
CA GLN O 4023 -3.86 39.70 -34.58
C GLN O 4023 -2.44 39.43 -34.13
N LYS O 4024 -1.48 40.19 -34.65
CA LYS O 4024 -0.10 40.02 -34.23
C LYS O 4024 0.05 40.29 -32.74
N ASP O 4025 -0.61 41.34 -32.23
CA ASP O 4025 -0.53 41.63 -30.80
C ASP O 4025 -1.15 40.50 -29.99
N MET O 4026 -2.26 39.94 -30.45
CA MET O 4026 -2.87 38.81 -29.75
C MET O 4026 -1.90 37.62 -29.69
N VAL O 4027 -1.23 37.33 -30.82
CA VAL O 4027 -0.29 36.22 -30.83
C VAL O 4027 0.90 36.49 -29.91
N VAL O 4028 1.35 37.75 -29.85
CA VAL O 4028 2.45 38.10 -28.95
C VAL O 4028 2.02 37.87 -27.50
N MET O 4029 0.79 38.25 -27.16
CA MET O 4029 0.29 37.99 -25.81
C MET O 4029 0.25 36.49 -25.54
N LEU O 4030 -0.21 35.69 -26.51
CA LEU O 4030 -0.27 34.25 -26.32
C LEU O 4030 1.12 33.66 -26.09
N LEU O 4031 2.12 34.12 -26.83
CA LEU O 4031 3.49 33.67 -26.61
C LEU O 4031 4.03 34.10 -25.25
N SER O 4032 3.79 35.35 -24.85
CA SER O 4032 4.20 35.79 -23.53
C SER O 4032 3.57 34.92 -22.44
N LEU O 4033 2.36 34.42 -22.68
CA LEU O 4033 1.79 33.44 -21.76
C LEU O 4033 2.66 32.19 -21.68
N LEU O 4034 3.21 31.75 -22.81
CA LEU O 4034 4.00 30.52 -22.85
C LEU O 4034 5.43 30.71 -22.38
N GLU O 4035 5.89 31.95 -22.21
CA GLU O 4035 7.23 32.17 -21.65
C GLU O 4035 7.42 31.35 -20.38
N GLY O 4036 8.54 30.64 -20.30
CA GLY O 4036 8.85 29.86 -19.12
C GLY O 4036 8.02 28.62 -18.92
N ASN O 4037 7.46 28.06 -19.99
CA ASN O 4037 6.58 26.91 -19.87
C ASN O 4037 7.39 25.65 -19.58
N VAL O 4038 6.69 24.65 -19.03
CA VAL O 4038 7.26 23.34 -18.80
C VAL O 4038 6.54 22.34 -19.71
N VAL O 4039 7.21 21.22 -19.97
CA VAL O 4039 6.61 20.19 -20.80
C VAL O 4039 5.33 19.69 -20.14
N ASN O 4040 4.28 19.52 -20.95
CA ASN O 4040 2.95 19.17 -20.45
C ASN O 4040 2.49 20.17 -19.40
N GLY O 4041 2.79 21.44 -19.62
CA GLY O 4041 2.40 22.48 -18.69
C GLY O 4041 0.91 22.74 -18.71
N MET O 4042 0.42 23.29 -17.61
CA MET O 4042 -1.01 23.59 -17.49
C MET O 4042 -1.42 24.64 -18.52
N ILE O 4043 -0.61 25.70 -18.66
CA ILE O 4043 -0.93 26.75 -19.62
C ILE O 4043 -0.87 26.21 -21.05
N ALA O 4044 0.14 25.39 -21.34
CA ALA O 4044 0.26 24.81 -22.68
C ALA O 4044 -0.95 23.94 -23.01
N ARG O 4045 -1.37 23.09 -22.06
CA ARG O 4045 -2.54 22.25 -22.31
C ARG O 4045 -3.79 23.09 -22.47
N GLN O 4046 -3.93 24.15 -21.68
CA GLN O 4046 -5.09 25.03 -21.82
C GLN O 4046 -5.11 25.68 -23.20
N MET O 4047 -3.95 26.12 -23.68
CA MET O 4047 -3.89 26.76 -24.99
C MET O 4047 -4.18 25.77 -26.11
N VAL O 4048 -3.70 24.52 -25.95
CA VAL O 4048 -4.03 23.49 -26.94
C VAL O 4048 -5.53 23.24 -26.95
N ASP O 4049 -6.15 23.22 -25.77
CA ASP O 4049 -7.60 23.05 -25.70
C ASP O 4049 -8.31 24.20 -26.39
N MET O 4050 -7.82 25.42 -26.19
CA MET O 4050 -8.39 26.58 -26.90
C MET O 4050 -8.30 26.38 -28.41
N LEU O 4051 -7.13 25.97 -28.90
CA LEU O 4051 -6.95 25.81 -30.34
C LEU O 4051 -7.87 24.72 -30.87
N VAL O 4052 -8.04 23.64 -30.10
CA VAL O 4052 -8.97 22.59 -30.52
C VAL O 4052 -10.39 23.12 -30.59
N GLU O 4053 -10.79 23.93 -29.61
CA GLU O 4053 -12.13 24.51 -29.64
C GLU O 4053 -12.30 25.41 -30.86
N SER O 4054 -11.30 26.22 -31.17
CA SER O 4054 -11.34 27.14 -32.30
C SER O 4054 -10.73 26.54 -33.56
N SER O 4055 -10.72 25.20 -33.69
CA SER O 4055 -10.13 24.52 -34.82
C SER O 4055 -10.41 25.17 -36.17
N SER O 4056 -11.69 25.31 -36.52
CA SER O 4056 -12.04 25.74 -37.87
C SER O 4056 -11.47 27.12 -38.18
N ASN O 4057 -11.61 28.06 -37.25
CA ASN O 4057 -11.13 29.43 -37.51
C ASN O 4057 -9.62 29.47 -37.64
N VAL O 4058 -8.90 28.71 -36.80
CA VAL O 4058 -7.45 28.64 -36.94
C VAL O 4058 -7.08 28.02 -38.27
N GLU O 4059 -7.85 27.01 -38.71
CA GLU O 4059 -7.61 26.42 -40.02
C GLU O 4059 -7.78 27.45 -41.13
N MET O 4060 -8.82 28.29 -41.03
CA MET O 4060 -9.02 29.33 -42.04
C MET O 4060 -7.87 30.34 -42.03
N ILE O 4061 -7.41 30.73 -40.85
CA ILE O 4061 -6.30 31.67 -40.76
C ILE O 4061 -5.05 31.08 -41.41
N LEU O 4062 -4.74 29.82 -41.08
CA LEU O 4062 -3.57 29.17 -41.66
C LEU O 4062 -3.71 29.06 -43.17
N LYS O 4063 -4.91 28.73 -43.66
CA LYS O 4063 -5.12 28.62 -45.09
C LYS O 4063 -4.92 29.97 -45.78
N PHE O 4064 -5.41 31.05 -45.18
CA PHE O 4064 -5.20 32.38 -45.74
C PHE O 4064 -3.72 32.68 -45.87
N PHE O 4065 -2.97 32.52 -44.77
CA PHE O 4065 -1.54 32.82 -44.82
C PHE O 4065 -0.84 31.92 -45.83
N ASP O 4066 -1.18 30.64 -45.87
CA ASP O 4066 -0.56 29.72 -46.81
C ASP O 4066 -0.82 30.13 -48.25
N MET O 4067 -2.08 30.42 -48.58
CA MET O 4067 -2.40 30.80 -49.96
C MET O 4067 -1.67 32.07 -50.37
N PHE O 4068 -1.71 33.10 -49.53
CA PHE O 4068 -1.14 34.37 -49.95
C PHE O 4068 0.37 34.47 -49.72
N LEU O 4069 1.00 33.44 -49.16
CA LEU O 4069 2.45 33.32 -49.29
C LEU O 4069 2.84 32.48 -50.50
N LYS O 4070 2.11 31.37 -50.74
CA LYS O 4070 2.39 30.51 -51.89
C LYS O 4070 2.15 31.24 -53.21
N LEU O 4071 1.26 32.23 -53.21
CA LEU O 4071 1.04 33.02 -54.43
C LEU O 4071 2.34 33.64 -54.93
N LYS O 4072 3.21 34.06 -54.01
CA LYS O 4072 4.49 34.65 -54.41
C LYS O 4072 5.34 33.68 -55.21
N ASP O 4073 5.13 32.37 -55.06
CA ASP O 4073 5.90 31.36 -55.76
C ASP O 4073 5.18 30.82 -57.00
N ILE O 4074 3.88 30.53 -56.89
CA ILE O 4074 3.15 30.00 -58.05
C ILE O 4074 3.18 31.00 -59.20
N VAL O 4075 3.28 32.29 -58.90
CA VAL O 4075 3.40 33.29 -59.96
C VAL O 4075 4.68 33.05 -60.76
N GLY O 4076 5.79 32.78 -60.06
CA GLY O 4076 7.04 32.53 -60.76
C GLY O 4076 7.06 31.18 -61.46
N SER O 4077 6.08 30.33 -61.18
CA SER O 4077 6.03 29.01 -61.80
C SER O 4077 6.00 29.13 -63.32
N GLU O 4078 6.82 28.34 -63.99
CA GLU O 4078 6.89 28.39 -65.45
C GLU O 4078 5.57 28.00 -66.08
N ALA O 4079 4.84 27.07 -65.46
CA ALA O 4079 3.55 26.67 -66.00
C ALA O 4079 2.57 27.85 -66.02
N PHE O 4080 2.54 28.63 -64.94
CA PHE O 4080 1.66 29.79 -64.90
C PHE O 4080 2.15 30.88 -65.86
N GLN O 4081 3.47 31.07 -65.94
CA GLN O 4081 4.00 32.03 -66.89
C GLN O 4081 3.66 31.64 -68.32
N ASP O 4082 3.50 30.34 -68.58
CA ASP O 4082 3.05 29.90 -69.89
C ASP O 4082 1.63 30.35 -70.17
N TYR O 4083 0.73 30.23 -69.18
CA TYR O 4083 -0.62 30.74 -69.35
C TYR O 4083 -0.63 32.25 -69.50
N VAL O 4084 0.35 32.93 -68.92
CA VAL O 4084 0.49 34.37 -69.15
C VAL O 4084 0.71 34.61 -70.63
N THR O 4085 -0.10 35.50 -71.21
CA THR O 4085 -0.02 35.82 -72.64
C THR O 4085 -0.02 37.31 -72.95
N ASP O 4086 -0.29 38.17 -71.95
CA ASP O 4086 -0.37 39.60 -72.19
C ASP O 4086 1.02 40.22 -72.14
N PRO O 4087 1.48 40.92 -73.19
CA PRO O 4087 2.82 41.52 -73.12
C PRO O 4087 3.02 42.45 -71.94
N ARG O 4088 1.98 43.19 -71.55
CA ARG O 4088 2.11 44.08 -70.40
C ARG O 4088 2.15 43.32 -69.08
N GLY O 4089 1.87 42.02 -69.11
CA GLY O 4089 1.92 41.19 -67.92
C GLY O 4089 0.58 40.95 -67.26
N LEU O 4090 -0.48 41.61 -67.72
CA LEU O 4090 -1.78 41.44 -67.10
C LEU O 4090 -2.44 40.16 -67.64
N ILE O 4091 -2.52 39.14 -66.79
CA ILE O 4091 -3.06 37.84 -67.17
C ILE O 4091 -4.58 37.91 -67.20
N SER O 4092 -5.18 37.16 -68.12
CA SER O 4092 -6.62 37.05 -68.18
C SER O 4092 -7.14 36.20 -67.03
N LYS O 4093 -8.38 36.46 -66.63
CA LYS O 4093 -8.99 35.69 -65.55
C LYS O 4093 -9.02 34.21 -65.88
N LYS O 4094 -9.44 33.88 -67.10
CA LYS O 4094 -9.54 32.47 -67.49
C LYS O 4094 -8.18 31.80 -67.50
N ASP O 4095 -7.16 32.48 -68.03
CA ASP O 4095 -5.82 31.89 -68.06
C ASP O 4095 -5.28 31.71 -66.65
N PHE O 4096 -5.52 32.67 -65.77
CA PHE O 4096 -5.08 32.57 -64.38
C PHE O 4096 -5.75 31.38 -63.69
N GLN O 4097 -7.06 31.24 -63.86
CA GLN O 4097 -7.78 30.12 -63.27
C GLN O 4097 -7.28 28.79 -63.82
N LYS O 4098 -7.08 28.71 -65.15
CA LYS O 4098 -6.57 27.48 -65.74
C LYS O 4098 -5.17 27.16 -65.25
N ALA O 4099 -4.33 28.18 -65.08
CA ALA O 4099 -2.98 27.96 -64.58
C ALA O 4099 -3.03 27.30 -63.21
N MET O 4100 -3.83 27.84 -62.29
CA MET O 4100 -3.90 27.21 -60.97
C MET O 4100 -4.55 25.84 -61.04
N ASP O 4101 -5.57 25.68 -61.89
CA ASP O 4101 -6.23 24.39 -62.01
C ASP O 4101 -5.27 23.31 -62.51
N SER O 4102 -4.39 23.65 -63.44
CA SER O 4102 -3.35 22.75 -63.91
C SER O 4102 -2.26 22.50 -62.87
N GLN O 4103 -1.88 23.54 -62.12
CA GLN O 4103 -0.89 23.33 -61.06
C GLN O 4103 -1.40 22.39 -59.98
N LYS O 4104 -2.70 22.44 -59.67
CA LYS O 4104 -3.36 21.59 -58.69
C LYS O 4104 -2.94 21.90 -57.26
N GLN O 4105 -2.03 22.86 -57.05
CA GLN O 4105 -1.72 23.30 -55.69
C GLN O 4105 -2.89 24.03 -55.05
N PHE O 4106 -3.85 24.52 -55.85
CA PHE O 4106 -5.03 25.20 -55.35
C PHE O 4106 -6.26 24.36 -55.69
N THR O 4107 -7.33 24.57 -54.94
CA THR O 4107 -8.58 23.86 -55.16
C THR O 4107 -9.65 24.84 -55.65
N GLY O 4108 -10.60 24.31 -56.40
CA GLY O 4108 -11.57 25.12 -57.11
C GLY O 4108 -12.03 26.35 -56.36
N PRO O 4109 -12.59 26.17 -55.16
CA PRO O 4109 -12.97 27.33 -54.35
C PRO O 4109 -11.80 28.26 -54.02
N GLU O 4110 -10.60 27.72 -53.85
CA GLU O 4110 -9.45 28.59 -53.60
C GLU O 4110 -9.13 29.43 -54.83
N ILE O 4111 -9.21 28.84 -56.01
CA ILE O 4111 -9.08 29.62 -57.24
C ILE O 4111 -10.15 30.69 -57.32
N GLN O 4112 -11.39 30.35 -56.95
CA GLN O 4112 -12.48 31.32 -57.01
C GLN O 4112 -12.22 32.48 -56.04
N PHE O 4113 -11.76 32.18 -54.83
CA PHE O 4113 -11.46 33.23 -53.86
C PHE O 4113 -10.30 34.10 -54.34
N LEU O 4114 -9.28 33.49 -54.94
CA LEU O 4114 -8.20 34.28 -55.51
C LEU O 4114 -8.68 35.17 -56.64
N LEU O 4115 -9.60 34.67 -57.46
CA LEU O 4115 -10.22 35.53 -58.47
C LEU O 4115 -10.94 36.70 -57.84
N SER O 4116 -11.73 36.44 -56.78
CA SER O 4116 -12.47 37.52 -56.13
C SER O 4116 -11.51 38.57 -55.56
N CYS O 4117 -10.41 38.14 -54.97
CA CYS O 4117 -9.41 39.05 -54.42
C CYS O 4117 -8.46 39.60 -55.48
N SER O 4118 -8.58 39.15 -56.72
CA SER O 4118 -7.60 39.50 -57.75
C SER O 4118 -7.56 41.01 -58.00
N GLU O 4119 -8.67 41.70 -57.76
CA GLU O 4119 -8.77 43.12 -58.08
C GLU O 4119 -8.66 43.34 -59.58
N ALA O 4120 -9.31 42.47 -60.36
CA ALA O 4120 -9.31 42.61 -61.81
C ALA O 4120 -10.13 43.83 -62.22
N ASP O 4121 -9.63 44.55 -63.23
CA ASP O 4121 -10.34 45.72 -63.73
C ASP O 4121 -11.47 45.27 -64.66
N GLU O 4122 -12.11 46.26 -65.29
CA GLU O 4122 -13.21 45.95 -66.21
C GLU O 4122 -12.74 45.06 -67.36
N ASN O 4123 -11.45 45.10 -67.69
CA ASN O 4123 -10.89 44.33 -68.78
C ASN O 4123 -10.55 42.89 -68.38
N GLU O 4124 -11.01 42.43 -67.21
CA GLU O 4124 -10.66 41.11 -66.70
C GLU O 4124 -9.15 40.91 -66.65
N MET O 4125 -8.43 42.00 -66.39
CA MET O 4125 -6.98 42.01 -66.34
C MET O 4125 -6.52 42.03 -64.89
N ILE O 4126 -5.61 41.13 -64.55
CA ILE O 4126 -5.10 40.99 -63.18
C ILE O 4126 -3.61 41.34 -63.20
N ASN O 4127 -3.21 42.20 -62.26
CA ASN O 4127 -1.80 42.58 -62.10
C ASN O 4127 -1.18 41.63 -61.09
N CYS O 4128 -0.40 40.66 -61.58
CA CYS O 4128 0.14 39.62 -60.72
C CYS O 4128 1.09 40.20 -59.67
N GLU O 4129 1.94 41.15 -60.06
CA GLU O 4129 2.89 41.71 -59.11
C GLU O 4129 2.18 42.38 -57.95
N GLU O 4130 1.16 43.20 -58.23
CA GLU O 4130 0.40 43.83 -57.16
C GLU O 4130 -0.35 42.80 -56.35
N PHE O 4131 -0.94 41.80 -57.00
CA PHE O 4131 -1.70 40.78 -56.28
C PHE O 4131 -0.80 40.06 -55.28
N ALA O 4132 0.44 39.76 -55.68
CA ALA O 4132 1.35 39.07 -54.78
C ALA O 4132 1.87 40.00 -53.68
N ASN O 4133 2.20 41.25 -54.05
CA ASN O 4133 2.82 42.15 -53.08
C ASN O 4133 1.83 42.61 -52.02
N ARG O 4134 0.53 42.70 -52.38
CA ARG O 4134 -0.45 43.27 -51.47
C ARG O 4134 -0.45 42.59 -50.11
N PHE O 4135 -0.36 41.25 -50.08
CA PHE O 4135 -0.59 40.48 -48.87
C PHE O 4135 0.62 39.64 -48.46
N GLN O 4136 1.82 40.21 -48.54
CA GLN O 4136 3.03 39.52 -48.12
C GLN O 4136 3.73 40.18 -46.95
N GLU O 4137 3.74 41.51 -46.91
CA GLU O 4137 4.49 42.22 -45.85
C GLU O 4137 3.93 41.92 -44.46
N PRO O 4138 2.63 42.07 -44.20
CA PRO O 4138 2.12 41.78 -42.85
C PRO O 4138 1.93 40.28 -42.63
N ALA O 4139 1.54 39.60 -43.71
CA ALA O 4139 1.34 38.16 -43.64
C ALA O 4139 2.61 37.47 -43.17
N ARG O 4140 3.77 37.94 -43.62
CA ARG O 4140 5.02 37.34 -43.18
C ARG O 4140 5.17 37.42 -41.67
N ASP O 4141 4.96 38.60 -41.09
CA ASP O 4141 5.14 38.78 -39.65
C ASP O 4141 4.17 37.91 -38.85
N ILE O 4142 2.88 38.02 -39.17
CA ILE O 4142 1.90 37.26 -38.38
C ILE O 4142 2.07 35.76 -38.60
N GLY O 4143 2.45 35.35 -39.81
CA GLY O 4143 2.69 33.95 -40.06
C GLY O 4143 3.89 33.42 -39.29
N PHE O 4144 4.95 34.22 -39.21
CA PHE O 4144 6.10 33.80 -38.42
C PHE O 4144 5.75 33.67 -36.95
N ASN O 4145 4.99 34.63 -36.42
CA ASN O 4145 4.59 34.52 -35.02
C ASN O 4145 3.68 33.31 -34.77
N VAL O 4146 2.75 33.03 -35.68
CA VAL O 4146 1.89 31.86 -35.53
C VAL O 4146 2.72 30.59 -35.61
N ALA O 4147 3.71 30.55 -36.51
CA ALA O 4147 4.57 29.39 -36.61
C ALA O 4147 5.37 29.18 -35.33
N VAL O 4148 5.88 30.26 -34.75
CA VAL O 4148 6.61 30.15 -33.49
C VAL O 4148 5.69 29.63 -32.39
N LEU O 4149 4.46 30.15 -32.34
CA LEU O 4149 3.50 29.68 -31.36
C LEU O 4149 3.25 28.18 -31.51
N LEU O 4150 2.99 27.73 -32.74
CA LEU O 4150 2.72 26.32 -32.97
C LEU O 4150 3.93 25.45 -32.65
N THR O 4151 5.13 25.89 -33.01
CA THR O 4151 6.33 25.11 -32.69
C THR O 4151 6.52 25.00 -31.19
N ASN O 4152 6.36 26.11 -30.46
CA ASN O 4152 6.48 26.07 -29.02
C ASN O 4152 5.48 25.11 -28.40
N LEU O 4153 4.21 25.22 -28.82
CA LEU O 4153 3.19 24.33 -28.29
C LEU O 4153 3.50 22.88 -28.62
N SER O 4154 3.95 22.61 -29.84
CA SER O 4154 4.25 21.24 -30.24
C SER O 4154 5.38 20.66 -29.41
N GLU O 4155 6.43 21.44 -29.18
CA GLU O 4155 7.59 20.91 -28.46
C GLU O 4155 7.30 20.79 -26.97
N HIS O 4156 6.36 21.58 -26.45
CA HIS O 4156 6.09 21.51 -25.02
C HIS O 4156 4.92 20.58 -24.70
N VAL O 4157 4.17 20.17 -25.71
CA VAL O 4157 3.11 19.17 -25.54
C VAL O 4157 3.30 18.12 -26.64
N PRO O 4158 4.19 17.15 -26.45
CA PRO O 4158 4.60 16.30 -27.58
C PRO O 4158 3.63 15.18 -27.93
N HIS O 4159 2.79 14.76 -27.00
CA HIS O 4159 1.98 13.55 -27.17
C HIS O 4159 0.50 13.85 -27.40
N ASP O 4160 0.16 15.09 -27.77
CA ASP O 4160 -1.24 15.41 -28.03
C ASP O 4160 -1.55 15.19 -29.51
N PRO O 4161 -2.52 14.34 -29.87
CA PRO O 4161 -2.81 14.09 -31.29
C PRO O 4161 -3.45 15.27 -31.99
N ARG O 4162 -4.25 16.05 -31.27
CA ARG O 4162 -4.93 17.18 -31.87
C ARG O 4162 -3.95 18.24 -32.35
N LEU O 4163 -2.89 18.49 -31.57
CA LEU O 4163 -1.88 19.44 -31.99
C LEU O 4163 -1.16 18.96 -33.24
N ARG O 4164 -0.89 17.65 -33.32
CA ARG O 4164 -0.31 17.11 -34.55
C ARG O 4164 -1.25 17.29 -35.72
N ASN O 4165 -2.55 17.11 -35.51
CA ASN O 4165 -3.51 17.33 -36.57
C ASN O 4165 -3.46 18.76 -37.08
N PHE O 4166 -3.37 19.73 -36.17
CA PHE O 4166 -3.23 21.12 -36.59
C PHE O 4166 -1.91 21.34 -37.33
N LEU O 4167 -0.82 20.75 -36.84
CA LEU O 4167 0.46 20.94 -37.51
C LEU O 4167 0.45 20.36 -38.91
N GLU O 4168 -0.33 19.30 -39.15
CA GLU O 4168 -0.42 18.73 -40.49
C GLU O 4168 -0.95 19.76 -41.48
N LEU O 4169 -1.97 20.53 -41.06
CA LEU O 4169 -2.46 21.60 -41.92
C LEU O 4169 -1.48 22.76 -41.96
N ALA O 4170 -0.76 23.00 -40.88
CA ALA O 4170 0.16 24.13 -40.79
C ALA O 4170 1.52 23.85 -41.41
N GLU O 4171 1.73 22.67 -41.99
CA GLU O 4171 3.02 22.30 -42.55
C GLU O 4171 3.56 23.36 -43.51
N SER O 4172 2.71 23.85 -44.42
CA SER O 4172 3.19 24.78 -45.44
C SER O 4172 3.76 26.05 -44.82
N ILE O 4173 2.98 26.70 -43.95
CA ILE O 4173 3.45 27.92 -43.30
C ILE O 4173 4.64 27.61 -42.41
N LEU O 4174 4.64 26.45 -41.75
CA LEU O 4174 5.77 26.05 -40.92
C LEU O 4174 7.03 25.85 -41.77
N GLU O 4175 6.91 25.12 -42.88
CA GLU O 4175 8.07 24.85 -43.71
C GLU O 4175 8.59 26.09 -44.41
N TYR O 4176 7.72 27.06 -44.70
CA TYR O 4176 8.19 28.30 -45.30
C TYR O 4176 9.11 29.06 -44.36
N PHE O 4177 8.76 29.11 -43.07
CA PHE O 4177 9.51 29.86 -42.08
C PHE O 4177 10.59 29.02 -41.39
N ARG O 4178 10.64 27.72 -41.67
CA ARG O 4178 11.65 26.88 -41.02
C ARG O 4178 13.06 27.45 -41.11
N PRO O 4179 13.55 27.91 -42.26
CA PRO O 4179 14.91 28.47 -42.27
C PRO O 4179 15.08 29.68 -41.37
N TYR O 4180 14.01 30.45 -41.15
CA TYR O 4180 14.09 31.68 -40.39
C TYR O 4180 13.67 31.53 -38.93
N LEU O 4181 13.23 30.36 -38.50
CA LEU O 4181 12.84 30.13 -37.12
C LEU O 4181 14.03 29.55 -36.37
N GLY O 4182 14.73 30.38 -35.60
CA GLY O 4182 15.88 29.94 -34.83
C GLY O 4182 15.47 29.63 -33.41
N ARG O 4183 16.10 28.60 -32.84
CA ARG O 4183 15.81 28.16 -31.48
C ARG O 4183 17.11 27.92 -30.73
N ILE O 4184 17.11 28.25 -29.45
CA ILE O 4184 18.25 28.00 -28.57
C ILE O 4184 17.74 27.52 -27.21
N GLU O 4185 18.66 27.03 -26.40
CA GLU O 4185 18.37 26.60 -25.04
C GLU O 4185 19.26 27.35 -24.07
N ILE O 4186 18.68 27.79 -22.96
CA ILE O 4186 19.41 28.53 -21.92
C ILE O 4186 19.03 27.98 -20.55
N MET O 4187 19.83 28.34 -19.55
CA MET O 4187 19.44 28.14 -18.16
C MET O 4187 18.68 29.38 -17.69
N GLY O 4188 17.36 29.32 -17.73
CA GLY O 4188 16.54 30.48 -17.51
C GLY O 4188 16.45 30.88 -16.04
N ALA O 4189 15.74 31.99 -15.81
CA ALA O 4189 15.56 32.49 -14.45
C ALA O 4189 14.79 31.50 -13.59
N SER O 4190 14.00 30.62 -14.21
CA SER O 4190 13.25 29.63 -13.46
C SER O 4190 14.14 28.55 -12.86
N ARG O 4191 15.43 28.54 -13.21
CA ARG O 4191 16.42 27.55 -12.78
C ARG O 4191 16.29 26.26 -13.56
N ARG O 4192 15.50 26.23 -14.63
CA ARG O 4192 15.37 25.07 -15.50
C ARG O 4192 15.77 25.45 -16.92
N ILE O 4193 16.12 24.44 -17.71
CA ILE O 4193 16.47 24.70 -19.11
C ILE O 4193 15.22 25.17 -19.85
N GLU O 4194 15.33 26.30 -20.53
CA GLU O 4194 14.23 26.88 -21.27
C GLU O 4194 14.64 27.05 -22.73
N ARG O 4195 13.67 26.84 -23.63
CA ARG O 4195 13.91 26.94 -25.06
C ARG O 4195 13.31 28.25 -25.58
N ILE O 4196 14.12 29.00 -26.30
CA ILE O 4196 13.77 30.33 -26.80
C ILE O 4196 13.74 30.31 -28.32
N TYR O 4197 12.74 30.97 -28.89
CA TYR O 4197 12.53 31.03 -30.32
C TYR O 4197 12.65 32.47 -30.79
N PHE O 4198 13.28 32.68 -31.94
CA PHE O 4198 13.51 34.01 -32.48
C PHE O 4198 13.59 33.94 -34.00
N GLU O 4199 13.75 35.11 -34.62
CA GLU O 4199 13.72 35.26 -36.07
C GLU O 4199 15.12 35.50 -36.60
N ILE O 4200 15.49 34.74 -37.63
CA ILE O 4200 16.75 34.92 -38.33
C ILE O 4200 16.43 35.51 -39.70
N SER O 4201 17.12 36.60 -40.05
CA SER O 4201 16.86 37.26 -41.32
C SER O 4201 17.59 36.55 -42.46
N GLU O 4202 17.03 36.70 -43.67
CA GLU O 4202 17.59 36.03 -44.84
C GLU O 4202 19.01 36.50 -45.11
N THR O 4203 19.26 37.80 -44.98
CA THR O 4203 20.59 38.33 -45.23
C THR O 4203 21.61 37.75 -44.24
N ASN O 4204 21.22 37.65 -42.96
CA ASN O 4204 22.12 37.04 -41.98
C ASN O 4204 22.37 35.58 -42.30
N ARG O 4205 21.32 34.84 -42.67
CA ARG O 4205 21.50 33.44 -43.04
C ARG O 4205 22.49 33.30 -44.19
N ALA O 4206 22.29 34.11 -45.25
CA ALA O 4206 23.16 34.02 -46.41
C ALA O 4206 24.61 34.39 -46.06
N GLN O 4207 24.79 35.44 -45.25
CA GLN O 4207 26.13 35.85 -44.91
C GLN O 4207 26.82 34.82 -44.03
N TRP O 4208 26.05 34.13 -43.17
CA TRP O 4208 26.61 33.02 -42.41
C TRP O 4208 27.03 31.89 -43.34
N GLU O 4209 26.21 31.56 -44.33
CA GLU O 4209 26.58 30.53 -45.29
C GLU O 4209 27.74 30.95 -46.19
N MET O 4210 28.04 32.24 -46.27
CA MET O 4210 29.16 32.70 -47.09
C MET O 4210 30.42 31.95 -46.68
N PRO O 4211 31.26 31.53 -47.64
CA PRO O 4211 32.36 30.61 -47.30
C PRO O 4211 33.34 31.13 -46.26
N GLN O 4212 33.82 32.37 -46.38
CA GLN O 4212 34.87 32.83 -45.49
C GLN O 4212 34.42 32.78 -44.03
N VAL O 4213 33.13 33.01 -43.78
CA VAL O 4213 32.61 32.88 -42.43
C VAL O 4213 32.74 31.44 -41.95
N LYS O 4214 32.53 30.48 -42.84
CA LYS O 4214 32.73 29.07 -42.50
C LYS O 4214 34.18 28.75 -42.16
N GLU O 4215 35.12 29.33 -42.91
CA GLU O 4215 36.53 29.16 -42.56
C GLU O 4215 36.84 29.76 -41.20
N SER O 4216 36.25 30.93 -40.89
CA SER O 4216 36.44 31.52 -39.57
C SER O 4216 35.89 30.60 -38.49
N LYS O 4217 34.71 30.00 -38.72
CA LYS O 4217 34.14 29.08 -37.74
C LYS O 4217 35.05 27.87 -37.54
N ARG O 4218 35.57 27.31 -38.64
CA ARG O 4218 36.47 26.18 -38.54
C ARG O 4218 37.71 26.53 -37.73
N GLN O 4219 38.31 27.69 -38.01
CA GLN O 4219 39.49 28.11 -37.28
C GLN O 4219 39.18 28.31 -35.79
N PHE O 4220 38.02 28.90 -35.49
CA PHE O 4220 37.64 29.11 -34.09
C PHE O 4220 37.48 27.78 -33.37
N ILE O 4221 36.82 26.81 -34.01
CA ILE O 4221 36.63 25.51 -33.38
C ILE O 4221 37.98 24.84 -33.15
N PHE O 4222 38.87 24.88 -34.15
CA PHE O 4222 40.19 24.31 -33.98
C PHE O 4222 40.91 24.96 -32.81
N ASP O 4223 40.88 26.29 -32.73
CA ASP O 4223 41.59 27.00 -31.67
C ASP O 4223 41.04 26.65 -30.29
N VAL O 4224 39.71 26.66 -30.13
CA VAL O 4224 39.15 26.35 -28.81
C VAL O 4224 39.48 24.91 -28.42
N VAL O 4225 39.37 23.97 -29.36
CA VAL O 4225 39.58 22.57 -29.00
C VAL O 4225 41.04 22.32 -28.65
N ASN O 4226 41.97 22.92 -29.39
CA ASN O 4226 43.37 22.62 -29.16
C ASN O 4226 43.96 23.41 -27.99
N GLU O 4227 43.70 24.71 -27.93
CA GLU O 4227 44.27 25.57 -26.90
C GLU O 4227 43.27 26.12 -25.90
N GLY O 4228 42.06 26.48 -26.35
CA GLY O 4228 41.11 27.12 -25.46
C GLY O 4228 40.78 26.23 -24.27
N GLY O 4229 40.72 26.84 -23.09
CA GLY O 4229 40.38 26.10 -21.90
C GLY O 4229 38.87 25.94 -21.72
N GLU O 4230 38.51 24.92 -20.94
CA GLU O 4230 37.09 24.66 -20.70
C GLU O 4230 36.43 25.80 -19.93
N SER O 4231 37.15 26.40 -18.98
CA SER O 4231 36.57 27.48 -18.19
C SER O 4231 36.26 28.70 -19.06
N GLU O 4232 37.12 29.00 -20.03
CA GLU O 4232 36.97 30.15 -20.90
C GLU O 4232 36.37 29.80 -22.26
N LYS O 4233 35.86 28.59 -22.43
CA LYS O 4233 35.26 28.20 -23.70
C LYS O 4233 34.13 29.13 -24.09
N MET O 4234 33.22 29.43 -23.16
CA MET O 4234 32.08 30.29 -23.48
C MET O 4234 32.50 31.73 -23.72
N GLU O 4235 33.48 32.23 -22.98
CA GLU O 4235 33.99 33.57 -23.24
C GLU O 4235 34.57 33.66 -24.65
N MET O 4236 35.38 32.67 -25.04
CA MET O 4236 35.93 32.65 -26.38
C MET O 4236 34.84 32.55 -27.43
N PHE O 4237 33.82 31.73 -27.18
CA PHE O 4237 32.74 31.58 -28.15
C PHE O 4237 31.96 32.89 -28.31
N VAL O 4238 31.69 33.59 -27.22
CA VAL O 4238 30.98 34.86 -27.33
C VAL O 4238 31.83 35.90 -28.04
N SER O 4239 33.14 35.92 -27.78
CA SER O 4239 34.02 36.84 -28.52
C SER O 4239 34.00 36.53 -30.01
N PHE O 4240 34.04 35.24 -30.36
CA PHE O 4240 33.97 34.85 -31.76
C PHE O 4240 32.65 35.29 -32.38
N CYS O 4241 31.54 35.14 -31.64
CA CYS O 4241 30.25 35.57 -32.15
C CYS O 4241 30.23 37.07 -32.40
N GLU O 4242 30.79 37.86 -31.47
CA GLU O 4242 30.83 39.31 -31.66
C GLU O 4242 31.66 39.68 -32.89
N ASP O 4243 32.82 39.04 -33.05
CA ASP O 4243 33.66 39.33 -34.22
C ASP O 4243 32.93 38.97 -35.51
N THR O 4244 32.26 37.82 -35.53
CA THR O 4244 31.53 37.41 -36.72
C THR O 4244 30.40 38.37 -37.02
N ILE O 4245 29.72 38.88 -35.99
CA ILE O 4245 28.65 39.85 -36.20
C ILE O 4245 29.21 41.13 -36.82
N PHE O 4246 30.34 41.60 -36.31
CA PHE O 4246 30.94 42.81 -36.88
C PHE O 4246 31.34 42.58 -38.33
N GLU O 4247 31.90 41.41 -38.63
CA GLU O 4247 32.26 41.09 -40.01
C GLU O 4247 31.03 41.03 -40.92
N MET O 4248 29.92 40.45 -40.45
CA MET O 4248 28.71 40.46 -41.26
C MET O 4248 28.22 41.87 -41.51
N GLN O 4249 28.30 42.75 -40.49
CA GLN O 4249 27.91 44.13 -40.71
C GLN O 4249 28.78 44.79 -41.78
N ILE O 4250 30.10 44.57 -41.72
CA ILE O 4250 31.00 45.15 -42.71
C ILE O 4250 30.66 44.62 -44.10
N ALA O 4251 30.41 43.30 -44.20
CA ALA O 4251 30.03 42.72 -45.48
C ALA O 4251 28.75 43.35 -46.01
N ALA O 4252 27.79 43.59 -45.12
CA ALA O 4252 26.54 44.23 -45.53
C ALA O 4252 26.80 45.63 -46.08
N GLN O 4253 27.66 46.40 -45.42
CA GLN O 4253 27.94 47.75 -45.93
C GLN O 4253 28.61 47.68 -47.30
N ILE O 4254 29.60 46.79 -47.47
CA ILE O 4254 30.33 46.78 -48.73
C ILE O 4254 29.50 46.18 -49.85
N SER O 4255 28.49 45.38 -49.52
CA SER O 4255 27.67 44.76 -50.55
C SER O 4255 27.00 45.83 -51.41
N GLU O 4256 26.95 45.59 -52.71
CA GLU O 4256 26.34 46.55 -53.62
C GLU O 4256 24.84 46.61 -53.39
N PRO O 4257 24.20 47.75 -53.66
CA PRO O 4257 22.75 47.89 -53.46
C PRO O 4257 21.93 47.39 -54.64
N PHE O 4538 28.60 68.47 -56.97
CA PHE O 4538 30.00 68.13 -57.19
C PHE O 4538 30.52 67.25 -56.05
N TRP O 4539 30.42 67.75 -54.82
CA TRP O 4539 30.83 66.94 -53.68
C TRP O 4539 29.96 65.70 -53.53
N GLY O 4540 28.66 65.85 -53.77
CA GLY O 4540 27.79 64.68 -53.67
C GLY O 4540 28.17 63.58 -54.65
N GLU O 4541 28.39 63.95 -55.90
CA GLU O 4541 28.81 62.98 -56.91
C GLU O 4541 30.16 62.38 -56.54
N LEU O 4542 31.11 63.22 -56.10
CA LEU O 4542 32.43 62.71 -55.75
C LEU O 4542 32.33 61.71 -54.61
N GLU O 4543 31.53 61.99 -53.60
CA GLU O 4543 31.42 61.10 -52.44
C GLU O 4543 30.72 59.80 -52.83
N VAL O 4544 29.61 59.89 -53.58
CA VAL O 4544 28.90 58.67 -53.97
C VAL O 4544 29.74 57.79 -54.88
N GLN O 4545 30.65 58.37 -55.67
CA GLN O 4545 31.58 57.58 -56.47
C GLN O 4545 32.73 57.02 -55.64
N ARG O 4546 33.27 57.80 -54.70
CA ARG O 4546 34.36 57.32 -53.86
C ARG O 4546 33.92 56.15 -53.01
N VAL O 4547 32.73 56.24 -52.41
CA VAL O 4547 32.23 55.13 -51.59
C VAL O 4547 32.06 53.88 -52.43
N LYS O 4548 31.53 54.02 -53.64
CA LYS O 4548 31.37 52.88 -54.53
C LYS O 4548 32.71 52.26 -54.89
N PHE O 4549 33.72 53.11 -55.17
CA PHE O 4549 35.05 52.60 -55.51
C PHE O 4549 35.66 51.84 -54.34
N LEU O 4550 35.56 52.40 -53.13
CA LEU O 4550 36.12 51.72 -51.96
C LEU O 4550 35.39 50.41 -51.69
N ASN O 4551 34.07 50.40 -51.87
CA ASN O 4551 33.31 49.17 -51.69
C ASN O 4551 33.73 48.11 -52.71
N TYR O 4552 33.96 48.54 -53.96
CA TYR O 4552 34.45 47.62 -54.98
C TYR O 4552 35.78 47.02 -54.57
N LEU O 4553 36.72 47.86 -54.10
CA LEU O 4553 38.01 47.34 -53.67
C LEU O 4553 37.86 46.38 -52.51
N SER O 4554 37.02 46.72 -51.53
CA SER O 4554 36.84 45.83 -50.38
C SER O 4554 36.25 44.49 -50.80
N ARG O 4555 35.28 44.52 -51.72
CA ARG O 4555 34.68 43.28 -52.20
C ARG O 4555 35.69 42.42 -52.93
N ASN O 4556 36.54 43.05 -53.76
CA ASN O 4556 37.48 42.33 -54.61
C ASN O 4556 38.90 42.34 -54.04
N PHE O 4557 39.04 42.46 -52.72
CA PHE O 4557 40.37 42.47 -52.11
C PHE O 4557 41.17 41.23 -52.48
N TYR O 4558 40.59 40.04 -52.28
CA TYR O 4558 41.34 38.81 -52.54
C TYR O 4558 41.65 38.63 -54.02
N THR O 4559 40.71 38.96 -54.90
CA THR O 4559 40.99 38.90 -56.32
C THR O 4559 42.15 39.81 -56.69
N LEU O 4560 42.25 40.98 -56.06
CA LEU O 4560 43.36 41.87 -56.31
C LEU O 4560 44.68 41.23 -55.86
N ARG O 4561 44.67 40.52 -54.73
CA ARG O 4561 45.88 39.84 -54.28
C ARG O 4561 46.30 38.75 -55.26
N PHE O 4562 45.35 37.97 -55.75
CA PHE O 4562 45.68 36.95 -56.74
C PHE O 4562 46.21 37.59 -58.02
N LEU O 4563 45.63 38.71 -58.43
CA LEU O 4563 46.12 39.41 -59.61
C LEU O 4563 47.55 39.91 -59.38
N ALA O 4564 47.85 40.40 -58.19
CA ALA O 4564 49.20 40.83 -57.87
C ALA O 4564 50.18 39.67 -57.98
N LEU O 4565 49.79 38.51 -57.46
CA LEU O 4565 50.66 37.33 -57.57
C LEU O 4565 50.88 36.95 -59.02
N PHE O 4566 49.82 36.96 -59.83
CA PHE O 4566 49.95 36.62 -61.25
C PHE O 4566 50.86 37.61 -61.96
N LEU O 4567 50.71 38.90 -61.66
CA LEU O 4567 51.56 39.91 -62.28
C LEU O 4567 53.02 39.73 -61.88
N ALA O 4568 53.27 39.40 -60.61
CA ALA O 4568 54.64 39.13 -60.19
C ALA O 4568 55.22 37.94 -60.94
N PHE O 4569 54.44 36.87 -61.10
CA PHE O 4569 54.92 35.72 -61.84
C PHE O 4569 55.24 36.08 -63.29
N ALA O 4570 54.37 36.87 -63.93
CA ALA O 4570 54.63 37.30 -65.30
C ALA O 4570 55.91 38.13 -65.38
N ILE O 4571 56.08 39.06 -64.43
CA ILE O 4571 57.27 39.91 -64.43
C ILE O 4571 58.52 39.06 -64.29
N ASN O 4572 58.48 38.06 -63.41
CA ASN O 4572 59.67 37.23 -63.21
C ASN O 4572 59.93 36.33 -64.41
N PHE O 4573 58.88 35.83 -65.06
CA PHE O 4573 59.06 35.07 -66.29
C PHE O 4573 59.75 35.92 -67.34
N ILE O 4574 59.38 37.19 -67.44
CA ILE O 4574 60.08 38.10 -68.34
C ILE O 4574 61.51 38.31 -67.89
N LEU O 4575 61.72 38.49 -66.58
CA LEU O 4575 63.07 38.69 -66.06
C LEU O 4575 64.00 37.54 -66.40
N LEU O 4576 63.44 36.34 -66.58
CA LEU O 4576 64.26 35.17 -66.90
C LEU O 4576 65.01 35.33 -68.23
N PHE O 4577 64.77 36.42 -68.95
CA PHE O 4577 65.43 36.66 -70.24
C PHE O 4577 66.53 37.71 -70.18
N TYR O 4578 66.83 38.26 -69.00
CA TYR O 4578 67.89 39.25 -68.90
C TYR O 4578 69.25 38.65 -69.24
N LYS O 4579 70.11 39.46 -69.84
CA LYS O 4579 71.47 39.10 -70.19
C LYS O 4579 72.40 40.26 -69.82
N VAL O 4580 73.66 39.94 -69.57
CA VAL O 4580 74.68 40.91 -69.21
C VAL O 4580 75.76 40.91 -70.29
N SER O 4581 76.15 42.10 -70.72
CA SER O 4581 77.18 42.21 -71.79
C SER O 4581 78.10 43.39 -71.51
N ASP O 4582 79.38 43.27 -71.89
CA ASP O 4582 80.34 44.40 -71.72
C ASP O 4582 79.98 45.50 -72.74
N SER O 4583 79.48 45.11 -73.92
CA SER O 4583 79.06 46.11 -74.93
C SER O 4583 77.68 46.66 -74.56
N PRO O 4584 77.40 47.96 -74.74
CA PRO O 4584 76.06 48.51 -74.49
C PRO O 4584 75.02 47.84 -75.40
N PRO O 4585 73.75 47.69 -74.96
CA PRO O 4585 72.71 47.03 -75.75
C PRO O 4585 72.64 47.60 -77.17
N ASN O 4624 83.70 49.61 -69.28
CA ASN O 4624 84.11 48.65 -68.27
C ASN O 4624 82.90 48.14 -67.47
N MET O 4625 82.02 49.06 -67.10
CA MET O 4625 80.83 48.68 -66.35
C MET O 4625 79.91 47.84 -67.24
N VAL O 4626 79.31 46.80 -66.65
CA VAL O 4626 78.49 45.85 -67.45
C VAL O 4626 77.10 46.41 -67.74
N TYR O 4627 76.48 45.95 -68.82
CA TYR O 4627 75.14 46.46 -69.22
C TYR O 4627 74.14 45.30 -69.17
N TYR O 4628 73.06 45.47 -68.43
CA TYR O 4628 72.00 44.43 -68.32
C TYR O 4628 70.87 44.80 -69.26
N PHE O 4629 70.35 43.82 -70.01
CA PHE O 4629 69.31 44.12 -70.99
C PHE O 4629 68.58 42.84 -71.38
N LEU O 4630 67.31 42.98 -71.75
CA LEU O 4630 66.55 41.83 -72.24
C LEU O 4630 67.08 41.39 -73.60
N GLU O 4631 67.11 40.08 -73.81
CA GLU O 4631 67.56 39.50 -75.07
C GLU O 4631 66.46 38.58 -75.58
N GLU O 4632 65.57 39.11 -76.42
CA GLU O 4632 64.44 38.37 -76.94
C GLU O 4632 64.22 38.76 -78.39
N SER O 4633 63.60 37.83 -79.14
CA SER O 4633 63.48 38.01 -80.59
C SER O 4633 62.32 38.93 -80.95
N THR O 4634 61.12 38.65 -80.44
CA THR O 4634 59.94 39.41 -80.84
C THR O 4634 60.14 40.91 -80.62
N GLY O 4635 60.86 41.28 -79.57
CA GLY O 4635 61.09 42.68 -79.29
C GLY O 4635 59.98 43.38 -78.55
N TYR O 4636 58.89 42.68 -78.25
CA TYR O 4636 57.78 43.25 -77.49
C TYR O 4636 57.91 43.04 -75.99
N MET O 4637 59.00 42.42 -75.53
CA MET O 4637 59.08 42.02 -74.13
C MET O 4637 59.32 43.20 -73.20
N GLU O 4638 60.17 44.14 -73.60
CA GLU O 4638 60.47 45.27 -72.72
C GLU O 4638 59.26 46.16 -72.47
N PRO O 4639 58.50 46.58 -73.47
CA PRO O 4639 57.28 47.34 -73.17
C PRO O 4639 56.31 46.57 -72.29
N ALA O 4640 56.21 45.25 -72.51
CA ALA O 4640 55.35 44.43 -71.68
C ALA O 4640 55.82 44.45 -70.24
N LEU O 4641 57.14 44.39 -70.03
CA LEU O 4641 57.68 44.44 -68.67
C LEU O 4641 57.36 45.78 -68.02
N ARG O 4642 57.52 46.87 -68.76
CA ARG O 4642 57.20 48.19 -68.20
C ARG O 4642 55.73 48.27 -67.79
N CYS O 4643 54.83 47.85 -68.68
CA CYS O 4643 53.40 47.92 -68.38
C CYS O 4643 53.05 47.01 -67.20
N LEU O 4644 53.63 45.82 -67.16
CA LEU O 4644 53.33 44.88 -66.08
C LEU O 4644 53.83 45.42 -64.75
N SER O 4645 55.00 46.05 -64.73
CA SER O 4645 55.49 46.65 -63.50
C SER O 4645 54.57 47.77 -63.02
N LEU O 4646 54.13 48.62 -63.95
CA LEU O 4646 53.20 49.69 -63.56
C LEU O 4646 51.92 49.10 -63.00
N LEU O 4647 51.37 48.09 -63.66
CA LEU O 4647 50.15 47.45 -63.17
C LEU O 4647 50.38 46.81 -61.81
N HIS O 4648 51.54 46.20 -61.59
CA HIS O 4648 51.83 45.57 -60.31
C HIS O 4648 51.85 46.60 -59.20
N THR O 4649 52.50 47.74 -59.42
CA THR O 4649 52.50 48.78 -58.39
C THR O 4649 51.10 49.31 -58.13
N LEU O 4650 50.32 49.53 -59.19
CA LEU O 4650 48.95 50.00 -59.00
C LEU O 4650 48.14 48.99 -58.20
N VAL O 4651 48.28 47.71 -58.50
CA VAL O 4651 47.51 46.68 -57.83
C VAL O 4651 47.94 46.56 -56.37
N ALA O 4652 49.23 46.73 -56.09
CA ALA O 4652 49.67 46.71 -54.70
C ALA O 4652 49.06 47.86 -53.92
N PHE O 4653 49.03 49.06 -54.51
CA PHE O 4653 48.40 50.19 -53.85
C PHE O 4653 46.91 49.92 -53.60
N LEU O 4654 46.23 49.37 -54.60
CA LEU O 4654 44.81 49.07 -54.45
C LEU O 4654 44.60 47.99 -53.39
N CYS O 4655 45.52 47.03 -53.28
CA CYS O 4655 45.42 46.03 -52.23
C CYS O 4655 45.57 46.65 -50.85
N ILE O 4656 46.49 47.59 -50.69
CA ILE O 4656 46.60 48.28 -49.40
C ILE O 4656 45.30 49.01 -49.08
N ILE O 4657 44.73 49.72 -50.05
CA ILE O 4657 43.48 50.44 -49.79
C ILE O 4657 42.37 49.47 -49.44
N GLY O 4658 42.26 48.36 -50.17
CA GLY O 4658 41.24 47.38 -49.88
C GLY O 4658 41.38 46.76 -48.50
N TYR O 4659 42.61 46.45 -48.10
CA TYR O 4659 42.82 45.97 -46.74
C TYR O 4659 42.37 47.00 -45.72
N ASN O 4660 42.78 48.26 -45.91
CA ASN O 4660 42.41 49.31 -44.97
C ASN O 4660 40.89 49.43 -44.85
N CYS O 4661 40.18 49.23 -45.97
CA CYS O 4661 38.74 49.40 -45.95
C CYS O 4661 38.03 48.18 -45.40
N LEU O 4662 38.61 46.98 -45.56
CA LEU O 4662 37.90 45.75 -45.27
C LEU O 4662 38.27 45.11 -43.94
N LYS O 4663 39.57 45.04 -43.60
CA LYS O 4663 40.01 44.25 -42.46
C LYS O 4663 40.52 45.07 -41.28
N VAL O 4664 40.98 46.30 -41.52
CA VAL O 4664 41.39 47.19 -40.44
C VAL O 4664 40.22 47.40 -39.47
N PRO O 4665 39.00 47.59 -39.97
CA PRO O 4665 37.87 47.80 -39.04
C PRO O 4665 37.73 46.69 -38.01
N LEU O 4666 37.92 45.43 -38.40
CA LEU O 4666 37.83 44.34 -37.42
C LEU O 4666 38.94 44.46 -36.38
N VAL O 4667 40.15 44.83 -36.80
CA VAL O 4667 41.25 45.00 -35.84
C VAL O 4667 40.91 46.08 -34.83
N ILE O 4668 40.41 47.21 -35.32
CA ILE O 4668 40.06 48.31 -34.41
C ILE O 4668 38.92 47.89 -33.49
N PHE O 4669 37.94 47.16 -34.02
CA PHE O 4669 36.83 46.69 -33.20
C PHE O 4669 37.32 45.77 -32.08
N LYS O 4670 38.20 44.82 -32.41
CA LYS O 4670 38.73 43.92 -31.40
C LYS O 4670 39.51 44.69 -30.35
N ARG O 4671 40.36 45.63 -30.78
CA ARG O 4671 41.13 46.41 -29.81
C ARG O 4671 40.21 47.21 -28.90
N GLU O 4672 39.18 47.84 -29.47
CA GLU O 4672 38.28 48.66 -28.66
C GLU O 4672 37.49 47.81 -27.67
N LYS O 4673 36.99 46.65 -28.11
CA LYS O 4673 36.24 45.81 -27.18
C LYS O 4673 37.14 45.28 -26.07
N GLU O 4674 38.36 44.88 -26.40
CA GLU O 4674 39.28 44.42 -25.36
C GLU O 4674 39.55 45.53 -24.35
N LEU O 4675 39.81 46.74 -24.85
CA LEU O 4675 40.05 47.86 -23.94
C LEU O 4675 38.84 48.14 -23.07
N ALA O 4676 37.65 48.13 -23.65
CA ALA O 4676 36.44 48.40 -22.87
C ALA O 4676 36.22 47.36 -21.78
N ARG O 4677 36.37 46.08 -22.11
CA ARG O 4677 36.19 45.04 -21.11
C ARG O 4677 37.25 45.09 -20.03
N LYS O 4678 38.51 45.37 -20.38
CA LYS O 4678 39.55 45.49 -19.35
C LYS O 4678 39.31 46.71 -18.48
N LEU O 4679 38.80 47.79 -19.06
CA LEU O 4679 38.48 48.98 -18.27
C LEU O 4679 37.36 48.67 -17.27
N GLU O 4680 36.28 48.04 -17.74
CA GLU O 4680 35.12 47.85 -16.89
C GLU O 4680 35.30 46.73 -15.87
N PHE O 4681 35.68 45.54 -16.31
CA PHE O 4681 35.69 44.38 -15.44
C PHE O 4681 37.03 44.10 -14.78
N ASP O 4682 38.07 44.89 -15.06
CA ASP O 4682 39.37 44.72 -14.45
C ASP O 4682 39.96 46.00 -13.88
N GLY O 4683 39.48 47.18 -14.30
CA GLY O 4683 40.07 48.42 -13.85
C GLY O 4683 41.53 48.50 -14.21
N LEU O 4684 41.87 48.13 -15.44
CA LEU O 4684 43.26 48.08 -15.86
C LEU O 4684 43.93 49.44 -15.76
N TYR O 4685 43.18 50.53 -15.84
CA TYR O 4685 43.69 51.88 -15.62
C TYR O 4685 43.13 52.51 -14.37
N ILE O 4686 42.35 51.76 -13.58
CA ILE O 4686 41.66 52.31 -12.42
C ILE O 4686 42.15 51.58 -11.17
N THR O 4687 41.89 50.27 -11.10
CA THR O 4687 42.35 49.49 -9.95
C THR O 4687 43.84 49.18 -10.05
N GLU O 4688 44.32 48.88 -11.25
CA GLU O 4688 45.71 48.53 -11.48
C GLU O 4688 46.24 49.35 -12.67
N GLN O 4689 47.46 49.04 -13.08
CA GLN O 4689 48.12 49.72 -14.19
C GLN O 4689 48.80 48.68 -15.07
N PRO O 4690 49.07 49.03 -16.34
CA PRO O 4690 49.80 48.11 -17.19
C PRO O 4690 51.19 47.81 -16.62
N GLU O 4691 51.67 46.60 -16.89
CA GLU O 4691 52.96 46.18 -16.34
C GLU O 4691 54.11 47.05 -16.84
N ASP O 4692 53.90 47.78 -17.94
CA ASP O 4692 54.92 48.62 -18.56
C ASP O 4692 55.91 47.74 -19.34
N ASP O 4693 55.77 46.42 -19.23
CA ASP O 4693 56.45 45.50 -20.14
C ASP O 4693 55.62 45.23 -21.39
N ASP O 4694 54.35 45.62 -21.38
CA ASP O 4694 53.44 45.44 -22.51
C ASP O 4694 53.16 46.82 -23.12
N VAL O 4695 53.59 47.01 -24.37
CA VAL O 4695 53.39 48.28 -25.05
C VAL O 4695 51.93 48.54 -25.39
N LYS O 4696 51.10 47.50 -25.47
CA LYS O 4696 49.72 47.68 -25.91
C LYS O 4696 48.94 48.54 -24.92
N GLY O 4697 49.08 48.27 -23.63
CA GLY O 4697 48.39 49.08 -22.64
C GLY O 4697 48.88 50.53 -22.63
N GLN O 4698 50.20 50.70 -22.71
CA GLN O 4698 50.74 52.05 -22.72
C GLN O 4698 50.22 52.85 -23.91
N TRP O 4699 50.16 52.22 -25.08
CA TRP O 4699 49.64 52.92 -26.25
C TRP O 4699 48.14 53.12 -26.19
N ASP O 4700 47.39 52.18 -25.59
CA ASP O 4700 45.96 52.34 -25.42
C ASP O 4700 45.63 53.45 -24.42
N ARG O 4701 46.58 53.80 -23.56
CA ARG O 4701 46.35 54.90 -22.63
C ARG O 4701 45.94 56.17 -23.36
N LEU O 4702 46.42 56.35 -24.60
CA LEU O 4702 46.14 57.58 -25.33
C LEU O 4702 44.66 57.76 -25.60
N VAL O 4703 43.98 56.71 -26.04
CA VAL O 4703 42.64 56.84 -26.60
C VAL O 4703 41.56 56.99 -25.54
N LEU O 4704 41.89 56.85 -24.26
CA LEU O 4704 40.87 56.81 -23.22
C LEU O 4704 40.00 58.06 -23.25
N ASN O 4705 40.61 59.24 -23.23
CA ASN O 4705 39.87 60.48 -23.11
C ASN O 4705 39.37 61.02 -24.45
N THR O 4706 39.66 60.35 -25.56
CA THR O 4706 39.19 60.82 -26.85
C THR O 4706 37.67 60.71 -26.93
N PRO O 4707 36.99 61.69 -27.53
CA PRO O 4707 35.51 61.60 -27.58
C PRO O 4707 35.01 60.33 -28.24
N SER O 4708 35.64 59.90 -29.32
CA SER O 4708 35.19 58.72 -30.07
C SER O 4708 35.94 57.46 -29.64
N PHE O 4709 35.94 57.16 -28.35
CA PHE O 4709 36.62 55.96 -27.87
C PHE O 4709 36.00 54.69 -28.44
N PRO O 4710 34.69 54.45 -28.33
CA PRO O 4710 34.09 53.27 -28.99
C PRO O 4710 33.61 53.57 -30.41
N SER O 4711 34.55 53.91 -31.29
CA SER O 4711 34.18 54.26 -32.65
C SER O 4711 33.66 53.06 -33.42
N ASN O 4712 34.32 51.90 -33.28
CA ASN O 4712 33.91 50.67 -33.94
C ASN O 4712 33.08 49.77 -33.05
N TYR O 4713 33.52 49.52 -31.82
CA TYR O 4713 32.74 48.72 -30.88
C TYR O 4713 31.38 49.39 -30.66
N TRP O 4714 30.32 48.61 -30.87
CA TRP O 4714 28.98 49.20 -30.90
C TRP O 4714 28.58 49.77 -29.54
N ASP O 4715 28.97 49.11 -28.46
CA ASP O 4715 28.57 49.56 -27.14
C ASP O 4715 29.11 50.97 -26.88
N LYS O 4716 28.20 51.94 -26.83
CA LYS O 4716 28.56 53.33 -26.60
C LYS O 4716 28.43 53.75 -25.13
N PHE O 4717 28.04 52.84 -24.25
CA PHE O 4717 27.85 53.16 -22.84
C PHE O 4717 29.07 52.78 -21.99
N VAL O 4718 30.21 52.50 -22.61
CA VAL O 4718 31.36 52.00 -21.87
C VAL O 4718 31.81 53.04 -20.84
N LYS O 4719 31.85 54.32 -21.25
CA LYS O 4719 32.37 55.34 -20.35
C LYS O 4719 31.53 55.45 -19.09
N ARG O 4720 30.20 55.55 -19.22
CA ARG O 4720 29.38 55.68 -18.03
C ARG O 4720 29.29 54.37 -17.26
N LYS O 4721 29.40 53.23 -17.93
CA LYS O 4721 29.47 51.97 -17.18
C LYS O 4721 30.69 51.95 -16.27
N VAL O 4722 31.86 52.32 -16.81
CA VAL O 4722 33.07 52.37 -16.01
C VAL O 4722 32.92 53.40 -14.90
N LEU O 4723 32.34 54.56 -15.21
CA LEU O 4723 32.14 55.59 -14.19
C LEU O 4723 31.30 55.06 -13.04
N ASP O 4724 30.16 54.42 -13.36
CA ASP O 4724 29.29 53.90 -12.32
C ASP O 4724 30.00 52.82 -11.49
N LYS O 4725 30.76 51.94 -12.16
CA LYS O 4725 31.36 50.83 -11.44
C LYS O 4725 32.50 51.29 -10.53
N HIS O 4726 33.39 52.13 -11.04
CA HIS O 4726 34.61 52.50 -10.31
C HIS O 4726 34.61 53.97 -9.90
N GLY O 4727 33.45 54.57 -9.71
CA GLY O 4727 33.39 55.97 -9.35
C GLY O 4727 33.56 56.25 -7.87
N ASP O 4728 32.77 55.56 -7.04
CA ASP O 4728 32.78 55.86 -5.61
C ASP O 4728 34.15 55.58 -5.00
N ILE O 4729 34.77 54.46 -5.37
CA ILE O 4729 35.97 54.02 -4.66
C ILE O 4729 37.13 54.98 -4.94
N PHE O 4730 37.33 55.34 -6.21
CA PHE O 4730 38.46 56.17 -6.62
C PHE O 4730 38.07 57.55 -7.13
N GLY O 4731 36.84 58.00 -6.89
CA GLY O 4731 36.50 59.38 -7.18
C GLY O 4731 35.94 59.61 -8.57
N ARG O 4732 34.69 60.11 -8.60
CA ARG O 4732 34.04 60.39 -9.88
C ARG O 4732 34.81 61.44 -10.67
N GLU O 4733 35.39 62.43 -9.99
CA GLU O 4733 36.19 63.43 -10.68
C GLU O 4733 37.39 62.80 -11.38
N ARG O 4734 38.11 61.91 -10.68
CA ARG O 4734 39.26 61.25 -11.27
C ARG O 4734 38.84 60.38 -12.45
N ILE O 4735 37.76 59.62 -12.30
CA ILE O 4735 37.30 58.79 -13.40
C ILE O 4735 36.93 59.65 -14.60
N ALA O 4736 36.22 60.75 -14.36
CA ALA O 4736 35.80 61.63 -15.44
C ALA O 4736 36.99 62.24 -16.17
N GLU O 4737 37.99 62.74 -15.43
CA GLU O 4737 39.14 63.33 -16.08
C GLU O 4737 39.98 62.29 -16.82
N LEU O 4738 40.04 61.06 -16.31
CA LEU O 4738 40.72 60.00 -17.04
C LEU O 4738 40.00 59.67 -18.34
N LEU O 4739 38.68 59.56 -18.29
CA LEU O 4739 37.91 59.12 -19.45
C LEU O 4739 37.48 60.27 -20.35
N GLY O 4740 37.90 61.50 -20.06
CA GLY O 4740 37.62 62.61 -20.94
C GLY O 4740 36.14 62.92 -21.06
N MET O 4741 35.43 62.93 -19.94
CA MET O 4741 34.02 63.24 -19.90
C MET O 4741 33.77 64.28 -18.83
N ASP O 4742 32.71 65.08 -19.01
CA ASP O 4742 32.37 66.16 -18.11
C ASP O 4742 30.97 65.92 -17.56
N LEU O 4743 30.89 65.66 -16.25
CA LEU O 4743 29.60 65.43 -15.62
C LEU O 4743 28.72 66.67 -15.69
N ALA O 4744 29.32 67.85 -15.52
CA ALA O 4744 28.57 69.09 -15.64
C ALA O 4744 28.00 69.23 -17.05
N SER O 4745 28.80 68.88 -18.06
CA SER O 4745 28.30 68.92 -19.43
C SER O 4745 27.14 67.95 -19.63
N LEU O 4746 27.26 66.73 -19.07
CA LEU O 4746 26.17 65.77 -19.17
C LEU O 4746 24.89 66.33 -18.55
N GLU O 4747 25.00 66.89 -17.34
CA GLU O 4747 23.83 67.41 -16.65
C GLU O 4747 23.21 68.59 -17.41
N ILE O 4748 24.05 69.49 -17.93
CA ILE O 4748 23.52 70.64 -18.67
C ILE O 4748 22.85 70.19 -19.96
N THR O 4749 23.43 69.18 -20.63
CA THR O 4749 22.81 68.63 -21.82
C THR O 4749 21.45 68.04 -21.50
N ALA O 4750 21.36 67.32 -20.37
CA ALA O 4750 20.06 66.80 -19.93
C ALA O 4750 19.08 67.94 -19.67
N HIS O 4751 19.55 69.01 -19.04
CA HIS O 4751 18.66 70.12 -18.69
C HIS O 4751 18.13 70.82 -19.95
N ASN O 4752 19.01 71.20 -20.86
CA ASN O 4752 18.61 71.96 -22.04
C ASN O 4752 19.59 71.68 -23.16
N GLU O 4753 19.21 72.06 -24.39
CA GLU O 4753 19.92 71.66 -25.59
C GLU O 4753 20.19 72.88 -26.46
N ARG O 4754 21.35 72.88 -27.12
CA ARG O 4754 21.73 73.89 -28.08
C ARG O 4754 21.97 73.23 -29.42
N LYS O 4755 21.76 73.97 -30.51
CA LYS O 4755 21.88 73.44 -31.88
C LYS O 4755 22.82 74.30 -32.71
N PRO O 4756 24.12 74.32 -32.39
CA PRO O 4756 25.10 74.86 -33.35
C PRO O 4756 25.57 73.81 -34.33
N ASP O 4757 25.30 74.01 -35.62
CA ASP O 4757 25.69 73.06 -36.66
C ASP O 4757 26.04 73.82 -37.93
N PRO O 4758 27.29 74.25 -38.09
CA PRO O 4758 27.67 75.00 -39.29
C PRO O 4758 27.58 74.13 -40.52
N PRO O 4759 27.33 74.72 -41.69
CA PRO O 4759 27.25 73.92 -42.92
C PRO O 4759 28.53 73.15 -43.15
N PRO O 4760 28.46 71.91 -43.63
CA PRO O 4760 29.68 71.13 -43.88
C PRO O 4760 30.56 71.80 -44.93
N GLY O 4761 31.82 72.02 -44.55
CA GLY O 4761 32.81 72.56 -45.47
C GLY O 4761 34.16 71.89 -45.29
N LEU O 4762 35.20 72.69 -45.14
CA LEU O 4762 36.53 72.19 -44.82
C LEU O 4762 36.96 72.53 -43.40
N LEU O 4763 36.71 73.76 -42.95
CA LEU O 4763 37.06 74.13 -41.59
C LEU O 4763 36.29 73.28 -40.57
N THR O 4764 35.00 73.06 -40.83
CA THR O 4764 34.21 72.23 -39.93
C THR O 4764 34.75 70.81 -39.89
N TRP O 4765 35.12 70.26 -41.05
CA TRP O 4765 35.69 68.92 -41.10
C TRP O 4765 36.97 68.84 -40.28
N ILE O 4766 37.87 69.80 -40.47
CA ILE O 4766 39.14 69.79 -39.75
C ILE O 4766 38.90 69.90 -38.25
N MET O 4767 37.98 70.78 -37.84
CA MET O 4767 37.67 70.91 -36.42
C MET O 4767 37.11 69.60 -35.88
N SER O 4768 36.25 68.92 -36.66
CA SER O 4768 35.66 67.68 -36.19
C SER O 4768 36.71 66.59 -36.01
N ILE O 4769 37.67 66.49 -36.93
CA ILE O 4769 38.69 65.44 -36.82
C ILE O 4769 39.33 65.48 -35.44
N ASP O 4770 39.50 64.30 -34.84
CA ASP O 4770 40.18 64.15 -33.56
C ASP O 4770 41.58 63.61 -33.84
N VAL O 4771 42.59 64.43 -33.52
CA VAL O 4771 43.97 64.07 -33.87
C VAL O 4771 44.45 62.90 -33.02
N LYS O 4772 44.11 62.89 -31.73
CA LYS O 4772 44.66 61.90 -30.82
C LYS O 4772 44.12 60.50 -31.13
N TYR O 4773 42.82 60.40 -31.37
CA TYR O 4773 42.24 59.11 -31.72
C TYR O 4773 42.82 58.59 -33.03
N GLN O 4774 43.00 59.47 -34.02
CA GLN O 4774 43.58 59.06 -35.28
C GLN O 4774 45.02 58.59 -35.10
N ILE O 4775 45.77 59.26 -34.22
CA ILE O 4775 47.14 58.83 -33.95
C ILE O 4775 47.14 57.43 -33.35
N TRP O 4776 46.26 57.20 -32.38
CA TRP O 4776 46.17 55.86 -31.78
C TRP O 4776 45.78 54.81 -32.81
N LYS O 4777 44.80 55.13 -33.66
CA LYS O 4777 44.36 54.20 -34.68
C LYS O 4777 45.50 53.87 -35.64
N PHE O 4778 46.24 54.89 -36.07
CA PHE O 4778 47.33 54.65 -37.01
C PHE O 4778 48.45 53.87 -36.36
N GLY O 4779 48.69 54.09 -35.07
CA GLY O 4779 49.67 53.26 -34.38
C GLY O 4779 49.26 51.79 -34.38
N VAL O 4780 47.99 51.52 -34.07
CA VAL O 4780 47.51 50.14 -34.09
C VAL O 4780 47.65 49.55 -35.49
N ILE O 4781 47.25 50.31 -36.51
CA ILE O 4781 47.30 49.80 -37.88
C ILE O 4781 48.73 49.49 -38.27
N PHE O 4782 49.66 50.41 -37.99
CA PHE O 4782 51.05 50.20 -38.37
C PHE O 4782 51.72 49.12 -37.53
N THR O 4783 51.14 48.76 -36.38
CA THR O 4783 51.65 47.60 -35.66
C THR O 4783 51.01 46.31 -36.16
N ASP O 4784 49.89 46.40 -36.87
CA ASP O 4784 49.25 45.21 -37.42
C ASP O 4784 50.19 44.50 -38.39
N ASN O 4785 50.23 43.16 -38.30
CA ASN O 4785 51.18 42.38 -39.08
C ASN O 4785 50.82 42.38 -40.57
N SER O 4786 49.55 42.12 -40.89
CA SER O 4786 49.16 42.00 -42.29
C SER O 4786 49.33 43.33 -43.02
N PHE O 4787 48.98 44.44 -42.35
CA PHE O 4787 49.20 45.74 -42.96
C PHE O 4787 50.68 45.99 -43.20
N LEU O 4788 51.53 45.57 -42.27
CA LEU O 4788 52.97 45.71 -42.45
C LEU O 4788 53.44 44.90 -43.66
N TYR O 4789 52.91 43.68 -43.81
CA TYR O 4789 53.29 42.87 -44.97
C TYR O 4789 52.88 43.52 -46.27
N LEU O 4790 51.67 44.08 -46.31
CA LEU O 4790 51.20 44.73 -47.53
C LEU O 4790 52.02 45.99 -47.82
N GLY O 4791 52.39 46.74 -46.77
CA GLY O 4791 53.25 47.89 -46.97
C GLY O 4791 54.61 47.51 -47.50
N TRP O 4792 55.18 46.42 -46.99
CA TRP O 4792 56.44 45.91 -47.54
C TRP O 4792 56.28 45.48 -49.00
N TYR O 4793 55.14 44.85 -49.31
CA TYR O 4793 54.87 44.49 -50.69
C TYR O 4793 54.89 45.72 -51.60
N MET O 4794 54.21 46.78 -51.20
CA MET O 4794 54.24 48.02 -51.97
C MET O 4794 55.63 48.63 -52.05
N VAL O 4795 56.39 48.60 -50.94
CA VAL O 4795 57.72 49.18 -50.97
C VAL O 4795 58.62 48.45 -51.96
N MET O 4796 58.56 47.12 -51.96
CA MET O 4796 59.35 46.35 -52.92
C MET O 4796 58.84 46.55 -54.34
N SER O 4797 57.54 46.72 -54.52
CA SER O 4797 57.03 47.01 -55.85
C SER O 4797 57.56 48.35 -56.37
N LEU O 4798 57.61 49.36 -55.51
CA LEU O 4798 58.19 50.64 -55.90
C LEU O 4798 59.68 50.50 -56.19
N LEU O 4799 60.40 49.73 -55.37
CA LEU O 4799 61.82 49.52 -55.61
C LEU O 4799 62.05 48.78 -56.92
N GLY O 4800 61.06 48.00 -57.36
CA GLY O 4800 61.18 47.31 -58.62
C GLY O 4800 61.40 48.23 -59.80
N HIS O 4801 60.86 49.45 -59.71
CA HIS O 4801 61.10 50.42 -60.77
C HIS O 4801 62.53 50.95 -60.71
N TYR O 4802 63.09 51.07 -59.52
CA TYR O 4802 64.50 51.41 -59.39
C TYR O 4802 65.38 50.32 -59.99
N ASN O 4803 65.04 49.06 -59.72
CA ASN O 4803 65.72 47.92 -60.29
C ASN O 4803 64.71 46.80 -60.46
N ASN O 4804 64.53 46.32 -61.70
CA ASN O 4804 63.49 45.35 -62.00
C ASN O 4804 63.63 44.08 -61.18
N PHE O 4805 64.85 43.70 -60.80
CA PHE O 4805 65.05 42.43 -60.11
C PHE O 4805 64.48 42.44 -58.69
N PHE O 4806 64.18 43.63 -58.14
CA PHE O 4806 63.49 43.67 -56.85
C PHE O 4806 62.10 43.04 -56.92
N PHE O 4807 61.54 42.91 -58.12
CA PHE O 4807 60.23 42.25 -58.25
C PHE O 4807 60.31 40.77 -57.89
N ALA O 4808 61.52 40.20 -57.87
CA ALA O 4808 61.67 38.81 -57.50
C ALA O 4808 61.24 38.57 -56.06
N ALA O 4809 61.34 39.59 -55.21
CA ALA O 4809 60.95 39.46 -53.81
C ALA O 4809 59.46 39.16 -53.65
N HIS O 4810 58.64 39.43 -54.67
CA HIS O 4810 57.21 39.19 -54.60
C HIS O 4810 56.84 37.74 -54.85
N LEU O 4811 57.74 36.94 -55.42
CA LEU O 4811 57.47 35.52 -55.55
C LEU O 4811 57.37 34.83 -54.20
N LEU O 4812 57.91 35.43 -53.15
CA LEU O 4812 57.71 34.91 -51.81
C LEU O 4812 56.25 34.98 -51.38
N ASP O 4813 55.43 35.72 -52.11
CA ASP O 4813 54.01 35.86 -51.76
C ASP O 4813 53.27 34.54 -51.91
N ILE O 4814 53.85 33.54 -52.57
CA ILE O 4814 53.17 32.25 -52.70
C ILE O 4814 53.00 31.61 -51.33
N ALA O 4815 53.93 31.86 -50.40
CA ALA O 4815 53.84 31.29 -49.07
C ALA O 4815 52.57 31.74 -48.37
N MET O 4816 52.21 33.02 -48.52
CA MET O 4816 51.03 33.54 -47.84
C MET O 4816 49.78 33.34 -48.68
N GLY O 4817 49.93 33.23 -49.99
CA GLY O 4817 48.80 33.14 -50.88
C GLY O 4817 48.22 31.75 -51.00
N VAL O 4818 49.06 30.76 -51.30
CA VAL O 4818 48.56 29.41 -51.50
C VAL O 4818 48.35 28.74 -50.15
N LYS O 4819 47.14 28.23 -49.95
CA LYS O 4819 46.78 27.56 -48.70
C LYS O 4819 47.60 26.30 -48.46
N THR O 4820 47.87 25.53 -49.52
CA THR O 4820 48.68 24.33 -49.36
C THR O 4820 50.11 24.70 -48.94
N LEU O 4821 50.67 25.74 -49.53
CA LEU O 4821 52.00 26.18 -49.13
C LEU O 4821 52.01 26.69 -47.70
N ARG O 4822 50.95 27.42 -47.30
CA ARG O 4822 50.87 27.84 -45.90
C ARG O 4822 50.86 26.63 -44.97
N THR O 4823 50.05 25.62 -45.30
CA THR O 4823 49.97 24.43 -44.46
C THR O 4823 51.31 23.72 -44.39
N ILE O 4824 52.01 23.60 -45.53
CA ILE O 4824 53.30 22.91 -45.54
C ILE O 4824 54.32 23.67 -44.72
N LEU O 4825 54.38 24.99 -44.89
CA LEU O 4825 55.35 25.79 -44.14
C LEU O 4825 54.99 25.87 -42.67
N SER O 4826 53.73 25.60 -42.33
CA SER O 4826 53.37 25.48 -40.92
C SER O 4826 54.14 24.35 -40.26
N SER O 4827 54.50 23.32 -41.04
CA SER O 4827 55.32 22.24 -40.50
C SER O 4827 56.68 22.75 -40.05
N VAL O 4828 57.30 23.60 -40.87
CA VAL O 4828 58.61 24.14 -40.53
C VAL O 4828 58.50 25.12 -39.37
N THR O 4829 57.49 25.99 -39.40
CA THR O 4829 57.40 27.04 -38.38
C THR O 4829 56.84 26.50 -37.07
N HIS O 4830 56.26 25.30 -37.07
CA HIS O 4830 55.71 24.74 -35.84
C HIS O 4830 56.81 24.54 -34.80
N ASN O 4831 57.96 24.03 -35.22
CA ASN O 4831 59.10 23.81 -34.35
C ASN O 4831 60.27 24.73 -34.70
N GLY O 4832 59.96 25.98 -35.04
CA GLY O 4832 61.01 26.91 -35.46
C GLY O 4832 62.01 27.20 -34.36
N LYS O 4833 61.51 27.38 -33.12
CA LYS O 4833 62.42 27.64 -32.02
C LYS O 4833 63.36 26.47 -31.78
N GLN O 4834 62.83 25.25 -31.83
CA GLN O 4834 63.68 24.08 -31.68
C GLN O 4834 64.69 23.97 -32.82
N LEU O 4835 64.26 24.31 -34.04
CA LEU O 4835 65.18 24.25 -35.17
C LEU O 4835 66.32 25.24 -35.01
N VAL O 4836 66.01 26.46 -34.59
CA VAL O 4836 67.05 27.46 -34.37
C VAL O 4836 67.99 27.03 -33.24
N MET O 4837 67.44 26.48 -32.16
CA MET O 4837 68.30 26.00 -31.08
C MET O 4837 69.19 24.86 -31.56
N THR O 4838 68.67 24.00 -32.45
CA THR O 4838 69.49 22.93 -33.00
C THR O 4838 70.63 23.48 -33.85
N VAL O 4839 70.35 24.52 -34.65
CA VAL O 4839 71.42 25.15 -35.42
C VAL O 4839 72.47 25.73 -34.48
N GLY O 4840 72.04 26.36 -33.39
CA GLY O 4840 72.99 26.89 -32.43
C GLY O 4840 73.84 25.80 -31.79
N LEU O 4841 73.22 24.68 -31.45
CA LEU O 4841 73.96 23.55 -30.88
C LEU O 4841 74.97 23.01 -31.89
N LEU O 4842 74.58 22.92 -33.16
CA LEU O 4842 75.52 22.51 -34.20
C LEU O 4842 76.70 23.47 -34.27
N ALA O 4843 76.44 24.77 -34.20
CA ALA O 4843 77.51 25.75 -34.21
C ALA O 4843 78.46 25.57 -33.03
N VAL O 4844 77.91 25.33 -31.83
CA VAL O 4844 78.77 25.16 -30.66
C VAL O 4844 79.61 23.89 -30.79
N VAL O 4845 79.01 22.80 -31.26
CA VAL O 4845 79.76 21.55 -31.41
C VAL O 4845 80.88 21.73 -32.43
N VAL O 4846 80.58 22.40 -33.55
CA VAL O 4846 81.61 22.65 -34.55
C VAL O 4846 82.69 23.56 -33.98
N TYR O 4847 82.33 24.50 -33.10
CA TYR O 4847 83.35 25.33 -32.46
C TYR O 4847 84.27 24.49 -31.60
N LEU O 4848 83.71 23.52 -30.86
CA LEU O 4848 84.55 22.65 -30.04
C LEU O 4848 85.50 21.84 -30.91
N TYR O 4849 84.99 21.30 -32.01
CA TYR O 4849 85.85 20.61 -32.97
C TYR O 4849 86.92 21.54 -33.53
N THR O 4850 86.58 22.80 -33.80
CA THR O 4850 87.57 23.75 -34.29
C THR O 4850 88.65 23.99 -33.25
N VAL O 4851 88.27 24.10 -31.98
CA VAL O 4851 89.28 24.28 -30.93
C VAL O 4851 90.23 23.09 -30.90
N VAL O 4852 89.69 21.87 -30.95
CA VAL O 4852 90.56 20.70 -30.92
C VAL O 4852 91.49 20.70 -32.12
N ALA O 4853 90.96 20.96 -33.32
CA ALA O 4853 91.79 20.95 -34.52
C ALA O 4853 92.87 22.03 -34.47
N PHE O 4854 92.51 23.23 -33.99
CA PHE O 4854 93.48 24.31 -33.88
C PHE O 4854 94.59 23.94 -32.91
N ASN O 4855 94.25 23.27 -31.82
CA ASN O 4855 95.27 22.95 -30.82
C ASN O 4855 96.18 21.80 -31.27
N PHE O 4856 95.63 20.80 -31.97
CA PHE O 4856 96.39 19.58 -32.23
C PHE O 4856 96.56 19.21 -33.70
N PHE O 4857 95.64 19.58 -34.58
CA PHE O 4857 95.63 19.08 -35.95
C PHE O 4857 95.82 20.18 -36.98
N ARG O 4858 96.72 21.13 -36.72
CA ARG O 4858 96.91 22.22 -37.67
C ARG O 4858 97.61 21.76 -38.95
N LYS O 4859 98.53 20.79 -38.84
CA LYS O 4859 99.35 20.43 -39.98
C LYS O 4859 98.53 19.86 -41.13
N PHE O 4860 97.35 19.32 -40.85
CA PHE O 4860 96.54 18.66 -41.86
C PHE O 4860 95.64 19.62 -42.63
N TYR O 4861 95.64 20.91 -42.30
CA TYR O 4861 94.70 21.86 -42.87
C TYR O 4861 95.31 22.72 -43.97
N ASN O 4862 96.36 22.23 -44.63
CA ASN O 4862 96.93 22.93 -45.77
C ASN O 4862 96.15 22.59 -47.02
N LYS O 4863 95.40 23.55 -47.54
CA LYS O 4863 94.54 23.34 -48.70
C LYS O 4863 95.18 23.74 -50.01
N SER O 4864 96.43 24.20 -50.00
CA SER O 4864 97.08 24.61 -51.23
C SER O 4864 97.75 23.41 -51.91
N GLU O 4865 97.67 23.41 -53.24
CA GLU O 4865 98.34 22.39 -54.04
C GLU O 4865 99.81 22.72 -54.28
N ASP O 4866 100.16 24.00 -54.26
CA ASP O 4866 101.55 24.40 -54.51
C ASP O 4866 102.35 24.32 -53.21
N GLU O 4867 103.54 23.72 -53.30
CA GLU O 4867 104.39 23.60 -52.11
C GLU O 4867 104.93 24.95 -51.68
N ASP O 4868 105.13 25.86 -52.63
CA ASP O 4868 105.73 27.16 -52.30
C ASP O 4868 104.80 28.01 -51.44
N GLU O 4869 103.49 27.93 -51.70
CA GLU O 4869 102.54 28.77 -51.00
C GLU O 4869 101.61 27.91 -50.17
N PRO O 4870 101.85 27.72 -48.86
CA PRO O 4870 100.89 26.99 -48.03
C PRO O 4870 99.65 27.82 -47.70
N ASP O 4871 98.48 27.30 -48.03
CA ASP O 4871 97.21 27.96 -47.69
C ASP O 4871 96.62 27.32 -46.43
N MET O 4872 97.32 27.54 -45.32
CA MET O 4872 96.87 26.98 -44.06
C MET O 4872 95.52 27.57 -43.67
N LYS O 4873 94.58 26.69 -43.35
CA LYS O 4873 93.22 27.08 -43.02
C LYS O 4873 92.92 27.05 -41.53
N CYS O 4874 93.88 26.66 -40.69
CA CYS O 4874 93.67 26.59 -39.25
C CYS O 4874 94.85 27.17 -38.47
N ASP O 4875 95.50 28.21 -39.01
CA ASP O 4875 96.57 28.86 -38.26
C ASP O 4875 96.01 29.91 -37.32
N ASP O 4876 94.76 30.34 -37.53
CA ASP O 4876 94.08 31.24 -36.61
C ASP O 4876 92.68 30.69 -36.34
N MET O 4877 92.20 30.92 -35.12
CA MET O 4877 90.96 30.29 -34.69
C MET O 4877 89.75 30.74 -35.52
N MET O 4878 89.67 32.02 -35.87
CA MET O 4878 88.53 32.47 -36.66
C MET O 4878 88.50 31.85 -38.05
N THR O 4879 89.66 31.80 -38.73
CA THR O 4879 89.72 31.14 -40.02
C THR O 4879 89.39 29.65 -39.90
N CYS O 4880 89.91 29.00 -38.85
CA CYS O 4880 89.63 27.58 -38.68
C CYS O 4880 88.14 27.33 -38.45
N TYR O 4881 87.50 28.19 -37.65
CA TYR O 4881 86.07 28.04 -37.39
C TYR O 4881 85.26 28.28 -38.65
N LEU O 4882 85.60 29.31 -39.42
CA LEU O 4882 84.91 29.54 -40.68
C LEU O 4882 85.09 28.36 -41.63
N PHE O 4883 86.31 27.83 -41.74
CA PHE O 4883 86.53 26.65 -42.57
C PHE O 4883 85.64 25.50 -42.11
N HIS O 4884 85.65 25.19 -40.83
CA HIS O 4884 84.84 24.07 -40.35
C HIS O 4884 83.37 24.28 -40.68
N MET O 4885 82.79 25.41 -40.26
CA MET O 4885 81.37 25.66 -40.47
C MET O 4885 81.00 25.64 -41.94
N TYR O 4886 81.81 26.28 -42.79
CA TYR O 4886 81.45 26.43 -44.19
C TYR O 4886 81.66 25.14 -44.99
N VAL O 4887 82.63 24.33 -44.59
CA VAL O 4887 83.06 23.22 -45.44
C VAL O 4887 82.74 21.85 -44.85
N GLY O 4888 83.08 21.60 -43.59
CA GLY O 4888 82.89 20.28 -43.03
C GLY O 4888 81.43 19.91 -42.86
N VAL O 4889 80.61 20.90 -42.52
CA VAL O 4889 79.18 20.66 -42.37
C VAL O 4889 78.57 20.28 -43.71
N ARG O 4890 78.94 20.98 -44.78
CA ARG O 4890 78.42 20.70 -46.10
C ARG O 4890 79.03 19.45 -46.73
N ALA O 4891 80.19 19.01 -46.25
CA ALA O 4891 80.81 17.80 -46.76
C ALA O 4891 79.99 16.58 -46.39
N GLY O 4892 79.90 15.62 -47.32
CA GLY O 4892 79.11 14.44 -47.07
C GLY O 4892 79.59 13.57 -45.94
N GLY O 4893 80.91 13.37 -45.83
CA GLY O 4893 81.49 12.59 -44.76
C GLY O 4893 82.13 13.39 -43.66
N GLY O 4894 81.96 14.70 -43.63
CA GLY O 4894 82.52 15.53 -42.58
C GLY O 4894 83.83 16.18 -42.98
N ILE O 4895 84.51 16.70 -41.95
CA ILE O 4895 85.74 17.46 -42.17
C ILE O 4895 86.83 16.55 -42.73
N GLY O 4896 86.73 15.24 -42.52
CA GLY O 4896 87.76 14.34 -42.99
C GLY O 4896 87.84 14.27 -44.50
N ASP O 4897 86.70 14.40 -45.18
CA ASP O 4897 86.69 14.39 -46.64
C ASP O 4897 87.57 15.51 -47.18
N GLU O 4898 87.75 16.57 -46.40
CA GLU O 4898 88.35 17.79 -46.95
C GLU O 4898 89.77 18.00 -46.44
N ILE O 4899 90.04 17.63 -45.18
CA ILE O 4899 91.38 17.85 -44.64
C ILE O 4899 92.29 16.69 -45.06
N GLU O 4900 93.60 16.88 -44.87
CA GLU O 4900 94.60 15.95 -45.40
C GLU O 4900 94.43 14.56 -44.79
N ASP O 4901 94.94 13.56 -45.53
CA ASP O 4901 94.84 12.17 -45.10
C ASP O 4901 95.68 11.95 -43.85
N PRO O 4902 95.24 11.09 -42.93
CA PRO O 4902 95.99 10.88 -41.68
C PRO O 4902 96.94 9.69 -41.70
N ALA O 4903 96.93 8.89 -42.75
CA ALA O 4903 97.69 7.64 -42.73
C ALA O 4903 99.17 7.90 -42.49
N GLY O 4904 99.79 7.02 -41.69
CA GLY O 4904 101.20 7.14 -41.40
C GLY O 4904 101.58 8.35 -40.59
N ASP O 4905 100.83 8.68 -39.55
CA ASP O 4905 101.12 9.80 -38.68
C ASP O 4905 101.02 9.35 -37.22
N GLU O 4906 101.79 10.03 -36.36
CA GLU O 4906 101.78 9.68 -34.95
C GLU O 4906 100.41 9.86 -34.33
N TYR O 4907 99.60 10.77 -34.86
CA TYR O 4907 98.28 11.08 -34.35
C TYR O 4907 97.18 10.48 -35.21
N GLU O 4908 97.49 9.39 -35.93
CA GLU O 4908 96.53 8.84 -36.88
C GLU O 4908 95.26 8.36 -36.19
N LEU O 4909 95.39 7.62 -35.08
CA LEU O 4909 94.19 7.13 -34.40
C LEU O 4909 93.39 8.26 -33.79
N TYR O 4910 94.07 9.23 -33.18
CA TYR O 4910 93.37 10.38 -32.63
C TYR O 4910 92.59 11.12 -33.73
N ARG O 4911 93.21 11.29 -34.90
CA ARG O 4911 92.58 12.06 -35.96
C ARG O 4911 91.47 11.28 -36.65
N VAL O 4912 91.59 9.95 -36.76
CA VAL O 4912 90.47 9.18 -37.28
C VAL O 4912 89.30 9.16 -36.30
N VAL O 4913 89.55 9.13 -35.00
CA VAL O 4913 88.48 9.30 -34.03
C VAL O 4913 87.84 10.68 -34.20
N PHE O 4914 88.67 11.71 -34.37
CA PHE O 4914 88.17 13.05 -34.62
C PHE O 4914 87.22 13.07 -35.82
N ASP O 4915 87.66 12.53 -36.95
CA ASP O 4915 86.84 12.57 -38.16
C ASP O 4915 85.56 11.75 -37.99
N ILE O 4916 85.66 10.55 -37.43
CA ILE O 4916 84.49 9.69 -37.33
C ILE O 4916 83.47 10.29 -36.38
N THR O 4917 83.92 10.85 -35.25
CA THR O 4917 82.99 11.49 -34.33
C THR O 4917 82.38 12.74 -34.93
N PHE O 4918 83.15 13.54 -35.67
CA PHE O 4918 82.56 14.66 -36.39
C PHE O 4918 81.44 14.19 -37.32
N PHE O 4919 81.72 13.16 -38.12
CA PHE O 4919 80.71 12.65 -39.04
C PHE O 4919 79.48 12.13 -38.30
N PHE O 4920 79.69 11.42 -37.20
CA PHE O 4920 78.56 10.81 -36.49
C PHE O 4920 77.70 11.86 -35.80
N PHE O 4921 78.31 12.83 -35.12
CA PHE O 4921 77.55 13.81 -34.36
C PHE O 4921 76.96 14.90 -35.26
N VAL O 4922 77.77 15.51 -36.10
CA VAL O 4922 77.31 16.66 -36.88
C VAL O 4922 76.50 16.19 -38.08
N ILE O 4923 77.09 15.33 -38.92
CA ILE O 4923 76.45 14.98 -40.18
C ILE O 4923 75.22 14.11 -39.95
N VAL O 4924 75.30 13.17 -39.02
CA VAL O 4924 74.26 12.17 -38.87
C VAL O 4924 73.23 12.57 -37.82
N ILE O 4925 73.67 12.87 -36.61
CA ILE O 4925 72.72 13.07 -35.50
C ILE O 4925 71.98 14.39 -35.64
N LEU O 4926 72.72 15.50 -35.69
CA LEU O 4926 72.08 16.81 -35.66
C LEU O 4926 71.16 17.01 -36.85
N LEU O 4927 71.62 16.64 -38.04
CA LEU O 4927 70.74 16.68 -39.21
C LEU O 4927 69.53 15.76 -39.00
N ALA O 4928 69.77 14.59 -38.42
CA ALA O 4928 68.66 13.71 -38.08
C ALA O 4928 67.68 14.41 -37.14
N ILE O 4929 68.21 15.22 -36.22
CA ILE O 4929 67.34 15.97 -35.31
C ILE O 4929 66.48 16.95 -36.09
N ILE O 4930 67.06 17.62 -37.09
CA ILE O 4930 66.29 18.57 -37.89
C ILE O 4930 65.16 17.86 -38.64
N GLN O 4931 65.51 16.78 -39.34
CA GLN O 4931 64.49 16.01 -40.05
C GLN O 4931 63.42 15.49 -39.10
N GLY O 4932 63.82 15.02 -37.92
CA GLY O 4932 62.86 14.55 -36.95
C GLY O 4932 61.94 15.65 -36.46
N LEU O 4933 62.46 16.85 -36.26
CA LEU O 4933 61.61 17.96 -35.86
C LEU O 4933 60.56 18.26 -36.92
N ILE O 4934 60.97 18.26 -38.19
CA ILE O 4934 59.99 18.53 -39.26
C ILE O 4934 58.93 17.42 -39.31
N ILE O 4935 59.36 16.17 -39.23
CA ILE O 4935 58.43 15.05 -39.29
C ILE O 4935 57.47 15.09 -38.12
N ASP O 4936 57.98 15.39 -36.92
CA ASP O 4936 57.13 15.47 -35.75
C ASP O 4936 56.16 16.64 -35.85
N ALA O 4937 56.56 17.72 -36.50
CA ALA O 4937 55.62 18.81 -36.75
C ALA O 4937 54.46 18.34 -37.62
N PHE O 4938 54.76 17.64 -38.71
CA PHE O 4938 53.70 17.07 -39.53
C PHE O 4938 52.77 16.19 -38.69
N GLY O 4939 53.35 15.27 -37.93
CA GLY O 4939 52.54 14.36 -37.14
C GLY O 4939 51.69 15.07 -36.10
N GLU O 4940 52.26 16.08 -35.44
CA GLU O 4940 51.52 16.82 -34.43
C GLU O 4940 50.34 17.56 -35.03
N LEU O 4941 50.54 18.19 -36.20
CA LEU O 4941 49.41 18.86 -36.84
C LEU O 4941 48.32 17.89 -37.23
N ARG O 4942 48.69 16.72 -37.78
CA ARG O 4942 47.68 15.73 -38.12
C ARG O 4942 46.93 15.26 -36.88
N ASP O 4943 47.65 15.01 -35.79
CA ASP O 4943 47.02 14.55 -34.56
C ASP O 4943 46.07 15.60 -34.00
N GLN O 4944 46.46 16.87 -34.06
CA GLN O 4944 45.58 17.94 -33.59
C GLN O 4944 44.30 18.01 -34.42
N GLN O 4945 44.40 17.91 -35.75
CA GLN O 4945 43.20 17.92 -36.56
C GLN O 4945 42.29 16.74 -36.23
N GLU O 4946 42.89 15.55 -36.07
CA GLU O 4946 42.10 14.38 -35.71
C GLU O 4946 41.43 14.55 -34.36
N GLN O 4947 42.13 15.14 -33.39
CA GLN O 4947 41.53 15.38 -32.08
C GLN O 4947 40.34 16.34 -32.20
N VAL O 4948 40.47 17.39 -33.00
CA VAL O 4948 39.35 18.31 -33.19
C VAL O 4948 38.16 17.58 -33.78
N LYS O 4949 38.38 16.77 -34.82
CA LYS O 4949 37.27 16.05 -35.43
C LYS O 4949 36.62 15.08 -34.45
N GLU O 4950 37.42 14.34 -33.67
CA GLU O 4950 36.86 13.41 -32.71
C GLU O 4950 36.05 14.13 -31.65
N ASP O 4951 36.56 15.26 -31.16
CA ASP O 4951 35.83 16.02 -30.14
C ASP O 4951 34.50 16.51 -30.69
N MET O 4952 34.49 17.00 -31.93
CA MET O 4952 33.23 17.48 -32.50
C MET O 4952 32.27 16.33 -32.77
N GLU O 4953 32.79 15.13 -33.03
CA GLU O 4953 31.91 14.00 -33.31
C GLU O 4953 31.42 13.29 -32.05
N THR O 4954 32.08 13.50 -30.92
CA THR O 4954 31.78 12.68 -29.74
C THR O 4954 30.91 13.42 -28.72
N LYS O 4955 31.07 14.73 -28.59
CA LYS O 4955 30.35 15.49 -27.57
C LYS O 4955 29.87 16.80 -28.15
N CYS O 4956 28.81 17.34 -27.54
CA CYS O 4956 28.25 18.62 -27.96
C CYS O 4956 29.16 19.76 -27.52
N PHE O 4957 29.35 20.73 -28.40
CA PHE O 4957 30.25 21.83 -28.11
C PHE O 4957 29.70 22.72 -26.99
N ILE O 4958 28.38 22.86 -26.92
CA ILE O 4958 27.78 23.79 -25.97
C ILE O 4958 27.71 23.19 -24.57
N CYS O 4959 26.97 22.10 -24.39
CA CYS O 4959 26.74 21.51 -23.08
C CYS O 4959 27.74 20.44 -22.69
N GLY O 4960 28.48 19.89 -23.65
CA GLY O 4960 29.49 18.89 -23.35
C GLY O 4960 28.98 17.49 -23.12
N ILE O 4961 27.66 17.26 -23.24
CA ILE O 4961 27.13 15.92 -23.05
C ILE O 4961 27.55 15.03 -24.22
N GLY O 4962 27.81 13.77 -23.91
CA GLY O 4962 28.27 12.85 -24.93
C GLY O 4962 27.19 12.52 -25.94
N SER O 4963 27.65 12.08 -27.12
CA SER O 4963 26.73 11.73 -28.19
C SER O 4963 25.94 10.46 -27.88
N ASP O 4964 26.46 9.59 -27.03
CA ASP O 4964 25.77 8.35 -26.72
C ASP O 4964 24.44 8.59 -25.99
N TYR O 4965 24.40 9.59 -25.12
CA TYR O 4965 23.14 9.91 -24.45
C TYR O 4965 22.08 10.35 -25.45
N PHE O 4966 22.46 11.22 -26.39
CA PHE O 4966 21.50 11.72 -27.37
C PHE O 4966 21.09 10.63 -28.34
N ASP O 4967 22.01 9.76 -28.73
CA ASP O 4967 21.73 8.74 -29.74
C ASP O 4967 20.72 7.70 -29.28
N THR O 4968 20.17 7.82 -28.07
CA THR O 4968 19.10 6.91 -27.66
C THR O 4968 17.92 7.01 -28.62
N THR O 4969 17.56 8.22 -29.04
CA THR O 4969 16.57 8.38 -30.09
C THR O 4969 17.26 8.35 -31.45
N PRO O 4970 16.53 8.04 -32.51
CA PRO O 4970 17.15 7.96 -33.84
C PRO O 4970 17.77 9.29 -34.25
N HIS O 4971 19.07 9.26 -34.55
CA HIS O 4971 19.81 10.45 -34.98
C HIS O 4971 19.74 11.55 -33.91
N GLY O 4972 19.71 11.14 -32.65
CA GLY O 4972 19.52 12.10 -31.58
C GLY O 4972 20.63 13.14 -31.51
N PHE O 4973 21.87 12.69 -31.64
CA PHE O 4973 23.00 13.64 -31.59
C PHE O 4973 22.95 14.60 -32.77
N GLU O 4974 22.62 14.10 -33.97
CA GLU O 4974 22.53 14.98 -35.13
C GLU O 4974 21.45 16.04 -34.92
N THR O 4975 20.27 15.63 -34.44
CA THR O 4975 19.21 16.60 -34.19
C THR O 4975 19.62 17.58 -33.11
N HIS O 4976 20.29 17.10 -32.06
CA HIS O 4976 20.73 17.98 -30.98
C HIS O 4976 21.70 19.04 -31.49
N THR O 4977 22.69 18.63 -32.29
CA THR O 4977 23.69 19.57 -32.77
C THR O 4977 23.19 20.44 -33.93
N LEU O 4978 22.10 20.05 -34.58
CA LEU O 4978 21.59 20.86 -35.69
C LEU O 4978 20.50 21.83 -35.22
N GLU O 4979 19.69 21.43 -34.24
CA GLU O 4979 18.54 22.24 -33.82
C GLU O 4979 18.65 22.68 -32.37
N GLU O 4980 18.82 21.73 -31.43
CA GLU O 4980 18.71 22.07 -30.01
C GLU O 4980 19.84 22.96 -29.55
N HIS O 4981 21.10 22.57 -29.84
CA HIS O 4981 22.28 23.32 -29.44
C HIS O 4981 23.11 23.61 -30.69
N ASN O 4982 22.81 24.72 -31.36
CA ASN O 4982 23.47 25.09 -32.60
C ASN O 4982 24.26 26.38 -32.40
N LEU O 4983 25.56 26.32 -32.72
CA LEU O 4983 26.41 27.49 -32.59
C LEU O 4983 25.91 28.63 -33.45
N ALA O 4984 25.47 28.32 -34.67
CA ALA O 4984 24.90 29.35 -35.53
C ALA O 4984 23.67 29.98 -34.89
N ASN O 4985 22.83 29.16 -34.26
CA ASN O 4985 21.63 29.71 -33.62
C ASN O 4985 21.99 30.60 -32.45
N TYR O 4986 22.99 30.22 -31.66
CA TYR O 4986 23.41 31.09 -30.55
C TYR O 4986 23.98 32.40 -31.06
N MET O 4987 24.80 32.36 -32.12
CA MET O 4987 25.33 33.59 -32.69
C MET O 4987 24.22 34.47 -33.25
N PHE O 4988 23.25 33.87 -33.95
CA PHE O 4988 22.11 34.62 -34.44
C PHE O 4988 21.29 35.21 -33.31
N PHE O 4989 21.12 34.49 -32.20
CA PHE O 4989 20.39 35.04 -31.06
C PHE O 4989 21.12 36.25 -30.49
N LEU O 4990 22.44 36.16 -30.35
CA LEU O 4990 23.18 37.32 -29.87
C LEU O 4990 23.03 38.51 -30.81
N MET O 4991 23.15 38.28 -32.12
CA MET O 4991 23.01 39.37 -33.08
C MET O 4991 21.60 39.98 -33.02
N TYR O 4992 20.58 39.12 -32.97
CA TYR O 4992 19.21 39.59 -32.90
C TYR O 4992 18.93 40.36 -31.62
N LEU O 4993 19.48 39.89 -30.49
CA LEU O 4993 19.28 40.58 -29.22
C LEU O 4993 19.96 41.94 -29.24
N ILE O 4994 21.17 42.02 -29.81
CA ILE O 4994 21.84 43.31 -29.92
C ILE O 4994 21.03 44.26 -30.79
N ASN O 4995 20.54 43.78 -31.94
CA ASN O 4995 19.80 44.65 -32.84
C ASN O 4995 18.49 45.12 -32.21
N LYS O 4996 17.79 44.23 -31.51
CA LYS O 4996 16.50 44.57 -30.94
C LYS O 4996 16.64 45.65 -29.88
N ASP O 4997 15.64 46.53 -29.82
CA ASP O 4997 15.63 47.58 -28.82
C ASP O 4997 15.41 46.99 -27.43
N GLU O 4998 16.06 47.58 -26.43
CA GLU O 4998 15.93 47.08 -25.07
C GLU O 4998 14.48 47.16 -24.59
N THR O 4999 13.78 48.25 -24.95
CA THR O 4999 12.40 48.40 -24.52
C THR O 4999 11.51 47.30 -25.09
N GLU O 5000 11.91 46.73 -26.24
CA GLU O 5000 11.13 45.68 -26.88
C GLU O 5000 11.49 44.29 -26.39
N HIS O 5001 12.53 44.15 -25.57
CA HIS O 5001 12.96 42.83 -25.12
C HIS O 5001 11.86 42.16 -24.30
N THR O 5002 11.65 40.88 -24.55
CA THR O 5002 10.76 40.08 -23.72
C THR O 5002 11.44 39.77 -22.38
N GLY O 5003 10.77 38.98 -21.55
CA GLY O 5003 11.34 38.62 -20.27
C GLY O 5003 12.61 37.80 -20.39
N GLN O 5004 12.55 36.71 -21.18
CA GLN O 5004 13.72 35.87 -21.36
C GLN O 5004 14.85 36.63 -22.06
N GLU O 5005 14.51 37.41 -23.08
CA GLU O 5005 15.51 38.20 -23.78
C GLU O 5005 16.14 39.23 -22.85
N SER O 5006 15.36 39.85 -21.98
CA SER O 5006 15.93 40.81 -21.03
C SER O 5006 16.85 40.11 -20.04
N TYR O 5007 16.45 38.93 -19.57
CA TYR O 5007 17.32 38.16 -18.69
C TYR O 5007 18.67 37.87 -19.37
N VAL O 5008 18.62 37.34 -20.59
CA VAL O 5008 19.86 37.01 -21.29
C VAL O 5008 20.66 38.26 -21.60
N TRP O 5009 19.98 39.37 -21.89
CA TRP O 5009 20.67 40.62 -22.19
C TRP O 5009 21.42 41.14 -20.96
N LYS O 5010 20.78 41.09 -19.80
CA LYS O 5010 21.44 41.50 -18.57
C LYS O 5010 22.65 40.62 -18.29
N MET O 5011 22.48 39.30 -18.43
CA MET O 5011 23.61 38.41 -18.20
C MET O 5011 24.75 38.68 -19.17
N TYR O 5012 24.43 38.92 -20.44
CA TYR O 5012 25.44 39.22 -21.45
C TYR O 5012 26.17 40.51 -21.12
N GLN O 5013 25.43 41.54 -20.71
CA GLN O 5013 26.06 42.81 -20.35
C GLN O 5013 26.96 42.66 -19.15
N GLU O 5014 26.60 41.78 -18.21
CA GLU O 5014 27.45 41.49 -17.07
C GLU O 5014 28.53 40.48 -17.39
N ARG O 5015 28.54 39.91 -18.61
CA ARG O 5015 29.51 38.90 -19.00
C ARG O 5015 29.40 37.65 -18.13
N CYS O 5016 28.18 37.31 -17.75
CA CYS O 5016 27.89 36.08 -17.02
C CYS O 5016 27.32 35.07 -18.00
N TRP O 5017 28.07 33.99 -18.24
CA TRP O 5017 27.72 32.99 -19.24
C TRP O 5017 26.95 31.82 -18.64
N ASP O 5018 26.47 31.96 -17.40
CA ASP O 5018 25.73 30.87 -16.76
C ASP O 5018 24.46 30.53 -17.51
N PHE O 5019 23.95 31.44 -18.36
CA PHE O 5019 22.75 31.13 -19.12
C PHE O 5019 23.03 30.08 -20.19
N PHE O 5020 24.29 29.90 -20.55
CA PHE O 5020 24.64 28.84 -21.48
C PHE O 5020 24.46 27.48 -20.80
N PRO O 5021 23.68 26.57 -21.38
CA PRO O 5021 23.51 25.26 -20.74
C PRO O 5021 24.83 24.51 -20.69
N ALA O 5022 25.14 23.96 -19.52
CA ALA O 5022 26.39 23.26 -19.27
C ALA O 5022 26.08 21.96 -18.53
N GLY O 5023 26.24 20.83 -19.21
CA GLY O 5023 25.90 19.56 -18.62
C GLY O 5023 24.42 19.29 -18.53
N ASP O 5024 23.58 20.11 -19.15
CA ASP O 5024 22.14 19.96 -19.08
C ASP O 5024 21.54 20.35 -20.43
N CYS O 5025 20.32 19.87 -20.67
CA CYS O 5025 19.63 20.12 -21.93
C CYS O 5025 18.14 19.97 -21.70
N PHE O 5026 17.36 20.32 -22.72
CA PHE O 5026 15.91 20.16 -22.64
C PHE O 5026 15.50 18.70 -22.45
N ARG O 5027 16.11 17.79 -23.20
CA ARG O 5027 15.78 16.37 -23.08
C ARG O 5027 16.06 15.86 -21.68
N LYS O 5028 17.23 16.19 -21.12
CA LYS O 5028 17.56 15.70 -19.78
C LYS O 5028 16.70 16.38 -18.73
N GLN O 5029 16.36 17.65 -18.93
CA GLN O 5029 15.50 18.35 -17.99
C GLN O 5029 14.11 17.73 -17.93
N TYR O 5030 13.55 17.38 -19.08
CA TYR O 5030 12.19 16.84 -19.16
C TYR O 5030 12.20 15.41 -19.68
N GLU O 5031 13.14 14.60 -19.20
CA GLU O 5031 13.29 13.25 -19.74
C GLU O 5031 12.04 12.40 -19.53
N ASP O 5032 11.54 12.32 -18.30
CA ASP O 5032 10.43 11.43 -18.02
C ASP O 5032 9.17 11.84 -18.77
N GLN O 5033 8.85 13.14 -18.76
CA GLN O 5033 7.68 13.59 -19.48
C GLN O 5033 7.85 13.42 -20.99
N LEU O 5034 9.03 13.75 -21.52
CA LEU O 5034 9.24 13.67 -22.95
C LEU O 5034 9.14 12.22 -23.44
N SER O 5035 9.71 11.29 -22.68
CA SER O 5035 9.68 9.88 -23.04
C SER O 5035 8.26 9.33 -22.97
N GLU P 11 -14.95 17.63 -11.74
CA GLU P 11 -14.73 18.81 -12.57
C GLU P 11 -16.04 19.34 -13.12
N VAL P 12 -16.03 20.61 -13.54
CA VAL P 12 -17.22 21.22 -14.12
C VAL P 12 -17.36 20.77 -15.57
N GLN P 13 -18.59 20.68 -16.04
CA GLN P 13 -18.90 20.26 -17.41
C GLN P 13 -19.84 21.28 -18.04
N PHE P 14 -19.65 21.52 -19.33
CA PHE P 14 -20.42 22.52 -20.07
C PHE P 14 -21.26 21.83 -21.14
N LEU P 15 -22.55 22.16 -21.17
CA LEU P 15 -23.44 21.58 -22.17
C LEU P 15 -22.97 21.94 -23.58
N ARG P 16 -23.02 20.97 -24.47
CA ARG P 16 -22.66 21.15 -25.87
C ARG P 16 -23.81 20.69 -26.75
N THR P 17 -23.84 21.20 -27.97
CA THR P 17 -24.87 20.80 -28.91
C THR P 17 -24.80 19.29 -29.15
N ASP P 18 -25.95 18.72 -29.48
CA ASP P 18 -26.17 17.28 -29.73
C ASP P 18 -26.26 16.50 -28.43
N ASP P 19 -26.38 17.16 -27.28
CA ASP P 19 -26.52 16.49 -25.99
C ASP P 19 -27.99 16.47 -25.59
N GLU P 20 -28.52 15.28 -25.33
CA GLU P 20 -29.87 15.16 -24.83
C GLU P 20 -29.98 15.74 -23.43
N VAL P 21 -31.03 16.53 -23.21
CA VAL P 21 -31.23 17.21 -21.94
C VAL P 21 -32.69 17.09 -21.55
N VAL P 22 -32.96 17.38 -20.27
CA VAL P 22 -34.32 17.47 -19.76
C VAL P 22 -34.47 18.82 -19.08
N LEU P 23 -35.55 19.53 -19.42
CA LEU P 23 -35.88 20.80 -18.79
C LEU P 23 -36.66 20.51 -17.52
N GLN P 24 -36.12 20.91 -16.37
CA GLN P 24 -36.67 20.57 -15.07
C GLN P 24 -36.95 21.83 -14.27
N CYS P 25 -38.09 21.84 -13.58
CA CYS P 25 -38.49 22.94 -12.71
C CYS P 25 -38.92 22.37 -11.36
N SER P 26 -38.98 23.24 -10.37
CA SER P 26 -39.32 22.86 -9.00
C SER P 26 -40.49 23.70 -8.51
N ALA P 27 -41.48 23.04 -7.91
CA ALA P 27 -42.64 23.71 -7.34
C ALA P 27 -42.91 23.13 -5.96
N THR P 28 -43.25 24.00 -5.01
CA THR P 28 -43.53 23.58 -3.64
C THR P 28 -45.04 23.50 -3.45
N VAL P 29 -45.58 22.29 -3.39
CA VAL P 29 -47.00 22.05 -3.21
C VAL P 29 -47.20 21.30 -1.91
N LEU P 30 -48.08 21.81 -1.06
CA LEU P 30 -48.41 21.18 0.22
C LEU P 30 -47.16 20.94 1.06
N LYS P 31 -46.28 21.96 1.11
CA LYS P 31 -45.06 21.92 1.90
C LYS P 31 -44.13 20.79 1.49
N GLU P 32 -44.25 20.33 0.24
CA GLU P 32 -43.39 19.26 -0.28
C GLU P 32 -42.85 19.70 -1.63
N GLN P 33 -41.54 19.84 -1.73
CA GLN P 33 -40.92 20.20 -3.00
C GLN P 33 -41.12 19.08 -4.02
N LEU P 34 -41.45 19.45 -5.24
CA LEU P 34 -41.72 18.50 -6.31
C LEU P 34 -41.02 18.98 -7.58
N LYS P 35 -40.30 18.07 -8.23
CA LYS P 35 -39.57 18.36 -9.45
C LYS P 35 -40.34 17.81 -10.63
N LEU P 36 -40.47 18.63 -11.67
CA LEU P 36 -41.26 18.29 -12.86
C LEU P 36 -40.43 18.53 -14.11
N CYS P 37 -40.53 17.59 -15.06
CA CYS P 37 -39.80 17.68 -16.32
C CYS P 37 -40.78 18.01 -17.43
N LEU P 38 -40.38 18.93 -18.30
CA LEU P 38 -41.22 19.28 -19.46
C LEU P 38 -41.29 18.08 -20.39
N ALA P 39 -42.49 17.80 -20.90
CA ALA P 39 -42.70 16.63 -21.74
C ALA P 39 -43.74 16.94 -22.81
N ALA P 40 -43.74 16.13 -23.86
CA ALA P 40 -44.71 16.26 -24.93
C ALA P 40 -44.76 14.96 -25.72
N GLU P 41 -45.97 14.56 -26.11
CA GLU P 41 -46.12 13.32 -26.88
C GLU P 41 -45.68 13.52 -28.32
N GLY P 42 -46.02 14.66 -28.92
CA GLY P 42 -45.64 14.94 -30.29
C GLY P 42 -46.69 14.52 -31.30
N PHE P 43 -46.92 13.21 -31.40
CA PHE P 43 -47.89 12.67 -32.35
C PHE P 43 -49.25 12.58 -31.66
N GLY P 44 -50.24 13.27 -32.21
CA GLY P 44 -51.58 13.30 -31.66
C GLY P 44 -51.79 14.33 -30.57
N ASN P 45 -50.72 14.92 -30.05
CA ASN P 45 -50.82 15.95 -29.02
C ASN P 45 -49.55 16.78 -29.07
N ARG P 46 -49.66 18.02 -29.54
CA ARG P 46 -48.53 18.91 -29.76
C ARG P 46 -48.26 19.80 -28.56
N LEU P 47 -49.06 19.71 -27.51
CA LEU P 47 -48.99 20.62 -26.37
C LEU P 47 -48.19 19.97 -25.25
N CYS P 48 -47.33 20.77 -24.61
CA CYS P 48 -46.45 20.25 -23.59
C CYS P 48 -47.14 20.19 -22.24
N PHE P 49 -46.78 19.18 -21.45
CA PHE P 49 -47.25 19.03 -20.08
C PHE P 49 -46.03 18.83 -19.20
N LEU P 50 -46.28 18.53 -17.93
CA LEU P 50 -45.23 18.36 -16.93
C LEU P 50 -45.33 16.98 -16.31
N GLU P 51 -44.25 16.22 -16.35
CA GLU P 51 -44.19 14.90 -15.75
C GLU P 51 -43.44 14.98 -14.44
N PRO P 52 -44.06 14.70 -13.29
CA PRO P 52 -43.33 14.73 -12.03
C PRO P 52 -42.29 13.62 -11.97
N THR P 53 -41.18 13.88 -11.27
CA THR P 53 -40.10 12.92 -11.13
C THR P 53 -39.58 12.81 -9.70
N SER P 54 -40.23 13.45 -8.73
CA SER P 54 -39.76 13.37 -7.36
C SER P 54 -40.05 12.01 -6.74
N ASN P 55 -41.15 11.38 -7.17
CA ASN P 55 -41.56 10.08 -6.65
C ASN P 55 -41.04 8.93 -7.51
N ALA P 56 -39.88 9.10 -8.15
CA ALA P 56 -39.39 8.09 -9.08
C ALA P 56 -39.16 6.75 -8.39
N GLN P 57 -38.85 6.76 -7.09
CA GLN P 57 -38.51 5.53 -6.40
C GLN P 57 -39.72 4.61 -6.26
N ASN P 58 -40.93 5.19 -6.18
CA ASN P 58 -42.13 4.38 -6.02
C ASN P 58 -42.89 4.22 -7.33
N VAL P 59 -42.87 5.25 -8.19
CA VAL P 59 -43.57 5.22 -9.47
C VAL P 59 -42.60 5.74 -10.53
N PRO P 60 -42.15 4.92 -11.47
CA PRO P 60 -41.14 5.38 -12.43
C PRO P 60 -41.68 6.50 -13.31
N PRO P 61 -40.87 7.49 -13.64
CA PRO P 61 -41.31 8.54 -14.57
C PRO P 61 -41.22 8.10 -16.01
N ASP P 62 -41.85 8.91 -16.88
CA ASP P 62 -41.91 8.63 -18.32
C ASP P 62 -40.95 9.59 -19.02
N LEU P 63 -39.69 9.17 -19.14
CA LEU P 63 -38.65 10.01 -19.76
C LEU P 63 -38.51 9.79 -21.25
N ALA P 64 -39.22 8.83 -21.84
CA ALA P 64 -39.10 8.60 -23.27
C ALA P 64 -39.52 9.84 -24.07
N ILE P 65 -40.30 10.73 -23.46
CA ILE P 65 -40.80 11.91 -24.14
C ILE P 65 -40.27 13.20 -23.54
N CYS P 66 -39.42 13.13 -22.51
CA CYS P 66 -38.89 14.30 -21.84
C CYS P 66 -37.52 14.73 -22.37
N CYS P 67 -36.96 14.01 -23.33
CA CYS P 67 -35.59 14.25 -23.79
C CYS P 67 -35.59 15.14 -25.02
N PHE P 68 -34.77 16.19 -25.00
CA PHE P 68 -34.60 17.09 -26.12
C PHE P 68 -33.12 17.17 -26.51
N ILE P 69 -32.87 17.16 -27.81
CA ILE P 69 -31.53 17.34 -28.35
C ILE P 69 -31.29 18.81 -28.62
N LEU P 70 -30.12 19.29 -28.22
CA LEU P 70 -29.68 20.67 -28.48
C LEU P 70 -29.02 20.70 -29.84
N GLU P 71 -29.81 20.94 -30.89
CA GLU P 71 -29.24 20.89 -32.24
C GLU P 71 -28.24 22.01 -32.46
N GLN P 72 -28.64 23.25 -32.17
CA GLN P 72 -27.86 24.40 -32.56
C GLN P 72 -27.91 25.45 -31.46
N SER P 73 -26.80 26.18 -31.30
CA SER P 73 -26.73 27.32 -30.41
C SER P 73 -26.14 28.48 -31.21
N LEU P 74 -26.91 29.56 -31.33
CA LEU P 74 -26.54 30.68 -32.19
C LEU P 74 -26.72 31.99 -31.42
N SER P 75 -25.83 32.94 -31.69
CA SER P 75 -26.01 34.29 -31.19
C SER P 75 -27.24 34.90 -31.85
N VAL P 76 -27.82 35.91 -31.20
CA VAL P 76 -29.03 36.52 -31.73
C VAL P 76 -28.77 37.15 -33.09
N ARG P 77 -27.63 37.83 -33.23
CA ARG P 77 -27.31 38.46 -34.51
C ARG P 77 -27.12 37.42 -35.61
N ALA P 78 -26.39 36.35 -35.31
CA ALA P 78 -26.19 35.29 -36.30
C ALA P 78 -27.50 34.62 -36.66
N LEU P 79 -28.39 34.44 -35.68
CA LEU P 79 -29.70 33.87 -35.96
C LEU P 79 -30.50 34.78 -36.87
N GLN P 80 -30.45 36.09 -36.64
CA GLN P 80 -31.14 37.03 -37.51
C GLN P 80 -30.60 36.94 -38.93
N GLU P 81 -29.27 36.89 -39.08
CA GLU P 81 -28.69 36.76 -40.40
C GLU P 81 -29.11 35.46 -41.08
N MET P 82 -29.11 34.35 -40.33
CA MET P 82 -29.49 33.06 -40.91
C MET P 82 -30.93 33.09 -41.37
N LEU P 83 -31.82 33.66 -40.56
CA LEU P 83 -33.23 33.76 -40.96
C LEU P 83 -33.37 34.65 -42.20
N ALA P 84 -32.63 35.76 -42.24
CA ALA P 84 -32.72 36.65 -43.39
C ALA P 84 -32.27 35.95 -44.67
N ASN P 85 -31.18 35.19 -44.60
CA ASN P 85 -30.69 34.45 -45.76
C ASN P 85 -31.72 33.43 -46.22
N HIS P 99 -19.53 20.00 -32.40
CA HIS P 99 -20.22 20.38 -31.18
C HIS P 99 -19.72 21.72 -30.67
N ARG P 100 -20.64 22.62 -30.34
CA ARG P 100 -20.34 23.96 -29.91
C ARG P 100 -20.85 24.18 -28.49
N THR P 101 -19.99 24.71 -27.62
CA THR P 101 -20.38 24.96 -26.24
C THR P 101 -21.48 26.00 -26.18
N LEU P 102 -22.45 25.79 -25.28
CA LEU P 102 -23.51 26.77 -25.08
C LEU P 102 -23.01 27.92 -24.23
N LEU P 103 -23.29 29.13 -24.68
CA LEU P 103 -22.93 30.35 -23.98
C LEU P 103 -24.18 31.16 -23.70
N TYR P 104 -24.24 31.77 -22.51
CA TYR P 104 -25.41 32.54 -22.12
C TYR P 104 -25.67 33.65 -23.14
N GLY P 105 -26.95 33.84 -23.47
CA GLY P 105 -27.36 34.83 -24.44
C GLY P 105 -27.57 34.27 -25.84
N HIS P 106 -27.10 33.06 -26.11
CA HIS P 106 -27.31 32.43 -27.40
C HIS P 106 -28.71 31.84 -27.50
N ALA P 107 -29.15 31.63 -28.73
CA ALA P 107 -30.45 31.03 -29.01
C ALA P 107 -30.28 29.56 -29.40
N ILE P 108 -30.99 28.69 -28.70
CA ILE P 108 -30.82 27.25 -28.82
C ILE P 108 -32.02 26.65 -29.52
N LEU P 109 -31.80 25.52 -30.19
CA LEU P 109 -32.87 24.77 -30.85
C LEU P 109 -33.02 23.41 -30.18
N LEU P 110 -34.23 23.14 -29.70
CA LEU P 110 -34.54 21.90 -28.98
C LEU P 110 -35.41 21.02 -29.86
N ARG P 111 -34.90 19.83 -30.18
CA ARG P 111 -35.65 18.85 -30.96
C ARG P 111 -36.06 17.70 -30.05
N HIS P 112 -37.36 17.45 -29.97
CA HIS P 112 -37.87 16.32 -29.19
C HIS P 112 -37.24 15.03 -29.69
N ALA P 113 -36.71 14.24 -28.75
CA ALA P 113 -35.99 13.04 -29.13
C ALA P 113 -36.91 12.03 -29.83
N HIS P 114 -38.13 11.89 -29.33
CA HIS P 114 -39.06 10.90 -29.87
C HIS P 114 -39.69 11.36 -31.18
N SER P 115 -40.43 12.47 -31.16
CA SER P 115 -41.19 12.89 -32.33
C SER P 115 -40.34 13.67 -33.32
N ARG P 116 -39.14 14.12 -32.93
CA ARG P 116 -38.26 14.89 -33.81
C ARG P 116 -38.90 16.21 -34.25
N MET P 117 -39.79 16.74 -33.41
CA MET P 117 -40.40 18.05 -33.64
C MET P 117 -39.75 19.06 -32.71
N TYR P 118 -39.70 20.31 -33.15
CA TYR P 118 -38.93 21.33 -32.43
C TYR P 118 -39.81 22.09 -31.45
N LEU P 119 -39.33 22.19 -30.21
CA LEU P 119 -40.04 22.94 -29.19
C LEU P 119 -40.19 24.39 -29.60
N SER P 120 -41.40 24.91 -29.49
CA SER P 120 -41.69 26.26 -29.97
C SER P 120 -42.82 26.85 -29.14
N CYS P 121 -42.91 28.19 -29.18
CA CYS P 121 -43.98 28.92 -28.52
C CYS P 121 -45.13 29.08 -29.50
N LEU P 122 -46.28 28.47 -29.19
CA LEU P 122 -47.41 28.46 -30.10
C LEU P 122 -48.18 29.78 -30.03
N THR P 123 -48.89 30.08 -31.10
CA THR P 123 -49.72 31.28 -31.13
C THR P 123 -50.99 31.08 -30.30
N THR P 124 -51.54 29.87 -30.31
CA THR P 124 -52.77 29.59 -29.58
C THR P 124 -52.50 29.62 -28.07
N SER P 125 -53.56 29.88 -27.31
CA SER P 125 -53.49 29.91 -25.86
C SER P 125 -54.74 29.28 -25.27
N ARG P 126 -54.55 28.42 -24.27
CA ARG P 126 -55.66 27.83 -23.53
C ARG P 126 -55.82 28.41 -22.14
N SER P 127 -54.79 29.09 -21.62
CA SER P 127 -54.81 29.62 -20.26
C SER P 127 -55.97 30.57 -20.06
N MET P 128 -56.95 30.18 -19.24
CA MET P 128 -58.06 31.06 -18.93
C MET P 128 -57.63 32.17 -17.97
N THR P 129 -56.81 31.82 -16.97
CA THR P 129 -56.39 32.81 -15.98
C THR P 129 -55.56 33.92 -16.63
N ASP P 130 -54.63 33.56 -17.51
CA ASP P 130 -53.73 34.50 -18.15
C ASP P 130 -54.17 34.72 -19.59
N LYS P 131 -54.51 35.95 -19.93
CA LYS P 131 -54.87 36.30 -21.31
C LYS P 131 -53.67 36.66 -22.16
N LEU P 132 -52.52 36.96 -21.54
CA LEU P 132 -51.33 37.30 -22.31
C LEU P 132 -50.44 36.09 -22.59
N ALA P 133 -50.64 35.00 -21.84
CA ALA P 133 -49.78 33.83 -21.97
C ALA P 133 -50.05 33.09 -23.28
N PHE P 134 -49.06 32.30 -23.73
CA PHE P 134 -49.20 31.48 -24.92
C PHE P 134 -48.88 30.04 -24.55
N ASP P 135 -49.45 29.12 -25.33
CA ASP P 135 -49.16 27.70 -25.16
C ASP P 135 -47.78 27.37 -25.69
N VAL P 136 -47.17 26.35 -25.12
CA VAL P 136 -45.86 25.86 -25.53
C VAL P 136 -46.03 24.44 -26.04
N GLY P 137 -45.53 24.17 -27.23
CA GLY P 137 -45.71 22.88 -27.84
C GLY P 137 -44.64 22.58 -28.86
N LEU P 138 -44.90 21.59 -29.70
CA LEU P 138 -43.97 21.13 -30.71
C LEU P 138 -44.48 21.50 -32.09
N GLN P 139 -43.56 21.78 -33.01
CA GLN P 139 -43.90 22.05 -34.40
C GLN P 139 -43.01 21.20 -35.31
N GLU P 140 -43.55 20.84 -36.48
CA GLU P 140 -42.91 19.84 -37.32
C GLU P 140 -41.55 20.31 -37.82
N ASP P 141 -41.47 21.55 -38.29
CA ASP P 141 -40.27 22.06 -38.95
C ASP P 141 -39.63 23.17 -38.12
N ALA P 142 -38.31 23.28 -38.25
CA ALA P 142 -37.55 24.29 -37.53
C ALA P 142 -37.58 25.65 -38.20
N THR P 143 -38.46 25.85 -39.18
CA THR P 143 -38.55 27.14 -39.85
C THR P 143 -39.19 28.18 -38.93
N GLY P 144 -38.78 29.42 -39.11
CA GLY P 144 -39.30 30.52 -38.31
C GLY P 144 -38.55 30.71 -37.01
N GLU P 145 -38.93 31.77 -36.31
CA GLU P 145 -38.32 32.13 -35.04
C GLU P 145 -39.14 31.67 -33.83
N ALA P 146 -40.22 30.94 -34.05
CA ALA P 146 -41.03 30.46 -32.93
C ALA P 146 -40.32 29.31 -32.21
N CYS P 147 -39.54 28.52 -32.93
CA CYS P 147 -38.87 27.36 -32.36
C CYS P 147 -37.57 27.71 -31.64
N TRP P 148 -37.14 28.97 -31.68
CA TRP P 148 -35.85 29.35 -31.12
C TRP P 148 -36.05 29.97 -29.74
N TRP P 149 -35.23 29.55 -28.78
CA TRP P 149 -35.27 30.04 -27.41
C TRP P 149 -33.90 30.55 -27.03
N THR P 150 -33.88 31.64 -26.27
CA THR P 150 -32.65 32.29 -25.83
C THR P 150 -32.51 32.10 -24.33
N MET P 151 -31.26 31.89 -23.89
CA MET P 151 -30.98 31.60 -22.49
C MET P 151 -30.52 32.85 -21.78
N HIS P 152 -30.79 32.92 -20.47
CA HIS P 152 -30.29 33.99 -19.63
C HIS P 152 -29.92 33.44 -18.26
N PRO P 153 -28.94 34.03 -17.59
CA PRO P 153 -28.55 33.55 -16.26
C PRO P 153 -29.59 33.90 -15.21
N ALA P 154 -29.77 32.97 -14.26
CA ALA P 154 -30.73 33.18 -13.18
C ALA P 154 -30.16 33.98 -12.02
N SER P 155 -28.86 34.28 -12.04
CA SER P 155 -28.22 34.99 -10.94
C SER P 155 -27.16 35.93 -11.50
N LYS P 156 -26.81 36.93 -10.70
CA LYS P 156 -25.71 37.83 -11.07
C LYS P 156 -24.38 37.07 -11.13
N GLN P 157 -24.28 35.93 -10.44
CA GLN P 157 -23.06 35.14 -10.50
C GLN P 157 -22.68 34.83 -11.94
N ARG P 158 -23.62 34.30 -12.72
CA ARG P 158 -23.36 34.03 -14.12
C ARG P 158 -23.49 35.31 -14.93
N SER P 159 -22.79 35.35 -16.07
CA SER P 159 -22.72 36.55 -16.89
C SER P 159 -22.99 36.19 -18.34
N GLU P 160 -23.55 37.15 -19.08
CA GLU P 160 -23.79 36.96 -20.50
C GLU P 160 -22.48 36.64 -21.21
N GLY P 161 -22.49 35.61 -22.06
CA GLY P 161 -21.32 35.14 -22.74
C GLY P 161 -20.56 34.04 -22.00
N GLU P 162 -20.92 33.77 -20.74
CA GLU P 162 -20.29 32.68 -20.02
C GLU P 162 -20.83 31.34 -20.54
N LYS P 163 -19.94 30.34 -20.59
CA LYS P 163 -20.36 29.02 -21.01
C LYS P 163 -21.32 28.42 -19.99
N VAL P 164 -22.41 27.84 -20.49
CA VAL P 164 -23.39 27.25 -19.59
C VAL P 164 -22.79 26.02 -18.90
N ARG P 165 -23.12 25.86 -17.63
CA ARG P 165 -22.61 24.76 -16.81
C ARG P 165 -23.76 23.85 -16.42
N VAL P 166 -23.48 22.54 -16.38
CA VAL P 166 -24.49 21.58 -15.97
C VAL P 166 -24.97 21.93 -14.57
N GLY P 167 -26.28 21.89 -14.38
CA GLY P 167 -26.89 22.20 -13.10
C GLY P 167 -27.16 23.67 -12.85
N ASP P 168 -26.88 24.54 -13.81
CA ASP P 168 -27.18 25.95 -13.63
C ASP P 168 -28.68 26.21 -13.66
N ASP P 169 -29.10 27.17 -12.85
CA ASP P 169 -30.44 27.72 -12.95
C ASP P 169 -30.44 28.81 -14.00
N LEU P 170 -31.32 28.69 -14.99
CA LEU P 170 -31.33 29.57 -16.15
C LEU P 170 -32.76 29.82 -16.60
N ILE P 171 -32.93 30.87 -17.40
CA ILE P 171 -34.24 31.37 -17.80
C ILE P 171 -34.32 31.32 -19.31
N LEU P 172 -35.44 30.81 -19.83
CA LEU P 172 -35.66 30.71 -21.27
C LEU P 172 -36.63 31.80 -21.70
N VAL P 173 -36.28 32.50 -22.78
CA VAL P 173 -37.15 33.50 -23.39
C VAL P 173 -37.38 33.13 -24.83
N SER P 174 -38.59 33.40 -25.33
CA SER P 174 -38.95 33.09 -26.70
C SER P 174 -38.55 34.24 -27.60
N VAL P 175 -37.80 33.93 -28.67
CA VAL P 175 -37.39 34.97 -29.62
C VAL P 175 -38.61 35.57 -30.29
N SER P 176 -39.59 34.74 -30.64
CA SER P 176 -40.75 35.22 -31.39
C SER P 176 -41.67 36.06 -30.53
N SER P 177 -41.95 35.62 -29.30
CA SER P 177 -42.98 36.23 -28.47
C SER P 177 -42.43 37.00 -27.28
N GLU P 178 -41.11 36.98 -27.05
CA GLU P 178 -40.51 37.70 -25.93
C GLU P 178 -41.19 37.32 -24.61
N ARG P 179 -41.44 36.02 -24.44
CA ARG P 179 -42.10 35.51 -23.25
C ARG P 179 -41.25 34.44 -22.60
N TYR P 180 -41.38 34.32 -21.28
CA TYR P 180 -40.61 33.36 -20.50
C TYR P 180 -41.28 32.00 -20.49
N LEU P 181 -40.49 30.95 -20.60
CA LEU P 181 -41.01 29.61 -20.33
C LEU P 181 -41.36 29.50 -18.86
N HIS P 182 -42.65 29.50 -18.56
CA HIS P 182 -43.14 29.77 -17.21
C HIS P 182 -43.97 28.60 -16.70
N LEU P 183 -43.79 28.30 -15.41
CA LEU P 183 -44.60 27.30 -14.72
C LEU P 183 -45.85 27.97 -14.17
N SER P 184 -47.01 27.47 -14.58
CA SER P 184 -48.29 28.05 -14.20
C SER P 184 -48.88 27.29 -13.01
N THR P 185 -48.89 27.94 -11.85
CA THR P 185 -49.49 27.36 -10.64
C THR P 185 -50.85 27.97 -10.33
N ALA P 186 -51.42 28.73 -11.26
CA ALA P 186 -52.68 29.41 -11.00
C ALA P 186 -53.80 28.40 -10.77
N SER P 187 -54.09 27.57 -11.76
CA SER P 187 -55.11 26.55 -11.61
C SER P 187 -54.63 25.45 -10.68
N GLY P 188 -55.54 24.54 -10.35
CA GLY P 188 -55.19 23.43 -9.47
C GLY P 188 -54.06 22.59 -10.04
N GLU P 189 -54.08 22.34 -11.35
CA GLU P 189 -53.03 21.56 -11.99
C GLU P 189 -51.84 22.45 -12.33
N LEU P 190 -50.66 21.85 -12.40
CA LEU P 190 -49.46 22.56 -12.79
C LEU P 190 -49.26 22.43 -14.29
N GLN P 191 -49.14 23.57 -14.97
CA GLN P 191 -49.04 23.62 -16.41
C GLN P 191 -47.85 24.48 -16.81
N VAL P 192 -47.38 24.29 -18.04
CA VAL P 192 -46.27 25.03 -18.60
C VAL P 192 -46.79 25.88 -19.74
N ASP P 193 -46.43 27.17 -19.74
CA ASP P 193 -46.88 28.10 -20.75
C ASP P 193 -45.86 29.24 -20.85
N ALA P 194 -45.95 29.97 -21.96
CA ALA P 194 -45.06 31.10 -22.22
C ALA P 194 -45.77 32.37 -21.78
N SER P 195 -45.31 32.96 -20.67
CA SER P 195 -45.90 34.16 -20.11
C SER P 195 -44.81 35.16 -19.79
N PHE P 196 -45.22 36.35 -19.35
CA PHE P 196 -44.26 37.40 -19.03
C PHE P 196 -43.57 37.15 -17.70
N MET P 197 -44.16 36.32 -16.84
CA MET P 197 -43.51 35.94 -15.61
C MET P 197 -42.48 34.86 -15.87
N GLN P 198 -41.36 34.93 -15.15
CA GLN P 198 -40.21 34.07 -15.39
C GLN P 198 -40.17 32.91 -14.40
N THR P 199 -39.57 31.81 -14.84
CA THR P 199 -39.31 30.65 -13.99
C THR P 199 -37.90 30.14 -14.28
N LEU P 200 -37.28 29.57 -13.28
CA LEU P 200 -35.90 29.08 -13.39
C LEU P 200 -35.91 27.60 -13.76
N TRP P 201 -35.30 27.27 -14.89
CA TRP P 201 -35.26 25.91 -15.41
C TRP P 201 -33.84 25.36 -15.34
N ASN P 202 -33.72 24.04 -15.21
CA ASN P 202 -32.44 23.36 -15.21
C ASN P 202 -32.39 22.42 -16.42
N MET P 203 -31.30 22.50 -17.18
CA MET P 203 -31.09 21.58 -18.30
C MET P 203 -30.25 20.42 -17.80
N ASN P 204 -30.91 19.45 -17.18
CA ASN P 204 -30.13 18.32 -16.69
C ASN P 204 -29.69 17.45 -17.87
N PRO P 205 -28.41 17.09 -17.96
CA PRO P 205 -27.94 16.35 -19.13
C PRO P 205 -28.25 14.87 -19.06
N ILE P 206 -28.84 14.32 -20.13
CA ILE P 206 -29.14 12.89 -20.16
C ILE P 206 -27.97 12.13 -20.75
N CYS P 207 -27.40 12.62 -21.85
CA CYS P 207 -26.23 12.00 -22.46
C CYS P 207 -25.51 13.03 -23.29
N SER P 208 -24.23 12.79 -23.54
CA SER P 208 -23.41 13.67 -24.36
C SER P 208 -22.96 12.97 -25.64
N GLY P 209 -22.32 11.82 -25.48
CA GLY P 209 -21.87 11.05 -26.63
C GLY P 209 -21.53 9.64 -26.22
N CYS P 210 -21.94 8.70 -27.06
CA CYS P 210 -21.83 7.27 -26.77
C CYS P 210 -20.68 6.66 -27.57
N GLU P 211 -19.81 5.95 -26.88
CA GLU P 211 -18.77 5.19 -27.57
C GLU P 211 -19.41 4.13 -28.46
N GLU P 212 -18.84 3.94 -29.64
CA GLU P 212 -19.45 3.07 -30.64
C GLU P 212 -19.65 1.66 -30.08
N GLY P 213 -20.85 1.12 -30.28
CA GLY P 213 -21.14 -0.25 -29.94
C GLY P 213 -21.36 -0.53 -28.46
N PHE P 214 -21.45 0.52 -27.63
CA PHE P 214 -21.58 0.36 -26.19
C PHE P 214 -23.00 0.72 -25.77
N VAL P 215 -23.57 -0.10 -24.87
CA VAL P 215 -24.92 0.14 -24.38
C VAL P 215 -24.91 1.29 -23.40
N THR P 216 -25.92 2.15 -23.49
CA THR P 216 -26.13 3.23 -22.54
C THR P 216 -27.58 3.18 -22.07
N GLY P 217 -27.85 3.83 -20.94
CA GLY P 217 -29.20 3.89 -20.45
C GLY P 217 -30.14 4.59 -21.42
N GLY P 218 -31.38 4.12 -21.45
CA GLY P 218 -32.41 4.77 -22.22
C GLY P 218 -32.52 4.35 -23.68
N HIS P 219 -31.81 3.31 -24.09
CA HIS P 219 -31.98 2.75 -25.43
C HIS P 219 -33.09 1.71 -25.43
N VAL P 220 -33.86 1.69 -26.50
CA VAL P 220 -34.77 0.60 -26.80
C VAL P 220 -33.96 -0.51 -27.47
N LEU P 221 -34.12 -1.74 -27.01
CA LEU P 221 -33.28 -2.84 -27.48
C LEU P 221 -33.98 -4.16 -27.23
N ARG P 222 -33.45 -5.21 -27.84
CA ARG P 222 -33.95 -6.56 -27.66
C ARG P 222 -32.95 -7.37 -26.86
N LEU P 223 -33.46 -8.26 -26.00
CA LEU P 223 -32.63 -9.13 -25.18
C LEU P 223 -32.73 -10.53 -25.77
N PHE P 224 -31.72 -10.93 -26.53
CA PHE P 224 -31.70 -12.22 -27.18
C PHE P 224 -31.08 -13.26 -26.25
N HIS P 225 -31.61 -14.49 -26.30
CA HIS P 225 -31.08 -15.58 -25.50
C HIS P 225 -29.74 -15.99 -26.09
N GLY P 226 -28.68 -15.43 -25.50
CA GLY P 226 -27.33 -15.68 -25.99
C GLY P 226 -27.22 -15.30 -27.45
N HIS P 227 -27.08 -16.31 -28.31
CA HIS P 227 -27.16 -16.14 -29.75
C HIS P 227 -28.04 -17.21 -30.37
N MET P 228 -29.06 -17.65 -29.64
CA MET P 228 -29.94 -18.73 -30.07
C MET P 228 -31.14 -18.23 -30.88
N ASP P 229 -31.18 -16.94 -31.20
CA ASP P 229 -32.24 -16.37 -32.00
C ASP P 229 -33.55 -16.23 -31.21
N GLU P 230 -33.52 -16.62 -29.94
CA GLU P 230 -34.66 -16.36 -29.07
C GLU P 230 -34.50 -15.00 -28.39
N CYS P 231 -35.62 -14.33 -28.16
CA CYS P 231 -35.64 -13.02 -27.51
C CYS P 231 -36.68 -13.03 -26.41
N LEU P 232 -36.46 -12.16 -25.42
CA LEU P 232 -37.39 -11.99 -24.32
C LEU P 232 -38.56 -11.13 -24.79
N THR P 233 -39.78 -11.61 -24.58
CA THR P 233 -40.96 -10.92 -25.09
C THR P 233 -42.13 -11.19 -24.15
N ILE P 234 -43.27 -10.63 -24.51
CA ILE P 234 -44.54 -10.89 -23.81
C ILE P 234 -45.51 -11.49 -24.81
N SER P 235 -46.63 -12.00 -24.31
CA SER P 235 -47.57 -12.71 -25.16
C SER P 235 -48.16 -11.75 -26.21
N PRO P 236 -48.58 -12.28 -27.36
CA PRO P 236 -49.18 -11.41 -28.38
C PRO P 236 -50.41 -10.70 -27.85
N SER P 237 -50.82 -9.67 -28.57
CA SER P 237 -52.00 -8.90 -28.19
C SER P 237 -53.24 -9.79 -28.23
N ASP P 238 -54.17 -9.49 -27.32
CA ASP P 238 -55.44 -10.21 -27.14
C ASP P 238 -55.22 -11.59 -26.54
N SER P 239 -54.04 -11.87 -26.01
CA SER P 239 -53.79 -13.17 -25.39
C SER P 239 -54.54 -13.28 -24.08
N ASP P 240 -54.85 -14.53 -23.70
CA ASP P 240 -55.62 -14.78 -22.49
C ASP P 240 -54.84 -14.52 -21.21
N ASP P 241 -53.51 -14.50 -21.27
CA ASP P 241 -52.71 -14.25 -20.07
C ASP P 241 -52.69 -12.77 -19.69
N GLN P 242 -53.37 -11.91 -20.44
CA GLN P 242 -53.47 -10.48 -20.20
C GLN P 242 -52.14 -9.77 -20.40
N ARG P 243 -51.20 -10.38 -21.13
CA ARG P 243 -49.92 -9.75 -21.45
C ARG P 243 -49.11 -9.42 -20.20
N ARG P 244 -49.31 -10.17 -19.12
CA ARG P 244 -48.61 -9.96 -17.87
C ARG P 244 -47.46 -10.94 -17.67
N LEU P 245 -47.18 -11.80 -18.65
CA LEU P 245 -46.19 -12.83 -18.52
C LEU P 245 -45.09 -12.64 -19.57
N VAL P 246 -43.91 -13.18 -19.28
CA VAL P 246 -42.72 -13.02 -20.11
C VAL P 246 -42.27 -14.39 -20.59
N TYR P 247 -41.86 -14.46 -21.85
CA TYR P 247 -41.43 -15.70 -22.48
C TYR P 247 -40.15 -15.46 -23.27
N TYR P 248 -39.49 -16.57 -23.61
CA TYR P 248 -38.43 -16.57 -24.62
C TYR P 248 -39.01 -17.15 -25.90
N GLU P 249 -39.03 -16.35 -26.97
CA GLU P 249 -39.62 -16.78 -28.23
C GLU P 249 -38.70 -16.41 -29.37
N GLY P 250 -38.70 -17.24 -30.42
CA GLY P 250 -37.72 -17.09 -31.48
C GLY P 250 -38.28 -17.27 -32.88
N GLY P 251 -39.56 -16.99 -33.07
CA GLY P 251 -40.16 -17.05 -34.38
C GLY P 251 -39.92 -15.75 -35.13
N PRO P 252 -40.96 -15.19 -35.75
CA PRO P 252 -40.84 -13.86 -36.35
C PRO P 252 -40.99 -12.72 -35.34
N VAL P 253 -41.20 -13.04 -34.07
CA VAL P 253 -41.36 -11.99 -33.05
C VAL P 253 -40.11 -11.13 -32.94
N CYS P 254 -38.95 -11.68 -33.31
CA CYS P 254 -37.71 -10.91 -33.20
C CYS P 254 -37.75 -9.65 -34.08
N THR P 255 -38.65 -9.61 -35.06
CA THR P 255 -38.82 -8.43 -35.90
C THR P 255 -40.03 -7.59 -35.51
N HIS P 256 -40.78 -8.00 -34.50
CA HIS P 256 -41.96 -7.27 -34.06
C HIS P 256 -41.61 -6.31 -32.93
N ALA P 257 -42.63 -5.56 -32.48
CA ALA P 257 -42.44 -4.50 -31.49
C ALA P 257 -42.86 -4.92 -30.08
N ARG P 258 -43.34 -6.15 -29.90
CA ARG P 258 -43.72 -6.62 -28.59
C ARG P 258 -42.54 -7.25 -27.85
N SER P 259 -41.36 -7.27 -28.47
CA SER P 259 -40.15 -7.76 -27.83
C SER P 259 -39.13 -6.65 -27.62
N LEU P 260 -39.55 -5.39 -27.65
CA LEU P 260 -38.67 -4.24 -27.52
C LEU P 260 -38.71 -3.73 -26.09
N TRP P 261 -37.54 -3.64 -25.45
CA TRP P 261 -37.44 -3.20 -24.07
C TRP P 261 -36.53 -1.97 -23.97
N ARG P 262 -36.79 -1.15 -22.96
CA ARG P 262 -36.02 0.06 -22.70
C ARG P 262 -35.37 -0.05 -21.33
N LEU P 263 -34.08 0.30 -21.27
CA LEU P 263 -33.32 0.24 -20.02
C LEU P 263 -33.34 1.62 -19.39
N GLU P 264 -33.84 1.70 -18.15
CA GLU P 264 -33.97 2.98 -17.46
C GLU P 264 -33.18 2.93 -16.16
N PRO P 265 -32.03 3.60 -16.07
CA PRO P 265 -31.33 3.66 -14.78
C PRO P 265 -32.17 4.36 -13.73
N LEU P 266 -31.96 3.97 -12.47
CA LEU P 266 -32.74 4.54 -11.38
C LEU P 266 -32.46 6.03 -11.21
N ARG P 267 -31.37 6.52 -11.78
CA ARG P 267 -31.04 7.94 -11.71
C ARG P 267 -31.66 8.68 -12.89
N ILE P 268 -32.15 9.90 -12.64
CA ILE P 268 -32.75 10.68 -13.72
C ILE P 268 -31.69 11.40 -14.52
N SER P 269 -30.81 12.15 -13.85
CA SER P 269 -29.76 12.88 -14.52
C SER P 269 -28.64 11.93 -14.94
N TRP P 270 -28.10 12.17 -16.13
CA TRP P 270 -27.07 11.30 -16.72
C TRP P 270 -27.59 9.88 -16.87
N SER P 271 -28.91 9.72 -17.02
CA SER P 271 -29.48 8.40 -17.21
C SER P 271 -29.10 7.80 -18.56
N GLY P 272 -28.55 8.60 -19.47
CA GLY P 272 -28.11 8.10 -20.75
C GLY P 272 -26.63 7.75 -20.76
N SER P 273 -26.06 7.58 -19.57
CA SER P 273 -24.65 7.25 -19.44
C SER P 273 -24.40 5.79 -19.83
N HIS P 274 -23.12 5.46 -19.97
CA HIS P 274 -22.74 4.08 -20.28
C HIS P 274 -23.22 3.15 -19.19
N LEU P 275 -23.74 2.00 -19.61
CA LEU P 275 -24.33 1.04 -18.68
C LEU P 275 -23.24 0.16 -18.10
N ARG P 276 -23.08 0.20 -16.79
CA ARG P 276 -22.01 -0.49 -16.08
C ARG P 276 -22.54 -1.77 -15.45
N TRP P 277 -21.65 -2.75 -15.26
CA TRP P 277 -22.02 -3.98 -14.59
C TRP P 277 -22.48 -3.68 -13.16
N GLY P 278 -23.58 -4.32 -12.77
CA GLY P 278 -24.10 -4.15 -11.43
C GLY P 278 -24.93 -2.91 -11.22
N GLN P 279 -25.14 -2.10 -12.25
CA GLN P 279 -25.93 -0.89 -12.11
C GLN P 279 -27.41 -1.25 -11.99
N PRO P 280 -28.09 -0.83 -10.91
CA PRO P 280 -29.53 -1.11 -10.83
C PRO P 280 -30.29 -0.33 -11.89
N LEU P 281 -31.32 -0.97 -12.45
CA LEU P 281 -32.09 -0.36 -13.53
C LEU P 281 -33.44 -1.04 -13.62
N ARG P 282 -34.35 -0.40 -14.36
CA ARG P 282 -35.66 -0.96 -14.65
C ARG P 282 -35.74 -1.29 -16.14
N ILE P 283 -36.32 -2.45 -16.44
CA ILE P 283 -36.54 -2.85 -17.83
C ILE P 283 -38.01 -2.62 -18.15
N ARG P 284 -38.29 -1.67 -19.03
CA ARG P 284 -39.65 -1.28 -19.38
C ARG P 284 -40.03 -1.91 -20.71
N HIS P 285 -41.28 -2.35 -20.82
CA HIS P 285 -41.78 -2.81 -22.10
C HIS P 285 -42.35 -1.62 -22.86
N VAL P 286 -41.73 -1.28 -24.00
CA VAL P 286 -42.03 -0.03 -24.67
C VAL P 286 -43.49 0.02 -25.09
N THR P 287 -44.00 -1.06 -25.68
CA THR P 287 -45.32 -1.01 -26.31
C THR P 287 -46.43 -0.92 -25.28
N THR P 288 -46.34 -1.70 -24.21
CA THR P 288 -47.38 -1.72 -23.18
C THR P 288 -47.10 -0.76 -22.04
N GLY P 289 -45.87 -0.28 -21.90
CA GLY P 289 -45.55 0.62 -20.80
C GLY P 289 -45.64 -0.05 -19.44
N ARG P 290 -45.27 -1.33 -19.37
CA ARG P 290 -45.28 -2.10 -18.13
C ARG P 290 -43.87 -2.54 -17.81
N TYR P 291 -43.48 -2.43 -16.55
CA TYR P 291 -42.11 -2.69 -16.16
C TYR P 291 -41.93 -4.14 -15.71
N LEU P 292 -40.81 -4.72 -16.07
CA LEU P 292 -40.46 -6.07 -15.64
C LEU P 292 -40.13 -6.06 -14.16
N GLY P 293 -40.81 -6.91 -13.39
CA GLY P 293 -40.64 -6.92 -11.96
C GLY P 293 -40.93 -8.29 -11.36
N LEU P 294 -40.73 -8.37 -10.05
CA LEU P 294 -40.92 -9.60 -9.28
C LEU P 294 -42.09 -9.41 -8.33
N THR P 295 -43.16 -10.17 -8.54
CA THR P 295 -44.30 -10.20 -7.64
C THR P 295 -44.29 -11.51 -6.85
N GLU P 296 -44.46 -11.40 -5.53
CA GLU P 296 -44.38 -12.57 -4.68
C GLU P 296 -45.42 -13.62 -5.06
N ASP P 297 -46.62 -13.18 -5.47
CA ASP P 297 -47.67 -14.14 -5.79
C ASP P 297 -47.44 -14.81 -7.13
N GLN P 298 -47.01 -14.06 -8.15
CA GLN P 298 -46.90 -14.58 -9.51
C GLN P 298 -45.46 -14.61 -10.01
N GLY P 299 -44.48 -14.43 -9.15
CA GLY P 299 -43.09 -14.45 -9.59
C GLY P 299 -42.74 -13.33 -10.53
N LEU P 300 -42.20 -13.65 -11.69
CA LEU P 300 -41.73 -12.66 -12.66
C LEU P 300 -42.87 -12.31 -13.61
N VAL P 301 -43.25 -11.05 -13.62
CA VAL P 301 -44.31 -10.53 -14.50
C VAL P 301 -43.89 -9.15 -14.98
N VAL P 302 -44.75 -8.55 -15.79
CA VAL P 302 -44.63 -7.14 -16.18
C VAL P 302 -45.71 -6.38 -15.45
N VAL P 303 -45.31 -5.62 -14.43
CA VAL P 303 -46.24 -4.91 -13.57
C VAL P 303 -46.51 -3.52 -14.15
N ASP P 304 -47.59 -2.90 -13.69
CA ASP P 304 -47.92 -1.55 -14.10
C ASP P 304 -46.94 -0.56 -13.48
N ALA P 305 -46.87 0.62 -14.10
CA ALA P 305 -45.98 1.66 -13.58
C ALA P 305 -46.34 2.04 -12.16
N SER P 306 -47.63 2.15 -11.86
CA SER P 306 -48.04 2.53 -10.52
C SER P 306 -47.56 1.52 -9.47
N LYS P 307 -47.47 0.25 -9.84
CA LYS P 307 -47.02 -0.79 -8.92
C LYS P 307 -45.52 -1.06 -9.03
N ALA P 308 -44.83 -0.46 -10.00
CA ALA P 308 -43.41 -0.72 -10.21
C ALA P 308 -42.56 0.13 -9.27
N HIS P 309 -42.55 -0.28 -8.00
CA HIS P 309 -41.68 0.37 -7.04
C HIS P 309 -40.25 -0.17 -7.18
N THR P 310 -39.32 0.52 -6.51
CA THR P 310 -37.90 0.23 -6.72
C THR P 310 -37.55 -1.21 -6.36
N LYS P 311 -38.09 -1.71 -5.25
CA LYS P 311 -37.75 -3.06 -4.80
C LYS P 311 -38.16 -4.09 -5.84
N ALA P 312 -39.36 -3.96 -6.40
CA ALA P 312 -39.88 -4.99 -7.28
C ALA P 312 -39.21 -4.96 -8.65
N THR P 313 -38.99 -3.77 -9.21
CA THR P 313 -38.56 -3.63 -10.59
C THR P 313 -37.10 -3.22 -10.73
N SER P 314 -36.26 -3.48 -9.72
CA SER P 314 -34.84 -3.16 -9.80
C SER P 314 -34.09 -4.40 -10.29
N PHE P 315 -33.40 -4.24 -11.43
CA PHE P 315 -32.63 -5.32 -12.03
C PHE P 315 -31.22 -4.84 -12.30
N CYS P 316 -30.28 -5.77 -12.37
CA CYS P 316 -28.89 -5.46 -12.63
C CYS P 316 -28.28 -6.48 -13.58
N PHE P 317 -27.34 -6.00 -14.39
CA PHE P 317 -26.60 -6.85 -15.32
C PHE P 317 -25.32 -7.32 -14.65
N ARG P 318 -25.04 -8.61 -14.75
CA ARG P 318 -23.84 -9.21 -14.17
C ARG P 318 -23.04 -9.91 -15.26
N ILE P 319 -21.71 -9.79 -15.17
CA ILE P 319 -20.85 -10.50 -16.11
C ILE P 319 -20.81 -11.98 -15.78
N SER P 320 -20.87 -12.33 -14.50
CA SER P 320 -20.76 -13.72 -14.05
C SER P 320 -21.69 -13.98 -12.88
N LYS P 321 -22.00 -15.25 -12.68
CA LYS P 321 -22.90 -15.68 -11.60
C LYS P 321 -22.28 -15.58 -10.22
N GLU P 322 -20.96 -15.64 -10.10
CA GLU P 322 -20.35 -15.74 -8.78
C GLU P 322 -20.50 -14.43 -8.01
N LYS P 323 -20.44 -14.55 -6.69
CA LYS P 323 -20.93 -13.53 -5.76
C LYS P 323 -19.91 -12.40 -5.60
N LEU P 324 -20.09 -11.36 -6.42
CA LEU P 324 -19.40 -10.09 -6.26
C LEU P 324 -20.30 -8.99 -5.73
N ASP P 325 -21.50 -9.33 -5.26
CA ASP P 325 -22.41 -8.32 -4.75
C ASP P 325 -21.87 -7.64 -3.50
N VAL P 326 -20.83 -8.20 -2.89
CA VAL P 326 -20.20 -7.60 -1.72
C VAL P 326 -19.32 -6.43 -2.15
N ALA P 327 -19.25 -6.18 -3.45
CA ALA P 327 -18.48 -5.08 -4.00
C ALA P 327 -19.40 -3.88 -4.22
N PRO P 328 -19.19 -2.76 -3.53
CA PRO P 328 -20.11 -1.62 -3.68
C PRO P 328 -20.01 -1.00 -5.07
N LYS P 329 -21.12 -0.40 -5.49
CA LYS P 329 -21.22 0.30 -6.76
C LYS P 329 -21.28 1.80 -6.50
N ARG P 330 -20.53 2.56 -7.29
CA ARG P 330 -20.45 4.01 -7.13
C ARG P 330 -20.84 4.69 -8.43
N ASP P 331 -21.55 5.81 -8.32
CA ASP P 331 -21.99 6.56 -9.49
C ASP P 331 -21.03 7.70 -9.79
N VAL P 332 -21.20 8.29 -10.98
CA VAL P 332 -20.38 9.40 -11.44
C VAL P 332 -21.25 10.35 -12.25
N GLU P 333 -20.83 11.61 -12.30
CA GLU P 333 -21.50 12.63 -13.12
C GLU P 333 -20.79 12.69 -14.47
N GLY P 334 -21.32 11.97 -15.43
CA GLY P 334 -20.71 11.90 -16.75
C GLY P 334 -21.10 10.60 -17.41
N MET P 335 -20.60 10.44 -18.65
CA MET P 335 -20.90 9.23 -19.40
C MET P 335 -20.32 7.99 -18.71
N GLY P 336 -19.12 8.10 -18.18
CA GLY P 336 -18.53 7.03 -17.41
C GLY P 336 -17.81 6.00 -18.27
N PRO P 337 -17.16 5.04 -17.62
CA PRO P 337 -16.42 4.02 -18.37
C PRO P 337 -17.34 3.15 -19.21
N PRO P 338 -17.06 2.99 -20.50
CA PRO P 338 -17.85 2.06 -21.30
C PRO P 338 -17.53 0.62 -20.95
N GLU P 339 -18.57 -0.14 -20.56
CA GLU P 339 -18.39 -1.51 -20.10
C GLU P 339 -19.09 -2.53 -21.00
N ILE P 340 -20.39 -2.33 -21.24
CA ILE P 340 -21.19 -3.32 -21.95
C ILE P 340 -21.27 -2.96 -23.42
N LYS P 341 -21.19 -3.97 -24.28
CA LYS P 341 -21.18 -3.80 -25.73
C LYS P 341 -22.32 -4.57 -26.36
N TYR P 342 -22.90 -4.00 -27.41
CA TYR P 342 -23.97 -4.66 -28.14
C TYR P 342 -23.45 -5.93 -28.81
N GLY P 343 -24.27 -6.97 -28.77
CA GLY P 343 -23.96 -8.22 -29.46
C GLY P 343 -22.91 -9.07 -28.78
N GLU P 344 -21.72 -8.51 -28.56
CA GLU P 344 -20.61 -9.29 -28.03
C GLU P 344 -20.82 -9.61 -26.56
N SER P 345 -20.95 -8.58 -25.73
CA SER P 345 -21.04 -8.79 -24.29
C SER P 345 -22.22 -9.68 -23.93
N LEU P 346 -21.98 -10.62 -23.02
CA LEU P 346 -22.99 -11.55 -22.53
C LEU P 346 -23.31 -11.18 -21.09
N CYS P 347 -24.59 -10.97 -20.80
CA CYS P 347 -25.05 -10.44 -19.53
C CYS P 347 -26.02 -11.40 -18.87
N PHE P 348 -26.00 -11.41 -17.54
CA PHE P 348 -26.95 -12.17 -16.73
C PHE P 348 -27.83 -11.16 -15.99
N VAL P 349 -29.14 -11.28 -16.15
CA VAL P 349 -30.05 -10.39 -15.45
C VAL P 349 -30.31 -10.93 -14.05
N GLN P 350 -30.20 -10.07 -13.04
CA GLN P 350 -30.38 -10.47 -11.66
C GLN P 350 -31.28 -9.48 -10.96
N HIS P 351 -32.23 -9.99 -10.18
CA HIS P 351 -33.07 -9.13 -9.37
C HIS P 351 -32.30 -8.66 -8.14
N VAL P 352 -32.17 -7.35 -8.00
CA VAL P 352 -31.28 -6.79 -6.97
C VAL P 352 -31.76 -7.17 -5.58
N ALA P 353 -33.07 -7.05 -5.34
CA ALA P 353 -33.58 -7.27 -3.99
C ALA P 353 -33.37 -8.71 -3.54
N SER P 354 -33.80 -9.67 -4.36
CA SER P 354 -33.74 -11.08 -4.00
C SER P 354 -32.47 -11.77 -4.46
N GLY P 355 -31.80 -11.25 -5.48
CA GLY P 355 -30.59 -11.88 -5.99
C GLY P 355 -30.88 -13.01 -6.95
N LEU P 356 -32.16 -13.24 -7.25
CA LEU P 356 -32.52 -14.29 -8.19
C LEU P 356 -31.98 -13.96 -9.57
N TRP P 357 -31.90 -14.99 -10.41
CA TRP P 357 -31.41 -14.85 -11.78
C TRP P 357 -32.54 -15.12 -12.77
N LEU P 358 -32.54 -14.35 -13.86
CA LEU P 358 -33.56 -14.47 -14.90
C LEU P 358 -33.21 -15.66 -15.77
N THR P 359 -33.91 -16.77 -15.58
CA THR P 359 -33.66 -18.00 -16.32
C THR P 359 -34.97 -18.54 -16.87
N TYR P 360 -34.88 -19.19 -18.03
CA TYR P 360 -36.04 -19.83 -18.63
C TYR P 360 -36.54 -20.93 -17.72
N ALA P 361 -37.86 -21.06 -17.63
CA ALA P 361 -38.45 -22.12 -16.81
C ALA P 361 -38.09 -23.48 -17.38
N ALA P 362 -38.35 -24.52 -16.59
CA ALA P 362 -38.11 -25.87 -17.05
C ALA P 362 -38.98 -26.15 -18.27
N PRO P 363 -38.56 -27.05 -19.16
CA PRO P 363 -39.30 -27.23 -20.41
C PRO P 363 -40.76 -27.59 -20.14
N ASP P 364 -41.65 -27.01 -20.94
CA ASP P 364 -43.08 -27.14 -20.68
C ASP P 364 -43.48 -28.62 -20.70
N PRO P 365 -44.30 -29.05 -19.76
CA PRO P 365 -44.75 -30.45 -19.78
C PRO P 365 -45.51 -30.75 -21.06
N LYS P 366 -45.31 -31.97 -21.58
CA LYS P 366 -45.95 -32.38 -22.81
C LYS P 366 -45.61 -31.43 -23.96
N ALA P 367 -44.34 -31.02 -24.00
CA ALA P 367 -43.92 -30.01 -24.96
C ALA P 367 -44.26 -30.42 -26.39
N LEU P 368 -44.10 -31.70 -26.72
CA LEU P 368 -44.43 -32.17 -28.05
C LEU P 368 -45.91 -31.98 -28.36
N ARG P 369 -46.78 -32.31 -27.39
CA ARG P 369 -48.20 -32.09 -27.58
C ARG P 369 -48.51 -30.60 -27.74
N LEU P 370 -47.86 -29.75 -26.93
CA LEU P 370 -48.06 -28.31 -27.06
C LEU P 370 -47.70 -27.83 -28.46
N GLY P 371 -46.54 -28.24 -28.97
CA GLY P 371 -46.12 -27.84 -30.30
C GLY P 371 -45.66 -26.39 -30.34
N VAL P 372 -45.48 -25.78 -29.17
CA VAL P 372 -45.09 -24.38 -29.05
C VAL P 372 -43.69 -24.31 -28.46
N LEU P 373 -42.86 -23.45 -29.04
CA LEU P 373 -41.49 -23.26 -28.57
C LEU P 373 -41.37 -22.17 -27.52
N LYS P 374 -42.49 -21.59 -27.09
CA LYS P 374 -42.45 -20.57 -26.05
C LYS P 374 -41.95 -21.16 -24.75
N LYS P 375 -40.99 -20.47 -24.12
CA LYS P 375 -40.44 -20.88 -22.84
C LYS P 375 -40.68 -19.76 -21.83
N LYS P 376 -41.56 -20.03 -20.86
CA LYS P 376 -41.86 -19.03 -19.85
C LYS P 376 -40.59 -18.65 -19.08
N ALA P 377 -40.40 -17.35 -18.88
CA ALA P 377 -39.26 -16.84 -18.14
C ALA P 377 -39.61 -16.74 -16.66
N MET P 378 -38.70 -17.20 -15.81
CA MET P 378 -38.89 -17.18 -14.37
C MET P 378 -37.60 -16.72 -13.70
N LEU P 379 -37.71 -16.44 -12.40
CA LEU P 379 -36.57 -16.02 -11.59
C LEU P 379 -36.24 -17.15 -10.63
N HIS P 380 -34.99 -17.60 -10.64
CA HIS P 380 -34.55 -18.73 -9.85
C HIS P 380 -33.22 -18.41 -9.19
N GLN P 381 -32.95 -19.08 -8.07
CA GLN P 381 -31.75 -18.81 -7.30
C GLN P 381 -30.49 -19.23 -8.06
N GLU P 382 -30.52 -20.38 -8.72
CA GLU P 382 -29.36 -20.93 -9.39
C GLU P 382 -29.35 -20.67 -10.88
N GLY P 383 -30.48 -20.89 -11.56
CA GLY P 383 -30.51 -20.71 -13.00
C GLY P 383 -29.72 -21.80 -13.72
N HIS P 384 -29.29 -21.48 -14.93
CA HIS P 384 -28.52 -22.38 -15.77
C HIS P 384 -27.37 -21.61 -16.40
N MET P 385 -26.51 -22.33 -17.12
CA MET P 385 -25.34 -21.74 -17.74
C MET P 385 -25.68 -20.91 -18.98
N ASP P 386 -26.73 -21.27 -19.71
CA ASP P 386 -27.12 -20.56 -20.93
C ASP P 386 -28.05 -19.39 -20.64
N ASP P 387 -28.05 -18.88 -19.42
CA ASP P 387 -28.88 -17.74 -19.07
C ASP P 387 -28.35 -16.43 -19.62
N ALA P 388 -27.13 -16.40 -20.15
CA ALA P 388 -26.55 -15.17 -20.65
C ALA P 388 -27.42 -14.59 -21.76
N LEU P 389 -27.62 -13.27 -21.71
CA LEU P 389 -28.42 -12.56 -22.68
C LEU P 389 -27.55 -11.58 -23.45
N SER P 390 -27.79 -11.47 -24.74
CA SER P 390 -27.09 -10.53 -25.61
C SER P 390 -28.02 -9.36 -25.92
N LEU P 391 -27.50 -8.14 -25.77
CA LEU P 391 -28.30 -6.96 -26.02
C LEU P 391 -28.11 -6.51 -27.47
N THR P 392 -29.20 -6.41 -28.22
CA THR P 392 -29.16 -6.02 -29.61
C THR P 392 -29.92 -4.73 -29.82
N ARG P 393 -29.32 -3.80 -30.55
CA ARG P 393 -29.91 -2.50 -30.77
C ARG P 393 -30.89 -2.53 -31.92
N CYS P 394 -32.02 -1.86 -31.74
CA CYS P 394 -33.05 -1.74 -32.76
C CYS P 394 -32.90 -0.40 -33.48
N GLN P 395 -33.60 -0.28 -34.60
CA GLN P 395 -33.56 0.96 -35.38
C GLN P 395 -34.45 2.02 -34.75
N GLN P 396 -34.05 3.28 -34.96
CA GLN P 396 -34.87 4.39 -34.51
C GLN P 396 -36.29 4.28 -35.06
N GLU P 397 -36.42 3.77 -36.29
CA GLU P 397 -37.74 3.55 -36.86
C GLU P 397 -38.58 2.63 -35.98
N GLU P 398 -38.02 1.49 -35.58
CA GLU P 398 -38.75 0.55 -34.74
C GLU P 398 -39.07 1.15 -33.38
N SER P 399 -38.10 1.86 -32.78
CA SER P 399 -38.35 2.45 -31.47
C SER P 399 -39.48 3.47 -31.53
N GLN P 400 -39.44 4.36 -32.52
CA GLN P 400 -40.49 5.35 -32.68
C GLN P 400 -41.82 4.69 -32.96
N ALA P 401 -41.82 3.63 -33.78
CA ALA P 401 -43.06 2.92 -34.06
C ALA P 401 -43.64 2.33 -32.78
N ALA P 402 -42.79 1.76 -31.93
CA ALA P 402 -43.28 1.19 -30.67
C ALA P 402 -43.89 2.26 -29.78
N ARG P 403 -43.22 3.41 -29.66
CA ARG P 403 -43.78 4.47 -28.81
C ARG P 403 -45.10 4.99 -29.36
N MET P 404 -45.19 5.17 -30.69
CA MET P 404 -46.44 5.59 -31.29
C MET P 404 -47.53 4.54 -31.09
N ILE P 405 -47.17 3.26 -31.16
CA ILE P 405 -48.16 2.22 -30.89
C ILE P 405 -48.68 2.35 -29.47
N TYR P 406 -47.79 2.54 -28.49
CA TYR P 406 -48.24 2.73 -27.12
C TYR P 406 -49.22 3.89 -27.00
N SER P 407 -48.83 5.06 -27.50
CA SER P 407 -49.68 6.24 -27.36
C SER P 407 -51.00 6.09 -28.10
N THR P 408 -50.96 5.57 -29.32
CA THR P 408 -52.18 5.42 -30.11
C THR P 408 -53.11 4.39 -29.49
N ALA P 409 -52.56 3.29 -28.97
CA ALA P 409 -53.40 2.30 -28.30
C ALA P 409 -54.09 2.93 -27.10
N GLY P 410 -53.35 3.69 -26.29
CA GLY P 410 -53.99 4.36 -25.17
C GLY P 410 -55.11 5.29 -25.61
N LEU P 411 -54.83 6.13 -26.60
CA LEU P 411 -55.83 7.11 -27.04
C LEU P 411 -57.07 6.44 -27.60
N TYR P 412 -56.89 5.45 -28.49
CA TYR P 412 -58.03 4.81 -29.12
C TYR P 412 -58.81 3.94 -28.14
N ASN P 413 -58.13 3.33 -27.17
CA ASN P 413 -58.87 2.63 -26.12
C ASN P 413 -59.71 3.59 -25.29
N GLN P 414 -59.16 4.77 -24.97
CA GLN P 414 -59.96 5.77 -24.27
C GLN P 414 -61.17 6.18 -25.10
N PHE P 415 -60.98 6.37 -26.40
CA PHE P 415 -62.09 6.74 -27.28
C PHE P 415 -63.16 5.66 -27.31
N ILE P 416 -62.74 4.40 -27.41
CA ILE P 416 -63.70 3.30 -27.44
C ILE P 416 -64.46 3.21 -26.13
N LYS P 417 -63.77 3.36 -25.00
CA LYS P 417 -64.47 3.36 -23.72
C LYS P 417 -65.47 4.51 -23.64
N GLY P 418 -65.08 5.70 -24.12
CA GLY P 418 -65.99 6.82 -24.13
C GLY P 418 -67.25 6.53 -24.92
N LEU P 419 -67.10 5.96 -26.12
CA LEU P 419 -68.27 5.61 -26.91
C LEU P 419 -69.13 4.57 -26.20
N ASP P 420 -68.49 3.53 -25.65
CA ASP P 420 -69.24 2.50 -24.94
C ASP P 420 -69.97 3.07 -23.74
N SER P 421 -69.49 4.19 -23.20
CA SER P 421 -70.14 4.78 -22.04
C SER P 421 -71.59 5.15 -22.34
N PHE P 422 -71.85 5.77 -23.49
CA PHE P 422 -73.20 6.20 -23.86
C PHE P 422 -73.75 5.42 -25.04
N SER P 423 -73.16 4.25 -25.36
CA SER P 423 -73.64 3.48 -26.51
C SER P 423 -75.15 3.26 -26.45
N GLY P 424 -75.67 2.95 -25.27
CA GLY P 424 -77.07 2.55 -25.15
C GLY P 424 -77.98 3.55 -24.47
N LYS P 425 -77.43 4.67 -23.99
CA LYS P 425 -78.19 5.62 -23.20
C LYS P 425 -78.44 6.89 -23.99
N PRO P 426 -79.65 7.14 -24.50
CA PRO P 426 -79.92 8.41 -25.18
C PRO P 426 -79.95 9.56 -24.18
N ARG P 427 -79.40 10.71 -24.60
CA ARG P 427 -79.34 11.85 -23.70
C ARG P 427 -80.69 12.54 -23.58
N GLY P 428 -81.51 12.45 -24.62
CA GLY P 428 -82.74 13.23 -24.64
C GLY P 428 -82.41 14.72 -24.66
N SER P 429 -83.04 15.46 -23.76
CA SER P 429 -82.76 16.89 -23.58
C SER P 429 -81.97 17.07 -22.29
N GLY P 430 -80.68 17.39 -22.42
CA GLY P 430 -79.83 17.56 -21.27
C GLY P 430 -78.39 17.20 -21.58
N PRO P 431 -77.64 16.77 -20.56
CA PRO P 431 -76.22 16.46 -20.76
C PRO P 431 -76.04 15.21 -21.61
N PRO P 432 -74.87 15.03 -22.23
CA PRO P 432 -74.67 13.84 -23.05
C PRO P 432 -74.82 12.53 -22.29
N ALA P 433 -74.68 12.57 -20.96
CA ALA P 433 -74.88 11.38 -20.13
C ALA P 433 -73.81 10.34 -20.38
N GLY P 434 -72.56 10.78 -20.48
CA GLY P 434 -71.44 9.86 -20.66
C GLY P 434 -70.12 10.58 -20.50
N SER P 435 -69.06 9.78 -20.44
CA SER P 435 -67.72 10.35 -20.32
C SER P 435 -67.37 11.14 -21.57
N ALA P 436 -66.70 12.27 -21.36
CA ALA P 436 -66.35 13.15 -22.48
C ALA P 436 -65.35 12.46 -23.40
N LEU P 437 -65.54 12.66 -24.71
CA LEU P 437 -64.68 12.02 -25.69
C LEU P 437 -63.46 12.88 -25.98
N PRO P 438 -62.31 12.27 -26.29
CA PRO P 438 -61.13 13.05 -26.73
C PRO P 438 -61.15 13.31 -28.23
N ILE P 439 -62.07 14.19 -28.63
CA ILE P 439 -62.30 14.42 -30.06
C ILE P 439 -61.07 15.02 -30.72
N GLU P 440 -60.53 16.09 -30.13
CA GLU P 440 -59.38 16.76 -30.74
C GLU P 440 -58.17 15.83 -30.80
N GLY P 441 -57.90 15.12 -29.72
CA GLY P 441 -56.78 14.19 -29.72
C GLY P 441 -56.94 13.10 -30.76
N VAL P 442 -58.15 12.54 -30.88
CA VAL P 442 -58.38 11.49 -31.86
C VAL P 442 -58.18 12.02 -33.27
N ILE P 443 -58.71 13.21 -33.55
CA ILE P 443 -58.56 13.78 -34.89
C ILE P 443 -57.09 14.01 -35.22
N LEU P 444 -56.35 14.63 -34.30
CA LEU P 444 -54.96 14.92 -34.57
C LEU P 444 -54.14 13.64 -34.72
N SER P 445 -54.40 12.64 -33.86
CA SER P 445 -53.69 11.37 -33.98
C SER P 445 -53.98 10.69 -35.31
N LEU P 446 -55.24 10.70 -35.73
CA LEU P 446 -55.58 10.08 -37.00
C LEU P 446 -54.89 10.78 -38.16
N GLN P 447 -54.89 12.11 -38.18
CA GLN P 447 -54.20 12.84 -39.23
C GLN P 447 -52.71 12.56 -39.22
N ASP P 448 -52.08 12.56 -38.04
CA ASP P 448 -50.66 12.29 -37.96
C ASP P 448 -50.34 10.87 -38.45
N LEU P 449 -51.17 9.90 -38.11
CA LEU P 449 -50.92 8.53 -38.56
C LEU P 449 -51.13 8.39 -40.06
N ILE P 450 -52.11 9.09 -40.63
CA ILE P 450 -52.27 9.07 -42.08
C ILE P 450 -51.03 9.64 -42.75
N GLY P 451 -50.52 10.78 -42.25
CA GLY P 451 -49.28 11.31 -42.78
C GLY P 451 -48.12 10.35 -42.60
N TYR P 452 -48.09 9.65 -41.47
CA TYR P 452 -47.03 8.68 -41.20
C TYR P 452 -47.03 7.56 -42.23
N PHE P 453 -48.21 7.04 -42.56
CA PHE P 453 -48.35 5.93 -43.49
C PHE P 453 -48.55 6.37 -44.93
N GLU P 454 -48.43 7.66 -45.22
CA GLU P 454 -48.56 8.14 -46.59
C GLU P 454 -47.56 7.41 -47.48
N PRO P 455 -47.98 6.89 -48.63
CA PRO P 455 -47.05 6.16 -49.48
C PRO P 455 -46.06 7.10 -50.14
N PRO P 456 -44.89 6.60 -50.55
CA PRO P 456 -43.95 7.46 -51.28
C PRO P 456 -44.52 7.91 -52.61
N SER P 457 -44.17 9.13 -52.99
CA SER P 457 -44.64 9.67 -54.27
C SER P 457 -43.86 9.04 -55.41
N GLU P 458 -44.52 8.96 -56.57
CA GLU P 458 -43.97 8.25 -57.72
C GLU P 458 -42.82 8.97 -58.39
N GLU P 459 -42.54 10.23 -58.02
CA GLU P 459 -41.50 10.99 -58.70
C GLU P 459 -40.11 10.69 -58.15
N LEU P 460 -40.03 10.05 -56.98
CA LEU P 460 -38.73 9.75 -56.39
C LEU P 460 -37.96 8.75 -57.23
N GLN P 461 -36.64 8.80 -57.13
CA GLN P 461 -35.78 7.85 -57.82
C GLN P 461 -36.06 6.44 -57.32
N HIS P 462 -35.62 5.46 -58.11
CA HIS P 462 -35.98 4.07 -57.83
C HIS P 462 -35.43 3.61 -56.48
N GLU P 463 -34.17 3.94 -56.18
CA GLU P 463 -33.57 3.45 -54.93
C GLU P 463 -34.26 4.05 -53.72
N GLU P 464 -34.46 5.37 -53.70
CA GLU P 464 -35.11 6.00 -52.57
C GLU P 464 -36.54 5.51 -52.43
N LYS P 465 -37.24 5.34 -53.55
CA LYS P 465 -38.60 4.82 -53.50
C LYS P 465 -38.63 3.41 -52.91
N GLN P 466 -37.67 2.57 -53.30
CA GLN P 466 -37.63 1.21 -52.78
C GLN P 466 -37.37 1.19 -51.28
N THR P 467 -36.41 2.01 -50.82
CA THR P 467 -36.15 2.06 -49.39
C THR P 467 -37.37 2.57 -48.61
N LYS P 468 -38.03 3.61 -49.13
CA LYS P 468 -39.23 4.11 -48.46
C LYS P 468 -40.33 3.05 -48.44
N LEU P 469 -40.48 2.30 -49.53
CA LEU P 469 -41.48 1.24 -49.57
C LEU P 469 -41.17 0.16 -48.55
N ARG P 470 -39.89 -0.22 -48.42
CA ARG P 470 -39.52 -1.21 -47.42
C ARG P 470 -39.83 -0.71 -46.02
N SER P 471 -39.50 0.54 -45.73
CA SER P 471 -39.81 1.11 -44.41
C SER P 471 -41.31 1.12 -44.16
N LEU P 472 -42.09 1.51 -45.17
CA LEU P 472 -43.54 1.54 -45.02
C LEU P 472 -44.11 0.15 -44.75
N ARG P 473 -43.63 -0.84 -45.50
CA ARG P 473 -44.07 -2.22 -45.23
C ARG P 473 -43.75 -2.62 -43.81
N ASN P 474 -42.52 -2.33 -43.35
CA ASN P 474 -42.13 -2.72 -41.99
C ASN P 474 -43.01 -2.06 -40.95
N ARG P 475 -43.30 -0.76 -41.11
CA ARG P 475 -44.10 -0.06 -40.12
C ARG P 475 -45.56 -0.53 -40.13
N GLN P 476 -46.11 -0.78 -41.32
CA GLN P 476 -47.46 -1.33 -41.39
C GLN P 476 -47.52 -2.69 -40.71
N SER P 477 -46.52 -3.54 -40.95
CA SER P 477 -46.49 -4.84 -40.29
C SER P 477 -46.40 -4.69 -38.79
N LEU P 478 -45.57 -3.76 -38.31
CA LEU P 478 -45.47 -3.54 -36.87
C LEU P 478 -46.81 -3.16 -36.27
N PHE P 479 -47.48 -2.18 -36.87
CA PHE P 479 -48.78 -1.74 -36.33
C PHE P 479 -49.81 -2.85 -36.39
N GLN P 480 -49.87 -3.58 -37.50
CA GLN P 480 -50.84 -4.67 -37.61
C GLN P 480 -50.58 -5.74 -36.57
N GLU P 481 -49.31 -6.13 -36.40
CA GLU P 481 -48.98 -7.16 -35.43
C GLU P 481 -49.35 -6.72 -34.02
N GLU P 482 -49.10 -5.46 -33.69
CA GLU P 482 -49.50 -4.96 -32.38
C GLU P 482 -51.00 -4.74 -32.27
N GLY P 483 -51.73 -4.81 -33.38
CA GLY P 483 -53.18 -4.83 -33.33
C GLY P 483 -53.87 -3.49 -33.49
N MET P 484 -53.16 -2.47 -33.99
CA MET P 484 -53.79 -1.18 -34.22
C MET P 484 -54.92 -1.31 -35.23
N LEU P 485 -54.82 -2.27 -36.14
CA LEU P 485 -55.90 -2.50 -37.10
C LEU P 485 -57.19 -2.88 -36.39
N SER P 486 -57.09 -3.74 -35.38
CA SER P 486 -58.28 -4.13 -34.61
C SER P 486 -58.89 -2.93 -33.90
N LEU P 487 -58.06 -2.05 -33.35
CA LEU P 487 -58.58 -0.86 -32.69
C LEU P 487 -59.28 0.06 -33.68
N VAL P 488 -58.70 0.21 -34.87
CA VAL P 488 -59.35 1.04 -35.90
C VAL P 488 -60.69 0.44 -36.29
N LEU P 489 -60.74 -0.89 -36.47
CA LEU P 489 -61.99 -1.54 -36.81
C LEU P 489 -63.02 -1.36 -35.71
N ASN P 490 -62.61 -1.48 -34.45
CA ASN P 490 -63.54 -1.31 -33.34
C ASN P 490 -64.08 0.11 -33.30
N CYS P 491 -63.22 1.11 -33.48
CA CYS P 491 -63.69 2.49 -33.53
C CYS P 491 -64.68 2.67 -34.67
N ILE P 492 -64.38 2.11 -35.84
CA ILE P 492 -65.29 2.21 -36.98
C ILE P 492 -66.64 1.58 -36.66
N ASP P 493 -66.63 0.43 -35.97
CA ASP P 493 -67.88 -0.24 -35.62
C ASP P 493 -68.71 0.62 -34.67
N ARG P 494 -68.09 1.10 -33.60
CA ARG P 494 -68.82 1.90 -32.61
C ARG P 494 -69.37 3.17 -33.25
N LEU P 495 -68.60 3.79 -34.15
CA LEU P 495 -69.07 4.99 -34.81
C LEU P 495 -70.13 4.68 -35.87
N ASN P 496 -70.05 3.51 -36.50
CA ASN P 496 -71.04 3.10 -37.51
C ASN P 496 -72.39 2.80 -36.89
N VAL P 497 -72.41 2.34 -35.64
CA VAL P 497 -73.67 2.02 -34.97
C VAL P 497 -74.69 3.12 -35.21
N TYR P 498 -74.23 4.37 -35.33
CA TYR P 498 -75.11 5.50 -35.56
C TYR P 498 -75.18 5.81 -37.05
N THR P 499 -76.40 6.08 -37.55
CA THR P 499 -76.61 6.22 -38.98
C THR P 499 -76.09 7.55 -39.51
N THR P 500 -76.26 8.63 -38.75
CA THR P 500 -75.92 9.96 -39.23
C THR P 500 -75.50 10.85 -38.06
N ALA P 501 -75.13 12.08 -38.42
CA ALA P 501 -74.63 13.02 -37.41
C ALA P 501 -75.70 13.36 -36.39
N ALA P 502 -76.95 13.55 -36.83
CA ALA P 502 -78.03 13.83 -35.88
C ALA P 502 -78.25 12.66 -34.95
N HIS P 503 -78.23 11.43 -35.48
CA HIS P 503 -78.41 10.26 -34.63
C HIS P 503 -77.28 10.16 -33.60
N PHE P 504 -76.04 10.46 -34.02
CA PHE P 504 -74.94 10.49 -33.07
C PHE P 504 -75.15 11.57 -32.02
N ALA P 505 -75.61 12.75 -32.44
CA ALA P 505 -75.84 13.85 -31.50
C ALA P 505 -76.89 13.46 -30.47
N GLU P 506 -77.86 12.64 -30.86
CA GLU P 506 -78.88 12.19 -29.91
C GLU P 506 -78.29 11.37 -28.77
N PHE P 507 -77.04 10.90 -28.89
CA PHE P 507 -76.41 10.10 -27.85
C PHE P 507 -75.14 10.72 -27.29
N ALA P 508 -74.52 11.68 -27.99
CA ALA P 508 -73.24 12.22 -27.59
C ALA P 508 -73.21 13.75 -27.48
N GLY P 509 -74.23 14.45 -27.95
CA GLY P 509 -74.26 15.89 -27.91
C GLY P 509 -73.83 16.52 -29.23
N GLU P 510 -74.29 17.75 -29.45
CA GLU P 510 -74.01 18.43 -30.70
C GLU P 510 -72.52 18.71 -30.87
N GLU P 511 -71.85 19.09 -29.79
CA GLU P 511 -70.42 19.39 -29.89
C GLU P 511 -69.62 18.19 -30.39
N ALA P 512 -69.87 17.02 -29.80
CA ALA P 512 -69.21 15.82 -30.26
C ALA P 512 -69.66 15.43 -31.67
N ALA P 513 -70.95 15.57 -31.94
CA ALA P 513 -71.48 15.16 -33.24
C ALA P 513 -70.90 15.99 -34.37
N GLU P 514 -70.45 17.21 -34.08
CA GLU P 514 -69.89 18.06 -35.13
C GLU P 514 -68.68 17.41 -35.81
N SER P 515 -68.03 16.46 -35.13
CA SER P 515 -66.83 15.83 -35.65
C SER P 515 -67.04 14.39 -36.10
N TRP P 516 -68.29 13.91 -36.11
CA TRP P 516 -68.55 12.51 -36.44
C TRP P 516 -68.10 12.17 -37.86
N LYS P 517 -68.54 12.97 -38.84
CA LYS P 517 -68.19 12.70 -40.22
C LYS P 517 -66.69 12.76 -40.44
N GLU P 518 -66.04 13.77 -39.86
CA GLU P 518 -64.60 13.91 -40.01
C GLU P 518 -63.87 12.70 -39.44
N ILE P 519 -64.28 12.27 -38.24
CA ILE P 519 -63.60 11.15 -37.59
C ILE P 519 -63.79 9.87 -38.38
N VAL P 520 -65.02 9.61 -38.87
CA VAL P 520 -65.24 8.37 -39.62
C VAL P 520 -64.43 8.39 -40.92
N ASN P 521 -64.41 9.52 -41.62
CA ASN P 521 -63.63 9.61 -42.84
C ASN P 521 -62.14 9.39 -42.56
N LEU P 522 -61.63 10.01 -41.50
CA LEU P 522 -60.23 9.84 -41.16
C LEU P 522 -59.92 8.39 -40.79
N LEU P 523 -60.84 7.73 -40.08
CA LEU P 523 -60.62 6.33 -39.71
C LEU P 523 -60.55 5.44 -40.95
N TYR P 524 -61.47 5.65 -41.90
CA TYR P 524 -61.42 4.87 -43.13
C TYR P 524 -60.14 5.15 -43.91
N GLU P 525 -59.71 6.41 -43.96
CA GLU P 525 -58.46 6.74 -44.63
C GLU P 525 -57.26 6.06 -43.96
N LEU P 526 -57.24 6.04 -42.63
CA LEU P 526 -56.16 5.37 -41.92
C LEU P 526 -56.16 3.87 -42.17
N LEU P 527 -57.35 3.26 -42.21
CA LEU P 527 -57.42 1.84 -42.53
C LEU P 527 -56.87 1.56 -43.92
N ALA P 528 -57.25 2.39 -44.89
CA ALA P 528 -56.72 2.23 -46.24
C ALA P 528 -55.20 2.39 -46.25
N SER P 529 -54.68 3.38 -45.53
CA SER P 529 -53.24 3.57 -45.46
C SER P 529 -52.54 2.36 -44.86
N LEU P 530 -53.12 1.80 -43.78
CA LEU P 530 -52.52 0.64 -43.14
C LEU P 530 -52.46 -0.54 -44.09
N ILE P 531 -53.55 -0.80 -44.83
CA ILE P 531 -53.60 -2.02 -45.63
C ILE P 531 -53.03 -1.85 -47.04
N ARG P 532 -52.78 -0.63 -47.48
CA ARG P 532 -52.36 -0.41 -48.86
C ARG P 532 -51.06 -1.15 -49.16
N GLY P 533 -51.09 -1.99 -50.19
CA GLY P 533 -49.89 -2.63 -50.69
C GLY P 533 -49.31 -3.73 -49.83
N ASN P 534 -49.95 -4.07 -48.72
CA ASN P 534 -49.45 -5.08 -47.80
C ASN P 534 -50.37 -6.29 -47.87
N ARG P 535 -49.90 -7.37 -48.50
CA ARG P 535 -50.75 -8.54 -48.70
C ARG P 535 -51.16 -9.17 -47.38
N THR P 536 -50.24 -9.22 -46.41
CA THR P 536 -50.57 -9.83 -45.13
C THR P 536 -51.70 -9.07 -44.44
N ASN P 537 -51.65 -7.73 -44.48
CA ASN P 537 -52.72 -6.95 -43.90
C ASN P 537 -54.01 -7.10 -44.68
N CYS P 538 -53.93 -7.11 -46.01
CA CYS P 538 -55.14 -7.21 -46.83
C CYS P 538 -55.86 -8.53 -46.60
N ALA P 539 -55.10 -9.64 -46.50
CA ALA P 539 -55.71 -10.94 -46.35
C ALA P 539 -56.59 -11.04 -45.11
N LEU P 540 -56.38 -10.17 -44.12
CA LEU P 540 -57.17 -10.22 -42.90
C LEU P 540 -58.66 -10.08 -43.20
N PHE P 541 -59.00 -9.32 -44.24
CA PHE P 541 -60.42 -9.10 -44.56
C PHE P 541 -61.07 -10.35 -45.14
N SER P 542 -60.26 -11.38 -45.43
CA SER P 542 -60.83 -12.61 -46.00
C SER P 542 -61.78 -13.28 -45.02
N THR P 543 -61.74 -12.92 -43.74
CA THR P 543 -62.64 -13.51 -42.76
C THR P 543 -63.93 -12.71 -42.60
N ASN P 544 -63.84 -11.38 -42.70
CA ASN P 544 -64.98 -10.50 -42.45
C ASN P 544 -65.16 -9.56 -43.65
N LEU P 545 -65.14 -10.13 -44.85
CA LEU P 545 -65.41 -9.34 -46.04
C LEU P 545 -66.77 -8.65 -45.95
N ASP P 546 -67.78 -9.34 -45.42
CA ASP P 546 -69.10 -8.73 -45.29
C ASP P 546 -69.04 -7.45 -44.47
N TRP P 547 -68.19 -7.42 -43.44
CA TRP P 547 -68.03 -6.22 -42.63
C TRP P 547 -67.75 -5.01 -43.51
N LEU P 548 -66.89 -5.16 -44.51
CA LEU P 548 -66.55 -4.05 -45.39
C LEU P 548 -67.63 -3.80 -46.43
N VAL P 549 -68.14 -4.85 -47.07
CA VAL P 549 -69.07 -4.68 -48.17
C VAL P 549 -70.37 -4.04 -47.68
N SER P 550 -70.86 -4.44 -46.51
CA SER P 550 -72.13 -3.91 -46.03
C SER P 550 -72.10 -2.40 -45.85
N LYS P 551 -70.92 -1.82 -45.66
CA LYS P 551 -70.78 -0.39 -45.41
C LYS P 551 -70.72 0.44 -46.68
N LEU P 552 -70.72 -0.18 -47.86
CA LEU P 552 -70.54 0.57 -49.09
C LEU P 552 -71.65 1.59 -49.29
N ASP P 553 -72.89 1.21 -48.97
CA ASP P 553 -74.03 2.11 -49.21
C ASP P 553 -73.97 3.34 -48.32
N ARG P 554 -73.20 3.28 -47.23
CA ARG P 554 -73.12 4.43 -46.32
C ARG P 554 -72.55 5.64 -47.06
N LEU P 555 -73.18 6.79 -46.87
CA LEU P 555 -72.85 7.98 -47.62
C LEU P 555 -71.83 8.88 -46.93
N GLU P 556 -71.61 8.71 -45.63
CA GLU P 556 -70.69 9.59 -44.92
C GLU P 556 -69.26 9.43 -45.41
N ALA P 557 -68.84 8.20 -45.69
CA ALA P 557 -67.46 7.91 -46.10
C ALA P 557 -67.46 6.90 -47.24
N SER P 558 -68.35 7.12 -48.22
CA SER P 558 -68.46 6.18 -49.33
C SER P 558 -67.15 6.07 -50.10
N SER P 559 -66.51 7.20 -50.38
CA SER P 559 -65.25 7.17 -51.13
C SER P 559 -64.17 6.43 -50.35
N GLY P 560 -64.07 6.69 -49.04
CA GLY P 560 -63.08 5.99 -48.24
C GLY P 560 -63.31 4.50 -48.19
N ILE P 561 -64.57 4.09 -48.02
CA ILE P 561 -64.89 2.66 -47.99
C ILE P 561 -64.55 2.02 -49.33
N LEU P 562 -64.87 2.71 -50.42
CA LEU P 562 -64.53 2.17 -51.74
C LEU P 562 -63.02 2.05 -51.92
N GLU P 563 -62.26 3.03 -51.43
CA GLU P 563 -60.80 2.93 -51.52
C GLU P 563 -60.28 1.75 -50.72
N VAL P 564 -60.82 1.54 -49.52
CA VAL P 564 -60.39 0.39 -48.71
C VAL P 564 -60.70 -0.91 -49.44
N LEU P 565 -61.90 -1.02 -50.01
CA LEU P 565 -62.26 -2.22 -50.75
C LEU P 565 -61.34 -2.42 -51.95
N TYR P 566 -61.02 -1.33 -52.66
CA TYR P 566 -60.14 -1.41 -53.80
C TYR P 566 -58.76 -1.92 -53.41
N CYS P 567 -58.19 -1.40 -52.32
CA CYS P 567 -56.89 -1.91 -51.86
C CYS P 567 -56.98 -3.38 -51.51
N VAL P 568 -58.00 -3.77 -50.75
CA VAL P 568 -58.12 -5.16 -50.33
C VAL P 568 -58.20 -6.09 -51.54
N LEU P 569 -59.04 -5.74 -52.52
CA LEU P 569 -59.22 -6.57 -53.69
C LEU P 569 -58.01 -6.57 -54.61
N ILE P 570 -57.30 -5.45 -54.76
CA ILE P 570 -56.12 -5.40 -55.62
C ILE P 570 -54.92 -6.09 -54.99
N GLU P 571 -54.93 -6.33 -53.67
CA GLU P 571 -53.80 -6.99 -53.03
C GLU P 571 -54.06 -8.44 -52.59
N SER P 572 -55.30 -8.85 -52.36
CA SER P 572 -55.58 -10.15 -51.75
C SER P 572 -56.28 -11.10 -52.71
N PRO P 573 -55.57 -12.10 -53.25
CA PRO P 573 -56.26 -13.16 -54.02
C PRO P 573 -57.27 -13.95 -53.19
N GLU P 574 -57.02 -14.15 -51.89
CA GLU P 574 -57.94 -14.94 -51.08
C GLU P 574 -59.30 -14.28 -50.99
N VAL P 575 -59.32 -12.95 -50.82
CA VAL P 575 -60.58 -12.22 -50.84
C VAL P 575 -61.32 -12.49 -52.14
N LEU P 576 -60.59 -12.45 -53.26
CA LEU P 576 -61.21 -12.72 -54.56
C LEU P 576 -61.80 -14.12 -54.62
N ASN P 577 -61.07 -15.12 -54.11
CA ASN P 577 -61.60 -16.47 -54.08
C ASN P 577 -62.86 -16.59 -53.23
N ILE P 578 -62.96 -15.80 -52.16
CA ILE P 578 -64.14 -15.89 -51.29
C ILE P 578 -65.26 -14.95 -51.69
N ILE P 579 -65.08 -14.11 -52.72
CA ILE P 579 -66.16 -13.22 -53.16
C ILE P 579 -67.40 -14.04 -53.45
N GLN P 580 -68.56 -13.41 -53.31
CA GLN P 580 -69.84 -14.07 -53.54
C GLN P 580 -70.76 -13.17 -54.37
N GLU P 581 -71.86 -13.77 -54.83
CA GLU P 581 -72.79 -13.06 -55.70
C GLU P 581 -73.42 -11.87 -55.00
N ASN P 582 -73.71 -11.99 -53.70
CA ASN P 582 -74.29 -10.87 -52.97
C ASN P 582 -73.31 -9.70 -52.91
N HIS P 583 -72.02 -9.99 -52.70
CA HIS P 583 -71.02 -8.94 -52.70
C HIS P 583 -70.93 -8.27 -54.06
N ILE P 584 -70.93 -9.07 -55.14
CA ILE P 584 -70.85 -8.50 -56.48
C ILE P 584 -72.07 -7.63 -56.76
N LYS P 585 -73.25 -8.09 -56.33
CA LYS P 585 -74.47 -7.32 -56.57
C LYS P 585 -74.47 -6.04 -55.76
N SER P 586 -73.92 -6.06 -54.55
CA SER P 586 -73.78 -4.82 -53.79
C SER P 586 -72.85 -3.84 -54.50
N ILE P 587 -71.74 -4.35 -55.03
CA ILE P 587 -70.82 -3.47 -55.74
C ILE P 587 -71.47 -2.89 -56.98
N ILE P 588 -72.31 -3.67 -57.67
CA ILE P 588 -73.03 -3.14 -58.82
C ILE P 588 -74.09 -2.11 -58.38
N SER P 589 -74.80 -2.38 -57.29
CA SER P 589 -75.73 -1.39 -56.77
C SER P 589 -75.03 -0.10 -56.39
N LEU P 590 -73.73 -0.18 -56.07
CA LEU P 590 -72.97 1.04 -55.85
C LEU P 590 -72.96 1.90 -57.10
N LEU P 591 -72.70 1.30 -58.26
CA LEU P 591 -72.84 2.04 -59.52
C LEU P 591 -74.26 2.53 -59.71
N ASP P 592 -75.24 1.68 -59.39
CA ASP P 592 -76.64 2.03 -59.64
C ASP P 592 -77.04 3.28 -58.84
N LYS P 593 -76.60 3.39 -57.59
CA LYS P 593 -77.10 4.40 -56.67
C LYS P 593 -76.20 5.63 -56.56
N HIS P 594 -74.89 5.48 -56.78
CA HIS P 594 -74.00 6.61 -56.58
C HIS P 594 -73.65 7.31 -57.89
N GLY P 595 -73.79 6.61 -59.01
CA GLY P 595 -73.58 7.19 -60.32
C GLY P 595 -72.55 6.42 -61.11
N ARG P 596 -72.09 7.05 -62.19
CA ARG P 596 -71.11 6.45 -63.10
C ARG P 596 -69.73 6.84 -62.62
N ASN P 597 -69.21 6.08 -61.65
CA ASN P 597 -67.89 6.30 -61.08
C ASN P 597 -66.94 5.26 -61.63
N HIS P 598 -65.81 5.71 -62.20
CA HIS P 598 -64.88 4.78 -62.81
C HIS P 598 -64.12 3.97 -61.78
N LYS P 599 -64.10 4.41 -60.52
CA LYS P 599 -63.42 3.63 -59.50
C LYS P 599 -64.19 2.35 -59.17
N VAL P 600 -65.52 2.39 -59.23
CA VAL P 600 -66.28 1.16 -59.06
C VAL P 600 -65.99 0.20 -60.21
N LEU P 601 -65.85 0.73 -61.42
CA LEU P 601 -65.46 -0.11 -62.56
C LEU P 601 -64.07 -0.70 -62.34
N ASP P 602 -63.15 0.09 -61.79
CA ASP P 602 -61.82 -0.43 -61.49
C ASP P 602 -61.88 -1.56 -60.46
N VAL P 603 -62.72 -1.40 -59.44
CA VAL P 603 -62.89 -2.46 -58.44
C VAL P 603 -63.43 -3.73 -59.11
N LEU P 604 -64.45 -3.57 -59.95
CA LEU P 604 -64.99 -4.73 -60.65
C LEU P 604 -63.95 -5.38 -61.53
N CYS P 605 -63.12 -4.59 -62.21
CA CYS P 605 -62.04 -5.13 -63.01
C CYS P 605 -61.07 -5.94 -62.16
N SER P 606 -60.70 -5.39 -61.00
CA SER P 606 -59.78 -6.09 -60.11
C SER P 606 -60.38 -7.40 -59.63
N LEU P 607 -61.69 -7.45 -59.49
CA LEU P 607 -62.34 -8.68 -59.05
C LEU P 607 -62.07 -9.83 -60.02
N CYS P 608 -61.92 -9.53 -61.31
CA CYS P 608 -61.80 -10.59 -62.30
C CYS P 608 -60.44 -11.28 -62.24
N VAL P 609 -59.36 -10.51 -62.17
CA VAL P 609 -58.00 -11.03 -62.33
C VAL P 609 -57.11 -10.44 -61.27
N CYS P 610 -56.15 -11.23 -60.80
CA CYS P 610 -55.15 -10.80 -59.83
C CYS P 610 -53.87 -11.59 -60.04
N ASN P 611 -52.76 -10.88 -60.26
CA ASN P 611 -51.46 -11.51 -60.47
C ASN P 611 -51.51 -12.51 -61.62
N GLY P 612 -52.24 -12.16 -62.67
CA GLY P 612 -52.29 -12.98 -63.87
C GLY P 612 -53.15 -14.22 -63.75
N VAL P 613 -53.97 -14.35 -62.72
CA VAL P 613 -54.84 -15.49 -62.53
C VAL P 613 -56.28 -15.00 -62.55
N ALA P 614 -57.11 -15.64 -63.35
CA ALA P 614 -58.49 -15.21 -63.56
C ALA P 614 -59.42 -16.03 -62.68
N VAL P 615 -60.40 -15.34 -62.08
CA VAL P 615 -61.41 -15.99 -61.24
C VAL P 615 -62.68 -16.11 -62.07
N ARG P 616 -62.93 -17.33 -62.57
CA ARG P 616 -64.05 -17.54 -63.49
C ARG P 616 -65.39 -17.25 -62.83
N SER P 617 -65.55 -17.63 -61.56
CA SER P 617 -66.81 -17.37 -60.88
C SER P 617 -67.09 -15.88 -60.82
N ASN P 618 -66.09 -15.08 -60.45
CA ASN P 618 -66.27 -13.64 -60.39
C ASN P 618 -66.56 -13.06 -61.77
N GLN P 619 -65.83 -13.53 -62.79
CA GLN P 619 -66.07 -13.02 -64.14
C GLN P 619 -67.50 -13.31 -64.58
N ASP P 620 -67.96 -14.54 -64.40
CA ASP P 620 -69.31 -14.93 -64.80
C ASP P 620 -70.37 -14.16 -64.04
N LEU P 621 -70.19 -14.01 -62.72
CA LEU P 621 -71.17 -13.29 -61.93
C LEU P 621 -71.25 -11.83 -62.34
N ILE P 622 -70.10 -11.19 -62.55
CA ILE P 622 -70.10 -9.79 -62.98
C ILE P 622 -70.80 -9.66 -64.33
N THR P 623 -70.47 -10.54 -65.27
CA THR P 623 -71.12 -10.49 -66.57
C THR P 623 -72.63 -10.60 -66.42
N GLU P 624 -73.09 -11.65 -65.72
CA GLU P 624 -74.51 -11.92 -65.61
C GLU P 624 -75.26 -10.77 -64.94
N ASN P 625 -74.67 -10.18 -63.90
CA ASN P 625 -75.38 -9.18 -63.12
C ASN P 625 -75.28 -7.78 -63.70
N LEU P 626 -74.29 -7.53 -64.56
CA LEU P 626 -74.08 -6.18 -65.06
C LEU P 626 -74.47 -6.02 -66.53
N LEU P 627 -74.04 -6.93 -67.40
CA LEU P 627 -74.16 -6.67 -68.84
C LEU P 627 -75.58 -6.81 -69.36
N PRO P 628 -76.31 -7.90 -69.08
CA PRO P 628 -77.57 -8.12 -69.81
C PRO P 628 -78.60 -7.03 -69.57
N GLY P 629 -78.50 -6.28 -68.47
CA GLY P 629 -79.46 -5.22 -68.22
C GLY P 629 -79.41 -4.12 -69.28
N ARG P 630 -78.22 -3.75 -69.72
CA ARG P 630 -78.03 -2.69 -70.69
C ARG P 630 -78.70 -1.40 -70.21
N GLU P 631 -78.52 -1.07 -68.93
CA GLU P 631 -79.12 0.10 -68.32
C GLU P 631 -78.15 0.96 -67.53
N LEU P 632 -76.99 0.43 -67.14
CA LEU P 632 -75.99 1.20 -66.41
C LEU P 632 -74.84 1.63 -67.32
N LEU P 633 -74.21 0.68 -68.00
CA LEU P 633 -73.10 1.00 -68.88
C LEU P 633 -73.60 1.67 -70.15
N LEU P 634 -72.80 2.62 -70.64
CA LEU P 634 -73.13 3.30 -71.89
C LEU P 634 -73.10 2.31 -73.05
N GLN P 635 -74.10 2.40 -73.92
CA GLN P 635 -74.27 1.47 -75.02
C GLN P 635 -73.81 2.10 -76.33
N THR P 636 -73.24 1.28 -77.21
CA THR P 636 -72.73 1.73 -78.49
C THR P 636 -73.32 0.90 -79.61
N ASN P 637 -73.41 1.51 -80.79
CA ASN P 637 -73.99 0.86 -81.96
C ASN P 637 -73.76 1.75 -83.17
N LEU P 638 -73.89 1.16 -84.36
CA LEU P 638 -73.80 1.89 -85.60
C LEU P 638 -75.19 2.16 -86.16
N ILE P 639 -75.43 3.41 -86.55
CA ILE P 639 -76.72 3.85 -87.07
C ILE P 639 -76.49 4.65 -88.34
N ASN P 640 -77.53 4.71 -89.18
CA ASN P 640 -77.47 5.49 -90.41
C ASN P 640 -77.76 6.95 -90.12
N TYR P 641 -77.15 7.83 -90.91
CA TYR P 641 -77.54 9.23 -90.90
C TYR P 641 -78.89 9.39 -91.60
N VAL P 642 -79.75 10.21 -91.01
CA VAL P 642 -81.11 10.43 -91.50
C VAL P 642 -81.32 11.92 -91.68
N THR P 643 -81.82 12.32 -92.84
CA THR P 643 -82.10 13.71 -93.15
C THR P 643 -83.57 13.85 -93.54
N SER P 644 -84.00 15.10 -93.75
CA SER P 644 -85.38 15.40 -94.06
C SER P 644 -85.45 16.44 -95.16
N ILE P 645 -86.49 16.34 -96.00
CA ILE P 645 -86.70 17.26 -97.11
C ILE P 645 -88.17 17.67 -97.12
N ARG P 646 -88.40 18.96 -97.35
CA ARG P 646 -89.74 19.52 -97.43
C ARG P 646 -89.84 20.46 -98.62
N PRO P 647 -91.02 20.61 -99.22
CA PRO P 647 -91.26 21.79 -100.04
C PRO P 647 -91.47 23.01 -99.16
N ASN P 648 -91.28 24.19 -99.76
CA ASN P 648 -91.47 25.44 -99.03
C ASN P 648 -92.95 25.81 -98.99
N ILE P 649 -93.73 24.90 -98.43
CA ILE P 649 -95.18 25.03 -98.31
C ILE P 649 -95.53 25.02 -96.83
N PHE P 650 -96.19 26.08 -96.37
CA PHE P 650 -96.49 26.27 -94.96
C PHE P 650 -97.97 26.62 -94.81
N VAL P 651 -98.71 25.76 -94.10
CA VAL P 651 -100.13 25.92 -93.88
C VAL P 651 -100.42 25.82 -92.40
N GLY P 652 -101.24 26.73 -91.88
CA GLY P 652 -101.58 26.75 -90.47
C GLY P 652 -102.98 27.28 -90.26
N ARG P 653 -103.37 27.35 -88.98
CA ARG P 653 -104.69 27.82 -88.59
C ARG P 653 -104.55 28.87 -87.49
N ALA P 654 -105.46 29.83 -87.50
CA ALA P 654 -105.51 30.86 -86.47
C ALA P 654 -106.83 31.60 -86.62
N GLU P 655 -107.15 32.41 -85.62
CA GLU P 655 -108.40 33.16 -85.61
C GLU P 655 -108.31 34.28 -86.64
N GLY P 656 -109.09 34.15 -87.71
CA GLY P 656 -109.09 35.12 -88.79
C GLY P 656 -107.99 34.93 -89.81
N SER P 657 -107.31 33.79 -89.83
CA SER P 657 -106.22 33.56 -90.76
C SER P 657 -106.75 33.50 -92.19
N THR P 658 -105.92 33.93 -93.14
CA THR P 658 -106.33 33.97 -94.54
C THR P 658 -106.18 32.59 -95.19
N GLN P 659 -105.36 31.72 -94.62
CA GLN P 659 -105.03 30.47 -95.27
C GLN P 659 -106.22 29.51 -95.26
N TYR P 660 -106.24 28.62 -96.25
CA TYR P 660 -107.20 27.53 -96.27
C TYR P 660 -106.71 26.42 -95.33
N GLY P 661 -107.65 25.64 -94.83
CA GLY P 661 -107.38 24.72 -93.74
C GLY P 661 -107.50 23.25 -94.04
N LYS P 662 -107.39 22.82 -95.30
CA LYS P 662 -107.70 21.45 -95.68
C LYS P 662 -106.91 21.11 -96.93
N TRP P 663 -105.79 20.39 -96.75
CA TRP P 663 -104.76 20.27 -97.77
C TRP P 663 -104.41 18.81 -98.03
N TYR P 664 -103.76 18.57 -99.17
CA TYR P 664 -103.51 17.23 -99.69
C TYR P 664 -102.24 17.22 -100.53
N PHE P 665 -101.45 16.15 -100.43
CA PHE P 665 -100.30 15.96 -101.32
C PHE P 665 -99.97 14.47 -101.43
N GLU P 666 -98.96 14.15 -102.24
CA GLU P 666 -98.60 12.76 -102.47
C GLU P 666 -97.09 12.60 -102.58
N VAL P 667 -96.62 11.39 -102.31
CA VAL P 667 -95.22 11.01 -102.50
C VAL P 667 -95.18 9.66 -103.19
N MET P 668 -94.44 9.57 -104.30
CA MET P 668 -94.30 8.33 -105.05
C MET P 668 -92.88 7.80 -104.86
N VAL P 669 -92.78 6.50 -104.58
CA VAL P 669 -91.48 5.89 -104.33
C VAL P 669 -91.00 5.18 -105.58
N ASP P 670 -89.79 5.49 -106.04
CA ASP P 670 -89.23 4.91 -107.26
C ASP P 670 -88.25 3.78 -106.98
N GLU P 671 -87.33 3.97 -106.04
CA GLU P 671 -86.42 2.90 -105.63
C GLU P 671 -86.11 3.05 -104.15
N VAL P 672 -86.12 1.94 -103.42
CA VAL P 672 -85.75 1.91 -102.01
C VAL P 672 -84.96 0.62 -101.79
N ALA P 673 -83.67 0.76 -101.51
CA ALA P 673 -82.86 -0.39 -101.16
C ALA P 673 -83.17 -0.78 -99.72
N PRO P 674 -83.81 -1.94 -99.46
CA PRO P 674 -84.21 -2.24 -98.07
C PRO P 674 -83.03 -2.22 -97.10
N PHE P 675 -81.87 -2.72 -97.52
CA PHE P 675 -80.68 -2.76 -96.66
C PHE P 675 -79.47 -2.33 -97.49
N LEU P 676 -79.22 -1.03 -97.53
CA LEU P 676 -77.97 -0.54 -98.12
C LEU P 676 -76.81 -0.76 -97.16
N THR P 677 -77.07 -0.64 -95.86
CA THR P 677 -76.11 -0.89 -94.80
C THR P 677 -76.65 -1.97 -93.87
N ALA P 678 -75.95 -2.19 -92.76
CA ALA P 678 -76.40 -3.19 -91.80
C ALA P 678 -77.78 -2.86 -91.25
N GLN P 679 -78.03 -1.58 -90.98
CA GLN P 679 -79.32 -1.15 -90.45
C GLN P 679 -80.32 -0.92 -91.57
N ALA P 680 -81.58 -1.20 -91.29
CA ALA P 680 -82.64 -1.11 -92.29
C ALA P 680 -82.78 0.33 -92.78
N THR P 681 -83.09 0.45 -94.07
CA THR P 681 -83.27 1.77 -94.67
C THR P 681 -84.49 2.46 -94.06
N HIS P 682 -84.37 3.78 -93.88
CA HIS P 682 -85.40 4.60 -93.27
C HIS P 682 -86.07 5.45 -94.33
N LEU P 683 -87.40 5.40 -94.37
CA LEU P 683 -88.20 6.25 -95.26
C LEU P 683 -89.55 6.50 -94.60
N ARG P 684 -89.90 7.77 -94.42
CA ARG P 684 -91.16 8.17 -93.81
C ARG P 684 -91.68 9.42 -94.49
N VAL P 685 -93.00 9.51 -94.62
CA VAL P 685 -93.70 10.63 -95.24
C VAL P 685 -94.75 11.14 -94.26
N GLY P 686 -94.87 12.45 -94.14
CA GLY P 686 -95.89 12.99 -93.26
C GLY P 686 -95.86 14.51 -93.23
N TRP P 687 -96.46 15.04 -92.17
CA TRP P 687 -96.48 16.47 -91.90
C TRP P 687 -95.67 16.76 -90.64
N ALA P 688 -95.14 17.97 -90.54
CA ALA P 688 -94.39 18.40 -89.38
C ALA P 688 -94.72 19.86 -89.08
N LEU P 689 -94.58 20.23 -87.81
CA LEU P 689 -94.83 21.60 -87.38
C LEU P 689 -93.58 22.44 -87.57
N SER P 690 -93.77 23.67 -88.05
CA SER P 690 -92.64 24.54 -88.35
C SER P 690 -91.80 24.78 -87.10
N GLU P 691 -92.44 25.07 -85.98
CA GLU P 691 -91.73 25.36 -84.74
C GLU P 691 -91.57 24.07 -83.94
N GLY P 692 -90.31 23.68 -83.71
CA GLY P 692 -90.00 22.53 -82.90
C GLY P 692 -89.42 21.35 -83.66
N TYR P 693 -89.78 21.17 -84.93
CA TYR P 693 -89.26 20.07 -85.73
C TYR P 693 -87.89 20.49 -86.27
N SER P 694 -86.85 20.15 -85.51
CA SER P 694 -85.47 20.49 -85.83
C SER P 694 -84.61 19.24 -85.73
N PRO P 695 -84.81 18.27 -86.64
CA PRO P 695 -83.93 17.10 -86.64
C PRO P 695 -82.53 17.49 -87.08
N TYR P 696 -81.55 17.15 -86.25
CA TYR P 696 -80.17 17.53 -86.48
C TYR P 696 -79.35 16.30 -86.86
N PRO P 697 -78.45 16.40 -87.83
CA PRO P 697 -77.70 15.21 -88.24
C PRO P 697 -76.95 14.58 -87.08
N GLY P 698 -76.94 13.26 -87.06
CA GLY P 698 -76.20 12.52 -86.05
C GLY P 698 -77.11 11.96 -84.97
N GLY P 699 -76.74 12.17 -83.71
CA GLY P 699 -77.50 11.62 -82.61
C GLY P 699 -78.74 12.43 -82.28
N GLY P 700 -79.52 11.91 -81.35
CA GLY P 700 -80.74 12.56 -80.91
C GLY P 700 -81.50 11.73 -79.89
N GLU P 701 -82.82 11.78 -79.95
CA GLU P 701 -83.65 10.98 -79.04
C GLU P 701 -83.59 9.51 -79.43
N GLY P 702 -83.80 8.65 -78.44
CA GLY P 702 -83.77 7.22 -78.69
C GLY P 702 -82.39 6.78 -79.16
N TRP P 703 -82.35 6.03 -80.25
CA TRP P 703 -81.11 5.49 -80.80
C TRP P 703 -80.65 6.25 -82.04
N GLY P 704 -81.06 7.49 -82.20
CA GLY P 704 -80.68 8.28 -83.35
C GLY P 704 -81.55 8.00 -84.56
N GLY P 705 -81.06 8.45 -85.71
CA GLY P 705 -81.82 8.30 -86.94
C GLY P 705 -83.15 9.02 -86.88
N ASN P 706 -83.16 10.24 -86.36
CA ASN P 706 -84.40 10.98 -86.14
C ASN P 706 -84.99 11.43 -87.47
N GLY P 707 -86.26 11.14 -87.68
CA GLY P 707 -86.96 11.57 -88.87
C GLY P 707 -88.35 12.09 -88.55
N VAL P 708 -89.32 11.80 -89.41
CA VAL P 708 -90.70 12.21 -89.16
C VAL P 708 -91.29 11.28 -88.11
N GLY P 709 -91.92 11.86 -87.09
CA GLY P 709 -92.58 11.10 -86.06
C GLY P 709 -91.73 10.73 -84.87
N ASP P 710 -90.45 11.07 -84.88
CA ASP P 710 -89.57 10.78 -83.75
C ASP P 710 -89.67 11.83 -82.65
N ASP P 711 -90.51 12.84 -82.83
CA ASP P 711 -90.84 13.80 -81.78
C ASP P 711 -92.29 14.22 -81.97
N LEU P 712 -92.85 14.86 -80.94
CA LEU P 712 -94.26 15.21 -80.94
C LEU P 712 -94.57 16.46 -81.77
N TYR P 713 -93.63 16.89 -82.62
CA TYR P 713 -93.87 17.96 -83.58
C TYR P 713 -94.11 17.43 -84.99
N SER P 714 -93.98 16.12 -85.20
CA SER P 714 -94.09 15.54 -86.54
C SER P 714 -94.98 14.30 -86.47
N TYR P 715 -95.56 13.96 -87.61
CA TYR P 715 -96.52 12.86 -87.73
C TYR P 715 -96.27 12.15 -89.05
N GLY P 716 -95.75 10.93 -88.98
CA GLY P 716 -95.28 10.25 -90.16
C GLY P 716 -95.92 8.89 -90.35
N PHE P 717 -95.67 8.31 -91.52
CA PHE P 717 -96.21 7.02 -91.92
C PHE P 717 -95.19 6.29 -92.76
N ASP P 718 -94.75 5.12 -92.30
CA ASP P 718 -93.68 4.37 -92.96
C ASP P 718 -94.18 3.20 -93.79
N GLY P 719 -95.49 3.10 -94.01
CA GLY P 719 -96.07 1.99 -94.74
C GLY P 719 -96.60 0.87 -93.86
N LEU P 720 -96.16 0.80 -92.61
CA LEU P 720 -96.63 -0.22 -91.67
C LEU P 720 -97.00 0.33 -90.31
N HIS P 721 -96.49 1.50 -89.92
CA HIS P 721 -96.77 2.07 -88.61
C HIS P 721 -97.08 3.55 -88.77
N LEU P 722 -97.77 4.10 -87.78
CA LEU P 722 -97.93 5.54 -87.63
C LEU P 722 -96.93 6.01 -86.58
N TRP P 723 -96.05 6.93 -86.97
CA TRP P 723 -94.92 7.35 -86.15
C TRP P 723 -95.22 8.72 -85.55
N THR P 724 -95.11 8.82 -84.23
CA THR P 724 -95.22 10.10 -83.53
C THR P 724 -94.68 9.93 -82.13
N GLY P 725 -93.88 10.89 -81.68
CA GLY P 725 -93.28 10.83 -80.37
C GLY P 725 -92.36 9.65 -80.20
N HIS P 726 -91.65 9.27 -81.26
CA HIS P 726 -90.68 8.17 -81.20
C HIS P 726 -91.32 6.87 -80.71
N VAL P 727 -92.54 6.59 -81.16
CA VAL P 727 -93.25 5.37 -80.81
C VAL P 727 -93.97 4.88 -82.05
N ALA P 728 -93.65 3.66 -82.49
CA ALA P 728 -94.33 3.06 -83.63
C ALA P 728 -95.60 2.34 -83.18
N ARG P 729 -96.68 2.59 -83.90
CA ARG P 729 -97.98 1.99 -83.61
C ARG P 729 -98.49 1.29 -84.86
N PRO P 730 -98.62 -0.04 -84.88
CA PRO P 730 -99.02 -0.71 -86.12
C PRO P 730 -100.37 -0.22 -86.62
N VAL P 731 -100.47 -0.07 -87.94
CA VAL P 731 -101.70 0.33 -88.60
C VAL P 731 -102.00 -0.66 -89.71
N THR P 732 -103.28 -0.83 -90.02
CA THR P 732 -103.74 -1.86 -90.94
C THR P 732 -104.18 -1.21 -92.25
N SER P 733 -103.65 -1.73 -93.36
CA SER P 733 -104.06 -1.35 -94.70
C SER P 733 -104.07 -2.59 -95.56
N PRO P 734 -104.91 -2.63 -96.60
CA PRO P 734 -104.94 -3.81 -97.46
C PRO P 734 -103.58 -4.09 -98.08
N GLY P 735 -103.14 -5.34 -97.95
CA GLY P 735 -101.83 -5.72 -98.47
C GLY P 735 -100.72 -4.88 -97.88
N GLN P 736 -100.77 -4.66 -96.57
CA GLN P 736 -99.83 -3.77 -95.92
C GLN P 736 -98.40 -4.27 -96.10
N HIS P 737 -97.48 -3.35 -96.39
CA HIS P 737 -96.07 -3.67 -96.52
C HIS P 737 -95.27 -2.39 -96.37
N LEU P 738 -93.99 -2.56 -96.07
CA LEU P 738 -93.09 -1.42 -95.95
C LEU P 738 -93.03 -0.66 -97.27
N LEU P 739 -92.91 0.66 -97.18
CA LEU P 739 -92.87 1.49 -98.37
C LEU P 739 -91.88 0.93 -99.39
N ALA P 740 -92.39 0.55 -100.54
CA ALA P 740 -91.64 -0.13 -101.59
C ALA P 740 -91.77 0.64 -102.89
N PRO P 741 -90.95 0.32 -103.89
CA PRO P 741 -91.02 1.05 -105.16
C PRO P 741 -92.40 0.97 -105.79
N GLU P 742 -92.79 2.04 -106.48
CA GLU P 742 -94.08 2.12 -107.17
C GLU P 742 -95.23 2.24 -106.18
N ASP P 743 -94.95 2.82 -105.01
CA ASP P 743 -95.97 3.05 -103.98
C ASP P 743 -96.30 4.53 -103.96
N VAL P 744 -97.59 4.84 -103.97
CA VAL P 744 -98.06 6.21 -103.84
C VAL P 744 -98.67 6.40 -102.46
N VAL P 745 -98.15 7.36 -101.71
CA VAL P 745 -98.62 7.67 -100.37
C VAL P 745 -99.29 9.04 -100.43
N SER P 746 -100.59 9.06 -100.16
CA SER P 746 -101.39 10.27 -100.19
C SER P 746 -101.59 10.76 -98.76
N CYS P 747 -101.21 12.00 -98.49
CA CYS P 747 -101.31 12.58 -97.16
C CYS P 747 -102.36 13.69 -97.19
N CYS P 748 -103.29 13.62 -96.24
CA CYS P 748 -104.37 14.59 -96.10
C CYS P 748 -104.28 15.23 -94.73
N LEU P 749 -104.38 16.55 -94.67
CA LEU P 749 -104.35 17.28 -93.42
C LEU P 749 -105.59 18.17 -93.35
N ASP P 750 -106.32 18.09 -92.25
CA ASP P 750 -107.47 18.95 -91.99
C ASP P 750 -107.19 19.73 -90.73
N LEU P 751 -107.10 21.06 -90.85
CA LEU P 751 -106.82 21.88 -89.68
C LEU P 751 -108.06 22.09 -88.82
N SER P 752 -109.24 21.80 -89.36
CA SER P 752 -110.48 22.08 -88.63
C SER P 752 -110.73 21.05 -87.53
N VAL P 753 -110.41 19.78 -87.79
CA VAL P 753 -110.77 18.70 -86.88
C VAL P 753 -110.00 18.86 -85.57
N PRO P 754 -108.65 18.94 -85.56
CA PRO P 754 -107.66 18.70 -86.62
C PRO P 754 -107.30 17.22 -86.76
N SER P 755 -106.91 16.80 -87.96
CA SER P 755 -106.61 15.40 -88.21
C SER P 755 -105.62 15.27 -89.36
N ILE P 756 -104.84 14.18 -89.33
CA ILE P 756 -103.94 13.81 -90.40
C ILE P 756 -104.27 12.38 -90.80
N SER P 757 -104.57 12.17 -92.07
CA SER P 757 -104.94 10.86 -92.58
C SER P 757 -104.06 10.48 -93.76
N PHE P 758 -103.97 9.17 -94.01
CA PHE P 758 -103.06 8.63 -95.00
C PHE P 758 -103.82 7.66 -95.89
N ARG P 759 -103.30 7.50 -97.12
CA ARG P 759 -103.81 6.50 -98.06
C ARG P 759 -102.61 5.88 -98.77
N ILE P 760 -102.62 4.56 -98.91
CA ILE P 760 -101.55 3.83 -99.57
C ILE P 760 -102.12 3.19 -100.83
N ASN P 761 -101.56 3.57 -101.98
CA ASN P 761 -102.00 3.06 -103.28
C ASN P 761 -103.51 3.23 -103.48
N GLY P 762 -104.07 4.30 -102.92
CA GLY P 762 -105.50 4.54 -102.99
C GLY P 762 -106.31 3.83 -101.94
N CYS P 763 -105.72 2.91 -101.20
CA CYS P 763 -106.45 2.19 -100.16
C CYS P 763 -106.42 2.96 -98.85
N PRO P 764 -107.53 3.09 -98.13
CA PRO P 764 -107.50 3.82 -96.85
C PRO P 764 -106.55 3.18 -95.86
N VAL P 765 -105.86 4.02 -95.09
CA VAL P 765 -105.04 3.57 -93.98
C VAL P 765 -105.85 3.77 -92.70
N GLN P 766 -106.14 2.67 -92.01
CA GLN P 766 -107.07 2.69 -90.88
C GLN P 766 -106.35 3.20 -89.63
N GLY P 767 -106.05 4.50 -89.65
CA GLY P 767 -105.45 5.16 -88.52
C GLY P 767 -105.34 6.66 -88.76
N VAL P 768 -105.44 7.46 -87.70
CA VAL P 768 -105.43 8.91 -87.86
C VAL P 768 -104.79 9.55 -86.64
N PHE P 769 -104.06 10.64 -86.88
CA PHE P 769 -103.63 11.56 -85.83
C PHE P 769 -104.71 12.61 -85.66
N GLU P 770 -104.92 13.07 -84.43
CA GLU P 770 -105.90 14.11 -84.19
C GLU P 770 -105.59 14.83 -82.88
N SER P 771 -106.24 15.98 -82.70
CA SER P 771 -106.14 16.76 -81.47
C SER P 771 -104.70 17.18 -81.18
N PHE P 772 -103.89 17.35 -82.23
CA PHE P 772 -102.52 17.80 -82.02
C PHE P 772 -102.47 19.32 -81.91
N ASN P 773 -101.33 19.82 -81.44
CA ASN P 773 -101.18 21.24 -81.21
C ASN P 773 -101.24 22.01 -82.51
N LEU P 774 -101.93 23.15 -82.49
CA LEU P 774 -101.99 24.07 -83.62
C LEU P 774 -101.48 25.43 -83.15
N ASP P 775 -100.16 25.60 -83.22
CA ASP P 775 -99.50 26.86 -82.86
C ASP P 775 -98.33 27.16 -83.78
N GLY P 776 -98.36 26.65 -85.00
CA GLY P 776 -97.31 26.90 -85.96
C GLY P 776 -97.83 26.64 -87.36
N LEU P 777 -96.89 26.46 -88.29
CA LEU P 777 -97.21 26.17 -89.67
C LEU P 777 -96.78 24.75 -90.01
N PHE P 778 -97.67 24.02 -90.67
CA PHE P 778 -97.39 22.64 -91.07
C PHE P 778 -96.87 22.62 -92.50
N PHE P 779 -95.88 21.75 -92.73
CA PHE P 779 -95.31 21.58 -94.06
C PHE P 779 -95.18 20.10 -94.36
N PRO P 780 -95.34 19.70 -95.63
CA PRO P 780 -95.03 18.32 -96.00
C PRO P 780 -93.56 18.02 -95.76
N VAL P 781 -93.27 16.79 -95.37
CA VAL P 781 -91.91 16.38 -95.06
C VAL P 781 -91.73 14.91 -95.36
N VAL P 782 -90.55 14.56 -95.87
CA VAL P 782 -90.12 13.17 -96.01
C VAL P 782 -88.76 13.04 -95.34
N SER P 783 -88.64 12.08 -94.43
CA SER P 783 -87.40 11.78 -93.75
C SER P 783 -86.86 10.47 -94.29
N PHE P 784 -85.54 10.41 -94.50
CA PHE P 784 -84.97 9.25 -95.15
C PHE P 784 -83.50 9.10 -94.78
N SER P 785 -83.03 7.87 -94.94
CA SER P 785 -81.62 7.54 -94.95
C SER P 785 -81.17 7.35 -96.39
N ALA P 786 -79.91 6.98 -96.59
CA ALA P 786 -79.37 6.80 -97.93
C ALA P 786 -79.97 5.56 -98.58
N GLY P 787 -80.23 5.66 -99.89
CA GLY P 787 -80.73 4.54 -100.65
C GLY P 787 -82.18 4.70 -101.08
N ILE P 788 -82.59 5.93 -101.39
CA ILE P 788 -83.96 6.19 -101.80
C ILE P 788 -83.99 7.09 -103.03
N LYS P 789 -85.11 7.01 -103.74
CA LYS P 789 -85.52 8.00 -104.73
C LYS P 789 -87.04 8.14 -104.59
N VAL P 790 -87.49 9.34 -104.24
CA VAL P 790 -88.91 9.61 -104.06
C VAL P 790 -89.25 10.88 -104.84
N ARG P 791 -90.54 11.09 -105.05
CA ARG P 791 -91.03 12.24 -105.78
C ARG P 791 -92.24 12.83 -105.09
N PHE P 792 -92.13 14.11 -104.73
CA PHE P 792 -93.28 14.90 -104.27
C PHE P 792 -94.18 15.19 -105.45
N LEU P 793 -95.44 14.79 -105.34
CA LEU P 793 -96.50 15.18 -106.24
C LEU P 793 -97.38 16.18 -105.49
N LEU P 794 -97.28 17.45 -105.86
CA LEU P 794 -97.96 18.54 -105.18
C LEU P 794 -99.16 19.05 -105.97
N GLY P 795 -99.53 18.37 -107.04
CA GLY P 795 -100.66 18.79 -107.86
C GLY P 795 -100.31 19.93 -108.80
N GLY P 796 -101.27 20.36 -109.60
CA GLY P 796 -101.01 21.44 -110.53
C GLY P 796 -99.91 21.08 -111.49
N ARG P 797 -99.05 22.06 -111.80
CA ARG P 797 -97.93 21.86 -112.69
C ARG P 797 -96.69 21.37 -111.97
N HIS P 798 -96.73 21.23 -110.65
CA HIS P 798 -95.61 20.74 -109.87
C HIS P 798 -95.74 19.26 -109.50
N GLY P 799 -96.70 18.55 -110.06
CA GLY P 799 -96.89 17.15 -109.77
C GLY P 799 -98.26 16.70 -110.21
N GLU P 800 -98.35 15.43 -110.59
CA GLU P 800 -99.58 14.83 -111.08
C GLU P 800 -100.09 13.85 -110.04
N PHE P 801 -101.30 14.12 -109.53
CA PHE P 801 -101.92 13.28 -108.52
C PHE P 801 -102.38 11.98 -109.16
N LYS P 802 -101.82 10.86 -108.70
CA LYS P 802 -102.27 9.56 -109.20
C LYS P 802 -103.70 9.27 -108.74
N PHE P 803 -104.07 9.74 -107.55
CA PHE P 803 -105.41 9.58 -107.01
C PHE P 803 -105.99 10.96 -106.72
N LEU P 804 -107.24 11.16 -107.11
CA LEU P 804 -107.85 12.47 -106.93
C LEU P 804 -107.93 12.80 -105.44
N PRO P 805 -107.69 14.06 -105.05
CA PRO P 805 -107.81 14.43 -103.64
C PRO P 805 -109.22 14.19 -103.14
N PRO P 806 -109.38 13.78 -101.89
CA PRO P 806 -110.73 13.65 -101.34
C PRO P 806 -111.43 14.99 -101.33
N PRO P 807 -112.76 15.00 -101.38
CA PRO P 807 -113.49 16.24 -101.63
C PRO P 807 -113.12 17.34 -100.64
N GLY P 808 -112.93 18.55 -101.16
CA GLY P 808 -112.68 19.72 -100.34
C GLY P 808 -111.23 19.93 -99.95
N TYR P 809 -110.32 19.08 -100.38
CA TYR P 809 -108.90 19.22 -100.08
C TYR P 809 -108.21 19.96 -101.21
N ALA P 810 -107.45 20.99 -100.88
CA ALA P 810 -106.76 21.76 -101.90
C ALA P 810 -105.37 21.19 -102.15
N PRO P 811 -104.93 21.11 -103.41
CA PRO P 811 -103.54 20.70 -103.66
C PRO P 811 -102.56 21.67 -102.99
N CYS P 812 -101.44 21.10 -102.53
CA CYS P 812 -100.48 21.90 -101.76
C CYS P 812 -99.72 22.91 -102.61
N HIS P 813 -99.70 22.74 -103.93
CA HIS P 813 -99.01 23.72 -104.77
C HIS P 813 -99.69 25.08 -104.70
N GLU P 814 -100.94 25.12 -104.24
CA GLU P 814 -101.68 26.37 -104.11
C GLU P 814 -101.26 27.17 -102.88
N ALA P 815 -100.44 26.60 -102.00
CA ALA P 815 -100.06 27.24 -100.75
C ALA P 815 -98.72 27.96 -100.84
N VAL P 816 -98.09 27.98 -102.02
CA VAL P 816 -96.81 28.67 -102.20
C VAL P 816 -97.05 30.17 -102.08
N LEU P 817 -96.21 30.83 -101.28
CA LEU P 817 -96.42 32.24 -101.00
C LEU P 817 -96.13 33.09 -102.23
N PRO P 818 -96.69 34.29 -102.31
CA PRO P 818 -96.48 35.13 -103.49
C PRO P 818 -95.01 35.45 -103.76
N ARG P 819 -94.22 35.65 -102.72
CA ARG P 819 -92.83 36.08 -102.86
C ARG P 819 -91.85 34.92 -103.03
N GLU P 820 -92.33 33.68 -103.00
CA GLU P 820 -91.46 32.51 -103.02
C GLU P 820 -91.73 31.67 -104.25
N ARG P 821 -90.74 30.88 -104.63
CA ARG P 821 -90.84 29.92 -105.72
C ARG P 821 -90.74 28.52 -105.16
N LEU P 822 -91.65 27.64 -105.59
CA LEU P 822 -91.74 26.32 -105.01
C LEU P 822 -90.46 25.53 -105.30
N HIS P 823 -89.93 24.86 -104.28
CA HIS P 823 -88.75 24.04 -104.42
C HIS P 823 -88.57 23.22 -103.15
N LEU P 824 -87.65 22.27 -103.20
CA LEU P 824 -87.35 21.40 -102.07
C LEU P 824 -86.10 21.91 -101.34
N GLN P 825 -86.16 21.91 -100.01
CA GLN P 825 -85.09 22.48 -99.20
C GLN P 825 -84.91 21.65 -97.94
N PRO P 826 -83.71 21.68 -97.35
CA PRO P 826 -83.53 21.07 -96.02
C PRO P 826 -84.22 21.89 -94.95
N ILE P 827 -84.21 21.35 -93.73
CA ILE P 827 -84.87 21.97 -92.59
C ILE P 827 -83.82 22.38 -91.56
N LYS P 828 -83.78 23.67 -91.24
CA LYS P 828 -82.93 24.20 -90.18
C LYS P 828 -81.48 23.73 -90.35
N GLU P 829 -80.98 23.79 -91.58
CA GLU P 829 -79.60 23.45 -91.84
C GLU P 829 -78.66 24.48 -91.23
N TYR P 830 -77.61 24.00 -90.57
CA TYR P 830 -76.54 24.86 -90.09
C TYR P 830 -75.31 24.79 -90.98
N ARG P 831 -75.40 24.12 -92.13
CA ARG P 831 -74.28 23.96 -93.04
C ARG P 831 -74.82 23.63 -94.43
N ARG P 832 -74.12 24.12 -95.45
CA ARG P 832 -74.47 23.80 -96.83
C ARG P 832 -73.20 23.76 -97.67
N GLU P 833 -73.33 23.24 -98.89
CA GLU P 833 -72.22 23.25 -99.82
C GLU P 833 -72.15 24.59 -100.54
N GLY P 834 -71.00 24.88 -101.14
CA GLY P 834 -70.85 26.05 -101.97
C GLY P 834 -69.70 25.89 -102.94
N PRO P 835 -69.41 26.96 -103.70
CA PRO P 835 -68.32 26.88 -104.67
C PRO P 835 -66.97 26.60 -104.04
N ARG P 836 -66.56 27.43 -103.08
CA ARG P 836 -65.25 27.30 -102.48
C ARG P 836 -65.21 26.16 -101.46
N GLY P 837 -66.29 26.00 -100.70
CA GLY P 837 -66.32 25.00 -99.65
C GLY P 837 -67.64 24.98 -98.90
N PRO P 838 -67.63 24.48 -97.68
CA PRO P 838 -68.85 24.50 -96.86
C PRO P 838 -69.14 25.90 -96.34
N HIS P 839 -70.41 26.31 -96.46
CA HIS P 839 -70.91 27.55 -95.90
C HIS P 839 -71.60 27.25 -94.58
N LEU P 840 -71.23 28.00 -93.55
CA LEU P 840 -71.94 27.93 -92.27
C LEU P 840 -73.13 28.87 -92.30
N VAL P 841 -74.27 28.39 -91.80
CA VAL P 841 -75.55 29.08 -91.91
C VAL P 841 -76.06 29.38 -90.51
N GLY P 842 -76.64 30.57 -90.35
CA GLY P 842 -77.27 30.94 -89.11
C GLY P 842 -78.73 30.51 -89.10
N PRO P 843 -79.42 30.72 -87.98
CA PRO P 843 -80.82 30.29 -87.91
C PRO P 843 -81.68 30.96 -88.98
N SER P 844 -82.60 30.18 -89.52
CA SER P 844 -83.50 30.71 -90.54
C SER P 844 -84.70 31.40 -89.89
N ARG P 845 -85.14 32.50 -90.50
CA ARG P 845 -86.32 33.21 -90.03
C ARG P 845 -87.58 32.50 -90.53
N CYS P 846 -88.46 32.17 -89.60
CA CYS P 846 -89.64 31.37 -89.89
C CYS P 846 -90.90 32.18 -89.58
N LEU P 847 -91.88 32.08 -90.47
CA LEU P 847 -93.17 32.72 -90.26
C LEU P 847 -93.99 31.93 -89.24
N SER P 848 -94.87 32.64 -88.54
CA SER P 848 -95.77 32.06 -87.56
C SER P 848 -97.19 32.05 -88.11
N HIS P 849 -98.00 31.14 -87.56
CA HIS P 849 -99.39 31.04 -88.01
C HIS P 849 -100.12 32.36 -87.84
N LEU P 850 -99.68 33.20 -86.89
CA LEU P 850 -100.30 34.50 -86.69
C LEU P 850 -99.89 35.52 -87.74
N ASP P 851 -98.80 35.26 -88.47
CA ASP P 851 -98.37 36.20 -89.50
C ASP P 851 -99.36 36.25 -90.67
N PHE P 852 -100.28 35.31 -90.75
CA PHE P 852 -101.28 35.27 -91.81
C PHE P 852 -102.59 35.93 -91.41
N VAL P 853 -102.65 36.53 -90.23
CA VAL P 853 -103.86 37.18 -89.72
C VAL P 853 -103.72 38.68 -89.95
N PRO P 854 -104.51 39.29 -90.82
CA PRO P 854 -104.44 40.74 -90.99
C PRO P 854 -104.80 41.46 -89.69
N CYS P 855 -104.09 42.54 -89.42
CA CYS P 855 -104.28 43.34 -88.21
C CYS P 855 -104.36 44.82 -88.59
N PRO P 856 -105.41 45.20 -89.31
CA PRO P 856 -105.55 46.61 -89.71
C PRO P 856 -105.91 47.50 -88.52
N VAL P 857 -105.55 48.78 -88.67
CA VAL P 857 -105.89 49.77 -87.65
C VAL P 857 -107.32 50.23 -87.85
N ASP P 858 -108.12 50.15 -86.78
CA ASP P 858 -109.52 50.51 -86.86
C ASP P 858 -109.68 52.00 -87.14
N THR P 859 -110.74 52.35 -87.86
CA THR P 859 -111.02 53.72 -88.24
C THR P 859 -112.43 54.18 -87.90
N ILE P 860 -113.32 53.27 -87.48
CA ILE P 860 -114.71 53.65 -87.25
C ILE P 860 -114.80 54.74 -86.18
N GLN P 861 -113.94 54.68 -85.17
CA GLN P 861 -113.96 55.66 -84.09
C GLN P 861 -113.59 57.06 -84.58
N ILE P 862 -113.05 57.19 -85.78
CA ILE P 862 -112.56 58.48 -86.27
C ILE P 862 -113.75 59.32 -86.73
N VAL P 863 -113.67 60.63 -86.50
CA VAL P 863 -114.67 61.59 -86.96
C VAL P 863 -114.01 62.53 -87.95
N LEU P 864 -114.72 62.83 -89.04
CA LEU P 864 -114.13 63.60 -90.12
C LEU P 864 -114.55 65.07 -90.04
N PRO P 865 -113.62 66.00 -89.83
CA PRO P 865 -113.97 67.42 -89.88
C PRO P 865 -114.47 67.81 -91.25
N PRO P 866 -115.43 68.75 -91.34
CA PRO P 866 -115.95 69.16 -92.67
C PRO P 866 -114.88 69.73 -93.60
N HIS P 867 -113.91 70.48 -93.05
CA HIS P 867 -112.85 71.00 -93.89
C HIS P 867 -112.06 69.86 -94.52
N LEU P 868 -112.15 68.67 -93.92
CA LEU P 868 -111.58 67.49 -94.56
C LEU P 868 -112.62 66.79 -95.42
N GLU P 869 -113.90 67.08 -95.20
CA GLU P 869 -114.94 66.60 -96.11
C GLU P 869 -114.76 67.19 -97.50
N ARG P 870 -114.48 68.49 -97.59
CA ARG P 870 -114.21 69.07 -98.89
C ARG P 870 -112.96 68.48 -99.51
N ILE P 871 -111.95 68.20 -98.69
CA ILE P 871 -110.79 67.47 -99.20
C ILE P 871 -111.24 66.17 -99.84
N ARG P 872 -111.86 65.27 -99.08
CA ARG P 872 -112.23 63.98 -99.64
C ARG P 872 -113.04 64.13 -100.92
N GLU P 873 -113.89 65.17 -101.00
CA GLU P 873 -114.61 65.40 -102.24
C GLU P 873 -113.66 65.67 -103.41
N LYS P 874 -112.76 66.64 -103.25
CA LYS P 874 -111.85 66.97 -104.34
C LYS P 874 -110.90 65.82 -104.65
N LEU P 875 -110.46 65.11 -103.60
CA LEU P 875 -109.61 63.96 -103.77
C LEU P 875 -110.31 62.88 -104.59
N ALA P 876 -111.58 62.59 -104.27
CA ALA P 876 -112.32 61.62 -105.06
C ALA P 876 -112.45 62.07 -106.50
N GLU P 877 -112.61 63.38 -106.72
CA GLU P 877 -112.61 63.85 -108.10
C GLU P 877 -111.30 63.48 -108.81
N ASN P 878 -110.17 63.85 -108.23
CA ASN P 878 -108.90 63.56 -108.89
C ASN P 878 -108.70 62.05 -109.04
N ILE P 879 -109.25 61.27 -108.11
CA ILE P 879 -109.13 59.81 -108.21
C ILE P 879 -109.94 59.28 -109.39
N HIS P 880 -111.11 59.85 -109.68
CA HIS P 880 -111.80 59.30 -110.84
C HIS P 880 -111.06 59.72 -112.10
N GLU P 881 -110.40 60.88 -112.06
CA GLU P 881 -109.58 61.28 -113.20
C GLU P 881 -108.46 60.27 -113.44
N LEU P 882 -107.77 59.87 -112.37
CA LEU P 882 -106.74 58.84 -112.50
C LEU P 882 -107.35 57.52 -112.95
N TRP P 883 -108.52 57.18 -112.41
CA TRP P 883 -109.29 56.04 -112.91
C TRP P 883 -109.41 56.08 -114.42
N ALA P 884 -109.96 57.15 -114.98
CA ALA P 884 -110.21 57.23 -116.42
C ALA P 884 -108.91 57.15 -117.21
N LEU P 885 -107.86 57.84 -116.76
CA LEU P 885 -106.62 57.77 -117.52
C LEU P 885 -106.07 56.34 -117.52
N THR P 886 -106.05 55.69 -116.35
CA THR P 886 -105.58 54.32 -116.30
C THR P 886 -106.43 53.41 -117.19
N ARG P 887 -107.73 53.68 -117.27
CA ARG P 887 -108.57 52.85 -118.13
C ARG P 887 -108.25 53.06 -119.60
N ILE P 888 -107.86 54.28 -120.00
CA ILE P 888 -107.49 54.47 -121.39
C ILE P 888 -106.16 53.78 -121.68
N GLU P 889 -105.20 53.81 -120.74
CA GLU P 889 -104.01 52.99 -120.99
C GLU P 889 -104.32 51.50 -121.00
N GLN P 890 -105.30 51.03 -120.23
CA GLN P 890 -105.65 49.61 -120.22
C GLN P 890 -106.41 49.18 -121.47
N GLY P 891 -107.17 50.07 -122.08
CA GLY P 891 -107.96 49.74 -123.26
C GLY P 891 -109.45 49.73 -123.05
N TRP P 892 -109.93 49.92 -121.82
CA TRP P 892 -111.37 49.98 -121.57
C TRP P 892 -111.98 51.17 -122.30
N THR P 893 -113.16 50.95 -122.89
CA THR P 893 -113.96 52.04 -123.43
C THR P 893 -115.29 52.11 -122.67
N TYR P 894 -116.07 53.15 -122.95
CA TYR P 894 -117.30 53.39 -122.21
C TYR P 894 -118.45 52.56 -122.79
N GLY P 895 -119.27 52.02 -121.89
CA GLY P 895 -120.43 51.25 -122.28
C GLY P 895 -121.37 50.99 -121.11
N PRO P 896 -122.61 50.60 -121.42
CA PRO P 896 -123.58 50.36 -120.33
C PRO P 896 -123.34 49.06 -119.59
N VAL P 897 -122.98 48.01 -120.31
CA VAL P 897 -122.70 46.71 -119.70
C VAL P 897 -121.19 46.58 -119.51
N ARG P 898 -120.79 45.77 -118.53
CA ARG P 898 -119.39 45.63 -118.14
C ARG P 898 -118.95 44.19 -118.37
N ASP P 899 -117.92 44.00 -119.18
CA ASP P 899 -117.31 42.69 -119.40
C ASP P 899 -115.83 42.89 -119.71
N ASP P 900 -114.99 42.01 -119.18
CA ASP P 900 -113.55 42.15 -119.38
C ASP P 900 -113.19 42.02 -120.86
N ASN P 901 -113.79 41.06 -121.56
CA ASN P 901 -113.52 40.91 -122.99
C ASN P 901 -114.16 42.03 -123.79
N LYS P 902 -115.33 42.51 -123.36
CA LYS P 902 -116.05 43.52 -124.11
C LYS P 902 -115.41 44.90 -123.96
N ARG P 903 -114.53 45.07 -122.97
CA ARG P 903 -113.78 46.31 -122.79
C ARG P 903 -114.71 47.51 -122.67
N LEU P 904 -115.84 47.33 -122.00
CA LEU P 904 -116.83 48.37 -121.78
C LEU P 904 -117.07 48.51 -120.29
N HIS P 905 -117.10 49.75 -119.81
CA HIS P 905 -117.28 50.02 -118.38
C HIS P 905 -118.28 51.15 -118.18
N PRO P 906 -119.28 51.00 -117.30
CA PRO P 906 -120.22 52.11 -117.10
C PRO P 906 -119.66 53.26 -116.28
N CYS P 907 -118.67 52.97 -115.42
CA CYS P 907 -118.17 53.98 -114.48
C CYS P 907 -117.12 54.87 -115.12
N LEU P 908 -117.06 54.89 -116.45
CA LEU P 908 -116.13 55.74 -117.17
C LEU P 908 -116.64 57.16 -117.35
N VAL P 909 -117.86 57.44 -116.91
CA VAL P 909 -118.47 58.75 -117.10
C VAL P 909 -118.00 59.66 -115.97
N ASN P 910 -118.11 60.98 -116.14
CA ASN P 910 -117.55 61.92 -115.18
C ASN P 910 -118.09 61.68 -113.78
N PHE P 911 -117.35 62.17 -112.79
CA PHE P 911 -117.66 61.88 -111.39
C PHE P 911 -119.04 62.33 -110.99
N HIS P 912 -119.36 63.61 -111.24
CA HIS P 912 -120.71 64.09 -110.98
C HIS P 912 -121.73 63.25 -111.73
N SER P 913 -121.33 62.72 -112.88
CA SER P 913 -122.20 61.93 -113.74
C SER P 913 -122.10 60.42 -113.50
N LEU P 914 -121.21 59.96 -112.63
CA LEU P 914 -121.21 58.56 -112.29
C LEU P 914 -122.52 58.21 -111.58
N PRO P 915 -122.99 56.97 -111.68
CA PRO P 915 -124.20 56.58 -110.93
C PRO P 915 -123.99 56.81 -109.45
N GLU P 916 -125.06 57.21 -108.77
CA GLU P 916 -124.96 57.65 -107.39
C GLU P 916 -124.25 56.66 -106.49
N PRO P 917 -124.60 55.38 -106.45
CA PRO P 917 -123.85 54.44 -105.59
C PRO P 917 -122.38 54.34 -105.97
N GLU P 918 -122.06 54.53 -107.25
CA GLU P 918 -120.67 54.39 -107.68
C GLU P 918 -119.83 55.57 -107.23
N ARG P 919 -120.25 56.78 -107.61
CA ARG P 919 -119.70 57.98 -107.02
C ARG P 919 -119.58 57.83 -105.51
N ASN P 920 -120.58 57.19 -104.88
CA ASN P 920 -120.57 57.08 -103.44
CA ASN P 920 -120.57 57.07 -103.43
C ASN P 920 -119.42 56.19 -102.95
N TYR P 921 -119.19 55.03 -103.58
CA TYR P 921 -118.13 54.20 -103.02
C TYR P 921 -116.80 54.92 -103.20
N ASN P 922 -116.64 55.61 -104.33
CA ASN P 922 -115.46 56.48 -104.45
C ASN P 922 -115.36 57.44 -103.27
N LEU P 923 -116.49 58.04 -102.88
CA LEU P 923 -116.46 59.00 -101.78
C LEU P 923 -115.98 58.37 -100.49
N GLN P 924 -116.53 57.21 -100.08
CA GLN P 924 -116.09 56.71 -98.78
C GLN P 924 -114.73 56.02 -98.87
N MET P 925 -114.27 55.69 -100.09
CA MET P 925 -112.86 55.33 -100.22
C MET P 925 -111.97 56.52 -99.87
N SER P 926 -112.27 57.70 -100.42
CA SER P 926 -111.51 58.88 -100.06
C SER P 926 -111.62 59.16 -98.56
N GLY P 927 -112.83 59.08 -98.02
CA GLY P 927 -113.02 59.30 -96.59
C GLY P 927 -112.24 58.30 -95.76
N GLU P 928 -112.17 57.04 -96.20
CA GLU P 928 -111.41 56.04 -95.49
C GLU P 928 -109.92 56.37 -95.51
N THR P 929 -109.41 56.85 -96.65
CA THR P 929 -108.02 57.29 -96.66
C THR P 929 -107.78 58.37 -95.61
N LEU P 930 -108.62 59.41 -95.59
CA LEU P 930 -108.43 60.48 -94.60
C LEU P 930 -108.53 59.94 -93.18
N LYS P 931 -109.51 59.08 -92.92
CA LYS P 931 -109.66 58.49 -91.59
C LYS P 931 -108.43 57.68 -91.20
N THR P 932 -107.85 56.96 -92.16
CA THR P 932 -106.65 56.19 -91.87
C THR P 932 -105.49 57.10 -91.50
N LEU P 933 -105.31 58.21 -92.23
CA LEU P 933 -104.29 59.16 -91.83
C LEU P 933 -104.50 59.62 -90.40
N LEU P 934 -105.73 60.06 -90.08
CA LEU P 934 -105.96 60.60 -88.74
C LEU P 934 -105.75 59.52 -87.68
N ALA P 935 -106.22 58.30 -87.92
CA ALA P 935 -106.06 57.23 -86.95
C ALA P 935 -104.59 56.90 -86.72
N LEU P 936 -103.81 56.81 -87.80
CA LEU P 936 -102.36 56.67 -87.64
C LEU P 936 -101.78 57.86 -86.90
N GLY P 937 -102.47 58.99 -86.89
CA GLY P 937 -102.08 60.13 -86.08
C GLY P 937 -101.68 61.35 -86.86
N CYS P 938 -101.78 61.33 -88.17
CA CYS P 938 -101.41 62.48 -88.98
C CYS P 938 -102.32 63.67 -88.64
N HIS P 939 -101.70 64.82 -88.42
CA HIS P 939 -102.42 66.06 -88.20
C HIS P 939 -102.37 66.88 -89.48
N VAL P 940 -103.49 67.55 -89.78
CA VAL P 940 -103.65 68.33 -90.99
C VAL P 940 -103.94 69.78 -90.61
N GLY P 941 -103.21 70.70 -91.22
CA GLY P 941 -103.35 72.11 -90.91
C GLY P 941 -103.32 72.98 -92.14
N MET P 942 -103.87 74.19 -92.03
CA MET P 942 -103.96 75.09 -93.17
C MET P 942 -102.57 75.47 -93.64
N ALA P 943 -102.38 75.53 -94.97
CA ALA P 943 -101.11 75.97 -95.54
C ALA P 943 -101.25 77.08 -96.56
N ASP P 944 -102.17 76.98 -97.51
CA ASP P 944 -102.39 78.03 -98.49
C ASP P 944 -103.73 77.82 -99.18
N GLU P 945 -104.60 78.82 -99.08
CA GLU P 945 -105.89 78.80 -99.76
C GLU P 945 -105.78 79.23 -101.23
N LYS P 946 -104.67 79.83 -101.62
CA LYS P 946 -104.44 80.18 -103.02
C LYS P 946 -103.89 79.00 -103.83
N ALA P 947 -103.42 77.95 -103.15
CA ALA P 947 -102.97 76.76 -103.87
C ALA P 947 -104.12 76.11 -104.62
N GLU P 948 -105.33 76.15 -104.04
CA GLU P 948 -106.49 75.63 -104.74
C GLU P 948 -106.67 76.30 -106.09
N ASP P 949 -106.59 77.63 -106.13
CA ASP P 949 -106.73 78.35 -107.40
C ASP P 949 -105.54 78.08 -108.31
N ASN P 950 -104.34 78.01 -107.75
CA ASN P 950 -103.15 77.77 -108.56
C ASN P 950 -103.24 76.43 -109.27
N LEU P 951 -103.75 75.41 -108.59
CA LEU P 951 -103.85 74.08 -109.19
C LEU P 951 -104.73 74.12 -110.42
N LYS P 952 -104.32 73.39 -111.46
CA LYS P 952 -105.04 73.35 -112.73
C LYS P 952 -105.06 71.93 -113.25
N LYS P 953 -106.03 71.65 -114.13
CA LYS P 953 -106.12 70.37 -114.80
C LYS P 953 -105.36 70.41 -116.12
N THR P 954 -104.94 69.23 -116.57
CA THR P 954 -104.12 69.10 -117.77
C THR P 954 -105.00 68.79 -118.97
N LYS P 955 -104.80 69.56 -120.05
CA LYS P 955 -105.50 69.30 -121.30
C LYS P 955 -105.08 67.95 -121.86
N LEU P 956 -106.05 67.20 -122.39
CA LEU P 956 -105.79 65.86 -122.89
C LEU P 956 -106.17 65.75 -124.37
N PRO P 957 -105.37 65.03 -125.17
CA PRO P 957 -105.75 64.77 -126.55
C PRO P 957 -107.00 63.89 -126.68
N LYS P 958 -107.43 63.75 -127.94
CA LYS P 958 -108.65 63.00 -128.22
C LYS P 958 -108.47 61.51 -127.92
N THR P 959 -107.27 60.97 -128.15
CA THR P 959 -107.05 59.57 -127.84
C THR P 959 -107.36 59.28 -126.38
N TYR P 960 -107.00 60.21 -125.49
CA TYR P 960 -107.41 60.10 -124.09
C TYR P 960 -108.89 60.41 -123.92
N MET P 961 -109.43 61.31 -124.76
CA MET P 961 -110.88 61.47 -124.80
C MET P 961 -111.51 60.13 -125.19
N MET P 962 -112.55 59.74 -124.46
CA MET P 962 -113.02 58.37 -124.48
C MET P 962 -114.34 58.30 -125.26
N SER P 963 -114.79 57.09 -125.60
CA SER P 963 -116.02 56.94 -126.36
C SER P 963 -117.19 57.59 -125.65
N ASN P 964 -117.11 57.73 -124.33
CA ASN P 964 -118.16 58.43 -123.59
C ASN P 964 -118.35 59.84 -124.11
N GLY P 965 -117.25 60.54 -124.42
CA GLY P 965 -117.28 61.83 -125.08
C GLY P 965 -116.57 62.94 -124.32
N TYR P 966 -116.69 62.96 -123.00
CA TYR P 966 -116.11 64.05 -122.23
C TYR P 966 -114.59 63.91 -122.19
N LYS P 967 -113.91 65.02 -121.85
CA LYS P 967 -112.47 65.02 -121.75
C LYS P 967 -112.06 64.93 -120.29
N PRO P 968 -111.34 63.88 -119.87
CA PRO P 968 -110.91 63.81 -118.47
C PRO P 968 -110.02 64.98 -118.11
N ALA P 969 -110.08 65.38 -116.84
CA ALA P 969 -109.37 66.55 -116.33
C ALA P 969 -108.60 66.17 -115.08
N PRO P 970 -107.52 65.41 -115.21
CA PRO P 970 -106.67 65.11 -114.05
C PRO P 970 -105.97 66.35 -113.55
N LEU P 971 -105.72 66.38 -112.25
CA LEU P 971 -105.11 67.54 -111.59
C LEU P 971 -103.59 67.48 -111.73
N ASP P 972 -102.99 68.63 -112.01
CA ASP P 972 -101.54 68.74 -112.14
C ASP P 972 -100.93 68.93 -110.77
N LEU P 973 -99.89 68.14 -110.45
CA LEU P 973 -99.26 68.17 -109.13
C LEU P 973 -97.74 68.08 -109.23
N SER P 974 -97.15 68.55 -110.33
CA SER P 974 -95.70 68.44 -110.49
C SER P 974 -94.93 69.28 -109.47
N HIS P 975 -95.52 70.40 -109.05
CA HIS P 975 -94.79 71.28 -108.13
C HIS P 975 -94.51 70.60 -106.80
N VAL P 976 -95.42 69.75 -106.33
CA VAL P 976 -95.28 69.13 -105.02
C VAL P 976 -94.18 68.08 -105.07
N ARG P 977 -93.53 67.87 -103.92
CA ARG P 977 -92.52 66.83 -103.77
C ARG P 977 -92.65 66.19 -102.39
N LEU P 978 -92.44 64.87 -102.34
CA LEU P 978 -92.65 64.11 -101.12
C LEU P 978 -91.34 63.97 -100.36
N THR P 979 -91.43 63.82 -99.04
CA THR P 979 -90.26 63.51 -98.24
C THR P 979 -90.30 62.05 -97.80
N PRO P 980 -89.15 61.46 -97.45
CA PRO P 980 -89.17 60.06 -97.01
C PRO P 980 -90.17 59.82 -95.88
N ALA P 981 -90.50 60.85 -95.11
CA ALA P 981 -91.54 60.70 -94.10
C ALA P 981 -92.88 60.34 -94.75
N GLN P 982 -93.29 61.07 -95.79
CA GLN P 982 -94.54 60.70 -96.45
C GLN P 982 -94.37 59.41 -97.24
N THR P 983 -93.15 59.07 -97.64
CA THR P 983 -92.96 57.78 -98.29
C THR P 983 -93.32 56.63 -97.35
N THR P 984 -92.73 56.64 -96.15
CA THR P 984 -93.06 55.60 -95.17
C THR P 984 -94.52 55.70 -94.75
N LEU P 985 -95.06 56.92 -94.70
CA LEU P 985 -96.47 57.09 -94.37
C LEU P 985 -97.36 56.43 -95.42
N VAL P 986 -97.02 56.59 -96.70
CA VAL P 986 -97.79 55.96 -97.78
C VAL P 986 -97.66 54.46 -97.69
N ASP P 987 -96.46 53.96 -97.38
CA ASP P 987 -96.30 52.53 -97.16
C ASP P 987 -97.25 52.03 -96.07
N ARG P 988 -97.30 52.74 -94.94
CA ARG P 988 -98.16 52.31 -93.84
C ARG P 988 -99.64 52.41 -94.23
N LEU P 989 -100.02 53.46 -94.95
CA LEU P 989 -101.40 53.60 -95.38
C LEU P 989 -101.82 52.48 -96.31
N ALA P 990 -100.96 52.12 -97.27
CA ALA P 990 -101.26 51.00 -98.14
C ALA P 990 -101.35 49.70 -97.36
N GLU P 991 -100.45 49.49 -96.40
CA GLU P 991 -100.53 48.30 -95.56
C GLU P 991 -101.87 48.24 -94.84
N ASN P 992 -102.29 49.35 -94.24
CA ASN P 992 -103.55 49.36 -93.50
C ASN P 992 -104.73 49.11 -94.43
N GLY P 993 -104.73 49.73 -95.60
CA GLY P 993 -105.84 49.52 -96.53
C GLY P 993 -105.94 48.08 -96.99
N HIS P 994 -104.82 47.49 -97.38
CA HIS P 994 -104.82 46.11 -97.81
C HIS P 994 -105.24 45.19 -96.67
N ASN P 995 -104.79 45.48 -95.45
CA ASN P 995 -105.17 44.65 -94.31
C ASN P 995 -106.66 44.74 -94.05
N VAL P 996 -107.25 45.94 -94.18
CA VAL P 996 -108.69 46.08 -94.00
C VAL P 996 -109.43 45.26 -95.07
N TRP P 997 -108.99 45.38 -96.32
CA TRP P 997 -109.65 44.63 -97.39
C TRP P 997 -109.55 43.14 -97.15
N ALA P 998 -108.37 42.66 -96.75
CA ALA P 998 -108.18 41.23 -96.51
C ALA P 998 -109.03 40.76 -95.35
N ARG P 999 -109.11 41.57 -94.29
CA ARG P 999 -109.94 41.20 -93.14
C ARG P 999 -111.40 41.09 -93.55
N ASP P 1000 -111.90 42.04 -94.35
CA ASP P 1000 -113.28 41.96 -94.81
C ASP P 1000 -113.49 40.73 -95.68
N ARG P 1001 -112.56 40.43 -96.58
CA ARG P 1001 -112.70 39.25 -97.43
C ARG P 1001 -112.70 37.97 -96.61
N VAL P 1002 -111.84 37.90 -95.60
CA VAL P 1002 -111.81 36.72 -94.73
C VAL P 1002 -113.13 36.59 -93.99
N ALA P 1003 -113.66 37.71 -93.47
CA ALA P 1003 -114.96 37.68 -92.81
C ALA P 1003 -116.02 37.14 -93.77
N GLN P 1004 -115.96 37.54 -95.04
CA GLN P 1004 -116.85 36.95 -96.03
C GLN P 1004 -116.64 35.44 -96.15
N GLY P 1005 -115.37 35.00 -96.16
CA GLY P 1005 -115.06 33.59 -96.21
C GLY P 1005 -114.02 33.22 -97.25
N TRP P 1006 -113.39 34.22 -97.85
CA TRP P 1006 -112.40 33.96 -98.88
C TRP P 1006 -111.12 33.39 -98.28
N SER P 1007 -110.31 32.77 -99.13
CA SER P 1007 -109.05 32.18 -98.71
C SER P 1007 -107.98 32.47 -99.75
N TYR P 1008 -106.76 32.00 -99.47
CA TYR P 1008 -105.61 32.24 -100.33
C TYR P 1008 -105.33 31.03 -101.21
N SER P 1009 -104.93 31.29 -102.45
CA SER P 1009 -104.53 30.25 -103.38
C SER P 1009 -103.63 30.88 -104.44
N ALA P 1010 -102.50 30.21 -104.72
CA ALA P 1010 -101.61 30.71 -105.76
C ALA P 1010 -102.33 30.80 -107.09
N VAL P 1011 -103.27 29.89 -107.33
CA VAL P 1011 -104.12 29.94 -108.52
C VAL P 1011 -105.45 30.57 -108.13
N GLN P 1012 -105.88 31.55 -108.94
CA GLN P 1012 -107.08 32.33 -108.65
C GLN P 1012 -108.31 31.52 -109.02
N ASP P 1013 -109.30 31.51 -108.13
CA ASP P 1013 -110.53 30.75 -108.31
C ASP P 1013 -111.67 31.50 -107.66
N ILE P 1014 -112.49 32.15 -108.48
CA ILE P 1014 -113.56 33.02 -107.97
C ILE P 1014 -114.72 32.17 -107.45
N PRO P 1015 -115.16 31.15 -108.19
CA PRO P 1015 -116.25 30.31 -107.65
C PRO P 1015 -115.94 29.72 -106.29
N ALA P 1016 -114.68 29.41 -106.02
CA ALA P 1016 -114.27 28.82 -104.75
C ALA P 1016 -113.79 29.86 -103.76
N ARG P 1017 -114.03 31.15 -104.03
CA ARG P 1017 -113.63 32.24 -103.14
C ARG P 1017 -112.16 32.08 -102.71
N ARG P 1018 -111.28 32.01 -103.70
CA ARG P 1018 -109.85 31.91 -103.50
C ARG P 1018 -109.18 33.04 -104.27
N ASN P 1019 -108.30 33.78 -103.59
CA ASN P 1019 -107.68 34.96 -104.17
C ASN P 1019 -106.18 34.91 -103.97
N PRO P 1020 -105.37 35.09 -105.03
CA PRO P 1020 -103.91 35.18 -104.82
C PRO P 1020 -103.49 36.33 -103.94
N ARG P 1021 -104.22 37.45 -103.95
CA ARG P 1021 -103.83 38.63 -103.20
C ARG P 1021 -104.28 38.60 -101.75
N LEU P 1022 -105.14 37.65 -101.36
CA LEU P 1022 -105.69 37.62 -100.01
C LEU P 1022 -104.62 37.14 -99.03
N VAL P 1023 -103.69 38.05 -98.74
CA VAL P 1023 -102.59 37.80 -97.81
C VAL P 1023 -102.25 39.09 -97.12
N PRO P 1024 -101.75 39.03 -95.88
CA PRO P 1024 -101.32 40.25 -95.21
C PRO P 1024 -100.26 40.99 -96.02
N TYR P 1025 -100.32 42.32 -95.94
CA TYR P 1025 -99.57 43.16 -96.87
C TYR P 1025 -98.10 42.79 -96.93
N ARG P 1026 -97.48 42.56 -95.78
CA ARG P 1026 -96.03 42.35 -95.75
C ARG P 1026 -95.60 41.21 -96.66
N LEU P 1027 -96.47 40.21 -96.87
CA LEU P 1027 -96.11 39.02 -97.61
C LEU P 1027 -96.45 39.10 -99.09
N LEU P 1028 -96.96 40.23 -99.56
CA LEU P 1028 -97.30 40.37 -100.98
C LEU P 1028 -96.03 40.51 -101.81
N ASP P 1029 -96.18 40.23 -103.12
CA ASP P 1029 -95.10 40.47 -104.05
C ASP P 1029 -94.88 41.96 -104.24
N GLU P 1030 -93.68 42.32 -104.70
CA GLU P 1030 -93.30 43.72 -104.78
C GLU P 1030 -94.22 44.49 -105.74
N ALA P 1031 -94.57 43.87 -106.88
CA ALA P 1031 -95.34 44.58 -107.88
C ALA P 1031 -96.68 45.06 -107.33
N THR P 1032 -97.43 44.18 -106.67
CA THR P 1032 -98.71 44.57 -106.10
C THR P 1032 -98.51 45.63 -105.02
N LYS P 1033 -97.49 45.47 -104.18
CA LYS P 1033 -97.18 46.48 -103.18
C LYS P 1033 -96.89 47.82 -103.84
N ARG P 1034 -96.11 47.80 -104.93
CA ARG P 1034 -95.79 49.04 -105.63
C ARG P 1034 -97.05 49.70 -106.17
N SER P 1035 -97.94 48.93 -106.79
CA SER P 1035 -99.16 49.49 -107.33
C SER P 1035 -100.02 50.12 -106.23
N ASN P 1036 -100.22 49.39 -105.13
CA ASN P 1036 -101.03 49.88 -104.04
C ASN P 1036 -100.41 51.08 -103.34
N ARG P 1037 -99.08 51.17 -103.26
CA ARG P 1037 -98.41 52.32 -102.70
C ARG P 1037 -98.46 53.54 -103.61
N ASP P 1038 -98.37 53.34 -104.93
CA ASP P 1038 -98.49 54.43 -105.88
C ASP P 1038 -99.90 55.00 -105.91
N SER P 1039 -100.91 54.13 -105.81
CA SER P 1039 -102.29 54.62 -105.81
C SER P 1039 -102.53 55.58 -104.64
N LEU P 1040 -102.00 55.25 -103.46
CA LEU P 1040 -102.17 56.13 -102.30
C LEU P 1040 -101.18 57.28 -102.33
N CYS P 1041 -100.02 57.07 -102.95
CA CYS P 1041 -99.06 58.16 -103.10
C CYS P 1041 -99.67 59.29 -103.94
N GLN P 1042 -100.41 58.94 -104.99
CA GLN P 1042 -101.09 59.96 -105.77
C GLN P 1042 -102.09 60.75 -104.92
N ALA P 1043 -102.82 60.06 -104.05
CA ALA P 1043 -103.81 60.73 -103.21
C ALA P 1043 -103.16 61.67 -102.21
N VAL P 1044 -102.08 61.22 -101.56
CA VAL P 1044 -101.38 62.10 -100.63
C VAL P 1044 -100.77 63.27 -101.37
N ARG P 1045 -100.34 63.04 -102.62
CA ARG P 1045 -99.92 64.14 -103.48
C ARG P 1045 -101.05 65.12 -103.70
N THR P 1046 -102.26 64.62 -103.97
CA THR P 1046 -103.40 65.51 -104.13
C THR P 1046 -103.59 66.39 -102.90
N LEU P 1047 -103.58 65.75 -101.72
CA LEU P 1047 -103.80 66.49 -100.49
C LEU P 1047 -102.72 67.55 -100.27
N LEU P 1048 -101.45 67.17 -100.42
CA LEU P 1048 -100.37 68.13 -100.19
C LEU P 1048 -100.40 69.26 -101.21
N GLY P 1049 -100.71 68.95 -102.47
CA GLY P 1049 -100.85 70.00 -103.46
C GLY P 1049 -101.97 70.95 -103.15
N TYR P 1050 -103.09 70.43 -102.65
CA TYR P 1050 -104.11 71.30 -102.09
C TYR P 1050 -103.54 72.11 -100.94
N GLY P 1051 -102.48 71.60 -100.31
CA GLY P 1051 -101.68 72.40 -99.40
C GLY P 1051 -101.75 71.91 -97.97
N TYR P 1052 -102.85 71.23 -97.64
CA TYR P 1052 -103.13 70.89 -96.26
C TYR P 1052 -101.98 70.06 -95.71
N ASN P 1053 -101.25 70.62 -94.75
CA ASN P 1053 -99.95 70.07 -94.36
C ASN P 1053 -100.15 68.85 -93.46
N ILE P 1054 -99.57 67.72 -93.86
CA ILE P 1054 -99.68 66.50 -93.07
C ILE P 1054 -98.46 66.37 -92.17
N GLU P 1055 -98.70 66.02 -90.90
CA GLU P 1055 -97.63 65.86 -89.92
C GLU P 1055 -97.43 64.38 -89.63
N PRO P 1056 -96.39 63.73 -90.19
CA PRO P 1056 -96.07 62.30 -89.84
C PRO P 1056 -95.91 62.12 -88.34
N PRO P 1057 -96.71 61.25 -87.72
CA PRO P 1057 -96.44 60.89 -86.32
C PRO P 1057 -95.03 60.32 -86.15
N ASP P 1058 -94.43 60.63 -85.01
CA ASP P 1058 -93.15 60.02 -84.66
C ASP P 1058 -93.36 58.53 -84.37
N GLN P 1059 -92.41 57.71 -84.80
CA GLN P 1059 -92.52 56.26 -84.63
C GLN P 1059 -91.63 55.83 -83.47
N GLU P 1060 -92.19 55.02 -82.57
CA GLU P 1060 -91.47 54.56 -81.39
C GLU P 1060 -91.11 53.09 -81.60
N PRO P 1061 -89.83 52.75 -81.79
CA PRO P 1061 -89.49 51.32 -81.98
C PRO P 1061 -89.78 50.51 -80.74
N SER P 1062 -90.09 49.23 -80.97
CA SER P 1062 -90.38 48.28 -79.90
C SER P 1062 -89.60 47.00 -80.15
N GLN P 1063 -89.30 46.28 -79.08
CA GLN P 1063 -88.49 45.07 -79.12
C GLN P 1063 -89.38 43.85 -79.03
N VAL P 1064 -89.27 42.95 -80.01
CA VAL P 1064 -90.03 41.71 -79.98
C VAL P 1064 -89.51 40.78 -78.88
N ASP P 1065 -88.18 40.76 -78.69
CA ASP P 1065 -87.54 39.89 -77.70
C ASP P 1065 -88.10 38.48 -77.75
N SER P 1066 -88.25 37.95 -78.98
CA SER P 1066 -88.75 36.59 -79.15
C SER P 1066 -87.80 35.58 -78.50
N GLN P 1067 -86.50 35.76 -78.68
CA GLN P 1067 -85.50 34.85 -78.15
C GLN P 1067 -84.31 35.66 -77.65
N SER P 1068 -83.57 35.06 -76.71
CA SER P 1068 -82.32 35.67 -76.25
C SER P 1068 -81.33 35.75 -77.40
N ARG P 1069 -80.43 36.74 -77.34
CA ARG P 1069 -79.53 37.00 -78.45
C ARG P 1069 -78.49 35.90 -78.60
N GLY P 1070 -77.93 35.43 -77.48
CA GLY P 1070 -76.96 34.35 -77.57
C GLY P 1070 -77.55 33.07 -78.13
N ASP P 1071 -78.77 32.73 -77.71
CA ASP P 1071 -79.46 31.59 -78.28
C ASP P 1071 -79.85 31.85 -79.73
N ARG P 1072 -80.07 33.12 -80.07
CA ARG P 1072 -80.51 33.48 -81.41
C ARG P 1072 -79.37 33.33 -82.42
N ALA P 1073 -78.14 33.60 -81.98
CA ALA P 1073 -76.98 33.51 -82.87
C ALA P 1073 -76.25 32.19 -82.65
N ARG P 1074 -76.14 31.40 -83.71
CA ARG P 1074 -75.32 30.18 -83.66
C ARG P 1074 -73.86 30.56 -83.48
N ILE P 1075 -73.12 29.71 -82.77
CA ILE P 1075 -71.68 29.85 -82.58
C ILE P 1075 -71.02 28.59 -83.07
N PHE P 1076 -70.11 28.71 -84.04
CA PHE P 1076 -69.29 27.61 -84.53
C PHE P 1076 -67.85 27.86 -84.10
N ARG P 1077 -67.27 26.92 -83.37
CA ARG P 1077 -65.90 27.04 -82.91
C ARG P 1077 -65.12 25.79 -83.27
N ALA P 1078 -63.80 25.91 -83.30
CA ALA P 1078 -62.96 24.74 -83.46
C ALA P 1078 -63.01 23.89 -82.19
N GLU P 1079 -62.66 22.61 -82.34
CA GLU P 1079 -62.72 21.71 -81.20
C GLU P 1079 -61.69 22.11 -80.15
N LYS P 1080 -61.99 21.76 -78.89
CA LYS P 1080 -61.13 22.18 -77.80
C LYS P 1080 -59.71 21.64 -77.96
N SER P 1081 -59.56 20.46 -78.57
CA SER P 1081 -58.24 19.86 -78.70
C SER P 1081 -57.31 20.68 -79.59
N TYR P 1082 -57.85 21.54 -80.44
CA TYR P 1082 -57.05 22.33 -81.37
C TYR P 1082 -56.54 23.63 -80.77
N ALA P 1083 -56.83 23.91 -79.49
CA ALA P 1083 -56.44 25.18 -78.90
C ALA P 1083 -54.94 25.39 -79.01
N VAL P 1084 -54.55 26.59 -79.43
CA VAL P 1084 -53.15 26.95 -79.62
C VAL P 1084 -52.71 27.81 -78.46
N GLN P 1085 -51.57 27.46 -77.84
CA GLN P 1085 -51.03 28.19 -76.71
C GLN P 1085 -49.76 28.97 -77.05
N SER P 1086 -49.32 28.94 -78.30
CA SER P 1086 -48.12 29.67 -78.69
C SER P 1086 -48.07 29.79 -80.20
N GLY P 1087 -47.33 30.79 -80.68
CA GLY P 1087 -47.09 30.95 -82.10
C GLY P 1087 -47.92 32.05 -82.73
N ARG P 1088 -47.78 32.14 -84.04
CA ARG P 1088 -48.53 33.07 -84.87
C ARG P 1088 -49.44 32.29 -85.79
N TRP P 1089 -50.74 32.56 -85.73
CA TRP P 1089 -51.74 31.80 -86.47
C TRP P 1089 -52.66 32.74 -87.22
N TYR P 1090 -53.20 32.24 -88.32
CA TYR P 1090 -53.98 33.03 -89.28
C TYR P 1090 -55.12 32.18 -89.85
N PHE P 1091 -56.26 32.82 -90.07
CA PHE P 1091 -57.36 32.17 -90.78
C PHE P 1091 -58.27 33.22 -91.38
N GLU P 1092 -59.22 32.79 -92.21
CA GLU P 1092 -60.04 33.70 -92.99
C GLU P 1092 -61.52 33.40 -92.79
N PHE P 1093 -62.35 34.42 -92.92
CA PHE P 1093 -63.79 34.31 -92.81
C PHE P 1093 -64.44 35.19 -93.87
N GLU P 1094 -65.01 34.57 -94.90
CA GLU P 1094 -65.71 35.30 -95.95
C GLU P 1094 -67.17 35.46 -95.55
N ALA P 1095 -67.66 36.70 -95.58
CA ALA P 1095 -69.03 37.00 -95.16
C ALA P 1095 -69.92 37.06 -96.39
N VAL P 1096 -70.68 35.99 -96.64
CA VAL P 1096 -71.53 35.98 -97.83
C VAL P 1096 -72.64 37.00 -97.70
N THR P 1097 -73.18 37.16 -96.50
CA THR P 1097 -74.18 38.18 -96.19
C THR P 1097 -73.53 39.33 -95.44
N THR P 1098 -74.29 40.42 -95.32
CA THR P 1098 -73.80 41.63 -94.68
C THR P 1098 -74.50 41.91 -93.34
N GLY P 1099 -75.04 40.88 -92.70
CA GLY P 1099 -75.78 41.04 -91.46
C GLY P 1099 -74.90 40.89 -90.24
N GLU P 1100 -75.52 40.38 -89.18
CA GLU P 1100 -74.86 40.25 -87.88
C GLU P 1100 -73.97 39.01 -87.90
N MET P 1101 -72.67 39.21 -87.88
CA MET P 1101 -71.72 38.10 -87.77
C MET P 1101 -70.47 38.58 -87.05
N ARG P 1102 -69.98 37.74 -86.15
CA ARG P 1102 -68.78 38.01 -85.38
C ARG P 1102 -67.76 36.92 -85.67
N VAL P 1103 -66.49 37.29 -85.78
CA VAL P 1103 -65.44 36.33 -86.08
C VAL P 1103 -64.21 36.67 -85.24
N GLY P 1104 -63.57 35.66 -84.68
CA GLY P 1104 -62.37 35.91 -83.90
C GLY P 1104 -61.89 34.65 -83.21
N TRP P 1105 -61.29 34.84 -82.04
CA TRP P 1105 -60.69 33.76 -81.25
C TRP P 1105 -61.40 33.67 -79.92
N ALA P 1106 -61.66 32.45 -79.46
CA ALA P 1106 -62.33 32.20 -78.19
C ALA P 1106 -61.55 31.17 -77.39
N ARG P 1107 -61.62 31.31 -76.06
CA ARG P 1107 -60.97 30.37 -75.19
C ARG P 1107 -61.72 29.04 -75.20
N PRO P 1108 -61.06 27.94 -74.81
CA PRO P 1108 -61.71 26.63 -74.91
C PRO P 1108 -63.00 26.51 -74.12
N GLU P 1109 -63.14 27.24 -73.01
CA GLU P 1109 -64.30 27.13 -72.14
C GLU P 1109 -65.40 28.12 -72.52
N LEU P 1110 -65.48 28.51 -73.78
CA LEU P 1110 -66.51 29.44 -74.23
C LEU P 1110 -67.89 28.87 -73.94
N ARG P 1111 -68.78 29.73 -73.41
CA ARG P 1111 -70.14 29.32 -73.07
C ARG P 1111 -71.06 29.50 -74.26
N PRO P 1112 -71.92 28.54 -74.57
CA PRO P 1112 -72.81 28.70 -75.74
C PRO P 1112 -73.92 29.71 -75.52
N ASP P 1113 -74.34 29.90 -74.27
CA ASP P 1113 -75.47 30.80 -74.00
C ASP P 1113 -75.09 32.26 -74.21
N VAL P 1114 -73.83 32.62 -73.93
CA VAL P 1114 -73.43 34.01 -73.93
C VAL P 1114 -73.07 34.46 -75.34
N GLU P 1115 -73.41 35.70 -75.68
CA GLU P 1115 -72.98 36.29 -76.93
C GLU P 1115 -71.46 36.36 -76.99
N LEU P 1116 -70.92 36.16 -78.19
CA LEU P 1116 -69.47 36.25 -78.35
C LEU P 1116 -68.99 37.64 -77.96
N GLY P 1117 -67.97 37.67 -77.09
CA GLY P 1117 -67.34 38.91 -76.71
C GLY P 1117 -68.02 39.66 -75.58
N ALA P 1118 -69.24 39.28 -75.22
CA ALA P 1118 -69.93 39.87 -74.08
C ALA P 1118 -69.29 39.50 -72.76
N ASP P 1119 -68.39 38.52 -72.77
CA ASP P 1119 -67.66 38.10 -71.58
C ASP P 1119 -66.17 38.11 -71.88
N ASP P 1120 -65.38 37.57 -70.94
CA ASP P 1120 -63.94 37.58 -71.08
C ASP P 1120 -63.41 36.37 -71.84
N LEU P 1121 -64.30 35.50 -72.34
CA LEU P 1121 -63.86 34.27 -72.97
C LEU P 1121 -63.71 34.38 -74.48
N ALA P 1122 -63.89 35.56 -75.07
CA ALA P 1122 -63.80 35.68 -76.51
C ALA P 1122 -63.33 37.07 -76.90
N TYR P 1123 -62.49 37.11 -77.94
CA TYR P 1123 -62.07 38.34 -78.60
C TYR P 1123 -62.51 38.23 -80.06
N VAL P 1124 -63.51 39.03 -80.45
CA VAL P 1124 -64.08 38.90 -81.79
C VAL P 1124 -64.28 40.28 -82.42
N PHE P 1125 -64.54 40.27 -83.71
CA PHE P 1125 -64.81 41.46 -84.51
C PHE P 1125 -66.18 41.32 -85.14
N ASN P 1126 -66.98 42.39 -85.04
CA ASN P 1126 -68.31 42.46 -85.63
C ASN P 1126 -68.32 43.57 -86.67
N GLY P 1127 -68.71 43.23 -87.89
CA GLY P 1127 -68.64 44.19 -88.98
C GLY P 1127 -69.96 44.57 -89.60
N HIS P 1128 -71.09 44.18 -88.98
CA HIS P 1128 -72.34 44.84 -89.33
C HIS P 1128 -72.23 46.33 -89.07
N ARG P 1129 -71.71 46.69 -87.90
CA ARG P 1129 -71.17 48.01 -87.62
C ARG P 1129 -69.84 47.80 -86.93
N GLY P 1130 -68.78 48.42 -87.47
CA GLY P 1130 -67.44 48.16 -87.00
C GLY P 1130 -67.31 48.17 -85.49
N GLN P 1131 -67.00 47.01 -84.91
CA GLN P 1131 -66.90 46.88 -83.46
C GLN P 1131 -65.92 45.77 -83.10
N ARG P 1132 -65.22 45.96 -81.99
CA ARG P 1132 -64.44 44.90 -81.35
C ARG P 1132 -65.18 44.48 -80.09
N TRP P 1133 -65.32 43.18 -79.90
CA TRP P 1133 -66.07 42.63 -78.77
C TRP P 1133 -65.14 41.82 -77.88
N HIS P 1134 -64.97 42.30 -76.64
CA HIS P 1134 -64.37 41.54 -75.55
C HIS P 1134 -64.79 42.23 -74.26
N LEU P 1135 -65.58 41.55 -73.44
CA LEU P 1135 -66.12 42.17 -72.22
C LEU P 1135 -66.85 43.47 -72.55
N GLY P 1136 -67.58 43.47 -73.66
CA GLY P 1136 -68.31 44.63 -74.12
C GLY P 1136 -67.97 44.94 -75.56
N SER P 1137 -68.39 46.11 -76.01
CA SER P 1137 -68.19 46.53 -77.38
C SER P 1137 -67.42 47.85 -77.42
N GLU P 1138 -66.70 48.06 -78.52
CA GLU P 1138 -65.99 49.30 -78.80
C GLU P 1138 -65.90 49.45 -80.32
N PRO P 1139 -66.13 50.64 -80.85
CA PRO P 1139 -66.02 50.83 -82.31
C PRO P 1139 -64.61 50.50 -82.79
N PHE P 1140 -64.53 49.86 -83.95
CA PHE P 1140 -63.25 49.46 -84.52
C PHE P 1140 -63.45 48.99 -85.94
N GLY P 1141 -62.52 49.33 -86.82
CA GLY P 1141 -62.61 48.91 -88.19
C GLY P 1141 -63.77 49.57 -88.91
N ARG P 1142 -64.17 48.95 -90.01
CA ARG P 1142 -65.30 49.38 -90.83
C ARG P 1142 -66.14 48.17 -91.19
N PRO P 1143 -67.42 48.37 -91.47
CA PRO P 1143 -68.26 47.23 -91.87
C PRO P 1143 -67.81 46.68 -93.21
N TRP P 1144 -68.02 45.37 -93.40
CA TRP P 1144 -67.72 44.72 -94.67
C TRP P 1144 -68.89 44.87 -95.63
N GLN P 1145 -68.60 44.71 -96.92
CA GLN P 1145 -69.62 44.48 -97.93
C GLN P 1145 -69.75 42.98 -98.18
N SER P 1146 -70.77 42.61 -98.96
CA SER P 1146 -70.98 41.20 -99.26
C SER P 1146 -69.77 40.64 -100.00
N GLY P 1147 -69.34 39.45 -99.59
CA GLY P 1147 -68.22 38.77 -100.21
C GLY P 1147 -66.86 39.15 -99.65
N ASP P 1148 -66.79 40.05 -98.68
CA ASP P 1148 -65.51 40.48 -98.12
C ASP P 1148 -64.96 39.44 -97.16
N VAL P 1149 -63.64 39.42 -97.04
CA VAL P 1149 -62.92 38.43 -96.25
C VAL P 1149 -62.28 39.12 -95.06
N VAL P 1150 -62.53 38.59 -93.87
CA VAL P 1150 -61.88 39.04 -92.65
C VAL P 1150 -60.82 38.03 -92.28
N GLY P 1151 -59.55 38.44 -92.33
CA GLY P 1151 -58.44 37.62 -91.90
C GLY P 1151 -58.12 37.91 -90.46
N CYS P 1152 -58.21 36.88 -89.63
CA CYS P 1152 -57.94 36.96 -88.20
C CYS P 1152 -56.56 36.39 -87.94
N MET P 1153 -55.76 37.14 -87.17
CA MET P 1153 -54.39 36.78 -86.83
C MET P 1153 -54.24 36.84 -85.32
N ILE P 1154 -53.62 35.81 -84.75
CA ILE P 1154 -53.27 35.79 -83.33
C ILE P 1154 -51.78 35.60 -83.20
N ASP P 1155 -51.12 36.52 -82.50
CA ASP P 1155 -49.70 36.43 -82.18
C ASP P 1155 -49.59 36.21 -80.67
N LEU P 1156 -49.26 34.98 -80.27
CA LEU P 1156 -49.19 34.63 -78.86
C LEU P 1156 -47.82 34.89 -78.26
N THR P 1157 -46.81 35.18 -79.10
CA THR P 1157 -45.54 35.68 -78.60
C THR P 1157 -45.62 37.14 -78.21
N GLU P 1158 -46.41 37.93 -78.93
CA GLU P 1158 -46.66 39.33 -78.61
C GLU P 1158 -47.96 39.53 -77.86
N ASN P 1159 -48.81 38.50 -77.76
CA ASN P 1159 -50.09 38.60 -77.08
C ASN P 1159 -50.96 39.68 -77.71
N THR P 1160 -51.26 39.49 -78.99
CA THR P 1160 -52.03 40.47 -79.75
C THR P 1160 -52.91 39.76 -80.77
N ILE P 1161 -53.94 40.47 -81.22
CA ILE P 1161 -54.88 40.00 -82.23
C ILE P 1161 -55.01 41.09 -83.29
N ILE P 1162 -54.96 40.68 -84.56
CA ILE P 1162 -55.03 41.59 -85.69
C ILE P 1162 -56.14 41.15 -86.62
N PHE P 1163 -56.86 42.12 -87.17
CA PHE P 1163 -57.92 41.87 -88.13
C PHE P 1163 -57.61 42.61 -89.43
N THR P 1164 -57.86 41.95 -90.56
CA THR P 1164 -57.58 42.52 -91.88
C THR P 1164 -58.80 42.32 -92.76
N LEU P 1165 -59.35 43.42 -93.29
CA LEU P 1165 -60.49 43.35 -94.19
C LEU P 1165 -60.01 43.52 -95.62
N ASN P 1166 -60.22 42.49 -96.44
CA ASN P 1166 -59.78 42.50 -97.84
C ASN P 1166 -58.28 42.74 -97.94
N GLY P 1167 -57.52 42.18 -96.99
CA GLY P 1167 -56.08 42.20 -97.05
C GLY P 1167 -55.41 43.39 -96.42
N GLU P 1168 -56.16 44.42 -96.02
CA GLU P 1168 -55.59 45.61 -95.39
C GLU P 1168 -55.99 45.63 -93.93
N VAL P 1169 -55.04 45.99 -93.05
CA VAL P 1169 -55.27 45.92 -91.61
C VAL P 1169 -56.36 46.91 -91.24
N LEU P 1170 -57.36 46.43 -90.49
CA LEU P 1170 -58.33 47.33 -89.87
C LEU P 1170 -57.64 48.11 -88.75
N MET P 1171 -57.92 49.40 -88.70
CA MET P 1171 -57.21 50.31 -87.82
C MET P 1171 -58.18 50.93 -86.83
N SER P 1172 -57.78 50.93 -85.56
CA SER P 1172 -58.64 51.43 -84.50
C SER P 1172 -58.86 52.93 -84.64
N ASP P 1173 -59.91 53.43 -83.98
CA ASP P 1173 -60.18 54.85 -84.01
C ASP P 1173 -59.00 55.64 -83.43
N SER P 1174 -58.42 55.14 -82.33
CA SER P 1174 -57.23 55.78 -81.78
C SER P 1174 -56.04 55.61 -82.70
N GLY P 1175 -56.08 54.64 -83.60
CA GLY P 1175 -55.01 54.43 -84.56
C GLY P 1175 -54.11 53.24 -84.28
N SER P 1176 -54.49 52.34 -83.38
CA SER P 1176 -53.68 51.16 -83.07
C SER P 1176 -54.01 50.05 -84.05
N GLU P 1177 -52.97 49.45 -84.65
CA GLU P 1177 -53.19 48.39 -85.63
C GLU P 1177 -53.79 47.15 -84.97
N THR P 1178 -53.27 46.75 -83.82
CA THR P 1178 -53.70 45.52 -83.17
C THR P 1178 -54.97 45.77 -82.38
N ALA P 1179 -56.00 44.96 -82.66
CA ALA P 1179 -57.32 45.17 -82.05
C ALA P 1179 -57.27 44.99 -80.54
N PHE P 1180 -56.58 43.97 -80.06
CA PHE P 1180 -56.49 43.68 -78.63
C PHE P 1180 -55.03 43.53 -78.22
N ARG P 1181 -54.74 43.91 -76.99
CA ARG P 1181 -53.38 43.91 -76.46
C ARG P 1181 -53.34 43.16 -75.13
N ASP P 1182 -52.13 42.73 -74.75
CA ASP P 1182 -51.89 42.10 -73.47
C ASP P 1182 -52.79 40.88 -73.26
N ILE P 1183 -52.83 40.02 -74.28
CA ILE P 1183 -53.63 38.80 -74.18
C ILE P 1183 -52.95 37.83 -73.22
N GLU P 1184 -53.77 37.15 -72.41
CA GLU P 1184 -53.29 36.11 -71.51
C GLU P 1184 -53.49 34.76 -72.17
N ILE P 1185 -52.39 34.03 -72.36
CA ILE P 1185 -52.46 32.77 -73.12
C ILE P 1185 -53.41 31.80 -72.45
N GLY P 1186 -53.24 31.58 -71.15
CA GLY P 1186 -54.12 30.68 -70.42
C GLY P 1186 -54.16 29.28 -71.01
N ASP P 1187 -55.36 28.82 -71.37
CA ASP P 1187 -55.55 27.49 -71.92
C ASP P 1187 -55.46 27.45 -73.44
N GLY P 1188 -55.17 28.57 -74.09
CA GLY P 1188 -55.11 28.64 -75.53
C GLY P 1188 -56.28 29.37 -76.13
N PHE P 1189 -56.31 29.39 -77.46
CA PHE P 1189 -57.34 30.07 -78.22
C PHE P 1189 -57.81 29.19 -79.38
N LEU P 1190 -59.05 29.42 -79.81
CA LEU P 1190 -59.69 28.62 -80.84
C LEU P 1190 -60.40 29.54 -81.82
N PRO P 1191 -60.35 29.24 -83.12
CA PRO P 1191 -61.17 30.00 -84.07
C PRO P 1191 -62.64 29.85 -83.76
N VAL P 1192 -63.38 30.95 -83.90
CA VAL P 1192 -64.80 30.99 -83.59
C VAL P 1192 -65.50 32.02 -84.48
N CYS P 1193 -66.75 31.73 -84.81
CA CYS P 1193 -67.58 32.63 -85.59
C CYS P 1193 -69.04 32.46 -85.16
N SER P 1194 -69.70 33.57 -84.85
CA SER P 1194 -71.11 33.58 -84.53
C SER P 1194 -71.88 34.21 -85.69
N LEU P 1195 -72.95 33.54 -86.11
CA LEU P 1195 -73.77 33.96 -87.23
C LEU P 1195 -75.18 34.24 -86.72
N GLY P 1196 -75.74 35.40 -87.08
CA GLY P 1196 -77.09 35.72 -86.70
C GLY P 1196 -78.10 35.05 -87.61
N PRO P 1197 -79.38 35.30 -87.32
CA PRO P 1197 -80.43 34.67 -88.12
C PRO P 1197 -80.34 35.09 -89.58
N GLY P 1198 -80.31 34.09 -90.47
CA GLY P 1198 -80.30 34.35 -91.89
C GLY P 1198 -78.96 34.72 -92.48
N GLN P 1199 -77.87 34.58 -91.74
CA GLN P 1199 -76.54 34.98 -92.19
C GLN P 1199 -75.79 33.76 -92.71
N VAL P 1200 -74.82 34.01 -93.58
CA VAL P 1200 -74.01 32.95 -94.19
C VAL P 1200 -72.54 33.37 -94.16
N GLY P 1201 -71.70 32.47 -93.66
CA GLY P 1201 -70.28 32.70 -93.63
C GLY P 1201 -69.53 31.52 -94.22
N HIS P 1202 -68.24 31.74 -94.46
CA HIS P 1202 -67.36 30.70 -94.98
C HIS P 1202 -66.04 30.78 -94.22
N LEU P 1203 -65.78 29.79 -93.38
CA LEU P 1203 -64.59 29.75 -92.55
C LEU P 1203 -63.51 28.96 -93.27
N ASN P 1204 -62.39 29.61 -93.57
CA ASN P 1204 -61.23 28.98 -94.17
C ASN P 1204 -60.13 28.91 -93.12
N LEU P 1205 -59.89 27.72 -92.59
CA LEU P 1205 -58.87 27.50 -91.57
C LEU P 1205 -57.49 27.30 -92.15
N GLY P 1206 -57.35 27.33 -93.47
CA GLY P 1206 -56.04 27.30 -94.10
C GLY P 1206 -55.45 25.94 -94.34
N GLN P 1207 -56.27 24.89 -94.40
CA GLN P 1207 -55.73 23.57 -94.72
C GLN P 1207 -55.10 23.56 -96.12
N ASP P 1208 -55.76 24.21 -97.08
CA ASP P 1208 -55.23 24.38 -98.43
C ASP P 1208 -54.76 25.83 -98.52
N VAL P 1209 -53.44 26.02 -98.40
CA VAL P 1209 -52.89 27.37 -98.36
C VAL P 1209 -53.21 28.14 -99.65
N SER P 1210 -53.40 27.42 -100.76
CA SER P 1210 -53.75 28.08 -102.00
C SER P 1210 -55.18 28.61 -102.00
N SER P 1211 -56.03 28.10 -101.11
CA SER P 1211 -57.42 28.57 -101.05
C SER P 1211 -57.50 29.98 -100.47
N LEU P 1212 -56.63 30.30 -99.51
CA LEU P 1212 -56.64 31.62 -98.90
C LEU P 1212 -56.43 32.69 -99.96
N ARG P 1213 -57.24 33.74 -99.90
CA ARG P 1213 -57.26 34.77 -100.93
C ARG P 1213 -56.56 36.07 -100.51
N PHE P 1214 -56.10 36.17 -99.26
CA PHE P 1214 -55.41 37.36 -98.80
C PHE P 1214 -54.22 37.03 -97.90
N PHE P 1215 -53.92 35.75 -97.69
CA PHE P 1215 -52.78 35.40 -96.84
C PHE P 1215 -51.47 35.93 -97.42
N ALA P 1216 -51.30 35.81 -98.74
CA ALA P 1216 -50.08 36.30 -99.37
C ALA P 1216 -49.95 37.81 -99.20
N ILE P 1217 -51.04 38.54 -99.40
CA ILE P 1217 -50.99 40.00 -99.31
C ILE P 1217 -50.67 40.42 -97.88
N CYS P 1218 -51.33 39.80 -96.90
CA CYS P 1218 -51.12 40.16 -95.51
C CYS P 1218 -51.11 38.91 -94.65
N GLY P 1219 -49.99 38.65 -93.98
CA GLY P 1219 -49.89 37.55 -93.04
C GLY P 1219 -48.70 36.65 -93.29
N LEU P 1220 -48.40 36.38 -94.56
CA LEU P 1220 -47.29 35.48 -94.88
C LEU P 1220 -45.95 36.10 -94.55
N GLN P 1221 -45.74 37.35 -94.97
CA GLN P 1221 -44.46 38.00 -94.74
C GLN P 1221 -44.26 38.31 -93.26
N GLU P 1222 -45.34 38.60 -92.53
CA GLU P 1222 -45.24 38.86 -91.11
C GLU P 1222 -44.87 37.63 -90.30
N GLY P 1223 -44.90 36.44 -90.92
CA GLY P 1223 -44.53 35.22 -90.24
C GLY P 1223 -45.70 34.42 -89.70
N PHE P 1224 -46.93 34.79 -90.04
CA PHE P 1224 -48.09 34.06 -89.54
C PHE P 1224 -48.28 32.77 -90.32
N GLU P 1225 -48.84 31.77 -89.64
CA GLU P 1225 -49.03 30.44 -90.20
C GLU P 1225 -50.52 30.10 -90.25
N PRO P 1226 -51.00 29.52 -91.35
CA PRO P 1226 -52.41 29.12 -91.39
C PRO P 1226 -52.73 28.14 -90.27
N PHE P 1227 -53.94 28.25 -89.73
CA PHE P 1227 -54.27 27.52 -88.51
C PHE P 1227 -54.16 26.01 -88.72
N ALA P 1228 -54.65 25.51 -89.86
CA ALA P 1228 -54.69 24.08 -90.13
C ALA P 1228 -53.76 23.71 -91.29
N ILE P 1229 -52.61 24.37 -91.38
CA ILE P 1229 -51.73 24.19 -92.53
C ILE P 1229 -51.22 22.75 -92.62
N ASN P 1230 -50.79 22.17 -91.49
CA ASN P 1230 -50.18 20.85 -91.51
C ASN P 1230 -51.10 19.81 -90.87
N MET P 1231 -52.41 19.94 -91.10
CA MET P 1231 -53.38 18.95 -90.67
C MET P 1231 -53.69 18.05 -91.86
N GLN P 1232 -53.59 16.75 -91.65
CA GLN P 1232 -53.86 15.81 -92.73
C GLN P 1232 -55.36 15.61 -92.93
N ARG P 1233 -56.17 16.07 -91.97
CA ARG P 1233 -57.62 15.98 -92.06
C ARG P 1233 -58.27 17.31 -91.72
N PRO P 1234 -59.49 17.56 -92.17
CA PRO P 1234 -60.16 18.82 -91.84
C PRO P 1234 -60.38 18.97 -90.35
N VAL P 1235 -60.37 20.23 -89.90
CA VAL P 1235 -60.52 20.52 -88.48
C VAL P 1235 -61.97 20.29 -88.07
N THR P 1236 -62.16 19.56 -86.96
CA THR P 1236 -63.49 19.32 -86.44
C THR P 1236 -64.05 20.60 -85.83
N THR P 1237 -65.36 20.75 -85.89
CA THR P 1237 -66.03 21.94 -85.39
C THR P 1237 -67.16 21.54 -84.43
N TRP P 1238 -67.50 22.47 -83.54
CA TRP P 1238 -68.61 22.32 -82.62
C TRP P 1238 -69.51 23.55 -82.73
N PHE P 1239 -70.80 23.31 -82.84
CA PHE P 1239 -71.78 24.39 -82.99
C PHE P 1239 -72.74 24.39 -81.81
N SER P 1240 -73.26 25.58 -81.50
CA SER P 1240 -74.13 25.78 -80.35
C SER P 1240 -75.54 25.35 -80.73
N LYS P 1241 -75.86 24.07 -80.51
CA LYS P 1241 -77.20 23.58 -80.78
C LYS P 1241 -78.19 24.22 -79.81
N SER P 1242 -79.33 24.65 -80.34
CA SER P 1242 -80.33 25.40 -79.59
C SER P 1242 -81.42 24.52 -78.99
N LEU P 1243 -81.26 23.21 -79.03
CA LEU P 1243 -82.28 22.33 -78.48
C LEU P 1243 -82.12 22.27 -76.96
N PRO P 1244 -83.12 22.73 -76.19
CA PRO P 1244 -82.96 22.71 -74.72
C PRO P 1244 -82.78 21.31 -74.18
N GLN P 1245 -81.93 21.18 -73.17
CA GLN P 1245 -81.64 19.89 -72.54
C GLN P 1245 -81.52 20.06 -71.04
N PHE P 1246 -81.86 18.99 -70.31
CA PHE P 1246 -81.74 19.02 -68.86
C PHE P 1246 -80.31 18.71 -68.44
N GLU P 1247 -79.74 19.57 -67.60
CA GLU P 1247 -78.39 19.40 -67.10
C GLU P 1247 -78.38 19.69 -65.61
N PRO P 1248 -77.46 19.06 -64.87
CA PRO P 1248 -77.45 19.27 -63.41
C PRO P 1248 -77.27 20.74 -63.07
N VAL P 1249 -77.93 21.16 -61.99
CA VAL P 1249 -77.83 22.56 -61.58
C VAL P 1249 -76.39 22.85 -61.18
N PRO P 1250 -75.73 23.85 -61.77
CA PRO P 1250 -74.33 24.11 -61.40
C PRO P 1250 -74.20 24.42 -59.92
N LEU P 1251 -73.11 23.90 -59.33
CA LEU P 1251 -72.90 24.08 -57.89
C LEU P 1251 -72.70 25.56 -57.56
N GLU P 1252 -72.11 26.32 -58.48
CA GLU P 1252 -71.81 27.73 -58.26
C GLU P 1252 -72.79 28.64 -58.97
N HIS P 1253 -73.98 28.15 -59.31
CA HIS P 1253 -74.93 28.94 -60.06
C HIS P 1253 -75.24 30.23 -59.29
N PRO P 1254 -75.18 31.40 -59.94
CA PRO P 1254 -75.32 32.66 -59.19
C PRO P 1254 -76.65 32.81 -58.49
N HIS P 1255 -77.75 32.27 -59.05
CA HIS P 1255 -79.08 32.56 -58.54
C HIS P 1255 -79.77 31.37 -57.87
N TYR P 1256 -79.53 30.15 -58.32
CA TYR P 1256 -80.28 28.98 -57.87
C TYR P 1256 -79.39 28.08 -57.01
N GLU P 1257 -79.91 27.69 -55.84
CA GLU P 1257 -79.22 26.79 -54.94
C GLU P 1257 -80.12 25.60 -54.61
N VAL P 1258 -79.54 24.41 -54.64
CA VAL P 1258 -80.25 23.18 -54.30
C VAL P 1258 -79.58 22.60 -53.06
N ALA P 1259 -80.38 22.32 -52.04
CA ALA P 1259 -79.90 21.82 -50.75
C ALA P 1259 -80.51 20.46 -50.49
N ARG P 1260 -79.66 19.49 -50.15
CA ARG P 1260 -80.10 18.14 -49.83
C ARG P 1260 -80.29 18.03 -48.32
N MET P 1261 -81.52 17.77 -47.89
CA MET P 1261 -81.86 17.67 -46.48
C MET P 1261 -82.12 16.21 -46.13
N ASP P 1262 -81.53 15.75 -45.02
CA ASP P 1262 -81.70 14.38 -44.60
C ASP P 1262 -83.11 14.16 -44.07
N GLY P 1263 -83.48 12.89 -43.96
CA GLY P 1263 -84.81 12.53 -43.48
C GLY P 1263 -84.86 12.38 -41.96
N THR P 1264 -85.64 13.25 -41.31
CA THR P 1264 -85.79 13.21 -39.87
C THR P 1264 -86.95 12.27 -39.51
N VAL P 1265 -87.31 12.24 -38.23
CA VAL P 1265 -88.39 11.37 -37.78
C VAL P 1265 -89.71 11.78 -38.43
N ASP P 1266 -89.98 13.07 -38.51
CA ASP P 1266 -91.24 13.58 -39.02
C ASP P 1266 -91.14 14.11 -40.44
N THR P 1267 -89.97 14.05 -41.07
CA THR P 1267 -89.81 14.52 -42.43
C THR P 1267 -89.06 13.50 -43.28
N PRO P 1268 -89.39 13.38 -44.56
CA PRO P 1268 -88.63 12.49 -45.44
C PRO P 1268 -87.41 13.20 -46.00
N PRO P 1269 -86.62 12.51 -46.84
CA PRO P 1269 -85.56 13.22 -47.57
C PRO P 1269 -86.15 14.28 -48.48
N CYS P 1270 -85.44 15.39 -48.62
CA CYS P 1270 -85.93 16.52 -49.39
C CYS P 1270 -84.80 17.13 -50.22
N LEU P 1271 -85.20 17.67 -51.37
CA LEU P 1271 -84.32 18.48 -52.22
C LEU P 1271 -84.99 19.82 -52.40
N ARG P 1272 -84.45 20.85 -51.75
CA ARG P 1272 -85.08 22.16 -51.68
C ARG P 1272 -84.37 23.11 -52.64
N LEU P 1273 -85.15 23.93 -53.35
CA LEU P 1273 -84.61 24.97 -54.21
C LEU P 1273 -84.79 26.32 -53.54
N THR P 1274 -83.74 27.14 -53.55
CA THR P 1274 -83.78 28.48 -53.00
C THR P 1274 -83.19 29.46 -54.01
N HIS P 1275 -83.75 30.66 -54.06
CA HIS P 1275 -83.30 31.71 -54.96
C HIS P 1275 -82.28 32.57 -54.23
N ARG P 1276 -81.01 32.44 -54.60
CA ARG P 1276 -79.94 33.12 -53.87
C ARG P 1276 -80.14 34.64 -53.89
N THR P 1277 -80.39 35.21 -55.06
CA THR P 1277 -80.38 36.66 -55.25
C THR P 1277 -81.78 37.23 -55.40
N TRP P 1278 -82.78 36.59 -54.81
CA TRP P 1278 -84.15 37.09 -54.92
C TRP P 1278 -84.30 38.40 -54.14
N GLY P 1279 -85.13 39.29 -54.67
CA GLY P 1279 -85.40 40.55 -53.99
C GLY P 1279 -84.17 41.44 -53.87
N SER P 1280 -83.38 41.54 -54.93
CA SER P 1280 -82.19 42.37 -54.93
C SER P 1280 -81.92 42.83 -56.36
N GLN P 1281 -81.11 43.88 -56.47
CA GLN P 1281 -80.72 44.37 -57.79
C GLN P 1281 -79.97 43.29 -58.55
N ASN P 1282 -80.19 43.24 -59.86
CA ASN P 1282 -79.67 42.26 -60.82
C ASN P 1282 -80.29 40.88 -60.62
N SER P 1283 -81.30 40.75 -59.76
CA SER P 1283 -81.95 39.46 -59.55
C SER P 1283 -82.54 38.95 -60.85
N LEU P 1284 -82.41 37.65 -61.08
CA LEU P 1284 -82.93 37.00 -62.27
C LEU P 1284 -84.21 36.26 -61.90
N VAL P 1285 -85.29 36.57 -62.61
CA VAL P 1285 -86.59 35.94 -62.38
C VAL P 1285 -87.11 35.50 -63.74
N GLU P 1286 -87.10 34.19 -63.98
CA GLU P 1286 -87.62 33.62 -65.21
C GLU P 1286 -88.13 32.21 -64.93
N MET P 1287 -88.91 31.69 -65.86
CA MET P 1287 -89.47 30.36 -65.69
C MET P 1287 -88.34 29.34 -65.53
N LEU P 1288 -88.53 28.40 -64.62
CA LEU P 1288 -87.53 27.40 -64.29
C LEU P 1288 -88.14 26.01 -64.45
N PHE P 1289 -87.48 25.16 -65.23
CA PHE P 1289 -87.92 23.81 -65.49
C PHE P 1289 -86.94 22.85 -64.83
N LEU P 1290 -87.43 22.05 -63.88
CA LEU P 1290 -86.59 21.18 -63.06
C LEU P 1290 -87.09 19.75 -63.17
N ARG P 1291 -86.18 18.79 -63.12
CA ARG P 1291 -86.53 17.38 -63.04
C ARG P 1291 -85.53 16.66 -62.16
N LEU P 1292 -85.95 15.50 -61.65
CA LEU P 1292 -85.02 14.62 -60.94
C LEU P 1292 -84.28 13.76 -61.94
N SER P 1293 -82.99 13.54 -61.68
CA SER P 1293 -82.11 12.97 -62.70
C SER P 1293 -82.57 11.58 -63.14
N LEU P 1294 -83.19 10.82 -62.24
CA LEU P 1294 -83.48 9.43 -62.60
C LEU P 1294 -84.97 9.26 -62.91
N PRO P 1295 -85.31 8.40 -63.88
CA PRO P 1295 -86.73 8.17 -64.19
C PRO P 1295 -87.33 6.97 -63.46
N VAL P 1296 -88.65 6.84 -63.55
CA VAL P 1296 -89.37 5.64 -63.17
C VAL P 1296 -89.93 5.02 -64.44
N GLN P 1297 -89.74 3.72 -64.60
CA GLN P 1297 -90.14 3.00 -65.81
C GLN P 1297 -91.33 2.10 -65.50
N PHE P 1298 -92.37 2.21 -66.31
CA PHE P 1298 -93.55 1.38 -66.13
C PHE P 1298 -93.29 -0.05 -66.62
N HIS P 1299 -94.03 -0.99 -66.05
CA HIS P 1299 -93.79 -2.40 -66.32
C HIS P 1299 -94.06 -2.73 -67.78
N GLN P 1300 -93.40 -3.78 -68.28
CA GLN P 1300 -93.55 -4.17 -69.67
C GLN P 1300 -94.98 -4.58 -69.97
N HIS P 1301 -95.61 -5.33 -69.07
CA HIS P 1301 -96.98 -5.80 -69.25
C HIS P 1301 -97.85 -5.25 -68.13
N PHE P 1302 -99.03 -4.78 -68.48
CA PHE P 1302 -99.98 -4.23 -67.52
C PHE P 1302 -100.94 -5.32 -67.05
N ARG P 1303 -101.35 -5.22 -65.79
CA ARG P 1303 -102.32 -6.14 -65.25
C ARG P 1303 -103.68 -5.96 -65.94
N CYS P 1304 -104.50 -7.00 -65.87
CA CYS P 1304 -105.82 -7.01 -66.49
C CYS P 1304 -106.88 -6.86 -65.40
N THR P 1305 -107.76 -5.90 -65.58
CA THR P 1305 -108.84 -5.60 -64.63
C THR P 1305 -108.39 -5.76 -63.19
N ASP P 1420 -100.60 3.54 -35.55
CA ASP P 1420 -101.20 4.59 -36.36
C ASP P 1420 -100.40 4.82 -37.64
N ASN P 1421 -101.09 4.77 -38.78
CA ASN P 1421 -100.46 4.99 -40.07
C ASN P 1421 -99.29 4.03 -40.29
N ARG P 1422 -99.47 2.78 -39.88
CA ARG P 1422 -98.46 1.74 -40.06
C ARG P 1422 -98.80 0.93 -41.30
N ASP P 1423 -97.82 0.77 -42.18
CA ASP P 1423 -98.04 0.05 -43.43
C ASP P 1423 -98.29 -1.43 -43.18
N ASP P 1424 -99.18 -2.01 -43.97
CA ASP P 1424 -99.44 -3.44 -43.89
C ASP P 1424 -98.28 -4.19 -44.57
N PRO P 1425 -97.74 -5.24 -43.96
CA PRO P 1425 -96.59 -5.92 -44.58
C PRO P 1425 -96.88 -6.46 -45.97
N GLU P 1426 -97.91 -7.29 -46.12
CA GLU P 1426 -98.19 -7.89 -47.42
C GLU P 1426 -98.52 -6.82 -48.46
N ILE P 1427 -99.30 -5.82 -48.07
CA ILE P 1427 -99.68 -4.78 -49.03
C ILE P 1427 -98.46 -4.00 -49.50
N ILE P 1428 -97.60 -3.60 -48.55
CA ILE P 1428 -96.46 -2.76 -48.92
C ILE P 1428 -95.46 -3.57 -49.73
N LEU P 1429 -95.31 -4.86 -49.43
CA LEU P 1429 -94.41 -5.70 -50.22
C LEU P 1429 -94.99 -6.11 -51.57
N ASN P 1430 -96.31 -6.02 -51.76
CA ASN P 1430 -96.92 -6.42 -53.02
C ASN P 1430 -97.50 -5.24 -53.80
N THR P 1431 -97.27 -4.01 -53.38
CA THR P 1431 -97.81 -2.86 -54.08
C THR P 1431 -96.94 -2.47 -55.26
N THR P 1432 -97.56 -1.85 -56.27
CA THR P 1432 -96.87 -1.32 -57.43
C THR P 1432 -97.13 0.17 -57.61
N THR P 1433 -97.59 0.85 -56.56
CA THR P 1433 -97.85 2.28 -56.60
C THR P 1433 -96.74 3.01 -55.87
N TYR P 1434 -96.21 4.07 -56.49
CA TYR P 1434 -95.12 4.85 -55.94
C TYR P 1434 -95.51 6.32 -55.89
N TYR P 1435 -95.00 7.02 -54.88
CA TYR P 1435 -95.47 8.35 -54.52
C TYR P 1435 -94.29 9.28 -54.29
N TYR P 1436 -94.50 10.56 -54.63
CA TYR P 1436 -93.55 11.60 -54.23
C TYR P 1436 -94.31 12.92 -54.17
N SER P 1437 -93.88 13.82 -53.29
CA SER P 1437 -94.62 15.06 -53.11
C SER P 1437 -93.72 16.25 -53.41
N VAL P 1438 -94.35 17.39 -53.64
CA VAL P 1438 -93.68 18.67 -53.84
C VAL P 1438 -94.31 19.66 -52.88
N ARG P 1439 -93.48 20.26 -52.02
CA ARG P 1439 -93.92 21.32 -51.12
C ARG P 1439 -93.58 22.65 -51.75
N VAL P 1440 -94.61 23.43 -52.08
CA VAL P 1440 -94.45 24.80 -52.55
C VAL P 1440 -94.57 25.71 -51.35
N PHE P 1441 -93.51 26.46 -51.06
CA PHE P 1441 -93.43 27.19 -49.80
C PHE P 1441 -94.36 28.40 -49.81
N ALA P 1442 -94.74 28.82 -48.61
CA ALA P 1442 -95.55 30.03 -48.46
C ALA P 1442 -94.77 31.24 -48.96
N GLY P 1443 -95.48 32.13 -49.66
CA GLY P 1443 -94.87 33.22 -50.37
C GLY P 1443 -94.57 32.93 -51.83
N GLN P 1444 -94.53 31.66 -52.20
CA GLN P 1444 -94.42 31.24 -53.59
C GLN P 1444 -95.83 31.00 -54.12
N GLU P 1445 -96.20 31.70 -55.19
CA GLU P 1445 -97.56 31.65 -55.67
C GLU P 1445 -97.89 30.27 -56.22
N PRO P 1446 -98.92 29.59 -55.72
CA PRO P 1446 -99.31 28.31 -56.33
C PRO P 1446 -99.73 28.44 -57.78
N SER P 1447 -100.15 29.64 -58.19
CA SER P 1447 -100.52 29.86 -59.58
C SER P 1447 -99.32 29.87 -60.51
N CYS P 1448 -98.10 29.87 -59.98
CA CYS P 1448 -96.88 29.94 -60.76
C CYS P 1448 -96.06 28.65 -60.70
N VAL P 1449 -96.66 27.54 -60.29
CA VAL P 1449 -95.96 26.27 -60.14
C VAL P 1449 -96.77 25.17 -60.81
N TRP P 1450 -96.10 24.34 -61.60
CA TRP P 1450 -96.68 23.15 -62.20
C TRP P 1450 -95.91 21.94 -61.72
N VAL P 1451 -96.62 20.93 -61.22
CA VAL P 1451 -96.01 19.76 -60.60
C VAL P 1451 -96.50 18.52 -61.35
N GLY P 1452 -95.58 17.62 -61.69
CA GLY P 1452 -95.93 16.38 -62.34
C GLY P 1452 -94.74 15.62 -62.87
N TRP P 1453 -94.88 15.08 -64.09
CA TRP P 1453 -93.87 14.22 -64.69
C TRP P 1453 -93.58 14.67 -66.11
N VAL P 1454 -92.39 14.33 -66.60
CA VAL P 1454 -91.97 14.63 -67.97
C VAL P 1454 -91.27 13.41 -68.53
N THR P 1455 -91.55 13.12 -69.80
CA THR P 1455 -90.90 12.03 -70.51
C THR P 1455 -89.51 12.47 -70.97
N PRO P 1456 -88.67 11.53 -71.41
CA PRO P 1456 -87.29 11.90 -71.78
C PRO P 1456 -87.20 12.94 -72.88
N ASP P 1457 -88.24 13.09 -73.71
CA ASP P 1457 -88.18 13.94 -74.89
C ASP P 1457 -88.84 15.30 -74.68
N TYR P 1458 -88.74 15.87 -73.47
CA TYR P 1458 -89.22 17.21 -73.22
C TYR P 1458 -88.11 18.21 -73.52
N HIS P 1459 -88.39 19.19 -74.38
CA HIS P 1459 -87.41 20.18 -74.79
C HIS P 1459 -87.98 21.59 -74.92
N GLN P 1460 -89.06 21.91 -74.20
CA GLN P 1460 -89.72 23.20 -74.34
C GLN P 1460 -89.19 24.14 -73.26
N HIS P 1461 -88.36 25.10 -73.69
CA HIS P 1461 -87.88 26.17 -72.80
C HIS P 1461 -88.73 27.41 -73.05
N ASP P 1462 -90.00 27.31 -72.68
CA ASP P 1462 -90.97 28.35 -72.93
C ASP P 1462 -91.01 29.32 -71.75
N MET P 1463 -90.59 30.57 -71.99
CA MET P 1463 -90.60 31.58 -70.93
C MET P 1463 -92.01 31.91 -70.47
N SER P 1464 -93.02 31.64 -71.28
CA SER P 1464 -94.42 31.83 -70.91
C SER P 1464 -95.12 30.48 -71.03
N PHE P 1465 -95.07 29.70 -69.95
CA PHE P 1465 -95.53 28.31 -69.98
C PHE P 1465 -96.87 28.19 -69.28
N ASP P 1466 -97.80 27.48 -69.93
CA ASP P 1466 -99.05 27.06 -69.32
C ASP P 1466 -99.41 25.69 -69.88
N LEU P 1467 -100.36 25.03 -69.21
CA LEU P 1467 -100.67 23.66 -69.59
C LEU P 1467 -101.21 23.54 -71.00
N SER P 1468 -101.65 24.65 -71.60
CA SER P 1468 -102.09 24.60 -72.99
C SER P 1468 -100.91 24.45 -73.95
N LYS P 1469 -99.71 24.83 -73.50
CA LYS P 1469 -98.54 24.74 -74.37
C LYS P 1469 -98.07 23.29 -74.53
N VAL P 1470 -98.37 22.44 -73.55
CA VAL P 1470 -97.87 21.07 -73.52
C VAL P 1470 -98.26 20.34 -74.81
N ARG P 1471 -97.31 19.60 -75.38
CA ARG P 1471 -97.60 18.80 -76.56
C ARG P 1471 -98.57 17.67 -76.22
N ALA P 1472 -99.38 17.29 -77.20
CA ALA P 1472 -100.32 16.19 -77.02
C ALA P 1472 -100.93 15.84 -78.36
N VAL P 1473 -101.12 14.55 -78.62
CA VAL P 1473 -101.77 14.09 -79.84
C VAL P 1473 -102.41 12.74 -79.57
N THR P 1474 -103.54 12.49 -80.24
CA THR P 1474 -104.28 11.24 -80.10
C THR P 1474 -104.14 10.45 -81.40
N VAL P 1475 -103.71 9.20 -81.27
CA VAL P 1475 -103.63 8.27 -82.38
C VAL P 1475 -104.86 7.36 -82.27
N THR P 1476 -105.68 7.36 -83.31
CA THR P 1476 -106.90 6.56 -83.33
C THR P 1476 -106.78 5.47 -84.38
N MET P 1477 -107.01 4.22 -83.96
CA MET P 1477 -106.96 3.05 -84.82
C MET P 1477 -108.33 2.40 -84.84
N GLY P 1478 -108.80 2.06 -86.04
CA GLY P 1478 -110.08 1.41 -86.21
C GLY P 1478 -110.07 0.49 -87.41
N ASP P 1479 -111.25 -0.05 -87.71
CA ASP P 1479 -111.42 -0.85 -88.92
C ASP P 1479 -112.02 0.01 -90.04
N GLU P 1480 -112.33 -0.65 -91.15
CA GLU P 1480 -112.82 0.08 -92.32
C GLU P 1480 -114.13 0.81 -92.01
N GLN P 1481 -115.03 0.16 -91.29
CA GLN P 1481 -116.35 0.73 -90.99
C GLN P 1481 -116.34 1.45 -89.63
N GLY P 1482 -115.52 2.50 -89.56
CA GLY P 1482 -115.45 3.26 -88.32
C GLY P 1482 -115.02 2.40 -87.17
N ASN P 1483 -115.86 2.33 -86.14
CA ASN P 1483 -115.69 1.41 -85.02
C ASN P 1483 -114.25 1.44 -84.50
N VAL P 1484 -113.88 2.59 -83.93
CA VAL P 1484 -112.54 2.80 -83.41
C VAL P 1484 -112.15 1.64 -82.51
N HIS P 1485 -111.05 0.96 -82.85
CA HIS P 1485 -110.54 -0.11 -82.01
C HIS P 1485 -109.84 0.44 -80.78
N SER P 1486 -109.05 1.50 -80.95
CA SER P 1486 -108.31 2.07 -79.84
C SER P 1486 -108.05 3.54 -80.12
N SER P 1487 -107.85 4.29 -79.03
CA SER P 1487 -107.49 5.70 -79.09
C SER P 1487 -106.50 5.98 -77.98
N LEU P 1488 -105.28 6.38 -78.36
CA LEU P 1488 -104.20 6.57 -77.41
C LEU P 1488 -103.75 8.02 -77.42
N LYS P 1489 -103.76 8.66 -76.25
CA LYS P 1489 -103.26 10.01 -76.10
C LYS P 1489 -101.82 9.96 -75.64
N CYS P 1490 -100.95 10.70 -76.34
CA CYS P 1490 -99.53 10.74 -76.01
C CYS P 1490 -99.05 12.17 -75.92
N SER P 1491 -98.21 12.43 -74.92
CA SER P 1491 -97.65 13.74 -74.66
C SER P 1491 -96.29 13.56 -74.03
N ASN P 1492 -95.61 14.68 -73.76
CA ASN P 1492 -94.28 14.61 -73.17
C ASN P 1492 -94.28 15.12 -71.73
N CYS P 1493 -95.32 15.86 -71.33
CA CYS P 1493 -95.39 16.45 -70.00
C CYS P 1493 -96.75 16.16 -69.39
N TYR P 1494 -96.75 15.53 -68.22
CA TYR P 1494 -97.97 15.25 -67.45
C TYR P 1494 -97.88 16.04 -66.15
N MET P 1495 -98.76 17.02 -65.99
CA MET P 1495 -98.64 17.94 -64.86
C MET P 1495 -100.00 18.47 -64.47
N VAL P 1496 -100.07 19.01 -63.26
CA VAL P 1496 -101.25 19.69 -62.74
C VAL P 1496 -100.86 21.10 -62.34
N TRP P 1497 -101.65 22.07 -62.76
CA TRP P 1497 -101.38 23.46 -62.41
C TRP P 1497 -101.64 23.68 -60.92
N GLY P 1498 -100.71 24.38 -60.27
CA GLY P 1498 -100.89 24.65 -58.85
C GLY P 1498 -102.03 25.60 -58.57
N GLY P 1499 -102.47 26.35 -59.58
CA GLY P 1499 -103.57 27.27 -59.38
C GLY P 1499 -104.91 26.57 -59.22
N ASP P 1500 -104.99 25.31 -59.62
CA ASP P 1500 -106.24 24.56 -59.47
C ASP P 1500 -106.56 24.33 -58.00
N PHE P 1501 -105.54 24.20 -57.16
CA PHE P 1501 -105.71 23.87 -55.75
C PHE P 1501 -105.74 25.09 -54.85
N VAL P 1502 -105.73 26.30 -55.41
CA VAL P 1502 -105.82 27.51 -54.59
C VAL P 1502 -107.29 27.79 -54.29
N SER P 1503 -107.57 28.13 -53.03
CA SER P 1503 -108.94 28.43 -52.65
C SER P 1503 -109.41 29.67 -53.40
N PRO P 1504 -110.64 29.69 -53.91
CA PRO P 1504 -111.09 30.87 -54.66
C PRO P 1504 -111.02 32.15 -53.85
N GLY P 1505 -111.35 32.10 -52.56
CA GLY P 1505 -111.18 33.27 -51.72
C GLY P 1505 -109.73 33.63 -51.52
N GLN P 1506 -108.86 32.63 -51.42
CA GLN P 1506 -107.44 32.90 -51.24
C GLN P 1506 -106.81 33.46 -52.50
N GLN P 1507 -107.39 33.17 -53.66
CA GLN P 1507 -106.87 33.70 -54.91
C GLN P 1507 -106.84 35.22 -54.86
N GLY P 1508 -105.73 35.80 -55.31
CA GLY P 1508 -105.50 37.22 -55.16
C GLY P 1508 -104.90 37.61 -53.83
N ARG P 1509 -104.58 36.64 -52.97
CA ARG P 1509 -104.01 36.90 -51.66
C ARG P 1509 -102.86 35.92 -51.42
N ILE P 1510 -101.98 36.30 -50.51
CA ILE P 1510 -100.87 35.43 -50.11
C ILE P 1510 -101.33 34.52 -48.99
N SER P 1511 -100.96 33.24 -49.07
CA SER P 1511 -101.39 32.24 -48.12
C SER P 1511 -100.18 31.78 -47.30
N HIS P 1512 -100.34 31.75 -45.98
CA HIS P 1512 -99.25 31.32 -45.12
C HIS P 1512 -99.04 29.81 -45.18
N THR P 1513 -100.05 29.07 -45.65
CA THR P 1513 -99.95 27.62 -45.70
C THR P 1513 -99.14 27.18 -46.91
N ASP P 1514 -98.18 26.29 -46.68
CA ASP P 1514 -97.45 25.66 -47.77
C ASP P 1514 -98.38 24.69 -48.50
N LEU P 1515 -98.18 24.54 -49.80
CA LEU P 1515 -99.05 23.67 -50.61
C LEU P 1515 -98.29 22.39 -50.97
N VAL P 1516 -98.82 21.25 -50.57
CA VAL P 1516 -98.18 19.96 -50.80
C VAL P 1516 -98.97 19.23 -51.87
N ILE P 1517 -98.33 18.99 -53.01
CA ILE P 1517 -98.94 18.28 -54.13
C ILE P 1517 -98.25 16.92 -54.25
N GLY P 1518 -99.00 15.84 -54.07
CA GLY P 1518 -98.45 14.50 -54.13
C GLY P 1518 -98.84 13.79 -55.40
N CYS P 1519 -97.86 13.21 -56.07
CA CYS P 1519 -98.06 12.49 -57.32
C CYS P 1519 -97.87 11.00 -57.07
N LEU P 1520 -98.84 10.21 -57.54
CA LEU P 1520 -98.84 8.76 -57.41
C LEU P 1520 -98.85 8.16 -58.81
N VAL P 1521 -98.05 7.11 -59.02
CA VAL P 1521 -98.01 6.38 -60.28
C VAL P 1521 -98.11 4.89 -59.98
N ASP P 1522 -99.03 4.20 -60.66
CA ASP P 1522 -99.18 2.76 -60.54
C ASP P 1522 -98.45 2.12 -61.72
N LEU P 1523 -97.25 1.61 -61.46
CA LEU P 1523 -96.43 1.08 -62.55
C LEU P 1523 -97.11 -0.10 -63.22
N ALA P 1524 -97.94 -0.84 -62.49
CA ALA P 1524 -98.58 -2.02 -63.05
C ALA P 1524 -99.69 -1.65 -64.02
N THR P 1525 -100.51 -0.65 -63.68
CA THR P 1525 -101.66 -0.28 -64.48
C THR P 1525 -101.44 0.97 -65.31
N GLY P 1526 -100.30 1.64 -65.18
CA GLY P 1526 -100.02 2.80 -65.99
C GLY P 1526 -100.94 3.98 -65.72
N LEU P 1527 -101.36 4.15 -64.48
CA LEU P 1527 -102.29 5.20 -64.09
C LEU P 1527 -101.59 6.18 -63.15
N MET P 1528 -101.74 7.47 -63.44
CA MET P 1528 -101.11 8.53 -62.68
C MET P 1528 -102.19 9.42 -62.07
N THR P 1529 -102.07 9.70 -60.77
CA THR P 1529 -103.04 10.52 -60.06
C THR P 1529 -102.32 11.53 -59.19
N PHE P 1530 -103.05 12.57 -58.79
CA PHE P 1530 -102.50 13.67 -58.00
C PHE P 1530 -103.44 13.99 -56.85
N THR P 1531 -102.86 14.41 -55.72
CA THR P 1531 -103.60 14.76 -54.52
C THR P 1531 -103.04 16.05 -53.95
N ALA P 1532 -103.91 17.03 -53.70
CA ALA P 1532 -103.50 18.33 -53.18
C ALA P 1532 -103.93 18.45 -51.72
N ASN P 1533 -102.96 18.68 -50.84
CA ASN P 1533 -103.21 18.85 -49.41
C ASN P 1533 -104.02 17.68 -48.86
N GLY P 1534 -103.67 16.47 -49.28
CA GLY P 1534 -104.34 15.28 -48.81
C GLY P 1534 -105.74 15.10 -49.34
N LYS P 1535 -106.07 15.75 -50.45
CA LYS P 1535 -107.39 15.64 -51.07
C LYS P 1535 -107.20 15.24 -52.52
N GLU P 1536 -107.91 14.19 -52.94
CA GLU P 1536 -107.71 13.65 -54.28
C GLU P 1536 -108.23 14.62 -55.34
N SER P 1537 -107.41 14.88 -56.34
CA SER P 1537 -107.75 15.81 -57.41
C SER P 1537 -108.29 15.04 -58.62
N ASN P 1538 -109.12 15.72 -59.40
CA ASN P 1538 -109.79 15.06 -60.52
C ASN P 1538 -108.80 14.61 -61.57
N THR P 1539 -107.73 15.38 -61.79
CA THR P 1539 -106.80 15.09 -62.87
C THR P 1539 -106.23 13.68 -62.75
N PHE P 1540 -106.23 12.95 -63.87
CA PHE P 1540 -105.62 11.63 -63.94
C PHE P 1540 -105.06 11.44 -65.34
N PHE P 1541 -104.04 10.59 -65.44
CA PHE P 1541 -103.39 10.33 -66.71
C PHE P 1541 -103.18 8.83 -66.88
N GLN P 1542 -103.12 8.40 -68.14
CA GLN P 1542 -102.86 7.01 -68.50
C GLN P 1542 -101.68 6.97 -69.46
N VAL P 1543 -100.74 6.07 -69.20
CA VAL P 1543 -99.53 5.97 -70.00
C VAL P 1543 -99.36 4.53 -70.47
N GLU P 1544 -98.75 4.36 -71.64
CA GLU P 1544 -98.50 3.04 -72.19
C GLU P 1544 -97.40 2.33 -71.40
N PRO P 1545 -97.34 1.00 -71.50
CA PRO P 1545 -96.26 0.27 -70.80
C PRO P 1545 -94.90 0.65 -71.34
N ASN P 1546 -93.88 0.49 -70.50
CA ASN P 1546 -92.47 0.76 -70.79
C ASN P 1546 -92.17 2.25 -70.79
N THR P 1547 -93.15 3.11 -70.48
CA THR P 1547 -92.91 4.54 -70.46
C THR P 1547 -91.96 4.92 -69.32
N LYS P 1548 -91.06 5.85 -69.60
CA LYS P 1548 -90.15 6.41 -68.61
C LYS P 1548 -90.64 7.81 -68.26
N LEU P 1549 -90.77 8.10 -66.98
CA LEU P 1549 -91.25 9.40 -66.50
C LEU P 1549 -90.29 9.95 -65.47
N PHE P 1550 -89.91 11.22 -65.62
CA PHE P 1550 -89.06 11.90 -64.65
C PHE P 1550 -89.91 12.80 -63.77
N PRO P 1551 -89.78 12.74 -62.44
CA PRO P 1551 -90.43 13.77 -61.61
C PRO P 1551 -89.95 15.14 -62.04
N ALA P 1552 -90.88 16.09 -62.11
CA ALA P 1552 -90.54 17.41 -62.64
C ALA P 1552 -91.41 18.48 -61.99
N VAL P 1553 -90.90 19.70 -62.04
CA VAL P 1553 -91.59 20.88 -61.52
C VAL P 1553 -91.21 22.07 -62.38
N PHE P 1554 -92.22 22.80 -62.86
CA PHE P 1554 -92.02 24.05 -63.59
C PHE P 1554 -92.56 25.17 -62.73
N VAL P 1555 -91.71 26.16 -62.43
CA VAL P 1555 -92.04 27.18 -61.43
C VAL P 1555 -91.50 28.52 -61.90
N LEU P 1556 -92.26 29.57 -61.65
CA LEU P 1556 -91.75 30.93 -61.81
C LEU P 1556 -91.46 31.49 -60.43
N PRO P 1557 -90.19 31.56 -60.00
CA PRO P 1557 -89.91 31.91 -58.60
C PRO P 1557 -90.46 33.29 -58.25
N THR P 1558 -91.05 33.38 -57.06
CA THR P 1558 -91.51 34.65 -56.50
C THR P 1558 -91.16 34.77 -55.02
N HIS P 1559 -90.17 34.02 -54.56
CA HIS P 1559 -89.80 34.00 -53.14
C HIS P 1559 -88.42 33.39 -53.02
N GLN P 1560 -87.77 33.65 -51.88
CA GLN P 1560 -86.45 33.06 -51.65
C GLN P 1560 -86.56 31.56 -51.42
N ASN P 1561 -87.69 31.10 -50.85
CA ASN P 1561 -87.97 29.68 -50.71
C ASN P 1561 -89.09 29.32 -51.69
N VAL P 1562 -88.79 28.43 -52.63
CA VAL P 1562 -89.71 28.18 -53.74
C VAL P 1562 -90.39 26.83 -53.58
N VAL P 1563 -89.62 25.74 -53.72
CA VAL P 1563 -90.17 24.40 -53.79
C VAL P 1563 -89.22 23.40 -53.16
N GLN P 1564 -89.77 22.22 -52.87
CA GLN P 1564 -89.04 21.15 -52.20
C GLN P 1564 -89.57 19.81 -52.69
N PHE P 1565 -88.73 19.06 -53.41
CA PHE P 1565 -89.03 17.67 -53.74
C PHE P 1565 -88.92 16.83 -52.47
N GLU P 1566 -90.05 16.33 -51.98
CA GLU P 1566 -90.08 15.46 -50.82
C GLU P 1566 -90.22 14.03 -51.31
N LEU P 1567 -89.18 13.22 -51.06
CA LEU P 1567 -89.14 11.84 -51.52
C LEU P 1567 -89.61 10.92 -50.39
N GLY P 1568 -90.89 11.12 -50.02
CA GLY P 1568 -91.48 10.36 -48.95
C GLY P 1568 -92.50 9.36 -49.47
N LYS P 1569 -93.10 8.62 -48.55
CA LYS P 1569 -94.10 7.62 -48.89
C LYS P 1569 -95.43 7.94 -48.21
N GLN P 1570 -96.44 7.18 -48.59
CA GLN P 1570 -97.74 7.17 -47.92
C GLN P 1570 -98.01 5.76 -47.41
N LYS P 1571 -99.11 5.59 -46.68
CA LYS P 1571 -99.44 4.27 -46.17
C LYS P 1571 -99.72 3.32 -47.31
N ASN P 1572 -99.09 2.14 -47.26
CA ASN P 1572 -99.28 1.08 -48.24
C ASN P 1572 -98.81 1.51 -49.63
N ILE P 1573 -97.99 2.55 -49.72
CA ILE P 1573 -97.46 3.04 -50.99
C ILE P 1573 -95.96 3.18 -50.85
N MET P 1574 -95.22 2.61 -51.80
CA MET P 1574 -93.77 2.60 -51.72
C MET P 1574 -93.20 3.98 -52.06
N PRO P 1575 -92.00 4.30 -51.58
CA PRO P 1575 -91.36 5.56 -51.96
C PRO P 1575 -90.81 5.49 -53.38
N LEU P 1576 -90.29 6.63 -53.83
CA LEU P 1576 -89.83 6.75 -55.21
C LEU P 1576 -88.48 6.05 -55.40
N SER P 1577 -87.68 5.97 -54.35
CA SER P 1577 -86.38 5.30 -54.44
C SER P 1577 -86.55 3.82 -54.79
N ALA P 1578 -87.59 3.18 -54.25
CA ALA P 1578 -87.84 1.79 -54.56
C ALA P 1578 -88.08 1.60 -56.05
N ALA P 1579 -88.87 2.49 -56.66
CA ALA P 1579 -89.09 2.42 -58.10
C ALA P 1579 -87.80 2.68 -58.86
N MET P 1580 -87.02 3.66 -58.41
CA MET P 1580 -85.85 4.08 -59.19
C MET P 1580 -84.73 3.04 -59.15
N PHE P 1581 -84.50 2.40 -58.01
CA PHE P 1581 -83.33 1.56 -57.81
C PHE P 1581 -83.73 0.10 -57.62
N LEU P 1582 -83.04 -0.80 -58.31
CA LEU P 1582 -83.33 -2.22 -58.22
C LEU P 1582 -83.01 -2.76 -56.83
N SER P 1583 -81.86 -2.38 -56.28
CA SER P 1583 -81.43 -2.96 -55.01
C SER P 1583 -82.40 -2.62 -53.88
N GLU P 1584 -83.08 -1.47 -53.98
CA GLU P 1584 -84.04 -1.02 -52.98
C GLU P 1584 -85.47 -1.26 -53.43
N ARG P 1585 -85.67 -2.21 -54.34
CA ARG P 1585 -87.01 -2.42 -54.91
C ARG P 1585 -88.00 -2.89 -53.86
N LYS P 1586 -87.53 -3.48 -52.76
CA LYS P 1586 -88.40 -3.93 -51.68
C LYS P 1586 -88.09 -3.24 -50.36
N ASN P 1587 -87.49 -2.06 -50.41
CA ASN P 1587 -87.15 -1.32 -49.20
C ASN P 1587 -88.16 -0.18 -49.01
N PRO P 1588 -89.04 -0.25 -48.01
CA PRO P 1588 -90.00 0.86 -47.81
C PRO P 1588 -89.38 2.09 -47.17
N ALA P 1589 -88.09 2.07 -46.84
CA ALA P 1589 -87.46 3.24 -46.24
C ALA P 1589 -87.10 4.25 -47.32
N PRO P 1590 -87.63 5.47 -47.27
CA PRO P 1590 -87.27 6.47 -48.28
C PRO P 1590 -85.77 6.75 -48.27
N GLN P 1591 -85.22 6.97 -49.47
CA GLN P 1591 -83.81 7.25 -49.64
C GLN P 1591 -83.61 8.29 -50.73
N CYS P 1592 -82.48 9.00 -50.66
CA CYS P 1592 -82.09 9.99 -51.66
C CYS P 1592 -80.61 9.80 -51.96
N PRO P 1593 -80.28 8.76 -52.74
CA PRO P 1593 -78.87 8.49 -53.02
C PRO P 1593 -78.21 9.63 -53.77
N PRO P 1594 -76.88 9.66 -53.84
CA PRO P 1594 -76.21 10.77 -54.52
C PRO P 1594 -76.59 10.94 -55.97
N ARG P 1595 -76.92 9.85 -56.67
CA ARG P 1595 -77.28 9.97 -58.08
C ARG P 1595 -78.51 10.83 -58.26
N LEU P 1596 -79.49 10.69 -57.38
CA LEU P 1596 -80.72 11.48 -57.48
C LEU P 1596 -80.42 12.94 -57.19
N GLU P 1597 -80.61 13.80 -58.18
CA GLU P 1597 -80.32 15.22 -58.02
C GLU P 1597 -81.25 16.02 -58.93
N VAL P 1598 -81.25 17.34 -58.71
CA VAL P 1598 -82.09 18.23 -59.49
C VAL P 1598 -81.34 18.67 -60.75
N GLN P 1599 -82.06 18.74 -61.86
CA GLN P 1599 -81.51 19.14 -63.15
C GLN P 1599 -82.41 20.20 -63.76
N MET P 1600 -81.81 21.27 -64.24
CA MET P 1600 -82.54 22.38 -64.82
C MET P 1600 -82.44 22.35 -66.33
N LEU P 1601 -83.46 22.88 -66.99
CA LEU P 1601 -83.46 22.97 -68.45
C LEU P 1601 -82.59 24.13 -68.91
N MET P 1602 -81.58 23.83 -69.72
CA MET P 1602 -80.68 24.81 -70.28
C MET P 1602 -80.97 24.95 -71.77
N PRO P 1603 -81.03 26.17 -72.31
CA PRO P 1603 -81.54 26.34 -73.67
C PRO P 1603 -80.60 25.88 -74.77
N VAL P 1604 -79.30 26.09 -74.60
CA VAL P 1604 -78.32 25.85 -75.66
C VAL P 1604 -77.20 24.98 -75.12
N SER P 1605 -76.61 24.16 -75.99
CA SER P 1605 -75.52 23.28 -75.61
C SER P 1605 -74.64 23.03 -76.82
N TRP P 1606 -73.35 22.80 -76.56
CA TRP P 1606 -72.41 22.49 -77.64
C TRP P 1606 -72.75 21.13 -78.25
N SER P 1607 -72.51 21.01 -79.56
CA SER P 1607 -72.75 19.76 -80.25
C SER P 1607 -71.76 19.64 -81.41
N ARG P 1608 -71.16 18.46 -81.55
CA ARG P 1608 -70.17 18.23 -82.58
C ARG P 1608 -70.81 18.27 -83.97
N MET P 1609 -70.07 18.81 -84.95
CA MET P 1609 -70.52 18.85 -86.34
C MET P 1609 -69.99 17.62 -87.08
N PRO P 1610 -70.85 16.82 -87.71
CA PRO P 1610 -70.34 15.66 -88.45
C PRO P 1610 -69.32 16.07 -89.49
N ASN P 1611 -68.29 15.24 -89.66
CA ASN P 1611 -67.24 15.56 -90.62
C ASN P 1611 -67.71 15.33 -92.04
N HIS P 1612 -68.66 14.42 -92.23
CA HIS P 1612 -69.22 14.13 -93.54
C HIS P 1612 -70.75 14.20 -93.45
N PHE P 1613 -71.37 14.69 -94.52
CA PHE P 1613 -72.80 14.94 -94.56
C PHE P 1613 -73.43 14.21 -95.72
N LEU P 1614 -74.68 13.78 -95.54
CA LEU P 1614 -75.38 13.07 -96.60
C LEU P 1614 -75.56 13.97 -97.81
N GLN P 1615 -75.36 13.40 -99.00
CA GLN P 1615 -75.52 14.10 -100.26
C GLN P 1615 -76.91 13.82 -100.81
N VAL P 1616 -77.76 14.84 -100.83
CA VAL P 1616 -79.14 14.73 -101.28
C VAL P 1616 -79.30 15.58 -102.54
N ASP P 1617 -79.87 14.98 -103.58
CA ASP P 1617 -80.10 15.65 -104.85
C ASP P 1617 -81.60 15.93 -104.98
N THR P 1618 -81.95 17.21 -105.07
CA THR P 1618 -83.33 17.63 -105.26
C THR P 1618 -83.45 18.33 -106.60
N ARG P 1619 -84.38 17.87 -107.43
CA ARG P 1619 -84.52 18.40 -108.78
C ARG P 1619 -85.96 18.27 -109.25
N ARG P 1620 -86.43 19.27 -109.99
CA ARG P 1620 -87.77 19.21 -110.58
C ARG P 1620 -87.73 18.26 -111.77
N ALA P 1621 -88.21 17.03 -111.56
CA ALA P 1621 -88.13 16.03 -112.62
C ALA P 1621 -88.93 16.47 -113.84
N GLY P 1622 -90.12 17.01 -113.63
CA GLY P 1622 -90.94 17.48 -114.73
C GLY P 1622 -92.27 17.97 -114.21
N GLU P 1623 -93.07 18.51 -115.14
CA GLU P 1623 -94.40 18.98 -114.78
C GLU P 1623 -95.28 17.84 -114.31
N ARG P 1624 -95.19 16.68 -114.98
CA ARG P 1624 -95.98 15.51 -114.62
C ARG P 1624 -95.31 14.68 -113.52
N LEU P 1625 -93.98 14.57 -113.57
CA LEU P 1625 -93.28 13.72 -112.61
C LEU P 1625 -93.28 14.35 -111.21
N GLY P 1626 -93.20 15.68 -111.13
CA GLY P 1626 -93.15 16.36 -109.86
C GLY P 1626 -91.73 16.74 -109.48
N TRP P 1627 -91.50 16.82 -108.17
CA TRP P 1627 -90.15 17.08 -107.67
C TRP P 1627 -89.54 15.77 -107.17
N ALA P 1628 -88.23 15.65 -107.30
CA ALA P 1628 -87.54 14.39 -107.03
C ALA P 1628 -86.44 14.60 -106.01
N VAL P 1629 -86.37 13.68 -105.04
CA VAL P 1629 -85.35 13.64 -104.01
C VAL P 1629 -84.63 12.31 -104.16
N GLN P 1630 -83.30 12.36 -104.22
CA GLN P 1630 -82.48 11.17 -104.40
C GLN P 1630 -81.34 11.18 -103.38
N CYS P 1631 -81.10 10.01 -102.77
CA CYS P 1631 -79.99 9.83 -101.84
C CYS P 1631 -79.47 8.42 -101.99
N GLN P 1632 -78.21 8.29 -102.43
CA GLN P 1632 -77.66 6.98 -102.79
C GLN P 1632 -76.37 6.61 -102.08
N GLU P 1633 -75.69 7.55 -101.42
CA GLU P 1633 -74.41 7.26 -100.78
C GLU P 1633 -74.62 7.00 -99.30
N PRO P 1634 -74.32 5.82 -98.78
CA PRO P 1634 -74.59 5.54 -97.36
C PRO P 1634 -73.55 6.18 -96.43
N LEU P 1635 -74.02 6.66 -95.29
CA LEU P 1635 -73.17 7.11 -94.20
C LEU P 1635 -73.66 6.51 -92.91
N MET P 1636 -72.75 6.19 -92.01
CA MET P 1636 -73.09 5.63 -90.71
C MET P 1636 -72.23 6.27 -89.63
N MET P 1637 -72.74 6.25 -88.41
CA MET P 1637 -72.03 6.79 -87.26
C MET P 1637 -72.09 5.81 -86.10
N MET P 1638 -71.10 5.88 -85.23
CA MET P 1638 -71.10 5.09 -84.01
C MET P 1638 -71.73 5.91 -82.89
N ALA P 1639 -72.88 5.45 -82.40
CA ALA P 1639 -73.69 6.21 -81.46
C ALA P 1639 -73.47 5.68 -80.06
N LEU P 1640 -73.16 6.58 -79.13
CA LEU P 1640 -73.09 6.26 -77.71
C LEU P 1640 -74.40 6.69 -77.08
N HIS P 1641 -75.06 5.77 -76.38
CA HIS P 1641 -76.43 5.93 -75.95
C HIS P 1641 -76.52 5.91 -74.43
N ILE P 1642 -76.94 7.03 -73.84
CA ILE P 1642 -77.29 7.08 -72.43
C ILE P 1642 -78.67 6.46 -72.28
N PRO P 1643 -78.79 5.34 -71.56
CA PRO P 1643 -80.10 4.67 -71.48
C PRO P 1643 -81.12 5.37 -70.60
N GLU P 1644 -80.73 5.79 -69.39
CA GLU P 1644 -81.69 6.38 -68.46
C GLU P 1644 -82.27 7.69 -68.97
N GLU P 1645 -81.51 8.45 -69.75
CA GLU P 1645 -82.00 9.63 -70.44
C GLU P 1645 -82.55 9.29 -71.81
N ASN P 1646 -82.39 8.05 -72.26
CA ASN P 1646 -82.91 7.61 -73.55
C ASN P 1646 -82.48 8.55 -74.67
N ARG P 1647 -81.17 8.75 -74.78
CA ARG P 1647 -80.63 9.63 -75.82
C ARG P 1647 -79.31 9.08 -76.32
N CYS P 1648 -78.85 9.61 -77.44
CA CYS P 1648 -77.60 9.17 -78.05
C CYS P 1648 -76.87 10.36 -78.65
N MET P 1649 -75.54 10.22 -78.72
CA MET P 1649 -74.68 11.21 -79.36
C MET P 1649 -73.63 10.47 -80.18
N ASP P 1650 -72.83 11.24 -80.90
CA ASP P 1650 -71.68 10.66 -81.59
C ASP P 1650 -70.60 10.31 -80.58
N ILE P 1651 -70.07 9.08 -80.68
CA ILE P 1651 -69.02 8.66 -79.77
C ILE P 1651 -67.79 9.54 -79.91
N LEU P 1652 -67.67 10.28 -81.02
CA LEU P 1652 -66.58 11.23 -81.17
C LEU P 1652 -66.74 12.44 -80.26
N GLU P 1653 -67.94 12.68 -79.73
CA GLU P 1653 -68.15 13.77 -78.78
C GLU P 1653 -67.40 13.53 -77.49
N LEU P 1654 -66.93 12.31 -77.25
CA LEU P 1654 -66.16 12.02 -76.05
C LEU P 1654 -64.78 12.64 -76.09
N SER P 1655 -64.36 13.20 -77.23
CA SER P 1655 -63.11 13.96 -77.27
C SER P 1655 -63.21 15.21 -76.40
N GLU P 1656 -64.43 15.68 -76.16
CA GLU P 1656 -64.65 16.82 -75.29
C GLU P 1656 -65.45 16.47 -74.04
N ARG P 1657 -66.26 15.41 -74.11
CA ARG P 1657 -66.96 14.89 -72.93
C ARG P 1657 -65.96 13.97 -72.22
N LEU P 1658 -65.21 14.55 -71.27
CA LEU P 1658 -64.07 13.83 -70.71
C LEU P 1658 -64.45 12.85 -69.62
N ASP P 1659 -65.41 13.18 -68.76
CA ASP P 1659 -65.85 12.22 -67.74
C ASP P 1659 -66.47 10.99 -68.40
N LEU P 1660 -67.32 11.19 -69.39
CA LEU P 1660 -67.89 10.07 -70.13
C LEU P 1660 -66.79 9.28 -70.83
N GLN P 1661 -65.76 9.98 -71.34
CA GLN P 1661 -64.64 9.28 -71.95
C GLN P 1661 -63.95 8.36 -70.96
N ARG P 1662 -63.67 8.86 -69.76
CA ARG P 1662 -63.03 8.04 -68.73
C ARG P 1662 -63.90 6.84 -68.39
N PHE P 1663 -65.19 7.07 -68.19
CA PHE P 1663 -66.08 5.98 -67.80
C PHE P 1663 -66.15 4.92 -68.90
N HIS P 1664 -66.23 5.34 -70.17
CA HIS P 1664 -66.34 4.37 -71.24
C HIS P 1664 -65.04 3.62 -71.45
N SER P 1665 -63.89 4.29 -71.29
CA SER P 1665 -62.62 3.59 -71.39
C SER P 1665 -62.50 2.53 -70.30
N HIS P 1666 -62.91 2.87 -69.07
CA HIS P 1666 -62.86 1.87 -68.00
C HIS P 1666 -63.91 0.79 -68.22
N THR P 1667 -65.01 1.11 -68.90
CA THR P 1667 -65.97 0.08 -69.27
C THR P 1667 -65.36 -0.93 -70.24
N LEU P 1668 -64.60 -0.42 -71.23
CA LEU P 1668 -63.90 -1.33 -72.14
C LEU P 1668 -62.87 -2.16 -71.39
N SER P 1669 -62.18 -1.54 -70.42
CA SER P 1669 -61.26 -2.29 -69.59
C SER P 1669 -61.97 -3.40 -68.82
N LEU P 1670 -63.17 -3.11 -68.31
CA LEU P 1670 -63.93 -4.13 -67.60
C LEU P 1670 -64.36 -5.26 -68.53
N TYR P 1671 -64.78 -4.91 -69.75
CA TYR P 1671 -65.05 -5.94 -70.74
C TYR P 1671 -63.85 -6.85 -70.92
N ARG P 1672 -62.67 -6.26 -71.09
CA ARG P 1672 -61.45 -7.04 -71.26
C ARG P 1672 -61.20 -7.92 -70.05
N SER P 1673 -61.39 -7.38 -68.85
CA SER P 1673 -61.16 -8.15 -67.64
C SER P 1673 -62.11 -9.34 -67.56
N VAL P 1674 -63.38 -9.13 -67.86
CA VAL P 1674 -64.35 -10.22 -67.73
C VAL P 1674 -64.12 -11.31 -68.77
N CYS P 1675 -63.62 -10.96 -69.96
CA CYS P 1675 -63.28 -11.99 -70.95
C CYS P 1675 -61.82 -12.40 -70.89
N ALA P 1676 -61.08 -11.93 -69.88
CA ALA P 1676 -59.64 -12.13 -69.84
C ALA P 1676 -59.27 -13.60 -69.61
N LEU P 1677 -58.10 -13.97 -70.13
CA LEU P 1677 -57.45 -15.24 -69.81
C LEU P 1677 -58.36 -16.42 -70.13
N GLY P 1678 -58.89 -16.46 -71.35
CA GLY P 1678 -59.54 -17.65 -71.86
C GLY P 1678 -60.99 -17.85 -71.48
N ASN P 1679 -61.73 -16.78 -71.21
CA ASN P 1679 -63.16 -16.88 -70.94
C ASN P 1679 -63.90 -16.75 -72.26
N ASN P 1680 -63.89 -17.84 -73.04
CA ASN P 1680 -64.50 -17.81 -74.36
C ASN P 1680 -66.01 -17.59 -74.28
N ARG P 1681 -66.65 -18.16 -73.25
CA ARG P 1681 -68.08 -17.95 -73.10
C ARG P 1681 -68.39 -16.47 -72.85
N VAL P 1682 -67.61 -15.81 -72.01
CA VAL P 1682 -67.82 -14.40 -71.75
C VAL P 1682 -67.50 -13.58 -73.00
N ALA P 1683 -66.51 -14.01 -73.79
CA ALA P 1683 -66.22 -13.33 -75.05
C ALA P 1683 -67.41 -13.43 -76.01
N HIS P 1684 -68.01 -14.61 -76.09
CA HIS P 1684 -69.22 -14.77 -76.91
C HIS P 1684 -70.32 -13.85 -76.40
N ALA P 1685 -70.47 -13.75 -75.08
CA ALA P 1685 -71.47 -12.86 -74.51
C ALA P 1685 -71.20 -11.41 -74.89
N LEU P 1686 -69.94 -10.98 -74.83
CA LEU P 1686 -69.58 -9.61 -75.14
C LEU P 1686 -69.69 -9.29 -76.63
N CYS P 1687 -69.60 -10.30 -77.50
CA CYS P 1687 -69.76 -10.03 -78.92
C CYS P 1687 -71.16 -9.46 -79.22
N SER P 1688 -72.11 -9.68 -78.31
CA SER P 1688 -73.43 -9.07 -78.47
C SER P 1688 -73.38 -7.58 -78.16
N HIS P 1689 -72.68 -7.20 -77.09
CA HIS P 1689 -72.65 -5.81 -76.67
C HIS P 1689 -71.76 -4.97 -77.58
N VAL P 1690 -70.63 -5.52 -78.02
CA VAL P 1690 -69.71 -4.85 -78.93
C VAL P 1690 -69.57 -5.76 -80.14
N ASP P 1691 -70.23 -5.40 -81.23
CA ASP P 1691 -70.35 -6.28 -82.38
C ASP P 1691 -69.14 -6.15 -83.31
N GLN P 1692 -69.05 -7.09 -84.25
CA GLN P 1692 -67.92 -7.11 -85.19
C GLN P 1692 -67.85 -5.82 -86.01
N ALA P 1693 -69.00 -5.35 -86.50
CA ALA P 1693 -68.99 -4.10 -87.26
C ALA P 1693 -68.54 -2.94 -86.39
N GLN P 1694 -69.00 -2.89 -85.14
CA GLN P 1694 -68.54 -1.86 -84.23
C GLN P 1694 -67.02 -1.89 -84.10
N LEU P 1695 -66.46 -3.08 -83.87
CA LEU P 1695 -65.02 -3.20 -83.69
C LEU P 1695 -64.25 -2.79 -84.93
N LEU P 1696 -64.69 -3.22 -86.11
CA LEU P 1696 -63.98 -2.87 -87.34
C LEU P 1696 -64.05 -1.37 -87.61
N HIS P 1697 -65.23 -0.78 -87.40
CA HIS P 1697 -65.38 0.66 -87.61
C HIS P 1697 -64.49 1.43 -86.64
N ALA P 1698 -64.42 0.99 -85.38
CA ALA P 1698 -63.53 1.63 -84.42
C ALA P 1698 -62.07 1.48 -84.83
N LEU P 1699 -61.69 0.30 -85.33
CA LEU P 1699 -60.32 0.09 -85.78
C LEU P 1699 -59.96 1.07 -86.89
N GLU P 1700 -60.84 1.21 -87.88
CA GLU P 1700 -60.54 2.06 -89.03
C GLU P 1700 -60.83 3.54 -88.78
N ASP P 1701 -61.46 3.88 -87.66
CA ASP P 1701 -61.75 5.27 -87.37
C ASP P 1701 -60.47 6.04 -87.04
N ALA P 1702 -60.42 7.30 -87.45
CA ALA P 1702 -59.27 8.15 -87.21
C ALA P 1702 -59.53 9.25 -86.19
N ARG P 1703 -60.78 9.63 -85.96
CA ARG P 1703 -61.10 10.73 -85.07
C ARG P 1703 -61.35 10.29 -83.63
N LEU P 1704 -61.30 8.99 -83.34
CA LEU P 1704 -61.57 8.53 -81.99
C LEU P 1704 -60.50 9.09 -81.03
N PRO P 1705 -60.85 9.41 -79.79
CA PRO P 1705 -59.83 9.73 -78.80
C PRO P 1705 -58.84 8.58 -78.67
N GLY P 1706 -57.62 8.90 -78.26
CA GLY P 1706 -56.59 7.90 -78.13
C GLY P 1706 -56.95 6.80 -77.18
N PRO P 1707 -57.44 7.16 -75.98
CA PRO P 1707 -57.86 6.12 -75.03
C PRO P 1707 -58.91 5.17 -75.59
N LEU P 1708 -59.94 5.71 -76.25
CA LEU P 1708 -60.98 4.86 -76.81
C LEU P 1708 -60.48 4.02 -77.97
N ARG P 1709 -59.63 4.57 -78.83
CA ARG P 1709 -59.06 3.79 -79.93
C ARG P 1709 -58.23 2.62 -79.40
N ALA P 1710 -57.36 2.88 -78.43
CA ALA P 1710 -56.58 1.81 -77.83
C ALA P 1710 -57.48 0.80 -77.15
N GLY P 1711 -58.51 1.27 -76.45
CA GLY P 1711 -59.42 0.36 -75.79
C GLY P 1711 -60.13 -0.56 -76.76
N TYR P 1712 -60.55 -0.02 -77.91
CA TYR P 1712 -61.27 -0.85 -78.88
C TYR P 1712 -60.33 -1.83 -79.57
N TYR P 1713 -59.10 -1.40 -79.88
CA TYR P 1713 -58.13 -2.35 -80.43
C TYR P 1713 -57.87 -3.50 -79.45
N ASP P 1714 -57.62 -3.16 -78.18
CA ASP P 1714 -57.37 -4.19 -77.18
C ASP P 1714 -58.61 -5.05 -76.94
N LEU P 1715 -59.80 -4.48 -77.07
CA LEU P 1715 -61.02 -5.27 -76.94
C LEU P 1715 -61.15 -6.28 -78.07
N LEU P 1716 -60.86 -5.86 -79.30
CA LEU P 1716 -60.87 -6.82 -80.40
C LEU P 1716 -59.89 -7.96 -80.12
N ILE P 1717 -58.66 -7.61 -79.72
CA ILE P 1717 -57.66 -8.64 -79.47
C ILE P 1717 -58.12 -9.58 -78.36
N SER P 1718 -58.66 -9.02 -77.28
CA SER P 1718 -59.08 -9.84 -76.14
C SER P 1718 -60.25 -10.74 -76.52
N ILE P 1719 -61.23 -10.22 -77.24
CA ILE P 1719 -62.42 -11.00 -77.56
C ILE P 1719 -62.09 -12.13 -78.53
N HIS P 1720 -61.33 -11.84 -79.58
CA HIS P 1720 -61.19 -12.78 -80.68
C HIS P 1720 -59.84 -13.49 -80.72
N LEU P 1721 -58.74 -12.79 -80.48
CA LEU P 1721 -57.42 -13.32 -80.81
C LEU P 1721 -56.58 -13.72 -79.61
N GLU P 1722 -56.93 -13.27 -78.40
CA GLU P 1722 -56.03 -13.42 -77.27
C GLU P 1722 -55.80 -14.88 -76.91
N SER P 1723 -56.87 -15.69 -76.88
CA SER P 1723 -56.72 -17.08 -76.45
C SER P 1723 -55.86 -17.86 -77.45
N ALA P 1724 -56.15 -17.71 -78.73
CA ALA P 1724 -55.36 -18.41 -79.75
C ALA P 1724 -53.91 -17.94 -79.73
N CYS P 1725 -53.70 -16.64 -79.55
CA CYS P 1725 -52.34 -16.12 -79.48
C CYS P 1725 -51.60 -16.73 -78.29
N ARG P 1726 -52.26 -16.82 -77.14
CA ARG P 1726 -51.63 -17.41 -75.96
C ARG P 1726 -51.27 -18.87 -76.20
N SER P 1727 -52.20 -19.64 -76.76
CA SER P 1727 -51.91 -21.06 -77.00
C SER P 1727 -50.77 -21.24 -77.99
N ARG P 1728 -50.79 -20.48 -79.09
CA ARG P 1728 -49.72 -20.60 -80.07
C ARG P 1728 -48.37 -20.17 -79.50
N ARG P 1729 -48.35 -19.10 -78.70
CA ARG P 1729 -47.11 -18.68 -78.07
C ARG P 1729 -46.59 -19.73 -77.11
N SER P 1730 -47.48 -20.38 -76.35
CA SER P 1730 -47.05 -21.47 -75.49
C SER P 1730 -46.45 -22.62 -76.29
N MET P 1731 -47.06 -22.95 -77.43
CA MET P 1731 -46.60 -24.07 -78.24
C MET P 1731 -45.38 -23.76 -79.10
N LEU P 1732 -45.07 -22.47 -79.34
CA LEU P 1732 -43.93 -22.13 -80.19
C LEU P 1732 -42.58 -22.47 -79.57
N SER P 1733 -42.54 -22.79 -78.28
CA SER P 1733 -41.24 -23.01 -77.63
C SER P 1733 -40.66 -24.37 -78.00
N GLU P 1734 -41.50 -25.30 -78.47
CA GLU P 1734 -41.05 -26.63 -78.81
C GLU P 1734 -41.08 -26.84 -80.32
N TYR P 1735 -40.19 -27.71 -80.80
CA TYR P 1735 -40.05 -28.01 -82.22
C TYR P 1735 -40.17 -29.52 -82.41
N ILE P 1736 -41.34 -29.97 -82.87
CA ILE P 1736 -41.56 -31.37 -83.21
C ILE P 1736 -41.60 -31.44 -84.74
N VAL P 1737 -40.61 -32.10 -85.33
CA VAL P 1737 -40.39 -32.08 -86.77
C VAL P 1737 -40.78 -33.43 -87.33
N PRO P 1738 -41.91 -33.54 -88.05
CA PRO P 1738 -42.21 -34.81 -88.72
C PRO P 1738 -41.24 -35.06 -89.86
N LEU P 1739 -40.99 -36.34 -90.15
CA LEU P 1739 -40.05 -36.71 -91.19
C LEU P 1739 -40.74 -36.73 -92.55
N THR P 1740 -41.41 -35.65 -92.91
CA THR P 1740 -42.12 -35.55 -94.17
C THR P 1740 -41.18 -35.09 -95.29
N PRO P 1741 -41.59 -35.27 -96.54
CA PRO P 1741 -40.75 -34.75 -97.64
C PRO P 1741 -40.51 -33.25 -97.55
N GLU P 1742 -41.49 -32.51 -97.03
CA GLU P 1742 -41.28 -31.07 -96.83
C GLU P 1742 -40.11 -30.82 -95.90
N THR P 1743 -40.00 -31.61 -94.83
CA THR P 1743 -38.87 -31.47 -93.93
C THR P 1743 -37.54 -31.73 -94.65
N ARG P 1744 -37.50 -32.79 -95.47
CA ARG P 1744 -36.29 -33.07 -96.23
C ARG P 1744 -35.94 -31.90 -97.15
N ALA P 1745 -36.95 -31.24 -97.71
CA ALA P 1745 -36.73 -30.12 -98.61
C ALA P 1745 -36.09 -28.92 -97.92
N ILE P 1746 -36.10 -28.85 -96.60
CA ILE P 1746 -35.60 -27.68 -95.90
C ILE P 1746 -34.07 -27.67 -95.92
N THR P 1747 -33.51 -26.48 -96.14
CA THR P 1747 -32.07 -26.27 -96.09
C THR P 1747 -31.79 -24.94 -95.38
N LEU P 1748 -30.62 -24.85 -94.76
CA LEU P 1748 -30.24 -23.64 -94.05
C LEU P 1748 -30.31 -22.41 -94.95
N PHE P 1749 -29.65 -22.49 -96.11
CA PHE P 1749 -29.54 -21.34 -96.98
C PHE P 1749 -30.35 -21.56 -98.26
N PRO P 1750 -30.97 -20.51 -98.80
CA PRO P 1750 -31.76 -20.69 -100.02
C PRO P 1750 -30.86 -21.10 -101.17
N PRO P 1751 -31.39 -21.88 -102.13
CA PRO P 1751 -30.57 -22.26 -103.28
C PRO P 1751 -29.95 -21.07 -103.98
N GLY P 1752 -28.62 -20.99 -103.97
CA GLY P 1752 -27.93 -19.85 -104.55
C GLY P 1752 -26.48 -20.18 -104.83
N ARG P 1753 -25.79 -19.20 -105.42
CA ARG P 1753 -24.40 -19.34 -105.81
C ARG P 1753 -23.52 -18.22 -105.26
N SER P 1754 -24.07 -17.35 -104.40
CA SER P 1754 -23.34 -16.16 -103.99
C SER P 1754 -22.04 -16.51 -103.28
N ALA P 1755 -22.09 -17.49 -102.38
CA ALA P 1755 -20.91 -17.86 -101.60
C ALA P 1755 -20.88 -19.37 -101.40
N GLU P 1756 -19.70 -19.89 -101.07
CA GLU P 1756 -19.52 -21.33 -100.94
C GLU P 1756 -20.36 -21.89 -99.79
N ASP P 1757 -20.28 -21.26 -98.62
CA ASP P 1757 -21.06 -21.69 -97.46
C ASP P 1757 -22.49 -21.18 -97.58
N GLY P 1758 -23.14 -21.61 -98.66
CA GLY P 1758 -24.44 -21.09 -99.02
C GLY P 1758 -24.33 -19.62 -99.39
N PRO P 1759 -25.35 -19.07 -100.03
CA PRO P 1759 -25.33 -17.63 -100.31
C PRO P 1759 -25.17 -16.82 -99.04
N ARG P 1760 -24.33 -15.79 -99.11
CA ARG P 1760 -24.11 -14.93 -97.95
C ARG P 1760 -25.42 -14.33 -97.46
N ARG P 1761 -26.36 -14.10 -98.36
CA ARG P 1761 -27.68 -13.63 -97.97
C ARG P 1761 -28.53 -14.78 -97.44
N HIS P 1762 -29.19 -14.54 -96.32
CA HIS P 1762 -30.17 -15.47 -95.79
C HIS P 1762 -31.50 -15.30 -96.52
N GLY P 1763 -32.40 -16.25 -96.29
CA GLY P 1763 -33.77 -16.06 -96.70
C GLY P 1763 -34.50 -15.10 -95.77
N LEU P 1764 -35.57 -14.51 -96.28
CA LEU P 1764 -36.31 -13.55 -95.48
C LEU P 1764 -36.88 -14.25 -94.25
N PRO P 1765 -36.62 -13.77 -93.04
CA PRO P 1765 -37.07 -14.50 -91.85
C PRO P 1765 -38.58 -14.63 -91.81
N GLY P 1766 -39.05 -15.81 -91.39
CA GLY P 1766 -40.47 -16.08 -91.29
C GLY P 1766 -41.13 -16.48 -92.59
N VAL P 1767 -40.40 -16.45 -93.71
CA VAL P 1767 -40.93 -16.77 -95.02
C VAL P 1767 -40.33 -18.08 -95.48
N GLY P 1768 -41.18 -19.02 -95.88
CA GLY P 1768 -40.73 -20.30 -96.39
C GLY P 1768 -41.54 -21.42 -95.79
N VAL P 1769 -41.00 -22.62 -95.90
CA VAL P 1769 -41.68 -23.82 -95.41
C VAL P 1769 -41.23 -24.10 -93.99
N THR P 1770 -42.19 -24.25 -93.08
CA THR P 1770 -41.93 -24.66 -91.71
C THR P 1770 -42.81 -25.87 -91.40
N THR P 1771 -42.20 -26.98 -91.03
CA THR P 1771 -42.91 -28.23 -90.81
C THR P 1771 -43.08 -28.58 -89.34
N SER P 1772 -42.56 -27.76 -88.42
CA SER P 1772 -42.75 -28.02 -87.00
C SER P 1772 -44.24 -28.04 -86.67
N LEU P 1773 -44.65 -29.02 -85.86
CA LEU P 1773 -46.06 -29.20 -85.57
C LEU P 1773 -46.58 -28.11 -84.65
N ARG P 1774 -47.63 -27.43 -85.08
CA ARG P 1774 -48.37 -26.49 -84.26
C ARG P 1774 -49.85 -26.79 -84.43
N PRO P 1775 -50.60 -27.02 -83.35
CA PRO P 1775 -52.01 -27.35 -83.51
C PRO P 1775 -52.78 -26.20 -84.13
N PRO P 1776 -53.82 -26.48 -84.92
CA PRO P 1776 -54.54 -25.39 -85.58
C PRO P 1776 -55.37 -24.58 -84.59
N HIS P 1777 -55.92 -23.48 -85.09
CA HIS P 1777 -56.81 -22.65 -84.28
C HIS P 1777 -58.25 -23.11 -84.48
N HIS P 1778 -59.04 -22.98 -83.41
CA HIS P 1778 -60.45 -23.36 -83.42
C HIS P 1778 -61.29 -22.18 -82.97
N PHE P 1779 -62.31 -21.84 -83.76
CA PHE P 1779 -63.19 -20.72 -83.49
C PHE P 1779 -64.63 -21.14 -83.71
N SER P 1780 -65.55 -20.50 -82.99
CA SER P 1780 -66.97 -20.79 -83.13
C SER P 1780 -67.73 -19.55 -83.58
N PRO P 1781 -68.67 -19.66 -84.52
CA PRO P 1781 -69.40 -18.48 -84.97
C PRO P 1781 -70.15 -17.83 -83.83
N PRO P 1782 -70.17 -16.49 -83.75
CA PRO P 1782 -71.01 -15.83 -82.74
C PRO P 1782 -72.46 -15.78 -83.20
N CYS P 1783 -73.31 -16.61 -82.59
CA CYS P 1783 -74.72 -16.69 -82.94
C CYS P 1783 -75.53 -16.81 -81.65
N PHE P 1784 -76.56 -15.98 -81.52
CA PHE P 1784 -77.37 -15.93 -80.32
C PHE P 1784 -78.82 -16.34 -80.57
N VAL P 1785 -79.07 -17.07 -81.65
CA VAL P 1785 -80.38 -17.66 -81.91
C VAL P 1785 -80.32 -19.17 -81.93
N VAL P 1786 -79.17 -19.77 -81.62
CA VAL P 1786 -79.05 -21.22 -81.59
C VAL P 1786 -79.59 -21.75 -80.26
N ALA P 1787 -80.06 -22.98 -80.28
CA ALA P 1787 -80.61 -23.60 -79.09
C ALA P 1787 -79.50 -23.98 -78.11
N LEU P 1788 -79.68 -23.61 -76.85
CA LEU P 1788 -78.72 -23.98 -75.82
C LEU P 1788 -78.81 -25.48 -75.54
N PRO P 1789 -77.72 -26.09 -75.06
CA PRO P 1789 -77.77 -27.51 -74.74
C PRO P 1789 -78.87 -27.82 -73.74
N ALA P 1790 -79.60 -28.91 -73.99
CA ALA P 1790 -80.67 -29.30 -73.10
C ALA P 1790 -80.15 -29.66 -71.72
N ALA P 1791 -79.00 -30.33 -71.67
CA ALA P 1791 -78.39 -30.70 -70.40
C ALA P 1791 -77.82 -29.46 -69.71
N GLY P 1792 -77.53 -29.61 -68.42
CA GLY P 1792 -76.99 -28.51 -67.67
C GLY P 1792 -75.56 -28.18 -68.04
N ALA P 1793 -75.06 -27.09 -67.48
CA ALA P 1793 -73.70 -26.64 -67.75
C ALA P 1793 -72.70 -27.69 -67.32
N THR P 1794 -71.47 -27.60 -67.84
CA THR P 1794 -70.40 -28.56 -67.56
C THR P 1794 -70.58 -29.85 -68.37
N GLU P 1795 -71.67 -29.94 -69.15
CA GLU P 1795 -71.82 -31.08 -70.05
C GLU P 1795 -71.21 -30.79 -71.41
N ALA P 1796 -71.53 -29.65 -71.99
CA ALA P 1796 -70.99 -29.30 -73.31
C ALA P 1796 -69.50 -29.01 -73.21
N PRO P 1797 -68.76 -29.20 -74.30
CA PRO P 1797 -67.32 -28.89 -74.28
C PRO P 1797 -67.08 -27.40 -74.07
N ALA P 1798 -65.86 -27.09 -73.63
CA ALA P 1798 -65.47 -25.70 -73.40
C ALA P 1798 -65.70 -24.85 -74.63
N ARG P 1799 -66.26 -23.67 -74.44
CA ARG P 1799 -66.60 -22.81 -75.56
C ARG P 1799 -65.34 -22.37 -76.30
N LEU P 1800 -65.45 -22.28 -77.62
CA LEU P 1800 -64.36 -21.81 -78.45
C LEU P 1800 -64.45 -20.28 -78.61
N SER P 1801 -63.31 -19.69 -78.95
CA SER P 1801 -63.26 -18.24 -79.11
C SER P 1801 -64.14 -17.80 -80.28
N PRO P 1802 -64.73 -16.62 -80.22
CA PRO P 1802 -65.54 -16.13 -81.34
C PRO P 1802 -64.71 -15.95 -82.59
N ALA P 1803 -65.37 -16.13 -83.73
CA ALA P 1803 -64.73 -16.10 -85.03
C ALA P 1803 -64.90 -14.72 -85.66
N ILE P 1804 -63.82 -14.19 -86.22
CA ILE P 1804 -63.85 -12.94 -86.97
C ILE P 1804 -63.14 -13.17 -88.29
N PRO P 1805 -63.62 -12.63 -89.41
CA PRO P 1805 -62.99 -12.92 -90.70
C PRO P 1805 -61.51 -12.55 -90.68
N LEU P 1806 -60.67 -13.58 -90.67
CA LEU P 1806 -59.24 -13.35 -90.49
C LEU P 1806 -58.60 -12.79 -91.75
N GLU P 1807 -59.12 -13.14 -92.93
CA GLU P 1807 -58.56 -12.57 -94.16
C GLU P 1807 -58.79 -11.06 -94.21
N ALA P 1808 -60.04 -10.64 -94.02
CA ALA P 1808 -60.32 -9.21 -94.01
C ALA P 1808 -59.55 -8.52 -92.90
N LEU P 1809 -59.47 -9.15 -91.72
CA LEU P 1809 -58.74 -8.54 -90.62
C LEU P 1809 -57.26 -8.39 -90.95
N ARG P 1810 -56.65 -9.41 -91.56
CA ARG P 1810 -55.21 -9.36 -91.78
C ARG P 1810 -54.87 -8.39 -92.91
N ASP P 1811 -55.78 -8.21 -93.87
CA ASP P 1811 -55.59 -7.18 -94.88
C ASP P 1811 -55.74 -5.78 -94.29
N LYS P 1812 -56.77 -5.58 -93.46
CA LYS P 1812 -57.00 -4.27 -92.85
C LYS P 1812 -55.83 -3.87 -91.95
N ALA P 1813 -55.27 -4.84 -91.22
CA ALA P 1813 -54.15 -4.53 -90.35
C ALA P 1813 -52.96 -3.99 -91.13
N LEU P 1814 -52.61 -4.67 -92.23
CA LEU P 1814 -51.49 -4.21 -93.05
C LEU P 1814 -51.78 -2.85 -93.67
N ARG P 1815 -53.02 -2.64 -94.14
CA ARG P 1815 -53.36 -1.36 -94.74
C ARG P 1815 -53.23 -0.24 -93.71
N MET P 1816 -53.72 -0.47 -92.48
CA MET P 1816 -53.61 0.54 -91.45
C MET P 1816 -52.16 0.80 -91.09
N LEU P 1817 -51.34 -0.25 -91.01
CA LEU P 1817 -49.94 -0.06 -90.68
C LEU P 1817 -49.24 0.77 -91.74
N GLY P 1818 -49.50 0.50 -93.02
CA GLY P 1818 -48.91 1.29 -94.07
C GLY P 1818 -49.36 2.75 -94.02
N GLU P 1819 -50.65 2.97 -93.81
CA GLU P 1819 -51.15 4.34 -93.70
C GLU P 1819 -50.51 5.07 -92.53
N ALA P 1820 -50.37 4.37 -91.39
CA ALA P 1820 -49.71 4.98 -90.23
C ALA P 1820 -48.26 5.30 -90.53
N VAL P 1821 -47.57 4.39 -91.24
CA VAL P 1821 -46.18 4.65 -91.61
C VAL P 1821 -46.07 5.94 -92.41
N ARG P 1822 -46.90 6.07 -93.45
CA ARG P 1822 -46.83 7.26 -94.28
C ARG P 1822 -47.23 8.51 -93.50
N ASP P 1823 -48.26 8.42 -92.66
CA ASP P 1823 -48.71 9.57 -91.90
C ASP P 1823 -47.63 10.04 -90.94
N GLY P 1824 -46.98 9.11 -90.24
CA GLY P 1824 -45.87 9.47 -89.39
C GLY P 1824 -44.70 10.04 -90.14
N GLY P 1825 -44.43 9.53 -91.34
CA GLY P 1825 -43.41 10.14 -92.17
C GLY P 1825 -43.71 11.59 -92.49
N GLN P 1826 -44.97 11.89 -92.80
CA GLN P 1826 -45.35 13.27 -93.10
C GLN P 1826 -45.24 14.18 -91.88
N HIS P 1827 -45.40 13.65 -90.67
CA HIS P 1827 -45.35 14.44 -89.44
C HIS P 1827 -46.40 15.54 -89.46
N ALA P 1828 -47.67 15.12 -89.47
CA ALA P 1828 -48.77 16.06 -89.38
C ALA P 1828 -48.96 16.52 -87.95
N ARG P 1829 -49.74 17.59 -87.78
CA ARG P 1829 -49.98 18.15 -86.45
C ARG P 1829 -51.18 17.52 -85.75
N ASP P 1830 -51.88 16.60 -86.40
CA ASP P 1830 -53.02 15.91 -85.78
C ASP P 1830 -52.87 14.41 -85.96
N PRO P 1831 -51.96 13.76 -85.24
CA PRO P 1831 -51.80 12.31 -85.38
C PRO P 1831 -53.06 11.58 -84.96
N VAL P 1832 -53.32 10.45 -85.62
CA VAL P 1832 -54.49 9.65 -85.26
C VAL P 1832 -54.41 9.25 -83.80
N GLY P 1833 -55.49 9.52 -83.07
CA GLY P 1833 -55.52 9.27 -81.64
C GLY P 1833 -54.92 10.37 -80.79
N GLY P 1834 -54.43 11.45 -81.40
CA GLY P 1834 -53.88 12.56 -80.66
C GLY P 1834 -52.38 12.51 -80.43
N SER P 1835 -51.72 11.40 -80.77
CA SER P 1835 -50.28 11.30 -80.60
C SER P 1835 -49.75 10.14 -81.42
N VAL P 1836 -48.44 10.17 -81.66
CA VAL P 1836 -47.79 9.11 -82.43
C VAL P 1836 -47.96 7.77 -81.73
N GLU P 1837 -47.86 7.76 -80.40
CA GLU P 1837 -48.01 6.51 -79.66
C GLU P 1837 -49.39 5.92 -79.85
N PHE P 1838 -50.44 6.73 -79.74
CA PHE P 1838 -51.79 6.23 -79.96
C PHE P 1838 -52.05 5.88 -81.42
N GLN P 1839 -51.32 6.51 -82.35
CA GLN P 1839 -51.45 6.14 -83.75
C GLN P 1839 -50.85 4.78 -84.03
N PHE P 1840 -49.71 4.47 -83.41
CA PHE P 1840 -48.94 3.28 -83.76
C PHE P 1840 -49.19 2.08 -82.86
N VAL P 1841 -49.10 2.24 -81.54
CA VAL P 1841 -49.05 1.10 -80.62
C VAL P 1841 -50.21 0.13 -80.86
N PRO P 1842 -51.45 0.60 -81.01
CA PRO P 1842 -52.55 -0.37 -81.24
C PRO P 1842 -52.36 -1.17 -82.52
N VAL P 1843 -51.99 -0.51 -83.61
CA VAL P 1843 -51.81 -1.21 -84.89
C VAL P 1843 -50.70 -2.25 -84.78
N LEU P 1844 -49.59 -1.86 -84.15
CA LEU P 1844 -48.49 -2.80 -83.97
C LEU P 1844 -48.86 -3.96 -83.05
N LYS P 1845 -49.67 -3.71 -82.01
CA LYS P 1845 -50.14 -4.80 -81.17
C LYS P 1845 -50.97 -5.78 -81.96
N LEU P 1846 -51.90 -5.26 -82.79
CA LEU P 1846 -52.71 -6.14 -83.62
C LEU P 1846 -51.84 -6.95 -84.58
N VAL P 1847 -50.87 -6.30 -85.21
CA VAL P 1847 -50.01 -6.98 -86.18
C VAL P 1847 -49.19 -8.06 -85.48
N SER P 1848 -48.65 -7.75 -84.30
CA SER P 1848 -47.87 -8.74 -83.56
C SER P 1848 -48.73 -9.92 -83.15
N THR P 1849 -49.95 -9.65 -82.69
CA THR P 1849 -50.86 -10.75 -82.32
C THR P 1849 -51.12 -11.65 -83.52
N LEU P 1850 -51.41 -11.04 -84.68
CA LEU P 1850 -51.69 -11.85 -85.86
C LEU P 1850 -50.47 -12.66 -86.28
N LEU P 1851 -49.28 -12.05 -86.24
CA LEU P 1851 -48.07 -12.78 -86.58
C LEU P 1851 -47.87 -13.96 -85.66
N VAL P 1852 -47.99 -13.75 -84.35
CA VAL P 1852 -47.79 -14.84 -83.40
C VAL P 1852 -48.81 -15.94 -83.63
N MET P 1853 -50.06 -15.57 -83.96
CA MET P 1853 -51.04 -16.56 -84.36
C MET P 1853 -50.59 -17.29 -85.61
N GLY P 1854 -49.76 -16.65 -86.43
CA GLY P 1854 -49.29 -17.24 -87.67
C GLY P 1854 -50.26 -17.11 -88.82
N VAL P 1855 -51.27 -16.26 -88.69
CA VAL P 1855 -52.27 -16.12 -89.74
C VAL P 1855 -51.67 -15.51 -91.00
N PHE P 1856 -50.72 -14.59 -90.84
CA PHE P 1856 -50.18 -13.87 -91.98
C PHE P 1856 -49.52 -14.82 -92.96
N SER P 1857 -49.75 -14.58 -94.25
CA SER P 1857 -49.17 -15.39 -95.31
C SER P 1857 -47.77 -14.88 -95.66
N ASP P 1858 -47.16 -15.55 -96.66
CA ASP P 1858 -45.80 -15.18 -97.04
C ASP P 1858 -45.74 -13.78 -97.62
N GLU P 1859 -46.69 -13.42 -98.48
CA GLU P 1859 -46.71 -12.08 -99.04
C GLU P 1859 -46.92 -11.03 -97.96
N ASP P 1860 -47.80 -11.33 -97.00
CA ASP P 1860 -48.04 -10.40 -95.90
C ASP P 1860 -46.78 -10.22 -95.06
N VAL P 1861 -46.08 -11.32 -94.78
CA VAL P 1861 -44.83 -11.23 -94.01
C VAL P 1861 -43.80 -10.41 -94.77
N LYS P 1862 -43.72 -10.59 -96.09
CA LYS P 1862 -42.81 -9.77 -96.90
C LYS P 1862 -43.16 -8.30 -96.83
N GLN P 1863 -44.45 -7.96 -96.90
CA GLN P 1863 -44.85 -6.56 -96.76
C GLN P 1863 -44.49 -6.00 -95.40
N ILE P 1864 -44.72 -6.79 -94.34
CA ILE P 1864 -44.38 -6.34 -92.99
C ILE P 1864 -42.88 -6.10 -92.88
N LEU P 1865 -42.07 -7.02 -93.42
CA LEU P 1865 -40.62 -6.86 -93.39
C LEU P 1865 -40.18 -5.62 -94.17
N LYS P 1866 -40.79 -5.37 -95.33
CA LYS P 1866 -40.48 -4.17 -96.09
C LYS P 1866 -40.81 -2.92 -95.28
N MET P 1867 -41.95 -2.93 -94.59
CA MET P 1867 -42.29 -1.80 -93.72
C MET P 1867 -41.25 -1.62 -92.62
N ILE P 1868 -40.82 -2.72 -92.02
CA ILE P 1868 -39.85 -2.65 -90.93
C ILE P 1868 -38.53 -2.04 -91.42
N GLU P 1869 -38.01 -2.57 -92.51
CA GLU P 1869 -36.76 -2.07 -93.09
C GLU P 1869 -36.73 -2.35 -94.57
N PRO P 1870 -36.97 -1.35 -95.43
CA PRO P 1870 -37.05 -1.65 -96.88
C PRO P 1870 -35.77 -2.25 -97.46
N GLU P 1871 -34.61 -1.65 -97.17
CA GLU P 1871 -33.39 -2.04 -97.85
C GLU P 1871 -32.95 -3.45 -97.46
N VAL P 1872 -32.89 -3.74 -96.16
CA VAL P 1872 -32.33 -5.01 -95.72
C VAL P 1872 -33.21 -6.16 -96.19
N PHE P 1873 -34.51 -6.08 -95.96
CA PHE P 1873 -35.44 -7.14 -96.35
C PHE P 1873 -36.04 -6.84 -97.73
N ARG P 1874 -35.14 -6.70 -98.70
CA ARG P 1874 -35.52 -6.38 -100.07
C ARG P 1874 -35.25 -7.59 -100.95
N GLU P 1875 -36.29 -8.11 -101.58
CA GLU P 1875 -36.15 -9.26 -102.46
C GLU P 1875 -35.37 -8.88 -103.70
N GLU P 1876 -34.38 -9.71 -104.06
CA GLU P 1876 -33.57 -9.49 -105.25
C GLU P 1876 -33.08 -8.04 -105.34
N LEU P 1923 -42.71 6.10 -98.32
CA LEU P 1923 -41.64 6.67 -97.50
C LEU P 1923 -40.48 5.71 -97.41
N GLU P 1924 -39.29 6.18 -97.77
CA GLU P 1924 -38.10 5.32 -97.73
C GLU P 1924 -37.74 4.94 -96.30
N GLU P 1925 -37.91 5.87 -95.36
CA GLU P 1925 -37.56 5.59 -93.97
C GLU P 1925 -38.40 4.45 -93.43
N GLY P 1926 -37.74 3.51 -92.74
CA GLY P 1926 -38.44 2.40 -92.14
C GLY P 1926 -38.89 2.68 -90.72
N LEU P 1927 -39.73 1.79 -90.21
CA LEU P 1927 -40.22 1.93 -88.84
C LEU P 1927 -39.07 1.95 -87.84
N LEU P 1928 -37.99 1.21 -88.14
CA LEU P 1928 -36.85 1.18 -87.24
C LEU P 1928 -36.09 2.50 -87.26
N GLN P 1929 -36.08 3.18 -88.40
CA GLN P 1929 -35.35 4.44 -88.57
C GLN P 1929 -36.26 5.66 -88.45
N MET P 1930 -37.51 5.48 -88.03
CA MET P 1930 -38.50 6.55 -88.07
C MET P 1930 -38.52 7.41 -86.81
N LYS P 1931 -37.63 7.18 -85.85
CA LYS P 1931 -37.58 8.04 -84.66
C LYS P 1931 -38.91 8.03 -83.92
N LEU P 1932 -39.27 6.88 -83.35
CA LEU P 1932 -40.53 6.67 -82.69
C LEU P 1932 -40.38 6.73 -81.17
N PRO P 1933 -41.48 6.84 -80.44
CA PRO P 1933 -41.40 6.84 -78.97
C PRO P 1933 -40.97 5.49 -78.42
N GLU P 1934 -40.88 5.41 -77.09
CA GLU P 1934 -40.31 4.23 -76.45
C GLU P 1934 -41.27 3.04 -76.52
N SER P 1935 -42.57 3.26 -76.28
CA SER P 1935 -43.52 2.16 -76.33
C SER P 1935 -43.60 1.57 -77.74
N VAL P 1936 -43.61 2.43 -78.75
CA VAL P 1936 -43.58 1.95 -80.13
C VAL P 1936 -42.30 1.14 -80.36
N LYS P 1937 -41.20 1.57 -79.76
CA LYS P 1937 -39.97 0.79 -79.83
C LYS P 1937 -40.16 -0.57 -79.17
N LEU P 1938 -40.94 -0.64 -78.09
CA LEU P 1938 -41.22 -1.93 -77.45
C LEU P 1938 -41.99 -2.85 -78.39
N GLN P 1939 -42.99 -2.31 -79.08
CA GLN P 1939 -43.74 -3.12 -80.04
C GLN P 1939 -42.84 -3.59 -81.17
N MET P 1940 -41.96 -2.71 -81.66
CA MET P 1940 -41.02 -3.10 -82.70
C MET P 1940 -40.08 -4.18 -82.19
N CYS P 1941 -39.68 -4.11 -80.93
CA CYS P 1941 -38.87 -5.16 -80.34
C CYS P 1941 -39.60 -6.48 -80.31
N HIS P 1942 -40.91 -6.46 -80.02
CA HIS P 1942 -41.69 -7.69 -80.07
C HIS P 1942 -41.69 -8.27 -81.48
N LEU P 1943 -41.86 -7.41 -82.49
CA LEU P 1943 -41.83 -7.88 -83.88
C LEU P 1943 -40.49 -8.53 -84.20
N LEU P 1944 -39.40 -7.87 -83.82
CA LEU P 1944 -38.07 -8.41 -84.09
C LEU P 1944 -37.85 -9.72 -83.33
N GLU P 1945 -38.39 -9.84 -82.12
CA GLU P 1945 -38.32 -11.09 -81.39
C GLU P 1945 -39.03 -12.22 -82.14
N TYR P 1946 -40.20 -11.92 -82.69
CA TYR P 1946 -40.90 -12.93 -83.48
C TYR P 1946 -40.04 -13.39 -84.67
N PHE P 1947 -39.44 -12.44 -85.39
CA PHE P 1947 -38.66 -12.82 -86.55
C PHE P 1947 -37.41 -13.61 -86.16
N CYS P 1948 -36.76 -13.23 -85.05
CA CYS P 1948 -35.62 -14.00 -84.57
C CYS P 1948 -36.03 -15.41 -84.17
N ASP P 1949 -37.18 -15.56 -83.52
CA ASP P 1949 -37.68 -16.89 -83.19
C ASP P 1949 -37.94 -17.71 -84.44
N GLN P 1950 -38.47 -17.09 -85.49
CA GLN P 1950 -38.64 -17.80 -86.75
C GLN P 1950 -37.32 -18.25 -87.36
N GLU P 1951 -36.28 -17.41 -87.29
CA GLU P 1951 -34.97 -17.85 -87.77
C GLU P 1951 -34.45 -19.03 -86.96
N LEU P 1952 -34.64 -18.99 -85.64
CA LEU P 1952 -34.23 -20.12 -84.80
C LEU P 1952 -34.97 -21.40 -85.21
N GLN P 1953 -36.28 -21.29 -85.45
CA GLN P 1953 -37.05 -22.43 -85.91
C GLN P 1953 -36.49 -22.97 -87.23
N HIS P 1954 -36.13 -22.05 -88.14
CA HIS P 1954 -35.54 -22.48 -89.41
C HIS P 1954 -34.26 -23.26 -89.19
N ARG P 1955 -33.40 -22.77 -88.29
CA ARG P 1955 -32.16 -23.49 -88.00
C ARG P 1955 -32.45 -24.89 -87.46
N VAL P 1956 -33.39 -24.99 -86.51
CA VAL P 1956 -33.69 -26.28 -85.92
C VAL P 1956 -34.22 -27.24 -86.98
N GLU P 1957 -35.12 -26.78 -87.84
CA GLU P 1957 -35.69 -27.64 -88.86
C GLU P 1957 -34.64 -28.09 -89.88
N SER P 1958 -33.74 -27.17 -90.26
CA SER P 1958 -32.67 -27.56 -91.17
C SER P 1958 -31.78 -28.62 -90.55
N LEU P 1959 -31.46 -28.46 -89.25
CA LEU P 1959 -30.66 -29.48 -88.58
C LEU P 1959 -31.38 -30.82 -88.56
N ALA P 1960 -32.69 -30.80 -88.33
CA ALA P 1960 -33.46 -32.04 -88.32
C ALA P 1960 -33.42 -32.73 -89.68
N ALA P 1961 -33.59 -31.96 -90.76
CA ALA P 1961 -33.55 -32.55 -92.09
C ALA P 1961 -32.17 -33.14 -92.39
N PHE P 1962 -31.11 -32.41 -92.05
CA PHE P 1962 -29.77 -32.93 -92.28
C PHE P 1962 -29.56 -34.21 -91.47
N ALA P 1963 -30.10 -34.26 -90.26
CA ALA P 1963 -30.03 -35.48 -89.47
C ALA P 1963 -30.74 -36.62 -90.19
N GLU P 1964 -31.92 -36.36 -90.74
CA GLU P 1964 -32.64 -37.38 -91.49
C GLU P 1964 -31.75 -37.98 -92.57
N CYS P 1965 -31.12 -37.14 -93.37
CA CYS P 1965 -30.28 -37.67 -94.46
C CYS P 1965 -29.03 -38.38 -93.92
N TYR P 1966 -28.32 -37.74 -93.00
CA TYR P 1966 -27.02 -38.23 -92.58
C TYR P 1966 -27.14 -39.55 -91.82
N VAL P 1967 -28.17 -39.67 -90.98
CA VAL P 1967 -28.35 -40.91 -90.23
C VAL P 1967 -28.69 -42.06 -91.15
N ASP P 1968 -29.47 -41.81 -92.20
CA ASP P 1968 -29.72 -42.85 -93.20
C ASP P 1968 -28.42 -43.28 -93.86
N LYS P 1969 -27.57 -42.32 -94.23
CA LYS P 1969 -26.28 -42.68 -94.81
C LYS P 1969 -25.47 -43.55 -93.84
N MET P 1970 -25.40 -43.13 -92.57
CA MET P 1970 -24.61 -43.89 -91.59
C MET P 1970 -25.17 -45.29 -91.41
N GLN P 1971 -26.50 -45.43 -91.35
CA GLN P 1971 -27.10 -46.74 -91.16
C GLN P 1971 -26.81 -47.66 -92.34
N GLY P 1972 -26.90 -47.13 -93.56
CA GLY P 1972 -26.56 -47.94 -94.72
C GLY P 1972 -25.12 -48.42 -94.70
N ASN P 1973 -24.20 -47.50 -94.42
CA ASN P 1973 -22.79 -47.88 -94.38
C ASN P 1973 -22.53 -48.87 -93.24
N GLN P 1974 -23.26 -48.73 -92.13
CA GLN P 1974 -23.13 -49.66 -91.03
C GLN P 1974 -23.59 -51.06 -91.43
N ARG P 1975 -24.70 -51.15 -92.16
CA ARG P 1975 -25.11 -52.43 -92.73
C ARG P 1975 -24.01 -53.01 -93.60
N GLY P 1976 -23.41 -52.21 -94.47
CA GLY P 1976 -22.36 -52.72 -95.33
C GLY P 1976 -21.16 -53.24 -94.55
N ARG P 1977 -20.76 -52.48 -93.53
CA ARG P 1977 -19.62 -52.87 -92.72
C ARG P 1977 -19.88 -54.15 -91.95
N TYR P 1978 -21.07 -54.30 -91.36
CA TYR P 1978 -21.42 -55.57 -90.75
C TYR P 1978 -21.43 -56.71 -91.75
N GLY P 1979 -21.94 -56.47 -92.96
CA GLY P 1979 -21.87 -57.50 -93.98
C GLY P 1979 -20.46 -57.98 -94.22
N LEU P 1980 -19.52 -57.06 -94.43
CA LEU P 1980 -18.12 -57.47 -94.64
C LEU P 1980 -17.54 -58.16 -93.41
N LEU P 1981 -17.83 -57.63 -92.21
CA LEU P 1981 -17.24 -58.18 -91.00
C LEU P 1981 -17.72 -59.60 -90.75
N MET P 1982 -18.97 -59.90 -91.15
CA MET P 1982 -19.53 -61.28 -91.03
C MET P 1982 -18.99 -62.14 -92.18
N LYS P 1983 -18.69 -61.52 -93.34
CA LYS P 1983 -18.08 -62.24 -94.50
C LYS P 1983 -16.65 -62.58 -94.10
N ALA P 1984 -16.12 -61.99 -93.03
CA ALA P 1984 -14.77 -62.30 -92.49
C ALA P 1984 -14.93 -63.60 -91.71
N PHE P 1985 -14.19 -64.66 -92.02
CA PHE P 1985 -14.34 -65.96 -91.36
C PHE P 1985 -13.32 -66.10 -90.23
N THR P 1986 -13.49 -65.23 -89.23
CA THR P 1986 -12.71 -65.28 -88.00
C THR P 1986 -11.24 -65.56 -88.27
N MET P 1987 -10.66 -64.92 -89.27
CA MET P 1987 -9.26 -65.16 -89.60
C MET P 1987 -8.36 -64.79 -88.43
N SER P 1988 -8.63 -63.65 -87.79
CA SER P 1988 -7.85 -63.19 -86.64
C SER P 1988 -8.81 -62.70 -85.58
N ALA P 1989 -8.95 -63.46 -84.49
CA ALA P 1989 -9.87 -63.07 -83.43
C ALA P 1989 -9.51 -61.72 -82.84
N ALA P 1990 -8.21 -61.43 -82.72
CA ALA P 1990 -7.78 -60.17 -82.12
C ALA P 1990 -8.38 -58.97 -82.84
N GLU P 1991 -8.64 -59.09 -84.13
CA GLU P 1991 -9.26 -58.03 -84.91
C GLU P 1991 -10.77 -58.20 -85.06
N THR P 1992 -11.23 -59.45 -85.16
CA THR P 1992 -12.67 -59.69 -85.26
C THR P 1992 -13.40 -59.17 -84.03
N ALA P 1993 -12.91 -59.52 -82.83
CA ALA P 1993 -13.53 -59.03 -81.61
C ALA P 1993 -13.39 -57.51 -81.51
N ARG P 1994 -12.24 -56.98 -81.92
CA ARG P 1994 -12.04 -55.53 -81.86
C ARG P 1994 -13.07 -54.79 -82.71
N ARG P 1995 -13.35 -55.31 -83.90
CA ARG P 1995 -14.35 -54.68 -84.77
C ARG P 1995 -15.76 -54.91 -84.24
N THR P 1996 -16.02 -56.10 -83.68
CA THR P 1996 -17.39 -56.44 -83.28
C THR P 1996 -17.79 -55.84 -81.95
N ARG P 1997 -16.83 -55.39 -81.14
CA ARG P 1997 -17.18 -54.68 -79.92
C ARG P 1997 -17.94 -53.40 -80.23
N GLU P 1998 -17.54 -52.71 -81.32
CA GLU P 1998 -18.31 -51.58 -81.81
C GLU P 1998 -19.80 -51.89 -81.83
N PHE P 1999 -20.18 -52.94 -82.56
CA PHE P 1999 -21.58 -53.25 -82.76
C PHE P 1999 -22.22 -53.87 -81.53
N ARG P 2000 -21.43 -54.49 -80.65
CA ARG P 2000 -21.94 -54.92 -79.36
C ARG P 2000 -22.25 -53.75 -78.43
N SER P 2001 -21.65 -52.59 -78.67
CA SER P 2001 -21.92 -51.42 -77.83
C SER P 2001 -23.33 -50.90 -78.11
N PRO P 2002 -23.92 -50.18 -77.16
CA PRO P 2002 -25.28 -49.68 -77.33
C PRO P 2002 -25.36 -48.66 -78.47
N PRO P 2003 -26.53 -48.47 -79.07
CA PRO P 2003 -26.62 -47.60 -80.25
C PRO P 2003 -26.20 -46.16 -79.99
N GLN P 2004 -26.48 -45.62 -78.80
CA GLN P 2004 -26.08 -44.24 -78.53
C GLN P 2004 -24.56 -44.10 -78.56
N GLU P 2005 -23.85 -45.02 -77.91
CA GLU P 2005 -22.39 -45.01 -77.97
C GLU P 2005 -21.88 -45.32 -79.38
N GLN P 2006 -22.61 -46.16 -80.14
CA GLN P 2006 -22.25 -46.37 -81.53
C GLN P 2006 -22.27 -45.06 -82.31
N ILE P 2007 -23.35 -44.29 -82.17
CA ILE P 2007 -23.44 -43.00 -82.85
C ILE P 2007 -22.36 -42.06 -82.38
N ASN P 2008 -22.09 -42.03 -81.07
CA ASN P 2008 -21.03 -41.16 -80.56
C ASN P 2008 -19.68 -41.52 -81.18
N MET P 2009 -19.33 -42.81 -81.18
CA MET P 2009 -18.06 -43.24 -81.75
C MET P 2009 -17.98 -42.90 -83.23
N LEU P 2010 -19.06 -43.15 -83.97
CA LEU P 2010 -19.06 -42.85 -85.39
C LEU P 2010 -18.87 -41.37 -85.63
N LEU P 2011 -19.54 -40.53 -84.82
CA LEU P 2011 -19.51 -39.09 -85.02
C LEU P 2011 -18.21 -38.47 -84.54
N HIS P 2012 -17.44 -39.17 -83.70
CA HIS P 2012 -16.24 -38.58 -83.11
C HIS P 2012 -15.09 -38.48 -84.11
N PHE P 2013 -15.16 -37.52 -85.04
CA PHE P 2013 -14.05 -37.24 -85.94
C PHE P 2013 -13.88 -35.74 -86.17
N LYS P 2014 -14.34 -34.91 -85.24
CA LYS P 2014 -14.27 -33.47 -85.43
C LYS P 2014 -12.82 -32.99 -85.52
N ASN P 2015 -11.96 -33.45 -84.61
CA ASN P 2015 -10.57 -33.04 -84.58
C ASN P 2015 -9.67 -33.88 -85.47
N GLY P 2016 -10.22 -34.90 -86.14
CA GLY P 2016 -9.43 -35.76 -87.00
C GLY P 2016 -9.21 -37.12 -86.39
N ALA P 2017 -9.55 -38.17 -87.14
CA ALA P 2017 -9.38 -39.53 -86.67
C ALA P 2017 -9.18 -40.44 -87.87
N ASP P 2018 -8.46 -41.54 -87.65
CA ASP P 2018 -8.18 -42.49 -88.71
C ASP P 2018 -9.32 -43.50 -88.84
N GLU P 2019 -9.22 -44.34 -89.86
CA GLU P 2019 -10.29 -45.28 -90.17
C GLU P 2019 -10.50 -46.26 -89.01
N GLU P 2020 -9.42 -46.74 -88.41
CA GLU P 2020 -9.55 -47.76 -87.37
C GLU P 2020 -10.38 -47.25 -86.20
N GLU P 2021 -10.08 -46.04 -85.72
CA GLU P 2021 -10.85 -45.45 -84.62
C GLU P 2021 -12.25 -45.07 -85.07
N CYS P 2022 -12.37 -44.38 -86.22
CA CYS P 2022 -13.67 -43.98 -86.73
C CYS P 2022 -13.90 -44.62 -88.09
N PRO P 2023 -14.80 -45.61 -88.19
CA PRO P 2023 -14.99 -46.28 -89.49
C PRO P 2023 -15.52 -45.38 -90.59
N LEU P 2024 -16.12 -44.23 -90.27
CA LEU P 2024 -16.80 -43.43 -91.29
C LEU P 2024 -15.84 -43.05 -92.41
N PRO P 2025 -16.23 -43.24 -93.67
CA PRO P 2025 -15.36 -42.82 -94.78
C PRO P 2025 -15.30 -41.31 -94.92
N GLU P 2026 -14.29 -40.85 -95.66
CA GLU P 2026 -14.11 -39.42 -95.88
C GLU P 2026 -15.30 -38.84 -96.63
N GLU P 2027 -15.92 -39.63 -97.51
CA GLU P 2027 -17.08 -39.13 -98.25
C GLU P 2027 -18.21 -38.75 -97.31
N ILE P 2028 -18.51 -39.61 -96.33
CA ILE P 2028 -19.54 -39.29 -95.36
C ILE P 2028 -19.08 -38.17 -94.43
N ARG P 2029 -17.81 -38.18 -94.05
CA ARG P 2029 -17.30 -37.15 -93.15
C ARG P 2029 -17.44 -35.76 -93.77
N GLN P 2030 -17.18 -35.63 -95.07
CA GLN P 2030 -17.21 -34.33 -95.71
C GLN P 2030 -18.61 -33.73 -95.69
N GLU P 2031 -19.64 -34.56 -95.77
CA GLU P 2031 -21.00 -34.03 -95.68
C GLU P 2031 -21.22 -33.30 -94.36
N LEU P 2032 -20.84 -33.95 -93.25
CA LEU P 2032 -20.99 -33.32 -91.95
C LEU P 2032 -20.12 -32.08 -91.83
N VAL P 2033 -18.89 -32.13 -92.34
CA VAL P 2033 -18.03 -30.96 -92.26
C VAL P 2033 -18.65 -29.78 -92.99
N ASN P 2034 -19.16 -30.03 -94.20
CA ASN P 2034 -19.78 -28.96 -94.97
C ASN P 2034 -21.01 -28.41 -94.26
N PHE P 2035 -21.84 -29.31 -93.71
CA PHE P 2035 -23.04 -28.84 -93.02
C PHE P 2035 -22.68 -28.04 -91.78
N HIS P 2036 -21.64 -28.44 -91.05
CA HIS P 2036 -21.22 -27.69 -89.88
C HIS P 2036 -20.71 -26.32 -90.27
N GLN P 2037 -19.93 -26.23 -91.35
CA GLN P 2037 -19.50 -24.92 -91.82
C GLN P 2037 -20.69 -24.07 -92.21
N ASP P 2038 -21.68 -24.66 -92.88
CA ASP P 2038 -22.87 -23.91 -93.27
C ASP P 2038 -23.63 -23.41 -92.05
N LEU P 2039 -23.76 -24.24 -91.01
CA LEU P 2039 -24.45 -23.84 -89.80
C LEU P 2039 -23.72 -22.69 -89.11
N LEU P 2040 -22.40 -22.80 -89.01
CA LEU P 2040 -21.62 -21.72 -88.40
C LEU P 2040 -21.77 -20.42 -89.20
N ALA P 2041 -21.75 -20.52 -90.54
CA ALA P 2041 -21.95 -19.34 -91.36
C ALA P 2041 -23.32 -18.73 -91.14
N HIS P 2042 -24.35 -19.58 -91.05
CA HIS P 2042 -25.71 -19.09 -90.81
C HIS P 2042 -25.78 -18.36 -89.48
N CYS P 2043 -25.18 -18.92 -88.44
CA CYS P 2043 -25.20 -18.29 -87.12
C CYS P 2043 -24.22 -17.13 -87.00
N GLY P 2044 -23.34 -16.93 -87.98
CA GLY P 2044 -22.45 -15.79 -87.99
C GLY P 2044 -21.14 -15.96 -87.28
N ILE P 2045 -20.89 -17.10 -86.64
CA ILE P 2045 -19.62 -17.33 -85.93
C ILE P 2045 -18.49 -17.53 -86.93
N GLN P 2046 -18.82 -17.78 -88.19
CA GLN P 2046 -17.82 -17.98 -89.23
C GLN P 2046 -17.45 -16.64 -89.83
N LEU P 2047 -16.20 -16.23 -89.61
CA LEU P 2047 -15.71 -14.95 -90.12
C LEU P 2047 -14.60 -15.19 -91.14
N GLU P 2089 -20.66 -4.22 -91.46
CA GLU P 2089 -20.64 -3.37 -92.65
C GLU P 2089 -21.43 -2.09 -92.40
N HIS P 2090 -21.22 -1.09 -93.26
CA HIS P 2090 -21.91 0.19 -93.08
C HIS P 2090 -23.42 0.02 -93.21
N LYS P 2091 -23.87 -0.90 -94.06
CA LYS P 2091 -25.27 -1.32 -94.04
C LYS P 2091 -25.42 -2.68 -93.39
N PRO P 2092 -26.53 -2.96 -92.69
CA PRO P 2092 -26.65 -4.25 -92.00
C PRO P 2092 -26.52 -5.46 -92.91
N GLN P 2093 -27.37 -5.56 -93.93
CA GLN P 2093 -27.38 -6.63 -94.91
C GLN P 2093 -27.92 -7.95 -94.36
N SER P 2094 -28.35 -7.98 -93.10
CA SER P 2094 -28.90 -9.20 -92.51
C SER P 2094 -29.73 -8.84 -91.30
N LEU P 2095 -30.59 -9.79 -90.89
CA LEU P 2095 -31.44 -9.56 -89.74
C LEU P 2095 -30.63 -9.39 -88.46
N GLN P 2096 -29.61 -10.23 -88.26
CA GLN P 2096 -28.80 -10.14 -87.06
C GLN P 2096 -28.09 -8.80 -86.97
N GLU P 2097 -27.44 -8.40 -88.08
CA GLU P 2097 -26.75 -7.12 -88.10
C GLU P 2097 -27.74 -5.97 -87.88
N LEU P 2098 -28.90 -6.04 -88.52
CA LEU P 2098 -29.90 -4.99 -88.36
C LEU P 2098 -30.35 -4.87 -86.91
N VAL P 2099 -30.63 -6.00 -86.27
CA VAL P 2099 -31.10 -5.96 -84.89
C VAL P 2099 -30.01 -5.41 -83.96
N SER P 2100 -28.78 -5.90 -84.11
CA SER P 2100 -27.70 -5.41 -83.26
C SER P 2100 -27.48 -3.91 -83.46
N HIS P 2101 -27.42 -3.46 -84.72
CA HIS P 2101 -27.20 -2.05 -85.00
C HIS P 2101 -28.34 -1.21 -84.44
N THR P 2102 -29.58 -1.65 -84.62
CA THR P 2102 -30.71 -0.87 -84.14
C THR P 2102 -30.71 -0.77 -82.62
N VAL P 2103 -30.46 -1.87 -81.92
CA VAL P 2103 -30.46 -1.83 -80.46
C VAL P 2103 -29.35 -0.91 -79.96
N VAL P 2104 -28.14 -1.07 -80.51
CA VAL P 2104 -27.03 -0.24 -80.06
C VAL P 2104 -27.30 1.23 -80.38
N ARG P 2105 -27.89 1.51 -81.54
CA ARG P 2105 -28.16 2.89 -81.92
C ARG P 2105 -29.21 3.51 -81.00
N TRP P 2106 -30.25 2.75 -80.66
CA TRP P 2106 -31.26 3.27 -79.74
C TRP P 2106 -30.63 3.59 -78.39
N ALA P 2107 -29.85 2.65 -77.84
CA ALA P 2107 -29.21 2.89 -76.55
C ALA P 2107 -28.27 4.08 -76.60
N GLN P 2108 -27.51 4.22 -77.69
CA GLN P 2108 -26.62 5.37 -77.83
C GLN P 2108 -27.40 6.67 -77.91
N GLU P 2109 -28.47 6.69 -78.71
CA GLU P 2109 -29.21 7.94 -78.94
C GLU P 2109 -29.89 8.42 -77.67
N ASP P 2110 -30.54 7.52 -76.94
CA ASP P 2110 -31.34 7.95 -75.79
C ASP P 2110 -31.05 7.10 -74.57
N PHE P 2111 -31.21 7.71 -73.41
CA PHE P 2111 -31.16 7.02 -72.12
C PHE P 2111 -32.52 6.41 -71.87
N VAL P 2112 -32.69 5.13 -72.24
CA VAL P 2112 -34.00 4.51 -72.20
C VAL P 2112 -34.51 4.49 -70.77
N GLN P 2113 -35.75 4.98 -70.59
CA GLN P 2113 -36.37 5.08 -69.28
C GLN P 2113 -37.39 3.98 -69.03
N SER P 2114 -37.53 3.03 -69.97
CA SER P 2114 -38.52 1.97 -69.85
C SER P 2114 -37.83 0.66 -69.50
N PRO P 2115 -38.02 0.11 -68.30
CA PRO P 2115 -37.31 -1.14 -67.95
C PRO P 2115 -37.62 -2.29 -68.88
N GLU P 2116 -38.88 -2.46 -69.26
CA GLU P 2116 -39.24 -3.56 -70.16
C GLU P 2116 -38.62 -3.34 -71.54
N LEU P 2117 -38.59 -2.09 -72.01
CA LEU P 2117 -37.92 -1.81 -73.27
C LEU P 2117 -36.44 -2.16 -73.19
N VAL P 2118 -35.78 -1.79 -72.10
CA VAL P 2118 -34.35 -2.10 -71.96
C VAL P 2118 -34.14 -3.61 -71.95
N ARG P 2119 -34.97 -4.34 -71.21
CA ARG P 2119 -34.84 -5.79 -71.15
C ARG P 2119 -35.02 -6.41 -72.53
N ALA P 2120 -36.05 -5.97 -73.27
CA ALA P 2120 -36.26 -6.52 -74.61
C ALA P 2120 -35.10 -6.21 -75.53
N MET P 2121 -34.63 -4.97 -75.51
CA MET P 2121 -33.47 -4.59 -76.33
C MET P 2121 -32.28 -5.49 -76.05
N PHE P 2122 -31.93 -5.67 -74.78
CA PHE P 2122 -30.71 -6.41 -74.47
C PHE P 2122 -30.88 -7.91 -74.65
N SER P 2123 -32.09 -8.42 -74.45
CA SER P 2123 -32.34 -9.82 -74.79
C SER P 2123 -32.15 -10.06 -76.28
N LEU P 2124 -32.70 -9.16 -77.11
CA LEU P 2124 -32.50 -9.29 -78.55
C LEU P 2124 -31.02 -9.21 -78.91
N LEU P 2125 -30.30 -8.26 -78.31
CA LEU P 2125 -28.88 -8.10 -78.61
C LEU P 2125 -28.09 -9.35 -78.23
N HIS P 2126 -28.37 -9.91 -77.06
CA HIS P 2126 -27.70 -11.14 -76.65
C HIS P 2126 -28.02 -12.29 -77.58
N ARG P 2127 -29.28 -12.43 -78.00
CA ARG P 2127 -29.61 -13.49 -78.95
C ARG P 2127 -28.85 -13.32 -80.25
N GLN P 2128 -28.76 -12.09 -80.76
CA GLN P 2128 -28.04 -11.87 -82.00
C GLN P 2128 -26.56 -12.19 -81.86
N TYR P 2129 -25.95 -11.79 -80.74
CA TYR P 2129 -24.53 -12.05 -80.57
C TYR P 2129 -24.22 -13.53 -80.34
N ASP P 2130 -25.02 -14.22 -79.54
CA ASP P 2130 -24.79 -15.64 -79.26
C ASP P 2130 -25.69 -16.54 -80.10
N GLY P 2131 -25.40 -16.65 -81.40
CA GLY P 2131 -26.20 -17.52 -82.25
C GLY P 2131 -26.12 -18.99 -81.89
N LEU P 2132 -24.93 -19.51 -81.63
CA LEU P 2132 -24.82 -20.92 -81.27
C LEU P 2132 -25.39 -21.20 -79.88
N GLY P 2133 -25.29 -20.23 -78.97
CA GLY P 2133 -25.90 -20.43 -77.66
C GLY P 2133 -27.40 -20.62 -77.73
N GLU P 2134 -28.08 -19.81 -78.54
CA GLU P 2134 -29.53 -19.93 -78.66
C GLU P 2134 -29.93 -21.28 -79.25
N LEU P 2135 -29.24 -21.70 -80.31
CA LEU P 2135 -29.54 -23.01 -80.90
C LEU P 2135 -29.24 -24.13 -79.93
N LEU P 2136 -28.13 -24.02 -79.20
CA LEU P 2136 -27.77 -25.04 -78.21
C LEU P 2136 -28.84 -25.15 -77.13
N ARG P 2137 -29.37 -24.02 -76.68
CA ARG P 2137 -30.41 -24.05 -75.64
C ARG P 2137 -31.74 -24.53 -76.23
N ALA P 2138 -31.98 -24.28 -77.52
CA ALA P 2138 -33.24 -24.68 -78.12
C ALA P 2138 -33.30 -26.17 -78.43
N LEU P 2139 -32.17 -26.76 -78.84
CA LEU P 2139 -32.20 -28.17 -79.27
C LEU P 2139 -32.82 -29.10 -78.24
N PRO P 2140 -32.54 -28.97 -76.93
CA PRO P 2140 -33.18 -29.86 -75.95
C PRO P 2140 -34.68 -30.03 -76.15
N ARG P 2141 -35.33 -29.05 -76.78
CA ARG P 2141 -36.76 -29.07 -77.02
C ARG P 2141 -37.10 -29.52 -78.44
N ALA P 2142 -36.13 -30.01 -79.20
CA ALA P 2142 -36.35 -30.46 -80.56
C ALA P 2142 -36.53 -31.97 -80.60
N TYR P 2143 -37.58 -32.43 -81.27
CA TYR P 2143 -37.89 -33.85 -81.37
C TYR P 2143 -38.34 -34.15 -82.80
N THR P 2144 -38.09 -35.38 -83.24
CA THR P 2144 -38.47 -35.83 -84.57
C THR P 2144 -39.34 -37.08 -84.43
N ILE P 2145 -40.42 -37.13 -85.21
CA ILE P 2145 -41.38 -38.22 -85.12
C ILE P 2145 -41.72 -38.70 -86.53
N SER P 2146 -42.08 -39.98 -86.63
CA SER P 2146 -42.44 -40.55 -87.91
C SER P 2146 -43.73 -39.91 -88.43
N VAL P 2147 -43.96 -40.05 -89.73
CA VAL P 2147 -45.12 -39.42 -90.36
C VAL P 2147 -46.42 -40.01 -89.80
N SER P 2148 -46.39 -41.29 -89.42
CA SER P 2148 -47.62 -41.93 -88.95
C SER P 2148 -48.07 -41.37 -87.61
N SER P 2149 -47.13 -40.91 -86.79
CA SER P 2149 -47.47 -40.45 -85.44
C SER P 2149 -48.01 -39.03 -85.42
N VAL P 2150 -48.12 -38.38 -86.59
CA VAL P 2150 -48.43 -36.95 -86.62
C VAL P 2150 -49.82 -36.69 -86.03
N GLU P 2151 -50.81 -37.50 -86.40
CA GLU P 2151 -52.18 -37.25 -85.93
C GLU P 2151 -52.27 -37.35 -84.42
N ASP P 2152 -51.76 -38.43 -83.84
CA ASP P 2152 -51.82 -38.61 -82.40
C ASP P 2152 -50.99 -37.55 -81.69
N THR P 2153 -49.85 -37.16 -82.27
CA THR P 2153 -49.04 -36.10 -81.67
C THR P 2153 -49.79 -34.77 -81.66
N MET P 2154 -50.51 -34.47 -82.74
CA MET P 2154 -51.31 -33.24 -82.77
C MET P 2154 -52.42 -33.27 -81.73
N SER P 2155 -53.11 -34.40 -81.59
CA SER P 2155 -54.13 -34.50 -80.56
C SER P 2155 -53.53 -34.31 -79.18
N LEU P 2156 -52.37 -34.91 -78.92
CA LEU P 2156 -51.72 -34.76 -77.64
C LEU P 2156 -51.30 -33.31 -77.41
N LEU P 2157 -50.85 -32.63 -78.46
CA LEU P 2157 -50.52 -31.22 -78.35
C LEU P 2157 -51.75 -30.40 -77.98
N GLU P 2158 -52.90 -30.72 -78.58
CA GLU P 2158 -54.13 -30.04 -78.18
C GLU P 2158 -54.46 -30.23 -76.71
N CYS P 2159 -54.38 -31.47 -76.23
CA CYS P 2159 -54.65 -31.72 -74.81
C CYS P 2159 -53.64 -31.00 -73.92
N LEU P 2160 -52.37 -31.02 -74.28
CA LEU P 2160 -51.35 -30.33 -73.51
C LEU P 2160 -51.59 -28.83 -73.49
N GLY P 2161 -52.01 -28.26 -74.62
CA GLY P 2161 -52.36 -26.85 -74.66
C GLY P 2161 -53.51 -26.53 -73.74
N GLN P 2162 -54.53 -27.39 -73.70
CA GLN P 2162 -55.61 -27.21 -72.74
C GLN P 2162 -55.07 -27.18 -71.31
N ILE P 2163 -54.27 -28.18 -70.95
CA ILE P 2163 -53.75 -28.26 -69.59
C ILE P 2163 -52.95 -27.01 -69.26
N ARG P 2164 -52.11 -26.56 -70.20
CA ARG P 2164 -51.31 -25.36 -69.99
C ARG P 2164 -52.21 -24.14 -69.79
N SER P 2165 -53.27 -24.04 -70.58
CA SER P 2165 -54.20 -22.92 -70.45
C SER P 2165 -54.83 -22.90 -69.07
N LEU P 2166 -55.09 -24.07 -68.48
CA LEU P 2166 -55.68 -24.07 -67.14
C LEU P 2166 -54.70 -23.65 -66.05
N LEU P 2167 -53.43 -23.40 -66.37
CA LEU P 2167 -52.50 -22.92 -65.35
C LEU P 2167 -52.82 -21.51 -64.86
N ILE P 2168 -53.59 -20.73 -65.62
CA ILE P 2168 -53.77 -19.32 -65.33
C ILE P 2168 -55.16 -18.98 -64.85
N VAL P 2169 -55.93 -19.96 -64.39
CA VAL P 2169 -57.30 -19.75 -63.93
C VAL P 2169 -57.51 -20.52 -62.63
N GLN P 2170 -58.21 -19.89 -61.68
CA GLN P 2170 -58.56 -20.57 -60.45
C GLN P 2170 -59.47 -21.75 -60.77
N MET P 2171 -59.17 -22.90 -60.17
CA MET P 2171 -59.86 -24.13 -60.54
C MET P 2171 -61.33 -24.08 -60.14
N GLY P 2172 -62.19 -24.52 -61.04
CA GLY P 2172 -63.61 -24.61 -60.79
C GLY P 2172 -64.16 -25.93 -61.31
N PRO P 2173 -65.49 -26.05 -61.35
CA PRO P 2173 -66.07 -27.31 -61.86
C PRO P 2173 -65.76 -27.57 -63.33
N GLN P 2174 -65.97 -26.57 -64.19
CA GLN P 2174 -65.69 -26.75 -65.61
C GLN P 2174 -64.23 -27.07 -65.85
N GLU P 2175 -63.34 -26.34 -65.17
CA GLU P 2175 -61.91 -26.57 -65.33
C GLU P 2175 -61.52 -27.96 -64.82
N GLU P 2176 -62.13 -28.39 -63.73
CA GLU P 2176 -61.85 -29.73 -63.21
C GLU P 2176 -62.25 -30.80 -64.22
N ASN P 2177 -63.44 -30.66 -64.80
CA ASN P 2177 -63.89 -31.63 -65.79
C ASN P 2177 -62.97 -31.62 -67.02
N LEU P 2178 -62.60 -30.42 -67.47
CA LEU P 2178 -61.71 -30.31 -68.63
C LEU P 2178 -60.36 -30.95 -68.34
N MET P 2179 -59.82 -30.72 -67.15
CA MET P 2179 -58.53 -31.27 -66.78
C MET P 2179 -58.59 -32.80 -66.74
N ILE P 2180 -59.67 -33.34 -66.16
CA ILE P 2180 -59.83 -34.79 -66.11
C ILE P 2180 -59.90 -35.37 -67.53
N GLN P 2181 -60.68 -34.74 -68.41
CA GLN P 2181 -60.80 -35.25 -69.77
C GLN P 2181 -59.45 -35.19 -70.49
N SER P 2182 -58.72 -34.09 -70.33
CA SER P 2182 -57.42 -33.97 -70.98
C SER P 2182 -56.46 -35.05 -70.50
N ILE P 2183 -56.40 -35.29 -69.19
CA ILE P 2183 -55.50 -36.31 -68.67
C ILE P 2183 -55.92 -37.69 -69.16
N GLY P 2184 -57.23 -37.97 -69.19
CA GLY P 2184 -57.67 -39.26 -69.70
C GLY P 2184 -57.26 -39.48 -71.14
N ASN P 2185 -57.47 -38.47 -71.99
CA ASN P 2185 -57.08 -38.60 -73.39
C ASN P 2185 -55.58 -38.76 -73.54
N ILE P 2186 -54.80 -37.99 -72.77
CA ILE P 2186 -53.34 -38.09 -72.87
C ILE P 2186 -52.89 -39.50 -72.48
N MET P 2187 -53.43 -40.06 -71.40
CA MET P 2187 -53.07 -41.41 -71.02
C MET P 2187 -53.49 -42.42 -72.07
N ASN P 2188 -54.64 -42.20 -72.72
CA ASN P 2188 -55.09 -43.14 -73.74
C ASN P 2188 -54.20 -43.09 -74.98
N ASN P 2189 -53.63 -41.93 -75.27
CA ASN P 2189 -52.89 -41.75 -76.52
C ASN P 2189 -51.61 -42.57 -76.53
N LYS P 2190 -51.22 -43.03 -77.72
CA LYS P 2190 -50.05 -43.91 -77.84
C LYS P 2190 -48.74 -43.16 -77.69
N VAL P 2191 -48.68 -41.91 -78.15
CA VAL P 2191 -47.42 -41.17 -78.12
C VAL P 2191 -46.89 -41.08 -76.70
N PHE P 2192 -47.81 -41.02 -75.72
CA PHE P 2192 -47.40 -40.97 -74.31
C PHE P 2192 -46.58 -42.19 -73.92
N TYR P 2193 -46.71 -43.29 -74.67
CA TYR P 2193 -45.94 -44.48 -74.37
C TYR P 2193 -44.75 -44.63 -75.32
N GLN P 2194 -44.96 -44.33 -76.60
CA GLN P 2194 -43.91 -44.52 -77.59
C GLN P 2194 -42.82 -43.47 -77.50
N HIS P 2195 -43.10 -42.31 -76.93
CA HIS P 2195 -42.11 -41.22 -76.88
C HIS P 2195 -42.11 -40.53 -75.53
N PRO P 2196 -41.69 -41.20 -74.46
CA PRO P 2196 -41.58 -40.52 -73.16
C PRO P 2196 -40.60 -39.35 -73.16
N ASN P 2197 -39.52 -39.43 -73.94
CA ASN P 2197 -38.59 -38.32 -74.04
C ASN P 2197 -39.24 -37.06 -74.59
N LEU P 2198 -40.09 -37.18 -75.61
CA LEU P 2198 -40.86 -36.03 -76.07
C LEU P 2198 -41.67 -35.41 -74.93
N MET P 2199 -42.22 -36.25 -74.05
CA MET P 2199 -43.04 -35.73 -72.96
C MET P 2199 -42.20 -35.00 -71.92
N ARG P 2200 -41.05 -35.57 -71.55
CA ARG P 2200 -40.15 -34.88 -70.64
C ARG P 2200 -39.69 -33.54 -71.24
N ALA P 2201 -39.45 -33.52 -72.55
CA ALA P 2201 -39.08 -32.27 -73.21
C ALA P 2201 -40.23 -31.26 -73.16
N LEU P 2202 -41.45 -31.74 -73.37
CA LEU P 2202 -42.60 -30.84 -73.35
C LEU P 2202 -42.86 -30.29 -71.95
N GLY P 2203 -42.42 -31.01 -70.92
CA GLY P 2203 -42.64 -30.58 -69.56
C GLY P 2203 -44.02 -30.87 -69.02
N MET P 2204 -44.75 -31.80 -69.63
CA MET P 2204 -46.11 -32.13 -69.20
C MET P 2204 -46.16 -32.50 -67.72
N HIS P 2205 -45.17 -33.28 -67.24
CA HIS P 2205 -45.17 -33.67 -65.84
C HIS P 2205 -45.16 -32.45 -64.92
N GLU P 2206 -44.29 -31.48 -65.20
CA GLU P 2206 -44.25 -30.27 -64.38
C GLU P 2206 -45.54 -29.46 -64.45
N THR P 2207 -46.16 -29.36 -65.62
CA THR P 2207 -47.43 -28.65 -65.72
C THR P 2207 -48.50 -29.30 -64.86
N VAL P 2208 -48.62 -30.63 -64.95
CA VAL P 2208 -49.63 -31.33 -64.14
C VAL P 2208 -49.33 -31.15 -62.67
N MET P 2209 -48.05 -31.25 -62.28
CA MET P 2209 -47.70 -31.08 -60.88
C MET P 2209 -48.02 -29.68 -60.38
N GLU P 2210 -47.77 -28.66 -61.22
CA GLU P 2210 -48.09 -27.30 -60.81
C GLU P 2210 -49.58 -27.12 -60.62
N VAL P 2211 -50.40 -27.66 -61.52
CA VAL P 2211 -51.84 -27.58 -61.33
C VAL P 2211 -52.24 -28.25 -60.02
N MET P 2212 -51.70 -29.46 -59.78
CA MET P 2212 -52.04 -30.20 -58.58
C MET P 2212 -51.68 -29.42 -57.33
N VAL P 2213 -50.46 -28.89 -57.27
CA VAL P 2213 -50.01 -28.20 -56.06
C VAL P 2213 -50.76 -26.90 -55.86
N ASN P 2214 -51.05 -26.18 -56.95
CA ASN P 2214 -51.86 -24.97 -56.82
C ASN P 2214 -53.20 -25.29 -56.16
N VAL P 2215 -53.91 -26.29 -56.67
CA VAL P 2215 -55.22 -26.60 -56.10
C VAL P 2215 -55.08 -27.12 -54.68
N LEU P 2216 -54.05 -27.93 -54.40
CA LEU P 2216 -53.85 -28.42 -53.05
C LEU P 2216 -53.61 -27.29 -52.06
N GLY P 2217 -52.76 -26.33 -52.42
CA GLY P 2217 -52.50 -25.18 -51.58
C GLY P 2217 -53.74 -24.34 -51.38
N GLY P 2218 -54.57 -24.23 -52.42
CA GLY P 2218 -55.82 -23.50 -52.28
C GLY P 2218 -56.67 -24.07 -51.15
N GLY P 2219 -57.06 -23.20 -50.23
CA GLY P 2219 -57.91 -23.62 -49.12
C GLY P 2219 -57.29 -24.69 -48.23
N GLU P 2220 -56.03 -24.50 -47.84
CA GLU P 2220 -55.35 -25.52 -47.03
C GLU P 2220 -56.07 -25.78 -45.72
N SER P 2221 -56.44 -24.72 -45.00
CA SER P 2221 -57.06 -24.89 -43.69
C SER P 2221 -58.42 -25.57 -43.81
N LYS P 2222 -59.21 -25.19 -44.80
CA LYS P 2222 -60.56 -25.72 -44.93
C LYS P 2222 -60.53 -27.18 -45.37
N GLU P 2223 -60.13 -27.43 -46.62
CA GLU P 2223 -60.04 -28.79 -47.14
C GLU P 2223 -59.42 -28.76 -48.54
N ILE P 2224 -59.21 -29.94 -49.13
CA ILE P 2224 -58.65 -30.06 -50.47
C ILE P 2224 -59.81 -30.02 -51.45
N ARG P 2225 -60.11 -28.83 -51.96
CA ARG P 2225 -61.22 -28.70 -52.90
C ARG P 2225 -60.88 -29.40 -54.21
N PHE P 2226 -61.92 -29.93 -54.86
CA PHE P 2226 -61.78 -30.74 -56.07
C PHE P 2226 -60.90 -31.97 -55.82
N PRO P 2227 -61.31 -32.88 -54.93
CA PRO P 2227 -60.50 -34.08 -54.70
C PRO P 2227 -60.33 -34.94 -55.94
N LYS P 2228 -61.33 -34.98 -56.82
CA LYS P 2228 -61.25 -35.84 -58.00
C LYS P 2228 -60.11 -35.40 -58.91
N MET P 2229 -59.95 -34.09 -59.10
CA MET P 2229 -58.86 -33.61 -59.96
C MET P 2229 -57.51 -34.00 -59.38
N VAL P 2230 -57.34 -33.85 -58.07
CA VAL P 2230 -56.07 -34.19 -57.43
C VAL P 2230 -55.80 -35.67 -57.57
N THR P 2231 -56.83 -36.50 -57.40
CA THR P 2231 -56.67 -37.93 -57.58
C THR P 2231 -56.23 -38.25 -59.00
N SER P 2232 -56.87 -37.62 -59.99
CA SER P 2232 -56.49 -37.87 -61.38
C SER P 2232 -55.06 -37.45 -61.65
N CYS P 2233 -54.65 -36.29 -61.13
CA CYS P 2233 -53.29 -35.82 -61.35
C CYS P 2233 -52.28 -36.75 -60.70
N CYS P 2234 -52.56 -37.21 -59.48
CA CYS P 2234 -51.64 -38.12 -58.80
C CYS P 2234 -51.54 -39.44 -59.54
N ARG P 2235 -52.66 -39.98 -60.02
CA ARG P 2235 -52.61 -41.20 -60.80
C ARG P 2235 -51.78 -41.00 -62.06
N PHE P 2236 -52.00 -39.88 -62.74
CA PHE P 2236 -51.28 -39.60 -63.98
C PHE P 2236 -49.79 -39.51 -63.72
N LEU P 2237 -49.39 -38.84 -62.65
CA LEU P 2237 -47.97 -38.69 -62.35
C LEU P 2237 -47.34 -40.02 -61.94
N CYS P 2238 -48.04 -40.82 -61.12
CA CYS P 2238 -47.51 -42.13 -60.77
C CYS P 2238 -47.32 -43.01 -62.00
N TYR P 2239 -48.29 -43.00 -62.92
CA TYR P 2239 -48.17 -43.83 -64.10
C TYR P 2239 -47.11 -43.29 -65.05
N PHE P 2240 -46.93 -41.96 -65.08
CA PHE P 2240 -45.82 -41.35 -65.81
C PHE P 2240 -44.49 -41.83 -65.27
N CYS P 2241 -44.35 -41.90 -63.94
CA CYS P 2241 -43.16 -42.53 -63.35
C CYS P 2241 -43.01 -43.98 -63.79
N ARG P 2242 -44.09 -44.75 -63.76
CA ARG P 2242 -44.03 -46.16 -64.15
C ARG P 2242 -43.59 -46.37 -65.59
N ILE P 2243 -43.92 -45.45 -66.49
CA ILE P 2243 -43.60 -45.67 -67.90
C ILE P 2243 -42.12 -45.96 -68.11
N SER P 2244 -41.25 -45.13 -67.54
CA SER P 2244 -39.82 -45.28 -67.81
C SER P 2244 -39.02 -44.80 -66.61
N ARG P 2245 -37.76 -45.27 -66.55
CA ARG P 2245 -36.88 -44.90 -65.44
C ARG P 2245 -36.52 -43.43 -65.49
N GLN P 2246 -36.29 -42.89 -66.69
CA GLN P 2246 -35.90 -41.48 -66.80
C GLN P 2246 -36.98 -40.56 -66.27
N ASN P 2247 -38.25 -40.87 -66.57
CA ASN P 2247 -39.35 -40.13 -65.99
C ASN P 2247 -39.35 -40.26 -64.47
N GLN P 2248 -39.02 -41.45 -63.96
CA GLN P 2248 -38.96 -41.65 -62.52
C GLN P 2248 -37.89 -40.77 -61.89
N ARG P 2249 -36.73 -40.64 -62.57
CA ARG P 2249 -35.70 -39.74 -62.07
C ARG P 2249 -36.16 -38.29 -62.15
N SER P 2250 -36.88 -37.92 -63.20
CA SER P 2250 -37.40 -36.57 -63.32
C SER P 2250 -38.29 -36.23 -62.13
N MET P 2251 -39.17 -37.16 -61.76
CA MET P 2251 -40.01 -36.96 -60.58
C MET P 2251 -39.23 -37.03 -59.27
N PHE P 2252 -38.19 -37.86 -59.21
CA PHE P 2252 -37.31 -37.85 -58.04
C PHE P 2252 -36.68 -36.49 -57.83
N ASP P 2253 -36.37 -35.78 -58.93
CA ASP P 2253 -35.82 -34.44 -58.80
C ASP P 2253 -36.75 -33.53 -58.03
N HIS P 2254 -38.06 -33.65 -58.24
CA HIS P 2254 -39.06 -32.82 -57.58
C HIS P 2254 -39.61 -33.44 -56.31
N LEU P 2255 -39.15 -34.65 -55.95
CA LEU P 2255 -39.63 -35.32 -54.74
C LEU P 2255 -39.88 -34.34 -53.60
N SER P 2256 -38.89 -33.51 -53.27
CA SER P 2256 -39.00 -32.65 -52.10
C SER P 2256 -40.25 -31.78 -52.17
N TYR P 2257 -40.57 -31.26 -53.36
CA TYR P 2257 -41.74 -30.42 -53.54
C TYR P 2257 -43.01 -31.22 -53.20
N LEU P 2258 -43.09 -32.45 -53.71
CA LEU P 2258 -44.22 -33.31 -53.40
C LEU P 2258 -44.30 -33.61 -51.92
N LEU P 2259 -43.16 -33.87 -51.28
CA LEU P 2259 -43.17 -34.10 -49.84
C LEU P 2259 -43.66 -32.86 -49.08
N GLU P 2260 -43.28 -31.67 -49.55
CA GLU P 2260 -43.78 -30.46 -48.93
C GLU P 2260 -45.30 -30.37 -49.04
N ASN P 2261 -45.84 -30.67 -50.23
CA ASN P 2261 -47.28 -30.55 -50.45
C ASN P 2261 -48.08 -31.72 -49.89
N SER P 2262 -47.42 -32.81 -49.48
CA SER P 2262 -48.10 -33.98 -48.95
C SER P 2262 -48.41 -33.86 -47.47
N GLY P 2263 -48.44 -32.65 -46.91
CA GLY P 2263 -48.69 -32.46 -45.51
C GLY P 2263 -50.06 -32.93 -45.06
N ILE P 2264 -51.09 -32.65 -45.86
CA ILE P 2264 -52.47 -33.00 -45.55
C ILE P 2264 -52.97 -33.94 -46.62
N GLY P 2265 -53.59 -35.04 -46.19
CA GLY P 2265 -54.08 -36.02 -47.14
C GLY P 2265 -55.07 -36.96 -46.51
N LEU P 2266 -55.55 -37.91 -47.33
CA LEU P 2266 -56.51 -38.93 -46.90
C LEU P 2266 -57.91 -38.36 -46.76
N GLY P 2267 -58.05 -37.04 -46.90
CA GLY P 2267 -59.38 -36.46 -46.97
C GLY P 2267 -60.06 -36.77 -48.29
N MET P 2268 -59.27 -37.11 -49.31
CA MET P 2268 -59.80 -37.51 -50.61
C MET P 2268 -59.88 -39.02 -50.77
N GLN P 2269 -59.01 -39.77 -50.10
CA GLN P 2269 -58.99 -41.23 -50.06
C GLN P 2269 -58.45 -41.84 -51.34
N GLY P 2270 -58.22 -41.06 -52.39
CA GLY P 2270 -57.62 -41.54 -53.62
C GLY P 2270 -56.12 -41.36 -53.62
N SER P 2271 -55.57 -41.23 -54.83
CA SER P 2271 -54.13 -41.03 -54.97
C SER P 2271 -53.73 -39.67 -54.39
N THR P 2272 -52.49 -39.59 -53.92
CA THR P 2272 -51.99 -38.42 -53.23
C THR P 2272 -50.57 -38.08 -53.70
N PRO P 2273 -50.13 -36.83 -53.48
CA PRO P 2273 -48.72 -36.51 -53.78
C PRO P 2273 -47.75 -37.39 -53.02
N LEU P 2274 -48.14 -37.91 -51.86
CA LEU P 2274 -47.31 -38.90 -51.19
C LEU P 2274 -47.19 -40.16 -52.03
N ASP P 2275 -48.29 -40.59 -52.66
CA ASP P 2275 -48.22 -41.71 -53.58
C ASP P 2275 -47.32 -41.40 -54.77
N VAL P 2276 -47.39 -40.16 -55.27
CA VAL P 2276 -46.50 -39.76 -56.36
C VAL P 2276 -45.05 -39.87 -55.93
N ALA P 2277 -44.73 -39.39 -54.73
CA ALA P 2277 -43.37 -39.47 -54.22
C ALA P 2277 -42.93 -40.92 -54.07
N ALA P 2278 -43.82 -41.79 -53.57
CA ALA P 2278 -43.47 -43.20 -53.43
C ALA P 2278 -43.18 -43.83 -54.78
N ALA P 2279 -44.02 -43.53 -55.79
CA ALA P 2279 -43.77 -44.06 -57.12
C ALA P 2279 -42.48 -43.51 -57.70
N SER P 2280 -42.09 -42.30 -57.28
CA SER P 2280 -40.88 -41.68 -57.82
C SER P 2280 -39.62 -42.45 -57.43
N VAL P 2281 -39.69 -43.28 -56.39
CA VAL P 2281 -38.52 -43.97 -55.88
C VAL P 2281 -38.71 -45.48 -55.84
N ILE P 2282 -39.93 -45.96 -56.09
CA ILE P 2282 -40.20 -47.39 -55.99
C ILE P 2282 -39.31 -48.17 -56.94
N ASP P 2283 -38.71 -49.25 -56.43
CA ASP P 2283 -37.97 -50.23 -57.22
C ASP P 2283 -36.87 -49.58 -58.07
N ASN P 2284 -36.10 -48.67 -57.49
CA ASN P 2284 -34.95 -48.06 -58.17
C ASN P 2284 -33.83 -47.91 -57.15
N ASN P 2285 -32.81 -48.77 -57.25
CA ASN P 2285 -31.70 -48.73 -56.30
C ASN P 2285 -30.96 -47.40 -56.37
N GLU P 2286 -30.72 -46.91 -57.59
CA GLU P 2286 -29.99 -45.65 -57.74
C GLU P 2286 -30.72 -44.51 -57.03
N LEU P 2287 -32.02 -44.37 -57.29
CA LEU P 2287 -32.78 -43.28 -56.68
C LEU P 2287 -32.91 -43.46 -55.17
N ALA P 2288 -33.08 -44.72 -54.73
CA ALA P 2288 -33.17 -44.96 -53.30
C ALA P 2288 -31.88 -44.58 -52.60
N LEU P 2289 -30.73 -44.88 -53.21
CA LEU P 2289 -29.46 -44.48 -52.63
C LEU P 2289 -29.26 -42.98 -52.70
N ALA P 2290 -29.80 -42.33 -53.72
CA ALA P 2290 -29.72 -40.88 -53.85
C ALA P 2290 -30.73 -40.14 -52.99
N LEU P 2291 -31.64 -40.86 -52.33
CA LEU P 2291 -32.64 -40.22 -51.48
C LEU P 2291 -31.97 -39.45 -50.35
N GLN P 2292 -32.60 -38.33 -49.95
CA GLN P 2292 -31.97 -37.38 -49.05
C GLN P 2292 -32.47 -37.55 -47.62
N GLU P 2293 -31.53 -37.40 -46.68
CA GLU P 2293 -31.87 -37.48 -45.26
C GLU P 2293 -32.89 -36.40 -44.88
N GLN P 2294 -32.81 -35.23 -45.53
CA GLN P 2294 -33.81 -34.20 -45.28
C GLN P 2294 -35.19 -34.68 -45.68
N ASP P 2295 -35.30 -35.31 -46.85
CA ASP P 2295 -36.58 -35.85 -47.30
C ASP P 2295 -37.09 -36.89 -46.32
N LEU P 2296 -36.21 -37.76 -45.84
CA LEU P 2296 -36.63 -38.78 -44.88
C LEU P 2296 -37.11 -38.15 -43.58
N GLU P 2297 -36.41 -37.13 -43.08
CA GLU P 2297 -36.79 -36.49 -41.83
C GLU P 2297 -38.10 -35.74 -41.95
N LYS P 2298 -38.40 -35.20 -43.14
CA LYS P 2298 -39.69 -34.54 -43.32
C LYS P 2298 -40.84 -35.54 -43.12
N VAL P 2299 -40.72 -36.73 -43.72
CA VAL P 2299 -41.76 -37.74 -43.56
C VAL P 2299 -41.80 -38.25 -42.12
N VAL P 2300 -40.63 -38.38 -41.47
CA VAL P 2300 -40.63 -38.82 -40.08
C VAL P 2300 -41.32 -37.78 -39.19
N SER P 2301 -41.12 -36.49 -39.48
CA SER P 2301 -41.79 -35.44 -38.73
C SER P 2301 -43.29 -35.49 -38.96
N TYR P 2302 -43.70 -35.75 -40.20
CA TYR P 2302 -45.14 -35.91 -40.47
C TYR P 2302 -45.71 -37.08 -39.67
N LEU P 2303 -44.97 -38.19 -39.62
CA LEU P 2303 -45.42 -39.34 -38.83
C LEU P 2303 -45.52 -39.01 -37.35
N ALA P 2304 -44.55 -38.26 -36.82
CA ALA P 2304 -44.62 -37.83 -35.43
C ALA P 2304 -45.83 -36.96 -35.18
N GLY P 2305 -46.11 -36.01 -36.09
CA GLY P 2305 -47.29 -35.19 -35.95
C GLY P 2305 -48.56 -36.01 -35.96
N CYS P 2306 -48.62 -37.02 -36.83
CA CYS P 2306 -49.79 -37.90 -36.86
C CYS P 2306 -49.92 -38.69 -35.56
N GLY P 2307 -48.82 -39.15 -34.99
CA GLY P 2307 -48.87 -39.89 -33.74
C GLY P 2307 -49.23 -39.00 -32.56
N LEU P 2308 -48.97 -37.70 -32.70
CA LEU P 2308 -49.29 -36.77 -31.62
C LEU P 2308 -50.74 -36.30 -31.67
N GLN P 2309 -51.16 -35.72 -32.80
CA GLN P 2309 -52.46 -35.09 -32.91
C GLN P 2309 -53.44 -35.98 -33.67
N SER P 2310 -54.73 -35.71 -33.45
CA SER P 2310 -55.81 -36.42 -34.13
C SER P 2310 -56.15 -35.74 -35.46
N CYS P 2311 -57.04 -36.36 -36.20
CA CYS P 2311 -57.36 -35.88 -37.55
C CYS P 2311 -58.56 -34.94 -37.52
N PRO P 2312 -58.39 -33.65 -37.85
CA PRO P 2312 -59.53 -32.72 -37.75
C PRO P 2312 -60.70 -33.13 -38.62
N MET P 2313 -60.46 -33.72 -39.80
CA MET P 2313 -61.56 -34.12 -40.66
C MET P 2313 -62.42 -35.19 -39.97
N LEU P 2314 -61.78 -36.20 -39.39
CA LEU P 2314 -62.54 -37.24 -38.69
C LEU P 2314 -63.26 -36.67 -37.47
N LEU P 2315 -62.59 -35.80 -36.71
CA LEU P 2315 -63.27 -35.20 -35.57
C LEU P 2315 -64.50 -34.39 -35.99
N ALA P 2316 -64.37 -33.61 -37.08
CA ALA P 2316 -65.52 -32.86 -37.58
C ALA P 2316 -66.63 -33.80 -38.05
N LYS P 2317 -66.28 -34.89 -38.72
CA LYS P 2317 -67.27 -35.88 -39.12
C LYS P 2317 -68.00 -36.43 -37.90
N GLY P 2318 -67.30 -36.58 -36.79
CA GLY P 2318 -67.92 -37.00 -35.55
C GLY P 2318 -67.32 -38.26 -34.96
N TYR P 2319 -66.22 -38.72 -35.54
CA TYR P 2319 -65.56 -39.91 -35.03
C TYR P 2319 -65.01 -39.64 -33.64
N PRO P 2320 -64.98 -40.63 -32.75
CA PRO P 2320 -64.44 -40.39 -31.40
C PRO P 2320 -62.99 -39.93 -31.46
N ASP P 2321 -62.64 -39.06 -30.52
CA ASP P 2321 -61.29 -38.51 -30.45
C ASP P 2321 -60.37 -39.53 -29.79
N ILE P 2322 -59.46 -40.09 -30.56
CA ILE P 2322 -58.51 -41.07 -30.02
C ILE P 2322 -57.21 -40.39 -29.60
N GLY P 2323 -56.86 -39.26 -30.20
CA GLY P 2323 -55.67 -38.53 -29.86
C GLY P 2323 -54.53 -38.64 -30.86
N TRP P 2324 -54.66 -39.51 -31.86
CA TRP P 2324 -53.62 -39.70 -32.86
C TRP P 2324 -54.25 -40.12 -34.18
N ASN P 2325 -53.46 -40.08 -35.26
CA ASN P 2325 -53.96 -40.32 -36.60
C ASN P 2325 -53.35 -41.56 -37.23
N PRO P 2326 -53.86 -42.75 -36.92
CA PRO P 2326 -53.35 -43.96 -37.57
C PRO P 2326 -53.53 -43.91 -39.07
N CYS P 2327 -54.60 -43.24 -39.51
CA CYS P 2327 -54.93 -43.21 -40.94
C CYS P 2327 -53.80 -42.59 -41.76
N GLY P 2328 -53.26 -41.46 -41.29
CA GLY P 2328 -52.15 -40.84 -41.99
C GLY P 2328 -50.82 -41.47 -41.64
N GLY P 2329 -50.69 -41.96 -40.41
CA GLY P 2329 -49.47 -42.65 -40.03
C GLY P 2329 -49.20 -43.84 -40.93
N GLU P 2330 -50.26 -44.55 -41.33
CA GLU P 2330 -50.09 -45.68 -42.22
C GLU P 2330 -49.55 -45.24 -43.58
N ARG P 2331 -50.04 -44.11 -44.10
CA ARG P 2331 -49.55 -43.65 -45.40
C ARG P 2331 -48.06 -43.27 -45.32
N TYR P 2332 -47.69 -42.54 -44.26
CA TYR P 2332 -46.29 -42.17 -44.13
C TYR P 2332 -45.41 -43.40 -43.93
N LEU P 2333 -45.90 -44.38 -43.17
CA LEU P 2333 -45.15 -45.63 -43.00
C LEU P 2333 -45.00 -46.36 -44.32
N ASP P 2334 -46.05 -46.33 -45.17
CA ASP P 2334 -45.96 -46.96 -46.48
C ASP P 2334 -44.87 -46.30 -47.32
N PHE P 2335 -44.82 -44.96 -47.30
CA PHE P 2335 -43.75 -44.29 -48.04
C PHE P 2335 -42.39 -44.69 -47.51
N LEU P 2336 -42.24 -44.72 -46.17
CA LEU P 2336 -40.95 -45.09 -45.60
C LEU P 2336 -40.57 -46.52 -45.98
N ARG P 2337 -41.55 -47.42 -46.03
CA ARG P 2337 -41.28 -48.80 -46.44
C ARG P 2337 -40.78 -48.84 -47.88
N PHE P 2338 -41.46 -48.12 -48.78
CA PHE P 2338 -41.01 -48.09 -50.17
C PHE P 2338 -39.61 -47.50 -50.27
N ALA P 2339 -39.28 -46.54 -49.40
CA ALA P 2339 -37.95 -45.95 -49.42
C ALA P 2339 -36.89 -46.95 -48.98
N VAL P 2340 -37.13 -47.63 -47.86
CA VAL P 2340 -36.10 -48.49 -47.28
C VAL P 2340 -35.92 -49.77 -48.11
N PHE P 2341 -37.02 -50.37 -48.56
CA PHE P 2341 -36.99 -51.71 -49.13
C PHE P 2341 -37.10 -51.63 -50.64
N VAL P 2342 -36.12 -52.20 -51.34
CA VAL P 2342 -36.03 -52.13 -52.79
C VAL P 2342 -35.68 -53.51 -53.34
N ASN P 2343 -36.47 -53.97 -54.31
CA ASN P 2343 -36.17 -55.19 -55.08
C ASN P 2343 -35.85 -56.38 -54.16
N GLY P 2344 -36.64 -56.55 -53.11
CA GLY P 2344 -36.51 -57.70 -52.25
C GLY P 2344 -35.36 -57.65 -51.27
N GLU P 2345 -34.57 -56.58 -51.28
CA GLU P 2345 -33.42 -56.44 -50.39
C GLU P 2345 -33.46 -55.09 -49.71
N SER P 2346 -33.14 -55.08 -48.42
CA SER P 2346 -33.14 -53.83 -47.66
C SER P 2346 -31.97 -52.95 -48.09
N VAL P 2347 -32.23 -51.65 -48.16
CA VAL P 2347 -31.19 -50.66 -48.44
C VAL P 2347 -30.63 -50.20 -47.09
N GLU P 2348 -29.37 -50.54 -46.83
CA GLU P 2348 -28.82 -50.38 -45.49
C GLU P 2348 -28.81 -48.91 -45.06
N GLU P 2349 -28.40 -48.01 -45.95
CA GLU P 2349 -28.28 -46.60 -45.57
C GLU P 2349 -29.64 -46.03 -45.17
N ASN P 2350 -30.64 -46.19 -46.03
CA ASN P 2350 -31.96 -45.66 -45.73
C ASN P 2350 -32.56 -46.34 -44.50
N ALA P 2351 -32.37 -47.65 -44.38
CA ALA P 2351 -32.90 -48.36 -43.22
C ALA P 2351 -32.31 -47.82 -41.93
N ASN P 2352 -30.99 -47.64 -41.89
CA ASN P 2352 -30.36 -47.13 -40.68
C ASN P 2352 -30.83 -45.71 -40.37
N VAL P 2353 -30.90 -44.86 -41.39
CA VAL P 2353 -31.33 -43.49 -41.17
C VAL P 2353 -32.74 -43.47 -40.62
N VAL P 2354 -33.64 -44.26 -41.20
CA VAL P 2354 -35.02 -44.30 -40.74
C VAL P 2354 -35.11 -44.85 -39.32
N VAL P 2355 -34.31 -45.87 -38.98
CA VAL P 2355 -34.36 -46.42 -37.64
C VAL P 2355 -33.93 -45.37 -36.62
N ARG P 2356 -32.82 -44.68 -36.89
CA ARG P 2356 -32.38 -43.64 -35.96
C ARG P 2356 -33.42 -42.53 -35.84
N LEU P 2357 -34.00 -42.12 -36.97
CA LEU P 2357 -34.98 -41.03 -36.93
C LEU P 2357 -36.22 -41.44 -36.14
N LEU P 2358 -36.63 -42.70 -36.28
CA LEU P 2358 -37.81 -43.18 -35.55
C LEU P 2358 -37.54 -43.28 -34.06
N ILE P 2359 -36.36 -43.80 -33.68
CA ILE P 2359 -36.07 -43.90 -32.25
C ILE P 2359 -35.93 -42.52 -31.62
N ARG P 2360 -35.39 -41.56 -32.37
CA ARG P 2360 -35.26 -40.20 -31.83
C ARG P 2360 -36.64 -39.62 -31.50
N LYS P 2361 -37.64 -39.93 -32.32
CA LYS P 2361 -39.01 -39.49 -32.06
C LYS P 2361 -39.88 -40.71 -31.74
N PRO P 2362 -40.00 -41.09 -30.46
CA PRO P 2362 -40.73 -42.31 -30.12
C PRO P 2362 -42.23 -42.24 -30.36
N GLU P 2363 -42.81 -41.04 -30.49
CA GLU P 2363 -44.26 -40.95 -30.69
C GLU P 2363 -44.66 -41.56 -32.03
N CYS P 2364 -43.72 -41.68 -32.97
CA CYS P 2364 -44.02 -42.30 -34.25
C CYS P 2364 -44.48 -43.74 -34.07
N PHE P 2365 -43.91 -44.43 -33.07
CA PHE P 2365 -44.28 -45.82 -32.83
C PHE P 2365 -45.74 -45.94 -32.42
N GLY P 2366 -46.33 -44.84 -31.95
CA GLY P 2366 -47.72 -44.84 -31.54
C GLY P 2366 -47.88 -44.98 -30.05
N PRO P 2367 -49.12 -44.82 -29.56
CA PRO P 2367 -49.34 -44.90 -28.11
C PRO P 2367 -49.11 -46.28 -27.51
N ALA P 2368 -49.20 -47.35 -28.32
CA ALA P 2368 -49.01 -48.68 -27.78
C ALA P 2368 -47.56 -48.92 -27.37
N LEU P 2369 -46.62 -48.58 -28.26
CA LEU P 2369 -45.20 -48.72 -27.98
C LEU P 2369 -44.63 -47.49 -27.29
N ARG P 2370 -45.46 -46.48 -27.02
CA ARG P 2370 -45.01 -45.30 -26.31
C ARG P 2370 -44.50 -45.69 -24.93
N GLY P 2371 -43.23 -45.36 -24.66
CA GLY P 2371 -42.48 -46.07 -23.64
C GLY P 2371 -42.99 -45.90 -22.22
N GLU P 2372 -43.30 -44.67 -21.81
CA GLU P 2372 -43.53 -44.42 -20.39
C GLU P 2372 -44.63 -45.31 -19.83
N GLY P 2373 -45.70 -45.54 -20.61
CA GLY P 2373 -46.82 -46.33 -20.14
C GLY P 2373 -47.41 -47.22 -21.21
N GLY P 2374 -46.59 -47.66 -22.16
CA GLY P 2374 -47.05 -48.47 -23.28
C GLY P 2374 -47.62 -49.79 -22.81
N SER P 2375 -48.83 -50.10 -23.28
CA SER P 2375 -49.46 -51.37 -22.95
C SER P 2375 -48.75 -52.52 -23.65
N GLY P 2376 -48.30 -52.30 -24.87
CA GLY P 2376 -47.67 -53.31 -25.69
C GLY P 2376 -48.45 -53.53 -26.98
N LEU P 2377 -47.76 -54.09 -27.96
CA LEU P 2377 -48.34 -54.30 -29.29
C LEU P 2377 -49.50 -55.30 -29.24
N LEU P 2378 -49.33 -56.41 -28.53
CA LEU P 2378 -50.41 -57.40 -28.42
C LEU P 2378 -51.63 -56.79 -27.74
N ALA P 2379 -51.42 -56.08 -26.64
CA ALA P 2379 -52.52 -55.45 -25.94
C ALA P 2379 -53.21 -54.42 -26.83
N ALA P 2380 -52.43 -53.67 -27.60
CA ALA P 2380 -53.02 -52.67 -28.49
C ALA P 2380 -53.86 -53.30 -29.57
N ILE P 2381 -53.38 -54.40 -30.16
CA ILE P 2381 -54.16 -55.07 -31.21
C ILE P 2381 -55.44 -55.68 -30.63
N GLU P 2382 -55.35 -56.28 -29.44
CA GLU P 2382 -56.56 -56.79 -28.79
C GLU P 2382 -57.54 -55.67 -28.51
N GLU P 2383 -57.03 -54.53 -28.02
CA GLU P 2383 -57.90 -53.38 -27.77
C GLU P 2383 -58.55 -52.90 -29.07
N ALA P 2384 -57.79 -52.89 -30.17
CA ALA P 2384 -58.36 -52.47 -31.44
C ALA P 2384 -59.47 -53.43 -31.90
N ILE P 2385 -59.27 -54.72 -31.69
CA ILE P 2385 -60.32 -55.69 -32.00
C ILE P 2385 -61.56 -55.38 -31.18
N ARG P 2386 -61.39 -55.06 -29.90
CA ARG P 2386 -62.54 -54.69 -29.08
C ARG P 2386 -63.18 -53.40 -29.56
N ILE P 2387 -62.37 -52.44 -30.02
CA ILE P 2387 -62.93 -51.24 -30.63
C ILE P 2387 -63.83 -51.60 -31.80
N SER P 2388 -63.34 -52.46 -32.69
CA SER P 2388 -64.13 -52.86 -33.85
C SER P 2388 -65.42 -53.53 -33.41
N GLU P 2389 -65.35 -54.40 -32.39
CA GLU P 2389 -66.55 -55.08 -31.92
C GLU P 2389 -67.55 -54.10 -31.31
N ASP P 2390 -67.07 -53.05 -30.65
CA ASP P 2390 -67.93 -52.13 -29.93
C ASP P 2390 -68.37 -50.99 -30.83
N PRO P 2391 -69.66 -50.81 -31.11
CA PRO P 2391 -70.11 -49.61 -31.82
C PRO P 2391 -70.11 -48.40 -30.89
N ALA P 2392 -70.23 -47.22 -31.51
CA ALA P 2392 -70.20 -45.91 -30.89
C ALA P 2392 -68.79 -45.53 -30.47
N ARG P 2393 -67.82 -46.43 -30.57
CA ARG P 2393 -66.42 -46.15 -30.31
C ARG P 2393 -65.55 -46.41 -31.53
N ASP P 2394 -65.95 -47.35 -32.38
CA ASP P 2394 -65.29 -47.55 -33.65
C ASP P 2394 -65.63 -46.45 -34.64
N GLY P 2395 -66.88 -46.02 -34.68
CA GLY P 2395 -67.33 -45.00 -35.59
C GLY P 2395 -68.16 -43.94 -34.90
N PRO P 2396 -68.59 -42.92 -35.65
CA PRO P 2396 -69.37 -41.83 -35.02
C PRO P 2396 -70.65 -42.33 -34.37
N GLY P 2397 -71.37 -43.24 -35.01
CA GLY P 2397 -72.58 -43.79 -34.44
C GLY P 2397 -73.59 -42.73 -34.07
N VAL P 2398 -73.79 -41.75 -34.94
CA VAL P 2398 -74.69 -40.64 -34.66
C VAL P 2398 -76.12 -41.18 -34.50
N PRO P 2411 -71.88 -42.80 -45.61
CA PRO P 2411 -71.08 -43.96 -46.01
C PRO P 2411 -70.70 -44.00 -47.49
N PRO P 2412 -70.26 -42.87 -48.06
CA PRO P 2412 -69.96 -42.85 -49.51
C PRO P 2412 -68.93 -43.85 -49.97
N GLU P 2413 -67.89 -44.15 -49.19
CA GLU P 2413 -66.94 -45.20 -49.54
C GLU P 2413 -66.93 -46.25 -48.45
N GLU P 2414 -67.65 -47.35 -48.68
CA GLU P 2414 -67.74 -48.46 -47.74
C GLU P 2414 -67.73 -47.97 -46.29
N ASN P 2415 -68.60 -47.02 -45.98
CA ASN P 2415 -68.78 -46.54 -44.61
C ASN P 2415 -67.54 -45.82 -44.10
N ARG P 2416 -66.97 -44.93 -44.92
CA ARG P 2416 -65.85 -44.09 -44.50
C ARG P 2416 -64.75 -45.00 -43.93
N VAL P 2417 -64.30 -44.78 -42.70
CA VAL P 2417 -63.20 -45.55 -42.11
C VAL P 2417 -63.64 -46.05 -40.74
N HIS P 2418 -62.91 -47.05 -40.25
CA HIS P 2418 -63.17 -47.67 -38.95
C HIS P 2418 -61.91 -47.55 -38.11
N LEU P 2419 -62.05 -47.07 -36.88
CA LEU P 2419 -60.89 -46.79 -36.05
C LEU P 2419 -60.14 -48.05 -35.65
N GLY P 2420 -60.86 -49.13 -35.38
CA GLY P 2420 -60.20 -50.37 -35.01
C GLY P 2420 -59.31 -50.88 -36.13
N HIS P 2421 -59.86 -50.93 -37.34
CA HIS P 2421 -59.08 -51.37 -38.48
C HIS P 2421 -57.95 -50.38 -38.78
N ALA P 2422 -58.19 -49.10 -38.54
CA ALA P 2422 -57.13 -48.11 -38.76
C ALA P 2422 -55.97 -48.34 -37.81
N ILE P 2423 -56.26 -48.62 -36.54
CA ILE P 2423 -55.21 -48.89 -35.56
C ILE P 2423 -54.45 -50.15 -35.93
N MET P 2424 -55.18 -51.20 -36.30
CA MET P 2424 -54.52 -52.44 -36.70
C MET P 2424 -53.63 -52.20 -37.92
N SER P 2425 -54.13 -51.44 -38.90
CA SER P 2425 -53.35 -51.16 -40.10
C SER P 2425 -52.10 -50.35 -39.77
N PHE P 2426 -52.23 -49.37 -38.88
CA PHE P 2426 -51.07 -48.58 -38.48
C PHE P 2426 -50.01 -49.46 -37.85
N TYR P 2427 -50.39 -50.31 -36.91
CA TYR P 2427 -49.40 -51.16 -36.25
C TYR P 2427 -48.80 -52.18 -37.21
N ALA P 2428 -49.62 -52.74 -38.10
CA ALA P 2428 -49.10 -53.66 -39.10
C ALA P 2428 -48.08 -52.97 -40.00
N ALA P 2429 -48.38 -51.74 -40.44
CA ALA P 2429 -47.45 -51.00 -41.29
C ALA P 2429 -46.17 -50.67 -40.54
N LEU P 2430 -46.27 -50.31 -39.27
CA LEU P 2430 -45.07 -50.01 -38.48
C LEU P 2430 -44.18 -51.23 -38.36
N ILE P 2431 -44.77 -52.38 -38.02
CA ILE P 2431 -43.98 -53.59 -37.86
C ILE P 2431 -43.41 -54.03 -39.20
N ASP P 2432 -44.18 -53.85 -40.27
CA ASP P 2432 -43.67 -54.17 -41.60
C ASP P 2432 -42.46 -53.32 -41.95
N LEU P 2433 -42.53 -52.02 -41.68
CA LEU P 2433 -41.42 -51.12 -41.98
C LEU P 2433 -40.19 -51.51 -41.16
N LEU P 2434 -40.38 -51.82 -39.88
CA LEU P 2434 -39.25 -52.21 -39.05
C LEU P 2434 -38.63 -53.51 -39.56
N GLY P 2435 -39.45 -54.49 -39.91
CA GLY P 2435 -38.93 -55.73 -40.46
C GLY P 2435 -38.15 -55.52 -41.74
N ARG P 2436 -38.65 -54.63 -42.61
CA ARG P 2436 -37.92 -54.32 -43.83
C ARG P 2436 -36.60 -53.64 -43.50
N CYS P 2437 -36.60 -52.76 -42.49
CA CYS P 2437 -35.37 -52.13 -42.04
C CYS P 2437 -34.39 -53.13 -41.45
N ALA P 2438 -34.87 -54.31 -41.03
CA ALA P 2438 -34.01 -55.35 -40.48
C ALA P 2438 -32.80 -55.57 -41.36
N PRO P 2439 -31.60 -55.75 -40.80
CA PRO P 2439 -30.42 -55.95 -41.63
C PRO P 2439 -30.47 -57.26 -42.41
N GLU P 2440 -29.60 -57.37 -43.40
CA GLU P 2440 -29.54 -58.55 -44.24
C GLU P 2440 -28.75 -59.68 -43.57
N THR P 2441 -29.10 -60.91 -43.93
CA THR P 2441 -28.49 -62.08 -43.31
C THR P 2441 -27.00 -62.13 -43.58
N HIS P 2442 -26.57 -61.79 -44.81
CA HIS P 2442 -25.15 -61.87 -45.11
C HIS P 2442 -24.37 -60.81 -44.34
N LEU P 2443 -24.95 -59.62 -44.13
CA LEU P 2443 -24.31 -58.64 -43.27
C LEU P 2443 -24.20 -59.16 -41.85
N ILE P 2444 -25.28 -59.74 -41.32
CA ILE P 2444 -25.25 -60.25 -39.96
C ILE P 2444 -24.18 -61.32 -39.80
N GLN P 2445 -24.06 -62.21 -40.79
CA GLN P 2445 -23.03 -63.24 -40.75
C GLN P 2445 -21.63 -62.64 -40.87
N ALA P 2446 -21.44 -61.64 -41.72
CA ALA P 2446 -20.16 -60.96 -41.78
C ALA P 2446 -19.81 -60.31 -40.46
N GLY P 2447 -20.82 -59.97 -39.66
CA GLY P 2447 -20.61 -59.46 -38.32
C GLY P 2447 -20.55 -57.95 -38.20
N LYS P 2448 -21.00 -57.22 -39.22
CA LYS P 2448 -20.97 -55.76 -39.19
C LYS P 2448 -21.58 -55.25 -37.89
N GLY P 2449 -20.81 -54.45 -37.15
CA GLY P 2449 -21.31 -53.92 -35.89
C GLY P 2449 -22.56 -53.08 -36.08
N GLU P 2450 -22.60 -52.30 -37.16
CA GLU P 2450 -23.77 -51.48 -37.42
C GLU P 2450 -25.02 -52.33 -37.61
N ALA P 2451 -24.92 -53.39 -38.42
CA ALA P 2451 -26.05 -54.28 -38.63
C ALA P 2451 -26.46 -54.98 -37.35
N LEU P 2452 -25.50 -55.48 -36.57
CA LEU P 2452 -25.83 -56.12 -35.31
C LEU P 2452 -26.56 -55.16 -34.37
N ARG P 2453 -26.07 -53.92 -34.29
CA ARG P 2453 -26.70 -52.92 -33.45
C ARG P 2453 -28.12 -52.62 -33.91
N ILE P 2454 -28.32 -52.49 -35.22
CA ILE P 2454 -29.66 -52.19 -35.73
C ILE P 2454 -30.61 -53.33 -35.42
N ARG P 2455 -30.16 -54.57 -35.62
CA ARG P 2455 -31.02 -55.71 -35.32
C ARG P 2455 -31.34 -55.78 -33.83
N ALA P 2456 -30.36 -55.48 -32.98
CA ALA P 2456 -30.61 -55.45 -31.54
C ALA P 2456 -31.63 -54.38 -31.18
N ILE P 2457 -31.54 -53.21 -31.80
CA ILE P 2457 -32.51 -52.14 -31.52
C ILE P 2457 -33.91 -52.58 -31.94
N LEU P 2458 -34.03 -53.20 -33.11
CA LEU P 2458 -35.34 -53.66 -33.57
C LEU P 2458 -35.91 -54.71 -32.62
N ARG P 2459 -35.07 -55.65 -32.18
CA ARG P 2459 -35.53 -56.65 -31.23
C ARG P 2459 -35.96 -56.01 -29.92
N SER P 2460 -35.23 -55.00 -29.45
CA SER P 2460 -35.63 -54.29 -28.24
C SER P 2460 -36.99 -53.64 -28.42
N LEU P 2461 -37.22 -53.01 -29.58
CA LEU P 2461 -38.50 -52.36 -29.82
C LEU P 2461 -39.63 -53.36 -29.83
N VAL P 2462 -39.47 -54.50 -30.50
CA VAL P 2462 -40.54 -55.46 -30.68
C VAL P 2462 -40.19 -56.76 -29.95
N PRO P 2463 -40.88 -57.10 -28.87
CA PRO P 2463 -40.69 -58.42 -28.25
C PRO P 2463 -41.21 -59.55 -29.13
N LEU P 2464 -40.63 -60.74 -28.94
CA LEU P 2464 -41.04 -61.90 -29.72
C LEU P 2464 -42.40 -62.42 -29.30
N ASP P 2465 -42.65 -62.47 -27.98
CA ASP P 2465 -43.90 -63.04 -27.49
C ASP P 2465 -45.10 -62.26 -28.01
N ASP P 2466 -44.97 -60.93 -28.13
CA ASP P 2466 -46.06 -60.14 -28.70
C ASP P 2466 -46.36 -60.57 -30.12
N LEU P 2467 -45.33 -60.75 -30.94
CA LEU P 2467 -45.52 -61.22 -32.31
C LEU P 2467 -46.17 -62.59 -32.36
N VAL P 2468 -45.72 -63.52 -31.52
CA VAL P 2468 -46.33 -64.85 -31.51
C VAL P 2468 -47.79 -64.76 -31.10
N GLY P 2469 -48.12 -63.96 -30.10
CA GLY P 2469 -49.51 -63.83 -29.70
C GLY P 2469 -50.39 -63.23 -30.79
N ILE P 2470 -49.89 -62.19 -31.46
CA ILE P 2470 -50.67 -61.59 -32.54
C ILE P 2470 -50.86 -62.58 -33.68
N ILE P 2471 -49.82 -63.34 -34.03
CA ILE P 2471 -49.98 -64.37 -35.05
C ILE P 2471 -50.95 -65.43 -34.58
N SER P 2472 -51.06 -65.63 -33.26
CA SER P 2472 -51.98 -66.60 -32.70
C SER P 2472 -53.41 -66.07 -32.56
N LEU P 2473 -53.63 -64.77 -32.71
CA LEU P 2473 -54.97 -64.24 -32.54
C LEU P 2473 -55.93 -64.90 -33.53
N PRO P 2474 -57.18 -65.16 -33.13
CA PRO P 2474 -58.10 -65.90 -33.99
C PRO P 2474 -58.74 -64.99 -35.03
N LEU P 2475 -58.78 -65.47 -36.27
CA LEU P 2475 -59.45 -64.73 -37.35
C LEU P 2475 -60.89 -65.19 -37.50
N GLN P 2476 -61.79 -64.24 -37.69
CA GLN P 2476 -63.18 -64.58 -37.96
C GLN P 2476 -63.30 -65.23 -39.33
N ILE P 2477 -64.05 -66.32 -39.39
CA ILE P 2477 -64.21 -67.12 -40.60
C ILE P 2477 -65.65 -66.99 -41.07
N PRO P 2478 -65.92 -66.94 -42.37
CA PRO P 2478 -67.31 -66.95 -42.84
C PRO P 2478 -68.02 -68.24 -42.42
N THR P 2479 -69.31 -68.10 -42.11
CA THR P 2479 -70.13 -69.24 -41.72
C THR P 2479 -71.50 -69.11 -42.37
N LEU P 2480 -72.12 -70.27 -42.61
CA LEU P 2480 -73.44 -70.32 -43.23
C LEU P 2480 -74.49 -70.40 -42.14
N GLY P 2481 -75.35 -69.39 -42.06
CA GLY P 2481 -76.36 -69.33 -41.00
C GLY P 2481 -77.54 -68.48 -41.42
N LYS P 2482 -78.58 -68.51 -40.59
CA LYS P 2482 -79.78 -67.73 -40.81
C LYS P 2482 -80.40 -68.04 -42.17
N ASP P 2483 -80.82 -69.29 -42.36
CA ASP P 2483 -81.53 -69.70 -43.57
C ASP P 2483 -80.67 -69.49 -44.82
N GLY P 2484 -79.45 -70.03 -44.78
CA GLY P 2484 -78.56 -70.02 -45.92
C GLY P 2484 -77.82 -68.72 -46.14
N ALA P 2485 -78.01 -67.72 -45.27
CA ALA P 2485 -77.29 -66.46 -45.43
C ALA P 2485 -75.82 -66.64 -45.11
N LEU P 2486 -74.97 -66.00 -45.91
CA LEU P 2486 -73.53 -66.05 -45.71
C LEU P 2486 -73.12 -64.94 -44.74
N VAL P 2487 -72.58 -65.34 -43.59
CA VAL P 2487 -72.10 -64.37 -42.61
C VAL P 2487 -70.64 -64.05 -42.92
N GLN P 2488 -70.43 -63.11 -43.84
CA GLN P 2488 -69.07 -62.75 -44.22
C GLN P 2488 -68.54 -61.65 -43.30
N PRO P 2489 -67.36 -61.83 -42.71
CA PRO P 2489 -66.77 -60.74 -41.93
C PRO P 2489 -66.46 -59.53 -42.82
N LYS P 2490 -66.65 -58.35 -42.25
CA LYS P 2490 -66.44 -57.12 -43.00
C LYS P 2490 -64.95 -56.77 -42.96
N MET P 2491 -64.29 -56.92 -44.11
CA MET P 2491 -62.83 -56.77 -44.15
C MET P 2491 -62.40 -55.36 -43.76
N SER P 2492 -63.12 -54.34 -44.23
CA SER P 2492 -62.69 -52.97 -43.99
C SER P 2492 -62.73 -52.63 -42.50
N ALA P 2493 -63.53 -53.36 -41.72
CA ALA P 2493 -63.76 -53.03 -40.32
C ALA P 2493 -63.37 -54.16 -39.37
N SER P 2494 -62.52 -55.10 -39.79
CA SER P 2494 -62.20 -56.26 -38.99
C SER P 2494 -60.74 -56.63 -39.14
N PHE P 2495 -60.26 -57.46 -38.21
CA PHE P 2495 -58.91 -58.00 -38.26
C PHE P 2495 -58.76 -58.92 -39.47
N VAL P 2496 -57.65 -58.76 -40.20
CA VAL P 2496 -57.48 -59.44 -41.48
C VAL P 2496 -56.11 -60.10 -41.52
N PRO P 2497 -55.94 -61.08 -42.41
CA PRO P 2497 -54.66 -61.81 -42.46
C PRO P 2497 -53.45 -60.95 -42.78
N ASP P 2498 -53.61 -59.81 -43.46
CA ASP P 2498 -52.46 -58.99 -43.81
C ASP P 2498 -51.77 -58.44 -42.56
N HIS P 2499 -52.56 -58.08 -41.55
CA HIS P 2499 -51.99 -57.62 -40.30
C HIS P 2499 -51.07 -58.66 -39.70
N LYS P 2500 -51.47 -59.93 -39.79
CA LYS P 2500 -50.61 -61.03 -39.32
C LYS P 2500 -49.44 -61.25 -40.26
N ALA P 2501 -49.62 -61.01 -41.55
CA ALA P 2501 -48.54 -61.19 -42.52
C ALA P 2501 -47.39 -60.25 -42.23
N SER P 2502 -47.71 -59.00 -41.88
CA SER P 2502 -46.65 -58.06 -41.50
C SER P 2502 -45.88 -58.58 -40.28
N MET P 2503 -46.59 -59.11 -39.28
CA MET P 2503 -45.93 -59.64 -38.11
C MET P 2503 -45.04 -60.83 -38.47
N VAL P 2504 -45.50 -61.66 -39.39
CA VAL P 2504 -44.71 -62.80 -39.84
C VAL P 2504 -43.44 -62.32 -40.54
N LEU P 2505 -43.55 -61.29 -41.37
CA LEU P 2505 -42.37 -60.74 -42.02
C LEU P 2505 -41.37 -60.25 -40.99
N PHE P 2506 -41.85 -59.54 -39.96
CA PHE P 2506 -40.94 -59.09 -38.90
C PHE P 2506 -40.29 -60.28 -38.21
N LEU P 2507 -41.08 -61.29 -37.86
CA LEU P 2507 -40.52 -62.46 -37.17
C LEU P 2507 -39.47 -63.16 -38.02
N ASP P 2508 -39.69 -63.25 -39.33
CA ASP P 2508 -38.76 -63.90 -40.24
C ASP P 2508 -37.47 -63.12 -40.43
N ARG P 2509 -37.55 -61.80 -40.61
CA ARG P 2509 -36.36 -61.03 -40.93
C ARG P 2509 -35.57 -60.66 -39.68
N VAL P 2510 -36.24 -60.20 -38.64
CA VAL P 2510 -35.55 -59.67 -37.46
C VAL P 2510 -35.17 -60.81 -36.53
N TYR P 2511 -36.16 -61.54 -36.04
CA TYR P 2511 -35.89 -62.60 -35.07
C TYR P 2511 -35.36 -63.85 -35.78
N GLY P 2512 -36.13 -64.38 -36.70
CA GLY P 2512 -35.73 -65.58 -37.42
C GLY P 2512 -36.02 -66.84 -36.62
N ILE P 2513 -36.33 -67.91 -37.33
CA ILE P 2513 -36.64 -69.20 -36.73
C ILE P 2513 -35.39 -70.07 -36.87
N GLU P 2514 -34.80 -70.44 -35.74
CA GLU P 2514 -33.58 -71.24 -35.72
C GLU P 2514 -33.65 -72.46 -34.81
N ASN P 2515 -34.72 -72.62 -34.03
CA ASN P 2515 -34.84 -73.71 -33.07
C ASN P 2515 -36.04 -74.57 -33.42
N GLN P 2516 -35.85 -75.89 -33.34
CA GLN P 2516 -36.95 -76.81 -33.64
C GLN P 2516 -38.11 -76.60 -32.69
N ASP P 2517 -37.83 -76.42 -31.40
CA ASP P 2517 -38.91 -76.22 -30.44
C ASP P 2517 -39.70 -74.96 -30.76
N PHE P 2518 -39.00 -73.86 -31.09
CA PHE P 2518 -39.70 -72.63 -31.43
C PHE P 2518 -40.53 -72.80 -32.70
N LEU P 2519 -39.97 -73.45 -33.72
CA LEU P 2519 -40.73 -73.67 -34.94
C LEU P 2519 -41.99 -74.47 -34.67
N LEU P 2520 -41.86 -75.56 -33.91
CA LEU P 2520 -43.03 -76.38 -33.59
C LEU P 2520 -44.05 -75.60 -32.76
N HIS P 2521 -43.60 -74.79 -31.81
CA HIS P 2521 -44.52 -74.02 -30.99
C HIS P 2521 -45.30 -73.02 -31.84
N VAL P 2522 -44.60 -72.25 -32.68
CA VAL P 2522 -45.29 -71.25 -33.49
C VAL P 2522 -46.24 -71.95 -34.47
N LEU P 2523 -45.81 -73.08 -35.02
CA LEU P 2523 -46.67 -73.82 -35.95
C LEU P 2523 -47.94 -74.31 -35.26
N ASP P 2524 -47.79 -74.83 -34.04
CA ASP P 2524 -48.95 -75.34 -33.32
C ASP P 2524 -49.89 -74.22 -32.93
N VAL P 2525 -49.36 -73.08 -32.52
CA VAL P 2525 -50.20 -72.04 -31.94
C VAL P 2525 -50.82 -71.16 -33.03
N GLY P 2526 -50.01 -70.62 -33.93
CA GLY P 2526 -50.50 -69.58 -34.83
C GLY P 2526 -50.72 -69.97 -36.27
N PHE P 2527 -49.82 -70.77 -36.84
CA PHE P 2527 -49.86 -71.04 -38.28
C PHE P 2527 -50.87 -72.14 -38.60
N LEU P 2528 -50.72 -73.29 -37.96
CA LEU P 2528 -51.54 -74.46 -38.30
C LEU P 2528 -53.03 -74.20 -38.18
N PRO P 2529 -53.54 -73.52 -37.15
CA PRO P 2529 -54.96 -73.17 -37.16
C PRO P 2529 -55.39 -72.35 -38.36
N ASP P 2530 -54.56 -71.40 -38.79
CA ASP P 2530 -54.89 -70.60 -39.97
C ASP P 2530 -54.92 -71.46 -41.21
N MET P 2531 -53.96 -72.37 -41.35
CA MET P 2531 -53.97 -73.29 -42.49
C MET P 2531 -55.20 -74.19 -42.47
N ARG P 2532 -55.59 -74.68 -41.29
CA ARG P 2532 -56.80 -75.49 -41.19
C ARG P 2532 -58.02 -74.70 -41.61
N ALA P 2533 -58.11 -73.43 -41.17
CA ALA P 2533 -59.23 -72.59 -41.58
C ALA P 2533 -59.24 -72.38 -43.08
N ALA P 2534 -58.08 -72.10 -43.67
CA ALA P 2534 -58.03 -71.93 -45.12
C ALA P 2534 -58.47 -73.19 -45.84
N ALA P 2535 -58.07 -74.37 -45.34
CA ALA P 2535 -58.55 -75.62 -45.93
C ALA P 2535 -60.06 -75.75 -45.82
N SER P 2536 -60.61 -75.42 -44.65
CA SER P 2536 -62.05 -75.57 -44.43
C SER P 2536 -62.85 -74.60 -45.30
N LEU P 2537 -62.28 -73.44 -45.61
CA LEU P 2537 -62.91 -72.49 -46.53
C LEU P 2537 -62.69 -72.82 -48.00
N ASP P 2538 -62.33 -74.06 -48.32
CA ASP P 2538 -62.12 -74.48 -49.70
C ASP P 2538 -63.43 -74.90 -50.38
N THR P 2539 -64.53 -74.94 -49.65
CA THR P 2539 -65.79 -75.40 -50.22
C THR P 2539 -66.35 -74.37 -51.19
N ALA P 2540 -67.21 -74.83 -52.09
CA ALA P 2540 -67.76 -73.97 -53.14
C ALA P 2540 -68.40 -72.72 -52.55
N THR P 2541 -69.09 -72.87 -51.42
CA THR P 2541 -69.79 -71.73 -50.84
C THR P 2541 -68.82 -70.63 -50.42
N PHE P 2542 -67.76 -70.99 -49.71
CA PHE P 2542 -66.81 -70.02 -49.17
C PHE P 2542 -65.51 -69.95 -49.96
N SER P 2543 -65.40 -70.67 -51.08
CA SER P 2543 -64.13 -70.75 -51.78
C SER P 2543 -63.65 -69.38 -52.26
N THR P 2544 -64.55 -68.59 -52.85
CA THR P 2544 -64.19 -67.31 -53.45
C THR P 2544 -64.52 -66.13 -52.54
N THR P 2545 -64.83 -66.40 -51.27
CA THR P 2545 -65.10 -65.31 -50.34
C THR P 2545 -63.85 -64.47 -50.12
N GLU P 2546 -64.07 -63.21 -49.74
CA GLU P 2546 -62.97 -62.29 -49.55
C GLU P 2546 -62.01 -62.78 -48.48
N MET P 2547 -62.54 -63.29 -47.37
CA MET P 2547 -61.66 -63.80 -46.31
C MET P 2547 -60.92 -65.05 -46.77
N ALA P 2548 -61.56 -65.91 -47.57
CA ALA P 2548 -60.85 -67.06 -48.11
C ALA P 2548 -59.69 -66.64 -48.98
N LEU P 2549 -59.91 -65.67 -49.88
CA LEU P 2549 -58.83 -65.19 -50.72
C LEU P 2549 -57.74 -64.54 -49.89
N ALA P 2550 -58.13 -63.78 -48.87
CA ALA P 2550 -57.14 -63.13 -48.00
C ALA P 2550 -56.28 -64.16 -47.29
N LEU P 2551 -56.90 -65.23 -46.78
CA LEU P 2551 -56.14 -66.29 -46.13
C LEU P 2551 -55.21 -66.97 -47.13
N ASN P 2552 -55.70 -67.22 -48.35
CA ASN P 2552 -54.84 -67.82 -49.36
C ASN P 2552 -53.60 -66.97 -49.61
N ARG P 2553 -53.79 -65.66 -49.82
CA ARG P 2553 -52.67 -64.77 -50.05
C ARG P 2553 -51.73 -64.74 -48.85
N TYR P 2554 -52.30 -64.61 -47.65
CA TYR P 2554 -51.49 -64.57 -46.44
C TYR P 2554 -50.62 -65.80 -46.34
N LEU P 2555 -51.22 -66.99 -46.44
CA LEU P 2555 -50.42 -68.21 -46.35
C LEU P 2555 -49.35 -68.22 -47.42
N CYS P 2556 -49.73 -68.06 -48.69
CA CYS P 2556 -48.80 -68.28 -49.78
C CYS P 2556 -47.63 -67.29 -49.74
N LEU P 2557 -47.87 -66.07 -49.25
CA LEU P 2557 -46.85 -65.03 -49.30
C LEU P 2557 -46.08 -64.87 -47.99
N ALA P 2558 -46.58 -65.41 -46.87
CA ALA P 2558 -45.89 -65.24 -45.60
C ALA P 2558 -45.51 -66.57 -44.97
N VAL P 2559 -46.47 -67.49 -44.85
CA VAL P 2559 -46.27 -68.64 -43.98
C VAL P 2559 -45.58 -69.77 -44.73
N LEU P 2560 -46.19 -70.23 -45.82
CA LEU P 2560 -45.69 -71.38 -46.56
C LEU P 2560 -44.24 -71.17 -46.97
N PRO P 2561 -43.86 -69.99 -47.47
CA PRO P 2561 -42.42 -69.77 -47.71
C PRO P 2561 -41.56 -69.92 -46.46
N LEU P 2562 -42.07 -69.46 -45.31
CA LEU P 2562 -41.31 -69.58 -44.07
C LEU P 2562 -41.13 -71.04 -43.69
N ILE P 2563 -42.20 -71.85 -43.81
CA ILE P 2563 -42.10 -73.26 -43.48
C ILE P 2563 -41.18 -73.97 -44.46
N THR P 2564 -41.22 -73.58 -45.73
CA THR P 2564 -40.31 -74.15 -46.71
C THR P 2564 -38.87 -73.86 -46.35
N LYS P 2565 -38.58 -72.62 -45.94
CA LYS P 2565 -37.23 -72.26 -45.53
C LYS P 2565 -36.81 -73.02 -44.28
N CYS P 2566 -37.75 -73.25 -43.36
CA CYS P 2566 -37.46 -73.93 -42.11
C CYS P 2566 -37.61 -75.45 -42.20
N ALA P 2567 -37.86 -75.98 -43.40
CA ALA P 2567 -38.08 -77.42 -43.55
C ALA P 2567 -36.98 -78.28 -42.95
N PRO P 2568 -35.69 -77.94 -43.09
CA PRO P 2568 -34.65 -78.82 -42.52
C PRO P 2568 -34.82 -79.06 -41.03
N LEU P 2569 -35.46 -78.14 -40.31
CA LEU P 2569 -35.62 -78.33 -38.86
C LEU P 2569 -36.57 -79.47 -38.55
N PHE P 2570 -37.41 -79.87 -39.51
CA PHE P 2570 -38.39 -80.91 -39.26
C PHE P 2570 -37.76 -82.29 -39.11
N ALA P 2571 -36.48 -82.44 -39.40
CA ALA P 2571 -35.81 -83.71 -39.17
C ALA P 2571 -35.78 -84.03 -37.68
N GLY P 2572 -36.04 -85.29 -37.35
CA GLY P 2572 -36.03 -85.72 -35.96
C GLY P 2572 -37.11 -85.12 -35.10
N THR P 2573 -38.35 -85.04 -35.61
CA THR P 2573 -39.49 -84.53 -34.86
C THR P 2573 -40.49 -85.65 -34.59
N GLU P 2574 -39.98 -86.84 -34.28
CA GLU P 2574 -40.86 -87.98 -34.02
C GLU P 2574 -41.73 -87.77 -32.79
N HIS P 2575 -41.38 -86.83 -31.92
CA HIS P 2575 -42.18 -86.61 -30.71
C HIS P 2575 -43.50 -85.91 -31.03
N ARG P 2576 -43.47 -84.90 -31.88
CA ARG P 2576 -44.70 -84.24 -32.34
C ARG P 2576 -45.18 -84.85 -33.66
N ALA P 2577 -45.28 -86.19 -33.66
CA ALA P 2577 -45.67 -86.91 -34.86
C ALA P 2577 -47.09 -86.56 -35.27
N ILE P 2578 -48.01 -86.46 -34.30
CA ILE P 2578 -49.40 -86.16 -34.62
C ILE P 2578 -49.50 -84.78 -35.28
N MET P 2579 -48.82 -83.79 -34.72
CA MET P 2579 -48.87 -82.44 -35.28
C MET P 2579 -48.25 -82.42 -36.67
N VAL P 2580 -47.14 -83.14 -36.86
CA VAL P 2580 -46.51 -83.17 -38.17
C VAL P 2580 -47.45 -83.78 -39.20
N ASP P 2581 -48.12 -84.89 -38.83
CA ASP P 2581 -49.06 -85.53 -39.75
C ASP P 2581 -50.21 -84.58 -40.08
N SER P 2582 -50.74 -83.90 -39.07
CA SER P 2582 -51.83 -82.96 -39.32
C SER P 2582 -51.40 -81.83 -40.24
N MET P 2583 -50.20 -81.30 -40.03
CA MET P 2583 -49.68 -80.25 -40.91
C MET P 2583 -49.52 -80.74 -42.34
N LEU P 2584 -48.98 -81.95 -42.52
CA LEU P 2584 -48.83 -82.48 -43.87
C LEU P 2584 -50.20 -82.63 -44.54
N HIS P 2585 -51.17 -83.18 -43.82
CA HIS P 2585 -52.51 -83.35 -44.39
C HIS P 2585 -53.12 -82.00 -44.76
N THR P 2586 -52.97 -81.01 -43.87
CA THR P 2586 -53.54 -79.70 -44.15
C THR P 2586 -52.89 -79.07 -45.38
N VAL P 2587 -51.56 -79.17 -45.49
CA VAL P 2587 -50.88 -78.58 -46.64
C VAL P 2587 -51.34 -79.26 -47.93
N TYR P 2588 -51.47 -80.59 -47.90
CA TYR P 2588 -51.92 -81.30 -49.10
C TYR P 2588 -53.35 -80.91 -49.45
N ARG P 2589 -54.21 -80.73 -48.44
CA ARG P 2589 -55.58 -80.32 -48.71
C ARG P 2589 -55.63 -78.92 -49.33
N LEU P 2590 -54.79 -78.01 -48.84
CA LEU P 2590 -54.69 -76.70 -49.48
C LEU P 2590 -54.22 -76.84 -50.92
N SER P 2591 -53.24 -77.70 -51.16
CA SER P 2591 -52.77 -77.92 -52.52
C SER P 2591 -53.94 -78.32 -53.42
N ARG P 2592 -54.75 -79.28 -52.95
CA ARG P 2592 -55.97 -79.66 -53.67
C ARG P 2592 -57.06 -78.63 -53.36
N GLY P 2593 -56.91 -77.46 -53.97
CA GLY P 2593 -57.83 -76.36 -53.75
C GLY P 2593 -58.21 -75.64 -55.03
N ARG P 2594 -59.43 -75.13 -55.05
CA ARG P 2594 -59.91 -74.36 -56.19
C ARG P 2594 -59.67 -72.87 -55.94
N SER P 2595 -60.07 -72.05 -56.92
CA SER P 2595 -59.92 -70.60 -56.83
C SER P 2595 -58.53 -70.21 -56.37
N LEU P 2596 -57.52 -70.94 -56.83
CA LEU P 2596 -56.15 -70.78 -56.38
C LEU P 2596 -55.28 -70.48 -57.60
N THR P 2597 -54.53 -69.39 -57.54
CA THR P 2597 -53.69 -69.01 -58.66
C THR P 2597 -52.53 -69.98 -58.82
N LYS P 2598 -51.96 -69.99 -60.03
CA LYS P 2598 -50.90 -70.96 -60.34
C LYS P 2598 -49.69 -70.72 -59.47
N ALA P 2599 -49.31 -69.46 -59.25
CA ALA P 2599 -48.17 -69.17 -58.38
C ALA P 2599 -48.41 -69.65 -56.96
N GLN P 2600 -49.63 -69.43 -56.44
CA GLN P 2600 -49.97 -69.90 -55.11
C GLN P 2600 -49.88 -71.42 -55.02
N ARG P 2601 -50.42 -72.11 -56.03
CA ARG P 2601 -50.30 -73.56 -56.06
C ARG P 2601 -48.85 -73.99 -56.09
N ASP P 2602 -48.02 -73.28 -56.86
CA ASP P 2602 -46.60 -73.61 -56.92
C ASP P 2602 -45.94 -73.46 -55.56
N VAL P 2603 -46.26 -72.38 -54.84
CA VAL P 2603 -45.69 -72.20 -53.51
C VAL P 2603 -46.11 -73.33 -52.59
N ILE P 2604 -47.40 -73.70 -52.62
CA ILE P 2604 -47.88 -74.78 -51.77
C ILE P 2604 -47.14 -76.08 -52.09
N GLU P 2605 -47.04 -76.40 -53.38
CA GLU P 2605 -46.41 -77.66 -53.77
C GLU P 2605 -44.94 -77.68 -53.40
N ASP P 2606 -44.24 -76.55 -53.60
CA ASP P 2606 -42.84 -76.47 -53.20
C ASP P 2606 -42.68 -76.67 -51.70
N CYS P 2607 -43.56 -76.08 -50.90
CA CYS P 2607 -43.53 -76.31 -49.46
C CYS P 2607 -43.71 -77.80 -49.15
N LEU P 2608 -44.63 -78.46 -49.86
CA LEU P 2608 -44.87 -79.87 -49.58
C LEU P 2608 -43.64 -80.72 -49.91
N MET P 2609 -43.03 -80.51 -51.09
CA MET P 2609 -41.83 -81.29 -51.40
C MET P 2609 -40.70 -80.97 -50.44
N ALA P 2610 -40.52 -79.71 -50.07
CA ALA P 2610 -39.47 -79.36 -49.11
C ALA P 2610 -39.67 -80.06 -47.78
N LEU P 2611 -40.91 -80.12 -47.29
CA LEU P 2611 -41.19 -80.83 -46.05
C LEU P 2611 -40.87 -82.31 -46.20
N CYS P 2612 -41.42 -82.95 -47.23
CA CYS P 2612 -41.25 -84.39 -47.41
C CYS P 2612 -39.81 -84.79 -47.69
N ARG P 2613 -38.97 -83.86 -48.14
CA ARG P 2613 -37.56 -84.17 -48.36
C ARG P 2613 -36.82 -84.42 -47.05
N TYR P 2614 -37.16 -83.68 -46.00
CA TYR P 2614 -36.42 -83.76 -44.74
C TYR P 2614 -37.15 -84.53 -43.65
N ILE P 2615 -38.47 -84.71 -43.76
CA ILE P 2615 -39.21 -85.47 -42.75
C ILE P 2615 -38.81 -86.93 -42.86
N ARG P 2616 -38.76 -87.61 -41.70
CA ARG P 2616 -38.39 -89.00 -41.66
C ARG P 2616 -39.39 -89.85 -42.46
N PRO P 2617 -38.92 -90.93 -43.08
CA PRO P 2617 -39.84 -91.73 -43.92
C PRO P 2617 -41.03 -92.28 -43.16
N SER P 2618 -40.86 -92.62 -41.89
CA SER P 2618 -41.94 -93.27 -41.15
C SER P 2618 -43.15 -92.35 -40.97
N MET P 2619 -42.91 -91.08 -40.68
CA MET P 2619 -44.02 -90.19 -40.33
C MET P 2619 -44.88 -89.84 -41.54
N LEU P 2620 -44.42 -90.18 -42.75
CA LEU P 2620 -45.18 -89.88 -43.96
C LEU P 2620 -46.17 -91.00 -44.29
N GLN P 2621 -46.39 -91.92 -43.36
CA GLN P 2621 -47.25 -93.06 -43.64
C GLN P 2621 -48.67 -92.65 -43.98
N HIS P 2622 -49.25 -91.73 -43.22
CA HIS P 2622 -50.64 -91.33 -43.47
C HIS P 2622 -50.74 -90.51 -44.76
N LEU P 2623 -49.74 -89.71 -45.07
CA LEU P 2623 -49.75 -88.98 -46.33
C LEU P 2623 -49.68 -89.94 -47.51
N LEU P 2624 -48.81 -90.96 -47.43
CA LEU P 2624 -48.79 -91.99 -48.46
C LEU P 2624 -50.13 -92.71 -48.54
N ARG P 2625 -50.76 -92.95 -47.39
CA ARG P 2625 -52.06 -93.59 -47.37
C ARG P 2625 -53.10 -92.77 -48.12
N ARG P 2626 -53.13 -91.46 -47.91
CA ARG P 2626 -54.05 -90.60 -48.66
C ARG P 2626 -53.70 -90.60 -50.15
N LEU P 2627 -52.40 -90.59 -50.47
CA LEU P 2627 -51.99 -90.58 -51.87
C LEU P 2627 -52.40 -91.87 -52.58
N VAL P 2628 -52.46 -92.99 -51.86
CA VAL P 2628 -52.92 -94.23 -52.50
C VAL P 2628 -54.28 -94.02 -53.14
N PHE P 2629 -55.20 -93.36 -52.43
CA PHE P 2629 -56.51 -93.09 -53.01
C PHE P 2629 -56.44 -91.98 -54.05
N ASP P 2630 -55.70 -90.91 -53.76
CA ASP P 2630 -55.78 -89.73 -54.61
C ASP P 2630 -55.12 -89.95 -55.97
N VAL P 2631 -53.89 -90.46 -56.00
CA VAL P 2631 -53.07 -90.47 -57.21
C VAL P 2631 -53.66 -91.32 -58.32
N PRO P 2632 -54.10 -92.55 -58.06
CA PRO P 2632 -54.47 -93.45 -59.17
C PRO P 2632 -55.47 -92.86 -60.15
N ILE P 2633 -56.24 -91.85 -59.76
CA ILE P 2633 -57.15 -91.22 -60.71
C ILE P 2633 -56.41 -90.62 -61.87
N LEU P 2634 -55.14 -90.23 -61.68
CA LEU P 2634 -54.30 -89.69 -62.74
C LEU P 2634 -54.96 -88.50 -63.43
N ASN P 2635 -55.58 -87.63 -62.62
CA ASN P 2635 -56.15 -86.39 -63.12
C ASN P 2635 -55.05 -85.32 -63.21
N GLU P 2636 -55.46 -84.08 -63.45
CA GLU P 2636 -54.50 -82.99 -63.50
C GLU P 2636 -53.81 -82.78 -62.16
N PHE P 2637 -54.56 -82.89 -61.06
CA PHE P 2637 -53.95 -82.69 -59.74
C PHE P 2637 -52.94 -83.77 -59.43
N ALA P 2638 -53.02 -84.91 -60.13
CA ALA P 2638 -52.17 -86.05 -59.80
C ALA P 2638 -50.70 -85.81 -60.12
N LYS P 2639 -50.39 -84.79 -60.92
CA LYS P 2639 -49.00 -84.61 -61.35
C LYS P 2639 -48.06 -84.35 -60.18
N MET P 2640 -48.43 -83.44 -59.28
CA MET P 2640 -47.55 -83.14 -58.15
C MET P 2640 -47.36 -84.36 -57.25
N PRO P 2641 -48.43 -85.08 -56.86
CA PRO P 2641 -48.19 -86.30 -56.06
C PRO P 2641 -47.24 -87.27 -56.72
N LEU P 2642 -47.26 -87.37 -58.05
CA LEU P 2642 -46.32 -88.26 -58.72
C LEU P 2642 -44.88 -87.84 -58.46
N LYS P 2643 -44.59 -86.54 -58.59
CA LYS P 2643 -43.24 -86.06 -58.32
C LYS P 2643 -42.87 -86.28 -56.86
N LEU P 2644 -43.80 -85.99 -55.95
CA LEU P 2644 -43.52 -86.18 -54.53
C LEU P 2644 -43.19 -87.62 -54.21
N LEU P 2645 -43.99 -88.56 -54.73
CA LEU P 2645 -43.74 -89.97 -54.49
C LEU P 2645 -42.42 -90.40 -55.12
N THR P 2646 -42.13 -89.93 -56.34
CA THR P 2646 -40.86 -90.26 -56.96
C THR P 2646 -39.69 -89.84 -56.08
N ASN P 2647 -39.68 -88.58 -55.64
CA ASN P 2647 -38.59 -88.11 -54.81
C ASN P 2647 -38.52 -88.89 -53.50
N HIS P 2648 -39.66 -89.11 -52.86
CA HIS P 2648 -39.68 -89.80 -51.57
C HIS P 2648 -39.10 -91.21 -51.70
N TYR P 2649 -39.56 -91.96 -52.70
CA TYR P 2649 -39.11 -93.34 -52.83
C TYR P 2649 -37.67 -93.43 -53.31
N GLU P 2650 -37.24 -92.51 -54.19
CA GLU P 2650 -35.84 -92.48 -54.59
C GLU P 2650 -34.95 -92.19 -53.39
N ARG P 2651 -35.38 -91.29 -52.50
CA ARG P 2651 -34.61 -90.97 -51.30
C ARG P 2651 -34.57 -92.15 -50.35
N CYS P 2652 -35.72 -92.78 -50.09
CA CYS P 2652 -35.85 -93.77 -49.02
C CYS P 2652 -35.98 -95.19 -49.57
N TRP P 2653 -35.37 -95.47 -50.73
CA TRP P 2653 -35.46 -96.81 -51.30
C TRP P 2653 -34.90 -97.87 -50.36
N LYS P 2654 -33.86 -97.54 -49.59
CA LYS P 2654 -33.30 -98.49 -48.64
C LYS P 2654 -34.23 -98.76 -47.46
N TYR P 2655 -35.07 -97.79 -47.10
CA TYR P 2655 -36.00 -98.00 -45.99
C TYR P 2655 -36.98 -99.13 -46.29
N TYR P 2656 -37.28 -99.36 -47.56
CA TYR P 2656 -38.23 -100.38 -47.97
C TYR P 2656 -37.55 -101.64 -48.49
N CYS P 2657 -36.71 -101.51 -49.50
CA CYS P 2657 -36.18 -102.69 -50.18
C CYS P 2657 -35.29 -103.52 -49.26
N LEU P 2658 -34.37 -102.88 -48.55
CA LEU P 2658 -33.39 -103.62 -47.78
C LEU P 2658 -34.06 -104.35 -46.61
N PRO P 2659 -33.54 -105.52 -46.21
CA PRO P 2659 -34.10 -106.20 -45.03
C PRO P 2659 -33.68 -105.53 -43.74
N THR P 2660 -32.43 -105.05 -43.69
CA THR P 2660 -31.95 -104.35 -42.50
C THR P 2660 -32.67 -103.04 -42.30
N GLY P 2661 -32.97 -102.34 -43.38
CA GLY P 2661 -33.59 -101.04 -43.32
C GLY P 2661 -32.55 -99.92 -43.35
N TRP P 2662 -33.02 -98.72 -43.70
CA TRP P 2662 -32.13 -97.58 -43.78
C TRP P 2662 -31.54 -97.27 -42.41
N ALA P 2663 -30.23 -97.02 -42.37
CA ALA P 2663 -29.54 -96.78 -41.12
C ALA P 2663 -30.11 -95.57 -40.41
N ASN P 2664 -30.38 -95.71 -39.11
CA ASN P 2664 -30.86 -94.68 -38.21
C ASN P 2664 -32.32 -94.32 -38.46
N PHE P 2665 -32.96 -94.88 -39.49
CA PHE P 2665 -34.35 -94.60 -39.79
C PHE P 2665 -35.28 -95.79 -39.59
N GLY P 2666 -34.75 -96.95 -39.23
CA GLY P 2666 -35.59 -98.12 -39.03
C GLY P 2666 -35.80 -98.92 -40.30
N VAL P 2667 -36.78 -99.81 -40.23
CA VAL P 2667 -37.13 -100.67 -41.34
C VAL P 2667 -38.62 -100.51 -41.64
N THR P 2668 -38.98 -100.77 -42.90
CA THR P 2668 -40.36 -100.59 -43.33
C THR P 2668 -41.28 -101.58 -42.62
N SER P 2669 -42.57 -101.30 -42.68
CA SER P 2669 -43.60 -102.14 -42.08
C SER P 2669 -44.44 -102.79 -43.17
N GLU P 2670 -45.14 -103.87 -42.78
CA GLU P 2670 -45.99 -104.56 -43.73
C GLU P 2670 -47.04 -103.63 -44.31
N GLU P 2671 -47.59 -102.74 -43.49
CA GLU P 2671 -48.55 -101.76 -44.00
C GLU P 2671 -47.89 -100.82 -45.00
N GLU P 2672 -46.67 -100.37 -44.70
CA GLU P 2672 -45.95 -99.54 -45.65
C GLU P 2672 -45.80 -100.23 -46.99
N LEU P 2673 -45.39 -101.50 -46.97
CA LEU P 2673 -45.19 -102.24 -48.22
C LEU P 2673 -46.50 -102.46 -48.95
N HIS P 2674 -47.59 -102.71 -48.21
CA HIS P 2674 -48.89 -102.89 -48.83
C HIS P 2674 -49.33 -101.61 -49.54
N LEU P 2675 -49.16 -100.47 -48.87
CA LEU P 2675 -49.50 -99.19 -49.50
C LEU P 2675 -48.64 -98.94 -50.73
N THR P 2676 -47.34 -99.24 -50.65
CA THR P 2676 -46.47 -99.04 -51.82
C THR P 2676 -46.89 -99.92 -52.98
N ARG P 2677 -47.24 -101.18 -52.71
CA ARG P 2677 -47.69 -102.08 -53.77
C ARG P 2677 -48.99 -101.57 -54.39
N LYS P 2678 -49.91 -101.08 -53.56
CA LYS P 2678 -51.14 -100.52 -54.10
C LYS P 2678 -50.85 -99.31 -54.97
N LEU P 2679 -49.96 -98.43 -54.53
CA LEU P 2679 -49.55 -97.32 -55.39
C LEU P 2679 -49.06 -97.82 -56.74
N PHE P 2680 -48.13 -98.78 -56.72
CA PHE P 2680 -47.54 -99.24 -57.97
C PHE P 2680 -48.61 -99.79 -58.91
N TRP P 2681 -49.46 -100.68 -58.39
CA TRP P 2681 -50.41 -101.36 -59.27
C TRP P 2681 -51.52 -100.42 -59.73
N GLY P 2682 -52.00 -99.55 -58.85
CA GLY P 2682 -52.99 -98.57 -59.28
C GLY P 2682 -52.46 -97.67 -60.37
N ILE P 2683 -51.25 -97.14 -60.18
CA ILE P 2683 -50.65 -96.28 -61.20
C ILE P 2683 -50.46 -97.06 -62.50
N PHE P 2684 -50.00 -98.30 -62.41
CA PHE P 2684 -49.75 -99.10 -63.61
C PHE P 2684 -51.04 -99.29 -64.40
N ASP P 2685 -52.09 -99.78 -63.73
CA ASP P 2685 -53.36 -100.03 -64.42
C ASP P 2685 -53.93 -98.74 -64.99
N SER P 2686 -53.95 -97.66 -64.19
CA SER P 2686 -54.49 -96.41 -64.69
C SER P 2686 -53.73 -95.94 -65.92
N LEU P 2687 -52.40 -95.85 -65.83
CA LEU P 2687 -51.61 -95.38 -66.97
C LEU P 2687 -51.82 -96.28 -68.19
N ALA P 2688 -52.01 -97.58 -67.96
CA ALA P 2688 -52.27 -98.48 -69.07
C ALA P 2688 -53.59 -98.13 -69.77
N HIS P 2689 -54.61 -97.80 -68.98
CA HIS P 2689 -55.92 -97.50 -69.57
C HIS P 2689 -56.08 -96.05 -70.01
N LYS P 2690 -55.17 -95.16 -69.66
CA LYS P 2690 -55.29 -93.76 -70.05
C LYS P 2690 -54.86 -93.56 -71.51
N LYS P 2691 -55.47 -92.57 -72.15
CA LYS P 2691 -55.01 -92.15 -73.48
C LYS P 2691 -53.66 -91.47 -73.35
N TYR P 2692 -52.87 -91.56 -74.42
CA TYR P 2692 -51.51 -91.05 -74.37
C TYR P 2692 -51.49 -89.56 -74.04
N ASP P 2693 -50.60 -89.17 -73.13
CA ASP P 2693 -50.34 -87.78 -72.82
C ASP P 2693 -48.86 -87.66 -72.47
N GLN P 2694 -48.14 -86.80 -73.20
CA GLN P 2694 -46.70 -86.71 -73.02
C GLN P 2694 -46.35 -86.28 -71.60
N GLU P 2695 -47.04 -85.27 -71.07
CA GLU P 2695 -46.73 -84.78 -69.74
C GLU P 2695 -47.00 -85.85 -68.68
N LEU P 2696 -48.17 -86.48 -68.75
CA LEU P 2696 -48.51 -87.49 -67.77
C LEU P 2696 -47.54 -88.66 -67.82
N TYR P 2697 -47.21 -89.13 -69.02
CA TYR P 2697 -46.27 -90.24 -69.14
C TYR P 2697 -44.89 -89.88 -68.65
N ARG P 2698 -44.37 -88.69 -68.98
CA ARG P 2698 -43.06 -88.29 -68.52
C ARG P 2698 -43.00 -88.16 -67.01
N ILE P 2699 -44.04 -87.62 -66.38
CA ILE P 2699 -44.06 -87.54 -64.93
C ILE P 2699 -44.22 -88.93 -64.29
N ALA P 2700 -45.03 -89.80 -64.88
CA ALA P 2700 -45.35 -91.09 -64.27
C ALA P 2700 -44.21 -92.09 -64.36
N MET P 2701 -43.54 -92.19 -65.51
CA MET P 2701 -42.51 -93.22 -65.67
C MET P 2701 -41.46 -93.17 -64.57
N PRO P 2702 -40.87 -92.02 -64.23
CA PRO P 2702 -39.93 -92.00 -63.10
C PRO P 2702 -40.58 -92.46 -61.80
N CYS P 2703 -41.84 -92.10 -61.57
CA CYS P 2703 -42.51 -92.52 -60.35
C CYS P 2703 -42.67 -94.04 -60.30
N LEU P 2704 -43.09 -94.63 -61.42
CA LEU P 2704 -43.24 -96.08 -61.46
C LEU P 2704 -41.90 -96.77 -61.22
N CYS P 2705 -40.84 -96.27 -61.86
CA CYS P 2705 -39.52 -96.86 -61.65
C CYS P 2705 -39.09 -96.74 -60.20
N ALA P 2706 -39.32 -95.58 -59.58
CA ALA P 2706 -38.92 -95.40 -58.19
C ALA P 2706 -39.67 -96.33 -57.27
N ILE P 2707 -40.98 -96.47 -57.45
CA ILE P 2707 -41.77 -97.37 -56.61
C ILE P 2707 -41.30 -98.81 -56.81
N ALA P 2708 -41.07 -99.22 -58.05
CA ALA P 2708 -40.62 -100.58 -58.31
C ALA P 2708 -39.28 -100.84 -57.64
N GLY P 2709 -38.35 -99.90 -57.74
CA GLY P 2709 -37.07 -100.08 -57.09
C GLY P 2709 -37.18 -100.15 -55.58
N ALA P 2710 -38.04 -99.30 -55.00
CA ALA P 2710 -38.18 -99.27 -53.55
C ALA P 2710 -38.80 -100.55 -53.02
N LEU P 2711 -39.84 -101.05 -53.68
CA LEU P 2711 -40.59 -102.18 -53.15
C LEU P 2711 -39.79 -103.46 -53.35
N PRO P 2712 -39.63 -104.29 -52.32
CA PRO P 2712 -38.78 -105.50 -52.46
C PRO P 2712 -39.32 -106.45 -53.51
N PRO P 2713 -38.46 -107.18 -54.22
CA PRO P 2713 -38.96 -108.14 -55.21
C PRO P 2713 -39.70 -109.31 -54.60
N ASP P 2714 -39.16 -109.92 -53.55
CA ASP P 2714 -39.75 -111.13 -52.98
C ASP P 2714 -40.84 -110.84 -51.96
N TYR P 2715 -41.13 -109.57 -51.69
CA TYR P 2715 -42.17 -109.23 -50.72
C TYR P 2715 -43.50 -109.82 -51.14
N VAL P 2716 -44.20 -110.43 -50.18
CA VAL P 2716 -45.50 -111.05 -50.40
C VAL P 2716 -46.53 -110.27 -49.59
N ASP P 2717 -47.60 -109.84 -50.26
CA ASP P 2717 -48.62 -109.05 -49.59
C ASP P 2717 -49.37 -109.90 -48.57
N ALA P 2718 -49.65 -109.31 -47.41
CA ALA P 2718 -50.31 -110.06 -46.34
C ALA P 2718 -51.74 -110.47 -46.71
N SER P 2719 -52.51 -109.58 -47.32
CA SER P 2719 -53.91 -109.84 -47.67
C SER P 2719 -54.08 -109.63 -49.18
N TYR P 2720 -53.81 -110.68 -49.95
CA TYR P 2720 -53.98 -110.61 -51.40
C TYR P 2720 -55.47 -110.62 -51.76
N SER P 2721 -55.81 -109.91 -52.83
CA SER P 2721 -57.17 -109.84 -53.32
C SER P 2721 -57.21 -110.31 -54.78
N SER P 2722 -58.07 -111.28 -55.07
CA SER P 2722 -58.26 -111.76 -56.43
C SER P 2722 -59.34 -110.99 -57.17
N LYS P 2723 -60.36 -110.51 -56.45
CA LYS P 2723 -61.41 -109.71 -57.09
C LYS P 2723 -60.85 -108.39 -57.62
N THR P 2724 -59.97 -107.74 -56.86
CA THR P 2724 -59.33 -106.49 -57.28
C THR P 2724 -60.38 -105.44 -57.67
N GLU P 2725 -61.45 -105.36 -56.88
CA GLU P 2725 -62.48 -104.37 -57.15
C GLU P 2725 -62.00 -102.97 -56.80
N LYS P 2726 -62.18 -102.05 -57.73
CA LYS P 2726 -61.69 -100.68 -57.57
C LYS P 2726 -60.21 -100.67 -57.19
N ASN P 2735 -62.93 -88.31 -53.73
CA ASN P 2735 -64.23 -88.68 -54.29
C ASN P 2735 -64.60 -90.10 -53.87
N PHE P 2736 -64.30 -90.44 -52.62
CA PHE P 2736 -64.63 -91.77 -52.11
C PHE P 2736 -66.14 -91.92 -51.95
N ASP P 2737 -66.65 -93.10 -52.29
CA ASP P 2737 -68.07 -93.40 -52.21
C ASP P 2737 -68.30 -94.55 -51.25
N PRO P 2738 -68.56 -94.29 -49.96
CA PRO P 2738 -68.70 -95.40 -48.98
C PRO P 2738 -70.01 -96.18 -49.16
N ARG P 2739 -70.15 -96.83 -50.31
CA ARG P 2739 -71.40 -97.52 -50.66
C ARG P 2739 -71.52 -98.85 -49.92
N PRO P 2740 -72.54 -99.03 -49.08
CA PRO P 2740 -72.83 -100.36 -48.55
C PRO P 2740 -73.81 -101.12 -49.43
N VAL P 2741 -74.03 -102.38 -49.07
CA VAL P 2741 -75.05 -103.17 -49.74
C VAL P 2741 -76.42 -102.80 -49.19
N GLU P 2742 -77.47 -103.06 -49.98
CA GLU P 2742 -78.84 -102.68 -49.61
C GLU P 2742 -79.41 -103.72 -48.65
N THR P 2743 -78.74 -103.81 -47.49
CA THR P 2743 -79.15 -104.76 -46.47
C THR P 2743 -80.59 -104.53 -46.05
N LEU P 2744 -81.03 -103.27 -46.03
CA LEU P 2744 -82.40 -102.99 -45.62
C LEU P 2744 -83.43 -103.55 -46.59
N ASN P 2745 -83.18 -103.48 -47.89
CA ASN P 2745 -84.15 -104.04 -48.84
C ASN P 2745 -84.06 -105.56 -48.88
N VAL P 2746 -82.86 -106.11 -48.68
CA VAL P 2746 -82.73 -107.57 -48.64
C VAL P 2746 -83.59 -108.12 -47.49
N ILE P 2747 -84.13 -109.32 -47.70
CA ILE P 2747 -85.10 -109.91 -46.78
C ILE P 2747 -84.40 -110.97 -45.92
N ILE P 2748 -85.06 -111.41 -44.85
CA ILE P 2748 -84.41 -112.19 -43.79
C ILE P 2748 -85.13 -113.52 -43.58
N PRO P 2749 -84.41 -114.63 -43.40
CA PRO P 2749 -85.06 -115.88 -42.97
C PRO P 2749 -85.39 -115.89 -41.49
N GLU P 2750 -86.37 -116.74 -41.14
CA GLU P 2750 -86.81 -116.86 -39.75
C GLU P 2750 -85.83 -117.67 -38.90
N LYS P 2751 -85.17 -118.67 -39.48
CA LYS P 2751 -84.13 -119.37 -38.74
C LYS P 2751 -82.99 -118.41 -38.42
N LEU P 2752 -82.65 -117.50 -39.34
CA LEU P 2752 -81.67 -116.49 -39.03
C LEU P 2752 -82.23 -115.44 -38.08
N ASP P 2753 -83.57 -115.29 -38.03
CA ASP P 2753 -84.15 -114.47 -36.97
C ASP P 2753 -83.89 -115.09 -35.59
N SER P 2754 -84.05 -116.41 -35.49
CA SER P 2754 -83.70 -117.10 -34.24
C SER P 2754 -82.23 -116.92 -33.93
N PHE P 2755 -81.37 -117.05 -34.94
CA PHE P 2755 -79.96 -116.77 -34.72
C PHE P 2755 -79.76 -115.34 -34.24
N ILE P 2756 -80.56 -114.39 -34.74
CA ILE P 2756 -80.43 -113.00 -34.31
C ILE P 2756 -80.78 -112.87 -32.84
N ASN P 2757 -81.83 -113.55 -32.39
CA ASN P 2757 -82.18 -113.47 -30.97
C ASN P 2757 -81.07 -114.08 -30.11
N LYS P 2758 -80.49 -115.19 -30.57
CA LYS P 2758 -79.37 -115.79 -29.82
C LYS P 2758 -78.14 -114.88 -29.80
N PHE P 2759 -77.84 -114.21 -30.91
CA PHE P 2759 -76.69 -113.32 -30.93
C PHE P 2759 -76.96 -112.06 -30.11
N ALA P 2760 -78.21 -111.62 -30.06
CA ALA P 2760 -78.59 -110.58 -29.12
C ALA P 2760 -78.33 -111.02 -27.70
N GLU P 2761 -78.71 -112.25 -27.38
CA GLU P 2761 -78.37 -112.83 -26.08
C GLU P 2761 -76.87 -112.75 -25.80
N TYR P 2762 -76.04 -113.22 -26.74
CA TYR P 2762 -74.60 -113.27 -26.53
C TYR P 2762 -74.00 -111.87 -26.38
N THR P 2763 -74.35 -110.96 -27.29
CA THR P 2763 -73.76 -109.62 -27.23
C THR P 2763 -74.25 -108.85 -26.02
N HIS P 2764 -75.51 -109.06 -25.62
CA HIS P 2764 -76.05 -108.47 -24.41
C HIS P 2764 -75.39 -109.01 -23.16
N GLU P 2765 -75.00 -110.29 -23.16
CA GLU P 2765 -74.21 -110.87 -22.08
C GLU P 2765 -72.81 -110.27 -22.02
N LYS P 2766 -72.14 -110.17 -23.17
CA LYS P 2766 -70.79 -109.59 -23.21
C LYS P 2766 -70.79 -108.13 -22.79
N TRP P 2767 -71.67 -107.32 -23.38
CA TRP P 2767 -71.70 -105.90 -23.06
C TRP P 2767 -72.15 -105.70 -21.62
N ALA P 2768 -73.06 -106.55 -21.14
CA ALA P 2768 -73.46 -106.49 -19.74
C ALA P 2768 -72.28 -106.78 -18.82
N PHE P 2769 -71.45 -107.75 -19.17
CA PHE P 2769 -70.24 -108.00 -18.39
C PHE P 2769 -69.31 -106.79 -18.41
N ASP P 2770 -69.16 -106.16 -19.57
CA ASP P 2770 -68.32 -104.95 -19.65
C ASP P 2770 -68.88 -103.85 -18.76
N LYS P 2771 -70.20 -103.68 -18.76
CA LYS P 2771 -70.82 -102.69 -17.87
C LYS P 2771 -70.62 -103.05 -16.40
N ILE P 2772 -70.65 -104.34 -16.07
CA ILE P 2772 -70.36 -104.76 -14.70
C ILE P 2772 -68.93 -104.37 -14.32
N GLN P 2773 -67.97 -104.60 -15.21
CA GLN P 2773 -66.61 -104.12 -14.95
C GLN P 2773 -66.59 -102.60 -14.77
N ASN P 2774 -67.37 -101.89 -15.58
CA ASN P 2774 -67.50 -100.44 -15.42
C ASN P 2774 -68.30 -100.06 -14.19
N ASN P 2775 -68.84 -101.03 -13.45
CA ASN P 2775 -69.59 -100.81 -12.22
C ASN P 2775 -71.00 -100.32 -12.51
N TRP P 2776 -71.48 -100.51 -13.74
CA TRP P 2776 -72.85 -100.17 -14.11
C TRP P 2776 -73.75 -101.35 -13.76
N SER P 2777 -74.26 -101.34 -12.53
CA SER P 2777 -75.20 -102.36 -12.11
C SER P 2777 -76.58 -102.07 -12.68
N TYR P 2778 -77.46 -103.07 -12.61
CA TYR P 2778 -78.81 -102.91 -13.13
C TYR P 2778 -79.53 -101.79 -12.41
N GLY P 2779 -80.24 -100.96 -13.17
CA GLY P 2779 -80.93 -99.82 -12.59
C GLY P 2779 -82.26 -99.51 -13.24
N GLU P 2780 -82.77 -98.30 -12.99
CA GLU P 2780 -84.06 -97.89 -13.55
C GLU P 2780 -83.88 -97.02 -14.78
N ASN P 2781 -82.81 -96.22 -14.82
CA ASN P 2781 -82.55 -95.33 -15.94
C ASN P 2781 -81.05 -95.08 -16.03
N ILE P 2782 -80.59 -94.68 -17.21
CA ILE P 2782 -79.16 -94.45 -17.45
C ILE P 2782 -78.82 -93.02 -17.06
N ASP P 2783 -77.71 -92.86 -16.33
CA ASP P 2783 -77.20 -91.55 -15.99
C ASP P 2783 -75.75 -91.69 -15.56
N GLU P 2784 -74.95 -90.68 -15.88
CA GLU P 2784 -73.53 -90.72 -15.55
C GLU P 2784 -73.33 -90.81 -14.04
N GLU P 2785 -74.09 -90.03 -13.28
CA GLU P 2785 -73.93 -90.02 -11.82
C GLU P 2785 -74.52 -91.28 -11.20
N LEU P 2786 -75.65 -91.76 -11.71
CA LEU P 2786 -76.27 -92.94 -11.13
C LEU P 2786 -75.36 -94.16 -11.25
N LYS P 2787 -74.67 -94.30 -12.39
CA LYS P 2787 -73.82 -95.46 -12.65
C LYS P 2787 -74.64 -96.75 -12.54
N THR P 2788 -75.84 -96.72 -13.11
CA THR P 2788 -76.73 -97.88 -13.13
C THR P 2788 -77.44 -97.92 -14.47
N HIS P 2789 -77.66 -99.12 -14.99
CA HIS P 2789 -78.15 -99.29 -16.36
C HIS P 2789 -79.38 -100.20 -16.36
N PRO P 2790 -80.50 -99.77 -16.95
CA PRO P 2790 -81.69 -100.65 -16.94
C PRO P 2790 -81.76 -101.63 -18.09
N MET P 2791 -81.09 -101.35 -19.21
CA MET P 2791 -81.26 -102.21 -20.38
C MET P 2791 -80.72 -103.61 -20.14
N LEU P 2792 -79.67 -103.73 -19.30
CA LEU P 2792 -79.14 -105.04 -18.94
C LEU P 2792 -80.09 -105.69 -17.94
N ARG P 2793 -80.78 -106.74 -18.38
CA ARG P 2793 -81.73 -107.46 -17.55
C ARG P 2793 -81.82 -108.89 -18.06
N PRO P 2794 -82.52 -109.76 -17.34
CA PRO P 2794 -82.83 -111.08 -17.91
C PRO P 2794 -83.61 -110.92 -19.20
N TYR P 2795 -83.46 -111.91 -20.09
CA TYR P 2795 -84.01 -111.77 -21.43
C TYR P 2795 -85.52 -111.89 -21.45
N LYS P 2796 -86.12 -112.34 -20.35
CA LYS P 2796 -87.57 -112.38 -20.26
C LYS P 2796 -88.14 -111.05 -19.79
N THR P 2797 -87.61 -110.50 -18.69
CA THR P 2797 -88.04 -109.19 -18.23
C THR P 2797 -87.71 -108.11 -19.25
N PHE P 2798 -86.63 -108.31 -20.01
CA PHE P 2798 -86.22 -107.34 -21.02
C PHE P 2798 -87.33 -107.13 -22.03
N SER P 2799 -87.69 -105.88 -22.25
CA SER P 2799 -88.86 -105.55 -23.08
C SER P 2799 -88.66 -106.07 -24.51
N GLU P 2800 -89.75 -106.54 -25.09
CA GLU P 2800 -89.71 -107.03 -26.47
C GLU P 2800 -89.34 -105.92 -27.44
N LYS P 2801 -89.86 -104.71 -27.23
CA LYS P 2801 -89.49 -103.58 -28.07
C LYS P 2801 -87.99 -103.30 -27.98
N ASP P 2802 -87.44 -103.32 -26.76
CA ASP P 2802 -86.01 -103.06 -26.61
C ASP P 2802 -85.19 -104.13 -27.31
N LYS P 2803 -85.61 -105.40 -27.22
CA LYS P 2803 -84.87 -106.47 -27.87
C LYS P 2803 -84.94 -106.37 -29.39
N GLU P 2804 -86.05 -105.86 -29.95
CA GLU P 2804 -86.11 -105.67 -31.39
C GLU P 2804 -85.14 -104.59 -31.85
N ILE P 2805 -85.15 -103.44 -31.16
CA ILE P 2805 -84.20 -102.38 -31.49
C ILE P 2805 -82.77 -102.86 -31.34
N TYR P 2806 -82.50 -103.68 -30.33
CA TYR P 2806 -81.16 -104.21 -30.07
C TYR P 2806 -80.75 -105.31 -31.05
N ARG P 2807 -81.73 -106.03 -31.61
CA ARG P 2807 -81.45 -107.02 -32.64
C ARG P 2807 -81.29 -106.38 -34.01
N TRP P 2808 -81.81 -105.15 -34.18
CA TRP P 2808 -81.77 -104.50 -35.49
C TRP P 2808 -80.37 -104.46 -36.11
N PRO P 2809 -79.29 -104.14 -35.39
CA PRO P 2809 -77.96 -104.16 -36.03
C PRO P 2809 -77.58 -105.52 -36.57
N ILE P 2810 -77.87 -106.57 -35.80
CA ILE P 2810 -77.61 -107.93 -36.26
C ILE P 2810 -78.50 -108.26 -37.44
N LYS P 2811 -79.73 -107.76 -37.41
CA LYS P 2811 -80.64 -107.89 -38.55
C LYS P 2811 -80.00 -107.32 -39.81
N GLU P 2812 -79.47 -106.10 -39.72
CA GLU P 2812 -78.85 -105.47 -40.87
C GLU P 2812 -77.63 -106.24 -41.34
N SER P 2813 -76.80 -106.72 -40.40
CA SER P 2813 -75.62 -107.49 -40.78
C SER P 2813 -76.01 -108.75 -41.55
N LEU P 2814 -76.97 -109.50 -41.05
CA LEU P 2814 -77.36 -110.73 -41.72
C LEU P 2814 -78.00 -110.45 -43.07
N LYS P 2815 -78.84 -109.43 -43.16
CA LYS P 2815 -79.36 -109.03 -44.46
C LYS P 2815 -78.24 -108.63 -45.41
N ALA P 2816 -77.15 -108.04 -44.88
CA ALA P 2816 -76.01 -107.72 -45.73
C ALA P 2816 -75.34 -108.98 -46.26
N MET P 2817 -75.12 -109.98 -45.39
CA MET P 2817 -74.54 -111.22 -45.90
C MET P 2817 -75.43 -111.89 -46.93
N ILE P 2818 -76.75 -111.84 -46.72
CA ILE P 2818 -77.66 -112.35 -47.74
C ILE P 2818 -77.51 -111.55 -49.03
N ALA P 2819 -77.30 -110.23 -48.92
CA ALA P 2819 -77.07 -109.41 -50.09
C ALA P 2819 -75.83 -109.88 -50.85
N TRP P 2820 -74.78 -110.27 -50.11
CA TRP P 2820 -73.59 -110.81 -50.75
C TRP P 2820 -73.78 -112.25 -51.21
N GLU P 2821 -74.99 -112.80 -51.13
CA GLU P 2821 -75.28 -114.14 -51.61
C GLU P 2821 -74.55 -115.21 -50.80
N TRP P 2822 -74.02 -114.84 -49.64
CA TRP P 2822 -73.43 -115.84 -48.74
C TRP P 2822 -74.55 -116.58 -48.01
N THR P 2823 -74.48 -117.91 -48.02
CA THR P 2823 -75.51 -118.76 -47.45
C THR P 2823 -74.99 -119.44 -46.20
N VAL P 2824 -75.86 -119.57 -45.20
CA VAL P 2824 -75.53 -120.15 -43.91
C VAL P 2824 -76.58 -121.19 -43.57
N GLU P 2825 -76.14 -122.37 -43.10
CA GLU P 2825 -77.02 -123.49 -42.85
C GLU P 2825 -76.66 -124.15 -41.53
N LYS P 2826 -77.67 -124.73 -40.87
CA LYS P 2826 -77.48 -125.49 -39.64
C LYS P 2826 -77.34 -126.99 -39.90
N ALA P 2827 -76.95 -127.39 -41.11
CA ALA P 2827 -76.77 -128.81 -41.41
C ALA P 2827 -75.63 -129.44 -40.61
N ARG P 2828 -74.78 -128.62 -39.99
CA ARG P 2828 -73.68 -129.10 -39.17
C ARG P 2828 -73.71 -128.38 -37.84
N GLU P 2829 -73.09 -129.00 -36.83
CA GLU P 2829 -72.96 -128.41 -35.50
C GLU P 2829 -71.47 -128.17 -35.23
N GLY P 2830 -71.14 -126.92 -34.90
CA GLY P 2830 -69.76 -126.56 -34.62
C GLY P 2830 -69.69 -125.59 -33.45
N GLU P 2831 -68.48 -125.51 -32.88
CA GLU P 2831 -68.25 -124.65 -31.73
C GLU P 2831 -67.61 -123.34 -32.17
N TYR P 2856 -78.10 -107.62 -14.07
CA TYR P 2856 -78.20 -109.06 -13.84
C TYR P 2856 -76.80 -109.68 -13.80
N ASN P 2857 -76.73 -111.01 -13.96
CA ASN P 2857 -75.46 -111.72 -13.89
C ASN P 2857 -75.03 -112.09 -15.30
N PRO P 2858 -73.99 -111.44 -15.86
CA PRO P 2858 -73.55 -111.80 -17.22
C PRO P 2858 -72.48 -112.89 -17.23
N GLN P 2859 -72.73 -113.96 -18.00
CA GLN P 2859 -71.78 -115.05 -18.17
C GLN P 2859 -71.71 -115.40 -19.65
N PRO P 2860 -71.06 -114.57 -20.46
CA PRO P 2860 -71.02 -114.83 -21.91
C PRO P 2860 -70.12 -116.00 -22.24
N PRO P 2861 -70.48 -116.82 -23.23
CA PRO P 2861 -69.55 -117.86 -23.70
C PRO P 2861 -68.48 -117.25 -24.59
N ASP P 2862 -67.22 -117.47 -24.22
CA ASP P 2862 -66.10 -116.84 -24.93
C ASP P 2862 -66.03 -117.37 -26.36
N LEU P 2863 -65.92 -116.46 -27.32
CA LEU P 2863 -65.78 -116.80 -28.72
C LEU P 2863 -64.35 -116.69 -29.23
N SER P 2864 -63.45 -116.12 -28.43
CA SER P 2864 -62.06 -115.97 -28.86
C SER P 2864 -61.40 -117.33 -29.06
N VAL P 2865 -61.69 -118.29 -28.18
CA VAL P 2865 -61.07 -119.61 -28.29
C VAL P 2865 -61.43 -120.25 -29.62
N VAL P 2866 -62.61 -119.94 -30.15
CA VAL P 2866 -63.04 -120.52 -31.43
C VAL P 2866 -62.09 -120.06 -32.53
N THR P 2867 -61.57 -121.02 -33.28
CA THR P 2867 -60.61 -120.72 -34.34
C THR P 2867 -61.31 -120.06 -35.53
N LEU P 2868 -60.53 -119.33 -36.32
CA LEU P 2868 -61.03 -118.65 -37.50
C LEU P 2868 -60.13 -118.99 -38.69
N SER P 2869 -60.74 -119.51 -39.74
CA SER P 2869 -60.02 -119.77 -40.98
C SER P 2869 -59.83 -118.46 -41.76
N ARG P 2870 -58.91 -118.49 -42.72
CA ARG P 2870 -58.59 -117.27 -43.46
C ARG P 2870 -59.72 -116.82 -44.36
N GLU P 2871 -60.50 -117.76 -44.90
CA GLU P 2871 -61.67 -117.37 -45.69
C GLU P 2871 -62.72 -116.69 -44.82
N LEU P 2872 -62.92 -117.19 -43.60
CA LEU P 2872 -63.83 -116.52 -42.67
C LEU P 2872 -63.28 -115.17 -42.24
N GLN P 2873 -61.94 -115.05 -42.17
CA GLN P 2873 -61.34 -113.75 -41.94
C GLN P 2873 -61.64 -112.80 -43.08
N ALA P 2874 -61.59 -113.29 -44.32
CA ALA P 2874 -61.94 -112.47 -45.47
C ALA P 2874 -63.40 -112.02 -45.41
N MET P 2875 -64.29 -112.93 -44.98
CA MET P 2875 -65.68 -112.56 -44.74
C MET P 2875 -65.80 -111.47 -43.68
N ALA P 2876 -65.06 -111.59 -42.57
CA ALA P 2876 -65.08 -110.54 -41.57
C ALA P 2876 -64.57 -109.22 -42.14
N GLU P 2877 -63.55 -109.28 -42.98
CA GLU P 2877 -63.02 -108.06 -43.60
C GLU P 2877 -64.06 -107.42 -44.51
N GLN P 2878 -64.80 -108.21 -45.28
CA GLN P 2878 -65.84 -107.65 -46.14
C GLN P 2878 -66.98 -107.07 -45.31
N LEU P 2879 -67.33 -107.74 -44.21
CA LEU P 2879 -68.39 -107.23 -43.37
C LEU P 2879 -67.98 -105.91 -42.72
N ALA P 2880 -66.70 -105.80 -42.35
CA ALA P 2880 -66.18 -104.54 -41.84
C ALA P 2880 -66.09 -103.49 -42.93
N GLU P 2881 -65.84 -103.91 -44.17
CA GLU P 2881 -65.96 -103.02 -45.31
C GLU P 2881 -67.35 -102.39 -45.34
N ASN P 2882 -68.38 -103.22 -45.21
CA ASN P 2882 -69.74 -102.70 -45.20
C ASN P 2882 -70.00 -101.78 -44.02
N TYR P 2883 -69.49 -102.15 -42.84
CA TYR P 2883 -69.61 -101.27 -41.68
C TYR P 2883 -68.99 -99.91 -41.95
N HIS P 2884 -67.78 -99.90 -42.52
CA HIS P 2884 -67.12 -98.65 -42.85
C HIS P 2884 -67.89 -97.87 -43.90
N ASN P 2885 -68.52 -98.58 -44.85
CA ASN P 2885 -69.32 -97.88 -45.85
C ASN P 2885 -70.49 -97.15 -45.20
N THR P 2886 -71.23 -97.85 -44.35
CA THR P 2886 -72.37 -97.22 -43.67
C THR P 2886 -71.90 -96.06 -42.80
N TRP P 2887 -70.83 -96.28 -42.03
CA TRP P 2887 -70.30 -95.24 -41.16
C TRP P 2887 -69.86 -94.03 -41.97
N GLY P 2888 -69.19 -94.26 -43.09
CA GLY P 2888 -68.73 -93.17 -43.92
C GLY P 2888 -69.86 -92.39 -44.55
N ARG P 2889 -70.93 -93.08 -44.96
CA ARG P 2889 -72.06 -92.33 -45.51
C ARG P 2889 -72.79 -91.54 -44.44
N LYS P 2890 -72.93 -92.10 -43.23
CA LYS P 2890 -73.51 -91.30 -42.15
C LYS P 2890 -72.69 -90.04 -41.91
N LYS P 2891 -71.36 -90.18 -41.83
CA LYS P 2891 -70.51 -89.01 -41.66
C LYS P 2891 -70.54 -88.11 -42.89
N LYS P 2892 -70.86 -88.67 -44.06
CA LYS P 2892 -70.92 -87.86 -45.28
C LYS P 2892 -72.16 -86.98 -45.28
N GLN P 2893 -73.30 -87.52 -44.90
CA GLN P 2893 -74.48 -86.68 -44.71
C GLN P 2893 -74.27 -85.70 -43.56
N GLU P 2894 -73.49 -86.09 -42.55
CA GLU P 2894 -73.12 -85.13 -41.50
C GLU P 2894 -72.32 -83.97 -42.09
N LEU P 2895 -71.37 -84.26 -42.96
CA LEU P 2895 -70.61 -83.20 -43.61
C LEU P 2895 -71.51 -82.33 -44.47
N GLU P 2896 -72.45 -82.93 -45.19
CA GLU P 2896 -73.42 -82.14 -45.95
C GLU P 2896 -74.19 -81.20 -45.03
N ALA P 2897 -74.63 -81.69 -43.88
CA ALA P 2897 -75.34 -80.85 -42.93
C ALA P 2897 -74.45 -79.71 -42.44
N LYS P 2898 -73.19 -80.02 -42.11
CA LYS P 2898 -72.25 -78.97 -41.72
C LYS P 2898 -71.99 -77.99 -42.85
N GLY P 2899 -72.23 -78.38 -44.10
CA GLY P 2899 -71.99 -77.50 -45.23
C GLY P 2899 -70.54 -77.17 -45.45
N GLY P 2900 -69.65 -78.14 -45.20
CA GLY P 2900 -68.24 -77.94 -45.44
C GLY P 2900 -67.35 -78.92 -44.70
N GLY P 2901 -66.09 -79.00 -45.11
CA GLY P 2901 -65.14 -79.88 -44.47
C GLY P 2901 -65.26 -81.32 -44.96
N SER P 2902 -64.31 -82.13 -44.53
CA SER P 2902 -64.28 -83.54 -44.87
C SER P 2902 -63.87 -84.35 -43.64
N HIS P 2903 -64.44 -85.54 -43.52
CA HIS P 2903 -64.11 -86.40 -42.40
C HIS P 2903 -62.70 -86.96 -42.57
N PRO P 2904 -61.84 -86.86 -41.55
CA PRO P 2904 -60.49 -87.42 -41.70
C PRO P 2904 -60.49 -88.90 -42.04
N LEU P 2905 -61.40 -89.68 -41.44
CA LEU P 2905 -61.47 -91.12 -41.67
C LEU P 2905 -62.50 -91.45 -42.75
N LEU P 2906 -62.31 -90.84 -43.93
CA LEU P 2906 -63.17 -91.08 -45.08
C LEU P 2906 -62.50 -91.99 -46.11
N VAL P 2907 -61.37 -92.60 -45.75
CA VAL P 2907 -60.56 -93.40 -46.66
C VAL P 2907 -61.12 -94.82 -46.78
N PRO P 2908 -60.75 -95.57 -47.82
CA PRO P 2908 -61.24 -96.94 -47.96
C PRO P 2908 -60.75 -97.85 -46.84
N TYR P 2909 -61.63 -98.79 -46.49
CA TYR P 2909 -61.30 -99.83 -45.52
C TYR P 2909 -59.90 -100.39 -45.74
N ASP P 2910 -59.64 -100.91 -46.93
CA ASP P 2910 -58.35 -101.53 -47.21
C ASP P 2910 -57.20 -100.56 -46.95
N THR P 2911 -57.42 -99.27 -47.27
CA THR P 2911 -56.37 -98.28 -47.07
C THR P 2911 -56.12 -98.02 -45.59
N LEU P 2912 -57.16 -98.14 -44.76
CA LEU P 2912 -56.96 -97.91 -43.33
C LEU P 2912 -55.83 -98.77 -42.80
N THR P 2913 -55.11 -98.24 -41.80
CA THR P 2913 -54.07 -99.01 -41.13
C THR P 2913 -54.69 -100.11 -40.28
N ALA P 2914 -53.96 -101.23 -40.16
CA ALA P 2914 -54.52 -102.42 -39.52
C ALA P 2914 -55.08 -102.10 -38.15
N LYS P 2915 -54.45 -101.19 -37.41
CA LYS P 2915 -54.97 -100.81 -36.10
C LYS P 2915 -56.35 -100.18 -36.22
N GLU P 2916 -56.54 -99.32 -37.21
CA GLU P 2916 -57.87 -98.74 -37.46
C GLU P 2916 -58.84 -99.81 -37.94
N LYS P 2917 -58.35 -100.81 -38.66
CA LYS P 2917 -59.20 -101.90 -39.13
C LYS P 2917 -59.81 -102.65 -37.95
N ALA P 2918 -59.09 -102.71 -36.82
CA ALA P 2918 -59.48 -103.58 -35.73
C ALA P 2918 -60.89 -103.27 -35.24
N ARG P 2919 -61.15 -102.00 -34.93
CA ARG P 2919 -62.40 -101.59 -34.30
C ARG P 2919 -63.59 -102.28 -34.96
N ASP P 2920 -63.52 -102.50 -36.27
CA ASP P 2920 -64.63 -103.13 -36.98
C ASP P 2920 -64.38 -104.60 -37.24
N ARG P 2921 -63.11 -105.01 -37.35
CA ARG P 2921 -62.85 -106.42 -37.58
C ARG P 2921 -63.34 -107.25 -36.41
N GLU P 2922 -63.15 -106.77 -35.18
CA GLU P 2922 -63.71 -107.49 -34.05
C GLU P 2922 -65.23 -107.54 -34.11
N LYS P 2923 -65.87 -106.42 -34.45
CA LYS P 2923 -67.32 -106.38 -34.46
C LYS P 2923 -67.89 -107.31 -35.52
N ALA P 2924 -67.11 -107.59 -36.56
CA ALA P 2924 -67.53 -108.54 -37.59
C ALA P 2924 -67.24 -109.98 -37.16
N GLN P 2925 -66.03 -110.24 -36.68
CA GLN P 2925 -65.62 -111.60 -36.39
C GLN P 2925 -66.35 -112.16 -35.18
N GLU P 2926 -66.79 -111.30 -34.27
CA GLU P 2926 -67.61 -111.80 -33.16
C GLU P 2926 -68.91 -112.41 -33.67
N LEU P 2927 -69.59 -111.71 -34.58
CA LEU P 2927 -70.82 -112.25 -35.15
C LEU P 2927 -70.53 -113.52 -35.95
N LEU P 2928 -69.43 -113.52 -36.72
CA LEU P 2928 -69.11 -114.72 -37.50
C LEU P 2928 -68.81 -115.90 -36.57
N LYS P 2929 -68.08 -115.67 -35.48
CA LYS P 2929 -67.81 -116.72 -34.51
C LYS P 2929 -69.09 -117.22 -33.87
N PHE P 2930 -70.03 -116.32 -33.57
CA PHE P 2930 -71.29 -116.77 -33.00
C PHE P 2930 -72.06 -117.63 -34.02
N LEU P 2931 -72.02 -117.25 -35.29
CA LEU P 2931 -72.61 -118.10 -36.33
C LEU P 2931 -72.01 -119.49 -36.28
N GLN P 2932 -70.67 -119.56 -36.24
CA GLN P 2932 -70.00 -120.87 -36.20
C GLN P 2932 -70.41 -121.66 -34.97
N MET P 2933 -70.48 -121.00 -33.81
CA MET P 2933 -70.85 -121.70 -32.59
C MET P 2933 -72.27 -122.25 -32.68
N ASN P 2934 -73.20 -121.47 -33.21
CA ASN P 2934 -74.55 -121.99 -33.45
C ASN P 2934 -74.51 -123.18 -34.40
N GLY P 2935 -73.64 -123.12 -35.41
CA GLY P 2935 -73.53 -124.16 -36.41
C GLY P 2935 -73.61 -123.66 -37.83
N TYR P 2936 -73.87 -122.37 -38.04
CA TYR P 2936 -73.96 -121.82 -39.38
C TYR P 2936 -72.58 -121.79 -40.03
N ALA P 2937 -72.56 -122.10 -41.33
CA ALA P 2937 -71.35 -122.09 -42.13
C ALA P 2937 -71.54 -121.12 -43.29
N VAL P 2938 -70.82 -120.00 -43.26
CA VAL P 2938 -70.89 -119.03 -44.34
C VAL P 2938 -70.28 -119.65 -45.60
N THR P 2939 -71.09 -119.72 -46.66
CA THR P 2939 -70.64 -120.32 -47.91
C THR P 2939 -69.91 -119.27 -48.74
N ARG P 2940 -68.59 -119.46 -48.91
CA ARG P 2940 -67.79 -118.51 -49.66
C ARG P 2940 -68.18 -118.45 -51.12
N GLY P 2941 -68.45 -119.61 -51.73
CA GLY P 2941 -68.77 -119.65 -53.14
C GLY P 2941 -67.60 -119.29 -54.02
N LEU P 2942 -67.66 -118.13 -54.67
CA LEU P 2942 -66.57 -117.70 -55.53
C LEU P 2942 -65.29 -117.48 -54.73
N LYS P 2943 -65.43 -117.02 -53.48
CA LYS P 2943 -64.25 -116.70 -52.68
C LYS P 2943 -63.49 -117.96 -52.30
N ASP P 2944 -64.16 -119.11 -52.22
CA ASP P 2944 -63.44 -120.37 -52.03
C ASP P 2944 -62.42 -120.60 -53.14
N MET P 2945 -62.84 -120.45 -54.40
CA MET P 2945 -61.91 -120.62 -55.51
C MET P 2945 -60.90 -119.48 -55.58
N GLU P 2946 -61.31 -118.27 -55.18
CA GLU P 2946 -60.36 -117.16 -55.15
C GLU P 2946 -59.22 -117.44 -54.19
N LEU P 2947 -59.54 -117.99 -53.01
CA LEU P 2947 -58.54 -118.17 -51.95
C LEU P 2947 -57.76 -119.45 -52.19
N ASP P 2948 -56.48 -119.32 -52.51
CA ASP P 2948 -55.57 -120.46 -52.66
C ASP P 2948 -54.19 -119.92 -53.03
N THR P 2949 -53.74 -120.15 -54.26
CA THR P 2949 -52.48 -119.59 -54.75
C THR P 2949 -51.36 -120.03 -53.79
N SER P 2950 -50.18 -119.41 -53.89
CA SER P 2950 -49.10 -119.66 -52.94
C SER P 2950 -48.14 -118.47 -52.98
N SER P 2951 -47.28 -118.40 -51.97
CA SER P 2951 -46.43 -117.23 -51.80
C SER P 2951 -45.61 -116.94 -53.05
N ILE P 2952 -45.13 -117.98 -53.74
CA ILE P 2952 -44.31 -117.77 -54.92
C ILE P 2952 -45.10 -117.01 -55.98
N GLU P 2953 -46.36 -117.40 -56.20
CA GLU P 2953 -47.18 -116.70 -57.17
C GLU P 2953 -47.59 -115.32 -56.65
N LYS P 2954 -47.72 -115.18 -55.33
CA LYS P 2954 -48.09 -113.90 -54.74
C LYS P 2954 -46.96 -112.88 -54.82
N ARG P 2955 -45.72 -113.33 -55.00
CA ARG P 2955 -44.58 -112.41 -54.97
C ARG P 2955 -44.76 -111.28 -55.98
N PHE P 2956 -44.31 -110.08 -55.57
CA PHE P 2956 -44.45 -108.90 -56.41
C PHE P 2956 -43.72 -109.08 -57.73
N ALA P 2957 -42.48 -109.58 -57.69
CA ALA P 2957 -41.72 -109.76 -58.92
C ALA P 2957 -42.40 -110.75 -59.85
N PHE P 2958 -42.94 -111.84 -59.32
CA PHE P 2958 -43.67 -112.80 -60.15
C PHE P 2958 -44.87 -112.16 -60.82
N GLY P 2959 -45.65 -111.38 -60.06
CA GLY P 2959 -46.78 -110.69 -60.66
C GLY P 2959 -46.36 -109.70 -61.73
N PHE P 2960 -45.29 -108.95 -61.45
CA PHE P 2960 -44.79 -107.97 -62.40
C PHE P 2960 -44.34 -108.64 -63.69
N LEU P 2961 -43.67 -109.78 -63.58
CA LEU P 2961 -43.26 -110.53 -64.75
C LEU P 2961 -44.45 -111.09 -65.52
N GLN P 2962 -45.49 -111.57 -64.83
CA GLN P 2962 -46.70 -111.96 -65.54
C GLN P 2962 -47.26 -110.81 -66.36
N GLN P 2963 -47.36 -109.63 -65.75
CA GLN P 2963 -47.90 -108.47 -66.47
C GLN P 2963 -47.02 -108.12 -67.67
N LEU P 2964 -45.70 -108.16 -67.48
CA LEU P 2964 -44.78 -107.85 -68.58
C LEU P 2964 -44.95 -108.85 -69.72
N LEU P 2965 -45.11 -110.13 -69.41
CA LEU P 2965 -45.30 -111.13 -70.46
C LEU P 2965 -46.63 -110.95 -71.18
N ARG P 2966 -47.69 -110.58 -70.46
CA ARG P 2966 -48.95 -110.28 -71.12
C ARG P 2966 -48.79 -109.10 -72.08
N TRP P 2967 -48.04 -108.07 -71.64
CA TRP P 2967 -47.83 -106.93 -72.52
C TRP P 2967 -46.96 -107.31 -73.71
N MET P 2968 -46.04 -108.27 -73.54
CA MET P 2968 -45.32 -108.81 -74.68
C MET P 2968 -46.27 -109.49 -75.67
N ASP P 2969 -47.25 -110.23 -75.14
CA ASP P 2969 -48.24 -110.85 -76.01
C ASP P 2969 -49.01 -109.80 -76.81
N ILE P 2970 -49.38 -108.70 -76.16
CA ILE P 2970 -50.04 -107.61 -76.88
C ILE P 2970 -49.08 -106.98 -77.90
N SER P 2971 -47.80 -106.92 -77.55
CA SER P 2971 -46.81 -106.33 -78.43
C SER P 2971 -46.69 -107.11 -79.73
N GLN P 2972 -46.69 -108.44 -79.64
CA GLN P 2972 -46.67 -109.25 -80.86
C GLN P 2972 -47.83 -108.87 -81.77
N GLU P 2973 -49.03 -108.73 -81.20
CA GLU P 2973 -50.20 -108.42 -82.01
C GLU P 2973 -50.04 -107.08 -82.71
N PHE P 2974 -49.75 -106.01 -81.96
CA PHE P 2974 -49.77 -104.71 -82.64
C PHE P 2974 -48.56 -104.51 -83.53
N ILE P 2975 -47.43 -105.17 -83.23
CA ILE P 2975 -46.29 -105.08 -84.15
C ILE P 2975 -46.61 -105.84 -85.44
N ALA P 2976 -47.35 -106.95 -85.35
CA ALA P 2976 -47.79 -107.62 -86.57
C ALA P 2976 -48.71 -106.72 -87.38
N HIS P 2977 -49.62 -106.01 -86.69
CA HIS P 2977 -50.49 -105.07 -87.39
C HIS P 2977 -49.67 -103.99 -88.10
N LEU P 2978 -48.64 -103.46 -87.42
CA LEU P 2978 -47.79 -102.45 -88.03
C LEU P 2978 -47.07 -103.03 -89.24
N GLU P 2979 -46.57 -104.26 -89.14
CA GLU P 2979 -45.98 -104.93 -90.29
C GLU P 2979 -46.96 -104.97 -91.47
N ALA P 2980 -48.19 -105.37 -91.20
CA ALA P 2980 -49.17 -105.48 -92.28
C ALA P 2980 -49.44 -104.12 -92.94
N VAL P 2981 -49.65 -103.08 -92.13
CA VAL P 2981 -49.95 -101.76 -92.71
C VAL P 2981 -48.76 -101.24 -93.50
N VAL P 2982 -47.55 -101.44 -92.97
CA VAL P 2982 -46.35 -101.02 -93.72
C VAL P 2982 -46.25 -101.78 -95.03
N SER P 2983 -46.56 -103.08 -95.02
CA SER P 2983 -46.50 -103.86 -96.24
C SER P 2983 -47.48 -103.35 -97.29
N SER P 2984 -48.72 -103.06 -96.88
CA SER P 2984 -49.71 -102.55 -97.82
C SER P 2984 -50.73 -101.72 -97.06
N GLY P 2985 -51.42 -100.85 -97.80
CA GLY P 2985 -52.40 -99.98 -97.20
C GLY P 2985 -51.79 -99.12 -96.10
N ARG P 2986 -50.74 -98.38 -96.44
CA ARG P 2986 -49.98 -97.67 -95.41
C ARG P 2986 -50.84 -96.65 -94.67
N VAL P 2987 -51.69 -95.92 -95.38
CA VAL P 2987 -52.56 -94.94 -94.74
C VAL P 2987 -53.65 -95.66 -93.95
N GLU P 2988 -53.56 -95.59 -92.63
CA GLU P 2988 -54.54 -96.21 -91.75
C GLU P 2988 -54.62 -95.39 -90.47
N LYS P 2989 -55.59 -95.74 -89.62
CA LYS P 2989 -55.74 -95.17 -88.29
C LYS P 2989 -55.39 -96.27 -87.30
N SER P 2990 -54.16 -96.26 -86.81
CA SER P 2990 -53.65 -97.32 -85.96
C SER P 2990 -54.55 -97.50 -84.74
N PRO P 2991 -55.31 -98.59 -84.65
CA PRO P 2991 -56.11 -98.83 -83.44
C PRO P 2991 -55.28 -99.02 -82.19
N HIS P 2992 -54.00 -99.36 -82.33
CA HIS P 2992 -53.13 -99.65 -81.20
C HIS P 2992 -52.17 -98.52 -80.89
N GLU P 2993 -52.55 -97.28 -81.19
CA GLU P 2993 -51.65 -96.16 -80.91
C GLU P 2993 -51.36 -96.05 -79.42
N GLN P 2994 -52.40 -96.16 -78.58
CA GLN P 2994 -52.19 -96.07 -77.14
C GLN P 2994 -51.30 -97.21 -76.65
N GLU P 2995 -51.52 -98.42 -77.15
CA GLU P 2995 -50.69 -99.55 -76.74
C GLU P 2995 -49.24 -99.34 -77.14
N ILE P 2996 -49.00 -98.87 -78.37
CA ILE P 2996 -47.63 -98.62 -78.82
C ILE P 2996 -46.97 -97.58 -77.96
N LYS P 2997 -47.66 -96.47 -77.70
CA LYS P 2997 -47.06 -95.40 -76.91
C LYS P 2997 -46.78 -95.86 -75.49
N PHE P 2998 -47.73 -96.53 -74.84
CA PHE P 2998 -47.47 -97.07 -73.52
C PHE P 2998 -46.27 -98.01 -73.52
N PHE P 2999 -46.28 -99.01 -74.40
CA PHE P 2999 -45.15 -99.92 -74.48
C PHE P 2999 -43.84 -99.15 -74.56
N ALA P 3000 -43.64 -98.39 -75.64
CA ALA P 3000 -42.36 -97.76 -75.88
C ALA P 3000 -41.96 -96.80 -74.77
N LYS P 3001 -42.88 -95.94 -74.33
CA LYS P 3001 -42.51 -94.89 -73.40
C LYS P 3001 -42.29 -95.42 -71.99
N ILE P 3002 -43.15 -96.33 -71.52
CA ILE P 3002 -43.17 -96.75 -70.13
C ILE P 3002 -42.43 -98.06 -69.93
N LEU P 3003 -42.82 -99.11 -70.66
CA LEU P 3003 -42.37 -100.45 -70.29
C LEU P 3003 -40.88 -100.61 -70.46
N LEU P 3004 -40.33 -100.09 -71.57
CA LEU P 3004 -38.89 -100.26 -71.81
C LEU P 3004 -38.04 -99.57 -70.75
N PRO P 3005 -38.23 -98.28 -70.44
CA PRO P 3005 -37.49 -97.71 -69.31
C PRO P 3005 -37.76 -98.44 -68.00
N LEU P 3006 -39.00 -98.85 -67.77
CA LEU P 3006 -39.32 -99.58 -66.56
C LEU P 3006 -38.58 -100.90 -66.50
N ILE P 3007 -38.61 -101.66 -67.59
CA ILE P 3007 -37.89 -102.94 -67.63
C ILE P 3007 -36.41 -102.72 -67.36
N ASN P 3008 -35.81 -101.77 -68.08
CA ASN P 3008 -34.38 -101.53 -67.93
C ASN P 3008 -34.03 -101.16 -66.51
N GLN P 3009 -34.72 -100.18 -65.94
CA GLN P 3009 -34.39 -99.71 -64.60
C GLN P 3009 -34.62 -100.80 -63.57
N TYR P 3010 -35.76 -101.50 -63.66
CA TYR P 3010 -36.08 -102.52 -62.65
C TYR P 3010 -35.06 -103.63 -62.66
N PHE P 3011 -34.69 -104.13 -63.85
CA PHE P 3011 -33.74 -105.24 -63.88
C PHE P 3011 -32.32 -104.81 -63.61
N THR P 3012 -31.95 -103.56 -63.94
CA THR P 3012 -30.66 -103.06 -63.48
C THR P 3012 -30.61 -102.98 -61.97
N ASN P 3013 -31.71 -102.56 -61.34
CA ASN P 3013 -31.74 -102.47 -59.88
C ASN P 3013 -31.67 -103.84 -59.24
N HIS P 3014 -32.50 -104.78 -59.69
CA HIS P 3014 -32.62 -106.09 -59.06
C HIS P 3014 -31.99 -107.21 -59.90
N CYS P 3015 -30.88 -106.92 -60.58
CA CYS P 3015 -30.20 -107.98 -61.31
C CYS P 3015 -29.72 -109.09 -60.40
N LEU P 3016 -29.15 -108.73 -59.25
CA LEU P 3016 -28.57 -109.74 -58.36
C LEU P 3016 -29.62 -110.71 -57.86
N TYR P 3017 -30.82 -110.22 -57.55
CA TYR P 3017 -31.84 -111.08 -56.97
C TYR P 3017 -32.22 -112.21 -57.92
N PHE P 3018 -32.35 -111.91 -59.21
CA PHE P 3018 -32.72 -112.92 -60.18
C PHE P 3018 -31.59 -113.89 -60.49
N LEU P 3019 -30.34 -113.48 -60.25
CA LEU P 3019 -29.19 -114.34 -60.50
C LEU P 3019 -28.82 -115.19 -59.29
N SER P 3020 -29.37 -114.89 -58.12
CA SER P 3020 -29.05 -115.66 -56.93
C SER P 3020 -29.71 -117.03 -56.98
N THR P 3021 -29.06 -118.01 -56.34
CA THR P 3021 -29.59 -119.35 -56.19
C THR P 3021 -29.58 -119.74 -54.71
N PRO P 3022 -30.45 -120.66 -54.29
CA PRO P 3022 -30.52 -120.96 -52.84
C PRO P 3022 -29.19 -121.39 -52.24
N ALA P 3023 -28.36 -122.11 -53.00
CA ALA P 3023 -27.07 -122.54 -52.48
C ALA P 3023 -26.17 -121.34 -52.19
N LYS P 3024 -26.02 -120.45 -53.15
CA LYS P 3024 -25.19 -119.26 -53.02
C LYS P 3024 -26.00 -118.05 -53.43
N VAL P 3025 -26.01 -117.02 -52.58
CA VAL P 3025 -26.80 -115.82 -52.82
C VAL P 3025 -25.84 -114.69 -53.16
N LEU P 3026 -25.80 -114.31 -54.44
CA LEU P 3026 -24.99 -113.17 -54.85
C LEU P 3026 -25.59 -111.87 -54.30
N GLY P 3027 -26.91 -111.74 -54.33
CA GLY P 3027 -27.55 -110.52 -53.88
C GLY P 3027 -27.49 -110.35 -52.37
N SER P 3028 -27.80 -109.13 -51.94
CA SER P 3028 -27.76 -108.81 -50.52
C SER P 3028 -28.82 -109.58 -49.73
N GLY P 3029 -30.04 -109.66 -50.27
CA GLY P 3029 -31.11 -110.32 -49.57
C GLY P 3029 -32.13 -110.96 -50.49
N GLY P 3030 -32.49 -112.22 -50.20
CA GLY P 3030 -33.50 -112.90 -50.97
C GLY P 3030 -32.93 -113.60 -52.20
N HIS P 3031 -33.67 -114.62 -52.65
CA HIS P 3031 -33.31 -115.38 -53.83
C HIS P 3031 -34.54 -115.55 -54.71
N ALA P 3032 -34.32 -115.48 -56.02
CA ALA P 3032 -35.40 -115.61 -56.98
C ALA P 3032 -35.84 -117.07 -57.11
N SER P 3033 -37.09 -117.25 -57.52
CA SER P 3033 -37.65 -118.58 -57.68
C SER P 3033 -37.36 -119.11 -59.08
N ASN P 3034 -37.46 -120.44 -59.22
CA ASN P 3034 -37.28 -121.06 -60.52
C ASN P 3034 -38.31 -120.55 -61.52
N LYS P 3035 -39.56 -120.36 -61.07
CA LYS P 3035 -40.59 -119.84 -61.96
C LYS P 3035 -40.26 -118.42 -62.41
N GLU P 3036 -39.73 -117.60 -61.50
CA GLU P 3036 -39.35 -116.24 -61.87
C GLU P 3036 -38.20 -116.25 -62.87
N LYS P 3037 -37.22 -117.14 -62.69
CA LYS P 3037 -36.13 -117.25 -63.66
C LYS P 3037 -36.67 -117.70 -65.02
N GLU P 3038 -37.60 -118.65 -65.02
CA GLU P 3038 -38.25 -119.06 -66.26
C GLU P 3038 -38.95 -117.89 -66.94
N MET P 3039 -39.65 -117.08 -66.15
CA MET P 3039 -40.40 -115.97 -66.71
C MET P 3039 -39.47 -114.92 -67.31
N ILE P 3040 -38.35 -114.63 -66.63
CA ILE P 3040 -37.43 -113.63 -67.17
C ILE P 3040 -36.76 -114.17 -68.43
N THR P 3041 -36.44 -115.46 -68.46
CA THR P 3041 -35.89 -116.05 -69.68
C THR P 3041 -36.88 -115.93 -70.83
N SER P 3042 -38.15 -116.24 -70.56
CA SER P 3042 -39.18 -116.13 -71.59
C SER P 3042 -39.32 -114.68 -72.06
N LEU P 3043 -39.26 -113.73 -71.14
CA LEU P 3043 -39.33 -112.33 -71.51
C LEU P 3043 -38.18 -111.95 -72.44
N PHE P 3044 -36.96 -112.36 -72.09
CA PHE P 3044 -35.81 -112.03 -72.93
C PHE P 3044 -35.96 -112.63 -74.32
N CYS P 3045 -36.31 -113.91 -74.41
CA CYS P 3045 -36.48 -114.53 -75.72
C CYS P 3045 -37.60 -113.88 -76.53
N LYS P 3046 -38.73 -113.58 -75.89
CA LYS P 3046 -39.83 -112.95 -76.61
C LYS P 3046 -39.45 -111.58 -77.12
N LEU P 3047 -38.75 -110.79 -76.31
CA LEU P 3047 -38.34 -109.46 -76.75
C LEU P 3047 -37.35 -109.54 -77.89
N ALA P 3048 -36.40 -110.48 -77.81
CA ALA P 3048 -35.47 -110.66 -78.92
C ALA P 3048 -36.19 -111.05 -80.21
N ALA P 3049 -37.14 -111.98 -80.11
CA ALA P 3049 -37.90 -112.38 -81.29
C ALA P 3049 -38.69 -111.20 -81.84
N LEU P 3050 -39.27 -110.39 -80.96
CA LEU P 3050 -40.03 -109.23 -81.40
C LEU P 3050 -39.15 -108.26 -82.18
N VAL P 3051 -37.95 -107.98 -81.67
CA VAL P 3051 -37.06 -107.01 -82.32
C VAL P 3051 -36.34 -107.61 -83.51
N ARG P 3052 -36.40 -108.93 -83.70
CA ARG P 3052 -35.72 -109.57 -84.82
C ARG P 3052 -36.21 -108.97 -86.13
N HIS P 3053 -35.27 -108.61 -87.01
CA HIS P 3053 -35.54 -108.12 -88.36
C HIS P 3053 -36.55 -106.97 -88.39
N ARG P 3054 -36.71 -106.26 -87.29
CA ARG P 3054 -37.71 -105.20 -87.18
C ARG P 3054 -37.14 -103.92 -86.59
N VAL P 3055 -35.84 -103.70 -86.71
CA VAL P 3055 -35.20 -102.56 -86.08
C VAL P 3055 -35.72 -101.26 -86.68
N SER P 3056 -35.95 -101.23 -88.00
CA SER P 3056 -36.37 -100.01 -88.66
C SER P 3056 -37.71 -99.52 -88.12
N LEU P 3057 -38.67 -100.44 -87.93
CA LEU P 3057 -39.97 -100.04 -87.43
C LEU P 3057 -39.86 -99.40 -86.06
N PHE P 3058 -39.08 -100.00 -85.17
CA PHE P 3058 -38.88 -99.40 -83.85
C PHE P 3058 -38.22 -98.04 -83.97
N GLY P 3059 -37.24 -97.92 -84.86
CA GLY P 3059 -36.63 -96.61 -85.11
C GLY P 3059 -36.02 -96.04 -83.85
N THR P 3060 -36.57 -94.91 -83.41
CA THR P 3060 -36.01 -94.22 -82.24
C THR P 3060 -36.05 -95.13 -81.00
N ASP P 3061 -36.95 -96.11 -80.98
CA ASP P 3061 -37.05 -97.02 -79.85
C ASP P 3061 -36.13 -98.22 -79.96
N ALA P 3062 -35.45 -98.39 -81.09
CA ALA P 3062 -34.53 -99.52 -81.24
C ALA P 3062 -33.39 -99.46 -80.23
N PRO P 3063 -32.74 -98.31 -79.99
CA PRO P 3063 -31.73 -98.28 -78.92
C PRO P 3063 -32.27 -98.68 -77.56
N ALA P 3064 -33.49 -98.24 -77.22
CA ALA P 3064 -34.08 -98.63 -75.94
C ALA P 3064 -34.31 -100.13 -75.88
N VAL P 3065 -34.81 -100.71 -76.97
CA VAL P 3065 -35.05 -102.15 -77.00
C VAL P 3065 -33.74 -102.91 -76.84
N VAL P 3066 -32.69 -102.45 -77.52
CA VAL P 3066 -31.39 -103.12 -77.44
C VAL P 3066 -30.83 -103.02 -76.03
N ASN P 3067 -30.97 -101.85 -75.40
CA ASN P 3067 -30.51 -101.70 -74.02
C ASN P 3067 -31.28 -102.61 -73.08
N CYS P 3068 -32.59 -102.71 -73.27
CA CYS P 3068 -33.38 -103.63 -72.45
C CYS P 3068 -32.93 -105.07 -72.64
N LEU P 3069 -32.62 -105.45 -73.88
CA LEU P 3069 -32.12 -106.79 -74.13
C LEU P 3069 -30.78 -107.01 -73.44
N HIS P 3070 -29.91 -106.00 -73.46
CA HIS P 3070 -28.64 -106.10 -72.74
C HIS P 3070 -28.87 -106.36 -71.26
N ILE P 3071 -29.76 -105.57 -70.64
CA ILE P 3071 -30.01 -105.72 -69.21
C ILE P 3071 -30.59 -107.09 -68.90
N LEU P 3072 -31.55 -107.54 -69.71
CA LEU P 3072 -32.15 -108.85 -69.49
C LEU P 3072 -31.12 -109.96 -69.66
N ALA P 3073 -30.26 -109.84 -70.65
CA ALA P 3073 -29.20 -110.83 -70.83
C ALA P 3073 -28.28 -110.88 -69.62
N ARG P 3074 -27.92 -109.72 -69.09
CA ARG P 3074 -27.10 -109.71 -67.88
C ARG P 3074 -27.83 -110.37 -66.71
N SER P 3075 -29.12 -110.13 -66.58
CA SER P 3075 -29.89 -110.61 -65.45
C SER P 3075 -30.48 -112.00 -65.67
N LEU P 3076 -30.17 -112.65 -66.78
CA LEU P 3076 -30.75 -113.94 -67.14
C LEU P 3076 -29.92 -115.06 -66.53
N ASP P 3077 -30.58 -115.92 -65.74
CA ASP P 3077 -29.96 -117.15 -65.24
C ASP P 3077 -30.43 -118.31 -66.11
N ALA P 3078 -29.49 -119.03 -66.72
CA ALA P 3078 -29.81 -120.03 -67.72
C ALA P 3078 -29.56 -121.46 -67.25
N ARG P 3079 -28.60 -121.68 -66.36
CA ARG P 3079 -28.32 -123.04 -65.91
C ARG P 3079 -29.52 -123.65 -65.21
N THR P 3080 -30.16 -122.89 -64.32
CA THR P 3080 -31.34 -123.39 -63.62
C THR P 3080 -32.46 -123.70 -64.61
N VAL P 3081 -32.67 -122.80 -65.58
CA VAL P 3081 -33.73 -123.00 -66.55
C VAL P 3081 -33.49 -124.26 -67.35
N MET P 3082 -32.26 -124.47 -67.82
CA MET P 3082 -31.97 -125.66 -68.63
C MET P 3082 -32.08 -126.93 -67.79
N LYS P 3083 -31.43 -126.97 -66.64
CA LYS P 3083 -31.42 -128.18 -65.84
C LYS P 3083 -32.82 -128.55 -65.37
N SER P 3084 -33.61 -127.55 -64.95
CA SER P 3084 -34.99 -127.74 -64.53
C SER P 3084 -35.81 -126.57 -65.05
N GLY P 3085 -36.58 -126.79 -66.11
CA GLY P 3085 -37.41 -125.76 -66.68
C GLY P 3085 -38.41 -126.29 -67.68
N PRO P 3086 -39.43 -125.50 -68.00
CA PRO P 3086 -40.46 -125.97 -68.92
C PRO P 3086 -39.92 -126.15 -70.34
N GLU P 3087 -40.51 -127.12 -71.05
CA GLU P 3087 -40.10 -127.37 -72.42
C GLU P 3087 -40.30 -126.14 -73.29
N ILE P 3088 -41.37 -125.39 -73.05
CA ILE P 3088 -41.63 -124.21 -73.87
C ILE P 3088 -40.51 -123.18 -73.70
N VAL P 3089 -40.09 -122.92 -72.45
CA VAL P 3089 -39.05 -121.93 -72.21
C VAL P 3089 -37.71 -122.41 -72.77
N LYS P 3090 -37.37 -123.68 -72.53
CA LYS P 3090 -36.11 -124.21 -73.03
C LYS P 3090 -36.07 -124.15 -74.55
N ALA P 3091 -37.18 -124.52 -75.21
CA ALA P 3091 -37.25 -124.45 -76.66
C ALA P 3091 -37.18 -123.01 -77.13
N GLY P 3092 -37.75 -122.08 -76.37
CA GLY P 3092 -37.67 -120.68 -76.75
C GLY P 3092 -36.23 -120.19 -76.78
N LEU P 3093 -35.45 -120.51 -75.75
CA LEU P 3093 -34.07 -120.03 -75.74
C LEU P 3093 -33.22 -120.77 -76.77
N ARG P 3094 -33.48 -122.07 -76.97
CA ARG P 3094 -32.79 -122.80 -78.02
C ARG P 3094 -33.09 -122.20 -79.39
N SER P 3095 -34.35 -121.81 -79.62
CA SER P 3095 -34.72 -121.16 -80.86
C SER P 3095 -34.05 -119.80 -81.00
N PHE P 3096 -33.91 -119.06 -79.89
CA PHE P 3096 -33.15 -117.82 -79.95
C PHE P 3096 -31.74 -118.07 -80.46
N PHE P 3097 -31.05 -119.05 -79.87
CA PHE P 3097 -29.69 -119.33 -80.33
C PHE P 3097 -29.65 -119.78 -81.79
N GLU P 3098 -30.57 -120.67 -82.19
CA GLU P 3098 -30.58 -121.15 -83.57
C GLU P 3098 -30.84 -120.00 -84.55
N SER P 3099 -31.81 -119.13 -84.22
CA SER P 3099 -32.10 -117.99 -85.08
C SER P 3099 -30.92 -117.05 -85.16
N ALA P 3100 -30.23 -116.82 -84.04
CA ALA P 3100 -29.03 -115.99 -84.09
C ALA P 3100 -27.99 -116.59 -85.01
N SER P 3101 -27.77 -117.91 -84.92
CA SER P 3101 -26.81 -118.56 -85.81
C SER P 3101 -27.21 -118.39 -87.27
N GLU P 3102 -28.49 -118.59 -87.58
CA GLU P 3102 -28.95 -118.47 -88.96
C GLU P 3102 -28.77 -117.05 -89.47
N ASP P 3103 -29.12 -116.05 -88.65
CA ASP P 3103 -28.97 -114.66 -89.07
C ASP P 3103 -27.52 -114.30 -89.30
N ILE P 3104 -26.62 -114.76 -88.41
CA ILE P 3104 -25.20 -114.51 -88.61
C ILE P 3104 -24.72 -115.16 -89.90
N GLU P 3105 -25.16 -116.39 -90.18
CA GLU P 3105 -24.77 -117.04 -91.43
C GLU P 3105 -25.24 -116.24 -92.62
N LYS P 3106 -26.51 -115.79 -92.61
CA LYS P 3106 -27.03 -115.01 -93.73
C LYS P 3106 -26.22 -113.74 -93.93
N MET P 3107 -25.91 -113.03 -92.85
CA MET P 3107 -25.08 -111.85 -92.96
C MET P 3107 -23.70 -112.20 -93.53
N VAL P 3108 -23.17 -113.37 -93.17
CA VAL P 3108 -21.86 -113.77 -93.67
C VAL P 3108 -21.91 -113.96 -95.17
N GLU P 3109 -22.92 -114.66 -95.69
CA GLU P 3109 -23.02 -114.82 -97.14
C GLU P 3109 -23.24 -113.47 -97.81
N ASN P 3110 -24.02 -112.58 -97.18
CA ASN P 3110 -24.26 -111.28 -97.78
C ASN P 3110 -22.96 -110.49 -97.92
N LEU P 3111 -22.15 -110.45 -96.87
CA LEU P 3111 -20.86 -109.76 -96.96
C LEU P 3111 -19.95 -110.43 -97.99
N ARG P 3112 -19.91 -111.77 -98.01
CA ARG P 3112 -19.08 -112.46 -98.98
C ARG P 3112 -19.54 -112.21 -100.41
N LEU P 3113 -20.81 -111.85 -100.60
CA LEU P 3113 -21.34 -111.56 -101.93
C LEU P 3113 -21.13 -112.75 -102.87
N LYS P 3124 -34.49 -105.47 -100.49
CA LYS P 3124 -33.77 -104.83 -99.39
C LYS P 3124 -33.71 -105.76 -98.18
N GLY P 3125 -34.05 -107.03 -98.41
CA GLY P 3125 -33.96 -108.00 -97.32
C GLY P 3125 -32.55 -108.13 -96.78
N VAL P 3126 -31.56 -108.11 -97.68
CA VAL P 3126 -30.17 -108.21 -97.24
C VAL P 3126 -29.80 -107.03 -96.36
N GLY P 3127 -30.19 -105.82 -96.78
CA GLY P 3127 -29.89 -104.65 -95.97
C GLY P 3127 -30.60 -104.67 -94.63
N GLN P 3128 -31.86 -105.12 -94.62
CA GLN P 3128 -32.59 -105.23 -93.35
C GLN P 3128 -31.91 -106.21 -92.41
N ASN P 3129 -31.50 -107.37 -92.94
CA ASN P 3129 -30.80 -108.34 -92.11
C ASN P 3129 -29.48 -107.79 -91.60
N LEU P 3130 -28.74 -107.08 -92.46
CA LEU P 3130 -27.46 -106.52 -92.05
C LEU P 3130 -27.63 -105.50 -90.94
N THR P 3131 -28.58 -104.58 -91.09
CA THR P 3131 -28.79 -103.57 -90.06
C THR P 3131 -29.27 -104.22 -88.76
N TYR P 3132 -30.21 -105.16 -88.85
CA TYR P 3132 -30.62 -105.89 -87.65
C TYR P 3132 -29.43 -106.51 -86.95
N THR P 3133 -28.62 -107.27 -87.69
CA THR P 3133 -27.47 -107.90 -87.07
C THR P 3133 -26.59 -106.86 -86.38
N THR P 3134 -26.01 -105.95 -87.17
CA THR P 3134 -25.01 -105.03 -86.66
C THR P 3134 -25.54 -104.21 -85.48
N VAL P 3135 -26.84 -103.88 -85.49
CA VAL P 3135 -27.35 -102.98 -84.46
C VAL P 3135 -27.74 -103.74 -83.20
N ALA P 3136 -28.49 -104.84 -83.35
CA ALA P 3136 -29.11 -105.49 -82.21
C ALA P 3136 -28.55 -106.86 -81.87
N LEU P 3137 -28.10 -107.66 -82.84
CA LEU P 3137 -27.80 -109.06 -82.59
C LEU P 3137 -26.40 -109.24 -82.02
N LEU P 3138 -25.37 -108.77 -82.72
CA LEU P 3138 -24.00 -108.93 -82.25
C LEU P 3138 -23.80 -108.34 -80.87
N PRO P 3139 -24.26 -107.13 -80.55
CA PRO P 3139 -24.14 -106.66 -79.16
C PRO P 3139 -24.85 -107.55 -78.16
N VAL P 3140 -26.10 -107.93 -78.44
CA VAL P 3140 -26.88 -108.71 -77.49
C VAL P 3140 -26.28 -110.10 -77.31
N LEU P 3141 -25.89 -110.74 -78.41
CA LEU P 3141 -25.25 -112.05 -78.31
C LEU P 3141 -23.91 -111.97 -77.60
N THR P 3142 -23.13 -110.91 -77.86
CA THR P 3142 -21.87 -110.72 -77.17
C THR P 3142 -22.09 -110.60 -75.67
N THR P 3143 -23.09 -109.81 -75.27
CA THR P 3143 -23.39 -109.65 -73.85
C THR P 3143 -23.85 -110.96 -73.24
N LEU P 3144 -24.68 -111.72 -73.95
CA LEU P 3144 -25.14 -113.00 -73.43
C LEU P 3144 -23.97 -113.96 -73.21
N PHE P 3145 -23.07 -114.06 -74.20
CA PHE P 3145 -21.94 -114.96 -74.06
C PHE P 3145 -21.00 -114.51 -72.95
N GLN P 3146 -20.78 -113.19 -72.84
CA GLN P 3146 -19.96 -112.69 -71.75
C GLN P 3146 -20.57 -113.04 -70.39
N HIS P 3147 -21.88 -112.88 -70.27
CA HIS P 3147 -22.56 -113.24 -69.03
C HIS P 3147 -22.40 -114.72 -68.71
N ILE P 3148 -22.61 -115.57 -69.71
CA ILE P 3148 -22.50 -117.01 -69.48
C ILE P 3148 -21.08 -117.37 -69.05
N ALA P 3149 -20.08 -116.84 -69.74
CA ALA P 3149 -18.69 -117.12 -69.39
C ALA P 3149 -18.36 -116.61 -68.00
N GLN P 3150 -18.82 -115.40 -67.67
CA GLN P 3150 -18.53 -114.81 -66.37
C GLN P 3150 -19.12 -115.67 -65.24
N HIS P 3151 -20.35 -116.14 -65.43
CA HIS P 3151 -20.99 -116.92 -64.39
C HIS P 3151 -20.78 -118.43 -64.53
N GLN P 3152 -19.90 -118.84 -65.44
CA GLN P 3152 -19.50 -120.25 -65.55
C GLN P 3152 -20.71 -121.14 -65.89
N PHE P 3153 -21.63 -120.59 -66.66
CA PHE P 3153 -22.82 -121.31 -67.08
C PHE P 3153 -22.60 -122.09 -68.37
N GLY P 3154 -21.40 -122.03 -68.94
CA GLY P 3154 -21.19 -122.58 -70.27
C GLY P 3154 -21.40 -124.09 -70.33
N ASP P 3155 -20.89 -124.82 -69.34
CA ASP P 3155 -20.96 -126.27 -69.39
C ASP P 3155 -22.41 -126.75 -69.45
N ASP P 3156 -23.29 -126.12 -68.68
CA ASP P 3156 -24.67 -126.58 -68.60
C ASP P 3156 -25.52 -125.98 -69.72
N VAL P 3157 -25.38 -124.67 -69.97
CA VAL P 3157 -26.28 -123.99 -70.89
C VAL P 3157 -26.01 -124.44 -72.33
N ILE P 3158 -24.74 -124.48 -72.74
CA ILE P 3158 -24.39 -124.70 -74.15
C ILE P 3158 -24.22 -126.21 -74.31
N LEU P 3159 -25.32 -126.86 -74.72
CA LEU P 3159 -25.30 -128.29 -75.01
C LEU P 3159 -26.25 -128.58 -76.16
N ASP P 3160 -25.97 -129.67 -76.87
CA ASP P 3160 -26.86 -130.22 -77.89
C ASP P 3160 -27.18 -129.13 -78.92
N ASP P 3161 -28.44 -128.80 -79.16
CA ASP P 3161 -28.78 -127.86 -80.22
C ASP P 3161 -28.10 -126.51 -80.00
N VAL P 3162 -27.95 -126.11 -78.73
CA VAL P 3162 -27.24 -124.87 -78.44
C VAL P 3162 -25.79 -124.97 -78.91
N GLN P 3163 -25.15 -126.11 -78.65
CA GLN P 3163 -23.78 -126.31 -79.11
C GLN P 3163 -23.70 -126.28 -80.63
N VAL P 3164 -24.67 -126.90 -81.31
CA VAL P 3164 -24.67 -126.90 -82.77
C VAL P 3164 -24.81 -125.48 -83.30
N SER P 3165 -25.74 -124.70 -82.75
CA SER P 3165 -25.91 -123.31 -83.16
C SER P 3165 -24.70 -122.45 -82.84
N CYS P 3166 -23.99 -122.74 -81.75
CA CYS P 3166 -22.76 -122.04 -81.42
C CYS P 3166 -21.62 -122.37 -82.37
N TYR P 3167 -21.48 -123.63 -82.78
CA TYR P 3167 -20.56 -123.98 -83.85
C TYR P 3167 -20.89 -123.27 -85.15
N ARG P 3168 -22.16 -123.28 -85.54
CA ARG P 3168 -22.59 -122.62 -86.77
C ARG P 3168 -22.28 -121.13 -86.74
N THR P 3169 -22.18 -120.53 -85.55
CA THR P 3169 -21.83 -119.13 -85.43
C THR P 3169 -20.33 -118.90 -85.45
N LEU P 3170 -19.60 -119.55 -84.53
CA LEU P 3170 -18.14 -119.51 -84.53
C LEU P 3170 -17.58 -119.65 -85.94
N CYS P 3171 -17.98 -120.73 -86.63
CA CYS P 3171 -17.29 -121.08 -87.86
C CYS P 3171 -17.61 -120.08 -88.97
N SER P 3172 -18.86 -119.61 -89.02
CA SER P 3172 -19.23 -118.60 -90.01
C SER P 3172 -18.51 -117.28 -89.73
N ILE P 3173 -18.34 -116.94 -88.45
CA ILE P 3173 -17.61 -115.72 -88.11
C ILE P 3173 -16.18 -115.82 -88.62
N TYR P 3174 -15.52 -116.96 -88.40
CA TYR P 3174 -14.15 -117.10 -88.89
C TYR P 3174 -14.11 -117.05 -90.42
N SER P 3175 -15.09 -117.69 -91.07
CA SER P 3175 -15.14 -117.66 -92.53
C SER P 3175 -15.27 -116.23 -93.05
N LEU P 3176 -16.14 -115.44 -92.43
CA LEU P 3176 -16.25 -114.03 -92.79
C LEU P 3176 -14.93 -113.32 -92.58
N GLY P 3177 -14.32 -113.51 -91.42
CA GLY P 3177 -13.04 -112.87 -91.14
C GLY P 3177 -11.98 -113.17 -92.18
N THR P 3178 -12.05 -114.34 -92.81
CA THR P 3178 -11.11 -114.62 -93.90
C THR P 3178 -11.27 -113.62 -95.04
N THR P 3179 -12.51 -113.30 -95.42
CA THR P 3179 -12.75 -112.48 -96.60
C THR P 3179 -12.40 -111.02 -96.34
N ARG P 3180 -12.06 -110.32 -97.42
CA ARG P 3180 -11.70 -108.90 -97.37
C ARG P 3180 -12.76 -108.11 -98.13
N ASN P 3181 -13.33 -107.10 -97.48
CA ASN P 3181 -14.29 -106.22 -98.14
C ASN P 3181 -14.45 -104.96 -97.30
N PRO P 3182 -14.73 -103.82 -97.93
CA PRO P 3182 -14.74 -102.54 -97.21
C PRO P 3182 -15.71 -102.54 -96.05
N TYR P 3183 -16.81 -103.27 -96.17
CA TYR P 3183 -17.70 -103.46 -95.03
C TYR P 3183 -17.05 -104.33 -93.97
N VAL P 3184 -16.24 -105.30 -94.41
CA VAL P 3184 -15.64 -106.26 -93.46
C VAL P 3184 -14.64 -105.57 -92.55
N GLU P 3185 -13.79 -104.68 -93.10
CA GLU P 3185 -12.87 -104.00 -92.19
C GLU P 3185 -13.61 -103.27 -91.08
N LYS P 3186 -14.71 -102.61 -91.40
CA LYS P 3186 -15.44 -101.88 -90.37
C LYS P 3186 -16.25 -102.79 -89.44
N LEU P 3187 -16.71 -103.94 -89.92
CA LEU P 3187 -17.46 -104.86 -89.07
C LEU P 3187 -16.57 -105.76 -88.23
N ARG P 3188 -15.28 -105.86 -88.54
CA ARG P 3188 -14.39 -106.77 -87.84
C ARG P 3188 -14.31 -106.51 -86.33
N PRO P 3189 -14.21 -105.25 -85.90
CA PRO P 3189 -14.03 -105.00 -84.46
C PRO P 3189 -15.10 -105.62 -83.58
N ALA P 3190 -16.37 -105.57 -83.98
CA ALA P 3190 -17.43 -106.15 -83.17
C ALA P 3190 -17.46 -107.68 -83.31
N LEU P 3191 -17.18 -108.16 -84.52
CA LEU P 3191 -17.17 -109.60 -84.76
C LEU P 3191 -16.11 -110.28 -83.91
N GLY P 3192 -14.94 -109.64 -83.78
CA GLY P 3192 -13.88 -110.23 -82.96
C GLY P 3192 -14.26 -110.34 -81.50
N GLU P 3193 -14.87 -109.29 -80.95
CA GLU P 3193 -15.30 -109.33 -79.56
C GLU P 3193 -16.38 -110.39 -79.35
N CYS P 3194 -17.33 -110.48 -80.28
CA CYS P 3194 -18.35 -111.52 -80.20
C CYS P 3194 -17.70 -112.89 -80.23
N LEU P 3195 -16.71 -113.07 -81.09
CA LEU P 3195 -16.03 -114.36 -81.17
C LEU P 3195 -15.30 -114.68 -79.88
N ALA P 3196 -14.65 -113.68 -79.27
CA ALA P 3196 -13.95 -113.91 -78.02
C ALA P 3196 -14.92 -114.34 -76.92
N ARG P 3197 -16.06 -113.64 -76.79
CA ARG P 3197 -17.03 -114.04 -75.79
C ARG P 3197 -17.59 -115.44 -76.08
N LEU P 3198 -17.85 -115.74 -77.36
CA LEU P 3198 -18.33 -117.07 -77.70
C LEU P 3198 -17.31 -118.14 -77.32
N ALA P 3199 -16.03 -117.89 -77.60
CA ALA P 3199 -14.99 -118.84 -77.24
C ALA P 3199 -14.93 -119.04 -75.73
N ALA P 3200 -15.03 -117.94 -74.97
CA ALA P 3200 -15.07 -118.07 -73.52
C ALA P 3200 -16.29 -118.86 -73.06
N ALA P 3201 -17.37 -118.80 -73.84
CA ALA P 3201 -18.60 -119.50 -73.45
C ALA P 3201 -18.55 -120.98 -73.79
N MET P 3202 -17.87 -121.35 -74.88
CA MET P 3202 -17.93 -122.71 -75.39
C MET P 3202 -17.45 -123.72 -74.36
N PRO P 3203 -18.14 -124.85 -74.22
CA PRO P 3203 -17.68 -125.91 -73.31
C PRO P 3203 -16.83 -126.99 -73.96
N VAL P 3204 -16.50 -126.86 -75.24
CA VAL P 3204 -15.75 -127.88 -75.98
C VAL P 3204 -14.55 -127.22 -76.63
N ALA P 3205 -13.41 -127.90 -76.58
CA ALA P 3205 -12.16 -127.38 -77.14
C ALA P 3205 -12.19 -127.49 -78.66
N PHE P 3206 -12.84 -126.52 -79.32
CA PHE P 3206 -12.97 -126.58 -80.77
C PHE P 3206 -11.62 -126.46 -81.47
N LEU P 3207 -10.65 -125.78 -80.86
CA LEU P 3207 -9.35 -125.63 -81.50
C LEU P 3207 -8.52 -126.91 -81.44
N GLU P 3208 -8.87 -127.83 -80.54
CA GLU P 3208 -8.17 -129.10 -80.44
C GLU P 3208 -9.16 -130.23 -80.55
N PRO P 3209 -9.51 -130.69 -81.76
CA PRO P 3209 -10.53 -131.74 -81.92
C PRO P 3209 -10.02 -133.17 -81.73
N GLU P 3210 -8.71 -133.39 -81.61
CA GLU P 3210 -8.17 -134.72 -81.39
C GLU P 3210 -8.31 -135.19 -79.94
N LEU P 3211 -8.66 -134.29 -79.02
CA LEU P 3211 -8.89 -134.63 -77.63
C LEU P 3211 -10.35 -134.45 -77.22
N ASN P 3212 -11.24 -134.26 -78.19
CA ASN P 3212 -12.63 -133.94 -77.87
C ASN P 3212 -13.33 -135.08 -77.16
N GLU P 3213 -13.06 -136.32 -77.56
CA GLU P 3213 -13.83 -137.44 -77.04
C GLU P 3213 -13.66 -137.64 -75.55
N TYR P 3214 -12.65 -137.02 -74.94
CA TYR P 3214 -12.52 -137.06 -73.49
C TYR P 3214 -13.54 -136.16 -72.81
N ASN P 3215 -14.00 -135.12 -73.50
CA ASN P 3215 -14.91 -134.15 -72.89
C ASN P 3215 -16.25 -134.79 -72.59
N ALA P 3216 -16.72 -134.62 -71.36
CA ALA P 3216 -18.03 -135.13 -70.98
C ALA P 3216 -19.15 -134.24 -71.52
N CYS P 3217 -18.93 -132.93 -71.51
CA CYS P 3217 -19.94 -131.96 -71.92
C CYS P 3217 -19.76 -131.63 -73.40
N SER P 3218 -19.95 -132.65 -74.23
CA SER P 3218 -19.88 -132.51 -75.68
C SER P 3218 -21.10 -133.17 -76.30
N VAL P 3219 -21.52 -132.64 -77.45
CA VAL P 3219 -22.65 -133.23 -78.17
C VAL P 3219 -22.34 -134.66 -78.59
N TYR P 3220 -21.14 -134.89 -79.13
CA TYR P 3220 -20.79 -136.21 -79.63
C TYR P 3220 -20.80 -137.25 -78.50
N THR P 3221 -20.53 -136.84 -77.27
CA THR P 3221 -20.56 -137.77 -76.15
C THR P 3221 -21.98 -137.93 -75.60
N THR P 3222 -22.65 -136.81 -75.32
CA THR P 3222 -23.98 -136.88 -74.72
C THR P 3222 -24.97 -137.59 -75.64
N LYS P 3223 -25.04 -137.17 -76.89
CA LYS P 3223 -25.98 -137.76 -77.83
C LYS P 3223 -25.52 -139.14 -78.27
N SER P 3224 -26.44 -140.10 -78.22
CA SER P 3224 -26.12 -141.47 -78.58
C SER P 3224 -25.92 -141.59 -80.09
N PRO P 3225 -25.29 -142.68 -80.54
CA PRO P 3225 -25.04 -142.82 -81.99
C PRO P 3225 -26.30 -142.72 -82.83
N ARG P 3226 -27.43 -143.22 -82.34
CA ARG P 3226 -28.67 -143.11 -83.11
C ARG P 3226 -29.04 -141.65 -83.34
N GLU P 3227 -28.95 -140.83 -82.30
CA GLU P 3227 -29.04 -139.39 -82.51
C GLU P 3227 -27.81 -138.90 -83.27
N ARG P 3228 -27.85 -137.64 -83.67
CA ARG P 3228 -26.86 -136.98 -84.52
C ARG P 3228 -26.98 -137.46 -85.97
N ALA P 3229 -27.83 -138.45 -86.25
CA ALA P 3229 -28.14 -138.82 -87.63
C ALA P 3229 -29.41 -138.13 -88.11
N ILE P 3230 -30.41 -138.01 -87.23
CA ILE P 3230 -31.56 -137.15 -87.53
C ILE P 3230 -31.11 -135.71 -87.67
N LEU P 3231 -30.12 -135.31 -86.87
CA LEU P 3231 -29.51 -134.00 -86.99
C LEU P 3231 -28.54 -133.98 -88.16
N GLY P 3232 -28.07 -132.78 -88.51
CA GLY P 3232 -27.08 -132.62 -89.55
C GLY P 3232 -25.65 -132.81 -89.08
N LEU P 3233 -25.46 -133.31 -87.87
CA LEU P 3233 -24.11 -133.46 -87.34
C LEU P 3233 -23.33 -134.48 -88.17
N PRO P 3234 -22.09 -134.19 -88.55
CA PRO P 3234 -21.28 -135.18 -89.27
C PRO P 3234 -20.82 -136.30 -88.35
N ASN P 3235 -20.04 -137.22 -88.93
CA ASN P 3235 -19.60 -138.39 -88.17
C ASN P 3235 -18.47 -138.06 -87.21
N SER P 3236 -17.61 -137.11 -87.56
CA SER P 3236 -16.40 -136.82 -86.79
C SER P 3236 -16.42 -135.38 -86.28
N VAL P 3237 -15.69 -135.16 -85.18
CA VAL P 3237 -15.59 -133.81 -84.62
C VAL P 3237 -14.92 -132.87 -85.61
N GLU P 3238 -13.85 -133.34 -86.26
CA GLU P 3238 -13.13 -132.49 -87.20
C GLU P 3238 -14.05 -131.99 -88.32
N GLU P 3239 -15.10 -132.74 -88.63
CA GLU P 3239 -16.02 -132.33 -89.67
C GLU P 3239 -17.11 -131.40 -89.15
N MET P 3240 -17.15 -131.11 -87.85
CA MET P 3240 -18.15 -130.18 -87.34
C MET P 3240 -18.06 -128.87 -88.12
N CYS P 3241 -16.84 -128.43 -88.40
CA CYS P 3241 -16.53 -127.65 -89.60
C CYS P 3241 -15.01 -127.61 -89.72
N PRO P 3242 -14.47 -127.86 -90.92
CA PRO P 3242 -13.01 -128.00 -91.02
C PRO P 3242 -12.27 -126.68 -91.08
N ASP P 3243 -12.96 -125.56 -91.29
CA ASP P 3243 -12.29 -124.31 -91.64
C ASP P 3243 -11.34 -123.85 -90.54
N ILE P 3244 -11.84 -123.75 -89.32
CA ILE P 3244 -11.00 -123.18 -88.25
C ILE P 3244 -9.80 -124.08 -88.01
N PRO P 3245 -8.56 -123.55 -87.96
CA PRO P 3245 -7.40 -124.42 -87.77
C PRO P 3245 -7.31 -125.02 -86.38
N VAL P 3246 -6.29 -125.84 -86.16
CA VAL P 3246 -6.04 -126.43 -84.84
C VAL P 3246 -5.16 -125.48 -84.04
N LEU P 3247 -5.10 -125.69 -82.73
CA LEU P 3247 -4.38 -124.78 -81.85
C LEU P 3247 -2.90 -124.72 -82.22
N GLU P 3248 -2.29 -125.88 -82.47
CA GLU P 3248 -0.86 -125.90 -82.78
C GLU P 3248 -0.55 -125.08 -84.02
N ARG P 3249 -1.28 -125.32 -85.11
CA ARG P 3249 -1.01 -124.60 -86.35
C ARG P 3249 -1.34 -123.12 -86.19
N LEU P 3250 -2.42 -122.81 -85.48
CA LEU P 3250 -2.77 -121.41 -85.22
C LEU P 3250 -1.60 -120.68 -84.56
N MET P 3251 -1.11 -121.23 -83.46
CA MET P 3251 0.07 -120.66 -82.82
C MET P 3251 1.23 -120.60 -83.79
N ALA P 3252 1.33 -121.58 -84.68
CA ALA P 3252 2.40 -121.58 -85.66
C ALA P 3252 2.38 -120.32 -86.53
N GLU P 3253 1.24 -119.99 -87.14
CA GLU P 3253 1.28 -118.83 -88.03
C GLU P 3253 1.35 -117.55 -87.20
N ILE P 3254 0.76 -117.54 -86.00
CA ILE P 3254 0.90 -116.35 -85.16
C ILE P 3254 2.38 -116.05 -84.91
N GLY P 3255 3.13 -117.07 -84.47
CA GLY P 3255 4.55 -116.89 -84.26
C GLY P 3255 5.32 -116.54 -85.52
N GLY P 3256 4.99 -117.20 -86.64
CA GLY P 3256 5.68 -116.89 -87.88
C GLY P 3256 5.45 -115.46 -88.35
N LEU P 3257 4.20 -115.00 -88.25
CA LEU P 3257 3.88 -113.62 -88.62
C LEU P 3257 4.59 -112.64 -87.70
N ALA P 3258 4.61 -112.92 -86.40
CA ALA P 3258 5.32 -112.03 -85.48
C ALA P 3258 6.80 -111.97 -85.82
N GLU P 3259 7.42 -113.11 -86.14
CA GLU P 3259 8.82 -113.13 -86.52
C GLU P 3259 9.04 -112.35 -87.82
N SER P 3260 8.18 -112.56 -88.81
CA SER P 3260 8.34 -111.86 -90.09
C SER P 3260 8.15 -110.36 -89.91
N GLY P 3261 7.39 -109.95 -88.90
CA GLY P 3261 7.17 -108.53 -88.66
C GLY P 3261 6.18 -107.88 -89.58
N ALA P 3262 5.19 -108.63 -90.06
CA ALA P 3262 4.17 -108.06 -90.94
C ALA P 3262 3.40 -106.97 -90.20
N ARG P 3263 3.04 -105.92 -90.93
CA ARG P 3263 2.30 -104.80 -90.36
C ARG P 3263 0.83 -105.15 -90.26
N TYR P 3264 0.05 -104.24 -89.70
CA TYR P 3264 -1.37 -104.51 -89.48
C TYR P 3264 -2.10 -104.76 -90.80
N THR P 3265 -1.80 -103.96 -91.82
CA THR P 3265 -2.52 -104.05 -93.09
C THR P 3265 -2.26 -105.35 -93.84
N GLU P 3266 -1.18 -106.07 -93.51
CA GLU P 3266 -0.88 -107.30 -94.22
C GLU P 3266 -1.65 -108.48 -93.66
N MET P 3267 -2.25 -108.34 -92.48
CA MET P 3267 -2.96 -109.44 -91.82
C MET P 3267 -4.00 -108.88 -90.85
N PRO P 3268 -4.94 -108.07 -91.34
CA PRO P 3268 -5.99 -107.55 -90.45
C PRO P 3268 -6.87 -108.64 -89.86
N HIS P 3269 -7.04 -109.75 -90.56
CA HIS P 3269 -7.86 -110.85 -90.03
C HIS P 3269 -7.32 -111.34 -88.69
N VAL P 3270 -6.02 -111.63 -88.63
CA VAL P 3270 -5.45 -112.23 -87.43
C VAL P 3270 -5.72 -111.35 -86.22
N ILE P 3271 -5.17 -110.14 -86.23
CA ILE P 3271 -5.24 -109.27 -85.05
C ILE P 3271 -6.68 -109.03 -84.64
N GLU P 3272 -7.56 -108.79 -85.62
CA GLU P 3272 -8.91 -108.37 -85.29
C GLU P 3272 -9.76 -109.51 -84.75
N ILE P 3273 -9.58 -110.73 -85.28
CA ILE P 3273 -10.49 -111.82 -84.95
C ILE P 3273 -9.76 -112.99 -84.29
N THR P 3274 -8.73 -113.52 -84.96
CA THR P 3274 -8.18 -114.80 -84.54
C THR P 3274 -7.45 -114.69 -83.21
N LEU P 3275 -6.76 -113.58 -83.00
CA LEU P 3275 -5.87 -113.42 -81.85
C LEU P 3275 -6.68 -113.14 -80.60
N PRO P 3276 -7.72 -112.29 -80.66
CA PRO P 3276 -8.64 -112.20 -79.53
C PRO P 3276 -9.31 -113.50 -79.18
N MET P 3277 -9.62 -114.34 -80.17
CA MET P 3277 -10.21 -115.64 -79.90
C MET P 3277 -9.30 -116.50 -79.04
N LEU P 3278 -8.02 -116.57 -79.41
CA LEU P 3278 -7.07 -117.36 -78.63
C LEU P 3278 -6.87 -116.75 -77.24
N CYS P 3279 -6.83 -115.42 -77.16
CA CYS P 3279 -6.62 -114.78 -75.86
C CYS P 3279 -7.66 -115.23 -74.84
N SER P 3280 -8.91 -115.37 -75.25
CA SER P 3280 -9.97 -115.82 -74.35
C SER P 3280 -10.09 -117.34 -74.29
N TYR P 3281 -9.64 -118.05 -75.33
CA TYR P 3281 -9.72 -119.51 -75.35
C TYR P 3281 -8.71 -120.15 -74.41
N LEU P 3282 -7.48 -119.67 -74.40
CA LEU P 3282 -6.40 -120.38 -73.70
C LEU P 3282 -6.65 -120.49 -72.20
N PRO P 3283 -7.02 -119.41 -71.49
CA PRO P 3283 -7.15 -119.52 -70.03
C PRO P 3283 -8.26 -120.48 -69.58
N ARG P 3284 -9.43 -120.37 -70.20
CA ARG P 3284 -10.54 -121.24 -69.82
C ARG P 3284 -10.14 -122.70 -69.89
N TRP P 3285 -9.53 -123.12 -71.00
CA TRP P 3285 -9.17 -124.52 -71.17
C TRP P 3285 -7.89 -124.88 -70.44
N TRP P 3286 -7.07 -123.91 -70.05
CA TRP P 3286 -6.02 -124.21 -69.08
C TRP P 3286 -6.63 -124.66 -67.77
N GLU P 3287 -7.64 -123.93 -67.30
CA GLU P 3287 -8.20 -124.22 -65.98
C GLU P 3287 -8.67 -125.67 -65.89
N ARG P 3288 -9.02 -126.27 -67.03
CA ARG P 3288 -9.54 -127.63 -67.07
C ARG P 3288 -8.54 -128.63 -67.64
N GLY P 3289 -7.45 -128.17 -68.24
CA GLY P 3289 -6.48 -129.04 -68.86
C GLY P 3289 -5.37 -129.45 -67.91
N PRO P 3290 -4.28 -129.96 -68.45
CA PRO P 3290 -3.14 -130.36 -67.62
C PRO P 3290 -2.47 -129.15 -67.00
N GLU P 3291 -1.61 -129.41 -66.02
CA GLU P 3291 -0.86 -128.38 -65.30
C GLU P 3291 -1.79 -127.51 -64.46
N ALA P 3292 -3.09 -127.80 -64.47
CA ALA P 3292 -4.00 -127.07 -63.61
C ALA P 3292 -3.72 -127.44 -62.14
N PRO P 3293 -4.05 -126.56 -61.21
CA PRO P 3293 -4.04 -126.95 -59.78
C PRO P 3293 -5.36 -127.60 -59.38
N PRO P 3294 -5.51 -128.91 -59.61
CA PRO P 3294 -6.83 -129.51 -59.44
C PRO P 3294 -7.04 -129.97 -58.00
N PRO P 3295 -8.08 -129.50 -57.32
CA PRO P 3295 -8.36 -130.02 -55.98
C PRO P 3295 -8.74 -131.49 -55.97
N ALA P 3296 -9.15 -132.04 -57.11
CA ALA P 3296 -9.50 -133.45 -57.24
C ALA P 3296 -8.36 -134.28 -57.80
N LEU P 3297 -7.15 -133.73 -57.86
CA LEU P 3297 -6.03 -134.48 -58.42
C LEU P 3297 -5.84 -135.84 -57.75
N PRO P 3298 -5.89 -135.96 -56.42
CA PRO P 3298 -5.76 -137.31 -55.83
C PRO P 3298 -6.82 -138.28 -56.33
N ALA P 3299 -8.05 -137.81 -56.54
CA ALA P 3299 -9.10 -138.67 -57.07
C ALA P 3299 -8.81 -138.99 -58.53
N GLY P 3300 -9.19 -140.20 -58.94
CA GLY P 3300 -9.02 -140.60 -60.33
C GLY P 3300 -9.71 -139.64 -61.26
N ALA P 3301 -8.95 -139.03 -62.17
CA ALA P 3301 -9.45 -138.01 -63.08
C ALA P 3301 -9.35 -138.49 -64.51
N PRO P 3302 -10.43 -138.42 -65.29
CA PRO P 3302 -10.30 -138.70 -66.73
C PRO P 3302 -9.26 -137.78 -67.35
N PRO P 3303 -8.48 -138.28 -68.31
CA PRO P 3303 -7.42 -137.45 -68.88
C PRO P 3303 -7.98 -136.15 -69.44
N PRO P 3304 -7.26 -135.05 -69.28
CA PRO P 3304 -7.81 -133.75 -69.71
C PRO P 3304 -8.13 -133.75 -71.19
N CYS P 3305 -9.21 -133.04 -71.52
CA CYS P 3305 -9.69 -132.94 -72.89
C CYS P 3305 -8.90 -131.96 -73.74
N THR P 3306 -7.92 -131.28 -73.16
CA THR P 3306 -7.07 -130.34 -73.88
C THR P 3306 -5.62 -130.57 -73.47
N ALA P 3307 -4.72 -129.80 -74.10
CA ALA P 3307 -3.30 -129.87 -73.82
C ALA P 3307 -2.68 -128.50 -73.61
N VAL P 3308 -3.50 -127.48 -73.38
CA VAL P 3308 -2.98 -126.13 -73.19
C VAL P 3308 -2.25 -126.05 -71.86
N THR P 3309 -1.08 -125.40 -71.88
CA THR P 3309 -0.25 -125.26 -70.69
C THR P 3309 0.29 -123.84 -70.62
N SER P 3310 1.03 -123.56 -69.55
CA SER P 3310 1.59 -122.23 -69.35
C SER P 3310 2.50 -121.82 -70.51
N ASP P 3311 3.15 -122.79 -71.14
CA ASP P 3311 4.04 -122.48 -72.26
C ASP P 3311 3.27 -121.83 -73.40
N HIS P 3312 2.08 -122.34 -73.69
CA HIS P 3312 1.29 -121.77 -74.77
C HIS P 3312 0.94 -120.31 -74.49
N LEU P 3313 0.48 -120.02 -73.26
CA LEU P 3313 0.13 -118.65 -72.91
C LEU P 3313 1.35 -117.74 -72.96
N ASN P 3314 2.48 -118.22 -72.45
CA ASN P 3314 3.69 -117.40 -72.48
C ASN P 3314 4.11 -117.09 -73.91
N SER P 3315 4.11 -118.09 -74.79
CA SER P 3315 4.45 -117.87 -76.18
C SER P 3315 3.47 -116.92 -76.85
N LEU P 3316 2.17 -117.08 -76.57
CA LEU P 3316 1.18 -116.19 -77.18
C LEU P 3316 1.41 -114.75 -76.74
N LEU P 3317 1.66 -114.52 -75.46
CA LEU P 3317 1.91 -113.16 -75.00
C LEU P 3317 3.19 -112.59 -75.59
N GLY P 3318 4.24 -113.42 -75.70
CA GLY P 3318 5.44 -112.95 -76.38
C GLY P 3318 5.15 -112.52 -77.81
N ASN P 3319 4.30 -113.29 -78.50
CA ASN P 3319 3.93 -112.93 -79.86
C ASN P 3319 3.10 -111.64 -79.88
N ILE P 3320 2.22 -111.46 -78.90
CA ILE P 3320 1.47 -110.20 -78.80
C ILE P 3320 2.44 -109.03 -78.71
N LEU P 3321 3.40 -109.11 -77.80
CA LEU P 3321 4.35 -108.02 -77.63
C LEU P 3321 5.18 -107.81 -78.90
N ARG P 3322 5.60 -108.90 -79.54
CA ARG P 3322 6.40 -108.78 -80.75
C ARG P 3322 5.60 -108.11 -81.86
N ILE P 3323 4.33 -108.48 -82.01
CA ILE P 3323 3.49 -107.85 -83.04
C ILE P 3323 3.32 -106.37 -82.75
N ILE P 3324 3.04 -106.02 -81.50
CA ILE P 3324 2.82 -104.62 -81.16
C ILE P 3324 4.08 -103.81 -81.41
N VAL P 3325 5.24 -104.34 -81.01
CA VAL P 3325 6.48 -103.59 -81.23
C VAL P 3325 6.79 -103.49 -82.71
N ASN P 3326 6.47 -104.54 -83.49
CA ASN P 3326 6.67 -104.46 -84.93
C ASN P 3326 5.82 -103.34 -85.54
N ASN P 3327 4.57 -103.24 -85.13
CA ASN P 3327 3.67 -102.20 -85.63
C ASN P 3327 3.79 -100.91 -84.84
N LEU P 3328 4.80 -100.79 -83.99
CA LEU P 3328 4.95 -99.60 -83.16
C LEU P 3328 5.25 -98.38 -84.02
N GLY P 3329 4.73 -97.23 -83.60
CA GLY P 3329 5.06 -95.96 -84.23
C GLY P 3329 4.23 -95.61 -85.45
N ILE P 3330 3.27 -96.45 -85.84
CA ILE P 3330 2.46 -96.14 -87.02
C ILE P 3330 1.59 -94.91 -86.74
N ASP P 3331 1.23 -94.21 -87.82
CA ASP P 3331 0.44 -93.00 -87.69
C ASP P 3331 -0.90 -93.28 -87.02
N GLU P 3332 -1.59 -94.34 -87.46
CA GLU P 3332 -2.89 -94.70 -86.93
C GLU P 3332 -2.93 -96.20 -86.65
N ALA P 3333 -3.25 -96.56 -85.40
CA ALA P 3333 -3.47 -97.95 -85.02
C ALA P 3333 -4.50 -97.98 -83.89
N SER P 3334 -5.77 -98.14 -84.25
CA SER P 3334 -6.81 -98.33 -83.24
C SER P 3334 -6.85 -99.75 -82.72
N TRP P 3335 -6.33 -100.71 -83.49
CA TRP P 3335 -6.37 -102.11 -83.07
C TRP P 3335 -5.52 -102.36 -81.84
N MET P 3336 -4.53 -101.49 -81.59
CA MET P 3336 -3.66 -101.70 -80.43
C MET P 3336 -4.47 -101.67 -79.14
N LYS P 3337 -5.38 -100.71 -79.03
CA LYS P 3337 -6.23 -100.58 -77.85
C LYS P 3337 -7.02 -101.86 -77.58
N ARG P 3338 -7.76 -102.33 -78.60
CA ARG P 3338 -8.59 -103.51 -78.43
C ARG P 3338 -7.74 -104.75 -78.16
N LEU P 3339 -6.60 -104.86 -78.84
CA LEU P 3339 -5.74 -106.02 -78.63
C LEU P 3339 -5.19 -106.05 -77.21
N ALA P 3340 -4.79 -104.89 -76.68
CA ALA P 3340 -4.29 -104.84 -75.30
C ALA P 3340 -5.40 -105.24 -74.33
N VAL P 3341 -6.61 -104.69 -74.53
CA VAL P 3341 -7.72 -105.02 -73.64
C VAL P 3341 -8.00 -106.52 -73.69
N PHE P 3342 -7.91 -107.11 -74.88
CA PHE P 3342 -8.23 -108.53 -75.03
C PHE P 3342 -7.09 -109.41 -74.51
N ALA P 3343 -5.87 -108.89 -74.51
CA ALA P 3343 -4.71 -109.69 -74.12
C ALA P 3343 -4.34 -109.54 -72.65
N GLN P 3344 -4.97 -108.63 -71.92
CA GLN P 3344 -4.69 -108.56 -70.49
C GLN P 3344 -4.85 -109.90 -69.78
N PRO P 3345 -5.91 -110.68 -70.00
CA PRO P 3345 -6.11 -111.89 -69.19
C PRO P 3345 -4.93 -112.84 -69.16
N ILE P 3346 -4.26 -113.06 -70.29
CA ILE P 3346 -3.20 -114.06 -70.36
C ILE P 3346 -1.94 -113.60 -69.61
N VAL P 3347 -1.84 -112.31 -69.28
CA VAL P 3347 -0.63 -111.80 -68.65
C VAL P 3347 -0.40 -112.45 -67.30
N SER P 3348 -1.47 -112.88 -66.62
CA SER P 3348 -1.33 -113.42 -65.27
C SER P 3348 -0.39 -114.62 -65.26
N ARG P 3349 -0.30 -115.35 -66.38
CA ARG P 3349 0.49 -116.57 -66.43
C ARG P 3349 1.89 -116.37 -66.99
N ALA P 3350 2.25 -115.15 -67.40
CA ALA P 3350 3.55 -114.95 -68.04
C ALA P 3350 4.67 -115.42 -67.12
N ARG P 3351 5.58 -116.21 -67.68
CA ARG P 3351 6.71 -116.74 -66.91
C ARG P 3351 7.78 -115.64 -66.76
N PRO P 3352 8.55 -115.66 -65.67
CA PRO P 3352 9.39 -114.48 -65.37
C PRO P 3352 10.41 -114.11 -66.43
N GLU P 3353 10.99 -115.05 -67.19
CA GLU P 3353 11.98 -114.63 -68.19
C GLU P 3353 11.38 -113.78 -69.29
N LEU P 3354 10.05 -113.68 -69.39
CA LEU P 3354 9.44 -112.79 -70.35
C LEU P 3354 9.97 -111.36 -70.20
N LEU P 3355 10.30 -110.95 -68.98
CA LEU P 3355 10.75 -109.59 -68.74
C LEU P 3355 11.94 -109.25 -69.62
N ARG P 3356 13.08 -109.91 -69.40
CA ARG P 3356 14.28 -109.60 -70.16
C ARG P 3356 14.04 -109.78 -71.66
N SER P 3357 13.32 -110.83 -72.04
CA SER P 3357 13.18 -111.15 -73.46
C SER P 3357 12.43 -110.05 -74.21
N HIS P 3358 11.32 -109.56 -73.65
CA HIS P 3358 10.43 -108.67 -74.39
C HIS P 3358 10.27 -107.30 -73.76
N PHE P 3359 10.02 -107.23 -72.45
CA PHE P 3359 9.58 -105.96 -71.88
C PHE P 3359 10.71 -104.93 -71.90
N ILE P 3360 11.92 -105.34 -71.54
CA ILE P 3360 13.03 -104.39 -71.45
C ILE P 3360 13.33 -103.77 -72.81
N PRO P 3361 13.55 -104.54 -73.89
CA PRO P 3361 13.80 -103.88 -75.19
C PRO P 3361 12.66 -102.99 -75.65
N THR P 3362 11.42 -103.41 -75.42
CA THR P 3362 10.27 -102.65 -75.90
C THR P 3362 10.19 -101.30 -75.19
N ILE P 3363 10.14 -101.32 -73.85
CA ILE P 3363 10.14 -100.09 -73.10
C ILE P 3363 11.38 -99.26 -73.35
N GLY P 3364 12.49 -99.90 -73.71
CA GLY P 3364 13.68 -99.15 -74.09
C GLY P 3364 13.49 -98.36 -75.36
N ARG P 3365 12.90 -98.99 -76.36
CA ARG P 3365 12.61 -98.27 -77.60
C ARG P 3365 11.63 -97.13 -77.34
N LEU P 3366 10.60 -97.38 -76.53
CA LEU P 3366 9.65 -96.31 -76.22
C LEU P 3366 10.32 -95.16 -75.46
N ARG P 3367 11.18 -95.48 -74.49
CA ARG P 3367 11.88 -94.45 -73.74
C ARG P 3367 12.81 -93.64 -74.64
N LYS P 3368 13.52 -94.31 -75.55
CA LYS P 3368 14.40 -93.60 -76.48
C LYS P 3368 13.60 -92.66 -77.37
N ARG P 3369 12.46 -93.14 -77.89
CA ARG P 3369 11.63 -92.27 -78.72
C ARG P 3369 11.11 -91.09 -77.92
N ALA P 3370 10.71 -91.32 -76.67
CA ALA P 3370 10.24 -90.21 -75.84
C ALA P 3370 11.34 -89.19 -75.62
N GLY P 3371 12.56 -89.66 -75.34
CA GLY P 3371 13.68 -88.74 -75.17
C GLY P 3371 13.93 -87.90 -76.42
N LYS P 3372 13.95 -88.55 -77.58
CA LYS P 3372 14.16 -87.79 -78.81
C LYS P 3372 13.06 -86.75 -79.00
N VAL P 3373 11.80 -87.17 -78.80
CA VAL P 3373 10.69 -86.28 -79.10
C VAL P 3373 10.68 -85.10 -78.15
N VAL P 3374 10.99 -85.33 -76.87
CA VAL P 3374 11.09 -84.22 -75.93
C VAL P 3374 12.27 -83.33 -76.29
N ALA P 3375 13.32 -83.90 -76.90
CA ALA P 3375 14.41 -83.05 -77.37
C ALA P 3375 13.93 -82.09 -78.46
N GLU P 3376 13.17 -82.61 -79.43
CA GLU P 3376 12.61 -81.72 -80.44
C GLU P 3376 11.66 -80.70 -79.82
N GLU P 3377 10.90 -81.11 -78.81
CA GLU P 3377 10.05 -80.16 -78.10
C GLU P 3377 10.88 -79.05 -77.48
N GLU P 3378 11.99 -79.40 -76.84
CA GLU P 3378 12.86 -78.41 -76.22
C GLU P 3378 13.39 -77.44 -77.27
N GLN P 3379 13.84 -77.96 -78.42
CA GLN P 3379 14.36 -77.08 -79.46
C GLN P 3379 13.28 -76.15 -79.99
N LEU P 3380 12.07 -76.67 -80.24
CA LEU P 3380 11.01 -75.84 -80.77
C LEU P 3380 10.61 -74.75 -79.77
N ARG P 3381 10.47 -75.10 -78.50
CA ARG P 3381 10.10 -74.11 -77.49
C ARG P 3381 11.21 -73.10 -77.26
N LEU P 3382 12.48 -73.50 -77.41
CA LEU P 3382 13.54 -72.51 -77.44
C LEU P 3382 13.37 -71.55 -78.60
N GLU P 3383 13.01 -72.07 -79.77
CA GLU P 3383 12.63 -71.21 -80.89
C GLU P 3383 11.31 -70.51 -80.57
N ALA P 3384 11.10 -69.37 -81.23
CA ALA P 3384 9.97 -68.49 -80.92
C ALA P 3384 9.29 -68.02 -82.19
N LYS P 3385 8.09 -67.47 -82.01
CA LYS P 3385 7.32 -66.83 -83.10
C LYS P 3385 6.95 -67.92 -84.13
N ALA P 3386 6.96 -67.58 -85.42
CA ALA P 3386 6.46 -68.52 -86.43
C ALA P 3386 7.16 -69.86 -86.33
N GLU P 3387 8.45 -69.86 -85.99
CA GLU P 3387 9.16 -71.11 -85.80
C GLU P 3387 8.53 -71.93 -84.67
N ALA P 3388 8.05 -71.26 -83.63
CA ALA P 3388 7.40 -71.96 -82.53
C ALA P 3388 6.02 -72.46 -82.94
N GLU P 3389 5.23 -71.62 -83.61
CA GLU P 3389 3.88 -72.04 -83.99
C GLU P 3389 3.91 -73.18 -85.00
N GLU P 3390 4.94 -73.23 -85.84
CA GLU P 3390 5.07 -74.32 -86.80
C GLU P 3390 6.01 -75.39 -86.26
N GLY P 3391 5.75 -76.64 -86.65
CA GLY P 3391 6.53 -77.76 -86.15
C GLY P 3391 6.02 -78.25 -84.80
N GLU P 3392 5.38 -77.35 -84.05
CA GLU P 3392 4.75 -77.76 -82.80
C GLU P 3392 3.64 -78.79 -83.08
N LEU P 3393 2.94 -78.65 -84.20
CA LEU P 3393 1.93 -79.63 -84.56
C LEU P 3393 2.57 -81.00 -84.84
N LEU P 3394 3.72 -81.01 -85.52
CA LEU P 3394 4.41 -82.26 -85.79
C LEU P 3394 4.87 -82.92 -84.50
N VAL P 3395 5.44 -82.14 -83.58
CA VAL P 3395 5.89 -82.71 -82.31
C VAL P 3395 4.69 -83.16 -81.49
N ARG P 3396 3.58 -82.45 -81.59
CA ARG P 3396 2.35 -82.87 -80.91
C ARG P 3396 1.85 -84.19 -81.46
N ASP P 3397 1.95 -84.39 -82.78
CA ASP P 3397 1.58 -85.67 -83.36
C ASP P 3397 2.51 -86.79 -82.89
N GLU P 3398 3.81 -86.51 -82.80
CA GLU P 3398 4.72 -87.50 -82.23
C GLU P 3398 4.36 -87.84 -80.79
N PHE P 3399 4.02 -86.83 -79.99
CA PHE P 3399 3.53 -87.07 -78.64
C PHE P 3399 2.26 -87.93 -78.64
N SER P 3400 1.34 -87.66 -79.58
CA SER P 3400 0.12 -88.44 -79.64
C SER P 3400 0.40 -89.90 -79.95
N VAL P 3401 1.25 -90.18 -80.93
CA VAL P 3401 1.55 -91.57 -81.26
C VAL P 3401 2.29 -92.25 -80.12
N LEU P 3402 3.20 -91.53 -79.46
CA LEU P 3402 3.90 -92.11 -78.33
C LEU P 3402 2.95 -92.42 -77.19
N CYS P 3403 1.98 -91.53 -76.94
CA CYS P 3403 0.99 -91.78 -75.91
C CYS P 3403 0.13 -92.99 -76.25
N ARG P 3404 -0.24 -93.13 -77.53
CA ARG P 3404 -0.98 -94.31 -77.94
C ARG P 3404 -0.18 -95.58 -77.68
N ASP P 3405 1.11 -95.55 -78.01
CA ASP P 3405 1.96 -96.72 -77.77
C ASP P 3405 2.05 -97.04 -76.28
N LEU P 3406 2.25 -96.00 -75.46
CA LEU P 3406 2.38 -96.21 -74.02
C LEU P 3406 1.10 -96.79 -73.44
N TYR P 3407 -0.05 -96.25 -73.82
CA TYR P 3407 -1.31 -96.76 -73.33
C TYR P 3407 -1.63 -98.13 -73.91
N ALA P 3408 -1.01 -98.50 -75.03
CA ALA P 3408 -1.17 -99.84 -75.56
C ALA P 3408 -0.38 -100.87 -74.75
N LEU P 3409 0.84 -100.51 -74.35
CA LEU P 3409 1.73 -101.50 -73.73
C LEU P 3409 1.70 -101.51 -72.20
N TYR P 3410 1.61 -100.36 -71.54
CA TYR P 3410 1.53 -100.34 -70.08
C TYR P 3410 0.36 -101.13 -69.50
N PRO P 3411 -0.83 -101.14 -70.10
CA PRO P 3411 -1.89 -101.97 -69.51
C PRO P 3411 -1.48 -103.43 -69.41
N LEU P 3412 -0.60 -103.89 -70.30
CA LEU P 3412 -0.03 -105.23 -70.16
C LEU P 3412 1.00 -105.28 -69.05
N LEU P 3413 1.84 -104.23 -68.94
CA LEU P 3413 2.90 -104.23 -67.94
C LEU P 3413 2.32 -104.25 -66.52
N ILE P 3414 1.25 -103.50 -66.29
CA ILE P 3414 0.68 -103.42 -64.94
C ILE P 3414 0.35 -104.80 -64.41
N ARG P 3415 -0.32 -105.62 -65.21
CA ARG P 3415 -0.65 -106.97 -64.77
C ARG P 3415 0.60 -107.79 -64.55
N TYR P 3416 1.59 -107.67 -65.44
CA TYR P 3416 2.84 -108.41 -65.28
C TYR P 3416 3.57 -107.98 -64.02
N VAL P 3417 3.61 -106.66 -63.75
CA VAL P 3417 4.31 -106.17 -62.57
C VAL P 3417 3.65 -106.71 -61.30
N ASP P 3418 2.33 -106.67 -61.25
CA ASP P 3418 1.61 -107.06 -60.03
C ASP P 3418 1.98 -108.48 -59.61
N ASN P 3419 1.97 -109.41 -60.57
CA ASN P 3419 2.25 -110.80 -60.23
C ASN P 3419 3.68 -111.00 -59.76
N ASN P 3420 4.65 -110.38 -60.44
CA ASN P 3420 6.06 -110.60 -60.15
C ASN P 3420 6.64 -109.56 -59.19
N ARG P 3421 5.86 -108.57 -58.77
CA ARG P 3421 6.39 -107.58 -57.83
C ARG P 3421 6.76 -108.22 -56.51
N ALA P 3422 5.96 -109.18 -56.04
CA ALA P 3422 6.29 -109.86 -54.80
C ALA P 3422 7.64 -110.57 -54.88
N HIS P 3423 7.87 -111.32 -55.96
CA HIS P 3423 9.15 -112.00 -56.13
C HIS P 3423 10.29 -111.00 -56.24
N TRP P 3424 10.09 -109.91 -56.99
CA TRP P 3424 11.14 -108.92 -57.15
C TRP P 3424 11.50 -108.29 -55.81
N LEU P 3425 10.50 -107.98 -54.99
CA LEU P 3425 10.75 -107.37 -53.69
C LEU P 3425 11.34 -108.36 -52.71
N THR P 3426 11.03 -109.65 -52.84
CA THR P 3426 11.61 -110.68 -51.99
C THR P 3426 13.07 -110.94 -52.32
N GLU P 3427 13.41 -110.91 -53.61
CA GLU P 3427 14.78 -111.15 -54.06
C GLU P 3427 15.17 -110.09 -55.08
N PRO P 3428 16.28 -109.36 -54.88
CA PRO P 3428 16.64 -108.31 -55.83
C PRO P 3428 16.88 -108.86 -57.23
N ASN P 3429 16.49 -108.09 -58.24
CA ASN P 3429 16.59 -108.51 -59.63
C ASN P 3429 17.04 -107.34 -60.49
N PRO P 3430 18.27 -107.36 -61.02
CA PRO P 3430 18.73 -106.19 -61.81
C PRO P 3430 17.87 -105.88 -63.02
N ASN P 3431 17.24 -106.89 -63.63
CA ASN P 3431 16.36 -106.62 -64.76
C ASN P 3431 15.15 -105.80 -64.34
N ALA P 3432 14.49 -106.21 -63.26
CA ALA P 3432 13.40 -105.40 -62.71
C ALA P 3432 13.90 -104.02 -62.34
N GLU P 3433 15.16 -103.92 -61.88
CA GLU P 3433 15.69 -102.62 -61.50
C GLU P 3433 15.85 -101.72 -62.71
N GLU P 3434 16.38 -102.27 -63.81
CA GLU P 3434 16.45 -101.52 -65.05
C GLU P 3434 15.06 -101.09 -65.49
N LEU P 3435 14.07 -101.98 -65.37
CA LEU P 3435 12.70 -101.62 -65.71
C LEU P 3435 12.23 -100.42 -64.88
N PHE P 3436 12.56 -100.43 -63.58
CA PHE P 3436 12.19 -99.31 -62.73
C PHE P 3436 12.83 -98.01 -63.23
N ARG P 3437 14.14 -98.05 -63.52
CA ARG P 3437 14.81 -96.85 -64.01
C ARG P 3437 14.13 -96.34 -65.28
N MET P 3438 13.75 -97.26 -66.17
CA MET P 3438 13.17 -96.91 -67.46
C MET P 3438 11.81 -96.23 -67.27
N VAL P 3439 10.93 -96.86 -66.49
CA VAL P 3439 9.62 -96.27 -66.24
C VAL P 3439 9.78 -94.93 -65.54
N GLY P 3440 10.74 -94.82 -64.62
CA GLY P 3440 11.00 -93.55 -63.96
C GLY P 3440 11.42 -92.46 -64.92
N GLU P 3441 12.30 -92.78 -65.86
CA GLU P 3441 12.70 -91.78 -66.86
C GLU P 3441 11.51 -91.32 -67.69
N ILE P 3442 10.65 -92.27 -68.10
CA ILE P 3442 9.48 -91.88 -68.87
C ILE P 3442 8.58 -90.98 -68.04
N PHE P 3443 8.41 -91.28 -66.75
CA PHE P 3443 7.57 -90.43 -65.91
C PHE P 3443 8.19 -89.05 -65.74
N ILE P 3444 9.52 -88.98 -65.66
CA ILE P 3444 10.20 -87.68 -65.57
C ILE P 3444 9.90 -86.86 -66.81
N TYR P 3445 9.95 -87.50 -67.98
CA TYR P 3445 9.57 -86.80 -69.20
C TYR P 3445 8.13 -86.32 -69.14
N TRP P 3446 7.23 -87.17 -68.64
CA TRP P 3446 5.82 -86.76 -68.52
C TRP P 3446 5.68 -85.54 -67.62
N SER P 3447 6.36 -85.55 -66.48
CA SER P 3447 6.26 -84.44 -65.54
C SER P 3447 6.83 -83.17 -66.15
N LYS P 3448 7.96 -83.28 -66.84
CA LYS P 3448 8.61 -82.08 -67.39
C LYS P 3448 7.81 -81.48 -68.53
N SER P 3449 7.35 -82.30 -69.47
CA SER P 3449 6.75 -81.82 -70.71
C SER P 3449 5.28 -81.50 -70.50
N HIS P 3450 4.90 -80.26 -70.81
CA HIS P 3450 3.51 -79.85 -70.64
C HIS P 3450 2.66 -80.24 -71.85
N ASN P 3451 3.29 -80.47 -73.00
CA ASN P 3451 2.56 -81.04 -74.13
C ASN P 3451 2.20 -82.50 -73.89
N PHE P 3452 3.11 -83.26 -73.29
CA PHE P 3452 2.90 -84.70 -73.18
C PHE P 3452 1.64 -84.97 -72.36
N LYS P 3453 1.43 -84.18 -71.29
CA LYS P 3453 0.25 -84.34 -70.46
C LYS P 3453 -1.03 -84.16 -71.27
N ARG P 3454 -1.15 -83.05 -72.00
CA ARG P 3454 -2.39 -82.77 -72.71
C ARG P 3454 -2.59 -83.78 -73.84
N GLU P 3455 -1.51 -84.22 -74.48
CA GLU P 3455 -1.64 -85.24 -75.52
C GLU P 3455 -2.15 -86.55 -74.94
N GLU P 3456 -1.63 -86.95 -73.78
CA GLU P 3456 -2.14 -88.16 -73.13
C GLU P 3456 -3.61 -87.99 -72.79
N GLN P 3457 -3.98 -86.86 -72.20
CA GLN P 3457 -5.36 -86.64 -71.80
C GLN P 3457 -6.30 -86.65 -73.02
N ASN P 3458 -5.90 -85.97 -74.09
CA ASN P 3458 -6.67 -86.04 -75.33
C ASN P 3458 -6.82 -87.48 -75.80
N PHE P 3459 -5.71 -88.11 -76.18
CA PHE P 3459 -5.79 -89.50 -76.63
C PHE P 3459 -6.77 -90.30 -75.78
N VAL P 3460 -6.65 -90.23 -74.46
CA VAL P 3460 -7.46 -91.09 -73.60
C VAL P 3460 -8.94 -90.69 -73.67
N VAL P 3461 -9.23 -89.39 -73.70
CA VAL P 3461 -10.65 -89.00 -73.68
C VAL P 3461 -11.31 -89.24 -75.03
N GLN P 3462 -10.64 -88.93 -76.15
CA GLN P 3462 -11.22 -89.32 -77.45
C GLN P 3462 -11.39 -90.83 -77.57
N ASN P 3463 -10.40 -91.62 -77.13
CA ASN P 3463 -10.54 -93.07 -77.21
C ASN P 3463 -11.52 -93.62 -76.16
N GLU P 3464 -11.95 -92.81 -75.21
CA GLU P 3464 -12.98 -93.16 -74.23
C GLU P 3464 -12.57 -94.35 -73.36
N ILE P 3465 -11.28 -94.71 -73.34
CA ILE P 3465 -10.84 -95.78 -72.47
C ILE P 3465 -10.95 -95.33 -71.02
N ASN P 3466 -11.55 -96.18 -70.18
CA ASN P 3466 -11.59 -95.95 -68.75
C ASN P 3466 -10.32 -96.57 -68.15
N ASN P 3467 -9.51 -95.74 -67.49
CA ASN P 3467 -8.26 -96.23 -66.94
C ASN P 3467 -8.49 -97.21 -65.78
N MET P 3468 -9.66 -97.13 -65.15
CA MET P 3468 -9.90 -97.95 -63.96
C MET P 3468 -9.94 -99.43 -64.32
N SER P 3469 -10.41 -99.76 -65.54
CA SER P 3469 -10.38 -101.15 -65.97
C SER P 3469 -8.95 -101.65 -66.09
N PHE P 3470 -8.06 -100.84 -66.64
CA PHE P 3470 -6.66 -101.24 -66.73
C PHE P 3470 -6.04 -101.40 -65.35
N LEU P 3471 -6.28 -100.43 -64.46
CA LEU P 3471 -5.69 -100.49 -63.12
C LEU P 3471 -6.20 -101.69 -62.33
N THR P 3472 -7.50 -101.97 -62.40
CA THR P 3472 -8.06 -103.11 -61.70
C THR P 3472 -7.44 -104.41 -62.18
N TYR P 3504 -8.51 -87.49 -68.33
CA TYR P 3504 -9.06 -87.99 -67.06
C TYR P 3504 -8.23 -87.48 -65.89
N SER P 3505 -8.55 -87.97 -64.68
CA SER P 3505 -7.89 -87.49 -63.48
C SER P 3505 -6.39 -87.82 -63.52
N VAL P 3506 -5.60 -86.94 -62.89
CA VAL P 3506 -4.15 -87.13 -62.87
C VAL P 3506 -3.79 -88.46 -62.23
N GLN P 3507 -4.51 -88.83 -61.15
CA GLN P 3507 -4.22 -90.09 -60.48
C GLN P 3507 -4.44 -91.27 -61.41
N THR P 3508 -5.52 -91.24 -62.19
CA THR P 3508 -5.82 -92.34 -63.10
C THR P 3508 -4.88 -92.36 -64.30
N SER P 3509 -4.07 -91.33 -64.49
CA SER P 3509 -3.13 -91.33 -65.61
C SER P 3509 -2.24 -92.55 -65.53
N LEU P 3510 -2.23 -93.34 -66.61
CA LEU P 3510 -1.49 -94.60 -66.60
C LEU P 3510 0.00 -94.36 -66.45
N ILE P 3511 0.50 -93.23 -66.96
CA ILE P 3511 1.93 -92.95 -66.88
C ILE P 3511 2.38 -92.90 -65.43
N VAL P 3512 1.66 -92.15 -64.59
CA VAL P 3512 2.00 -92.07 -63.17
C VAL P 3512 1.62 -93.35 -62.45
N ALA P 3513 0.53 -93.99 -62.88
CA ALA P 3513 0.08 -95.21 -62.21
C ALA P 3513 1.13 -96.30 -62.29
N THR P 3514 1.72 -96.50 -63.46
CA THR P 3514 2.72 -97.54 -63.61
C THR P 3514 3.93 -97.30 -62.71
N LEU P 3515 4.39 -96.04 -62.64
CA LEU P 3515 5.52 -95.74 -61.77
C LEU P 3515 5.16 -95.94 -60.30
N LYS P 3516 3.94 -95.58 -59.90
CA LYS P 3516 3.55 -95.81 -58.52
C LYS P 3516 3.44 -97.30 -58.22
N LYS P 3517 3.14 -98.13 -59.23
CA LYS P 3517 3.24 -99.58 -59.04
C LYS P 3517 4.70 -100.01 -58.88
N MET P 3518 5.60 -99.44 -59.68
CA MET P 3518 6.99 -99.89 -59.73
C MET P 3518 7.87 -99.29 -58.63
N LEU P 3519 7.40 -98.27 -57.91
CA LEU P 3519 8.26 -97.55 -56.99
C LEU P 3519 8.92 -98.43 -55.93
N PRO P 3520 8.23 -99.39 -55.31
CA PRO P 3520 8.88 -100.19 -54.27
C PRO P 3520 10.14 -100.87 -54.77
N ILE P 3521 10.21 -101.21 -56.05
CA ILE P 3521 11.39 -101.90 -56.57
C ILE P 3521 12.62 -101.01 -56.49
N GLY P 3522 12.45 -99.70 -56.64
CA GLY P 3522 13.57 -98.77 -56.53
C GLY P 3522 13.82 -98.37 -55.09
N LEU P 3523 12.76 -98.25 -54.31
CA LEU P 3523 12.93 -98.05 -52.88
C LEU P 3523 13.70 -99.22 -52.27
N ASN P 3524 13.66 -100.38 -52.92
CA ASN P 3524 14.44 -101.53 -52.48
C ASN P 3524 15.92 -101.31 -52.77
N MET P 3525 16.25 -100.65 -53.88
CA MET P 3525 17.62 -100.20 -54.09
C MET P 3525 18.04 -99.29 -52.95
N CYS P 3526 17.24 -98.28 -52.68
CA CYS P 3526 17.61 -97.31 -51.67
C CYS P 3526 17.71 -97.99 -50.30
N ALA P 3527 18.90 -97.90 -49.73
CA ALA P 3527 19.18 -98.49 -48.43
C ALA P 3527 18.70 -97.56 -47.32
N PRO P 3528 18.41 -98.11 -46.13
CA PRO P 3528 17.89 -97.25 -45.06
C PRO P 3528 18.84 -96.14 -44.67
N THR P 3529 20.15 -96.38 -44.79
CA THR P 3529 21.12 -95.33 -44.50
C THR P 3529 20.99 -94.17 -45.47
N ASP P 3530 20.45 -94.43 -46.66
CA ASP P 3530 20.43 -93.43 -47.71
C ASP P 3530 19.30 -92.42 -47.57
N GLN P 3531 18.30 -92.68 -46.71
CA GLN P 3531 17.10 -91.85 -46.70
C GLN P 3531 17.46 -90.36 -46.62
N ASP P 3532 18.45 -90.02 -45.79
CA ASP P 3532 18.88 -88.63 -45.69
C ASP P 3532 19.50 -88.14 -46.99
N LEU P 3533 20.26 -89.00 -47.68
CA LEU P 3533 20.84 -88.60 -48.97
C LEU P 3533 19.74 -88.35 -50.00
N ILE P 3534 18.71 -89.21 -50.02
CA ILE P 3534 17.56 -88.96 -50.89
C ILE P 3534 16.88 -87.65 -50.53
N VAL P 3535 16.77 -87.34 -49.23
CA VAL P 3535 16.18 -86.05 -48.86
C VAL P 3535 17.01 -84.89 -49.40
N LEU P 3536 18.33 -84.98 -49.26
CA LEU P 3536 19.19 -83.91 -49.75
C LEU P 3536 19.09 -83.76 -51.27
N ALA P 3537 19.08 -84.89 -51.99
CA ALA P 3537 18.95 -84.84 -53.44
C ALA P 3537 17.58 -84.30 -53.86
N LYS P 3538 16.53 -84.62 -53.10
CA LYS P 3538 15.22 -84.04 -53.36
C LYS P 3538 15.25 -82.53 -53.17
N ALA P 3539 15.95 -82.06 -52.14
CA ALA P 3539 16.11 -80.62 -51.95
C ALA P 3539 16.84 -79.99 -53.13
N ARG P 3540 17.90 -80.65 -53.62
CA ARG P 3540 18.60 -80.14 -54.79
C ARG P 3540 17.69 -80.07 -56.01
N TYR P 3541 16.89 -81.13 -56.22
CA TYR P 3541 15.97 -81.12 -57.35
C TYR P 3541 14.92 -80.03 -57.20
N ALA P 3542 14.51 -79.74 -55.96
CA ALA P 3542 13.65 -78.59 -55.72
C ALA P 3542 14.36 -77.30 -56.10
N LEU P 3543 15.66 -77.22 -55.83
CA LEU P 3543 16.46 -76.09 -56.30
C LEU P 3543 16.57 -76.12 -57.82
N LYS P 3544 16.15 -77.25 -58.42
CA LYS P 3544 16.09 -77.40 -59.88
C LYS P 3544 17.47 -77.55 -60.50
N ASP P 3545 18.39 -78.16 -59.77
CA ASP P 3545 19.71 -78.45 -60.31
C ASP P 3545 19.66 -79.66 -61.24
N THR P 3546 20.52 -79.64 -62.25
CA THR P 3546 20.52 -80.70 -63.23
C THR P 3546 21.11 -81.99 -62.65
N ASP P 3547 20.87 -83.10 -63.36
CA ASP P 3547 21.21 -84.40 -62.82
C ASP P 3547 22.71 -84.55 -62.60
N GLU P 3548 23.53 -84.01 -63.51
CA GLU P 3548 24.98 -84.12 -63.35
C GLU P 3548 25.43 -83.46 -62.06
N GLU P 3549 24.97 -82.24 -61.79
CA GLU P 3549 25.46 -81.51 -60.63
C GLU P 3549 24.83 -82.03 -59.34
N VAL P 3550 23.63 -82.62 -59.43
CA VAL P 3550 23.09 -83.36 -58.29
C VAL P 3550 23.99 -84.55 -57.97
N ARG P 3551 24.42 -85.27 -59.01
CA ARG P 3551 25.36 -86.37 -58.80
C ARG P 3551 26.64 -85.85 -58.15
N GLU P 3552 27.13 -84.70 -58.60
CA GLU P 3552 28.33 -84.11 -58.02
C GLU P 3552 28.14 -83.74 -56.56
N PHE P 3553 26.97 -83.17 -56.23
CA PHE P 3553 26.68 -82.85 -54.83
C PHE P 3553 26.68 -84.10 -53.97
N LEU P 3554 26.04 -85.18 -54.46
CA LEU P 3554 26.06 -86.43 -53.72
C LEU P 3554 27.48 -86.98 -53.58
N GLN P 3555 28.28 -86.87 -54.64
CA GLN P 3555 29.67 -87.33 -54.59
C GLN P 3555 30.49 -86.55 -53.57
N ASN P 3556 30.27 -85.23 -53.48
CA ASN P 3556 31.00 -84.43 -52.51
C ASN P 3556 30.52 -84.72 -51.09
N ASN P 3557 29.23 -85.02 -50.93
CA ASN P 3557 28.68 -85.37 -49.62
C ASN P 3557 28.75 -86.89 -49.43
N LEU P 3558 29.98 -87.41 -49.44
CA LEU P 3558 30.19 -88.82 -49.18
C LEU P 3558 29.68 -89.20 -47.79
N ASN P 3559 29.99 -88.38 -46.79
CA ASN P 3559 29.39 -88.52 -45.47
C ASN P 3559 28.00 -87.89 -45.48
N LEU P 3560 27.43 -87.65 -44.30
CA LEU P 3560 26.03 -87.30 -44.09
C LEU P 3560 25.12 -88.50 -44.28
N GLN P 3561 25.69 -89.71 -44.37
CA GLN P 3561 24.90 -90.92 -44.44
C GLN P 3561 24.37 -91.28 -43.05
N GLY P 3562 23.16 -91.81 -43.01
CA GLY P 3562 22.52 -92.08 -41.74
C GLY P 3562 23.37 -93.00 -40.87
N LYS P 3563 23.30 -92.78 -39.56
CA LYS P 3563 24.14 -93.50 -38.62
C LYS P 3563 23.31 -94.53 -37.84
N VAL P 3564 23.87 -95.74 -37.70
CA VAL P 3564 23.11 -96.87 -37.18
C VAL P 3564 22.67 -96.61 -35.75
N GLU P 3565 23.60 -96.21 -34.87
CA GLU P 3565 23.19 -95.86 -33.51
C GLU P 3565 22.50 -94.50 -33.48
N GLY P 3566 22.67 -93.70 -34.54
CA GLY P 3566 22.01 -92.41 -34.60
C GLY P 3566 20.50 -92.54 -34.70
N SER P 3567 20.03 -93.47 -35.52
CA SER P 3567 18.60 -93.64 -35.76
C SER P 3567 18.08 -94.90 -35.11
N PRO P 3568 16.99 -94.83 -34.32
CA PRO P 3568 16.47 -96.07 -33.72
C PRO P 3568 15.92 -97.06 -34.73
N SER P 3569 15.02 -96.61 -35.61
CA SER P 3569 14.40 -97.54 -36.56
C SER P 3569 15.44 -98.16 -37.49
N LEU P 3570 16.58 -97.50 -37.64
CA LEU P 3570 17.54 -97.92 -38.65
C LEU P 3570 18.14 -99.28 -38.28
N ARG P 3571 18.22 -99.60 -36.99
CA ARG P 3571 18.76 -100.91 -36.62
C ARG P 3571 17.90 -102.04 -37.18
N TRP P 3572 16.59 -101.97 -37.04
CA TRP P 3572 15.76 -103.07 -37.55
C TRP P 3572 15.65 -102.99 -39.07
N GLN P 3573 15.61 -101.78 -39.63
CA GLN P 3573 15.64 -101.67 -41.10
C GLN P 3573 16.90 -102.31 -41.66
N MET P 3574 18.05 -102.08 -41.02
CA MET P 3574 19.31 -102.66 -41.47
C MET P 3574 19.35 -104.15 -41.18
N ALA P 3575 18.70 -104.60 -40.11
CA ALA P 3575 18.57 -106.03 -39.88
C ALA P 3575 17.91 -106.70 -41.07
N LEU P 3576 16.79 -106.13 -41.53
CA LEU P 3576 16.12 -106.66 -42.72
C LEU P 3576 17.04 -106.58 -43.94
N TYR P 3577 17.68 -105.43 -44.12
CA TYR P 3577 18.54 -105.20 -45.29
C TYR P 3577 19.65 -106.24 -45.36
N ARG P 3578 20.39 -106.41 -44.26
CA ARG P 3578 21.44 -107.43 -44.16
C ARG P 3578 20.91 -108.84 -44.32
N GLY P 3579 19.78 -109.16 -43.70
CA GLY P 3579 19.23 -110.50 -43.74
C GLY P 3579 18.84 -110.95 -45.14
N VAL P 3580 18.21 -110.05 -45.91
CA VAL P 3580 17.74 -110.43 -47.24
C VAL P 3580 18.95 -110.84 -48.08
N PRO P 3581 18.96 -112.02 -48.70
CA PRO P 3581 20.13 -112.44 -49.48
C PRO P 3581 20.30 -111.62 -50.75
N GLY P 3582 21.53 -111.63 -51.27
CA GLY P 3582 21.85 -110.96 -52.51
C GLY P 3582 22.13 -109.48 -52.37
N ARG P 3583 22.02 -108.92 -51.18
CA ARG P 3583 22.25 -107.50 -50.93
C ARG P 3583 23.54 -107.24 -50.18
N GLU P 3584 24.48 -108.20 -50.21
CA GLU P 3584 25.74 -108.03 -49.49
C GLU P 3584 26.80 -107.40 -50.37
N GLU P 3585 26.99 -107.92 -51.59
CA GLU P 3585 27.95 -107.36 -52.53
C GLU P 3585 27.36 -106.09 -53.17
N ASP P 3586 27.11 -105.10 -52.31
CA ASP P 3586 26.52 -103.84 -52.72
C ASP P 3586 26.97 -102.76 -51.76
N ALA P 3587 26.80 -101.51 -52.18
CA ALA P 3587 27.17 -100.35 -51.37
C ALA P 3587 28.67 -100.25 -51.16
N ASP P 3588 29.44 -101.12 -51.83
CA ASP P 3588 30.89 -101.07 -51.70
C ASP P 3588 31.48 -99.92 -52.49
N ASP P 3589 30.75 -99.44 -53.50
CA ASP P 3589 31.26 -98.42 -54.42
C ASP P 3589 30.46 -97.12 -54.35
N PRO P 3590 31.08 -96.01 -53.92
CA PRO P 3590 30.32 -94.75 -53.79
C PRO P 3590 29.67 -94.29 -55.07
N GLU P 3591 30.25 -94.57 -56.23
CA GLU P 3591 29.60 -94.17 -57.48
C GLU P 3591 28.25 -94.86 -57.63
N LYS P 3592 28.17 -96.15 -57.26
CA LYS P 3592 26.88 -96.84 -57.31
C LYS P 3592 25.90 -96.24 -56.32
N ILE P 3593 26.34 -96.01 -55.07
CA ILE P 3593 25.41 -95.39 -54.12
C ILE P 3593 24.91 -94.06 -54.65
N VAL P 3594 25.82 -93.22 -55.15
CA VAL P 3594 25.43 -91.89 -55.64
C VAL P 3594 24.43 -92.04 -56.79
N ARG P 3595 24.72 -92.92 -57.74
CA ARG P 3595 23.83 -93.11 -58.87
C ARG P 3595 22.43 -93.48 -58.39
N ARG P 3596 22.31 -94.62 -57.69
CA ARG P 3596 20.99 -95.10 -57.29
C ARG P 3596 20.24 -94.04 -56.49
N VAL P 3597 20.93 -93.37 -55.56
CA VAL P 3597 20.29 -92.30 -54.83
C VAL P 3597 19.78 -91.23 -55.79
N GLN P 3598 20.55 -90.94 -56.83
CA GLN P 3598 20.15 -89.90 -57.78
C GLN P 3598 18.84 -90.26 -58.49
N GLU P 3599 18.77 -91.46 -59.08
CA GLU P 3599 17.52 -91.83 -59.76
C GLU P 3599 16.36 -91.82 -58.80
N VAL P 3600 16.52 -92.42 -57.62
CA VAL P 3600 15.38 -92.53 -56.72
C VAL P 3600 14.94 -91.15 -56.26
N SER P 3601 15.88 -90.26 -55.96
CA SER P 3601 15.53 -88.91 -55.53
C SER P 3601 14.79 -88.15 -56.62
N ALA P 3602 15.27 -88.26 -57.87
CA ALA P 3602 14.58 -87.58 -58.96
C ALA P 3602 13.15 -88.09 -59.09
N VAL P 3603 12.97 -89.41 -59.04
CA VAL P 3603 11.64 -89.98 -59.19
C VAL P 3603 10.73 -89.52 -58.06
N LEU P 3604 11.22 -89.55 -56.82
CA LEU P 3604 10.41 -89.13 -55.70
C LEU P 3604 10.02 -87.66 -55.80
N TYR P 3605 10.97 -86.80 -56.17
CA TYR P 3605 10.64 -85.37 -56.28
C TYR P 3605 9.57 -85.13 -57.34
N HIS P 3606 9.74 -85.72 -58.52
CA HIS P 3606 8.74 -85.53 -59.57
C HIS P 3606 7.39 -86.09 -59.14
N LEU P 3607 7.40 -87.24 -58.47
CA LEU P 3607 6.15 -87.82 -57.98
C LEU P 3607 5.45 -86.89 -57.00
N ASP P 3608 6.22 -86.28 -56.10
CA ASP P 3608 5.62 -85.37 -55.13
C ASP P 3608 5.06 -84.12 -55.79
N GLN P 3609 5.78 -83.57 -56.77
CA GLN P 3609 5.24 -82.43 -57.51
C GLN P 3609 3.93 -82.81 -58.19
N THR P 3610 3.88 -83.99 -58.81
CA THR P 3610 2.64 -84.42 -59.44
C THR P 3610 1.53 -84.60 -58.41
N GLU P 3611 1.86 -85.17 -57.25
CA GLU P 3611 0.85 -85.40 -56.21
C GLU P 3611 0.24 -84.09 -55.75
N HIS P 3612 1.07 -83.10 -55.45
CA HIS P 3612 0.58 -81.80 -54.99
C HIS P 3612 1.11 -80.70 -55.92
N PRO P 3613 0.26 -79.97 -56.64
CA PRO P 3613 0.72 -78.88 -57.51
C PRO P 3613 0.88 -77.56 -56.77
N VAL P 3634 -25.27 -61.01 -70.79
CA VAL P 3634 -25.64 -61.64 -72.05
C VAL P 3634 -26.00 -60.56 -73.08
N ALA P 3635 -26.33 -59.36 -72.59
CA ALA P 3635 -26.62 -58.26 -73.49
C ALA P 3635 -25.42 -57.91 -74.34
N CYS P 3636 -24.22 -58.00 -73.76
CA CYS P 3636 -23.00 -57.74 -74.53
C CYS P 3636 -22.87 -58.72 -75.69
N PHE P 3637 -23.14 -60.01 -75.42
CA PHE P 3637 -23.12 -60.99 -76.50
C PHE P 3637 -24.20 -60.68 -77.54
N ARG P 3638 -25.39 -60.28 -77.09
CA ARG P 3638 -26.44 -59.90 -78.00
C ARG P 3638 -26.04 -58.62 -78.74
N MET P 3639 -26.19 -58.66 -80.07
CA MET P 3639 -25.81 -57.53 -80.89
C MET P 3639 -26.83 -56.39 -80.74
N THR P 3640 -26.36 -55.16 -80.93
CA THR P 3640 -27.21 -53.98 -80.92
C THR P 3640 -26.92 -53.11 -82.13
N PRO P 3641 -27.23 -53.59 -83.33
CA PRO P 3641 -26.95 -52.81 -84.54
C PRO P 3641 -27.66 -51.47 -84.52
N LEU P 3642 -26.97 -50.43 -85.02
CA LEU P 3642 -27.60 -49.13 -85.17
C LEU P 3642 -28.56 -49.14 -86.36
N TYR P 3643 -28.24 -49.91 -87.40
CA TYR P 3643 -29.04 -49.87 -88.62
C TYR P 3643 -30.36 -50.61 -88.45
N ASN P 3644 -30.49 -51.43 -87.41
CA ASN P 3644 -31.79 -51.95 -86.97
C ASN P 3644 -32.41 -51.03 -85.93
N LEU P 3645 -32.64 -49.78 -86.34
CA LEU P 3645 -33.22 -48.78 -85.47
C LEU P 3645 -34.05 -47.82 -86.32
N PRO P 3646 -35.28 -47.51 -85.92
CA PRO P 3646 -36.11 -46.62 -86.73
C PRO P 3646 -35.48 -45.24 -86.92
N THR P 3647 -35.78 -44.67 -88.08
CA THR P 3647 -35.09 -43.44 -88.50
C THR P 3647 -35.33 -42.29 -87.53
N HIS P 3648 -36.51 -42.22 -86.93
CA HIS P 3648 -36.79 -41.08 -86.06
C HIS P 3648 -35.99 -41.16 -84.76
N ARG P 3649 -35.92 -42.36 -84.16
CA ARG P 3649 -35.06 -42.52 -82.98
C ARG P 3649 -33.60 -42.29 -83.33
N ALA P 3650 -33.17 -42.77 -84.51
CA ALA P 3650 -31.80 -42.53 -84.94
C ALA P 3650 -31.53 -41.04 -85.09
N CYS P 3651 -32.50 -40.29 -85.63
CA CYS P 3651 -32.36 -38.86 -85.78
C CYS P 3651 -32.24 -38.17 -84.43
N ASN P 3652 -33.08 -38.57 -83.47
CA ASN P 3652 -32.99 -37.95 -82.15
C ASN P 3652 -31.63 -38.22 -81.51
N MET P 3653 -31.14 -39.45 -81.61
CA MET P 3653 -29.83 -39.77 -81.06
C MET P 3653 -28.73 -38.97 -81.76
N PHE P 3654 -28.83 -38.84 -83.09
CA PHE P 3654 -27.85 -38.07 -83.82
C PHE P 3654 -27.87 -36.61 -83.40
N LEU P 3655 -29.07 -36.05 -83.18
CA LEU P 3655 -29.17 -34.68 -82.73
C LEU P 3655 -28.49 -34.51 -81.37
N GLU P 3656 -28.77 -35.41 -80.44
CA GLU P 3656 -28.13 -35.32 -79.13
C GLU P 3656 -26.61 -35.41 -79.24
N SER P 3657 -26.11 -36.36 -80.02
CA SER P 3657 -24.67 -36.56 -80.12
C SER P 3657 -24.00 -35.37 -80.81
N TYR P 3658 -24.62 -34.85 -81.88
CA TYR P 3658 -24.08 -33.69 -82.57
C TYR P 3658 -24.04 -32.49 -81.63
N LYS P 3659 -25.12 -32.25 -80.89
CA LYS P 3659 -25.13 -31.16 -79.93
C LYS P 3659 -24.02 -31.32 -78.90
N ALA P 3660 -23.83 -32.53 -78.37
CA ALA P 3660 -22.84 -32.77 -77.35
C ALA P 3660 -21.40 -32.63 -77.85
N SER P 3661 -21.11 -33.09 -79.06
CA SER P 3661 -19.73 -33.22 -79.51
C SER P 3661 -19.26 -32.14 -80.48
N TRP P 3662 -20.14 -31.60 -81.32
CA TRP P 3662 -19.75 -30.60 -82.32
C TRP P 3662 -20.19 -29.19 -81.95
N ILE P 3663 -21.49 -28.98 -81.70
CA ILE P 3663 -21.97 -27.64 -81.39
C ILE P 3663 -21.36 -27.15 -80.08
N LEU P 3664 -21.35 -28.00 -79.05
CA LEU P 3664 -20.86 -27.58 -77.75
C LEU P 3664 -19.36 -27.37 -77.74
N THR P 3665 -18.60 -28.23 -78.42
CA THR P 3665 -17.16 -28.10 -78.44
C THR P 3665 -16.69 -26.87 -79.20
N GLU P 3666 -17.44 -26.45 -80.21
CA GLU P 3666 -17.08 -25.26 -80.97
C GLU P 3666 -16.97 -24.06 -80.03
N ASP P 3667 -15.89 -23.30 -80.18
CA ASP P 3667 -15.60 -22.16 -79.33
C ASP P 3667 -15.71 -20.87 -80.12
N HIS P 3668 -16.41 -19.89 -79.55
CA HIS P 3668 -16.58 -18.58 -80.17
C HIS P 3668 -16.48 -17.52 -79.08
N SER P 3669 -15.54 -16.60 -79.23
CA SER P 3669 -15.27 -15.58 -78.22
C SER P 3669 -15.87 -14.25 -78.69
N PHE P 3670 -17.16 -14.09 -78.42
CA PHE P 3670 -17.89 -12.87 -78.75
C PHE P 3670 -17.89 -11.86 -77.61
N GLU P 3671 -17.36 -12.23 -76.44
CA GLU P 3671 -17.50 -11.38 -75.25
C GLU P 3671 -16.75 -10.06 -75.41
N ASP P 3672 -15.49 -10.14 -75.85
CA ASP P 3672 -14.70 -8.92 -76.01
C ASP P 3672 -15.34 -7.98 -77.02
N ARG P 3673 -15.73 -8.52 -78.17
CA ARG P 3673 -16.35 -7.69 -79.20
C ARG P 3673 -17.65 -7.07 -78.71
N MET P 3674 -18.48 -7.86 -78.02
CA MET P 3674 -19.76 -7.34 -77.53
C MET P 3674 -19.54 -6.24 -76.50
N ILE P 3675 -18.61 -6.45 -75.57
CA ILE P 3675 -18.37 -5.44 -74.54
C ILE P 3675 -17.80 -4.17 -75.15
N ASP P 3676 -16.88 -4.29 -76.11
CA ASP P 3676 -16.34 -3.10 -76.75
C ASP P 3676 -17.43 -2.34 -77.49
N ASP P 3677 -18.27 -3.06 -78.24
CA ASP P 3677 -19.36 -2.41 -78.98
C ASP P 3677 -20.31 -1.71 -78.04
N LEU P 3678 -20.68 -2.36 -76.94
CA LEU P 3678 -21.59 -1.76 -75.98
C LEU P 3678 -20.97 -0.59 -75.24
N SER P 3679 -19.66 -0.60 -75.02
CA SER P 3679 -19.01 0.50 -74.32
C SER P 3679 -18.85 1.72 -75.21
N LYS P 3680 -18.55 1.51 -76.49
CA LYS P 3680 -18.37 2.65 -77.39
C LYS P 3680 -19.67 3.44 -77.50
N ALA P 3681 -19.58 4.75 -77.21
CA ALA P 3681 -20.70 5.66 -77.39
C ALA P 3681 -20.61 6.34 -78.74
N GLY P 3682 -21.70 6.98 -79.16
CA GLY P 3682 -21.78 7.54 -80.49
C GLY P 3682 -22.33 8.95 -80.58
N GLU P 3683 -21.74 9.75 -81.46
CA GLU P 3683 -22.24 11.07 -81.84
C GLU P 3683 -22.58 11.95 -80.64
N GLN P 3684 -21.79 11.86 -79.57
CA GLN P 3684 -21.96 12.80 -78.46
C GLN P 3684 -21.68 14.23 -78.90
N GLU P 3685 -20.76 14.39 -79.86
CA GLU P 3685 -20.49 15.72 -80.40
C GLU P 3685 -21.72 16.29 -81.09
N GLU P 3686 -22.64 15.44 -81.52
CA GLU P 3686 -23.88 15.92 -82.12
C GLU P 3686 -24.73 16.67 -81.09
N GLU P 3687 -24.83 16.12 -79.87
CA GLU P 3687 -25.62 16.79 -78.84
C GLU P 3687 -24.86 17.97 -78.23
N GLU P 3688 -23.54 17.85 -78.09
CA GLU P 3688 -22.72 18.89 -77.47
C GLU P 3688 -23.21 19.20 -76.06
N GLU P 3689 -23.39 18.15 -75.26
CA GLU P 3689 -23.83 18.35 -73.88
C GLU P 3689 -22.73 19.07 -73.11
N GLU P 3690 -22.94 20.35 -72.82
CA GLU P 3690 -21.90 21.16 -72.21
C GLU P 3690 -21.47 20.62 -70.86
N VAL P 3691 -22.42 20.12 -70.07
CA VAL P 3691 -22.10 19.57 -68.77
C VAL P 3691 -21.27 18.30 -68.95
N GLU P 3692 -20.30 18.09 -68.06
CA GLU P 3692 -19.41 16.94 -68.20
C GLU P 3692 -20.19 15.63 -68.14
N GLU P 3693 -21.19 15.55 -67.27
CA GLU P 3693 -22.03 14.36 -67.22
C GLU P 3693 -22.77 14.19 -68.53
N LYS P 3694 -22.80 12.96 -69.03
CA LYS P 3694 -23.43 12.65 -70.30
C LYS P 3694 -24.37 11.47 -70.13
N LYS P 3695 -25.22 11.26 -71.12
CA LYS P 3695 -26.15 10.16 -71.07
C LYS P 3695 -25.38 8.84 -70.96
N PRO P 3696 -25.80 7.91 -70.10
CA PRO P 3696 -25.08 6.64 -69.98
C PRO P 3696 -25.01 5.91 -71.32
N ASP P 3697 -23.86 5.33 -71.61
CA ASP P 3697 -23.68 4.54 -72.82
C ASP P 3697 -24.35 3.18 -72.62
N PRO P 3698 -24.55 2.41 -73.68
CA PRO P 3698 -25.38 1.19 -73.55
C PRO P 3698 -24.93 0.25 -72.45
N LEU P 3699 -23.62 0.07 -72.27
CA LEU P 3699 -23.15 -0.81 -71.19
C LEU P 3699 -23.54 -0.25 -69.83
N HIS P 3700 -23.38 1.06 -69.65
CA HIS P 3700 -23.81 1.68 -68.40
C HIS P 3700 -25.30 1.51 -68.17
N GLN P 3701 -26.09 1.66 -69.24
CA GLN P 3701 -27.54 1.48 -69.10
C GLN P 3701 -27.90 0.06 -68.73
N LEU P 3702 -27.21 -0.93 -69.31
CA LEU P 3702 -27.44 -2.32 -68.94
C LEU P 3702 -27.12 -2.55 -67.47
N VAL P 3703 -25.97 -2.06 -67.02
CA VAL P 3703 -25.58 -2.21 -65.62
C VAL P 3703 -26.61 -1.55 -64.72
N LEU P 3704 -27.10 -0.37 -65.11
CA LEU P 3704 -28.10 0.33 -64.30
C LEU P 3704 -29.41 -0.44 -64.25
N HIS P 3705 -29.82 -1.06 -65.36
CA HIS P 3705 -31.02 -1.88 -65.36
C HIS P 3705 -30.89 -3.05 -64.40
N PHE P 3706 -29.75 -3.73 -64.45
CA PHE P 3706 -29.54 -4.83 -63.50
C PHE P 3706 -29.49 -4.32 -62.06
N SER P 3707 -28.93 -3.13 -61.86
CA SER P 3707 -28.91 -2.54 -60.52
C SER P 3707 -30.32 -2.27 -60.01
N ARG P 3708 -31.19 -1.76 -60.88
CA ARG P 3708 -32.59 -1.56 -60.49
C ARG P 3708 -33.24 -2.88 -60.14
N THR P 3709 -33.02 -3.91 -60.96
CA THR P 3709 -33.61 -5.21 -60.67
C THR P 3709 -33.15 -5.73 -59.31
N ALA P 3710 -31.86 -5.57 -59.01
CA ALA P 3710 -31.35 -5.98 -57.70
C ALA P 3710 -31.96 -5.16 -56.57
N LEU P 3711 -32.10 -3.85 -56.77
CA LEU P 3711 -32.56 -2.97 -55.70
C LEU P 3711 -34.05 -3.09 -55.44
N THR P 3712 -34.82 -3.60 -56.39
CA THR P 3712 -36.27 -3.69 -56.19
C THR P 3712 -36.59 -4.45 -54.92
N GLU P 3713 -37.45 -3.87 -54.08
CA GLU P 3713 -37.85 -4.52 -52.84
C GLU P 3713 -38.71 -5.73 -53.16
N LYS P 3714 -38.33 -6.88 -52.60
CA LYS P 3714 -39.01 -8.14 -52.93
C LYS P 3714 -38.60 -9.18 -51.91
N SER P 3715 -39.36 -10.29 -51.88
CA SER P 3715 -39.10 -11.38 -50.96
C SER P 3715 -37.93 -12.25 -51.38
N LYS P 3716 -37.85 -12.60 -52.66
CA LYS P 3716 -36.80 -13.49 -53.15
C LYS P 3716 -36.30 -13.00 -54.50
N LEU P 3717 -35.13 -13.50 -54.88
CA LEU P 3717 -34.51 -13.17 -56.16
C LEU P 3717 -34.80 -14.27 -57.17
N ASP P 3718 -35.47 -13.91 -58.27
CA ASP P 3718 -35.78 -14.87 -59.31
C ASP P 3718 -34.54 -15.20 -60.12
N GLU P 3719 -34.59 -16.35 -60.79
CA GLU P 3719 -33.51 -16.78 -61.67
C GLU P 3719 -33.68 -16.12 -63.02
N ASP P 3720 -32.82 -15.14 -63.33
CA ASP P 3720 -32.93 -14.35 -64.55
C ASP P 3720 -31.84 -14.79 -65.52
N TYR P 3721 -32.25 -15.45 -66.60
CA TYR P 3721 -31.29 -15.93 -67.59
C TYR P 3721 -30.53 -14.77 -68.23
N LEU P 3722 -31.20 -13.64 -68.42
CA LEU P 3722 -30.53 -12.49 -69.01
C LEU P 3722 -29.36 -12.04 -68.14
N TYR P 3723 -29.60 -11.90 -66.84
CA TYR P 3723 -28.51 -11.54 -65.93
C TYR P 3723 -27.45 -12.62 -65.89
N MET P 3724 -27.86 -13.89 -65.84
CA MET P 3724 -26.87 -14.96 -65.75
C MET P 3724 -25.97 -15.01 -66.99
N ALA P 3725 -26.48 -14.57 -68.14
CA ALA P 3725 -25.68 -14.57 -69.36
C ALA P 3725 -24.82 -13.31 -69.45
N TYR P 3726 -25.39 -12.15 -69.12
CA TYR P 3726 -24.65 -10.91 -69.24
C TYR P 3726 -23.54 -10.82 -68.20
N ALA P 3727 -23.78 -11.35 -67.00
CA ALA P 3727 -22.72 -11.40 -66.00
C ALA P 3727 -21.58 -12.28 -66.47
N ASP P 3728 -21.89 -13.41 -67.09
CA ASP P 3728 -20.83 -14.27 -67.64
C ASP P 3728 -20.06 -13.55 -68.73
N ILE P 3729 -20.76 -12.81 -69.60
CA ILE P 3729 -20.07 -12.06 -70.65
C ILE P 3729 -19.12 -11.04 -70.04
N MET P 3730 -19.60 -10.27 -69.07
CA MET P 3730 -18.75 -9.28 -68.42
C MET P 3730 -17.56 -9.93 -67.72
N ALA P 3731 -17.80 -11.06 -67.06
CA ALA P 3731 -16.71 -11.76 -66.37
C ALA P 3731 -15.64 -12.22 -67.36
N LYS P 3732 -16.06 -12.80 -68.48
CA LYS P 3732 -15.09 -13.23 -69.48
C LYS P 3732 -14.42 -12.05 -70.18
N SER P 3733 -15.03 -10.87 -70.13
CA SER P 3733 -14.39 -9.69 -70.71
C SER P 3733 -13.01 -9.47 -70.10
N CYS P 3734 -12.83 -9.82 -68.82
CA CYS P 3734 -11.55 -9.66 -68.13
C CYS P 3734 -10.79 -10.98 -68.23
N HIS P 3735 -9.84 -11.04 -69.16
CA HIS P 3735 -9.20 -12.31 -69.51
C HIS P 3735 -8.37 -12.86 -68.35
N LEU P 3736 -7.49 -12.03 -67.77
CA LEU P 3736 -6.52 -12.51 -66.79
C LEU P 3736 -5.58 -13.53 -67.41
N GLU P 3737 -4.95 -13.13 -68.51
CA GLU P 3737 -4.01 -13.99 -69.21
C GLU P 3737 -2.73 -14.15 -68.41
N VAL P 3752 7.55 -20.79 -69.18
CA VAL P 3752 8.57 -19.79 -69.46
C VAL P 3752 8.11 -18.43 -68.97
N GLU P 3753 8.96 -17.76 -68.19
CA GLU P 3753 8.65 -16.42 -67.73
C GLU P 3753 8.69 -15.44 -68.90
N VAL P 3754 7.68 -14.59 -68.98
CA VAL P 3754 7.59 -13.59 -70.05
C VAL P 3754 8.49 -12.41 -69.69
N SER P 3755 8.74 -11.54 -70.66
CA SER P 3755 9.54 -10.36 -70.40
C SER P 3755 8.82 -9.45 -69.41
N PHE P 3756 9.61 -8.65 -68.69
CA PHE P 3756 9.05 -7.73 -67.72
C PHE P 3756 8.11 -6.71 -68.35
N GLU P 3757 8.42 -6.23 -69.56
CA GLU P 3757 7.49 -5.37 -70.28
C GLU P 3757 6.22 -6.13 -70.65
N GLU P 3758 6.36 -7.39 -71.08
CA GLU P 3758 5.20 -8.21 -71.39
C GLU P 3758 4.27 -8.29 -70.19
N LYS P 3759 4.84 -8.51 -69.00
CA LYS P 3759 4.02 -8.72 -67.81
C LYS P 3759 3.28 -7.45 -67.41
N GLU P 3760 3.98 -6.32 -67.37
CA GLU P 3760 3.33 -5.05 -67.03
C GLU P 3760 2.26 -4.69 -68.05
N MET P 3761 2.55 -4.94 -69.32
CA MET P 3761 1.63 -4.66 -70.41
C MET P 3761 0.35 -5.52 -70.33
N GLU P 3762 0.50 -6.80 -69.96
CA GLU P 3762 -0.67 -7.62 -69.66
C GLU P 3762 -1.45 -7.06 -68.47
N LYS P 3763 -0.74 -6.65 -67.41
CA LYS P 3763 -1.41 -6.03 -66.28
C LYS P 3763 -2.23 -4.82 -66.72
N GLN P 3764 -1.68 -4.03 -67.64
CA GLN P 3764 -2.39 -2.84 -68.10
C GLN P 3764 -3.67 -3.20 -68.84
N ARG P 3765 -3.66 -4.23 -69.69
CA ARG P 3765 -4.94 -4.64 -70.27
C ARG P 3765 -5.91 -5.11 -69.20
N LEU P 3766 -5.44 -5.89 -68.23
CA LEU P 3766 -6.38 -6.37 -67.22
C LEU P 3766 -7.02 -5.20 -66.48
N LEU P 3767 -6.21 -4.19 -66.14
CA LEU P 3767 -6.74 -3.00 -65.49
C LEU P 3767 -7.71 -2.24 -66.39
N TYR P 3768 -7.41 -2.10 -67.68
CA TYR P 3768 -8.31 -1.39 -68.57
C TYR P 3768 -9.64 -2.13 -68.71
N GLN P 3769 -9.58 -3.45 -68.81
CA GLN P 3769 -10.80 -4.25 -68.95
C GLN P 3769 -11.65 -4.18 -67.69
N GLN P 3770 -11.00 -4.15 -66.52
CA GLN P 3770 -11.75 -3.99 -65.27
C GLN P 3770 -12.30 -2.58 -65.13
N SER P 3771 -11.59 -1.60 -65.70
CA SER P 3771 -12.09 -0.23 -65.73
C SER P 3771 -13.35 -0.12 -66.55
N ARG P 3772 -13.37 -0.77 -67.72
CA ARG P 3772 -14.57 -0.71 -68.55
C ARG P 3772 -15.81 -1.08 -67.75
N LEU P 3773 -15.67 -2.02 -66.82
CA LEU P 3773 -16.83 -2.45 -66.04
C LEU P 3773 -17.05 -1.56 -64.82
N HIS P 3774 -16.06 -1.43 -63.93
CA HIS P 3774 -16.36 -0.80 -62.65
C HIS P 3774 -16.48 0.71 -62.79
N ASN P 3775 -16.10 1.27 -63.93
CA ASN P 3775 -16.39 2.67 -64.18
C ASN P 3775 -17.87 2.88 -64.47
N ARG P 3776 -18.61 1.80 -64.70
CA ARG P 3776 -20.02 1.88 -65.05
C ARG P 3776 -20.94 1.30 -63.99
N GLY P 3777 -20.44 1.08 -62.77
CA GLY P 3777 -21.25 0.61 -61.68
C GLY P 3777 -21.28 -0.90 -61.46
N ALA P 3778 -20.37 -1.64 -62.07
CA ALA P 3778 -20.38 -3.09 -61.92
C ALA P 3778 -20.14 -3.52 -60.48
N ALA P 3779 -19.28 -2.79 -59.75
CA ALA P 3779 -19.04 -3.14 -58.35
C ALA P 3779 -20.30 -2.97 -57.51
N GLU P 3780 -21.00 -1.84 -57.67
CA GLU P 3780 -22.25 -1.64 -56.96
C GLU P 3780 -23.28 -2.69 -57.36
N MET P 3781 -23.33 -3.05 -58.65
CA MET P 3781 -24.24 -4.09 -59.08
C MET P 3781 -23.93 -5.42 -58.40
N VAL P 3782 -22.65 -5.77 -58.30
CA VAL P 3782 -22.27 -7.02 -57.66
C VAL P 3782 -22.66 -7.02 -56.20
N LEU P 3783 -22.38 -5.92 -55.49
CA LEU P 3783 -22.75 -5.85 -54.08
C LEU P 3783 -24.26 -5.93 -53.91
N GLN P 3784 -25.02 -5.22 -54.76
CA GLN P 3784 -26.47 -5.25 -54.66
C GLN P 3784 -27.01 -6.63 -54.93
N MET P 3785 -26.45 -7.35 -55.90
CA MET P 3785 -26.93 -8.69 -56.21
C MET P 3785 -26.61 -9.65 -55.07
N ILE P 3786 -25.42 -9.54 -54.48
CA ILE P 3786 -25.09 -10.40 -53.35
C ILE P 3786 -25.99 -10.12 -52.16
N SER P 3787 -26.37 -8.85 -51.98
CA SER P 3787 -27.31 -8.53 -50.91
C SER P 3787 -28.72 -9.00 -51.23
N ALA P 3788 -29.10 -8.99 -52.50
CA ALA P 3788 -30.47 -9.35 -52.87
C ALA P 3788 -30.67 -10.85 -52.85
N CYS P 3789 -29.61 -11.63 -53.09
CA CYS P 3789 -29.78 -13.08 -53.09
C CYS P 3789 -30.31 -13.57 -51.75
N LYS P 3790 -30.08 -12.82 -50.67
CA LYS P 3790 -30.65 -13.11 -49.36
C LYS P 3790 -30.22 -14.48 -48.84
N GLY P 3791 -29.01 -14.89 -49.20
CA GLY P 3791 -28.41 -16.07 -48.61
C GLY P 3791 -28.85 -17.39 -49.18
N GLU P 3792 -29.63 -17.41 -50.25
CA GLU P 3792 -30.00 -18.65 -50.93
C GLU P 3792 -29.06 -18.88 -52.10
N THR P 3793 -28.34 -20.00 -52.06
CA THR P 3793 -27.37 -20.31 -53.10
C THR P 3793 -28.07 -20.58 -54.42
N GLY P 3794 -27.36 -20.32 -55.52
CA GLY P 3794 -27.92 -20.57 -56.83
C GLY P 3794 -27.02 -20.03 -57.92
N ALA P 3795 -27.47 -20.23 -59.16
CA ALA P 3795 -26.72 -19.74 -60.30
C ALA P 3795 -26.59 -18.22 -60.28
N MET P 3796 -27.59 -17.52 -59.75
CA MET P 3796 -27.52 -16.07 -59.71
C MET P 3796 -26.35 -15.60 -58.85
N VAL P 3797 -26.26 -16.11 -57.62
CA VAL P 3797 -25.16 -15.71 -56.75
C VAL P 3797 -23.83 -16.25 -57.27
N SER P 3798 -23.83 -17.43 -57.90
CA SER P 3798 -22.58 -17.93 -58.48
C SER P 3798 -22.07 -16.97 -59.55
N SER P 3799 -22.93 -16.54 -60.46
CA SER P 3799 -22.52 -15.61 -61.50
C SER P 3799 -22.09 -14.27 -60.91
N THR P 3800 -22.81 -13.80 -59.88
CA THR P 3800 -22.43 -12.54 -59.25
C THR P 3800 -21.03 -12.64 -58.63
N LEU P 3801 -20.76 -13.75 -57.95
CA LEU P 3801 -19.43 -13.92 -57.35
C LEU P 3801 -18.35 -14.03 -58.41
N LYS P 3802 -18.64 -14.72 -59.52
CA LYS P 3802 -17.67 -14.81 -60.59
C LYS P 3802 -17.37 -13.44 -61.19
N LEU P 3803 -18.41 -12.62 -61.39
CA LEU P 3803 -18.22 -11.28 -61.90
C LEU P 3803 -17.39 -10.44 -60.93
N GLY P 3804 -17.68 -10.55 -59.64
CA GLY P 3804 -16.89 -9.83 -58.65
C GLY P 3804 -15.44 -10.24 -58.65
N ILE P 3805 -15.17 -11.55 -58.74
CA ILE P 3805 -13.80 -12.02 -58.82
C ILE P 3805 -13.12 -11.48 -60.08
N SER P 3806 -13.85 -11.47 -61.20
CA SER P 3806 -13.28 -10.98 -62.45
C SER P 3806 -12.87 -9.52 -62.33
N ILE P 3807 -13.73 -8.69 -61.71
CA ILE P 3807 -13.41 -7.27 -61.62
C ILE P 3807 -12.43 -6.98 -60.48
N LEU P 3808 -12.26 -7.90 -59.53
CA LEU P 3808 -11.31 -7.70 -58.44
C LEU P 3808 -9.97 -8.39 -58.65
N ASN P 3809 -9.82 -9.17 -59.71
CA ASN P 3809 -8.59 -9.94 -59.89
C ASN P 3809 -7.38 -9.00 -59.89
N GLY P 3810 -6.33 -9.42 -59.18
CA GLY P 3810 -5.16 -8.60 -59.01
C GLY P 3810 -5.26 -7.58 -57.89
N GLY P 3811 -6.25 -7.67 -57.03
CA GLY P 3811 -6.40 -6.74 -55.93
C GLY P 3811 -6.62 -5.31 -56.40
N ASN P 3812 -7.54 -5.13 -57.33
CA ASN P 3812 -7.78 -3.80 -57.89
C ASN P 3812 -8.18 -2.84 -56.78
N ALA P 3813 -7.30 -1.88 -56.50
CA ALA P 3813 -7.52 -0.95 -55.40
C ALA P 3813 -8.68 -0.01 -55.69
N GLU P 3814 -8.82 0.43 -56.94
CA GLU P 3814 -9.93 1.31 -57.28
C GLU P 3814 -11.26 0.62 -57.08
N VAL P 3815 -11.36 -0.65 -57.51
CA VAL P 3815 -12.58 -1.41 -57.28
C VAL P 3815 -12.81 -1.62 -55.80
N GLN P 3816 -11.74 -1.89 -55.05
CA GLN P 3816 -11.88 -2.09 -53.61
C GLN P 3816 -12.45 -0.85 -52.93
N GLN P 3817 -11.93 0.33 -53.30
CA GLN P 3817 -12.45 1.57 -52.73
C GLN P 3817 -13.87 1.85 -53.19
N LYS P 3818 -14.20 1.56 -54.45
CA LYS P 3818 -15.56 1.75 -54.91
C LYS P 3818 -16.55 0.88 -54.13
N MET P 3819 -16.18 -0.37 -53.84
CA MET P 3819 -17.02 -1.24 -53.04
C MET P 3819 -17.13 -0.76 -51.60
N LEU P 3820 -16.00 -0.37 -50.99
CA LEU P 3820 -16.03 0.06 -49.61
C LEU P 3820 -16.89 1.31 -49.43
N ASP P 3821 -16.74 2.28 -50.34
CA ASP P 3821 -17.51 3.51 -50.23
C ASP P 3821 -19.01 3.21 -50.31
N TYR P 3822 -19.40 2.37 -51.26
CA TYR P 3822 -20.82 2.02 -51.39
C TYR P 3822 -21.33 1.34 -50.13
N LEU P 3823 -20.59 0.36 -49.61
CA LEU P 3823 -21.05 -0.35 -48.41
C LEU P 3823 -21.17 0.60 -47.23
N LYS P 3824 -20.16 1.42 -46.99
CA LYS P 3824 -20.20 2.32 -45.84
C LYS P 3824 -21.30 3.36 -46.00
N ASP P 3825 -21.54 3.83 -47.22
CA ASP P 3825 -22.57 4.84 -47.44
C ASP P 3825 -23.97 4.27 -47.26
N LYS P 3826 -24.23 3.08 -47.80
CA LYS P 3826 -25.57 2.53 -47.71
C LYS P 3826 -25.87 1.95 -46.32
N LYS P 3827 -24.84 1.45 -45.63
CA LYS P 3827 -24.99 0.92 -44.28
C LYS P 3827 -26.01 -0.21 -44.21
N GLU P 3828 -26.08 -1.06 -45.23
CA GLU P 3828 -27.03 -2.17 -45.23
C GLU P 3828 -26.40 -3.40 -44.61
N VAL P 3829 -27.19 -4.14 -43.82
CA VAL P 3829 -26.72 -5.39 -43.23
C VAL P 3829 -26.99 -6.59 -44.12
N GLY P 3830 -27.83 -6.43 -45.15
CA GLY P 3830 -28.19 -7.56 -45.99
C GLY P 3830 -26.99 -8.20 -46.66
N PHE P 3831 -26.01 -7.41 -47.07
CA PHE P 3831 -24.84 -7.95 -47.75
C PHE P 3831 -24.12 -8.97 -46.87
N PHE P 3832 -23.78 -8.58 -45.65
CA PHE P 3832 -23.01 -9.48 -44.79
C PHE P 3832 -23.89 -10.59 -44.24
N GLN P 3833 -25.19 -10.34 -44.03
CA GLN P 3833 -26.08 -11.42 -43.64
C GLN P 3833 -26.14 -12.49 -44.73
N SER P 3834 -26.22 -12.07 -45.99
CA SER P 3834 -26.23 -13.03 -47.09
C SER P 3834 -24.91 -13.77 -47.18
N ILE P 3835 -23.79 -13.06 -47.00
CA ILE P 3835 -22.50 -13.74 -47.04
C ILE P 3835 -22.41 -14.81 -45.95
N GLN P 3836 -22.85 -14.46 -44.73
CA GLN P 3836 -22.82 -15.41 -43.63
C GLN P 3836 -23.74 -16.61 -43.90
N ALA P 3837 -24.93 -16.36 -44.44
CA ALA P 3837 -25.84 -17.47 -44.77
C ALA P 3837 -25.22 -18.38 -45.82
N LEU P 3838 -24.57 -17.78 -46.83
CA LEU P 3838 -23.92 -18.59 -47.87
C LEU P 3838 -22.81 -19.45 -47.27
N MET P 3839 -22.00 -18.86 -46.37
CA MET P 3839 -20.98 -19.67 -45.70
C MET P 3839 -21.60 -20.80 -44.90
N GLN P 3840 -22.67 -20.52 -44.16
CA GLN P 3840 -23.32 -21.57 -43.39
C GLN P 3840 -23.87 -22.67 -44.30
N THR P 3841 -24.27 -22.30 -45.51
CA THR P 3841 -24.78 -23.27 -46.48
C THR P 3841 -23.67 -24.01 -47.21
N CYS P 3842 -22.44 -23.50 -47.21
CA CYS P 3842 -21.33 -24.20 -47.86
C CYS P 3842 -21.17 -25.59 -47.26
N SER P 3843 -20.91 -26.57 -48.11
CA SER P 3843 -20.88 -27.97 -47.69
C SER P 3843 -19.45 -28.44 -47.44
N VAL P 3844 -19.33 -29.63 -46.86
CA VAL P 3844 -18.07 -30.25 -46.54
C VAL P 3844 -18.14 -31.72 -46.93
N LEU P 3845 -17.01 -32.42 -46.74
CA LEU P 3845 -16.95 -33.84 -47.07
C LEU P 3845 -17.97 -34.61 -46.23
N ASP P 3846 -18.71 -35.51 -46.88
CA ASP P 3846 -19.76 -36.29 -46.23
C ASP P 3846 -19.52 -37.77 -46.48
N LEU P 3847 -19.24 -38.52 -45.40
CA LEU P 3847 -18.94 -39.93 -45.53
C LEU P 3847 -20.17 -40.75 -45.90
N ASN P 3848 -21.35 -40.39 -45.39
CA ASN P 3848 -22.56 -41.09 -45.78
C ASN P 3848 -22.82 -40.94 -47.27
N ALA P 3849 -22.66 -39.73 -47.79
CA ALA P 3849 -22.80 -39.49 -49.22
C ALA P 3849 -21.74 -40.23 -50.02
N PHE P 3850 -20.51 -40.27 -49.52
CA PHE P 3850 -19.46 -41.03 -50.19
C PHE P 3850 -19.83 -42.50 -50.29
N GLU P 3851 -20.32 -43.08 -49.20
CA GLU P 3851 -20.68 -44.49 -49.21
C GLU P 3851 -21.86 -44.74 -50.17
N ARG P 3852 -22.85 -43.85 -50.15
CA ARG P 3852 -23.97 -44.00 -51.08
C ARG P 3852 -23.49 -43.96 -52.52
N GLN P 3853 -22.62 -43.01 -52.85
CA GLN P 3853 -22.11 -42.92 -54.22
C GLN P 3853 -21.30 -44.14 -54.59
N ASN P 3854 -20.48 -44.64 -53.66
CA ASN P 3854 -19.70 -45.84 -53.95
C ASN P 3854 -20.59 -47.02 -54.25
N LYS P 3855 -21.62 -47.23 -53.43
CA LYS P 3855 -22.53 -48.35 -53.67
C LYS P 3855 -23.29 -48.19 -54.98
N ALA P 3856 -23.75 -46.97 -55.27
CA ALA P 3856 -24.47 -46.74 -56.52
C ALA P 3856 -23.57 -47.01 -57.73
N GLU P 3857 -22.32 -46.56 -57.68
CA GLU P 3857 -21.40 -46.84 -58.77
C GLU P 3857 -21.14 -48.32 -58.89
N GLY P 3858 -21.00 -49.02 -57.77
CA GLY P 3858 -20.79 -50.45 -57.79
C GLY P 3858 -21.93 -51.17 -58.49
N LEU P 3859 -23.16 -50.82 -58.14
CA LEU P 3859 -24.32 -51.36 -58.85
C LEU P 3859 -24.30 -50.88 -60.31
N GLY P 3860 -24.68 -51.76 -61.22
CA GLY P 3860 -24.63 -51.49 -62.65
C GLY P 3860 -25.93 -51.85 -63.35
N MET P 3861 -26.19 -51.18 -64.47
CA MET P 3861 -27.37 -51.45 -65.30
C MET P 3861 -27.18 -52.76 -66.07
N VAL P 3862 -28.19 -53.63 -66.01
CA VAL P 3862 -28.26 -54.74 -66.95
C VAL P 3862 -28.64 -54.25 -68.32
N ASN P 3863 -29.47 -53.20 -68.40
CA ASN P 3863 -29.94 -52.67 -69.65
C ASN P 3863 -28.81 -51.96 -70.40
N GLU P 3864 -29.04 -51.74 -71.69
CA GLU P 3864 -28.03 -51.11 -72.54
C GLU P 3864 -27.77 -49.68 -72.09
N ASP P 3865 -26.49 -49.28 -72.13
CA ASP P 3865 -26.11 -47.96 -71.65
C ASP P 3865 -26.88 -46.85 -72.35
N GLY P 3866 -27.07 -46.97 -73.67
CA GLY P 3866 -27.79 -45.95 -74.39
C GLY P 3866 -29.23 -45.81 -73.93
N THR P 3867 -29.87 -46.92 -73.58
CA THR P 3867 -31.27 -46.89 -73.18
C THR P 3867 -31.46 -46.38 -71.76
N VAL P 3868 -30.52 -46.66 -70.87
CA VAL P 3868 -30.70 -46.36 -69.44
C VAL P 3868 -29.58 -45.43 -68.97
N ILE P 3869 -29.70 -44.92 -67.75
CA ILE P 3869 -28.75 -43.93 -67.25
C ILE P 3869 -27.35 -44.52 -67.18
N ASN P 3870 -27.21 -45.73 -66.62
CA ASN P 3870 -25.92 -46.39 -66.47
C ASN P 3870 -24.99 -45.61 -65.54
N ARG P 3871 -25.51 -45.23 -64.37
CA ARG P 3871 -24.69 -44.69 -63.28
C ARG P 3871 -23.98 -43.40 -63.67
N GLN P 3872 -24.71 -42.48 -64.30
CA GLN P 3872 -24.25 -41.11 -64.53
C GLN P 3872 -25.11 -40.18 -63.67
N ASN P 3873 -24.55 -39.73 -62.55
CA ASN P 3873 -25.20 -38.77 -61.68
C ASN P 3873 -24.15 -37.86 -61.08
N GLY P 3874 -24.55 -36.63 -60.77
CA GLY P 3874 -23.64 -35.63 -60.24
C GLY P 3874 -23.05 -36.07 -58.91
N GLU P 3875 -21.79 -35.72 -58.69
CA GLU P 3875 -21.12 -36.06 -57.45
C GLU P 3875 -21.87 -35.46 -56.27
N LYS P 3876 -22.15 -36.29 -55.27
CA LYS P 3876 -22.84 -35.87 -54.07
C LYS P 3876 -21.91 -35.59 -52.89
N VAL P 3877 -20.60 -35.71 -53.08
CA VAL P 3877 -19.62 -35.39 -52.05
C VAL P 3877 -19.05 -34.02 -52.36
N MET P 3878 -19.35 -33.05 -51.51
CA MET P 3878 -18.90 -31.67 -51.69
C MET P 3878 -19.21 -31.19 -53.10
N ALA P 3879 -20.51 -31.15 -53.43
CA ALA P 3879 -20.93 -30.80 -54.78
C ALA P 3879 -20.68 -29.33 -55.09
N ASP P 3880 -20.61 -28.48 -54.08
CA ASP P 3880 -20.45 -27.03 -54.26
C ASP P 3880 -19.04 -26.54 -53.97
N ASP P 3881 -18.02 -27.35 -54.27
CA ASP P 3881 -16.64 -26.94 -54.03
C ASP P 3881 -16.31 -25.69 -54.84
N GLU P 3882 -16.78 -25.64 -56.09
CA GLU P 3882 -16.50 -24.49 -56.94
C GLU P 3882 -17.10 -23.22 -56.36
N PHE P 3883 -18.33 -23.30 -55.87
CA PHE P 3883 -18.97 -22.10 -55.30
C PHE P 3883 -18.30 -21.69 -54.00
N THR P 3884 -17.91 -22.67 -53.17
CA THR P 3884 -17.20 -22.34 -51.94
C THR P 3884 -15.89 -21.63 -52.24
N GLN P 3885 -15.13 -22.15 -53.20
CA GLN P 3885 -13.88 -21.51 -53.60
C GLN P 3885 -14.13 -20.13 -54.18
N ASP P 3886 -15.18 -19.95 -54.97
CA ASP P 3886 -15.48 -18.63 -55.51
C ASP P 3886 -15.79 -17.63 -54.39
N LEU P 3887 -16.61 -18.04 -53.42
CA LEU P 3887 -16.92 -17.16 -52.30
C LEU P 3887 -15.67 -16.75 -51.55
N PHE P 3888 -14.84 -17.73 -51.18
CA PHE P 3888 -13.66 -17.40 -50.39
C PHE P 3888 -12.63 -16.64 -51.21
N ARG P 3889 -12.56 -16.87 -52.52
CA ARG P 3889 -11.67 -16.09 -53.37
C ARG P 3889 -12.14 -14.65 -53.46
N PHE P 3890 -13.45 -14.44 -53.55
CA PHE P 3890 -13.98 -13.08 -53.53
C PHE P 3890 -13.61 -12.37 -52.23
N LEU P 3891 -13.79 -13.05 -51.10
CA LEU P 3891 -13.45 -12.42 -49.83
C LEU P 3891 -11.95 -12.15 -49.72
N GLN P 3892 -11.12 -13.04 -50.25
CA GLN P 3892 -9.68 -12.79 -50.27
C GLN P 3892 -9.33 -11.61 -51.15
N LEU P 3893 -9.90 -11.55 -52.35
CA LEU P 3893 -9.61 -10.46 -53.27
C LEU P 3893 -10.02 -9.13 -52.67
N LEU P 3894 -11.06 -9.12 -51.84
CA LEU P 3894 -11.43 -7.89 -51.17
C LEU P 3894 -10.28 -7.31 -50.36
N CYS P 3895 -9.54 -8.17 -49.65
CA CYS P 3895 -8.48 -7.74 -48.75
C CYS P 3895 -7.08 -7.81 -49.37
N GLU P 3896 -6.94 -8.30 -50.60
CA GLU P 3896 -5.62 -8.38 -51.20
C GLU P 3896 -5.00 -6.99 -51.30
N GLY P 3897 -3.68 -6.93 -51.10
CA GLY P 3897 -2.97 -5.68 -51.06
C GLY P 3897 -2.80 -5.09 -49.68
N HIS P 3898 -3.11 -5.85 -48.63
CA HIS P 3898 -3.05 -5.36 -47.26
C HIS P 3898 -3.97 -4.16 -47.06
N ASN P 3899 -5.21 -4.30 -47.53
CA ASN P 3899 -6.18 -3.22 -47.38
C ASN P 3899 -6.72 -3.20 -45.95
N ASN P 3900 -6.18 -2.29 -45.15
CA ASN P 3900 -6.54 -2.22 -43.74
C ASN P 3900 -8.02 -1.94 -43.57
N ASP P 3901 -8.59 -1.11 -44.44
CA ASP P 3901 -10.00 -0.75 -44.28
C ASP P 3901 -10.90 -1.97 -44.40
N PHE P 3902 -10.73 -2.78 -45.43
CA PHE P 3902 -11.50 -4.02 -45.52
C PHE P 3902 -11.13 -4.99 -44.40
N GLN P 3903 -9.84 -5.09 -44.08
CA GLN P 3903 -9.43 -6.02 -43.04
C GLN P 3903 -10.12 -5.71 -41.71
N ASN P 3904 -10.49 -4.44 -41.51
CA ASN P 3904 -11.22 -4.07 -40.30
C ASN P 3904 -12.73 -4.18 -40.50
N TYR P 3905 -13.21 -3.81 -41.69
CA TYR P 3905 -14.65 -3.84 -41.95
C TYR P 3905 -15.21 -5.25 -41.88
N LEU P 3906 -14.50 -6.22 -42.45
CA LEU P 3906 -14.98 -7.61 -42.41
C LEU P 3906 -15.10 -8.11 -40.99
N ARG P 3907 -14.38 -7.51 -40.04
CA ARG P 3907 -14.48 -7.91 -38.65
C ARG P 3907 -15.60 -7.16 -37.94
N THR P 3908 -15.65 -5.84 -38.11
CA THR P 3908 -16.69 -5.03 -37.48
C THR P 3908 -17.13 -3.94 -38.43
N GLN P 3909 -18.44 -3.80 -38.62
CA GLN P 3909 -19.02 -2.72 -39.40
C GLN P 3909 -19.52 -1.64 -38.44
N THR P 3910 -18.83 -0.51 -38.40
CA THR P 3910 -19.13 0.51 -37.41
C THR P 3910 -20.50 1.15 -37.65
N GLY P 3911 -20.84 1.46 -38.90
CA GLY P 3911 -22.06 2.20 -39.17
C GLY P 3911 -23.32 1.35 -39.10
N ASN P 3912 -23.21 0.06 -39.36
CA ASN P 3912 -24.40 -0.78 -39.44
C ASN P 3912 -25.03 -0.96 -38.07
N THR P 3913 -26.33 -1.29 -38.09
CA THR P 3913 -27.05 -1.53 -36.84
C THR P 3913 -26.49 -2.76 -36.12
N THR P 3914 -26.16 -3.81 -36.87
CA THR P 3914 -25.57 -5.02 -36.31
C THR P 3914 -24.36 -5.42 -37.13
N THR P 3915 -23.38 -6.03 -36.49
CA THR P 3915 -22.16 -6.46 -37.14
C THR P 3915 -22.07 -7.97 -37.23
N ILE P 3916 -21.38 -8.45 -38.26
CA ILE P 3916 -21.13 -9.87 -38.46
C ILE P 3916 -19.63 -10.06 -38.61
N ASN P 3917 -19.07 -11.02 -37.88
CA ASN P 3917 -17.63 -11.27 -37.89
C ASN P 3917 -17.32 -12.29 -38.97
N ILE P 3918 -16.99 -11.78 -40.16
CA ILE P 3918 -16.68 -12.66 -41.28
C ILE P 3918 -15.45 -13.50 -40.98
N ILE P 3919 -14.53 -12.97 -40.18
CA ILE P 3919 -13.34 -13.73 -39.81
C ILE P 3919 -13.74 -14.97 -39.02
N ILE P 3920 -14.62 -14.80 -38.03
CA ILE P 3920 -15.06 -15.93 -37.22
C ILE P 3920 -15.90 -16.88 -38.04
N CYS P 3921 -16.68 -16.36 -39.00
CA CYS P 3921 -17.43 -17.24 -39.88
C CYS P 3921 -16.50 -18.13 -40.71
N THR P 3922 -15.43 -17.53 -41.24
CA THR P 3922 -14.43 -18.30 -41.98
C THR P 3922 -13.80 -19.36 -41.08
N VAL P 3923 -13.47 -18.98 -39.85
CA VAL P 3923 -12.89 -19.94 -38.91
C VAL P 3923 -13.84 -21.10 -38.66
N ASP P 3924 -15.13 -20.80 -38.49
CA ASP P 3924 -16.11 -21.85 -38.25
C ASP P 3924 -16.21 -22.80 -39.44
N TYR P 3925 -16.23 -22.26 -40.66
CA TYR P 3925 -16.26 -23.13 -41.82
C TYR P 3925 -14.99 -23.98 -41.89
N LEU P 3926 -13.85 -23.39 -41.57
CA LEU P 3926 -12.59 -24.16 -41.57
C LEU P 3926 -12.65 -25.29 -40.56
N LEU P 3927 -13.26 -25.04 -39.39
CA LEU P 3927 -13.40 -26.09 -38.39
C LEU P 3927 -14.31 -27.21 -38.88
N ARG P 3928 -15.42 -26.85 -39.52
CA ARG P 3928 -16.28 -27.88 -40.10
C ARG P 3928 -15.51 -28.71 -41.12
N LEU P 3929 -14.72 -28.04 -41.96
CA LEU P 3929 -13.93 -28.74 -42.97
C LEU P 3929 -12.91 -29.68 -42.32
N GLN P 3930 -12.25 -29.24 -41.25
CA GLN P 3930 -11.21 -30.08 -40.64
C GLN P 3930 -11.84 -31.27 -39.95
N GLU P 3931 -13.01 -31.10 -39.34
CA GLU P 3931 -13.71 -32.26 -38.80
C GLU P 3931 -14.06 -33.25 -39.91
N SER P 3932 -14.56 -32.74 -41.03
CA SER P 3932 -14.91 -33.64 -42.14
C SER P 3932 -13.68 -34.39 -42.65
N ILE P 3933 -12.56 -33.68 -42.80
CA ILE P 3933 -11.35 -34.31 -43.32
C ILE P 3933 -10.82 -35.34 -42.33
N SER P 3934 -10.87 -35.04 -41.03
CA SER P 3934 -10.45 -36.02 -40.03
C SER P 3934 -11.32 -37.26 -40.07
N ASP P 3935 -12.64 -37.09 -40.21
CA ASP P 3935 -13.52 -38.25 -40.33
C ASP P 3935 -13.17 -39.08 -41.55
N PHE P 3936 -12.91 -38.42 -42.69
CA PHE P 3936 -12.58 -39.15 -43.91
C PHE P 3936 -11.26 -39.90 -43.75
N TYR P 3937 -10.27 -39.28 -43.11
CA TYR P 3937 -9.01 -39.97 -42.87
C TYR P 3937 -9.19 -41.15 -41.95
N TRP P 3938 -10.03 -41.02 -40.92
CA TRP P 3938 -10.30 -42.16 -40.06
C TRP P 3938 -10.99 -43.28 -40.83
N TYR P 3939 -11.85 -42.91 -41.78
CA TYR P 3939 -12.47 -43.91 -42.65
C TYR P 3939 -11.42 -44.68 -43.44
N TYR P 3940 -10.45 -43.97 -44.02
CA TYR P 3940 -9.47 -44.60 -44.89
C TYR P 3940 -8.20 -45.07 -44.16
N SER P 3941 -8.14 -44.92 -42.84
CA SER P 3941 -6.95 -45.36 -42.11
C SER P 3941 -6.74 -46.87 -42.22
N GLY P 3942 -7.80 -47.66 -42.09
CA GLY P 3942 -7.64 -49.10 -42.11
C GLY P 3942 -7.17 -49.62 -43.47
N LYS P 3943 -7.75 -49.08 -44.54
CA LYS P 3943 -7.41 -49.54 -45.88
C LYS P 3943 -5.94 -49.24 -46.19
N ASP P 3944 -5.29 -50.19 -46.86
CA ASP P 3944 -3.87 -50.03 -47.16
C ASP P 3944 -3.63 -49.02 -48.28
N VAL P 3945 -4.46 -49.04 -49.33
CA VAL P 3945 -4.29 -48.18 -50.49
C VAL P 3945 -5.58 -47.40 -50.70
N ILE P 3946 -5.45 -46.08 -50.84
CA ILE P 3946 -6.62 -45.22 -51.08
C ILE P 3946 -7.03 -45.34 -52.54
N GLU P 3947 -8.33 -45.48 -52.77
CA GLU P 3947 -8.85 -45.65 -54.12
C GLU P 3947 -8.94 -44.30 -54.84
N GLU P 3948 -9.25 -44.38 -56.14
CA GLU P 3948 -9.26 -43.18 -56.98
C GLU P 3948 -10.30 -42.16 -56.52
N GLN P 3949 -11.51 -42.63 -56.17
CA GLN P 3949 -12.54 -41.71 -55.71
C GLN P 3949 -12.15 -41.06 -54.40
N GLY P 3950 -11.55 -41.84 -53.49
CA GLY P 3950 -11.05 -41.25 -52.25
C GLY P 3950 -10.01 -40.19 -52.49
N LYS P 3951 -9.08 -40.45 -53.43
CA LYS P 3951 -8.07 -39.45 -53.75
C LYS P 3951 -8.71 -38.20 -54.34
N ARG P 3952 -9.71 -38.37 -55.19
CA ARG P 3952 -10.38 -37.21 -55.79
C ARG P 3952 -11.08 -36.37 -54.72
N ASN P 3953 -11.79 -37.03 -53.81
CA ASN P 3953 -12.47 -36.30 -52.74
C ASN P 3953 -11.46 -35.59 -51.84
N PHE P 3954 -10.36 -36.27 -51.51
CA PHE P 3954 -9.29 -35.61 -50.76
C PHE P 3954 -8.78 -34.38 -51.50
N SER P 3955 -8.58 -34.49 -52.81
CA SER P 3955 -8.05 -33.37 -53.58
C SER P 3955 -8.99 -32.18 -53.50
N LYS P 3956 -10.29 -32.40 -53.68
CA LYS P 3956 -11.24 -31.29 -53.59
C LYS P 3956 -11.22 -30.67 -52.20
N ALA P 3957 -11.23 -31.51 -51.16
CA ALA P 3957 -11.25 -30.99 -49.80
C ALA P 3957 -10.00 -30.16 -49.50
N MET P 3958 -8.83 -30.64 -49.92
CA MET P 3958 -7.60 -29.92 -49.66
C MET P 3958 -7.54 -28.62 -50.47
N SER P 3959 -8.09 -28.62 -51.69
CA SER P 3959 -8.15 -27.38 -52.45
C SER P 3959 -8.99 -26.34 -51.71
N VAL P 3960 -10.15 -26.75 -51.21
CA VAL P 3960 -11.01 -25.81 -50.50
C VAL P 3960 -10.32 -25.31 -49.23
N ALA P 3961 -9.66 -26.21 -48.50
CA ALA P 3961 -8.94 -25.82 -47.29
C ALA P 3961 -7.82 -24.84 -47.61
N LYS P 3962 -7.10 -25.08 -48.71
CA LYS P 3962 -6.05 -24.17 -49.14
C LYS P 3962 -6.62 -22.79 -49.42
N GLN P 3963 -7.76 -22.72 -50.10
CA GLN P 3963 -8.36 -21.42 -50.37
C GLN P 3963 -8.76 -20.71 -49.07
N VAL P 3964 -9.32 -21.47 -48.12
CA VAL P 3964 -9.73 -20.86 -46.85
C VAL P 3964 -8.52 -20.32 -46.10
N PHE P 3965 -7.42 -21.09 -46.08
CA PHE P 3965 -6.20 -20.61 -45.43
C PHE P 3965 -5.68 -19.36 -46.12
N ASN P 3966 -5.70 -19.32 -47.45
CA ASN P 3966 -5.26 -18.12 -48.14
C ASN P 3966 -6.11 -16.91 -47.76
N SER P 3967 -7.42 -17.12 -47.63
CA SER P 3967 -8.31 -16.04 -47.22
C SER P 3967 -7.98 -15.55 -45.81
N LEU P 3968 -7.74 -16.48 -44.88
CA LEU P 3968 -7.39 -16.06 -43.51
C LEU P 3968 -6.07 -15.30 -43.49
N THR P 3969 -5.08 -15.79 -44.23
CA THR P 3969 -3.81 -15.08 -44.30
C THR P 3969 -3.99 -13.68 -44.86
N GLU P 3970 -4.84 -13.54 -45.88
CA GLU P 3970 -5.11 -12.21 -46.43
C GLU P 3970 -5.80 -11.32 -45.41
N TYR P 3971 -6.70 -11.90 -44.60
CA TYR P 3971 -7.34 -11.13 -43.54
C TYR P 3971 -6.32 -10.58 -42.56
N ILE P 3972 -5.37 -11.41 -42.14
CA ILE P 3972 -4.51 -11.02 -41.02
C ILE P 3972 -3.25 -10.26 -41.45
N GLN P 3973 -2.76 -10.46 -42.68
CA GLN P 3973 -1.52 -9.80 -43.07
C GLN P 3973 -1.70 -8.29 -43.15
N GLY P 3974 -0.60 -7.56 -43.00
CA GLY P 3974 -0.58 -6.13 -43.14
C GLY P 3974 0.24 -5.41 -42.09
N PRO P 3975 0.20 -5.86 -40.83
CA PRO P 3975 -0.73 -6.77 -40.15
C PRO P 3975 -2.01 -6.04 -39.74
N CYS P 3976 -3.08 -6.79 -39.50
CA CYS P 3976 -4.31 -6.25 -38.91
C CYS P 3976 -4.40 -6.75 -37.47
N THR P 3977 -4.13 -5.87 -36.51
CA THR P 3977 -4.11 -6.28 -35.11
C THR P 3977 -5.48 -6.78 -34.67
N GLY P 3978 -6.54 -6.11 -35.10
CA GLY P 3978 -7.88 -6.55 -34.72
C GLY P 3978 -8.19 -7.95 -35.20
N ASN P 3979 -7.88 -8.24 -36.46
CA ASN P 3979 -8.13 -9.58 -36.99
C ASN P 3979 -7.22 -10.61 -36.32
N GLN P 3980 -5.98 -10.24 -36.05
CA GLN P 3980 -5.08 -11.16 -35.35
C GLN P 3980 -5.65 -11.54 -33.98
N GLN P 3981 -6.10 -10.55 -33.22
CA GLN P 3981 -6.66 -10.81 -31.90
C GLN P 3981 -7.94 -11.63 -32.02
N SER P 3982 -8.78 -11.31 -33.01
CA SER P 3982 -10.02 -12.04 -33.19
C SER P 3982 -9.74 -13.52 -33.47
N LEU P 3983 -8.80 -13.81 -34.37
CA LEU P 3983 -8.47 -15.20 -34.64
C LEU P 3983 -7.85 -15.87 -33.42
N ALA P 3984 -7.00 -15.15 -32.70
CA ALA P 3984 -6.38 -15.73 -31.51
C ALA P 3984 -7.45 -16.15 -30.50
N HIS P 3985 -8.46 -15.32 -30.30
CA HIS P 3985 -9.53 -15.68 -29.37
C HIS P 3985 -10.51 -16.69 -29.99
N SER P 3986 -10.50 -16.83 -31.31
CA SER P 3986 -11.42 -17.74 -31.98
C SER P 3986 -10.96 -19.20 -31.80
N ARG P 3987 -11.68 -20.10 -32.45
CA ARG P 3987 -11.40 -21.53 -32.42
C ARG P 3987 -10.47 -21.99 -33.53
N LEU P 3988 -9.64 -21.10 -34.06
CA LEU P 3988 -8.70 -21.51 -35.11
C LEU P 3988 -7.72 -22.55 -34.59
N TRP P 3989 -7.39 -22.49 -33.31
CA TRP P 3989 -6.35 -23.37 -32.76
C TRP P 3989 -6.76 -24.83 -32.85
N ASP P 3990 -8.02 -25.15 -32.54
CA ASP P 3990 -8.49 -26.52 -32.65
C ASP P 3990 -8.43 -27.04 -34.09
N ALA P 3991 -8.81 -26.20 -35.06
CA ALA P 3991 -8.70 -26.60 -36.45
C ALA P 3991 -7.26 -26.87 -36.85
N VAL P 3992 -6.34 -26.02 -36.36
CA VAL P 3992 -4.93 -26.23 -36.68
C VAL P 3992 -4.44 -27.53 -36.06
N VAL P 3993 -4.92 -27.86 -34.85
CA VAL P 3993 -4.55 -29.13 -34.23
C VAL P 3993 -5.05 -30.31 -35.07
N GLY P 3994 -6.30 -30.23 -35.52
CA GLY P 3994 -6.83 -31.30 -36.36
C GLY P 3994 -6.03 -31.47 -37.65
N PHE P 3995 -5.69 -30.35 -38.29
CA PHE P 3995 -4.80 -30.42 -39.45
C PHE P 3995 -3.44 -31.00 -39.11
N LEU P 3996 -2.89 -30.68 -37.94
CA LEU P 3996 -1.58 -31.24 -37.60
C LEU P 3996 -1.66 -32.76 -37.49
N HIS P 3997 -2.67 -33.26 -36.79
CA HIS P 3997 -2.85 -34.71 -36.67
C HIS P 3997 -3.04 -35.35 -38.05
N VAL P 3998 -3.95 -34.81 -38.84
CA VAL P 3998 -4.25 -35.38 -40.14
C VAL P 3998 -3.01 -35.34 -41.03
N PHE P 3999 -2.27 -34.23 -41.00
CA PHE P 3999 -1.10 -34.10 -41.85
C PHE P 3999 -0.06 -35.15 -41.49
N ALA P 4000 0.23 -35.30 -40.19
CA ALA P 4000 1.24 -36.28 -39.81
C ALA P 4000 0.85 -37.68 -40.28
N HIS P 4001 -0.36 -38.11 -39.93
CA HIS P 4001 -0.75 -39.49 -40.26
C HIS P 4001 -0.86 -39.68 -41.78
N MET P 4002 -1.39 -38.70 -42.49
CA MET P 4002 -1.56 -38.83 -43.93
C MET P 4002 -0.22 -38.82 -44.65
N MET P 4003 0.74 -38.01 -44.19
CA MET P 4003 2.06 -38.06 -44.80
C MET P 4003 2.67 -39.44 -44.61
N MET P 4004 2.58 -40.00 -43.41
CA MET P 4004 3.12 -41.36 -43.25
C MET P 4004 2.45 -42.35 -44.20
N LYS P 4005 1.11 -42.37 -44.20
CA LYS P 4005 0.39 -43.36 -44.99
C LYS P 4005 0.65 -43.18 -46.48
N LEU P 4006 0.64 -41.95 -46.97
CA LEU P 4006 0.85 -41.67 -48.38
C LEU P 4006 2.30 -41.86 -48.82
N ALA P 4007 3.26 -41.61 -47.92
CA ALA P 4007 4.65 -41.92 -48.24
C ALA P 4007 4.89 -43.41 -48.33
N GLN P 4008 4.17 -44.21 -47.53
CA GLN P 4008 4.33 -45.66 -47.68
C GLN P 4008 3.96 -46.14 -49.08
N ASP P 4009 3.18 -45.37 -49.83
CA ASP P 4009 2.73 -45.75 -51.17
C ASP P 4009 3.25 -44.76 -52.19
N SER P 4010 3.79 -45.28 -53.30
CA SER P 4010 4.37 -44.41 -54.33
C SER P 4010 3.32 -43.83 -55.27
N SER P 4011 2.25 -44.58 -55.56
CA SER P 4011 1.27 -44.12 -56.54
C SER P 4011 0.59 -42.83 -56.09
N GLN P 4012 0.54 -42.57 -54.79
CA GLN P 4012 -0.16 -41.42 -54.23
C GLN P 4012 0.76 -40.21 -54.05
N ILE P 4013 1.82 -40.12 -54.87
CA ILE P 4013 2.79 -39.05 -54.71
C ILE P 4013 2.14 -37.69 -54.98
N GLU P 4014 1.27 -37.62 -55.99
CA GLU P 4014 0.62 -36.35 -56.30
C GLU P 4014 -0.24 -35.87 -55.13
N LEU P 4015 -1.00 -36.79 -54.53
CA LEU P 4015 -1.80 -36.41 -53.38
C LEU P 4015 -0.91 -35.98 -52.21
N LEU P 4016 0.23 -36.65 -52.03
CA LEU P 4016 1.15 -36.24 -50.98
C LEU P 4016 1.68 -34.82 -51.23
N LYS P 4017 2.01 -34.51 -52.48
CA LYS P 4017 2.44 -33.16 -52.82
C LYS P 4017 1.36 -32.14 -52.50
N GLU P 4018 0.11 -32.45 -52.85
CA GLU P 4018 -0.99 -31.54 -52.56
C GLU P 4018 -1.14 -31.33 -51.06
N LEU P 4019 -1.04 -32.40 -50.29
CA LEU P 4019 -1.14 -32.28 -48.83
C LEU P 4019 -0.01 -31.44 -48.26
N LEU P 4020 1.21 -31.61 -48.79
CA LEU P 4020 2.33 -30.82 -48.34
C LEU P 4020 2.13 -29.35 -48.67
N ASP P 4021 1.56 -29.05 -49.84
CA ASP P 4021 1.27 -27.66 -50.18
C ASP P 4021 0.24 -27.06 -49.22
N LEU P 4022 -0.80 -27.84 -48.88
CA LEU P 4022 -1.77 -27.36 -47.90
C LEU P 4022 -1.11 -27.09 -46.55
N GLN P 4023 -0.20 -27.98 -46.14
CA GLN P 4023 0.54 -27.76 -44.90
C GLN P 4023 1.36 -26.49 -44.96
N LYS P 4024 1.99 -26.23 -46.11
CA LYS P 4024 2.76 -25.00 -46.27
C LYS P 4024 1.86 -23.77 -46.11
N ASP P 4025 0.67 -23.82 -46.69
CA ASP P 4025 -0.25 -22.69 -46.55
C ASP P 4025 -0.66 -22.50 -45.10
N MET P 4026 -0.90 -23.60 -44.38
CA MET P 4026 -1.24 -23.49 -42.96
C MET P 4026 -0.11 -22.84 -42.18
N VAL P 4027 1.14 -23.24 -42.47
CA VAL P 4027 2.28 -22.65 -41.76
C VAL P 4027 2.42 -21.17 -42.11
N VAL P 4028 2.15 -20.81 -43.36
CA VAL P 4028 2.22 -19.40 -43.75
C VAL P 4028 1.18 -18.60 -42.97
N MET P 4029 -0.02 -19.14 -42.83
CA MET P 4029 -1.05 -18.47 -42.03
C MET P 4029 -0.59 -18.32 -40.59
N LEU P 4030 0.00 -19.37 -40.02
CA LEU P 4030 0.48 -19.29 -38.64
C LEU P 4030 1.55 -18.21 -38.48
N LEU P 4031 2.47 -18.10 -39.43
CA LEU P 4031 3.47 -17.03 -39.39
C LEU P 4031 2.87 -15.65 -39.54
N SER P 4032 1.91 -15.49 -40.46
CA SER P 4032 1.22 -14.21 -40.61
C SER P 4032 0.53 -13.83 -39.31
N LEU P 4033 0.07 -14.82 -38.53
CA LEU P 4033 -0.44 -14.52 -37.20
C LEU P 4033 0.64 -13.91 -36.32
N LEU P 4034 1.87 -14.41 -36.43
CA LEU P 4034 2.97 -13.94 -35.59
C LEU P 4034 3.58 -12.63 -36.08
N GLU P 4035 3.26 -12.18 -37.28
CA GLU P 4035 3.76 -10.87 -37.73
C GLU P 4035 3.49 -9.81 -36.67
N GLY P 4036 4.51 -9.02 -36.36
CA GLY P 4036 4.37 -7.94 -35.40
C GLY P 4036 4.22 -8.37 -33.96
N ASN P 4037 4.71 -9.55 -33.61
CA ASN P 4037 4.55 -10.06 -32.26
C ASN P 4037 5.47 -9.34 -31.28
N VAL P 4038 5.10 -9.40 -30.00
CA VAL P 4038 5.92 -8.87 -28.92
C VAL P 4038 6.40 -10.05 -28.08
N VAL P 4039 7.50 -9.83 -27.35
CA VAL P 4039 8.02 -10.87 -26.48
C VAL P 4039 6.97 -11.23 -25.44
N ASN P 4040 6.80 -12.53 -25.20
CA ASN P 4040 5.75 -13.03 -24.31
C ASN P 4040 4.39 -12.53 -24.75
N GLY P 4041 4.18 -12.48 -26.07
CA GLY P 4041 2.91 -12.02 -26.59
C GLY P 4041 1.79 -13.02 -26.38
N MET P 4042 0.57 -12.49 -26.37
CA MET P 4042 -0.60 -13.34 -26.18
C MET P 4042 -0.73 -14.37 -27.30
N ILE P 4043 -0.55 -13.92 -28.54
CA ILE P 4043 -0.66 -14.84 -29.68
C ILE P 4043 0.46 -15.88 -29.63
N ALA P 4044 1.67 -15.44 -29.29
CA ALA P 4044 2.78 -16.38 -29.22
C ALA P 4044 2.53 -17.44 -28.15
N ARG P 4045 2.06 -17.03 -26.97
CA ARG P 4045 1.77 -17.99 -25.92
C ARG P 4045 0.64 -18.93 -26.33
N GLN P 4046 -0.38 -18.42 -27.01
CA GLN P 4046 -1.46 -19.27 -27.47
C GLN P 4046 -0.95 -20.30 -28.47
N MET P 4047 -0.06 -19.89 -29.37
CA MET P 4047 0.48 -20.82 -30.36
C MET P 4047 1.37 -21.87 -29.71
N VAL P 4048 2.14 -21.47 -28.69
CA VAL P 4048 2.95 -22.43 -27.95
C VAL P 4048 2.04 -23.44 -27.25
N ASP P 4049 0.93 -22.97 -26.69
CA ASP P 4049 -0.03 -23.87 -26.07
C ASP P 4049 -0.61 -24.84 -27.09
N MET P 4050 -0.93 -24.35 -28.29
CA MET P 4050 -1.39 -25.22 -29.35
C MET P 4050 -0.35 -26.30 -29.66
N LEU P 4051 0.91 -25.90 -29.80
CA LEU P 4051 1.95 -26.87 -30.14
C LEU P 4051 2.10 -27.90 -29.03
N VAL P 4052 2.00 -27.46 -27.78
CA VAL P 4052 2.07 -28.40 -26.66
C VAL P 4052 0.92 -29.39 -26.71
N GLU P 4053 -0.29 -28.89 -27.02
CA GLU P 4053 -1.44 -29.79 -27.14
C GLU P 4053 -1.23 -30.80 -28.26
N SER P 4054 -0.70 -30.35 -29.39
CA SER P 4054 -0.46 -31.22 -30.54
C SER P 4054 0.95 -31.78 -30.57
N SER P 4055 1.60 -31.90 -29.42
CA SER P 4055 2.98 -32.37 -29.31
C SER P 4055 3.29 -33.55 -30.23
N SER P 4056 2.57 -34.66 -30.05
CA SER P 4056 2.94 -35.90 -30.73
C SER P 4056 2.91 -35.73 -32.24
N ASN P 4057 1.86 -35.09 -32.78
CA ASN P 4057 1.75 -34.95 -34.22
C ASN P 4057 2.85 -34.05 -34.78
N VAL P 4058 3.16 -32.96 -34.08
CA VAL P 4058 4.27 -32.10 -34.50
C VAL P 4058 5.58 -32.88 -34.46
N GLU P 4059 5.74 -33.73 -33.45
CA GLU P 4059 6.94 -34.58 -33.38
C GLU P 4059 7.03 -35.49 -34.58
N MET P 4060 5.90 -36.09 -34.98
CA MET P 4060 5.90 -36.96 -36.16
C MET P 4060 6.25 -36.18 -37.42
N ILE P 4061 5.70 -34.97 -37.56
CA ILE P 4061 5.99 -34.16 -38.74
C ILE P 4061 7.48 -33.84 -38.79
N LEU P 4062 8.04 -33.41 -37.67
CA LEU P 4062 9.46 -33.08 -37.62
C LEU P 4062 10.31 -34.31 -37.92
N LYS P 4063 9.92 -35.46 -37.39
CA LYS P 4063 10.66 -36.70 -37.66
C LYS P 4063 10.63 -37.04 -39.14
N PHE P 4064 9.47 -36.91 -39.77
CA PHE P 4064 9.37 -37.16 -41.21
C PHE P 4064 10.32 -36.27 -41.99
N PHE P 4065 10.26 -34.96 -41.75
CA PHE P 4065 11.14 -34.05 -42.48
C PHE P 4065 12.60 -34.36 -42.20
N ASP P 4066 12.94 -34.64 -40.95
CA ASP P 4066 14.32 -34.95 -40.59
C ASP P 4066 14.80 -36.19 -41.32
N MET P 4067 14.02 -37.27 -41.27
CA MET P 4067 14.45 -38.51 -41.93
C MET P 4067 14.64 -38.32 -43.42
N PHE P 4068 13.67 -37.70 -44.09
CA PHE P 4068 13.76 -37.61 -45.55
C PHE P 4068 14.61 -36.44 -46.03
N LEU P 4069 15.15 -35.62 -45.13
CA LEU P 4069 16.27 -34.76 -45.51
C LEU P 4069 17.62 -35.43 -45.24
N LYS P 4070 17.73 -36.11 -44.10
CA LYS P 4070 18.97 -36.80 -43.75
C LYS P 4070 19.28 -37.94 -44.72
N LEU P 4071 18.24 -38.50 -45.35
CA LEU P 4071 18.47 -39.54 -46.34
C LEU P 4071 19.38 -39.06 -47.46
N LYS P 4072 19.25 -37.79 -47.85
CA LYS P 4072 20.10 -37.23 -48.89
C LYS P 4072 21.58 -37.29 -48.52
N ASP P 4073 21.91 -37.34 -47.23
CA ASP P 4073 23.29 -37.38 -46.77
C ASP P 4073 23.76 -38.79 -46.43
N ILE P 4074 22.94 -39.58 -45.73
CA ILE P 4074 23.34 -40.93 -45.37
C ILE P 4074 23.62 -41.75 -46.62
N VAL P 4075 22.94 -41.45 -47.73
CA VAL P 4075 23.22 -42.13 -48.98
C VAL P 4075 24.66 -41.90 -49.41
N GLY P 4076 25.13 -40.65 -49.30
CA GLY P 4076 26.51 -40.36 -49.67
C GLY P 4076 27.51 -40.90 -48.67
N SER P 4077 27.04 -41.35 -47.52
CA SER P 4077 27.95 -41.88 -46.50
C SER P 4077 28.77 -43.03 -47.06
N GLU P 4078 30.07 -43.00 -46.79
CA GLU P 4078 30.95 -44.04 -47.30
C GLU P 4078 30.59 -45.41 -46.73
N ALA P 4079 30.13 -45.44 -45.48
CA ALA P 4079 29.73 -46.71 -44.87
C ALA P 4079 28.58 -47.34 -45.63
N PHE P 4080 27.58 -46.55 -46.01
CA PHE P 4080 26.45 -47.08 -46.77
C PHE P 4080 26.88 -47.44 -48.18
N GLN P 4081 27.75 -46.63 -48.79
CA GLN P 4081 28.25 -46.97 -50.11
C GLN P 4081 29.04 -48.28 -50.07
N ASP P 4082 29.64 -48.60 -48.93
CA ASP P 4082 30.30 -49.90 -48.78
C ASP P 4082 29.28 -51.04 -48.83
N TYR P 4083 28.15 -50.89 -48.14
CA TYR P 4083 27.10 -51.90 -48.22
C TYR P 4083 26.54 -52.00 -49.63
N VAL P 4084 26.57 -50.89 -50.38
CA VAL P 4084 26.18 -50.95 -51.78
C VAL P 4084 27.10 -51.92 -52.51
N THR P 4085 26.50 -52.87 -53.23
CA THR P 4085 27.26 -53.87 -53.97
C THR P 4085 26.79 -54.07 -55.41
N ASP P 4086 25.64 -53.49 -55.80
CA ASP P 4086 25.11 -53.70 -57.14
C ASP P 4086 25.76 -52.74 -58.12
N PRO P 4087 26.39 -53.20 -59.21
CA PRO P 4087 27.02 -52.26 -60.15
C PRO P 4087 26.05 -51.22 -60.69
N ARG P 4088 24.79 -51.60 -60.92
CA ARG P 4088 23.81 -50.64 -61.42
C ARG P 4088 23.39 -49.63 -60.36
N GLY P 4089 23.78 -49.85 -59.09
CA GLY P 4089 23.47 -48.94 -58.01
C GLY P 4089 22.27 -49.34 -57.18
N LEU P 4090 21.54 -50.38 -57.58
CA LEU P 4090 20.36 -50.78 -56.83
C LEU P 4090 20.77 -51.64 -55.63
N ILE P 4091 20.67 -51.07 -54.44
CA ILE P 4091 21.08 -51.73 -53.21
C ILE P 4091 20.03 -52.76 -52.81
N SER P 4092 20.49 -53.85 -52.22
CA SER P 4092 19.59 -54.86 -51.68
C SER P 4092 18.93 -54.35 -50.41
N LYS P 4093 17.73 -54.87 -50.13
CA LYS P 4093 17.02 -54.47 -48.92
C LYS P 4093 17.83 -54.77 -47.67
N LYS P 4094 18.41 -55.97 -47.61
CA LYS P 4094 19.18 -56.36 -46.43
C LYS P 4094 20.40 -55.48 -46.25
N ASP P 4095 21.12 -55.19 -47.35
CA ASP P 4095 22.30 -54.34 -47.25
C ASP P 4095 21.92 -52.93 -46.83
N PHE P 4096 20.82 -52.41 -47.36
CA PHE P 4096 20.35 -51.08 -46.99
C PHE P 4096 20.00 -51.01 -45.50
N GLN P 4097 19.27 -52.02 -45.01
CA GLN P 4097 18.91 -52.07 -43.61
C GLN P 4097 20.15 -52.18 -42.73
N LYS P 4098 21.10 -53.04 -43.12
CA LYS P 4098 22.33 -53.18 -42.33
C LYS P 4098 23.14 -51.89 -42.34
N ALA P 4099 23.17 -51.18 -43.48
CA ALA P 4099 23.89 -49.92 -43.55
C ALA P 4099 23.34 -48.93 -42.53
N MET P 4100 22.01 -48.77 -42.50
CA MET P 4100 21.46 -47.84 -41.52
C MET P 4100 21.66 -48.34 -40.09
N ASP P 4101 21.53 -49.66 -39.88
CA ASP P 4101 21.71 -50.21 -38.54
C ASP P 4101 23.13 -49.96 -38.02
N SER P 4102 24.13 -50.07 -38.88
CA SER P 4102 25.50 -49.77 -38.54
C SER P 4102 25.74 -48.28 -38.35
N GLN P 4103 25.11 -47.43 -39.17
CA GLN P 4103 25.25 -45.99 -39.00
C GLN P 4103 24.68 -45.54 -37.66
N LYS P 4104 23.58 -46.17 -37.20
CA LYS P 4104 22.92 -45.88 -35.94
C LYS P 4104 22.23 -44.52 -35.92
N GLN P 4105 22.31 -43.74 -37.01
CA GLN P 4105 21.53 -42.51 -37.10
C GLN P 4105 20.05 -42.79 -37.20
N PHE P 4106 19.65 -44.01 -37.57
CA PHE P 4106 18.25 -44.40 -37.66
C PHE P 4106 17.98 -45.48 -36.62
N THR P 4107 16.71 -45.62 -36.25
CA THR P 4107 16.29 -46.61 -35.29
C THR P 4107 15.43 -47.67 -35.97
N GLY P 4108 15.45 -48.89 -35.43
CA GLY P 4108 14.86 -50.04 -36.07
C GLY P 4108 13.57 -49.76 -36.81
N PRO P 4109 12.56 -49.23 -36.11
CA PRO P 4109 11.32 -48.85 -36.80
C PRO P 4109 11.52 -47.82 -37.89
N GLU P 4110 12.48 -46.89 -37.74
CA GLU P 4110 12.74 -45.94 -38.80
C GLU P 4110 13.31 -46.64 -40.03
N ILE P 4111 14.22 -47.59 -39.83
CA ILE P 4111 14.69 -48.41 -40.95
C ILE P 4111 13.54 -49.16 -41.59
N GLN P 4112 12.63 -49.69 -40.78
CA GLN P 4112 11.50 -50.44 -41.34
C GLN P 4112 10.60 -49.53 -42.18
N PHE P 4113 10.34 -48.33 -41.68
CA PHE P 4113 9.51 -47.38 -42.44
C PHE P 4113 10.21 -46.96 -43.73
N LEU P 4114 11.52 -46.73 -43.68
CA LEU P 4114 12.25 -46.43 -44.90
C LEU P 4114 12.20 -47.59 -45.89
N LEU P 4115 12.27 -48.83 -45.39
CA LEU P 4115 12.08 -49.98 -46.27
C LEU P 4115 10.70 -49.95 -46.92
N SER P 4116 9.66 -49.69 -46.12
CA SER P 4116 8.30 -49.65 -46.66
C SER P 4116 8.17 -48.59 -47.74
N CYS P 4117 8.76 -47.42 -47.52
CA CYS P 4117 8.72 -46.33 -48.50
C CYS P 4117 9.75 -46.49 -49.60
N SER P 4118 10.60 -47.51 -49.53
CA SER P 4118 11.72 -47.63 -50.46
C SER P 4118 11.25 -47.76 -51.91
N GLU P 4119 10.04 -48.29 -52.11
CA GLU P 4119 9.54 -48.58 -53.46
C GLU P 4119 10.41 -49.64 -54.15
N ALA P 4120 10.80 -50.66 -53.38
CA ALA P 4120 11.60 -51.75 -53.94
C ALA P 4120 10.75 -52.56 -54.91
N ASP P 4121 11.38 -52.99 -56.01
CA ASP P 4121 10.68 -53.81 -56.99
C ASP P 4121 10.64 -55.27 -56.52
N GLU P 4122 10.15 -56.14 -57.39
CA GLU P 4122 10.09 -57.57 -57.04
C GLU P 4122 11.47 -58.13 -56.73
N ASN P 4123 12.52 -57.53 -57.28
CA ASN P 4123 13.88 -58.00 -57.07
C ASN P 4123 14.50 -57.48 -55.77
N GLU P 4124 13.70 -56.93 -54.87
CA GLU P 4124 14.20 -56.34 -53.62
C GLU P 4124 15.28 -55.31 -53.91
N MET P 4125 15.16 -54.62 -55.04
CA MET P 4125 16.12 -53.62 -55.49
C MET P 4125 15.57 -52.24 -55.22
N ILE P 4126 16.38 -51.38 -54.58
CA ILE P 4126 15.99 -50.03 -54.21
C ILE P 4126 16.85 -49.06 -55.00
N ASN P 4127 16.20 -48.07 -55.62
CA ASN P 4127 16.91 -47.02 -56.35
C ASN P 4127 17.15 -45.86 -55.39
N CYS P 4128 18.39 -45.73 -54.91
CA CYS P 4128 18.69 -44.75 -53.89
C CYS P 4128 18.48 -43.32 -54.39
N GLU P 4129 18.88 -43.04 -55.64
CA GLU P 4129 18.72 -41.69 -56.16
C GLU P 4129 17.26 -41.27 -56.19
N GLU P 4130 16.38 -42.14 -56.70
CA GLU P 4130 14.96 -41.82 -56.70
C GLU P 4130 14.41 -41.73 -55.30
N PHE P 4131 14.82 -42.63 -54.40
CA PHE P 4131 14.33 -42.61 -53.03
C PHE P 4131 14.66 -41.28 -52.36
N ALA P 4132 15.87 -40.76 -52.61
CA ALA P 4132 16.26 -39.50 -52.00
C ALA P 4132 15.57 -38.32 -52.67
N ASN P 4133 15.47 -38.35 -54.01
CA ASN P 4133 14.94 -37.19 -54.73
C ASN P 4133 13.43 -37.05 -54.51
N ARG P 4134 12.72 -38.17 -54.30
CA ARG P 4134 11.27 -38.12 -54.23
C ARG P 4134 10.76 -37.11 -53.20
N PHE P 4135 11.39 -37.06 -52.03
CA PHE P 4135 10.85 -36.32 -50.90
C PHE P 4135 11.79 -35.23 -50.40
N GLN P 4136 12.41 -34.48 -51.31
CA GLN P 4136 13.30 -33.38 -50.94
C GLN P 4136 12.80 -32.03 -51.41
N GLU P 4137 12.20 -31.96 -52.61
CA GLU P 4137 11.78 -30.67 -53.15
C GLU P 4137 10.71 -30.00 -52.30
N PRO P 4138 9.60 -30.65 -51.94
CA PRO P 4138 8.59 -29.99 -51.12
C PRO P 4138 8.97 -29.97 -49.65
N ALA P 4139 9.65 -31.05 -49.23
CA ALA P 4139 10.09 -31.16 -47.85
C ALA P 4139 10.98 -29.98 -47.48
N ARG P 4140 11.83 -29.54 -48.41
CA ARG P 4140 12.69 -28.40 -48.12
C ARG P 4140 11.87 -27.16 -47.79
N ASP P 4141 10.87 -26.85 -48.62
CA ASP P 4141 10.07 -25.64 -48.40
C ASP P 4141 9.31 -25.70 -47.08
N ILE P 4142 8.57 -26.78 -46.86
CA ILE P 4142 7.76 -26.86 -45.64
C ILE P 4142 8.67 -26.94 -44.41
N GLY P 4143 9.81 -27.61 -44.52
CA GLY P 4143 10.73 -27.66 -43.40
C GLY P 4143 11.32 -26.30 -43.08
N PHE P 4144 11.65 -25.52 -44.11
CA PHE P 4144 12.15 -24.17 -43.86
C PHE P 4144 11.10 -23.31 -43.18
N ASN P 4145 9.86 -23.39 -43.65
CA ASN P 4145 8.81 -22.60 -43.01
C ASN P 4145 8.56 -23.04 -41.57
N VAL P 4146 8.59 -24.35 -41.30
CA VAL P 4146 8.41 -24.82 -39.92
C VAL P 4146 9.58 -24.35 -39.06
N ALA P 4147 10.80 -24.39 -39.61
CA ALA P 4147 11.96 -23.92 -38.85
C ALA P 4147 11.84 -22.43 -38.53
N VAL P 4148 11.37 -21.63 -39.50
CA VAL P 4148 11.18 -20.21 -39.25
C VAL P 4148 10.13 -20.00 -38.17
N LEU P 4149 9.04 -20.76 -38.23
CA LEU P 4149 8.01 -20.67 -37.21
C LEU P 4149 8.57 -20.97 -35.82
N LEU P 4150 9.32 -22.08 -35.71
CA LEU P 4150 9.88 -22.46 -34.42
C LEU P 4150 10.89 -21.44 -33.92
N THR P 4151 11.73 -20.91 -34.81
CA THR P 4151 12.69 -19.89 -34.39
C THR P 4151 11.99 -18.64 -33.89
N ASN P 4152 10.97 -18.18 -34.62
CA ASN P 4152 10.22 -17.00 -34.20
C ASN P 4152 9.59 -17.23 -32.83
N LEU P 4153 8.93 -18.38 -32.66
CA LEU P 4153 8.30 -18.68 -31.38
C LEU P 4153 9.33 -18.74 -30.27
N SER P 4154 10.48 -19.36 -30.53
CA SER P 4154 11.51 -19.50 -29.51
C SER P 4154 12.05 -18.14 -29.09
N GLU P 4155 12.29 -17.25 -30.06
CA GLU P 4155 12.89 -15.96 -29.73
C GLU P 4155 11.86 -15.03 -29.08
N HIS P 4156 10.57 -15.24 -29.35
CA HIS P 4156 9.57 -14.34 -28.78
C HIS P 4156 8.99 -14.90 -27.47
N VAL P 4157 9.25 -16.17 -27.17
CA VAL P 4157 8.87 -16.76 -25.89
C VAL P 4157 10.09 -17.47 -25.33
N PRO P 4158 11.01 -16.77 -24.66
CA PRO P 4158 12.32 -17.36 -24.37
C PRO P 4158 12.36 -18.28 -23.17
N HIS P 4159 11.41 -18.14 -22.24
CA HIS P 4159 11.48 -18.83 -20.96
C HIS P 4159 10.48 -19.98 -20.84
N ASP P 4160 9.92 -20.45 -21.94
CA ASP P 4160 8.99 -21.57 -21.88
C ASP P 4160 9.74 -22.89 -22.02
N PRO P 4161 9.66 -23.82 -21.05
CA PRO P 4161 10.41 -25.08 -21.16
C PRO P 4161 9.87 -26.01 -22.24
N ARG P 4162 8.56 -25.98 -22.48
CA ARG P 4162 7.96 -26.86 -23.46
C ARG P 4162 8.46 -26.55 -24.86
N LEU P 4163 8.62 -25.26 -25.18
CA LEU P 4163 9.14 -24.88 -26.49
C LEU P 4163 10.57 -25.36 -26.66
N ARG P 4164 11.38 -25.27 -25.58
CA ARG P 4164 12.73 -25.81 -25.64
C ARG P 4164 12.70 -27.32 -25.86
N ASN P 4165 11.76 -28.01 -25.23
CA ASN P 4165 11.64 -29.45 -25.44
C ASN P 4165 11.35 -29.76 -26.90
N PHE P 4166 10.46 -29.00 -27.53
CA PHE P 4166 10.20 -29.21 -28.95
C PHE P 4166 11.44 -28.88 -29.78
N LEU P 4167 12.14 -27.81 -29.46
CA LEU P 4167 13.34 -27.46 -30.22
C LEU P 4167 14.40 -28.53 -30.12
N GLU P 4168 14.47 -29.24 -28.98
CA GLU P 4168 15.44 -30.31 -28.85
C GLU P 4168 15.22 -31.40 -29.90
N LEU P 4169 13.95 -31.74 -30.15
CA LEU P 4169 13.65 -32.69 -31.22
C LEU P 4169 13.84 -32.05 -32.58
N ALA P 4170 13.60 -30.75 -32.70
CA ALA P 4170 13.69 -30.06 -33.99
C ALA P 4170 15.10 -29.63 -34.34
N GLU P 4171 16.10 -29.96 -33.52
CA GLU P 4171 17.46 -29.53 -33.76
C GLU P 4171 17.94 -29.88 -35.17
N SER P 4172 17.69 -31.10 -35.61
CA SER P 4172 18.21 -31.54 -36.90
C SER P 4172 17.68 -30.68 -38.05
N ILE P 4173 16.35 -30.53 -38.12
CA ILE P 4173 15.76 -29.70 -39.17
C ILE P 4173 16.19 -28.25 -39.01
N LEU P 4174 16.30 -27.78 -37.76
CA LEU P 4174 16.76 -26.42 -37.52
C LEU P 4174 18.20 -26.23 -37.98
N GLU P 4175 19.09 -27.16 -37.62
CA GLU P 4175 20.50 -27.02 -37.99
C GLU P 4175 20.72 -27.18 -39.48
N TYR P 4176 19.87 -27.96 -40.17
CA TYR P 4176 20.01 -28.07 -41.62
C TYR P 4176 19.76 -26.73 -42.30
N PHE P 4177 18.74 -26.01 -41.85
CA PHE P 4177 18.34 -24.75 -42.46
C PHE P 4177 19.04 -23.54 -41.84
N ARG P 4178 19.80 -23.73 -40.77
CA ARG P 4178 20.47 -22.60 -40.14
C ARG P 4178 21.24 -21.72 -41.12
N PRO P 4179 22.05 -22.25 -42.03
CA PRO P 4179 22.75 -21.36 -42.97
C PRO P 4179 21.80 -20.55 -43.85
N TYR P 4180 20.61 -21.08 -44.13
CA TYR P 4180 19.68 -20.43 -45.04
C TYR P 4180 18.60 -19.61 -44.35
N LEU P 4181 18.56 -19.60 -43.02
CA LEU P 4181 17.57 -18.82 -42.28
C LEU P 4181 18.20 -17.48 -41.90
N GLY P 4182 17.86 -16.43 -42.64
CA GLY P 4182 18.38 -15.10 -42.37
C GLY P 4182 17.40 -14.31 -41.53
N ARG P 4183 17.94 -13.49 -40.64
CA ARG P 4183 17.13 -12.67 -39.76
C ARG P 4183 17.68 -11.25 -39.72
N ILE P 4184 16.78 -10.27 -39.63
CA ILE P 4184 17.15 -8.88 -39.51
C ILE P 4184 16.21 -8.20 -38.50
N GLU P 4185 16.57 -6.98 -38.11
CA GLU P 4185 15.76 -6.17 -37.23
C GLU P 4185 15.48 -4.84 -37.89
N ILE P 4186 14.23 -4.38 -37.78
CA ILE P 4186 13.80 -3.10 -38.35
C ILE P 4186 12.97 -2.34 -37.34
N MET P 4187 12.77 -1.05 -37.60
CA MET P 4187 11.77 -0.27 -36.88
C MET P 4187 10.45 -0.39 -37.62
N GLY P 4188 9.59 -1.30 -37.17
CA GLY P 4188 8.39 -1.65 -37.90
C GLY P 4188 7.30 -0.60 -37.79
N ALA P 4189 6.20 -0.88 -38.49
CA ALA P 4189 5.06 0.04 -38.48
C ALA P 4189 4.46 0.16 -37.09
N SER P 4190 4.66 -0.85 -36.24
CA SER P 4190 4.13 -0.80 -34.88
C SER P 4190 4.86 0.22 -34.01
N ARG P 4191 5.95 0.80 -34.51
CA ARG P 4191 6.80 1.77 -33.81
C ARG P 4191 7.73 1.07 -32.83
N ARG P 4192 7.83 -0.25 -32.88
CA ARG P 4192 8.75 -1.01 -32.05
C ARG P 4192 9.70 -1.80 -32.94
N ILE P 4193 10.84 -2.19 -32.39
CA ILE P 4193 11.79 -3.01 -33.14
C ILE P 4193 11.18 -4.37 -33.38
N GLU P 4194 11.16 -4.80 -34.65
CA GLU P 4194 10.60 -6.07 -35.05
C GLU P 4194 11.67 -6.89 -35.77
N ARG P 4195 11.62 -8.19 -35.55
CA ARG P 4195 12.58 -9.13 -36.13
C ARG P 4195 11.92 -9.88 -37.28
N ILE P 4196 12.56 -9.88 -38.44
CA ILE P 4196 12.04 -10.44 -39.67
C ILE P 4196 12.93 -11.61 -40.08
N TYR P 4197 12.29 -12.69 -40.54
CA TYR P 4197 12.97 -13.91 -40.96
C TYR P 4197 12.70 -14.15 -42.44
N PHE P 4198 13.72 -14.59 -43.17
CA PHE P 4198 13.61 -14.81 -44.60
C PHE P 4198 14.59 -15.91 -45.01
N GLU P 4199 14.57 -16.25 -46.30
CA GLU P 4199 15.33 -17.36 -46.86
C GLU P 4199 16.49 -16.83 -47.67
N ILE P 4200 17.68 -17.37 -47.42
CA ILE P 4200 18.88 -17.06 -48.18
C ILE P 4200 19.21 -18.29 -49.03
N SER P 4201 19.41 -18.07 -50.32
CA SER P 4201 19.70 -19.19 -51.21
C SER P 4201 21.18 -19.58 -51.14
N GLU P 4202 21.45 -20.85 -51.46
CA GLU P 4202 22.81 -21.37 -51.38
C GLU P 4202 23.73 -20.63 -52.34
N THR P 4203 23.26 -20.35 -53.55
CA THR P 4203 24.09 -19.63 -54.52
C THR P 4203 24.45 -18.24 -54.02
N ASN P 4204 23.48 -17.54 -53.42
CA ASN P 4204 23.77 -16.21 -52.87
C ASN P 4204 24.77 -16.31 -51.72
N ARG P 4205 24.58 -17.30 -50.84
CA ARG P 4205 25.54 -17.48 -49.75
C ARG P 4205 26.95 -17.71 -50.28
N ALA P 4206 27.10 -18.61 -51.26
CA ALA P 4206 28.41 -18.91 -51.79
C ALA P 4206 29.02 -17.69 -52.48
N GLN P 4207 28.22 -16.95 -53.24
CA GLN P 4207 28.76 -15.79 -53.94
C GLN P 4207 29.15 -14.70 -52.96
N TRP P 4208 28.42 -14.57 -51.85
CA TRP P 4208 28.83 -13.66 -50.78
C TRP P 4208 30.16 -14.09 -50.17
N GLU P 4209 30.33 -15.39 -49.91
CA GLU P 4209 31.59 -15.89 -49.39
C GLU P 4209 32.74 -15.79 -50.40
N MET P 4210 32.42 -15.62 -51.68
CA MET P 4210 33.47 -15.49 -52.69
C MET P 4210 34.42 -14.36 -52.30
N PRO P 4211 35.74 -14.53 -52.47
CA PRO P 4211 36.68 -13.58 -51.87
C PRO P 4211 36.52 -12.14 -52.34
N GLN P 4212 36.38 -11.89 -53.65
CA GLN P 4212 36.36 -10.51 -54.13
C GLN P 4212 35.23 -9.72 -53.50
N VAL P 4213 34.10 -10.38 -53.24
CA VAL P 4213 33.00 -9.70 -52.55
C VAL P 4213 33.43 -9.29 -51.15
N LYS P 4214 34.23 -10.12 -50.48
CA LYS P 4214 34.77 -9.76 -49.17
C LYS P 4214 35.70 -8.55 -49.24
N GLU P 4215 36.55 -8.47 -50.28
CA GLU P 4215 37.36 -7.29 -50.47
C GLU P 4215 36.51 -6.05 -50.70
N SER P 4216 35.43 -6.19 -51.47
CA SER P 4216 34.52 -5.06 -51.67
C SER P 4216 33.90 -4.63 -50.35
N LYS P 4217 33.49 -5.59 -49.51
CA LYS P 4217 32.93 -5.25 -48.20
C LYS P 4217 33.96 -4.52 -47.33
N ARG P 4218 35.20 -5.01 -47.34
CA ARG P 4218 36.25 -4.36 -46.55
C ARG P 4218 36.46 -2.93 -47.02
N GLN P 4219 36.54 -2.73 -48.34
CA GLN P 4219 36.72 -1.38 -48.87
C GLN P 4219 35.55 -0.47 -48.51
N PHE P 4220 34.33 -0.99 -48.59
CA PHE P 4220 33.16 -0.20 -48.24
C PHE P 4220 33.20 0.21 -46.78
N ILE P 4221 33.55 -0.72 -45.89
CA ILE P 4221 33.61 -0.39 -44.46
C ILE P 4221 34.69 0.66 -44.21
N PHE P 4222 35.86 0.49 -44.83
CA PHE P 4222 36.91 1.48 -44.69
C PHE P 4222 36.43 2.86 -45.15
N ASP P 4223 35.79 2.92 -46.31
CA ASP P 4223 35.34 4.19 -46.86
C ASP P 4223 34.30 4.85 -45.95
N VAL P 4224 33.30 4.11 -45.49
CA VAL P 4224 32.27 4.71 -44.64
C VAL P 4224 32.89 5.19 -43.34
N VAL P 4225 33.77 4.40 -42.74
CA VAL P 4225 34.32 4.78 -41.43
C VAL P 4225 35.21 6.01 -41.56
N ASN P 4226 36.03 6.08 -42.62
CA ASN P 4226 36.98 7.17 -42.72
C ASN P 4226 36.34 8.45 -43.27
N GLU P 4227 35.56 8.35 -44.34
CA GLU P 4227 34.99 9.52 -44.99
C GLU P 4227 33.47 9.61 -44.86
N GLY P 4228 32.75 8.49 -44.95
CA GLY P 4228 31.30 8.54 -44.95
C GLY P 4228 30.76 9.20 -43.69
N GLY P 4229 29.76 10.06 -43.87
CA GLY P 4229 29.14 10.71 -42.74
C GLY P 4229 28.08 9.86 -42.07
N GLU P 4230 27.82 10.17 -40.81
CA GLU P 4230 26.82 9.41 -40.06
C GLU P 4230 25.43 9.58 -40.65
N SER P 4231 25.10 10.78 -41.12
CA SER P 4231 23.77 11.01 -41.68
C SER P 4231 23.55 10.17 -42.94
N GLU P 4232 24.57 10.02 -43.77
CA GLU P 4232 24.48 9.29 -45.03
C GLU P 4232 25.02 7.87 -44.94
N LYS P 4233 25.29 7.38 -43.73
CA LYS P 4233 25.80 6.02 -43.57
C LYS P 4233 24.86 5.00 -44.18
N MET P 4234 23.56 5.10 -43.88
CA MET P 4234 22.61 4.12 -44.38
C MET P 4234 22.41 4.25 -45.88
N GLU P 4235 22.42 5.47 -46.43
CA GLU P 4235 22.35 5.63 -47.87
C GLU P 4235 23.54 4.95 -48.55
N MET P 4236 24.74 5.18 -48.03
CA MET P 4236 25.91 4.54 -48.59
C MET P 4236 25.83 3.02 -48.47
N PHE P 4237 25.35 2.52 -47.33
CA PHE P 4237 25.24 1.08 -47.15
C PHE P 4237 24.24 0.46 -48.13
N VAL P 4238 23.11 1.12 -48.35
CA VAL P 4238 22.14 0.59 -49.31
C VAL P 4238 22.69 0.65 -50.73
N SER P 4239 23.42 1.70 -51.08
CA SER P 4239 24.05 1.75 -52.40
C SER P 4239 25.05 0.61 -52.57
N PHE P 4240 25.85 0.34 -51.52
CA PHE P 4240 26.79 -0.76 -51.56
C PHE P 4240 26.06 -2.09 -51.74
N CYS P 4241 24.94 -2.27 -51.02
CA CYS P 4241 24.17 -3.50 -51.16
C CYS P 4241 23.66 -3.67 -52.58
N GLU P 4242 23.15 -2.59 -53.19
CA GLU P 4242 22.66 -2.68 -54.56
C GLU P 4242 23.79 -3.05 -55.52
N ASP P 4243 24.95 -2.41 -55.36
CA ASP P 4243 26.09 -2.72 -56.23
C ASP P 4243 26.51 -4.18 -56.07
N THR P 4244 26.56 -4.66 -54.83
CA THR P 4244 26.94 -6.05 -54.59
C THR P 4244 25.92 -7.00 -55.19
N ILE P 4245 24.64 -6.67 -55.13
CA ILE P 4245 23.61 -7.51 -55.73
C ILE P 4245 23.81 -7.58 -57.23
N PHE P 4246 24.07 -6.44 -57.88
CA PHE P 4246 24.29 -6.46 -59.31
C PHE P 4246 25.52 -7.29 -59.67
N GLU P 4247 26.58 -7.16 -58.88
CA GLU P 4247 27.77 -7.97 -59.12
C GLU P 4247 27.51 -9.45 -58.94
N MET P 4248 26.72 -9.85 -57.94
CA MET P 4248 26.37 -11.26 -57.80
C MET P 4248 25.56 -11.73 -59.00
N GLN P 4249 24.65 -10.91 -59.51
CA GLN P 4249 23.91 -11.31 -60.69
C GLN P 4249 24.85 -11.52 -61.88
N ILE P 4250 25.80 -10.61 -62.08
CA ILE P 4250 26.76 -10.75 -63.18
C ILE P 4250 27.57 -12.03 -63.01
N ALA P 4251 28.02 -12.29 -61.78
CA ALA P 4251 28.78 -13.52 -61.52
C ALA P 4251 27.94 -14.74 -61.85
N ALA P 4252 26.66 -14.71 -61.49
CA ALA P 4252 25.77 -15.83 -61.79
C ALA P 4252 25.67 -16.04 -63.30
N GLN P 4253 25.52 -14.96 -64.08
CA GLN P 4253 25.44 -15.14 -65.52
C GLN P 4253 26.73 -15.72 -66.08
N ILE P 4254 27.89 -15.21 -65.65
CA ILE P 4254 29.13 -15.68 -66.25
C ILE P 4254 29.50 -17.08 -65.78
N SER P 4255 28.96 -17.52 -64.63
CA SER P 4255 29.27 -18.85 -64.13
C SER P 4255 28.85 -19.91 -65.13
N GLU P 4256 29.69 -20.93 -65.29
CA GLU P 4256 29.40 -21.99 -66.24
C GLU P 4256 28.21 -22.81 -65.76
N PRO P 4257 27.43 -23.41 -66.67
CA PRO P 4257 26.27 -24.21 -66.28
C PRO P 4257 26.63 -25.66 -65.92
N PHE P 4538 23.42 -22.60 -87.70
CA PHE P 4538 24.66 -21.85 -87.90
C PHE P 4538 24.71 -20.67 -86.93
N TRP P 4539 23.70 -19.80 -86.99
CA TRP P 4539 23.66 -18.68 -86.04
C TRP P 4539 23.51 -19.17 -84.62
N GLY P 4540 22.71 -20.21 -84.40
CA GLY P 4540 22.56 -20.73 -83.05
C GLY P 4540 23.87 -21.23 -82.48
N GLU P 4541 24.60 -22.02 -83.26
CA GLU P 4541 25.90 -22.52 -82.80
C GLU P 4541 26.87 -21.36 -82.57
N LEU P 4542 26.89 -20.40 -83.50
CA LEU P 4542 27.81 -19.26 -83.35
C LEU P 4542 27.50 -18.49 -82.07
N GLU P 4543 26.23 -18.26 -81.79
CA GLU P 4543 25.87 -17.48 -80.59
C GLU P 4543 26.18 -18.26 -79.32
N VAL P 4544 25.83 -19.55 -79.28
CA VAL P 4544 26.10 -20.34 -78.07
C VAL P 4544 27.59 -20.48 -77.82
N GLN P 4545 28.42 -20.46 -78.87
CA GLN P 4545 29.87 -20.46 -78.68
C GLN P 4545 30.41 -19.09 -78.29
N ARG P 4546 29.88 -18.01 -78.88
CA ARG P 4546 30.34 -16.67 -78.53
C ARG P 4546 30.05 -16.35 -77.09
N VAL P 4547 28.85 -16.69 -76.61
CA VAL P 4547 28.50 -16.42 -75.22
C VAL P 4547 29.43 -17.18 -74.29
N LYS P 4548 29.71 -18.44 -74.62
CA LYS P 4548 30.63 -19.24 -73.79
C LYS P 4548 32.01 -18.62 -73.78
N PHE P 4549 32.50 -18.16 -74.93
CA PHE P 4549 33.83 -17.55 -74.99
C PHE P 4549 33.89 -16.28 -74.14
N LEU P 4550 32.87 -15.43 -74.27
CA LEU P 4550 32.85 -14.19 -73.48
C LEU P 4550 32.76 -14.49 -71.99
N ASN P 4551 31.97 -15.50 -71.61
CA ASN P 4551 31.88 -15.89 -70.21
C ASN P 4551 33.22 -16.40 -69.71
N TYR P 4552 33.93 -17.17 -70.53
CA TYR P 4552 35.26 -17.64 -70.16
C TYR P 4552 36.20 -16.47 -69.91
N LEU P 4553 36.19 -15.48 -70.82
CA LEU P 4553 37.04 -14.31 -70.64
C LEU P 4553 36.68 -13.56 -69.37
N SER P 4554 35.38 -13.36 -69.12
CA SER P 4554 34.96 -12.64 -67.93
C SER P 4554 35.38 -13.37 -66.66
N ARG P 4555 35.25 -14.71 -66.66
CA ARG P 4555 35.66 -15.48 -65.50
C ARG P 4555 37.15 -15.38 -65.26
N ASN P 4556 37.95 -15.43 -66.34
CA ASN P 4556 39.41 -15.46 -66.23
C ASN P 4556 40.04 -14.09 -66.51
N PHE P 4557 39.30 -13.01 -66.27
CA PHE P 4557 39.85 -11.68 -66.52
C PHE P 4557 41.14 -11.44 -65.76
N TYR P 4558 41.15 -11.70 -64.45
CA TYR P 4558 42.34 -11.42 -63.65
C TYR P 4558 43.51 -12.33 -64.02
N THR P 4559 43.23 -13.61 -64.31
CA THR P 4559 44.29 -14.50 -64.75
C THR P 4559 44.91 -13.99 -66.05
N LEU P 4560 44.10 -13.43 -66.94
CA LEU P 4560 44.63 -12.85 -68.17
C LEU P 4560 45.53 -11.67 -67.88
N ARG P 4561 45.17 -10.84 -66.90
CA ARG P 4561 46.02 -9.72 -66.53
C ARG P 4561 47.36 -10.19 -65.99
N PHE P 4562 47.33 -11.21 -65.11
CA PHE P 4562 48.59 -11.75 -64.59
C PHE P 4562 49.43 -12.35 -65.71
N LEU P 4563 48.79 -13.02 -66.66
CA LEU P 4563 49.51 -13.57 -67.81
C LEU P 4563 50.14 -12.45 -68.64
N ALA P 4564 49.42 -11.34 -68.82
CA ALA P 4564 49.98 -10.20 -69.54
C ALA P 4564 51.21 -9.66 -68.82
N LEU P 4565 51.14 -9.55 -67.50
CA LEU P 4565 52.30 -9.08 -66.75
C LEU P 4565 53.48 -10.03 -66.91
N PHE P 4566 53.23 -11.33 -66.83
CA PHE P 4566 54.29 -12.31 -66.99
C PHE P 4566 54.91 -12.24 -68.38
N LEU P 4567 54.07 -12.09 -69.41
CA LEU P 4567 54.57 -11.97 -70.77
C LEU P 4567 55.42 -10.71 -70.94
N ALA P 4568 54.98 -9.60 -70.34
CA ALA P 4568 55.79 -8.38 -70.40
C ALA P 4568 57.14 -8.58 -69.74
N PHE P 4569 57.16 -9.24 -68.58
CA PHE P 4569 58.43 -9.50 -67.91
C PHE P 4569 59.34 -10.37 -68.77
N ALA P 4570 58.78 -11.41 -69.40
CA ALA P 4570 59.59 -12.26 -70.28
C ALA P 4570 60.14 -11.46 -71.46
N ILE P 4571 59.30 -10.62 -72.06
CA ILE P 4571 59.74 -9.82 -73.20
C ILE P 4571 60.88 -8.90 -72.78
N ASN P 4572 60.78 -8.28 -71.61
CA ASN P 4572 61.83 -7.37 -71.17
C ASN P 4572 63.10 -8.11 -70.80
N PHE P 4573 62.98 -9.30 -70.21
CA PHE P 4573 64.16 -10.12 -69.95
C PHE P 4573 64.88 -10.44 -71.25
N ILE P 4574 64.13 -10.74 -72.31
CA ILE P 4574 64.75 -10.94 -73.62
C ILE P 4574 65.37 -9.64 -74.12
N LEU P 4575 64.67 -8.52 -73.96
CA LEU P 4575 65.19 -7.23 -74.41
C LEU P 4575 66.52 -6.90 -73.76
N LEU P 4576 66.76 -7.43 -72.56
CA LEU P 4576 68.01 -7.15 -71.87
C LEU P 4576 69.24 -7.65 -72.64
N PHE P 4577 69.04 -8.33 -73.76
CA PHE P 4577 70.14 -8.86 -74.56
C PHE P 4577 70.40 -8.05 -75.84
N TYR P 4578 69.67 -6.97 -76.08
CA TYR P 4578 69.91 -6.18 -77.28
C TYR P 4578 71.30 -5.55 -77.26
N LYS P 4579 71.88 -5.42 -78.45
CA LYS P 4579 73.17 -4.78 -78.66
C LYS P 4579 73.08 -3.87 -79.88
N VAL P 4580 73.94 -2.86 -79.90
CA VAL P 4580 74.00 -1.89 -81.00
C VAL P 4580 75.37 -1.99 -81.66
N SER P 4581 75.38 -2.03 -82.99
CA SER P 4581 76.67 -2.16 -83.72
C SER P 4581 76.62 -1.32 -84.99
N ASP P 4582 77.76 -0.76 -85.40
CA ASP P 4582 77.83 0.02 -86.67
C ASP P 4582 77.71 -0.96 -87.85
N SER P 4583 78.23 -2.18 -87.71
CA SER P 4583 78.10 -3.20 -88.77
C SER P 4583 76.71 -3.82 -88.72
N PRO P 4584 76.06 -4.12 -89.87
CA PRO P 4584 74.76 -4.81 -89.86
C PRO P 4584 74.88 -6.19 -89.20
N PRO P 4585 73.81 -6.69 -88.54
CA PRO P 4585 73.85 -7.99 -87.85
C PRO P 4585 74.40 -9.09 -88.77
N ASN P 4624 76.43 4.17 -91.69
CA ASN P 4624 76.53 5.19 -90.66
C ASN P 4624 75.46 4.97 -89.58
N MET P 4625 74.24 4.69 -90.01
CA MET P 4625 73.16 4.46 -89.07
C MET P 4625 73.41 3.17 -88.31
N VAL P 4626 73.11 3.19 -87.00
CA VAL P 4626 73.43 2.03 -86.12
C VAL P 4626 72.40 0.91 -86.28
N TYR P 4627 72.82 -0.32 -85.99
CA TYR P 4627 71.92 -1.49 -86.14
C TYR P 4627 71.71 -2.14 -84.77
N TYR P 4628 70.46 -2.29 -84.36
CA TYR P 4628 70.13 -2.93 -83.06
C TYR P 4628 69.75 -4.38 -83.32
N PHE P 4629 70.26 -5.30 -82.50
CA PHE P 4629 70.00 -6.72 -82.73
C PHE P 4629 70.29 -7.51 -81.47
N LEU P 4630 69.59 -8.63 -81.31
CA LEU P 4630 69.84 -9.52 -80.19
C LEU P 4630 71.19 -10.20 -80.36
N GLU P 4631 71.91 -10.36 -79.24
CA GLU P 4631 73.21 -11.03 -79.24
C GLU P 4631 73.15 -12.15 -78.21
N GLU P 4632 72.82 -13.35 -78.67
CA GLU P 4632 72.67 -14.51 -77.80
C GLU P 4632 73.20 -15.74 -78.51
N SER P 4633 73.63 -16.72 -77.71
CA SER P 4633 74.32 -17.89 -78.27
C SER P 4633 73.34 -18.91 -78.84
N THR P 4634 72.35 -19.32 -78.06
CA THR P 4634 71.45 -20.39 -78.49
C THR P 4634 70.81 -20.07 -79.84
N GLY P 4635 70.51 -18.79 -80.10
CA GLY P 4635 69.90 -18.39 -81.34
C GLY P 4635 68.40 -18.57 -81.40
N TYR P 4636 67.78 -19.07 -80.34
CA TYR P 4636 66.33 -19.23 -80.27
C TYR P 4636 65.63 -18.01 -79.68
N MET P 4637 66.36 -16.96 -79.33
CA MET P 4637 65.78 -15.87 -78.56
C MET P 4637 64.88 -14.99 -79.43
N GLU P 4638 65.29 -14.71 -80.66
CA GLU P 4638 64.49 -13.82 -81.50
C GLU P 4638 63.12 -14.42 -81.87
N PRO P 4639 63.02 -15.67 -82.30
CA PRO P 4639 61.68 -16.24 -82.51
C PRO P 4639 60.83 -16.23 -81.25
N ALA P 4640 61.46 -16.48 -80.10
CA ALA P 4640 60.75 -16.44 -78.84
C ALA P 4640 60.20 -15.04 -78.57
N LEU P 4641 61.01 -14.02 -78.86
CA LEU P 4641 60.55 -12.65 -78.68
C LEU P 4641 59.37 -12.34 -79.59
N ARG P 4642 59.45 -12.77 -80.85
CA ARG P 4642 58.33 -12.54 -81.76
C ARG P 4642 57.05 -13.20 -81.25
N CYS P 4643 57.14 -14.47 -80.87
CA CYS P 4643 55.96 -15.19 -80.39
C CYS P 4643 55.42 -14.55 -79.10
N LEU P 4644 56.31 -14.16 -78.19
CA LEU P 4644 55.87 -13.57 -76.93
C LEU P 4644 55.20 -12.23 -77.17
N SER P 4645 55.71 -11.43 -78.10
CA SER P 4645 55.07 -10.16 -78.43
C SER P 4645 53.67 -10.39 -79.01
N LEU P 4646 53.54 -11.36 -79.92
CA LEU P 4646 52.23 -11.66 -80.48
C LEU P 4646 51.26 -12.10 -79.38
N LEU P 4647 51.72 -12.98 -78.49
CA LEU P 4647 50.88 -13.43 -77.38
C LEU P 4647 50.50 -12.27 -76.47
N HIS P 4648 51.43 -11.35 -76.22
CA HIS P 4648 51.15 -10.21 -75.36
C HIS P 4648 50.06 -9.34 -75.97
N THR P 4649 50.14 -9.05 -77.26
CA THR P 4649 49.09 -8.26 -77.90
C THR P 4649 47.75 -8.99 -77.85
N LEU P 4650 47.75 -10.29 -78.12
CA LEU P 4650 46.50 -11.05 -78.06
C LEU P 4650 45.90 -10.99 -76.66
N VAL P 4651 46.74 -11.15 -75.63
CA VAL P 4651 46.26 -11.17 -74.26
C VAL P 4651 45.75 -9.80 -73.85
N ALA P 4652 46.40 -8.74 -74.33
CA ALA P 4652 45.89 -7.39 -74.04
C ALA P 4652 44.51 -7.19 -74.65
N PHE P 4653 44.32 -7.63 -75.89
CA PHE P 4653 43.00 -7.53 -76.51
C PHE P 4653 41.96 -8.33 -75.73
N LEU P 4654 42.32 -9.55 -75.32
CA LEU P 4654 41.40 -10.38 -74.55
C LEU P 4654 41.09 -9.74 -73.20
N CYS P 4655 42.07 -9.07 -72.60
CA CYS P 4655 41.83 -8.36 -71.35
C CYS P 4655 40.84 -7.22 -71.54
N ILE P 4656 40.96 -6.47 -72.64
CA ILE P 4656 39.99 -5.42 -72.90
C ILE P 4656 38.59 -6.02 -73.05
N ILE P 4657 38.47 -7.11 -73.81
CA ILE P 4657 37.15 -7.73 -73.99
C ILE P 4657 36.61 -8.21 -72.65
N GLY P 4658 37.44 -8.86 -71.85
CA GLY P 4658 37.00 -9.33 -70.55
C GLY P 4658 36.55 -8.22 -69.62
N TYR P 4659 37.29 -7.11 -69.61
CA TYR P 4659 36.84 -5.95 -68.84
C TYR P 4659 35.48 -5.47 -69.33
N ASN P 4660 35.34 -5.31 -70.64
CA ASN P 4660 34.07 -4.83 -71.19
C ASN P 4660 32.92 -5.75 -70.78
N CYS P 4661 33.17 -7.05 -70.72
CA CYS P 4661 32.10 -7.99 -70.42
C CYS P 4661 31.82 -8.08 -68.92
N LEU P 4662 32.83 -7.83 -68.08
CA LEU P 4662 32.71 -8.11 -66.65
C LEU P 4662 32.46 -6.88 -65.80
N LYS P 4663 33.18 -5.76 -66.04
CA LYS P 4663 33.14 -4.63 -65.13
C LYS P 4663 32.45 -3.39 -65.68
N VAL P 4664 32.36 -3.25 -67.00
CA VAL P 4664 31.63 -2.14 -67.60
C VAL P 4664 30.16 -2.19 -67.15
N PRO P 4665 29.53 -3.36 -67.08
CA PRO P 4665 28.14 -3.41 -66.63
C PRO P 4665 27.91 -2.75 -65.28
N LEU P 4666 28.82 -2.94 -64.32
CA LEU P 4666 28.65 -2.28 -63.03
C LEU P 4666 28.74 -0.77 -63.16
N VAL P 4667 29.65 -0.28 -64.00
CA VAL P 4667 29.77 1.17 -64.21
C VAL P 4667 28.48 1.73 -64.78
N ILE P 4668 27.92 1.05 -65.79
CA ILE P 4668 26.68 1.52 -66.40
C ILE P 4668 25.54 1.45 -65.39
N PHE P 4669 25.51 0.39 -64.58
CA PHE P 4669 24.47 0.27 -63.56
C PHE P 4669 24.54 1.42 -62.56
N LYS P 4670 25.75 1.73 -62.07
CA LYS P 4670 25.90 2.82 -61.12
C LYS P 4670 25.48 4.15 -61.74
N ARG P 4671 25.90 4.39 -62.98
CA ARG P 4671 25.53 5.64 -63.65
C ARG P 4671 24.02 5.74 -63.80
N GLU P 4672 23.37 4.65 -64.22
CA GLU P 4672 21.93 4.67 -64.44
C GLU P 4672 21.18 4.88 -63.13
N LYS P 4673 21.59 4.20 -62.06
CA LYS P 4673 20.90 4.38 -60.79
C LYS P 4673 21.08 5.80 -60.26
N GLU P 4674 22.29 6.35 -60.38
CA GLU P 4674 22.50 7.73 -59.94
C GLU P 4674 21.62 8.69 -60.73
N LEU P 4675 21.55 8.51 -62.06
CA LEU P 4675 20.70 9.38 -62.87
C LEU P 4675 19.24 9.23 -62.47
N ALA P 4676 18.78 8.01 -62.26
CA ALA P 4676 17.38 7.80 -61.89
C ALA P 4676 17.04 8.45 -60.56
N ARG P 4677 17.88 8.28 -59.55
CA ARG P 4677 17.63 8.89 -58.26
C ARG P 4677 17.69 10.41 -58.31
N LYS P 4678 18.63 10.98 -59.07
CA LYS P 4678 18.69 12.44 -59.19
C LYS P 4678 17.47 12.96 -59.96
N LEU P 4679 17.00 12.21 -60.96
CA LEU P 4679 15.80 12.61 -61.68
C LEU P 4679 14.59 12.62 -60.76
N GLU P 4680 14.40 11.55 -59.99
CA GLU P 4680 13.19 11.41 -59.20
C GLU P 4680 13.20 12.27 -57.94
N PHE P 4681 14.23 12.18 -57.11
CA PHE P 4681 14.23 12.81 -55.81
C PHE P 4681 14.88 14.19 -55.78
N ASP P 4682 15.40 14.67 -56.92
CA ASP P 4682 16.01 15.99 -56.98
C ASP P 4682 15.52 16.83 -58.16
N GLY P 4683 14.93 16.22 -59.18
CA GLY P 4683 14.53 16.97 -60.35
C GLY P 4683 15.70 17.67 -61.00
N LEU P 4684 16.82 16.95 -61.14
CA LEU P 4684 18.03 17.56 -61.66
C LEU P 4684 17.84 18.12 -63.06
N TYR P 4685 16.91 17.56 -63.82
CA TYR P 4685 16.55 18.09 -65.13
C TYR P 4685 15.16 18.68 -65.16
N ILE P 4686 14.48 18.74 -64.00
CA ILE P 4686 13.10 19.18 -63.93
C ILE P 4686 13.00 20.42 -63.05
N THR P 4687 13.36 20.28 -61.78
CA THR P 4687 13.33 21.43 -60.88
C THR P 4687 14.53 22.33 -61.10
N GLU P 4688 15.70 21.74 -61.33
CA GLU P 4688 16.94 22.48 -61.52
C GLU P 4688 17.64 21.95 -62.77
N GLN P 4689 18.85 22.44 -63.01
CA GLN P 4689 19.66 22.06 -64.15
C GLN P 4689 21.09 21.82 -63.70
N PRO P 4690 21.87 21.06 -64.47
CA PRO P 4690 23.28 20.88 -64.13
C PRO P 4690 24.01 22.22 -64.13
N GLU P 4691 25.03 22.32 -63.26
CA GLU P 4691 25.77 23.57 -63.13
C GLU P 4691 26.47 23.97 -64.42
N ASP P 4692 26.65 23.02 -65.35
CA ASP P 4692 27.36 23.24 -66.60
C ASP P 4692 28.87 23.29 -66.36
N ASP P 4693 29.27 23.26 -65.10
CA ASP P 4693 30.67 23.00 -64.75
C ASP P 4693 30.96 21.51 -64.62
N ASP P 4694 29.92 20.69 -64.57
CA ASP P 4694 30.03 19.24 -64.47
C ASP P 4694 29.61 18.62 -65.79
N VAL P 4695 30.56 17.97 -66.47
CA VAL P 4695 30.28 17.35 -67.76
C VAL P 4695 29.37 16.14 -67.65
N LYS P 4696 29.30 15.51 -66.46
CA LYS P 4696 28.54 14.28 -66.32
C LYS P 4696 27.05 14.52 -66.55
N GLY P 4697 26.50 15.57 -65.97
CA GLY P 4697 25.09 15.88 -66.20
C GLY P 4697 24.80 16.24 -67.64
N GLN P 4698 25.67 17.04 -68.24
CA GLN P 4698 25.46 17.44 -69.63
C GLN P 4698 25.46 16.21 -70.54
N TRP P 4699 26.38 15.27 -70.31
CA TRP P 4699 26.42 14.06 -71.12
C TRP P 4699 25.27 13.12 -70.81
N ASP P 4700 24.83 13.06 -69.55
CA ASP P 4700 23.66 12.24 -69.20
C ASP P 4700 22.38 12.80 -69.79
N ARG P 4701 22.36 14.08 -70.15
CA ARG P 4701 21.18 14.65 -70.79
C ARG P 4701 20.78 13.85 -72.03
N LEU P 4702 21.77 13.24 -72.71
CA LEU P 4702 21.48 12.53 -73.96
C LEU P 4702 20.54 11.36 -73.73
N VAL P 4703 20.79 10.56 -72.69
CA VAL P 4703 20.15 9.25 -72.56
C VAL P 4703 18.72 9.34 -72.04
N LEU P 4704 18.26 10.52 -71.63
CA LEU P 4704 16.96 10.62 -70.96
C LEU P 4704 15.84 10.05 -71.83
N ASN P 4705 15.74 10.49 -73.08
CA ASN P 4705 14.62 10.11 -73.93
C ASN P 4705 14.84 8.78 -74.66
N THR P 4706 15.98 8.14 -74.48
CA THR P 4706 16.21 6.86 -75.15
C THR P 4706 15.27 5.81 -74.58
N PRO P 4707 14.74 4.92 -75.43
CA PRO P 4707 13.80 3.90 -74.91
C PRO P 4707 14.39 3.05 -73.81
N SER P 4708 15.66 2.64 -73.94
CA SER P 4708 16.30 1.76 -72.95
C SER P 4708 17.10 2.55 -71.92
N PHE P 4709 16.46 3.52 -71.27
CA PHE P 4709 17.17 4.30 -70.26
C PHE P 4709 17.63 3.45 -69.08
N PRO P 4710 16.78 2.66 -68.42
CA PRO P 4710 17.27 1.75 -67.37
C PRO P 4710 17.65 0.37 -67.91
N SER P 4711 18.66 0.33 -68.78
CA SER P 4711 19.06 -0.93 -69.39
C SER P 4711 19.67 -1.87 -68.36
N ASN P 4712 20.53 -1.35 -67.50
CA ASN P 4712 21.18 -2.14 -66.46
C ASN P 4712 20.48 -2.04 -65.12
N TYR P 4713 20.17 -0.82 -64.66
CA TYR P 4713 19.43 -0.65 -63.43
C TYR P 4713 18.09 -1.37 -63.52
N TRP P 4714 17.82 -2.25 -62.55
CA TRP P 4714 16.66 -3.14 -62.68
C TRP P 4714 15.35 -2.37 -62.66
N ASP P 4715 15.26 -1.31 -61.86
CA ASP P 4715 14.01 -0.57 -61.75
C ASP P 4715 13.61 0.00 -63.11
N LYS P 4716 12.55 -0.54 -63.69
CA LYS P 4716 12.06 -0.11 -64.98
C LYS P 4716 10.92 0.91 -64.87
N PHE P 4717 10.53 1.31 -63.67
CA PHE P 4717 9.44 2.25 -63.47
C PHE P 4717 9.93 3.68 -63.27
N VAL P 4718 11.20 3.96 -63.55
CA VAL P 4718 11.76 5.28 -63.25
C VAL P 4718 11.02 6.36 -64.01
N LYS P 4719 10.73 6.11 -65.29
CA LYS P 4719 10.11 7.14 -66.11
C LYS P 4719 8.74 7.54 -65.57
N ARG P 4720 7.87 6.56 -65.29
CA ARG P 4720 6.55 6.93 -64.80
C ARG P 4720 6.60 7.41 -63.35
N LYS P 4721 7.57 6.96 -62.55
CA LYS P 4721 7.73 7.54 -61.23
C LYS P 4721 8.03 9.03 -61.32
N VAL P 4722 8.98 9.40 -62.18
CA VAL P 4722 9.31 10.81 -62.37
C VAL P 4722 8.11 11.56 -62.92
N LEU P 4723 7.40 10.96 -63.87
CA LEU P 4723 6.22 11.61 -64.43
C LEU P 4723 5.19 11.91 -63.34
N ASP P 4724 4.88 10.92 -62.50
CA ASP P 4724 3.90 11.12 -61.45
C ASP P 4724 4.36 12.18 -60.47
N LYS P 4725 5.66 12.16 -60.11
CA LYS P 4725 6.13 13.08 -59.07
C LYS P 4725 6.17 14.52 -59.57
N HIS P 4726 6.71 14.74 -60.76
CA HIS P 4726 6.95 16.10 -61.26
C HIS P 4726 6.08 16.45 -62.47
N GLY P 4727 4.91 15.82 -62.59
CA GLY P 4727 4.05 16.08 -63.72
C GLY P 4727 3.18 17.31 -63.58
N ASP P 4728 2.45 17.40 -62.47
CA ASP P 4728 1.49 18.48 -62.31
C ASP P 4728 2.17 19.84 -62.31
N ILE P 4729 3.30 19.95 -61.60
CA ILE P 4729 3.90 21.27 -61.37
C ILE P 4729 4.44 21.84 -62.68
N PHE P 4730 5.16 21.03 -63.45
CA PHE P 4730 5.82 21.49 -64.67
C PHE P 4730 5.25 20.87 -65.95
N GLY P 4731 4.08 20.25 -65.89
CA GLY P 4731 3.43 19.83 -67.11
C GLY P 4731 3.75 18.42 -67.57
N ARG P 4732 2.70 17.59 -67.64
CA ARG P 4732 2.89 16.20 -68.06
C ARG P 4732 3.44 16.14 -69.49
N GLU P 4733 3.00 17.06 -70.35
CA GLU P 4733 3.52 17.07 -71.72
C GLU P 4733 5.02 17.33 -71.74
N ARG P 4734 5.48 18.32 -70.96
CA ARG P 4734 6.90 18.61 -70.91
C ARG P 4734 7.70 17.45 -70.33
N ILE P 4735 7.18 16.82 -69.27
CA ILE P 4735 7.89 15.68 -68.69
C ILE P 4735 7.97 14.55 -69.71
N ALA P 4736 6.87 14.28 -70.42
CA ALA P 4736 6.84 13.21 -71.39
C ALA P 4736 7.81 13.46 -72.54
N GLU P 4737 7.84 14.68 -73.08
CA GLU P 4737 8.75 14.96 -74.18
C GLU P 4737 10.21 14.94 -73.71
N LEU P 4738 10.48 15.34 -72.47
CA LEU P 4738 11.84 15.23 -71.95
C LEU P 4738 12.26 13.77 -71.82
N LEU P 4739 11.38 12.93 -71.29
CA LEU P 4739 11.72 11.54 -71.00
C LEU P 4739 11.46 10.60 -72.16
N GLY P 4740 11.05 11.12 -73.32
CA GLY P 4740 10.88 10.30 -74.50
C GLY P 4740 9.82 9.24 -74.35
N MET P 4741 8.67 9.61 -73.80
CA MET P 4741 7.54 8.71 -73.62
C MET P 4741 6.29 9.38 -74.15
N ASP P 4742 5.34 8.55 -74.60
CA ASP P 4742 4.10 9.03 -75.20
C ASP P 4742 2.93 8.51 -74.37
N LEU P 4743 2.21 9.44 -73.73
CA LEU P 4743 1.06 9.05 -72.92
C LEU P 4743 -0.04 8.45 -73.78
N ALA P 4744 -0.23 9.00 -74.98
CA ALA P 4744 -1.21 8.43 -75.90
C ALA P 4744 -0.84 7.00 -76.27
N SER P 4745 0.46 6.75 -76.51
CA SER P 4745 0.91 5.40 -76.80
C SER P 4745 0.66 4.47 -75.62
N LEU P 4746 0.93 4.94 -74.41
CA LEU P 4746 0.66 4.13 -73.23
C LEU P 4746 -0.81 3.77 -73.13
N GLU P 4747 -1.69 4.75 -73.31
CA GLU P 4747 -3.13 4.50 -73.21
C GLU P 4747 -3.61 3.56 -74.31
N ILE P 4748 -3.12 3.73 -75.53
CA ILE P 4748 -3.55 2.85 -76.62
C ILE P 4748 -3.04 1.43 -76.40
N THR P 4749 -1.82 1.29 -75.86
CA THR P 4749 -1.31 -0.03 -75.54
C THR P 4749 -2.17 -0.69 -74.47
N ALA P 4750 -2.58 0.08 -73.46
CA ALA P 4750 -3.50 -0.46 -72.45
C ALA P 4750 -4.82 -0.88 -73.09
N HIS P 4751 -5.33 -0.08 -74.02
CA HIS P 4751 -6.62 -0.39 -74.64
C HIS P 4751 -6.56 -1.67 -75.47
N ASN P 4752 -5.57 -1.77 -76.36
CA ASN P 4752 -5.48 -2.90 -77.27
C ASN P 4752 -4.03 -3.10 -77.67
N GLU P 4753 -3.74 -4.27 -78.26
CA GLU P 4753 -2.37 -4.71 -78.48
C GLU P 4753 -2.20 -5.15 -79.93
N ARG P 4754 -1.01 -4.89 -80.48
CA ARG P 4754 -0.63 -5.34 -81.81
C ARG P 4754 0.61 -6.20 -81.68
N LYS P 4755 0.79 -7.15 -82.61
CA LYS P 4755 1.90 -8.10 -82.58
C LYS P 4755 2.65 -8.09 -83.90
N PRO P 4756 3.36 -6.99 -84.22
CA PRO P 4756 4.34 -7.05 -85.31
C PRO P 4756 5.70 -7.50 -84.80
N ASP P 4757 6.19 -8.64 -85.28
CA ASP P 4757 7.48 -9.19 -84.86
C ASP P 4757 8.14 -9.89 -86.03
N PRO P 4758 8.90 -9.17 -86.86
CA PRO P 4758 9.54 -9.80 -88.02
C PRO P 4758 10.59 -10.82 -87.57
N PRO P 4759 10.85 -11.85 -88.37
CA PRO P 4759 11.86 -12.84 -87.99
C PRO P 4759 13.21 -12.18 -87.77
N PRO P 4760 13.98 -12.62 -86.77
CA PRO P 4760 15.29 -12.01 -86.53
C PRO P 4760 16.22 -12.20 -87.72
N GLY P 4761 16.77 -11.09 -88.21
CA GLY P 4761 17.75 -11.11 -89.27
C GLY P 4761 18.84 -10.09 -89.04
N LEU P 4762 19.12 -9.29 -90.05
CA LEU P 4762 20.06 -8.17 -89.92
C LEU P 4762 19.37 -6.82 -89.93
N LEU P 4763 18.41 -6.62 -90.83
CA LEU P 4763 17.68 -5.36 -90.86
C LEU P 4763 16.92 -5.12 -89.56
N THR P 4764 16.29 -6.17 -89.03
CA THR P 4764 15.58 -6.03 -87.76
C THR P 4764 16.54 -5.68 -86.64
N TRP P 4765 17.71 -6.31 -86.62
CA TRP P 4765 18.72 -6.00 -85.59
C TRP P 4765 19.14 -4.54 -85.68
N ILE P 4766 19.45 -4.07 -86.89
CA ILE P 4766 19.89 -2.69 -87.06
C ILE P 4766 18.80 -1.72 -86.64
N MET P 4767 17.55 -2.00 -87.03
CA MET P 4767 16.45 -1.14 -86.61
C MET P 4767 16.31 -1.13 -85.10
N SER P 4768 16.48 -2.29 -84.45
CA SER P 4768 16.34 -2.36 -83.00
C SER P 4768 17.42 -1.54 -82.30
N ILE P 4769 18.67 -1.60 -82.78
CA ILE P 4769 19.74 -0.86 -82.13
C ILE P 4769 19.35 0.60 -81.95
N ASP P 4770 19.63 1.13 -80.76
CA ASP P 4770 19.40 2.54 -80.45
C ASP P 4770 20.75 3.24 -80.50
N VAL P 4771 20.91 4.17 -81.45
CA VAL P 4771 22.21 4.80 -81.66
C VAL P 4771 22.54 5.75 -80.50
N LYS P 4772 21.55 6.49 -80.02
CA LYS P 4772 21.82 7.52 -79.02
C LYS P 4772 22.24 6.90 -77.69
N TYR P 4773 21.54 5.86 -77.25
CA TYR P 4773 21.91 5.19 -76.01
C TYR P 4773 23.30 4.58 -76.12
N GLN P 4774 23.62 3.97 -77.27
CA GLN P 4774 24.94 3.40 -77.44
C GLN P 4774 26.02 4.48 -77.42
N ILE P 4775 25.73 5.64 -78.00
CA ILE P 4775 26.68 6.74 -77.96
C ILE P 4775 26.94 7.17 -76.53
N TRP P 4776 25.86 7.31 -75.74
CA TRP P 4776 26.03 7.68 -74.34
C TRP P 4776 26.83 6.62 -73.57
N LYS P 4777 26.52 5.35 -73.82
CA LYS P 4777 27.23 4.27 -73.13
C LYS P 4777 28.71 4.29 -73.49
N PHE P 4778 29.03 4.48 -74.77
CA PHE P 4778 30.43 4.49 -75.17
C PHE P 4778 31.15 5.70 -74.62
N GLY P 4779 30.46 6.84 -74.51
CA GLY P 4779 31.08 7.98 -73.86
C GLY P 4779 31.43 7.69 -72.41
N VAL P 4780 30.50 7.07 -71.67
CA VAL P 4780 30.78 6.72 -70.29
C VAL P 4780 31.96 5.74 -70.22
N ILE P 4781 31.96 4.73 -71.08
CA ILE P 4781 33.02 3.72 -71.05
C ILE P 4781 34.37 4.37 -71.34
N PHE P 4782 34.44 5.21 -72.37
CA PHE P 4782 35.69 5.84 -72.73
C PHE P 4782 36.12 6.89 -71.72
N THR P 4783 35.21 7.36 -70.87
CA THR P 4783 35.63 8.23 -69.77
C THR P 4783 36.05 7.41 -68.55
N ASP P 4784 35.66 6.13 -68.50
CA ASP P 4784 36.07 5.28 -67.38
C ASP P 4784 37.59 5.15 -67.33
N ASN P 4785 38.13 5.22 -66.12
CA ASN P 4785 39.59 5.25 -65.95
C ASN P 4785 40.22 3.89 -66.27
N SER P 4786 39.65 2.81 -65.73
CA SER P 4786 40.26 1.49 -65.93
C SER P 4786 40.24 1.08 -67.39
N PHE P 4787 39.13 1.37 -68.08
CA PHE P 4787 39.06 1.09 -69.51
C PHE P 4787 40.11 1.89 -70.27
N LEU P 4788 40.32 3.14 -69.88
CA LEU P 4788 41.35 3.95 -70.51
C LEU P 4788 42.74 3.35 -70.29
N TYR P 4789 43.00 2.86 -69.07
CA TYR P 4789 44.28 2.24 -68.80
C TYR P 4789 44.48 0.99 -69.66
N LEU P 4790 43.44 0.17 -69.78
CA LEU P 4790 43.55 -1.04 -70.60
C LEU P 4790 43.74 -0.70 -72.07
N GLY P 4791 43.06 0.35 -72.55
CA GLY P 4791 43.27 0.79 -73.91
C GLY P 4791 44.67 1.28 -74.15
N TRP P 4792 45.23 2.02 -73.20
CA TRP P 4792 46.63 2.44 -73.30
C TRP P 4792 47.55 1.23 -73.30
N TYR P 4793 47.24 0.22 -72.48
CA TYR P 4793 48.03 -1.00 -72.47
C TYR P 4793 48.06 -1.64 -73.86
N MET P 4794 46.88 -1.77 -74.47
CA MET P 4794 46.82 -2.31 -75.83
C MET P 4794 47.56 -1.43 -76.84
N VAL P 4795 47.44 -0.11 -76.72
CA VAL P 4795 48.10 0.77 -77.68
C VAL P 4795 49.62 0.60 -77.59
N MET P 4796 50.16 0.53 -76.37
CA MET P 4796 51.59 0.33 -76.22
C MET P 4796 51.99 -1.07 -76.67
N SER P 4797 51.14 -2.07 -76.45
CA SER P 4797 51.45 -3.40 -76.97
C SER P 4797 51.54 -3.41 -78.48
N LEU P 4798 50.62 -2.72 -79.16
CA LEU P 4798 50.69 -2.60 -80.61
C LEU P 4798 51.95 -1.84 -81.05
N LEU P 4799 52.28 -0.76 -80.33
CA LEU P 4799 53.49 0.00 -80.66
C LEU P 4799 54.73 -0.86 -80.45
N GLY P 4800 54.66 -1.85 -79.57
CA GLY P 4800 55.79 -2.74 -79.35
C GLY P 4800 56.22 -3.46 -80.61
N HIS P 4801 55.28 -3.73 -81.52
CA HIS P 4801 55.65 -4.34 -82.78
C HIS P 4801 56.36 -3.35 -83.69
N TYR P 4802 55.99 -2.07 -83.62
CA TYR P 4802 56.72 -1.05 -84.34
C TYR P 4802 58.15 -0.93 -83.80
N ASN P 4803 58.30 -0.98 -82.48
CA ASN P 4803 59.60 -0.98 -81.83
C ASN P 4803 59.50 -1.80 -80.55
N ASN P 4804 60.32 -2.85 -80.46
CA ASN P 4804 60.20 -3.78 -79.33
C ASN P 4804 60.36 -3.10 -77.99
N PHE P 4805 61.13 -2.01 -77.91
CA PHE P 4805 61.41 -1.39 -76.62
C PHE P 4805 60.18 -0.70 -76.04
N PHE P 4806 59.14 -0.47 -76.84
CA PHE P 4806 57.89 0.05 -76.28
C PHE P 4806 57.27 -0.93 -75.29
N PHE P 4807 57.64 -2.20 -75.36
CA PHE P 4807 57.12 -3.17 -74.40
C PHE P 4807 57.59 -2.88 -72.99
N ALA P 4808 58.65 -2.08 -72.85
CA ALA P 4808 59.14 -1.73 -71.52
C ALA P 4808 58.10 -0.94 -70.74
N ALA P 4809 57.23 -0.21 -71.44
CA ALA P 4809 56.19 0.58 -70.78
C ALA P 4809 55.21 -0.29 -70.00
N HIS P 4810 55.13 -1.59 -70.28
CA HIS P 4810 54.22 -2.49 -69.60
C HIS P 4810 54.74 -2.95 -68.25
N LEU P 4811 56.05 -2.79 -67.98
CA LEU P 4811 56.56 -3.10 -66.65
C LEU P 4811 55.99 -2.17 -65.59
N LEU P 4812 55.47 -1.01 -66.00
CA LEU P 4812 54.77 -0.14 -65.07
C LEU P 4812 53.50 -0.79 -64.53
N ASP P 4813 53.04 -1.86 -65.18
CA ASP P 4813 51.82 -2.53 -64.74
C ASP P 4813 51.96 -3.16 -63.36
N ILE P 4814 53.18 -3.29 -62.85
CA ILE P 4814 53.35 -3.85 -61.51
C ILE P 4814 52.70 -2.95 -60.47
N ALA P 4815 52.69 -1.64 -60.72
CA ALA P 4815 52.09 -0.71 -59.76
C ALA P 4815 50.62 -1.01 -59.56
N MET P 4816 49.91 -1.34 -60.65
CA MET P 4816 48.47 -1.60 -60.54
C MET P 4816 48.20 -3.06 -60.22
N GLY P 4817 49.12 -3.94 -60.56
CA GLY P 4817 48.92 -5.36 -60.39
C GLY P 4817 49.19 -5.86 -58.99
N VAL P 4818 50.37 -5.55 -58.46
CA VAL P 4818 50.74 -6.06 -57.14
C VAL P 4818 50.08 -5.20 -56.06
N LYS P 4819 49.36 -5.85 -55.16
CA LYS P 4819 48.67 -5.17 -54.08
C LYS P 4819 49.63 -4.46 -53.14
N THR P 4820 50.78 -5.09 -52.83
CA THR P 4820 51.75 -4.45 -51.96
C THR P 4820 52.32 -3.20 -52.61
N LEU P 4821 52.61 -3.26 -53.92
CA LEU P 4821 53.08 -2.07 -54.61
C LEU P 4821 52.02 -0.98 -54.63
N ARG P 4822 50.75 -1.35 -54.83
CA ARG P 4822 49.69 -0.35 -54.77
C ARG P 4822 49.65 0.31 -53.40
N THR P 4823 49.74 -0.49 -52.34
CA THR P 4823 49.70 0.07 -51.00
C THR P 4823 50.89 0.99 -50.75
N ILE P 4824 52.08 0.60 -51.20
CA ILE P 4824 53.27 1.42 -50.99
C ILE P 4824 53.15 2.73 -51.76
N LEU P 4825 52.72 2.67 -53.01
CA LEU P 4825 52.60 3.89 -53.82
C LEU P 4825 51.45 4.76 -53.33
N SER P 4826 50.51 4.17 -52.59
CA SER P 4826 49.48 4.99 -51.94
C SER P 4826 50.11 5.97 -50.97
N SER P 4827 51.26 5.61 -50.39
CA SER P 4827 51.97 6.53 -49.51
C SER P 4827 52.41 7.77 -50.28
N VAL P 4828 52.95 7.59 -51.48
CA VAL P 4828 53.41 8.72 -52.27
C VAL P 4828 52.23 9.53 -52.77
N THR P 4829 51.18 8.86 -53.25
CA THR P 4829 50.06 9.58 -53.86
C THR P 4829 49.14 10.19 -52.81
N HIS P 4830 49.27 9.78 -51.54
CA HIS P 4830 48.40 10.34 -50.51
C HIS P 4830 48.63 11.84 -50.35
N ASN P 4831 49.89 12.27 -50.38
CA ASN P 4831 50.25 13.68 -50.28
C ASN P 4831 50.85 14.20 -51.58
N GLY P 4832 50.30 13.77 -52.72
CA GLY P 4832 50.87 14.16 -54.00
C GLY P 4832 50.76 15.66 -54.25
N LYS P 4833 49.64 16.26 -53.89
CA LYS P 4833 49.47 17.69 -54.08
C LYS P 4833 50.49 18.47 -53.25
N GLN P 4834 50.68 18.06 -52.00
CA GLN P 4834 51.69 18.70 -51.16
C GLN P 4834 53.09 18.51 -51.72
N LEU P 4835 53.37 17.32 -52.25
CA LEU P 4835 54.69 17.07 -52.83
C LEU P 4835 54.94 17.97 -54.03
N VAL P 4836 53.95 18.11 -54.92
CA VAL P 4836 54.10 18.98 -56.08
C VAL P 4836 54.27 20.43 -55.64
N MET P 4837 53.49 20.88 -54.65
CA MET P 4837 53.65 22.24 -54.16
C MET P 4837 55.03 22.46 -53.56
N THR P 4838 55.57 21.43 -52.90
CA THR P 4838 56.92 21.53 -52.35
C THR P 4838 57.96 21.65 -53.45
N VAL P 4839 57.79 20.89 -54.54
CA VAL P 4839 58.70 21.03 -55.67
C VAL P 4839 58.62 22.44 -56.25
N GLY P 4840 57.40 22.98 -56.35
CA GLY P 4840 57.27 24.35 -56.84
C GLY P 4840 57.93 25.36 -55.94
N LEU P 4841 57.79 25.19 -54.62
CA LEU P 4841 58.46 26.08 -53.67
C LEU P 4841 59.97 25.98 -53.80
N LEU P 4842 60.49 24.77 -53.98
CA LEU P 4842 61.92 24.60 -54.22
C LEU P 4842 62.35 25.35 -55.47
N ALA P 4843 61.57 25.25 -56.55
CA ALA P 4843 61.89 25.97 -57.77
C ALA P 4843 61.92 27.48 -57.55
N VAL P 4844 60.94 28.01 -56.81
CA VAL P 4844 60.91 29.45 -56.56
C VAL P 4844 62.11 29.89 -55.73
N VAL P 4845 62.46 29.12 -54.69
CA VAL P 4845 63.59 29.48 -53.85
C VAL P 4845 64.88 29.45 -54.68
N VAL P 4846 65.05 28.43 -55.51
CA VAL P 4846 66.22 28.36 -56.36
C VAL P 4846 66.24 29.52 -57.35
N TYR P 4847 65.06 29.96 -57.82
CA TYR P 4847 65.03 31.13 -58.70
C TYR P 4847 65.51 32.37 -57.97
N LEU P 4848 65.10 32.54 -56.71
CA LEU P 4848 65.57 33.70 -55.95
C LEU P 4848 67.09 33.65 -55.77
N TYR P 4849 67.62 32.47 -55.45
CA TYR P 4849 69.08 32.31 -55.39
C TYR P 4849 69.74 32.62 -56.73
N THR P 4850 69.11 32.20 -57.83
CA THR P 4850 69.65 32.51 -59.16
C THR P 4850 69.68 34.02 -59.40
N VAL P 4851 68.63 34.73 -58.99
CA VAL P 4851 68.62 36.17 -59.16
C VAL P 4851 69.76 36.80 -58.38
N VAL P 4852 69.95 36.39 -57.13
CA VAL P 4852 71.04 36.97 -56.34
C VAL P 4852 72.39 36.67 -56.98
N ALA P 4853 72.61 35.43 -57.41
CA ALA P 4853 73.89 35.07 -58.02
C ALA P 4853 74.12 35.86 -59.32
N PHE P 4854 73.09 35.99 -60.14
CA PHE P 4854 73.22 36.74 -61.38
C PHE P 4854 73.56 38.18 -61.12
N ASN P 4855 72.97 38.77 -60.07
CA ASN P 4855 73.22 40.18 -59.81
C ASN P 4855 74.60 40.42 -59.20
N PHE P 4856 75.07 39.52 -58.33
CA PHE P 4856 76.27 39.80 -57.55
C PHE P 4856 77.41 38.81 -57.70
N PHE P 4857 77.14 37.54 -58.01
CA PHE P 4857 78.17 36.50 -57.96
C PHE P 4857 78.42 35.86 -59.33
N ARG P 4858 78.47 36.68 -60.39
CA ARG P 4858 78.69 36.11 -61.72
C ARG P 4858 80.12 35.61 -61.89
N LYS P 4859 81.10 36.28 -61.29
CA LYS P 4859 82.49 35.95 -61.55
C LYS P 4859 82.85 34.54 -61.13
N PHE P 4860 82.12 33.96 -60.19
CA PHE P 4860 82.45 32.65 -59.64
C PHE P 4860 81.87 31.51 -60.45
N TYR P 4861 81.12 31.78 -61.52
CA TYR P 4861 80.40 30.74 -62.24
C TYR P 4861 81.10 30.34 -63.54
N ASN P 4862 82.41 30.53 -63.63
CA ASN P 4862 83.17 30.06 -64.79
C ASN P 4862 83.52 28.59 -64.60
N LYS P 4863 82.90 27.73 -65.39
CA LYS P 4863 83.08 26.29 -65.27
C LYS P 4863 84.11 25.73 -66.23
N SER P 4864 84.76 26.57 -67.03
CA SER P 4864 85.77 26.09 -67.98
C SER P 4864 87.14 25.99 -67.30
N GLU P 4865 87.87 24.94 -67.67
CA GLU P 4865 89.24 24.76 -67.20
C GLU P 4865 90.24 25.56 -68.03
N ASP P 4866 89.92 25.83 -69.30
CA ASP P 4866 90.83 26.57 -70.16
C ASP P 4866 90.65 28.07 -69.96
N GLU P 4867 91.76 28.78 -69.82
CA GLU P 4867 91.70 30.23 -69.62
C GLU P 4867 91.23 30.94 -70.88
N ASP P 4868 91.53 30.37 -72.06
CA ASP P 4868 91.20 31.04 -73.31
C ASP P 4868 89.68 31.09 -73.52
N GLU P 4869 88.97 30.03 -73.13
CA GLU P 4869 87.54 29.94 -73.37
C GLU P 4869 86.80 29.93 -72.04
N PRO P 4870 86.27 31.07 -71.57
CA PRO P 4870 85.44 31.05 -70.35
C PRO P 4870 84.04 30.50 -70.61
N ASP P 4871 83.66 29.46 -69.87
CA ASP P 4871 82.31 28.89 -69.97
C ASP P 4871 81.45 29.44 -68.84
N MET P 4872 81.17 30.74 -68.92
CA MET P 4872 80.36 31.38 -67.90
C MET P 4872 78.96 30.78 -67.88
N LYS P 4873 78.51 30.39 -66.70
CA LYS P 4873 77.22 29.75 -66.53
C LYS P 4873 76.15 30.67 -65.96
N CYS P 4874 76.48 31.93 -65.67
CA CYS P 4874 75.52 32.87 -65.11
C CYS P 4874 75.61 34.24 -65.77
N ASP P 4875 75.93 34.28 -67.06
CA ASP P 4875 75.93 35.56 -67.76
C ASP P 4875 74.54 35.93 -68.26
N ASP P 4876 73.63 34.95 -68.31
CA ASP P 4876 72.23 35.21 -68.64
C ASP P 4876 71.35 34.48 -67.62
N MET P 4877 70.20 35.08 -67.32
CA MET P 4877 69.37 34.57 -66.23
C MET P 4877 68.85 33.16 -66.49
N MET P 4878 68.45 32.86 -67.73
CA MET P 4878 67.93 31.53 -68.02
C MET P 4878 69.02 30.46 -67.86
N THR P 4879 70.22 30.72 -68.38
CA THR P 4879 71.31 29.76 -68.19
C THR P 4879 71.66 29.62 -66.71
N CYS P 4880 71.67 30.73 -65.97
CA CYS P 4880 72.00 30.65 -64.55
C CYS P 4880 70.95 29.84 -63.80
N TYR P 4881 69.67 30.03 -64.13
CA TYR P 4881 68.60 29.28 -63.48
C TYR P 4881 68.69 27.80 -63.80
N LEU P 4882 68.94 27.46 -65.07
CA LEU P 4882 69.11 26.06 -65.44
C LEU P 4882 70.30 25.45 -64.71
N PHE P 4883 71.43 26.17 -64.66
CA PHE P 4883 72.57 25.67 -63.91
C PHE P 4883 72.20 25.40 -62.46
N HIS P 4884 71.58 26.36 -61.79
CA HIS P 4884 71.23 26.16 -60.39
C HIS P 4884 70.33 24.95 -60.22
N MET P 4885 69.20 24.91 -60.93
CA MET P 4885 68.24 23.83 -60.76
C MET P 4885 68.87 22.47 -61.07
N TYR P 4886 69.65 22.38 -62.15
CA TYR P 4886 70.16 21.08 -62.60
C TYR P 4886 71.32 20.61 -61.75
N VAL P 4887 72.11 21.53 -61.20
CA VAL P 4887 73.38 21.15 -60.59
C VAL P 4887 73.41 21.36 -59.08
N GLY P 4888 73.01 22.52 -58.57
CA GLY P 4888 73.12 22.80 -57.16
C GLY P 4888 72.19 21.94 -56.33
N VAL P 4889 70.99 21.69 -56.86
CA VAL P 4889 70.04 20.85 -56.15
C VAL P 4889 70.57 19.43 -56.01
N ARG P 4890 71.15 18.89 -57.09
CA ARG P 4890 71.70 17.54 -57.05
C ARG P 4890 73.02 17.46 -56.31
N ALA P 4891 73.72 18.58 -56.13
CA ALA P 4891 74.97 18.58 -55.39
C ALA P 4891 74.72 18.29 -53.92
N GLY P 4892 75.62 17.51 -53.31
CA GLY P 4892 75.45 17.15 -51.91
C GLY P 4892 75.49 18.31 -50.95
N GLY P 4893 76.40 19.26 -51.16
CA GLY P 4893 76.51 20.42 -50.31
C GLY P 4893 75.96 21.69 -50.90
N GLY P 4894 75.25 21.62 -52.02
CA GLY P 4894 74.66 22.80 -52.62
C GLY P 4894 75.50 23.37 -53.75
N ILE P 4895 75.13 24.61 -54.13
CA ILE P 4895 75.79 25.27 -55.26
C ILE P 4895 77.25 25.56 -54.96
N GLY P 4896 77.62 25.62 -53.68
CA GLY P 4896 79.00 25.92 -53.33
C GLY P 4896 79.97 24.84 -53.74
N ASP P 4897 79.53 23.59 -53.71
CA ASP P 4897 80.38 22.48 -54.14
C ASP P 4897 80.83 22.67 -55.58
N GLU P 4898 80.04 23.40 -56.36
CA GLU P 4898 80.24 23.41 -57.80
C GLU P 4898 80.81 24.73 -58.28
N ILE P 4899 80.41 25.85 -57.67
CA ILE P 4899 80.92 27.14 -58.12
C ILE P 4899 82.29 27.41 -57.50
N GLU P 4900 82.98 28.42 -58.01
CA GLU P 4900 84.38 28.66 -57.65
C GLU P 4900 84.51 28.98 -56.16
N ASP P 4901 85.72 28.74 -55.64
CA ASP P 4901 86.02 28.97 -54.23
C ASP P 4901 85.94 30.47 -53.91
N PRO P 4902 85.46 30.85 -52.73
CA PRO P 4902 85.33 32.27 -52.40
C PRO P 4902 86.50 32.87 -51.64
N ALA P 4903 87.47 32.06 -51.22
CA ALA P 4903 88.53 32.55 -50.33
C ALA P 4903 89.27 33.71 -50.96
N GLY P 4904 89.60 34.71 -50.13
CA GLY P 4904 90.35 35.85 -50.58
C GLY P 4904 89.61 36.75 -51.57
N ASP P 4905 88.34 37.03 -51.30
CA ASP P 4905 87.54 37.90 -52.14
C ASP P 4905 86.81 38.92 -51.27
N GLU P 4906 86.53 40.08 -51.86
CA GLU P 4906 85.84 41.14 -51.13
C GLU P 4906 84.46 40.69 -50.67
N TYR P 4907 83.83 39.77 -51.40
CA TYR P 4907 82.49 39.30 -51.12
C TYR P 4907 82.51 37.91 -50.48
N GLU P 4908 83.61 37.56 -49.82
CA GLU P 4908 83.76 36.21 -49.30
C GLU P 4908 82.70 35.87 -48.26
N LEU P 4909 82.45 36.77 -47.31
CA LEU P 4909 81.45 36.49 -46.28
C LEU P 4909 80.05 36.44 -46.87
N TYR P 4910 79.73 37.36 -47.78
CA TYR P 4910 78.43 37.34 -48.43
C TYR P 4910 78.23 36.02 -49.17
N ARG P 4911 79.27 35.55 -49.86
CA ARG P 4911 79.13 34.35 -50.68
C ARG P 4911 79.11 33.08 -49.84
N VAL P 4912 79.84 33.05 -48.71
CA VAL P 4912 79.71 31.91 -47.82
C VAL P 4912 78.35 31.87 -47.15
N VAL P 4913 77.77 33.02 -46.80
CA VAL P 4913 76.39 33.03 -46.34
C VAL P 4913 75.46 32.52 -47.43
N PHE P 4914 75.68 32.96 -48.66
CA PHE P 4914 74.90 32.46 -49.79
C PHE P 4914 74.94 30.93 -49.87
N ASP P 4915 76.15 30.36 -49.87
CA ASP P 4915 76.29 28.91 -50.00
C ASP P 4915 75.66 28.18 -48.82
N ILE P 4916 75.93 28.64 -47.59
CA ILE P 4916 75.44 27.93 -46.42
C ILE P 4916 73.92 27.99 -46.36
N THR P 4917 73.33 29.14 -46.67
CA THR P 4917 71.87 29.23 -46.67
C THR P 4917 71.26 28.40 -47.79
N PHE P 4918 71.88 28.37 -48.97
CA PHE P 4918 71.41 27.45 -50.01
C PHE P 4918 71.40 26.02 -49.51
N PHE P 4919 72.52 25.57 -48.91
CA PHE P 4919 72.59 24.21 -48.41
C PHE P 4919 71.54 23.94 -47.33
N PHE P 4920 71.34 24.89 -46.43
CA PHE P 4920 70.42 24.67 -45.31
C PHE P 4920 68.97 24.64 -45.78
N PHE P 4921 68.57 25.57 -46.64
CA PHE P 4921 67.17 25.66 -47.06
C PHE P 4921 66.83 24.61 -48.13
N VAL P 4922 67.63 24.53 -49.19
CA VAL P 4922 67.26 23.66 -50.30
C VAL P 4922 67.61 22.21 -49.99
N ILE P 4923 68.88 21.95 -49.65
CA ILE P 4923 69.34 20.58 -49.51
C ILE P 4923 68.75 19.93 -48.28
N VAL P 4924 68.66 20.66 -47.17
CA VAL P 4924 68.30 20.06 -45.89
C VAL P 4924 66.80 20.18 -45.62
N ILE P 4925 66.25 21.39 -45.67
CA ILE P 4925 64.87 21.60 -45.22
C ILE P 4925 63.88 21.03 -46.22
N LEU P 4926 63.93 21.50 -47.47
CA LEU P 4926 62.90 21.13 -48.43
C LEU P 4926 62.89 19.62 -48.68
N LEU P 4927 64.07 19.03 -48.85
CA LEU P 4927 64.14 17.57 -48.96
C LEU P 4927 63.58 16.92 -47.70
N ALA P 4928 63.92 17.48 -46.53
CA ALA P 4928 63.33 16.99 -45.29
C ALA P 4928 61.82 17.08 -45.33
N ILE P 4929 61.28 18.13 -45.96
CA ILE P 4929 59.83 18.24 -46.09
C ILE P 4929 59.28 17.11 -46.93
N ILE P 4930 59.97 16.76 -48.02
CA ILE P 4930 59.50 15.67 -48.88
C ILE P 4930 59.48 14.35 -48.10
N GLN P 4931 60.60 14.04 -47.44
CA GLN P 4931 60.65 12.80 -46.65
C GLN P 4931 59.59 12.80 -45.56
N GLY P 4932 59.37 13.94 -44.92
CA GLY P 4932 58.35 14.02 -43.89
C GLY P 4932 56.96 13.81 -44.44
N LEU P 4933 56.68 14.33 -45.64
CA LEU P 4933 55.38 14.09 -46.25
C LEU P 4933 55.17 12.60 -46.50
N ILE P 4934 56.18 11.92 -47.02
CA ILE P 4934 56.03 10.49 -47.27
C ILE P 4934 55.81 9.73 -45.96
N ILE P 4935 56.60 10.05 -44.93
CA ILE P 4935 56.49 9.35 -43.65
C ILE P 4935 55.12 9.61 -43.04
N ASP P 4936 54.64 10.84 -43.11
CA ASP P 4936 53.34 11.17 -42.56
C ASP P 4936 52.23 10.47 -43.34
N ALA P 4937 52.42 10.26 -44.64
CA ALA P 4937 51.45 9.49 -45.40
C ALA P 4937 51.37 8.06 -44.87
N PHE P 4938 52.52 7.43 -44.66
CA PHE P 4938 52.53 6.09 -44.05
C PHE P 4938 51.78 6.10 -42.72
N GLY P 4939 52.12 7.04 -41.85
CA GLY P 4939 51.50 7.07 -40.53
C GLY P 4939 50.01 7.30 -40.59
N GLU P 4940 49.57 8.20 -41.49
CA GLU P 4940 48.15 8.48 -41.62
C GLU P 4940 47.38 7.26 -42.10
N LEU P 4941 47.93 6.53 -43.08
CA LEU P 4941 47.25 5.32 -43.53
C LEU P 4941 47.15 4.30 -42.41
N ARG P 4942 48.23 4.10 -41.65
CA ARG P 4942 48.18 3.15 -40.54
C ARG P 4942 47.13 3.58 -39.50
N ASP P 4943 47.09 4.87 -39.19
CA ASP P 4943 46.13 5.37 -38.21
C ASP P 4943 44.71 5.18 -38.68
N GLN P 4944 44.46 5.42 -39.98
CA GLN P 4944 43.12 5.21 -40.52
C GLN P 4944 42.70 3.74 -40.42
N GLN P 4945 43.59 2.81 -40.77
CA GLN P 4945 43.25 1.40 -40.64
C GLN P 4945 42.95 1.03 -39.19
N GLU P 4946 43.77 1.53 -38.26
CA GLU P 4946 43.53 1.25 -36.85
C GLU P 4946 42.20 1.83 -36.39
N GLN P 4947 41.85 3.03 -36.85
CA GLN P 4947 40.56 3.62 -36.49
C GLN P 4947 39.42 2.77 -37.01
N VAL P 4948 39.52 2.27 -38.24
CA VAL P 4948 38.47 1.41 -38.77
C VAL P 4948 38.32 0.16 -37.91
N LYS P 4949 39.43 -0.48 -37.57
CA LYS P 4949 39.35 -1.69 -36.76
C LYS P 4949 38.75 -1.40 -35.38
N GLU P 4950 39.15 -0.31 -34.74
CA GLU P 4950 38.61 0.03 -33.43
C GLU P 4950 37.12 0.31 -33.51
N ASP P 4951 36.69 1.03 -34.54
CA ASP P 4951 35.27 1.33 -34.70
C ASP P 4951 34.46 0.04 -34.88
N MET P 4952 34.98 -0.89 -35.69
CA MET P 4952 34.25 -2.13 -35.89
C MET P 4952 34.25 -3.00 -34.64
N GLU P 4953 35.28 -2.86 -33.80
CA GLU P 4953 35.33 -3.68 -32.59
C GLU P 4953 34.56 -3.07 -31.42
N THR P 4954 34.24 -1.77 -31.48
CA THR P 4954 33.71 -1.11 -30.29
C THR P 4954 32.20 -0.90 -30.38
N LYS P 4955 31.66 -0.66 -31.57
CA LYS P 4955 30.24 -0.37 -31.73
C LYS P 4955 29.68 -1.10 -32.94
N CYS P 4956 28.37 -1.32 -32.90
CA CYS P 4956 27.68 -1.99 -34.00
C CYS P 4956 27.55 -1.04 -35.18
N PHE P 4957 27.78 -1.56 -36.38
CA PHE P 4957 27.73 -0.72 -37.58
C PHE P 4957 26.33 -0.23 -37.86
N ILE P 4958 25.32 -1.04 -37.55
CA ILE P 4958 23.94 -0.70 -37.92
C ILE P 4958 23.34 0.30 -36.94
N CYS P 4959 23.20 -0.09 -35.67
CA CYS P 4959 22.52 0.74 -34.69
C CYS P 4959 23.45 1.67 -33.92
N GLY P 4960 24.75 1.42 -33.93
CA GLY P 4960 25.70 2.29 -33.27
C GLY P 4960 25.82 2.10 -31.77
N ILE P 4961 25.09 1.14 -31.19
CA ILE P 4961 25.19 0.91 -29.76
C ILE P 4961 26.55 0.29 -29.44
N GLY P 4962 27.09 0.67 -28.28
CA GLY P 4962 28.40 0.20 -27.90
C GLY P 4962 28.41 -1.29 -27.57
N SER P 4963 29.60 -1.88 -27.67
CA SER P 4963 29.76 -3.30 -27.39
C SER P 4963 29.59 -3.61 -25.91
N ASP P 4964 29.82 -2.64 -25.03
CA ASP P 4964 29.71 -2.89 -23.60
C ASP P 4964 28.27 -3.21 -23.19
N TYR P 4965 27.28 -2.57 -23.81
CA TYR P 4965 25.90 -2.89 -23.50
C TYR P 4965 25.57 -4.33 -23.86
N PHE P 4966 26.01 -4.76 -25.05
CA PHE P 4966 25.72 -6.13 -25.48
C PHE P 4966 26.48 -7.16 -24.66
N ASP P 4967 27.72 -6.85 -24.29
CA ASP P 4967 28.56 -7.82 -23.59
C ASP P 4967 28.05 -8.16 -22.19
N THR P 4968 26.91 -7.61 -21.77
CA THR P 4968 26.33 -8.03 -20.49
C THR P 4968 26.05 -9.53 -20.49
N THR P 4969 25.53 -10.05 -21.59
CA THR P 4969 25.39 -11.49 -21.76
C THR P 4969 26.69 -12.06 -22.34
N PRO P 4970 26.95 -13.35 -22.14
CA PRO P 4970 28.19 -13.94 -22.67
C PRO P 4970 28.27 -13.79 -24.19
N HIS P 4971 29.35 -13.18 -24.65
CA HIS P 4971 29.59 -12.98 -26.09
C HIS P 4971 28.44 -12.21 -26.73
N GLY P 4972 27.85 -11.29 -25.98
CA GLY P 4972 26.67 -10.59 -26.47
C GLY P 4972 26.94 -9.79 -27.73
N PHE P 4973 28.07 -9.08 -27.76
CA PHE P 4973 28.39 -8.28 -28.95
C PHE P 4973 28.64 -9.18 -30.16
N GLU P 4974 29.33 -10.30 -29.96
CA GLU P 4974 29.58 -11.22 -31.06
C GLU P 4974 28.26 -11.76 -31.62
N THR P 4975 27.35 -12.17 -30.73
CA THR P 4975 26.07 -12.67 -31.21
C THR P 4975 25.27 -11.57 -31.89
N HIS P 4976 25.32 -10.34 -31.36
CA HIS P 4976 24.60 -9.23 -31.97
C HIS P 4976 25.11 -8.96 -33.38
N THR P 4977 26.42 -8.91 -33.57
CA THR P 4977 26.99 -8.60 -34.86
C THR P 4977 26.96 -9.78 -35.83
N LEU P 4978 26.76 -11.00 -35.34
CA LEU P 4978 26.71 -12.15 -36.25
C LEU P 4978 25.29 -12.50 -36.64
N GLU P 4979 24.32 -12.31 -35.74
CA GLU P 4979 22.95 -12.72 -35.97
C GLU P 4979 21.96 -11.56 -35.96
N GLU P 4980 21.95 -10.76 -34.89
CA GLU P 4980 20.88 -9.77 -34.73
C GLU P 4980 21.01 -8.65 -35.76
N HIS P 4981 22.19 -8.05 -35.88
CA HIS P 4981 22.43 -6.95 -36.81
C HIS P 4981 23.62 -7.34 -37.71
N ASN P 4982 23.32 -8.02 -38.81
CA ASN P 4982 24.36 -8.51 -39.72
C ASN P 4982 24.22 -7.80 -41.07
N LEU P 4983 25.32 -7.20 -41.52
CA LEU P 4983 25.31 -6.50 -42.81
C LEU P 4983 24.97 -7.47 -43.94
N ALA P 4984 25.53 -8.68 -43.88
CA ALA P 4984 25.20 -9.68 -44.88
C ALA P 4984 23.72 -10.00 -44.87
N ASN P 4985 23.12 -10.10 -43.69
CA ASN P 4985 21.70 -10.41 -43.61
C ASN P 4985 20.86 -9.27 -44.18
N TYR P 4986 21.24 -8.02 -43.92
CA TYR P 4986 20.51 -6.90 -44.49
C TYR P 4986 20.62 -6.88 -46.01
N MET P 4987 21.83 -7.13 -46.54
CA MET P 4987 21.99 -7.18 -47.99
C MET P 4987 21.18 -8.32 -48.61
N PHE P 4988 21.19 -9.49 -47.97
CA PHE P 4988 20.37 -10.60 -48.44
C PHE P 4988 18.89 -10.29 -48.36
N PHE P 4989 18.44 -9.58 -47.33
CA PHE P 4989 17.04 -9.20 -47.26
C PHE P 4989 16.67 -8.25 -48.40
N LEU P 4990 17.53 -7.28 -48.70
CA LEU P 4990 17.24 -6.41 -49.83
C LEU P 4990 17.18 -7.19 -51.14
N MET P 4991 18.14 -8.11 -51.36
CA MET P 4991 18.13 -8.90 -52.59
C MET P 4991 16.87 -9.76 -52.68
N TYR P 4992 16.52 -10.42 -51.57
CA TYR P 4992 15.34 -11.27 -51.54
C TYR P 4992 14.06 -10.48 -51.76
N LEU P 4993 13.98 -9.28 -51.17
CA LEU P 4993 12.81 -8.44 -51.36
C LEU P 4993 12.68 -7.97 -52.80
N ILE P 4994 13.81 -7.62 -53.42
CA ILE P 4994 13.77 -7.22 -54.83
C ILE P 4994 13.32 -8.40 -55.69
N ASN P 4995 13.87 -9.59 -55.45
CA ASN P 4995 13.51 -10.74 -56.27
C ASN P 4995 12.04 -11.12 -56.09
N LYS P 4996 11.54 -11.07 -54.86
CA LYS P 4996 10.18 -11.50 -54.59
C LYS P 4996 9.18 -10.58 -55.29
N ASP P 4997 8.09 -11.18 -55.75
CA ASP P 4997 7.03 -10.42 -56.40
C ASP P 4997 6.32 -9.54 -55.38
N GLU P 4998 5.93 -8.34 -55.82
CA GLU P 4998 5.24 -7.41 -54.92
C GLU P 4998 3.94 -8.01 -54.40
N THR P 4999 3.21 -8.72 -55.26
CA THR P 4999 1.94 -9.31 -54.84
C THR P 4999 2.15 -10.35 -53.74
N GLU P 5000 3.34 -10.95 -53.69
CA GLU P 5000 3.64 -11.97 -52.69
C GLU P 5000 4.20 -11.38 -51.40
N HIS P 5001 4.49 -10.08 -51.36
CA HIS P 5001 5.09 -9.49 -50.17
C HIS P 5001 4.14 -9.62 -48.98
N THR P 5002 4.71 -9.96 -47.83
CA THR P 5002 3.96 -9.95 -46.58
C THR P 5002 3.77 -8.50 -46.12
N GLY P 5003 3.16 -8.34 -44.94
CA GLY P 5003 2.95 -6.99 -44.42
C GLY P 5003 4.25 -6.27 -44.11
N GLN P 5004 5.13 -6.92 -43.36
CA GLN P 5004 6.41 -6.30 -43.01
C GLN P 5004 7.27 -6.07 -44.26
N GLU P 5005 7.29 -7.05 -45.16
CA GLU P 5005 8.05 -6.88 -46.39
C GLU P 5005 7.49 -5.76 -47.25
N SER P 5006 6.16 -5.60 -47.31
CA SER P 5006 5.58 -4.50 -48.06
C SER P 5006 5.93 -3.16 -47.43
N TYR P 5007 5.89 -3.09 -46.10
CA TYR P 5007 6.30 -1.87 -45.41
C TYR P 5007 7.74 -1.49 -45.78
N VAL P 5008 8.66 -2.45 -45.66
CA VAL P 5008 10.06 -2.17 -45.95
C VAL P 5008 10.24 -1.84 -47.43
N TRP P 5009 9.47 -2.50 -48.30
CA TRP P 5009 9.58 -2.24 -49.73
C TRP P 5009 9.14 -0.82 -50.06
N LYS P 5010 8.04 -0.37 -49.47
CA LYS P 5010 7.59 1.00 -49.69
C LYS P 5010 8.64 1.99 -49.18
N MET P 5011 9.18 1.75 -47.99
CA MET P 5011 10.19 2.66 -47.46
C MET P 5011 11.43 2.68 -48.35
N TYR P 5012 11.85 1.52 -48.85
CA TYR P 5012 13.01 1.44 -49.74
C TYR P 5012 12.75 2.20 -51.03
N GLN P 5013 11.55 2.04 -51.61
CA GLN P 5013 11.23 2.73 -52.85
C GLN P 5013 11.21 4.24 -52.63
N GLU P 5014 10.78 4.68 -51.45
CA GLU P 5014 10.82 6.09 -51.11
C GLU P 5014 12.19 6.54 -50.63
N ARG P 5015 13.15 5.63 -50.48
CA ARG P 5015 14.49 5.96 -50.01
C ARG P 5015 14.43 6.52 -48.58
N CYS P 5016 13.53 5.98 -47.78
CA CYS P 5016 13.43 6.32 -46.36
C CYS P 5016 14.06 5.19 -45.56
N TRP P 5017 15.18 5.48 -44.89
CA TRP P 5017 15.96 4.49 -44.19
C TRP P 5017 15.58 4.40 -42.71
N ASP P 5018 14.47 5.02 -42.31
CA ASP P 5018 14.05 4.99 -40.92
C ASP P 5018 13.78 3.58 -40.42
N PHE P 5019 13.54 2.62 -41.33
CA PHE P 5019 13.30 1.25 -40.91
C PHE P 5019 14.57 0.62 -40.37
N PHE P 5020 15.73 1.18 -40.71
CA PHE P 5020 16.98 0.69 -40.14
C PHE P 5020 17.04 1.05 -38.66
N PRO P 5021 17.25 0.08 -37.77
CA PRO P 5021 17.32 0.42 -36.34
C PRO P 5021 18.52 1.32 -36.06
N ALA P 5022 18.27 2.41 -35.32
CA ALA P 5022 19.29 3.39 -35.01
C ALA P 5022 19.20 3.72 -33.52
N GLY P 5023 20.20 3.29 -32.75
CA GLY P 5023 20.18 3.49 -31.32
C GLY P 5023 19.22 2.58 -30.58
N ASP P 5024 18.66 1.58 -31.25
CA ASP P 5024 17.70 0.67 -30.65
C ASP P 5024 17.91 -0.73 -31.22
N CYS P 5025 17.44 -1.73 -30.46
CA CYS P 5025 17.61 -3.11 -30.85
C CYS P 5025 16.51 -3.94 -30.18
N PHE P 5026 16.43 -5.21 -30.55
CA PHE P 5026 15.46 -6.12 -29.93
C PHE P 5026 15.70 -6.27 -28.43
N ARG P 5027 16.96 -6.45 -28.02
CA ARG P 5027 17.28 -6.60 -26.61
C ARG P 5027 16.87 -5.38 -25.81
N LYS P 5028 17.18 -4.18 -26.31
CA LYS P 5028 16.84 -2.96 -25.57
C LYS P 5028 15.33 -2.73 -25.60
N GLN P 5029 14.67 -3.08 -26.70
CA GLN P 5029 13.22 -2.92 -26.79
C GLN P 5029 12.52 -3.80 -25.76
N TYR P 5030 12.96 -5.05 -25.61
CA TYR P 5030 12.31 -6.01 -24.73
C TYR P 5030 13.24 -6.43 -23.60
N GLU P 5031 13.95 -5.47 -23.02
CA GLU P 5031 14.95 -5.79 -22.01
C GLU P 5031 14.35 -6.48 -20.80
N ASP P 5032 13.31 -5.88 -20.20
CA ASP P 5032 12.78 -6.41 -18.95
C ASP P 5032 12.18 -7.81 -19.15
N GLN P 5033 11.40 -7.99 -20.22
CA GLN P 5033 10.83 -9.30 -20.48
C GLN P 5033 11.91 -10.32 -20.82
N LEU P 5034 12.87 -9.94 -21.67
CA LEU P 5034 13.91 -10.87 -22.08
C LEU P 5034 14.75 -11.32 -20.88
N SER P 5035 15.09 -10.40 -20.00
CA SER P 5035 15.90 -10.72 -18.83
C SER P 5035 15.12 -11.62 -17.87
ZN ZN Q . 38.26 13.51 -6.90
C1 PCW R . 87.42 -19.51 -55.38
C2 PCW R . 86.27 -18.92 -54.56
C3 PCW R . 85.36 -18.06 -55.45
C4 PCW R . 89.82 -19.11 -51.50
C5 PCW R . 90.96 -19.18 -50.42
C6 PCW R . 89.96 -17.40 -49.37
C7 PCW R . 92.09 -17.28 -48.69
C8 PCW R . 92.34 -17.48 -50.87
C11 PCW R . 84.59 -15.81 -55.17
C12 PCW R . 84.73 -14.55 -54.28
C13 PCW R . 83.35 -13.91 -53.94
C14 PCW R . 82.92 -14.31 -52.50
C15 PCW R . 81.47 -13.81 -52.16
C16 PCW R . 81.13 -12.48 -52.90
C17 PCW R . 79.78 -11.85 -52.42
C18 PCW R . 79.72 -11.72 -50.87
C19 PCW R . 78.72 -10.61 -50.48
C20 PCW R . 78.69 -9.84 -49.38
C21 PCW R . 79.21 -9.35 -47.98
C22 PCW R . 78.82 -10.34 -46.84
C23 PCW R . 79.14 -9.65 -45.48
C24 PCW R . 78.05 -9.96 -44.41
C25 PCW R . 76.74 -9.17 -44.71
C26 PCW R . 75.97 -8.92 -43.38
C27 PCW R . 74.44 -9.05 -43.60
C28 PCW R . 73.71 -8.03 -42.71
C31 PCW R . 85.61 -20.06 -52.60
C32 PCW R . 84.34 -20.40 -51.76
C33 PCW R . 84.51 -19.84 -50.34
C34 PCW R . 83.22 -20.11 -49.53
C35 PCW R . 82.21 -18.97 -49.77
C36 PCW R . 82.45 -17.85 -48.72
C37 PCW R . 81.77 -16.54 -49.17
C38 PCW R . 80.77 -16.09 -48.09
C39 PCW R . 80.46 -14.59 -48.27
C40 PCW R . 79.24 -14.04 -48.16
C41 PCW R . 77.95 -14.83 -47.81
C42 PCW R . 76.99 -14.78 -49.03
C43 PCW R . 75.93 -13.67 -48.83
C44 PCW R . 75.70 -12.91 -50.16
C45 PCW R . 74.47 -11.97 -50.01
C46 PCW R . 74.87 -10.65 -49.28
C47 PCW R . 74.24 -10.65 -47.86
C48 PCW R . 72.70 -10.52 -47.97
N PCW R . 91.32 -17.83 -49.85
O2 PCW R . 85.50 -19.94 -54.01
O3 PCW R . 85.69 -16.70 -55.28
O11 PCW R . 83.59 -16.03 -55.77
O31 PCW R . 86.64 -19.88 -52.05
O1P PCW R . 89.81 -18.18 -54.31
O2P PCW R . 90.80 -20.33 -55.01
O3P PCW R . 88.26 -20.28 -54.52
O4P PCW R . 90.09 -20.06 -52.52
P PCW R . 89.76 -19.68 -54.11
C1 PCW S . 98.16 22.62 -21.91
C2 PCW S . 98.17 21.27 -22.64
C3 PCW S . 98.74 20.21 -21.69
C4 PCW S . 100.23 26.00 -21.37
C5 PCW S . 100.90 26.72 -20.15
C6 PCW S . 102.96 26.90 -21.16
C7 PCW S . 103.19 25.06 -19.94
C8 PCW S . 102.34 26.49 -18.47
C11 PCW S . 97.02 19.46 -20.16
C12 PCW S . 96.47 19.33 -18.72
C13 PCW S . 96.01 17.86 -18.44
C14 PCW S . 94.57 17.82 -17.84
C15 PCW S . 93.55 17.21 -18.88
C16 PCW S . 92.39 16.48 -18.10
C17 PCW S . 90.99 16.98 -18.58
C18 PCW S . 90.55 16.30 -19.90
C19 PCW S . 90.30 17.39 -20.97
C20 PCW S . 89.18 17.68 -21.65
C21 PCW S . 87.68 17.51 -22.09
C22 PCW S . 86.68 17.53 -20.89
C23 PCW S . 86.00 16.14 -20.71
C24 PCW S . 84.53 16.36 -20.25
C25 PCW S . 83.85 15.00 -19.91
C26 PCW S . 82.63 15.23 -18.98
C27 PCW S . 81.47 15.95 -19.73
C28 PCW S . 80.46 16.51 -18.70
C31 PCW S . 96.15 21.78 -23.85
C32 PCW S . 94.66 21.46 -24.16
C33 PCW S . 94.03 22.53 -25.08
C34 PCW S . 92.49 22.50 -24.89
C35 PCW S . 91.91 21.17 -25.44
C36 PCW S . 90.39 21.36 -25.71
C37 PCW S . 89.66 21.55 -24.37
C38 PCW S . 88.27 20.89 -24.44
C39 PCW S . 87.50 21.51 -25.62
C40 PCW S . 86.65 20.84 -26.41
C41 PCW S . 86.31 19.34 -26.23
C42 PCW S . 85.01 19.23 -25.37
C43 PCW S . 85.02 17.94 -24.50
C44 PCW S . 84.10 16.87 -25.17
C45 PCW S . 83.87 15.68 -24.20
C46 PCW S . 82.59 14.90 -24.65
C47 PCW S . 81.43 15.15 -23.64
C48 PCW S . 80.07 15.10 -24.38
N PCW S . 102.33 26.28 -19.96
O2 PCW S . 96.89 20.88 -23.03
O3 PCW S . 98.11 20.34 -20.42
O11 PCW S . 96.53 18.84 -21.04
O31 PCW S . 96.65 22.77 -24.28
O1P PCW S . 100.63 24.43 -24.25
O2P PCW S . 100.98 22.45 -22.81
O3P PCW S . 98.67 23.63 -22.75
O4P PCW S . 100.92 24.79 -21.68
P PCW S . 100.32 23.81 -22.90
C1 PCW T . 88.76 -22.33 -47.40
C2 PCW T . 88.10 -21.69 -48.64
C3 PCW T . 87.49 -22.81 -49.48
C4 PCW T . 92.23 -23.64 -45.92
C5 PCW T . 92.78 -25.01 -45.41
C6 PCW T . 94.62 -24.99 -46.78
C7 PCW T . 93.16 -26.22 -47.95
C8 PCW T . 93.09 -27.15 -45.94
C11 PCW T . 85.34 -23.46 -48.59
C12 PCW T . 84.43 -24.53 -47.91
C13 PCW T . 83.06 -24.60 -48.67
C14 PCW T . 81.85 -24.52 -47.67
C15 PCW T . 81.08 -23.16 -47.84
C16 PCW T . 79.57 -23.37 -47.48
C17 PCW T . 79.09 -22.33 -46.41
C18 PCW T . 78.76 -20.95 -47.07
C19 PCW T . 79.65 -19.86 -46.42
C20 PCW T . 79.29 -18.74 -45.73
C21 PCW T . 78.29 -17.72 -45.10
C22 PCW T . 77.25 -18.36 -44.15
C23 PCW T . 75.80 -18.26 -44.74
C24 PCW T . 74.81 -18.04 -43.57
C25 PCW T . 73.33 -18.07 -44.09
C26 PCW T . 72.36 -18.38 -42.91
C27 PCW T . 72.28 -17.18 -41.92
C28 PCW T . 71.65 -17.66 -40.60
C31 PCW T . 87.44 -19.72 -47.42
C32 PCW T . 86.30 -18.80 -46.88
C33 PCW T . 86.87 -17.67 -45.99
C34 PCW T . 85.74 -17.19 -45.04
C35 PCW T . 84.65 -16.45 -45.86
C36 PCW T . 83.81 -15.55 -44.90
C37 PCW T . 83.03 -16.44 -43.92
C38 PCW T . 81.66 -15.79 -43.63
C39 PCW T . 81.92 -14.38 -43.06
C40 PCW T . 81.14 -13.32 -43.30
C41 PCW T . 79.86 -13.36 -44.16
C42 PCW T . 78.64 -13.57 -43.23
C43 PCW T . 77.52 -14.37 -43.94
C44 PCW T . 76.39 -13.40 -44.40
C45 PCW T . 75.14 -14.20 -44.86
C46 PCW T . 73.90 -13.25 -44.83
C47 PCW T . 72.95 -13.65 -43.67
C48 PCW T . 72.22 -12.40 -43.12
N PCW T . 93.40 -25.82 -46.52
O2 PCW T . 87.08 -20.80 -48.28
O3 PCW T . 86.74 -23.68 -48.65
O11 PCW T . 84.88 -22.46 -49.02
O31 PCW T . 88.57 -19.52 -47.11
O1P PCW T . 92.37 -21.25 -48.19
O2P PCW T . 90.85 -22.73 -49.45
O3P PCW T . 90.03 -21.76 -47.18
O4P PCW T . 92.00 -23.68 -47.33
P PCW T . 91.32 -22.34 -48.07
ZN ZN U . 37.20 -10.10 -14.47
C1 PCW V . 64.17 11.64 -82.72
C2 PCW V . 63.52 11.42 -81.34
C3 PCW V . 63.74 12.63 -80.45
C4 PCW V . 64.84 7.12 -82.67
C5 PCW V . 65.25 5.65 -83.06
C6 PCW V . 65.41 5.18 -80.84
C7 PCW V . 66.73 3.64 -81.79
C8 PCW V . 67.45 5.49 -82.75
C11 PCW V . 64.62 12.75 -78.21
C12 PCW V . 65.26 11.91 -77.08
C13 PCW V . 64.63 12.22 -75.69
C14 PCW V . 63.61 11.10 -75.30
C15 PCW V . 62.85 11.43 -73.97
C16 PCW V . 63.74 12.27 -72.99
C17 PCW V . 63.09 12.44 -71.58
C18 PCW V . 62.65 11.06 -70.98
C19 PCW V . 62.57 11.18 -69.44
C20 PCW V . 62.71 10.20 -68.52
C21 PCW V . 62.95 8.73 -68.05
C22 PCW V . 61.67 7.86 -68.21
C23 PCW V . 61.91 6.50 -67.48
C24 PCW V . 60.63 6.01 -66.75
C25 PCW V . 60.36 6.85 -65.48
C26 PCW V . 59.58 5.99 -64.44
C27 PCW V . 58.52 6.85 -63.70
C28 PCW V . 58.40 6.40 -62.23
C31 PCW V . 61.69 9.92 -81.22
C32 PCW V . 60.34 9.71 -80.50
C33 PCW V . 60.38 8.36 -79.74
C34 PCW V . 59.06 8.18 -78.94
C35 PCW V . 59.22 8.86 -77.56
C36 PCW V . 59.79 7.82 -76.56
C37 PCW V . 60.32 8.56 -75.31
C38 PCW V . 59.60 8.02 -74.05
C39 PCW V . 60.43 8.35 -72.80
C40 PCW V . 59.93 8.79 -71.64
C41 PCW V . 58.42 9.02 -71.37
C42 PCW V . 58.18 10.53 -71.13
C43 PCW V . 58.13 10.83 -69.61
C44 PCW V . 58.89 12.15 -69.30
C45 PCW V . 58.63 12.56 -67.82
C46 PCW V . 59.54 11.75 -66.86
C47 PCW V . 58.66 10.75 -66.05
C48 PCW V . 57.74 11.52 -65.08
N PCW V . 66.20 5.00 -82.11
O2 PCW V . 62.14 11.24 -81.51
O3 PCW V . 64.81 12.36 -79.57
O11 PCW V . 63.98 13.72 -77.97
O31 PCW V . 62.35 8.97 -81.54
O1P PCW V . 66.34 9.68 -82.81
O2P PCW V . 65.82 9.82 -85.22
O3P PCW V . 63.97 10.50 -83.52
O4P PCW V . 64.73 7.90 -83.85
P PCW V . 65.25 9.48 -83.85
ZN ZN W . 24.33 20.34 -26.26
C1 PCW X . 100.74 15.81 -26.41
C2 PCW X . 99.21 15.67 -26.33
C3 PCW X . 98.75 14.41 -27.09
C4 PCW X . 99.91 20.30 -26.36
C5 PCW X . 100.08 21.86 -26.33
C6 PCW X . 98.02 22.03 -27.32
C7 PCW X . 99.02 23.95 -27.88
C8 PCW X . 100.56 22.48 -28.44
C11 PCW X . 97.09 14.16 -28.79
C12 PCW X . 96.11 14.95 -29.70
C13 PCW X . 94.69 14.30 -29.75
C14 PCW X . 93.71 15.09 -28.81
C15 PCW X . 92.31 14.39 -28.71
C16 PCW X . 91.94 13.65 -30.03
C17 PCW X . 90.47 13.12 -30.03
C18 PCW X . 89.46 14.25 -29.66
C19 PCW X . 88.06 13.89 -30.24
C20 PCW X . 87.06 14.73 -30.59
C21 PCW X . 86.38 16.13 -30.77
C22 PCW X . 85.87 16.70 -29.43
C23 PCW X . 84.98 17.96 -29.74
C24 PCW X . 83.75 18.02 -28.78
C25 PCW X . 82.69 16.95 -29.19
C26 PCW X . 81.28 17.45 -28.77
C27 PCW X . 80.42 16.26 -28.23
C28 PCW X . 78.94 16.46 -28.66
C31 PCW X . 98.09 16.68 -24.51
C32 PCW X . 96.89 16.47 -23.56
C33 PCW X . 95.92 17.66 -23.69
C34 PCW X . 94.68 17.41 -22.80
C35 PCW X . 93.65 16.58 -23.59
C36 PCW X . 92.71 17.55 -24.36
C37 PCW X . 91.94 16.78 -25.46
C38 PCW X . 90.42 16.95 -25.23
C39 PCW X . 89.67 16.63 -26.53
C40 PCW X . 88.54 15.92 -26.61
C41 PCW X . 87.80 15.32 -25.39
C42 PCW X . 87.84 13.77 -25.50
C43 PCW X . 86.51 13.25 -26.11
C44 PCW X . 86.81 12.11 -27.12
C45 PCW X . 85.48 11.43 -27.53
C46 PCW X . 84.75 12.26 -28.63
C47 PCW X . 83.48 12.91 -28.01
C48 PCW X . 82.44 11.81 -27.68
N PCW X . 99.41 22.56 -27.49
O2 PCW X . 98.80 15.55 -25.00
O3 PCW X . 98.29 14.79 -28.37
O11 PCW X . 96.85 13.05 -28.46
O31 PCW X . 98.41 17.78 -24.83
O1P PCW X . 101.15 18.20 -28.03
O2P PCW X . 103.19 18.31 -26.61
O3P PCW X . 101.14 16.98 -25.73
O4P PCW X . 101.12 19.70 -25.89
P PCW X . 101.67 18.29 -26.61
C1 PCW Y . 70.08 48.79 -57.76
C2 PCW Y . 71.10 48.21 -56.76
C3 PCW Y . 71.40 49.28 -55.70
C4 PCW Y . 69.72 50.61 -61.29
C5 PCW Y . 69.15 51.98 -61.79
C6 PCW Y . 71.06 52.59 -62.91
C7 PCW Y . 71.30 53.62 -60.94
C8 PCW Y . 69.24 54.19 -61.53
C11 PCW Y . 69.65 49.28 -54.03
C12 PCW Y . 68.48 50.00 -53.31
C13 PCW Y . 68.64 49.87 -51.76
C14 PCW Y . 67.32 49.37 -51.09
C15 PCW Y . 67.50 47.92 -50.53
C16 PCW Y . 66.57 47.71 -49.27
C17 PCW Y . 65.67 46.45 -49.43
C18 PCW Y . 66.45 45.15 -49.07
C19 PCW Y . 66.44 44.19 -50.30
C20 PCW Y . 65.94 42.95 -50.42
C21 PCW Y . 65.25 41.63 -49.93
C22 PCW Y . 63.86 41.88 -49.26
C23 PCW Y . 63.89 41.54 -47.74
C24 PCW Y . 62.51 40.92 -47.34
C25 PCW Y . 62.45 40.69 -45.80
C26 PCW Y . 60.96 40.59 -45.34
C27 PCW Y . 60.31 39.27 -45.85
C28 PCW Y . 58.77 39.39 -45.74
C31 PCW Y . 70.22 45.98 -56.95
C32 PCW Y . 69.52 44.76 -56.29
C33 PCW Y . 69.18 43.67 -57.33
C34 PCW Y . 68.02 42.80 -56.76
C35 PCW Y . 68.53 41.97 -55.56
C36 PCW Y . 67.57 40.77 -55.32
C37 PCW Y . 66.19 41.30 -54.86
C38 PCW Y . 65.58 40.32 -53.84
C39 PCW Y . 65.48 38.93 -54.53
C40 PCW Y . 65.66 37.77 -53.88
C41 PCW Y . 65.96 37.65 -52.38
C42 PCW Y . 64.62 37.44 -51.62
C43 PCW Y . 64.68 38.07 -50.18
C44 PCW Y . 64.91 36.94 -49.13
C45 PCW Y . 64.68 37.50 -47.71
C46 PCW Y . 64.42 36.30 -46.73
C47 PCW Y . 62.94 36.29 -46.29
C48 PCW Y . 62.45 34.84 -46.03
N PCW Y . 70.19 53.07 -61.79
O2 PCW Y . 70.63 47.07 -56.12
O3 PCW Y . 70.17 49.82 -55.24
O11 PCW Y . 70.10 48.28 -53.58
O31 PCW Y . 70.39 46.00 -58.12
O1P PCW Y . 72.36 48.69 -60.87
O2P PCW Y . 72.61 49.96 -58.76
O3P PCW Y . 70.49 48.50 -59.08
O4P PCW Y . 70.89 50.81 -60.51
P PCW Y . 71.63 49.48 -59.81
C1 PCW Z . 60.71 3.82 -83.23
C2 PCW Z . 61.07 5.24 -82.73
C3 PCW Z . 60.19 6.24 -83.47
C4 PCW Z . 61.75 0.96 -85.81
C5 PCW Z . 61.06 0.24 -87.03
C6 PCW Z . 62.76 0.68 -88.51
C7 PCW Z . 61.33 2.33 -88.92
C8 PCW Z . 60.02 0.53 -88.96
C11 PCW Z . 58.00 6.34 -82.43
C12 PCW Z . 56.48 6.12 -82.49
C13 PCW Z . 55.72 7.39 -81.97
C14 PCW Z . 54.65 7.02 -80.89
C15 PCW Z . 55.06 7.52 -79.47
C16 PCW Z . 53.78 7.85 -78.63
C17 PCW Z . 53.81 7.12 -77.25
C18 PCW Z . 54.69 7.88 -76.21
C19 PCW Z . 55.82 6.93 -75.72
C20 PCW Z . 56.09 6.49 -74.47
C21 PCW Z . 55.90 6.38 -72.92
C22 PCW Z . 54.46 5.96 -72.51
C23 PCW Z . 53.72 7.12 -71.76
C24 PCW Z . 52.82 6.51 -70.65
C25 PCW Z . 51.96 7.61 -69.96
C26 PCW Z . 50.72 6.97 -69.27
C27 PCW Z . 51.15 6.13 -68.04
C28 PCW Z . 49.98 5.20 -67.62
C31 PCW Z . 61.54 4.46 -80.51
C32 PCW Z . 61.20 4.49 -78.99
C33 PCW Z . 62.05 3.45 -78.21
C34 PCW Z . 61.31 3.11 -76.89
C35 PCW Z . 61.31 4.33 -75.94
C36 PCW Z . 61.03 3.85 -74.50
C37 PCW Z . 59.59 3.28 -74.40
C38 PCW Z . 58.99 3.62 -73.02
C39 PCW Z . 59.93 3.03 -71.95
C40 PCW Z . 60.17 3.60 -70.76
C41 PCW Z . 59.54 4.94 -70.30
C42 PCW Z . 58.28 4.61 -69.46
C43 PCW Z . 57.20 5.74 -69.61
C44 PCW Z . 57.23 6.65 -68.35
C45 PCW Z . 56.00 7.60 -68.35
C46 PCW Z . 55.76 8.13 -66.91
C47 PCW Z . 54.48 7.47 -66.29
C48 PCW Z . 54.64 7.33 -64.77
N PCW Z . 61.30 0.95 -88.33
O2 PCW Z . 60.87 5.38 -81.36
O3 PCW Z . 58.83 5.79 -83.44
O11 PCW Z . 58.48 6.96 -81.53
O31 PCW Z . 62.34 3.70 -80.93
O1P PCW Z . 64.14 2.99 -84.80
O2P PCW Z . 62.52 4.77 -85.39
O3P PCW Z . 61.89 3.09 -83.49
O4P PCW Z . 62.01 2.33 -86.13
P PCW Z . 62.67 3.31 -84.96
ZN ZN AA . 23.26 -3.25 -33.82
C1 PCW BA . 77.44 46.97 -53.77
C2 PCW BA . 76.42 46.02 -53.14
C3 PCW BA . 77.09 45.12 -52.10
C4 PCW BA . 74.90 46.55 -57.55
C5 PCW BA . 74.34 46.71 -59.00
C6 PCW BA . 73.44 44.62 -58.79
C7 PCW BA . 73.62 44.89 -61.01
C8 PCW BA . 75.63 45.47 -60.33
C11 PCW BA . 77.07 42.74 -51.85
C12 PCW BA . 76.60 41.43 -52.52
C13 PCW BA . 75.94 40.45 -51.51
C14 PCW BA . 74.38 40.51 -51.63
C15 PCW BA . 73.66 39.65 -50.53
C16 PCW BA . 74.52 38.40 -50.14
C17 PCW BA . 73.74 37.42 -49.21
C18 PCW BA . 72.34 37.05 -49.80
C19 PCW BA . 71.88 35.69 -49.21
C20 PCW BA . 71.04 34.79 -49.75
C21 PCW BA . 70.08 34.23 -50.85
C22 PCW BA . 68.68 34.91 -50.82
C23 PCW BA . 67.72 34.11 -51.75
C24 PCW BA . 66.30 34.02 -51.14
C25 PCW BA . 66.27 32.99 -49.97
C26 PCW BA . 64.84 32.39 -49.84
C27 PCW BA . 64.46 32.20 -48.35
C28 PCW BA . 63.61 30.91 -48.20
C31 PCW BA . 74.15 46.67 -53.16
C32 PCW BA . 72.86 46.59 -52.30
C33 PCW BA . 71.76 45.87 -53.11
C34 PCW BA . 70.49 45.72 -52.24
C35 PCW BA . 70.61 44.42 -51.40
C36 PCW BA . 70.00 43.24 -52.22
C37 PCW BA . 70.46 41.90 -51.60
C38 PCW BA . 69.21 41.07 -51.21
C39 PCW BA . 69.61 39.59 -51.08
C40 PCW BA . 69.19 38.77 -50.10
C41 PCW BA . 68.23 39.19 -48.96
C42 PCW BA . 68.99 39.10 -47.61
C43 PCW BA . 68.67 37.75 -46.90
C44 PCW BA . 69.97 37.17 -46.27
C45 PCW BA . 69.60 35.97 -45.36
C46 PCW BA . 69.38 34.69 -46.22
C47 PCW BA . 67.87 34.33 -46.21
C48 PCW BA . 67.44 33.87 -44.80
N PCW BA . 74.26 45.41 -59.77
O2 PCW BA . 75.41 46.75 -52.53
O3 PCW BA . 77.37 43.86 -52.67
O11 PCW BA . 77.20 42.81 -50.67
O31 PCW BA . 74.07 46.66 -54.35
O1P PCW BA . 77.65 46.08 -56.55
O2P PCW BA . 78.16 48.47 -56.85
O3P PCW BA . 76.81 47.77 -54.75
O4P PCW BA . 75.71 47.68 -57.25
P PCW BA . 77.12 47.48 -56.37
#